data_5URW
#
_entry.id   5URW
#
_cell.length_a   1
_cell.length_b   1
_cell.length_c   1
_cell.angle_alpha   90
_cell.angle_beta   90
_cell.angle_gamma   90
#
_symmetry.space_group_name_H-M   'P 1'
#
loop_
_entity.id
_entity.type
_entity.pdbx_description
1 polymer TssB
2 polymer TssC
3 polymer Hcp
#
loop_
_entity_poly.entity_id
_entity_poly.type
_entity_poly.pdbx_seq_one_letter_code
_entity_poly.pdbx_strand_id
1 'polypeptide(L)'
;MSKESSVAPTERVNIVYKPATGNAQEQVELPLKVLMLGDFTGQEDARPLEQRAPINVDKANFNEVMAQQNLKVTLTAADK
LSADPNATMNVSLQFKNLNDFSPESVVNQVPELKKLLELRSALNALKGPLGNLPAFRKKLQALLADEDGRKALIKELGLT
EETK
;
1A,1C,1E,1G,1I,1K,2A,2C,2E,2G,2I,2K,3A,3C,3E,3G,3I,3K
2 'polypeptide(L)'
;MANETQTQKSTGVANDASLSLLDEILSEAKLKPKDEGYDVAKRGVQAFITEMLAPNRSEERVDKALVDAMIAEIDKRLSS
QVNEILHAKEFQKLESSWRSLKFMVDRTDFRENTRVEMLNASKEDLQKDFEDAPEVTKSGLYKLVYSNEYGVFGGKPYGI
ISANYDFNVGPQDMELLRKCASVAAMAHAPFIGNAAPEVFGEESFLKLPDLKDLKSLFEGPQYARWHSFRESEDARYVGL
ALPRFLLRLPYGEKTVPVKAFNFTEDVVGHHERYLWGHASVALTSRVADSFAKFRWSPNIIGPQSGGAVENLPLHQYEAM
GEIQTKIPTEVMLTERREFELSEEGFIGLVFRKDSDNAAFFSANSTQKPRFFGNTPEGKAAETNYRLGTQLPYMFIMTRL
AHYIKVLQREQIGSWKEKSDLERELNHWLSQYISDMDDPAPAVRSRRPLRAARVVVEDVEGQPGWYRCSLQVRPHFKYMG
ASFTLSLVGKLDKE
;
1B,1D,1F,1H,1J,1L,2B,2D,2F,2H,2J,2L,3B,3D,3F,3H,3J,3L
3 'polypeptide(L)'
;MAESVHLYLKANGSDIKGDSTQTSLGRADSIECVAYSQKVFTAREAGSGLATGRRQYEGIEITKRIDKSSPLLMKALCEN
QVIDATFKFFRPNPTGDGTTEQFYTVSIKKARINAIQQTVPNSFVPASTNLPPMETLQLVFHTINWTITQGGVTHEDTWD
TQR
;
11,12,13,14,15,16,21,22,23,24,25,26,31,32,33,34,35,36
#
# COMPACT_ATOMS: atom_id res chain seq x y z
N LEU A 30 59.94 -10.64 -30.26
CA LEU A 30 61.34 -10.30 -30.45
C LEU A 30 61.55 -8.79 -30.34
N PRO A 31 62.45 -8.38 -29.44
CA PRO A 31 62.74 -6.95 -29.30
C PRO A 31 63.46 -6.41 -30.52
N LEU A 32 63.51 -5.09 -30.61
CA LEU A 32 64.23 -4.39 -31.67
C LEU A 32 65.54 -3.90 -31.06
N LYS A 33 66.63 -4.61 -31.33
CA LYS A 33 67.94 -4.32 -30.76
C LYS A 33 68.84 -3.71 -31.82
N VAL A 34 69.42 -2.57 -31.51
CA VAL A 34 70.32 -1.85 -32.42
C VAL A 34 71.72 -1.85 -31.83
N LEU A 35 72.71 -1.90 -32.71
CA LEU A 35 74.12 -1.90 -32.33
C LEU A 35 74.76 -0.62 -32.85
N MET A 36 75.12 0.27 -31.94
CA MET A 36 75.80 1.52 -32.29
C MET A 36 77.31 1.27 -32.17
N LEU A 37 77.99 1.27 -33.31
CA LEU A 37 79.43 1.04 -33.36
C LEU A 37 80.10 2.35 -33.73
N GLY A 38 81.11 2.74 -32.95
CA GLY A 38 81.77 4.01 -33.24
C GLY A 38 82.89 4.30 -32.25
N ASP A 39 83.60 5.39 -32.53
CA ASP A 39 84.77 5.80 -31.74
C ASP A 39 84.30 6.72 -30.62
N PHE A 40 83.86 6.08 -29.53
CA PHE A 40 83.36 6.81 -28.38
C PHE A 40 84.45 7.27 -27.42
N THR A 41 85.70 6.88 -27.66
CA THR A 41 86.82 7.27 -26.80
C THR A 41 87.83 8.06 -27.62
N GLY A 42 88.76 8.70 -26.91
CA GLY A 42 89.80 9.47 -27.55
C GLY A 42 90.96 8.66 -28.09
N GLN A 43 90.93 7.34 -27.95
CA GLN A 43 92.01 6.50 -28.43
C GLN A 43 91.49 5.09 -28.66
N GLU A 44 92.21 4.35 -29.51
CA GLU A 44 91.85 2.96 -29.77
C GLU A 44 92.27 2.08 -28.60
N ASP A 45 91.60 0.94 -28.47
CA ASP A 45 91.88 0.01 -27.38
C ASP A 45 92.83 -1.08 -27.85
N ALA A 46 93.67 -1.54 -26.92
CA ALA A 46 94.57 -2.64 -27.22
C ALA A 46 93.84 -3.98 -27.27
N ARG A 47 92.69 -4.07 -26.59
CA ARG A 47 91.94 -5.31 -26.55
C ARG A 47 91.39 -5.62 -27.94
N PRO A 48 91.46 -6.88 -28.39
CA PRO A 48 90.93 -7.20 -29.72
C PRO A 48 89.43 -7.01 -29.78
N LEU A 49 88.93 -6.81 -31.00
CA LEU A 49 87.52 -6.50 -31.20
C LEU A 49 86.62 -7.63 -30.68
N GLU A 50 87.03 -8.88 -30.90
CA GLU A 50 86.23 -10.01 -30.43
C GLU A 50 86.27 -10.15 -28.91
N GLN A 51 87.21 -9.49 -28.24
CA GLN A 51 87.32 -9.57 -26.79
C GLN A 51 86.59 -8.43 -26.08
N ARG A 52 86.69 -7.21 -26.62
CA ARG A 52 85.97 -6.09 -26.03
C ARG A 52 84.47 -6.35 -26.10
N ALA A 53 83.75 -5.93 -25.06
CA ALA A 53 82.35 -6.29 -24.96
C ALA A 53 81.45 -5.09 -25.27
N PRO A 54 80.20 -5.34 -25.66
CA PRO A 54 79.26 -4.24 -25.87
C PRO A 54 78.58 -3.88 -24.57
N ILE A 55 78.01 -2.67 -24.54
CA ILE A 55 77.39 -2.14 -23.33
C ILE A 55 75.93 -1.82 -23.60
N ASN A 56 75.04 -2.34 -22.76
CA ASN A 56 73.60 -2.06 -22.91
C ASN A 56 73.29 -0.67 -22.35
N VAL A 57 72.60 0.15 -23.14
CA VAL A 57 72.36 1.54 -22.79
C VAL A 57 70.86 1.80 -22.77
N ASP A 58 70.42 2.60 -21.80
CA ASP A 58 69.02 2.96 -21.65
C ASP A 58 68.93 4.28 -20.90
N LYS A 59 67.72 4.85 -20.87
CA LYS A 59 67.54 6.18 -20.31
C LYS A 59 67.86 6.23 -18.82
N ALA A 60 67.75 5.11 -18.13
CA ALA A 60 67.96 5.05 -16.68
C ALA A 60 69.42 4.80 -16.28
N ASN A 61 70.36 4.85 -17.22
CA ASN A 61 71.74 4.57 -16.87
C ASN A 61 72.76 5.11 -17.88
N PHE A 62 72.33 6.01 -18.76
CA PHE A 62 73.23 6.54 -19.78
C PHE A 62 74.43 7.25 -19.15
N ASN A 63 74.17 8.15 -18.20
CA ASN A 63 75.25 8.85 -17.52
C ASN A 63 76.18 7.87 -16.81
N GLU A 64 75.62 6.85 -16.15
CA GLU A 64 76.44 5.83 -15.52
C GLU A 64 77.32 5.13 -16.54
N VAL A 65 76.79 4.90 -17.75
CA VAL A 65 77.59 4.29 -18.81
C VAL A 65 78.75 5.20 -19.20
N MET A 66 78.49 6.50 -19.28
CA MET A 66 79.59 7.44 -19.56
C MET A 66 80.65 7.37 -18.47
N ALA A 67 80.24 7.46 -17.20
CA ALA A 67 81.20 7.46 -16.10
C ALA A 67 82.02 6.17 -16.08
N GLN A 68 81.38 5.03 -16.31
CA GLN A 68 82.11 3.76 -16.33
C GLN A 68 83.01 3.64 -17.54
N GLN A 69 82.61 4.21 -18.68
CA GLN A 69 83.46 4.19 -19.87
C GLN A 69 84.71 5.05 -19.69
N ASN A 70 84.59 6.15 -18.96
CA ASN A 70 85.75 6.98 -18.61
C ASN A 70 86.30 7.72 -19.82
N LEU A 71 85.96 9.00 -19.96
CA LEU A 71 86.34 9.78 -21.13
C LEU A 71 87.55 10.65 -20.82
N LYS A 72 88.48 10.73 -21.77
CA LYS A 72 89.69 11.53 -21.56
C LYS A 72 90.17 12.06 -22.91
N VAL A 73 90.57 13.33 -22.93
CA VAL A 73 91.06 13.99 -24.14
C VAL A 73 92.36 14.73 -23.80
N THR A 74 93.46 14.28 -24.39
CA THR A 74 94.75 14.97 -24.27
C THR A 74 94.99 15.65 -25.61
N LEU A 75 94.94 16.99 -25.61
CA LEU A 75 94.98 17.70 -26.88
C LEU A 75 95.60 19.09 -26.68
N THR A 76 96.14 19.63 -27.76
CA THR A 76 96.80 20.92 -27.75
C THR A 76 96.06 21.88 -28.68
N ALA A 77 95.74 23.07 -28.16
CA ALA A 77 95.12 24.12 -28.93
C ALA A 77 95.99 25.38 -28.86
N ALA A 78 95.72 26.32 -29.76
CA ALA A 78 96.47 27.57 -29.78
C ALA A 78 96.22 28.36 -28.51
N ASP A 79 97.30 28.85 -27.92
CA ASP A 79 97.23 29.61 -26.66
C ASP A 79 96.93 31.07 -26.99
N LYS A 80 95.65 31.45 -26.87
CA LYS A 80 95.21 32.80 -27.17
C LYS A 80 95.15 33.69 -25.92
N LEU A 81 95.75 33.25 -24.81
CA LEU A 81 95.86 34.07 -23.62
C LEU A 81 97.03 35.05 -23.68
N SER A 82 97.83 35.00 -24.74
CA SER A 82 98.93 35.93 -24.94
C SER A 82 98.96 36.34 -26.41
N ALA A 83 100.05 36.95 -26.85
CA ALA A 83 100.21 37.39 -28.23
C ALA A 83 101.41 36.74 -28.90
N ASP A 84 101.55 35.43 -28.74
CA ASP A 84 102.68 34.69 -29.27
C ASP A 84 102.17 33.54 -30.14
N PRO A 85 102.48 33.52 -31.43
CA PRO A 85 102.01 32.41 -32.28
C PRO A 85 102.64 31.08 -31.95
N ASN A 86 103.81 31.09 -31.29
CA ASN A 86 104.46 29.86 -30.86
C ASN A 86 103.93 29.35 -29.52
N ALA A 87 103.02 30.09 -28.88
CA ALA A 87 102.46 29.68 -27.60
C ALA A 87 101.33 28.69 -27.84
N THR A 88 101.43 27.50 -27.23
CA THR A 88 100.42 26.46 -27.35
C THR A 88 100.04 26.00 -25.96
N MET A 89 98.80 25.52 -25.84
CA MET A 89 98.26 25.08 -24.55
C MET A 89 97.79 23.64 -24.68
N ASN A 90 98.34 22.76 -23.84
CA ASN A 90 97.98 21.35 -23.80
C ASN A 90 97.05 21.11 -22.62
N VAL A 91 95.93 20.44 -22.88
CA VAL A 91 94.89 20.19 -21.88
C VAL A 91 94.60 18.70 -21.83
N SER A 92 94.20 18.25 -20.63
CA SER A 92 93.82 16.86 -20.37
C SER A 92 92.44 16.89 -19.72
N LEU A 93 91.40 16.87 -20.55
CA LEU A 93 90.03 16.90 -20.05
C LEU A 93 89.53 15.50 -19.75
N GLN A 94 88.65 15.41 -18.75
CA GLN A 94 88.08 14.14 -18.30
C GLN A 94 86.56 14.28 -18.26
N PHE A 95 85.87 13.23 -18.72
CA PHE A 95 84.42 13.25 -18.84
C PHE A 95 83.81 12.03 -18.17
N LYS A 96 82.81 12.29 -17.32
CA LYS A 96 81.95 11.27 -16.73
C LYS A 96 80.49 11.41 -17.12
N ASN A 97 80.05 12.60 -17.50
CA ASN A 97 78.68 12.84 -17.96
C ASN A 97 78.69 13.96 -18.99
N LEU A 98 77.56 14.11 -19.69
CA LEU A 98 77.48 15.06 -20.80
C LEU A 98 77.73 16.49 -20.34
N ASN A 99 77.37 16.82 -19.10
CA ASN A 99 77.57 18.17 -18.59
C ASN A 99 79.04 18.50 -18.39
N ASP A 100 79.90 17.48 -18.34
CA ASP A 100 81.35 17.70 -18.38
C ASP A 100 81.80 18.32 -19.70
N PHE A 101 80.92 18.43 -20.69
CA PHE A 101 81.24 19.09 -21.95
C PHE A 101 80.92 20.57 -21.93
N SER A 102 80.35 21.08 -20.84
CA SER A 102 79.99 22.49 -20.76
C SER A 102 81.24 23.34 -20.51
N PRO A 103 81.22 24.60 -20.95
CA PRO A 103 82.38 25.47 -20.73
C PRO A 103 82.75 25.64 -19.27
N GLU A 104 81.79 25.53 -18.35
CA GLU A 104 82.11 25.62 -16.93
C GLU A 104 83.05 24.48 -16.52
N SER A 105 82.71 23.24 -16.89
CA SER A 105 83.60 22.11 -16.65
C SER A 105 84.93 22.26 -17.38
N VAL A 106 84.89 22.69 -18.65
CA VAL A 106 86.13 22.89 -19.40
C VAL A 106 87.06 23.84 -18.66
N VAL A 107 86.51 24.96 -18.16
CA VAL A 107 87.32 25.91 -17.39
C VAL A 107 87.79 25.28 -16.09
N ASN A 108 86.92 24.52 -15.43
CA ASN A 108 87.30 23.88 -14.18
C ASN A 108 88.48 22.94 -14.37
N GLN A 109 88.61 22.34 -15.55
CA GLN A 109 89.65 21.35 -15.82
C GLN A 109 90.89 21.93 -16.48
N VAL A 110 90.95 23.23 -16.72
CA VAL A 110 92.07 23.88 -17.37
C VAL A 110 92.55 25.02 -16.47
N PRO A 111 93.61 24.81 -15.68
CA PRO A 111 94.01 25.84 -14.70
C PRO A 111 94.30 27.20 -15.31
N GLU A 112 94.82 27.24 -16.54
CA GLU A 112 95.10 28.50 -17.22
C GLU A 112 93.84 29.33 -17.43
N LEU A 113 92.67 28.72 -17.38
CA LEU A 113 91.39 29.41 -17.43
C LEU A 113 90.70 29.48 -16.08
N LYS A 114 90.84 28.43 -15.26
CA LYS A 114 90.21 28.43 -13.94
C LYS A 114 90.77 29.53 -13.06
N LYS A 115 92.08 29.76 -13.13
CA LYS A 115 92.67 30.89 -12.41
C LYS A 115 92.09 32.22 -12.89
N LEU A 116 91.79 32.33 -14.19
CA LEU A 116 91.19 33.55 -14.72
C LEU A 116 89.74 33.70 -14.27
N LEU A 117 89.03 32.58 -14.06
CA LEU A 117 87.67 32.67 -13.54
C LEU A 117 87.68 33.06 -12.06
N GLU A 118 88.63 32.53 -11.29
CA GLU A 118 88.78 32.97 -9.90
C GLU A 118 89.13 34.45 -9.84
N LEU A 119 89.99 34.91 -10.74
CA LEU A 119 90.29 36.33 -10.82
C LEU A 119 89.05 37.15 -11.15
N ARG A 120 88.23 36.64 -12.08
CA ARG A 120 86.97 37.28 -12.40
C ARG A 120 86.10 37.44 -11.16
N SER A 121 85.90 36.35 -10.42
CA SER A 121 85.11 36.41 -9.19
C SER A 121 85.69 37.41 -8.20
N ALA A 122 87.01 37.46 -8.07
CA ALA A 122 87.64 38.42 -7.16
C ALA A 122 87.36 39.86 -7.59
N LEU A 123 87.46 40.14 -8.89
CA LEU A 123 87.24 41.49 -9.38
C LEU A 123 85.78 41.91 -9.26
N ASN A 124 84.85 40.99 -9.53
CA ASN A 124 83.44 41.31 -9.37
C ASN A 124 83.09 41.54 -7.90
N ALA A 125 83.65 40.72 -7.01
CA ALA A 125 83.43 40.91 -5.58
C ALA A 125 83.97 42.26 -5.12
N LEU A 126 85.18 42.62 -5.57
CA LEU A 126 85.76 43.91 -5.19
C LEU A 126 84.93 45.07 -5.74
N LYS A 127 84.54 44.99 -7.01
CA LYS A 127 83.80 46.09 -7.64
C LYS A 127 82.39 46.23 -7.06
N GLY A 128 81.80 45.14 -6.57
CA GLY A 128 80.52 45.19 -5.93
C GLY A 128 80.63 45.49 -4.45
N PRO A 129 81.87 45.70 -3.97
CA PRO A 129 82.08 46.08 -2.57
C PRO A 129 81.80 44.95 -1.59
N LEU A 130 81.84 43.71 -2.08
CA LEU A 130 81.55 42.55 -1.25
C LEU A 130 82.69 42.19 -0.31
N GLY A 131 83.90 42.65 -0.59
CA GLY A 131 85.04 42.37 0.27
C GLY A 131 85.94 43.59 0.34
N ASN A 132 86.72 43.66 1.42
CA ASN A 132 87.63 44.77 1.63
C ASN A 132 88.96 44.53 0.90
N LEU A 133 89.76 45.59 0.82
CA LEU A 133 91.03 45.51 0.12
C LEU A 133 92.00 44.49 0.71
N PRO A 134 92.10 44.32 2.02
CA PRO A 134 93.02 43.29 2.54
C PRO A 134 92.64 41.88 2.11
N ALA A 135 91.35 41.52 2.25
CA ALA A 135 90.89 40.23 1.75
C ALA A 135 91.14 40.11 0.26
N PHE A 136 90.87 41.17 -0.51
CA PHE A 136 91.12 41.14 -1.94
C PHE A 136 92.58 40.81 -2.24
N ARG A 137 93.50 41.45 -1.53
CA ARG A 137 94.93 41.22 -1.75
C ARG A 137 95.31 39.78 -1.41
N LYS A 138 94.86 39.28 -0.27
CA LYS A 138 95.16 37.90 0.12
C LYS A 138 94.68 36.91 -0.95
N LYS A 139 93.41 37.01 -1.33
CA LYS A 139 92.87 36.09 -2.34
C LYS A 139 93.59 36.22 -3.67
N LEU A 140 93.98 37.44 -4.05
CA LEU A 140 94.73 37.63 -5.30
C LEU A 140 96.05 36.88 -5.24
N GLN A 141 96.80 37.03 -4.14
CA GLN A 141 98.02 36.26 -3.97
C GLN A 141 97.75 34.77 -4.10
N ALA A 142 96.67 34.29 -3.46
CA ALA A 142 96.29 32.89 -3.55
C ALA A 142 96.11 32.47 -5.01
N LEU A 143 95.37 33.26 -5.79
CA LEU A 143 95.08 32.91 -7.18
C LEU A 143 96.36 32.87 -8.00
N LEU A 144 97.20 33.89 -7.87
CA LEU A 144 98.41 33.99 -8.68
C LEU A 144 99.52 33.06 -8.23
N ALA A 145 99.37 32.38 -7.09
CA ALA A 145 100.45 31.54 -6.59
C ALA A 145 100.62 30.25 -7.38
N ASP A 146 99.61 29.85 -8.16
CA ASP A 146 99.62 28.60 -8.91
C ASP A 146 100.86 28.46 -9.79
N GLU A 147 101.68 27.44 -9.52
CA GLU A 147 102.95 27.28 -10.21
C GLU A 147 102.80 26.88 -11.67
N ASP A 148 101.64 26.37 -12.08
CA ASP A 148 101.42 25.97 -13.46
C ASP A 148 101.13 27.15 -14.38
N GLY A 149 100.89 28.34 -13.82
CA GLY A 149 100.60 29.50 -14.64
C GLY A 149 101.86 30.15 -15.19
N ARG A 150 101.71 30.81 -16.33
CA ARG A 150 102.81 31.55 -16.91
C ARG A 150 102.90 32.94 -16.30
N LYS A 151 104.13 33.45 -16.24
CA LYS A 151 104.33 34.80 -15.73
C LYS A 151 103.62 35.84 -16.59
N ALA A 152 103.57 35.64 -17.91
CA ALA A 152 102.84 36.55 -18.77
C ALA A 152 101.36 36.59 -18.40
N LEU A 153 100.75 35.41 -18.22
CA LEU A 153 99.37 35.35 -17.77
C LEU A 153 99.18 36.04 -16.42
N ILE A 154 100.12 35.81 -15.49
CA ILE A 154 100.04 36.48 -14.19
C ILE A 154 100.05 37.99 -14.35
N LYS A 155 100.91 38.50 -15.24
CA LYS A 155 100.99 39.94 -15.47
C LYS A 155 99.70 40.47 -16.09
N GLU A 156 99.14 39.74 -17.05
CA GLU A 156 97.86 40.14 -17.64
C GLU A 156 96.74 40.17 -16.59
N LEU A 157 96.78 39.25 -15.64
CA LEU A 157 95.76 39.21 -14.59
C LEU A 157 95.93 40.37 -13.62
N GLY A 158 97.17 40.65 -13.21
CA GLY A 158 97.42 41.77 -12.32
C GLY A 158 97.14 43.13 -12.96
N LEU A 159 97.23 43.20 -14.29
CA LEU A 159 96.92 44.44 -14.99
C LEU A 159 95.44 44.79 -14.95
N THR A 160 94.59 43.84 -14.55
CA THR A 160 93.16 44.09 -14.44
C THR A 160 92.75 44.65 -13.08
N GLU A 161 93.66 44.68 -12.11
CA GLU A 161 93.34 45.16 -10.78
C GLU A 161 93.31 46.68 -10.76
N GLU A 162 92.22 47.24 -10.25
CA GLU A 162 92.12 48.70 -10.14
C GLU A 162 93.21 49.23 -9.22
N THR A 163 93.69 50.44 -9.52
CA THR A 163 94.85 50.97 -8.81
C THR A 163 94.57 51.15 -7.31
N LYS A 164 93.34 51.51 -6.97
CA LYS A 164 92.98 51.76 -5.58
C LYS A 164 92.93 50.47 -4.77
N ASP B 63 84.28 54.69 -10.41
CA ASP B 63 85.42 53.79 -10.31
C ASP B 63 85.02 52.38 -10.72
N LYS B 64 83.84 51.95 -10.27
CA LYS B 64 83.36 50.60 -10.57
C LYS B 64 83.22 50.36 -12.06
N ALA B 65 82.94 51.42 -12.84
CA ALA B 65 82.82 51.26 -14.28
C ALA B 65 84.12 50.74 -14.89
N LEU B 66 85.27 51.23 -14.39
CA LEU B 66 86.55 50.75 -14.87
C LEU B 66 86.77 49.28 -14.51
N VAL B 67 86.37 48.88 -13.30
CA VAL B 67 86.48 47.48 -12.91
C VAL B 67 85.61 46.60 -13.79
N ASP B 68 84.41 47.07 -14.14
CA ASP B 68 83.55 46.35 -15.05
C ASP B 68 84.19 46.23 -16.44
N ALA B 69 84.86 47.29 -16.90
CA ALA B 69 85.61 47.19 -18.15
C ALA B 69 86.71 46.14 -18.04
N MET B 70 87.37 46.06 -16.89
CA MET B 70 88.35 45.00 -16.66
C MET B 70 87.71 43.63 -16.77
N ILE B 71 86.51 43.46 -16.21
CA ILE B 71 85.82 42.18 -16.32
C ILE B 71 85.47 41.88 -17.78
N ALA B 72 85.12 42.92 -18.55
CA ALA B 72 84.78 42.71 -19.95
C ALA B 72 85.98 42.22 -20.75
N GLU B 73 87.15 42.85 -20.54
CA GLU B 73 88.34 42.41 -21.25
C GLU B 73 88.78 41.03 -20.80
N ILE B 74 88.70 40.74 -19.50
CA ILE B 74 89.09 39.43 -18.98
C ILE B 74 88.22 38.34 -19.58
N ASP B 75 86.90 38.54 -19.56
CA ASP B 75 85.99 37.58 -20.17
C ASP B 75 86.22 37.48 -21.68
N LYS B 76 86.64 38.57 -22.32
CA LYS B 76 86.94 38.53 -23.74
C LYS B 76 88.10 37.58 -24.04
N ARG B 77 89.20 37.72 -23.30
CA ARG B 77 90.32 36.81 -23.51
C ARG B 77 89.96 35.36 -23.17
N LEU B 78 89.34 35.15 -22.01
CA LEU B 78 88.94 33.80 -21.60
C LEU B 78 88.07 33.13 -22.66
N SER B 79 87.09 33.87 -23.21
CA SER B 79 86.26 33.31 -24.27
C SER B 79 87.07 33.06 -25.54
N SER B 80 88.07 33.91 -25.79
CA SER B 80 88.98 33.67 -26.91
C SER B 80 89.61 32.28 -26.82
N GLN B 81 90.06 31.88 -25.63
CA GLN B 81 90.66 30.54 -25.51
C GLN B 81 89.62 29.43 -25.48
N VAL B 82 88.53 29.64 -24.72
CA VAL B 82 87.47 28.66 -24.63
C VAL B 82 86.94 28.28 -26.01
N ASN B 83 86.90 29.26 -26.93
CA ASN B 83 86.51 28.95 -28.30
C ASN B 83 87.47 27.96 -28.94
N GLU B 84 88.77 28.10 -28.66
CA GLU B 84 89.75 27.16 -29.18
C GLU B 84 89.50 25.75 -28.64
N ILE B 85 89.14 25.65 -27.36
CA ILE B 85 88.82 24.33 -26.79
C ILE B 85 87.56 23.75 -27.43
N LEU B 86 86.49 24.53 -27.48
CA LEU B 86 85.19 24.01 -27.90
C LEU B 86 85.13 23.76 -29.41
N HIS B 87 86.02 24.40 -30.17
CA HIS B 87 86.09 24.21 -31.61
C HIS B 87 87.22 23.26 -32.03
N ALA B 88 87.83 22.57 -31.06
CA ALA B 88 88.86 21.60 -31.39
C ALA B 88 88.23 20.35 -31.98
N LYS B 89 88.84 19.82 -33.03
CA LYS B 89 88.25 18.70 -33.77
C LYS B 89 88.15 17.45 -32.91
N GLU B 90 89.17 17.19 -32.07
CA GLU B 90 89.11 16.02 -31.20
C GLU B 90 88.00 16.17 -30.16
N PHE B 91 87.96 17.32 -29.49
CA PHE B 91 86.90 17.57 -28.52
C PHE B 91 85.53 17.41 -29.15
N GLN B 92 85.33 17.99 -30.33
CA GLN B 92 84.04 17.89 -31.01
C GLN B 92 83.74 16.46 -31.44
N LYS B 93 84.76 15.70 -31.80
CA LYS B 93 84.56 14.28 -32.09
C LYS B 93 83.96 13.56 -30.89
N LEU B 94 84.63 13.64 -29.74
CA LEU B 94 84.10 12.98 -28.54
C LEU B 94 82.69 13.49 -28.21
N GLU B 95 82.55 14.82 -28.09
CA GLU B 95 81.29 15.41 -27.67
C GLU B 95 80.15 14.99 -28.60
N SER B 96 80.32 15.24 -29.91
CA SER B 96 79.27 14.88 -30.87
C SER B 96 78.94 13.40 -30.83
N SER B 97 79.95 12.55 -30.62
CA SER B 97 79.68 11.13 -30.43
C SER B 97 78.69 10.90 -29.29
N TRP B 98 79.03 11.36 -28.09
CA TRP B 98 78.19 11.08 -26.92
C TRP B 98 76.83 11.79 -27.00
N ARG B 99 76.82 13.06 -27.42
CA ARG B 99 75.60 13.84 -27.44
C ARG B 99 74.64 13.33 -28.50
N SER B 100 75.14 13.00 -29.69
CA SER B 100 74.30 12.36 -30.68
C SER B 100 73.78 11.03 -30.18
N LEU B 101 74.61 10.27 -29.47
CA LEU B 101 74.16 9.01 -28.87
C LEU B 101 72.96 9.24 -27.96
N LYS B 102 73.05 10.23 -27.06
CA LYS B 102 71.94 10.51 -26.15
C LYS B 102 70.72 11.02 -26.91
N PHE B 103 70.95 11.86 -27.92
CA PHE B 103 69.84 12.36 -28.74
C PHE B 103 69.07 11.20 -29.36
N MET B 104 69.78 10.12 -29.71
CA MET B 104 69.10 8.92 -30.18
C MET B 104 68.37 8.22 -29.04
N VAL B 105 69.07 7.98 -27.92
CA VAL B 105 68.56 7.11 -26.86
C VAL B 105 67.31 7.69 -26.21
N ASP B 106 67.33 8.99 -25.90
CA ASP B 106 66.22 9.65 -25.22
C ASP B 106 65.00 9.86 -26.10
N ARG B 107 65.09 9.54 -27.39
CA ARG B 107 63.95 9.62 -28.31
C ARG B 107 63.34 8.26 -28.58
N THR B 108 63.85 7.21 -27.94
CA THR B 108 63.30 5.87 -28.03
C THR B 108 62.45 5.57 -26.79
N ASP B 109 61.88 4.38 -26.76
CA ASP B 109 60.98 3.96 -25.68
C ASP B 109 61.36 2.53 -25.28
N PHE B 110 62.20 2.41 -24.26
CA PHE B 110 62.67 1.11 -23.79
C PHE B 110 61.56 0.24 -23.23
N ARG B 111 60.39 0.81 -22.94
CA ARG B 111 59.24 0.02 -22.51
C ARG B 111 58.56 -0.70 -23.66
N GLU B 112 58.90 -0.35 -24.91
CA GLU B 112 58.33 -0.98 -26.10
C GLU B 112 59.23 -2.06 -26.67
N ASN B 113 60.06 -2.69 -25.83
CA ASN B 113 60.95 -3.76 -26.26
C ASN B 113 62.01 -3.26 -27.25
N THR B 114 62.56 -2.08 -26.97
CA THR B 114 63.63 -1.49 -27.77
C THR B 114 64.92 -1.55 -26.97
N ARG B 115 66.00 -2.00 -27.62
CA ARG B 115 67.28 -2.19 -26.96
C ARG B 115 68.39 -1.63 -27.82
N VAL B 116 69.47 -1.20 -27.17
CA VAL B 116 70.61 -0.57 -27.84
C VAL B 116 71.89 -0.92 -27.10
N GLU B 117 72.90 -1.35 -27.87
CA GLU B 117 74.20 -1.69 -27.33
C GLU B 117 75.27 -0.84 -28.00
N MET B 118 76.32 -0.52 -27.25
CA MET B 118 77.42 0.32 -27.71
C MET B 118 78.65 -0.55 -27.92
N LEU B 119 79.30 -0.36 -29.07
CA LEU B 119 80.50 -1.09 -29.47
C LEU B 119 81.52 -0.05 -29.91
N ASN B 120 82.55 0.14 -29.10
CA ASN B 120 83.60 1.10 -29.39
C ASN B 120 84.55 0.51 -30.43
N ALA B 121 84.57 1.10 -31.62
CA ALA B 121 85.42 0.61 -32.70
C ALA B 121 85.63 1.74 -33.69
N SER B 122 86.88 1.91 -34.13
CA SER B 122 87.19 2.86 -35.19
C SER B 122 87.22 2.14 -36.53
N LYS B 123 87.06 2.91 -37.60
CA LYS B 123 87.04 2.33 -38.94
C LYS B 123 88.36 1.60 -39.23
N GLU B 124 89.49 2.20 -38.85
CA GLU B 124 90.79 1.59 -39.09
C GLU B 124 90.87 0.21 -38.45
N ASP B 125 90.39 0.08 -37.21
CA ASP B 125 90.40 -1.20 -36.52
C ASP B 125 89.37 -2.17 -37.10
N LEU B 126 88.25 -1.67 -37.62
CA LEU B 126 87.33 -2.55 -38.34
C LEU B 126 88.03 -3.17 -39.54
N GLN B 127 88.73 -2.35 -40.33
CA GLN B 127 89.51 -2.89 -41.44
C GLN B 127 90.60 -3.84 -40.93
N LYS B 128 91.21 -3.53 -39.79
CA LYS B 128 92.26 -4.38 -39.25
C LYS B 128 91.73 -5.77 -38.91
N ASP B 129 90.55 -5.82 -38.30
CA ASP B 129 89.96 -7.11 -37.94
C ASP B 129 89.50 -7.88 -39.17
N PHE B 130 88.83 -7.19 -40.10
CA PHE B 130 88.30 -7.87 -41.28
C PHE B 130 89.42 -8.39 -42.19
N GLU B 131 90.53 -7.67 -42.26
CA GLU B 131 91.66 -8.12 -43.09
C GLU B 131 92.50 -9.15 -42.36
N ASP B 132 92.56 -9.07 -41.03
CA ASP B 132 93.31 -10.05 -40.25
C ASP B 132 92.61 -11.42 -40.29
N ALA B 133 91.29 -11.42 -40.17
CA ALA B 133 90.55 -12.68 -40.18
C ALA B 133 90.64 -13.34 -41.55
N PRO B 134 90.68 -14.67 -41.62
CA PRO B 134 90.69 -15.32 -42.94
C PRO B 134 89.35 -15.27 -43.65
N GLU B 135 88.26 -15.12 -42.90
CA GLU B 135 86.92 -15.06 -43.48
C GLU B 135 86.03 -14.29 -42.52
N VAL B 136 84.96 -13.70 -43.09
CA VAL B 136 84.07 -12.84 -42.30
C VAL B 136 83.41 -13.61 -41.18
N THR B 137 83.19 -14.92 -41.35
CA THR B 137 82.60 -15.75 -40.31
C THR B 137 83.48 -15.85 -39.07
N LYS B 138 84.75 -15.44 -39.16
CA LYS B 138 85.67 -15.47 -38.03
C LYS B 138 86.05 -14.09 -37.53
N SER B 139 85.39 -13.04 -38.03
CA SER B 139 85.66 -11.70 -37.53
C SER B 139 84.97 -11.50 -36.19
N GLY B 140 85.55 -10.62 -35.36
CA GLY B 140 84.97 -10.35 -34.06
C GLY B 140 83.59 -9.74 -34.15
N LEU B 141 83.44 -8.72 -35.00
CA LEU B 141 82.13 -8.11 -35.21
C LEU B 141 81.09 -9.15 -35.59
N TYR B 142 81.42 -10.04 -36.54
CA TYR B 142 80.52 -11.14 -36.86
C TYR B 142 80.25 -12.02 -35.64
N LYS B 143 81.29 -12.22 -34.81
CA LYS B 143 81.10 -12.98 -33.58
C LYS B 143 80.01 -12.38 -32.71
N LEU B 144 80.07 -11.07 -32.46
CA LEU B 144 79.18 -10.40 -31.54
C LEU B 144 77.87 -9.94 -32.17
N VAL B 145 77.74 -10.07 -33.49
CA VAL B 145 76.52 -9.65 -34.18
C VAL B 145 75.70 -10.89 -34.50
N TYR B 146 76.30 -11.82 -35.25
CA TYR B 146 75.58 -13.01 -35.67
C TYR B 146 75.71 -14.13 -34.64
N SER B 147 76.93 -14.49 -34.29
CA SER B 147 77.17 -15.70 -33.50
C SER B 147 76.52 -15.61 -32.12
N ASN B 148 76.76 -14.52 -31.39
CA ASN B 148 76.20 -14.36 -30.05
C ASN B 148 74.75 -13.93 -30.06
N GLU B 149 74.11 -13.84 -31.23
CA GLU B 149 72.73 -13.37 -31.29
C GLU B 149 71.87 -14.25 -32.18
N TYR B 150 71.82 -13.93 -33.48
CA TYR B 150 70.91 -14.62 -34.39
C TYR B 150 71.19 -16.11 -34.46
N GLY B 151 72.46 -16.51 -34.36
CA GLY B 151 72.81 -17.91 -34.46
C GLY B 151 73.00 -18.59 -33.13
N VAL B 152 72.28 -18.13 -32.10
CA VAL B 152 72.42 -18.66 -30.75
C VAL B 152 71.03 -19.05 -30.24
N PHE B 153 70.85 -20.34 -29.94
CA PHE B 153 69.60 -20.79 -29.37
C PHE B 153 69.40 -20.18 -28.00
N GLY B 154 68.26 -19.53 -27.79
CA GLY B 154 67.99 -18.80 -26.57
C GLY B 154 68.34 -17.32 -26.63
N GLY B 155 69.09 -16.89 -27.65
CA GLY B 155 69.47 -15.50 -27.80
C GLY B 155 68.44 -14.71 -28.57
N LYS B 156 68.91 -13.61 -29.17
CA LYS B 156 68.05 -12.71 -29.92
C LYS B 156 68.86 -12.07 -31.03
N PRO B 157 68.25 -11.76 -32.16
CA PRO B 157 69.01 -11.22 -33.30
C PRO B 157 69.03 -9.70 -33.30
N TYR B 158 70.15 -9.16 -33.78
CA TYR B 158 70.32 -7.71 -33.85
C TYR B 158 69.45 -7.14 -34.96
N GLY B 159 68.67 -6.12 -34.62
CA GLY B 159 67.75 -5.54 -35.60
C GLY B 159 68.48 -4.79 -36.70
N ILE B 160 69.39 -3.89 -36.32
CA ILE B 160 70.09 -3.05 -37.29
C ILE B 160 71.38 -2.55 -36.63
N ILE B 161 72.32 -2.11 -37.46
CA ILE B 161 73.62 -1.64 -37.00
C ILE B 161 73.80 -0.19 -37.48
N SER B 162 74.04 0.72 -36.53
CA SER B 162 74.23 2.14 -36.81
C SER B 162 75.71 2.44 -36.58
N ALA B 163 76.41 2.84 -37.64
CA ALA B 163 77.83 3.13 -37.60
C ALA B 163 78.04 4.64 -37.67
N ASN B 164 78.64 5.21 -36.63
CA ASN B 164 78.91 6.64 -36.58
C ASN B 164 80.21 6.94 -37.32
N TYR B 165 80.12 6.89 -38.65
CA TYR B 165 81.27 7.10 -39.51
C TYR B 165 80.85 7.87 -40.75
N ASP B 166 81.82 8.57 -41.33
CA ASP B 166 81.68 9.23 -42.62
C ASP B 166 82.53 8.47 -43.63
N PHE B 167 81.97 8.26 -44.83
CA PHE B 167 82.62 7.47 -45.85
C PHE B 167 83.00 8.35 -47.03
N ASN B 168 84.18 8.11 -47.57
CA ASN B 168 84.64 8.75 -48.80
C ASN B 168 84.73 7.69 -49.90
N VAL B 169 85.22 8.11 -51.07
CA VAL B 169 85.43 7.18 -52.17
C VAL B 169 86.73 6.38 -52.02
N GLY B 170 87.46 6.59 -50.94
CA GLY B 170 88.72 5.90 -50.72
C GLY B 170 88.57 4.39 -50.70
N PRO B 171 89.60 3.70 -51.18
CA PRO B 171 89.52 2.23 -51.26
C PRO B 171 89.29 1.57 -49.91
N GLN B 172 89.91 2.08 -48.85
CA GLN B 172 89.69 1.52 -47.52
C GLN B 172 88.22 1.61 -47.12
N ASP B 173 87.60 2.77 -47.33
CA ASP B 173 86.18 2.93 -47.01
C ASP B 173 85.31 2.00 -47.85
N MET B 174 85.64 1.87 -49.14
CA MET B 174 84.87 0.97 -50.00
C MET B 174 84.94 -0.47 -49.50
N GLU B 175 86.15 -0.94 -49.15
CA GLU B 175 86.30 -2.30 -48.64
C GLU B 175 85.54 -2.49 -47.34
N LEU B 176 85.63 -1.52 -46.43
CA LEU B 176 84.85 -1.59 -45.19
C LEU B 176 83.36 -1.73 -45.50
N LEU B 177 82.86 -0.96 -46.47
CA LEU B 177 81.47 -1.07 -46.86
C LEU B 177 81.15 -2.47 -47.40
N ARG B 178 82.08 -3.07 -48.14
CA ARG B 178 81.86 -4.43 -48.63
C ARG B 178 81.71 -5.42 -47.48
N LYS B 179 82.63 -5.36 -46.50
CA LYS B 179 82.53 -6.26 -45.35
C LYS B 179 81.23 -6.07 -44.59
N CYS B 180 80.85 -4.81 -44.35
CA CYS B 180 79.60 -4.53 -43.64
C CYS B 180 78.39 -5.05 -44.40
N ALA B 181 78.42 -4.96 -45.73
CA ALA B 181 77.33 -5.51 -46.53
C ALA B 181 77.26 -7.02 -46.38
N SER B 182 78.41 -7.70 -46.39
CA SER B 182 78.41 -9.15 -46.20
C SER B 182 77.82 -9.53 -44.84
N VAL B 183 78.29 -8.89 -43.76
CA VAL B 183 77.80 -9.24 -42.43
C VAL B 183 76.29 -8.96 -42.33
N ALA B 184 75.87 -7.78 -42.81
CA ALA B 184 74.46 -7.44 -42.76
C ALA B 184 73.60 -8.43 -43.53
N ALA B 185 74.11 -8.92 -44.66
CA ALA B 185 73.37 -9.92 -45.42
C ALA B 185 73.29 -11.25 -44.65
N MET B 186 74.39 -11.65 -44.01
CA MET B 186 74.39 -12.92 -43.28
C MET B 186 73.46 -12.90 -42.08
N ALA B 187 73.34 -11.74 -41.41
CA ALA B 187 72.52 -11.65 -40.20
C ALA B 187 71.14 -11.06 -40.48
N HIS B 188 70.87 -10.65 -41.71
CA HIS B 188 69.59 -10.03 -42.06
C HIS B 188 69.35 -8.73 -41.29
N ALA B 189 70.36 -7.86 -41.29
CA ALA B 189 70.30 -6.60 -40.57
C ALA B 189 71.03 -5.51 -41.35
N PRO B 190 70.37 -4.39 -41.65
CA PRO B 190 71.02 -3.36 -42.49
C PRO B 190 72.07 -2.59 -41.71
N PHE B 191 73.05 -2.07 -42.45
CA PHE B 191 74.11 -1.24 -41.89
C PHE B 191 73.92 0.18 -42.37
N ILE B 192 73.72 1.11 -41.42
CA ILE B 192 73.43 2.50 -41.74
C ILE B 192 74.58 3.38 -41.31
N GLY B 193 74.98 4.30 -42.18
CA GLY B 193 76.04 5.25 -41.91
C GLY B 193 75.84 6.56 -42.63
N ASN B 194 76.89 7.37 -42.74
CA ASN B 194 76.82 8.67 -43.39
C ASN B 194 77.95 8.80 -44.40
N ALA B 195 77.75 9.74 -45.33
CA ALA B 195 78.76 10.05 -46.35
C ALA B 195 79.38 11.41 -46.07
N ALA B 196 80.68 11.52 -46.34
CA ALA B 196 81.39 12.77 -46.11
C ALA B 196 81.21 13.71 -47.30
N PRO B 197 81.33 15.02 -47.07
CA PRO B 197 81.13 15.97 -48.19
C PRO B 197 82.07 15.75 -49.36
N GLU B 198 83.33 15.45 -49.10
CA GLU B 198 84.31 15.22 -50.17
C GLU B 198 83.92 14.07 -51.08
N VAL B 199 82.94 13.24 -50.69
CA VAL B 199 82.43 12.19 -51.57
C VAL B 199 81.85 12.80 -52.84
N PHE B 200 81.31 14.01 -52.75
CA PHE B 200 80.80 14.74 -53.91
C PHE B 200 81.83 15.67 -54.51
N GLY B 201 83.08 15.58 -54.09
CA GLY B 201 84.11 16.47 -54.60
C GLY B 201 83.97 17.91 -54.14
N GLU B 202 83.34 18.12 -52.99
CA GLU B 202 83.11 19.45 -52.44
C GLU B 202 83.73 19.54 -51.05
N GLU B 203 84.15 20.75 -50.69
CA GLU B 203 84.76 20.96 -49.37
C GLU B 203 83.78 20.67 -48.25
N SER B 204 82.51 21.06 -48.43
CA SER B 204 81.49 20.86 -47.41
C SER B 204 80.13 20.81 -48.10
N PHE B 205 79.17 20.19 -47.43
CA PHE B 205 77.80 20.08 -47.92
C PHE B 205 77.21 21.41 -48.37
N LEU B 206 77.69 22.54 -47.84
CA LEU B 206 77.22 23.85 -48.27
C LEU B 206 77.43 24.11 -49.75
N LYS B 207 78.19 23.27 -50.45
CA LYS B 207 78.43 23.40 -51.88
C LYS B 207 77.50 22.55 -52.72
N LEU B 208 76.54 21.85 -52.09
CA LEU B 208 75.63 20.99 -52.84
C LEU B 208 74.82 21.74 -53.88
N PRO B 209 74.35 22.96 -53.64
CA PRO B 209 73.57 23.65 -54.69
C PRO B 209 74.40 24.02 -55.91
N ASP B 210 75.73 24.01 -55.80
CA ASP B 210 76.58 24.32 -56.94
C ASP B 210 76.81 23.11 -57.85
N LEU B 211 76.42 21.92 -57.41
CA LEU B 211 76.63 20.71 -58.20
C LEU B 211 75.54 20.64 -59.28
N LYS B 212 75.96 20.67 -60.54
CA LYS B 212 75.00 20.74 -61.64
C LYS B 212 74.41 19.37 -61.98
N ASP B 213 75.15 18.29 -61.74
CA ASP B 213 74.70 16.97 -62.19
C ASP B 213 75.49 15.89 -61.46
N LEU B 214 74.90 15.34 -60.40
CA LEU B 214 75.55 14.28 -59.64
C LEU B 214 75.71 13.01 -60.48
N LYS B 215 74.69 12.66 -61.27
CA LYS B 215 74.76 11.46 -62.09
C LYS B 215 75.97 11.48 -63.02
N SER B 216 76.20 12.63 -63.66
CA SER B 216 77.40 12.78 -64.49
C SER B 216 78.66 12.84 -63.64
N LEU B 217 78.59 13.42 -62.44
CA LEU B 217 79.74 13.46 -61.55
C LEU B 217 80.23 12.06 -61.23
N PHE B 218 79.31 11.11 -61.05
CA PHE B 218 79.63 9.75 -60.66
C PHE B 218 80.18 8.89 -61.81
N GLU B 219 80.35 9.47 -63.00
CA GLU B 219 80.89 8.72 -64.12
C GLU B 219 82.41 8.70 -64.14
N GLY B 220 83.06 9.56 -63.37
CA GLY B 220 84.50 9.61 -63.34
C GLY B 220 85.11 8.34 -62.80
N PRO B 221 86.33 8.04 -63.25
CA PRO B 221 86.98 6.79 -62.79
C PRO B 221 87.23 6.75 -61.30
N GLN B 222 87.18 7.90 -60.62
CA GLN B 222 87.40 7.92 -59.17
C GLN B 222 86.37 7.09 -58.42
N TYR B 223 85.20 6.83 -59.03
CA TYR B 223 84.11 6.13 -58.37
C TYR B 223 83.89 4.72 -58.93
N ALA B 224 84.91 4.12 -59.55
CA ALA B 224 84.75 2.79 -60.14
C ALA B 224 84.35 1.77 -59.08
N ARG B 225 85.06 1.75 -57.95
CA ARG B 225 84.77 0.78 -56.89
C ARG B 225 83.37 0.97 -56.33
N TRP B 226 82.96 2.22 -56.10
CA TRP B 226 81.59 2.47 -55.63
C TRP B 226 80.58 1.97 -56.65
N HIS B 227 80.85 2.18 -57.94
CA HIS B 227 79.95 1.72 -58.98
C HIS B 227 79.77 0.20 -58.93
N SER B 228 80.86 -0.55 -58.74
CA SER B 228 80.70 -2.00 -58.61
C SER B 228 79.95 -2.38 -57.32
N PHE B 229 80.27 -1.69 -56.22
CA PHE B 229 79.59 -1.94 -54.96
C PHE B 229 78.09 -1.82 -55.11
N ARG B 230 77.62 -0.79 -55.84
CA ARG B 230 76.19 -0.64 -56.07
C ARG B 230 75.58 -1.81 -56.84
N GLU B 231 76.40 -2.57 -57.56
CA GLU B 231 75.91 -3.71 -58.33
C GLU B 231 75.98 -5.02 -57.57
N SER B 232 76.74 -5.08 -56.48
CA SER B 232 76.74 -6.28 -55.65
C SER B 232 75.35 -6.54 -55.06
N GLU B 233 75.02 -7.83 -54.89
CA GLU B 233 73.74 -8.22 -54.33
C GLU B 233 73.69 -8.04 -52.81
N ASP B 234 74.83 -7.79 -52.18
CA ASP B 234 74.87 -7.46 -50.76
C ASP B 234 74.61 -5.99 -50.49
N ALA B 235 74.55 -5.16 -51.54
CA ALA B 235 74.34 -3.73 -51.38
C ALA B 235 72.98 -3.41 -50.78
N ARG B 236 72.03 -4.36 -50.80
CA ARG B 236 70.73 -4.13 -50.22
C ARG B 236 70.78 -3.89 -48.73
N TYR B 237 71.86 -4.30 -48.05
CA TYR B 237 72.01 -4.14 -46.62
C TYR B 237 72.87 -2.93 -46.25
N VAL B 238 73.11 -2.03 -47.20
CA VAL B 238 73.91 -0.83 -46.95
C VAL B 238 73.04 0.40 -47.14
N GLY B 239 73.14 1.35 -46.23
CA GLY B 239 72.41 2.60 -46.33
C GLY B 239 73.20 3.78 -45.82
N LEU B 240 73.44 4.76 -46.68
CA LEU B 240 74.25 5.93 -46.34
C LEU B 240 73.41 7.19 -46.42
N ALA B 241 73.59 8.08 -45.45
CA ALA B 241 72.87 9.35 -45.35
C ALA B 241 73.74 10.50 -45.85
N LEU B 242 73.08 11.60 -46.18
CA LEU B 242 73.75 12.75 -46.77
C LEU B 242 74.15 13.78 -45.71
N PRO B 243 73.56 14.97 -45.74
CA PRO B 243 74.05 16.04 -44.87
C PRO B 243 73.85 15.75 -43.40
N ARG B 244 74.73 16.34 -42.59
CA ARG B 244 74.67 16.20 -41.14
C ARG B 244 73.61 17.14 -40.58
N PHE B 245 73.57 17.28 -39.25
CA PHE B 245 72.55 18.14 -38.66
C PHE B 245 73.03 18.68 -37.33
N LEU B 246 72.61 19.90 -37.01
CA LEU B 246 73.06 20.55 -35.78
C LEU B 246 72.61 19.77 -34.56
N LEU B 247 73.50 19.70 -33.57
CA LEU B 247 73.20 19.07 -32.28
C LEU B 247 73.11 20.05 -31.13
N ARG B 248 73.83 21.16 -31.19
CA ARG B 248 73.85 22.13 -30.11
C ARG B 248 73.76 23.55 -30.66
N LEU B 249 72.96 24.38 -30.01
CA LEU B 249 72.91 25.79 -30.35
C LEU B 249 74.09 26.51 -29.67
N PRO B 250 74.78 27.40 -30.36
CA PRO B 250 76.00 27.99 -29.80
C PRO B 250 75.71 28.76 -28.51
N TYR B 251 76.68 28.77 -27.61
CA TYR B 251 76.48 29.34 -26.28
C TYR B 251 76.20 30.83 -26.37
N GLY B 252 75.23 31.28 -25.58
CA GLY B 252 74.86 32.69 -25.54
C GLY B 252 74.17 33.07 -24.25
N GLU B 253 74.45 34.29 -23.76
CA GLU B 253 73.95 34.70 -22.46
C GLU B 253 72.44 34.59 -22.33
N LYS B 254 71.72 34.60 -23.46
CA LYS B 254 70.27 34.49 -23.46
C LYS B 254 69.79 33.11 -23.91
N THR B 255 70.25 32.65 -25.07
CA THR B 255 69.72 31.42 -25.66
C THR B 255 70.31 30.17 -25.02
N VAL B 256 71.57 30.22 -24.61
CA VAL B 256 72.24 29.05 -24.03
C VAL B 256 73.28 29.53 -23.02
N PRO B 257 72.87 29.99 -21.85
CA PRO B 257 73.84 30.58 -20.91
C PRO B 257 74.56 29.52 -20.09
N VAL B 258 75.68 29.93 -19.52
CA VAL B 258 76.49 29.09 -18.64
C VAL B 258 76.64 29.83 -17.31
N LYS B 259 77.12 29.10 -16.31
CA LYS B 259 77.23 29.65 -14.97
C LYS B 259 78.49 30.49 -14.81
N ALA B 260 78.40 31.52 -13.97
CA ALA B 260 79.55 32.33 -13.63
C ALA B 260 80.10 33.09 -14.84
N PHE B 261 80.99 32.44 -15.59
CA PHE B 261 81.65 33.09 -16.71
C PHE B 261 80.63 33.49 -17.78
N ASN B 262 80.68 34.76 -18.19
CA ASN B 262 79.77 35.28 -19.20
C ASN B 262 80.33 34.91 -20.57
N PHE B 263 80.07 33.67 -20.98
CA PHE B 263 80.60 33.13 -22.22
C PHE B 263 79.60 33.32 -23.35
N THR B 264 80.08 33.89 -24.45
CA THR B 264 79.29 34.05 -25.68
C THR B 264 80.10 33.40 -26.80
N GLU B 265 79.67 32.22 -27.22
CA GLU B 265 80.39 31.48 -28.26
C GLU B 265 80.36 32.24 -29.57
N ASP B 266 81.52 32.34 -30.23
CA ASP B 266 81.67 33.11 -31.46
C ASP B 266 81.97 32.15 -32.60
N VAL B 267 80.93 31.79 -33.35
CA VAL B 267 81.10 30.98 -34.54
C VAL B 267 81.61 31.88 -35.67
N VAL B 268 82.76 31.53 -36.23
CA VAL B 268 83.39 32.35 -37.27
C VAL B 268 82.73 32.07 -38.61
N GLY B 269 83.44 32.39 -39.70
CA GLY B 269 82.92 32.09 -41.02
C GLY B 269 82.84 30.61 -41.31
N HIS B 270 83.60 29.81 -40.58
CA HIS B 270 83.65 28.36 -40.82
C HIS B 270 82.52 27.70 -40.05
N HIS B 271 81.47 27.27 -40.76
CA HIS B 271 80.36 26.56 -40.15
C HIS B 271 80.78 25.28 -39.45
N GLU B 272 81.99 24.79 -39.72
CA GLU B 272 82.55 23.67 -38.97
C GLU B 272 82.70 23.97 -37.49
N ARG B 273 82.60 25.24 -37.09
CA ARG B 273 82.57 25.57 -35.67
C ARG B 273 81.30 25.06 -35.00
N TYR B 274 80.24 24.87 -35.78
CA TYR B 274 78.99 24.34 -35.25
C TYR B 274 79.15 22.84 -34.96
N LEU B 275 78.49 22.39 -33.89
CA LEU B 275 78.55 21.00 -33.46
C LEU B 275 77.63 20.17 -34.35
N TRP B 276 78.16 19.74 -35.48
CA TRP B 276 77.39 18.91 -36.41
C TRP B 276 77.34 17.46 -35.91
N GLY B 277 76.25 16.79 -36.27
CA GLY B 277 76.01 15.43 -35.82
C GLY B 277 75.59 14.55 -36.98
N HIS B 278 75.86 13.24 -36.84
CA HIS B 278 75.65 12.28 -37.92
C HIS B 278 74.18 11.93 -38.02
N ALA B 279 73.58 12.15 -39.20
CA ALA B 279 72.15 11.97 -39.38
C ALA B 279 71.71 10.51 -39.29
N SER B 280 72.66 9.57 -39.37
CA SER B 280 72.33 8.16 -39.19
C SER B 280 71.55 7.92 -37.92
N VAL B 281 71.84 8.69 -36.86
CA VAL B 281 71.12 8.56 -35.60
C VAL B 281 69.66 8.99 -35.78
N ALA B 282 69.41 10.05 -36.54
CA ALA B 282 68.04 10.45 -36.81
C ALA B 282 67.27 9.34 -37.54
N LEU B 283 67.88 8.77 -38.59
CA LEU B 283 67.25 7.63 -39.25
C LEU B 283 66.94 6.51 -38.25
N THR B 284 67.90 6.21 -37.37
CA THR B 284 67.68 5.19 -36.35
C THR B 284 66.49 5.52 -35.47
N SER B 285 66.31 6.79 -35.10
CA SER B 285 65.12 7.19 -34.37
C SER B 285 63.86 6.89 -35.17
N ARG B 286 63.90 7.11 -36.48
CA ARG B 286 62.74 6.75 -37.32
C ARG B 286 62.40 5.26 -37.16
N VAL B 287 63.39 4.39 -37.37
CA VAL B 287 63.15 2.95 -37.21
C VAL B 287 62.58 2.66 -35.82
N ALA B 288 63.15 3.27 -34.79
CA ALA B 288 62.70 3.05 -33.42
C ALA B 288 61.23 3.40 -33.24
N ASP B 289 60.81 4.56 -33.77
CA ASP B 289 59.41 4.96 -33.61
C ASP B 289 58.47 4.00 -34.31
N SER B 290 58.77 3.65 -35.57
CA SER B 290 57.95 2.69 -36.29
C SER B 290 57.78 1.41 -35.48
N PHE B 291 58.87 0.89 -34.92
CA PHE B 291 58.79 -0.36 -34.16
C PHE B 291 58.05 -0.17 -32.84
N ALA B 292 58.18 0.99 -32.21
CA ALA B 292 57.50 1.23 -30.95
C ALA B 292 55.99 1.27 -31.13
N LYS B 293 55.54 1.75 -32.29
CA LYS B 293 54.10 1.82 -32.54
C LYS B 293 53.53 0.50 -33.05
N PHE B 294 54.23 -0.18 -33.97
CA PHE B 294 53.63 -1.31 -34.68
C PHE B 294 54.38 -2.63 -34.58
N ARG B 295 55.62 -2.64 -34.08
CA ARG B 295 56.46 -3.84 -34.07
C ARG B 295 57.08 -4.12 -35.43
N TRP B 296 56.98 -3.18 -36.36
CA TRP B 296 57.55 -3.30 -37.69
C TRP B 296 58.17 -1.96 -38.07
N SER B 297 59.10 -1.99 -39.02
CA SER B 297 59.90 -0.81 -39.39
C SER B 297 59.72 -0.47 -40.86
N PRO B 298 58.53 -0.05 -41.26
CA PRO B 298 58.33 0.37 -42.65
C PRO B 298 57.96 1.84 -42.77
N ASN B 299 57.46 2.41 -41.67
CA ASN B 299 56.96 3.79 -41.68
C ASN B 299 58.07 4.74 -41.26
N ILE B 300 58.94 5.06 -42.21
CA ILE B 300 60.06 5.96 -41.93
C ILE B 300 60.44 6.77 -43.16
N ILE B 301 59.48 7.01 -44.06
CA ILE B 301 59.80 7.72 -45.30
C ILE B 301 58.73 8.72 -45.68
N GLY B 302 58.37 9.61 -44.76
CA GLY B 302 57.39 10.64 -45.07
C GLY B 302 57.20 11.66 -43.97
N PRO B 303 56.87 12.89 -44.37
CA PRO B 303 56.58 13.92 -43.36
C PRO B 303 55.39 13.60 -42.48
N GLN B 304 54.44 12.81 -42.98
CA GLN B 304 53.32 12.33 -42.19
C GLN B 304 53.38 10.84 -41.89
N SER B 305 54.09 10.07 -42.70
CA SER B 305 54.16 8.62 -42.50
C SER B 305 55.00 8.26 -41.27
N GLY B 306 56.02 9.05 -40.95
CA GLY B 306 56.85 8.74 -39.81
C GLY B 306 58.33 8.93 -40.07
N GLY B 307 58.66 9.46 -41.25
CA GLY B 307 60.02 9.83 -41.57
C GLY B 307 60.37 11.28 -41.26
N ALA B 308 59.55 11.97 -40.49
CA ALA B 308 59.79 13.37 -40.14
C ALA B 308 60.60 13.44 -38.85
N VAL B 309 61.65 14.25 -38.87
CA VAL B 309 62.45 14.55 -37.69
C VAL B 309 62.01 15.92 -37.20
N GLU B 310 61.44 15.98 -36.00
CA GLU B 310 60.92 17.21 -35.44
C GLU B 310 61.80 17.70 -34.31
N ASN B 311 61.74 19.01 -34.06
CA ASN B 311 62.47 19.62 -32.94
C ASN B 311 63.95 19.79 -33.26
N LEU B 312 64.27 20.47 -34.37
CA LEU B 312 65.67 20.68 -34.67
C LEU B 312 66.15 22.01 -34.05
N PRO B 313 67.43 22.09 -33.70
CA PRO B 313 67.94 23.34 -33.12
C PRO B 313 67.95 24.45 -34.16
N LEU B 314 67.74 25.68 -33.68
CA LEU B 314 67.74 26.86 -34.53
C LEU B 314 68.73 27.88 -33.98
N HIS B 315 69.15 28.82 -34.83
CA HIS B 315 70.16 29.80 -34.43
C HIS B 315 70.02 31.03 -35.32
N GLN B 316 69.30 32.03 -34.81
CA GLN B 316 69.15 33.30 -35.51
C GLN B 316 70.34 34.20 -35.19
N TYR B 317 70.86 34.86 -36.20
CA TYR B 317 72.02 35.74 -36.08
C TYR B 317 71.99 36.73 -37.25
N GLU B 318 72.76 37.81 -37.13
CA GLU B 318 72.65 38.88 -38.11
C GLU B 318 73.17 38.46 -39.48
N ALA B 319 72.48 38.90 -40.52
CA ALA B 319 72.88 38.66 -41.90
C ALA B 319 73.43 39.97 -42.50
N MET B 320 72.97 40.41 -43.67
CA MET B 320 73.40 41.69 -44.22
C MET B 320 72.57 42.85 -43.73
N GLY B 321 72.38 42.97 -42.42
CA GLY B 321 71.48 43.95 -41.84
C GLY B 321 70.17 43.37 -41.38
N GLU B 322 69.77 42.21 -41.91
CA GLU B 322 68.68 41.43 -41.33
C GLU B 322 69.28 40.39 -40.38
N ILE B 323 68.42 39.45 -39.94
CA ILE B 323 68.79 38.39 -39.02
C ILE B 323 68.18 37.08 -39.53
N GLN B 324 69.05 36.08 -39.77
CA GLN B 324 68.66 34.83 -40.38
C GLN B 324 69.09 33.63 -39.53
N THR B 325 68.48 32.49 -39.80
CA THR B 325 68.64 31.30 -38.99
C THR B 325 69.53 30.28 -39.69
N LYS B 326 70.55 29.81 -38.97
CA LYS B 326 71.43 28.77 -39.48
C LYS B 326 70.62 27.50 -39.72
N ILE B 327 70.65 27.01 -40.96
CA ILE B 327 69.82 25.86 -41.32
C ILE B 327 70.25 24.66 -40.50
N PRO B 328 69.31 23.92 -39.90
CA PRO B 328 69.69 22.74 -39.11
C PRO B 328 70.51 21.73 -39.88
N THR B 329 70.26 21.58 -41.17
CA THR B 329 71.14 20.87 -42.07
C THR B 329 71.98 21.90 -42.82
N GLU B 330 73.14 21.45 -43.32
CA GLU B 330 74.08 22.36 -43.96
C GLU B 330 73.43 23.17 -45.07
N VAL B 331 72.52 22.55 -45.82
CA VAL B 331 71.87 23.20 -46.95
C VAL B 331 70.38 22.91 -46.92
N MET B 332 69.63 23.72 -47.67
CA MET B 332 68.19 23.55 -47.83
C MET B 332 68.00 22.83 -49.17
N LEU B 333 67.86 21.51 -49.10
CA LEU B 333 67.81 20.71 -50.32
C LEU B 333 66.48 20.89 -51.03
N THR B 334 66.55 21.16 -52.34
CA THR B 334 65.35 21.26 -53.14
C THR B 334 64.88 19.87 -53.58
N GLU B 335 63.63 19.81 -54.07
CA GLU B 335 63.04 18.53 -54.45
C GLU B 335 63.85 17.84 -55.54
N ARG B 336 64.32 18.61 -56.53
CA ARG B 336 65.08 18.02 -57.63
C ARG B 336 66.41 17.45 -57.14
N ARG B 337 67.11 18.19 -56.28
CA ARG B 337 68.39 17.70 -55.75
C ARG B 337 68.18 16.46 -54.89
N GLU B 338 67.15 16.47 -54.05
CA GLU B 338 66.84 15.29 -53.25
C GLU B 338 66.53 14.09 -54.15
N PHE B 339 65.80 14.32 -55.23
CA PHE B 339 65.51 13.24 -56.17
C PHE B 339 66.78 12.69 -56.80
N GLU B 340 67.71 13.58 -57.18
CA GLU B 340 68.98 13.13 -57.74
C GLU B 340 69.74 12.28 -56.74
N LEU B 341 69.85 12.75 -55.49
CA LEU B 341 70.51 11.96 -54.45
C LEU B 341 69.84 10.61 -54.26
N SER B 342 68.52 10.57 -54.35
CA SER B 342 67.81 9.29 -54.23
C SER B 342 68.15 8.37 -55.40
N GLU B 343 68.26 8.91 -56.61
CA GLU B 343 68.70 8.11 -57.75
C GLU B 343 70.12 7.60 -57.55
N GLU B 344 70.95 8.33 -56.80
CA GLU B 344 72.31 7.92 -56.49
C GLU B 344 72.41 7.06 -55.24
N GLY B 345 71.28 6.56 -54.74
CA GLY B 345 71.28 5.68 -53.59
C GLY B 345 71.67 6.31 -52.28
N PHE B 346 71.38 7.60 -52.10
CA PHE B 346 71.69 8.32 -50.87
C PHE B 346 70.40 8.63 -50.12
N ILE B 347 70.49 8.66 -48.80
CA ILE B 347 69.35 8.96 -47.94
C ILE B 347 69.52 10.40 -47.48
N GLY B 348 68.89 11.32 -48.21
CA GLY B 348 69.01 12.73 -47.89
C GLY B 348 67.94 13.24 -46.94
N LEU B 349 68.36 13.73 -45.78
CA LEU B 349 67.44 14.34 -44.83
C LEU B 349 67.22 15.78 -45.27
N VAL B 350 66.02 16.07 -45.79
CA VAL B 350 65.72 17.39 -46.33
C VAL B 350 65.17 18.28 -45.24
N PHE B 351 65.49 19.57 -45.32
CA PHE B 351 65.06 20.55 -44.33
C PHE B 351 63.77 21.22 -44.79
N ARG B 352 62.77 21.24 -43.90
CA ARG B 352 61.50 21.89 -44.20
C ARG B 352 61.75 23.38 -44.22
N LYS B 353 61.62 24.00 -45.40
CA LYS B 353 61.95 25.41 -45.60
C LYS B 353 61.40 26.24 -44.43
N ASP B 354 62.30 26.83 -43.67
CA ASP B 354 61.97 27.47 -42.41
C ASP B 354 61.01 26.66 -41.55
N SER B 355 61.53 25.69 -40.79
CA SER B 355 60.85 25.05 -39.68
C SER B 355 61.98 24.69 -38.73
N ASP B 356 61.70 23.87 -37.73
CA ASP B 356 62.71 23.03 -37.11
C ASP B 356 62.46 21.57 -37.47
N ASN B 357 61.94 21.34 -38.68
CA ASN B 357 61.50 20.02 -39.11
C ASN B 357 62.22 19.61 -40.39
N ALA B 358 62.68 18.36 -40.41
CA ALA B 358 63.27 17.75 -41.60
C ALA B 358 62.48 16.49 -41.91
N ALA B 359 62.79 15.88 -43.06
CA ALA B 359 62.06 14.70 -43.50
C ALA B 359 62.95 13.83 -44.38
N PHE B 360 62.74 12.53 -44.27
CA PHE B 360 63.38 11.55 -45.16
C PHE B 360 62.31 11.11 -46.14
N PHE B 361 62.41 11.59 -47.38
CA PHE B 361 61.39 11.28 -48.38
C PHE B 361 61.47 9.83 -48.83
N SER B 362 62.63 9.20 -48.70
CA SER B 362 62.80 7.83 -49.15
C SER B 362 64.04 7.24 -48.52
N ALA B 363 64.05 5.92 -48.38
CA ALA B 363 65.19 5.22 -47.82
C ALA B 363 65.69 4.15 -48.77
N ASN B 364 66.15 4.55 -49.95
CA ASN B 364 66.72 3.59 -50.89
C ASN B 364 68.07 3.11 -50.38
N SER B 365 68.38 1.85 -50.65
CA SER B 365 69.68 1.30 -50.29
C SER B 365 70.73 1.73 -51.31
N THR B 366 71.97 1.28 -51.10
CA THR B 366 73.03 1.61 -52.06
C THR B 366 72.83 0.86 -53.37
N GLN B 367 72.13 -0.27 -53.34
CA GLN B 367 72.01 -1.11 -54.52
C GLN B 367 71.29 -0.38 -55.65
N LYS B 368 71.84 -0.50 -56.86
CA LYS B 368 71.25 0.12 -58.04
C LYS B 368 70.26 -0.84 -58.68
N PRO B 369 69.09 -0.38 -59.10
CA PRO B 369 68.11 -1.29 -59.69
C PRO B 369 68.54 -1.75 -61.07
N ARG B 370 68.12 -2.96 -61.43
CA ARG B 370 68.45 -3.54 -62.72
C ARG B 370 67.31 -3.32 -63.70
N PHE B 371 67.66 -3.17 -64.97
CA PHE B 371 66.69 -2.96 -66.04
C PHE B 371 66.47 -4.27 -66.80
N PHE B 372 65.21 -4.54 -67.12
CA PHE B 372 64.84 -5.75 -67.85
C PHE B 372 64.08 -5.37 -69.11
N GLY B 373 63.90 -6.35 -69.99
CA GLY B 373 63.18 -6.11 -71.23
C GLY B 373 61.74 -5.70 -70.96
N ASN B 374 61.24 -4.81 -71.81
CA ASN B 374 59.91 -4.20 -71.62
C ASN B 374 58.83 -5.16 -72.14
N THR B 375 58.64 -6.23 -71.39
CA THR B 375 57.57 -7.20 -71.59
C THR B 375 56.87 -7.40 -70.26
N PRO B 376 55.75 -8.13 -70.24
CA PRO B 376 55.07 -8.35 -68.96
C PRO B 376 55.98 -8.99 -67.91
N GLU B 377 56.64 -10.09 -68.27
CA GLU B 377 57.54 -10.75 -67.33
C GLU B 377 58.72 -9.86 -66.97
N GLY B 378 59.27 -9.14 -67.93
CA GLY B 378 60.41 -8.27 -67.64
C GLY B 378 60.07 -7.16 -66.67
N LYS B 379 58.92 -6.50 -66.88
CA LYS B 379 58.47 -5.47 -65.95
C LYS B 379 58.16 -6.06 -64.57
N ALA B 380 57.60 -7.27 -64.53
CA ALA B 380 57.43 -7.93 -63.23
C ALA B 380 58.77 -8.10 -62.53
N ALA B 381 59.79 -8.54 -63.26
CA ALA B 381 61.12 -8.70 -62.68
C ALA B 381 61.65 -7.36 -62.16
N GLU B 382 61.46 -6.29 -62.92
CA GLU B 382 61.88 -4.98 -62.46
C GLU B 382 61.20 -4.61 -61.15
N THR B 383 59.88 -4.83 -61.05
CA THR B 383 59.16 -4.50 -59.83
C THR B 383 59.74 -5.24 -58.63
N ASN B 384 59.89 -6.57 -58.75
CA ASN B 384 60.45 -7.34 -57.64
C ASN B 384 61.83 -6.80 -57.24
N TYR B 385 62.71 -6.59 -58.21
CA TYR B 385 64.06 -6.13 -57.91
C TYR B 385 64.06 -4.80 -57.14
N ARG B 386 63.28 -3.82 -57.62
CA ARG B 386 63.23 -2.53 -56.92
C ARG B 386 62.71 -2.70 -55.49
N LEU B 387 61.62 -3.46 -55.33
CA LEU B 387 61.19 -3.85 -53.99
C LEU B 387 62.37 -4.30 -53.15
N GLY B 388 63.23 -5.17 -53.70
CA GLY B 388 64.43 -5.55 -53.00
C GLY B 388 65.36 -4.38 -52.69
N THR B 389 65.43 -3.41 -53.61
CA THR B 389 66.33 -2.27 -53.45
C THR B 389 65.88 -1.29 -52.38
N GLN B 390 64.63 -1.40 -51.90
CA GLN B 390 64.08 -0.46 -50.93
C GLN B 390 64.19 -1.00 -49.51
N LEU B 391 64.78 -0.19 -48.62
CA LEU B 391 64.87 -0.58 -47.22
C LEU B 391 63.52 -0.69 -46.53
N PRO B 392 62.51 0.14 -46.87
CA PRO B 392 61.20 0.04 -46.19
C PRO B 392 60.53 -1.32 -46.31
N TYR B 393 60.88 -2.09 -47.35
CA TYR B 393 60.44 -3.48 -47.46
C TYR B 393 61.49 -4.47 -46.99
N MET B 394 62.76 -4.15 -47.20
CA MET B 394 63.84 -4.98 -46.65
C MET B 394 63.64 -5.22 -45.16
N PHE B 395 63.14 -4.22 -44.43
CA PHE B 395 62.92 -4.39 -42.99
C PHE B 395 61.87 -5.45 -42.70
N ILE B 396 60.77 -5.47 -43.46
CA ILE B 396 59.78 -6.53 -43.30
C ILE B 396 60.42 -7.89 -43.54
N MET B 397 61.20 -8.00 -44.62
CA MET B 397 61.89 -9.26 -44.89
C MET B 397 62.78 -9.69 -43.72
N THR B 398 63.50 -8.74 -43.12
CA THR B 398 64.43 -9.07 -42.05
C THR B 398 63.69 -9.54 -40.79
N ARG B 399 62.63 -8.82 -40.41
CA ARG B 399 61.83 -9.28 -39.28
C ARG B 399 61.30 -10.68 -39.51
N LEU B 400 60.81 -10.95 -40.74
CA LEU B 400 60.32 -12.29 -41.06
C LEU B 400 61.41 -13.35 -40.87
N ALA B 401 62.63 -13.05 -41.32
CA ALA B 401 63.73 -14.00 -41.17
C ALA B 401 64.03 -14.29 -39.70
N HIS B 402 64.07 -13.24 -38.86
CA HIS B 402 64.29 -13.46 -37.44
C HIS B 402 63.22 -14.36 -36.84
N TYR B 403 61.94 -14.04 -37.08
CA TYR B 403 60.86 -14.85 -36.55
C TYR B 403 60.96 -16.31 -37.02
N ILE B 404 61.33 -16.50 -38.30
CA ILE B 404 61.42 -17.86 -38.84
C ILE B 404 62.51 -18.66 -38.13
N LYS B 405 63.71 -18.09 -38.03
CA LYS B 405 64.79 -18.77 -37.31
C LYS B 405 64.34 -19.16 -35.90
N VAL B 406 63.93 -18.16 -35.11
CA VAL B 406 63.57 -18.42 -33.71
C VAL B 406 62.50 -19.51 -33.63
N LEU B 407 61.35 -19.27 -34.27
CA LEU B 407 60.19 -20.15 -34.09
C LEU B 407 60.43 -21.55 -34.65
N GLN B 408 61.21 -21.69 -35.73
CA GLN B 408 61.46 -23.01 -36.28
C GLN B 408 62.39 -23.83 -35.39
N ARG B 409 63.39 -23.17 -34.80
CA ARG B 409 64.24 -23.86 -33.83
C ARG B 409 63.41 -24.62 -32.79
N GLU B 410 62.31 -24.03 -32.32
CA GLU B 410 61.48 -24.68 -31.31
C GLU B 410 60.71 -25.86 -31.88
N GLN B 411 60.51 -25.90 -33.19
CA GLN B 411 59.77 -27.00 -33.83
C GLN B 411 60.67 -28.16 -34.22
N ILE B 412 61.99 -27.95 -34.26
CA ILE B 412 62.91 -29.06 -34.55
C ILE B 412 62.63 -30.22 -33.60
N GLY B 413 62.48 -31.42 -34.18
CA GLY B 413 62.22 -32.63 -33.42
C GLY B 413 60.77 -33.12 -33.47
N SER B 414 59.85 -32.26 -33.89
CA SER B 414 58.44 -32.64 -33.95
C SER B 414 58.17 -33.49 -35.19
N TRP B 415 57.06 -34.22 -35.15
CA TRP B 415 56.66 -35.12 -36.24
C TRP B 415 56.02 -34.29 -37.34
N LYS B 416 56.86 -33.83 -38.28
CA LYS B 416 56.44 -32.92 -39.32
C LYS B 416 56.64 -33.58 -40.69
N GLU B 417 55.55 -33.76 -41.42
CA GLU B 417 55.61 -34.10 -42.83
C GLU B 417 55.55 -32.80 -43.66
N LYS B 418 55.86 -32.93 -44.96
CA LYS B 418 55.93 -31.75 -45.82
C LYS B 418 54.64 -30.94 -45.78
N SER B 419 53.51 -31.59 -46.04
CA SER B 419 52.20 -30.94 -45.96
C SER B 419 51.94 -30.33 -44.59
N ASP B 420 52.44 -30.96 -43.52
CA ASP B 420 52.34 -30.35 -42.19
C ASP B 420 53.07 -29.02 -42.16
N LEU B 421 54.30 -28.98 -42.71
CA LEU B 421 55.01 -27.72 -42.84
C LEU B 421 54.17 -26.69 -43.62
N GLU B 422 53.57 -27.12 -44.73
CA GLU B 422 52.76 -26.20 -45.54
C GLU B 422 51.62 -25.60 -44.72
N ARG B 423 50.84 -26.44 -44.05
CA ARG B 423 49.68 -25.95 -43.31
C ARG B 423 50.09 -25.01 -42.18
N GLU B 424 51.04 -25.45 -41.34
CA GLU B 424 51.45 -24.63 -40.22
C GLU B 424 52.02 -23.28 -40.68
N LEU B 425 52.91 -23.31 -41.68
CA LEU B 425 53.54 -22.08 -42.14
C LEU B 425 52.51 -21.11 -42.73
N ASN B 426 51.53 -21.64 -43.48
CA ASN B 426 50.46 -20.78 -43.97
C ASN B 426 49.72 -20.12 -42.82
N HIS B 427 49.24 -20.93 -41.86
CA HIS B 427 48.52 -20.38 -40.70
C HIS B 427 49.34 -19.33 -39.97
N TRP B 428 50.67 -19.49 -39.92
CA TRP B 428 51.50 -18.54 -39.21
C TRP B 428 51.65 -17.24 -40.00
N LEU B 429 51.97 -17.36 -41.30
CA LEU B 429 52.14 -16.17 -42.12
C LEU B 429 50.89 -15.32 -42.17
N SER B 430 49.71 -15.94 -42.10
CA SER B 430 48.46 -15.18 -42.13
C SER B 430 48.38 -14.15 -41.02
N GLN B 431 49.18 -14.32 -39.96
CA GLN B 431 49.10 -13.42 -38.80
C GLN B 431 49.48 -11.99 -39.14
N TYR B 432 50.32 -11.80 -40.17
CA TYR B 432 50.77 -10.46 -40.56
C TYR B 432 50.20 -10.02 -41.90
N ILE B 433 49.06 -10.58 -42.30
CA ILE B 433 48.44 -10.31 -43.60
C ILE B 433 47.18 -9.49 -43.38
N SER B 434 47.03 -8.43 -44.18
CA SER B 434 45.83 -7.60 -44.19
C SER B 434 45.33 -7.59 -45.62
N ASP B 435 44.53 -8.59 -45.99
CA ASP B 435 44.01 -8.73 -47.35
C ASP B 435 42.56 -8.29 -47.47
N MET B 436 42.21 -7.13 -46.91
CA MET B 436 40.81 -6.75 -46.82
C MET B 436 40.36 -5.89 -48.00
N ASP B 437 39.25 -5.19 -47.77
CA ASP B 437 38.69 -4.29 -48.76
C ASP B 437 39.33 -2.92 -48.72
N ASP B 438 38.92 -2.09 -47.83
CA ASP B 438 39.52 -0.72 -47.88
C ASP B 438 40.23 -0.32 -46.61
N PRO B 439 41.48 -0.01 -46.65
CA PRO B 439 42.39 -0.34 -45.54
C PRO B 439 42.67 0.83 -44.68
N ALA B 440 42.33 0.66 -43.38
CA ALA B 440 42.79 1.49 -42.28
C ALA B 440 44.14 2.10 -42.63
N PRO B 441 44.16 3.29 -43.24
CA PRO B 441 45.42 3.81 -43.77
C PRO B 441 46.40 3.93 -42.63
N ALA B 442 47.61 3.40 -42.84
CA ALA B 442 48.58 3.32 -41.78
C ALA B 442 48.15 2.37 -40.66
N VAL B 443 47.20 1.49 -40.97
CA VAL B 443 46.86 0.36 -40.12
C VAL B 443 47.38 -0.95 -40.68
N ARG B 444 47.53 -1.03 -42.02
CA ARG B 444 48.31 -2.09 -42.63
C ARG B 444 49.77 -1.88 -42.24
N SER B 445 50.02 -0.83 -41.45
CA SER B 445 51.32 -0.67 -40.80
C SER B 445 51.62 -1.87 -39.91
N ARG B 446 50.68 -2.24 -39.03
CA ARG B 446 50.88 -3.38 -38.14
C ARG B 446 50.84 -4.70 -38.90
N ARG B 447 50.16 -4.75 -40.05
CA ARG B 447 50.09 -5.92 -40.91
C ARG B 447 50.65 -5.53 -42.27
N PRO B 448 51.97 -5.51 -42.43
CA PRO B 448 52.55 -4.92 -43.64
C PRO B 448 52.32 -5.73 -44.90
N LEU B 449 51.96 -7.00 -44.77
CA LEU B 449 51.78 -7.87 -45.93
C LEU B 449 50.34 -7.84 -46.42
N ARG B 450 50.19 -7.89 -47.74
CA ARG B 450 48.90 -8.04 -48.39
C ARG B 450 48.66 -9.46 -48.89
N ALA B 451 49.68 -10.11 -49.45
CA ALA B 451 49.55 -11.47 -49.92
C ALA B 451 50.82 -12.25 -49.57
N ALA B 452 50.71 -13.57 -49.59
CA ALA B 452 51.86 -14.41 -49.27
C ALA B 452 51.59 -15.84 -49.76
N ARG B 453 52.65 -16.46 -50.27
CA ARG B 453 52.59 -17.82 -50.80
C ARG B 453 53.78 -18.62 -50.27
N VAL B 454 53.51 -19.86 -49.87
CA VAL B 454 54.50 -20.74 -49.28
C VAL B 454 54.41 -22.10 -49.97
N VAL B 455 55.56 -22.62 -50.39
CA VAL B 455 55.65 -23.94 -51.01
C VAL B 455 56.73 -24.72 -50.28
N VAL B 456 56.48 -26.01 -50.03
CA VAL B 456 57.38 -26.86 -49.28
C VAL B 456 57.65 -28.13 -50.08
N GLU B 457 58.92 -28.42 -50.32
CA GLU B 457 59.34 -29.64 -51.00
C GLU B 457 60.28 -30.42 -50.08
N ASP B 458 60.65 -31.62 -50.52
CA ASP B 458 61.49 -32.50 -49.73
C ASP B 458 62.90 -32.51 -50.28
N VAL B 459 63.88 -32.52 -49.38
CA VAL B 459 65.28 -32.69 -49.75
C VAL B 459 65.48 -34.18 -50.02
N GLU B 460 65.51 -34.54 -51.30
CA GLU B 460 65.57 -35.95 -51.68
C GLU B 460 66.85 -36.59 -51.17
N GLY B 461 66.72 -37.79 -50.61
CA GLY B 461 67.86 -38.47 -50.02
C GLY B 461 68.24 -37.96 -48.65
N GLN B 462 67.38 -37.16 -48.02
CA GLN B 462 67.63 -36.63 -46.67
C GLN B 462 66.31 -36.51 -45.94
N PRO B 463 65.83 -37.60 -45.36
CA PRO B 463 64.51 -37.57 -44.71
C PRO B 463 64.53 -36.68 -43.47
N GLY B 464 63.47 -35.87 -43.33
CA GLY B 464 63.37 -34.92 -42.25
C GLY B 464 63.75 -33.50 -42.63
N TRP B 465 64.41 -33.30 -43.77
CA TRP B 465 64.81 -31.99 -44.24
C TRP B 465 63.91 -31.55 -45.39
N TYR B 466 63.60 -30.26 -45.43
CA TYR B 466 62.68 -29.72 -46.42
C TYR B 466 63.26 -28.44 -47.02
N ARG B 467 62.74 -28.09 -48.20
CA ARG B 467 63.11 -26.85 -48.90
C ARG B 467 61.85 -26.00 -48.98
N CYS B 468 61.90 -24.82 -48.36
CA CYS B 468 60.74 -23.95 -48.24
C CYS B 468 60.95 -22.68 -49.04
N SER B 469 59.90 -22.25 -49.74
CA SER B 469 59.90 -21.02 -50.53
C SER B 469 58.77 -20.14 -50.02
N LEU B 470 59.11 -18.92 -49.62
CA LEU B 470 58.15 -17.96 -49.08
C LEU B 470 58.27 -16.67 -49.89
N GLN B 471 57.18 -16.28 -50.55
CA GLN B 471 57.13 -15.08 -51.35
C GLN B 471 55.99 -14.21 -50.83
N VAL B 472 56.25 -12.91 -50.71
CA VAL B 472 55.31 -12.00 -50.06
C VAL B 472 55.06 -10.78 -50.94
N ARG B 473 53.82 -10.31 -50.91
CA ARG B 473 53.42 -9.08 -51.58
C ARG B 473 53.00 -8.10 -50.50
N PRO B 474 53.83 -7.11 -50.17
CA PRO B 474 53.46 -6.15 -49.13
C PRO B 474 52.78 -4.93 -49.71
N HIS B 475 52.18 -4.13 -48.84
CA HIS B 475 51.49 -2.93 -49.26
C HIS B 475 52.49 -1.92 -49.81
N PHE B 476 52.04 -1.16 -50.81
CA PHE B 476 52.91 -0.19 -51.47
C PHE B 476 52.88 1.16 -50.77
N LEU C 30 17.99 -10.54 -64.94
CA LEU C 30 18.49 -10.04 -66.23
C LEU C 30 17.96 -8.65 -66.51
N PRO C 31 18.86 -7.70 -66.75
CA PRO C 31 18.44 -6.34 -67.07
C PRO C 31 17.76 -6.28 -68.43
N LEU C 32 17.09 -5.15 -68.68
CA LEU C 32 16.45 -4.88 -69.96
C LEU C 32 17.35 -3.91 -70.71
N LYS C 33 18.12 -4.45 -71.66
CA LYS C 33 19.10 -3.67 -72.42
C LYS C 33 18.59 -3.44 -73.84
N VAL C 34 18.59 -2.18 -74.25
CA VAL C 34 18.13 -1.79 -75.58
C VAL C 34 19.31 -1.24 -76.37
N LEU C 35 19.30 -1.48 -77.68
CA LEU C 35 20.34 -1.04 -78.59
C LEU C 35 19.73 -0.03 -79.55
N MET C 36 20.12 1.23 -79.42
CA MET C 36 19.67 2.30 -80.31
C MET C 36 20.71 2.43 -81.42
N LEU C 37 20.32 2.05 -82.65
CA LEU C 37 21.20 2.13 -83.80
C LEU C 37 20.70 3.23 -84.71
N GLY C 38 21.59 4.13 -85.11
CA GLY C 38 21.17 5.23 -85.96
C GLY C 38 22.32 6.15 -86.31
N ASP C 39 22.00 7.11 -87.18
CA ASP C 39 22.99 8.06 -87.71
C ASP C 39 23.05 9.27 -86.79
N PHE C 40 23.85 9.13 -85.72
CA PHE C 40 23.99 10.18 -84.73
C PHE C 40 25.03 11.22 -85.11
N THR C 41 25.75 11.03 -86.21
CA THR C 41 26.77 11.97 -86.66
C THR C 41 26.41 12.50 -88.04
N GLY C 42 27.09 13.56 -88.44
CA GLY C 42 26.87 14.14 -89.75
C GLY C 42 27.55 13.43 -90.90
N GLN C 43 28.27 12.34 -90.63
CA GLN C 43 28.96 11.61 -91.69
C GLN C 43 29.18 10.17 -91.24
N GLU C 44 29.36 9.29 -92.22
CA GLU C 44 29.66 7.90 -91.93
C GLU C 44 31.10 7.75 -91.48
N ASP C 45 31.36 6.69 -90.73
CA ASP C 45 32.69 6.43 -90.21
C ASP C 45 33.45 5.45 -91.11
N ALA C 46 34.76 5.65 -91.20
CA ALA C 46 35.59 4.73 -91.97
C ALA C 46 35.79 3.40 -91.24
N ARG C 47 35.66 3.40 -89.93
CA ARG C 47 35.86 2.18 -89.14
C ARG C 47 34.76 1.17 -89.47
N PRO C 48 35.09 -0.10 -89.64
CA PRO C 48 34.06 -1.09 -89.97
C PRO C 48 33.08 -1.26 -88.81
N LEU C 49 31.87 -1.74 -89.14
CA LEU C 49 30.81 -1.84 -88.16
C LEU C 49 31.20 -2.76 -87.00
N GLU C 50 31.88 -3.87 -87.31
CA GLU C 50 32.30 -4.80 -86.26
C GLU C 50 33.41 -4.22 -85.39
N GLN C 51 34.07 -3.16 -85.83
CA GLN C 51 35.15 -2.55 -85.07
C GLN C 51 34.67 -1.39 -84.20
N ARG C 52 33.79 -0.54 -84.73
CA ARG C 52 33.23 0.55 -83.95
C ARG C 52 32.47 -0.01 -82.75
N ALA C 53 32.57 0.69 -81.62
CA ALA C 53 32.03 0.14 -80.40
C ALA C 53 30.74 0.86 -79.98
N PRO C 54 29.89 0.20 -79.19
CA PRO C 54 28.70 0.88 -78.67
C PRO C 54 29.03 1.65 -77.40
N ILE C 55 28.15 2.59 -77.08
CA ILE C 55 28.36 3.49 -75.95
C ILE C 55 27.20 3.35 -74.97
N ASN C 56 27.51 3.10 -73.70
CA ASN C 56 26.49 2.99 -72.67
C ASN C 56 26.02 4.38 -72.24
N VAL C 57 24.71 4.60 -72.26
CA VAL C 57 24.13 5.92 -72.02
C VAL C 57 23.19 5.85 -70.83
N ASP C 58 23.21 6.90 -70.00
CA ASP C 58 22.36 7.00 -68.84
C ASP C 58 22.18 8.46 -68.48
N LYS C 59 21.25 8.73 -67.55
CA LYS C 59 20.89 10.10 -67.23
C LYS C 59 22.05 10.89 -66.64
N ALA C 60 23.01 10.20 -66.01
CA ALA C 60 24.12 10.85 -65.34
C ALA C 60 25.32 11.10 -66.24
N ASN C 61 25.19 10.91 -67.55
CA ASN C 61 26.34 11.11 -68.43
C ASN C 61 25.96 11.32 -69.89
N PHE C 62 24.69 11.62 -70.17
CA PHE C 62 24.25 11.80 -71.55
C PHE C 62 25.02 12.93 -72.23
N ASN C 63 25.07 14.10 -71.57
CA ASN C 63 25.80 15.23 -72.13
C ASN C 63 27.27 14.89 -72.35
N GLU C 64 27.88 14.19 -71.39
CA GLU C 64 29.26 13.76 -71.56
C GLU C 64 29.41 12.86 -72.78
N VAL C 65 28.40 12.01 -73.04
CA VAL C 65 28.44 11.16 -74.22
C VAL C 65 28.38 11.99 -75.48
N MET C 66 27.56 13.06 -75.49
CA MET C 66 27.54 13.95 -76.64
C MET C 66 28.90 14.61 -76.86
N ALA C 67 29.48 15.16 -75.80
CA ALA C 67 30.76 15.85 -75.92
C ALA C 67 31.85 14.92 -76.42
N GLN C 68 31.89 13.69 -75.91
CA GLN C 68 32.89 12.72 -76.36
C GLN C 68 32.64 12.25 -77.78
N GLN C 69 31.37 12.15 -78.17
CA GLN C 69 31.05 11.76 -79.55
C GLN C 69 31.45 12.84 -80.54
N ASN C 70 31.35 14.11 -80.16
CA ASN C 70 31.84 15.22 -80.98
C ASN C 70 30.98 15.42 -82.22
N LEU C 71 30.08 16.40 -82.19
CA LEU C 71 29.14 16.63 -83.27
C LEU C 71 29.60 17.78 -84.15
N LYS C 72 29.44 17.60 -85.47
CA LYS C 72 29.86 18.63 -86.41
C LYS C 72 28.97 18.58 -87.65
N VAL C 73 28.58 19.75 -88.14
CA VAL C 73 27.71 19.88 -89.30
C VAL C 73 28.31 20.92 -90.23
N THR C 74 28.75 20.50 -91.42
CA THR C 74 29.21 21.40 -92.46
C THR C 74 28.13 21.45 -93.52
N LEU C 75 27.45 22.58 -93.63
CA LEU C 75 26.27 22.65 -94.50
C LEU C 75 26.10 24.06 -95.03
N THR C 76 25.41 24.16 -96.17
CA THR C 76 25.15 25.42 -96.84
C THR C 76 23.65 25.68 -96.90
N ALA C 77 23.26 26.88 -96.48
CA ALA C 77 21.88 27.33 -96.56
C ALA C 77 21.82 28.62 -97.36
N ALA C 78 20.60 28.98 -97.77
CA ALA C 78 20.40 30.20 -98.54
C ALA C 78 20.76 31.42 -97.69
N ASP C 79 21.52 32.33 -98.28
CA ASP C 79 21.96 33.55 -97.58
C ASP C 79 20.87 34.60 -97.70
N LYS C 80 20.05 34.74 -96.65
CA LYS C 80 18.95 35.69 -96.61
C LYS C 80 19.33 37.01 -95.95
N LEU C 81 20.62 37.25 -95.73
CA LEU C 81 21.10 38.52 -95.23
C LEU C 81 21.25 39.58 -96.32
N SER C 82 21.00 39.21 -97.57
CA SER C 82 21.02 40.15 -98.68
C SER C 82 19.86 39.85 -99.61
N ALA C 83 19.88 40.41 -100.82
CA ALA C 83 18.82 40.20 -101.81
C ALA C 83 19.36 39.57 -103.08
N ASP C 84 20.18 38.53 -102.94
CA ASP C 84 20.81 37.87 -104.08
C ASP C 84 20.48 36.38 -104.03
N PRO C 85 19.80 35.84 -105.04
CA PRO C 85 19.49 34.40 -105.02
C PRO C 85 20.71 33.52 -105.19
N ASN C 86 21.80 34.06 -105.73
CA ASN C 86 23.05 33.31 -105.86
C ASN C 86 23.89 33.37 -104.59
N ALA C 87 23.47 34.12 -103.58
CA ALA C 87 24.22 34.23 -102.33
C ALA C 87 23.91 33.03 -101.45
N THR C 88 24.94 32.30 -101.04
CA THR C 88 24.80 31.14 -100.19
C THR C 88 25.74 31.28 -98.99
N MET C 89 25.36 30.68 -97.88
CA MET C 89 26.12 30.77 -96.64
C MET C 89 26.48 29.37 -96.17
N ASN C 90 27.77 29.10 -96.02
CA ASN C 90 28.27 27.81 -95.54
C ASN C 90 28.67 27.95 -94.07
N VAL C 91 28.19 27.03 -93.25
CA VAL C 91 28.41 27.05 -91.81
C VAL C 91 29.00 25.73 -91.37
N SER C 92 29.79 25.79 -90.28
CA SER C 92 30.42 24.62 -89.66
C SER C 92 30.07 24.67 -88.18
N LEU C 93 28.94 24.06 -87.82
CA LEU C 93 28.49 24.05 -86.44
C LEU C 93 29.11 22.86 -85.69
N GLN C 94 29.33 23.06 -84.40
CA GLN C 94 29.91 22.05 -83.53
C GLN C 94 29.04 21.88 -82.29
N PHE C 95 28.83 20.63 -81.88
CA PHE C 95 27.93 20.29 -80.79
C PHE C 95 28.62 19.42 -79.77
N LYS C 96 28.51 19.82 -78.50
CA LYS C 96 28.93 19.03 -77.35
C LYS C 96 27.78 18.69 -76.40
N ASN C 97 26.69 19.46 -76.42
CA ASN C 97 25.51 19.18 -75.61
C ASN C 97 24.28 19.70 -76.36
N LEU C 98 23.10 19.26 -75.89
CA LEU C 98 21.85 19.63 -76.55
C LEU C 98 21.62 21.14 -76.57
N ASN C 99 22.13 21.85 -75.55
CA ASN C 99 21.98 23.30 -75.52
C ASN C 99 22.68 23.96 -76.70
N ASP C 100 23.66 23.28 -77.30
CA ASP C 100 24.33 23.78 -78.50
C ASP C 100 23.43 23.80 -79.73
N PHE C 101 22.22 23.26 -79.63
CA PHE C 101 21.24 23.33 -80.72
C PHE C 101 20.37 24.57 -80.64
N SER C 102 20.53 25.38 -79.60
CA SER C 102 19.72 26.57 -79.44
C SER C 102 20.18 27.67 -80.40
N PRO C 103 19.26 28.56 -80.78
CA PRO C 103 19.64 29.65 -81.69
C PRO C 103 20.75 30.54 -81.16
N GLU C 104 20.88 30.67 -79.84
CA GLU C 104 21.99 31.44 -79.28
C GLU C 104 23.33 30.83 -79.67
N SER C 105 23.48 29.52 -79.46
CA SER C 105 24.70 28.83 -79.90
C SER C 105 24.87 28.88 -81.41
N VAL C 106 23.79 28.68 -82.17
CA VAL C 106 23.87 28.77 -83.63
C VAL C 106 24.44 30.12 -84.06
N VAL C 107 23.94 31.20 -83.46
CA VAL C 107 24.45 32.53 -83.77
C VAL C 107 25.89 32.67 -83.32
N ASN C 108 26.22 32.14 -82.14
CA ASN C 108 27.58 32.22 -81.64
C ASN C 108 28.57 31.55 -82.59
N GLN C 109 28.13 30.53 -83.32
CA GLN C 109 29.00 29.75 -84.19
C GLN C 109 28.98 30.20 -85.64
N VAL C 110 28.21 31.24 -85.98
CA VAL C 110 28.10 31.73 -87.34
C VAL C 110 28.42 33.22 -87.33
N PRO C 111 29.64 33.61 -87.69
CA PRO C 111 30.03 35.03 -87.57
C PRO C 111 29.14 36.01 -88.32
N GLU C 112 28.58 35.58 -89.47
CA GLU C 112 27.67 36.43 -90.23
C GLU C 112 26.42 36.80 -89.44
N LEU C 113 26.10 36.05 -88.39
CA LEU C 113 25.01 36.38 -87.48
C LEU C 113 25.52 36.91 -86.14
N LYS C 114 26.65 36.40 -85.65
CA LYS C 114 27.19 36.86 -84.38
C LYS C 114 27.57 38.34 -84.45
N LYS C 115 28.15 38.78 -85.57
CA LYS C 115 28.42 40.20 -85.75
C LYS C 115 27.13 41.01 -85.72
N LEU C 116 26.04 40.46 -86.26
CA LEU C 116 24.75 41.15 -86.22
C LEU C 116 24.17 41.20 -84.81
N LEU C 117 24.46 40.19 -83.99
CA LEU C 117 24.01 40.22 -82.60
C LEU C 117 24.81 41.24 -81.79
N GLU C 118 26.12 41.31 -82.04
CA GLU C 118 26.93 42.35 -81.40
C GLU C 118 26.46 43.73 -81.82
N LEU C 119 26.11 43.90 -83.10
CA LEU C 119 25.55 45.17 -83.55
C LEU C 119 24.23 45.47 -82.85
N ARG C 120 23.39 44.44 -82.67
CA ARG C 120 22.15 44.61 -81.92
C ARG C 120 22.44 45.13 -80.52
N SER C 121 23.35 44.48 -79.80
CA SER C 121 23.70 44.92 -78.45
C SER C 121 24.21 46.36 -78.46
N ALA C 122 25.02 46.72 -79.45
CA ALA C 122 25.53 48.09 -79.54
C ALA C 122 24.39 49.09 -79.73
N LEU C 123 23.44 48.77 -80.61
CA LEU C 123 22.32 49.69 -80.87
C LEU C 123 21.39 49.81 -79.68
N ASN C 124 21.13 48.70 -78.98
CA ASN C 124 20.30 48.77 -77.79
C ASN C 124 20.98 49.56 -76.68
N ALA C 125 22.29 49.36 -76.52
CA ALA C 125 23.04 50.13 -75.52
C ALA C 125 23.00 51.62 -75.85
N LEU C 126 23.19 51.98 -77.12
CA LEU C 126 23.16 53.38 -77.52
C LEU C 126 21.77 53.97 -77.31
N LYS C 127 20.73 53.26 -77.73
CA LYS C 127 19.36 53.78 -77.64
C LYS C 127 18.91 53.89 -76.17
N GLY C 128 19.43 53.04 -75.29
CA GLY C 128 19.12 53.11 -73.88
C GLY C 128 20.03 54.06 -73.15
N PRO C 129 20.95 54.71 -73.89
CA PRO C 129 21.83 55.72 -73.29
C PRO C 129 22.88 55.12 -72.37
N LEU C 130 23.17 53.83 -72.54
CA LEU C 130 24.13 53.14 -71.68
C LEU C 130 25.57 53.48 -72.01
N GLY C 131 25.83 54.00 -73.20
CA GLY C 131 27.18 54.38 -73.58
C GLY C 131 27.16 55.65 -74.41
N ASN C 132 28.29 56.34 -74.41
CA ASN C 132 28.40 57.59 -75.16
C ASN C 132 28.77 57.32 -76.62
N LEU C 133 28.66 58.37 -77.43
CA LEU C 133 28.93 58.22 -78.86
C LEU C 133 30.36 57.81 -79.18
N PRO C 134 31.39 58.28 -78.46
CA PRO C 134 32.75 57.80 -78.77
C PRO C 134 32.93 56.30 -78.56
N ALA C 135 32.47 55.79 -77.40
CA ALA C 135 32.49 54.36 -77.17
C ALA C 135 31.68 53.62 -78.23
N PHE C 136 30.51 54.14 -78.58
CA PHE C 136 29.69 53.53 -79.61
C PHE C 136 30.46 53.39 -80.92
N ARG C 137 31.16 54.46 -81.33
CA ARG C 137 31.91 54.43 -82.57
C ARG C 137 33.05 53.42 -82.51
N LYS C 138 33.81 53.41 -81.42
CA LYS C 138 34.90 52.45 -81.29
C LYS C 138 34.39 51.01 -81.40
N LYS C 139 33.37 50.66 -80.62
CA LYS C 139 32.82 49.31 -80.65
C LYS C 139 32.27 48.97 -82.03
N LEU C 140 31.64 49.93 -82.71
CA LEU C 140 31.14 49.68 -84.06
C LEU C 140 32.27 49.32 -85.00
N GLN C 141 33.36 50.09 -84.98
CA GLN C 141 34.53 49.75 -85.77
C GLN C 141 34.99 48.34 -85.45
N ALA C 142 35.06 48.00 -84.15
CA ALA C 142 35.46 46.66 -83.74
C ALA C 142 34.58 45.60 -84.39
N LEU C 143 33.26 45.78 -84.34
CA LEU C 143 32.33 44.79 -84.87
C LEU C 143 32.50 44.64 -86.38
N LEU C 144 32.58 45.77 -87.10
CA LEU C 144 32.65 45.72 -88.56
C LEU C 144 34.03 45.34 -89.09
N ALA C 145 35.04 45.24 -88.21
CA ALA C 145 36.39 44.95 -88.69
C ALA C 145 36.56 43.50 -89.14
N ASP C 146 35.67 42.60 -88.73
CA ASP C 146 35.77 41.18 -89.03
C ASP C 146 35.94 40.91 -90.53
N GLU C 147 37.06 40.31 -90.91
CA GLU C 147 37.39 40.12 -92.31
C GLU C 147 36.52 39.07 -93.00
N ASP C 148 35.83 38.21 -92.24
CA ASP C 148 34.97 37.20 -92.83
C ASP C 148 33.61 37.74 -93.26
N GLY C 149 33.29 38.99 -92.89
CA GLY C 149 32.02 39.56 -93.27
C GLY C 149 32.04 40.13 -94.67
N ARG C 150 30.87 40.15 -95.29
CA ARG C 150 30.73 40.76 -96.61
C ARG C 150 30.53 42.26 -96.49
N LYS C 151 31.01 42.98 -97.50
CA LYS C 151 30.82 44.43 -97.53
C LYS C 151 29.34 44.80 -97.57
N ALA C 152 28.53 44.01 -98.28
CA ALA C 152 27.09 44.27 -98.31
C ALA C 152 26.50 44.17 -96.90
N LEU C 153 26.85 43.11 -96.17
CA LEU C 153 26.39 42.98 -94.78
C LEU C 153 26.87 44.16 -93.94
N ILE C 154 28.14 44.56 -94.11
CA ILE C 154 28.66 45.72 -93.38
C ILE C 154 27.83 46.96 -93.66
N LYS C 155 27.46 47.18 -94.93
CA LYS C 155 26.65 48.34 -95.29
C LYS C 155 25.26 48.27 -94.67
N GLU C 156 24.65 47.08 -94.70
CA GLU C 156 23.34 46.91 -94.07
C GLU C 156 23.41 47.18 -92.56
N LEU C 157 24.53 46.82 -91.92
CA LEU C 157 24.67 47.05 -90.48
C LEU C 157 24.87 48.54 -90.20
N GLY C 158 25.71 49.21 -90.99
CA GLY C 158 25.90 50.64 -90.80
C GLY C 158 24.67 51.47 -91.11
N LEU C 159 23.78 50.95 -91.98
CA LEU C 159 22.53 51.64 -92.28
C LEU C 159 21.57 51.67 -91.10
N THR C 160 21.82 50.86 -90.07
CA THR C 160 20.98 50.84 -88.89
C THR C 160 21.40 51.85 -87.83
N GLU C 161 22.54 52.50 -88.00
CA GLU C 161 23.04 53.46 -87.02
C GLU C 161 22.30 54.78 -87.17
N GLU C 162 21.76 55.29 -86.06
CA GLU C 162 21.08 56.58 -86.08
C GLU C 162 22.06 57.67 -86.49
N THR C 163 21.55 58.69 -87.19
CA THR C 163 22.42 59.71 -87.77
C THR C 163 23.18 60.48 -86.70
N LYS C 164 22.55 60.70 -85.55
CA LYS C 164 23.17 61.48 -84.48
C LYS C 164 24.32 60.71 -83.82
N ASP D 63 13.64 60.10 -80.65
CA ASP D 63 14.77 59.58 -81.39
C ASP D 63 14.95 58.09 -81.15
N LYS D 64 14.79 57.68 -79.89
CA LYS D 64 14.98 56.28 -79.52
C LYS D 64 14.00 55.37 -80.24
N ALA D 65 12.82 55.88 -80.60
CA ALA D 65 11.85 55.07 -81.33
C ALA D 65 12.42 54.60 -82.66
N LEU D 66 13.15 55.48 -83.36
CA LEU D 66 13.79 55.11 -84.61
C LEU D 66 14.86 54.04 -84.40
N VAL D 67 15.64 54.15 -83.32
CA VAL D 67 16.65 53.14 -83.02
C VAL D 67 15.98 51.80 -82.74
N ASP D 68 14.85 51.82 -82.03
CA ASP D 68 14.09 50.59 -81.79
C ASP D 68 13.58 50.00 -83.09
N ALA D 69 13.14 50.85 -84.02
CA ALA D 69 12.76 50.34 -85.34
C ALA D 69 13.95 49.69 -86.03
N MET D 70 15.14 50.29 -85.89
CA MET D 70 16.35 49.67 -86.42
C MET D 70 16.58 48.29 -85.81
N ILE D 71 16.36 48.15 -84.50
CA ILE D 71 16.51 46.86 -83.85
C ILE D 71 15.47 45.87 -84.38
N ALA D 72 14.27 46.35 -84.67
CA ALA D 72 13.22 45.48 -85.19
C ALA D 72 13.60 44.92 -86.57
N GLU D 73 14.08 45.80 -87.47
CA GLU D 73 14.49 45.34 -88.79
C GLU D 73 15.71 44.42 -88.71
N ILE D 74 16.67 44.76 -87.85
CA ILE D 74 17.87 43.93 -87.71
C ILE D 74 17.50 42.53 -87.24
N ASP D 75 16.68 42.45 -86.18
CA ASP D 75 16.22 41.16 -85.70
C ASP D 75 15.39 40.43 -86.75
N LYS D 76 14.66 41.17 -87.58
CA LYS D 76 13.88 40.55 -88.65
C LYS D 76 14.79 39.83 -89.64
N ARG D 77 15.84 40.50 -90.12
CA ARG D 77 16.77 39.84 -91.03
C ARG D 77 17.48 38.67 -90.37
N LEU D 78 18.01 38.88 -89.16
CA LEU D 78 18.73 37.82 -88.46
C LEU D 78 17.84 36.58 -88.29
N SER D 79 16.57 36.78 -87.91
CA SER D 79 15.66 35.65 -87.79
C SER D 79 15.37 35.02 -89.15
N SER D 80 15.35 35.84 -90.21
CA SER D 80 15.22 35.31 -91.56
C SER D 80 16.30 34.26 -91.86
N GLN D 81 17.55 34.54 -91.48
CA GLN D 81 18.61 33.56 -91.73
C GLN D 81 18.58 32.40 -90.74
N VAL D 82 18.39 32.71 -89.46
CA VAL D 82 18.32 31.68 -88.43
C VAL D 82 17.28 30.63 -88.77
N ASN D 83 16.16 31.04 -89.38
CA ASN D 83 15.17 30.07 -89.83
C ASN D 83 15.75 29.12 -90.86
N GLU D 84 16.61 29.64 -91.76
CA GLU D 84 17.25 28.77 -92.73
C GLU D 84 18.15 27.75 -92.06
N ILE D 85 18.87 28.16 -91.01
CA ILE D 85 19.70 27.22 -90.27
C ILE D 85 18.85 26.17 -89.56
N LEU D 86 17.84 26.61 -88.81
CA LEU D 86 17.07 25.70 -87.96
C LEU D 86 16.14 24.80 -88.77
N HIS D 87 15.81 25.18 -89.99
CA HIS D 87 14.98 24.37 -90.87
C HIS D 87 15.78 23.59 -91.90
N ALA D 88 17.11 23.55 -91.76
CA ALA D 88 17.94 22.77 -92.66
C ALA D 88 17.77 21.29 -92.35
N LYS D 89 17.66 20.47 -93.39
CA LYS D 89 17.38 19.06 -93.22
C LYS D 89 18.51 18.33 -92.49
N GLU D 90 19.76 18.69 -92.78
CA GLU D 90 20.88 18.06 -92.09
C GLU D 90 20.90 18.43 -90.61
N PHE D 91 20.77 19.72 -90.31
CA PHE D 91 20.70 20.18 -88.93
C PHE D 91 19.59 19.47 -88.18
N GLN D 92 18.40 19.40 -88.78
CA GLN D 92 17.27 18.75 -88.13
C GLN D 92 17.50 17.25 -87.96
N LYS D 93 18.21 16.63 -88.91
CA LYS D 93 18.56 15.23 -88.74
C LYS D 93 19.38 15.02 -87.49
N LEU D 94 20.51 15.74 -87.36
CA LEU D 94 21.33 15.61 -86.16
C LEU D 94 20.53 15.92 -84.89
N GLU D 95 19.89 17.10 -84.86
CA GLU D 95 19.17 17.55 -83.68
C GLU D 95 18.11 16.54 -83.25
N SER D 96 17.21 16.19 -84.18
CA SER D 96 16.14 15.25 -83.86
C SER D 96 16.70 13.90 -83.39
N SER D 97 17.81 13.46 -83.98
CA SER D 97 18.48 12.26 -83.49
C SER D 97 18.79 12.38 -82.00
N TRP D 98 19.57 13.40 -81.62
CA TRP D 98 20.03 13.50 -80.23
C TRP D 98 18.87 13.82 -79.28
N ARG D 99 17.98 14.73 -79.66
CA ARG D 99 16.90 15.16 -78.78
C ARG D 99 15.89 14.03 -78.56
N SER D 100 15.53 13.32 -79.62
CA SER D 100 14.70 12.14 -79.45
C SER D 100 15.38 11.10 -78.57
N LEU D 101 16.70 10.93 -78.75
CA LEU D 101 17.45 10.02 -77.89
C LEU D 101 17.28 10.39 -76.41
N LYS D 102 17.47 11.68 -76.08
CA LYS D 102 17.33 12.11 -74.70
C LYS D 102 15.88 11.97 -74.22
N PHE D 103 14.92 12.28 -75.08
CA PHE D 103 13.52 12.12 -74.73
C PHE D 103 13.22 10.68 -74.33
N MET D 104 13.90 9.72 -74.98
CA MET D 104 13.78 8.33 -74.57
C MET D 104 14.49 8.09 -73.23
N VAL D 105 15.74 8.54 -73.11
CA VAL D 105 16.59 8.16 -71.98
C VAL D 105 16.04 8.70 -70.67
N ASP D 106 15.64 9.97 -70.66
CA ASP D 106 15.16 10.63 -69.45
C ASP D 106 13.78 10.18 -69.01
N ARG D 107 13.12 9.33 -69.80
CA ARG D 107 11.83 8.75 -69.43
C ARG D 107 11.96 7.33 -68.92
N THR D 108 13.18 6.81 -68.84
CA THR D 108 13.45 5.48 -68.29
C THR D 108 13.96 5.62 -66.86
N ASP D 109 14.22 4.48 -66.23
CA ASP D 109 14.66 4.43 -64.84
C ASP D 109 15.82 3.45 -64.73
N PHE D 110 17.05 3.97 -64.80
CA PHE D 110 18.25 3.15 -64.76
C PHE D 110 18.42 2.42 -63.43
N ARG D 111 17.70 2.81 -62.39
CA ARG D 111 17.72 2.08 -61.12
C ARG D 111 16.90 0.81 -61.17
N GLU D 112 16.08 0.62 -62.21
CA GLU D 112 15.26 -0.58 -62.37
C GLU D 112 15.91 -1.60 -63.30
N ASN D 113 17.23 -1.59 -63.40
CA ASN D 113 17.95 -2.54 -64.24
C ASN D 113 17.64 -2.35 -65.72
N THR D 114 17.58 -1.09 -66.14
CA THR D 114 17.34 -0.73 -67.54
C THR D 114 18.63 -0.15 -68.11
N ARG D 115 19.01 -0.62 -69.29
CA ARG D 115 20.28 -0.23 -69.92
C ARG D 115 20.05 0.09 -71.38
N VAL D 116 20.89 0.98 -71.93
CA VAL D 116 20.76 1.45 -73.30
C VAL D 116 22.14 1.74 -73.86
N GLU D 117 22.40 1.22 -75.06
CA GLU D 117 23.66 1.42 -75.77
C GLU D 117 23.40 2.08 -77.11
N MET D 118 24.34 2.90 -77.55
CA MET D 118 24.24 3.64 -78.81
C MET D 118 25.19 3.04 -79.82
N LEU D 119 24.70 2.81 -81.03
CA LEU D 119 25.45 2.24 -82.14
C LEU D 119 25.22 3.16 -83.35
N ASN D 120 26.26 3.89 -83.72
CA ASN D 120 26.19 4.81 -84.85
C ASN D 120 26.30 4.01 -86.15
N ALA D 121 25.22 3.99 -86.93
CA ALA D 121 25.21 3.25 -88.18
C ALA D 121 24.12 3.81 -89.06
N SER D 122 24.43 4.02 -90.34
CA SER D 122 23.44 4.43 -91.31
C SER D 122 22.90 3.20 -92.04
N LYS D 123 21.71 3.36 -92.63
CA LYS D 123 21.09 2.24 -93.33
C LYS D 123 21.96 1.74 -94.47
N GLU D 124 22.56 2.67 -95.23
CA GLU D 124 23.42 2.29 -96.34
C GLU D 124 24.57 1.39 -95.88
N ASP D 125 25.19 1.75 -94.75
CA ASP D 125 26.28 0.95 -94.20
C ASP D 125 25.79 -0.36 -93.59
N LEU D 126 24.56 -0.39 -93.06
CA LEU D 126 23.98 -1.66 -92.64
C LEU D 126 23.87 -2.61 -93.82
N GLN D 127 23.33 -2.11 -94.94
CA GLN D 127 23.28 -2.92 -96.16
C GLN D 127 24.68 -3.31 -96.62
N LYS D 128 25.64 -2.40 -96.47
CA LYS D 128 27.01 -2.68 -96.91
C LYS D 128 27.61 -3.84 -96.12
N ASP D 129 27.38 -3.85 -94.81
CA ASP D 129 27.92 -4.92 -93.98
C ASP D 129 27.20 -6.24 -94.23
N PHE D 130 25.86 -6.20 -94.31
CA PHE D 130 25.10 -7.43 -94.50
C PHE D 130 25.36 -8.06 -95.86
N GLU D 131 25.59 -7.26 -96.89
CA GLU D 131 25.87 -7.80 -98.22
C GLU D 131 27.34 -8.19 -98.36
N ASP D 132 28.23 -7.50 -97.63
CA ASP D 132 29.64 -7.86 -97.67
C ASP D 132 29.89 -9.20 -96.97
N ALA D 133 29.23 -9.42 -95.84
CA ALA D 133 29.41 -10.66 -95.11
C ALA D 133 28.85 -11.84 -95.90
N PRO D 134 29.46 -13.02 -95.81
CA PRO D 134 28.90 -14.18 -96.51
C PRO D 134 27.64 -14.72 -95.86
N GLU D 135 27.46 -14.47 -94.55
CA GLU D 135 26.30 -14.94 -93.82
C GLU D 135 26.07 -14.03 -92.64
N VAL D 136 24.81 -13.98 -92.19
CA VAL D 136 24.43 -13.06 -91.12
C VAL D 136 25.19 -13.35 -89.83
N THR D 137 25.58 -14.61 -89.61
CA THR D 137 26.35 -14.97 -88.42
C THR D 137 27.73 -14.32 -88.40
N LYS D 138 28.18 -13.76 -89.51
CA LYS D 138 29.47 -13.10 -89.60
C LYS D 138 29.36 -11.59 -89.78
N SER D 139 28.15 -11.03 -89.67
CA SER D 139 27.99 -9.58 -89.74
C SER D 139 28.42 -8.94 -88.42
N GLY D 140 28.88 -7.70 -88.52
CA GLY D 140 29.31 -6.98 -87.32
C GLY D 140 28.17 -6.77 -86.33
N LEU D 141 27.02 -6.30 -86.83
CA LEU D 141 25.85 -6.13 -85.97
C LEU D 141 25.52 -7.41 -85.23
N TYR D 142 25.49 -8.55 -85.94
CA TYR D 142 25.29 -9.83 -85.28
C TYR D 142 26.39 -10.09 -84.26
N LYS D 143 27.63 -9.69 -84.57
CA LYS D 143 28.73 -9.83 -83.62
C LYS D 143 28.42 -9.13 -82.30
N LEU D 144 27.99 -7.87 -82.38
CA LEU D 144 27.79 -7.05 -81.19
C LEU D 144 26.40 -7.20 -80.56
N VAL D 145 25.50 -7.94 -81.20
CA VAL D 145 24.16 -8.13 -80.67
C VAL D 145 24.07 -9.51 -80.06
N TYR D 146 24.35 -10.53 -80.87
CA TYR D 146 24.24 -11.91 -80.38
C TYR D 146 25.54 -12.38 -79.76
N SER D 147 26.64 -12.30 -80.51
CA SER D 147 27.90 -12.93 -80.09
C SER D 147 28.41 -12.37 -78.78
N ASN D 148 28.52 -11.05 -78.67
CA ASN D 148 29.02 -10.41 -77.47
C ASN D 148 28.00 -10.34 -76.34
N GLU D 149 26.81 -10.91 -76.53
CA GLU D 149 25.77 -10.80 -75.52
C GLU D 149 25.11 -12.15 -75.24
N TYR D 150 24.05 -12.47 -75.99
CA TYR D 150 23.25 -13.66 -75.71
C TYR D 150 24.09 -14.94 -75.80
N GLY D 151 25.05 -14.98 -76.71
CA GLY D 151 25.85 -16.17 -76.89
C GLY D 151 27.19 -16.13 -76.19
N VAL D 152 27.27 -15.41 -75.06
CA VAL D 152 28.50 -15.24 -74.32
C VAL D 152 28.26 -15.62 -72.86
N PHE D 153 28.98 -16.63 -72.39
CA PHE D 153 28.88 -17.03 -71.00
C PHE D 153 29.40 -15.89 -70.12
N GLY D 154 28.59 -15.48 -69.15
CA GLY D 154 28.91 -14.34 -68.31
C GLY D 154 28.36 -13.02 -68.80
N GLY D 155 27.89 -12.96 -70.04
CA GLY D 155 27.33 -11.74 -70.60
C GLY D 155 25.85 -11.60 -70.32
N LYS D 156 25.18 -10.83 -71.17
CA LYS D 156 23.76 -10.55 -71.03
C LYS D 156 23.16 -10.34 -72.41
N PRO D 157 21.90 -10.71 -72.61
CA PRO D 157 21.30 -10.60 -73.94
C PRO D 157 20.58 -9.27 -74.14
N TYR D 158 20.63 -8.79 -75.38
CA TYR D 158 19.98 -7.53 -75.73
C TYR D 158 18.47 -7.72 -75.74
N GLY D 159 17.76 -6.83 -75.05
CA GLY D 159 16.31 -6.96 -74.95
C GLY D 159 15.60 -6.65 -76.26
N ILE D 160 15.95 -5.52 -76.87
CA ILE D 160 15.29 -5.09 -78.10
C ILE D 160 16.22 -4.10 -78.81
N ILE D 161 15.97 -3.89 -80.11
CA ILE D 161 16.77 -3.02 -80.95
C ILE D 161 15.86 -1.94 -81.53
N SER D 162 16.20 -0.68 -81.27
CA SER D 162 15.45 0.47 -81.76
C SER D 162 16.27 1.14 -82.86
N ALA D 163 15.75 1.14 -84.08
CA ALA D 163 16.45 1.70 -85.23
C ALA D 163 15.78 3.02 -85.62
N ASN D 164 16.55 4.11 -85.57
CA ASN D 164 16.04 5.44 -85.92
C ASN D 164 16.12 5.62 -87.44
N TYR D 165 15.20 4.95 -88.13
CA TYR D 165 15.16 4.98 -89.58
C TYR D 165 13.72 5.00 -90.06
N ASP D 166 13.53 5.54 -91.25
CA ASP D 166 12.27 5.50 -91.97
C ASP D 166 12.43 4.55 -93.15
N PHE D 167 11.41 3.72 -93.37
CA PHE D 167 11.46 2.69 -94.40
C PHE D 167 10.45 3.00 -95.50
N ASN D 168 10.87 2.79 -96.74
CA ASN D 168 9.99 2.88 -97.89
C ASN D 168 9.80 1.48 -98.48
N VAL D 169 9.09 1.41 -99.61
CA VAL D 169 8.91 0.15 -100.32
C VAL D 169 10.11 -0.22 -101.17
N GLY D 170 11.17 0.60 -101.16
CA GLY D 170 12.35 0.36 -101.95
C GLY D 170 13.00 -0.98 -101.65
N PRO D 171 13.58 -1.59 -102.68
CA PRO D 171 14.19 -2.92 -102.48
C PRO D 171 15.29 -2.94 -101.45
N GLN D 172 16.10 -1.87 -101.37
CA GLN D 172 17.15 -1.81 -100.35
C GLN D 172 16.55 -1.85 -98.95
N ASP D 173 15.51 -1.05 -98.71
CA ASP D 173 14.85 -1.06 -97.41
C ASP D 173 14.25 -2.42 -97.09
N MET D 174 13.62 -3.05 -98.09
CA MET D 174 13.05 -4.38 -97.88
C MET D 174 14.12 -5.39 -97.46
N GLU D 175 15.25 -5.39 -98.17
CA GLU D 175 16.33 -6.32 -97.84
C GLU D 175 16.88 -6.05 -96.44
N LEU D 176 17.08 -4.77 -96.10
CA LEU D 176 17.50 -4.43 -94.75
C LEU D 176 16.53 -4.99 -93.71
N LEU D 177 15.23 -4.86 -93.96
CA LEU D 177 14.23 -5.42 -93.05
C LEU D 177 14.37 -6.94 -92.95
N ARG D 178 14.68 -7.61 -94.06
CA ARG D 178 14.88 -9.05 -94.02
C ARG D 178 16.05 -9.42 -93.11
N LYS D 179 17.19 -8.74 -93.27
CA LYS D 179 18.35 -9.03 -92.43
C LYS D 179 18.04 -8.77 -90.96
N CYS D 180 17.39 -7.65 -90.66
CA CYS D 180 17.03 -7.33 -89.28
C CYS D 180 16.09 -8.37 -88.68
N ALA D 181 15.16 -8.89 -89.48
CA ALA D 181 14.28 -9.95 -89.02
C ALA D 181 15.07 -11.21 -88.69
N SER D 182 16.04 -11.57 -89.55
CA SER D 182 16.87 -12.74 -89.27
C SER D 182 17.63 -12.59 -87.95
N VAL D 183 18.32 -11.44 -87.78
CA VAL D 183 19.10 -11.24 -86.56
C VAL D 183 18.19 -11.26 -85.33
N ALA D 184 17.07 -10.54 -85.41
CA ALA D 184 16.15 -10.49 -84.28
C ALA D 184 15.62 -11.88 -83.93
N ALA D 185 15.38 -12.72 -84.93
CA ALA D 185 14.93 -14.09 -84.67
C ALA D 185 16.04 -14.90 -84.00
N MET D 186 17.28 -14.74 -84.46
CA MET D 186 18.39 -15.51 -83.89
C MET D 186 18.66 -15.13 -82.44
N ALA D 187 18.51 -13.85 -82.08
CA ALA D 187 18.81 -13.38 -80.73
C ALA D 187 17.58 -13.28 -79.85
N HIS D 188 16.39 -13.54 -80.42
CA HIS D 188 15.14 -13.41 -79.66
C HIS D 188 14.90 -11.98 -79.18
N ALA D 189 15.05 -11.02 -80.08
CA ALA D 189 14.89 -9.60 -79.76
C ALA D 189 14.25 -8.87 -80.93
N PRO D 190 13.14 -8.17 -80.72
CA PRO D 190 12.45 -7.52 -81.84
C PRO D 190 13.19 -6.29 -82.32
N PHE D 191 12.99 -5.96 -83.59
CA PHE D 191 13.56 -4.79 -84.22
C PHE D 191 12.45 -3.80 -84.52
N ILE D 192 12.53 -2.61 -83.92
CA ILE D 192 11.48 -1.60 -84.03
C ILE D 192 12.00 -0.41 -84.81
N GLY D 193 11.18 0.08 -85.75
CA GLY D 193 11.51 1.23 -86.55
C GLY D 193 10.28 2.00 -86.98
N ASN D 194 10.41 2.87 -87.97
CA ASN D 194 9.30 3.69 -88.44
C ASN D 194 9.19 3.58 -89.95
N ALA D 195 8.01 3.93 -90.45
CA ALA D 195 7.72 3.94 -91.89
C ALA D 195 7.62 5.37 -92.39
N ALA D 196 8.10 5.61 -93.61
CA ALA D 196 8.05 6.94 -94.19
C ALA D 196 6.70 7.18 -94.85
N PRO D 197 6.28 8.45 -94.97
CA PRO D 197 4.97 8.74 -95.57
C PRO D 197 4.81 8.20 -96.98
N GLU D 198 5.83 8.31 -97.81
CA GLU D 198 5.76 7.82 -99.19
C GLU D 198 5.48 6.32 -99.27
N VAL D 199 5.61 5.59 -98.16
CA VAL D 199 5.23 4.18 -98.14
C VAL D 199 3.76 4.02 -98.49
N PHE D 200 2.93 5.00 -98.14
CA PHE D 200 1.52 5.00 -98.49
C PHE D 200 1.22 5.76 -99.78
N GLY D 201 2.25 6.11 -100.54
CA GLY D 201 2.06 6.87 -101.76
C GLY D 201 1.60 8.29 -101.54
N GLU D 202 1.93 8.87 -100.39
CA GLU D 202 1.54 10.22 -100.06
C GLU D 202 2.77 11.06 -99.74
N GLU D 203 2.68 12.36 -100.01
CA GLU D 203 3.80 13.25 -99.76
C GLU D 203 4.14 13.32 -98.28
N SER D 204 3.12 13.32 -97.42
CA SER D 204 3.34 13.40 -95.98
C SER D 204 2.14 12.78 -95.29
N PHE D 205 2.36 12.35 -94.03
CA PHE D 205 1.31 11.75 -93.22
C PHE D 205 0.04 12.58 -93.17
N LEU D 206 0.12 13.91 -93.36
CA LEU D 206 -1.06 14.76 -93.41
C LEU D 206 -2.08 14.35 -94.47
N LYS D 207 -1.71 13.46 -95.39
CA LYS D 207 -2.61 12.97 -96.42
C LYS D 207 -3.29 11.67 -96.06
N LEU D 208 -3.06 11.15 -94.84
CA LEU D 208 -3.66 9.89 -94.46
C LEU D 208 -5.18 9.90 -94.49
N PRO D 209 -5.87 10.98 -94.12
CA PRO D 209 -7.34 10.94 -94.19
C PRO D 209 -7.89 10.89 -95.60
N ASP D 210 -7.07 11.19 -96.61
CA ASP D 210 -7.51 11.11 -98.00
C ASP D 210 -7.42 9.70 -98.56
N LEU D 211 -6.75 8.78 -97.86
CA LEU D 211 -6.60 7.41 -98.34
C LEU D 211 -7.89 6.65 -98.09
N LYS D 212 -8.53 6.19 -99.16
CA LYS D 212 -9.84 5.56 -99.04
C LYS D 212 -9.75 4.10 -98.60
N ASP D 213 -8.65 3.41 -98.93
CA ASP D 213 -8.57 1.97 -98.67
C ASP D 213 -7.11 1.53 -98.76
N LEU D 214 -6.47 1.40 -97.59
CA LEU D 214 -5.08 0.96 -97.57
C LEU D 214 -4.94 -0.49 -98.03
N LYS D 215 -5.88 -1.36 -97.63
CA LYS D 215 -5.82 -2.76 -98.02
C LYS D 215 -5.79 -2.91 -99.53
N SER D 216 -6.64 -2.16 -100.23
CA SER D 216 -6.59 -2.16 -101.69
C SER D 216 -5.33 -1.48 -102.22
N LEU D 217 -4.86 -0.44 -101.53
CA LEU D 217 -3.63 0.23 -101.94
C LEU D 217 -2.45 -0.75 -101.98
N PHE D 218 -2.40 -1.68 -101.03
CA PHE D 218 -1.30 -2.62 -100.90
C PHE D 218 -1.36 -3.77 -101.91
N GLU D 219 -2.34 -3.78 -102.80
CA GLU D 219 -2.44 -4.83 -103.80
C GLU D 219 -1.60 -4.56 -105.04
N GLY D 220 -1.12 -3.32 -105.21
CA GLY D 220 -0.33 -2.97 -106.36
C GLY D 220 0.99 -3.71 -106.38
N PRO D 221 1.53 -3.94 -107.59
CA PRO D 221 2.79 -4.68 -107.70
C PRO D 221 3.96 -4.00 -107.02
N GLN D 222 3.84 -2.70 -106.72
CA GLN D 222 4.93 -1.98 -106.06
C GLN D 222 5.26 -2.57 -104.69
N TYR D 223 4.31 -3.29 -104.08
CA TYR D 223 4.49 -3.84 -102.74
C TYR D 223 4.66 -5.35 -102.72
N ALA D 224 5.10 -5.95 -103.84
CA ALA D 224 5.25 -7.40 -103.89
C ALA D 224 6.23 -7.89 -102.82
N ARG D 225 7.41 -7.26 -102.74
CA ARG D 225 8.42 -7.67 -101.78
C ARG D 225 7.92 -7.54 -100.35
N TRP D 226 7.25 -6.43 -100.03
CA TRP D 226 6.69 -6.28 -98.69
C TRP D 226 5.67 -7.37 -98.40
N HIS D 227 4.85 -7.72 -99.40
CA HIS D 227 3.87 -8.78 -99.23
C HIS D 227 4.53 -10.11 -98.87
N SER D 228 5.62 -10.46 -99.55
CA SER D 228 6.33 -11.69 -99.17
C SER D 228 6.95 -11.58 -97.78
N PHE D 229 7.54 -10.42 -97.48
CA PHE D 229 8.15 -10.20 -96.17
C PHE D 229 7.14 -10.46 -95.05
N ARG D 230 5.89 -10.01 -95.23
CA ARG D 230 4.86 -10.26 -94.22
C ARG D 230 4.56 -11.74 -94.05
N GLU D 231 4.90 -12.58 -95.03
CA GLU D 231 4.65 -14.01 -94.96
C GLU D 231 5.83 -14.79 -94.42
N SER D 232 7.03 -14.20 -94.39
CA SER D 232 8.16 -14.86 -93.76
C SER D 232 7.90 -15.10 -92.27
N GLU D 233 8.45 -16.21 -91.76
CA GLU D 233 8.32 -16.55 -90.35
C GLU D 233 9.22 -15.73 -89.45
N ASP D 234 10.17 -14.98 -90.04
CA ASP D 234 10.98 -14.05 -89.27
C ASP D 234 10.31 -12.71 -89.08
N ALA D 235 9.17 -12.47 -89.75
CA ALA D 235 8.48 -11.19 -89.64
C ALA D 235 7.96 -10.92 -88.24
N ARG D 236 7.89 -11.95 -87.39
CA ARG D 236 7.42 -11.75 -86.02
C ARG D 236 8.35 -10.85 -85.21
N TYR D 237 9.60 -10.69 -85.65
CA TYR D 237 10.59 -9.87 -84.96
C TYR D 237 10.74 -8.48 -85.56
N VAL D 238 9.79 -8.06 -86.42
CA VAL D 238 9.83 -6.75 -87.07
C VAL D 238 8.62 -5.96 -86.62
N GLY D 239 8.85 -4.69 -86.28
CA GLY D 239 7.76 -3.81 -85.89
C GLY D 239 7.99 -2.39 -86.38
N LEU D 240 7.07 -1.87 -87.19
CA LEU D 240 7.19 -0.54 -87.77
C LEU D 240 6.05 0.35 -87.29
N ALA D 241 6.39 1.60 -86.98
CA ALA D 241 5.44 2.59 -86.49
C ALA D 241 5.05 3.55 -87.62
N LEU D 242 3.91 4.22 -87.42
CA LEU D 242 3.33 5.09 -88.43
C LEU D 242 3.79 6.54 -88.24
N PRO D 243 2.87 7.45 -87.94
CA PRO D 243 3.20 8.87 -87.95
C PRO D 243 4.24 9.25 -86.90
N ARG D 244 4.99 10.30 -87.20
CA ARG D 244 6.01 10.82 -86.30
C ARG D 244 5.34 11.68 -85.22
N PHE D 245 6.14 12.40 -84.44
CA PHE D 245 5.55 13.21 -83.38
C PHE D 245 6.47 14.37 -83.04
N LEU D 246 5.86 15.50 -82.67
CA LEU D 246 6.63 16.70 -82.39
C LEU D 246 7.57 16.49 -81.22
N LEU D 247 8.78 17.06 -81.34
CA LEU D 247 9.78 17.03 -80.29
C LEU D 247 10.03 18.39 -79.65
N ARG D 248 9.87 19.47 -80.40
CA ARG D 248 10.14 20.80 -79.90
C ARG D 248 9.03 21.75 -80.32
N LEU D 249 8.63 22.62 -79.39
CA LEU D 249 7.69 23.69 -79.73
C LEU D 249 8.46 24.85 -80.35
N PRO D 250 7.96 25.45 -81.43
CA PRO D 250 8.74 26.46 -82.14
C PRO D 250 9.07 27.65 -81.25
N TYR D 251 10.22 28.26 -81.51
CA TYR D 251 10.73 29.31 -80.64
C TYR D 251 9.80 30.52 -80.64
N GLY D 252 9.58 31.08 -79.46
CA GLY D 252 8.71 32.24 -79.31
C GLY D 252 9.02 33.03 -78.04
N GLU D 253 8.91 34.35 -78.12
CA GLU D 253 9.32 35.21 -77.00
C GLU D 253 8.61 34.86 -75.70
N LYS D 254 7.44 34.21 -75.78
CA LYS D 254 6.68 33.82 -74.60
C LYS D 254 6.78 32.33 -74.31
N THR D 255 6.47 31.50 -75.32
CA THR D 255 6.37 30.05 -75.08
C THR D 255 7.73 29.37 -75.03
N VAL D 256 8.70 29.86 -75.82
CA VAL D 256 10.02 29.24 -75.88
C VAL D 256 11.05 30.31 -76.19
N PRO D 257 11.39 31.18 -75.22
CA PRO D 257 12.27 32.30 -75.53
C PRO D 257 13.74 31.89 -75.50
N VAL D 258 14.56 32.74 -76.13
CA VAL D 258 16.02 32.57 -76.16
C VAL D 258 16.64 33.85 -75.60
N LYS D 259 17.93 33.76 -75.31
CA LYS D 259 18.64 34.86 -74.68
C LYS D 259 19.05 35.91 -75.71
N ALA D 260 19.07 37.16 -75.25
CA ALA D 260 19.55 38.26 -76.09
C ALA D 260 18.68 38.48 -77.32
N PHE D 261 18.99 37.75 -78.39
CA PHE D 261 18.29 37.95 -79.67
C PHE D 261 16.80 37.61 -79.51
N ASN D 262 15.95 38.53 -79.94
CA ASN D 262 14.50 38.35 -79.85
C ASN D 262 14.06 37.52 -81.06
N PHE D 263 14.23 36.21 -80.94
CA PHE D 263 13.97 35.28 -82.03
C PHE D 263 12.54 34.74 -81.91
N THR D 264 11.80 34.82 -83.00
CA THR D 264 10.45 34.25 -83.10
C THR D 264 10.46 33.35 -84.33
N GLU D 265 10.50 32.04 -84.09
CA GLU D 265 10.57 31.08 -85.19
C GLU D 265 9.29 31.14 -86.02
N ASP D 266 9.45 31.16 -87.34
CA ASP D 266 8.33 31.31 -88.28
C ASP D 266 8.19 30.01 -89.07
N VAL D 267 7.28 29.15 -88.62
CA VAL D 267 6.95 27.93 -89.36
C VAL D 267 6.04 28.32 -90.53
N VAL D 268 6.47 27.98 -91.74
CA VAL D 268 5.73 28.35 -92.94
C VAL D 268 4.59 27.37 -93.17
N GLY D 269 4.11 27.30 -94.41
CA GLY D 269 3.06 26.35 -94.73
C GLY D 269 3.53 24.91 -94.66
N HIS D 270 4.84 24.68 -94.76
CA HIS D 270 5.39 23.34 -94.76
C HIS D 270 5.60 22.88 -93.32
N HIS D 271 4.75 21.98 -92.85
CA HIS D 271 4.87 21.42 -91.51
C HIS D 271 6.19 20.70 -91.29
N GLU D 272 6.93 20.39 -92.36
CA GLU D 272 8.28 19.88 -92.24
C GLU D 272 9.22 20.84 -91.54
N ARG D 273 8.83 22.09 -91.37
CA ARG D 273 9.62 23.02 -90.56
C ARG D 273 9.59 22.62 -89.09
N TYR D 274 8.57 21.89 -88.67
CA TYR D 274 8.49 21.42 -87.30
C TYR D 274 9.49 20.28 -87.07
N LEU D 275 10.06 20.24 -85.87
CA LEU D 275 11.05 19.24 -85.51
C LEU D 275 10.33 17.93 -85.18
N TRP D 276 10.08 17.15 -86.22
CA TRP D 276 9.42 15.86 -86.05
C TRP D 276 10.41 14.82 -85.54
N GLY D 277 9.89 13.85 -84.81
CA GLY D 277 10.70 12.83 -84.17
C GLY D 277 10.12 11.45 -84.41
N HIS D 278 10.99 10.44 -84.40
CA HIS D 278 10.61 9.07 -84.74
C HIS D 278 9.88 8.42 -83.58
N ALA D 279 8.64 7.96 -83.81
CA ALA D 279 7.81 7.43 -82.75
C ALA D 279 8.32 6.11 -82.17
N SER D 280 9.26 5.46 -82.87
CA SER D 280 9.86 4.25 -82.33
C SER D 280 10.41 4.46 -80.93
N VAL D 281 10.91 5.66 -80.64
CA VAL D 281 11.42 5.97 -79.32
C VAL D 281 10.29 5.97 -78.28
N ALA D 282 9.12 6.50 -78.66
CA ALA D 282 7.97 6.45 -77.76
C ALA D 282 7.59 5.01 -77.44
N LEU D 283 7.49 4.16 -78.47
CA LEU D 283 7.24 2.74 -78.22
C LEU D 283 8.28 2.15 -77.26
N THR D 284 9.56 2.49 -77.48
CA THR D 284 10.61 2.02 -76.59
C THR D 284 10.37 2.46 -75.15
N SER D 285 9.92 3.70 -74.95
CA SER D 285 9.55 4.14 -73.61
C SER D 285 8.46 3.26 -73.03
N ARG D 286 7.48 2.87 -73.84
CA ARG D 286 6.45 1.95 -73.36
C ARG D 286 7.07 0.66 -72.81
N VAL D 287 7.90 0.01 -73.63
CA VAL D 287 8.57 -1.22 -73.17
C VAL D 287 9.33 -0.97 -71.88
N ALA D 288 10.04 0.16 -71.81
CA ALA D 288 10.84 0.49 -70.63
C ALA D 288 9.96 0.58 -69.38
N ASP D 289 8.81 1.26 -69.48
CA ASP D 289 7.95 1.40 -68.31
C ASP D 289 7.40 0.06 -67.85
N SER D 290 6.89 -0.75 -68.79
CA SER D 290 6.41 -2.07 -68.43
C SER D 290 7.47 -2.86 -67.66
N PHE D 291 8.72 -2.84 -68.16
CA PHE D 291 9.78 -3.60 -67.51
C PHE D 291 10.17 -2.99 -66.17
N ALA D 292 10.11 -1.67 -66.05
CA ALA D 292 10.47 -1.01 -64.79
C ALA D 292 9.48 -1.38 -63.69
N LYS D 293 8.20 -1.58 -64.05
CA LYS D 293 7.20 -1.91 -63.05
C LYS D 293 7.17 -3.41 -62.72
N PHE D 294 7.28 -4.27 -63.74
CA PHE D 294 7.00 -5.69 -63.55
C PHE D 294 8.12 -6.64 -63.94
N ARG D 295 9.15 -6.19 -64.64
CA ARG D 295 10.21 -7.04 -65.17
C ARG D 295 9.77 -7.79 -66.43
N TRP D 296 8.64 -7.41 -67.00
CA TRP D 296 8.12 -8.00 -68.22
C TRP D 296 7.56 -6.88 -69.09
N SER D 297 7.46 -7.14 -70.40
CA SER D 297 7.10 -6.13 -71.39
C SER D 297 5.83 -6.54 -72.15
N PRO D 298 4.69 -6.58 -71.47
CA PRO D 298 3.44 -6.90 -72.17
C PRO D 298 2.45 -5.75 -72.12
N ASN D 299 2.63 -4.85 -71.15
CA ASN D 299 1.68 -3.76 -70.90
C ASN D 299 2.14 -2.52 -71.67
N ILE D 300 1.82 -2.50 -72.96
CA ILE D 300 2.21 -1.36 -73.80
C ILE D 300 1.21 -1.14 -74.92
N ILE D 301 -0.05 -1.52 -74.70
CA ILE D 301 -1.05 -1.41 -75.76
C ILE D 301 -2.40 -0.93 -75.24
N GLY D 302 -2.41 0.19 -74.52
CA GLY D 302 -3.65 0.75 -74.03
C GLY D 302 -3.51 2.10 -73.37
N PRO D 303 -4.56 2.92 -73.47
CA PRO D 303 -4.53 4.22 -72.77
C PRO D 303 -4.45 4.09 -71.27
N GLN D 304 -4.93 2.99 -70.70
CA GLN D 304 -4.80 2.70 -69.28
C GLN D 304 -3.85 1.56 -68.98
N SER D 305 -3.62 0.66 -69.94
CA SER D 305 -2.75 -0.48 -69.70
C SER D 305 -1.28 -0.09 -69.62
N GLY D 306 -0.88 0.96 -70.34
CA GLY D 306 0.51 1.37 -70.31
C GLY D 306 1.06 1.70 -71.68
N GLY D 307 0.20 1.72 -72.69
CA GLY D 307 0.55 2.16 -74.01
C GLY D 307 0.27 3.62 -74.29
N ALA D 308 0.01 4.41 -73.26
CA ALA D 308 -0.30 5.83 -73.41
C ALA D 308 1.00 6.64 -73.32
N VAL D 309 1.18 7.55 -74.27
CA VAL D 309 2.29 8.49 -74.26
C VAL D 309 1.71 9.83 -73.79
N GLU D 310 2.17 10.30 -72.63
CA GLU D 310 1.67 11.52 -72.03
C GLU D 310 2.69 12.64 -72.13
N ASN D 311 2.20 13.87 -72.11
CA ASN D 311 3.06 15.05 -72.11
C ASN D 311 3.60 15.35 -73.50
N LEU D 312 2.70 15.51 -74.49
CA LEU D 312 3.17 15.85 -75.82
C LEU D 312 3.22 17.36 -76.00
N PRO D 313 4.14 17.86 -76.83
CA PRO D 313 4.21 19.30 -77.05
C PRO D 313 2.99 19.80 -77.79
N LEU D 314 2.60 21.04 -77.50
CA LEU D 314 1.46 21.69 -78.13
C LEU D 314 1.91 23.02 -78.72
N HIS D 315 1.12 23.53 -79.66
CA HIS D 315 1.48 24.77 -80.36
C HIS D 315 0.20 25.41 -80.91
N GLN D 316 -0.34 26.35 -80.14
CA GLN D 316 -1.51 27.11 -80.57
C GLN D 316 -1.07 28.27 -81.46
N TYR D 317 -1.78 28.48 -82.56
CA TYR D 317 -1.48 29.52 -83.52
C TYR D 317 -2.77 29.86 -84.27
N GLU D 318 -2.76 31.00 -84.96
CA GLU D 318 -3.99 31.50 -85.57
C GLU D 318 -4.42 30.62 -86.74
N ALA D 319 -5.72 30.39 -86.84
CA ALA D 319 -6.31 29.63 -87.95
C ALA D 319 -7.03 30.61 -88.88
N MET D 320 -8.28 30.38 -89.24
CA MET D 320 -9.03 31.33 -90.07
C MET D 320 -9.73 32.39 -89.25
N GLY D 321 -9.00 33.06 -88.34
CA GLY D 321 -9.59 33.98 -87.40
C GLY D 321 -9.75 33.42 -86.01
N GLU D 322 -9.76 32.10 -85.87
CA GLU D 322 -9.63 31.44 -84.58
C GLU D 322 -8.17 31.06 -84.35
N ILE D 323 -7.92 30.22 -83.34
CA ILE D 323 -6.58 29.81 -82.94
C ILE D 323 -6.59 28.32 -82.56
N GLN D 324 -5.84 27.51 -83.33
CA GLN D 324 -5.85 26.06 -83.17
C GLN D 324 -4.44 25.55 -82.89
N THR D 325 -4.38 24.31 -82.40
CA THR D 325 -3.14 23.70 -81.95
C THR D 325 -2.64 22.69 -82.98
N LYS D 326 -1.35 22.81 -83.32
CA LYS D 326 -0.72 21.83 -84.20
C LYS D 326 -0.75 20.46 -83.54
N ILE D 327 -1.32 19.49 -84.23
CA ILE D 327 -1.48 18.16 -83.64
C ILE D 327 -0.10 17.58 -83.35
N PRO D 328 0.13 17.01 -82.17
CA PRO D 328 1.44 16.43 -81.88
C PRO D 328 1.88 15.37 -82.86
N THR D 329 0.92 14.60 -83.39
CA THR D 329 1.15 13.75 -84.55
C THR D 329 0.62 14.47 -85.78
N GLU D 330 1.15 14.10 -86.95
CA GLU D 330 0.81 14.79 -88.19
C GLU D 330 -0.69 14.85 -88.41
N VAL D 331 -1.41 13.79 -88.05
CA VAL D 331 -2.85 13.72 -88.26
C VAL D 331 -3.53 13.18 -87.00
N MET D 332 -4.84 13.39 -86.93
CA MET D 332 -5.68 12.88 -85.84
C MET D 332 -6.34 11.62 -86.39
N LEU D 333 -5.74 10.48 -86.08
CA LEU D 333 -6.20 9.21 -86.66
C LEU D 333 -7.52 8.77 -86.02
N THR D 334 -8.49 8.44 -86.87
CA THR D 334 -9.76 7.92 -86.39
C THR D 334 -9.65 6.42 -86.11
N GLU D 335 -10.64 5.90 -85.38
CA GLU D 335 -10.61 4.49 -84.97
C GLU D 335 -10.58 3.57 -86.18
N ARG D 336 -11.34 3.88 -87.23
CA ARG D 336 -11.37 3.02 -88.40
C ARG D 336 -10.03 3.01 -89.12
N ARG D 337 -9.41 4.19 -89.29
CA ARG D 337 -8.11 4.26 -89.93
C ARG D 337 -7.04 3.53 -89.12
N GLU D 338 -7.06 3.70 -87.80
CA GLU D 338 -6.13 2.99 -86.95
C GLU D 338 -6.32 1.48 -87.08
N PHE D 339 -7.58 1.04 -87.15
CA PHE D 339 -7.86 -0.38 -87.33
C PHE D 339 -7.31 -0.89 -88.66
N GLU D 340 -7.47 -0.11 -89.73
CA GLU D 340 -6.92 -0.50 -91.02
C GLU D 340 -5.40 -0.63 -90.96
N LEU D 341 -4.74 0.37 -90.37
CA LEU D 341 -3.28 0.30 -90.21
C LEU D 341 -2.87 -0.93 -89.40
N SER D 342 -3.66 -1.29 -88.38
CA SER D 342 -3.36 -2.48 -87.59
C SER D 342 -3.51 -3.75 -88.43
N GLU D 343 -4.53 -3.79 -89.30
CA GLU D 343 -4.67 -4.91 -90.22
C GLU D 343 -3.50 -4.99 -91.18
N GLU D 344 -2.88 -3.84 -91.51
CA GLU D 344 -1.71 -3.79 -92.37
C GLU D 344 -0.40 -3.95 -91.61
N GLY D 345 -0.46 -4.38 -90.35
CA GLY D 345 0.75 -4.64 -89.59
C GLY D 345 1.54 -3.41 -89.22
N PHE D 346 0.89 -2.27 -89.02
CA PHE D 346 1.55 -1.03 -88.64
C PHE D 346 1.18 -0.68 -87.20
N ILE D 347 2.11 -0.04 -86.51
CA ILE D 347 1.92 0.39 -85.12
C ILE D 347 1.63 1.89 -85.16
N GLY D 348 0.34 2.22 -85.19
CA GLY D 348 -0.06 3.62 -85.26
C GLY D 348 -0.26 4.27 -83.91
N LEU D 349 0.52 5.31 -83.64
CA LEU D 349 0.36 6.09 -82.41
C LEU D 349 -0.76 7.10 -82.66
N VAL D 350 -1.92 6.87 -82.03
CA VAL D 350 -3.09 7.71 -82.27
C VAL D 350 -3.08 8.88 -81.28
N PHE D 351 -3.58 10.02 -81.74
CA PHE D 351 -3.62 11.23 -80.93
C PHE D 351 -4.98 11.35 -80.25
N ARG D 352 -4.97 11.59 -78.93
CA ARG D 352 -6.20 11.77 -78.17
C ARG D 352 -6.77 13.12 -78.53
N LYS D 353 -7.95 13.11 -79.17
CA LYS D 353 -8.54 14.32 -79.74
C LYS D 353 -8.46 15.46 -78.73
N ASP D 354 -7.80 16.55 -79.12
CA ASP D 354 -7.40 17.58 -78.19
C ASP D 354 -6.87 17.00 -76.87
N SER D 355 -5.61 16.59 -76.88
CA SER D 355 -4.93 16.18 -75.66
C SER D 355 -3.50 16.69 -75.81
N ASP D 356 -2.65 16.40 -74.83
CA ASP D 356 -1.23 16.20 -75.05
C ASP D 356 -0.91 14.70 -74.94
N ASN D 357 -1.92 13.87 -75.23
CA ASN D 357 -1.84 12.44 -74.98
C ASN D 357 -2.10 11.64 -76.25
N ALA D 358 -1.26 10.64 -76.48
CA ALA D 358 -1.45 9.68 -77.56
C ALA D 358 -1.48 8.28 -76.98
N ALA D 359 -1.79 7.29 -77.82
CA ALA D 359 -1.94 5.93 -77.36
C ALA D 359 -1.62 4.95 -78.48
N PHE D 360 -1.02 3.81 -78.09
CA PHE D 360 -0.79 2.70 -79.00
C PHE D 360 -1.85 1.66 -78.66
N PHE D 361 -2.86 1.53 -79.53
CA PHE D 361 -3.96 0.61 -79.24
C PHE D 361 -3.53 -0.84 -79.41
N SER D 362 -2.48 -1.09 -80.19
CA SER D 362 -2.03 -2.46 -80.43
C SER D 362 -0.63 -2.43 -81.00
N ALA D 363 0.10 -3.52 -80.77
CA ALA D 363 1.46 -3.64 -81.27
C ALA D 363 1.61 -4.91 -82.10
N ASN D 364 0.88 -5.00 -83.21
CA ASN D 364 1.02 -6.14 -84.09
C ASN D 364 2.35 -6.05 -84.84
N SER D 365 2.96 -7.21 -85.09
CA SER D 365 4.20 -7.27 -85.86
C SER D 365 3.88 -7.15 -87.34
N THR D 366 4.93 -7.18 -88.17
CA THR D 366 4.72 -7.14 -89.61
C THR D 366 4.09 -8.41 -90.13
N GLN D 367 4.26 -9.52 -89.42
CA GLN D 367 3.79 -10.82 -89.91
C GLN D 367 2.28 -10.83 -90.09
N LYS D 368 1.83 -11.37 -91.21
CA LYS D 368 0.40 -11.48 -91.49
C LYS D 368 -0.13 -12.81 -90.96
N PRO D 369 -1.28 -12.82 -90.31
CA PRO D 369 -1.79 -14.09 -89.77
C PRO D 369 -2.26 -15.02 -90.87
N ARG D 370 -2.15 -16.31 -90.59
CA ARG D 370 -2.57 -17.34 -91.55
C ARG D 370 -3.97 -17.83 -91.22
N PHE D 371 -4.71 -18.20 -92.27
CA PHE D 371 -6.07 -18.69 -92.13
C PHE D 371 -6.09 -20.21 -92.25
N PHE D 372 -6.87 -20.85 -91.40
CA PHE D 372 -6.99 -22.30 -91.37
C PHE D 372 -8.46 -22.70 -91.54
N GLY D 373 -8.67 -23.99 -91.79
CA GLY D 373 -10.03 -24.49 -91.96
C GLY D 373 -10.85 -24.28 -90.70
N ASN D 374 -12.13 -24.00 -90.89
CA ASN D 374 -13.04 -23.65 -89.79
C ASN D 374 -13.53 -24.93 -89.10
N THR D 375 -12.61 -25.57 -88.39
CA THR D 375 -12.89 -26.72 -87.54
C THR D 375 -12.29 -26.43 -86.17
N PRO D 376 -12.55 -27.28 -85.18
CA PRO D 376 -11.96 -27.02 -83.85
C PRO D 376 -10.44 -26.93 -83.90
N GLU D 377 -9.78 -27.91 -84.51
CA GLU D 377 -8.33 -27.88 -84.61
C GLU D 377 -7.84 -26.70 -85.44
N GLY D 378 -8.53 -26.41 -86.54
CA GLY D 378 -8.11 -25.29 -87.38
C GLY D 378 -8.19 -23.95 -86.68
N LYS D 379 -9.29 -23.71 -85.96
CA LYS D 379 -9.41 -22.49 -85.17
C LYS D 379 -8.37 -22.43 -84.06
N ALA D 380 -8.07 -23.58 -83.43
CA ALA D 380 -6.98 -23.61 -82.46
C ALA D 380 -5.66 -23.16 -83.11
N ALA D 381 -5.37 -23.67 -84.31
CA ALA D 381 -4.16 -23.28 -85.02
C ALA D 381 -4.15 -21.78 -85.30
N GLU D 382 -5.30 -21.23 -85.72
CA GLU D 382 -5.38 -19.79 -85.94
C GLU D 382 -5.05 -19.01 -84.67
N THR D 383 -5.62 -19.42 -83.53
CA THR D 383 -5.36 -18.73 -82.27
C THR D 383 -3.87 -18.72 -81.96
N ASN D 384 -3.23 -19.89 -81.99
CA ASN D 384 -1.79 -19.94 -81.70
C ASN D 384 -1.00 -19.02 -82.63
N TYR D 385 -1.28 -19.10 -83.94
CA TYR D 385 -0.53 -18.29 -84.91
C TYR D 385 -0.65 -16.80 -84.60
N ARG D 386 -1.88 -16.31 -84.38
CA ARG D 386 -2.06 -14.88 -84.08
C ARG D 386 -1.30 -14.49 -82.82
N LEU D 387 -1.44 -15.29 -81.76
CA LEU D 387 -0.58 -15.11 -80.58
C LEU D 387 0.87 -14.89 -80.98
N GLY D 388 1.38 -15.72 -81.89
CA GLY D 388 2.72 -15.49 -82.40
C GLY D 388 2.88 -14.16 -83.12
N THR D 389 1.83 -13.71 -83.82
CA THR D 389 1.89 -12.48 -84.58
C THR D 389 1.89 -11.23 -83.71
N GLN D 390 1.57 -11.35 -82.43
CA GLN D 390 1.46 -10.22 -81.53
C GLN D 390 2.74 -10.01 -80.72
N LEU D 391 3.28 -8.79 -80.77
CA LEU D 391 4.48 -8.48 -79.98
C LEU D 391 4.23 -8.53 -78.48
N PRO D 392 3.04 -8.17 -77.96
CA PRO D 392 2.81 -8.20 -76.51
C PRO D 392 3.02 -9.58 -75.87
N TYR D 393 2.89 -10.64 -76.66
CA TYR D 393 3.22 -11.99 -76.22
C TYR D 393 4.60 -12.43 -76.67
N MET D 394 5.02 -11.99 -77.86
CA MET D 394 6.39 -12.25 -78.30
C MET D 394 7.40 -11.83 -77.24
N PHE D 395 7.14 -10.73 -76.53
CA PHE D 395 8.07 -10.26 -75.50
C PHE D 395 8.19 -11.26 -74.36
N ILE D 396 7.08 -11.84 -73.92
CA ILE D 396 7.13 -12.89 -72.91
C ILE D 396 7.98 -14.06 -73.40
N MET D 397 7.73 -14.49 -74.64
CA MET D 397 8.55 -15.56 -75.20
C MET D 397 10.04 -15.22 -75.19
N THR D 398 10.39 -13.98 -75.52
CA THR D 398 11.80 -13.60 -75.61
C THR D 398 12.46 -13.59 -74.24
N ARG D 399 11.78 -13.01 -73.24
CA ARG D 399 12.31 -13.06 -71.88
C ARG D 399 12.53 -14.49 -71.43
N LEU D 400 11.56 -15.37 -71.71
CA LEU D 400 11.71 -16.78 -71.35
C LEU D 400 12.95 -17.39 -71.99
N ALA D 401 13.19 -17.09 -73.28
CA ALA D 401 14.37 -17.63 -73.95
C ALA D 401 15.67 -17.16 -73.31
N HIS D 402 15.75 -15.86 -72.98
CA HIS D 402 16.94 -15.36 -72.30
C HIS D 402 17.18 -16.09 -70.99
N TYR D 403 16.15 -16.17 -70.14
CA TYR D 403 16.29 -16.86 -68.86
C TYR D 403 16.72 -18.32 -69.05
N ILE D 404 16.17 -18.99 -70.06
CA ILE D 404 16.50 -20.39 -70.29
C ILE D 404 17.97 -20.55 -70.65
N LYS D 405 18.45 -19.76 -71.63
CA LYS D 405 19.85 -19.82 -72.00
C LYS D 405 20.74 -19.61 -70.78
N VAL D 406 20.58 -18.47 -70.10
CA VAL D 406 21.43 -18.13 -68.96
C VAL D 406 21.42 -19.25 -67.92
N LEU D 407 20.22 -19.57 -67.40
CA LEU D 407 20.12 -20.48 -66.26
C LEU D 407 20.55 -21.91 -66.61
N GLN D 408 20.32 -22.35 -67.85
CA GLN D 408 20.73 -23.71 -68.23
C GLN D 408 22.24 -23.83 -68.35
N ARG D 409 22.89 -22.80 -68.89
CA ARG D 409 24.35 -22.78 -68.92
C ARG D 409 24.95 -23.14 -67.57
N GLU D 410 24.36 -22.64 -66.47
CA GLU D 410 24.90 -22.90 -65.14
C GLU D 410 24.65 -24.34 -64.71
N GLN D 411 23.67 -25.02 -65.31
CA GLN D 411 23.35 -26.39 -64.97
C GLN D 411 24.15 -27.41 -65.78
N ILE D 412 24.76 -26.98 -66.89
CA ILE D 412 25.61 -27.89 -67.67
C ILE D 412 26.66 -28.53 -66.75
N GLY D 413 26.76 -29.86 -66.82
CA GLY D 413 27.70 -30.62 -66.03
C GLY D 413 27.10 -31.34 -64.84
N SER D 414 25.88 -30.98 -64.44
CA SER D 414 25.24 -31.63 -63.30
C SER D 414 24.66 -32.97 -63.71
N TRP D 415 24.42 -33.81 -62.70
CA TRP D 415 23.89 -35.17 -62.91
C TRP D 415 22.38 -35.07 -63.14
N LYS D 416 22.00 -34.94 -64.40
CA LYS D 416 20.62 -34.70 -64.79
C LYS D 416 20.13 -35.85 -65.67
N GLU D 417 19.12 -36.55 -65.20
CA GLU D 417 18.35 -37.47 -66.04
C GLU D 417 17.14 -36.74 -66.61
N LYS D 418 16.50 -37.37 -67.60
CA LYS D 418 15.39 -36.73 -68.30
C LYS D 418 14.30 -36.26 -67.33
N SER D 419 13.80 -37.17 -66.50
CA SER D 419 12.82 -36.83 -65.49
C SER D 419 13.30 -35.74 -64.55
N ASP D 420 14.60 -35.70 -64.24
CA ASP D 420 15.16 -34.58 -63.47
C ASP D 420 14.95 -33.27 -64.19
N LEU D 421 15.24 -33.24 -65.50
CA LEU D 421 14.94 -32.06 -66.31
C LEU D 421 13.47 -31.69 -66.20
N GLU D 422 12.58 -32.68 -66.32
CA GLU D 422 11.14 -32.41 -66.25
C GLU D 422 10.76 -31.75 -64.93
N ARG D 423 11.18 -32.33 -63.81
CA ARG D 423 10.80 -31.80 -62.50
C ARG D 423 11.34 -30.39 -62.29
N GLU D 424 12.65 -30.21 -62.52
CA GLU D 424 13.25 -28.89 -62.28
C GLU D 424 12.61 -27.83 -63.16
N LEU D 425 12.44 -28.12 -64.46
CA LEU D 425 11.89 -27.13 -65.37
C LEU D 425 10.45 -26.77 -65.01
N ASN D 426 9.65 -27.76 -64.59
CA ASN D 426 8.30 -27.45 -64.12
C ASN D 426 8.34 -26.50 -62.92
N HIS D 427 9.12 -26.86 -61.89
CA HIS D 427 9.23 -26.02 -60.71
C HIS D 427 9.69 -24.60 -61.06
N TRP D 428 10.54 -24.46 -62.07
CA TRP D 428 11.02 -23.14 -62.45
C TRP D 428 9.95 -22.34 -63.18
N LEU D 429 9.31 -22.96 -64.18
CA LEU D 429 8.27 -22.27 -64.94
C LEU D 429 7.13 -21.80 -64.06
N SER D 430 6.82 -22.55 -63.00
CA SER D 430 5.73 -22.16 -62.10
C SER D 430 5.95 -20.77 -61.51
N GLN D 431 7.19 -20.27 -61.51
CA GLN D 431 7.50 -18.99 -60.88
C GLN D 431 6.80 -17.82 -61.55
N TYR D 432 6.47 -17.95 -62.85
CA TYR D 432 5.83 -16.88 -63.60
C TYR D 432 4.39 -17.22 -63.97
N ILE D 433 3.75 -18.12 -63.22
CA ILE D 433 2.40 -18.59 -63.52
C ILE D 433 1.44 -18.04 -62.48
N SER D 434 0.32 -17.51 -62.94
CA SER D 434 -0.76 -17.02 -62.07
C SER D 434 -2.04 -17.75 -62.49
N ASP D 435 -2.33 -18.89 -61.87
CA ASP D 435 -3.51 -19.68 -62.25
C ASP D 435 -4.59 -19.79 -61.17
N MET D 436 -5.08 -18.68 -60.59
CA MET D 436 -6.08 -18.71 -59.52
C MET D 436 -7.52 -18.59 -60.07
N ASP D 437 -8.34 -17.77 -59.37
CA ASP D 437 -9.73 -17.61 -59.79
C ASP D 437 -9.95 -16.24 -60.43
N ASP D 438 -9.75 -15.23 -59.70
CA ASP D 438 -9.82 -14.04 -60.52
C ASP D 438 -8.64 -13.12 -60.35
N PRO D 439 -7.79 -12.94 -61.35
CA PRO D 439 -6.50 -12.30 -61.11
C PRO D 439 -6.63 -10.80 -60.84
N ALA D 440 -5.92 -10.36 -59.80
CA ALA D 440 -5.63 -8.96 -59.57
C ALA D 440 -5.37 -8.29 -60.91
N PRO D 441 -6.33 -7.55 -61.46
CA PRO D 441 -6.20 -7.07 -62.82
C PRO D 441 -4.94 -6.23 -62.96
N ALA D 442 -4.15 -6.52 -63.99
CA ALA D 442 -2.86 -5.89 -64.16
C ALA D 442 -1.89 -6.29 -63.06
N VAL D 443 -2.19 -7.40 -62.37
CA VAL D 443 -1.26 -8.06 -61.47
C VAL D 443 -0.73 -9.35 -62.07
N ARG D 444 -1.50 -9.99 -62.95
CA ARG D 444 -0.98 -11.04 -63.81
C ARG D 444 0.00 -10.38 -64.78
N SER D 445 0.18 -9.06 -64.65
CA SER D 445 1.27 -8.38 -65.33
C SER D 445 2.61 -8.95 -64.91
N ARG D 446 2.85 -9.06 -63.60
CA ARG D 446 4.11 -9.61 -63.11
C ARG D 446 4.21 -11.11 -63.37
N ARG D 447 3.08 -11.80 -63.48
CA ARG D 447 3.02 -13.23 -63.78
C ARG D 447 2.23 -13.39 -65.07
N PRO D 448 2.85 -13.18 -66.23
CA PRO D 448 2.07 -13.10 -67.48
C PRO D 448 1.49 -14.42 -67.93
N LEU D 449 1.99 -15.54 -67.41
CA LEU D 449 1.53 -16.85 -67.84
C LEU D 449 0.36 -17.33 -66.98
N ARG D 450 -0.59 -18.00 -67.62
CA ARG D 450 -1.68 -18.69 -66.95
C ARG D 450 -1.47 -20.19 -66.87
N ALA D 451 -0.96 -20.81 -67.94
CA ALA D 451 -0.69 -22.24 -67.95
C ALA D 451 0.63 -22.50 -68.67
N ALA D 452 1.19 -23.68 -68.44
CA ALA D 452 2.45 -24.04 -69.08
C ALA D 452 2.66 -25.54 -68.99
N ARG D 453 3.21 -26.11 -70.05
CA ARG D 453 3.46 -27.54 -70.17
C ARG D 453 4.87 -27.75 -70.72
N VAL D 454 5.59 -28.69 -70.11
CA VAL D 454 6.97 -29.00 -70.47
C VAL D 454 7.10 -30.51 -70.64
N VAL D 455 7.70 -30.93 -71.74
CA VAL D 455 7.97 -32.34 -72.02
C VAL D 455 9.45 -32.47 -72.38
N VAL D 456 10.09 -33.53 -71.89
CA VAL D 456 11.51 -33.74 -72.07
C VAL D 456 11.73 -35.16 -72.60
N GLU D 457 12.42 -35.27 -73.73
CA GLU D 457 12.79 -36.55 -74.31
C GLU D 457 14.31 -36.62 -74.44
N ASP D 458 14.80 -37.79 -74.85
CA ASP D 458 16.22 -38.03 -74.96
C ASP D 458 16.64 -38.00 -76.42
N VAL D 459 17.81 -37.40 -76.68
CA VAL D 459 18.43 -37.44 -78.00
C VAL D 459 19.06 -38.82 -78.15
N GLU D 460 18.40 -39.71 -78.87
CA GLU D 460 18.84 -41.09 -78.98
C GLU D 460 20.22 -41.16 -79.63
N GLY D 461 21.10 -41.98 -79.06
CA GLY D 461 22.46 -42.07 -79.55
C GLY D 461 23.35 -40.93 -79.12
N GLN D 462 22.91 -40.12 -78.16
CA GLN D 462 23.71 -39.01 -77.65
C GLN D 462 23.40 -38.84 -76.16
N PRO D 463 24.06 -39.61 -75.31
CA PRO D 463 23.75 -39.55 -73.87
C PRO D 463 24.16 -38.22 -73.26
N GLY D 464 23.28 -37.66 -72.43
CA GLY D 464 23.48 -36.36 -71.83
C GLY D 464 22.76 -35.23 -72.53
N TRP D 465 22.26 -35.46 -73.74
CA TRP D 465 21.54 -34.44 -74.50
C TRP D 465 20.06 -34.76 -74.49
N TYR D 466 19.23 -33.72 -74.42
CA TYR D 466 17.78 -33.88 -74.32
C TYR D 466 17.09 -32.92 -75.29
N ARG D 467 15.84 -33.24 -75.60
CA ARG D 467 14.98 -32.43 -76.45
C ARG D 467 13.81 -31.96 -75.59
N CYS D 468 13.69 -30.65 -75.40
CA CYS D 468 12.70 -30.08 -74.50
C CYS D 468 11.67 -29.29 -75.28
N SER D 469 10.40 -29.44 -74.90
CA SER D 469 9.28 -28.74 -75.50
C SER D 469 8.57 -27.97 -74.40
N LEU D 470 8.43 -26.66 -74.59
CA LEU D 470 7.80 -25.77 -73.62
C LEU D 470 6.71 -24.99 -74.32
N GLN D 471 5.47 -25.18 -73.88
CA GLN D 471 4.30 -24.50 -74.45
C GLN D 471 3.61 -23.73 -73.33
N VAL D 472 3.22 -22.49 -73.63
CA VAL D 472 2.69 -21.59 -72.60
C VAL D 472 1.37 -21.00 -73.06
N ARG D 473 0.46 -20.82 -72.10
CA ARG D 473 -0.81 -20.13 -72.32
C ARG D 473 -0.78 -18.86 -71.46
N PRO D 474 -0.55 -17.70 -72.05
CA PRO D 474 -0.52 -16.46 -71.26
C PRO D 474 -1.90 -15.81 -71.19
N HIS D 475 -2.01 -14.84 -70.30
CA HIS D 475 -3.27 -14.13 -70.13
C HIS D 475 -3.57 -13.28 -71.37
N PHE D 476 -4.86 -13.17 -71.69
CA PHE D 476 -5.29 -12.46 -72.89
C PHE D 476 -5.47 -10.96 -72.61
N LEU E 30 -29.16 -34.49 -50.88
CA LEU E 30 -30.01 -34.53 -52.07
C LEU E 30 -31.17 -33.56 -51.94
N PRO E 31 -31.30 -32.65 -52.91
CA PRO E 31 -32.41 -31.69 -52.87
C PRO E 31 -33.74 -32.39 -53.11
N LEU E 32 -34.81 -31.66 -52.82
CA LEU E 32 -36.18 -32.14 -53.07
C LEU E 32 -36.68 -31.44 -54.32
N LYS E 33 -36.64 -32.16 -55.45
CA LYS E 33 -37.00 -31.61 -56.75
C LYS E 33 -38.36 -32.15 -57.17
N VAL E 34 -39.27 -31.25 -57.53
CA VAL E 34 -40.61 -31.60 -57.97
C VAL E 34 -40.77 -31.22 -59.43
N LEU E 35 -41.56 -32.02 -60.14
CA LEU E 35 -41.83 -31.82 -61.56
C LEU E 35 -43.32 -31.51 -61.72
N MET E 36 -43.63 -30.27 -62.08
CA MET E 36 -44.99 -29.84 -62.33
C MET E 36 -45.26 -30.00 -63.83
N LEU E 37 -46.13 -30.95 -64.18
CA LEU E 37 -46.47 -31.22 -65.56
C LEU E 37 -47.91 -30.77 -65.79
N GLY E 38 -48.13 -29.98 -66.84
CA GLY E 38 -49.47 -29.48 -67.09
C GLY E 38 -49.53 -28.60 -68.31
N ASP E 39 -50.77 -28.22 -68.65
CA ASP E 39 -51.05 -27.42 -69.85
C ASP E 39 -50.98 -25.94 -69.48
N PHE E 40 -49.75 -25.43 -69.50
CA PHE E 40 -49.49 -24.04 -69.15
C PHE E 40 -49.69 -23.08 -70.32
N THR E 41 -49.96 -23.58 -71.52
CA THR E 41 -50.18 -22.75 -72.69
C THR E 41 -51.57 -22.99 -73.24
N GLY E 42 -51.99 -22.10 -74.14
CA GLY E 42 -53.29 -22.22 -74.77
C GLY E 42 -53.36 -23.20 -75.91
N GLN E 43 -52.27 -23.89 -76.23
CA GLN E 43 -52.26 -24.84 -77.33
C GLN E 43 -51.13 -25.84 -77.11
N GLU E 44 -51.28 -27.01 -77.74
CA GLU E 44 -50.25 -28.03 -77.66
C GLU E 44 -49.07 -27.66 -78.57
N ASP E 45 -47.90 -28.19 -78.25
CA ASP E 45 -46.70 -27.90 -79.01
C ASP E 45 -46.44 -28.99 -80.04
N ALA E 46 -45.87 -28.58 -81.18
CA ALA E 46 -45.51 -29.55 -82.20
C ALA E 46 -44.26 -30.34 -81.82
N ARG E 47 -43.43 -29.77 -80.95
CA ARG E 47 -42.20 -30.45 -80.55
C ARG E 47 -42.53 -31.71 -79.74
N PRO E 48 -41.85 -32.82 -79.99
CA PRO E 48 -42.15 -34.04 -79.24
C PRO E 48 -41.81 -33.88 -77.76
N LEU E 49 -42.45 -34.70 -76.94
CA LEU E 49 -42.31 -34.57 -75.49
C LEU E 49 -40.86 -34.77 -75.05
N GLU E 50 -40.17 -35.73 -75.67
CA GLU E 50 -38.78 -35.98 -75.32
C GLU E 50 -37.85 -34.86 -75.78
N GLN E 51 -38.31 -33.99 -76.68
CA GLN E 51 -37.50 -32.89 -77.18
C GLN E 51 -37.73 -31.60 -76.40
N ARG E 52 -38.99 -31.29 -76.06
CA ARG E 52 -39.27 -30.11 -75.27
C ARG E 52 -38.60 -30.22 -73.91
N ALA E 53 -38.11 -29.09 -73.40
CA ALA E 53 -37.29 -29.12 -72.21
C ALA E 53 -38.05 -28.60 -71.00
N PRO E 54 -37.66 -28.99 -69.79
CA PRO E 54 -38.28 -28.43 -68.59
C PRO E 54 -37.62 -27.12 -68.20
N ILE E 55 -38.32 -26.34 -67.39
CA ILE E 55 -37.85 -25.01 -67.00
C ILE E 55 -37.75 -24.94 -65.48
N ASN E 56 -36.58 -24.52 -64.98
CA ASN E 56 -36.38 -24.38 -63.54
C ASN E 56 -37.02 -23.08 -63.06
N VAL E 57 -37.85 -23.17 -62.02
CA VAL E 57 -38.64 -22.04 -61.54
C VAL E 57 -38.31 -21.77 -60.09
N ASP E 58 -38.23 -20.48 -59.73
CA ASP E 58 -37.94 -20.06 -58.37
C ASP E 58 -38.51 -18.65 -58.17
N LYS E 59 -38.51 -18.21 -56.91
CA LYS E 59 -39.15 -16.95 -56.57
C LYS E 59 -38.49 -15.76 -57.24
N ALA E 60 -37.20 -15.87 -57.59
CA ALA E 60 -36.45 -14.77 -58.17
C ALA E 60 -36.54 -14.71 -59.69
N ASN E 61 -37.42 -15.48 -60.32
CA ASN E 61 -37.49 -15.46 -61.78
C ASN E 61 -38.80 -16.01 -62.33
N PHE E 62 -39.82 -16.13 -61.49
CA PHE E 62 -41.09 -16.69 -61.94
C PHE E 62 -41.69 -15.85 -63.07
N ASN E 63 -41.78 -14.52 -62.85
CA ASN E 63 -42.32 -13.63 -63.87
C ASN E 63 -41.50 -13.72 -65.16
N GLU E 64 -40.17 -13.77 -65.03
CA GLU E 64 -39.33 -13.93 -66.22
C GLU E 64 -39.66 -15.23 -66.95
N VAL E 65 -39.96 -16.29 -66.20
CA VAL E 65 -40.35 -17.56 -66.81
C VAL E 65 -41.65 -17.41 -67.58
N MET E 66 -42.61 -16.66 -67.02
CA MET E 66 -43.85 -16.40 -67.74
C MET E 66 -43.57 -15.64 -69.04
N ALA E 67 -42.80 -14.55 -68.96
CA ALA E 67 -42.52 -13.73 -70.14
C ALA E 67 -41.82 -14.54 -71.22
N GLN E 68 -40.85 -15.39 -70.83
CA GLN E 68 -40.14 -16.20 -71.82
C GLN E 68 -41.02 -17.30 -72.38
N GLN E 69 -41.94 -17.84 -71.57
CA GLN E 69 -42.87 -18.85 -72.06
C GLN E 69 -43.85 -18.28 -73.07
N ASN E 70 -44.26 -17.02 -72.89
CA ASN E 70 -45.09 -16.32 -73.87
C ASN E 70 -46.51 -16.88 -73.91
N LEU E 71 -47.45 -16.20 -73.25
CA LEU E 71 -48.82 -16.69 -73.11
C LEU E 71 -49.73 -15.99 -74.12
N LYS E 72 -50.64 -16.76 -74.73
CA LYS E 72 -51.54 -16.20 -75.72
C LYS E 72 -52.85 -16.99 -75.70
N VAL E 73 -53.97 -16.26 -75.77
CA VAL E 73 -55.30 -16.86 -75.76
C VAL E 73 -56.12 -16.23 -76.88
N THR E 74 -56.49 -17.04 -77.86
CA THR E 74 -57.38 -16.63 -78.95
C THR E 74 -58.73 -17.29 -78.66
N LEU E 75 -59.73 -16.49 -78.29
CA LEU E 75 -60.99 -17.07 -77.85
C LEU E 75 -62.14 -16.12 -78.14
N THR E 76 -63.34 -16.69 -78.25
CA THR E 76 -64.54 -15.94 -78.56
C THR E 76 -65.52 -16.05 -77.39
N ALA E 77 -66.04 -14.91 -76.95
CA ALA E 77 -67.06 -14.85 -75.92
C ALA E 77 -68.26 -14.10 -76.45
N ALA E 78 -69.38 -14.22 -75.73
CA ALA E 78 -70.60 -13.56 -76.14
C ALA E 78 -70.42 -12.04 -76.06
N ASP E 79 -70.86 -11.34 -77.11
CA ASP E 79 -70.72 -9.88 -77.17
C ASP E 79 -71.90 -9.25 -76.46
N LYS E 80 -71.70 -8.83 -75.22
CA LYS E 80 -72.73 -8.22 -74.39
C LYS E 80 -72.71 -6.70 -74.44
N LEU E 81 -71.97 -6.13 -75.39
CA LEU E 81 -71.99 -4.69 -75.61
C LEU E 81 -73.17 -4.23 -76.46
N SER E 82 -73.99 -5.16 -76.94
CA SER E 82 -75.18 -4.83 -77.70
C SER E 82 -76.30 -5.76 -77.25
N ALA E 83 -77.39 -5.81 -78.02
CA ALA E 83 -78.54 -6.65 -77.71
C ALA E 83 -78.82 -7.65 -78.82
N ASP E 84 -77.77 -8.32 -79.30
CA ASP E 84 -77.89 -9.27 -80.40
C ASP E 84 -77.32 -10.61 -79.96
N PRO E 85 -78.12 -11.68 -79.93
CA PRO E 85 -77.58 -12.98 -79.53
C PRO E 85 -76.60 -13.56 -80.53
N ASN E 86 -76.65 -13.12 -81.79
CA ASN E 86 -75.69 -13.56 -82.79
C ASN E 86 -74.39 -12.76 -82.76
N ALA E 87 -74.29 -11.75 -81.91
CA ALA E 87 -73.08 -10.94 -81.81
C ALA E 87 -72.07 -11.65 -80.93
N THR E 88 -70.87 -11.89 -81.47
CA THR E 88 -69.80 -12.54 -80.74
C THR E 88 -68.55 -11.68 -80.84
N MET E 89 -67.68 -11.79 -79.84
CA MET E 89 -66.46 -11.00 -79.75
C MET E 89 -65.27 -11.94 -79.62
N ASN E 90 -64.34 -11.82 -80.57
CA ASN E 90 -63.11 -12.63 -80.56
C ASN E 90 -61.96 -11.77 -80.07
N VAL E 91 -61.21 -12.30 -79.10
CA VAL E 91 -60.12 -11.58 -78.47
C VAL E 91 -58.84 -12.42 -78.55
N SER E 92 -57.71 -11.72 -78.59
CA SER E 92 -56.38 -12.32 -78.63
C SER E 92 -55.57 -11.69 -77.49
N LEU E 93 -55.64 -12.29 -76.31
CA LEU E 93 -54.93 -11.79 -75.15
C LEU E 93 -53.51 -12.35 -75.10
N GLN E 94 -52.60 -11.56 -74.56
CA GLN E 94 -51.20 -11.93 -74.43
C GLN E 94 -50.75 -11.71 -72.99
N PHE E 95 -49.96 -12.65 -72.47
CA PHE E 95 -49.55 -12.65 -71.07
C PHE E 95 -48.04 -12.81 -70.96
N LYS E 96 -47.42 -11.91 -70.19
CA LYS E 96 -46.04 -12.00 -69.78
C LYS E 96 -45.85 -12.12 -68.28
N ASN E 97 -46.82 -11.68 -67.48
CA ASN E 97 -46.78 -11.81 -66.02
C ASN E 97 -48.21 -11.96 -65.50
N LEU E 98 -48.31 -12.37 -64.24
CA LEU E 98 -49.62 -12.65 -63.64
C LEU E 98 -50.53 -11.44 -63.65
N ASN E 99 -49.96 -10.23 -63.55
CA ASN E 99 -50.77 -9.01 -63.55
C ASN E 99 -51.44 -8.77 -64.90
N ASP E 100 -50.94 -9.41 -65.97
CA ASP E 100 -51.64 -9.39 -67.25
C ASP E 100 -52.99 -10.10 -67.19
N PHE E 101 -53.30 -10.77 -66.09
CA PHE E 101 -54.61 -11.40 -65.90
C PHE E 101 -55.63 -10.46 -65.26
N SER E 102 -55.21 -9.25 -64.88
CA SER E 102 -56.12 -8.33 -64.24
C SER E 102 -57.07 -7.70 -65.27
N PRO E 103 -58.26 -7.29 -64.84
CA PRO E 103 -59.21 -6.66 -65.77
C PRO E 103 -58.67 -5.43 -66.45
N GLU E 104 -57.75 -4.70 -65.82
CA GLU E 104 -57.14 -3.53 -66.47
C GLU E 104 -56.38 -3.96 -67.72
N SER E 105 -55.52 -4.97 -67.61
CA SER E 105 -54.82 -5.52 -68.77
C SER E 105 -55.80 -6.10 -69.79
N VAL E 106 -56.80 -6.85 -69.33
CA VAL E 106 -57.80 -7.41 -70.24
C VAL E 106 -58.44 -6.31 -71.08
N VAL E 107 -58.83 -5.21 -70.43
CA VAL E 107 -59.41 -4.08 -71.16
C VAL E 107 -58.38 -3.45 -72.09
N ASN E 108 -57.14 -3.32 -71.62
CA ASN E 108 -56.09 -2.74 -72.44
C ASN E 108 -55.88 -3.53 -73.73
N GLN E 109 -56.12 -4.84 -73.69
CA GLN E 109 -55.87 -5.72 -74.82
C GLN E 109 -57.10 -5.99 -75.69
N VAL E 110 -58.25 -5.39 -75.36
CA VAL E 110 -59.49 -5.59 -76.11
C VAL E 110 -60.03 -4.22 -76.50
N PRO E 111 -59.80 -3.79 -77.74
CA PRO E 111 -60.19 -2.42 -78.13
C PRO E 111 -61.67 -2.10 -77.92
N GLU E 112 -62.54 -3.10 -78.08
CA GLU E 112 -63.97 -2.89 -77.87
C GLU E 112 -64.28 -2.47 -76.44
N LEU E 113 -63.38 -2.74 -75.49
CA LEU E 113 -63.50 -2.27 -74.12
C LEU E 113 -62.57 -1.10 -73.81
N LYS E 114 -61.37 -1.09 -74.40
CA LYS E 114 -60.43 0.00 -74.16
C LYS E 114 -60.99 1.32 -74.64
N LYS E 115 -61.65 1.33 -75.80
CA LYS E 115 -62.33 2.54 -76.26
C LYS E 115 -63.40 2.99 -75.28
N LEU E 116 -64.08 2.04 -74.64
CA LEU E 116 -65.10 2.39 -73.65
C LEU E 116 -64.47 2.94 -72.37
N LEU E 117 -63.27 2.49 -72.03
CA LEU E 117 -62.58 3.04 -70.88
C LEU E 117 -62.07 4.45 -71.16
N GLU E 118 -61.57 4.68 -72.37
CA GLU E 118 -61.19 6.03 -72.77
C GLU E 118 -62.41 6.96 -72.77
N LEU E 119 -63.56 6.45 -73.23
CA LEU E 119 -64.78 7.23 -73.16
C LEU E 119 -65.16 7.53 -71.71
N ARG E 120 -65.00 6.55 -70.82
CA ARG E 120 -65.24 6.77 -69.41
C ARG E 120 -64.38 7.90 -68.88
N SER E 121 -63.07 7.85 -69.14
CA SER E 121 -62.17 8.91 -68.70
C SER E 121 -62.60 10.27 -69.25
N ALA E 122 -63.01 10.31 -70.52
CA ALA E 122 -63.46 11.58 -71.12
C ALA E 122 -64.69 12.12 -70.40
N LEU E 123 -65.65 11.24 -70.10
CA LEU E 123 -66.88 11.68 -69.44
C LEU E 123 -66.63 12.12 -68.00
N ASN E 124 -65.76 11.42 -67.28
CA ASN E 124 -65.43 11.84 -65.92
C ASN E 124 -64.68 13.17 -65.92
N ALA E 125 -63.76 13.34 -66.87
CA ALA E 125 -63.05 14.61 -66.98
C ALA E 125 -64.01 15.75 -67.28
N LEU E 126 -64.95 15.53 -68.22
CA LEU E 126 -65.91 16.56 -68.54
C LEU E 126 -66.82 16.88 -67.36
N LYS E 127 -67.33 15.85 -66.68
CA LYS E 127 -68.25 16.06 -65.57
C LYS E 127 -67.56 16.71 -64.38
N GLY E 128 -66.26 16.47 -64.21
CA GLY E 128 -65.49 17.10 -63.15
C GLY E 128 -64.96 18.46 -63.57
N PRO E 129 -65.28 18.88 -64.80
CA PRO E 129 -64.87 20.20 -65.27
C PRO E 129 -63.39 20.32 -65.54
N LEU E 130 -62.72 19.19 -65.74
CA LEU E 130 -61.28 19.17 -65.95
C LEU E 130 -60.88 19.63 -67.35
N GLY E 131 -61.80 19.60 -68.29
CA GLY E 131 -61.51 20.04 -69.65
C GLY E 131 -62.71 20.76 -70.23
N ASN E 132 -62.44 21.62 -71.21
CA ASN E 132 -63.49 22.39 -71.85
C ASN E 132 -64.17 21.58 -72.97
N LEU E 133 -65.29 22.11 -73.45
CA LEU E 133 -66.05 21.40 -74.48
C LEU E 133 -65.28 21.21 -75.78
N PRO E 134 -64.46 22.14 -76.25
CA PRO E 134 -63.71 21.87 -77.49
C PRO E 134 -62.74 20.72 -77.36
N ALA E 135 -61.95 20.69 -76.28
CA ALA E 135 -61.08 19.55 -76.02
C ALA E 135 -61.89 18.26 -75.91
N PHE E 136 -63.02 18.31 -75.21
CA PHE E 136 -63.88 17.14 -75.07
C PHE E 136 -64.29 16.61 -76.43
N ARG E 137 -64.70 17.50 -77.34
CA ARG E 137 -65.14 17.08 -78.67
C ARG E 137 -63.99 16.46 -79.45
N LYS E 138 -62.82 17.10 -79.44
CA LYS E 138 -61.67 16.56 -80.16
C LYS E 138 -61.33 15.16 -79.67
N LYS E 139 -61.18 14.99 -78.35
CA LYS E 139 -60.84 13.68 -77.81
C LYS E 139 -61.92 12.64 -78.11
N LEU E 140 -63.19 13.05 -78.08
CA LEU E 140 -64.27 12.12 -78.42
C LEU E 140 -64.13 11.62 -79.85
N GLN E 141 -63.89 12.55 -80.79
CA GLN E 141 -63.64 12.13 -82.17
C GLN E 141 -62.48 11.15 -82.23
N ALA E 142 -61.40 11.44 -81.50
CA ALA E 142 -60.25 10.55 -81.47
C ALA E 142 -60.65 9.15 -81.01
N LEU E 143 -61.43 9.06 -79.94
CA LEU E 143 -61.82 7.75 -79.40
C LEU E 143 -62.69 6.99 -80.38
N LEU E 144 -63.69 7.66 -80.96
CA LEU E 144 -64.62 6.99 -81.86
C LEU E 144 -64.04 6.72 -83.24
N ALA E 145 -62.85 7.23 -83.56
CA ALA E 145 -62.30 7.05 -84.90
C ALA E 145 -61.82 5.62 -85.16
N ASP E 146 -61.59 4.84 -84.10
CA ASP E 146 -61.04 3.49 -84.22
C ASP E 146 -61.85 2.63 -85.19
N GLU E 147 -61.20 2.17 -86.27
CA GLU E 147 -61.90 1.44 -87.32
C GLU E 147 -62.34 0.04 -86.90
N ASP E 148 -61.78 -0.51 -85.82
CA ASP E 148 -62.16 -1.84 -85.37
C ASP E 148 -63.46 -1.84 -84.56
N GLY E 149 -63.98 -0.67 -84.21
CA GLY E 149 -65.21 -0.61 -83.45
C GLY E 149 -66.44 -0.73 -84.34
N ARG E 150 -67.51 -1.24 -83.74
CA ARG E 150 -68.78 -1.33 -84.45
C ARG E 150 -69.53 -0.01 -84.36
N LYS E 151 -70.32 0.27 -85.40
CA LYS E 151 -71.14 1.47 -85.41
C LYS E 151 -72.16 1.47 -84.27
N ALA E 152 -72.70 0.29 -83.94
CA ALA E 152 -73.62 0.20 -82.81
C ALA E 152 -72.93 0.61 -81.51
N LEU E 153 -71.73 0.10 -81.27
CA LEU E 153 -70.97 0.51 -80.09
C LEU E 153 -70.70 2.00 -80.11
N ILE E 154 -70.33 2.55 -81.28
CA ILE E 154 -70.09 3.99 -81.38
C ILE E 154 -71.34 4.77 -81.00
N LYS E 155 -72.52 4.31 -81.44
CA LYS E 155 -73.76 4.99 -81.12
C LYS E 155 -74.06 4.90 -79.62
N GLU E 156 -73.84 3.73 -79.02
CA GLU E 156 -74.03 3.59 -77.58
C GLU E 156 -73.09 4.51 -76.80
N LEU E 157 -71.87 4.72 -77.30
CA LEU E 157 -70.93 5.60 -76.61
C LEU E 157 -71.33 7.06 -76.75
N GLY E 158 -71.75 7.46 -77.95
CA GLY E 158 -72.21 8.83 -78.15
C GLY E 158 -73.50 9.15 -77.40
N LEU E 159 -74.32 8.14 -77.13
CA LEU E 159 -75.54 8.34 -76.37
C LEU E 159 -75.26 8.69 -74.91
N THR E 160 -74.03 8.50 -74.44
CA THR E 160 -73.67 8.82 -73.06
C THR E 160 -73.21 10.27 -72.90
N GLU E 161 -73.01 11.00 -73.99
CA GLU E 161 -72.54 12.38 -73.92
C GLU E 161 -73.68 13.30 -73.53
N GLU E 162 -73.47 14.12 -72.51
CA GLU E 162 -74.47 15.08 -72.11
C GLU E 162 -74.75 16.06 -73.24
N THR E 163 -76.00 16.52 -73.32
CA THR E 163 -76.42 17.34 -74.45
C THR E 163 -75.64 18.65 -74.53
N LYS E 164 -75.29 19.22 -73.39
CA LYS E 164 -74.60 20.51 -73.35
C LYS E 164 -73.16 20.38 -73.83
N ASP F 63 -76.50 19.00 -63.27
CA ASP F 63 -76.14 18.45 -64.57
C ASP F 63 -75.16 17.30 -64.43
N LYS F 64 -74.18 17.48 -63.54
CA LYS F 64 -73.15 16.47 -63.34
C LYS F 64 -73.73 15.14 -62.87
N ALA F 65 -74.87 15.18 -62.17
CA ALA F 65 -75.50 13.94 -61.72
C ALA F 65 -75.88 13.06 -62.90
N LEU F 66 -76.37 13.68 -63.98
CA LEU F 66 -76.71 12.92 -65.19
C LEU F 66 -75.47 12.32 -65.82
N VAL F 67 -74.36 13.06 -65.86
CA VAL F 67 -73.12 12.53 -66.39
C VAL F 67 -72.64 11.35 -65.57
N ASP F 68 -72.78 11.44 -64.24
CA ASP F 68 -72.43 10.32 -63.37
C ASP F 68 -73.31 9.11 -63.64
N ALA F 69 -74.61 9.34 -63.89
CA ALA F 69 -75.47 8.23 -64.30
C ALA F 69 -74.98 7.62 -65.61
N MET F 70 -74.53 8.45 -66.55
CA MET F 70 -73.92 7.93 -67.77
C MET F 70 -72.72 7.05 -67.47
N ILE F 71 -71.88 7.47 -66.53
CA ILE F 71 -70.72 6.66 -66.16
C ILE F 71 -71.17 5.34 -65.52
N ALA F 72 -72.26 5.38 -64.75
CA ALA F 72 -72.76 4.16 -64.12
C ALA F 72 -73.23 3.16 -65.16
N GLU F 73 -74.00 3.62 -66.16
CA GLU F 73 -74.47 2.71 -67.20
C GLU F 73 -73.31 2.21 -68.06
N ILE F 74 -72.36 3.08 -68.38
CA ILE F 74 -71.21 2.69 -69.20
C ILE F 74 -70.41 1.60 -68.48
N ASP F 75 -70.09 1.83 -67.20
CA ASP F 75 -69.39 0.82 -66.42
C ASP F 75 -70.20 -0.45 -66.28
N LYS F 76 -71.53 -0.34 -66.25
CA LYS F 76 -72.38 -1.52 -66.16
C LYS F 76 -72.22 -2.40 -67.39
N ARG F 77 -72.29 -1.80 -68.59
CA ARG F 77 -72.11 -2.58 -69.82
C ARG F 77 -70.70 -3.17 -69.89
N LEU F 78 -69.68 -2.33 -69.66
CA LEU F 78 -68.30 -2.78 -69.72
C LEU F 78 -68.06 -3.97 -68.78
N SER F 79 -68.59 -3.91 -67.56
CA SER F 79 -68.45 -5.03 -66.63
C SER F 79 -69.24 -6.23 -67.12
N SER F 80 -70.37 -6.00 -67.79
CA SER F 80 -71.11 -7.09 -68.42
C SER F 80 -70.22 -7.90 -69.36
N GLN F 81 -69.42 -7.23 -70.19
CA GLN F 81 -68.54 -7.98 -71.10
C GLN F 81 -67.32 -8.55 -70.39
N VAL F 82 -66.69 -7.75 -69.52
CA VAL F 82 -65.52 -8.20 -68.78
C VAL F 82 -65.81 -9.48 -68.02
N ASN F 83 -67.03 -9.63 -67.51
CA ASN F 83 -67.42 -10.88 -66.86
C ASN F 83 -67.35 -12.05 -67.84
N GLU F 84 -67.74 -11.83 -69.09
CA GLU F 84 -67.65 -12.87 -70.09
C GLU F 84 -66.20 -13.27 -70.34
N ILE F 85 -65.29 -12.29 -70.36
CA ILE F 85 -63.88 -12.61 -70.53
C ILE F 85 -63.34 -13.38 -69.32
N LEU F 86 -63.60 -12.88 -68.11
CA LEU F 86 -62.98 -13.45 -66.91
C LEU F 86 -63.60 -14.79 -66.52
N HIS F 87 -64.81 -15.07 -67.01
CA HIS F 87 -65.48 -16.34 -66.75
C HIS F 87 -65.36 -17.31 -67.92
N ALA F 88 -64.53 -17.00 -68.91
CA ALA F 88 -64.31 -17.91 -70.03
C ALA F 88 -63.47 -19.09 -69.57
N LYS F 89 -63.85 -20.29 -70.01
CA LYS F 89 -63.20 -21.51 -69.52
C LYS F 89 -61.74 -21.58 -69.96
N GLU F 90 -61.43 -21.13 -71.18
CA GLU F 90 -60.04 -21.13 -71.63
C GLU F 90 -59.20 -20.15 -70.82
N PHE F 91 -59.69 -18.91 -70.68
CA PHE F 91 -59.00 -17.92 -69.88
C PHE F 91 -58.75 -18.43 -68.47
N GLN F 92 -59.78 -19.01 -67.84
CA GLN F 92 -59.63 -19.52 -66.48
C GLN F 92 -58.66 -20.71 -66.43
N LYS F 93 -58.63 -21.52 -67.49
CA LYS F 93 -57.64 -22.59 -67.56
C LYS F 93 -56.23 -22.03 -67.47
N LEU F 94 -55.88 -21.11 -68.38
CA LEU F 94 -54.54 -20.51 -68.34
C LEU F 94 -54.27 -19.85 -66.99
N GLU F 95 -55.17 -18.95 -66.58
CA GLU F 95 -54.96 -18.18 -65.35
C GLU F 95 -54.76 -19.09 -64.15
N SER F 96 -55.71 -20.00 -63.91
CA SER F 96 -55.61 -20.90 -62.77
C SER F 96 -54.35 -21.75 -62.82
N SER F 97 -53.93 -22.16 -64.03
CA SER F 97 -52.65 -22.84 -64.16
C SER F 97 -51.51 -22.01 -63.57
N TRP F 98 -51.32 -20.79 -64.10
CA TRP F 98 -50.18 -19.97 -63.67
C TRP F 98 -50.30 -19.54 -62.21
N ARG F 99 -51.49 -19.08 -61.81
CA ARG F 99 -51.67 -18.55 -60.46
C ARG F 99 -51.53 -19.64 -59.40
N SER F 100 -52.11 -20.82 -59.66
CA SER F 100 -51.87 -21.94 -58.76
C SER F 100 -50.40 -22.31 -58.71
N LEU F 101 -49.72 -22.25 -59.87
CA LEU F 101 -48.28 -22.50 -59.88
C LEU F 101 -47.54 -21.56 -58.95
N LYS F 102 -47.84 -20.25 -59.03
CA LYS F 102 -47.17 -19.30 -58.16
C LYS F 102 -47.56 -19.51 -56.70
N PHE F 103 -48.83 -19.82 -56.44
CA PHE F 103 -49.28 -20.10 -55.08
C PHE F 103 -48.46 -21.24 -54.47
N MET F 104 -48.07 -22.22 -55.31
CA MET F 104 -47.18 -23.27 -54.83
C MET F 104 -45.77 -22.73 -54.61
N VAL F 105 -45.23 -22.02 -55.61
CA VAL F 105 -43.81 -21.68 -55.62
C VAL F 105 -43.46 -20.74 -54.46
N ASP F 106 -44.29 -19.70 -54.26
CA ASP F 106 -44.04 -18.69 -53.24
C ASP F 106 -44.27 -19.18 -51.82
N ARG F 107 -44.76 -20.41 -51.65
CA ARG F 107 -44.93 -21.02 -50.34
C ARG F 107 -43.81 -22.00 -50.01
N THR F 108 -42.85 -22.17 -50.91
CA THR F 108 -41.68 -23.01 -50.68
C THR F 108 -40.49 -22.14 -50.28
N ASP F 109 -39.37 -22.80 -50.03
CA ASP F 109 -38.15 -22.13 -49.57
C ASP F 109 -36.96 -22.69 -50.36
N PHE F 110 -36.60 -22.01 -51.45
CA PHE F 110 -35.52 -22.45 -52.31
C PHE F 110 -34.17 -22.46 -51.62
N ARG F 111 -34.03 -21.80 -50.48
CA ARG F 111 -32.80 -21.86 -49.69
C ARG F 111 -32.65 -23.17 -48.93
N GLU F 112 -33.72 -23.97 -48.85
CA GLU F 112 -33.70 -25.26 -48.15
C GLU F 112 -33.49 -26.43 -49.11
N ASN F 113 -32.84 -26.18 -50.24
CA ASN F 113 -32.57 -27.23 -51.23
C ASN F 113 -33.85 -27.78 -51.85
N THR F 114 -34.79 -26.89 -52.16
CA THR F 114 -36.04 -27.25 -52.81
C THR F 114 -36.00 -26.74 -54.24
N ARG F 115 -36.39 -27.59 -55.18
CA ARG F 115 -36.31 -27.26 -56.60
C ARG F 115 -37.60 -27.69 -57.29
N VAL F 116 -37.95 -26.98 -58.37
CA VAL F 116 -39.18 -27.21 -59.10
C VAL F 116 -38.96 -26.92 -60.58
N GLU F 117 -39.39 -27.85 -61.43
CA GLU F 117 -39.28 -27.71 -62.88
C GLU F 117 -40.67 -27.81 -63.50
N MET F 118 -40.86 -27.08 -64.60
CA MET F 118 -42.13 -27.03 -65.30
C MET F 118 -42.01 -27.79 -66.61
N LEU F 119 -43.01 -28.64 -66.88
CA LEU F 119 -43.08 -29.47 -68.08
C LEU F 119 -44.47 -29.27 -68.67
N ASN F 120 -44.53 -28.58 -69.80
CA ASN F 120 -45.78 -28.30 -70.48
C ASN F 120 -46.23 -29.54 -71.24
N ALA F 121 -47.33 -30.14 -70.81
CA ALA F 121 -47.84 -31.35 -71.46
C ALA F 121 -49.31 -31.48 -71.13
N SER F 122 -50.12 -31.80 -72.14
CA SER F 122 -51.53 -32.09 -71.93
C SER F 122 -51.72 -33.60 -71.79
N LYS F 123 -52.84 -33.97 -71.17
CA LYS F 123 -53.12 -35.39 -70.96
C LYS F 123 -53.19 -36.15 -72.28
N GLU F 124 -53.82 -35.55 -73.30
CA GLU F 124 -53.94 -36.20 -74.60
C GLU F 124 -52.57 -36.54 -75.18
N ASP F 125 -51.63 -35.59 -75.08
CA ASP F 125 -50.26 -35.81 -75.56
C ASP F 125 -49.49 -36.78 -74.68
N LEU F 126 -49.77 -36.82 -73.38
CA LEU F 126 -49.19 -37.87 -72.55
C LEU F 126 -49.60 -39.24 -73.03
N GLN F 127 -50.89 -39.42 -73.29
CA GLN F 127 -51.36 -40.68 -73.87
C GLN F 127 -50.73 -40.93 -75.24
N LYS F 128 -50.56 -39.87 -76.03
CA LYS F 128 -49.98 -40.02 -77.36
C LYS F 128 -48.55 -40.55 -77.28
N ASP F 129 -47.76 -40.02 -76.34
CA ASP F 129 -46.38 -40.47 -76.20
C ASP F 129 -46.31 -41.88 -75.62
N PHE F 130 -47.11 -42.16 -74.59
CA PHE F 130 -47.07 -43.47 -73.96
C PHE F 130 -47.54 -44.58 -74.89
N GLU F 131 -48.53 -44.29 -75.75
CA GLU F 131 -49.01 -45.29 -76.69
C GLU F 131 -48.12 -45.38 -77.91
N ASP F 132 -47.48 -44.28 -78.29
CA ASP F 132 -46.55 -44.30 -79.42
C ASP F 132 -45.30 -45.10 -79.09
N ALA F 133 -44.78 -44.92 -77.88
CA ALA F 133 -43.57 -45.63 -77.49
C ALA F 133 -43.85 -47.13 -77.38
N PRO F 134 -42.88 -47.99 -77.71
CA PRO F 134 -43.11 -49.44 -77.54
C PRO F 134 -43.08 -49.88 -76.09
N GLU F 135 -42.40 -49.12 -75.22
CA GLU F 135 -42.31 -49.46 -73.81
C GLU F 135 -42.06 -48.17 -73.03
N VAL F 136 -42.45 -48.20 -71.75
CA VAL F 136 -42.38 -47.00 -70.92
C VAL F 136 -40.94 -46.51 -70.77
N THR F 137 -39.97 -47.43 -70.82
CA THR F 137 -38.56 -47.06 -70.74
C THR F 137 -38.11 -46.19 -71.91
N LYS F 138 -38.90 -46.10 -72.97
CA LYS F 138 -38.58 -45.28 -74.13
C LYS F 138 -39.50 -44.08 -74.29
N SER F 139 -40.34 -43.80 -73.30
CA SER F 139 -41.18 -42.62 -73.36
C SER F 139 -40.36 -41.38 -73.01
N GLY F 140 -40.78 -40.24 -73.56
CA GLY F 140 -40.07 -38.99 -73.29
C GLY F 140 -40.12 -38.60 -71.82
N LEU F 141 -41.31 -38.66 -71.22
CA LEU F 141 -41.44 -38.38 -69.79
C LEU F 141 -40.50 -39.24 -68.97
N TYR F 142 -40.44 -40.55 -69.24
CA TYR F 142 -39.47 -41.41 -68.58
C TYR F 142 -38.05 -40.94 -68.86
N LYS F 143 -37.79 -40.48 -70.09
CA LYS F 143 -36.47 -39.95 -70.41
C LYS F 143 -36.08 -38.81 -69.47
N LEU F 144 -36.97 -37.83 -69.29
CA LEU F 144 -36.66 -36.63 -68.52
C LEU F 144 -36.91 -36.77 -67.02
N VAL F 145 -37.48 -37.89 -66.58
CA VAL F 145 -37.76 -38.10 -65.17
C VAL F 145 -36.72 -39.06 -64.61
N TYR F 146 -36.62 -40.25 -65.21
CA TYR F 146 -35.69 -41.25 -64.70
C TYR F 146 -34.31 -41.11 -65.34
N SER F 147 -34.27 -41.14 -66.68
CA SER F 147 -33.00 -41.24 -67.40
C SER F 147 -32.08 -40.05 -67.11
N ASN F 148 -32.60 -38.84 -67.27
CA ASN F 148 -31.81 -37.63 -67.05
C ASN F 148 -31.63 -37.29 -65.58
N GLU F 149 -32.13 -38.13 -64.67
CA GLU F 149 -32.05 -37.80 -63.25
C GLU F 149 -31.57 -38.98 -62.42
N TYR F 150 -32.50 -39.82 -61.97
CA TYR F 150 -32.17 -40.90 -61.04
C TYR F 150 -31.15 -41.87 -61.64
N GLY F 151 -31.24 -42.10 -62.95
CA GLY F 151 -30.34 -43.05 -63.59
C GLY F 151 -29.15 -42.42 -64.28
N VAL F 152 -28.70 -41.28 -63.76
CA VAL F 152 -27.60 -40.53 -64.35
C VAL F 152 -26.55 -40.27 -63.28
N PHE F 153 -25.34 -40.79 -63.50
CA PHE F 153 -24.25 -40.53 -62.57
C PHE F 153 -23.91 -39.04 -62.60
N GLY F 154 -23.89 -38.41 -61.42
CA GLY F 154 -23.68 -36.99 -61.32
C GLY F 154 -24.96 -36.18 -61.28
N GLY F 155 -26.10 -36.77 -61.61
CA GLY F 155 -27.37 -36.09 -61.60
C GLY F 155 -28.06 -36.14 -60.26
N LYS F 156 -29.38 -36.00 -60.28
CA LYS F 156 -30.18 -35.99 -59.06
C LYS F 156 -31.55 -36.55 -59.39
N PRO F 157 -32.20 -37.23 -58.44
CA PRO F 157 -33.50 -37.86 -58.73
C PRO F 157 -34.67 -36.94 -58.39
N TYR F 158 -35.72 -37.07 -59.19
CA TYR F 158 -36.93 -36.27 -58.99
C TYR F 158 -37.67 -36.75 -57.75
N GLY F 159 -38.01 -35.81 -56.86
CA GLY F 159 -38.66 -36.20 -55.62
C GLY F 159 -40.09 -36.67 -55.83
N ILE F 160 -40.87 -35.89 -56.57
CA ILE F 160 -42.29 -36.19 -56.79
C ILE F 160 -42.75 -35.45 -58.04
N ILE F 161 -43.87 -35.91 -58.61
CA ILE F 161 -44.43 -35.35 -59.83
C ILE F 161 -45.85 -34.87 -59.53
N SER F 162 -46.10 -33.58 -59.78
CA SER F 162 -47.40 -32.96 -59.56
C SER F 162 -48.02 -32.69 -60.93
N ALA F 163 -49.15 -33.35 -61.21
CA ALA F 163 -49.83 -33.23 -62.48
C ALA F 163 -51.10 -32.40 -62.30
N ASN F 164 -51.17 -31.27 -63.00
CA ASN F 164 -52.34 -30.37 -62.92
C ASN F 164 -53.42 -30.88 -63.88
N TYR F 165 -54.07 -31.96 -63.46
CA TYR F 165 -55.09 -32.59 -64.26
C TYR F 165 -56.22 -33.09 -63.37
N ASP F 166 -57.40 -33.20 -63.97
CA ASP F 166 -58.56 -33.82 -63.34
C ASP F 166 -58.84 -35.14 -64.05
N PHE F 167 -59.13 -36.18 -63.28
CA PHE F 167 -59.31 -37.52 -63.82
C PHE F 167 -60.76 -37.95 -63.66
N ASN F 168 -61.29 -38.60 -64.69
CA ASN F 168 -62.59 -39.22 -64.64
C ASN F 168 -62.42 -40.74 -64.68
N VAL F 169 -63.56 -41.45 -64.75
CA VAL F 169 -63.52 -42.90 -64.89
C VAL F 169 -63.28 -43.35 -66.33
N GLY F 170 -63.08 -42.41 -67.25
CA GLY F 170 -62.87 -42.72 -68.65
C GLY F 170 -61.66 -43.61 -68.88
N PRO F 171 -61.76 -44.48 -69.88
CA PRO F 171 -60.65 -45.42 -70.12
C PRO F 171 -59.33 -44.75 -70.42
N GLN F 172 -59.35 -43.62 -71.14
CA GLN F 172 -58.12 -42.89 -71.41
C GLN F 172 -57.46 -42.42 -70.11
N ASP F 173 -58.26 -41.84 -69.21
CA ASP F 173 -57.72 -41.40 -67.93
C ASP F 173 -57.17 -42.57 -67.13
N MET F 174 -57.88 -43.70 -67.12
CA MET F 174 -57.40 -44.88 -66.40
C MET F 174 -56.06 -45.34 -66.93
N GLU F 175 -55.92 -45.42 -68.27
CA GLU F 175 -54.66 -45.86 -68.86
C GLU F 175 -53.53 -44.88 -68.54
N LEU F 176 -53.80 -43.58 -68.62
CA LEU F 176 -52.81 -42.59 -68.22
C LEU F 176 -52.36 -42.82 -66.79
N LEU F 177 -53.31 -43.08 -65.88
CA LEU F 177 -52.95 -43.38 -64.50
C LEU F 177 -52.07 -44.62 -64.39
N ARG F 178 -52.35 -45.64 -65.22
CA ARG F 178 -51.50 -46.83 -65.21
C ARG F 178 -50.06 -46.49 -65.61
N LYS F 179 -49.89 -45.74 -66.69
CA LYS F 179 -48.54 -45.37 -67.12
C LYS F 179 -47.82 -44.55 -66.05
N CYS F 180 -48.52 -43.58 -65.45
CA CYS F 180 -47.90 -42.76 -64.41
C CYS F 180 -47.51 -43.60 -63.20
N ALA F 181 -48.32 -44.61 -62.86
CA ALA F 181 -47.96 -45.51 -61.77
C ALA F 181 -46.70 -46.29 -62.10
N SER F 182 -46.59 -46.78 -63.34
CA SER F 182 -45.37 -47.49 -63.73
C SER F 182 -44.14 -46.61 -63.61
N VAL F 183 -44.19 -45.41 -64.18
CA VAL F 183 -43.03 -44.51 -64.14
C VAL F 183 -42.68 -44.18 -62.70
N ALA F 184 -43.69 -43.82 -61.90
CA ALA F 184 -43.44 -43.47 -60.50
C ALA F 184 -42.81 -44.62 -59.75
N ALA F 185 -43.23 -45.86 -60.04
CA ALA F 185 -42.62 -47.01 -59.40
C ALA F 185 -41.17 -47.19 -59.83
N MET F 186 -40.89 -47.01 -61.12
CA MET F 186 -39.53 -47.18 -61.62
C MET F 186 -38.56 -46.15 -61.04
N ALA F 187 -39.03 -44.91 -60.82
CA ALA F 187 -38.16 -43.84 -60.35
C ALA F 187 -38.28 -43.61 -58.85
N HIS F 188 -39.18 -44.33 -58.19
CA HIS F 188 -39.41 -44.16 -56.75
C HIS F 188 -39.89 -42.75 -56.41
N ALA F 189 -40.90 -42.29 -57.14
CA ALA F 189 -41.45 -40.95 -56.96
C ALA F 189 -42.96 -40.97 -57.20
N PRO F 190 -43.75 -40.49 -56.24
CA PRO F 190 -45.21 -40.58 -56.39
C PRO F 190 -45.74 -39.56 -57.39
N PHE F 191 -46.88 -39.90 -57.98
CA PHE F 191 -47.57 -39.03 -58.94
C PHE F 191 -48.86 -38.55 -58.29
N ILE F 192 -48.98 -37.22 -58.13
CA ILE F 192 -50.11 -36.62 -57.44
C ILE F 192 -50.94 -35.82 -58.42
N GLY F 193 -52.26 -35.98 -58.35
CA GLY F 193 -53.19 -35.27 -59.19
C GLY F 193 -54.52 -35.05 -58.50
N ASN F 194 -55.56 -34.71 -59.28
CA ASN F 194 -56.88 -34.45 -58.73
C ASN F 194 -57.93 -35.24 -59.49
N ALA F 195 -59.08 -35.41 -58.86
CA ALA F 195 -60.22 -36.09 -59.45
C ALA F 195 -61.32 -35.09 -59.78
N ALA F 196 -62.00 -35.33 -60.90
CA ALA F 196 -63.08 -34.45 -61.34
C ALA F 196 -64.38 -34.82 -60.63
N PRO F 197 -65.30 -33.87 -60.50
CA PRO F 197 -66.56 -34.15 -59.79
C PRO F 197 -67.36 -35.29 -60.42
N GLU F 198 -67.43 -35.35 -61.74
CA GLU F 198 -68.18 -36.40 -62.44
C GLU F 198 -67.66 -37.80 -62.11
N VAL F 199 -66.47 -37.91 -61.50
CA VAL F 199 -65.98 -39.20 -61.05
C VAL F 199 -66.94 -39.82 -60.03
N PHE F 200 -67.62 -38.99 -59.26
CA PHE F 200 -68.63 -39.44 -58.31
C PHE F 200 -70.04 -39.42 -58.88
N GLY F 201 -70.18 -39.23 -60.20
CA GLY F 201 -71.49 -39.16 -60.81
C GLY F 201 -72.27 -37.91 -60.46
N GLU F 202 -71.59 -36.83 -60.12
CA GLU F 202 -72.22 -35.59 -59.74
C GLU F 202 -71.74 -34.46 -60.64
N GLU F 203 -72.61 -33.47 -60.85
CA GLU F 203 -72.27 -32.35 -61.70
C GLU F 203 -71.10 -31.55 -61.14
N SER F 204 -71.05 -31.38 -59.81
CA SER F 204 -69.99 -30.63 -59.17
C SER F 204 -69.87 -31.12 -57.73
N PHE F 205 -68.69 -30.88 -57.15
CA PHE F 205 -68.40 -31.26 -55.77
C PHE F 205 -69.47 -30.78 -54.79
N LEU F 206 -70.19 -29.70 -55.09
CA LEU F 206 -71.27 -29.22 -54.24
C LEU F 206 -72.35 -30.27 -53.99
N LYS F 207 -72.35 -31.38 -54.73
CA LYS F 207 -73.33 -32.45 -54.56
C LYS F 207 -72.81 -33.57 -53.66
N LEU F 208 -71.60 -33.43 -53.10
CA LEU F 208 -71.05 -34.48 -52.26
C LEU F 208 -71.90 -34.81 -51.05
N PRO F 209 -72.55 -33.85 -50.37
CA PRO F 209 -73.38 -34.22 -49.21
C PRO F 209 -74.62 -35.02 -49.58
N ASP F 210 -75.02 -35.03 -50.86
CA ASP F 210 -76.16 -35.82 -51.29
C ASP F 210 -75.82 -37.27 -51.56
N LEU F 211 -74.53 -37.62 -51.60
CA LEU F 211 -74.11 -38.99 -51.87
C LEU F 211 -74.27 -39.82 -50.61
N LYS F 212 -75.13 -40.83 -50.66
CA LYS F 212 -75.46 -41.60 -49.45
C LYS F 212 -74.40 -42.65 -49.14
N ASP F 213 -73.69 -43.16 -50.15
CA ASP F 213 -72.79 -44.28 -49.93
C ASP F 213 -71.83 -44.41 -51.12
N LEU F 214 -70.63 -43.86 -50.96
CA LEU F 214 -69.63 -43.94 -52.03
C LEU F 214 -69.18 -45.38 -52.26
N LYS F 215 -68.99 -46.14 -51.18
CA LYS F 215 -68.54 -47.53 -51.32
C LYS F 215 -69.49 -48.33 -52.21
N SER F 216 -70.80 -48.17 -52.00
CA SER F 216 -71.77 -48.81 -52.86
C SER F 216 -71.79 -48.19 -54.25
N LEU F 217 -71.56 -46.87 -54.34
CA LEU F 217 -71.49 -46.22 -55.65
C LEU F 217 -70.41 -46.83 -56.53
N PHE F 218 -69.26 -47.20 -55.93
CA PHE F 218 -68.12 -47.74 -56.67
C PHE F 218 -68.30 -49.19 -57.08
N GLU F 219 -69.44 -49.81 -56.79
CA GLU F 219 -69.67 -51.19 -57.19
C GLU F 219 -70.19 -51.32 -58.61
N GLY F 220 -70.65 -50.23 -59.22
CA GLY F 220 -71.17 -50.27 -60.56
C GLY F 220 -70.11 -50.65 -61.58
N PRO F 221 -70.55 -51.27 -62.68
CA PRO F 221 -69.57 -51.69 -63.69
C PRO F 221 -68.81 -50.55 -64.32
N GLN F 222 -69.29 -49.31 -64.18
CA GLN F 222 -68.59 -48.17 -64.75
C GLN F 222 -67.19 -48.00 -64.18
N TYR F 223 -66.93 -48.55 -62.99
CA TYR F 223 -65.66 -48.39 -62.30
C TYR F 223 -64.81 -49.67 -62.29
N ALA F 224 -65.05 -50.58 -63.23
CA ALA F 224 -64.29 -51.84 -63.24
C ALA F 224 -62.81 -51.58 -63.37
N ARG F 225 -62.41 -50.75 -64.35
CA ARG F 225 -61.01 -50.46 -64.57
C ARG F 225 -60.35 -49.81 -63.36
N TRP F 226 -61.04 -48.84 -62.73
CA TRP F 226 -60.50 -48.25 -61.53
C TRP F 226 -60.32 -49.28 -60.42
N HIS F 227 -61.29 -50.20 -60.31
CA HIS F 227 -61.19 -51.25 -59.30
C HIS F 227 -59.95 -52.11 -59.50
N SER F 228 -59.65 -52.48 -60.74
CA SER F 228 -58.41 -53.24 -60.98
C SER F 228 -57.16 -52.39 -60.70
N PHE F 229 -57.20 -51.13 -61.11
CA PHE F 229 -56.08 -50.22 -60.87
C PHE F 229 -55.74 -50.16 -59.39
N ARG F 230 -56.75 -50.10 -58.52
CA ARG F 230 -56.51 -50.09 -57.09
C ARG F 230 -55.83 -51.37 -56.60
N GLU F 231 -55.92 -52.45 -57.36
CA GLU F 231 -55.31 -53.72 -56.98
C GLU F 231 -53.91 -53.91 -57.54
N SER F 232 -53.54 -53.14 -58.55
CA SER F 232 -52.17 -53.20 -59.05
C SER F 232 -51.16 -52.79 -57.96
N GLU F 233 -49.98 -53.41 -58.00
CA GLU F 233 -48.92 -53.11 -57.04
C GLU F 233 -48.22 -51.79 -57.35
N ASP F 234 -48.46 -51.21 -58.52
CA ASP F 234 -47.94 -49.88 -58.83
C ASP F 234 -48.84 -48.77 -58.31
N ALA F 235 -50.02 -49.10 -57.79
CA ALA F 235 -50.95 -48.10 -57.30
C ALA F 235 -50.40 -47.34 -56.09
N ARG F 236 -49.36 -47.87 -55.44
CA ARG F 236 -48.77 -47.18 -54.30
C ARG F 236 -48.15 -45.84 -54.68
N TYR F 237 -47.84 -45.64 -55.96
CA TYR F 237 -47.23 -44.40 -56.43
C TYR F 237 -48.24 -43.44 -57.05
N VAL F 238 -49.53 -43.66 -56.81
CA VAL F 238 -50.59 -42.81 -57.34
C VAL F 238 -51.33 -42.17 -56.18
N GLY F 239 -51.59 -40.86 -56.30
CA GLY F 239 -52.34 -40.15 -55.28
C GLY F 239 -53.24 -39.09 -55.88
N LEU F 240 -54.54 -39.19 -55.64
CA LEU F 240 -55.52 -38.28 -56.21
C LEU F 240 -56.25 -37.52 -55.09
N ALA F 241 -56.46 -36.23 -55.31
CA ALA F 241 -57.11 -35.34 -54.36
C ALA F 241 -58.56 -35.10 -54.78
N LEU F 242 -59.37 -34.67 -53.81
CA LEU F 242 -60.80 -34.48 -54.01
C LEU F 242 -61.12 -33.04 -54.42
N PRO F 243 -61.85 -32.31 -53.57
CA PRO F 243 -62.37 -31.00 -54.00
C PRO F 243 -61.27 -29.99 -54.26
N ARG F 244 -61.57 -29.05 -55.15
CA ARG F 244 -60.65 -27.98 -55.51
C ARG F 244 -60.69 -26.89 -54.43
N PHE F 245 -60.07 -25.76 -54.70
CA PHE F 245 -60.05 -24.71 -53.69
C PHE F 245 -59.89 -23.35 -54.36
N LEU F 246 -60.51 -22.34 -53.76
CA LEU F 246 -60.49 -21.00 -54.34
C LEU F 246 -59.07 -20.46 -54.42
N LEU F 247 -58.78 -19.77 -55.52
CA LEU F 247 -57.49 -19.11 -55.72
C LEU F 247 -57.57 -17.60 -55.70
N ARG F 248 -58.71 -17.02 -56.11
CA ARG F 248 -58.86 -15.57 -56.17
C ARG F 248 -60.21 -15.17 -55.60
N LEU F 249 -60.21 -14.09 -54.82
CA LEU F 249 -61.46 -13.50 -54.36
C LEU F 249 -62.03 -12.61 -55.46
N PRO F 250 -63.34 -12.68 -55.73
CA PRO F 250 -63.90 -11.95 -56.86
C PRO F 250 -63.68 -10.45 -56.73
N TYR F 251 -63.52 -9.79 -57.89
CA TYR F 251 -63.16 -8.38 -57.90
C TYR F 251 -64.26 -7.53 -57.26
N GLY F 252 -63.83 -6.57 -56.45
CA GLY F 252 -64.76 -5.66 -55.78
C GLY F 252 -64.12 -4.36 -55.37
N GLU F 253 -64.86 -3.25 -55.46
CA GLU F 253 -64.29 -1.93 -55.24
C GLU F 253 -63.62 -1.80 -53.87
N LYS F 254 -63.99 -2.64 -52.92
CA LYS F 254 -63.40 -2.61 -51.58
C LYS F 254 -62.44 -3.77 -51.34
N THR F 255 -62.88 -5.01 -51.59
CA THR F 255 -62.09 -6.18 -51.23
C THR F 255 -60.99 -6.46 -52.24
N VAL F 256 -61.23 -6.18 -53.52
CA VAL F 256 -60.26 -6.48 -54.58
C VAL F 256 -60.43 -5.45 -55.69
N PRO F 257 -59.99 -4.20 -55.51
CA PRO F 257 -60.27 -3.18 -56.51
C PRO F 257 -59.26 -3.20 -57.64
N VAL F 258 -59.65 -2.58 -58.76
CA VAL F 258 -58.79 -2.43 -59.93
C VAL F 258 -58.68 -0.95 -60.24
N LYS F 259 -57.74 -0.62 -61.12
CA LYS F 259 -57.46 0.78 -61.44
C LYS F 259 -58.45 1.31 -62.46
N ALA F 260 -58.75 2.62 -62.34
CA ALA F 260 -59.58 3.30 -63.31
C ALA F 260 -61.00 2.75 -63.34
N PHE F 261 -61.22 1.71 -64.14
CA PHE F 261 -62.56 1.15 -64.31
C PHE F 261 -63.10 0.62 -62.99
N ASN F 262 -64.31 1.05 -62.63
CA ASN F 262 -64.96 0.62 -61.39
C ASN F 262 -65.62 -0.73 -61.65
N PHE F 263 -64.80 -1.78 -61.59
CA PHE F 263 -65.25 -3.13 -61.90
C PHE F 263 -65.67 -3.85 -60.63
N THR F 264 -66.87 -4.42 -60.66
CA THR F 264 -67.40 -5.25 -59.57
C THR F 264 -67.79 -6.58 -60.20
N GLU F 265 -66.98 -7.60 -59.96
CA GLU F 265 -67.22 -8.91 -60.56
C GLU F 265 -68.52 -9.50 -60.00
N ASP F 266 -69.34 -10.04 -60.89
CA ASP F 266 -70.67 -10.56 -60.54
C ASP F 266 -70.66 -12.07 -60.75
N VAL F 267 -70.44 -12.81 -59.67
CA VAL F 267 -70.53 -14.27 -59.72
C VAL F 267 -72.01 -14.65 -59.68
N VAL F 268 -72.44 -15.39 -60.70
CA VAL F 268 -73.85 -15.76 -60.83
C VAL F 268 -74.15 -16.97 -59.94
N GLY F 269 -75.23 -17.68 -60.25
CA GLY F 269 -75.56 -18.87 -59.48
C GLY F 269 -74.57 -20.00 -59.68
N HIS F 270 -73.80 -19.96 -60.77
CA HIS F 270 -72.86 -21.01 -61.10
C HIS F 270 -71.53 -20.72 -60.41
N HIS F 271 -71.24 -21.47 -59.34
CA HIS F 271 -69.98 -21.34 -58.62
C HIS F 271 -68.76 -21.58 -59.50
N GLU F 272 -68.95 -22.18 -60.69
CA GLU F 272 -67.88 -22.29 -61.66
C GLU F 272 -67.34 -20.93 -62.11
N ARG F 273 -68.06 -19.84 -61.82
CA ARG F 273 -67.53 -18.52 -62.09
C ARG F 273 -66.33 -18.21 -61.19
N TYR F 274 -66.25 -18.88 -60.03
CA TYR F 274 -65.12 -18.69 -59.14
C TYR F 274 -63.87 -19.36 -59.71
N LEU F 275 -62.72 -18.74 -59.47
CA LEU F 275 -61.45 -19.25 -59.98
C LEU F 275 -60.98 -20.39 -59.07
N TRP F 276 -61.45 -21.58 -59.38
CA TRP F 276 -61.07 -22.77 -58.64
C TRP F 276 -59.68 -23.24 -59.05
N GLY F 277 -58.98 -23.86 -58.11
CA GLY F 277 -57.62 -24.30 -58.31
C GLY F 277 -57.44 -25.73 -57.83
N HIS F 278 -56.46 -26.41 -58.42
CA HIS F 278 -56.24 -27.83 -58.18
C HIS F 278 -55.53 -28.04 -56.86
N ALA F 279 -56.14 -28.81 -55.95
CA ALA F 279 -55.60 -28.96 -54.60
C ALA F 279 -54.28 -29.74 -54.56
N SER F 280 -53.94 -30.43 -55.65
CA SER F 280 -52.66 -31.12 -55.73
C SER F 280 -51.51 -30.19 -55.38
N VAL F 281 -51.62 -28.90 -55.74
CA VAL F 281 -50.58 -27.93 -55.42
C VAL F 281 -50.49 -27.72 -53.91
N ALA F 282 -51.64 -27.68 -53.23
CA ALA F 282 -51.62 -27.56 -51.78
C ALA F 282 -50.91 -28.75 -51.13
N LEU F 283 -51.26 -29.96 -51.56
CA LEU F 283 -50.53 -31.13 -51.07
C LEU F 283 -49.03 -31.00 -51.31
N THR F 284 -48.65 -30.54 -52.51
CA THR F 284 -47.23 -30.33 -52.81
C THR F 284 -46.59 -29.36 -51.84
N SER F 285 -47.29 -28.28 -51.48
CA SER F 285 -46.80 -27.38 -50.45
C SER F 285 -46.56 -28.11 -49.13
N ARG F 286 -47.47 -29.03 -48.77
CA ARG F 286 -47.24 -29.83 -47.56
C ARG F 286 -45.92 -30.58 -47.64
N VAL F 287 -45.70 -31.33 -48.71
CA VAL F 287 -44.44 -32.06 -48.87
C VAL F 287 -43.25 -31.10 -48.76
N ALA F 288 -43.36 -29.94 -49.43
CA ALA F 288 -42.28 -28.96 -49.41
C ALA F 288 -41.95 -28.50 -48.00
N ASP F 289 -42.97 -28.20 -47.18
CA ASP F 289 -42.71 -27.73 -45.82
C ASP F 289 -42.04 -28.82 -44.99
N SER F 290 -42.57 -30.04 -45.04
CA SER F 290 -41.94 -31.13 -44.30
C SER F 290 -40.46 -31.25 -44.65
N PHE F 291 -40.13 -31.20 -45.95
CA PHE F 291 -38.74 -31.34 -46.36
C PHE F 291 -37.90 -30.12 -45.96
N ALA F 292 -38.50 -28.93 -45.98
CA ALA F 292 -37.76 -27.73 -45.61
C ALA F 292 -37.36 -27.76 -44.14
N LYS F 293 -38.20 -28.37 -43.29
CA LYS F 293 -37.90 -28.42 -41.86
C LYS F 293 -36.98 -29.59 -41.51
N PHE F 294 -37.20 -30.77 -42.11
CA PHE F 294 -36.52 -31.98 -41.63
C PHE F 294 -35.72 -32.74 -42.67
N ARG F 295 -35.86 -32.43 -43.95
CA ARG F 295 -35.24 -33.20 -45.03
C ARG F 295 -35.97 -34.50 -45.33
N TRP F 296 -37.17 -34.66 -44.77
CA TRP F 296 -38.01 -35.83 -45.00
C TRP F 296 -39.45 -35.36 -45.16
N SER F 297 -40.27 -36.20 -45.79
CA SER F 297 -41.63 -35.84 -46.16
C SER F 297 -42.65 -36.80 -45.53
N PRO F 298 -42.78 -36.78 -44.21
CA PRO F 298 -43.79 -37.63 -43.57
C PRO F 298 -44.84 -36.81 -42.84
N ASN F 299 -44.52 -35.56 -42.53
CA ASN F 299 -45.39 -34.71 -41.72
C ASN F 299 -46.27 -33.87 -42.65
N ILE F 300 -47.34 -34.49 -43.14
CA ILE F 300 -48.25 -33.80 -44.05
C ILE F 300 -49.68 -34.33 -43.90
N ILE F 301 -50.03 -34.83 -42.72
CA ILE F 301 -51.35 -35.41 -42.53
C ILE F 301 -51.95 -35.05 -41.18
N GLY F 302 -52.01 -33.75 -40.86
CA GLY F 302 -52.62 -33.32 -39.63
C GLY F 302 -52.74 -31.81 -39.50
N PRO F 303 -53.78 -31.36 -38.77
CA PRO F 303 -53.92 -29.92 -38.53
C PRO F 303 -52.77 -29.34 -37.72
N GLN F 304 -52.11 -30.15 -36.88
CA GLN F 304 -50.93 -29.73 -36.16
C GLN F 304 -49.65 -30.39 -36.64
N SER F 305 -49.75 -31.55 -37.30
CA SER F 305 -48.56 -32.26 -37.75
C SER F 305 -47.90 -31.57 -38.93
N GLY F 306 -48.68 -30.89 -39.78
CA GLY F 306 -48.11 -30.23 -40.93
C GLY F 306 -48.91 -30.42 -42.20
N GLY F 307 -50.07 -31.05 -42.08
CA GLY F 307 -51.00 -31.19 -43.18
C GLY F 307 -52.05 -30.10 -43.24
N ALA F 308 -51.87 -29.01 -42.50
CA ALA F 308 -52.83 -27.91 -42.50
C ALA F 308 -52.46 -26.89 -43.57
N VAL F 309 -53.45 -26.48 -44.35
CA VAL F 309 -53.30 -25.42 -45.34
C VAL F 309 -53.93 -24.17 -44.73
N GLU F 310 -53.12 -23.15 -44.48
CA GLU F 310 -53.58 -21.93 -43.85
C GLU F 310 -53.63 -20.79 -44.85
N ASN F 311 -54.47 -19.80 -44.55
CA ASN F 311 -54.58 -18.59 -45.37
C ASN F 311 -55.39 -18.84 -46.64
N LEU F 312 -56.63 -19.34 -46.49
CA LEU F 312 -57.45 -19.54 -47.68
C LEU F 312 -58.27 -18.29 -47.97
N PRO F 313 -58.59 -18.04 -49.23
CA PRO F 313 -59.39 -16.86 -49.56
C PRO F 313 -60.81 -17.02 -49.04
N LEU F 314 -61.42 -15.89 -48.68
CA LEU F 314 -62.79 -15.85 -48.18
C LEU F 314 -63.59 -14.86 -49.01
N HIS F 315 -64.92 -15.01 -48.97
CA HIS F 315 -65.80 -14.16 -49.77
C HIS F 315 -67.18 -14.12 -49.12
N GLN F 316 -67.42 -13.07 -48.33
CA GLN F 316 -68.72 -12.85 -47.72
C GLN F 316 -69.63 -12.13 -48.70
N TYR F 317 -70.88 -12.58 -48.78
CA TYR F 317 -71.88 -12.02 -49.69
C TYR F 317 -73.26 -12.36 -49.13
N GLU F 318 -74.28 -11.67 -49.61
CA GLU F 318 -75.60 -11.78 -49.01
C GLU F 318 -76.22 -13.16 -49.24
N ALA F 319 -76.88 -13.69 -48.22
CA ALA F 319 -77.58 -14.97 -48.29
C ALA F 319 -79.09 -14.69 -48.35
N MET F 320 -79.92 -15.33 -47.52
CA MET F 320 -81.34 -15.02 -47.47
C MET F 320 -81.68 -13.87 -46.52
N GLY F 321 -80.97 -12.75 -46.65
CA GLY F 321 -81.11 -11.65 -45.72
C GLY F 321 -79.97 -11.54 -44.75
N GLU F 322 -79.23 -12.61 -44.51
CA GLU F 322 -77.93 -12.53 -43.88
C GLU F 322 -76.85 -12.45 -44.96
N ILE F 323 -75.59 -12.56 -44.54
CA ILE F 323 -74.42 -12.54 -45.42
C ILE F 323 -73.45 -13.64 -44.97
N GLN F 324 -73.16 -14.58 -45.88
CA GLN F 324 -72.35 -15.75 -45.58
C GLN F 324 -71.15 -15.84 -46.53
N THR F 325 -70.22 -16.71 -46.17
CA THR F 325 -68.92 -16.79 -46.82
C THR F 325 -68.83 -18.02 -47.72
N LYS F 326 -68.42 -17.80 -48.97
CA LYS F 326 -68.21 -18.89 -49.91
C LYS F 326 -67.11 -19.79 -49.38
N ILE F 327 -67.42 -21.06 -49.22
CA ILE F 327 -66.46 -22.00 -48.62
C ILE F 327 -65.23 -22.08 -49.51
N PRO F 328 -64.02 -22.01 -48.97
CA PRO F 328 -62.82 -22.09 -49.81
C PRO F 328 -62.76 -23.37 -50.62
N THR F 329 -63.26 -24.48 -50.09
CA THR F 329 -63.52 -25.68 -50.84
C THR F 329 -65.00 -25.72 -51.19
N GLU F 330 -65.32 -26.46 -52.26
CA GLU F 330 -66.69 -26.48 -52.77
C GLU F 330 -67.70 -26.83 -51.68
N VAL F 331 -67.33 -27.75 -50.77
CA VAL F 331 -68.22 -28.21 -49.72
C VAL F 331 -67.47 -28.26 -48.40
N MET F 332 -68.23 -28.32 -47.31
CA MET F 332 -67.69 -28.46 -45.96
C MET F 332 -67.82 -29.94 -45.62
N LEU F 333 -66.73 -30.68 -45.81
CA LEU F 333 -66.77 -32.12 -45.65
C LEU F 333 -66.83 -32.50 -44.18
N THR F 334 -67.77 -33.37 -43.83
CA THR F 334 -67.88 -33.88 -42.47
C THR F 334 -66.90 -35.04 -42.26
N GLU F 335 -66.70 -35.37 -40.99
CA GLU F 335 -65.72 -36.41 -40.63
C GLU F 335 -66.07 -37.75 -41.27
N ARG F 336 -67.36 -38.10 -41.27
CA ARG F 336 -67.77 -39.38 -41.84
C ARG F 336 -67.52 -39.42 -43.35
N ARG F 337 -67.87 -38.34 -44.06
CA ARG F 337 -67.65 -38.30 -45.50
C ARG F 337 -66.16 -38.35 -45.82
N GLU F 338 -65.34 -37.60 -45.06
CA GLU F 338 -63.90 -37.66 -45.26
C GLU F 338 -63.37 -39.06 -45.03
N PHE F 339 -63.89 -39.75 -44.02
CA PHE F 339 -63.47 -41.13 -43.76
C PHE F 339 -63.85 -42.04 -44.91
N GLU F 340 -65.05 -41.87 -45.47
CA GLU F 340 -65.45 -42.67 -46.62
C GLU F 340 -64.51 -42.44 -47.81
N LEU F 341 -64.22 -41.17 -48.11
CA LEU F 341 -63.29 -40.85 -49.19
C LEU F 341 -61.92 -41.47 -48.93
N SER F 342 -61.47 -41.49 -47.68
CA SER F 342 -60.19 -42.11 -47.35
C SER F 342 -60.24 -43.62 -47.58
N GLU F 343 -61.36 -44.26 -47.26
CA GLU F 343 -61.54 -45.67 -47.56
C GLU F 343 -61.51 -45.92 -49.06
N GLU F 344 -61.95 -44.94 -49.86
CA GLU F 344 -61.94 -45.04 -51.31
C GLU F 344 -60.62 -44.56 -51.93
N GLY F 345 -59.59 -44.38 -51.11
CA GLY F 345 -58.28 -44.00 -51.62
C GLY F 345 -58.19 -42.60 -52.17
N PHE F 346 -58.97 -41.66 -51.64
CA PHE F 346 -58.94 -40.28 -52.08
C PHE F 346 -58.33 -39.40 -50.99
N ILE F 347 -57.67 -38.34 -51.41
CA ILE F 347 -57.03 -37.40 -50.49
C ILE F 347 -57.94 -36.17 -50.42
N GLY F 348 -58.81 -36.16 -49.42
CA GLY F 348 -59.76 -35.08 -49.29
C GLY F 348 -59.26 -33.94 -48.41
N LEU F 349 -59.15 -32.75 -48.98
CA LEU F 349 -58.77 -31.56 -48.23
C LEU F 349 -60.04 -31.03 -47.55
N VAL F 350 -60.13 -31.19 -46.23
CA VAL F 350 -61.33 -30.82 -45.50
C VAL F 350 -61.22 -29.36 -45.05
N PHE F 351 -62.35 -28.67 -45.03
CA PHE F 351 -62.41 -27.27 -44.65
C PHE F 351 -62.74 -27.14 -43.17
N ARG F 352 -61.93 -26.37 -42.45
CA ARG F 352 -62.16 -26.13 -41.02
C ARG F 352 -63.38 -25.23 -40.90
N LYS F 353 -64.46 -25.78 -40.33
CA LYS F 353 -65.74 -25.08 -40.26
C LYS F 353 -65.54 -23.64 -39.82
N ASP F 354 -65.92 -22.71 -40.69
CA ASP F 354 -65.65 -21.30 -40.52
C ASP F 354 -64.21 -21.04 -40.07
N SER F 355 -63.26 -21.10 -41.01
CA SER F 355 -61.90 -20.62 -40.83
C SER F 355 -61.48 -20.15 -42.22
N ASP F 356 -60.20 -19.82 -42.40
CA ASP F 356 -59.56 -19.88 -43.70
C ASP F 356 -58.55 -21.03 -43.74
N ASN F 357 -58.85 -22.10 -42.99
CA ASN F 357 -57.92 -23.20 -42.79
C ASN F 357 -58.56 -24.50 -43.22
N ALA F 358 -57.78 -25.30 -43.95
CA ALA F 358 -58.17 -26.66 -44.33
C ALA F 358 -57.10 -27.62 -43.82
N ALA F 359 -57.37 -28.91 -43.96
CA ALA F 359 -56.47 -29.93 -43.44
C ALA F 359 -56.60 -31.21 -44.26
N PHE F 360 -55.46 -31.90 -44.40
CA PHE F 360 -55.42 -33.22 -45.00
C PHE F 360 -55.26 -34.21 -43.85
N PHE F 361 -56.34 -34.91 -43.51
CA PHE F 361 -56.30 -35.82 -42.37
C PHE F 361 -55.47 -37.07 -42.67
N SER F 362 -55.31 -37.41 -43.95
CA SER F 362 -54.58 -38.61 -44.31
C SER F 362 -54.21 -38.54 -45.78
N ALA F 363 -53.13 -39.23 -46.14
CA ALA F 363 -52.69 -39.28 -47.52
C ALA F 363 -52.55 -40.72 -47.99
N ASN F 364 -53.66 -41.44 -48.03
CA ASN F 364 -53.63 -42.80 -48.55
C ASN F 364 -53.46 -42.77 -50.06
N SER F 365 -52.75 -43.76 -50.58
CA SER F 365 -52.58 -43.90 -52.02
C SER F 365 -53.82 -44.53 -52.63
N THR F 366 -53.80 -44.70 -53.96
CA THR F 366 -54.93 -45.34 -54.62
C THR F 366 -55.02 -46.82 -54.28
N GLN F 367 -53.91 -47.44 -53.90
CA GLN F 367 -53.86 -48.88 -53.68
C GLN F 367 -54.80 -49.28 -52.54
N LYS F 368 -55.55 -50.35 -52.77
CA LYS F 368 -56.47 -50.88 -51.76
C LYS F 368 -55.75 -51.91 -50.91
N PRO F 369 -55.92 -51.88 -49.59
CA PRO F 369 -55.21 -52.84 -48.74
C PRO F 369 -55.77 -54.25 -48.91
N ARG F 370 -54.90 -55.23 -48.70
CA ARG F 370 -55.27 -56.62 -48.82
C ARG F 370 -55.59 -57.20 -47.44
N PHE F 371 -56.52 -58.14 -47.41
CA PHE F 371 -56.93 -58.81 -46.18
C PHE F 371 -56.28 -60.18 -46.09
N PHE F 372 -55.81 -60.52 -44.89
CA PHE F 372 -55.16 -61.80 -44.64
C PHE F 372 -55.87 -62.53 -43.50
N GLY F 373 -55.54 -63.80 -43.36
CA GLY F 373 -56.16 -64.60 -42.30
C GLY F 373 -55.84 -64.03 -40.93
N ASN F 374 -56.80 -64.14 -40.02
CA ASN F 374 -56.71 -63.56 -38.69
C ASN F 374 -55.89 -64.45 -37.77
N THR F 375 -54.59 -64.49 -38.04
CA THR F 375 -53.60 -65.18 -37.22
C THR F 375 -52.48 -64.19 -36.94
N PRO F 376 -51.53 -64.53 -36.07
CA PRO F 376 -50.42 -63.60 -35.82
C PRO F 376 -49.67 -63.21 -37.08
N GLU F 377 -49.25 -64.20 -37.88
CA GLU F 377 -48.55 -63.92 -39.12
C GLU F 377 -49.43 -63.16 -40.10
N GLY F 378 -50.71 -63.54 -40.21
CA GLY F 378 -51.59 -62.86 -41.14
C GLY F 378 -51.80 -61.39 -40.81
N LYS F 379 -52.02 -61.09 -39.52
CA LYS F 379 -52.14 -59.70 -39.09
C LYS F 379 -50.83 -58.93 -39.30
N ALA F 380 -49.68 -59.59 -39.07
CA ALA F 380 -48.41 -58.95 -39.41
C ALA F 380 -48.36 -58.57 -40.88
N ALA F 381 -48.77 -59.49 -41.76
CA ALA F 381 -48.80 -59.22 -43.19
C ALA F 381 -49.71 -58.03 -43.50
N GLU F 382 -50.88 -57.98 -42.87
CA GLU F 382 -51.79 -56.85 -43.06
C GLU F 382 -51.11 -55.54 -42.69
N THR F 383 -50.43 -55.51 -41.53
CA THR F 383 -49.77 -54.29 -41.08
C THR F 383 -48.75 -53.81 -42.11
N ASN F 384 -47.85 -54.71 -42.54
CA ASN F 384 -46.84 -54.33 -43.53
C ASN F 384 -47.51 -53.78 -44.80
N TYR F 385 -48.50 -54.49 -45.33
CA TYR F 385 -49.16 -54.07 -46.56
C TYR F 385 -49.75 -52.65 -46.44
N ARG F 386 -50.49 -52.39 -45.35
CA ARG F 386 -51.07 -51.06 -45.18
C ARG F 386 -49.99 -49.99 -45.10
N LEU F 387 -48.94 -50.24 -44.31
CA LEU F 387 -47.77 -49.37 -44.33
C LEU F 387 -47.36 -49.06 -45.77
N GLY F 388 -47.30 -50.07 -46.63
CA GLY F 388 -47.03 -49.83 -48.04
C GLY F 388 -48.07 -48.95 -48.70
N THR F 389 -49.35 -49.10 -48.30
CA THR F 389 -50.43 -48.34 -48.91
C THR F 389 -50.44 -46.87 -48.54
N GLN F 390 -49.67 -46.48 -47.52
CA GLN F 390 -49.66 -45.10 -47.02
C GLN F 390 -48.52 -44.29 -47.62
N LEU F 391 -48.84 -43.13 -48.20
CA LEU F 391 -47.81 -42.27 -48.74
C LEU F 391 -46.89 -41.70 -47.68
N PRO F 392 -47.36 -41.39 -46.47
CA PRO F 392 -46.46 -40.82 -45.44
C PRO F 392 -45.26 -41.71 -45.10
N TYR F 393 -45.36 -43.02 -45.34
CA TYR F 393 -44.21 -43.91 -45.22
C TYR F 393 -43.55 -44.20 -46.56
N MET F 394 -44.36 -44.27 -47.62
CA MET F 394 -43.80 -44.39 -48.97
C MET F 394 -42.72 -43.34 -49.23
N PHE F 395 -42.91 -42.12 -48.71
CA PHE F 395 -41.93 -41.06 -48.92
C PHE F 395 -40.59 -41.39 -48.26
N ILE F 396 -40.61 -41.93 -47.04
CA ILE F 396 -39.38 -42.38 -46.41
C ILE F 396 -38.69 -43.44 -47.27
N MET F 397 -39.46 -44.43 -47.74
CA MET F 397 -38.89 -45.44 -48.62
C MET F 397 -38.24 -44.82 -49.85
N THR F 398 -38.88 -43.82 -50.46
CA THR F 398 -38.36 -43.22 -51.68
C THR F 398 -37.05 -42.46 -51.43
N ARG F 399 -37.02 -41.66 -50.36
CA ARG F 399 -35.78 -40.97 -50.01
C ARG F 399 -34.66 -41.97 -49.78
N LEU F 400 -34.96 -43.07 -49.08
CA LEU F 400 -33.94 -44.11 -48.86
C LEU F 400 -33.41 -44.66 -50.18
N ALA F 401 -34.31 -44.92 -51.13
CA ALA F 401 -33.87 -45.45 -52.42
C ALA F 401 -32.95 -44.47 -53.15
N HIS F 402 -33.31 -43.18 -53.16
CA HIS F 402 -32.43 -42.18 -53.78
C HIS F 402 -31.05 -42.19 -53.15
N TYR F 403 -31.00 -42.09 -51.82
CA TYR F 403 -29.70 -42.10 -51.13
C TYR F 403 -28.89 -43.35 -51.45
N ILE F 404 -29.56 -44.50 -51.51
CA ILE F 404 -28.86 -45.76 -51.78
C ILE F 404 -28.24 -45.75 -53.17
N LYS F 405 -29.03 -45.40 -54.19
CA LYS F 405 -28.48 -45.31 -55.54
C LYS F 405 -27.26 -44.40 -55.58
N VAL F 406 -27.44 -43.13 -55.17
CA VAL F 406 -26.36 -42.16 -55.25
C VAL F 406 -25.12 -42.67 -54.52
N LEU F 407 -25.26 -42.97 -53.23
CA LEU F 407 -24.09 -43.27 -52.39
C LEU F 407 -23.40 -44.57 -52.80
N GLN F 408 -24.16 -45.57 -53.30
CA GLN F 408 -23.54 -46.82 -53.71
C GLN F 408 -22.75 -46.67 -54.99
N ARG F 409 -23.27 -45.87 -55.94
CA ARG F 409 -22.50 -45.56 -57.13
C ARG F 409 -21.08 -45.14 -56.81
N GLU F 410 -20.89 -44.34 -55.75
CA GLU F 410 -19.55 -43.87 -55.39
C GLU F 410 -18.69 -44.98 -54.81
N GLN F 411 -19.32 -46.04 -54.29
CA GLN F 411 -18.57 -47.16 -53.70
C GLN F 411 -18.22 -48.23 -54.71
N ILE F 412 -18.85 -48.22 -55.89
CA ILE F 412 -18.48 -49.18 -56.94
C ILE F 412 -16.98 -49.10 -57.20
N GLY F 413 -16.32 -50.27 -57.19
CA GLY F 413 -14.90 -50.38 -57.43
C GLY F 413 -14.06 -50.61 -56.19
N SER F 414 -14.62 -50.37 -55.01
CA SER F 414 -13.88 -50.56 -53.77
C SER F 414 -13.83 -52.03 -53.39
N TRP F 415 -12.85 -52.37 -52.54
CA TRP F 415 -12.64 -53.75 -52.09
C TRP F 415 -13.66 -54.09 -51.01
N LYS F 416 -14.79 -54.61 -51.44
CA LYS F 416 -15.92 -54.87 -50.57
C LYS F 416 -16.23 -56.37 -50.56
N GLU F 417 -16.13 -56.99 -49.40
CA GLU F 417 -16.66 -58.32 -49.18
C GLU F 417 -18.07 -58.20 -48.59
N LYS F 418 -18.80 -59.32 -48.58
CA LYS F 418 -20.20 -59.31 -48.15
C LYS F 418 -20.35 -58.70 -46.74
N SER F 419 -19.60 -59.23 -45.78
CA SER F 419 -19.62 -58.68 -44.43
C SER F 419 -19.23 -57.20 -44.39
N ASP F 420 -18.34 -56.77 -45.28
CA ASP F 420 -18.05 -55.34 -45.38
C ASP F 420 -19.29 -54.56 -45.76
N LEU F 421 -20.04 -55.05 -46.75
CA LEU F 421 -21.32 -54.45 -47.08
C LEU F 421 -22.25 -54.40 -45.87
N GLU F 422 -22.32 -55.50 -45.12
CA GLU F 422 -23.18 -55.53 -43.93
C GLU F 422 -22.81 -54.44 -42.93
N ARG F 423 -21.52 -54.37 -42.57
CA ARG F 423 -21.09 -53.41 -41.56
C ARG F 423 -21.34 -51.97 -42.01
N GLU F 424 -20.87 -51.63 -43.22
CA GLU F 424 -21.02 -50.27 -43.70
C GLU F 424 -22.49 -49.86 -43.79
N LEU F 425 -23.32 -50.73 -44.38
CA LEU F 425 -24.74 -50.40 -44.55
C LEU F 425 -25.44 -50.23 -43.21
N ASN F 426 -25.11 -51.07 -42.22
CA ASN F 426 -25.67 -50.87 -40.89
C ASN F 426 -25.29 -49.51 -40.32
N HIS F 427 -23.99 -49.20 -40.32
CA HIS F 427 -23.52 -47.91 -39.82
C HIS F 427 -24.20 -46.74 -40.52
N TRP F 428 -24.50 -46.89 -41.82
CA TRP F 428 -25.14 -45.80 -42.56
C TRP F 428 -26.61 -45.66 -42.19
N LEU F 429 -27.34 -46.78 -42.17
CA LEU F 429 -28.76 -46.74 -41.85
C LEU F 429 -29.00 -46.18 -40.45
N SER F 430 -28.08 -46.43 -39.51
CA SER F 430 -28.24 -45.92 -38.15
C SER F 430 -28.40 -44.39 -38.13
N GLN F 431 -27.96 -43.71 -39.18
CA GLN F 431 -27.98 -42.24 -39.20
C GLN F 431 -29.39 -41.68 -39.13
N TYR F 432 -30.39 -42.43 -39.59
CA TYR F 432 -31.77 -41.98 -39.60
C TYR F 432 -32.66 -42.74 -38.62
N ILE F 433 -32.06 -43.32 -37.58
CA ILE F 433 -32.76 -44.15 -36.61
C ILE F 433 -32.83 -43.40 -35.29
N SER F 434 -34.02 -43.38 -34.69
CA SER F 434 -34.25 -42.82 -33.37
C SER F 434 -34.87 -43.92 -32.52
N ASP F 435 -34.03 -44.78 -31.95
CA ASP F 435 -34.47 -45.90 -31.12
C ASP F 435 -34.39 -45.63 -29.64
N MET F 436 -34.83 -44.45 -29.19
CA MET F 436 -34.64 -44.05 -27.81
C MET F 436 -35.84 -44.37 -26.93
N ASP F 437 -35.77 -43.86 -25.70
CA ASP F 437 -36.82 -44.04 -24.71
C ASP F 437 -38.03 -43.16 -24.97
N ASP F 438 -38.02 -41.88 -24.58
CA ASP F 438 -39.29 -41.11 -24.67
C ASP F 438 -39.10 -39.87 -25.51
N PRO F 439 -39.82 -39.69 -26.58
CA PRO F 439 -39.21 -39.10 -27.79
C PRO F 439 -39.79 -37.76 -28.21
N ALA F 440 -38.88 -36.75 -28.30
CA ALA F 440 -39.15 -35.44 -28.87
C ALA F 440 -40.27 -35.55 -29.89
N PRO F 441 -41.54 -35.38 -29.47
CA PRO F 441 -42.64 -35.61 -30.39
C PRO F 441 -42.42 -34.69 -31.57
N ALA F 442 -42.53 -35.25 -32.78
CA ALA F 442 -42.21 -34.50 -33.98
C ALA F 442 -40.73 -34.16 -34.08
N VAL F 443 -39.90 -34.88 -33.32
CA VAL F 443 -38.44 -34.86 -33.48
C VAL F 443 -37.94 -36.13 -34.14
N ARG F 444 -38.65 -37.25 -33.95
CA ARG F 444 -38.45 -38.42 -34.78
C ARG F 444 -38.91 -38.08 -36.19
N SER F 445 -39.36 -36.84 -36.39
CA SER F 445 -39.57 -36.32 -37.73
C SER F 445 -38.26 -36.35 -38.52
N ARG F 446 -37.18 -35.81 -37.95
CA ARG F 446 -35.90 -35.80 -38.64
C ARG F 446 -35.29 -37.19 -38.73
N ARG F 447 -35.65 -38.09 -37.81
CA ARG F 447 -35.19 -39.48 -37.79
C ARG F 447 -36.44 -40.36 -37.87
N PRO F 448 -36.99 -40.56 -39.07
CA PRO F 448 -38.31 -41.21 -39.16
C PRO F 448 -38.30 -42.68 -38.82
N LEU F 449 -37.13 -43.33 -38.81
CA LEU F 449 -37.04 -44.75 -38.55
C LEU F 449 -36.84 -45.03 -37.06
N ARG F 450 -37.47 -46.10 -36.59
CA ARG F 450 -37.28 -46.64 -35.25
C ARG F 450 -36.38 -47.87 -35.23
N ALA F 451 -36.54 -48.76 -36.20
CA ALA F 451 -35.71 -49.96 -36.29
C ALA F 451 -35.37 -50.22 -37.75
N ALA F 452 -34.33 -51.03 -37.96
CA ALA F 452 -33.91 -51.36 -39.32
C ALA F 452 -33.01 -52.59 -39.28
N ARG F 453 -33.17 -53.44 -40.30
CA ARG F 453 -32.40 -54.67 -40.42
C ARG F 453 -31.91 -54.80 -41.86
N VAL F 454 -30.65 -55.21 -42.01
CA VAL F 454 -30.00 -55.34 -43.31
C VAL F 454 -29.31 -56.70 -43.36
N VAL F 455 -29.53 -57.43 -44.45
CA VAL F 455 -28.90 -58.72 -44.69
C VAL F 455 -28.28 -58.69 -46.07
N VAL F 456 -27.07 -59.25 -46.20
CA VAL F 456 -26.32 -59.22 -47.46
C VAL F 456 -25.89 -60.64 -47.80
N GLU F 457 -26.23 -61.09 -49.00
CA GLU F 457 -25.81 -62.38 -49.51
C GLU F 457 -25.04 -62.18 -50.81
N ASP F 458 -24.50 -63.28 -51.31
CA ASP F 458 -23.68 -63.25 -52.52
C ASP F 458 -24.45 -63.78 -53.71
N VAL F 459 -24.29 -63.12 -54.85
CA VAL F 459 -24.84 -63.61 -56.11
C VAL F 459 -23.93 -64.74 -56.58
N GLU F 460 -24.36 -65.98 -56.37
CA GLU F 460 -23.52 -67.14 -56.67
C GLU F 460 -23.19 -67.19 -58.15
N GLY F 461 -21.92 -67.47 -58.45
CA GLY F 461 -21.48 -67.48 -59.84
C GLY F 461 -21.25 -66.11 -60.42
N GLN F 462 -21.21 -65.07 -59.58
CA GLN F 462 -20.97 -63.70 -60.05
C GLN F 462 -20.21 -62.96 -58.96
N PRO F 463 -18.89 -63.11 -58.93
CA PRO F 463 -18.10 -62.49 -57.85
C PRO F 463 -18.10 -60.97 -57.98
N GLY F 464 -18.28 -60.30 -56.83
CA GLY F 464 -18.39 -58.86 -56.79
C GLY F 464 -19.80 -58.33 -56.71
N TRP F 465 -20.81 -59.17 -56.98
CA TRP F 465 -22.21 -58.78 -56.93
C TRP F 465 -22.85 -59.37 -55.68
N TYR F 466 -23.75 -58.61 -55.08
CA TYR F 466 -24.40 -59.01 -53.83
C TYR F 466 -25.90 -58.75 -53.91
N ARG F 467 -26.63 -59.45 -53.05
CA ARG F 467 -28.08 -59.29 -52.92
C ARG F 467 -28.35 -58.76 -51.51
N CYS F 468 -28.92 -57.56 -51.43
CA CYS F 468 -29.12 -56.87 -50.17
C CYS F 468 -30.60 -56.75 -49.86
N SER F 469 -30.95 -56.98 -48.60
CA SER F 469 -32.32 -56.87 -48.11
C SER F 469 -32.32 -55.86 -46.96
N LEU F 470 -33.16 -54.83 -47.08
CA LEU F 470 -33.27 -53.76 -46.09
C LEU F 470 -34.73 -53.63 -45.70
N GLN F 471 -35.02 -53.86 -44.41
CA GLN F 471 -36.36 -53.77 -43.87
C GLN F 471 -36.35 -52.74 -42.74
N VAL F 472 -37.35 -51.88 -42.71
CA VAL F 472 -37.38 -50.76 -41.78
C VAL F 472 -38.69 -50.71 -41.03
N ARG F 473 -38.62 -50.34 -39.76
CA ARG F 473 -39.78 -50.09 -38.92
C ARG F 473 -39.79 -48.61 -38.56
N PRO F 474 -40.64 -47.81 -39.20
CA PRO F 474 -40.69 -46.38 -38.90
C PRO F 474 -41.70 -46.07 -37.81
N HIS F 475 -41.62 -44.85 -37.30
CA HIS F 475 -42.54 -44.42 -36.26
C HIS F 475 -43.96 -44.31 -36.80
N PHE F 476 -44.93 -44.63 -35.95
CA PHE F 476 -46.34 -44.62 -36.35
C PHE F 476 -46.96 -43.25 -36.19
N LEU G 30 -33.80 -59.27 -2.65
CA LEU G 30 -35.05 -60.02 -2.65
C LEU G 30 -36.09 -59.37 -1.76
N PRO G 31 -37.25 -59.06 -2.33
CA PRO G 31 -38.32 -58.46 -1.51
C PRO G 31 -38.88 -59.47 -0.52
N LEU G 32 -39.64 -58.94 0.43
CA LEU G 32 -40.32 -59.76 1.44
C LEU G 32 -41.79 -59.84 1.01
N LYS G 33 -42.17 -60.96 0.41
CA LYS G 33 -43.51 -61.16 -0.13
C LYS G 33 -44.28 -62.11 0.77
N VAL G 34 -45.47 -61.69 1.19
CA VAL G 34 -46.34 -62.48 2.04
C VAL G 34 -47.60 -62.86 1.26
N LEU G 35 -48.12 -64.04 1.57
CA LEU G 35 -49.32 -64.57 0.92
C LEU G 35 -50.41 -64.70 1.99
N MET G 36 -51.43 -63.85 1.89
CA MET G 36 -52.57 -63.90 2.79
C MET G 36 -53.64 -64.77 2.13
N LEU G 37 -53.89 -65.94 2.73
CA LEU G 37 -54.88 -66.88 2.21
C LEU G 37 -56.05 -66.91 3.18
N GLY G 38 -57.26 -66.74 2.66
CA GLY G 38 -58.42 -66.73 3.53
C GLY G 38 -59.71 -66.53 2.77
N ASP G 39 -60.81 -66.62 3.51
CA ASP G 39 -62.17 -66.54 2.96
C ASP G 39 -62.61 -65.08 2.94
N PHE G 40 -62.19 -64.37 1.90
CA PHE G 40 -62.50 -62.96 1.76
C PHE G 40 -63.85 -62.70 1.12
N THR G 41 -64.56 -63.74 0.69
CA THR G 41 -65.88 -63.59 0.08
C THR G 41 -66.91 -64.35 0.90
N GLY G 42 -68.18 -64.08 0.60
CA GLY G 42 -69.26 -64.76 1.28
C GLY G 42 -69.58 -66.15 0.78
N GLN G 43 -68.85 -66.64 -0.22
CA GLN G 43 -69.10 -67.96 -0.76
C GLN G 43 -67.85 -68.48 -1.43
N GLU G 44 -67.77 -69.80 -1.56
CA GLU G 44 -66.65 -70.43 -2.24
C GLU G 44 -66.79 -70.26 -3.75
N ASP G 45 -65.65 -70.32 -4.44
CA ASP G 45 -65.63 -70.15 -5.88
C ASP G 45 -65.64 -71.50 -6.58
N ALA G 46 -66.29 -71.54 -7.75
CA ALA G 46 -66.29 -72.77 -8.54
C ALA G 46 -64.95 -72.99 -9.23
N ARG G 47 -64.18 -71.94 -9.45
CA ARG G 47 -62.90 -72.06 -10.13
C ARG G 47 -61.93 -72.86 -9.25
N PRO G 48 -61.16 -73.79 -9.82
CA PRO G 48 -60.23 -74.57 -9.01
C PRO G 48 -59.13 -73.68 -8.43
N LEU G 49 -58.54 -74.16 -7.34
CA LEU G 49 -57.56 -73.36 -6.61
C LEU G 49 -56.36 -73.03 -7.49
N GLU G 50 -55.91 -73.98 -8.31
CA GLU G 50 -54.77 -73.73 -9.19
C GLU G 50 -55.11 -72.77 -10.32
N GLN G 51 -56.40 -72.52 -10.57
CA GLN G 51 -56.82 -71.62 -11.64
C GLN G 51 -57.06 -70.20 -11.13
N ARG G 52 -57.69 -70.06 -9.97
CA ARG G 52 -57.90 -68.74 -9.39
C ARG G 52 -56.56 -68.07 -9.12
N ALA G 53 -56.51 -66.76 -9.34
CA ALA G 53 -55.23 -66.07 -9.27
C ALA G 53 -55.10 -65.24 -8.00
N PRO G 54 -53.89 -64.93 -7.58
CA PRO G 54 -53.71 -64.04 -6.43
C PRO G 54 -53.72 -62.59 -6.87
N ILE G 55 -53.96 -61.70 -5.91
CA ILE G 55 -54.08 -60.27 -6.19
C ILE G 55 -53.04 -59.50 -5.39
N ASN G 56 -52.26 -58.66 -6.07
CA ASN G 56 -51.26 -57.85 -5.40
C ASN G 56 -51.93 -56.64 -4.75
N VAL G 57 -51.65 -56.43 -3.46
CA VAL G 57 -52.34 -55.41 -2.67
C VAL G 57 -51.31 -54.44 -2.10
N ASP G 58 -51.66 -53.15 -2.09
CA ASP G 58 -50.80 -52.11 -1.57
C ASP G 58 -51.68 -50.93 -1.14
N LYS G 59 -51.05 -49.97 -0.45
CA LYS G 59 -51.80 -48.87 0.14
C LYS G 59 -52.46 -47.99 -0.92
N ALA G 60 -51.93 -47.98 -2.14
CA ALA G 60 -52.44 -47.12 -3.20
C ALA G 60 -53.53 -47.77 -4.04
N ASN G 61 -54.06 -48.91 -3.62
CA ASN G 61 -55.09 -49.58 -4.42
C ASN G 61 -55.92 -50.59 -3.64
N PHE G 62 -55.86 -50.54 -2.31
CA PHE G 62 -56.60 -51.50 -1.50
C PHE G 62 -58.11 -51.42 -1.77
N ASN G 63 -58.65 -50.19 -1.72
CA ASN G 63 -60.08 -50.01 -1.99
C ASN G 63 -60.44 -50.48 -3.38
N GLU G 64 -59.60 -50.18 -4.37
CA GLU G 64 -59.83 -50.67 -5.72
C GLU G 64 -59.86 -52.19 -5.77
N VAL G 65 -59.01 -52.84 -4.96
CA VAL G 65 -59.01 -54.29 -4.88
C VAL G 65 -60.33 -54.80 -4.30
N MET G 66 -60.85 -54.11 -3.29
CA MET G 66 -62.16 -54.48 -2.75
C MET G 66 -63.25 -54.36 -3.82
N ALA G 67 -63.30 -53.20 -4.50
CA ALA G 67 -64.34 -52.98 -5.51
C ALA G 67 -64.27 -54.01 -6.63
N GLN G 68 -63.06 -54.35 -7.08
CA GLN G 68 -62.91 -55.35 -8.14
C GLN G 68 -63.24 -56.75 -7.65
N GLN G 69 -62.95 -57.04 -6.38
CA GLN G 69 -63.30 -58.34 -5.82
C GLN G 69 -64.80 -58.52 -5.69
N ASN G 70 -65.53 -57.44 -5.39
CA ASN G 70 -66.99 -57.46 -5.37
C ASN G 70 -67.53 -58.27 -4.20
N LEU G 71 -67.94 -57.59 -3.12
CA LEU G 71 -68.38 -58.25 -1.91
C LEU G 71 -69.91 -58.30 -1.84
N LYS G 72 -70.44 -59.44 -1.39
CA LYS G 72 -71.88 -59.61 -1.30
C LYS G 72 -72.21 -60.56 -0.16
N VAL G 73 -73.24 -60.22 0.60
CA VAL G 73 -73.68 -61.02 1.75
C VAL G 73 -75.20 -61.16 1.67
N THR G 74 -75.67 -62.38 1.47
CA THR G 74 -77.09 -62.71 1.51
C THR G 74 -77.32 -63.45 2.82
N LEU G 75 -78.03 -62.81 3.75
CA LEU G 75 -78.14 -63.39 5.09
C LEU G 75 -79.45 -62.95 5.74
N THR G 76 -79.91 -63.75 6.70
CA THR G 76 -81.16 -63.51 7.40
C THR G 76 -80.87 -63.30 8.89
N ALA G 77 -81.42 -62.22 9.43
CA ALA G 77 -81.32 -61.92 10.85
C ALA G 77 -82.73 -61.77 11.42
N ALA G 78 -82.82 -61.80 12.75
CA ALA G 78 -84.10 -61.67 13.42
C ALA G 78 -84.69 -60.29 13.16
N ASP G 79 -85.96 -60.26 12.82
CA ASP G 79 -86.66 -59.00 12.51
C ASP G 79 -87.15 -58.39 13.82
N LYS G 80 -86.41 -57.42 14.35
CA LYS G 80 -86.73 -56.75 15.59
C LYS G 80 -87.50 -55.44 15.38
N LEU G 81 -88.02 -55.22 14.17
CA LEU G 81 -88.87 -54.07 13.90
C LEU G 81 -90.32 -54.32 14.30
N SER G 82 -90.65 -55.52 14.77
CA SER G 82 -91.98 -55.85 15.24
C SER G 82 -91.86 -56.69 16.50
N ALA G 83 -92.95 -57.31 16.92
CA ALA G 83 -92.96 -58.15 18.12
C ALA G 83 -93.37 -59.59 17.80
N ASP G 84 -92.78 -60.15 16.74
CA ASP G 84 -93.11 -61.50 16.29
C ASP G 84 -91.85 -62.33 16.23
N PRO G 85 -91.74 -63.42 17.01
CA PRO G 85 -90.53 -64.25 16.94
C PRO G 85 -90.37 -64.98 15.63
N ASN G 86 -91.46 -65.17 14.88
CA ASN G 86 -91.38 -65.80 13.57
C ASN G 86 -91.02 -64.82 12.47
N ALA G 87 -90.91 -63.54 12.78
CA ALA G 87 -90.56 -62.52 11.79
C ALA G 87 -89.05 -62.52 11.57
N THR G 88 -88.63 -62.70 10.32
CA THR G 88 -87.23 -62.71 9.96
C THR G 88 -87.01 -61.74 8.80
N MET G 89 -85.81 -61.19 8.72
CA MET G 89 -85.45 -60.19 7.71
C MET G 89 -84.25 -60.69 6.92
N ASN G 90 -84.41 -60.81 5.60
CA ASN G 90 -83.34 -61.24 4.72
C ASN G 90 -82.78 -60.02 4.00
N VAL G 91 -81.46 -59.88 4.02
CA VAL G 91 -80.76 -58.73 3.45
C VAL G 91 -79.71 -59.22 2.46
N SER G 92 -79.44 -58.38 1.47
CA SER G 92 -78.43 -58.62 0.44
C SER G 92 -77.53 -57.39 0.38
N LEU G 93 -76.48 -57.40 1.21
CA LEU G 93 -75.56 -56.28 1.28
C LEU G 93 -74.46 -56.43 0.23
N GLN G 94 -73.97 -55.29 -0.27
CA GLN G 94 -72.93 -55.25 -1.27
C GLN G 94 -71.83 -54.31 -0.81
N PHE G 95 -70.58 -54.72 -1.04
CA PHE G 95 -69.41 -53.99 -0.54
C PHE G 95 -68.42 -53.76 -1.67
N LYS G 96 -67.99 -52.49 -1.79
CA LYS G 96 -66.91 -52.07 -2.67
C LYS G 96 -65.73 -51.46 -1.92
N ASN G 97 -65.95 -50.94 -0.71
CA ASN G 97 -64.90 -50.39 0.13
C ASN G 97 -65.27 -50.59 1.60
N LEU G 98 -64.28 -50.40 2.47
CA LEU G 98 -64.50 -50.60 3.90
C LEU G 98 -65.57 -49.68 4.46
N ASN G 99 -65.72 -48.48 3.89
CA ASN G 99 -66.77 -47.56 4.34
C ASN G 99 -68.15 -48.16 4.17
N ASP G 100 -68.30 -49.14 3.27
CA ASP G 100 -69.57 -49.83 3.07
C ASP G 100 -69.95 -50.74 4.23
N PHE G 101 -69.07 -50.92 5.21
CA PHE G 101 -69.39 -51.67 6.41
C PHE G 101 -69.99 -50.80 7.51
N SER G 102 -70.09 -49.50 7.29
CA SER G 102 -70.64 -48.60 8.29
C SER G 102 -72.15 -48.74 8.37
N PRO G 103 -72.73 -48.45 9.54
CA PRO G 103 -74.19 -48.53 9.67
C PRO G 103 -74.96 -47.65 8.71
N GLU G 104 -74.38 -46.53 8.27
CA GLU G 104 -75.04 -45.69 7.27
C GLU G 104 -75.25 -46.45 5.97
N SER G 105 -74.19 -47.09 5.47
CA SER G 105 -74.32 -47.95 4.28
C SER G 105 -75.26 -49.12 4.52
N VAL G 106 -75.14 -49.78 5.68
CA VAL G 106 -76.03 -50.90 6.00
C VAL G 106 -77.49 -50.46 5.90
N VAL G 107 -77.82 -49.30 6.47
CA VAL G 107 -79.18 -48.78 6.39
C VAL G 107 -79.53 -48.43 4.96
N ASN G 108 -78.60 -47.83 4.22
CA ASN G 108 -78.85 -47.48 2.83
C ASN G 108 -79.20 -48.70 1.99
N GLN G 109 -78.67 -49.87 2.34
CA GLN G 109 -78.86 -51.09 1.57
C GLN G 109 -79.99 -51.97 2.08
N VAL G 110 -80.70 -51.57 3.12
CA VAL G 110 -81.78 -52.34 3.70
C VAL G 110 -83.03 -51.46 3.76
N PRO G 111 -83.94 -51.60 2.78
CA PRO G 111 -85.09 -50.67 2.73
C PRO G 111 -85.94 -50.62 3.99
N GLU G 112 -86.04 -51.76 4.71
CA GLU G 112 -86.79 -51.80 5.96
C GLU G 112 -86.22 -50.85 7.01
N LEU G 113 -84.96 -50.46 6.87
CA LEU G 113 -84.33 -49.45 7.73
C LEU G 113 -84.18 -48.10 7.04
N LYS G 114 -83.92 -48.10 5.73
CA LYS G 114 -83.75 -46.85 5.00
C LYS G 114 -85.05 -46.03 5.02
N LYS G 115 -86.20 -46.70 4.87
CA LYS G 115 -87.47 -46.02 5.01
C LYS G 115 -87.64 -45.41 6.40
N LEU G 116 -87.13 -46.09 7.43
CA LEU G 116 -87.20 -45.57 8.79
C LEU G 116 -86.27 -44.38 8.98
N LEU G 117 -85.14 -44.35 8.26
CA LEU G 117 -84.25 -43.20 8.33
C LEU G 117 -84.86 -42.00 7.61
N GLU G 118 -85.50 -42.24 6.46
CA GLU G 118 -86.23 -41.16 5.79
C GLU G 118 -87.35 -40.63 6.67
N LEU G 119 -88.05 -41.52 7.37
CA LEU G 119 -89.08 -41.08 8.31
C LEU G 119 -88.46 -40.25 9.44
N ARG G 120 -87.29 -40.67 9.92
CA ARG G 120 -86.59 -39.89 10.93
C ARG G 120 -86.31 -38.48 10.43
N SER G 121 -85.74 -38.36 9.23
CA SER G 121 -85.46 -37.04 8.66
C SER G 121 -86.74 -36.22 8.53
N ALA G 122 -87.84 -36.85 8.11
CA ALA G 122 -89.10 -36.12 8.00
C ALA G 122 -89.58 -35.60 9.34
N LEU G 123 -89.49 -36.42 10.39
CA LEU G 123 -89.95 -36.02 11.71
C LEU G 123 -89.06 -34.93 12.31
N ASN G 124 -87.75 -35.02 12.10
CA ASN G 124 -86.86 -33.98 12.60
C ASN G 124 -87.08 -32.67 11.86
N ALA G 125 -87.30 -32.73 10.55
CA ALA G 125 -87.60 -31.54 9.77
C ALA G 125 -88.90 -30.89 10.25
N LEU G 126 -89.94 -31.71 10.46
CA LEU G 126 -91.21 -31.18 10.94
C LEU G 126 -91.08 -30.56 12.33
N LYS G 127 -90.40 -31.26 13.25
CA LYS G 127 -90.27 -30.77 14.61
C LYS G 127 -89.41 -29.52 14.70
N GLY G 128 -88.45 -29.37 13.78
CA GLY G 128 -87.63 -28.18 13.73
C GLY G 128 -88.27 -27.08 12.91
N PRO G 129 -89.49 -27.35 12.39
CA PRO G 129 -90.22 -26.32 11.65
C PRO G 129 -89.63 -26.01 10.28
N LEU G 130 -88.84 -26.94 9.76
CA LEU G 130 -88.17 -26.74 8.49
C LEU G 130 -89.10 -26.89 7.29
N GLY G 131 -90.24 -27.55 7.47
CA GLY G 131 -91.20 -27.71 6.40
C GLY G 131 -92.62 -27.60 6.93
N ASN G 132 -93.54 -27.26 6.05
CA ASN G 132 -94.93 -27.11 6.43
C ASN G 132 -95.66 -28.46 6.40
N LEU G 133 -96.86 -28.47 6.95
CA LEU G 133 -97.63 -29.71 7.04
C LEU G 133 -97.97 -30.30 5.68
N PRO G 134 -98.29 -29.53 4.64
CA PRO G 134 -98.56 -30.16 3.34
C PRO G 134 -97.37 -30.90 2.75
N ALA G 135 -96.20 -30.26 2.76
CA ALA G 135 -94.97 -30.93 2.34
C ALA G 135 -94.72 -32.17 3.20
N PHE G 136 -94.91 -32.05 4.52
CA PHE G 136 -94.72 -33.20 5.41
C PHE G 136 -95.60 -34.37 4.99
N ARG G 137 -96.88 -34.09 4.70
CA ARG G 137 -97.79 -35.15 4.30
C ARG G 137 -97.38 -35.79 2.98
N LYS G 138 -97.03 -34.97 1.98
CA LYS G 138 -96.61 -35.51 0.70
C LYS G 138 -95.40 -36.43 0.86
N LYS G 139 -94.35 -35.95 1.53
CA LYS G 139 -93.15 -36.76 1.73
C LYS G 139 -93.45 -38.03 2.53
N LEU G 140 -94.34 -37.95 3.51
CA LEU G 140 -94.71 -39.14 4.28
C LEU G 140 -95.35 -40.18 3.37
N GLN G 141 -96.30 -39.76 2.54
CA GLN G 141 -96.88 -40.68 1.56
C GLN G 141 -95.79 -41.31 0.70
N ALA G 142 -94.83 -40.49 0.23
CA ALA G 142 -93.73 -40.99 -0.57
C ALA G 142 -92.96 -42.08 0.17
N LEU G 143 -92.64 -41.84 1.44
CA LEU G 143 -91.86 -42.81 2.21
C LEU G 143 -92.62 -44.11 2.40
N LEU G 144 -93.89 -44.02 2.78
CA LEU G 144 -94.68 -45.20 3.07
C LEU G 144 -95.15 -45.94 1.83
N ALA G 145 -94.95 -45.38 0.63
CA ALA G 145 -95.45 -46.02 -0.58
C ALA G 145 -94.65 -47.26 -0.97
N ASP G 146 -93.44 -47.42 -0.44
CA ASP G 146 -92.55 -48.52 -0.81
C ASP G 146 -93.22 -49.88 -0.64
N GLU G 147 -93.36 -50.62 -1.75
CA GLU G 147 -94.10 -51.88 -1.73
C GLU G 147 -93.37 -52.99 -0.98
N ASP G 148 -92.06 -52.86 -0.74
CA ASP G 148 -91.32 -53.88 -0.02
C ASP G 148 -91.50 -53.81 1.49
N GLY G 149 -92.14 -52.74 1.99
CA GLY G 149 -92.34 -52.61 3.42
C GLY G 149 -93.56 -53.39 3.89
N ARG G 150 -93.52 -53.80 5.16
CA ARG G 150 -94.65 -54.47 5.77
C ARG G 150 -95.65 -53.45 6.28
N LYS G 151 -96.93 -53.87 6.26
CA LYS G 151 -97.98 -53.00 6.79
C LYS G 151 -97.78 -52.71 8.27
N ALA G 152 -97.29 -53.69 9.03
CA ALA G 152 -97.00 -53.47 10.44
C ALA G 152 -95.95 -52.38 10.62
N LEU G 153 -94.86 -52.45 9.84
CA LEU G 153 -93.85 -51.40 9.88
C LEU G 153 -94.46 -50.05 9.50
N ILE G 154 -95.29 -50.02 8.46
CA ILE G 154 -95.94 -48.78 8.06
C ILE G 154 -96.77 -48.20 9.20
N LYS G 155 -97.49 -49.06 9.92
CA LYS G 155 -98.31 -48.59 11.04
C LYS G 155 -97.43 -48.05 12.17
N GLU G 156 -96.32 -48.75 12.47
CA GLU G 156 -95.40 -48.26 13.49
C GLU G 156 -94.81 -46.91 13.11
N LEU G 157 -94.56 -46.68 11.81
CA LEU G 157 -94.01 -45.40 11.36
C LEU G 157 -95.05 -44.30 11.46
N GLY G 158 -96.28 -44.58 11.04
CA GLY G 158 -97.34 -43.58 11.14
C GLY G 158 -97.71 -43.25 12.58
N LEU G 159 -97.50 -44.19 13.51
CA LEU G 159 -97.76 -43.94 14.91
C LEU G 159 -96.80 -42.92 15.52
N THR G 160 -95.71 -42.59 14.83
CA THR G 160 -94.75 -41.61 15.31
C THR G 160 -95.09 -40.18 14.88
N GLU G 161 -96.08 -40.01 14.00
CA GLU G 161 -96.44 -38.68 13.52
C GLU G 161 -97.28 -37.96 14.56
N GLU G 162 -96.87 -36.74 14.91
CA GLU G 162 -97.63 -35.94 15.85
C GLU G 162 -99.03 -35.67 15.30
N THR G 163 -100.01 -35.58 16.20
CA THR G 163 -101.40 -35.48 15.78
C THR G 163 -101.67 -34.22 14.97
N LYS G 164 -100.99 -33.13 15.31
CA LYS G 164 -101.21 -31.85 14.65
C LYS G 164 -100.66 -31.86 13.23
N ASP H 63 -94.78 -29.00 22.27
CA ASP H 63 -95.19 -29.97 21.27
C ASP H 63 -93.98 -30.70 20.69
N LYS H 64 -92.92 -29.93 20.42
CA LYS H 64 -91.72 -30.48 19.81
C LYS H 64 -91.08 -31.54 20.70
N ALA H 65 -91.26 -31.44 22.02
CA ALA H 65 -90.70 -32.45 22.92
C ALA H 65 -91.28 -33.83 22.62
N LEU H 66 -92.57 -33.90 22.31
CA LEU H 66 -93.19 -35.16 21.95
C LEU H 66 -92.63 -35.71 20.64
N VAL H 67 -92.40 -34.83 19.67
CA VAL H 67 -91.80 -35.27 18.40
C VAL H 67 -90.40 -35.82 18.64
N ASP H 68 -89.64 -35.15 19.52
CA ASP H 68 -88.31 -35.65 19.87
C ASP H 68 -88.39 -37.01 20.54
N ALA H 69 -89.39 -37.22 21.40
CA ALA H 69 -89.61 -38.54 21.98
C ALA H 69 -89.89 -39.57 20.89
N MET H 70 -90.67 -39.17 19.87
CA MET H 70 -90.92 -40.04 18.73
C MET H 70 -89.61 -40.40 18.03
N ILE H 71 -88.72 -39.43 17.87
CA ILE H 71 -87.42 -39.71 17.25
C ILE H 71 -86.60 -40.66 18.13
N ALA H 72 -86.71 -40.51 19.44
CA ALA H 72 -85.97 -41.39 20.35
C ALA H 72 -86.44 -42.84 20.21
N GLU H 73 -87.75 -43.05 20.20
CA GLU H 73 -88.27 -44.41 20.06
C GLU H 73 -87.95 -44.98 18.68
N ILE H 74 -88.06 -44.16 17.63
CA ILE H 74 -87.77 -44.63 16.27
C ILE H 74 -86.32 -45.06 16.16
N ASP H 75 -85.40 -44.22 16.65
CA ASP H 75 -83.99 -44.58 16.65
C ASP H 75 -83.72 -45.80 17.52
N LYS H 76 -84.50 -45.97 18.59
CA LYS H 76 -84.34 -47.15 19.44
C LYS H 76 -84.63 -48.43 18.69
N ARG H 77 -85.77 -48.47 17.98
CA ARG H 77 -86.09 -49.66 17.20
C ARG H 77 -85.07 -49.89 16.08
N LEU H 78 -84.76 -48.83 15.32
CA LEU H 78 -83.81 -48.96 14.21
C LEU H 78 -82.47 -49.51 14.71
N SER H 79 -81.97 -49.00 15.84
CA SER H 79 -80.73 -49.53 16.40
C SER H 79 -80.91 -50.97 16.87
N SER H 80 -82.10 -51.31 17.35
CA SER H 80 -82.39 -52.70 17.69
C SER H 80 -82.13 -53.63 16.51
N GLN H 81 -82.56 -53.25 15.31
CA GLN H 81 -82.32 -54.12 14.15
C GLN H 81 -80.88 -54.02 13.64
N VAL H 82 -80.34 -52.80 13.58
CA VAL H 82 -78.98 -52.59 13.13
C VAL H 82 -78.00 -53.43 13.94
N ASN H 83 -78.26 -53.59 15.25
CA ASN H 83 -77.43 -54.46 16.06
C ASN H 83 -77.47 -55.91 15.56
N GLU H 84 -78.64 -56.36 15.10
CA GLU H 84 -78.74 -57.71 14.55
C GLU H 84 -77.90 -57.84 13.28
N ILE H 85 -77.89 -56.80 12.44
CA ILE H 85 -77.05 -56.84 11.24
C ILE H 85 -75.57 -56.85 11.61
N LEU H 86 -75.15 -55.92 12.47
CA LEU H 86 -73.72 -55.74 12.75
C LEU H 86 -73.15 -56.86 13.62
N HIS H 87 -74.01 -57.59 14.33
CA HIS H 87 -73.59 -58.71 15.15
C HIS H 87 -73.84 -60.05 14.48
N ALA H 88 -74.18 -60.05 13.19
CA ALA H 88 -74.36 -61.30 12.45
C ALA H 88 -73.00 -61.93 12.17
N LYS H 89 -72.91 -63.24 12.35
CA LYS H 89 -71.63 -63.94 12.24
C LYS H 89 -71.07 -63.87 10.83
N GLU H 90 -71.94 -63.97 9.82
CA GLU H 90 -71.46 -63.87 8.44
C GLU H 90 -70.94 -62.47 8.13
N PHE H 91 -71.72 -61.45 8.48
CA PHE H 91 -71.29 -60.07 8.28
C PHE H 91 -69.96 -59.82 8.98
N GLN H 92 -69.82 -60.27 10.23
CA GLN H 92 -68.58 -60.06 10.96
C GLN H 92 -67.43 -60.85 10.35
N LYS H 93 -67.72 -62.02 9.78
CA LYS H 93 -66.67 -62.76 9.06
C LYS H 93 -66.12 -61.93 7.93
N LEU H 94 -66.97 -61.47 7.02
CA LEU H 94 -66.51 -60.65 5.90
C LEU H 94 -65.77 -59.41 6.41
N GLU H 95 -66.43 -58.62 7.27
CA GLU H 95 -65.88 -57.36 7.75
C GLU H 95 -64.52 -57.57 8.39
N SER H 96 -64.44 -58.45 9.40
CA SER H 96 -63.18 -58.70 10.08
C SER H 96 -62.09 -59.17 9.13
N SER H 97 -62.46 -59.97 8.13
CA SER H 97 -61.50 -60.35 7.10
C SER H 97 -60.89 -59.12 6.44
N TRP H 98 -61.73 -58.26 5.85
CA TRP H 98 -61.21 -57.11 5.10
C TRP H 98 -60.51 -56.09 6.00
N ARG H 99 -61.12 -55.79 7.16
CA ARG H 99 -60.60 -54.76 8.04
C ARG H 99 -59.27 -55.19 8.67
N SER H 100 -59.18 -56.45 9.11
CA SER H 100 -57.90 -56.95 9.56
C SER H 100 -56.87 -56.93 8.45
N LEU H 101 -57.29 -57.25 7.22
CA LEU H 101 -56.38 -57.16 6.09
C LEU H 101 -55.80 -55.76 5.94
N LYS H 102 -56.66 -54.74 5.99
CA LYS H 102 -56.18 -53.36 5.87
C LYS H 102 -55.32 -52.97 7.06
N PHE H 103 -55.70 -53.41 8.27
CA PHE H 103 -54.90 -53.13 9.45
C PHE H 103 -53.49 -53.67 9.29
N MET H 104 -53.33 -54.81 8.59
CA MET H 104 -52.01 -55.30 8.26
C MET H 104 -51.34 -54.42 7.20
N VAL H 105 -52.05 -54.15 6.10
CA VAL H 105 -51.42 -53.54 4.93
C VAL H 105 -50.93 -52.12 5.23
N ASP H 106 -51.76 -51.33 5.91
CA ASP H 106 -51.44 -49.93 6.19
C ASP H 106 -50.38 -49.77 7.27
N ARG H 107 -49.93 -50.86 7.90
CA ARG H 107 -48.85 -50.83 8.86
C ARG H 107 -47.53 -51.29 8.28
N THR H 108 -47.51 -51.62 6.99
CA THR H 108 -46.30 -51.99 6.28
C THR H 108 -45.79 -50.80 5.47
N ASP H 109 -44.67 -51.01 4.79
CA ASP H 109 -44.01 -49.96 4.01
C ASP H 109 -43.60 -50.55 2.66
N PHE H 110 -44.47 -50.36 1.65
CA PHE H 110 -44.22 -50.90 0.32
C PHE H 110 -42.99 -50.30 -0.35
N ARG H 111 -42.48 -49.18 0.14
CA ARG H 111 -41.24 -48.62 -0.37
C ARG H 111 -40.00 -49.37 0.10
N GLU H 112 -40.15 -50.25 1.10
CA GLU H 112 -39.05 -51.04 1.61
C GLU H 112 -39.00 -52.44 1.01
N ASN H 113 -39.51 -52.61 -0.21
CA ASN H 113 -39.50 -53.90 -0.89
C ASN H 113 -40.36 -54.93 -0.17
N THR H 114 -41.52 -54.51 0.31
CA THR H 114 -42.48 -55.39 0.97
C THR H 114 -43.67 -55.58 0.04
N ARG H 115 -44.10 -56.84 -0.12
CA ARG H 115 -45.17 -57.18 -1.05
C ARG H 115 -46.14 -58.13 -0.38
N VAL H 116 -47.40 -58.09 -0.82
CA VAL H 116 -48.47 -58.89 -0.23
C VAL H 116 -49.47 -59.26 -1.31
N GLU H 117 -49.82 -60.54 -1.37
CA GLU H 117 -50.80 -61.05 -2.33
C GLU H 117 -51.94 -61.73 -1.58
N MET H 118 -53.14 -61.65 -2.14
CA MET H 118 -54.35 -62.18 -1.55
C MET H 118 -54.78 -63.42 -2.34
N LEU H 119 -55.10 -64.48 -1.61
CA LEU H 119 -55.53 -65.77 -2.17
C LEU H 119 -56.80 -66.16 -1.43
N ASN H 120 -57.93 -66.09 -2.12
CA ASN H 120 -59.23 -66.44 -1.55
C ASN H 120 -59.36 -67.95 -1.51
N ALA H 121 -59.40 -68.51 -0.31
CA ALA H 121 -59.52 -69.95 -0.16
C ALA H 121 -60.06 -70.24 1.24
N SER H 122 -61.02 -71.15 1.32
CA SER H 122 -61.53 -71.63 2.60
C SER H 122 -60.80 -72.90 2.99
N LYS H 123 -60.83 -73.19 4.30
CA LYS H 123 -60.15 -74.39 4.80
C LYS H 123 -60.70 -75.66 4.16
N GLU H 124 -62.02 -75.74 4.01
CA GLU H 124 -62.64 -76.91 3.40
C GLU H 124 -62.10 -77.15 2.00
N ASP H 125 -61.97 -76.09 1.20
CA ASP H 125 -61.43 -76.21 -0.15
C ASP H 125 -59.93 -76.48 -0.15
N LEU H 126 -59.19 -75.99 0.85
CA LEU H 126 -57.79 -76.38 0.98
C LEU H 126 -57.68 -77.88 1.17
N GLN H 127 -58.48 -78.44 2.08
CA GLN H 127 -58.52 -79.89 2.25
C GLN H 127 -58.95 -80.58 0.96
N LYS H 128 -59.91 -79.99 0.24
CA LYS H 128 -60.39 -80.59 -1.00
C LYS H 128 -59.28 -80.69 -2.03
N ASP H 129 -58.48 -79.64 -2.17
CA ASP H 129 -57.39 -79.66 -3.14
C ASP H 129 -56.28 -80.61 -2.71
N PHE H 130 -55.89 -80.56 -1.43
CA PHE H 130 -54.80 -81.40 -0.95
C PHE H 130 -55.15 -82.89 -1.00
N GLU H 131 -56.41 -83.23 -0.76
CA GLU H 131 -56.82 -84.63 -0.81
C GLU H 131 -57.09 -85.08 -2.24
N ASP H 132 -57.54 -84.15 -3.10
CA ASP H 132 -57.76 -84.48 -4.50
C ASP H 132 -56.45 -84.75 -5.22
N ALA H 133 -55.44 -83.93 -4.95
CA ALA H 133 -54.15 -84.11 -5.61
C ALA H 133 -53.49 -85.41 -5.16
N PRO H 134 -52.76 -86.09 -6.04
CA PRO H 134 -52.06 -87.31 -5.60
C PRO H 134 -50.85 -87.03 -4.72
N GLU H 135 -50.27 -85.84 -4.83
CA GLU H 135 -49.10 -85.46 -4.04
C GLU H 135 -49.08 -83.95 -3.91
N VAL H 136 -48.43 -83.47 -2.85
CA VAL H 136 -48.42 -82.04 -2.54
C VAL H 136 -47.75 -81.24 -3.65
N THR H 137 -46.81 -81.85 -4.36
CA THR H 137 -46.15 -81.18 -5.48
C THR H 137 -47.10 -80.86 -6.62
N LYS H 138 -48.30 -81.44 -6.63
CA LYS H 138 -49.30 -81.19 -7.66
C LYS H 138 -50.51 -80.42 -7.15
N SER H 139 -50.45 -79.91 -5.92
CA SER H 139 -51.54 -79.10 -5.41
C SER H 139 -51.46 -77.69 -5.99
N GLY H 140 -52.62 -77.04 -6.10
CA GLY H 140 -52.65 -75.69 -6.63
C GLY H 140 -51.89 -74.70 -5.78
N LEU H 141 -52.12 -74.75 -4.46
CA LEU H 141 -51.38 -73.88 -3.55
C LEU H 141 -49.88 -74.04 -3.73
N TYR H 142 -49.39 -75.28 -3.79
CA TYR H 142 -47.98 -75.52 -4.09
C TYR H 142 -47.60 -74.93 -5.44
N LYS H 143 -48.51 -75.02 -6.42
CA LYS H 143 -48.26 -74.43 -7.72
C LYS H 143 -47.96 -72.93 -7.61
N LEU H 144 -48.82 -72.20 -6.89
CA LEU H 144 -48.73 -70.75 -6.81
C LEU H 144 -47.79 -70.25 -5.71
N VAL H 145 -47.27 -71.15 -4.88
CA VAL H 145 -46.37 -70.75 -3.80
C VAL H 145 -44.95 -71.08 -4.21
N TYR H 146 -44.71 -72.36 -4.50
CA TYR H 146 -43.36 -72.80 -4.85
C TYR H 146 -43.10 -72.67 -6.34
N SER H 147 -43.95 -73.29 -7.16
CA SER H 147 -43.67 -73.42 -8.59
C SER H 147 -43.56 -72.08 -9.28
N ASN H 148 -44.54 -71.21 -9.08
CA ASN H 148 -44.54 -69.89 -9.73
C ASN H 148 -43.63 -68.89 -9.04
N GLU H 149 -42.89 -69.30 -8.02
CA GLU H 149 -42.06 -68.37 -7.27
C GLU H 149 -40.66 -68.90 -7.04
N TYR H 150 -40.46 -69.62 -5.94
CA TYR H 150 -39.12 -70.07 -5.54
C TYR H 150 -38.49 -70.95 -6.61
N GLY H 151 -39.29 -71.77 -7.29
CA GLY H 151 -38.75 -72.68 -8.27
C GLY H 151 -38.85 -72.18 -9.70
N VAL H 152 -38.81 -70.87 -9.88
CA VAL H 152 -38.96 -70.24 -11.20
C VAL H 152 -37.79 -69.31 -11.43
N PHE H 153 -37.00 -69.59 -12.47
CA PHE H 153 -35.91 -68.71 -12.83
C PHE H 153 -36.47 -67.37 -13.27
N GLY H 154 -35.98 -66.29 -12.66
CA GLY H 154 -36.50 -64.96 -12.91
C GLY H 154 -37.58 -64.52 -11.96
N GLY H 155 -38.14 -65.44 -11.17
CA GLY H 155 -39.18 -65.12 -10.22
C GLY H 155 -38.63 -64.71 -8.87
N LYS H 156 -39.46 -64.88 -7.84
CA LYS H 156 -39.10 -64.50 -6.49
C LYS H 156 -39.82 -65.43 -5.52
N PRO H 157 -39.21 -65.73 -4.37
CA PRO H 157 -39.81 -66.69 -3.44
C PRO H 157 -40.69 -66.00 -2.40
N TYR H 158 -41.75 -66.70 -2.01
CA TYR H 158 -42.68 -66.18 -1.02
C TYR H 158 -42.03 -66.20 0.36
N GLY H 159 -42.08 -65.06 1.06
CA GLY H 159 -41.43 -64.97 2.35
C GLY H 159 -42.13 -65.78 3.42
N ILE H 160 -43.45 -65.61 3.53
CA ILE H 160 -44.23 -66.29 4.56
C ILE H 160 -45.68 -66.32 4.12
N ILE H 161 -46.47 -67.21 4.72
CA ILE H 161 -47.87 -67.40 4.40
C ILE H 161 -48.71 -67.17 5.66
N SER H 162 -49.64 -66.22 5.57
CA SER H 162 -50.52 -65.86 6.68
C SER H 162 -51.92 -66.39 6.34
N ALA H 163 -52.41 -67.33 7.14
CA ALA H 163 -53.71 -67.96 6.93
C ALA H 163 -54.70 -67.43 7.97
N ASN H 164 -55.76 -66.78 7.50
CA ASN H 164 -56.79 -66.23 8.37
C ASN H 164 -57.79 -67.34 8.74
N TYR H 165 -57.34 -68.22 9.61
CA TYR H 165 -58.14 -69.37 10.03
C TYR H 165 -57.93 -69.64 11.51
N ASP H 166 -58.94 -70.25 12.12
CA ASP H 166 -58.86 -70.75 13.48
C ASP H 166 -58.83 -72.28 13.42
N PHE H 167 -57.97 -72.89 14.22
CA PHE H 167 -57.77 -74.34 14.20
C PHE H 167 -58.26 -74.96 15.50
N ASN H 168 -58.93 -76.10 15.38
CA ASN H 168 -59.33 -76.91 16.52
C ASN H 168 -58.52 -78.19 16.52
N VAL H 169 -58.83 -79.09 17.46
CA VAL H 169 -58.19 -80.40 17.51
C VAL H 169 -58.80 -81.38 16.50
N GLY H 170 -59.78 -80.95 15.72
CA GLY H 170 -60.43 -81.81 14.76
C GLY H 170 -59.47 -82.41 13.75
N PRO H 171 -59.77 -83.64 13.33
CA PRO H 171 -58.85 -84.32 12.39
C PRO H 171 -58.65 -83.57 11.08
N GLN H 172 -59.70 -82.93 10.56
CA GLN H 172 -59.55 -82.16 9.33
C GLN H 172 -58.55 -81.03 9.52
N ASP H 173 -58.67 -80.29 10.64
CA ASP H 173 -57.73 -79.20 10.90
C ASP H 173 -56.30 -79.74 11.06
N MET H 174 -56.15 -80.86 11.77
CA MET H 174 -54.82 -81.46 11.93
C MET H 174 -54.20 -81.80 10.58
N GLU H 175 -54.97 -82.44 9.69
CA GLU H 175 -54.45 -82.81 8.38
C GLU H 175 -54.09 -81.57 7.57
N LEU H 176 -54.94 -80.55 7.60
CA LEU H 176 -54.60 -79.29 6.93
C LEU H 176 -53.28 -78.75 7.44
N LEU H 177 -53.07 -78.78 8.76
CA LEU H 177 -51.80 -78.32 9.32
C LEU H 177 -50.64 -79.16 8.81
N ARG H 178 -50.84 -80.47 8.65
CA ARG H 178 -49.78 -81.31 8.10
C ARG H 178 -49.40 -80.89 6.69
N LYS H 179 -50.40 -80.69 5.82
CA LYS H 179 -50.12 -80.27 4.45
C LYS H 179 -49.40 -78.92 4.43
N CYS H 180 -49.88 -77.96 5.23
CA CYS H 180 -49.23 -76.65 5.28
C CYS H 180 -47.79 -76.74 5.76
N ALA H 181 -47.52 -77.64 6.72
CA ALA H 181 -46.14 -77.83 7.16
C ALA H 181 -45.28 -78.38 6.04
N SER H 182 -45.81 -79.34 5.28
CA SER H 182 -45.05 -79.88 4.15
C SER H 182 -44.71 -78.79 3.13
N VAL H 183 -45.72 -78.02 2.71
CA VAL H 183 -45.48 -76.97 1.72
C VAL H 183 -44.48 -75.94 2.25
N ALA H 184 -44.68 -75.50 3.48
CA ALA H 184 -43.79 -74.51 4.07
C ALA H 184 -42.35 -75.03 4.14
N ALA H 185 -42.18 -76.32 4.43
CA ALA H 185 -40.84 -76.90 4.45
C ALA H 185 -40.23 -76.93 3.05
N MET H 186 -41.04 -77.28 2.04
CA MET H 186 -40.52 -77.36 0.68
C MET H 186 -40.10 -76.00 0.13
N ALA H 187 -40.83 -74.93 0.50
CA ALA H 187 -40.55 -73.61 -0.03
C ALA H 187 -39.73 -72.76 0.94
N HIS H 188 -39.43 -73.27 2.12
CA HIS H 188 -38.68 -72.52 3.13
C HIS H 188 -39.42 -71.26 3.57
N ALA H 189 -40.71 -71.42 3.90
CA ALA H 189 -41.55 -70.30 4.30
C ALA H 189 -42.53 -70.75 5.38
N PRO H 190 -42.57 -70.08 6.52
CA PRO H 190 -43.43 -70.54 7.60
C PRO H 190 -44.90 -70.23 7.34
N PHE H 191 -45.77 -71.04 7.94
CA PHE H 191 -47.22 -70.87 7.83
C PHE H 191 -47.75 -70.44 9.19
N ILE H 192 -48.36 -69.25 9.24
CA ILE H 192 -48.81 -68.65 10.49
C ILE H 192 -50.34 -68.59 10.49
N GLY H 193 -50.94 -68.99 11.61
CA GLY H 193 -52.38 -68.97 11.78
C GLY H 193 -52.77 -68.75 13.23
N ASN H 194 -54.02 -69.04 13.56
CA ASN H 194 -54.52 -68.85 14.92
C ASN H 194 -55.24 -70.11 15.39
N ALA H 195 -55.37 -70.22 16.71
CA ALA H 195 -56.05 -71.33 17.34
C ALA H 195 -57.39 -70.85 17.92
N ALA H 196 -58.40 -71.72 17.83
CA ALA H 196 -59.72 -71.38 18.35
C ALA H 196 -59.80 -71.68 19.85
N PRO H 197 -60.69 -70.98 20.56
CA PRO H 197 -60.79 -71.20 22.01
C PRO H 197 -61.10 -72.63 22.41
N GLU H 198 -61.98 -73.30 21.68
CA GLU H 198 -62.34 -74.69 21.98
C GLU H 198 -61.15 -75.64 21.92
N VAL H 199 -60.03 -75.19 21.34
CA VAL H 199 -58.81 -76.00 21.35
C VAL H 199 -58.37 -76.28 22.78
N PHE H 200 -58.64 -75.36 23.71
CA PHE H 200 -58.35 -75.54 25.11
C PHE H 200 -59.52 -76.09 25.90
N GLY H 201 -60.57 -76.55 25.22
CA GLY H 201 -61.75 -77.06 25.89
C GLY H 201 -62.56 -75.99 26.59
N GLU H 202 -62.48 -74.76 26.13
CA GLU H 202 -63.20 -73.64 26.74
C GLU H 202 -64.08 -72.98 25.69
N GLU H 203 -65.20 -72.40 26.17
CA GLU H 203 -66.14 -71.74 25.26
C GLU H 203 -65.49 -70.54 24.58
N SER H 204 -64.67 -69.79 25.30
CA SER H 204 -64.01 -68.62 24.76
C SER H 204 -62.74 -68.35 25.55
N PHE H 205 -61.81 -67.63 24.93
CA PHE H 205 -60.54 -67.26 25.56
C PHE H 205 -60.71 -66.65 26.93
N LEU H 206 -61.85 -66.01 27.23
CA LEU H 206 -62.12 -65.45 28.54
C LEU H 206 -62.04 -66.47 29.67
N LYS H 207 -61.99 -67.77 29.34
CA LYS H 207 -61.88 -68.83 30.34
C LYS H 207 -60.45 -69.28 30.57
N LEU H 208 -59.47 -68.63 29.92
CA LEU H 208 -58.08 -69.05 30.08
C LEU H 208 -57.59 -68.97 31.52
N PRO H 209 -57.97 -67.98 32.32
CA PRO H 209 -57.48 -67.94 33.71
C PRO H 209 -58.02 -69.08 34.58
N ASP H 210 -59.09 -69.75 34.14
CA ASP H 210 -59.63 -70.87 34.89
C ASP H 210 -58.90 -72.17 34.61
N LEU H 211 -58.05 -72.22 33.59
CA LEU H 211 -57.32 -73.44 33.25
C LEU H 211 -56.15 -73.61 34.21
N LYS H 212 -56.18 -74.70 34.98
CA LYS H 212 -55.17 -74.89 36.02
C LYS H 212 -53.86 -75.43 35.48
N ASP H 213 -53.88 -76.17 34.36
CA ASP H 213 -52.67 -76.85 33.88
C ASP H 213 -52.88 -77.27 32.44
N LEU H 214 -52.37 -76.47 31.51
CA LEU H 214 -52.48 -76.80 30.09
C LEU H 214 -51.69 -78.04 29.74
N LYS H 215 -50.48 -78.19 30.31
CA LYS H 215 -49.64 -79.34 30.01
C LYS H 215 -50.38 -80.64 30.34
N SER H 216 -51.04 -80.70 31.49
CA SER H 216 -51.85 -81.86 31.84
C SER H 216 -53.09 -81.96 30.95
N LEU H 217 -53.67 -80.81 30.58
CA LEU H 217 -54.83 -80.82 29.69
C LEU H 217 -54.51 -81.51 28.37
N PHE H 218 -53.29 -81.32 27.85
CA PHE H 218 -52.88 -81.85 26.56
C PHE H 218 -52.54 -83.34 26.60
N GLU H 219 -52.68 -84.00 27.75
CA GLU H 219 -52.40 -85.43 27.84
C GLU H 219 -53.58 -86.29 27.44
N GLY H 220 -54.77 -85.72 27.33
CA GLY H 220 -55.94 -86.47 26.97
C GLY H 220 -55.84 -87.04 25.57
N PRO H 221 -56.52 -88.16 25.33
CA PRO H 221 -56.45 -88.77 23.99
C PRO H 221 -57.00 -87.91 22.88
N GLN H 222 -57.78 -86.88 23.22
CA GLN H 222 -58.35 -85.99 22.21
C GLN H 222 -57.26 -85.28 21.41
N TYR H 223 -56.05 -85.16 21.96
CA TYR H 223 -54.96 -84.43 21.32
C TYR H 223 -53.85 -85.35 20.79
N ALA H 224 -54.16 -86.62 20.53
CA ALA H 224 -53.13 -87.54 20.06
C ALA H 224 -52.51 -87.05 18.75
N ARG H 225 -53.36 -86.69 17.78
CA ARG H 225 -52.86 -86.24 16.48
C ARG H 225 -52.01 -84.99 16.60
N TRP H 226 -52.45 -84.02 17.42
CA TRP H 226 -51.63 -82.82 17.64
C TRP H 226 -50.29 -83.19 18.26
N HIS H 227 -50.30 -84.13 19.20
CA HIS H 227 -49.06 -84.58 19.83
C HIS H 227 -48.07 -85.12 18.81
N SER H 228 -48.55 -85.96 17.87
CA SER H 228 -47.64 -86.44 16.82
C SER H 228 -47.19 -85.30 15.90
N PHE H 229 -48.10 -84.41 15.54
CA PHE H 229 -47.76 -83.27 14.70
C PHE H 229 -46.60 -82.47 15.29
N ARG H 230 -46.62 -82.25 16.60
CA ARG H 230 -45.53 -81.54 17.26
C ARG H 230 -44.19 -82.28 17.14
N GLU H 231 -44.21 -83.58 16.87
CA GLU H 231 -43.00 -84.37 16.75
C GLU H 231 -42.51 -84.49 15.32
N SER H 232 -43.36 -84.18 14.34
CA SER H 232 -42.89 -84.16 12.96
C SER H 232 -41.81 -83.10 12.75
N GLU H 233 -40.86 -83.40 11.84
CA GLU H 233 -39.79 -82.47 11.53
C GLU H 233 -40.25 -81.31 10.65
N ASP H 234 -41.45 -81.39 10.09
CA ASP H 234 -42.02 -80.29 9.34
C ASP H 234 -42.71 -79.28 10.25
N ALA H 235 -42.87 -79.59 11.53
CA ALA H 235 -43.54 -78.69 12.46
C ALA H 235 -42.81 -77.38 12.66
N ARG H 236 -41.53 -77.31 12.27
CA ARG H 236 -40.78 -76.07 12.39
C ARG H 236 -41.35 -74.95 11.53
N TYR H 237 -42.14 -75.29 10.50
CA TYR H 237 -42.71 -74.30 9.60
C TYR H 237 -44.17 -73.97 9.95
N VAL H 238 -44.62 -74.34 11.15
CA VAL H 238 -45.98 -74.07 11.59
C VAL H 238 -45.94 -73.15 12.80
N GLY H 239 -46.79 -72.13 12.79
CA GLY H 239 -46.88 -71.22 13.93
C GLY H 239 -48.31 -70.77 14.18
N LEU H 240 -48.83 -71.04 15.38
CA LEU H 240 -50.20 -70.72 15.73
C LEU H 240 -50.24 -69.73 16.88
N ALA H 241 -51.13 -68.74 16.78
CA ALA H 241 -51.30 -67.70 17.78
C ALA H 241 -52.50 -67.99 18.66
N LEU H 242 -52.51 -67.34 19.83
CA LEU H 242 -53.54 -67.59 20.84
C LEU H 242 -54.70 -66.61 20.71
N PRO H 243 -54.90 -65.75 21.72
CA PRO H 243 -56.11 -64.93 21.74
C PRO H 243 -56.18 -63.94 20.59
N ARG H 244 -57.41 -63.59 20.22
CA ARG H 244 -57.65 -62.63 19.15
C ARG H 244 -57.49 -61.21 19.71
N PHE H 245 -57.89 -60.21 18.93
CA PHE H 245 -57.72 -58.84 19.40
C PHE H 245 -58.74 -57.94 18.73
N LEU H 246 -59.19 -56.93 19.47
CA LEU H 246 -60.22 -56.02 18.96
C LEU H 246 -59.75 -55.29 17.72
N LEU H 247 -60.66 -55.12 16.77
CA LEU H 247 -60.40 -54.36 15.54
C LEU H 247 -61.17 -53.06 15.47
N ARG H 248 -62.36 -52.99 16.08
CA ARG H 248 -63.19 -51.80 16.01
C ARG H 248 -63.77 -51.49 17.38
N LEU H 249 -63.78 -50.21 17.72
CA LEU H 249 -64.46 -49.77 18.94
C LEU H 249 -65.95 -49.63 18.65
N PRO H 250 -66.82 -50.08 19.55
CA PRO H 250 -68.26 -50.09 19.25
C PRO H 250 -68.79 -48.68 18.99
N TYR H 251 -69.79 -48.60 18.12
CA TYR H 251 -70.29 -47.32 17.66
C TYR H 251 -70.90 -46.53 18.83
N GLY H 252 -70.59 -45.23 18.87
CA GLY H 252 -71.10 -44.36 19.91
C GLY H 252 -71.11 -42.90 19.48
N GLU H 253 -72.12 -42.15 19.92
CA GLU H 253 -72.31 -40.78 19.46
C GLU H 253 -71.08 -39.91 19.70
N LYS H 254 -70.24 -40.28 20.66
CA LYS H 254 -69.03 -39.52 20.98
C LYS H 254 -67.77 -40.20 20.46
N THR H 255 -67.57 -41.48 20.81
CA THR H 255 -66.31 -42.16 20.51
C THR H 255 -66.24 -42.62 19.05
N VAL H 256 -67.37 -43.01 18.47
CA VAL H 256 -67.39 -43.53 17.09
C VAL H 256 -68.73 -43.18 16.46
N PRO H 257 -68.98 -41.93 16.10
CA PRO H 257 -70.30 -41.56 15.61
C PRO H 257 -70.48 -41.87 14.14
N VAL H 258 -71.75 -41.93 13.73
CA VAL H 258 -72.13 -42.14 12.34
C VAL H 258 -73.02 -40.97 11.91
N LYS H 259 -73.24 -40.88 10.60
CA LYS H 259 -73.98 -39.75 10.05
C LYS H 259 -75.48 -39.97 10.18
N ALA H 260 -76.20 -38.87 10.34
CA ALA H 260 -77.66 -38.88 10.36
C ALA H 260 -78.20 -39.69 11.54
N PHE H 261 -78.34 -41.00 11.36
CA PHE H 261 -78.94 -41.85 12.39
C PHE H 261 -78.09 -41.83 13.65
N ASN H 262 -78.74 -41.56 14.79
CA ASN H 262 -78.05 -41.51 16.08
C ASN H 262 -77.92 -42.94 16.61
N PHE H 263 -76.92 -43.64 16.10
CA PHE H 263 -76.71 -45.04 16.41
C PHE H 263 -75.74 -45.18 17.58
N THR H 264 -76.14 -45.96 18.59
CA THR H 264 -75.31 -46.29 19.74
C THR H 264 -75.29 -47.81 19.82
N GLU H 265 -74.18 -48.41 19.42
CA GLU H 265 -74.06 -49.87 19.41
C GLU H 265 -74.13 -50.41 20.83
N ASP H 266 -74.92 -51.46 21.03
CA ASP H 266 -75.16 -52.04 22.35
C ASP H 266 -74.56 -53.44 22.39
N VAL H 267 -73.35 -53.54 22.92
CA VAL H 267 -72.71 -54.83 23.12
C VAL H 267 -73.34 -55.47 24.36
N VAL H 268 -73.89 -56.68 24.20
CA VAL H 268 -74.58 -57.36 25.29
C VAL H 268 -73.56 -58.05 26.18
N GLY H 269 -74.02 -59.05 26.94
CA GLY H 269 -73.11 -59.82 27.77
C GLY H 269 -72.13 -60.65 26.98
N HIS H 270 -72.46 -60.95 25.72
CA HIS H 270 -71.63 -61.80 24.88
C HIS H 270 -70.57 -60.94 24.20
N HIS H 271 -69.32 -61.05 24.68
CA HIS H 271 -68.20 -60.33 24.08
C HIS H 271 -67.99 -60.67 22.61
N GLU H 272 -68.60 -61.77 22.13
CA GLU H 272 -68.60 -62.08 20.71
C GLU H 272 -69.27 -60.99 19.87
N ARG H 273 -70.01 -60.08 20.50
CA ARG H 273 -70.55 -58.92 19.78
C ARG H 273 -69.43 -58.00 19.32
N TYR H 274 -68.28 -58.03 20.00
CA TYR H 274 -67.15 -57.21 19.60
C TYR H 274 -66.50 -57.78 18.34
N LEU H 275 -66.00 -56.89 17.49
CA LEU H 275 -65.39 -57.28 16.22
C LEU H 275 -63.96 -57.74 16.50
N TRP H 276 -63.84 -59.03 16.83
CA TRP H 276 -62.54 -59.62 17.09
C TRP H 276 -61.81 -59.91 15.78
N GLY H 277 -60.49 -59.88 15.84
CA GLY H 277 -59.64 -60.05 14.68
C GLY H 277 -58.52 -61.02 14.96
N HIS H 278 -58.04 -61.67 13.90
CA HIS H 278 -57.06 -62.75 14.03
C HIS H 278 -55.67 -62.17 14.26
N ALA H 279 -55.03 -62.55 15.37
CA ALA H 279 -53.75 -61.95 15.75
C ALA H 279 -52.61 -62.32 14.80
N SER H 280 -52.81 -63.34 13.95
CA SER H 280 -51.80 -63.68 12.95
C SER H 280 -51.38 -62.46 12.14
N VAL H 281 -52.31 -61.56 11.88
CA VAL H 281 -52.00 -60.34 11.13
C VAL H 281 -51.04 -59.45 11.93
N ALA H 282 -51.25 -59.36 13.25
CA ALA H 282 -50.33 -58.59 14.08
C ALA H 282 -48.92 -59.17 14.01
N LEU H 283 -48.81 -60.50 14.17
CA LEU H 283 -47.49 -61.13 14.00
C LEU H 283 -46.88 -60.79 12.64
N THR H 284 -47.69 -60.86 11.58
CA THR H 284 -47.21 -60.50 10.25
C THR H 284 -46.68 -59.07 10.20
N SER H 285 -47.36 -58.13 10.88
CA SER H 285 -46.83 -56.78 10.98
C SER H 285 -45.47 -56.77 11.65
N ARG H 286 -45.28 -57.60 12.68
CA ARG H 286 -43.96 -57.69 13.30
C ARG H 286 -42.89 -58.08 12.27
N VAL H 287 -43.12 -59.17 11.54
CA VAL H 287 -42.17 -59.59 10.51
C VAL H 287 -41.91 -58.46 9.53
N ALA H 288 -42.98 -57.78 9.10
CA ALA H 288 -42.85 -56.69 8.14
C ALA H 288 -41.94 -55.58 8.66
N ASP H 289 -42.12 -55.17 9.92
CA ASP H 289 -41.29 -54.10 10.47
C ASP H 289 -39.83 -54.50 10.55
N SER H 290 -39.56 -55.70 11.07
CA SER H 290 -38.17 -56.19 11.12
C SER H 290 -37.53 -56.12 9.73
N PHE H 291 -38.23 -56.59 8.70
CA PHE H 291 -37.67 -56.59 7.35
C PHE H 291 -37.53 -55.18 6.79
N ALA H 292 -38.46 -54.29 7.13
CA ALA H 292 -38.38 -52.92 6.63
C ALA H 292 -37.17 -52.19 7.18
N LYS H 293 -36.78 -52.52 8.42
CA LYS H 293 -35.62 -51.85 9.02
C LYS H 293 -34.30 -52.50 8.62
N PHE H 294 -34.24 -53.84 8.57
CA PHE H 294 -32.95 -54.51 8.44
C PHE H 294 -32.82 -55.47 7.27
N ARG H 295 -33.92 -55.82 6.59
CA ARG H 295 -33.91 -56.83 5.54
C ARG H 295 -33.88 -58.25 6.09
N TRP H 296 -34.09 -58.40 7.39
CA TRP H 296 -34.14 -59.70 8.05
C TRP H 296 -35.27 -59.68 9.07
N SER H 297 -35.75 -60.87 9.43
CA SER H 297 -36.93 -61.03 10.27
C SER H 297 -36.61 -61.79 11.55
N PRO H 298 -35.80 -61.21 12.44
CA PRO H 298 -35.52 -61.86 13.71
C PRO H 298 -36.03 -61.07 14.90
N ASN H 299 -36.24 -59.77 14.69
CA ASN H 299 -36.62 -58.86 15.77
C ASN H 299 -38.14 -58.74 15.84
N ILE H 300 -38.76 -59.74 16.48
CA ILE H 300 -40.22 -59.75 16.60
C ILE H 300 -40.66 -60.45 17.88
N ILE H 301 -39.81 -60.42 18.90
CA ILE H 301 -40.13 -61.14 20.14
C ILE H 301 -39.75 -60.33 21.39
N GLY H 302 -40.21 -59.09 21.47
CA GLY H 302 -39.93 -58.29 22.64
C GLY H 302 -40.65 -56.94 22.66
N PRO H 303 -40.97 -56.47 23.87
CA PRO H 303 -41.59 -55.14 23.97
C PRO H 303 -40.69 -54.03 23.47
N GLN H 304 -39.37 -54.20 23.53
CA GLN H 304 -38.43 -53.25 22.97
C GLN H 304 -37.72 -53.75 21.72
N SER H 305 -37.64 -55.08 21.54
CA SER H 305 -36.93 -55.63 20.39
C SER H 305 -37.70 -55.43 19.10
N GLY H 306 -39.03 -55.40 19.15
CA GLY H 306 -39.80 -55.22 17.94
C GLY H 306 -41.00 -56.14 17.85
N GLY H 307 -41.26 -56.89 18.92
CA GLY H 307 -42.45 -57.70 19.04
C GLY H 307 -43.61 -57.02 19.72
N ALA H 308 -43.56 -55.70 19.89
CA ALA H 308 -44.63 -54.96 20.55
C ALA H 308 -45.63 -54.48 19.51
N VAL H 309 -46.91 -54.70 19.81
CA VAL H 309 -48.02 -54.19 18.99
C VAL H 309 -48.58 -52.98 19.72
N GLU H 310 -48.46 -51.81 19.10
CA GLU H 310 -48.88 -50.57 19.72
C GLU H 310 -50.15 -50.04 19.04
N ASN H 311 -50.90 -49.24 19.79
CA ASN H 311 -52.10 -48.59 19.27
C ASN H 311 -53.28 -49.55 19.19
N LEU H 312 -53.63 -50.18 20.32
CA LEU H 312 -54.78 -51.08 20.31
C LEU H 312 -56.05 -50.31 20.66
N PRO H 313 -57.20 -50.74 20.14
CA PRO H 313 -58.44 -50.05 20.47
C PRO H 313 -58.81 -50.26 21.93
N LEU H 314 -59.46 -49.25 22.50
CA LEU H 314 -59.90 -49.29 23.89
C LEU H 314 -61.40 -48.99 23.95
N HIS H 315 -62.04 -49.38 25.05
CA HIS H 315 -63.49 -49.21 25.17
C HIS H 315 -63.84 -49.18 26.67
N GLN H 316 -63.95 -47.96 27.21
CA GLN H 316 -64.37 -47.79 28.59
C GLN H 316 -65.89 -47.81 28.68
N TYR H 317 -66.40 -48.53 29.68
CA TYR H 317 -67.84 -48.68 29.90
C TYR H 317 -68.06 -48.99 31.37
N GLU H 318 -69.30 -48.84 31.81
CA GLU H 318 -69.60 -48.95 33.24
C GLU H 318 -69.43 -50.39 33.74
N ALA H 319 -68.86 -50.52 34.93
CA ALA H 319 -68.67 -51.81 35.59
C ALA H 319 -69.69 -51.92 36.73
N MET H 320 -69.27 -52.27 37.94
CA MET H 320 -70.19 -52.30 39.08
C MET H 320 -70.31 -50.96 39.78
N GLY H 321 -70.55 -49.89 39.02
CA GLY H 321 -70.55 -48.54 39.55
C GLY H 321 -69.30 -47.76 39.21
N GLU H 322 -68.21 -48.45 38.88
CA GLU H 322 -67.08 -47.81 38.22
C GLU H 322 -67.22 -47.98 36.71
N ILE H 323 -66.13 -47.71 35.98
CA ILE H 323 -66.08 -47.80 34.53
C ILE H 323 -64.70 -48.31 34.10
N GLN H 324 -64.66 -49.50 33.48
CA GLN H 324 -63.41 -50.14 33.09
C GLN H 324 -63.39 -50.36 31.58
N THR H 325 -62.21 -50.72 31.08
CA THR H 325 -61.96 -50.82 29.66
C THR H 325 -61.91 -52.28 29.20
N LYS H 326 -62.64 -52.58 28.12
CA LYS H 326 -62.60 -53.91 27.54
C LYS H 326 -61.19 -54.19 27.05
N ILE H 327 -60.62 -55.29 27.55
CA ILE H 327 -59.23 -55.61 27.22
C ILE H 327 -59.10 -55.82 25.72
N PRO H 328 -58.09 -55.23 25.07
CA PRO H 328 -57.95 -55.43 23.62
C PRO H 328 -57.82 -56.88 23.22
N THR H 329 -57.21 -57.71 24.06
CA THR H 329 -57.26 -59.16 23.96
C THR H 329 -58.31 -59.67 24.94
N GLU H 330 -58.83 -60.86 24.64
CA GLU H 330 -59.93 -61.41 25.44
C GLU H 330 -59.58 -61.43 26.93
N VAL H 331 -58.33 -61.74 27.27
CA VAL H 331 -57.89 -61.86 28.65
C VAL H 331 -56.57 -61.13 28.82
N MET H 332 -56.24 -60.86 30.09
CA MET H 332 -54.96 -60.26 30.48
C MET H 332 -54.07 -61.40 30.93
N LEU H 333 -53.23 -61.88 30.02
CA LEU H 333 -52.43 -63.08 30.29
C LEU H 333 -51.30 -62.74 31.26
N THR H 334 -51.16 -63.55 32.31
CA THR H 334 -50.07 -63.40 33.25
C THR H 334 -48.81 -64.08 32.72
N GLU H 335 -47.68 -63.75 33.34
CA GLU H 335 -46.39 -64.28 32.87
C GLU H 335 -46.35 -65.80 32.93
N ARG H 336 -46.90 -66.39 33.99
CA ARG H 336 -46.88 -67.85 34.12
C ARG H 336 -47.73 -68.51 33.04
N ARG H 337 -48.93 -67.97 32.79
CA ARG H 337 -49.79 -68.54 31.75
C ARG H 337 -49.15 -68.40 30.37
N GLU H 338 -48.56 -67.24 30.08
CA GLU H 338 -47.85 -67.05 28.82
C GLU H 338 -46.71 -68.05 28.69
N PHE H 339 -45.99 -68.30 29.77
CA PHE H 339 -44.91 -69.27 29.74
C PHE H 339 -45.44 -70.67 29.44
N GLU H 340 -46.56 -71.05 30.06
CA GLU H 340 -47.17 -72.35 29.79
C GLU H 340 -47.55 -72.47 28.32
N LEU H 341 -48.21 -71.45 27.78
CA LEU H 341 -48.57 -71.46 26.36
C LEU H 341 -47.33 -71.59 25.47
N SER H 342 -46.24 -70.92 25.86
CA SER H 342 -45.00 -71.05 25.10
C SER H 342 -44.44 -72.46 25.16
N GLU H 343 -44.53 -73.11 26.32
CA GLU H 343 -44.13 -74.50 26.42
C GLU H 343 -45.00 -75.40 25.55
N GLU H 344 -46.27 -75.01 25.33
CA GLU H 344 -47.18 -75.75 24.47
C GLU H 344 -47.09 -75.33 23.00
N GLY H 345 -46.06 -74.57 22.64
CA GLY H 345 -45.85 -74.19 21.25
C GLY H 345 -46.87 -73.21 20.69
N PHE H 346 -47.41 -72.34 21.54
CA PHE H 346 -48.36 -71.32 21.12
C PHE H 346 -47.72 -69.94 21.18
N ILE H 347 -48.16 -69.07 20.28
CA ILE H 347 -47.65 -67.70 20.21
C ILE H 347 -48.71 -66.81 20.85
N GLY H 348 -48.54 -66.54 22.13
CA GLY H 348 -49.52 -65.74 22.85
C GLY H 348 -49.21 -64.26 22.86
N LEU H 349 -50.11 -63.45 22.30
CA LEU H 349 -49.98 -62.01 22.32
C LEU H 349 -50.50 -61.52 23.67
N VAL H 350 -49.58 -61.09 24.55
CA VAL H 350 -49.95 -60.69 25.89
C VAL H 350 -50.30 -59.20 25.92
N PHE H 351 -51.26 -58.84 26.77
CA PHE H 351 -51.72 -57.46 26.88
C PHE H 351 -50.97 -56.76 28.02
N ARG H 352 -50.43 -55.59 27.73
CA ARG H 352 -49.73 -54.80 28.74
C ARG H 352 -50.78 -54.20 29.67
N LYS H 353 -50.74 -54.61 30.93
CA LYS H 353 -51.78 -54.25 31.90
C LYS H 353 -52.09 -52.76 31.84
N ASP H 354 -53.36 -52.43 31.60
CA ASP H 354 -53.76 -51.06 31.32
C ASP H 354 -52.85 -50.41 30.29
N SER H 355 -52.86 -50.95 29.07
CA SER H 355 -52.14 -50.33 27.96
C SER H 355 -53.10 -50.19 26.80
N ASP H 356 -52.64 -49.61 25.71
CA ASP H 356 -53.10 -49.96 24.37
C ASP H 356 -52.02 -50.79 23.66
N ASN H 357 -51.19 -51.45 24.46
CA ASN H 357 -49.99 -52.13 23.97
C ASN H 357 -50.00 -53.59 24.36
N ALA H 358 -49.65 -54.44 23.39
CA ALA H 358 -49.44 -55.87 23.61
C ALA H 358 -48.04 -56.24 23.16
N ALA H 359 -47.64 -57.48 23.43
CA ALA H 359 -46.29 -57.93 23.12
C ALA H 359 -46.28 -59.43 22.87
N PHE H 360 -45.41 -59.85 21.97
CA PHE H 360 -45.13 -61.26 21.71
C PHE H 360 -43.78 -61.54 22.37
N PHE H 361 -43.82 -62.24 23.50
CA PHE H 361 -42.58 -62.50 24.24
C PHE H 361 -41.71 -63.52 23.54
N SER H 362 -42.31 -64.38 22.70
CA SER H 362 -41.55 -65.41 22.02
C SER H 362 -42.36 -65.93 20.85
N ALA H 363 -41.66 -66.46 19.85
CA ALA H 363 -42.32 -67.02 18.68
C ALA H 363 -41.84 -68.45 18.45
N ASN H 364 -42.13 -69.35 19.40
CA ASN H 364 -41.80 -70.75 19.22
C ASN H 364 -42.73 -71.37 18.19
N SER H 365 -42.20 -72.31 17.41
CA SER H 365 -42.99 -73.03 16.44
C SER H 365 -43.79 -74.13 17.15
N THR H 366 -44.58 -74.87 16.36
CA THR H 366 -45.34 -75.98 16.94
C THR H 366 -44.43 -77.12 17.37
N GLN H 367 -43.25 -77.24 16.76
CA GLN H 367 -42.37 -78.37 17.02
C GLN H 367 -41.93 -78.41 18.48
N LYS H 368 -41.98 -79.60 19.06
CA LYS H 368 -41.56 -79.81 20.44
C LYS H 368 -40.08 -80.15 20.49
N PRO H 369 -39.31 -79.57 21.40
CA PRO H 369 -37.87 -79.85 21.43
C PRO H 369 -37.60 -81.27 21.93
N ARG H 370 -36.50 -81.84 21.46
CA ARG H 370 -36.10 -83.17 21.83
C ARG H 370 -35.07 -83.12 22.95
N PHE H 371 -35.10 -84.12 23.82
CA PHE H 371 -34.19 -84.22 24.94
C PHE H 371 -33.09 -85.23 24.63
N PHE H 372 -31.86 -84.89 24.99
CA PHE H 372 -30.70 -85.73 24.76
C PHE H 372 -29.98 -86.00 26.08
N GLY H 373 -29.07 -86.96 26.04
CA GLY H 373 -28.32 -87.30 27.23
C GLY H 373 -27.49 -86.13 27.72
N ASN H 374 -27.37 -86.02 29.06
CA ASN H 374 -26.72 -84.89 29.70
C ASN H 374 -25.20 -85.07 29.67
N THR H 375 -24.64 -84.94 28.48
CA THR H 375 -23.21 -84.94 28.24
C THR H 375 -22.88 -83.71 27.41
N PRO H 376 -21.60 -83.42 27.20
CA PRO H 376 -21.27 -82.25 26.35
C PRO H 376 -21.89 -82.33 24.97
N GLU H 377 -21.70 -83.46 24.28
CA GLU H 377 -22.28 -83.62 22.94
C GLU H 377 -23.80 -83.60 22.99
N GLY H 378 -24.40 -84.25 23.98
CA GLY H 378 -25.85 -84.28 24.07
C GLY H 378 -26.46 -82.91 24.28
N LYS H 379 -25.88 -82.11 25.18
CA LYS H 379 -26.33 -80.74 25.39
C LYS H 379 -26.12 -79.89 24.13
N ALA H 380 -25.01 -80.10 23.42
CA ALA H 380 -24.84 -79.42 22.14
C ALA H 380 -25.98 -79.75 21.19
N ALA H 381 -26.35 -81.03 21.10
CA ALA H 381 -27.45 -81.44 20.25
C ALA H 381 -28.75 -80.77 20.66
N GLU H 382 -29.00 -80.70 21.97
CA GLU H 382 -30.19 -80.00 22.46
C GLU H 382 -30.21 -78.55 22.00
N THR H 383 -29.07 -77.85 22.13
CA THR H 383 -29.00 -76.45 21.74
C THR H 383 -29.35 -76.28 20.26
N ASN H 384 -28.70 -77.06 19.39
CA ASN H 384 -29.00 -76.96 17.97
C ASN H 384 -30.48 -77.20 17.68
N TYR H 385 -31.04 -78.27 18.24
CA TYR H 385 -32.44 -78.60 18.00
C TYR H 385 -33.37 -77.46 18.40
N ARG H 386 -33.20 -76.90 19.60
CA ARG H 386 -34.06 -75.80 20.02
C ARG H 386 -33.94 -74.60 19.09
N LEU H 387 -32.69 -74.23 18.74
CA LEU H 387 -32.48 -73.23 17.70
C LEU H 387 -33.37 -73.52 16.49
N GLY H 388 -33.40 -74.78 16.04
CA GLY H 388 -34.32 -75.14 14.98
C GLY H 388 -35.78 -74.91 15.33
N THR H 389 -36.15 -75.14 16.59
CA THR H 389 -37.54 -75.00 17.04
C THR H 389 -38.00 -73.56 17.10
N GLN H 390 -37.10 -72.59 17.04
CA GLN H 390 -37.44 -71.17 17.18
C GLN H 390 -37.59 -70.50 15.82
N LEU H 391 -38.74 -69.84 15.62
CA LEU H 391 -38.96 -69.10 14.38
C LEU H 391 -38.00 -67.93 14.20
N PRO H 392 -37.58 -67.21 15.27
CA PRO H 392 -36.68 -66.06 15.10
C PRO H 392 -35.37 -66.40 14.43
N TYR H 393 -34.94 -67.66 14.50
CA TYR H 393 -33.78 -68.14 13.75
C TYR H 393 -34.16 -68.85 12.47
N MET H 394 -35.30 -69.58 12.48
CA MET H 394 -35.82 -70.16 11.25
C MET H 394 -35.91 -69.14 10.13
N PHE H 395 -36.27 -67.89 10.46
CA PHE H 395 -36.37 -66.85 9.43
C PHE H 395 -35.02 -66.55 8.79
N ILE H 396 -33.95 -66.47 9.59
CA ILE H 396 -32.62 -66.30 9.02
C ILE H 396 -32.30 -67.45 8.07
N MET H 397 -32.57 -68.69 8.51
CA MET H 397 -32.33 -69.83 7.65
C MET H 397 -33.09 -69.72 6.33
N THR H 398 -34.35 -69.26 6.38
CA THR H 398 -35.17 -69.19 5.17
C THR H 398 -34.65 -68.14 4.20
N ARG H 399 -34.32 -66.95 4.72
CA ARG H 399 -33.72 -65.92 3.87
C ARG H 399 -32.45 -66.44 3.21
N LEU H 400 -31.61 -67.15 3.97
CA LEU H 400 -30.39 -67.71 3.40
C LEU H 400 -30.69 -68.66 2.26
N ALA H 401 -31.71 -69.52 2.43
CA ALA H 401 -32.07 -70.47 1.38
C ALA H 401 -32.52 -69.75 0.11
N HIS H 402 -33.36 -68.71 0.26
CA HIS H 402 -33.78 -67.96 -0.91
C HIS H 402 -32.59 -67.36 -1.65
N TYR H 403 -31.70 -66.67 -0.92
CA TYR H 403 -30.53 -66.07 -1.56
C TYR H 403 -29.67 -67.12 -2.25
N ILE H 404 -29.53 -68.30 -1.63
CA ILE H 404 -28.69 -69.34 -2.22
C ILE H 404 -29.28 -69.83 -3.53
N LYS H 405 -30.58 -70.16 -3.54
CA LYS H 405 -31.22 -70.59 -4.78
C LYS H 405 -31.01 -69.55 -5.88
N VAL H 406 -31.46 -68.31 -5.62
CA VAL H 406 -31.39 -67.26 -6.65
C VAL H 406 -29.95 -67.11 -7.15
N LEU H 407 -29.02 -66.80 -6.25
CA LEU H 407 -27.66 -66.44 -6.66
C LEU H 407 -26.91 -67.60 -7.31
N GLN H 408 -27.18 -68.84 -6.89
CA GLN H 408 -26.49 -69.98 -7.50
C GLN H 408 -26.98 -70.26 -8.91
N ARG H 409 -28.30 -70.11 -9.14
CA ARG H 409 -28.83 -70.22 -10.49
C ARG H 409 -28.02 -69.39 -11.48
N GLU H 410 -27.60 -68.18 -11.09
CA GLU H 410 -26.85 -67.32 -12.00
C GLU H 410 -25.43 -67.82 -12.22
N GLN H 411 -24.91 -68.64 -11.31
CA GLN H 411 -23.56 -69.17 -11.44
C GLN H 411 -23.51 -70.48 -12.20
N ILE H 412 -24.65 -71.16 -12.39
CA ILE H 412 -24.67 -72.37 -13.21
C ILE H 412 -24.05 -72.10 -14.57
N GLY H 413 -23.10 -72.96 -14.96
CA GLY H 413 -22.42 -72.85 -16.23
C GLY H 413 -21.00 -72.30 -16.15
N SER H 414 -20.64 -71.68 -15.03
CA SER H 414 -19.31 -71.12 -14.87
C SER H 414 -18.30 -72.22 -14.53
N TRP H 415 -17.02 -71.91 -14.77
CA TRP H 415 -15.93 -72.85 -14.55
C TRP H 415 -15.61 -72.87 -13.06
N LYS H 416 -16.27 -73.77 -12.34
CA LYS H 416 -16.18 -73.85 -10.89
C LYS H 416 -15.63 -75.21 -10.49
N GLU H 417 -14.48 -75.19 -9.81
CA GLU H 417 -13.98 -76.36 -9.11
C GLU H 417 -14.44 -76.30 -7.65
N LYS H 418 -14.28 -77.42 -6.94
CA LYS H 418 -14.76 -77.52 -5.57
C LYS H 418 -14.22 -76.40 -4.69
N SER H 419 -12.89 -76.26 -4.65
CA SER H 419 -12.27 -75.17 -3.90
C SER H 419 -12.76 -73.80 -4.35
N ASP H 420 -13.06 -73.62 -5.63
CA ASP H 420 -13.67 -72.37 -6.08
C ASP H 420 -15.01 -72.14 -5.40
N LEU H 421 -15.84 -73.18 -5.33
CA LEU H 421 -17.07 -73.08 -4.56
C LEU H 421 -16.80 -72.69 -3.11
N GLU H 422 -15.80 -73.32 -2.48
CA GLU H 422 -15.47 -73.00 -1.10
C GLU H 422 -15.13 -71.52 -0.92
N ARG H 423 -14.21 -71.01 -1.74
CA ARG H 423 -13.76 -69.63 -1.59
C ARG H 423 -14.91 -68.65 -1.82
N GLU H 424 -15.63 -68.80 -2.94
CA GLU H 424 -16.70 -67.88 -3.25
C GLU H 424 -17.79 -67.89 -2.17
N LEU H 425 -18.21 -69.08 -1.75
CA LEU H 425 -19.28 -69.18 -0.76
C LEU H 425 -18.86 -68.58 0.57
N ASN H 426 -17.59 -68.79 0.98
CA ASN H 426 -17.12 -68.14 2.20
C ASN H 426 -17.20 -66.62 2.07
N HIS H 427 -16.62 -66.07 1.00
CA HIS H 427 -16.66 -64.63 0.79
C HIS H 427 -18.08 -64.08 0.79
N TRP H 428 -19.04 -64.86 0.28
CA TRP H 428 -20.42 -64.39 0.24
C TRP H 428 -21.07 -64.43 1.62
N LEU H 429 -20.91 -65.54 2.34
CA LEU H 429 -21.51 -65.67 3.66
C LEU H 429 -20.99 -64.62 4.62
N SER H 430 -19.72 -64.21 4.46
CA SER H 430 -19.16 -63.17 5.33
C SER H 430 -19.97 -61.88 5.32
N GLN H 431 -20.78 -61.67 4.27
CA GLN H 431 -21.51 -60.42 4.13
C GLN H 431 -22.54 -60.21 5.23
N TYR H 432 -23.03 -61.28 5.84
CA TYR H 432 -24.04 -61.21 6.89
C TYR H 432 -23.49 -61.60 8.26
N ILE H 433 -22.18 -61.51 8.45
CA ILE H 433 -21.51 -61.95 9.67
C ILE H 433 -21.03 -60.72 10.44
N SER H 434 -21.31 -60.69 11.74
CA SER H 434 -20.83 -59.64 12.63
C SER H 434 -20.06 -60.32 13.78
N ASP H 435 -18.74 -60.50 13.61
CA ASP H 435 -17.95 -61.18 14.63
C ASP H 435 -16.92 -60.32 15.35
N MET H 436 -17.28 -59.18 15.96
CA MET H 436 -16.31 -58.30 16.61
C MET H 436 -16.21 -58.53 18.13
N ASP H 437 -16.16 -57.41 18.89
CA ASP H 437 -16.08 -57.54 20.35
C ASP H 437 -17.40 -57.16 21.01
N ASP H 438 -17.81 -55.99 20.79
CA ASP H 438 -19.13 -55.89 21.39
C ASP H 438 -20.21 -55.31 20.50
N PRO H 439 -21.13 -56.09 19.98
CA PRO H 439 -21.95 -55.64 18.88
C PRO H 439 -22.91 -54.52 19.28
N ALA H 440 -22.92 -53.44 18.47
CA ALA H 440 -23.95 -52.46 18.46
C ALA H 440 -25.30 -53.14 18.72
N PRO H 441 -25.82 -53.06 19.95
CA PRO H 441 -26.96 -53.88 20.29
C PRO H 441 -28.11 -53.57 19.34
N ALA H 442 -28.72 -54.62 18.81
CA ALA H 442 -29.74 -54.46 17.79
C ALA H 442 -29.16 -53.90 16.50
N VAL H 443 -27.83 -53.99 16.35
CA VAL H 443 -27.16 -53.74 15.09
C VAL H 443 -26.68 -55.02 14.43
N ARG H 444 -26.42 -56.06 15.23
CA ARG H 444 -26.28 -57.41 14.70
C ARG H 444 -27.64 -57.85 14.20
N SER H 445 -28.63 -56.97 14.32
CA SER H 445 -29.91 -57.17 13.63
C SER H 445 -29.70 -57.27 12.13
N ARG H 446 -28.98 -56.31 11.54
CA ARG H 446 -28.73 -56.33 10.11
C ARG H 446 -27.76 -57.44 9.72
N ARG H 447 -26.90 -57.87 10.64
CA ARG H 447 -25.96 -58.98 10.43
C ARG H 447 -26.27 -60.04 11.48
N PRO H 448 -27.27 -60.88 11.24
CA PRO H 448 -27.75 -61.77 12.31
C PRO H 448 -26.80 -62.89 12.66
N LEU H 449 -25.83 -63.18 11.79
CA LEU H 449 -24.90 -64.27 12.02
C LEU H 449 -23.66 -63.80 12.77
N ARG H 450 -23.17 -64.66 13.67
CA ARG H 450 -21.91 -64.46 14.35
C ARG H 450 -20.79 -65.32 13.78
N ALA H 451 -21.08 -66.57 13.44
CA ALA H 451 -20.09 -67.46 12.84
C ALA H 451 -20.74 -68.28 11.74
N ALA H 452 -19.91 -68.84 10.87
CA ALA H 452 -20.42 -69.65 9.77
C ALA H 452 -19.29 -70.50 9.20
N ARG H 453 -19.63 -71.73 8.81
CA ARG H 453 -18.69 -72.68 8.26
C ARG H 453 -19.31 -73.35 7.04
N VAL H 454 -18.50 -73.47 5.99
CA VAL H 454 -18.95 -74.04 4.71
C VAL H 454 -17.93 -75.09 4.26
N VAL H 455 -18.43 -76.26 3.88
CA VAL H 455 -17.60 -77.34 3.37
C VAL H 455 -18.20 -77.81 2.06
N VAL H 456 -17.34 -78.09 1.08
CA VAL H 456 -17.78 -78.47 -0.26
C VAL H 456 -17.05 -79.74 -0.66
N GLU H 457 -17.83 -80.76 -1.04
CA GLU H 457 -17.30 -82.02 -1.55
C GLU H 457 -17.83 -82.27 -2.95
N ASP H 458 -17.33 -83.33 -3.58
CA ASP H 458 -17.69 -83.66 -4.94
C ASP H 458 -18.67 -84.83 -4.96
N VAL H 459 -19.66 -84.75 -5.84
CA VAL H 459 -20.58 -85.87 -6.08
C VAL H 459 -19.82 -86.86 -6.97
N GLU H 460 -19.31 -87.93 -6.37
CA GLU H 460 -18.47 -88.87 -7.10
C GLU H 460 -19.25 -89.52 -8.23
N GLY H 461 -18.61 -89.62 -9.40
CA GLY H 461 -19.28 -90.16 -10.57
C GLY H 461 -20.23 -89.19 -11.24
N GLN H 462 -20.16 -87.90 -10.89
CA GLN H 462 -21.00 -86.88 -11.49
C GLN H 462 -20.21 -85.58 -11.55
N PRO H 463 -19.38 -85.40 -12.57
CA PRO H 463 -18.53 -84.20 -12.63
C PRO H 463 -19.35 -82.95 -12.86
N GLY H 464 -19.02 -81.89 -12.12
CA GLY H 464 -19.76 -80.65 -12.15
C GLY H 464 -20.76 -80.47 -11.03
N TRP H 465 -21.08 -81.54 -10.30
CA TRP H 465 -22.02 -81.48 -9.19
C TRP H 465 -21.25 -81.57 -7.87
N TYR H 466 -21.72 -80.83 -6.87
CA TYR H 466 -21.06 -80.76 -5.59
C TYR H 466 -22.07 -80.90 -4.46
N ARG H 467 -21.57 -81.27 -3.28
CA ARG H 467 -22.36 -81.39 -2.07
C ARG H 467 -21.84 -80.35 -1.08
N CYS H 468 -22.69 -79.40 -0.71
CA CYS H 468 -22.30 -78.28 0.12
C CYS H 468 -22.98 -78.36 1.48
N SER H 469 -22.21 -78.06 2.53
CA SER H 469 -22.70 -78.04 3.91
C SER H 469 -22.44 -76.65 4.47
N LEU H 470 -23.49 -76.01 4.96
CA LEU H 470 -23.42 -74.66 5.51
C LEU H 470 -24.03 -74.68 6.90
N GLN H 471 -23.21 -74.36 7.91
CA GLN H 471 -23.65 -74.33 9.31
C GLN H 471 -23.39 -72.94 9.85
N VAL H 472 -24.35 -72.40 10.59
CA VAL H 472 -24.29 -71.01 11.03
C VAL H 472 -24.55 -70.92 12.53
N ARG H 473 -23.84 -69.99 13.17
CA ARG H 473 -24.05 -69.66 14.58
C ARG H 473 -24.55 -68.22 14.62
N PRO H 474 -25.85 -68.01 14.85
CA PRO H 474 -26.37 -66.63 14.91
C PRO H 474 -26.35 -66.11 16.34
N HIS H 475 -26.57 -64.79 16.45
CA HIS H 475 -26.59 -64.15 17.75
C HIS H 475 -27.80 -64.61 18.56
N PHE H 476 -27.62 -64.71 19.86
CA PHE H 476 -28.68 -65.20 20.75
C PHE H 476 -29.59 -64.08 21.20
N LEU I 30 8.39 -59.36 32.21
CA LEU I 30 8.06 -60.27 33.30
C LEU I 30 7.79 -59.49 34.58
N PRO I 31 6.62 -59.71 35.17
CA PRO I 31 6.29 -59.04 36.42
C PRO I 31 7.14 -59.56 37.57
N LEU I 32 7.13 -58.83 38.67
CA LEU I 32 7.82 -59.21 39.90
C LEU I 32 6.77 -59.76 40.85
N LYS I 33 6.70 -61.09 40.94
CA LYS I 33 5.69 -61.78 41.74
C LYS I 33 6.33 -62.35 43.00
N VAL I 34 5.77 -62.03 44.16
CA VAL I 34 6.26 -62.50 45.44
C VAL I 34 5.21 -63.43 46.06
N LEU I 35 5.71 -64.42 46.79
CA LEU I 35 4.87 -65.41 47.46
C LEU I 35 5.06 -65.25 48.97
N MET I 36 4.01 -64.77 49.64
CA MET I 36 4.02 -64.62 51.09
C MET I 36 3.42 -65.90 51.69
N LEU I 37 4.25 -66.69 52.36
CA LEU I 37 3.81 -67.93 52.97
C LEU I 37 3.84 -67.75 54.49
N GLY I 38 2.74 -68.09 55.15
CA GLY I 38 2.69 -67.90 56.59
C GLY I 38 1.37 -68.35 57.18
N ASP I 39 1.31 -68.30 58.51
CA ASP I 39 0.16 -68.76 59.27
C ASP I 39 -0.81 -67.58 59.46
N PHE I 40 -1.63 -67.37 58.43
CA PHE I 40 -2.59 -66.28 58.44
C PHE I 40 -3.89 -66.60 59.15
N THR I 41 -4.07 -67.85 59.60
CA THR I 41 -5.27 -68.27 60.29
C THR I 41 -4.92 -68.75 61.69
N GLY I 42 -5.95 -68.91 62.52
CA GLY I 42 -5.74 -69.40 63.86
C GLY I 42 -5.59 -70.89 63.99
N GLN I 43 -5.62 -71.63 62.89
CA GLN I 43 -5.50 -73.08 62.94
C GLN I 43 -5.00 -73.59 61.59
N GLU I 44 -4.41 -74.78 61.61
CA GLU I 44 -3.95 -75.40 60.38
C GLU I 44 -5.13 -75.97 59.61
N ASP I 45 -4.95 -76.11 58.30
CA ASP I 45 -6.00 -76.63 57.44
C ASP I 45 -5.82 -78.12 57.20
N ALA I 46 -6.95 -78.82 57.06
CA ALA I 46 -6.90 -80.24 56.75
C ALA I 46 -6.52 -80.49 55.31
N ARG I 47 -6.75 -79.52 54.43
CA ARG I 47 -6.45 -79.68 53.02
C ARG I 47 -4.94 -79.77 52.82
N PRO I 48 -4.45 -80.69 51.97
CA PRO I 48 -3.00 -80.80 51.78
C PRO I 48 -2.44 -79.56 51.11
N LEU I 49 -1.13 -79.34 51.32
CA LEU I 49 -0.49 -78.13 50.84
C LEU I 49 -0.60 -78.00 49.33
N GLU I 50 -0.44 -79.11 48.60
CA GLU I 50 -0.55 -79.07 47.15
C GLU I 50 -1.96 -78.82 46.66
N GLN I 51 -2.96 -78.98 47.53
CA GLN I 51 -4.35 -78.77 47.17
C GLN I 51 -4.83 -77.36 47.48
N ARG I 52 -4.46 -76.84 48.64
CA ARG I 52 -4.82 -75.47 48.99
C ARG I 52 -4.23 -74.50 47.99
N ALA I 53 -4.98 -73.45 47.67
CA ALA I 53 -4.57 -72.57 46.58
C ALA I 53 -4.05 -71.23 47.12
N PRO I 54 -3.23 -70.54 46.34
CA PRO I 54 -2.79 -69.20 46.75
C PRO I 54 -3.80 -68.15 46.33
N ILE I 55 -3.71 -66.98 46.97
CA ILE I 55 -4.67 -65.90 46.75
C ILE I 55 -3.93 -64.66 46.28
N ASN I 56 -4.37 -64.09 45.16
CA ASN I 56 -3.76 -62.88 44.63
C ASN I 56 -4.28 -61.66 45.41
N VAL I 57 -3.35 -60.84 45.90
CA VAL I 57 -3.68 -59.73 46.78
C VAL I 57 -3.20 -58.42 46.17
N ASP I 58 -4.01 -57.37 46.31
CA ASP I 58 -3.69 -56.05 45.79
C ASP I 58 -4.46 -55.01 46.60
N LYS I 59 -4.11 -53.75 46.38
CA LYS I 59 -4.67 -52.67 47.20
C LYS I 59 -6.17 -52.53 47.03
N ALA I 60 -6.72 -52.97 45.89
CA ALA I 60 -8.13 -52.81 45.60
C ALA I 60 -8.98 -53.97 46.09
N ASN I 61 -8.43 -54.89 46.89
CA ASN I 61 -9.22 -56.03 47.34
C ASN I 61 -8.66 -56.71 48.58
N PHE I 62 -7.74 -56.05 49.29
CA PHE I 62 -7.13 -56.66 50.47
C PHE I 62 -8.19 -57.01 51.51
N ASN I 63 -9.04 -56.04 51.85
CA ASN I 63 -10.10 -56.29 52.82
C ASN I 63 -11.02 -57.41 52.38
N GLU I 64 -11.37 -57.44 51.09
CA GLU I 64 -12.18 -58.53 50.56
C GLU I 64 -11.49 -59.87 50.74
N VAL I 65 -10.16 -59.89 50.59
CA VAL I 65 -9.40 -61.12 50.80
C VAL I 65 -9.48 -61.54 52.26
N MET I 66 -9.41 -60.59 53.19
CA MET I 66 -9.59 -60.92 54.61
C MET I 66 -10.97 -61.52 54.86
N ALA I 67 -12.02 -60.85 54.38
CA ALA I 67 -13.39 -61.33 54.61
C ALA I 67 -13.60 -62.72 54.03
N GLN I 68 -13.09 -62.98 52.83
CA GLN I 68 -13.24 -64.29 52.22
C GLN I 68 -12.41 -65.35 52.93
N GLN I 69 -11.24 -64.97 53.46
CA GLN I 69 -10.41 -65.91 54.22
C GLN I 69 -11.07 -66.30 55.54
N ASN I 70 -11.79 -65.37 56.17
CA ASN I 70 -12.57 -65.68 57.37
C ASN I 70 -11.68 -65.95 58.57
N LEU I 71 -11.51 -64.95 59.44
CA LEU I 71 -10.60 -65.05 60.58
C LEU I 71 -11.36 -65.36 61.85
N LYS I 72 -10.80 -66.25 62.67
CA LYS I 72 -11.45 -66.65 63.91
C LYS I 72 -10.40 -67.02 64.94
N VAL I 73 -10.61 -66.57 66.18
CA VAL I 73 -9.68 -66.83 67.28
C VAL I 73 -10.49 -67.29 68.49
N THR I 74 -10.30 -68.54 68.90
CA THR I 74 -10.88 -69.08 70.11
C THR I 74 -9.76 -69.17 71.14
N LEU I 75 -9.83 -68.33 72.17
CA LEU I 75 -8.71 -68.24 73.10
C LEU I 75 -9.20 -67.82 74.47
N THR I 76 -8.41 -68.17 75.49
CA THR I 76 -8.73 -67.88 76.88
C THR I 76 -7.67 -66.97 77.47
N ALA I 77 -8.13 -65.89 78.11
CA ALA I 77 -7.25 -64.97 78.81
C ALA I 77 -7.70 -64.86 80.26
N ALA I 78 -6.83 -64.29 81.09
CA ALA I 78 -7.15 -64.13 82.50
C ALA I 78 -8.32 -63.17 82.67
N ASP I 79 -9.28 -63.55 83.51
CA ASP I 79 -10.47 -62.75 83.74
C ASP I 79 -10.16 -61.72 84.83
N LYS I 80 -9.86 -60.48 84.40
CA LYS I 80 -9.52 -59.40 85.31
C LYS I 80 -10.72 -58.52 85.66
N LEU I 81 -11.93 -58.98 85.36
CA LEU I 81 -13.15 -58.28 85.76
C LEU I 81 -13.55 -58.60 87.20
N SER I 82 -12.83 -59.50 87.87
CA SER I 82 -13.08 -59.82 89.27
C SER I 82 -11.74 -59.95 89.99
N ALA I 83 -11.75 -60.52 91.19
CA ALA I 83 -10.54 -60.70 91.98
C ALA I 83 -10.29 -62.17 92.29
N ASP I 84 -10.40 -63.02 91.27
CA ASP I 84 -10.24 -64.46 91.44
C ASP I 84 -9.17 -64.96 90.48
N PRO I 85 -8.07 -65.53 90.96
CA PRO I 85 -7.04 -66.02 90.04
C PRO I 85 -7.48 -67.24 89.25
N ASN I 86 -8.50 -67.97 89.72
CA ASN I 86 -9.04 -69.09 88.98
C ASN I 86 -10.08 -68.68 87.94
N ALA I 87 -10.42 -67.40 87.87
CA ALA I 87 -11.40 -66.91 86.91
C ALA I 87 -10.72 -66.70 85.56
N THR I 88 -11.24 -67.35 84.52
CA THR I 88 -10.72 -67.24 83.17
C THR I 88 -11.86 -66.89 82.22
N MET I 89 -11.52 -66.21 81.13
CA MET I 89 -12.50 -65.74 80.15
C MET I 89 -12.13 -66.29 78.78
N ASN I 90 -13.05 -67.03 78.18
CA ASN I 90 -12.86 -67.59 76.85
C ASN I 90 -13.63 -66.75 75.84
N VAL I 91 -12.96 -66.35 74.76
CA VAL I 91 -13.53 -65.49 73.74
C VAL I 91 -13.38 -66.15 72.38
N SER I 92 -14.32 -65.82 71.49
CA SER I 92 -14.34 -66.31 70.11
C SER I 92 -14.49 -65.08 69.21
N LEU I 93 -13.35 -64.50 68.83
CA LEU I 93 -13.34 -63.32 67.98
C LEU I 93 -13.37 -63.71 66.51
N GLN I 94 -14.00 -62.85 65.71
CA GLN I 94 -14.12 -63.08 64.27
C GLN I 94 -13.67 -61.83 63.53
N PHE I 95 -12.92 -62.03 62.44
CA PHE I 95 -12.31 -60.95 61.70
C PHE I 95 -12.65 -61.05 60.22
N LYS I 96 -13.11 -59.94 59.66
CA LYS I 96 -13.30 -59.76 58.22
C LYS I 96 -12.46 -58.65 57.63
N ASN I 97 -12.01 -57.68 58.44
CA ASN I 97 -11.12 -56.61 58.00
C ASN I 97 -10.24 -56.18 59.16
N LEU I 98 -9.19 -55.42 58.84
CA LEU I 98 -8.22 -55.02 59.85
C LEU I 98 -8.85 -54.21 60.97
N ASN I 99 -9.91 -53.46 60.67
CA ASN I 99 -10.58 -52.66 61.70
C ASN I 99 -11.24 -53.55 62.76
N ASP I 100 -11.49 -54.82 62.43
CA ASP I 100 -11.97 -55.77 63.42
C ASP I 100 -10.94 -56.08 64.50
N PHE I 101 -9.71 -55.59 64.37
CA PHE I 101 -8.69 -55.74 65.39
C PHE I 101 -8.69 -54.60 66.40
N SER I 102 -9.55 -53.61 66.21
CA SER I 102 -9.60 -52.47 67.12
C SER I 102 -10.32 -52.86 68.42
N PRO I 103 -9.98 -52.19 69.52
CA PRO I 103 -10.65 -52.49 70.79
C PRO I 103 -12.15 -52.33 70.76
N GLU I 104 -12.68 -51.43 69.91
CA GLU I 104 -14.12 -51.30 69.78
C GLU I 104 -14.75 -52.60 69.29
N SER I 105 -14.21 -53.17 68.21
CA SER I 105 -14.67 -54.48 67.74
C SER I 105 -14.44 -55.57 68.76
N VAL I 106 -13.28 -55.59 69.42
CA VAL I 106 -13.00 -56.59 70.45
C VAL I 106 -14.08 -56.54 71.53
N VAL I 107 -14.44 -55.34 71.99
CA VAL I 107 -15.49 -55.21 72.99
C VAL I 107 -16.84 -55.64 72.41
N ASN I 108 -17.11 -55.27 71.16
CA ASN I 108 -18.37 -55.65 70.52
C ASN I 108 -18.54 -57.16 70.48
N GLN I 109 -17.43 -57.90 70.38
CA GLN I 109 -17.47 -59.35 70.23
C GLN I 109 -17.31 -60.11 71.55
N VAL I 110 -17.19 -59.42 72.67
CA VAL I 110 -17.02 -60.05 73.98
C VAL I 110 -18.10 -59.51 74.90
N PRO I 111 -19.19 -60.25 75.12
CA PRO I 111 -20.31 -59.70 75.90
C PRO I 111 -19.94 -59.26 77.31
N GLU I 112 -18.97 -59.93 77.93
CA GLU I 112 -18.51 -59.53 79.27
C GLU I 112 -17.93 -58.13 79.29
N LEU I 113 -17.53 -57.59 78.14
CA LEU I 113 -17.10 -56.21 78.01
C LEU I 113 -18.13 -55.32 77.33
N LYS I 114 -18.88 -55.86 76.37
CA LYS I 114 -19.90 -55.08 75.69
C LYS I 114 -20.99 -54.63 76.65
N LYS I 115 -21.40 -55.51 77.57
CA LYS I 115 -22.34 -55.10 78.60
C LYS I 115 -21.78 -53.97 79.46
N LEU I 116 -20.47 -53.99 79.73
CA LEU I 116 -19.84 -52.93 80.49
C LEU I 116 -19.77 -51.62 79.72
N LEU I 117 -19.66 -51.71 78.38
CA LEU I 117 -19.68 -50.49 77.57
C LEU I 117 -21.09 -49.90 77.51
N GLU I 118 -22.10 -50.77 77.40
CA GLU I 118 -23.48 -50.29 77.47
C GLU I 118 -23.76 -49.65 78.83
N LEU I 119 -23.24 -50.25 79.91
CA LEU I 119 -23.38 -49.63 81.22
C LEU I 119 -22.68 -48.28 81.27
N ARG I 120 -21.50 -48.18 80.66
CA ARG I 120 -20.80 -46.90 80.58
C ARG I 120 -21.68 -45.85 79.90
N SER I 121 -22.24 -46.18 78.73
CA SER I 121 -23.12 -45.25 78.02
C SER I 121 -24.31 -44.85 78.89
N ALA I 122 -24.89 -45.82 79.62
CA ALA I 122 -26.02 -45.49 80.49
C ALA I 122 -25.62 -44.52 81.58
N LEU I 123 -24.46 -44.74 82.21
CA LEU I 123 -24.00 -43.87 83.29
C LEU I 123 -23.64 -42.47 82.79
N ASN I 124 -23.02 -42.37 81.61
CA ASN I 124 -22.70 -41.07 81.05
C ASN I 124 -23.97 -40.32 80.66
N ALA I 125 -24.94 -41.04 80.10
CA ALA I 125 -26.22 -40.41 79.76
C ALA I 125 -26.92 -39.89 81.01
N LEU I 126 -26.94 -40.70 82.07
CA LEU I 126 -27.58 -40.28 83.32
C LEU I 126 -26.86 -39.08 83.93
N LYS I 127 -25.52 -39.14 83.99
CA LYS I 127 -24.76 -38.06 84.61
C LYS I 127 -24.83 -36.76 83.82
N GLY I 128 -25.01 -36.86 82.49
CA GLY I 128 -25.18 -35.69 81.66
C GLY I 128 -26.62 -35.24 81.58
N PRO I 129 -27.50 -35.95 82.31
CA PRO I 129 -28.92 -35.55 82.36
C PRO I 129 -29.67 -35.79 81.07
N LEU I 130 -29.13 -36.68 80.22
CA LEU I 130 -29.74 -36.95 78.92
C LEU I 130 -30.99 -37.82 79.02
N GLY I 131 -31.16 -38.54 80.12
CA GLY I 131 -32.35 -39.35 80.30
C GLY I 131 -32.81 -39.31 81.74
N ASN I 132 -34.09 -39.60 81.94
CA ASN I 132 -34.67 -39.58 83.28
C ASN I 132 -34.43 -40.90 84.00
N LEU I 133 -34.71 -40.90 85.30
CA LEU I 133 -34.47 -42.09 86.11
C LEU I 133 -35.29 -43.29 85.69
N PRO I 134 -36.55 -43.16 85.26
CA PRO I 134 -37.28 -44.35 84.81
C PRO I 134 -36.66 -45.02 83.59
N ALA I 135 -36.32 -44.22 82.57
CA ALA I 135 -35.61 -44.76 81.41
C ALA I 135 -34.29 -45.38 81.84
N PHE I 136 -33.55 -44.73 82.73
CA PHE I 136 -32.29 -45.27 83.22
C PHE I 136 -32.49 -46.65 83.84
N ARG I 137 -33.52 -46.80 84.67
CA ARG I 137 -33.78 -48.09 85.31
C ARG I 137 -34.13 -49.16 84.29
N LYS I 138 -35.02 -48.84 83.34
CA LYS I 138 -35.39 -49.81 82.32
C LYS I 138 -34.17 -50.29 81.55
N LYS I 139 -33.37 -49.36 81.02
CA LYS I 139 -32.18 -49.73 80.26
C LYS I 139 -31.19 -50.52 81.10
N LEU I 140 -31.05 -50.17 82.39
CA LEU I 140 -30.16 -50.93 83.26
C LEU I 140 -30.61 -52.38 83.38
N GLN I 141 -31.90 -52.59 83.62
CA GLN I 141 -32.44 -53.95 83.63
C GLN I 141 -32.12 -54.66 82.33
N ALA I 142 -32.32 -53.97 81.20
CA ALA I 142 -32.01 -54.56 79.90
C ALA I 142 -30.56 -55.01 79.82
N LEU I 143 -29.63 -54.16 80.27
CA LEU I 143 -28.21 -54.49 80.18
C LEU I 143 -27.86 -55.68 81.07
N LEU I 144 -28.35 -55.67 82.31
CA LEU I 144 -28.01 -56.73 83.26
C LEU I 144 -28.75 -58.04 83.00
N ALA I 145 -29.73 -58.05 82.09
CA ALA I 145 -30.52 -59.27 81.88
C ALA I 145 -29.74 -60.36 81.15
N ASP I 146 -28.64 -60.01 80.48
CA ASP I 146 -27.86 -60.95 79.68
C ASP I 146 -27.45 -62.19 80.48
N GLU I 147 -27.92 -63.35 80.04
CA GLU I 147 -27.70 -64.58 80.80
C GLU I 147 -26.26 -65.07 80.76
N ASP I 148 -25.43 -64.58 79.83
CA ASP I 148 -24.04 -64.99 79.75
C ASP I 148 -23.16 -64.27 80.76
N GLY I 149 -23.67 -63.25 81.44
CA GLY I 149 -22.88 -62.52 82.41
C GLY I 149 -22.86 -63.22 83.76
N ARG I 150 -21.77 -62.98 84.49
CA ARG I 150 -21.65 -63.51 85.84
C ARG I 150 -22.35 -62.60 86.83
N LYS I 151 -22.87 -63.21 87.91
CA LYS I 151 -23.50 -62.44 88.96
C LYS I 151 -22.53 -61.47 89.61
N ALA I 152 -21.26 -61.86 89.76
CA ALA I 152 -20.25 -60.96 90.31
C ALA I 152 -20.09 -59.73 89.43
N LEU I 153 -19.97 -59.93 88.11
CA LEU I 153 -19.91 -58.80 87.19
C LEU I 153 -21.16 -57.93 87.31
N ILE I 154 -22.34 -58.55 87.39
CA ILE I 154 -23.58 -57.79 87.54
C ILE I 154 -23.53 -56.93 88.80
N LYS I 155 -23.03 -57.48 89.90
CA LYS I 155 -22.93 -56.72 91.15
C LYS I 155 -21.95 -55.57 91.03
N GLU I 156 -20.80 -55.81 90.38
CA GLU I 156 -19.83 -54.74 90.16
C GLU I 156 -20.43 -53.63 89.30
N LEU I 157 -21.28 -53.98 88.33
CA LEU I 157 -21.91 -52.97 87.48
C LEU I 157 -22.96 -52.18 88.24
N GLY I 158 -23.78 -52.86 89.04
CA GLY I 158 -24.77 -52.16 89.84
C GLY I 158 -24.17 -51.29 90.93
N LEU I 159 -22.96 -51.63 91.40
CA LEU I 159 -22.27 -50.81 92.38
C LEU I 159 -21.83 -49.46 91.83
N THR I 160 -21.86 -49.29 90.51
CA THR I 160 -21.48 -48.02 89.90
C THR I 160 -22.65 -47.05 89.77
N GLU I 161 -23.87 -47.49 90.04
CA GLU I 161 -25.04 -46.64 89.90
C GLU I 161 -25.15 -45.70 91.10
N GLU I 162 -25.28 -44.41 90.82
CA GLU I 162 -25.44 -43.43 91.89
C GLU I 162 -26.72 -43.73 92.68
N THR I 163 -26.69 -43.44 93.98
CA THR I 163 -27.79 -43.82 94.85
C THR I 163 -29.10 -43.16 94.46
N LYS I 164 -29.03 -41.92 93.98
CA LYS I 164 -30.23 -41.16 93.63
C LYS I 164 -30.88 -41.71 92.37
N ASP J 63 -22.90 -33.92 92.44
CA ASP J 63 -23.33 -35.30 92.32
C ASP J 63 -22.71 -35.95 91.09
N LYS J 64 -22.69 -35.20 89.98
CA LYS J 64 -22.16 -35.72 88.73
C LYS J 64 -20.70 -36.10 88.83
N ALA J 65 -19.95 -35.45 89.72
CA ALA J 65 -18.54 -35.79 89.91
C ALA J 65 -18.39 -37.24 90.36
N LEU J 66 -19.28 -37.70 91.25
CA LEU J 66 -19.24 -39.08 91.70
C LEU J 66 -19.56 -40.04 90.55
N VAL J 67 -20.52 -39.68 89.70
CA VAL J 67 -20.85 -40.52 88.55
C VAL J 67 -19.65 -40.60 87.60
N ASP J 68 -18.95 -39.48 87.42
CA ASP J 68 -17.75 -39.48 86.59
C ASP J 68 -16.66 -40.37 87.20
N ALA J 69 -16.53 -40.35 88.54
CA ALA J 69 -15.61 -41.27 89.19
C ALA J 69 -16.02 -42.72 88.92
N MET J 70 -17.32 -43.00 88.93
CA MET J 70 -17.81 -44.33 88.57
C MET J 70 -17.40 -44.70 87.15
N ILE J 71 -17.49 -43.75 86.21
CA ILE J 71 -17.06 -44.01 84.84
C ILE J 71 -15.56 -44.27 84.79
N ALA J 72 -14.79 -43.57 85.62
CA ALA J 72 -13.34 -43.76 85.64
C ALA J 72 -12.98 -45.17 86.11
N GLU J 73 -13.61 -45.63 87.19
CA GLU J 73 -13.33 -46.98 87.69
C GLU J 73 -13.82 -48.04 86.70
N ILE J 74 -14.98 -47.83 86.10
CA ILE J 74 -15.52 -48.79 85.14
C ILE J 74 -14.58 -48.93 83.95
N ASP J 75 -14.17 -47.80 83.37
CA ASP J 75 -13.21 -47.83 82.27
C ASP J 75 -11.87 -48.43 82.70
N LYS J 76 -11.49 -48.24 83.97
CA LYS J 76 -10.26 -48.84 84.46
C LYS J 76 -10.32 -50.36 84.41
N ARG J 77 -11.39 -50.94 84.94
CA ARG J 77 -11.53 -52.40 84.89
C ARG J 77 -11.61 -52.91 83.44
N LEU J 78 -12.48 -52.28 82.64
CA LEU J 78 -12.64 -52.70 81.24
C LEU J 78 -11.30 -52.68 80.50
N SER J 79 -10.50 -51.63 80.69
CA SER J 79 -9.18 -51.58 80.07
C SER J 79 -8.26 -52.64 80.65
N SER J 80 -8.42 -52.96 81.92
CA SER J 80 -7.67 -54.06 82.53
C SER J 80 -7.88 -55.36 81.74
N GLN J 81 -9.12 -55.67 81.36
CA GLN J 81 -9.35 -56.89 80.60
C GLN J 81 -8.95 -56.76 79.13
N VAL J 82 -9.30 -55.63 78.52
CA VAL J 82 -8.95 -55.38 77.12
C VAL J 82 -7.46 -55.53 76.90
N ASN J 83 -6.64 -55.13 77.88
CA ASN J 83 -5.20 -55.35 77.77
C ASN J 83 -4.87 -56.83 77.67
N GLU J 84 -5.60 -57.67 78.42
CA GLU J 84 -5.38 -59.11 78.34
C GLU J 84 -5.71 -59.63 76.95
N ILE J 85 -6.77 -59.12 76.34
CA ILE J 85 -7.11 -59.54 74.98
C ILE J 85 -6.04 -59.08 73.98
N LEU J 86 -5.68 -57.80 74.02
CA LEU J 86 -4.79 -57.22 73.01
C LEU J 86 -3.36 -57.68 73.18
N HIS J 87 -2.98 -58.15 74.36
CA HIS J 87 -1.64 -58.67 74.61
C HIS J 87 -1.58 -60.19 74.59
N ALA J 88 -2.64 -60.85 74.13
CA ALA J 88 -2.64 -62.30 74.00
C ALA J 88 -1.77 -62.70 72.81
N LYS J 89 -0.97 -63.75 72.99
CA LYS J 89 0.00 -64.14 71.98
C LYS J 89 -0.69 -64.62 70.70
N GLU J 90 -1.81 -65.34 70.84
CA GLU J 90 -2.53 -65.80 69.65
C GLU J 90 -3.13 -64.61 68.89
N PHE J 91 -3.82 -63.73 69.61
CA PHE J 91 -4.38 -62.54 68.98
C PHE J 91 -3.30 -61.74 68.26
N GLN J 92 -2.17 -61.52 68.92
CA GLN J 92 -1.09 -60.76 68.31
C GLN J 92 -0.48 -61.49 67.12
N LYS J 93 -0.45 -62.83 67.17
CA LYS J 93 -0.01 -63.59 66.00
C LYS J 93 -0.88 -63.27 64.79
N LEU J 94 -2.19 -63.46 64.92
CA LEU J 94 -3.09 -63.17 63.81
C LEU J 94 -2.96 -61.72 63.36
N GLU J 95 -3.11 -60.78 64.29
CA GLU J 95 -3.10 -59.35 63.97
C GLU J 95 -1.81 -58.97 63.26
N SER J 96 -0.66 -59.26 63.87
CA SER J 96 0.63 -58.90 63.28
C SER J 96 0.80 -59.54 61.90
N SER J 97 0.31 -60.76 61.72
CA SER J 97 0.32 -61.37 60.38
C SER J 97 -0.39 -60.47 59.38
N TRP J 98 -1.67 -60.17 59.61
CA TRP J 98 -2.45 -59.41 58.64
C TRP J 98 -1.96 -57.98 58.47
N ARG J 99 -1.65 -57.31 59.59
CA ARG J 99 -1.26 -55.90 59.55
C ARG J 99 0.09 -55.73 58.89
N SER J 100 1.06 -56.60 59.21
CA SER J 100 2.32 -56.58 58.50
C SER J 100 2.12 -56.85 57.01
N LEU J 101 1.22 -57.79 56.68
CA LEU J 101 0.90 -58.05 55.28
C LEU J 101 0.44 -56.77 54.57
N LYS J 102 -0.50 -56.04 55.18
CA LYS J 102 -0.99 -54.82 54.56
C LYS J 102 0.11 -53.76 54.50
N PHE J 103 0.92 -53.66 55.55
CA PHE J 103 2.04 -52.71 55.54
C PHE J 103 2.96 -52.97 54.37
N MET J 104 3.13 -54.24 53.97
CA MET J 104 3.88 -54.56 52.76
C MET J 104 3.09 -54.15 51.52
N VAL J 105 1.82 -54.56 51.44
CA VAL J 105 1.06 -54.44 50.18
C VAL J 105 0.86 -52.98 49.79
N ASP J 106 0.47 -52.15 50.76
CA ASP J 106 0.17 -50.75 50.50
C ASP J 106 1.40 -49.90 50.23
N ARG J 107 2.60 -50.47 50.36
CA ARG J 107 3.84 -49.78 50.03
C ARG J 107 4.39 -50.18 48.68
N THR J 108 3.69 -51.06 47.97
CA THR J 108 4.06 -51.46 46.61
C THR J 108 3.21 -50.71 45.60
N ASP J 109 3.45 -50.97 44.33
CA ASP J 109 2.77 -50.29 43.22
C ASP J 109 2.36 -51.33 42.19
N PHE J 110 1.12 -51.80 42.29
CA PHE J 110 0.61 -52.84 41.40
C PHE J 110 0.53 -52.38 39.94
N ARG J 111 0.61 -51.08 39.67
CA ARG J 111 0.67 -50.57 38.31
C ARG J 111 2.04 -50.76 37.67
N GLU J 112 3.06 -51.11 38.45
CA GLU J 112 4.41 -51.33 37.95
C GLU J 112 4.70 -52.81 37.72
N ASN J 113 3.68 -53.61 37.47
CA ASN J 113 3.84 -55.04 37.22
C ASN J 113 4.36 -55.78 38.44
N THR J 114 3.84 -55.42 39.62
CA THR J 114 4.19 -56.08 40.87
C THR J 114 3.00 -56.91 41.33
N ARG J 115 3.26 -58.16 41.72
CA ARG J 115 2.21 -59.09 42.10
C ARG J 115 2.60 -59.80 43.39
N VAL J 116 1.59 -60.22 44.14
CA VAL J 116 1.79 -60.86 45.44
C VAL J 116 0.68 -61.88 45.68
N GLU J 117 1.08 -63.09 46.08
CA GLU J 117 0.14 -64.16 46.39
C GLU J 117 0.36 -64.62 47.82
N MET J 118 -0.74 -65.05 48.46
CA MET J 118 -0.73 -65.49 49.84
C MET J 118 -0.90 -67.00 49.89
N LEU J 119 -0.07 -67.66 50.69
CA LEU J 119 -0.06 -69.10 50.86
C LEU J 119 -0.06 -69.37 52.37
N ASN J 120 -1.19 -69.84 52.87
CA ASN J 120 -1.35 -70.14 54.30
C ASN J 120 -0.65 -71.46 54.61
N ALA J 121 0.42 -71.40 55.39
CA ALA J 121 1.16 -72.61 55.74
C ALA J 121 1.95 -72.32 57.02
N SER J 122 1.91 -73.27 57.94
CA SER J 122 2.73 -73.19 59.14
C SER J 122 4.03 -73.97 58.93
N LYS J 123 5.04 -73.64 59.74
CA LYS J 123 6.33 -74.30 59.61
C LYS J 123 6.21 -75.80 59.83
N GLU J 124 5.41 -76.20 60.82
CA GLU J 124 5.24 -77.63 61.11
C GLU J 124 4.71 -78.37 59.89
N ASP J 125 3.71 -77.80 59.21
CA ASP J 125 3.15 -78.40 58.02
C ASP J 125 4.11 -78.33 56.82
N LEU J 126 4.95 -77.31 56.75
CA LEU J 126 6.00 -77.30 55.73
C LEU J 126 6.92 -78.49 55.93
N GLN J 127 7.37 -78.72 57.17
CA GLN J 127 8.17 -79.91 57.45
C GLN J 127 7.40 -81.19 57.15
N LYS J 128 6.09 -81.20 57.45
CA LYS J 128 5.27 -82.38 57.21
C LYS J 128 5.23 -82.73 55.72
N ASP J 129 5.07 -81.72 54.86
CA ASP J 129 5.02 -81.96 53.43
C ASP J 129 6.38 -82.36 52.88
N PHE J 130 7.43 -81.65 53.30
CA PHE J 130 8.77 -81.95 52.78
C PHE J 130 9.27 -83.32 53.20
N GLU J 131 8.91 -83.76 54.41
CA GLU J 131 9.33 -85.08 54.87
C GLU J 131 8.43 -86.18 54.33
N ASP J 132 7.15 -85.85 54.09
CA ASP J 132 6.23 -86.83 53.52
C ASP J 132 6.59 -87.13 52.06
N ALA J 133 6.93 -86.10 51.30
CA ALA J 133 7.28 -86.29 49.90
C ALA J 133 8.59 -87.09 49.78
N PRO J 134 8.72 -87.93 48.75
CA PRO J 134 9.99 -88.65 48.58
C PRO J 134 11.12 -87.76 48.07
N GLU J 135 10.79 -86.66 47.39
CA GLU J 135 11.78 -85.74 46.86
C GLU J 135 11.14 -84.36 46.74
N VAL J 136 11.99 -83.33 46.78
CA VAL J 136 11.51 -81.96 46.77
C VAL J 136 10.73 -81.64 45.50
N THR J 137 11.06 -82.30 44.39
CA THR J 137 10.34 -82.10 43.14
C THR J 137 8.89 -82.54 43.22
N LYS J 138 8.51 -83.29 44.26
CA LYS J 138 7.14 -83.74 44.44
C LYS J 138 6.45 -83.08 45.63
N SER J 139 7.07 -82.07 46.23
CA SER J 139 6.42 -81.34 47.32
C SER J 139 5.39 -80.37 46.75
N GLY J 140 4.36 -80.09 47.55
CA GLY J 140 3.32 -79.18 47.12
C GLY J 140 3.84 -77.78 46.87
N LEU J 141 4.62 -77.25 47.83
CA LEU J 141 5.24 -75.93 47.65
C LEU J 141 6.01 -75.86 46.34
N TYR J 142 6.85 -76.87 46.06
CA TYR J 142 7.52 -76.92 44.77
C TYR J 142 6.53 -76.96 43.62
N LYS J 143 5.41 -77.67 43.80
CA LYS J 143 4.38 -77.70 42.78
C LYS J 143 3.89 -76.30 42.44
N LEU J 144 3.56 -75.50 43.45
CA LEU J 144 2.95 -74.19 43.26
C LEU J 144 3.97 -73.07 43.07
N VAL J 145 5.26 -73.36 43.24
CA VAL J 145 6.29 -72.34 43.08
C VAL J 145 6.96 -72.54 41.73
N TYR J 146 7.51 -73.72 41.51
CA TYR J 146 8.23 -73.99 40.27
C TYR J 146 7.30 -74.51 39.18
N SER J 147 6.57 -75.59 39.48
CA SER J 147 5.82 -76.31 38.45
C SER J 147 4.76 -75.43 37.81
N ASN J 148 3.92 -74.79 38.62
CA ASN J 148 2.85 -73.95 38.10
C ASN J 148 3.33 -72.58 37.63
N GLU J 149 4.64 -72.32 37.67
CA GLU J 149 5.14 -71.00 37.32
C GLU J 149 6.33 -71.08 36.36
N TYR J 150 7.53 -71.16 36.93
CA TYR J 150 8.75 -71.10 36.12
C TYR J 150 8.82 -72.23 35.10
N GLY J 151 8.31 -73.40 35.44
CA GLY J 151 8.38 -74.54 34.55
C GLY J 151 7.10 -74.78 33.77
N VAL J 152 6.36 -73.72 33.47
CA VAL J 152 5.09 -73.82 32.77
C VAL J 152 5.12 -72.88 31.58
N PHE J 153 4.98 -73.43 30.38
CA PHE J 153 4.91 -72.62 29.17
C PHE J 153 3.64 -71.77 29.21
N GLY J 154 3.80 -70.46 29.05
CA GLY J 154 2.71 -69.52 29.17
C GLY J 154 2.54 -68.93 30.55
N GLY J 155 3.22 -69.48 31.56
CA GLY J 155 3.13 -68.97 32.91
C GLY J 155 4.15 -67.88 33.20
N LYS J 156 4.47 -67.73 34.47
CA LYS J 156 5.42 -66.71 34.91
C LYS J 156 6.13 -67.21 36.15
N PRO J 157 7.39 -66.81 36.35
CA PRO J 157 8.16 -67.34 37.49
C PRO J 157 8.05 -66.45 38.72
N TYR J 158 8.07 -67.09 39.89
CA TYR J 158 7.98 -66.36 41.14
C TYR J 158 9.29 -65.62 41.41
N GLY J 159 9.17 -64.34 41.72
CA GLY J 159 10.37 -63.53 41.91
C GLY J 159 11.11 -63.88 43.20
N ILE J 160 10.38 -63.95 44.31
CA ILE J 160 10.98 -64.22 45.62
C ILE J 160 9.89 -64.74 46.54
N ILE J 161 10.31 -65.39 47.63
CA ILE J 161 9.41 -65.99 48.61
C ILE J 161 9.68 -65.37 49.97
N SER J 162 8.65 -64.77 50.58
CA SER J 162 8.75 -64.13 51.89
C SER J 162 8.01 -65.02 52.89
N ALA J 163 8.74 -65.57 53.85
CA ALA J 163 8.19 -66.47 54.85
C ALA J 163 8.09 -65.74 56.19
N ASN J 164 6.87 -65.61 56.70
CA ASN J 164 6.64 -64.93 57.99
C ASN J 164 6.87 -65.92 59.13
N TYR J 165 8.15 -66.20 59.37
CA TYR J 165 8.54 -67.15 60.39
C TYR J 165 9.80 -66.67 61.10
N ASP J 166 9.96 -67.13 62.33
CA ASP J 166 11.18 -66.92 63.11
C ASP J 166 11.89 -68.26 63.23
N PHE J 167 13.20 -68.26 63.07
CA PHE J 167 13.99 -69.49 63.06
C PHE J 167 14.91 -69.51 64.27
N ASN J 168 15.02 -70.69 64.87
CA ASN J 168 15.97 -70.95 65.94
C ASN J 168 17.05 -71.90 65.43
N VAL J 169 17.95 -72.31 66.33
CA VAL J 169 18.96 -73.29 65.99
C VAL J 169 18.44 -74.72 66.03
N GLY J 170 17.14 -74.90 66.31
CA GLY J 170 16.55 -76.22 66.39
C GLY J 170 16.69 -77.02 65.11
N PRO J 171 16.84 -78.33 65.25
CA PRO J 171 17.03 -79.17 64.05
C PRO J 171 15.90 -79.07 63.06
N GLN J 172 14.65 -78.98 63.53
CA GLN J 172 13.52 -78.83 62.62
C GLN J 172 13.65 -77.56 61.78
N ASP J 173 13.97 -76.44 62.43
CA ASP J 173 14.15 -75.19 61.69
C ASP J 173 15.31 -75.29 60.70
N MET J 174 16.41 -75.92 61.10
CA MET J 174 17.54 -76.09 60.19
C MET J 174 17.14 -76.89 58.95
N GLU J 175 16.43 -78.01 59.15
CA GLU J 175 15.99 -78.81 58.01
C GLU J 175 15.04 -78.04 57.10
N LEU J 176 14.09 -77.31 57.69
CA LEU J 176 13.21 -76.46 56.89
C LEU J 176 14.02 -75.49 56.05
N LEU J 177 15.04 -74.87 56.64
CA LEU J 177 15.91 -73.97 55.87
C LEU J 177 16.60 -74.69 54.74
N ARG J 178 17.02 -75.94 54.96
CA ARG J 178 17.64 -76.71 53.89
C ARG J 178 16.68 -76.92 52.72
N LYS J 179 15.45 -77.35 53.01
CA LYS J 179 14.47 -77.54 51.95
C LYS J 179 14.19 -76.25 51.19
N CYS J 180 14.01 -75.15 51.92
CA CYS J 180 13.75 -73.86 51.28
C CYS J 180 14.92 -73.43 50.40
N ALA J 181 16.15 -73.71 50.82
CA ALA J 181 17.31 -73.40 50.00
C ALA J 181 17.29 -74.22 48.71
N SER J 182 16.94 -75.51 48.82
CA SER J 182 16.85 -76.34 47.61
C SER J 182 15.82 -75.80 46.63
N VAL J 183 14.61 -75.52 47.12
CA VAL J 183 13.56 -75.02 46.23
C VAL J 183 13.96 -73.69 45.61
N ALA J 184 14.48 -72.78 46.44
CA ALA J 184 14.89 -71.47 45.92
C ALA J 184 15.97 -71.60 44.87
N ALA J 185 16.89 -72.55 45.04
CA ALA J 185 17.92 -72.78 44.03
C ALA J 185 17.32 -73.33 42.74
N MET J 186 16.37 -74.26 42.85
CA MET J 186 15.76 -74.84 41.66
C MET J 186 14.96 -73.83 40.86
N ALA J 187 14.30 -72.89 41.53
CA ALA J 187 13.44 -71.92 40.84
C ALA J 187 14.13 -70.59 40.63
N HIS J 188 15.35 -70.42 41.13
CA HIS J 188 16.09 -69.16 41.02
C HIS J 188 15.36 -68.01 41.72
N ALA J 189 14.95 -68.25 42.97
CA ALA J 189 14.22 -67.27 43.75
C ALA J 189 14.63 -67.37 45.22
N PRO J 190 15.06 -66.27 45.83
CA PRO J 190 15.54 -66.34 47.21
C PRO J 190 14.40 -66.49 48.20
N PHE J 191 14.73 -67.09 49.34
CA PHE J 191 13.78 -67.28 50.44
C PHE J 191 14.21 -66.38 51.60
N ILE J 192 13.33 -65.46 51.99
CA ILE J 192 13.64 -64.46 53.01
C ILE J 192 12.77 -64.72 54.23
N GLY J 193 13.39 -64.68 55.40
CA GLY J 193 12.71 -64.85 56.67
C GLY J 193 13.37 -64.08 57.80
N ASN J 194 13.05 -64.43 59.04
CA ASN J 194 13.60 -63.74 60.20
C ASN J 194 14.15 -64.76 61.19
N ALA J 195 15.02 -64.27 62.06
CA ALA J 195 15.62 -65.08 63.12
C ALA J 195 15.04 -64.68 64.47
N ALA J 196 14.85 -65.67 65.35
CA ALA J 196 14.30 -65.40 66.67
C ALA J 196 15.42 -64.99 67.62
N PRO J 197 15.08 -64.23 68.68
CA PRO J 197 16.13 -63.77 69.61
C PRO J 197 16.92 -64.90 70.25
N GLU J 198 16.27 -65.99 70.64
CA GLU J 198 16.95 -67.13 71.27
C GLU J 198 18.02 -67.74 70.37
N VAL J 199 18.02 -67.40 69.08
CA VAL J 199 19.10 -67.84 68.19
C VAL J 199 20.45 -67.34 68.68
N PHE J 200 20.47 -66.18 69.32
CA PHE J 200 21.68 -65.63 69.92
C PHE J 200 21.84 -65.99 71.39
N GLY J 201 21.02 -66.91 71.90
CA GLY J 201 21.08 -67.27 73.30
C GLY J 201 20.60 -66.19 74.24
N GLU J 202 19.72 -65.31 73.77
CA GLU J 202 19.19 -64.21 74.56
C GLU J 202 17.68 -64.28 74.61
N GLU J 203 17.11 -63.81 75.72
CA GLU J 203 15.66 -63.83 75.87
C GLU J 203 14.97 -62.98 74.82
N SER J 204 15.55 -61.82 74.48
CA SER J 204 14.96 -60.93 73.50
C SER J 204 16.08 -60.09 72.90
N PHE J 205 15.81 -59.56 71.69
CA PHE J 205 16.76 -58.70 70.99
C PHE J 205 17.29 -57.57 71.85
N LEU J 206 16.56 -57.12 72.86
CA LEU J 206 17.03 -56.07 73.77
C LEU J 206 18.33 -56.43 74.47
N LYS J 207 18.78 -57.69 74.40
CA LYS J 207 20.03 -58.12 75.00
C LYS J 207 21.19 -58.13 74.02
N LEU J 208 20.98 -57.67 72.79
CA LEU J 208 22.05 -57.67 71.80
C LEU J 208 23.25 -56.86 72.21
N PRO J 209 23.11 -55.70 72.87
CA PRO J 209 24.31 -54.94 73.26
C PRO J 209 25.15 -55.63 74.33
N ASP J 210 24.59 -56.62 75.02
CA ASP J 210 25.35 -57.37 76.02
C ASP J 210 26.20 -58.48 75.42
N LEU J 211 25.99 -58.81 74.14
CA LEU J 211 26.75 -59.87 73.49
C LEU J 211 28.14 -59.35 73.12
N LYS J 212 29.18 -59.95 73.71
CA LYS J 212 30.53 -59.44 73.51
C LYS J 212 31.14 -59.88 72.20
N ASP J 213 30.73 -61.05 71.67
CA ASP J 213 31.39 -61.60 70.50
C ASP J 213 30.51 -62.68 69.88
N LEU J 214 29.76 -62.31 68.84
CA LEU J 214 28.89 -63.27 68.16
C LEU J 214 29.71 -64.35 67.46
N LYS J 215 30.82 -63.97 66.82
CA LYS J 215 31.64 -64.94 66.10
C LYS J 215 32.10 -66.06 67.03
N SER J 216 32.54 -65.71 68.23
CA SER J 216 32.89 -66.72 69.22
C SER J 216 31.66 -67.46 69.74
N LEU J 217 30.53 -66.75 69.86
CA LEU J 217 29.30 -67.40 70.29
C LEU J 217 28.91 -68.55 69.36
N PHE J 218 29.12 -68.36 68.05
CA PHE J 218 28.74 -69.35 67.04
C PHE J 218 29.68 -70.55 66.96
N GLU J 219 30.70 -70.61 67.81
CA GLU J 219 31.62 -71.75 67.80
C GLU J 219 31.12 -72.92 68.63
N GLY J 220 30.11 -72.71 69.47
CA GLY J 220 29.59 -73.77 70.29
C GLY J 220 28.96 -74.88 69.48
N PRO J 221 28.97 -76.10 70.01
CA PRO J 221 28.40 -77.23 69.27
C PRO J 221 26.92 -77.10 68.98
N GLN J 222 26.23 -76.21 69.69
CA GLN J 222 24.79 -76.01 69.45
C GLN J 222 24.50 -75.55 68.03
N TYR J 223 25.49 -74.96 67.36
CA TYR J 223 25.30 -74.39 66.03
C TYR J 223 25.98 -75.20 64.93
N ALA J 224 26.25 -76.49 65.18
CA ALA J 224 26.95 -77.30 64.18
C ALA J 224 26.16 -77.36 62.87
N ARG J 225 24.86 -77.65 62.95
CA ARG J 225 24.04 -77.76 61.75
C ARG J 225 23.98 -76.44 61.00
N TRP J 226 23.82 -75.32 61.70
CA TRP J 226 23.83 -74.02 61.04
C TRP J 226 25.17 -73.79 60.34
N HIS J 227 26.27 -74.18 60.99
CA HIS J 227 27.60 -74.02 60.39
C HIS J 227 27.71 -74.77 59.08
N SER J 228 27.21 -76.01 59.01
CA SER J 228 27.23 -76.74 57.74
C SER J 228 26.31 -76.08 56.71
N PHE J 229 25.11 -75.65 57.15
CA PHE J 229 24.18 -74.98 56.25
C PHE J 229 24.83 -73.79 55.56
N ARG J 230 25.61 -73.00 56.31
CA ARG J 230 26.31 -71.87 55.72
C ARG J 230 27.32 -72.28 54.65
N GLU J 231 27.75 -73.54 54.67
CA GLU J 231 28.73 -74.04 53.70
C GLU J 231 28.08 -74.71 52.49
N SER J 232 26.80 -75.07 52.59
CA SER J 232 26.10 -75.58 51.41
C SER J 232 26.04 -74.54 50.29
N GLU J 233 26.10 -75.02 49.04
CA GLU J 233 26.02 -74.15 47.88
C GLU J 233 24.61 -73.65 47.60
N ASP J 234 23.60 -74.21 48.28
CA ASP J 234 22.25 -73.70 48.18
C ASP J 234 21.99 -72.55 49.16
N ALA J 235 22.93 -72.27 50.04
CA ALA J 235 22.75 -71.20 51.03
C ALA J 235 22.65 -69.83 50.39
N ARG J 236 23.05 -69.69 49.12
CA ARG J 236 22.95 -68.40 48.43
C ARG J 236 21.50 -67.95 48.27
N TYR J 237 20.54 -68.87 48.36
CA TYR J 237 19.13 -68.54 48.20
C TYR J 237 18.41 -68.39 49.54
N VAL J 238 19.15 -68.24 50.64
CA VAL J 238 18.57 -68.08 51.96
C VAL J 238 18.97 -66.72 52.51
N GLY J 239 18.00 -66.01 53.09
CA GLY J 239 18.28 -64.73 53.71
C GLY J 239 17.45 -64.50 54.95
N LEU J 240 18.10 -64.29 56.09
CA LEU J 240 17.43 -64.13 57.38
C LEU J 240 17.71 -62.74 57.94
N ALA J 241 16.68 -62.12 58.50
CA ALA J 241 16.76 -60.79 59.08
C ALA J 241 16.84 -60.88 60.60
N LEU J 242 17.31 -59.80 61.20
CA LEU J 242 17.56 -59.75 62.64
C LEU J 242 16.35 -59.18 63.40
N PRO J 243 16.50 -58.03 64.04
CA PRO J 243 15.46 -57.54 64.94
C PRO J 243 14.15 -57.21 64.22
N ARG J 244 13.07 -57.34 64.96
CA ARG J 244 11.74 -57.04 64.44
C ARG J 244 11.52 -55.53 64.47
N PHE J 245 10.28 -55.10 64.22
CA PHE J 245 10.03 -53.67 64.19
C PHE J 245 8.56 -53.39 64.53
N LEU J 246 8.33 -52.27 65.21
CA LEU J 246 6.99 -51.91 65.65
C LEU J 246 6.04 -51.75 64.46
N LEU J 247 4.81 -52.24 64.63
CA LEU J 247 3.76 -52.08 63.64
C LEU J 247 2.64 -51.15 64.07
N ARG J 248 2.38 -51.05 65.38
CA ARG J 248 1.29 -50.22 65.88
C ARG J 248 1.75 -49.44 67.10
N LEU J 249 1.35 -48.17 67.16
CA LEU J 249 1.60 -47.37 68.34
C LEU J 249 0.51 -47.67 69.37
N PRO J 250 0.87 -47.83 70.64
CA PRO J 250 -0.12 -48.26 71.64
C PRO J 250 -1.28 -47.27 71.76
N TYR J 251 -2.46 -47.81 72.07
CA TYR J 251 -3.66 -46.98 72.07
C TYR J 251 -3.59 -45.89 73.13
N GLY J 252 -4.03 -44.69 72.75
CA GLY J 252 -4.03 -43.57 73.66
C GLY J 252 -5.03 -42.50 73.26
N GLU J 253 -5.66 -41.85 74.25
CA GLU J 253 -6.73 -40.92 73.97
C GLU J 253 -6.32 -39.79 73.02
N LYS J 254 -5.02 -39.52 72.92
CA LYS J 254 -4.52 -38.47 72.04
C LYS J 254 -3.84 -39.05 70.80
N THR J 255 -2.88 -39.96 70.98
CA THR J 255 -2.07 -40.42 69.87
C THR J 255 -2.79 -41.47 69.02
N VAL J 256 -3.61 -42.31 69.66
CA VAL J 256 -4.30 -43.38 68.94
C VAL J 256 -5.64 -43.66 69.63
N PRO J 257 -6.63 -42.78 69.48
CA PRO J 257 -7.87 -42.95 70.23
C PRO J 257 -8.82 -43.93 69.57
N VAL J 258 -9.77 -44.42 70.37
CA VAL J 258 -10.82 -45.31 69.91
C VAL J 258 -12.17 -44.68 70.25
N LYS J 259 -13.22 -45.24 69.66
CA LYS J 259 -14.55 -44.67 69.81
C LYS J 259 -15.17 -45.10 71.13
N ALA J 260 -16.01 -44.21 71.68
CA ALA J 260 -16.78 -44.51 72.88
C ALA J 260 -15.88 -44.77 74.09
N PHE J 261 -15.43 -46.02 74.25
CA PHE J 261 -14.66 -46.40 75.43
C PHE J 261 -13.34 -45.63 75.46
N ASN J 262 -13.06 -45.01 76.61
CA ASN J 262 -11.83 -44.23 76.78
C ASN J 262 -10.71 -45.21 77.15
N PHE J 263 -10.16 -45.85 76.11
CA PHE J 263 -9.15 -46.88 76.30
C PHE J 263 -7.75 -46.27 76.19
N THR J 264 -6.92 -46.56 77.18
CA THR J 264 -5.52 -46.15 77.21
C THR J 264 -4.71 -47.43 77.42
N GLU J 265 -4.07 -47.92 76.35
CA GLU J 265 -3.31 -49.15 76.43
C GLU J 265 -2.11 -48.99 77.36
N ASP J 266 -1.91 -49.96 78.23
CA ASP J 266 -0.87 -49.91 79.26
C ASP J 266 0.17 -50.98 78.94
N VAL J 267 1.25 -50.58 78.28
CA VAL J 267 2.37 -51.49 78.04
C VAL J 267 3.18 -51.60 79.32
N VAL J 268 3.34 -52.82 79.82
CA VAL J 268 4.03 -53.05 81.08
C VAL J 268 5.54 -53.04 80.84
N GLY J 269 6.29 -53.65 81.77
CA GLY J 269 7.73 -53.73 81.59
C GLY J 269 8.13 -54.64 80.43
N HIS J 270 7.25 -55.53 80.02
CA HIS J 270 7.55 -56.50 78.96
C HIS J 270 7.25 -55.85 77.61
N HIS J 271 8.31 -55.47 76.89
CA HIS J 271 8.17 -54.91 75.55
C HIS J 271 7.46 -55.84 74.59
N GLU J 272 7.32 -57.12 74.92
CA GLU J 272 6.50 -58.04 74.15
C GLU J 272 5.04 -57.62 74.08
N ARG J 273 4.62 -56.68 74.94
CA ARG J 273 3.28 -56.13 74.82
C ARG J 273 3.12 -55.31 73.54
N TYR J 274 4.23 -54.80 73.01
CA TYR J 274 4.19 -54.05 71.77
C TYR J 274 3.97 -54.99 70.59
N LEU J 275 3.22 -54.50 69.60
CA LEU J 275 2.89 -55.29 68.41
C LEU J 275 4.09 -55.29 67.47
N TRP J 276 5.01 -56.22 67.71
CA TRP J 276 6.19 -56.37 66.88
C TRP J 276 5.84 -57.06 65.56
N GLY J 277 6.60 -56.74 64.52
CA GLY J 277 6.34 -57.26 63.20
C GLY J 277 7.63 -57.74 62.56
N HIS J 278 7.49 -58.70 61.64
CA HIS J 278 8.64 -59.38 61.03
C HIS J 278 9.27 -58.48 59.97
N ALA J 279 10.57 -58.19 60.12
CA ALA J 279 11.24 -57.24 59.24
C ALA J 279 11.40 -57.77 57.81
N SER J 280 11.21 -59.07 57.61
CA SER J 280 11.25 -59.63 56.26
C SER J 280 10.34 -58.86 55.31
N VAL J 281 9.19 -58.38 55.82
CA VAL J 281 8.28 -57.60 54.99
C VAL J 281 8.91 -56.29 54.57
N ALA J 282 9.64 -55.64 55.48
CA ALA J 282 10.35 -54.41 55.12
C ALA J 282 11.36 -54.67 54.01
N LEU J 283 12.17 -55.72 54.16
CA LEU J 283 13.08 -56.08 53.07
C LEU J 283 12.33 -56.29 51.75
N THR J 284 11.20 -56.98 51.81
CA THR J 284 10.38 -57.19 50.62
C THR J 284 9.96 -55.87 50.00
N SER J 285 9.58 -54.89 50.82
CA SER J 285 9.28 -53.56 50.30
C SER J 285 10.48 -52.97 49.57
N ARG J 286 11.69 -53.18 50.11
CA ARG J 286 12.88 -52.71 49.40
C ARG J 286 12.95 -53.31 47.99
N VAL J 287 12.87 -54.63 47.89
CA VAL J 287 12.90 -55.27 46.57
C VAL J 287 11.81 -54.69 45.66
N ALA J 288 10.60 -54.51 46.21
CA ALA J 288 9.49 -53.99 45.43
C ALA J 288 9.81 -52.61 44.86
N ASP J 289 10.37 -51.71 45.68
CA ASP J 289 10.67 -50.36 45.20
C ASP J 289 11.72 -50.40 44.10
N SER J 290 12.82 -51.13 44.32
CA SER J 290 13.84 -51.25 43.28
C SER J 290 13.22 -51.70 41.96
N PHE J 291 12.36 -52.72 42.00
CA PHE J 291 11.76 -53.23 40.77
C PHE J 291 10.77 -52.24 40.16
N ALA J 292 10.06 -51.49 41.01
CA ALA J 292 9.09 -50.52 40.50
C ALA J 292 9.78 -49.39 39.75
N LYS J 293 10.99 -49.03 40.17
CA LYS J 293 11.71 -47.95 39.51
C LYS J 293 12.48 -48.43 38.28
N PHE J 294 13.13 -49.60 38.36
CA PHE J 294 14.08 -49.99 37.31
C PHE J 294 13.82 -51.33 36.65
N ARG J 295 12.92 -52.15 37.19
CA ARG J 295 12.70 -53.52 36.70
C ARG J 295 13.79 -54.49 37.16
N TRP J 296 14.63 -54.06 38.10
CA TRP J 296 15.68 -54.90 38.66
C TRP J 296 15.74 -54.64 40.16
N SER J 297 16.31 -55.60 40.89
CA SER J 297 16.31 -55.59 42.35
C SER J 297 17.72 -55.59 42.91
N PRO J 298 18.49 -54.52 42.70
CA PRO J 298 19.83 -54.45 43.28
C PRO J 298 19.96 -53.32 44.28
N ASN J 299 19.07 -52.34 44.18
CA ASN J 299 19.16 -51.13 45.00
C ASN J 299 18.31 -51.30 46.26
N ILE J 300 18.88 -51.99 47.24
CA ILE J 300 18.18 -52.23 48.49
C ILE J 300 19.15 -52.35 49.67
N ILE J 301 20.30 -51.68 49.56
CA ILE J 301 21.31 -51.79 50.62
C ILE J 301 21.97 -50.45 50.93
N GLY J 302 21.18 -49.42 51.20
CA GLY J 302 21.72 -48.13 51.56
C GLY J 302 20.69 -47.12 52.00
N PRO J 303 21.10 -46.22 52.89
CA PRO J 303 20.20 -45.14 53.30
C PRO J 303 19.80 -44.22 52.15
N GLN J 304 20.65 -44.08 51.14
CA GLN J 304 20.32 -43.32 49.93
C GLN J 304 20.12 -44.20 48.72
N SER J 305 20.68 -45.40 48.69
CA SER J 305 20.56 -46.27 47.52
C SER J 305 19.15 -46.85 47.38
N GLY J 306 18.46 -47.06 48.49
CA GLY J 306 17.12 -47.61 48.40
C GLY J 306 16.85 -48.69 49.43
N GLY J 307 17.79 -48.90 50.34
CA GLY J 307 17.60 -49.79 51.47
C GLY J 307 17.10 -49.12 52.72
N ALA J 308 16.61 -47.89 52.63
CA ALA J 308 16.11 -47.16 53.78
C ALA J 308 14.62 -47.42 53.95
N VAL J 309 14.22 -47.74 55.18
CA VAL J 309 12.81 -47.88 55.54
C VAL J 309 12.42 -46.61 56.28
N GLU J 310 11.49 -45.86 55.69
CA GLU J 310 11.06 -44.59 56.25
C GLU J 310 9.66 -44.69 56.82
N ASN J 311 9.37 -43.80 57.78
CA ASN J 311 8.04 -43.73 58.38
C ASN J 311 7.81 -44.83 59.39
N LEU J 312 8.69 -44.93 60.40
CA LEU J 312 8.47 -45.94 61.43
C LEU J 312 7.66 -45.37 62.58
N PRO J 313 6.87 -46.20 63.26
CA PRO J 313 6.07 -45.71 64.38
C PRO J 313 6.97 -45.29 65.53
N LEU J 314 6.51 -44.28 66.27
CA LEU J 314 7.22 -43.77 67.43
C LEU J 314 6.30 -43.78 68.64
N HIS J 315 6.88 -43.74 69.84
CA HIS J 315 6.10 -43.82 71.07
C HIS J 315 6.90 -43.18 72.21
N GLN J 316 6.61 -41.91 72.47
CA GLN J 316 7.24 -41.21 73.58
C GLN J 316 6.47 -41.49 74.86
N TYR J 317 7.20 -41.75 75.94
CA TYR J 317 6.63 -42.06 77.25
C TYR J 317 7.66 -41.72 78.31
N GLU J 318 7.21 -41.63 79.57
CA GLU J 318 8.09 -41.14 80.63
C GLU J 318 9.21 -42.11 80.93
N ALA J 319 10.40 -41.57 81.16
CA ALA J 319 11.58 -42.34 81.53
C ALA J 319 11.85 -42.12 83.03
N MET J 320 13.08 -41.78 83.43
CA MET J 320 13.37 -41.47 84.83
C MET J 320 13.12 -40.02 85.16
N GLY J 321 11.96 -39.48 84.80
CA GLY J 321 11.67 -38.07 84.96
C GLY J 321 11.72 -37.31 83.67
N GLU J 322 12.42 -37.82 82.66
CA GLU J 322 12.25 -37.35 81.31
C GLU J 322 11.23 -38.24 80.59
N ILE J 323 11.12 -38.07 79.28
CA ILE J 323 10.24 -38.85 78.42
C ILE J 323 10.99 -39.20 77.11
N GLN J 324 11.13 -40.50 76.85
CA GLN J 324 11.90 -40.98 75.70
C GLN J 324 11.02 -41.88 74.83
N THR J 325 11.54 -42.18 73.65
CA THR J 325 10.79 -42.85 72.60
C THR J 325 11.20 -44.31 72.47
N LYS J 326 10.22 -45.21 72.47
CA LYS J 326 10.47 -46.62 72.25
C LYS J 326 11.06 -46.81 70.86
N ILE J 327 12.23 -47.43 70.80
CA ILE J 327 12.93 -47.57 69.53
C ILE J 327 12.09 -48.42 68.59
N PRO J 328 11.92 -48.01 67.33
CA PRO J 328 11.11 -48.82 66.40
C PRO J 328 11.62 -50.24 66.25
N THR J 329 12.92 -50.44 66.32
CA THR J 329 13.52 -51.75 66.47
C THR J 329 13.87 -51.96 67.94
N GLU J 330 13.96 -53.23 68.34
CA GLU J 330 14.16 -53.56 69.75
C GLU J 330 15.38 -52.84 70.32
N VAL J 331 16.45 -52.70 69.53
CA VAL J 331 17.68 -52.07 69.98
C VAL J 331 18.18 -51.09 68.93
N MET J 332 19.09 -50.22 69.35
CA MET J 332 19.75 -49.26 68.47
C MET J 332 21.11 -49.87 68.14
N LEU J 333 21.18 -50.53 66.99
CA LEU J 333 22.40 -51.28 66.64
C LEU J 333 23.51 -50.32 66.23
N THR J 334 24.69 -50.52 66.82
CA THR J 334 25.86 -49.74 66.45
C THR J 334 26.52 -50.32 65.21
N GLU J 335 27.40 -49.52 64.60
CA GLU J 335 28.05 -49.93 63.35
C GLU J 335 28.84 -51.22 63.53
N ARG J 336 29.56 -51.35 64.66
CA ARG J 336 30.36 -52.55 64.88
C ARG J 336 29.48 -53.79 65.03
N ARG J 337 28.38 -53.68 65.80
CA ARG J 337 27.49 -54.81 65.96
C ARG J 337 26.83 -55.20 64.64
N GLU J 338 26.41 -54.20 63.86
CA GLU J 338 25.84 -54.49 62.54
C GLU J 338 26.86 -55.19 61.65
N PHE J 339 28.12 -54.75 61.72
CA PHE J 339 29.16 -55.41 60.94
C PHE J 339 29.36 -56.85 61.36
N GLU J 340 29.33 -57.11 62.67
CA GLU J 340 29.45 -58.49 63.15
C GLU J 340 28.30 -59.35 62.63
N LEU J 341 27.07 -58.84 62.75
CA LEU J 341 25.92 -59.57 62.22
C LEU J 341 26.06 -59.84 60.73
N SER J 342 26.59 -58.87 59.98
CA SER J 342 26.82 -59.06 58.55
C SER J 342 27.85 -60.16 58.30
N GLU J 343 28.91 -60.21 59.12
CA GLU J 343 29.87 -61.29 59.02
C GLU J 343 29.24 -62.64 59.32
N GLU J 344 28.21 -62.66 60.17
CA GLU J 344 27.48 -63.87 60.51
C GLU J 344 26.33 -64.16 59.55
N GLY J 345 26.28 -63.47 58.41
CA GLY J 345 25.26 -63.74 57.42
C GLY J 345 23.86 -63.35 57.80
N PHE J 346 23.70 -62.31 58.62
CA PHE J 346 22.40 -61.81 59.03
C PHE J 346 22.13 -60.47 58.39
N ILE J 347 20.84 -60.21 58.13
CA ILE J 347 20.41 -58.96 57.51
C ILE J 347 19.83 -58.10 58.64
N GLY J 348 20.66 -57.25 59.21
CA GLY J 348 20.24 -56.41 60.32
C GLY J 348 19.68 -55.07 59.89
N LEU J 349 18.42 -54.81 60.22
CA LEU J 349 17.80 -53.51 59.96
C LEU J 349 18.20 -52.58 61.09
N VAL J 350 19.08 -51.62 60.80
CA VAL J 350 19.60 -50.73 61.82
C VAL J 350 18.70 -49.51 61.95
N PHE J 351 18.58 -48.99 63.17
CA PHE J 351 17.74 -47.84 63.45
C PHE J 351 18.58 -46.57 63.41
N ARG J 352 18.09 -45.58 62.66
CA ARG J 352 18.78 -44.29 62.58
C ARG J 352 18.57 -43.57 63.89
N LYS J 353 19.65 -43.36 64.63
CA LYS J 353 19.59 -42.80 65.98
C LYS J 353 18.66 -41.60 66.03
N ASP J 354 17.62 -41.70 66.83
CA ASP J 354 16.55 -40.71 66.86
C ASP J 354 16.08 -40.32 65.46
N SER J 355 15.35 -41.21 64.81
CA SER J 355 14.62 -40.90 63.59
C SER J 355 13.33 -41.72 63.67
N ASP J 356 12.55 -41.72 62.60
CA ASP J 356 11.64 -42.82 62.30
C ASP J 356 12.15 -43.62 61.10
N ASN J 357 13.47 -43.64 60.93
CA ASN J 357 14.11 -44.21 59.75
C ASN J 357 15.09 -45.31 60.15
N ALA J 358 15.03 -46.42 59.41
CA ALA J 358 15.99 -47.51 59.55
C ALA J 358 16.63 -47.75 58.20
N ALA J 359 17.64 -48.63 58.17
CA ALA J 359 18.39 -48.88 56.95
C ALA J 359 18.96 -50.29 56.98
N PHE J 360 19.02 -50.90 55.79
CA PHE J 360 19.69 -52.18 55.60
C PHE J 360 21.01 -51.85 54.91
N PHE J 361 22.11 -51.94 55.67
CA PHE J 361 23.41 -51.58 55.11
C PHE J 361 23.91 -52.62 54.13
N SER J 362 23.43 -53.86 54.22
CA SER J 362 23.88 -54.92 53.34
C SER J 362 22.90 -56.07 53.40
N ALA J 363 22.86 -56.84 52.32
CA ALA J 363 21.98 -58.00 52.24
C ALA J 363 22.77 -59.25 51.89
N ASN J 364 23.69 -59.64 52.77
CA ASN J 364 24.44 -60.87 52.55
C ASN J 364 23.53 -62.07 52.79
N SER J 365 23.76 -63.13 52.02
CA SER J 365 23.01 -64.37 52.19
C SER J 365 23.58 -65.16 53.37
N THR J 366 22.98 -66.31 53.65
CA THR J 366 23.49 -67.16 54.73
C THR J 366 24.84 -67.77 54.37
N GLN J 367 25.13 -67.91 53.08
CA GLN J 367 26.33 -68.61 52.64
C GLN J 367 27.59 -67.88 53.12
N LYS J 368 28.54 -68.66 53.64
CA LYS J 368 29.81 -68.11 54.12
C LYS J 368 30.82 -68.09 52.97
N PRO J 369 31.57 -67.01 52.81
CA PRO J 369 32.53 -66.96 51.70
C PRO J 369 33.70 -67.90 51.92
N ARG J 370 34.26 -68.39 50.82
CA ARG J 370 35.40 -69.30 50.88
C ARG J 370 36.69 -68.52 50.67
N PHE J 371 37.76 -69.01 51.31
CA PHE J 371 39.06 -68.40 51.23
C PHE J 371 39.95 -69.19 50.27
N PHE J 372 40.70 -68.47 49.44
CA PHE J 372 41.59 -69.08 48.46
C PHE J 372 43.01 -68.58 48.66
N GLY J 373 43.96 -69.25 48.01
CA GLY J 373 45.34 -68.84 48.13
C GLY J 373 45.56 -67.43 47.60
N ASN J 374 46.48 -66.71 48.26
CA ASN J 374 46.72 -65.30 47.96
C ASN J 374 47.64 -65.17 46.73
N THR J 375 47.06 -65.50 45.59
CA THR J 375 47.70 -65.31 44.28
C THR J 375 46.70 -64.57 43.40
N PRO J 376 47.12 -64.15 42.21
CA PRO J 376 46.15 -63.46 41.32
C PRO J 376 44.91 -64.28 41.04
N GLU J 377 45.09 -65.54 40.63
CA GLU J 377 43.95 -66.40 40.35
C GLU J 377 43.13 -66.67 41.61
N GLY J 378 43.80 -66.90 42.73
CA GLY J 378 43.08 -67.18 43.97
C GLY J 378 42.22 -66.01 44.42
N LYS J 379 42.77 -64.79 44.37
CA LYS J 379 41.98 -63.61 44.70
C LYS J 379 40.85 -63.40 43.72
N ALA J 380 41.07 -63.69 42.43
CA ALA J 380 39.96 -63.65 41.47
C ALA J 380 38.84 -64.60 41.89
N ALA J 381 39.21 -65.83 42.29
CA ALA J 381 38.22 -66.79 42.74
C ALA J 381 37.46 -66.28 43.96
N GLU J 382 38.17 -65.67 44.91
CA GLU J 382 37.51 -65.08 46.06
C GLU J 382 36.48 -64.03 45.65
N THR J 383 36.87 -63.14 44.73
CA THR J 383 35.95 -62.10 44.27
C THR J 383 34.67 -62.70 43.70
N ASN J 384 34.82 -63.64 42.76
CA ASN J 384 33.64 -64.27 42.17
C ASN J 384 32.75 -64.89 43.24
N TYR J 385 33.34 -65.68 44.14
CA TYR J 385 32.57 -66.36 45.17
C TYR J 385 31.77 -65.38 46.02
N ARG J 386 32.41 -64.31 46.51
CA ARG J 386 31.69 -63.32 47.32
C ARG J 386 30.54 -62.69 46.54
N LEU J 387 30.81 -62.28 45.29
CA LEU J 387 29.73 -61.86 44.41
C LEU J 387 28.57 -62.84 44.47
N GLY J 388 28.85 -64.14 44.39
CA GLY J 388 27.79 -65.13 44.57
C GLY J 388 27.12 -65.06 45.92
N THR J 389 27.89 -64.75 46.97
CA THR J 389 27.37 -64.71 48.33
C THR J 389 26.44 -63.52 48.59
N GLN J 390 26.44 -62.53 47.71
CA GLN J 390 25.66 -61.31 47.90
C GLN J 390 24.32 -61.37 47.17
N LEU J 391 23.23 -61.13 47.90
CA LEU J 391 21.92 -61.10 47.28
C LEU J 391 21.74 -59.97 46.28
N PRO J 392 22.35 -58.78 46.47
CA PRO J 392 22.17 -57.68 45.50
C PRO J 392 22.60 -58.02 44.08
N TYR J 393 23.50 -59.00 43.93
CA TYR J 393 23.86 -59.52 42.61
C TYR J 393 23.12 -60.80 42.27
N MET J 394 22.86 -61.64 43.28
CA MET J 394 22.03 -62.82 43.07
C MET J 394 20.72 -62.47 42.38
N PHE J 395 20.13 -61.31 42.72
CA PHE J 395 18.88 -60.90 42.10
C PHE J 395 19.03 -60.67 40.59
N ILE J 396 20.12 -60.02 40.17
CA ILE J 396 20.39 -59.86 38.75
C ILE J 396 20.48 -61.22 38.08
N MET J 397 21.24 -62.15 38.69
CA MET J 397 21.33 -63.50 38.13
C MET J 397 19.96 -64.15 37.99
N THR J 398 19.08 -63.98 38.98
CA THR J 398 17.77 -64.64 38.94
C THR J 398 16.89 -64.06 37.85
N ARG J 399 16.85 -62.73 37.74
CA ARG J 399 16.09 -62.11 36.65
C ARG J 399 16.60 -62.62 35.29
N LEU J 400 17.92 -62.70 35.14
CA LEU J 400 18.48 -63.21 33.88
C LEU J 400 18.00 -64.63 33.58
N ALA J 401 17.99 -65.49 34.61
CA ALA J 401 17.53 -66.86 34.41
C ALA J 401 16.06 -66.92 33.97
N HIS J 402 15.20 -66.12 34.61
CA HIS J 402 13.80 -66.08 34.20
C HIS J 402 13.67 -65.67 32.73
N TYR J 403 14.32 -64.55 32.36
CA TYR J 403 14.25 -64.09 30.97
C TYR J 403 14.75 -65.15 30.00
N ILE J 404 15.82 -65.85 30.37
CA ILE J 404 16.39 -66.87 29.48
C ILE J 404 15.41 -68.00 29.26
N LYS J 405 14.86 -68.56 30.35
CA LYS J 405 13.86 -69.62 30.21
C LYS J 405 12.73 -69.18 29.29
N VAL J 406 12.05 -68.08 29.65
CA VAL J 406 10.89 -67.62 28.89
C VAL J 406 11.25 -67.43 27.41
N LEU J 407 12.24 -66.58 27.14
CA LEU J 407 12.52 -66.18 25.76
C LEU J 407 13.06 -67.33 24.91
N GLN J 408 13.80 -68.26 25.52
CA GLN J 408 14.32 -69.39 24.74
C GLN J 408 13.23 -70.38 24.36
N ARG J 409 12.28 -70.61 25.28
CA ARG J 409 11.12 -71.43 24.95
C ARG J 409 10.49 -71.02 23.62
N GLU J 410 10.39 -69.71 23.38
CA GLU J 410 9.78 -69.23 22.15
C GLU J 410 10.64 -69.48 20.92
N GLN J 411 11.95 -69.67 21.12
CA GLN J 411 12.86 -69.92 20.01
C GLN J 411 13.01 -71.39 19.68
N ILE J 412 12.59 -72.28 20.57
CA ILE J 412 12.61 -73.72 20.27
C ILE J 412 11.89 -73.98 18.95
N GLY J 413 12.56 -74.72 18.06
CA GLY J 413 12.02 -75.07 16.76
C GLY J 413 12.59 -74.27 15.60
N SER J 414 13.25 -73.15 15.88
CA SER J 414 13.82 -72.32 14.82
C SER J 414 15.13 -72.92 14.32
N TRP J 415 15.51 -72.51 13.10
CA TRP J 415 16.74 -73.00 12.47
C TRP J 415 17.94 -72.27 13.06
N LYS J 416 18.49 -72.85 14.12
CA LYS J 416 19.57 -72.24 14.88
C LYS J 416 20.80 -73.12 14.82
N GLU J 417 21.88 -72.57 14.27
CA GLU J 417 23.20 -73.15 14.40
C GLU J 417 23.92 -72.52 15.60
N LYS J 418 25.03 -73.14 16.01
CA LYS J 418 25.74 -72.69 17.20
C LYS J 418 26.09 -71.21 17.14
N SER J 419 26.77 -70.79 16.06
CA SER J 419 27.10 -69.40 15.85
C SER J 419 25.87 -68.50 15.84
N ASP J 420 24.73 -69.01 15.33
CA ASP J 420 23.49 -68.25 15.42
C ASP J 420 23.11 -68.00 16.87
N LEU J 421 23.21 -69.04 17.71
CA LEU J 421 23.01 -68.85 19.15
C LEU J 421 23.95 -67.79 19.70
N GLU J 422 25.23 -67.85 19.32
CA GLU J 422 26.20 -66.88 19.82
C GLU J 422 25.79 -65.45 19.47
N ARG J 423 25.49 -65.19 18.20
CA ARG J 423 25.16 -63.84 17.75
C ARG J 423 23.90 -63.33 18.44
N GLU J 424 22.82 -64.11 18.40
CA GLU J 424 21.56 -63.67 18.99
C GLU J 424 21.71 -63.39 20.48
N LEU J 425 22.33 -64.33 21.20
CA LEU J 425 22.48 -64.17 22.65
C LEU J 425 23.32 -62.95 23.00
N ASN J 426 24.39 -62.70 22.24
CA ASN J 426 25.17 -61.49 22.47
C ASN J 426 24.30 -60.23 22.29
N HIS J 427 23.61 -60.14 21.15
CA HIS J 427 22.75 -58.99 20.89
C HIS J 427 21.70 -58.80 21.98
N TRP J 428 21.21 -59.90 22.56
CA TRP J 428 20.20 -59.80 23.60
C TRP J 428 20.80 -59.32 24.92
N LEU J 429 21.91 -59.93 25.33
CA LEU J 429 22.54 -59.55 26.60
C LEU J 429 22.97 -58.09 26.59
N SER J 430 23.35 -57.56 25.43
CA SER J 430 23.76 -56.15 25.36
C SER J 430 22.67 -55.20 25.85
N GLN J 431 21.41 -55.66 25.88
CA GLN J 431 20.31 -54.79 26.25
C GLN J 431 20.40 -54.30 27.69
N TYR J 432 21.06 -55.06 28.57
CA TYR J 432 21.18 -54.71 29.97
C TYR J 432 22.60 -54.32 30.36
N ILE J 433 23.41 -53.88 29.39
CA ILE J 433 24.82 -53.57 29.61
C ILE J 433 25.01 -52.05 29.51
N SER J 434 25.72 -51.48 30.48
CA SER J 434 26.09 -50.08 30.48
C SER J 434 27.62 -50.04 30.59
N ASP J 435 28.28 -50.14 29.44
CA ASP J 435 29.74 -50.14 29.39
C ASP J 435 30.32 -48.79 28.99
N MET J 436 29.81 -47.69 29.55
CA MET J 436 30.20 -46.37 29.11
C MET J 436 31.35 -45.78 29.93
N ASP J 437 31.57 -44.48 29.70
CA ASP J 437 32.62 -43.72 30.38
C ASP J 437 32.22 -43.33 31.79
N ASP J 438 31.45 -42.26 31.97
CA ASP J 438 31.25 -41.81 33.38
C ASP J 438 29.78 -41.75 33.72
N PRO J 439 29.32 -42.47 34.70
CA PRO J 439 28.01 -43.12 34.59
C PRO J 439 26.96 -42.61 35.54
N ALA J 440 25.84 -42.09 34.97
CA ALA J 440 24.62 -41.74 35.65
C ALA J 440 24.52 -42.54 36.95
N PRO J 441 25.06 -42.02 38.06
CA PRO J 441 25.10 -42.82 39.28
C PRO J 441 23.68 -43.23 39.60
N ALA J 442 23.49 -44.52 39.88
CA ALA J 442 22.14 -45.04 40.08
C ALA J 442 21.32 -45.01 38.79
N VAL J 443 22.00 -44.89 37.64
CA VAL J 443 21.40 -45.11 36.34
C VAL J 443 21.84 -46.43 35.73
N ARG J 444 23.03 -46.90 36.09
CA ARG J 444 23.41 -48.29 35.82
C ARG J 444 22.54 -49.18 36.69
N SER J 445 21.64 -48.55 37.47
CA SER J 445 20.57 -49.29 38.13
C SER J 445 19.71 -50.03 37.11
N ARG J 446 19.24 -49.32 36.09
CA ARG J 446 18.42 -49.95 35.06
C ARG J 446 19.22 -50.90 34.18
N ARG J 447 20.54 -50.68 34.06
CA ARG J 447 21.44 -51.54 33.31
C ARG J 447 22.50 -52.04 34.27
N PRO J 448 22.19 -53.09 35.06
CA PRO J 448 23.09 -53.45 36.16
C PRO J 448 24.40 -54.07 35.71
N LEU J 449 24.48 -54.53 34.47
CA LEU J 449 25.69 -55.19 33.97
C LEU J 449 26.64 -54.19 33.34
N ARG J 450 27.94 -54.42 33.56
CA ARG J 450 29.01 -53.68 32.90
C ARG J 450 29.65 -54.46 31.77
N ALA J 451 29.86 -55.76 31.95
CA ALA J 451 30.44 -56.61 30.91
C ALA J 451 29.72 -57.96 30.90
N ALA J 452 29.87 -58.68 29.79
CA ALA J 452 29.23 -59.98 29.67
C ALA J 452 29.87 -60.75 28.53
N ARG J 453 30.02 -62.06 28.72
CA ARG J 453 30.63 -62.95 27.75
C ARG J 453 29.78 -64.20 27.63
N VAL J 454 29.58 -64.65 26.39
CA VAL J 454 28.74 -65.81 26.08
C VAL J 454 29.50 -66.71 25.13
N VAL J 455 29.55 -68.01 25.44
CA VAL J 455 30.18 -69.01 24.61
C VAL J 455 29.18 -70.14 24.38
N VAL J 456 29.12 -70.66 23.17
CA VAL J 456 28.15 -71.68 22.79
C VAL J 456 28.89 -72.84 22.13
N GLU J 457 28.71 -74.04 22.65
CA GLU J 457 29.27 -75.25 22.09
C GLU J 457 28.14 -76.22 21.75
N ASP J 458 28.51 -77.33 21.11
CA ASP J 458 27.55 -78.31 20.65
C ASP J 458 27.57 -79.53 21.57
N VAL J 459 26.39 -80.06 21.86
CA VAL J 459 26.26 -81.33 22.59
C VAL J 459 26.55 -82.44 21.59
N GLU J 460 27.76 -82.99 21.64
CA GLU J 460 28.19 -83.96 20.65
C GLU J 460 27.31 -85.20 20.71
N GLY J 461 26.91 -85.70 19.54
CA GLY J 461 26.01 -86.83 19.47
C GLY J 461 24.56 -86.49 19.73
N GLN J 462 24.22 -85.21 19.73
CA GLN J 462 22.84 -84.76 19.95
C GLN J 462 22.61 -83.50 19.14
N PRO J 463 22.28 -83.65 17.85
CA PRO J 463 22.13 -82.48 16.98
C PRO J 463 20.90 -81.65 17.38
N GLY J 464 21.08 -80.33 17.42
CA GLY J 464 20.05 -79.43 17.85
C GLY J 464 20.17 -78.96 19.28
N TRP J 465 21.01 -79.61 20.08
CA TRP J 465 21.22 -79.24 21.47
C TRP J 465 22.58 -78.55 21.62
N TYR J 466 22.64 -77.55 22.48
CA TYR J 466 23.85 -76.76 22.68
C TYR J 466 24.12 -76.59 24.17
N ARG J 467 25.37 -76.25 24.47
CA ARG J 467 25.83 -75.96 25.82
C ARG J 467 26.28 -74.51 25.85
N CYS J 468 25.61 -73.69 26.64
CA CYS J 468 25.84 -72.25 26.67
C CYS J 468 26.43 -71.83 28.01
N SER J 469 27.42 -70.94 27.95
CA SER J 469 28.07 -70.39 29.13
C SER J 469 27.93 -68.87 29.08
N LEU J 470 27.36 -68.30 30.14
CA LEU J 470 27.12 -66.86 30.25
C LEU J 470 27.75 -66.38 31.54
N GLN J 471 28.72 -65.47 31.42
CA GLN J 471 29.41 -64.88 32.56
C GLN J 471 29.25 -63.38 32.50
N VAL J 472 28.96 -62.76 33.64
CA VAL J 472 28.62 -61.35 33.69
C VAL J 472 29.45 -60.64 34.74
N ARG J 473 29.82 -59.40 34.44
CA ARG J 473 30.50 -58.51 35.37
C ARG J 473 29.56 -57.34 35.64
N PRO J 474 28.91 -57.31 36.79
CA PRO J 474 27.98 -56.20 37.09
C PRO J 474 28.70 -55.09 37.83
N HIS J 475 28.03 -53.95 37.92
CA HIS J 475 28.59 -52.79 38.61
C HIS J 475 28.69 -53.07 40.10
N PHE J 476 29.73 -52.52 40.72
CA PHE J 476 29.99 -52.74 42.14
C PHE J 476 29.25 -51.75 43.02
N LEU K 30 55.31 -35.55 18.25
CA LEU K 30 56.30 -35.92 19.24
C LEU K 30 56.65 -34.75 20.13
N PRO K 31 56.51 -34.93 21.45
CA PRO K 31 56.86 -33.86 22.38
C PRO K 31 58.36 -33.64 22.41
N LEU K 32 58.75 -32.51 23.00
CA LEU K 32 60.15 -32.16 23.19
C LEU K 32 60.49 -32.44 24.65
N LYS K 33 61.15 -33.58 24.89
CA LYS K 33 61.46 -34.04 26.24
C LYS K 33 62.95 -33.84 26.51
N VAL K 34 63.26 -33.17 27.62
CA VAL K 34 64.64 -32.92 28.02
C VAL K 34 64.93 -33.67 29.31
N LEU K 35 66.17 -34.11 29.45
CA LEU K 35 66.64 -34.86 30.61
C LEU K 35 67.69 -34.02 31.32
N MET K 36 67.35 -33.52 32.50
CA MET K 36 68.27 -32.76 33.34
C MET K 36 68.94 -33.74 34.29
N LEU K 37 70.24 -33.96 34.10
CA LEU K 37 71.02 -34.85 34.93
C LEU K 37 71.97 -34.03 35.77
N GLY K 38 71.98 -34.26 37.08
CA GLY K 38 72.85 -33.48 37.95
C GLY K 38 72.72 -33.88 39.40
N ASP K 39 73.58 -33.27 40.22
CA ASP K 39 73.68 -33.58 41.65
C ASP K 39 72.71 -32.68 42.41
N PHE K 40 71.45 -33.12 42.45
CA PHE K 40 70.40 -32.36 43.11
C PHE K 40 70.33 -32.62 44.61
N THR K 41 71.12 -33.54 45.15
CA THR K 41 71.13 -33.87 46.56
C THR K 41 72.50 -33.59 47.14
N GLY K 42 72.59 -33.58 48.46
CA GLY K 42 73.85 -33.37 49.15
C GLY K 42 74.73 -34.58 49.25
N GLN K 43 74.31 -35.72 48.70
CA GLN K 43 75.11 -36.94 48.77
C GLN K 43 74.71 -37.86 47.63
N GLU K 44 75.62 -38.77 47.28
CA GLU K 44 75.34 -39.76 46.26
C GLU K 44 74.43 -40.85 46.81
N ASP K 45 73.71 -41.51 45.92
CA ASP K 45 72.78 -42.56 46.31
C ASP K 45 73.43 -43.93 46.17
N ALA K 46 73.05 -44.84 47.06
CA ALA K 46 73.54 -46.20 46.99
C ALA K 46 72.88 -46.98 45.86
N ARG K 47 71.70 -46.56 45.44
CA ARG K 47 70.98 -47.27 44.39
C ARG K 47 71.73 -47.11 43.07
N PRO K 48 71.86 -48.17 42.28
CA PRO K 48 72.58 -48.06 41.00
C PRO K 48 71.85 -47.14 40.04
N LEU K 49 72.61 -46.59 39.09
CA LEU K 49 72.05 -45.61 38.17
C LEU K 49 70.90 -46.18 37.34
N GLU K 50 71.02 -47.44 36.92
CA GLU K 50 69.96 -48.07 36.14
C GLU K 50 68.73 -48.36 36.97
N GLN K 51 68.84 -48.33 38.31
CA GLN K 51 67.73 -48.61 39.19
C GLN K 51 67.00 -47.34 39.63
N ARG K 52 67.74 -46.29 39.94
CA ARG K 52 67.13 -45.01 40.30
C ARG K 52 66.31 -44.49 39.14
N ALA K 53 65.17 -43.87 39.45
CA ALA K 53 64.23 -43.50 38.41
C ALA K 53 64.25 -41.99 38.17
N PRO K 54 63.84 -41.55 36.98
CA PRO K 54 63.72 -40.11 36.73
C PRO K 54 62.38 -39.58 37.20
N ILE K 55 62.31 -38.27 37.39
CA ILE K 55 61.11 -37.63 37.92
C ILE K 55 60.60 -36.59 36.92
N ASN K 56 59.32 -36.68 36.57
CA ASN K 56 58.72 -35.73 35.65
C ASN K 56 58.38 -34.43 36.40
N VAL K 57 58.83 -33.30 35.85
CA VAL K 57 58.72 -32.01 36.53
C VAL K 57 57.95 -31.05 35.65
N ASP K 58 57.09 -30.24 36.29
CA ASP K 58 56.28 -29.25 35.59
C ASP K 58 55.91 -28.15 36.58
N LYS K 59 55.35 -27.06 36.04
CA LYS K 59 55.09 -25.88 36.86
C LYS K 59 54.07 -26.15 37.96
N ALA K 60 53.21 -27.15 37.78
CA ALA K 60 52.14 -27.44 38.73
C ALA K 60 52.56 -28.43 39.82
N ASN K 61 53.84 -28.75 39.94
CA ASN K 61 54.26 -29.72 40.94
C ASN K 61 55.74 -29.65 41.28
N PHE K 62 56.42 -28.57 40.90
CA PHE K 62 57.85 -28.46 41.16
C PHE K 62 58.15 -28.52 42.65
N ASN K 63 57.44 -27.70 43.44
CA ASN K 63 57.64 -27.71 44.89
C ASN K 63 57.36 -29.09 45.48
N GLU K 64 56.30 -29.75 45.01
CA GLU K 64 56.01 -31.10 45.47
C GLU K 64 57.17 -32.05 45.14
N VAL K 65 57.80 -31.85 43.99
CA VAL K 65 58.96 -32.67 43.61
C VAL K 65 60.11 -32.41 44.59
N MET K 66 60.33 -31.17 44.98
CA MET K 66 61.35 -30.87 45.97
C MET K 66 61.04 -31.57 47.30
N ALA K 67 59.81 -31.42 47.80
CA ALA K 67 59.44 -32.01 49.08
C ALA K 67 59.59 -33.53 49.06
N GLN K 68 59.19 -34.18 47.96
CA GLN K 68 59.31 -35.63 47.86
C GLN K 68 60.78 -36.06 47.71
N GLN K 69 61.59 -35.25 47.04
CA GLN K 69 63.01 -35.56 46.91
C GLN K 69 63.73 -35.47 48.25
N ASN K 70 63.32 -34.53 49.11
CA ASN K 70 63.85 -34.43 50.47
C ASN K 70 65.30 -33.95 50.48
N LEU K 71 65.51 -32.66 50.75
CA LEU K 71 66.84 -32.05 50.69
C LEU K 71 67.43 -31.93 52.09
N LYS K 72 68.72 -32.23 52.20
CA LYS K 72 69.40 -32.16 53.49
C LYS K 72 70.86 -31.81 53.28
N VAL K 73 71.38 -30.92 54.13
CA VAL K 73 72.77 -30.46 54.06
C VAL K 73 73.35 -30.51 55.46
N THR K 74 74.34 -31.38 55.66
CA THR K 74 75.10 -31.44 56.91
C THR K 74 76.46 -30.82 56.61
N LEU K 75 76.73 -29.65 57.18
CA LEU K 75 77.93 -28.92 56.82
C LEU K 75 78.41 -28.07 57.98
N THR K 76 79.70 -27.75 57.96
CA THR K 76 80.34 -26.96 59.01
C THR K 76 80.88 -25.67 58.41
N ALA K 77 80.55 -24.55 59.04
CA ALA K 77 81.07 -23.24 58.66
C ALA K 77 81.75 -22.61 59.87
N ALA K 78 82.53 -21.58 59.59
CA ALA K 78 83.25 -20.86 60.65
C ALA K 78 82.25 -20.21 61.60
N ASP K 79 82.48 -20.37 62.90
CA ASP K 79 81.59 -19.81 63.92
C ASP K 79 82.00 -18.37 64.19
N LYS K 80 81.29 -17.42 63.59
CA LYS K 80 81.58 -16.00 63.73
C LYS K 80 80.73 -15.34 64.82
N LEU K 81 80.08 -16.13 65.66
CA LEU K 81 79.35 -15.60 66.81
C LEU K 81 80.25 -15.34 68.00
N SER K 82 81.54 -15.67 67.90
CA SER K 82 82.51 -15.39 68.95
C SER K 82 83.79 -14.91 68.31
N ALA K 83 84.89 -14.87 69.08
CA ALA K 83 86.18 -14.42 68.58
C ALA K 83 87.23 -15.52 68.70
N ASP K 84 86.88 -16.73 68.29
CA ASP K 84 87.78 -17.88 68.39
C ASP K 84 87.95 -18.52 67.03
N PRO K 85 89.17 -18.56 66.48
CA PRO K 85 89.34 -19.18 65.16
C PRO K 85 89.14 -20.68 65.17
N ASN K 86 89.25 -21.32 66.34
CA ASN K 86 88.98 -22.75 66.46
C ASN K 86 87.50 -23.07 66.63
N ALA K 87 86.65 -22.05 66.75
CA ALA K 87 85.21 -22.26 66.92
C ALA K 87 84.57 -22.53 65.56
N THR K 88 83.89 -23.66 65.45
CA THR K 88 83.20 -24.04 64.22
C THR K 88 81.76 -24.39 64.55
N MET K 89 80.88 -24.21 63.57
CA MET K 89 79.45 -24.44 63.74
C MET K 89 78.98 -25.44 62.70
N ASN K 90 78.42 -26.56 63.16
CA ASN K 90 77.88 -27.58 62.28
C ASN K 90 76.36 -27.47 62.23
N VAL K 91 75.82 -27.45 61.03
CA VAL K 91 74.39 -27.26 60.80
C VAL K 91 73.86 -28.41 59.95
N SER K 92 72.58 -28.72 60.15
CA SER K 92 71.85 -29.75 59.40
C SER K 92 70.58 -29.11 58.88
N LEU K 93 70.67 -28.53 57.68
CA LEU K 93 69.54 -27.86 57.07
C LEU K 93 68.70 -28.86 56.26
N GLN K 94 67.40 -28.60 56.21
CA GLN K 94 66.45 -29.45 55.49
C GLN K 94 65.61 -28.59 54.57
N PHE K 95 65.36 -29.09 53.36
CA PHE K 95 64.68 -28.34 52.32
C PHE K 95 63.54 -29.16 51.73
N LYS K 96 62.37 -28.53 51.67
CA LYS K 96 61.20 -29.04 50.97
C LYS K 96 60.74 -28.15 49.83
N ASN K 97 61.08 -26.87 49.85
CA ASN K 97 60.75 -25.94 48.77
C ASN K 97 61.83 -24.86 48.69
N LEU K 98 61.82 -24.11 47.59
CA LEU K 98 62.84 -23.09 47.37
C LEU K 98 62.82 -22.03 48.45
N ASN K 99 61.65 -21.74 49.03
CA ASN K 99 61.55 -20.77 50.10
C ASN K 99 62.39 -21.17 51.31
N ASP K 100 62.69 -22.46 51.45
CA ASP K 100 63.54 -22.95 52.53
C ASP K 100 65.00 -22.55 52.37
N PHE K 101 65.37 -21.93 51.24
CA PHE K 101 66.72 -21.40 51.06
C PHE K 101 66.86 -19.97 51.54
N SER K 102 65.77 -19.36 52.00
CA SER K 102 65.83 -17.99 52.47
C SER K 102 66.49 -17.91 53.84
N PRO K 103 67.12 -16.76 54.14
CA PRO K 103 67.76 -16.60 55.46
C PRO K 103 66.82 -16.80 56.63
N GLU K 104 65.53 -16.51 56.47
CA GLU K 104 64.57 -16.76 57.55
C GLU K 104 64.51 -18.24 57.90
N SER K 105 64.36 -19.10 56.89
CA SER K 105 64.39 -20.53 57.11
C SER K 105 65.75 -20.99 57.64
N VAL K 106 66.85 -20.47 57.08
CA VAL K 106 68.18 -20.83 57.56
C VAL K 106 68.29 -20.56 59.06
N VAL K 107 67.84 -19.38 59.50
CA VAL K 107 67.87 -19.03 60.92
C VAL K 107 66.94 -19.95 61.71
N ASN K 108 65.75 -20.24 61.16
CA ASN K 108 64.81 -21.12 61.83
C ASN K 108 65.40 -22.50 62.09
N GLN K 109 66.30 -22.95 61.22
CA GLN K 109 66.87 -24.29 61.30
C GLN K 109 68.22 -24.35 62.02
N VAL K 110 68.72 -23.22 62.52
CA VAL K 110 70.00 -23.15 63.20
C VAL K 110 69.79 -22.49 64.56
N PRO K 111 69.67 -23.29 65.64
CA PRO K 111 69.33 -22.70 66.95
C PRO K 111 70.28 -21.61 67.42
N GLU K 112 71.57 -21.71 67.07
CA GLU K 112 72.54 -20.69 67.44
C GLU K 112 72.20 -19.33 66.86
N LEU K 113 71.39 -19.28 65.80
CA LEU K 113 70.88 -18.04 65.24
C LEU K 113 69.42 -17.78 65.59
N LYS K 114 68.61 -18.84 65.69
CA LYS K 114 67.20 -18.67 66.02
C LYS K 114 67.04 -18.09 67.42
N LYS K 115 67.86 -18.53 68.38
CA LYS K 115 67.85 -17.92 69.70
C LYS K 115 68.21 -16.44 69.64
N LEU K 116 69.12 -16.07 68.73
CA LEU K 116 69.49 -14.67 68.59
C LEU K 116 68.37 -13.86 67.94
N LEU K 117 67.56 -14.49 67.08
CA LEU K 117 66.41 -13.79 66.50
C LEU K 117 65.31 -13.61 67.54
N GLU K 118 65.08 -14.62 68.38
CA GLU K 118 64.15 -14.47 69.48
C GLU K 118 64.61 -13.37 70.43
N LEU K 119 65.91 -13.31 70.70
CA LEU K 119 66.45 -12.23 71.53
C LEU K 119 66.22 -10.87 70.85
N ARG K 120 66.41 -10.81 69.54
CA ARG K 120 66.12 -9.58 68.80
C ARG K 120 64.67 -9.15 69.01
N SER K 121 63.73 -10.07 68.80
CA SER K 121 62.31 -9.75 69.01
C SER K 121 62.06 -9.28 70.44
N ALA K 122 62.68 -9.92 71.42
CA ALA K 122 62.49 -9.50 72.80
C ALA K 122 63.00 -8.07 73.03
N LEU K 123 64.18 -7.75 72.48
CA LEU K 123 64.74 -6.41 72.67
C LEU K 123 63.94 -5.34 71.94
N ASN K 124 63.44 -5.65 70.75
CA ASN K 124 62.61 -4.68 70.03
C ASN K 124 61.28 -4.47 70.75
N ALA K 125 60.69 -5.55 71.27
CA ALA K 125 59.46 -5.42 72.03
C ALA K 125 59.67 -4.57 73.29
N LEU K 126 60.77 -4.81 74.01
CA LEU K 126 61.07 -4.04 75.20
C LEU K 126 61.31 -2.57 74.86
N LYS K 127 62.11 -2.30 73.83
CA LYS K 127 62.45 -0.93 73.47
C LYS K 127 61.25 -0.16 72.93
N GLY K 128 60.30 -0.86 72.31
CA GLY K 128 59.07 -0.25 71.84
C GLY K 128 58.01 -0.20 72.91
N PRO K 129 58.35 -0.68 74.12
CA PRO K 129 57.41 -0.61 75.25
C PRO K 129 56.22 -1.55 75.12
N LEU K 130 56.37 -2.58 74.28
CA LEU K 130 55.29 -3.52 74.04
C LEU K 130 55.08 -4.51 75.19
N GLY K 131 56.07 -4.68 76.05
CA GLY K 131 55.93 -5.57 77.18
C GLY K 131 56.63 -4.99 78.39
N ASN K 132 56.20 -5.42 79.57
CA ASN K 132 56.78 -4.93 80.82
C ASN K 132 58.03 -5.73 81.18
N LEU K 133 58.77 -5.21 82.16
CA LEU K 133 60.02 -5.84 82.57
C LEU K 133 59.85 -7.25 83.10
N PRO K 134 58.80 -7.59 83.85
CA PRO K 134 58.66 -8.99 84.29
C PRO K 134 58.49 -9.97 83.15
N ALA K 135 57.60 -9.66 82.20
CA ALA K 135 57.47 -10.48 81.00
C ALA K 135 58.78 -10.56 80.25
N PHE K 136 59.49 -9.43 80.11
CA PHE K 136 60.78 -9.43 79.43
C PHE K 136 61.75 -10.40 80.09
N ARG K 137 61.81 -10.38 81.42
CA ARG K 137 62.72 -11.28 82.14
C ARG K 137 62.35 -12.73 81.93
N LYS K 138 61.06 -13.07 82.06
CA LYS K 138 60.62 -14.44 81.86
C LYS K 138 61.00 -14.95 80.46
N LYS K 139 60.64 -14.19 79.42
CA LYS K 139 60.96 -14.60 78.06
C LYS K 139 62.45 -14.71 77.83
N LEU K 140 63.24 -13.81 78.43
CA LEU K 140 64.69 -13.90 78.30
C LEU K 140 65.21 -15.20 78.89
N GLN K 141 64.76 -15.55 80.10
CA GLN K 141 65.13 -16.85 80.66
C GLN K 141 64.76 -17.99 79.71
N ALA K 142 63.55 -17.93 79.14
CA ALA K 142 63.11 -18.94 78.19
C ALA K 142 64.09 -19.06 77.02
N LEU K 143 64.49 -17.93 76.45
CA LEU K 143 65.38 -17.95 75.28
C LEU K 143 66.74 -18.52 75.64
N LEU K 144 67.31 -18.07 76.75
CA LEU K 144 68.65 -18.50 77.15
C LEU K 144 68.70 -19.91 77.73
N ALA K 145 67.53 -20.53 77.98
CA ALA K 145 67.54 -21.86 78.61
C ALA K 145 68.00 -22.97 77.66
N ASP K 146 67.98 -22.72 76.35
CA ASP K 146 68.32 -23.73 75.35
C ASP K 146 69.68 -24.37 75.62
N GLU K 147 69.69 -25.68 75.85
CA GLU K 147 70.91 -26.38 76.24
C GLU K 147 71.92 -26.50 75.10
N ASP K 148 71.50 -26.31 73.85
CA ASP K 148 72.42 -26.41 72.73
C ASP K 148 73.25 -25.15 72.53
N GLY K 149 72.93 -24.07 73.24
CA GLY K 149 73.69 -22.84 73.10
C GLY K 149 74.96 -22.85 73.93
N ARG K 150 75.94 -22.09 73.47
CA ARG K 150 77.19 -21.94 74.20
C ARG K 150 77.04 -20.85 75.27
N LYS K 151 77.78 -21.02 76.37
CA LYS K 151 77.77 -20.02 77.42
C LYS K 151 78.29 -18.67 76.92
N ALA K 152 79.29 -18.69 76.03
CA ALA K 152 79.79 -17.45 75.45
C ALA K 152 78.69 -16.73 74.68
N LEU K 153 77.95 -17.45 73.85
CA LEU K 153 76.82 -16.86 73.14
C LEU K 153 75.78 -16.31 74.12
N ILE K 154 75.49 -17.07 75.18
CA ILE K 154 74.54 -16.61 76.19
C ILE K 154 75.00 -15.29 76.81
N LYS K 155 76.30 -15.18 77.09
CA LYS K 155 76.84 -13.95 77.68
C LYS K 155 76.75 -12.79 76.70
N GLU K 156 77.06 -13.04 75.42
CA GLU K 156 76.94 -12.00 74.40
C GLU K 156 75.48 -11.53 74.27
N LEU K 157 74.53 -12.45 74.43
CA LEU K 157 73.12 -12.07 74.33
C LEU K 157 72.67 -11.26 75.54
N GLY K 158 73.09 -11.68 76.75
CA GLY K 158 72.75 -10.92 77.94
C GLY K 158 73.41 -9.56 78.00
N LEU K 159 74.56 -9.40 77.33
CA LEU K 159 75.23 -8.10 77.28
C LEU K 159 74.45 -7.08 76.47
N THR K 160 73.45 -7.51 75.70
CA THR K 160 72.64 -6.59 74.91
C THR K 160 71.43 -6.06 75.68
N GLU K 161 71.16 -6.58 76.87
CA GLU K 161 70.01 -6.15 77.65
C GLU K 161 70.31 -4.82 78.33
N GLU K 162 69.42 -3.84 78.16
CA GLU K 162 69.60 -2.56 78.82
C GLU K 162 69.57 -2.75 80.33
N THR K 163 70.33 -1.91 81.04
CA THR K 163 70.51 -2.10 82.48
C THR K 163 69.20 -1.96 83.23
N LYS K 164 68.31 -1.08 82.77
CA LYS K 164 67.05 -0.83 83.45
C LYS K 164 66.09 -2.00 83.29
N ASP L 63 66.84 6.53 76.14
CA ASP L 63 67.18 5.17 76.55
C ASP L 63 66.99 4.20 75.40
N LYS L 64 65.89 4.38 74.66
CA LYS L 64 65.57 3.48 73.56
C LYS L 64 66.64 3.51 72.47
N ALA L 65 67.34 4.63 72.33
CA ALA L 65 68.42 4.70 71.34
C ALA L 65 69.50 3.67 71.62
N LEU L 66 69.84 3.48 72.90
CA LEU L 66 70.82 2.47 73.27
C LEU L 66 70.32 1.06 72.95
N VAL L 67 69.04 0.79 73.20
CA VAL L 67 68.48 -0.52 72.87
C VAL L 67 68.54 -0.74 71.36
N ASP L 68 68.26 0.30 70.57
CA ASP L 68 68.37 0.19 69.12
C ASP L 68 69.81 -0.08 68.70
N ALA L 69 70.78 0.55 69.37
CA ALA L 69 72.18 0.21 69.11
C ALA L 69 72.46 -1.25 69.42
N MET L 70 71.87 -1.76 70.50
CA MET L 70 71.99 -3.19 70.81
C MET L 70 71.44 -4.04 69.68
N ILE L 71 70.29 -3.65 69.12
CA ILE L 71 69.72 -4.39 68.00
C ILE L 71 70.64 -4.32 66.78
N ALA L 72 71.30 -3.18 66.58
CA ALA L 72 72.21 -3.03 65.44
C ALA L 72 73.40 -3.98 65.57
N GLU L 73 74.01 -4.03 66.76
CA GLU L 73 75.14 -4.94 66.95
C GLU L 73 74.71 -6.39 66.86
N ILE L 74 73.55 -6.72 67.45
CA ILE L 74 73.07 -8.10 67.41
C ILE L 74 72.84 -8.55 65.97
N ASP L 75 72.14 -7.73 65.18
CA ASP L 75 71.93 -8.03 63.78
C ASP L 75 73.25 -8.09 63.01
N LYS L 76 74.24 -7.28 63.42
CA LYS L 76 75.54 -7.32 62.78
C LYS L 76 76.20 -8.68 62.94
N ARG L 77 76.24 -9.19 64.18
CA ARG L 77 76.83 -10.51 64.40
C ARG L 77 76.04 -11.61 63.68
N LEU L 78 74.71 -11.60 63.84
CA LEU L 78 73.87 -12.61 63.20
C LEU L 78 74.10 -12.64 61.68
N SER L 79 74.17 -11.47 61.06
CA SER L 79 74.45 -11.42 59.62
C SER L 79 75.86 -11.90 59.32
N SER L 80 76.81 -11.64 60.22
CA SER L 80 78.15 -12.18 60.08
C SER L 80 78.12 -13.70 59.91
N GLN L 81 77.32 -14.41 60.73
CA GLN L 81 77.26 -15.87 60.59
C GLN L 81 76.42 -16.31 59.39
N VAL L 82 75.27 -15.66 59.21
CA VAL L 82 74.38 -15.98 58.08
C VAL L 82 75.14 -15.91 56.76
N ASN L 83 76.06 -14.95 56.64
CA ASN L 83 76.89 -14.88 55.44
C ASN L 83 77.72 -16.14 55.27
N GLU L 84 78.23 -16.69 56.37
CA GLU L 84 78.99 -17.95 56.29
C GLU L 84 78.11 -19.08 55.80
N ILE L 85 76.85 -19.12 56.25
CA ILE L 85 75.93 -20.17 55.77
C ILE L 85 75.64 -19.98 54.28
N LEU L 86 75.25 -18.76 53.88
CA LEU L 86 74.78 -18.52 52.51
C LEU L 86 75.91 -18.54 51.49
N HIS L 87 77.15 -18.35 51.94
CA HIS L 87 78.31 -18.40 51.06
C HIS L 87 79.05 -19.73 51.15
N ALA L 88 78.47 -20.74 51.81
CA ALA L 88 79.08 -22.05 51.87
C ALA L 88 78.93 -22.75 50.51
N LYS L 89 80.01 -23.41 50.07
CA LYS L 89 80.04 -24.00 48.74
C LYS L 89 79.02 -25.12 48.60
N GLU L 90 78.84 -25.93 49.64
CA GLU L 90 77.84 -27.00 49.58
C GLU L 90 76.42 -26.44 49.50
N PHE L 91 76.11 -25.49 50.40
CA PHE L 91 74.80 -24.84 50.36
C PHE L 91 74.53 -24.24 48.99
N GLN L 92 75.50 -23.51 48.44
CA GLN L 92 75.33 -22.89 47.13
C GLN L 92 75.19 -23.93 46.03
N LYS L 93 75.88 -25.06 46.16
CA LYS L 93 75.69 -26.15 45.20
C LYS L 93 74.24 -26.59 45.16
N LEU L 94 73.68 -26.98 46.31
CA LEU L 94 72.29 -27.40 46.35
C LEU L 94 71.36 -26.30 45.84
N GLU L 95 71.47 -25.10 46.42
CA GLU L 95 70.58 -24.00 46.07
C GLU L 95 70.61 -23.70 44.59
N SER L 96 71.82 -23.43 44.04
CA SER L 96 71.95 -23.13 42.63
C SER L 96 71.40 -24.24 41.74
N SER L 97 71.60 -25.50 42.16
CA SER L 97 71.00 -26.60 41.43
C SER L 97 69.48 -26.41 41.31
N TRP L 98 68.79 -26.32 42.46
CA TRP L 98 67.33 -26.27 42.44
C TRP L 98 66.80 -24.98 41.80
N ARG L 99 67.41 -23.84 42.15
CA ARG L 99 66.93 -22.54 41.67
C ARG L 99 67.15 -22.40 40.17
N SER L 100 68.32 -22.81 39.67
CA SER L 100 68.52 -22.84 38.23
C SER L 100 67.53 -23.78 37.55
N LEU L 101 67.25 -24.92 38.18
CA LEU L 101 66.24 -25.84 37.65
C LEU L 101 64.90 -25.14 37.48
N LYS L 102 64.44 -24.43 38.52
CA LYS L 102 63.16 -23.74 38.42
C LYS L 102 63.22 -22.60 37.40
N PHE L 103 64.35 -21.89 37.34
CA PHE L 103 64.51 -20.83 36.35
C PHE L 103 64.34 -21.38 34.94
N MET L 104 64.77 -22.62 34.72
CA MET L 104 64.51 -23.27 33.44
C MET L 104 63.04 -23.63 33.29
N VAL L 105 62.46 -24.29 34.31
CA VAL L 105 61.14 -24.90 34.16
C VAL L 105 60.07 -23.84 33.97
N ASP L 106 60.11 -22.78 34.76
CA ASP L 106 59.09 -21.73 34.71
C ASP L 106 59.19 -20.84 33.48
N ARG L 107 60.21 -21.02 32.65
CA ARG L 107 60.35 -20.30 31.39
C ARG L 107 59.92 -21.14 30.19
N THR L 108 59.47 -22.36 30.42
CA THR L 108 58.94 -23.23 29.39
C THR L 108 57.42 -23.20 29.40
N ASP L 109 56.81 -23.94 28.48
CA ASP L 109 55.36 -23.97 28.31
C ASP L 109 54.93 -25.42 28.15
N PHE L 110 54.54 -26.07 29.25
CA PHE L 110 54.13 -27.46 29.24
C PHE L 110 52.88 -27.72 28.40
N ARG L 111 52.13 -26.68 28.06
CA ARG L 111 50.98 -26.83 27.17
C ARG L 111 51.39 -26.98 25.71
N GLU L 112 52.65 -26.73 25.38
CA GLU L 112 53.16 -26.86 24.02
C GLU L 112 53.89 -28.18 23.79
N ASN L 113 53.53 -29.21 24.55
CA ASN L 113 54.12 -30.54 24.40
C ASN L 113 55.61 -30.54 24.78
N THR L 114 55.94 -29.82 25.85
CA THR L 114 57.30 -29.77 26.37
C THR L 114 57.36 -30.54 27.68
N ARG L 115 58.37 -31.39 27.82
CA ARG L 115 58.50 -32.27 28.98
C ARG L 115 59.93 -32.24 29.50
N VAL L 116 60.08 -32.48 30.79
CA VAL L 116 61.38 -32.43 31.45
C VAL L 116 61.42 -33.45 32.59
N GLU L 117 62.49 -34.24 32.62
CA GLU L 117 62.69 -35.24 33.65
C GLU L 117 64.00 -34.97 34.38
N MET L 118 64.04 -35.29 35.67
CA MET L 118 65.19 -35.07 36.52
C MET L 118 65.85 -36.40 36.84
N LEU L 119 67.18 -36.45 36.69
CA LEU L 119 67.99 -37.63 36.93
C LEU L 119 69.15 -37.20 37.84
N ASN L 120 69.09 -37.63 39.09
CA ASN L 120 70.11 -37.29 40.07
C ASN L 120 71.34 -38.17 39.83
N ALA L 121 72.44 -37.54 39.42
CA ALA L 121 73.67 -38.29 39.15
C ALA L 121 74.83 -37.31 39.24
N SER L 122 75.90 -37.73 39.89
CA SER L 122 77.14 -36.96 39.93
C SER L 122 78.09 -37.46 38.84
N LYS L 123 79.03 -36.60 38.46
CA LYS L 123 79.98 -36.96 37.42
C LYS L 123 80.78 -38.19 37.80
N GLU L 124 81.21 -38.29 39.05
CA GLU L 124 81.99 -39.43 39.50
C GLU L 124 81.22 -40.74 39.31
N ASP L 125 79.92 -40.74 39.65
CA ASP L 125 79.09 -41.91 39.46
C ASP L 125 78.78 -42.18 37.99
N LEU L 126 78.70 -41.13 37.16
CA LEU L 126 78.59 -41.36 35.72
C LEU L 126 79.81 -42.12 35.20
N GLN L 127 81.00 -41.68 35.59
CA GLN L 127 82.21 -42.41 35.23
C GLN L 127 82.19 -43.83 35.82
N LYS L 128 81.67 -43.98 37.03
CA LYS L 128 81.62 -45.30 37.66
C LYS L 128 80.76 -46.25 36.87
N ASP L 129 79.59 -45.78 36.40
CA ASP L 129 78.71 -46.64 35.63
C ASP L 129 79.29 -46.95 34.25
N PHE L 130 79.82 -45.92 33.57
CA PHE L 130 80.34 -46.12 32.22
C PHE L 130 81.56 -47.03 32.21
N GLU L 131 82.40 -46.95 33.24
CA GLU L 131 83.58 -47.81 33.30
C GLU L 131 83.22 -49.20 33.83
N ASP L 132 82.20 -49.29 34.68
CA ASP L 132 81.77 -50.60 35.17
C ASP L 132 81.12 -51.42 34.07
N ALA L 133 80.30 -50.78 33.25
CA ALA L 133 79.62 -51.50 32.17
C ALA L 133 80.64 -51.96 31.13
N PRO L 134 80.43 -53.12 30.49
CA PRO L 134 81.36 -53.55 29.44
C PRO L 134 81.21 -52.77 28.15
N GLU L 135 80.03 -52.17 27.91
CA GLU L 135 79.79 -51.40 26.72
C GLU L 135 78.69 -50.38 27.02
N VAL L 136 78.69 -49.28 26.25
CA VAL L 136 77.76 -48.19 26.51
C VAL L 136 76.32 -48.64 26.36
N THR L 137 76.06 -49.64 25.51
CA THR L 137 74.71 -50.17 25.34
C THR L 137 74.17 -50.82 26.60
N LYS L 138 75.03 -51.09 27.58
CA LYS L 138 74.61 -51.70 28.84
C LYS L 138 74.72 -50.75 30.03
N SER L 139 74.99 -49.47 29.78
CA SER L 139 75.02 -48.49 30.86
C SER L 139 73.60 -48.12 31.26
N GLY L 140 73.45 -47.74 32.54
CA GLY L 140 72.13 -47.35 33.03
C GLY L 140 71.59 -46.13 32.33
N LEU L 141 72.41 -45.08 32.20
CA LEU L 141 72.01 -43.89 31.46
C LEU L 141 71.52 -44.23 30.07
N TYR L 142 72.26 -45.06 29.34
CA TYR L 142 71.78 -45.52 28.04
C TYR L 142 70.47 -46.27 28.18
N LYS L 143 70.32 -47.06 29.25
CA LYS L 143 69.06 -47.75 29.48
C LYS L 143 67.89 -46.78 29.53
N LEU L 144 68.01 -45.71 30.33
CA LEU L 144 66.91 -44.78 30.56
C LEU L 144 66.81 -43.66 29.53
N VAL L 145 67.78 -43.57 28.61
CA VAL L 145 67.76 -42.53 27.60
C VAL L 145 67.30 -43.15 26.28
N TYR L 146 68.03 -44.17 25.82
CA TYR L 146 67.70 -44.80 24.55
C TYR L 146 66.70 -45.93 24.72
N SER L 147 67.02 -46.90 25.59
CA SER L 147 66.25 -48.14 25.66
C SER L 147 64.80 -47.87 26.05
N ASN L 148 64.58 -47.14 27.14
CA ASN L 148 63.23 -46.86 27.60
C ASN L 148 62.53 -45.77 26.81
N GLU L 149 63.15 -45.25 25.76
CA GLU L 149 62.55 -44.15 25.00
C GLU L 149 62.60 -44.38 23.50
N TYR L 150 63.69 -43.95 22.87
CA TYR L 150 63.78 -44.00 21.41
C TYR L 150 63.66 -45.42 20.87
N GLY L 151 64.19 -46.40 21.61
CA GLY L 151 64.15 -47.77 21.14
C GLY L 151 63.03 -48.59 21.73
N VAL L 152 61.91 -47.95 22.04
CA VAL L 152 60.78 -48.62 22.68
C VAL L 152 59.53 -48.31 21.87
N PHE L 153 58.90 -49.35 21.32
CA PHE L 153 57.65 -49.19 20.60
C PHE L 153 56.57 -48.70 21.56
N GLY L 154 55.93 -47.60 21.20
CA GLY L 154 54.95 -46.96 22.06
C GLY L 154 55.51 -45.86 22.94
N GLY L 155 56.83 -45.76 23.04
CA GLY L 155 57.47 -44.74 23.86
C GLY L 155 57.70 -43.45 23.09
N LYS L 156 58.68 -42.69 23.56
CA LYS L 156 59.01 -41.40 22.95
C LYS L 156 60.50 -41.14 23.15
N PRO L 157 61.15 -40.45 22.21
CA PRO L 157 62.59 -40.24 22.32
C PRO L 157 62.94 -38.94 23.04
N TYR L 158 64.06 -38.98 23.77
CA TYR L 158 64.52 -37.81 24.50
C TYR L 158 65.07 -36.77 23.53
N GLY L 159 64.59 -35.53 23.68
CA GLY L 159 65.01 -34.49 22.76
C GLY L 159 66.46 -34.08 22.95
N ILE L 160 66.84 -33.80 24.19
CA ILE L 160 68.19 -33.33 24.49
C ILE L 160 68.47 -33.61 25.96
N ILE L 161 69.75 -33.61 26.33
CA ILE L 161 70.21 -33.89 27.69
C ILE L 161 70.99 -32.69 28.19
N SER L 162 70.56 -32.13 29.32
CA SER L 162 71.20 -30.98 29.94
C SER L 162 71.90 -31.47 31.21
N ALA L 163 73.22 -31.36 31.24
CA ALA L 163 74.03 -31.82 32.37
C ALA L 163 74.53 -30.62 33.15
N ASN L 164 74.14 -30.53 34.42
CA ASN L 164 74.56 -29.43 35.29
C ASN L 164 75.94 -29.75 35.87
N TYR L 165 76.95 -29.61 35.01
CA TYR L 165 78.32 -29.91 35.38
C TYR L 165 79.26 -28.91 34.74
N ASP L 166 80.42 -28.73 35.38
CA ASP L 166 81.52 -27.96 34.84
C ASP L 166 82.64 -28.92 34.47
N PHE L 167 83.25 -28.71 33.31
CA PHE L 167 84.27 -29.62 32.78
C PHE L 167 85.62 -28.92 32.76
N ASN L 168 86.66 -29.65 33.15
CA ASN L 168 88.03 -29.21 33.04
C ASN L 168 88.73 -30.04 31.96
N VAL L 169 90.04 -29.80 31.81
CA VAL L 169 90.84 -30.60 30.89
C VAL L 169 91.26 -31.93 31.48
N GLY L 170 90.83 -32.25 32.69
CA GLY L 170 91.19 -33.48 33.36
C GLY L 170 90.77 -34.71 32.58
N PRO L 171 91.57 -35.77 32.67
CA PRO L 171 91.27 -36.98 31.89
C PRO L 171 89.92 -37.59 32.21
N GLN L 172 89.50 -37.55 33.48
CA GLN L 172 88.18 -38.07 33.85
C GLN L 172 87.08 -37.30 33.13
N ASP L 173 87.16 -35.96 33.12
CA ASP L 173 86.16 -35.16 32.44
C ASP L 173 86.17 -35.44 30.93
N MET L 174 87.36 -35.57 30.34
CA MET L 174 87.44 -35.89 28.91
C MET L 174 86.75 -37.22 28.60
N GLU L 175 87.03 -38.26 29.39
CA GLU L 175 86.40 -39.56 29.16
C GLU L 175 84.89 -39.48 29.31
N LEU L 176 84.42 -38.78 30.36
CA LEU L 176 82.97 -38.58 30.51
C LEU L 176 82.38 -37.93 29.26
N LEU L 177 83.06 -36.92 28.73
CA LEU L 177 82.58 -36.28 27.50
C LEU L 177 82.54 -37.27 26.34
N ARG L 178 83.52 -38.18 26.26
CA ARG L 178 83.50 -39.19 25.21
C ARG L 178 82.28 -40.08 25.31
N LYS L 179 82.00 -40.59 26.52
CA LYS L 179 80.82 -41.45 26.72
C LYS L 179 79.54 -40.70 26.37
N CYS L 180 79.41 -39.45 26.83
CA CYS L 180 78.21 -38.67 26.53
C CYS L 180 78.04 -38.43 25.04
N ALA L 181 79.15 -38.22 24.32
CA ALA L 181 79.08 -38.08 22.88
C ALA L 181 78.59 -39.36 22.22
N SER L 182 79.08 -40.51 22.69
CA SER L 182 78.61 -41.78 22.14
C SER L 182 77.11 -41.96 22.34
N VAL L 183 76.63 -41.76 23.58
CA VAL L 183 75.21 -41.95 23.86
C VAL L 183 74.38 -40.97 23.03
N ALA L 184 74.79 -39.70 23.00
CA ALA L 184 74.04 -38.70 22.25
C ALA L 184 73.98 -39.05 20.77
N ALA L 185 75.07 -39.61 20.22
CA ALA L 185 75.06 -40.04 18.82
C ALA L 185 74.10 -41.21 18.61
N MET L 186 74.10 -42.16 19.54
CA MET L 186 73.23 -43.33 19.38
C MET L 186 71.76 -42.97 19.46
N ALA L 187 71.39 -42.00 20.30
CA ALA L 187 70.00 -41.63 20.49
C ALA L 187 69.60 -40.42 19.68
N HIS L 188 70.54 -39.80 18.96
CA HIS L 188 70.26 -38.59 18.18
C HIS L 188 69.79 -37.43 19.06
N ALA L 189 70.53 -37.18 20.15
CA ALA L 189 70.18 -36.13 21.10
C ALA L 189 71.45 -35.48 21.64
N PRO L 190 71.58 -34.16 21.54
CA PRO L 190 72.83 -33.52 21.96
C PRO L 190 72.95 -33.46 23.47
N PHE L 191 74.19 -33.41 23.94
CA PHE L 191 74.50 -33.30 25.36
C PHE L 191 75.10 -31.91 25.62
N ILE L 192 74.44 -31.12 26.45
CA ILE L 192 74.82 -29.74 26.70
C ILE L 192 75.30 -29.60 28.15
N GLY L 193 76.43 -28.91 28.32
CA GLY L 193 76.99 -28.66 29.63
C GLY L 193 77.76 -27.35 29.67
N ASN L 194 78.59 -27.18 30.69
CA ASN L 194 79.35 -25.95 30.86
C ASN L 194 80.82 -26.28 31.11
N ALA L 195 81.67 -25.28 30.86
CA ALA L 195 83.10 -25.40 31.09
C ALA L 195 83.52 -24.58 32.30
N ALA L 196 84.48 -25.10 33.06
CA ALA L 196 84.95 -24.40 34.24
C ALA L 196 86.03 -23.38 33.87
N PRO L 197 86.20 -22.33 34.68
CA PRO L 197 87.18 -21.30 34.34
C PRO L 197 88.60 -21.83 34.19
N GLU L 198 89.02 -22.75 35.04
CA GLU L 198 90.37 -23.31 34.98
C GLU L 198 90.65 -24.02 33.66
N VAL L 199 89.60 -24.29 32.85
CA VAL L 199 89.81 -24.84 31.52
C VAL L 199 90.66 -23.91 30.67
N PHE L 200 90.55 -22.60 30.91
CA PHE L 200 91.35 -21.60 30.23
C PHE L 200 92.62 -21.23 31.00
N GLY L 201 92.95 -21.98 32.04
CA GLY L 201 94.12 -21.67 32.85
C GLY L 201 93.97 -20.42 33.69
N GLU L 202 92.74 -20.04 34.03
CA GLU L 202 92.47 -18.84 34.80
C GLU L 202 91.70 -19.22 36.06
N GLU L 203 91.91 -18.43 37.12
CA GLU L 203 91.22 -18.69 38.39
C GLU L 203 89.71 -18.55 38.24
N SER L 204 89.25 -17.58 37.46
CA SER L 204 87.83 -17.35 37.27
C SER L 204 87.63 -16.64 35.94
N PHE L 205 86.41 -16.77 35.40
CA PHE L 205 86.04 -16.13 34.14
C PHE L 205 86.38 -14.65 34.09
N LEU L 206 86.45 -13.97 35.24
CA LEU L 206 86.83 -12.56 35.27
C LEU L 206 88.20 -12.29 34.67
N LYS L 207 89.00 -13.32 34.39
CA LYS L 207 90.32 -13.17 33.79
C LYS L 207 90.29 -13.36 32.27
N LEU L 208 89.11 -13.54 31.69
CA LEU L 208 89.04 -13.75 30.24
C LEU L 208 89.60 -12.60 29.42
N PRO L 209 89.41 -11.34 29.82
CA PRO L 209 89.98 -10.25 29.00
C PRO L 209 91.50 -10.20 29.02
N ASP L 210 92.14 -10.88 29.98
CA ASP L 210 93.60 -10.93 30.03
C ASP L 210 94.19 -11.99 29.10
N LEU L 211 93.36 -12.88 28.56
CA LEU L 211 93.86 -13.92 27.67
C LEU L 211 94.11 -13.34 26.28
N LYS L 212 95.37 -13.39 25.85
CA LYS L 212 95.75 -12.74 24.60
C LYS L 212 95.40 -13.58 23.38
N ASP L 213 95.37 -14.91 23.51
CA ASP L 213 95.21 -15.78 22.35
C ASP L 213 94.81 -17.18 22.80
N LEU L 214 93.51 -17.47 22.76
CA LEU L 214 93.03 -18.78 23.16
C LEU L 214 93.52 -19.86 22.20
N LYS L 215 93.51 -19.58 20.90
CA LYS L 215 93.95 -20.56 19.91
C LYS L 215 95.37 -21.04 20.20
N SER L 216 96.28 -20.11 20.52
CA SER L 216 97.63 -20.49 20.91
C SER L 216 97.64 -21.16 22.27
N LEU L 217 96.75 -20.73 23.19
CA LEU L 217 96.68 -21.37 24.49
C LEU L 217 96.37 -22.86 24.37
N PHE L 218 95.52 -23.23 23.42
CA PHE L 218 95.09 -24.61 23.24
C PHE L 218 96.13 -25.49 22.56
N GLU L 219 97.30 -24.96 22.24
CA GLU L 219 98.35 -25.77 21.60
C GLU L 219 99.19 -26.53 22.61
N GLY L 220 99.11 -26.19 23.88
CA GLY L 220 99.89 -26.86 24.90
C GLY L 220 99.52 -28.32 25.04
N PRO L 221 100.48 -29.15 25.47
CA PRO L 221 100.19 -30.58 25.59
C PRO L 221 99.12 -30.90 26.61
N GLN L 222 98.78 -29.97 27.50
CA GLN L 222 97.74 -30.21 28.49
C GLN L 222 96.38 -30.49 27.85
N TYR L 223 96.19 -30.06 26.60
CA TYR L 223 94.91 -30.20 25.91
C TYR L 223 94.93 -31.24 24.80
N ALA L 224 95.86 -32.19 24.86
CA ALA L 224 95.95 -33.20 23.79
C ALA L 224 94.66 -33.99 23.66
N ARG L 225 94.13 -34.48 24.79
CA ARG L 225 92.90 -35.28 24.77
C ARG L 225 91.73 -34.47 24.23
N TRP L 226 91.58 -33.22 24.66
CA TRP L 226 90.52 -32.38 24.13
C TRP L 226 90.66 -32.19 22.63
N HIS L 227 91.90 -32.02 22.17
CA HIS L 227 92.17 -31.86 20.74
C HIS L 227 91.69 -33.07 19.95
N SER L 228 91.96 -34.28 20.44
CA SER L 228 91.45 -35.47 19.75
C SER L 228 89.93 -35.56 19.82
N PHE L 229 89.36 -35.23 20.99
CA PHE L 229 87.90 -35.25 21.16
C PHE L 229 87.23 -34.38 20.11
N ARG L 230 87.79 -33.19 19.84
CA ARG L 230 87.23 -32.32 18.81
C ARG L 230 87.26 -32.94 17.43
N GLU L 231 88.12 -33.94 17.21
CA GLU L 231 88.23 -34.59 15.91
C GLU L 231 87.38 -35.83 15.79
N SER L 232 86.89 -36.38 16.91
CA SER L 232 85.96 -37.50 16.84
C SER L 232 84.67 -37.09 16.12
N GLU L 233 84.08 -38.05 15.41
CA GLU L 233 82.82 -37.81 14.70
C GLU L 233 81.62 -37.80 15.62
N ASP L 234 81.79 -38.21 16.87
CA ASP L 234 80.72 -38.09 17.87
C ASP L 234 80.69 -36.72 18.52
N ALA L 235 81.69 -35.87 18.26
CA ALA L 235 81.75 -34.55 18.87
C ALA L 235 80.59 -33.66 18.45
N ARG L 236 79.90 -34.01 17.36
CA ARG L 236 78.75 -33.21 16.92
C ARG L 236 77.62 -33.19 17.94
N TYR L 237 77.59 -34.16 18.86
CA TYR L 237 76.55 -34.24 19.87
C TYR L 237 76.98 -33.67 21.22
N VAL L 238 78.07 -32.91 21.25
CA VAL L 238 78.58 -32.30 22.48
C VAL L 238 78.52 -30.79 22.34
N GLY L 239 78.04 -30.12 23.39
CA GLY L 239 78.00 -28.67 23.40
C GLY L 239 78.29 -28.10 24.78
N LEU L 240 79.32 -27.28 24.89
CA LEU L 240 79.75 -26.72 26.16
C LEU L 240 79.62 -25.20 26.13
N ALA L 241 79.13 -24.63 27.23
CA ALA L 241 78.94 -23.20 27.38
C ALA L 241 80.06 -22.58 28.21
N LEU L 242 80.21 -21.27 28.08
CA LEU L 242 81.31 -20.55 28.72
C LEU L 242 80.88 -19.98 30.07
N PRO L 243 80.85 -18.66 30.20
CA PRO L 243 80.65 -18.06 31.52
C PRO L 243 79.28 -18.37 32.11
N ARG L 244 79.24 -18.37 33.44
CA ARG L 244 78.01 -18.63 34.18
C ARG L 244 77.17 -17.34 34.22
N PHE L 245 76.12 -17.35 35.03
CA PHE L 245 75.27 -16.15 35.07
C PHE L 245 74.57 -16.07 36.42
N LEU L 246 74.35 -14.84 36.89
CA LEU L 246 73.75 -14.64 38.20
C LEU L 246 72.34 -15.21 38.26
N LEU L 247 72.00 -15.81 39.39
CA LEU L 247 70.68 -16.35 39.64
C LEU L 247 69.90 -15.58 40.70
N ARG L 248 70.59 -14.97 41.67
CA ARG L 248 69.94 -14.25 42.75
C ARG L 248 70.65 -12.94 43.02
N LEU L 249 69.86 -11.90 43.24
CA LEU L 249 70.43 -10.62 43.67
C LEU L 249 70.67 -10.67 45.17
N PRO L 250 71.81 -10.17 45.65
CA PRO L 250 72.14 -10.32 47.07
C PRO L 250 71.11 -9.64 47.96
N TYR L 251 70.92 -10.23 49.15
CA TYR L 251 69.87 -9.77 50.04
C TYR L 251 70.11 -8.33 50.49
N GLY L 252 69.03 -7.54 50.50
CA GLY L 252 69.11 -6.15 50.93
C GLY L 252 67.78 -5.62 51.39
N GLU L 253 67.79 -4.75 52.41
CA GLU L 253 66.55 -4.28 53.02
C GLU L 253 65.60 -3.64 52.02
N LYS L 254 66.12 -3.16 50.89
CA LYS L 254 65.30 -2.52 49.87
C LYS L 254 65.10 -3.44 48.64
N THR L 255 66.20 -3.94 48.08
CA THR L 255 66.11 -4.67 46.81
C THR L 255 65.65 -6.11 47.01
N VAL L 256 66.01 -6.74 48.11
CA VAL L 256 65.66 -8.13 48.36
C VAL L 256 65.52 -8.35 49.87
N PRO L 257 64.44 -7.87 50.48
CA PRO L 257 64.35 -7.94 51.95
C PRO L 257 63.84 -9.30 52.42
N VAL L 258 64.09 -9.56 53.70
CA VAL L 258 63.63 -10.77 54.38
C VAL L 258 62.81 -10.35 55.58
N LYS L 259 62.10 -11.33 56.15
CA LYS L 259 61.19 -11.05 57.25
C LYS L 259 61.95 -10.97 58.57
N ALA L 260 61.44 -10.12 59.47
CA ALA L 260 61.97 -10.03 60.82
C ALA L 260 63.41 -9.53 60.84
N PHE L 261 64.37 -10.45 60.70
CA PHE L 261 65.77 -10.11 60.79
C PHE L 261 66.16 -9.14 59.68
N ASN L 262 66.80 -8.04 60.06
CA ASN L 262 67.24 -7.02 59.10
C ASN L 262 68.57 -7.47 58.51
N PHE L 263 68.48 -8.37 57.52
CA PHE L 263 69.65 -8.98 56.92
C PHE L 263 70.06 -8.19 55.67
N THR L 264 71.34 -7.83 55.61
CA THR L 264 71.94 -7.16 54.45
C THR L 264 73.15 -8.02 54.05
N GLU L 265 73.00 -8.77 52.96
CA GLU L 265 74.06 -9.66 52.52
C GLU L 265 75.28 -8.85 52.08
N ASP L 266 76.46 -9.27 52.53
CA ASP L 266 77.70 -8.55 52.28
C ASP L 266 78.58 -9.41 51.37
N VAL L 267 78.53 -9.13 50.07
CA VAL L 267 79.43 -9.79 49.12
C VAL L 267 80.80 -9.14 49.23
N VAL L 268 81.81 -9.96 49.51
CA VAL L 268 83.17 -9.46 49.70
C VAL L 268 83.84 -9.24 48.36
N GLY L 269 85.18 -9.20 48.35
CA GLY L 269 85.90 -9.05 47.11
C GLY L 269 85.77 -10.26 46.20
N HIS L 270 85.42 -11.41 46.76
CA HIS L 270 85.32 -12.65 45.99
C HIS L 270 83.92 -12.74 45.38
N HIS L 271 83.84 -12.51 44.06
CA HIS L 271 82.58 -12.63 43.34
C HIS L 271 81.97 -14.01 43.44
N GLU L 272 82.74 -15.03 43.87
CA GLU L 272 82.20 -16.33 44.17
C GLU L 272 81.15 -16.31 45.26
N ARG L 273 81.04 -15.21 46.02
CA ARG L 273 79.96 -15.06 46.97
C ARG L 273 78.61 -14.94 46.26
N TYR L 274 78.62 -14.49 45.01
CA TYR L 274 77.39 -14.39 44.24
C TYR L 274 76.91 -15.77 43.82
N LEU L 275 75.59 -15.95 43.79
CA LEU L 275 74.98 -17.23 43.45
C LEU L 275 75.01 -17.38 41.93
N TRP L 276 76.12 -17.91 41.43
CA TRP L 276 76.27 -18.14 40.00
C TRP L 276 75.52 -19.41 39.59
N GLY L 277 75.08 -19.42 38.34
CA GLY L 277 74.28 -20.51 37.81
C GLY L 277 74.79 -20.94 36.45
N HIS L 278 74.53 -22.21 36.12
CA HIS L 278 75.09 -22.82 34.92
C HIS L 278 74.29 -22.38 33.70
N ALA L 279 74.97 -21.77 32.72
CA ALA L 279 74.29 -21.20 31.55
C ALA L 279 73.66 -22.24 30.65
N SER L 280 74.03 -23.52 30.81
CA SER L 280 73.41 -24.59 30.05
C SER L 280 71.89 -24.53 30.15
N VAL L 281 71.37 -24.13 31.31
CA VAL L 281 69.92 -24.01 31.50
C VAL L 281 69.36 -22.91 30.61
N ALA L 282 70.08 -21.79 30.48
CA ALA L 282 69.63 -20.73 29.58
C ALA L 282 69.55 -21.22 28.15
N LEU L 283 70.61 -21.91 27.69
CA LEU L 283 70.55 -22.51 26.34
C LEU L 283 69.34 -23.42 26.20
N THR L 284 69.08 -24.25 27.23
CA THR L 284 67.91 -25.13 27.20
C THR L 284 66.62 -24.34 27.05
N SER L 285 66.50 -23.20 27.73
CA SER L 285 65.35 -22.34 27.53
C SER L 285 65.24 -21.89 26.09
N ARG L 286 66.37 -21.57 25.45
CA ARG L 286 66.32 -21.22 24.03
C ARG L 286 65.69 -22.34 23.21
N VAL L 287 66.21 -23.57 23.35
CA VAL L 287 65.63 -24.70 22.62
C VAL L 287 64.13 -24.82 22.90
N ALA L 288 63.76 -24.69 24.18
CA ALA L 288 62.36 -24.81 24.56
C ALA L 288 61.48 -23.78 23.85
N ASP L 289 61.92 -22.53 23.78
CA ASP L 289 61.12 -21.50 23.12
C ASP L 289 60.96 -21.78 21.63
N SER L 290 62.08 -22.10 20.96
CA SER L 290 61.99 -22.44 19.54
C SER L 290 60.96 -23.55 19.30
N PHE L 291 60.99 -24.60 20.12
CA PHE L 291 60.06 -25.71 19.94
C PHE L 291 58.64 -25.33 20.29
N ALA L 292 58.46 -24.45 21.27
CA ALA L 292 57.11 -24.04 21.66
C ALA L 292 56.45 -23.24 20.56
N LYS L 293 57.24 -22.48 19.80
CA LYS L 293 56.67 -21.67 18.72
C LYS L 293 56.48 -22.47 17.42
N PHE L 294 57.45 -23.32 17.06
CA PHE L 294 57.46 -23.91 15.73
C PHE L 294 57.50 -25.44 15.69
N ARG L 295 57.77 -26.11 16.79
CA ARG L 295 57.96 -27.55 16.82
C ARG L 295 59.34 -27.98 16.31
N TRP L 296 60.24 -27.01 16.15
CA TRP L 296 61.60 -27.27 15.71
C TRP L 296 62.53 -26.37 16.52
N SER L 297 63.81 -26.77 16.59
CA SER L 297 64.80 -26.11 17.44
C SER L 297 65.97 -25.57 16.63
N PRO L 298 65.73 -24.57 15.78
CA PRO L 298 66.84 -23.97 15.03
C PRO L 298 67.05 -22.51 15.38
N ASN L 299 66.02 -21.88 15.96
CA ASN L 299 66.04 -20.45 16.25
C ASN L 299 66.51 -20.23 17.68
N ILE L 300 67.83 -20.28 17.86
CA ILE L 300 68.41 -20.09 19.19
C ILE L 300 69.80 -19.45 19.11
N ILE L 301 70.06 -18.68 18.06
CA ILE L 301 71.38 -18.10 17.87
C ILE L 301 71.32 -16.65 17.38
N GLY L 302 70.57 -15.81 18.08
CA GLY L 302 70.51 -14.41 17.72
C GLY L 302 69.75 -13.55 18.70
N PRO L 303 70.15 -12.28 18.81
CA PRO L 303 69.41 -11.35 19.66
C PRO L 303 67.98 -11.14 19.23
N GLN L 304 67.68 -11.28 17.93
CA GLN L 304 66.33 -11.22 17.43
C GLN L 304 65.79 -12.57 16.96
N SER L 305 66.68 -13.51 16.61
CA SER L 305 66.23 -14.81 16.12
C SER L 305 65.62 -15.67 17.21
N GLY L 306 66.09 -15.52 18.45
CA GLY L 306 65.56 -16.32 19.54
C GLY L 306 66.62 -16.87 20.46
N GLY L 307 67.87 -16.45 20.25
CA GLY L 307 68.95 -16.77 21.14
C GLY L 307 69.21 -15.74 22.22
N ALA L 308 68.28 -14.81 22.43
CA ALA L 308 68.44 -13.77 23.44
C ALA L 308 67.86 -14.24 24.77
N VAL L 309 68.62 -14.06 25.84
CA VAL L 309 68.16 -14.33 27.20
C VAL L 309 67.83 -12.97 27.82
N GLU L 310 66.57 -12.77 28.15
CA GLU L 310 66.09 -11.50 28.69
C GLU L 310 65.77 -11.64 30.17
N ASN L 311 65.83 -10.52 30.87
CA ASN L 311 65.46 -10.47 32.28
C ASN L 311 66.55 -11.03 33.18
N LEU L 312 67.78 -10.48 33.07
CA LEU L 312 68.84 -10.96 33.93
C LEU L 312 68.89 -10.13 35.21
N PRO L 313 69.32 -10.73 36.32
CA PRO L 313 69.40 -9.97 37.57
C PRO L 313 70.49 -8.90 37.49
N LEU L 314 70.26 -7.79 38.20
CA LEU L 314 71.20 -6.69 38.25
C LEU L 314 71.51 -6.36 39.69
N HIS L 315 72.64 -5.68 39.92
CA HIS L 315 73.08 -5.38 41.29
C HIS L 315 73.99 -4.15 41.23
N GLN L 316 73.40 -2.98 41.49
CA GLN L 316 74.15 -1.75 41.56
C GLN L 316 74.76 -1.59 42.95
N TYR L 317 76.03 -1.19 43.01
CA TYR L 317 76.75 -1.01 44.25
C TYR L 317 77.87 0.00 44.00
N GLU L 318 78.44 0.51 45.09
CA GLU L 318 79.40 1.60 44.98
C GLU L 318 80.71 1.12 44.35
N ALA L 319 81.26 1.95 43.48
CA ALA L 319 82.55 1.69 42.84
C ALA L 319 83.60 2.60 43.47
N MET L 320 84.40 3.33 42.69
CA MET L 320 85.36 4.28 43.25
C MET L 320 84.75 5.65 43.50
N GLY L 321 83.62 5.70 44.19
CA GLY L 321 82.88 6.93 44.37
C GLY L 321 81.67 7.05 43.48
N GLU L 322 81.63 6.29 42.37
CA GLU L 322 80.42 6.10 41.60
C GLU L 322 79.73 4.82 42.04
N ILE L 323 78.76 4.35 41.25
CA ILE L 323 77.96 3.16 41.54
C ILE L 323 77.71 2.39 40.24
N GLN L 324 78.22 1.15 40.18
CA GLN L 324 78.13 0.34 38.97
C GLN L 324 77.45 -0.98 39.28
N THR L 325 77.03 -1.67 38.22
CA THR L 325 76.24 -2.88 38.31
C THR L 325 77.08 -4.12 38.05
N LYS L 326 76.96 -5.12 38.93
CA LYS L 326 77.65 -6.38 38.73
C LYS L 326 77.12 -7.03 37.46
N ILE L 327 78.03 -7.34 36.54
CA ILE L 327 77.61 -7.87 35.24
C ILE L 327 76.91 -9.21 35.46
N PRO L 328 75.75 -9.44 34.82
CA PRO L 328 75.07 -10.72 35.02
C PRO L 328 75.92 -11.93 34.65
N THR L 329 76.78 -11.79 33.66
CA THR L 329 77.85 -12.74 33.41
C THR L 329 79.14 -12.20 34.00
N GLU L 330 80.07 -13.11 34.29
CA GLU L 330 81.31 -12.73 34.99
C GLU L 330 82.02 -11.59 34.27
N VAL L 331 82.01 -11.60 32.93
CA VAL L 331 82.70 -10.60 32.14
C VAL L 331 81.79 -10.10 31.02
N MET L 332 82.17 -8.95 30.45
CA MET L 332 81.48 -8.37 29.31
C MET L 332 82.29 -8.76 28.08
N LEU L 333 81.88 -9.82 27.42
CA LEU L 333 82.66 -10.37 26.32
C LEU L 333 82.54 -9.48 25.08
N THR L 334 83.69 -9.14 24.50
CA THR L 334 83.71 -8.37 23.26
C THR L 334 83.50 -9.29 22.06
N GLU L 335 83.21 -8.67 20.91
CA GLU L 335 82.90 -9.44 19.71
C GLU L 335 84.08 -10.32 19.29
N ARG L 336 85.31 -9.79 19.40
CA ARG L 336 86.48 -10.57 19.00
C ARG L 336 86.69 -11.77 19.91
N ARG L 337 86.55 -11.57 21.23
CA ARG L 337 86.71 -12.68 22.16
C ARG L 337 85.63 -13.73 21.96
N GLU L 338 84.38 -13.31 21.75
CA GLU L 338 83.31 -14.25 21.47
C GLU L 338 83.61 -15.03 20.20
N PHE L 339 84.13 -14.35 19.17
CA PHE L 339 84.49 -15.04 17.94
C PHE L 339 85.58 -16.08 18.18
N GLU L 340 86.59 -15.74 18.98
CA GLU L 340 87.64 -16.70 19.31
C GLU L 340 87.07 -17.93 20.02
N LEU L 341 86.21 -17.69 21.03
CA LEU L 341 85.57 -18.81 21.71
C LEU L 341 84.75 -19.66 20.76
N SER L 342 84.08 -19.04 19.79
CA SER L 342 83.33 -19.79 18.79
C SER L 342 84.25 -20.64 17.92
N GLU L 343 85.41 -20.09 17.56
CA GLU L 343 86.40 -20.88 16.82
C GLU L 343 86.90 -22.05 17.65
N GLU L 344 86.91 -21.91 18.97
CA GLU L 344 87.32 -22.98 19.89
C GLU L 344 86.17 -23.90 20.28
N GLY L 345 85.03 -23.81 19.58
CA GLY L 345 83.92 -24.70 19.84
C GLY L 345 83.22 -24.48 21.16
N PHE L 346 83.19 -23.25 21.67
CA PHE L 346 82.52 -22.92 22.91
C PHE L 346 81.28 -22.08 22.62
N ILE L 347 80.26 -22.24 23.47
CA ILE L 347 79.01 -21.51 23.34
C ILE L 347 79.04 -20.39 24.38
N GLY L 348 79.49 -19.21 23.95
CA GLY L 348 79.61 -18.09 24.86
C GLY L 348 78.37 -17.23 24.93
N LEU L 349 77.77 -17.13 26.10
CA LEU L 349 76.62 -16.24 26.33
C LEU L 349 77.18 -14.84 26.57
N VAL L 350 77.01 -13.95 25.60
CA VAL L 350 77.57 -12.60 25.69
C VAL L 350 76.57 -11.67 26.37
N PHE L 351 77.09 -10.71 27.12
CA PHE L 351 76.26 -9.76 27.85
C PHE L 351 76.09 -8.49 27.03
N ARG L 352 74.84 -8.04 26.89
CA ARG L 352 74.55 -6.82 26.16
C ARG L 352 74.98 -5.65 27.03
N LYS L 353 75.96 -4.89 26.55
CA LYS L 353 76.61 -3.83 27.33
C LYS L 353 75.54 -2.99 28.05
N ASP L 354 75.62 -2.95 29.38
CA ASP L 354 74.56 -2.39 30.18
C ASP L 354 73.19 -2.85 29.72
N SER L 355 72.90 -4.13 29.92
CA SER L 355 71.56 -4.65 29.66
C SER L 355 71.13 -5.37 30.91
N ASP L 356 69.93 -5.93 30.90
CA ASP L 356 69.61 -7.18 31.59
C ASP L 356 69.50 -8.30 30.56
N ASN L 357 70.16 -8.11 29.42
CA ASN L 357 70.00 -8.98 28.27
C ASN L 357 71.34 -9.56 27.82
N ALA L 358 71.33 -10.86 27.53
CA ALA L 358 72.47 -11.56 26.95
C ALA L 358 72.02 -12.23 25.66
N ALA L 359 72.99 -12.79 24.93
CA ALA L 359 72.69 -13.39 23.63
C ALA L 359 73.70 -14.49 23.33
N PHE L 360 73.21 -15.53 22.64
CA PHE L 360 74.06 -16.59 22.12
C PHE L 360 74.17 -16.33 20.62
N PHE L 361 75.33 -15.84 20.20
CA PHE L 361 75.51 -15.50 18.79
C PHE L 361 75.62 -16.74 17.91
N SER L 362 76.00 -17.87 18.48
CA SER L 362 76.17 -19.09 17.69
C SER L 362 76.21 -20.28 18.64
N ALA L 363 75.82 -21.43 18.11
CA ALA L 363 75.83 -22.66 18.89
C ALA L 363 76.62 -23.74 18.17
N ASN L 364 77.93 -23.50 17.98
CA ASN L 364 78.78 -24.51 17.38
C ASN L 364 79.01 -25.64 18.37
N SER L 365 79.12 -26.86 17.84
CA SER L 365 79.41 -28.02 18.68
C SER L 365 80.91 -28.07 18.98
N THR L 366 81.32 -29.08 19.74
CA THR L 366 82.74 -29.23 20.04
C THR L 366 83.54 -29.65 18.81
N GLN L 367 82.89 -30.27 17.83
CA GLN L 367 83.59 -30.82 16.67
C GLN L 367 84.27 -29.71 15.88
N LYS L 368 85.52 -29.95 15.49
CA LYS L 368 86.28 -29.00 14.69
C LYS L 368 86.05 -29.27 13.21
N PRO L 369 85.84 -28.25 12.40
CA PRO L 369 85.59 -28.48 10.97
C PRO L 369 86.84 -28.96 10.26
N ARG L 370 86.64 -29.75 9.21
CA ARG L 370 87.74 -30.27 8.42
C ARG L 370 87.95 -29.41 7.18
N PHE L 371 89.21 -29.33 6.75
CA PHE L 371 89.58 -28.56 5.58
C PHE L 371 89.80 -29.49 4.39
N PHE L 372 89.31 -29.07 3.23
CA PHE L 372 89.43 -29.84 1.99
C PHE L 372 90.10 -29.01 0.93
N GLY L 373 90.50 -29.68 -0.16
CA GLY L 373 91.16 -28.98 -1.24
C GLY L 373 90.25 -27.93 -1.86
N ASN L 374 90.86 -26.82 -2.30
CA ASN L 374 90.11 -25.66 -2.80
C ASN L 374 89.72 -25.90 -4.26
N THR L 375 88.78 -26.81 -4.44
CA THR L 375 88.16 -27.09 -5.73
C THR L 375 86.65 -27.05 -5.52
N PRO L 376 85.87 -27.11 -6.60
CA PRO L 376 84.40 -27.11 -6.41
C PRO L 376 83.91 -28.21 -5.50
N GLU L 377 84.33 -29.45 -5.76
CA GLU L 377 83.92 -30.57 -4.92
C GLU L 377 84.46 -30.43 -3.50
N GLY L 378 85.71 -29.99 -3.35
CA GLY L 378 86.28 -29.84 -2.02
C GLY L 378 85.55 -28.80 -1.18
N LYS L 379 85.24 -27.65 -1.77
CA LYS L 379 84.46 -26.64 -1.07
C LYS L 379 83.06 -27.13 -0.74
N ALA L 380 82.44 -27.90 -1.65
CA ALA L 380 81.17 -28.52 -1.31
C ALA L 380 81.28 -29.41 -0.08
N ALA L 381 82.34 -30.21 -0.03
CA ALA L 381 82.57 -31.07 1.14
C ALA L 381 82.72 -30.25 2.41
N GLU L 382 83.48 -29.15 2.33
CA GLU L 382 83.62 -28.26 3.48
C GLU L 382 82.26 -27.75 3.95
N THR L 383 81.43 -27.30 3.02
CA THR L 383 80.11 -26.78 3.40
C THR L 383 79.29 -27.83 4.14
N ASN L 384 79.19 -29.03 3.57
CA ASN L 384 78.42 -30.09 4.24
C ASN L 384 78.96 -30.36 5.64
N TYR L 385 80.29 -30.52 5.76
CA TYR L 385 80.89 -30.82 7.07
C TYR L 385 80.55 -29.76 8.10
N ARG L 386 80.72 -28.48 7.77
CA ARG L 386 80.42 -27.41 8.73
C ARG L 386 78.95 -27.45 9.13
N LEU L 387 78.04 -27.58 8.15
CA LEU L 387 76.64 -27.83 8.46
C LEU L 387 76.50 -28.91 9.53
N GLY L 388 77.23 -30.02 9.38
CA GLY L 388 77.24 -31.03 10.43
C GLY L 388 77.76 -30.51 11.75
N THR L 389 78.75 -29.62 11.73
CA THR L 389 79.36 -29.10 12.94
C THR L 389 78.47 -28.14 13.71
N GLN L 390 77.37 -27.66 13.10
CA GLN L 390 76.49 -26.67 13.72
C GLN L 390 75.28 -27.34 14.38
N LEU L 391 75.06 -27.03 15.66
CA LEU L 391 73.90 -27.56 16.35
C LEU L 391 72.58 -27.05 15.79
N PRO L 392 72.48 -25.80 15.31
CA PRO L 392 71.19 -25.32 14.78
C PRO L 392 70.64 -26.14 13.63
N TYR L 393 71.49 -26.87 12.90
CA TYR L 393 71.03 -27.83 11.90
C TYR L 393 71.01 -29.26 12.42
N MET L 394 71.96 -29.59 13.31
CA MET L 394 71.92 -30.90 13.97
C MET L 394 70.55 -31.16 14.59
N PHE L 395 69.90 -30.13 15.14
CA PHE L 395 68.59 -30.32 15.75
C PHE L 395 67.53 -30.74 14.72
N ILE L 396 67.55 -30.13 13.54
CA ILE L 396 66.64 -30.56 12.47
C ILE L 396 66.90 -32.02 12.14
N MET L 397 68.17 -32.40 11.98
CA MET L 397 68.50 -33.80 11.71
C MET L 397 67.93 -34.73 12.79
N THR L 398 68.05 -34.33 14.06
CA THR L 398 67.62 -35.19 15.16
C THR L 398 66.10 -35.37 15.17
N ARG L 399 65.37 -34.26 15.01
CA ARG L 399 63.92 -34.37 14.91
C ARG L 399 63.51 -35.29 13.77
N LEU L 400 64.17 -35.16 12.62
CA LEU L 400 63.88 -36.03 11.49
C LEU L 400 64.09 -37.49 11.85
N ALA L 401 65.19 -37.81 12.54
CA ALA L 401 65.46 -39.19 12.93
C ALA L 401 64.37 -39.74 13.85
N HIS L 402 63.95 -38.95 14.85
CA HIS L 402 62.87 -39.39 15.72
C HIS L 402 61.60 -39.70 14.94
N TYR L 403 61.17 -38.76 14.08
CA TYR L 403 59.97 -38.98 13.28
C TYR L 403 60.09 -40.22 12.41
N ILE L 404 61.27 -40.45 11.84
CA ILE L 404 61.47 -41.60 10.96
C ILE L 404 61.32 -42.90 11.73
N LYS L 405 62.02 -43.02 12.86
CA LYS L 405 61.88 -44.22 13.69
C LYS L 405 60.42 -44.49 14.03
N VAL L 406 59.76 -43.52 14.68
CA VAL L 406 58.38 -43.69 15.12
C VAL L 406 57.48 -44.10 13.94
N LEU L 407 57.43 -43.26 12.90
CA LEU L 407 56.46 -43.46 11.83
C LEU L 407 56.73 -44.72 11.02
N GLN L 408 58.00 -45.12 10.87
CA GLN L 408 58.31 -46.33 10.10
C GLN L 408 57.91 -47.59 10.86
N ARG L 409 58.13 -47.59 12.19
CA ARG L 409 57.65 -48.70 13.01
C ARG L 409 56.20 -49.05 12.70
N GLU L 410 55.35 -48.04 12.50
CA GLU L 410 53.93 -48.30 12.23
C GLU L 410 53.70 -48.87 10.84
N GLN L 411 54.65 -48.67 9.92
CA GLN L 411 54.53 -49.18 8.56
C GLN L 411 55.08 -50.59 8.40
N ILE L 412 55.88 -51.06 9.36
CA ILE L 412 56.38 -52.43 9.31
C ILE L 412 55.21 -53.41 9.13
N GLY L 413 55.33 -54.30 8.14
CA GLY L 413 54.31 -55.28 7.85
C GLY L 413 53.45 -54.98 6.64
N SER L 414 53.47 -53.74 6.16
CA SER L 414 52.67 -53.35 5.00
C SER L 414 53.33 -53.82 3.71
N TRP L 415 52.52 -53.91 2.65
CA TRP L 415 53.01 -54.38 1.34
C TRP L 415 53.72 -53.21 0.65
N LYS L 416 55.03 -53.15 0.88
CA LYS L 416 55.86 -52.04 0.40
C LYS L 416 56.92 -52.58 -0.54
N GLU L 417 56.88 -52.11 -1.79
CA GLU L 417 57.99 -52.28 -2.71
C GLU L 417 58.89 -51.05 -2.65
N LYS L 418 60.08 -51.18 -3.25
CA LYS L 418 61.08 -50.10 -3.16
C LYS L 418 60.51 -48.77 -3.64
N SER L 419 59.96 -48.74 -4.86
CA SER L 419 59.33 -47.53 -5.38
C SER L 419 58.21 -47.03 -4.48
N ASP L 420 57.48 -47.93 -3.82
CA ASP L 420 56.49 -47.50 -2.84
C ASP L 420 57.15 -46.71 -1.71
N LEU L 421 58.27 -47.23 -1.20
CA LEU L 421 59.04 -46.48 -0.21
C LEU L 421 59.44 -45.12 -0.75
N GLU L 422 59.92 -45.06 -2.00
CA GLU L 422 60.32 -43.78 -2.59
C GLU L 422 59.18 -42.78 -2.60
N ARG L 423 58.02 -43.18 -3.13
CA ARG L 423 56.89 -42.26 -3.26
C ARG L 423 56.41 -41.78 -1.89
N GLU L 424 56.17 -42.71 -0.97
CA GLU L 424 55.66 -42.33 0.35
C GLU L 424 56.62 -41.42 1.08
N LEU L 425 57.91 -41.77 1.08
CA LEU L 425 58.90 -40.96 1.80
C LEU L 425 59.02 -39.57 1.21
N ASN L 426 58.98 -39.46 -0.13
CA ASN L 426 58.98 -38.13 -0.74
C ASN L 426 57.79 -37.31 -0.26
N HIS L 427 56.58 -37.87 -0.40
CA HIS L 427 55.37 -37.16 0.03
C HIS L 427 55.45 -36.75 1.50
N TRP L 428 56.10 -37.55 2.34
CA TRP L 428 56.19 -37.22 3.75
C TRP L 428 57.19 -36.09 4.00
N LEU L 429 58.39 -36.21 3.40
CA LEU L 429 59.41 -35.19 3.59
C LEU L 429 58.96 -33.83 3.11
N SER L 430 58.12 -33.79 2.05
CA SER L 430 57.61 -32.51 1.55
C SER L 430 56.91 -31.69 2.62
N GLN L 431 56.44 -32.35 3.69
CA GLN L 431 55.66 -31.65 4.72
C GLN L 431 56.46 -30.57 5.45
N TYR L 432 57.79 -30.71 5.50
CA TYR L 432 58.65 -29.76 6.18
C TYR L 432 59.51 -28.95 5.23
N ILE L 433 59.08 -28.82 3.97
CA ILE L 433 59.86 -28.16 2.93
C ILE L 433 59.18 -26.85 2.58
N SER L 434 59.96 -25.78 2.50
CA SER L 434 59.48 -24.46 2.08
C SER L 434 60.36 -24.01 0.91
N ASP L 435 59.97 -24.34 -0.32
CA ASP L 435 60.77 -24.00 -1.51
C ASP L 435 60.14 -22.99 -2.46
N MET L 436 59.68 -21.82 -2.00
CA MET L 436 59.03 -20.81 -2.84
C MET L 436 60.02 -19.78 -3.38
N ASP L 437 59.60 -18.49 -3.35
CA ASP L 437 60.46 -17.44 -3.88
C ASP L 437 61.06 -16.60 -2.75
N ASP L 438 60.23 -15.96 -2.03
CA ASP L 438 60.95 -15.38 -0.90
C ASP L 438 60.31 -15.69 0.44
N PRO L 439 60.94 -16.48 1.29
CA PRO L 439 60.24 -17.02 2.45
C PRO L 439 59.94 -15.96 3.50
N ALA L 440 58.68 -15.97 3.98
CA ALA L 440 58.29 -15.29 5.19
C ALA L 440 59.42 -15.42 6.21
N PRO L 441 60.20 -14.36 6.42
CA PRO L 441 61.41 -14.50 7.21
C PRO L 441 61.04 -14.99 8.60
N ALA L 442 61.76 -16.00 9.07
CA ALA L 442 61.43 -16.65 10.33
C ALA L 442 60.09 -17.38 10.25
N VAL L 443 59.63 -17.65 9.03
CA VAL L 443 58.51 -18.54 8.78
C VAL L 443 58.96 -19.86 8.19
N ARG L 444 60.10 -19.87 7.49
CA ARG L 444 60.80 -21.11 7.18
C ARG L 444 61.33 -21.69 8.48
N SER L 445 61.06 -21.00 9.58
CA SER L 445 61.27 -21.57 10.90
C SER L 445 60.46 -22.85 11.08
N ARG L 446 59.15 -22.78 10.78
CA ARG L 446 58.29 -23.96 10.91
C ARG L 446 58.60 -25.00 9.84
N ARG L 447 59.14 -24.59 8.70
CA ARG L 447 59.54 -25.47 7.60
C ARG L 447 61.03 -25.26 7.37
N PRO L 448 61.89 -25.89 8.19
CA PRO L 448 63.32 -25.54 8.14
C PRO L 448 64.04 -26.00 6.89
N LEU L 449 63.46 -26.93 6.13
CA LEU L 449 64.10 -27.47 4.95
C LEU L 449 63.71 -26.67 3.71
N ARG L 450 64.69 -26.49 2.82
CA ARG L 450 64.48 -25.92 1.50
C ARG L 450 64.44 -26.96 0.39
N ALA L 451 65.30 -27.97 0.46
CA ALA L 451 65.32 -29.04 -0.53
C ALA L 451 65.56 -30.37 0.17
N ALA L 452 65.22 -31.47 -0.52
CA ALA L 452 65.41 -32.79 0.05
C ALA L 452 65.36 -33.83 -1.06
N ARG L 453 66.21 -34.85 -0.93
CA ARG L 453 66.31 -35.93 -1.90
C ARG L 453 66.36 -37.26 -1.17
N VAL L 454 65.61 -38.23 -1.67
CA VAL L 454 65.50 -39.55 -1.07
C VAL L 454 65.70 -40.60 -2.15
N VAL L 455 66.56 -41.57 -1.87
CA VAL L 455 66.82 -42.70 -2.77
C VAL L 455 66.65 -43.98 -1.98
N VAL L 456 66.04 -44.99 -2.60
CA VAL L 456 65.74 -46.25 -1.94
C VAL L 456 66.25 -47.39 -2.82
N GLU L 457 67.08 -48.26 -2.23
CA GLU L 457 67.59 -49.44 -2.90
C GLU L 457 67.19 -50.68 -2.10
N ASP L 458 67.48 -51.85 -2.65
CA ASP L 458 67.12 -53.11 -2.04
C ASP L 458 68.33 -53.76 -1.41
N VAL L 459 68.13 -54.36 -0.23
CA VAL L 459 69.16 -55.16 0.42
C VAL L 459 69.17 -56.51 -0.29
N GLU L 460 70.14 -56.71 -1.17
CA GLU L 460 70.17 -57.91 -2.00
C GLU L 460 70.32 -59.15 -1.13
N GLY L 461 69.53 -60.18 -1.45
CA GLY L 461 69.54 -61.39 -0.65
C GLY L 461 68.75 -61.28 0.63
N GLN L 462 67.95 -60.23 0.79
CA GLN L 462 67.11 -60.04 1.98
C GLN L 462 65.82 -59.36 1.56
N PRO L 463 64.84 -60.12 1.08
CA PRO L 463 63.60 -59.51 0.58
C PRO L 463 62.80 -58.88 1.72
N GLY L 464 62.29 -57.67 1.47
CA GLY L 464 61.57 -56.91 2.46
C GLY L 464 62.40 -55.84 3.15
N TRP L 465 63.72 -55.88 3.01
CA TRP L 465 64.62 -54.90 3.62
C TRP L 465 65.13 -53.95 2.55
N TYR L 466 65.28 -52.68 2.90
CA TYR L 466 65.70 -51.65 1.97
C TYR L 466 66.78 -50.78 2.60
N ARG L 467 67.52 -50.09 1.73
CA ARG L 467 68.56 -49.15 2.13
C ARG L 467 68.13 -47.77 1.64
N CYS L 468 67.90 -46.85 2.57
CA CYS L 468 67.36 -45.53 2.25
C CYS L 468 68.41 -44.45 2.51
N SER L 469 68.49 -43.49 1.59
CA SER L 469 69.39 -42.35 1.70
C SER L 469 68.56 -41.08 1.64
N LEU L 470 68.68 -40.24 2.65
CA LEU L 470 67.94 -38.99 2.76
C LEU L 470 68.93 -37.86 2.97
N GLN L 471 68.96 -36.92 2.03
CA GLN L 471 69.84 -35.76 2.09
C GLN L 471 68.98 -34.50 2.03
N VAL L 472 69.30 -33.52 2.87
CA VAL L 472 68.47 -32.35 3.03
C VAL L 472 69.31 -31.08 2.90
N ARG L 473 68.71 -30.06 2.30
CA ARG L 473 69.31 -28.72 2.21
C ARG L 473 68.41 -27.78 3.01
N PRO L 474 68.81 -27.40 4.21
CA PRO L 474 67.98 -26.49 5.02
C PRO L 474 68.35 -25.03 4.76
N HIS L 475 67.48 -24.15 5.25
CA HIS L 475 67.71 -22.71 5.08
C HIS L 475 68.92 -22.28 5.90
N PHE L 476 69.66 -21.30 5.37
CA PHE L 476 70.88 -20.82 6.01
C PHE L 476 70.58 -19.72 7.03
N SER M 4 41.79 -51.80 -42.70
CA SER M 4 42.27 -50.71 -43.46
C SER M 4 41.75 -49.41 -42.87
N VAL M 5 42.61 -48.48 -42.52
CA VAL M 5 42.26 -47.10 -42.26
C VAL M 5 42.71 -46.43 -40.94
N HIS M 6 43.93 -46.73 -40.42
CA HIS M 6 44.36 -46.51 -39.02
C HIS M 6 44.73 -45.09 -38.53
N LEU M 7 44.23 -44.72 -37.32
CA LEU M 7 44.32 -43.40 -36.63
C LEU M 7 45.60 -43.11 -35.80
N TYR M 8 46.36 -42.11 -36.21
CA TYR M 8 47.44 -41.52 -35.43
C TYR M 8 47.11 -40.05 -35.10
N LEU M 9 47.59 -39.58 -33.95
CA LEU M 9 47.30 -38.23 -33.49
C LEU M 9 48.61 -37.65 -32.96
N LYS M 10 48.88 -36.40 -33.33
CA LYS M 10 50.15 -35.76 -33.02
C LYS M 10 49.89 -34.49 -32.21
N ALA M 11 50.46 -34.43 -31.01
CA ALA M 11 50.67 -33.21 -30.27
C ALA M 11 52.16 -32.92 -30.14
N ASN M 12 52.74 -32.35 -31.19
CA ASN M 12 54.13 -31.94 -31.09
C ASN M 12 54.25 -30.48 -30.70
N GLY M 13 53.17 -29.70 -30.81
CA GLY M 13 53.24 -28.29 -30.46
C GLY M 13 53.68 -28.03 -29.02
N SER M 14 53.21 -28.85 -28.10
CA SER M 14 53.66 -28.81 -26.71
C SER M 14 54.68 -29.89 -26.38
N ASP M 15 55.04 -30.72 -27.36
CA ASP M 15 55.96 -31.82 -27.13
C ASP M 15 55.30 -32.91 -26.29
N ILE M 16 54.59 -33.83 -26.94
CA ILE M 16 53.84 -34.85 -26.21
C ILE M 16 54.01 -36.20 -26.92
N LYS M 17 55.13 -36.87 -26.65
CA LYS M 17 55.45 -38.11 -27.34
C LYS M 17 54.49 -39.22 -26.96
N GLY M 18 53.81 -39.76 -27.95
CA GLY M 18 53.03 -40.98 -27.81
C GLY M 18 53.94 -42.20 -27.88
N ASP M 19 53.37 -43.32 -28.33
CA ASP M 19 54.09 -44.57 -28.37
C ASP M 19 54.12 -45.28 -29.72
N SER M 20 53.63 -44.63 -30.78
CA SER M 20 53.56 -45.28 -32.10
C SER M 20 54.94 -45.74 -32.56
N THR M 21 54.94 -46.64 -33.54
CA THR M 21 56.17 -47.26 -34.02
C THR M 21 56.32 -47.26 -35.54
N GLN M 22 55.24 -47.22 -36.31
CA GLN M 22 55.32 -47.10 -37.76
C GLN M 22 56.23 -45.95 -38.17
N THR M 23 57.45 -46.27 -38.61
CA THR M 23 58.35 -45.25 -39.13
C THR M 23 58.27 -45.16 -40.64
N SER M 24 58.09 -46.29 -41.33
CA SER M 24 57.94 -46.26 -42.78
C SER M 24 56.70 -45.45 -43.17
N LEU M 25 55.61 -45.62 -42.43
CA LEU M 25 54.41 -44.82 -42.66
C LEU M 25 54.58 -43.37 -42.20
N GLY M 26 55.48 -43.12 -41.25
CA GLY M 26 55.80 -41.78 -40.81
C GLY M 26 55.19 -41.34 -39.51
N ARG M 27 54.93 -42.25 -38.57
CA ARG M 27 54.23 -41.89 -37.35
C ARG M 27 55.03 -42.28 -36.10
N ALA M 28 56.32 -41.95 -36.11
CA ALA M 28 57.19 -42.32 -35.00
C ALA M 28 56.86 -41.52 -33.76
N ASP M 29 56.61 -42.21 -32.66
CA ASP M 29 56.31 -41.61 -31.36
C ASP M 29 54.98 -40.88 -31.33
N SER M 30 54.17 -40.98 -32.38
CA SER M 30 52.85 -40.39 -32.38
C SER M 30 51.92 -41.21 -31.46
N ILE M 31 50.73 -40.68 -31.24
CA ILE M 31 49.74 -41.32 -30.38
C ILE M 31 48.85 -42.21 -31.24
N GLU M 32 48.87 -43.52 -30.95
CA GLU M 32 47.99 -44.44 -31.65
C GLU M 32 46.58 -44.35 -31.08
N CYS M 33 45.60 -44.18 -31.96
CA CYS M 33 44.22 -43.93 -31.56
C CYS M 33 43.29 -44.85 -32.31
N VAL M 34 42.20 -45.25 -31.64
CA VAL M 34 41.22 -46.16 -32.21
C VAL M 34 40.16 -45.35 -32.94
N ALA M 35 39.38 -44.57 -32.20
CA ALA M 35 38.24 -43.86 -32.73
C ALA M 35 38.41 -42.35 -32.55
N TYR M 36 37.70 -41.60 -33.41
CA TYR M 36 37.88 -40.15 -33.52
C TYR M 36 36.63 -39.36 -33.16
N SER M 37 35.56 -39.49 -33.94
CA SER M 37 34.30 -38.81 -33.64
C SER M 37 34.42 -37.30 -33.63
N GLN M 38 33.89 -36.63 -34.66
CA GLN M 38 33.96 -35.18 -34.73
C GLN M 38 32.88 -34.70 -35.70
N LYS M 39 32.26 -33.57 -35.36
CA LYS M 39 31.13 -33.11 -36.15
C LYS M 39 31.07 -31.59 -36.17
N VAL M 40 30.24 -31.09 -37.08
CA VAL M 40 30.06 -29.65 -37.30
C VAL M 40 28.84 -29.47 -38.19
N PHE M 41 28.21 -28.30 -38.07
CA PHE M 41 27.00 -28.00 -38.83
C PHE M 41 26.28 -26.80 -38.22
N THR M 42 25.46 -26.13 -39.02
CA THR M 42 24.84 -24.86 -38.64
C THR M 42 23.51 -25.05 -37.90
N ALA M 43 22.82 -23.93 -37.66
CA ALA M 43 21.61 -23.91 -36.82
C ALA M 43 20.34 -24.17 -37.65
N ARG M 44 20.36 -25.19 -38.48
CA ARG M 44 19.52 -25.20 -39.68
C ARG M 44 18.06 -25.56 -39.35
N GLU M 45 17.20 -24.54 -39.26
CA GLU M 45 15.75 -24.76 -39.10
C GLU M 45 15.04 -24.95 -40.43
N ALA M 46 13.72 -24.74 -40.46
CA ALA M 46 12.94 -24.81 -41.69
C ALA M 46 12.53 -23.39 -42.08
N GLY M 47 12.63 -23.06 -43.36
CA GLY M 47 12.23 -21.75 -43.81
C GLY M 47 12.70 -21.45 -45.22
N SER M 48 12.27 -20.30 -45.72
CA SER M 48 12.64 -19.78 -47.03
C SER M 48 12.66 -18.24 -46.96
N GLY M 49 13.81 -17.62 -47.20
CA GLY M 49 15.02 -18.35 -47.51
C GLY M 49 15.57 -18.98 -46.26
N LEU M 50 16.80 -19.41 -46.34
CA LEU M 50 17.45 -20.10 -45.26
C LEU M 50 17.93 -19.12 -44.21
N ALA M 51 17.85 -19.55 -42.95
CA ALA M 51 18.52 -18.85 -41.86
C ALA M 51 20.02 -18.83 -42.19
N THR M 52 20.86 -18.16 -41.40
CA THR M 52 22.26 -18.14 -41.84
C THR M 52 23.19 -18.20 -40.65
N GLY M 53 23.78 -19.37 -40.37
CA GLY M 53 24.48 -19.60 -39.11
C GLY M 53 25.50 -20.72 -39.17
N ARG M 54 26.47 -20.64 -38.26
CA ARG M 54 27.76 -21.36 -38.28
C ARG M 54 28.06 -22.18 -37.03
N ARG M 55 27.61 -23.44 -37.05
CA ARG M 55 27.46 -24.23 -35.84
C ARG M 55 28.77 -24.52 -35.13
N GLN M 56 28.87 -24.02 -33.89
CA GLN M 56 29.97 -24.33 -32.98
C GLN M 56 30.48 -25.74 -33.21
N TYR M 57 31.69 -25.83 -33.75
CA TYR M 57 32.28 -27.11 -34.09
C TYR M 57 32.35 -27.98 -32.86
N GLU M 58 31.94 -29.24 -33.00
CA GLU M 58 32.00 -30.16 -31.89
C GLU M 58 33.46 -30.46 -31.54
N GLY M 59 33.68 -30.78 -30.27
CA GLY M 59 34.98 -31.25 -29.85
C GLY M 59 35.36 -32.56 -30.52
N ILE M 60 36.64 -32.89 -30.43
CA ILE M 60 37.16 -34.13 -31.00
C ILE M 60 37.24 -35.17 -29.88
N GLU M 61 36.75 -36.37 -30.14
CA GLU M 61 36.56 -37.39 -29.09
C GLU M 61 37.47 -38.57 -29.35
N ILE M 62 38.73 -38.46 -28.94
CA ILE M 62 39.74 -39.50 -29.16
C ILE M 62 39.50 -40.67 -28.21
N THR M 63 39.70 -41.88 -28.73
CA THR M 63 39.68 -43.10 -27.94
C THR M 63 41.03 -43.80 -28.10
N LYS M 64 41.63 -44.19 -26.98
CA LYS M 64 42.88 -44.91 -27.05
C LYS M 64 43.12 -45.72 -25.78
N ARG M 65 43.59 -46.96 -25.93
CA ARG M 65 43.98 -47.73 -24.77
C ARG M 65 45.37 -47.33 -24.29
N ILE M 66 46.36 -47.44 -25.17
CA ILE M 66 47.75 -47.14 -24.79
C ILE M 66 47.87 -45.69 -24.31
N ASP M 67 47.06 -44.79 -24.87
CA ASP M 67 47.09 -43.39 -24.46
C ASP M 67 46.83 -43.21 -22.97
N LYS M 68 46.20 -44.19 -22.32
CA LYS M 68 45.97 -44.09 -20.88
C LYS M 68 47.28 -44.02 -20.10
N SER M 69 48.35 -44.61 -20.64
CA SER M 69 49.64 -44.59 -19.96
C SER M 69 50.37 -43.26 -20.10
N SER M 70 49.79 -42.27 -20.79
CA SER M 70 50.43 -40.98 -20.99
C SER M 70 49.89 -40.01 -19.95
N PRO M 71 50.65 -39.68 -18.90
CA PRO M 71 50.13 -38.73 -17.90
C PRO M 71 49.92 -37.35 -18.47
N LEU M 72 50.69 -36.96 -19.49
CA LEU M 72 50.66 -35.59 -20.01
C LEU M 72 49.26 -35.16 -20.41
N LEU M 73 48.43 -36.10 -20.87
CA LEU M 73 47.04 -35.77 -21.15
C LEU M 73 46.29 -35.51 -19.85
N MET M 74 46.53 -36.33 -18.82
CA MET M 74 45.88 -36.14 -17.54
C MET M 74 46.23 -34.78 -16.95
N LYS M 75 47.52 -34.44 -16.92
CA LYS M 75 47.94 -33.13 -16.45
C LYS M 75 47.40 -32.03 -17.35
N ALA M 76 47.32 -32.29 -18.65
CA ALA M 76 46.81 -31.29 -19.60
C ALA M 76 45.36 -30.96 -19.30
N LEU M 77 44.59 -31.93 -18.81
CA LEU M 77 43.20 -31.66 -18.44
C LEU M 77 43.13 -30.60 -17.36
N CYS M 78 43.54 -30.96 -16.14
CA CYS M 78 43.46 -30.08 -14.99
C CYS M 78 44.41 -28.89 -15.04
N GLU M 79 45.38 -28.90 -15.93
CA GLU M 79 46.18 -27.72 -16.14
C GLU M 79 46.00 -27.18 -17.53
N ASN M 80 44.84 -27.40 -18.12
CA ASN M 80 44.66 -27.56 -19.53
C ASN M 80 45.81 -27.02 -20.31
N GLN M 81 46.78 -27.85 -20.62
CA GLN M 81 47.94 -27.32 -21.33
C GLN M 81 47.47 -26.81 -22.71
N VAL M 82 47.75 -25.54 -23.02
CA VAL M 82 47.39 -24.93 -24.30
C VAL M 82 48.39 -25.39 -25.35
N ILE M 83 47.89 -26.03 -26.40
CA ILE M 83 48.73 -26.56 -27.47
C ILE M 83 48.45 -25.80 -28.74
N ASP M 84 49.51 -25.65 -29.55
CA ASP M 84 49.40 -24.88 -30.78
C ASP M 84 48.73 -25.66 -31.90
N ALA M 85 49.00 -26.96 -32.01
CA ALA M 85 48.47 -27.73 -33.12
C ALA M 85 48.30 -29.18 -32.73
N THR M 86 47.17 -29.77 -33.14
CA THR M 86 46.92 -31.19 -33.01
C THR M 86 46.62 -31.73 -34.40
N PHE M 87 47.37 -32.75 -34.83
CA PHE M 87 47.26 -33.29 -36.17
C PHE M 87 46.64 -34.68 -36.11
N LYS M 88 45.47 -34.84 -36.73
CA LYS M 88 44.84 -36.14 -36.84
C LYS M 88 45.14 -36.72 -38.22
N PHE M 89 45.37 -38.04 -38.29
CA PHE M 89 45.72 -38.66 -39.57
C PHE M 89 45.23 -40.09 -39.61
N PHE M 90 44.42 -40.41 -40.62
CA PHE M 90 43.93 -41.76 -40.85
C PHE M 90 44.51 -42.30 -42.15
N ARG M 91 44.71 -43.62 -42.19
CA ARG M 91 45.42 -44.23 -43.30
C ARG M 91 44.44 -44.96 -44.20
N PRO M 92 44.80 -45.20 -45.45
CA PRO M 92 43.87 -45.90 -46.35
C PRO M 92 43.69 -47.36 -45.98
N ASN M 93 42.53 -47.96 -46.48
CA ASN M 93 42.23 -49.38 -46.36
C ASN M 93 42.71 -50.14 -47.60
N PRO M 94 43.28 -51.33 -47.46
CA PRO M 94 43.74 -52.06 -48.65
C PRO M 94 42.57 -52.66 -49.41
N THR M 95 42.47 -52.34 -50.70
CA THR M 95 41.40 -52.85 -51.55
C THR M 95 41.99 -53.48 -52.80
N GLY M 96 42.13 -52.69 -53.87
CA GLY M 96 42.90 -53.12 -55.01
C GLY M 96 44.38 -53.18 -54.74
N ASP M 97 44.87 -52.41 -53.77
CA ASP M 97 46.24 -52.51 -53.31
C ASP M 97 46.31 -51.91 -51.91
N GLY M 98 47.41 -52.19 -51.22
CA GLY M 98 47.66 -51.62 -49.92
C GLY M 98 48.39 -50.29 -50.03
N THR M 99 48.04 -49.38 -49.13
CA THR M 99 48.69 -48.06 -49.05
C THR M 99 48.74 -47.63 -47.60
N THR M 100 49.89 -47.12 -47.18
CA THR M 100 50.07 -46.63 -45.82
C THR M 100 49.94 -45.12 -45.74
N GLU M 101 49.38 -44.49 -46.76
CA GLU M 101 49.26 -43.04 -46.83
C GLU M 101 48.01 -42.57 -46.09
N GLN M 102 48.01 -41.29 -45.75
CA GLN M 102 46.91 -40.67 -45.00
C GLN M 102 45.86 -40.17 -45.98
N PHE M 103 44.75 -40.90 -46.09
CA PHE M 103 43.63 -40.48 -46.92
C PHE M 103 42.78 -39.42 -46.26
N TYR M 104 43.11 -39.02 -45.03
CA TYR M 104 42.36 -37.99 -44.31
C TYR M 104 43.30 -37.37 -43.28
N THR M 105 43.55 -36.07 -43.40
CA THR M 105 44.53 -35.38 -42.57
C THR M 105 43.87 -34.14 -41.95
N VAL M 106 43.40 -34.28 -40.72
CA VAL M 106 42.77 -33.19 -39.99
C VAL M 106 43.83 -32.37 -39.29
N SER M 107 43.57 -31.06 -39.16
CA SER M 107 44.53 -30.14 -38.57
C SER M 107 43.81 -29.16 -37.65
N ILE M 108 44.14 -29.21 -36.36
CA ILE M 108 43.52 -28.31 -35.38
C ILE M 108 44.58 -27.36 -34.86
N LYS M 109 44.16 -26.12 -34.60
CA LYS M 109 45.04 -25.05 -34.14
C LYS M 109 44.45 -24.42 -32.88
N LYS M 110 45.28 -24.28 -31.85
CA LYS M 110 44.86 -23.71 -30.58
C LYS M 110 44.08 -24.73 -29.76
N ALA M 111 44.70 -25.87 -29.48
CA ALA M 111 44.02 -27.01 -28.90
C ALA M 111 44.23 -27.09 -27.40
N ARG M 112 43.24 -27.67 -26.71
CA ARG M 112 43.32 -27.94 -25.29
C ARG M 112 42.58 -29.24 -25.00
N ILE M 113 42.93 -29.85 -23.87
CA ILE M 113 42.24 -31.05 -23.39
C ILE M 113 41.12 -30.59 -22.47
N ASN M 114 39.88 -30.70 -22.95
CA ASN M 114 38.72 -30.31 -22.16
C ASN M 114 38.26 -31.42 -21.22
N ALA M 115 38.67 -32.66 -21.43
CA ALA M 115 38.25 -33.75 -20.57
C ALA M 115 39.17 -34.94 -20.74
N ILE M 116 39.46 -35.60 -19.63
CA ILE M 116 40.23 -36.84 -19.62
C ILE M 116 39.42 -37.92 -18.91
N GLN M 117 39.21 -39.04 -19.58
CA GLN M 117 38.48 -40.18 -19.01
C GLN M 117 39.41 -41.38 -18.90
N GLN M 118 39.19 -42.18 -17.84
CA GLN M 118 39.99 -43.36 -17.61
C GLN M 118 39.10 -44.50 -17.11
N THR M 119 39.52 -45.73 -17.43
CA THR M 119 38.69 -46.89 -17.17
C THR M 119 39.51 -48.15 -17.44
N VAL M 120 39.28 -49.16 -16.60
CA VAL M 120 39.98 -50.43 -16.67
C VAL M 120 38.94 -51.54 -16.62
N PRO M 121 38.86 -52.42 -17.60
CA PRO M 121 37.70 -53.30 -17.69
C PRO M 121 37.86 -54.64 -16.95
N ASN M 122 37.54 -54.63 -15.68
CA ASN M 122 37.00 -55.80 -14.94
C ASN M 122 37.39 -57.19 -15.47
N SER M 123 38.16 -57.91 -14.64
CA SER M 123 38.40 -59.33 -14.81
C SER M 123 39.88 -59.56 -15.04
N PHE M 124 40.21 -60.68 -15.67
CA PHE M 124 41.58 -61.10 -15.87
C PHE M 124 41.68 -61.80 -17.21
N VAL M 125 42.86 -61.75 -17.79
CA VAL M 125 43.13 -62.33 -19.10
C VAL M 125 43.43 -63.82 -18.95
N PRO M 126 43.35 -64.59 -20.04
CA PRO M 126 43.61 -66.03 -19.94
C PRO M 126 45.05 -66.36 -19.65
N ALA M 127 45.97 -65.40 -19.79
CA ALA M 127 47.38 -65.60 -19.53
C ALA M 127 47.90 -65.01 -18.22
N SER M 128 47.05 -64.62 -17.29
CA SER M 128 47.42 -64.46 -15.89
C SER M 128 47.86 -63.06 -15.56
N THR M 129 47.59 -62.17 -16.49
CA THR M 129 47.44 -60.77 -16.16
C THR M 129 45.92 -60.51 -16.01
N ASN M 130 45.47 -59.41 -16.62
CA ASN M 130 44.14 -58.80 -16.42
C ASN M 130 44.08 -57.53 -17.29
N LEU M 131 43.03 -56.71 -17.11
CA LEU M 131 42.73 -55.66 -18.12
C LEU M 131 43.92 -54.75 -18.50
N PRO M 132 44.11 -54.51 -19.80
CA PRO M 132 44.74 -53.26 -20.22
C PRO M 132 43.70 -52.15 -20.23
N PRO M 133 44.13 -50.88 -20.10
CA PRO M 133 43.14 -49.82 -19.81
C PRO M 133 42.75 -48.94 -21.01
N MET M 134 41.60 -48.25 -20.94
CA MET M 134 41.11 -47.45 -22.05
C MET M 134 40.78 -46.03 -21.58
N GLU M 135 41.24 -45.03 -22.34
CA GLU M 135 41.00 -43.63 -22.05
C GLU M 135 40.30 -42.96 -23.22
N THR M 136 39.44 -42.00 -22.89
CA THR M 136 38.72 -41.21 -23.87
C THR M 136 38.97 -39.74 -23.56
N LEU M 137 39.48 -39.01 -24.55
CA LEU M 137 39.90 -37.63 -24.35
C LEU M 137 39.12 -36.71 -25.27
N GLN M 138 38.66 -35.59 -24.73
CA GLN M 138 37.94 -34.56 -25.49
C GLN M 138 38.91 -33.42 -25.77
N LEU M 139 39.08 -33.10 -27.05
CA LEU M 139 39.97 -32.04 -27.50
C LEU M 139 39.12 -30.88 -27.98
N VAL M 140 39.19 -29.76 -27.28
CA VAL M 140 38.59 -28.53 -27.76
C VAL M 140 39.65 -27.74 -28.51
N PHE M 141 39.22 -26.84 -29.39
CA PHE M 141 40.17 -26.15 -30.26
C PHE M 141 39.60 -24.84 -30.75
N HIS M 142 40.33 -24.22 -31.66
CA HIS M 142 39.98 -22.93 -32.26
C HIS M 142 39.83 -23.00 -33.78
N THR M 143 40.76 -23.65 -34.49
CA THR M 143 40.67 -23.75 -35.94
C THR M 143 40.92 -25.19 -36.37
N ILE M 144 40.51 -25.53 -37.60
CA ILE M 144 40.60 -26.91 -38.08
C ILE M 144 40.59 -26.92 -39.61
N ASN M 145 41.08 -28.02 -40.19
CA ASN M 145 41.19 -28.21 -41.63
C ASN M 145 40.99 -29.69 -41.96
N TRP M 146 40.33 -29.95 -43.10
CA TRP M 146 39.80 -31.29 -43.38
C TRP M 146 40.78 -32.17 -44.17
N THR M 147 40.92 -31.90 -45.47
CA THR M 147 41.92 -32.58 -46.30
C THR M 147 41.64 -34.07 -46.47
N ILE M 148 41.35 -34.50 -47.70
CA ILE M 148 41.08 -35.90 -47.99
C ILE M 148 41.86 -36.32 -49.23
N THR M 149 42.12 -37.62 -49.36
CA THR M 149 42.82 -38.17 -50.52
C THR M 149 42.32 -39.57 -50.80
N GLN M 150 42.03 -39.84 -52.08
CA GLN M 150 41.54 -41.15 -52.50
C GLN M 150 41.23 -41.14 -53.99
N GLY M 151 40.45 -40.16 -54.43
CA GLY M 151 40.26 -39.89 -55.85
C GLY M 151 40.92 -38.58 -56.18
N GLY M 152 42.06 -38.34 -55.52
CA GLY M 152 42.81 -37.11 -55.65
C GLY M 152 43.07 -36.45 -54.31
N VAL M 153 44.11 -35.64 -54.23
CA VAL M 153 44.21 -34.66 -53.15
C VAL M 153 43.03 -33.71 -53.28
N THR M 154 42.22 -33.61 -52.23
CA THR M 154 40.96 -32.88 -52.27
C THR M 154 41.09 -31.62 -51.43
N HIS M 155 41.28 -30.49 -52.12
CA HIS M 155 41.44 -29.14 -51.56
C HIS M 155 41.29 -29.03 -50.05
N GLU M 156 42.41 -28.83 -49.35
CA GLU M 156 42.38 -28.67 -47.90
C GLU M 156 41.55 -27.44 -47.53
N ASP M 157 40.38 -27.67 -46.93
CA ASP M 157 39.52 -26.59 -46.45
C ASP M 157 39.35 -26.73 -44.95
N THR M 158 38.69 -25.75 -44.34
CA THR M 158 38.51 -25.78 -42.88
C THR M 158 37.76 -24.55 -42.39
N TRP M 159 37.98 -24.19 -41.12
CA TRP M 159 37.22 -23.09 -40.53
C TRP M 159 37.88 -22.66 -39.23
N ASP M 160 37.51 -21.45 -38.80
CA ASP M 160 38.05 -20.84 -37.59
C ASP M 160 36.91 -20.22 -36.79
N THR M 161 36.82 -20.59 -35.52
CA THR M 161 35.85 -20.00 -34.60
C THR M 161 36.31 -18.66 -34.05
N GLN M 162 37.51 -18.22 -34.40
CA GLN M 162 37.98 -16.90 -34.02
C GLN M 162 37.57 -15.82 -35.01
N ARG M 163 37.28 -16.20 -36.25
CA ARG M 163 36.86 -15.24 -37.27
C ARG M 163 35.45 -15.53 -37.77
N SER N 4 19.32 -55.42 -53.01
CA SER N 4 18.51 -54.72 -53.95
C SER N 4 18.00 -53.43 -53.33
N VAL N 5 18.28 -52.29 -53.92
CA VAL N 5 17.57 -51.06 -53.63
C VAL N 5 18.39 -49.79 -53.31
N HIS N 6 19.56 -49.55 -53.96
CA HIS N 6 20.65 -48.63 -53.51
C HIS N 6 20.49 -47.10 -53.68
N LEU N 7 20.85 -46.34 -52.61
CA LEU N 7 20.73 -44.87 -52.44
C LEU N 7 21.86 -43.97 -53.00
N TYR N 8 21.50 -43.13 -53.97
CA TYR N 8 22.34 -42.03 -54.45
C TYR N 8 21.67 -40.70 -54.14
N LEU N 9 22.49 -39.67 -53.92
CA LEU N 9 21.99 -38.34 -53.56
C LEU N 9 22.77 -37.32 -54.37
N LYS N 10 22.08 -36.34 -54.94
CA LYS N 10 22.68 -35.38 -55.84
C LYS N 10 22.46 -33.97 -55.31
N ALA N 11 23.57 -33.26 -55.08
CA ALA N 11 23.58 -31.82 -54.94
C ALA N 11 24.35 -31.20 -56.11
N ASN N 12 23.69 -31.07 -57.25
CA ASN N 12 24.32 -30.36 -58.34
C ASN N 12 23.93 -28.89 -58.38
N GLY N 13 22.89 -28.50 -57.65
CA GLY N 13 22.48 -27.10 -57.65
C GLY N 13 23.56 -26.14 -57.20
N SER N 14 24.34 -26.54 -56.20
CA SER N 14 25.50 -25.77 -55.76
C SER N 14 26.81 -26.35 -56.28
N ASP N 15 26.75 -27.45 -57.04
CA ASP N 15 27.95 -28.09 -57.54
C ASP N 15 28.68 -28.80 -56.40
N ILE N 16 28.31 -30.03 -56.11
CA ILE N 16 28.88 -30.76 -54.97
C ILE N 16 29.15 -32.20 -55.37
N LYS N 17 30.28 -32.43 -56.05
CA LYS N 17 30.59 -33.74 -56.59
C LYS N 17 30.85 -34.74 -55.46
N GLY N 18 30.07 -35.80 -55.43
CA GLY N 18 30.34 -36.95 -54.59
C GLY N 18 31.37 -37.85 -55.22
N ASP N 19 31.30 -39.15 -54.91
CA ASP N 19 32.28 -40.10 -55.39
C ASP N 19 31.73 -41.31 -56.12
N SER N 20 30.42 -41.34 -56.42
CA SER N 20 29.81 -42.50 -57.04
C SER N 20 30.48 -42.83 -58.38
N THR N 21 30.26 -44.05 -58.85
CA THR N 21 30.91 -44.55 -60.05
C THR N 21 29.97 -45.19 -61.07
N GLN N 22 28.83 -45.73 -60.65
CA GLN N 22 27.84 -46.28 -61.57
C GLN N 22 27.50 -45.27 -62.66
N THR N 23 28.02 -45.49 -63.86
CA THR N 23 27.67 -44.65 -65.00
C THR N 23 26.56 -45.27 -65.83
N SER N 24 26.55 -46.60 -65.97
CA SER N 24 25.46 -47.26 -66.68
C SER N 24 24.13 -47.00 -66.00
N LEU N 25 24.11 -47.03 -64.66
CA LEU N 25 22.90 -46.69 -63.92
C LEU N 25 22.61 -45.21 -63.94
N GLY N 26 23.62 -44.37 -64.14
CA GLY N 26 23.44 -42.94 -64.29
C GLY N 26 23.77 -42.09 -63.08
N ARG N 27 24.71 -42.52 -62.23
CA ARG N 27 24.98 -41.80 -61.00
C ARG N 27 26.45 -41.41 -60.88
N ALA N 28 27.00 -40.86 -61.97
CA ALA N 28 28.41 -40.49 -61.98
C ALA N 28 28.67 -39.30 -61.08
N ASP N 29 29.62 -39.46 -60.16
CA ASP N 29 30.04 -38.42 -59.23
C ASP N 29 28.97 -38.04 -58.21
N SER N 30 27.86 -38.78 -58.17
CA SER N 30 26.85 -38.55 -57.15
C SER N 30 27.36 -39.03 -55.79
N ILE N 31 26.59 -38.72 -54.76
CA ILE N 31 26.94 -39.10 -53.39
C ILE N 31 26.31 -40.45 -53.08
N GLU N 32 27.13 -41.44 -52.79
CA GLU N 32 26.63 -42.75 -52.39
C GLU N 32 26.19 -42.71 -50.92
N CYS N 33 24.97 -43.17 -50.66
CA CYS N 33 24.36 -43.06 -49.34
C CYS N 33 23.79 -44.40 -48.92
N VAL N 34 23.84 -44.66 -47.62
CA VAL N 34 23.35 -45.92 -47.07
C VAL N 34 21.88 -45.76 -46.72
N ALA N 35 21.57 -44.92 -45.74
CA ALA N 35 20.23 -44.77 -45.20
C ALA N 35 19.71 -43.36 -45.40
N TYR N 36 18.38 -43.24 -45.42
CA TYR N 36 17.70 -42.00 -45.77
C TYR N 36 16.87 -41.41 -44.64
N SER N 37 15.80 -42.11 -44.21
CA SER N 37 14.98 -41.64 -43.09
C SER N 37 14.32 -40.30 -43.35
N GLN N 38 13.01 -40.30 -43.59
CA GLN N 38 12.29 -39.06 -43.84
C GLN N 38 10.81 -39.30 -43.58
N LYS N 39 10.14 -38.30 -43.00
CA LYS N 39 8.77 -38.50 -42.60
C LYS N 39 7.99 -37.20 -42.73
N VAL N 40 6.66 -37.34 -42.64
CA VAL N 40 5.71 -36.24 -42.78
C VAL N 40 4.34 -36.74 -42.33
N PHE N 41 3.51 -35.81 -41.87
CA PHE N 41 2.19 -36.15 -41.38
C PHE N 41 1.62 -34.98 -40.57
N THR N 42 0.29 -34.94 -40.43
CA THR N 42 -0.40 -33.79 -39.86
C THR N 42 -0.55 -33.90 -38.34
N ALA N 43 -1.31 -32.96 -37.76
CA ALA N 43 -1.43 -32.82 -36.31
C ALA N 43 -2.56 -33.67 -35.73
N ARG N 44 -2.62 -34.94 -36.12
CA ARG N 44 -3.89 -35.66 -36.14
C ARG N 44 -4.29 -36.12 -34.74
N GLU N 45 -5.21 -35.40 -34.09
CA GLU N 45 -5.78 -35.83 -32.81
C GLU N 45 -7.00 -36.74 -32.98
N ALA N 46 -7.84 -36.85 -31.95
CA ALA N 46 -9.06 -37.62 -32.03
C ALA N 46 -10.25 -36.66 -32.08
N GLY N 47 -11.22 -36.92 -32.94
CA GLY N 47 -12.39 -36.07 -33.01
C GLY N 47 -13.22 -36.36 -34.25
N SER N 48 -14.36 -35.67 -34.32
CA SER N 48 -15.31 -35.75 -35.42
C SER N 48 -16.00 -34.36 -35.56
N GLY N 49 -15.84 -33.70 -36.70
CA GLY N 49 -15.03 -34.22 -37.78
C GLY N 49 -13.58 -34.07 -37.42
N LEU N 50 -12.73 -34.21 -38.41
CA LEU N 50 -11.31 -34.19 -38.20
C LEU N 50 -10.80 -32.76 -38.12
N ALA N 51 -9.78 -32.59 -37.29
CA ALA N 51 -8.98 -31.35 -37.30
C ALA N 51 -8.42 -31.18 -38.71
N THR N 52 -7.75 -30.07 -39.02
CA THR N 52 -7.27 -29.96 -40.40
C THR N 52 -5.91 -29.28 -40.41
N GLY N 53 -4.83 -30.04 -40.61
CA GLY N 53 -3.48 -29.54 -40.39
C GLY N 53 -2.41 -30.31 -41.14
N ARG N 54 -1.30 -29.63 -41.40
CA ARG N 54 -0.26 -29.98 -42.37
C ARG N 54 1.17 -30.07 -41.80
N ARG N 55 1.50 -31.25 -41.30
CA ARG N 55 2.63 -31.42 -40.40
C ARG N 55 3.97 -31.08 -41.01
N GLN N 56 4.63 -30.07 -40.42
CA GLN N 56 5.99 -29.69 -40.76
C GLN N 56 6.80 -30.92 -41.17
N TYR N 57 7.15 -30.99 -42.45
CA TYR N 57 7.87 -32.13 -42.98
C TYR N 57 9.18 -32.31 -42.23
N GLU N 58 9.46 -33.55 -41.85
CA GLU N 58 10.70 -33.84 -41.15
C GLU N 58 11.88 -33.63 -42.09
N GLY N 59 13.02 -33.29 -41.49
CA GLY N 59 14.25 -33.23 -42.25
C GLY N 59 14.64 -34.59 -42.80
N ILE N 60 15.57 -34.56 -43.75
CA ILE N 60 16.08 -35.78 -44.37
C ILE N 60 17.38 -36.16 -43.67
N GLU N 61 17.52 -37.43 -43.30
CA GLU N 61 18.61 -37.87 -42.43
C GLU N 61 19.53 -38.83 -43.18
N ILE N 62 20.45 -38.28 -43.97
CA ILE N 62 21.36 -39.07 -44.80
C ILE N 62 22.43 -39.71 -43.94
N THR N 63 22.79 -40.94 -44.27
CA THR N 63 23.90 -41.65 -43.67
C THR N 63 24.88 -42.06 -44.77
N LYS N 64 26.15 -41.76 -44.56
CA LYS N 64 27.15 -42.16 -45.54
C LYS N 64 28.53 -42.23 -44.91
N ARG N 65 29.30 -43.28 -45.24
CA ARG N 65 30.68 -43.34 -44.80
C ARG N 65 31.57 -42.48 -45.68
N ILE N 66 31.57 -42.76 -46.99
CA ILE N 66 32.45 -42.03 -47.91
C ILE N 66 32.14 -40.55 -47.90
N ASP N 67 30.88 -40.19 -47.65
CA ASP N 67 30.49 -38.78 -47.59
C ASP N 67 31.26 -38.00 -46.53
N LYS N 68 31.83 -38.69 -45.54
CA LYS N 68 32.64 -38.00 -44.53
C LYS N 68 33.85 -37.32 -45.15
N SER N 69 34.36 -37.85 -46.27
CA SER N 69 35.52 -37.26 -46.91
C SER N 69 35.18 -36.01 -47.72
N SER N 70 33.92 -35.59 -47.76
CA SER N 70 33.52 -34.42 -48.52
C SER N 70 33.44 -33.22 -47.59
N PRO N 71 34.43 -32.31 -47.63
CA PRO N 71 34.34 -31.14 -46.73
C PRO N 71 33.18 -30.23 -47.05
N LEU N 72 32.71 -30.21 -48.30
CA LEU N 72 31.69 -29.25 -48.72
C LEU N 72 30.43 -29.36 -47.87
N LEU N 73 30.12 -30.56 -47.38
CA LEU N 73 29.00 -30.69 -46.44
C LEU N 73 29.34 -30.03 -45.11
N MET N 74 30.56 -30.24 -44.62
CA MET N 74 30.98 -29.62 -43.37
C MET N 74 30.91 -28.10 -43.46
N LYS N 75 31.48 -27.54 -44.52
CA LYS N 75 31.39 -26.10 -44.72
C LYS N 75 29.95 -25.65 -44.92
N ALA N 76 29.15 -26.49 -45.59
CA ALA N 76 27.74 -26.15 -45.83
C ALA N 76 26.98 -26.04 -44.53
N LEU N 77 27.36 -26.81 -43.52
CA LEU N 77 26.71 -26.72 -42.21
C LEU N 77 26.89 -25.32 -41.64
N CYS N 78 28.12 -25.00 -41.22
CA CYS N 78 28.43 -23.72 -40.58
C CYS N 78 28.34 -22.52 -41.51
N GLU N 79 28.26 -22.72 -42.80
CA GLU N 79 28.00 -21.63 -43.70
C GLU N 79 26.69 -21.82 -44.42
N ASN N 80 25.76 -22.51 -43.81
CA ASN N 80 24.77 -23.33 -44.47
C ASN N 80 24.63 -22.97 -45.90
N GLN N 81 25.35 -23.64 -46.77
CA GLN N 81 25.26 -23.27 -48.18
C GLN N 81 23.81 -23.55 -48.66
N VAL N 82 23.15 -22.51 -49.20
CA VAL N 82 21.78 -22.64 -49.72
C VAL N 82 21.85 -23.30 -51.09
N ILE N 83 21.17 -24.43 -51.23
CA ILE N 83 21.18 -25.20 -52.46
C ILE N 83 19.78 -25.17 -53.07
N ASP N 84 19.75 -25.19 -54.39
CA ASP N 84 18.49 -25.10 -55.11
C ASP N 84 17.74 -26.42 -55.13
N ALA N 85 18.44 -27.54 -55.28
CA ALA N 85 17.76 -28.83 -55.42
C ALA N 85 18.65 -29.94 -54.89
N THR N 86 18.03 -30.87 -54.16
CA THR N 86 18.67 -32.11 -53.73
C THR N 86 17.83 -33.27 -54.24
N PHE N 87 18.44 -34.18 -54.98
CA PHE N 87 17.73 -35.28 -55.62
C PHE N 87 18.11 -36.58 -54.93
N LYS N 88 17.13 -37.24 -54.33
CA LYS N 88 17.33 -38.56 -53.74
C LYS N 88 16.85 -39.62 -54.73
N PHE N 89 17.57 -40.74 -54.81
CA PHE N 89 17.20 -41.78 -55.77
C PHE N 89 17.60 -43.15 -55.24
N PHE N 90 16.63 -44.05 -55.14
CA PHE N 90 16.85 -45.43 -54.73
C PHE N 90 16.56 -46.37 -55.90
N ARG N 91 17.29 -47.48 -55.94
CA ARG N 91 17.22 -48.37 -57.09
C ARG N 91 16.42 -49.61 -56.75
N PRO N 92 15.89 -50.32 -57.74
CA PRO N 92 15.10 -51.52 -57.44
C PRO N 92 15.98 -52.66 -56.92
N ASN N 93 15.28 -53.64 -56.22
CA ASN N 93 15.89 -54.88 -55.76
C ASN N 93 15.68 -56.00 -56.77
N PRO N 94 16.66 -56.86 -57.02
CA PRO N 94 16.47 -57.92 -58.01
C PRO N 94 15.61 -59.04 -57.44
N THR N 95 14.52 -59.35 -58.15
CA THR N 95 13.60 -60.41 -57.73
C THR N 95 13.39 -61.40 -58.86
N GLY N 96 12.35 -61.16 -59.68
CA GLY N 96 12.22 -61.90 -60.92
C GLY N 96 13.26 -61.52 -61.95
N ASP N 97 13.79 -60.30 -61.86
CA ASP N 97 14.92 -59.88 -62.68
C ASP N 97 15.61 -58.72 -61.99
N GLY N 98 16.83 -58.43 -62.46
CA GLY N 98 17.57 -57.29 -61.95
C GLY N 98 17.24 -56.03 -62.75
N THR N 99 17.22 -54.91 -62.05
CA THR N 99 16.98 -53.61 -62.67
C THR N 99 17.78 -52.56 -61.90
N THR N 100 18.47 -51.68 -62.65
CA THR N 100 19.24 -50.61 -62.06
C THR N 100 18.50 -49.29 -62.06
N GLU N 101 17.19 -49.32 -62.28
CA GLU N 101 16.38 -48.12 -62.37
C GLU N 101 15.95 -47.65 -60.98
N GLN N 102 15.56 -46.38 -60.92
CA GLN N 102 15.17 -45.73 -59.67
C GLN N 102 13.67 -45.96 -59.45
N PHE N 103 13.34 -46.88 -58.53
CA PHE N 103 11.95 -47.13 -58.16
C PHE N 103 11.42 -46.08 -57.19
N TYR N 104 12.24 -45.11 -56.79
CA TYR N 104 11.81 -44.05 -55.89
C TYR N 104 12.72 -42.86 -56.11
N THR N 105 12.15 -41.73 -56.53
CA THR N 105 12.91 -40.55 -56.91
C THR N 105 12.37 -39.34 -56.14
N VAL N 106 13.01 -39.00 -55.03
CA VAL N 106 12.63 -37.85 -54.21
C VAL N 106 13.29 -36.60 -54.76
N SER N 107 12.59 -35.47 -54.61
CA SER N 107 13.08 -34.20 -55.14
C SER N 107 12.82 -33.09 -54.14
N ILE N 108 13.89 -32.47 -53.64
CA ILE N 108 13.80 -31.39 -52.67
C ILE N 108 14.26 -30.09 -53.32
N LYS N 109 13.60 -29.00 -52.97
CA LYS N 109 13.89 -27.67 -53.52
C LYS N 109 14.10 -26.69 -52.38
N LYS N 110 15.20 -25.92 -52.47
CA LYS N 110 15.54 -24.94 -51.46
C LYS N 110 16.16 -25.62 -50.24
N ALA N 111 17.25 -26.35 -50.46
CA ALA N 111 17.82 -27.22 -49.44
C ALA N 111 18.99 -26.57 -48.73
N ARG N 112 19.19 -26.97 -47.47
CA ARG N 112 20.34 -26.55 -46.68
C ARG N 112 20.75 -27.71 -45.78
N ILE N 113 22.00 -27.65 -45.34
CA ILE N 113 22.54 -28.61 -44.38
C ILE N 113 22.31 -28.03 -42.99
N ASN N 114 21.36 -28.61 -42.26
CA ASN N 114 21.07 -28.17 -40.90
C ASN N 114 21.98 -28.79 -39.86
N ALA N 115 22.67 -29.88 -40.20
CA ALA N 115 23.55 -30.52 -39.23
C ALA N 115 24.52 -31.44 -39.95
N ILE N 116 25.77 -31.45 -39.46
CA ILE N 116 26.79 -32.35 -39.95
C ILE N 116 27.35 -33.14 -38.76
N GLN N 117 27.33 -34.46 -38.86
CA GLN N 117 27.86 -35.34 -37.83
C GLN N 117 29.04 -36.14 -38.38
N GLN N 118 30.02 -36.39 -37.51
CA GLN N 118 31.20 -37.16 -37.89
C GLN N 118 31.61 -38.10 -36.76
N THR N 119 32.21 -39.22 -37.14
CA THR N 119 32.50 -40.29 -36.20
C THR N 119 33.37 -41.33 -36.88
N VAL N 120 34.31 -41.88 -36.11
CA VAL N 120 35.27 -42.86 -36.58
C VAL N 120 35.27 -44.02 -35.59
N PRO N 121 34.98 -45.24 -36.01
CA PRO N 121 34.69 -46.29 -35.04
C PRO N 121 35.93 -47.09 -34.58
N ASN N 122 36.57 -46.60 -33.53
CA ASN N 122 37.44 -47.33 -32.60
C ASN N 122 37.95 -48.72 -33.05
N SER N 123 39.28 -48.82 -33.13
CA SER N 123 39.98 -50.09 -33.27
C SER N 123 40.76 -50.06 -34.57
N PHE N 124 41.07 -51.26 -35.09
CA PHE N 124 41.89 -51.42 -36.27
C PHE N 124 41.37 -52.61 -37.05
N VAL N 125 41.61 -52.58 -38.34
CA VAL N 125 41.14 -53.62 -39.26
C VAL N 125 42.14 -54.77 -39.26
N PRO N 126 41.73 -55.96 -39.74
CA PRO N 126 42.65 -57.10 -39.73
C PRO N 126 43.79 -56.95 -40.70
N ALA N 127 43.74 -55.98 -41.61
CA ALA N 127 44.79 -55.75 -42.58
C ALA N 127 45.69 -54.54 -42.32
N SER N 128 45.65 -53.95 -41.12
CA SER N 128 46.73 -53.11 -40.63
C SER N 128 46.51 -51.65 -40.94
N THR N 129 45.31 -51.36 -41.36
CA THR N 129 44.75 -50.03 -41.19
C THR N 129 43.90 -50.05 -39.91
N ASN N 130 42.70 -49.46 -40.02
CA ASN N 130 41.81 -49.13 -38.89
C ASN N 130 40.57 -48.44 -39.49
N LEU N 131 39.70 -47.86 -38.61
CA LEU N 131 38.34 -47.47 -39.07
C LEU N 131 38.31 -46.61 -40.36
N PRO N 132 37.41 -46.95 -41.29
CA PRO N 132 36.87 -45.92 -42.17
C PRO N 132 35.76 -45.17 -41.47
N PRO N 133 35.45 -43.93 -41.88
CA PRO N 133 34.58 -43.09 -41.03
C PRO N 133 33.13 -42.95 -41.49
N MET N 134 32.21 -42.55 -40.60
CA MET N 134 30.80 -42.46 -40.93
C MET N 134 30.24 -41.09 -40.55
N GLU N 135 29.50 -40.48 -41.48
CA GLU N 135 28.88 -39.18 -41.26
C GLU N 135 27.37 -39.27 -41.44
N THR N 136 26.65 -38.47 -40.66
CA THR N 136 25.20 -38.39 -40.73
C THR N 136 24.85 -36.92 -40.91
N LEU N 137 24.10 -36.62 -41.97
CA LEU N 137 23.80 -35.24 -42.35
C LEU N 137 22.29 -35.02 -42.35
N GLN N 138 21.86 -33.90 -41.78
CA GLN N 138 20.45 -33.52 -41.76
C GLN N 138 20.23 -32.45 -42.82
N LEU N 139 19.31 -32.70 -43.73
CA LEU N 139 18.98 -31.80 -44.83
C LEU N 139 17.62 -31.20 -44.54
N VAL N 140 17.59 -29.89 -44.32
CA VAL N 140 16.33 -29.17 -44.24
C VAL N 140 16.03 -28.60 -45.62
N PHE N 141 14.75 -28.31 -45.88
CA PHE N 141 14.36 -27.90 -47.22
C PHE N 141 13.07 -27.10 -47.18
N HIS N 142 12.55 -26.83 -48.37
CA HIS N 142 11.33 -26.06 -48.57
C HIS N 142 10.25 -26.83 -49.32
N THR N 143 10.61 -27.51 -50.42
CA THR N 143 9.62 -28.28 -51.18
C THR N 143 10.16 -29.68 -51.48
N ILE N 144 9.27 -30.61 -51.82
CA ILE N 144 9.67 -32.00 -52.03
C ILE N 144 8.63 -32.71 -52.90
N ASN N 145 9.05 -33.82 -53.53
CA ASN N 145 8.22 -34.61 -54.43
C ASN N 145 8.61 -36.09 -54.31
N TRP N 146 7.60 -36.97 -54.40
CA TRP N 146 7.77 -38.37 -53.99
C TRP N 146 8.20 -39.27 -55.14
N THR N 147 7.27 -39.61 -56.04
CA THR N 147 7.59 -40.35 -57.26
C THR N 147 8.04 -41.79 -56.99
N ILE N 148 7.26 -42.78 -57.42
CA ILE N 148 7.59 -44.18 -57.21
C ILE N 148 7.38 -44.93 -58.52
N THR N 149 8.08 -46.06 -58.67
CA THR N 149 7.95 -46.91 -59.85
C THR N 149 8.16 -48.37 -59.45
N GLN N 150 7.26 -49.23 -59.94
CA GLN N 150 7.35 -50.66 -59.65
C GLN N 150 6.17 -51.40 -60.26
N GLY N 151 4.96 -50.91 -59.99
CA GLY N 151 3.76 -51.35 -60.68
C GLY N 151 3.26 -50.22 -61.56
N GLY N 152 4.22 -49.49 -62.12
CA GLY N 152 3.96 -48.31 -62.93
C GLY N 152 4.67 -47.08 -62.42
N VAL N 153 4.91 -46.13 -63.32
CA VAL N 153 5.22 -44.77 -62.86
C VAL N 153 4.02 -44.26 -62.10
N THR N 154 4.24 -43.85 -60.84
CA THR N 154 3.16 -43.52 -59.92
C THR N 154 3.19 -42.02 -59.68
N HIS N 155 2.28 -41.30 -60.35
CA HIS N 155 2.09 -39.85 -60.30
C HIS N 155 2.97 -39.10 -59.31
N GLU N 156 3.97 -38.38 -59.83
CA GLU N 156 4.84 -37.59 -58.98
C GLU N 156 4.05 -36.54 -58.23
N ASP N 157 3.92 -36.70 -56.92
CA ASP N 157 3.24 -35.74 -56.06
C ASP N 157 4.24 -35.22 -55.03
N THR N 158 3.81 -34.22 -54.25
CA THR N 158 4.70 -33.63 -53.25
C THR N 158 4.04 -32.50 -52.49
N TRP N 159 4.84 -31.57 -51.97
CA TRP N 159 4.28 -30.51 -51.14
C TRP N 159 5.31 -29.41 -50.96
N ASP N 160 4.82 -28.24 -50.53
CA ASP N 160 5.63 -27.05 -50.34
C ASP N 160 5.25 -26.40 -49.02
N THR N 161 6.24 -26.15 -48.17
CA THR N 161 6.04 -25.44 -46.91
C THR N 161 6.02 -23.93 -47.10
N GLN N 162 6.22 -23.45 -48.32
CA GLN N 162 6.10 -22.03 -48.62
C GLN N 162 4.67 -21.63 -48.98
N ARG N 163 3.86 -22.58 -49.44
CA ARG N 163 2.47 -22.29 -49.79
C ARG N 163 1.50 -23.07 -48.91
N SER O 4 1.68 -67.94 -40.47
CA SER O 4 0.25 -67.92 -40.46
C SER O 4 -0.23 -66.64 -39.80
N VAL O 5 -1.04 -65.86 -40.50
CA VAL O 5 -1.83 -64.81 -39.90
C VAL O 5 -1.78 -63.38 -40.51
N HIS O 6 -1.69 -63.23 -41.86
CA HIS O 6 -1.23 -62.00 -42.57
C HIS O 6 -2.18 -60.78 -42.71
N LEU O 7 -1.63 -59.57 -42.45
CA LEU O 7 -2.28 -58.23 -42.41
C LEU O 7 -2.48 -57.48 -43.75
N TYR O 8 -3.75 -57.25 -44.12
CA TYR O 8 -4.14 -56.35 -45.18
C TYR O 8 -4.96 -55.19 -44.61
N LEU O 9 -4.86 -54.02 -45.25
CA LEU O 9 -5.53 -52.81 -44.78
C LEU O 9 -6.14 -52.14 -46.00
N LYS O 10 -7.39 -51.69 -45.87
CA LYS O 10 -8.14 -51.14 -46.98
C LYS O 10 -8.58 -49.72 -46.65
N ALA O 11 -8.16 -48.77 -47.48
CA ALA O 11 -8.76 -47.45 -47.56
C ALA O 11 -9.42 -47.29 -48.93
N ASN O 12 -10.62 -47.81 -49.07
CA ASN O 12 -11.36 -47.58 -50.29
C ASN O 12 -12.31 -46.39 -50.16
N GLY O 13 -12.59 -45.94 -48.94
CA GLY O 13 -13.51 -44.82 -48.76
C GLY O 13 -13.07 -43.56 -49.47
N SER O 14 -11.76 -43.27 -49.47
CA SER O 14 -11.19 -42.18 -50.23
C SER O 14 -10.55 -42.63 -51.52
N ASP O 15 -10.56 -43.94 -51.81
CA ASP O 15 -9.92 -44.48 -53.00
C ASP O 15 -8.40 -44.41 -52.86
N ILE O 16 -7.80 -45.44 -52.25
CA ILE O 16 -6.37 -45.43 -51.97
C ILE O 16 -5.79 -46.80 -52.28
N LYS O 17 -5.52 -47.06 -53.55
CA LYS O 17 -5.06 -48.39 -53.97
C LYS O 17 -3.68 -48.69 -53.42
N GLY O 18 -3.57 -49.76 -52.66
CA GLY O 18 -2.29 -50.33 -52.26
C GLY O 18 -1.72 -51.17 -53.38
N ASP O 19 -0.92 -52.17 -52.99
CA ASP O 19 -0.23 -53.00 -53.96
C ASP O 19 -0.45 -54.50 -53.80
N SER O 20 -1.35 -54.93 -52.92
CA SER O 20 -1.55 -56.36 -52.67
C SER O 20 -1.93 -57.10 -53.95
N THR O 21 -1.78 -58.42 -53.91
CA THR O 21 -1.98 -59.26 -55.09
C THR O 21 -2.87 -60.47 -54.85
N GLN O 22 -2.96 -61.00 -53.63
CA GLN O 22 -3.86 -62.08 -53.30
C GLN O 22 -5.28 -61.77 -53.77
N THR O 23 -5.69 -62.39 -54.87
CA THR O 23 -7.07 -62.26 -55.33
C THR O 23 -7.95 -63.40 -54.85
N SER O 24 -7.40 -64.62 -54.78
CA SER O 24 -8.15 -65.74 -54.25
C SER O 24 -8.57 -65.48 -52.81
N LEU O 25 -7.65 -64.92 -52.01
CA LEU O 25 -7.98 -64.54 -50.64
C LEU O 25 -8.88 -63.32 -50.58
N GLY O 26 -8.86 -62.48 -51.60
CA GLY O 26 -9.77 -61.34 -51.69
C GLY O 26 -9.17 -60.00 -51.35
N ARG O 27 -7.87 -59.79 -51.57
CA ARG O 27 -7.23 -58.55 -51.14
C ARG O 27 -6.53 -57.84 -52.31
N ALA O 28 -7.23 -57.73 -53.44
CA ALA O 28 -6.64 -57.13 -54.62
C ALA O 28 -6.47 -55.64 -54.43
N ASP O 29 -5.24 -55.16 -54.65
CA ASP O 29 -4.89 -53.75 -54.56
C ASP O 29 -4.97 -53.19 -53.15
N SER O 30 -5.20 -54.05 -52.15
CA SER O 30 -5.18 -53.60 -50.77
C SER O 30 -3.75 -53.30 -50.34
N ILE O 31 -3.61 -52.72 -49.15
CA ILE O 31 -2.31 -52.36 -48.59
C ILE O 31 -1.79 -53.52 -47.76
N GLU O 32 -0.66 -54.08 -48.15
CA GLU O 32 -0.02 -55.14 -47.37
C GLU O 32 0.69 -54.53 -46.17
N CYS O 33 0.43 -55.07 -44.98
CA CYS O 33 0.92 -54.50 -43.75
C CYS O 33 1.55 -55.60 -42.89
N VAL O 34 2.59 -55.22 -42.15
CA VAL O 34 3.30 -56.16 -41.29
C VAL O 34 2.65 -56.19 -39.92
N ALA O 35 2.75 -55.07 -39.20
CA ALA O 35 2.29 -54.99 -37.82
C ALA O 35 1.18 -53.96 -37.66
N TYR O 36 0.38 -54.15 -36.61
CA TYR O 36 -0.84 -53.37 -36.40
C TYR O 36 -0.82 -52.54 -35.13
N SER O 37 -0.78 -53.16 -33.95
CA SER O 37 -0.70 -52.43 -32.70
C SER O 37 -1.90 -51.52 -32.45
N GLN O 38 -2.78 -51.90 -31.53
CA GLN O 38 -3.95 -51.08 -31.23
C GLN O 38 -4.48 -51.49 -29.86
N LYS O 39 -4.94 -50.50 -29.09
CA LYS O 39 -5.33 -50.78 -27.73
C LYS O 39 -6.48 -49.88 -27.31
N VAL O 40 -7.08 -50.24 -26.18
CA VAL O 40 -8.23 -49.55 -25.61
C VAL O 40 -8.44 -50.07 -24.19
N PHE O 41 -9.05 -49.23 -23.35
CA PHE O 41 -9.27 -49.58 -21.96
C PHE O 41 -9.61 -48.32 -21.16
N THR O 42 -10.27 -48.49 -20.01
CA THR O 42 -10.83 -47.39 -19.23
C THR O 42 -9.81 -46.83 -18.22
N ALA O 43 -10.30 -45.91 -17.38
CA ALA O 43 -9.45 -45.14 -16.45
C ALA O 43 -9.26 -45.86 -15.12
N ARG O 44 -8.97 -47.16 -15.17
CA ARG O 44 -9.33 -48.05 -14.07
C ARG O 44 -8.37 -47.91 -12.88
N GLU O 45 -8.78 -47.18 -11.84
CA GLU O 45 -8.03 -47.11 -10.59
C GLU O 45 -8.37 -48.23 -9.61
N ALA O 46 -8.09 -48.03 -8.32
CA ALA O 46 -8.44 -48.99 -7.29
C ALA O 46 -9.59 -48.43 -6.47
N GLY O 47 -10.59 -49.25 -6.16
CA GLY O 47 -11.70 -48.80 -5.34
C GLY O 47 -12.86 -49.78 -5.36
N SER O 48 -13.87 -49.45 -4.55
CA SER O 48 -15.10 -50.22 -4.42
C SER O 48 -16.24 -49.23 -4.10
N GLY O 49 -17.26 -49.14 -4.95
CA GLY O 49 -17.29 -49.90 -6.17
C GLY O 49 -16.31 -49.29 -7.13
N LEU O 50 -16.45 -49.66 -8.39
CA LEU O 50 -15.50 -49.23 -9.39
C LEU O 50 -15.88 -47.87 -9.95
N ALA O 51 -14.84 -47.13 -10.33
CA ALA O 51 -15.03 -45.92 -11.13
C ALA O 51 -15.76 -46.30 -12.41
N THR O 52 -16.15 -45.34 -13.25
CA THR O 52 -16.87 -45.74 -14.44
C THR O 52 -16.44 -44.87 -15.62
N GLY O 53 -15.60 -45.41 -16.51
CA GLY O 53 -14.93 -44.60 -17.52
C GLY O 53 -14.49 -45.39 -18.74
N ARG O 54 -14.38 -44.67 -19.86
CA ARG O 54 -14.28 -45.20 -21.22
C ARG O 54 -13.06 -44.71 -22.02
N ARG O 55 -11.95 -45.44 -21.86
CA ARG O 55 -10.64 -44.92 -22.23
C ARG O 55 -10.50 -44.64 -23.72
N GLN O 56 -10.23 -43.36 -24.02
CA GLN O 56 -9.90 -42.91 -25.37
C GLN O 56 -9.13 -43.98 -26.12
N TYR O 57 -9.78 -44.54 -27.14
CA TYR O 57 -9.17 -45.62 -27.90
C TYR O 57 -7.86 -45.16 -28.50
N GLU O 58 -6.85 -46.01 -28.38
CA GLU O 58 -5.55 -45.68 -28.94
C GLU O 58 -5.63 -45.67 -30.47
N GLY O 59 -4.77 -44.87 -31.07
CA GLY O 59 -4.63 -44.90 -32.51
C GLY O 59 -4.13 -46.25 -33.00
N ILE O 60 -4.26 -46.47 -34.30
CA ILE O 60 -3.81 -47.70 -34.95
C ILE O 60 -2.44 -47.43 -35.55
N GLU O 61 -1.49 -48.34 -35.32
CA GLU O 61 -0.08 -48.09 -35.64
C GLU O 61 0.38 -49.07 -36.71
N ILE O 62 0.09 -48.76 -37.97
CA ILE O 62 0.40 -49.63 -39.11
C ILE O 62 1.90 -49.56 -39.40
N THR O 63 2.47 -50.72 -39.75
CA THR O 63 3.84 -50.82 -40.22
C THR O 63 3.82 -51.46 -41.60
N LYS O 64 4.53 -50.84 -42.54
CA LYS O 64 4.61 -51.42 -43.89
C LYS O 64 5.84 -50.91 -44.62
N ARG O 65 6.54 -51.81 -45.31
CA ARG O 65 7.64 -51.37 -46.17
C ARG O 65 7.11 -50.84 -47.49
N ILE O 66 6.37 -51.66 -48.23
CA ILE O 66 5.87 -51.28 -49.55
C ILE O 66 4.99 -50.03 -49.45
N ASP O 67 4.28 -49.88 -48.32
CA ASP O 67 3.42 -48.72 -48.12
C ASP O 67 4.18 -47.41 -48.22
N LYS O 68 5.51 -47.43 -48.03
CA LYS O 68 6.30 -46.22 -48.17
C LYS O 68 6.22 -45.64 -49.58
N SER O 69 6.00 -46.49 -50.58
CA SER O 69 5.91 -46.02 -51.96
C SER O 69 4.57 -45.38 -52.29
N SER O 70 3.65 -45.30 -51.33
CA SER O 70 2.33 -44.73 -51.57
C SER O 70 2.35 -43.28 -51.10
N PRO O 71 2.42 -42.29 -52.01
CA PRO O 71 2.40 -40.90 -51.55
C PRO O 71 1.11 -40.49 -50.89
N LEU O 72 -0.01 -41.13 -51.25
CA LEU O 72 -1.32 -40.72 -50.77
C LEU O 72 -1.38 -40.69 -49.24
N LEU O 73 -0.64 -41.56 -48.58
CA LEU O 73 -0.56 -41.50 -47.12
C LEU O 73 0.20 -40.25 -46.69
N MET O 74 1.31 -39.95 -47.37
CA MET O 74 2.10 -38.77 -47.05
C MET O 74 1.26 -37.50 -47.21
N LYS O 75 0.57 -37.37 -48.34
CA LYS O 75 -0.32 -36.23 -48.55
C LYS O 75 -1.46 -36.24 -47.55
N ALA O 76 -1.96 -37.43 -47.19
CA ALA O 76 -3.05 -37.53 -46.25
C ALA O 76 -2.65 -37.00 -44.88
N LEU O 77 -1.38 -37.17 -44.51
CA LEU O 77 -0.90 -36.61 -43.25
C LEU O 77 -1.08 -35.11 -43.19
N CYS O 78 -0.30 -34.38 -43.99
CA CYS O 78 -0.29 -32.93 -44.00
C CYS O 78 -1.56 -32.31 -44.60
N GLU O 79 -2.37 -33.08 -45.30
CA GLU O 79 -3.66 -32.59 -45.69
C GLU O 79 -4.76 -33.36 -45.01
N ASN O 80 -4.49 -33.86 -43.83
CA ASN O 80 -5.01 -35.10 -43.31
C ASN O 80 -6.28 -35.48 -43.99
N GLN O 81 -6.18 -36.22 -45.09
CA GLN O 81 -7.40 -36.49 -45.85
C GLN O 81 -8.36 -37.30 -44.96
N VAL O 82 -9.62 -36.86 -44.89
CA VAL O 82 -10.66 -37.51 -44.08
C VAL O 82 -11.22 -38.70 -44.85
N ILE O 83 -11.15 -39.88 -44.27
CA ILE O 83 -11.62 -41.10 -44.90
C ILE O 83 -12.82 -41.64 -44.13
N ASP O 84 -13.73 -42.25 -44.86
CA ASP O 84 -14.95 -42.77 -44.26
C ASP O 84 -14.73 -44.08 -43.53
N ALA O 85 -13.90 -44.97 -44.07
CA ALA O 85 -13.75 -46.29 -43.47
C ALA O 85 -12.35 -46.83 -43.75
N THR O 86 -11.75 -47.44 -42.73
CA THR O 86 -10.50 -48.18 -42.87
C THR O 86 -10.75 -49.59 -42.36
N PHE O 87 -10.48 -50.58 -43.19
CA PHE O 87 -10.76 -51.99 -42.87
C PHE O 87 -9.45 -52.73 -42.63
N LYS O 88 -9.27 -53.24 -41.43
CA LYS O 88 -8.11 -54.07 -41.10
C LYS O 88 -8.53 -55.53 -41.18
N PHE O 89 -7.65 -56.39 -41.69
CA PHE O 89 -7.99 -57.81 -41.83
C PHE O 89 -6.75 -58.68 -41.71
N PHE O 90 -6.78 -59.61 -40.76
CA PHE O 90 -5.72 -60.58 -40.56
C PHE O 90 -6.20 -61.98 -40.90
N ARG O 91 -5.29 -62.81 -41.38
CA ARG O 91 -5.68 -64.10 -41.91
C ARG O 91 -5.28 -65.20 -40.94
N PRO O 92 -5.90 -66.37 -41.01
CA PRO O 92 -5.55 -67.44 -40.07
C PRO O 92 -4.16 -68.02 -40.35
N ASN O 93 -3.59 -68.70 -39.28
CA ASN O 93 -2.33 -69.44 -39.36
C ASN O 93 -2.60 -70.91 -39.66
N PRO O 94 -1.81 -71.55 -40.52
CA PRO O 94 -2.06 -72.97 -40.82
C PRO O 94 -1.62 -73.86 -39.67
N THR O 95 -2.53 -74.68 -39.17
CA THR O 95 -2.24 -75.60 -38.08
C THR O 95 -2.65 -77.02 -38.45
N GLY O 96 -3.89 -77.40 -38.12
CA GLY O 96 -4.44 -78.62 -38.66
C GLY O 96 -4.75 -78.55 -40.13
N ASP O 97 -4.98 -77.33 -40.64
CA ASP O 97 -5.13 -77.11 -42.07
C ASP O 97 -4.85 -75.64 -42.36
N GLY O 98 -4.63 -75.34 -43.64
CA GLY O 98 -4.43 -73.96 -44.07
C GLY O 98 -5.76 -73.31 -44.40
N THR O 99 -5.86 -72.02 -44.09
CA THR O 99 -7.04 -71.22 -44.40
C THR O 99 -6.59 -69.80 -44.71
N THR O 100 -7.13 -69.23 -45.79
CA THR O 100 -6.82 -67.87 -46.19
C THR O 100 -7.89 -66.88 -45.73
N GLU O 101 -8.74 -67.28 -44.80
CA GLU O 101 -9.84 -66.46 -44.32
C GLU O 101 -9.36 -65.51 -43.23
N GLN O 102 -10.16 -64.47 -43.00
CA GLN O 102 -9.84 -63.42 -42.04
C GLN O 102 -10.40 -63.83 -40.67
N PHE O 103 -9.53 -64.28 -39.78
CA PHE O 103 -9.91 -64.62 -38.42
C PHE O 103 -10.06 -63.39 -37.53
N TYR O 104 -9.80 -62.20 -38.06
CA TYR O 104 -9.94 -60.96 -37.31
C TYR O 104 -10.17 -59.83 -38.30
N THR O 105 -11.31 -59.17 -38.20
CA THR O 105 -11.73 -58.15 -39.17
C THR O 105 -12.11 -56.87 -38.41
N VAL O 106 -11.16 -55.94 -38.33
CA VAL O 106 -11.37 -54.65 -37.65
C VAL O 106 -11.98 -53.67 -38.64
N SER O 107 -12.83 -52.78 -38.12
CA SER O 107 -13.54 -51.82 -38.96
C SER O 107 -13.53 -50.45 -38.29
N ILE O 108 -12.91 -49.47 -38.92
CA ILE O 108 -12.83 -48.11 -38.39
C ILE O 108 -13.64 -47.18 -39.30
N LYS O 109 -14.31 -46.21 -38.67
CA LYS O 109 -15.16 -45.26 -39.36
C LYS O 109 -14.75 -43.84 -38.98
N LYS O 110 -14.58 -42.98 -39.99
CA LYS O 110 -14.18 -41.60 -39.78
C LYS O 110 -12.69 -41.51 -39.51
N ALA O 111 -11.87 -42.01 -40.44
CA ALA O 111 -10.45 -42.19 -40.21
C ALA O 111 -9.64 -41.06 -40.81
N ARG O 112 -8.48 -40.80 -40.20
CA ARG O 112 -7.52 -39.84 -40.72
C ARG O 112 -6.12 -40.34 -40.40
N ILE O 113 -5.15 -39.83 -41.16
CA ILE O 113 -3.74 -40.12 -40.94
C ILE O 113 -3.20 -39.04 -40.00
N ASN O 114 -2.96 -39.41 -38.75
CA ASN O 114 -2.42 -38.47 -37.78
C ASN O 114 -0.90 -38.35 -37.84
N ALA O 115 -0.22 -39.30 -38.47
CA ALA O 115 1.23 -39.24 -38.55
C ALA O 115 1.73 -40.16 -39.65
N ILE O 116 2.75 -39.68 -40.38
CA ILE O 116 3.43 -40.47 -41.40
C ILE O 116 4.92 -40.49 -41.07
N GLN O 117 5.48 -41.69 -40.97
CA GLN O 117 6.91 -41.88 -40.71
C GLN O 117 7.57 -42.56 -41.89
N GLN O 118 8.83 -42.19 -42.15
CA GLN O 118 9.60 -42.78 -43.24
C GLN O 118 11.04 -43.00 -42.81
N THR O 119 11.66 -44.02 -43.40
CA THR O 119 12.98 -44.47 -42.97
C THR O 119 13.50 -45.48 -43.97
N VAL O 120 14.81 -45.41 -44.21
CA VAL O 120 15.51 -46.28 -45.16
C VAL O 120 16.73 -46.84 -44.45
N PRO O 121 16.89 -48.14 -44.33
CA PRO O 121 17.90 -48.68 -43.43
C PRO O 121 19.28 -48.90 -44.07
N ASN O 122 20.10 -47.87 -44.01
CA ASN O 122 21.57 -47.90 -44.12
C ASN O 122 22.22 -49.21 -44.64
N SER O 123 22.95 -49.04 -45.74
CA SER O 123 23.86 -50.06 -46.26
C SER O 123 23.40 -50.47 -47.65
N PHE O 124 23.79 -51.66 -48.07
CA PHE O 124 23.53 -52.16 -49.40
C PHE O 124 23.29 -53.66 -49.30
N VAL O 125 22.53 -54.17 -50.25
CA VAL O 125 22.16 -55.58 -50.29
C VAL O 125 23.27 -56.38 -50.98
N PRO O 126 23.29 -57.70 -50.79
CA PRO O 126 24.37 -58.50 -51.41
C PRO O 126 24.27 -58.56 -52.92
N ALA O 127 23.14 -58.15 -53.51
CA ALA O 127 22.96 -58.17 -54.95
C ALA O 127 23.05 -56.81 -55.64
N SER O 128 23.55 -55.77 -54.98
CA SER O 128 24.06 -54.58 -55.65
C SER O 128 23.03 -53.52 -55.81
N THR O 129 21.95 -53.71 -55.12
CA THR O 129 21.09 -52.58 -54.72
C THR O 129 21.51 -52.20 -53.28
N ASN O 130 20.48 -52.00 -52.43
CA ASN O 130 20.59 -51.38 -51.10
C ASN O 130 19.17 -51.31 -50.51
N LEU O 131 19.00 -50.60 -49.38
CA LEU O 131 17.75 -50.75 -48.59
C LEU O 131 16.44 -50.59 -49.39
N PRO O 132 15.48 -51.51 -49.18
CA PRO O 132 14.08 -51.12 -49.36
C PRO O 132 13.59 -50.39 -48.13
N PRO O 133 12.53 -49.55 -48.25
CA PRO O 133 12.21 -48.63 -47.15
C PRO O 133 11.03 -49.01 -46.27
N MET O 134 10.94 -48.47 -45.05
CA MET O 134 9.89 -48.84 -44.12
C MET O 134 9.17 -47.60 -43.59
N GLU O 135 7.84 -47.63 -43.58
CA GLU O 135 7.02 -46.54 -43.11
C GLU O 135 6.11 -47.02 -41.99
N THR O 136 5.85 -46.12 -41.04
CA THR O 136 4.95 -46.38 -39.92
C THR O 136 3.92 -45.27 -39.88
N LEU O 137 2.64 -45.64 -39.93
CA LEU O 137 1.55 -44.68 -40.06
C LEU O 137 0.62 -44.82 -38.87
N GLN O 138 0.22 -43.68 -38.31
CA GLN O 138 -0.73 -43.63 -37.20
C GLN O 138 -2.09 -43.23 -37.76
N LEU O 139 -3.09 -44.05 -37.51
CA LEU O 139 -4.45 -43.84 -37.99
C LEU O 139 -5.31 -43.47 -36.78
N VAL O 140 -5.80 -42.24 -36.76
CA VAL O 140 -6.80 -41.85 -35.77
C VAL O 140 -8.17 -42.04 -36.40
N PHE O 141 -9.20 -42.17 -35.56
CA PHE O 141 -10.52 -42.50 -36.06
C PHE O 141 -11.59 -42.07 -35.07
N HIS O 142 -12.82 -42.48 -35.38
CA HIS O 142 -14.01 -42.16 -34.59
C HIS O 142 -14.73 -43.39 -34.09
N THR O 143 -14.95 -44.41 -34.93
CA THR O 143 -15.64 -45.62 -34.50
C THR O 143 -14.87 -46.85 -34.95
N ILE O 144 -15.13 -48.00 -34.33
CA ILE O 144 -14.38 -49.22 -34.62
C ILE O 144 -15.20 -50.44 -34.22
N ASN O 145 -14.85 -51.60 -34.80
CA ASN O 145 -15.53 -52.87 -34.58
C ASN O 145 -14.52 -54.01 -34.65
N TRP O 146 -14.70 -55.02 -33.81
CA TRP O 146 -13.65 -56.02 -33.55
C TRP O 146 -13.76 -57.24 -34.47
N THR O 147 -14.73 -58.12 -34.20
CA THR O 147 -15.01 -59.26 -35.09
C THR O 147 -13.87 -60.28 -35.15
N ILE O 148 -14.12 -61.49 -34.66
CA ILE O 148 -13.11 -62.55 -34.66
C ILE O 148 -13.75 -63.84 -35.16
N THR O 149 -12.90 -64.74 -35.69
CA THR O 149 -13.36 -66.03 -36.19
C THR O 149 -12.27 -67.08 -35.98
N GLN O 150 -12.68 -68.24 -35.44
CA GLN O 150 -11.74 -69.33 -35.19
C GLN O 150 -12.45 -70.49 -34.50
N GLY O 151 -13.17 -70.20 -33.43
CA GLY O 151 -14.09 -71.15 -32.81
C GLY O 151 -15.50 -70.68 -33.05
N GLY O 152 -15.70 -70.08 -34.22
CA GLY O 152 -16.98 -69.48 -34.60
C GLY O 152 -16.84 -68.04 -35.02
N VAL O 153 -17.77 -67.55 -35.83
CA VAL O 153 -17.95 -66.11 -35.97
C VAL O 153 -18.35 -65.57 -34.60
N THR O 154 -17.57 -64.62 -34.10
CA THR O 154 -17.71 -64.14 -32.73
C THR O 154 -18.26 -62.72 -32.77
N HIS O 155 -19.57 -62.59 -32.51
CA HIS O 155 -20.35 -61.35 -32.48
C HIS O 155 -19.56 -60.07 -32.69
N GLU O 156 -19.70 -59.47 -33.88
CA GLU O 156 -19.03 -58.21 -34.18
C GLU O 156 -19.47 -57.13 -33.21
N ASP O 157 -18.58 -56.71 -32.33
CA ASP O 157 -18.83 -55.62 -31.38
C ASP O 157 -17.84 -54.49 -31.64
N THR O 158 -18.04 -53.37 -30.96
CA THR O 158 -17.16 -52.23 -31.16
C THR O 158 -17.56 -51.05 -30.29
N TRP O 159 -17.22 -49.83 -30.74
CA TRP O 159 -17.47 -48.66 -29.93
C TRP O 159 -17.33 -47.40 -30.77
N ASP O 160 -17.87 -46.31 -30.25
CA ASP O 160 -17.86 -45.01 -30.92
C ASP O 160 -17.50 -43.93 -29.91
N THR O 161 -16.51 -43.11 -30.26
CA THR O 161 -16.11 -41.98 -29.44
C THR O 161 -16.98 -40.75 -29.68
N GLN O 162 -17.94 -40.84 -30.61
CA GLN O 162 -18.90 -39.77 -30.82
C GLN O 162 -20.12 -39.89 -29.91
N ARG O 163 -20.43 -41.09 -29.44
CA ARG O 163 -21.57 -41.30 -28.55
C ARG O 163 -21.12 -41.78 -27.17
N SER P 4 6.52 -76.85 -17.62
CA SER P 4 5.74 -77.12 -16.47
C SER P 4 5.28 -75.82 -15.84
N VAL P 5 3.99 -75.62 -15.68
CA VAL P 5 3.44 -74.60 -14.79
C VAL P 5 2.38 -73.62 -15.34
N HIS P 6 1.43 -74.09 -16.21
CA HIS P 6 0.61 -73.24 -17.13
C HIS P 6 -0.60 -72.46 -16.58
N LEU P 7 -0.71 -71.16 -17.00
CA LEU P 7 -1.70 -70.14 -16.59
C LEU P 7 -3.08 -70.12 -17.29
N TYR P 8 -4.14 -70.35 -16.50
CA TYR P 8 -5.52 -70.14 -16.91
C TYR P 8 -6.15 -69.04 -16.04
N LEU P 9 -7.09 -68.31 -16.61
CA LEU P 9 -7.73 -67.19 -15.93
C LEU P 9 -9.22 -67.27 -16.22
N LYS P 10 -10.03 -67.09 -15.18
CA LYS P 10 -11.47 -67.27 -15.27
C LYS P 10 -12.18 -65.98 -14.88
N ALA P 11 -12.97 -65.44 -15.81
CA ALA P 11 -14.01 -64.48 -15.51
C ALA P 11 -15.38 -65.08 -15.78
N ASN P 12 -15.89 -65.87 -14.84
CA ASN P 12 -17.24 -66.35 -14.97
C ASN P 12 -18.24 -65.47 -14.27
N GLY P 13 -17.79 -64.59 -13.38
CA GLY P 13 -18.72 -63.73 -12.65
C GLY P 13 -19.57 -62.86 -13.56
N SER P 14 -18.99 -62.33 -14.65
CA SER P 14 -19.72 -61.61 -15.66
C SER P 14 -20.03 -62.46 -16.89
N ASP P 15 -19.59 -63.71 -16.90
CA ASP P 15 -19.77 -64.59 -18.05
C ASP P 15 -18.87 -64.15 -19.19
N ILE P 16 -17.63 -64.64 -19.21
CA ILE P 16 -16.65 -64.21 -20.21
C ILE P 16 -15.87 -65.41 -20.71
N LYS P 17 -16.45 -66.16 -21.64
CA LYS P 17 -15.86 -67.40 -22.12
C LYS P 17 -14.57 -67.12 -22.89
N GLY P 18 -13.48 -67.68 -22.41
CA GLY P 18 -12.23 -67.73 -23.15
C GLY P 18 -12.25 -68.84 -24.18
N ASP P 19 -11.06 -69.36 -24.48
CA ASP P 19 -10.93 -70.38 -25.51
C ASP P 19 -10.22 -71.66 -25.09
N SER P 20 -9.90 -71.83 -23.81
CA SER P 20 -9.16 -72.98 -23.35
C SER P 20 -9.87 -74.28 -23.70
N THR P 21 -9.12 -75.38 -23.66
CA THR P 21 -9.63 -76.68 -24.08
C THR P 21 -9.36 -77.82 -23.10
N GLN P 22 -8.32 -77.73 -22.27
CA GLN P 22 -8.07 -78.72 -21.23
C GLN P 22 -9.32 -78.96 -20.39
N THR P 23 -10.00 -80.08 -20.63
CA THR P 23 -11.13 -80.46 -19.80
C THR P 23 -10.74 -81.42 -18.70
N SER P 24 -9.79 -82.33 -18.97
CA SER P 24 -9.30 -83.23 -17.93
C SER P 24 -8.67 -82.44 -16.79
N LEU P 25 -7.92 -81.39 -17.12
CA LEU P 25 -7.35 -80.52 -16.10
C LEU P 25 -8.39 -79.62 -15.46
N GLY P 26 -9.49 -79.35 -16.16
CA GLY P 26 -10.60 -78.60 -15.62
C GLY P 26 -10.70 -77.15 -16.03
N ARG P 27 -10.23 -76.79 -17.23
CA ARG P 27 -10.19 -75.39 -17.64
C ARG P 27 -10.94 -75.16 -18.95
N ALA P 28 -12.13 -75.72 -19.06
CA ALA P 28 -12.91 -75.62 -20.29
C ALA P 28 -13.41 -74.19 -20.48
N ASP P 29 -13.12 -73.62 -21.65
CA ASP P 29 -13.54 -72.29 -22.02
C ASP P 29 -12.91 -71.18 -21.20
N SER P 30 -11.94 -71.51 -20.34
CA SER P 30 -11.22 -70.49 -19.61
C SER P 30 -10.28 -69.73 -20.55
N ILE P 31 -9.67 -68.68 -20.01
CA ILE P 31 -8.76 -67.84 -20.79
C ILE P 31 -7.34 -68.36 -20.60
N GLU P 32 -6.71 -68.78 -21.69
CA GLU P 32 -5.31 -69.21 -21.62
C GLU P 32 -4.40 -67.99 -21.58
N CYS P 33 -3.49 -67.97 -20.62
CA CYS P 33 -2.65 -66.82 -20.36
C CYS P 33 -1.19 -67.26 -20.25
N VAL P 34 -0.30 -66.38 -20.69
CA VAL P 34 1.13 -66.66 -20.67
C VAL P 34 1.72 -66.20 -19.34
N ALA P 35 1.72 -64.89 -19.12
CA ALA P 35 2.36 -64.28 -17.96
C ALA P 35 1.35 -63.55 -17.08
N TYR P 36 1.71 -63.40 -15.81
CA TYR P 36 0.80 -62.90 -14.79
C TYR P 36 1.26 -61.60 -14.15
N SER P 37 2.38 -61.59 -13.44
CA SER P 37 2.93 -60.37 -12.85
C SER P 37 1.99 -59.73 -11.83
N GLN P 38 2.31 -59.83 -10.54
CA GLN P 38 1.48 -59.24 -9.52
C GLN P 38 2.31 -59.08 -8.26
N LYS P 39 2.09 -57.97 -7.54
CA LYS P 39 2.94 -57.67 -6.41
C LYS P 39 2.15 -56.95 -5.32
N VAL P 40 2.76 -56.88 -4.15
CA VAL P 40 2.18 -56.27 -2.96
C VAL P 40 3.27 -56.12 -1.91
N PHE P 41 3.09 -55.14 -1.03
CA PHE P 41 4.08 -54.86 0.00
C PHE P 41 3.83 -53.49 0.61
N THR P 42 4.32 -53.25 1.83
CA THR P 42 4.01 -52.06 2.61
C THR P 42 4.97 -50.90 2.31
N ALA P 43 4.84 -49.83 3.10
CA ALA P 43 5.56 -48.57 2.87
C ALA P 43 6.92 -48.54 3.55
N ARG P 44 7.68 -49.63 3.43
CA ARG P 44 8.65 -49.98 4.46
C ARG P 44 9.92 -49.13 4.37
N GLU P 45 10.04 -48.11 5.23
CA GLU P 45 11.27 -47.32 5.34
C GLU P 45 12.29 -47.92 6.30
N ALA P 46 13.22 -47.12 6.80
CA ALA P 46 14.19 -47.56 7.79
C ALA P 46 13.84 -46.94 9.14
N GLY P 47 13.90 -47.72 10.20
CA GLY P 47 13.62 -47.20 11.53
C GLY P 47 13.44 -48.30 12.55
N SER P 48 13.27 -47.85 13.80
CA SER P 48 13.05 -48.72 14.96
C SER P 48 12.15 -47.96 15.97
N GLY P 49 10.98 -48.48 16.28
CA GLY P 49 10.50 -49.69 15.68
C GLY P 49 10.09 -49.39 14.26
N LEU P 50 9.35 -50.30 13.68
CA LEU P 50 8.98 -50.19 12.30
C LEU P 50 7.74 -49.35 12.13
N ALA P 51 7.68 -48.67 10.98
CA ALA P 51 6.46 -48.01 10.53
C ALA P 51 5.36 -49.06 10.44
N THR P 52 4.12 -48.68 10.16
CA THR P 52 3.09 -49.72 10.09
C THR P 52 2.12 -49.41 8.97
N GLY P 53 2.24 -50.10 7.82
CA GLY P 53 1.53 -49.72 6.61
C GLY P 53 1.34 -50.86 5.63
N ARG P 54 0.30 -50.72 4.82
CA ARG P 54 -0.31 -51.79 4.00
C ARG P 54 -0.41 -51.46 2.50
N ARG P 55 0.66 -51.77 1.78
CA ARG P 55 0.88 -51.22 0.45
C ARG P 55 -0.18 -51.61 -0.56
N GLN P 56 -0.86 -50.59 -1.09
CA GLN P 56 -1.82 -50.74 -2.17
C GLN P 56 -1.38 -51.85 -3.12
N TYR P 57 -2.16 -52.93 -3.14
CA TYR P 57 -1.82 -54.09 -3.95
C TYR P 57 -1.72 -53.68 -5.41
N GLU P 58 -0.66 -54.15 -6.07
CA GLU P 58 -0.49 -53.85 -7.47
C GLU P 58 -1.57 -54.55 -8.29
N GLY P 59 -1.89 -53.95 -9.43
CA GLY P 59 -2.77 -54.60 -10.37
C GLY P 59 -2.18 -55.88 -10.92
N ILE P 60 -3.03 -56.68 -11.54
CA ILE P 60 -2.61 -57.95 -12.15
C ILE P 60 -2.39 -57.69 -13.63
N GLU P 61 -1.27 -58.18 -14.17
CA GLU P 61 -0.83 -57.82 -15.52
C GLU P 61 -0.82 -59.06 -16.41
N ILE P 62 -1.99 -59.42 -16.94
CA ILE P 62 -2.16 -60.61 -17.76
C ILE P 62 -1.57 -60.38 -19.15
N THR P 63 -0.94 -61.41 -19.68
CA THR P 63 -0.45 -61.43 -21.05
C THR P 63 -1.07 -62.61 -21.77
N LYS P 64 -1.62 -62.35 -22.96
CA LYS P 64 -2.21 -63.44 -23.74
C LYS P 64 -2.27 -63.07 -25.21
N ARG P 65 -1.92 -64.02 -26.08
CA ARG P 65 -2.10 -63.79 -27.51
C ARG P 65 -3.55 -64.04 -27.92
N ILE P 66 -4.06 -65.25 -27.66
CA ILE P 66 -5.42 -65.60 -28.05
C ILE P 66 -6.44 -64.67 -27.42
N ASP P 67 -6.15 -64.19 -26.21
CA ASP P 67 -7.05 -63.26 -25.53
C ASP P 67 -7.33 -62.01 -26.35
N LYS P 68 -6.46 -61.66 -27.30
CA LYS P 68 -6.71 -60.51 -28.14
C LYS P 68 -7.99 -60.66 -28.97
N SER P 69 -8.37 -61.90 -29.28
CA SER P 69 -9.58 -62.13 -30.06
C SER P 69 -10.85 -62.01 -29.24
N SER P 70 -10.75 -61.70 -27.94
CA SER P 70 -11.93 -61.58 -27.09
C SER P 70 -12.31 -60.12 -26.98
N PRO P 71 -13.36 -59.66 -27.66
CA PRO P 71 -13.74 -58.24 -27.54
C PRO P 71 -14.19 -57.86 -26.15
N LEU P 72 -14.75 -58.81 -25.39
CA LEU P 72 -15.34 -58.51 -24.10
C LEU P 72 -14.36 -57.82 -23.16
N LEU P 73 -13.08 -58.12 -23.28
CA LEU P 73 -12.08 -57.38 -22.51
C LEU P 73 -11.97 -55.95 -23.00
N MET P 74 -11.96 -55.77 -24.33
CA MET P 74 -11.89 -54.42 -24.90
C MET P 74 -13.07 -53.58 -24.45
N LYS P 75 -14.29 -54.12 -24.56
CA LYS P 75 -15.47 -53.42 -24.09
C LYS P 75 -15.42 -53.21 -22.59
N ALA P 76 -14.88 -54.19 -21.86
CA ALA P 76 -14.79 -54.07 -20.40
C ALA P 76 -13.92 -52.90 -19.99
N LEU P 77 -12.87 -52.62 -20.78
CA LEU P 77 -12.02 -51.47 -20.50
C LEU P 77 -12.82 -50.18 -20.49
N CYS P 78 -13.28 -49.75 -21.67
CA CYS P 78 -14.00 -48.49 -21.83
C CYS P 78 -15.40 -48.49 -21.23
N GLU P 79 -15.98 -49.64 -20.93
CA GLU P 79 -17.18 -49.66 -20.15
C GLU P 79 -16.92 -50.23 -18.78
N ASN P 80 -15.72 -50.04 -18.27
CA ASN P 80 -15.01 -51.01 -17.47
C ASN P 80 -15.94 -51.91 -16.72
N GLN P 81 -16.39 -52.98 -17.36
CA GLN P 81 -17.44 -53.78 -16.76
C GLN P 81 -16.97 -54.33 -15.41
N VAL P 82 -17.84 -54.25 -14.39
CA VAL P 82 -17.53 -54.69 -13.03
C VAL P 82 -17.80 -56.18 -12.90
N ILE P 83 -16.78 -56.93 -12.48
CA ILE P 83 -16.87 -58.37 -12.34
C ILE P 83 -16.75 -58.73 -10.86
N ASP P 84 -17.45 -59.80 -10.49
CA ASP P 84 -17.48 -60.22 -9.10
C ASP P 84 -16.22 -60.99 -8.71
N ALA P 85 -15.69 -61.82 -9.59
CA ALA P 85 -14.55 -62.66 -9.23
C ALA P 85 -13.71 -62.97 -10.46
N THR P 86 -12.39 -62.91 -10.29
CA THR P 86 -11.43 -63.35 -11.30
C THR P 86 -10.54 -64.40 -10.65
N PHE P 87 -10.47 -65.58 -11.26
CA PHE P 87 -9.73 -66.70 -10.68
C PHE P 87 -8.49 -66.96 -11.52
N LYS P 88 -7.31 -66.81 -10.91
CA LYS P 88 -6.06 -67.16 -11.58
C LYS P 88 -5.64 -68.54 -11.12
N PHE P 89 -5.07 -69.33 -12.04
CA PHE P 89 -4.67 -70.70 -11.70
C PHE P 89 -3.48 -71.13 -12.53
N PHE P 90 -2.40 -71.53 -11.85
CA PHE P 90 -1.20 -72.05 -12.50
C PHE P 90 -1.02 -73.52 -12.14
N ARG P 91 -0.44 -74.27 -13.08
CA ARG P 91 -0.38 -75.71 -12.93
C ARG P 91 1.04 -76.14 -12.57
N PRO P 92 1.21 -77.31 -11.99
CA PRO P 92 2.57 -77.74 -11.61
C PRO P 92 3.42 -78.08 -12.83
N ASN P 93 4.80 -78.07 -12.60
CA ASN P 93 5.78 -78.49 -13.58
C ASN P 93 6.15 -79.95 -13.39
N PRO P 94 6.33 -80.73 -14.45
CA PRO P 94 6.67 -82.15 -14.28
C PRO P 94 8.13 -82.30 -13.87
N THR P 95 8.35 -82.99 -12.74
CA THR P 95 9.71 -83.23 -12.25
C THR P 95 9.92 -84.71 -11.98
N GLY P 96 9.64 -85.15 -10.75
CA GLY P 96 9.57 -86.57 -10.49
C GLY P 96 8.36 -87.23 -11.10
N ASP P 97 7.30 -86.46 -11.34
CA ASP P 97 6.14 -86.95 -12.07
C ASP P 97 5.39 -85.74 -12.63
N GLY P 98 4.50 -86.01 -13.58
CA GLY P 98 3.65 -84.98 -14.13
C GLY P 98 2.37 -84.83 -13.33
N THR P 99 1.89 -83.59 -13.22
CA THR P 99 0.65 -83.29 -12.52
C THR P 99 -0.01 -82.11 -13.22
N THR P 100 -1.31 -82.21 -13.46
CA THR P 100 -2.08 -81.15 -14.09
C THR P 100 -2.85 -80.31 -13.07
N GLU P 101 -2.48 -80.41 -11.80
CA GLU P 101 -3.16 -79.71 -10.72
C GLU P 101 -2.62 -78.30 -10.57
N GLN P 102 -3.42 -77.46 -9.92
CA GLN P 102 -3.09 -76.05 -9.72
C GLN P 102 -2.28 -75.91 -8.44
N PHE P 103 -0.96 -75.71 -8.58
CA PHE P 103 -0.10 -75.47 -7.44
C PHE P 103 -0.17 -74.04 -6.93
N TYR P 104 -0.98 -73.18 -7.58
CA TYR P 104 -1.15 -71.80 -7.15
C TYR P 104 -2.49 -71.32 -7.67
N THR P 105 -3.38 -70.94 -6.76
CA THR P 105 -4.75 -70.57 -7.09
C THR P 105 -5.07 -69.21 -6.49
N VAL P 106 -4.95 -68.16 -7.30
CA VAL P 106 -5.23 -66.80 -6.88
C VAL P 106 -6.72 -66.51 -7.06
N SER P 107 -7.27 -65.68 -6.17
CA SER P 107 -8.69 -65.37 -6.19
C SER P 107 -8.90 -63.89 -5.95
N ILE P 108 -9.46 -63.19 -6.93
CA ILE P 108 -9.73 -61.75 -6.83
C ILE P 108 -11.24 -61.52 -6.80
N LYS P 109 -11.65 -60.54 -6.00
CA LYS P 109 -13.06 -60.21 -5.82
C LYS P 109 -13.25 -58.72 -6.07
N LYS P 110 -14.26 -58.40 -6.89
CA LYS P 110 -14.58 -57.02 -7.25
C LYS P 110 -13.61 -56.51 -8.30
N ALA P 111 -13.55 -57.19 -9.44
CA ALA P 111 -12.52 -56.94 -10.44
C ALA P 111 -13.03 -56.07 -11.57
N ARG P 112 -12.10 -55.32 -12.17
CA ARG P 112 -12.39 -54.51 -13.34
C ARG P 112 -11.16 -54.52 -14.25
N ILE P 113 -11.39 -54.21 -15.52
CA ILE P 113 -10.32 -54.07 -16.49
C ILE P 113 -9.92 -52.60 -16.50
N ASN P 114 -8.74 -52.29 -15.94
CA ASN P 114 -8.24 -50.93 -15.90
C ASN P 114 -7.52 -50.53 -17.18
N ALA P 115 -7.11 -51.50 -17.99
CA ALA P 115 -6.39 -51.17 -19.22
C ALA P 115 -6.42 -52.37 -20.17
N ILE P 116 -6.56 -52.07 -21.46
CA ILE P 116 -6.50 -53.07 -22.51
C ILE P 116 -5.45 -52.63 -23.52
N GLN P 117 -4.48 -53.51 -23.79
CA GLN P 117 -3.43 -53.25 -24.77
C GLN P 117 -3.53 -54.24 -25.92
N GLN P 118 -3.19 -53.77 -27.12
CA GLN P 118 -3.22 -54.61 -28.31
C GLN P 118 -2.02 -54.30 -29.20
N THR P 119 -1.59 -55.33 -29.93
CA THR P 119 -0.36 -55.24 -30.71
C THR P 119 -0.24 -56.46 -31.59
N VAL P 120 0.28 -56.23 -32.80
CA VAL P 120 0.44 -57.27 -33.81
C VAL P 120 1.87 -57.18 -34.34
N PRO P 121 2.68 -58.22 -34.25
CA PRO P 121 4.10 -58.04 -34.50
C PRO P 121 4.52 -58.26 -35.97
N ASN P 122 4.45 -57.19 -36.75
CA ASN P 122 5.32 -56.93 -37.91
C ASN P 122 5.93 -58.16 -38.61
N SER P 123 5.49 -58.37 -39.85
CA SER P 123 6.14 -59.27 -40.79
C SER P 123 5.15 -60.36 -41.18
N PHE P 124 5.67 -61.51 -41.62
CA PHE P 124 4.87 -62.60 -42.12
C PHE P 124 5.53 -63.90 -41.72
N VAL P 125 4.71 -64.94 -41.60
CA VAL P 125 5.16 -66.26 -41.18
C VAL P 125 5.70 -67.02 -42.39
N PRO P 126 6.48 -68.09 -42.16
CA PRO P 126 7.04 -68.83 -43.29
C PRO P 126 6.01 -69.59 -44.08
N ALA P 127 4.79 -69.73 -43.56
CA ALA P 127 3.72 -70.43 -44.25
C ALA P 127 2.63 -69.54 -44.87
N SER P 128 2.85 -68.24 -45.00
CA SER P 128 2.10 -67.41 -45.94
C SER P 128 0.90 -66.77 -45.31
N THR P 129 0.86 -66.85 -44.01
CA THR P 129 0.12 -65.88 -43.21
C THR P 129 1.13 -64.81 -42.75
N ASN P 130 1.04 -64.46 -41.45
CA ASN P 130 1.71 -63.31 -40.83
C ASN P 130 1.28 -63.29 -39.35
N LEU P 131 1.62 -62.18 -38.63
CA LEU P 131 1.54 -62.22 -37.14
C LEU P 131 0.19 -62.73 -36.57
N PRO P 132 0.24 -63.62 -35.57
CA PRO P 132 -0.83 -63.66 -34.59
C PRO P 132 -0.63 -62.59 -33.55
N PRO P 133 -1.71 -62.13 -32.87
CA PRO P 133 -1.58 -60.89 -32.08
C PRO P 133 -1.44 -61.08 -30.57
N MET P 134 -0.94 -60.09 -29.84
CA MET P 134 -0.70 -60.19 -28.40
C MET P 134 -1.34 -59.03 -27.66
N GLU P 135 -2.07 -59.34 -26.58
CA GLU P 135 -2.73 -58.35 -25.75
C GLU P 135 -2.24 -58.46 -24.31
N THR P 136 -2.17 -57.31 -23.66
CA THR P 136 -1.78 -57.21 -22.24
C THR P 136 -2.88 -56.45 -21.52
N LEU P 137 -3.42 -57.06 -20.47
CA LEU P 137 -4.59 -56.51 -19.77
C LEU P 137 -4.23 -56.29 -18.30
N GLN P 138 -4.62 -55.14 -17.79
CA GLN P 138 -4.41 -54.79 -16.38
C GLN P 138 -5.74 -54.97 -15.65
N LEU P 139 -5.72 -55.80 -14.61
CA LEU P 139 -6.90 -56.11 -13.81
C LEU P 139 -6.73 -55.42 -12.45
N VAL P 140 -7.60 -54.45 -12.18
CA VAL P 140 -7.67 -53.87 -10.84
C VAL P 140 -8.76 -54.61 -10.08
N PHE P 141 -8.69 -54.56 -8.75
CA PHE P 141 -9.60 -55.36 -7.94
C PHE P 141 -9.73 -54.76 -6.54
N HIS P 142 -10.43 -55.51 -5.68
CA HIS P 142 -10.70 -55.13 -4.31
C HIS P 142 -10.15 -56.12 -3.29
N THR P 143 -10.35 -57.43 -3.50
CA THR P 143 -9.84 -58.43 -2.56
C THR P 143 -9.12 -59.54 -3.33
N ILE P 144 -8.30 -60.31 -2.62
CA ILE P 144 -7.49 -61.34 -3.27
C ILE P 144 -7.07 -62.39 -2.25
N ASN P 145 -6.71 -63.59 -2.74
CA ASN P 145 -6.31 -64.73 -1.92
C ASN P 145 -5.25 -65.54 -2.66
N TRP P 146 -4.30 -66.08 -1.91
CA TRP P 146 -3.05 -66.60 -2.51
C TRP P 146 -3.14 -68.10 -2.82
N THR P 147 -3.07 -68.95 -1.80
CA THR P 147 -3.26 -70.39 -1.97
C THR P 147 -2.18 -71.06 -2.80
N ILE P 148 -1.39 -71.95 -2.20
CA ILE P 148 -0.32 -72.65 -2.89
C ILE P 148 -0.39 -74.13 -2.53
N THR P 149 0.15 -74.97 -3.42
CA THR P 149 0.20 -76.41 -3.20
C THR P 149 1.44 -77.00 -3.85
N GLN P 150 2.15 -77.84 -3.08
CA GLN P 150 3.37 -78.47 -3.58
C GLN P 150 4.01 -79.33 -2.49
N GLY P 151 4.20 -78.74 -1.30
CA GLY P 151 4.57 -79.48 -0.11
C GLY P 151 3.40 -79.47 0.84
N GLY P 152 2.20 -79.52 0.26
CA GLY P 152 0.95 -79.45 1.00
C GLY P 152 0.04 -78.36 0.50
N VAL P 153 -1.26 -78.50 0.73
CA VAL P 153 -2.15 -77.35 0.63
C VAL P 153 -1.71 -76.35 1.69
N THR P 154 -1.40 -75.13 1.26
CA THR P 154 -0.78 -74.12 2.11
C THR P 154 -1.80 -73.02 2.39
N HIS P 155 -2.41 -73.07 3.58
CA HIS P 155 -3.43 -72.14 4.09
C HIS P 155 -3.75 -70.96 3.19
N GLU P 156 -4.93 -71.00 2.56
CA GLU P 156 -5.37 -69.91 1.70
C GLU P 156 -5.50 -68.63 2.51
N ASP P 157 -4.61 -67.68 2.25
CA ASP P 157 -4.64 -66.37 2.88
C ASP P 157 -4.82 -65.30 1.81
N THR P 158 -5.00 -64.05 2.26
CA THR P 158 -5.21 -62.97 1.30
C THR P 158 -5.42 -61.63 2.00
N TRP P 159 -6.12 -60.72 1.34
CA TRP P 159 -6.28 -59.38 1.89
C TRP P 159 -7.40 -58.64 1.15
N ASP P 160 -7.87 -57.57 1.77
CA ASP P 160 -8.95 -56.76 1.25
C ASP P 160 -8.59 -55.29 1.43
N THR P 161 -8.67 -54.52 0.33
CA THR P 161 -8.46 -53.08 0.37
C THR P 161 -9.70 -52.31 0.80
N GLN P 162 -10.81 -53.01 1.05
CA GLN P 162 -12.01 -52.36 1.58
C GLN P 162 -12.00 -52.32 3.11
N ARG P 163 -11.27 -53.23 3.75
CA ARG P 163 -11.20 -53.24 5.21
C ARG P 163 -9.78 -52.95 5.71
N SER Q 4 29.00 -73.23 -7.30
CA SER Q 4 29.49 -73.10 -5.97
C SER Q 4 29.03 -71.79 -5.38
N VAL Q 5 28.33 -71.82 -4.26
CA VAL Q 5 28.13 -70.65 -3.41
C VAL Q 5 26.69 -70.28 -2.97
N HIS Q 6 25.80 -71.27 -2.68
CA HIS Q 6 24.32 -71.13 -2.64
C HIS Q 6 23.64 -70.45 -1.42
N LEU Q 7 22.66 -69.54 -1.72
CA LEU Q 7 21.90 -68.67 -0.79
C LEU Q 7 20.66 -69.27 -0.07
N TYR Q 8 20.72 -69.33 1.26
CA TYR Q 8 19.58 -69.62 2.11
C TYR Q 8 19.30 -68.41 3.00
N LEU Q 9 18.01 -68.22 3.35
CA LEU Q 9 17.58 -67.08 4.15
C LEU Q 9 16.61 -67.59 5.19
N LYS Q 10 16.77 -67.14 6.42
CA LYS Q 10 16.00 -67.65 7.55
C LYS Q 10 15.25 -66.50 8.22
N ALA Q 11 13.92 -66.62 8.25
CA ALA Q 11 13.08 -65.86 9.17
C ALA Q 11 12.43 -66.80 10.18
N ASN Q 12 13.17 -67.16 11.22
CA ASN Q 12 12.58 -67.93 12.29
C ASN Q 12 12.07 -67.06 13.41
N GLY Q 13 12.49 -65.79 13.47
CA GLY Q 13 12.05 -64.91 14.54
C GLY Q 13 10.55 -64.75 14.61
N SER Q 14 9.88 -64.66 13.45
CA SER Q 14 8.43 -64.64 13.38
C SER Q 14 7.85 -66.00 13.01
N ASP Q 15 8.69 -67.00 12.78
CA ASP Q 15 8.23 -68.32 12.35
C ASP Q 15 7.74 -68.26 10.92
N ILE Q 16 8.66 -68.44 9.96
CA ILE Q 16 8.31 -68.31 8.55
C ILE Q 16 8.99 -69.41 7.75
N LYS Q 17 8.40 -70.60 7.76
CA LYS Q 17 9.01 -71.77 7.13
C LYS Q 17 9.06 -71.60 5.62
N GLY Q 18 10.27 -71.65 5.07
CA GLY Q 18 10.47 -71.75 3.64
C GLY Q 18 10.31 -73.19 3.17
N ASP Q 19 11.01 -73.53 2.09
CA ASP Q 19 10.88 -74.85 1.50
C ASP Q 19 12.18 -75.62 1.31
N SER Q 20 13.30 -75.11 1.82
CA SER Q 20 14.59 -75.75 1.60
C SER Q 20 14.59 -77.20 2.11
N THR Q 21 15.57 -77.97 1.65
CA THR Q 21 15.64 -79.39 1.95
C THR Q 21 17.00 -79.88 2.43
N GLN Q 22 18.09 -79.21 2.07
CA GLN Q 22 19.41 -79.55 2.58
C GLN Q 22 19.42 -79.65 4.10
N THR Q 23 19.43 -80.87 4.62
CA THR Q 23 19.54 -81.06 6.06
C THR Q 23 20.97 -81.32 6.48
N SER Q 24 21.75 -82.02 5.66
CA SER Q 24 23.16 -82.23 5.97
C SER Q 24 23.90 -80.89 6.04
N LEU Q 25 23.58 -79.97 5.12
CA LEU Q 25 24.17 -78.64 5.17
C LEU Q 25 23.59 -77.80 6.29
N GLY Q 26 22.37 -78.10 6.72
CA GLY Q 26 21.77 -77.44 7.87
C GLY Q 26 20.72 -76.38 7.54
N ARG Q 27 19.99 -76.51 6.43
CA ARG Q 27 19.06 -75.48 6.02
C ARG Q 27 17.65 -76.03 5.83
N ALA Q 28 17.19 -76.82 6.79
CA ALA Q 28 15.87 -77.44 6.70
C ALA Q 28 14.77 -76.40 6.84
N ASP Q 29 13.87 -76.37 5.86
CA ASP Q 29 12.72 -75.47 5.84
C ASP Q 29 13.09 -74.01 5.69
N SER Q 30 14.37 -73.71 5.44
CA SER Q 30 14.78 -72.34 5.18
C SER Q 30 14.29 -71.92 3.79
N ILE Q 31 14.46 -70.63 3.50
CA ILE Q 31 14.04 -70.06 2.23
C ILE Q 31 15.21 -70.12 1.25
N GLU Q 32 15.03 -70.85 0.14
CA GLU Q 32 16.05 -70.90 -0.89
C GLU Q 32 15.99 -69.63 -1.73
N CYS Q 33 17.14 -68.99 -1.92
CA CYS Q 33 17.22 -67.70 -2.57
C CYS Q 33 18.30 -67.72 -3.63
N VAL Q 34 18.07 -66.97 -4.70
CA VAL Q 34 19.01 -66.91 -5.82
C VAL Q 34 20.01 -65.78 -5.57
N ALA Q 35 19.52 -64.54 -5.57
CA ALA Q 35 20.37 -63.36 -5.49
C ALA Q 35 20.05 -62.54 -4.24
N TYR Q 36 21.04 -61.77 -3.81
CA TYR Q 36 20.98 -61.05 -2.53
C TYR Q 36 21.03 -59.54 -2.68
N SER Q 37 22.14 -58.98 -3.17
CA SER Q 37 22.24 -57.54 -3.40
C SER Q 37 22.10 -56.72 -2.12
N GLN Q 38 23.20 -56.16 -1.62
CA GLN Q 38 23.15 -55.35 -0.41
C GLN Q 38 24.38 -54.47 -0.37
N LYS Q 39 24.20 -53.24 0.10
CA LYS Q 39 25.30 -52.29 0.05
C LYS Q 39 25.24 -51.34 1.23
N VAL Q 40 26.34 -50.62 1.43
CA VAL Q 40 26.52 -49.68 2.52
C VAL Q 40 27.76 -48.84 2.23
N PHE Q 41 27.79 -47.63 2.77
CA PHE Q 41 28.90 -46.72 2.55
C PHE Q 41 28.50 -45.31 2.96
N THR Q 42 29.48 -44.44 3.24
CA THR Q 42 29.26 -43.12 3.82
C THR Q 42 29.03 -42.05 2.74
N ALA Q 43 28.96 -40.79 3.19
CA ALA Q 43 28.59 -39.67 2.34
C ALA Q 43 29.80 -39.05 1.64
N ARG Q 44 30.65 -39.88 1.05
CA ARG Q 44 32.07 -39.52 0.91
C ARG Q 44 32.28 -38.55 -0.25
N GLU Q 45 32.44 -37.25 0.05
CA GLU Q 45 32.81 -36.25 -0.95
C GLU Q 45 34.32 -36.13 -1.15
N ALA Q 46 34.78 -35.01 -1.71
CA ALA Q 46 36.20 -34.74 -1.87
C ALA Q 46 36.61 -33.68 -0.86
N GLY Q 47 37.75 -33.86 -0.21
CA GLY Q 47 38.24 -32.86 0.73
C GLY Q 47 39.36 -33.38 1.59
N SER Q 48 39.90 -32.48 2.40
CA SER Q 48 40.99 -32.75 3.35
C SER Q 48 40.80 -31.83 4.57
N GLY Q 49 40.60 -32.39 5.76
CA GLY Q 49 40.52 -33.82 5.91
C GLY Q 49 39.21 -34.30 5.40
N LEU Q 50 38.85 -35.51 5.76
CA LEU Q 50 37.67 -36.13 5.25
C LEU Q 50 36.44 -35.72 6.04
N ALA Q 51 35.32 -35.66 5.33
CA ALA Q 51 34.02 -35.52 5.99
C ALA Q 51 33.84 -36.70 6.92
N THR Q 52 32.78 -36.75 7.73
CA THR Q 52 32.69 -37.89 8.63
C THR Q 52 31.24 -38.34 8.76
N GLY Q 53 30.86 -39.44 8.07
CA GLY Q 53 29.46 -39.81 7.93
C GLY Q 53 29.25 -41.27 7.61
N ARG Q 54 28.05 -41.76 7.97
CA ARG Q 54 27.69 -43.17 8.10
C ARG Q 54 26.46 -43.59 7.28
N ARG Q 55 26.72 -43.96 6.03
CA ARG Q 55 25.67 -44.05 5.01
C ARG Q 55 24.59 -45.05 5.32
N GLN Q 56 23.36 -44.55 5.46
CA GLN Q 56 22.16 -45.37 5.61
C GLN Q 56 22.30 -46.66 4.82
N TYR Q 57 22.39 -47.77 5.54
CA TYR Q 57 22.59 -49.08 4.93
C TYR Q 57 21.46 -49.37 3.96
N GLU Q 58 21.82 -49.84 2.77
CA GLU Q 58 20.83 -50.18 1.78
C GLU Q 58 20.00 -51.38 2.26
N GLY Q 59 18.77 -51.44 1.79
CA GLY Q 59 17.95 -52.61 2.02
C GLY Q 59 18.54 -53.84 1.36
N ILE Q 60 18.04 -55.01 1.78
CA ILE Q 60 18.47 -56.29 1.22
C ILE Q 60 17.46 -56.70 0.15
N GLU Q 61 17.96 -57.12 -1.01
CA GLU Q 61 17.12 -57.32 -2.18
C GLU Q 61 17.11 -58.80 -2.58
N ILE Q 62 16.28 -59.60 -1.90
CA ILE Q 62 16.22 -61.04 -2.12
C ILE Q 62 15.49 -61.34 -3.42
N THR Q 63 15.98 -62.34 -4.14
CA THR Q 63 15.34 -62.87 -5.32
C THR Q 63 15.08 -64.36 -5.11
N LYS Q 64 13.84 -64.79 -5.38
CA LYS Q 64 13.52 -66.19 -5.25
C LYS Q 64 12.30 -66.57 -6.09
N ARG Q 65 12.37 -67.70 -6.78
CA ARG Q 65 11.20 -68.19 -7.48
C ARG Q 65 10.24 -68.89 -6.53
N ILE Q 66 10.73 -69.92 -5.83
CA ILE Q 66 9.88 -70.71 -4.93
C ILE Q 66 9.29 -69.82 -3.84
N ASP Q 67 10.03 -68.79 -3.43
CA ASP Q 67 9.55 -67.87 -2.40
C ASP Q 67 8.23 -67.21 -2.78
N LYS Q 68 7.90 -67.16 -4.07
CA LYS Q 68 6.63 -66.59 -4.49
C LYS Q 68 5.44 -67.36 -3.92
N SER Q 69 5.61 -68.65 -3.65
CA SER Q 69 4.54 -69.47 -3.11
C SER Q 69 4.33 -69.26 -1.62
N SER Q 70 5.10 -68.39 -0.98
CA SER Q 70 4.99 -68.15 0.45
C SER Q 70 4.13 -66.90 0.67
N PRO Q 71 2.87 -67.03 1.07
CA PRO Q 71 2.05 -65.83 1.29
C PRO Q 71 2.55 -64.98 2.43
N LEU Q 72 3.23 -65.58 3.41
CA LEU Q 72 3.63 -64.84 4.63
C LEU Q 72 4.46 -63.62 4.29
N LEU Q 73 5.24 -63.66 3.22
CA LEU Q 73 5.95 -62.47 2.78
C LEU Q 73 4.98 -61.42 2.26
N MET Q 74 4.00 -61.86 1.46
CA MET Q 74 3.00 -60.94 0.93
C MET Q 74 2.24 -60.26 2.06
N LYS Q 75 1.76 -61.03 3.03
CA LYS Q 75 1.08 -60.45 4.18
C LYS Q 75 2.03 -59.59 4.98
N ALA Q 76 3.30 -59.99 5.08
CA ALA Q 76 4.27 -59.22 5.84
C ALA Q 76 4.46 -57.82 5.24
N LEU Q 77 4.37 -57.71 3.92
CA LEU Q 77 4.48 -56.42 3.27
C LEU Q 77 3.41 -55.47 3.79
N CYS Q 78 2.15 -55.72 3.43
CA CYS Q 78 1.04 -54.84 3.78
C CYS Q 78 0.68 -54.87 5.26
N GLU Q 79 1.12 -55.85 6.02
CA GLU Q 79 0.99 -55.77 7.45
C GLU Q 79 2.34 -55.59 8.10
N ASN Q 80 3.26 -54.96 7.40
CA ASN Q 80 4.66 -55.28 7.41
C ASN Q 80 5.07 -55.93 8.69
N GLN Q 81 4.93 -57.25 8.78
CA GLN Q 81 5.15 -57.92 10.06
C GLN Q 81 6.59 -57.65 10.52
N VAL Q 82 6.76 -57.30 11.81
CA VAL Q 82 8.06 -56.98 12.40
C VAL Q 82 8.73 -58.27 12.85
N ILE Q 83 9.94 -58.52 12.35
CA ILE Q 83 10.67 -59.74 12.67
C ILE Q 83 11.92 -59.35 13.46
N ASP Q 84 12.31 -60.25 14.36
CA ASP Q 84 13.44 -60.00 15.24
C ASP Q 84 14.77 -60.23 14.53
N ALA Q 85 14.87 -61.25 13.67
CA ALA Q 85 16.15 -61.57 13.06
C ALA Q 85 15.94 -62.22 11.69
N THR Q 86 16.74 -61.81 10.72
CA THR Q 86 16.81 -62.44 9.41
C THR Q 86 18.25 -62.87 9.19
N PHE Q 87 18.46 -64.15 8.90
CA PHE Q 87 19.80 -64.71 8.75
C PHE Q 87 20.04 -65.05 7.29
N LYS Q 88 21.03 -64.41 6.68
CA LYS Q 88 21.44 -64.74 5.33
C LYS Q 88 22.66 -65.64 5.39
N PHE Q 89 22.73 -66.63 4.49
CA PHE Q 89 23.85 -67.57 4.51
C PHE Q 89 24.16 -68.07 3.11
N PHE Q 90 25.39 -67.88 2.68
CA PHE Q 90 25.88 -68.38 1.39
C PHE Q 90 26.94 -69.45 1.60
N ARG Q 91 26.99 -70.41 0.68
CA ARG Q 91 27.81 -71.58 0.86
C ARG Q 91 29.05 -71.48 -0.02
N PRO Q 92 30.12 -72.21 0.31
CA PRO Q 92 31.32 -72.12 -0.52
C PRO Q 92 31.13 -72.79 -1.89
N ASN Q 93 32.04 -72.38 -2.86
CA ASN Q 93 32.12 -72.98 -4.19
C ASN Q 93 33.17 -74.08 -4.21
N PRO Q 94 32.93 -75.21 -4.89
CA PRO Q 94 33.93 -76.28 -4.92
C PRO Q 94 35.09 -75.93 -5.84
N THR Q 95 36.30 -75.97 -5.29
CA THR Q 95 37.50 -75.67 -6.08
C THR Q 95 38.52 -76.79 -5.93
N GLY Q 96 39.41 -76.67 -4.95
CA GLY Q 96 40.24 -77.80 -4.58
C GLY Q 96 39.49 -78.90 -3.89
N ASP Q 97 38.36 -78.57 -3.26
CA ASP Q 97 37.45 -79.56 -2.69
C ASP Q 97 36.08 -78.93 -2.54
N GLY Q 98 35.08 -79.78 -2.35
CA GLY Q 98 33.74 -79.31 -2.08
C GLY Q 98 33.50 -79.09 -0.61
N THR Q 99 32.72 -78.06 -0.29
CA THR Q 99 32.35 -77.75 1.09
C THR Q 99 30.94 -77.17 1.08
N THR Q 100 30.11 -77.65 2.01
CA THR Q 100 28.74 -77.18 2.14
C THR Q 100 28.60 -76.14 3.26
N GLU Q 101 29.71 -75.58 3.72
CA GLU Q 101 29.72 -74.64 4.82
C GLU Q 101 29.44 -73.22 4.32
N GLN Q 102 29.03 -72.36 5.26
CA GLN Q 102 28.66 -70.99 4.95
C GLN Q 102 29.91 -70.12 5.03
N PHE Q 103 30.44 -69.73 3.87
CA PHE Q 103 31.58 -68.83 3.80
C PHE Q 103 31.18 -67.37 4.01
N TYR Q 104 29.89 -67.10 4.20
CA TYR Q 104 29.41 -65.74 4.43
C TYR Q 104 28.08 -65.84 5.16
N THR Q 105 28.02 -65.28 6.37
CA THR Q 105 26.86 -65.41 7.25
C THR Q 105 26.43 -64.02 7.71
N VAL Q 106 25.45 -63.45 7.02
CA VAL Q 106 24.90 -62.13 7.35
C VAL Q 106 23.82 -62.28 8.41
N SER Q 107 23.72 -61.27 9.28
CA SER Q 107 22.77 -61.31 10.39
C SER Q 107 22.09 -59.96 10.53
N ILE Q 108 20.78 -59.91 10.34
CA ILE Q 108 20.00 -58.68 10.46
C ILE Q 108 19.09 -58.79 11.67
N LYS Q 109 18.91 -57.67 12.37
CA LYS Q 109 18.10 -57.58 13.58
C LYS Q 109 17.09 -56.45 13.42
N LYS Q 110 15.83 -56.76 13.72
CA LYS Q 110 14.74 -55.78 13.63
C LYS Q 110 14.31 -55.61 12.18
N ALA Q 111 13.91 -56.71 11.54
CA ALA Q 111 13.68 -56.73 10.10
C ALA Q 111 12.19 -56.58 9.77
N ARG Q 112 11.94 -56.01 8.59
CA ARG Q 112 10.60 -55.90 8.05
C ARG Q 112 10.67 -56.05 6.54
N ILE Q 113 9.53 -56.42 5.95
CA ILE Q 113 9.39 -56.50 4.50
C ILE Q 113 8.89 -55.14 4.02
N ASN Q 114 9.77 -54.38 3.37
CA ASN Q 114 9.41 -53.09 2.83
C ASN Q 114 8.76 -53.16 1.46
N ALA Q 115 8.90 -54.28 0.76
CA ALA Q 115 8.30 -54.40 -0.56
C ALA Q 115 8.24 -55.87 -0.96
N ILE Q 116 7.14 -56.22 -1.62
CA ILE Q 116 6.94 -57.55 -2.18
C ILE Q 116 6.62 -57.40 -3.67
N GLN Q 117 7.40 -58.09 -4.51
CA GLN Q 117 7.19 -58.08 -5.95
C GLN Q 117 6.84 -59.48 -6.44
N GLN Q 118 5.98 -59.54 -7.45
CA GLN Q 118 5.57 -60.82 -8.02
C GLN Q 118 5.49 -60.71 -9.55
N THR Q 119 5.73 -61.83 -10.21
CA THR Q 119 5.84 -61.84 -11.66
C THR Q 119 5.90 -63.27 -12.14
N VAL Q 120 5.25 -63.52 -13.29
CA VAL Q 120 5.16 -64.84 -13.89
C VAL Q 120 5.54 -64.70 -15.36
N PRO Q 121 6.56 -65.40 -15.85
CA PRO Q 121 7.12 -65.07 -17.15
C PRO Q 121 6.45 -65.81 -18.33
N ASN Q 122 5.41 -65.20 -18.88
CA ASN Q 122 4.87 -65.39 -20.23
C ASN Q 122 5.37 -66.63 -21.02
N SER Q 123 4.38 -67.47 -21.39
CA SER Q 123 4.56 -68.55 -22.35
C SER Q 123 4.27 -69.86 -21.65
N PHE Q 124 4.82 -70.94 -22.20
CA PHE Q 124 4.56 -72.29 -21.73
C PHE Q 124 5.84 -73.09 -21.89
N VAL Q 125 5.97 -74.11 -21.05
CA VAL Q 125 7.15 -74.97 -21.02
C VAL Q 125 7.00 -76.06 -22.08
N PRO Q 126 8.10 -76.71 -22.46
CA PRO Q 126 8.00 -77.76 -23.49
C PRO Q 126 7.26 -78.99 -23.04
N ALA Q 127 7.01 -79.14 -21.74
CA ALA Q 127 6.30 -80.28 -21.19
C ALA Q 127 4.85 -80.01 -20.78
N SER Q 128 4.24 -78.90 -21.17
CA SER Q 128 2.79 -78.76 -21.19
C SER Q 128 2.25 -78.17 -19.92
N THR Q 129 3.15 -77.66 -19.12
CA THR Q 129 2.81 -76.62 -18.18
C THR Q 129 3.16 -75.28 -18.84
N ASN Q 130 3.82 -74.41 -18.05
CA ASN Q 130 4.05 -72.98 -18.36
C ASN Q 130 4.80 -72.38 -17.15
N LEU Q 131 4.94 -71.03 -17.11
CA LEU Q 131 5.92 -70.41 -16.19
C LEU Q 131 5.80 -70.88 -14.72
N PRO Q 132 6.95 -71.18 -14.08
CA PRO Q 132 7.04 -71.01 -12.64
C PRO Q 132 7.32 -69.56 -12.32
N PRO Q 133 6.98 -69.09 -11.10
CA PRO Q 133 6.98 -67.63 -10.88
C PRO Q 133 8.18 -67.08 -10.08
N MET Q 134 8.46 -65.77 -10.18
CA MET Q 134 9.61 -65.18 -9.51
C MET Q 134 9.20 -63.97 -8.69
N GLU Q 135 9.68 -63.90 -7.45
CA GLU Q 135 9.39 -62.81 -6.54
C GLU Q 135 10.69 -62.14 -6.09
N THR Q 136 10.62 -60.83 -5.88
CA THR Q 136 11.74 -60.03 -5.40
C THR Q 136 11.26 -59.27 -4.17
N LEU Q 137 11.96 -59.45 -3.05
CA LEU Q 137 11.53 -58.90 -1.77
C LEU Q 137 12.61 -57.97 -1.23
N GLN Q 138 12.18 -56.82 -0.73
CA GLN Q 138 13.08 -55.84 -0.11
C GLN Q 138 12.93 -55.95 1.39
N LEU Q 139 14.04 -56.18 2.08
CA LEU Q 139 14.09 -56.34 3.53
C LEU Q 139 14.76 -55.11 4.10
N VAL Q 140 14.00 -54.32 4.86
CA VAL Q 140 14.58 -53.23 5.63
C VAL Q 140 14.86 -53.75 7.03
N PHE Q 141 15.78 -53.09 7.74
CA PHE Q 141 16.21 -53.61 9.03
C PHE Q 141 16.79 -52.50 9.88
N HIS Q 142 17.35 -52.89 11.02
CA HIS Q 142 17.95 -52.00 12.00
C HIS Q 142 19.42 -52.29 12.25
N THR Q 143 19.80 -53.56 12.44
CA THR Q 143 21.21 -53.89 12.68
C THR Q 143 21.62 -55.05 11.77
N ILE Q 144 22.94 -55.22 11.60
CA ILE Q 144 23.45 -56.25 10.68
C ILE Q 144 24.88 -56.61 11.05
N ASN Q 145 25.33 -57.79 10.60
CA ASN Q 145 26.65 -58.33 10.88
C ASN Q 145 27.13 -59.14 9.67
N TRP Q 146 28.44 -59.07 9.40
CA TRP Q 146 28.97 -59.53 8.11
C TRP Q 146 29.43 -60.99 8.15
N THR Q 147 30.58 -61.25 8.78
CA THR Q 147 31.06 -62.62 8.99
C THR Q 147 31.42 -63.35 7.70
N ILE Q 148 32.70 -63.67 7.52
CA ILE Q 148 33.16 -64.37 6.33
C ILE Q 148 34.08 -65.51 6.75
N THR Q 149 34.19 -66.53 5.88
CA THR Q 149 35.07 -67.66 6.13
C THR Q 149 35.61 -68.21 4.81
N GLN Q 150 36.92 -68.45 4.77
CA GLN Q 150 37.57 -68.96 3.57
C GLN Q 150 39.07 -69.07 3.78
N GLY Q 151 39.69 -67.98 4.25
CA GLY Q 151 41.06 -68.01 4.72
C GLY Q 151 41.06 -67.82 6.22
N GLY Q 152 40.04 -68.38 6.86
CA GLY Q 152 39.81 -68.24 8.29
C GLY Q 152 38.43 -67.71 8.61
N VAL Q 153 37.93 -68.01 9.80
CA VAL Q 153 36.83 -67.25 10.36
C VAL Q 153 37.30 -65.80 10.51
N THR Q 154 36.58 -64.89 9.88
CA THR Q 154 37.01 -63.48 9.77
C THR Q 154 36.09 -62.63 10.62
N HIS Q 155 36.59 -62.26 11.81
CA HIS Q 155 35.93 -61.44 12.82
C HIS Q 155 34.56 -60.90 12.44
N GLU Q 156 33.51 -61.46 13.03
CA GLU Q 156 32.15 -61.00 12.78
C GLU Q 156 32.00 -59.54 13.21
N ASP Q 157 31.86 -58.64 12.24
CA ASP Q 157 31.64 -57.23 12.49
C ASP Q 157 30.30 -56.82 11.90
N THR Q 158 29.88 -55.58 12.17
CA THR Q 158 28.60 -55.12 11.67
C THR Q 158 28.30 -53.69 12.11
N TRP Q 159 27.02 -53.33 12.19
CA TRP Q 159 26.66 -51.96 12.49
C TRP Q 159 25.18 -51.89 12.87
N ASP Q 160 24.82 -50.78 13.52
CA ASP Q 160 23.47 -50.54 13.99
C ASP Q 160 23.07 -49.10 13.64
N THR Q 161 21.92 -48.96 12.99
CA THR Q 161 21.36 -47.65 12.69
C THR Q 161 20.59 -47.05 13.86
N GLN Q 162 20.48 -47.77 14.97
CA GLN Q 162 19.87 -47.23 16.18
C GLN Q 162 20.89 -46.51 17.06
N ARG Q 163 22.16 -46.82 16.93
CA ARG Q 163 23.20 -46.18 17.72
C ARG Q 163 24.18 -45.40 16.84
N SER R 4 46.64 -60.71 -19.84
CA SER R 4 47.75 -59.90 -19.47
C SER R 4 47.25 -58.59 -18.89
N VAL R 5 47.65 -58.25 -17.68
CA VAL R 5 47.54 -56.91 -17.15
C VAL R 5 46.86 -56.68 -15.78
N HIS R 6 47.06 -57.59 -14.78
CA HIS R 6 46.20 -57.76 -13.57
C HIS R 6 46.31 -56.76 -12.40
N LEU R 7 45.13 -56.32 -11.87
CA LEU R 7 44.91 -55.30 -10.81
C LEU R 7 45.00 -55.76 -9.33
N TYR R 8 45.97 -55.20 -8.60
CA TYR R 8 46.06 -55.30 -7.15
C TYR R 8 45.92 -53.91 -6.53
N LEU R 9 45.36 -53.87 -5.32
CA LEU R 9 45.10 -52.61 -4.63
C LEU R 9 45.53 -52.79 -3.18
N LYS R 10 46.23 -51.80 -2.64
CA LYS R 10 46.81 -51.89 -1.31
C LYS R 10 46.29 -50.76 -0.44
N ALA R 11 45.65 -51.11 0.67
CA ALA R 11 45.42 -50.22 1.80
C ALA R 11 46.20 -50.72 3.00
N ASN R 12 47.48 -50.40 3.04
CA ASN R 12 48.26 -50.72 4.22
C ASN R 12 48.32 -49.56 5.19
N GLY R 13 47.98 -48.35 4.75
CA GLY R 13 48.03 -47.20 5.64
C GLY R 13 47.17 -47.34 6.87
N SER R 14 45.98 -47.92 6.73
CA SER R 14 45.11 -48.24 7.86
C SER R 14 45.20 -49.71 8.25
N ASP R 15 46.01 -50.51 7.55
CA ASP R 15 46.11 -51.93 7.81
C ASP R 15 44.83 -52.64 7.37
N ILE R 16 44.77 -53.03 6.10
CA ILE R 16 43.56 -53.64 5.55
C ILE R 16 43.93 -54.81 4.65
N LYS R 17 44.19 -55.96 5.26
CA LYS R 17 44.67 -57.12 4.52
C LYS R 17 43.59 -57.65 3.58
N GLY R 18 43.91 -57.69 2.29
CA GLY R 18 43.10 -58.38 1.31
C GLY R 18 43.40 -59.87 1.32
N ASP R 19 43.22 -60.52 0.17
CA ASP R 19 43.38 -61.95 0.08
C ASP R 19 44.35 -62.42 -1.01
N SER R 20 45.08 -61.53 -1.66
CA SER R 20 45.95 -61.91 -2.77
C SER R 20 47.00 -62.92 -2.31
N THR R 21 47.59 -63.60 -3.30
CA THR R 21 48.53 -64.69 -3.02
C THR R 21 49.85 -64.61 -3.79
N GLN R 22 49.88 -63.95 -4.95
CA GLN R 22 51.11 -63.74 -5.69
C GLN R 22 52.19 -63.13 -4.79
N THR R 23 53.14 -63.95 -4.37
CA THR R 23 54.28 -63.45 -3.60
C THR R 23 55.48 -63.18 -4.49
N SER R 24 55.70 -64.00 -5.51
CA SER R 24 56.78 -63.74 -6.46
C SER R 24 56.59 -62.40 -7.15
N LEU R 25 55.35 -62.09 -7.53
CA LEU R 25 55.05 -60.78 -8.12
C LEU R 25 55.08 -59.67 -7.08
N GLY R 26 54.86 -59.99 -5.81
CA GLY R 26 54.97 -59.03 -4.74
C GLY R 26 53.66 -58.48 -4.20
N ARG R 27 52.57 -59.25 -4.24
CA ARG R 27 51.27 -58.74 -3.83
C ARG R 27 50.63 -59.60 -2.75
N ALA R 28 51.41 -59.94 -1.73
CA ALA R 28 50.93 -60.80 -0.66
C ALA R 28 49.91 -60.06 0.20
N ASP R 29 48.74 -60.67 0.36
CA ASP R 29 47.65 -60.14 1.17
C ASP R 29 47.04 -58.86 0.62
N SER R 30 47.43 -58.44 -0.58
CA SER R 30 46.81 -57.29 -1.21
C SER R 30 45.40 -57.65 -1.66
N ILE R 31 44.66 -56.63 -2.11
CA ILE R 31 43.29 -56.80 -2.57
C ILE R 31 43.31 -57.05 -4.07
N GLU R 32 42.81 -58.21 -4.49
CA GLU R 32 42.70 -58.52 -5.91
C GLU R 32 41.48 -57.80 -6.48
N CYS R 33 41.68 -57.09 -7.59
CA CYS R 33 40.65 -56.25 -8.17
C CYS R 33 40.54 -56.52 -9.66
N VAL R 34 39.32 -56.41 -10.18
CA VAL R 34 39.05 -56.66 -11.59
C VAL R 34 39.23 -55.36 -12.37
N ALA R 35 38.35 -54.39 -12.11
CA ALA R 35 38.30 -53.15 -12.88
C ALA R 35 38.58 -51.94 -11.98
N TYR R 36 39.04 -50.86 -12.61
CA TYR R 36 39.52 -49.68 -11.90
C TYR R 36 38.72 -48.43 -12.19
N SER R 37 38.73 -47.93 -13.42
CA SER R 37 37.93 -46.77 -13.80
C SER R 37 38.31 -45.51 -13.02
N GLN R 38 38.98 -44.56 -13.68
CA GLN R 38 39.38 -43.33 -13.02
C GLN R 38 39.66 -42.28 -14.09
N LYS R 39 39.28 -41.04 -13.80
CA LYS R 39 39.39 -40.01 -14.83
C LYS R 39 39.70 -38.66 -14.19
N VAL R 40 40.08 -37.73 -15.04
CA VAL R 40 40.46 -36.37 -14.65
C VAL R 40 40.56 -35.52 -15.91
N PHE R 41 40.35 -34.21 -15.74
CA PHE R 41 40.36 -33.29 -16.87
C PHE R 41 39.72 -31.97 -16.46
N THR R 42 40.04 -30.88 -17.18
CA THR R 42 39.67 -29.53 -16.80
C THR R 42 38.30 -29.12 -17.36
N ALA R 43 37.95 -27.85 -17.18
CA ALA R 43 36.62 -27.33 -17.49
C ALA R 43 36.52 -26.86 -18.95
N ARG R 44 36.99 -27.67 -19.88
CA ARG R 44 37.49 -27.13 -21.15
C ARG R 44 36.35 -26.77 -22.11
N GLU R 45 36.01 -25.47 -22.19
CA GLU R 45 35.05 -24.97 -23.18
C GLU R 45 35.70 -24.64 -24.52
N ALA R 46 35.02 -23.82 -25.34
CA ALA R 46 35.58 -23.36 -26.61
C ALA R 46 35.96 -21.90 -26.47
N GLY R 47 37.12 -21.52 -26.99
CA GLY R 47 37.54 -20.14 -26.95
C GLY R 47 39.00 -19.97 -27.30
N SER R 48 39.41 -18.70 -27.36
CA SER R 48 40.78 -18.29 -27.64
C SER R 48 41.05 -16.97 -26.89
N GLY R 49 42.01 -16.97 -25.97
CA GLY R 49 42.78 -18.15 -25.66
C GLY R 49 41.94 -19.10 -24.85
N LEU R 50 42.60 -20.06 -24.25
CA LEU R 50 41.92 -21.09 -23.51
C LEU R 50 41.56 -20.60 -22.12
N ALA R 51 40.41 -21.09 -21.63
CA ALA R 51 40.05 -20.93 -20.24
C ALA R 51 41.15 -21.59 -19.40
N THR R 52 41.12 -21.49 -18.07
CA THR R 52 42.25 -22.09 -17.36
C THR R 52 41.78 -22.72 -16.06
N GLY R 53 41.63 -24.06 -16.03
CA GLY R 53 40.95 -24.74 -14.93
C GLY R 53 41.34 -26.20 -14.78
N ARG R 54 41.15 -26.71 -13.56
CA ARG R 54 41.73 -27.95 -13.04
C ARG R 54 40.71 -28.95 -12.47
N ARG R 55 40.20 -29.80 -13.36
CA ARG R 55 38.98 -30.55 -13.12
C ARG R 55 39.07 -31.51 -11.95
N GLN R 56 38.23 -31.26 -10.94
CA GLN R 56 38.05 -32.16 -9.80
C GLN R 56 38.23 -33.61 -10.23
N TYR R 57 39.31 -34.22 -9.76
CA TYR R 57 39.64 -35.59 -10.14
C TYR R 57 38.49 -36.51 -9.76
N GLU R 58 38.13 -37.39 -10.69
CA GLU R 58 37.07 -38.34 -10.43
C GLU R 58 37.52 -39.33 -9.37
N GLY R 59 36.55 -39.86 -8.63
CA GLY R 59 36.83 -40.94 -7.71
C GLY R 59 37.30 -42.18 -8.43
N ILE R 60 37.87 -43.11 -7.67
CA ILE R 60 38.36 -44.38 -8.20
C ILE R 60 37.28 -45.43 -7.97
N GLU R 61 36.98 -46.22 -9.00
CA GLU R 61 35.81 -47.10 -8.98
C GLU R 61 36.26 -48.56 -9.04
N ILE R 62 36.64 -49.12 -7.89
CA ILE R 62 37.16 -50.48 -7.82
C ILE R 62 36.02 -51.48 -7.96
N THR R 63 36.30 -52.58 -8.66
CA THR R 63 35.41 -53.71 -8.77
C THR R 63 36.12 -54.95 -8.27
N LYS R 64 35.46 -55.70 -7.39
CA LYS R 64 36.07 -56.94 -6.90
C LYS R 64 35.01 -57.88 -6.38
N ARG R 65 35.12 -59.17 -6.70
CA ARG R 65 34.24 -60.16 -6.12
C ARG R 65 34.70 -60.53 -4.71
N ILE R 66 35.94 -61.01 -4.59
CA ILE R 66 36.45 -61.46 -3.30
C ILE R 66 36.45 -60.33 -2.29
N ASP R 67 36.63 -59.09 -2.76
CA ASP R 67 36.62 -57.93 -1.87
C ASP R 67 35.31 -57.81 -1.09
N LYS R 68 34.23 -58.42 -1.59
CA LYS R 68 32.96 -58.38 -0.86
C LYS R 68 33.08 -59.05 0.51
N SER R 69 33.98 -60.02 0.66
CA SER R 69 34.15 -60.69 1.94
C SER R 69 34.94 -59.88 2.95
N SER R 70 35.37 -58.67 2.60
CA SER R 70 36.16 -57.84 3.50
C SER R 70 35.23 -56.85 4.19
N PRO R 71 34.87 -57.05 5.45
CA PRO R 71 33.98 -56.08 6.11
C PRO R 71 34.62 -54.71 6.27
N LEU R 72 35.95 -54.64 6.37
CA LEU R 72 36.63 -53.39 6.67
C LEU R 72 36.27 -52.29 5.67
N LEU R 73 35.99 -52.66 4.42
CA LEU R 73 35.51 -51.67 3.46
C LEU R 73 34.11 -51.20 3.84
N MET R 74 33.25 -52.15 4.21
CA MET R 74 31.88 -51.80 4.61
C MET R 74 31.90 -50.85 5.80
N LYS R 75 32.66 -51.19 6.84
CA LYS R 75 32.78 -50.31 8.00
C LYS R 75 33.44 -49.00 7.60
N ALA R 76 34.40 -49.04 6.67
CA ALA R 76 35.08 -47.83 6.24
C ALA R 76 34.11 -46.85 5.59
N LEU R 77 33.10 -47.37 4.90
CA LEU R 77 32.08 -46.51 4.30
C LEU R 77 31.38 -45.68 5.36
N CYS R 78 30.56 -46.33 6.19
CA CYS R 78 29.77 -45.64 7.20
C CYS R 78 30.58 -45.07 8.35
N GLU R 79 31.82 -45.47 8.51
CA GLU R 79 32.69 -44.79 9.45
C GLU R 79 33.80 -44.07 8.73
N ASN R 80 33.55 -43.65 7.51
CA ASN R 80 34.53 -43.60 6.46
C ASN R 80 35.93 -43.54 7.01
N GLN R 81 36.55 -44.69 7.18
CA GLN R 81 37.86 -44.68 7.82
C GLN R 81 38.82 -43.90 6.91
N VAL R 82 39.55 -42.94 7.50
CA VAL R 82 40.52 -42.12 6.77
C VAL R 82 41.83 -42.88 6.63
N ILE R 83 42.27 -43.08 5.39
CA ILE R 83 43.48 -43.82 5.10
C ILE R 83 44.52 -42.88 4.53
N ASP R 84 45.79 -43.19 4.83
CA ASP R 84 46.89 -42.34 4.39
C ASP R 84 47.24 -42.57 2.93
N ALA R 85 47.22 -43.81 2.46
CA ALA R 85 47.67 -44.10 1.11
C ALA R 85 46.95 -45.32 0.56
N THR R 86 46.53 -45.24 -0.70
CA THR R 86 45.98 -46.36 -1.45
C THR R 86 46.84 -46.53 -2.69
N PHE R 87 47.37 -47.73 -2.89
CA PHE R 87 48.29 -48.01 -3.99
C PHE R 87 47.60 -48.92 -5.01
N LYS R 88 47.42 -48.42 -6.22
CA LYS R 88 46.89 -49.24 -7.32
C LYS R 88 48.05 -49.74 -8.16
N PHE R 89 47.95 -50.97 -8.64
CA PHE R 89 49.05 -51.55 -9.43
C PHE R 89 48.51 -52.56 -10.43
N PHE R 90 48.80 -52.32 -11.71
CA PHE R 90 48.44 -53.23 -12.80
C PHE R 90 49.70 -53.84 -13.40
N ARG R 91 49.55 -55.09 -13.88
CA ARG R 91 50.71 -55.85 -14.31
C ARG R 91 50.75 -55.90 -15.83
N PRO R 92 51.91 -56.15 -16.43
CA PRO R 92 51.98 -56.20 -17.89
C PRO R 92 51.27 -57.43 -18.46
N ASN R 93 50.92 -57.33 -19.80
CA ASN R 93 50.35 -58.43 -20.58
C ASN R 93 51.46 -59.18 -21.32
N PRO R 94 51.40 -60.51 -21.39
CA PRO R 94 52.47 -61.23 -22.10
C PRO R 94 52.31 -61.11 -23.61
N THR R 95 53.36 -60.64 -24.27
CA THR R 95 53.35 -60.48 -25.73
C THR R 95 54.56 -61.18 -26.34
N GLY R 96 55.66 -60.44 -26.50
CA GLY R 96 56.92 -61.08 -26.84
C GLY R 96 57.49 -61.88 -25.71
N ASP R 97 57.15 -61.55 -24.47
CA ASP R 97 57.52 -62.34 -23.31
C ASP R 97 56.55 -62.01 -22.18
N GLY R 98 56.54 -62.87 -21.17
CA GLY R 98 55.74 -62.63 -19.98
C GLY R 98 56.52 -61.82 -18.96
N THR R 99 55.80 -60.95 -18.24
CA THR R 99 56.37 -60.14 -17.19
C THR R 99 55.31 -59.94 -16.11
N THR R 100 55.71 -60.11 -14.85
CA THR R 100 54.82 -59.91 -13.72
C THR R 100 54.99 -58.55 -13.07
N GLU R 101 55.65 -57.63 -13.76
CA GLU R 101 55.93 -56.30 -13.22
C GLU R 101 54.76 -55.36 -13.43
N GLN R 102 54.75 -54.28 -12.66
CA GLN R 102 53.67 -53.30 -12.68
C GLN R 102 53.99 -52.25 -13.74
N PHE R 103 53.30 -52.33 -14.88
CA PHE R 103 53.45 -51.34 -15.93
C PHE R 103 52.66 -50.06 -15.65
N TYR R 104 51.94 -50.01 -14.53
CA TYR R 104 51.16 -48.82 -14.16
C TYR R 104 50.97 -48.86 -12.65
N THR R 105 51.49 -47.85 -11.95
CA THR R 105 51.50 -47.81 -10.50
C THR R 105 50.90 -46.49 -10.04
N VAL R 106 49.61 -46.51 -9.69
CA VAL R 106 48.90 -45.32 -9.21
C VAL R 106 49.10 -45.21 -7.70
N SER R 107 49.14 -43.96 -7.23
CA SER R 107 49.38 -43.70 -5.81
C SER R 107 48.45 -42.60 -5.32
N ILE R 108 47.57 -42.92 -4.38
CA ILE R 108 46.63 -41.96 -3.81
C ILE R 108 46.99 -41.70 -2.36
N LYS R 109 46.81 -40.45 -1.94
CA LYS R 109 47.15 -40.00 -0.58
C LYS R 109 45.94 -39.30 0.02
N LYS R 110 45.60 -39.69 1.25
CA LYS R 110 44.46 -39.12 1.96
C LYS R 110 43.16 -39.72 1.45
N ALA R 111 43.03 -41.05 1.52
CA ALA R 111 41.94 -41.76 0.87
C ALA R 111 40.83 -42.09 1.85
N ARG R 112 39.62 -42.19 1.32
CA ARG R 112 38.45 -42.62 2.07
C ARG R 112 37.54 -43.42 1.16
N ILE R 113 36.69 -44.24 1.77
CA ILE R 113 35.67 -44.99 1.06
C ILE R 113 34.41 -44.14 1.03
N ASN R 114 34.08 -43.59 -0.14
CA ASN R 114 32.89 -42.77 -0.29
C ASN R 114 31.65 -43.60 -0.56
N ALA R 115 31.79 -44.86 -0.96
CA ALA R 115 30.62 -45.68 -1.24
C ALA R 115 31.03 -47.15 -1.26
N ILE R 116 30.15 -47.99 -0.72
CA ILE R 116 30.30 -49.44 -0.73
C ILE R 116 29.05 -50.04 -1.36
N GLN R 117 29.24 -50.86 -2.40
CA GLN R 117 28.15 -51.54 -3.08
C GLN R 117 28.31 -53.05 -2.92
N GLN R 118 27.17 -53.74 -2.82
CA GLN R 118 27.17 -55.20 -2.68
C GLN R 118 26.04 -55.80 -3.50
N THR R 119 26.27 -57.03 -3.96
CA THR R 119 25.36 -57.67 -4.89
C THR R 119 25.76 -59.13 -5.06
N VAL R 120 24.75 -59.98 -5.19
CA VAL R 120 24.93 -61.42 -5.32
C VAL R 120 24.08 -61.89 -6.51
N PRO R 121 24.65 -62.50 -7.53
CA PRO R 121 23.92 -62.68 -8.78
C PRO R 121 23.11 -63.99 -8.85
N ASN R 122 21.87 -63.93 -8.38
CA ASN R 122 20.75 -64.83 -8.72
C ASN R 122 21.09 -66.14 -9.44
N SER R 123 20.71 -67.25 -8.76
CA SER R 123 20.68 -68.58 -9.36
C SER R 123 21.63 -69.46 -8.58
N PHE R 124 22.09 -70.53 -9.22
CA PHE R 124 22.92 -71.54 -8.60
C PHE R 124 23.91 -72.05 -9.63
N VAL R 125 25.05 -72.52 -9.14
CA VAL R 125 26.13 -73.01 -10.00
C VAL R 125 25.86 -74.46 -10.37
N PRO R 126 26.54 -74.97 -11.40
CA PRO R 126 26.28 -76.36 -11.82
C PRO R 126 26.79 -77.38 -10.82
N ALA R 127 27.60 -76.96 -9.85
CA ALA R 127 28.13 -77.86 -8.83
C ALA R 127 27.49 -77.75 -7.45
N SER R 128 26.35 -77.09 -7.31
CA SER R 128 25.46 -77.29 -6.17
C SER R 128 25.73 -76.32 -5.06
N THR R 129 26.52 -75.33 -5.37
CA THR R 129 26.46 -74.06 -4.65
C THR R 129 25.55 -73.12 -5.47
N ASN R 130 26.04 -71.87 -5.64
CA ASN R 130 25.26 -70.72 -6.15
C ASN R 130 26.20 -69.50 -6.12
N LEU R 131 25.64 -68.29 -6.36
CA LEU R 131 26.51 -67.13 -6.68
C LEU R 131 27.67 -66.88 -5.68
N PRO R 132 28.89 -66.63 -6.20
CA PRO R 132 29.82 -65.80 -5.45
C PRO R 132 29.49 -64.34 -5.65
N PRO R 133 29.90 -63.45 -4.71
CA PRO R 133 29.34 -62.08 -4.74
C PRO R 133 30.27 -61.01 -5.31
N MET R 134 29.73 -59.86 -5.72
CA MET R 134 30.53 -58.81 -6.34
C MET R 134 30.26 -57.46 -5.66
N GLU R 135 31.34 -56.75 -5.33
CA GLU R 135 31.26 -55.45 -4.69
C GLU R 135 31.96 -54.40 -5.55
N THR R 136 31.42 -53.18 -5.51
CA THR R 136 31.98 -52.03 -6.21
C THR R 136 32.18 -50.92 -5.19
N LEU R 137 33.41 -50.42 -5.09
CA LEU R 137 33.77 -49.46 -4.06
C LEU R 137 34.28 -48.18 -4.71
N GLN R 138 33.82 -47.04 -4.20
CA GLN R 138 34.26 -45.73 -4.67
C GLN R 138 35.25 -45.17 -3.66
N LEU R 139 36.45 -44.83 -4.15
CA LEU R 139 37.53 -44.31 -3.32
C LEU R 139 37.69 -42.83 -3.66
N VAL R 140 37.40 -41.98 -2.70
CA VAL R 140 37.72 -40.56 -2.83
C VAL R 140 39.06 -40.32 -2.19
N PHE R 141 39.73 -39.24 -2.58
CA PHE R 141 41.10 -39.01 -2.13
C PHE R 141 41.46 -37.53 -2.22
N HIS R 142 42.73 -37.26 -1.96
CA HIS R 142 43.29 -35.91 -1.98
C HIS R 142 44.41 -35.73 -2.99
N THR R 143 45.36 -36.67 -3.06
CA THR R 143 46.47 -36.56 -4.01
C THR R 143 46.65 -37.88 -4.75
N ILE R 144 47.34 -37.83 -5.89
CA ILE R 144 47.49 -39.03 -6.73
C ILE R 144 48.71 -38.87 -7.63
N ASN R 145 49.23 -40.01 -8.13
CA ASN R 145 50.41 -40.07 -8.99
C ASN R 145 50.25 -41.22 -9.97
N TRP R 146 50.75 -41.00 -11.20
CA TRP R 146 50.40 -41.88 -12.32
C TRP R 146 51.39 -43.02 -12.52
N THR R 147 52.58 -42.72 -13.06
CA THR R 147 53.65 -43.71 -13.16
C THR R 147 53.34 -44.85 -14.13
N ILE R 148 54.07 -44.96 -15.23
CA ILE R 148 53.86 -46.00 -16.23
C ILE R 148 55.20 -46.61 -16.61
N THR R 149 55.18 -47.85 -17.08
CA THR R 149 56.39 -48.54 -17.53
C THR R 149 56.05 -49.49 -18.67
N GLN R 150 56.86 -49.45 -19.72
CA GLN R 150 56.66 -50.29 -20.89
C GLN R 150 57.69 -49.98 -21.97
N GLY R 151 57.81 -48.70 -22.32
CA GLY R 151 58.91 -48.22 -23.14
C GLY R 151 59.83 -47.38 -22.30
N GLY R 152 59.97 -47.79 -21.03
CA GLY R 152 60.73 -47.07 -20.04
C GLY R 152 59.94 -46.77 -18.79
N VAL R 153 60.62 -46.58 -17.66
CA VAL R 153 60.01 -45.90 -16.54
C VAL R 153 59.67 -44.49 -16.98
N THR R 154 58.40 -44.12 -16.87
CA THR R 154 57.88 -42.87 -17.43
C THR R 154 57.54 -41.93 -16.28
N HIS R 155 58.44 -40.97 -16.03
CA HIS R 155 58.36 -39.94 -15.00
C HIS R 155 57.08 -39.93 -14.17
N GLU R 156 57.18 -40.38 -12.92
CA GLU R 156 56.03 -40.36 -12.03
C GLU R 156 55.53 -38.94 -11.81
N ASP R 157 54.35 -38.64 -12.35
CA ASP R 157 53.72 -37.33 -12.19
C ASP R 157 52.38 -37.53 -11.49
N THR R 158 51.73 -36.43 -11.12
CA THR R 158 50.46 -36.52 -10.43
C THR R 158 49.89 -35.15 -10.09
N TRP R 159 49.07 -35.07 -9.05
CA TRP R 159 48.41 -33.82 -8.72
C TRP R 159 47.82 -33.89 -7.32
N ASP R 160 47.51 -32.72 -6.77
CA ASP R 160 46.96 -32.58 -5.43
C ASP R 160 45.82 -31.58 -5.47
N THR R 161 44.67 -31.99 -4.93
CA THR R 161 43.52 -31.10 -4.80
C THR R 161 43.59 -30.22 -3.57
N GLN R 162 44.64 -30.38 -2.75
CA GLN R 162 44.87 -29.50 -1.62
C GLN R 162 45.66 -28.26 -1.99
N ARG R 163 46.43 -28.32 -3.08
CA ARG R 163 47.23 -27.17 -3.51
C ARG R 163 46.79 -26.69 -4.90
N LEU S 30 35.87 24.91 -32.91
CA LEU S 30 37.05 25.41 -33.61
C LEU S 30 37.02 26.93 -33.73
N PRO S 31 38.06 27.59 -33.24
CA PRO S 31 38.13 29.05 -33.34
C PRO S 31 38.32 29.48 -34.79
N LEU S 32 38.10 30.77 -35.02
CA LEU S 32 38.31 31.38 -36.33
C LEU S 32 39.64 32.14 -36.26
N LYS S 33 40.69 31.54 -36.81
CA LYS S 33 42.03 32.09 -36.76
C LYS S 33 42.41 32.64 -38.13
N VAL S 34 42.86 33.89 -38.14
CA VAL S 34 43.28 34.57 -39.36
C VAL S 34 44.77 34.85 -39.30
N LEU S 35 45.42 34.80 -40.46
CA LEU S 35 46.84 35.03 -40.59
C LEU S 35 47.04 36.29 -41.43
N MET S 36 47.51 37.36 -40.79
CA MET S 36 47.82 38.61 -41.47
C MET S 36 49.30 38.57 -41.85
N LEU S 37 49.58 38.50 -43.15
CA LEU S 37 50.93 38.46 -43.67
C LEU S 37 51.21 39.78 -44.38
N GLY S 38 52.32 40.42 -44.03
CA GLY S 38 52.63 41.70 -44.65
C GLY S 38 53.93 42.28 -44.14
N ASP S 39 54.31 43.40 -44.76
CA ASP S 39 55.57 44.08 -44.46
C ASP S 39 55.34 45.09 -43.34
N PHE S 40 55.40 44.58 -42.11
CA PHE S 40 55.17 45.40 -40.94
C PHE S 40 56.42 46.13 -40.46
N THR S 41 57.58 45.88 -41.08
CA THR S 41 58.82 46.54 -40.71
C THR S 41 59.36 47.33 -41.89
N GLY S 42 60.34 48.18 -41.61
CA GLY S 42 60.97 48.97 -42.65
C GLY S 42 62.01 48.25 -43.47
N GLN S 43 62.25 46.97 -43.19
CA GLN S 43 63.25 46.23 -43.94
C GLN S 43 62.94 44.74 -43.83
N GLU S 44 63.45 43.98 -44.78
CA GLU S 44 63.29 42.53 -44.73
C GLU S 44 64.24 41.94 -43.71
N ASP S 45 63.85 40.78 -43.17
CA ASP S 45 64.73 40.03 -42.30
C ASP S 45 65.50 38.98 -43.12
N ALA S 46 66.75 38.76 -42.74
CA ALA S 46 67.49 37.64 -43.29
C ALA S 46 66.95 36.29 -42.83
N ARG S 47 66.01 36.27 -41.90
CA ARG S 47 65.47 35.03 -41.33
C ARG S 47 64.69 34.24 -42.37
N PRO S 48 65.03 32.96 -42.60
CA PRO S 48 64.17 32.09 -43.41
C PRO S 48 62.71 32.28 -43.07
N LEU S 49 61.85 32.26 -44.10
CA LEU S 49 60.47 32.68 -43.95
C LEU S 49 59.81 31.96 -42.78
N GLU S 50 60.07 30.65 -42.66
CA GLU S 50 59.47 29.87 -41.60
C GLU S 50 60.34 29.78 -40.35
N GLN S 51 61.65 30.03 -40.46
CA GLN S 51 62.43 30.38 -39.29
C GLN S 51 61.75 31.44 -38.40
N ARG S 52 61.38 32.57 -38.98
CA ARG S 52 60.63 33.58 -38.23
C ARG S 52 59.27 33.04 -37.80
N ALA S 53 58.83 33.46 -36.67
CA ALA S 53 57.61 32.94 -36.09
C ALA S 53 56.47 33.96 -36.18
N PRO S 54 55.24 33.49 -36.12
CA PRO S 54 54.10 34.41 -36.10
C PRO S 54 53.83 34.88 -34.67
N ILE S 55 53.11 36.00 -34.57
CA ILE S 55 52.84 36.62 -33.28
C ILE S 55 51.33 36.70 -33.07
N ASN S 56 50.86 36.20 -31.93
CA ASN S 56 49.44 36.25 -31.59
C ASN S 56 49.08 37.66 -31.10
N VAL S 57 48.04 38.25 -31.69
CA VAL S 57 47.68 39.64 -31.42
C VAL S 57 46.25 39.70 -30.91
N ASP S 58 46.02 40.57 -29.94
CA ASP S 58 44.69 40.75 -29.35
C ASP S 58 44.62 42.16 -28.74
N LYS S 59 43.41 42.55 -28.36
CA LYS S 59 43.18 43.92 -27.91
C LYS S 59 43.96 44.24 -26.64
N ALA S 60 44.28 43.23 -25.84
CA ALA S 60 44.94 43.43 -24.56
C ALA S 60 46.47 43.43 -24.66
N ASN S 61 47.04 43.47 -25.86
CA ASN S 61 48.49 43.43 -25.98
C ASN S 61 49.01 43.93 -27.33
N PHE S 62 48.16 44.63 -28.10
CA PHE S 62 48.58 45.11 -29.41
C PHE S 62 49.77 46.05 -29.30
N ASN S 63 49.68 47.05 -28.42
CA ASN S 63 50.78 47.99 -28.22
C ASN S 63 52.05 47.26 -27.78
N GLU S 64 51.91 46.29 -26.88
CA GLU S 64 53.06 45.50 -26.46
C GLU S 64 53.68 44.77 -27.64
N VAL S 65 52.84 44.30 -28.57
CA VAL S 65 53.35 43.63 -29.77
C VAL S 65 54.13 44.62 -30.63
N MET S 66 53.64 45.84 -30.75
CA MET S 66 54.40 46.86 -31.47
C MET S 66 55.76 47.11 -30.82
N ALA S 67 55.77 47.33 -29.51
CA ALA S 67 57.02 47.63 -28.79
C ALA S 67 58.02 46.48 -28.93
N GLN S 68 57.55 45.24 -28.82
CA GLN S 68 58.45 44.10 -28.95
C GLN S 68 58.91 43.91 -30.39
N GLN S 69 58.07 44.24 -31.37
CA GLN S 69 58.48 44.15 -32.76
C GLN S 69 59.55 45.18 -33.11
N ASN S 70 59.48 46.36 -32.51
CA ASN S 70 60.52 47.38 -32.66
C ASN S 70 60.52 47.99 -34.05
N LEU S 71 59.92 49.18 -34.20
CA LEU S 71 59.77 49.81 -35.50
C LEU S 71 60.84 50.87 -35.71
N LYS S 72 61.38 50.93 -36.92
CA LYS S 72 62.43 51.91 -37.23
C LYS S 72 62.34 52.28 -38.70
N VAL S 73 62.50 53.57 -38.99
CA VAL S 73 62.44 54.09 -40.35
C VAL S 73 63.62 55.03 -40.54
N THR S 74 64.53 54.67 -41.44
CA THR S 74 65.65 55.52 -41.83
C THR S 74 65.32 56.02 -43.24
N LEU S 75 65.04 57.31 -43.35
CA LEU S 75 64.55 57.83 -44.63
C LEU S 75 64.94 59.29 -44.78
N THR S 76 65.00 59.74 -46.04
CA THR S 76 65.39 61.10 -46.38
C THR S 76 64.22 61.79 -47.09
N ALA S 77 63.89 62.98 -46.62
CA ALA S 77 62.87 63.83 -47.24
C ALA S 77 63.48 65.17 -47.58
N ALA S 78 62.77 65.92 -48.42
CA ALA S 78 63.25 67.23 -48.83
C ALA S 78 63.30 68.17 -47.63
N ASP S 79 64.41 68.90 -47.50
CA ASP S 79 64.61 69.82 -46.39
C ASP S 79 63.96 71.16 -46.74
N LYS S 80 62.75 71.39 -46.22
CA LYS S 80 61.99 72.61 -46.47
C LYS S 80 62.19 73.65 -45.39
N LEU S 81 63.18 73.48 -44.52
CA LEU S 81 63.52 74.48 -43.51
C LEU S 81 64.42 75.58 -44.08
N SER S 82 64.82 75.47 -45.33
CA SER S 82 65.62 76.50 -46.00
C SER S 82 65.10 76.68 -47.41
N ALA S 83 65.87 77.36 -48.26
CA ALA S 83 65.49 77.60 -49.65
C ALA S 83 66.51 77.01 -50.62
N ASP S 84 66.92 75.77 -50.38
CA ASP S 84 67.93 75.11 -51.20
C ASP S 84 67.37 73.79 -51.72
N PRO S 85 67.26 73.61 -53.03
CA PRO S 85 66.74 72.34 -53.54
C PRO S 85 67.67 71.17 -53.33
N ASN S 86 68.97 71.43 -53.11
CA ASN S 86 69.92 70.38 -52.80
C ASN S 86 69.95 70.01 -51.33
N ALA S 87 69.19 70.72 -50.49
CA ALA S 87 69.16 70.43 -49.06
C ALA S 87 68.20 69.28 -48.80
N THR S 88 68.71 68.23 -48.15
CA THR S 88 67.91 67.06 -47.81
C THR S 88 68.08 66.76 -46.32
N MET S 89 67.05 66.15 -45.74
CA MET S 89 67.04 65.84 -44.31
C MET S 89 66.82 64.35 -44.13
N ASN S 90 67.76 63.70 -43.45
CA ASN S 90 67.68 62.28 -43.14
C ASN S 90 67.24 62.09 -41.70
N VAL S 91 66.23 61.25 -41.49
CA VAL S 91 65.64 61.02 -40.17
C VAL S 91 65.65 59.53 -39.88
N SER S 92 65.74 59.22 -38.57
CA SER S 92 65.71 57.85 -38.07
C SER S 92 64.64 57.79 -36.98
N LEU S 93 63.40 57.50 -37.39
CA LEU S 93 62.28 57.45 -36.47
C LEU S 93 62.17 56.05 -35.87
N GLN S 94 61.68 55.99 -34.62
CA GLN S 94 61.52 54.75 -33.89
C GLN S 94 60.10 54.68 -33.34
N PHE S 95 59.50 53.50 -33.41
CA PHE S 95 58.10 53.31 -33.04
C PHE S 95 57.97 52.13 -32.09
N LYS S 96 57.27 52.38 -30.98
CA LYS S 96 56.84 51.36 -30.03
C LYS S 96 55.34 51.25 -29.89
N ASN S 97 54.58 52.30 -30.23
CA ASN S 97 53.13 52.29 -30.20
C ASN S 97 52.60 53.23 -31.28
N LEU S 98 51.30 53.10 -31.57
CA LEU S 98 50.69 53.85 -32.68
C LEU S 98 50.82 55.36 -32.49
N ASN S 99 50.81 55.83 -31.24
CA ASN S 99 50.92 57.26 -30.99
C ASN S 99 52.31 57.80 -31.31
N ASP S 100 53.31 56.92 -31.46
CA ASP S 100 54.59 57.33 -32.00
C ASP S 100 54.50 57.80 -33.45
N PHE S 101 53.34 57.63 -34.09
CA PHE S 101 53.11 58.12 -35.43
C PHE S 101 52.56 59.54 -35.46
N SER S 102 52.29 60.13 -34.29
CA SER S 102 51.74 61.47 -34.24
C SER S 102 52.83 62.50 -34.52
N PRO S 103 52.45 63.67 -35.05
CA PRO S 103 53.44 64.71 -35.33
C PRO S 103 54.24 65.15 -34.12
N GLU S 104 53.65 65.07 -32.91
CA GLU S 104 54.40 65.40 -31.70
C GLU S 104 55.60 64.48 -31.53
N SER S 105 55.39 63.17 -31.63
CA SER S 105 56.49 62.21 -31.60
C SER S 105 57.46 62.42 -32.76
N VAL S 106 56.94 62.64 -33.97
CA VAL S 106 57.81 62.89 -35.13
C VAL S 106 58.75 64.06 -34.84
N VAL S 107 58.20 65.16 -34.30
CA VAL S 107 59.04 66.31 -33.96
C VAL S 107 60.01 65.95 -32.85
N ASN S 108 59.55 65.20 -31.84
CA ASN S 108 60.41 64.81 -30.74
C ASN S 108 61.62 64.02 -31.23
N GLN S 109 61.46 63.26 -32.32
CA GLN S 109 62.51 62.39 -32.83
C GLN S 109 63.36 63.02 -33.94
N VAL S 110 63.09 64.27 -34.31
CA VAL S 110 63.82 64.95 -35.36
C VAL S 110 64.35 66.28 -34.81
N PRO S 111 65.62 66.33 -34.40
CA PRO S 111 66.13 67.54 -33.74
C PRO S 111 65.98 68.82 -34.54
N GLU S 112 66.06 68.74 -35.87
CA GLU S 112 65.86 69.91 -36.72
C GLU S 112 64.48 70.52 -36.57
N LEU S 113 63.52 69.76 -36.06
CA LEU S 113 62.18 70.26 -35.73
C LEU S 113 61.97 70.45 -34.24
N LYS S 114 62.55 69.57 -33.42
CA LYS S 114 62.40 69.69 -31.97
C LYS S 114 63.00 70.98 -31.45
N LYS S 115 64.17 71.37 -31.99
CA LYS S 115 64.74 72.66 -31.63
C LYS S 115 63.81 73.81 -32.01
N LEU S 116 63.10 73.68 -33.14
CA LEU S 116 62.15 74.71 -33.55
C LEU S 116 60.92 74.74 -32.65
N LEU S 117 60.53 73.59 -32.09
CA LEU S 117 59.42 73.56 -31.14
C LEU S 117 59.83 74.18 -29.81
N GLU S 118 61.05 73.90 -29.36
CA GLU S 118 61.56 74.56 -28.16
C GLU S 118 61.64 76.07 -28.37
N LEU S 119 62.07 76.50 -29.56
CA LEU S 119 62.09 77.92 -29.87
C LEU S 119 60.68 78.49 -29.85
N ARG S 120 59.71 77.75 -30.38
CA ARG S 120 58.31 78.17 -30.31
C ARG S 120 57.88 78.40 -28.87
N SER S 121 58.13 77.41 -28.00
CA SER S 121 57.78 77.56 -26.59
C SER S 121 58.46 78.77 -25.97
N ALA S 122 59.73 79.00 -26.31
CA ALA S 122 60.43 80.16 -25.76
C ALA S 122 59.78 81.47 -26.21
N LEU S 123 59.40 81.56 -27.49
CA LEU S 123 58.80 82.79 -28.00
C LEU S 123 57.41 83.02 -27.43
N ASN S 124 56.62 81.96 -27.27
CA ASN S 124 55.30 82.11 -26.67
C ASN S 124 55.41 82.51 -25.20
N ALA S 125 56.37 81.92 -24.48
CA ALA S 125 56.58 82.29 -23.09
C ALA S 125 56.99 83.75 -22.98
N LEU S 126 57.91 84.20 -23.85
CA LEU S 126 58.34 85.60 -23.82
C LEU S 126 57.19 86.54 -24.16
N LYS S 127 56.43 86.22 -25.21
CA LYS S 127 55.35 87.09 -25.65
C LYS S 127 54.21 87.15 -24.64
N GLY S 128 54.01 86.08 -23.88
CA GLY S 128 53.01 86.04 -22.84
C GLY S 128 53.54 86.59 -21.53
N PRO S 129 54.82 87.03 -21.53
CA PRO S 129 55.40 87.64 -20.33
C PRO S 129 55.66 86.65 -19.20
N LEU S 130 55.74 85.36 -19.55
CA LEU S 130 55.95 84.32 -18.56
C LEU S 130 57.38 84.26 -18.04
N GLY S 131 58.33 84.83 -18.76
CA GLY S 131 59.71 84.84 -18.32
C GLY S 131 60.37 86.16 -18.69
N ASN S 132 61.42 86.49 -17.95
CA ASN S 132 62.14 87.74 -18.19
C ASN S 132 63.17 87.57 -19.30
N LEU S 133 63.72 88.70 -19.74
CA LEU S 133 64.68 88.68 -20.84
C LEU S 133 65.96 87.91 -20.51
N PRO S 134 66.50 87.95 -19.30
CA PRO S 134 67.71 87.14 -19.03
C PRO S 134 67.46 85.65 -19.16
N ALA S 135 66.37 85.15 -18.55
CA ALA S 135 66.01 83.74 -18.73
C ALA S 135 65.79 83.42 -20.21
N PHE S 136 65.10 84.32 -20.93
CA PHE S 136 64.87 84.10 -22.36
C PHE S 136 66.19 83.93 -23.10
N ARG S 137 67.17 84.79 -22.82
CA ARG S 137 68.46 84.70 -23.49
C ARG S 137 69.17 83.40 -23.17
N LYS S 138 69.21 83.02 -21.88
CA LYS S 138 69.87 81.78 -21.49
C LYS S 138 69.26 80.59 -22.22
N LYS S 139 67.92 80.44 -22.16
CA LYS S 139 67.26 79.33 -22.81
C LYS S 139 67.48 79.35 -24.32
N LEU S 140 67.50 80.53 -24.94
CA LEU S 140 67.76 80.63 -26.37
C LEU S 140 69.15 80.08 -26.70
N GLN S 141 70.16 80.49 -25.94
CA GLN S 141 71.49 79.92 -26.13
C GLN S 141 71.46 78.40 -26.00
N ALA S 142 70.75 77.90 -24.99
CA ALA S 142 70.62 76.46 -24.81
C ALA S 142 70.05 75.79 -26.05
N LEU S 143 68.97 76.35 -26.61
CA LEU S 143 68.33 75.76 -27.77
C LEU S 143 69.25 75.77 -28.99
N LEU S 144 69.89 76.90 -29.25
CA LEU S 144 70.73 77.04 -30.43
C LEU S 144 72.08 76.33 -30.30
N ALA S 145 72.44 75.82 -29.11
CA ALA S 145 73.74 75.22 -28.93
C ALA S 145 73.87 73.85 -29.61
N ASP S 146 72.74 73.21 -29.94
CA ASP S 146 72.74 71.87 -30.51
C ASP S 146 73.63 71.77 -31.75
N GLU S 147 74.66 70.92 -31.68
CA GLU S 147 75.65 70.83 -32.75
C GLU S 147 75.11 70.18 -34.02
N ASP S 148 73.99 69.48 -33.95
CA ASP S 148 73.41 68.85 -35.13
C ASP S 148 72.63 69.82 -36.00
N GLY S 149 72.38 71.04 -35.52
CA GLY S 149 71.64 72.00 -36.30
C GLY S 149 72.52 72.73 -37.31
N ARG S 150 71.89 73.17 -38.39
CA ARG S 150 72.60 73.95 -39.39
C ARG S 150 72.64 75.42 -38.98
N LYS S 151 73.71 76.10 -39.41
CA LYS S 151 73.82 77.53 -39.13
C LYS S 151 72.70 78.32 -39.79
N ALA S 152 72.27 77.91 -40.98
CA ALA S 152 71.14 78.57 -41.64
C ALA S 152 69.88 78.47 -40.78
N LEU S 153 69.58 77.26 -40.29
CA LEU S 153 68.45 77.09 -39.38
C LEU S 153 68.59 77.95 -38.14
N ILE S 154 69.80 77.99 -37.56
CA ILE S 154 70.04 78.83 -36.39
C ILE S 154 69.73 80.29 -36.70
N LYS S 155 70.14 80.77 -37.87
CA LYS S 155 69.89 82.16 -38.25
C LYS S 155 68.40 82.41 -38.44
N GLU S 156 67.69 81.47 -39.07
CA GLU S 156 66.25 81.61 -39.23
C GLU S 156 65.54 81.64 -37.88
N LEU S 157 66.04 80.89 -36.89
CA LEU S 157 65.44 80.89 -35.56
C LEU S 157 65.70 82.19 -34.83
N GLY S 158 66.94 82.70 -34.91
CA GLY S 158 67.27 83.96 -34.27
C GLY S 158 66.57 85.14 -34.91
N LEU S 159 66.21 85.03 -36.20
CA LEU S 159 65.47 86.09 -36.88
C LEU S 159 64.04 86.24 -36.35
N THR S 160 63.55 85.27 -35.58
CA THR S 160 62.21 85.34 -35.01
C THR S 160 62.17 86.04 -33.67
N GLU S 161 63.32 86.34 -33.08
CA GLU S 161 63.37 86.96 -31.76
C GLU S 161 63.08 88.46 -31.89
N GLU S 162 62.13 88.94 -31.11
CA GLU S 162 61.82 90.37 -31.11
C GLU S 162 63.04 91.18 -30.68
N THR S 163 63.17 92.38 -31.24
CA THR S 163 64.38 93.17 -31.03
C THR S 163 64.58 93.53 -29.56
N LYS S 164 63.48 93.77 -28.85
CA LYS S 164 63.55 94.19 -27.44
C LYS S 164 64.00 93.05 -26.54
N ASP T 63 53.39 95.17 -29.27
CA ASP T 63 54.63 94.44 -29.47
C ASP T 63 54.39 92.95 -29.59
N LYS T 64 53.51 92.44 -28.72
CA LYS T 64 53.21 91.01 -28.69
C LYS T 64 52.62 90.53 -30.01
N ALA T 65 51.94 91.41 -30.75
CA ALA T 65 51.39 91.01 -32.04
C ALA T 65 52.49 90.58 -33.00
N LEU T 66 53.63 91.30 -32.98
CA LEU T 66 54.76 90.92 -33.82
C LEU T 66 55.33 89.57 -33.41
N VAL T 67 55.42 89.30 -32.10
CA VAL T 67 55.90 88.01 -31.63
C VAL T 67 54.96 86.89 -32.08
N ASP T 68 53.65 87.15 -32.04
CA ASP T 68 52.68 86.18 -32.53
C ASP T 68 52.86 85.94 -34.02
N ALA T 69 53.13 87.00 -34.79
CA ALA T 69 53.45 86.81 -36.20
C ALA T 69 54.68 85.93 -36.37
N MET T 70 55.69 86.12 -35.52
CA MET T 70 56.86 85.26 -35.53
C MET T 70 56.47 83.81 -35.28
N ILE T 71 55.57 83.56 -34.33
CA ILE T 71 55.11 82.20 -34.07
C ILE T 71 54.36 81.64 -35.27
N ALA T 72 53.61 82.49 -35.97
CA ALA T 72 52.88 82.04 -37.15
C ALA T 72 53.83 81.60 -38.25
N GLU T 73 54.87 82.39 -38.53
CA GLU T 73 55.84 82.01 -39.56
C GLU T 73 56.63 80.77 -39.15
N ILE T 74 57.02 80.69 -37.87
CA ILE T 74 57.78 79.54 -37.40
C ILE T 74 56.97 78.26 -37.56
N ASP T 75 55.72 78.29 -37.09
CA ASP T 75 54.84 77.13 -37.26
C ASP T 75 54.59 76.83 -38.73
N LYS T 76 54.58 77.86 -39.58
CA LYS T 76 54.41 77.64 -41.02
C LYS T 76 55.55 76.81 -41.59
N ARG T 77 56.80 77.21 -41.30
CA ARG T 77 57.94 76.44 -41.79
C ARG T 77 57.95 75.03 -41.21
N LEU T 78 57.78 74.91 -39.88
CA LEU T 78 57.79 73.61 -39.24
C LEU T 78 56.76 72.67 -39.85
N SER T 79 55.54 73.18 -40.10
CA SER T 79 54.52 72.36 -40.75
C SER T 79 54.91 72.03 -42.18
N SER T 80 55.61 72.95 -42.85
CA SER T 80 56.14 72.66 -44.18
C SER T 80 56.99 71.41 -44.19
N GLN T 81 57.87 71.25 -43.19
CA GLN T 81 58.71 70.04 -43.14
C GLN T 81 57.94 68.82 -42.64
N VAL T 82 57.14 68.99 -41.59
CA VAL T 82 56.35 67.90 -41.04
C VAL T 82 55.48 67.27 -42.11
N ASN T 83 54.97 68.07 -43.05
CA ASN T 83 54.22 67.51 -44.17
C ASN T 83 55.08 66.56 -45.00
N GLU T 84 56.36 66.91 -45.19
CA GLU T 84 57.26 66.04 -45.92
C GLU T 84 57.46 64.71 -45.18
N ILE T 85 57.55 64.76 -43.86
CA ILE T 85 57.69 63.52 -43.09
C ILE T 85 56.41 62.68 -43.20
N LEU T 86 55.25 63.30 -42.95
CA LEU T 86 53.99 62.55 -42.85
C LEU T 86 53.50 62.07 -44.21
N HIS T 87 53.96 62.69 -45.29
CA HIS T 87 53.60 62.30 -46.65
C HIS T 87 54.68 61.46 -47.32
N ALA T 88 55.69 61.01 -46.57
CA ALA T 88 56.71 60.15 -47.12
C ALA T 88 56.15 58.74 -47.34
N LYS T 89 56.48 58.14 -48.48
CA LYS T 89 55.88 56.86 -48.85
C LYS T 89 56.30 55.74 -47.89
N GLU T 90 57.54 55.76 -47.43
CA GLU T 90 57.98 54.74 -46.48
C GLU T 90 57.26 54.90 -45.14
N PHE T 91 57.24 56.12 -44.60
CA PHE T 91 56.52 56.38 -43.36
C PHE T 91 55.07 55.94 -43.47
N GLN T 92 54.40 56.31 -44.56
CA GLN T 92 53.00 55.93 -44.75
C GLN T 92 52.84 54.43 -44.90
N LYS T 93 53.81 53.76 -45.51
CA LYS T 93 53.77 52.29 -45.58
C LYS T 93 53.73 51.70 -44.17
N LEU T 94 54.71 52.03 -43.33
CA LEU T 94 54.72 51.51 -41.97
C LEU T 94 53.44 51.87 -41.23
N GLU T 95 53.11 53.17 -41.19
CA GLU T 95 51.96 53.65 -40.43
C GLU T 95 50.68 52.95 -40.87
N SER T 96 50.36 53.00 -42.17
CA SER T 96 49.15 52.38 -42.67
C SER T 96 49.12 50.89 -42.38
N SER T 97 50.27 50.21 -42.44
CA SER T 97 50.33 48.82 -42.03
C SER T 97 49.81 48.64 -40.60
N TRP T 98 50.44 49.32 -39.64
CA TRP T 98 50.08 49.12 -38.23
C TRP T 98 48.67 49.61 -37.91
N ARG T 99 48.31 50.79 -38.42
CA ARG T 99 47.02 51.40 -38.10
C ARG T 99 45.87 50.61 -38.70
N SER T 100 46.02 50.17 -39.97
CA SER T 100 45.02 49.28 -40.54
C SER T 100 44.94 47.98 -39.75
N LEU T 101 46.07 47.45 -39.30
CA LEU T 101 46.07 46.25 -38.46
C LEU T 101 45.20 46.46 -37.22
N LYS T 102 45.41 47.57 -36.51
CA LYS T 102 44.62 47.85 -35.31
C LYS T 102 43.15 48.07 -35.65
N PHE T 103 42.89 48.77 -36.76
CA PHE T 103 41.51 48.97 -37.19
C PHE T 103 40.80 47.64 -37.39
N MET T 104 41.52 46.63 -37.86
CA MET T 104 40.96 45.29 -37.94
C MET T 104 40.78 44.68 -36.55
N VAL T 105 41.83 44.73 -35.73
CA VAL T 105 41.85 43.96 -34.48
C VAL T 105 40.78 44.47 -33.50
N ASP T 106 40.68 45.79 -33.34
CA ASP T 106 39.76 46.39 -32.39
C ASP T 106 38.30 46.30 -32.82
N ARG T 107 38.03 45.81 -34.02
CA ARG T 107 36.67 45.58 -34.50
C ARG T 107 36.24 44.13 -34.40
N THR T 108 37.11 43.28 -33.87
CA THR T 108 36.80 41.87 -33.63
C THR T 108 36.47 41.66 -32.16
N ASP T 109 36.15 40.41 -31.82
CA ASP T 109 35.74 40.05 -30.46
C ASP T 109 36.47 38.77 -30.06
N PHE T 110 37.62 38.91 -29.38
CA PHE T 110 38.42 37.78 -28.98
C PHE T 110 37.72 36.86 -28.00
N ARG T 111 36.64 37.31 -27.37
CA ARG T 111 35.84 36.44 -26.50
C ARG T 111 34.96 35.48 -27.28
N GLU T 112 34.81 35.68 -28.59
CA GLU T 112 34.02 34.81 -29.44
C GLU T 112 34.86 33.77 -30.17
N ASN T 113 36.01 33.41 -29.61
CA ASN T 113 36.88 32.41 -30.22
C ASN T 113 37.47 32.88 -31.54
N THR T 114 37.86 34.16 -31.60
CA THR T 114 38.49 34.74 -32.77
C THR T 114 39.96 34.98 -32.46
N ARG T 115 40.83 34.58 -33.39
CA ARG T 115 42.27 34.67 -33.19
C ARG T 115 42.93 35.24 -34.44
N VAL T 116 44.07 35.89 -34.24
CA VAL T 116 44.79 36.55 -35.33
C VAL T 116 46.28 36.50 -35.04
N GLU T 117 47.05 36.10 -36.06
CA GLU T 117 48.50 36.01 -35.96
C GLU T 117 49.13 36.89 -37.05
N MET T 118 50.29 37.46 -36.74
CA MET T 118 51.01 38.35 -37.64
C MET T 118 52.25 37.64 -38.16
N LEU T 119 52.44 37.73 -39.47
CA LEU T 119 53.56 37.11 -40.19
C LEU T 119 54.17 38.20 -41.06
N ASN T 120 55.37 38.65 -40.67
CA ASN T 120 56.08 39.68 -41.40
C ASN T 120 56.73 39.07 -42.64
N ALA T 121 56.26 39.47 -43.81
CA ALA T 121 56.79 38.94 -45.06
C ALA T 121 56.47 39.91 -46.18
N SER T 122 57.45 40.18 -47.03
CA SER T 122 57.24 40.98 -48.22
C SER T 122 56.96 40.08 -49.41
N LYS T 123 56.32 40.65 -50.43
CA LYS T 123 55.99 39.87 -51.62
C LYS T 123 57.23 39.29 -52.28
N GLU T 124 58.31 40.09 -52.36
CA GLU T 124 59.54 39.63 -52.98
C GLU T 124 60.07 38.38 -52.27
N ASP T 125 60.06 38.38 -50.94
CA ASP T 125 60.50 37.23 -50.16
C ASP T 125 59.54 36.05 -50.25
N LEU T 126 58.24 36.32 -50.41
CA LEU T 126 57.31 35.24 -50.67
C LEU T 126 57.68 34.53 -51.97
N GLN T 127 57.93 35.29 -53.03
CA GLN T 127 58.40 34.71 -54.28
C GLN T 127 59.73 33.99 -54.09
N LYS T 128 60.61 34.56 -53.26
CA LYS T 128 61.92 33.95 -53.03
C LYS T 128 61.77 32.57 -52.40
N ASP T 129 60.88 32.45 -51.41
CA ASP T 129 60.69 31.17 -50.74
C ASP T 129 59.99 30.17 -51.66
N PHE T 130 58.94 30.61 -52.36
CA PHE T 130 58.20 29.69 -53.22
C PHE T 130 59.02 29.19 -54.40
N GLU T 131 59.92 30.03 -54.92
CA GLU T 131 60.77 29.62 -56.04
C GLU T 131 61.97 28.82 -55.54
N ASP T 132 62.44 29.12 -54.32
CA ASP T 132 63.56 28.37 -53.76
C ASP T 132 63.15 26.95 -53.42
N ALA T 133 61.95 26.78 -52.86
CA ALA T 133 61.49 25.45 -52.49
C ALA T 133 61.25 24.61 -53.74
N PRO T 134 61.50 23.29 -53.67
CA PRO T 134 61.19 22.46 -54.84
C PRO T 134 59.71 22.23 -55.05
N GLU T 135 58.91 22.34 -53.99
CA GLU T 135 57.47 22.13 -54.07
C GLU T 135 56.81 22.91 -52.95
N VAL T 136 55.53 23.26 -53.18
CA VAL T 136 54.81 24.11 -52.22
C VAL T 136 54.70 23.44 -50.86
N THR T 137 54.66 22.11 -50.83
CA THR T 137 54.60 21.38 -49.56
C THR T 137 55.84 21.58 -48.70
N LYS T 138 56.91 22.14 -49.26
CA LYS T 138 58.14 22.40 -48.52
C LYS T 138 58.40 23.88 -48.32
N SER T 139 57.45 24.74 -48.67
CA SER T 139 57.62 26.17 -48.43
C SER T 139 57.38 26.49 -46.95
N GLY T 140 58.02 27.56 -46.48
CA GLY T 140 57.86 27.96 -45.10
C GLY T 140 56.43 28.35 -44.76
N LEU T 141 55.83 29.20 -45.61
CA LEU T 141 54.43 29.58 -45.42
C LEU T 141 53.53 28.36 -45.30
N TYR T 142 53.70 27.39 -46.21
CA TYR T 142 52.96 26.13 -46.10
C TYR T 142 53.27 25.43 -44.78
N LYS T 143 54.53 25.49 -44.33
CA LYS T 143 54.89 24.91 -43.05
C LYS T 143 54.05 25.50 -41.92
N LEU T 144 53.97 26.82 -41.84
CA LEU T 144 53.30 27.51 -40.74
C LEU T 144 51.80 27.68 -40.93
N VAL T 145 51.27 27.33 -42.10
CA VAL T 145 49.84 27.48 -42.36
C VAL T 145 49.19 26.11 -42.26
N TYR T 146 49.67 25.16 -43.07
CA TYR T 146 49.08 23.83 -43.08
C TYR T 146 49.73 22.91 -42.06
N SER T 147 51.05 22.78 -42.13
CA SER T 147 51.74 21.75 -41.34
C SER T 147 51.56 21.96 -39.85
N ASN T 148 51.83 23.17 -39.35
CA ASN T 148 51.72 23.47 -37.93
C ASN T 148 50.28 23.69 -37.48
N GLU T 149 49.29 23.51 -38.37
CA GLU T 149 47.91 23.79 -38.01
C GLU T 149 46.98 22.67 -38.44
N TYR T 150 46.46 22.78 -39.67
CA TYR T 150 45.44 21.84 -40.14
C TYR T 150 45.94 20.41 -40.15
N GLY T 151 47.22 20.20 -40.45
CA GLY T 151 47.77 18.86 -40.53
C GLY T 151 48.49 18.42 -39.28
N VAL T 152 48.07 18.93 -38.12
CA VAL T 152 48.73 18.64 -36.86
C VAL T 152 47.68 18.14 -35.87
N PHE T 153 47.83 16.91 -35.39
CA PHE T 153 46.93 16.38 -34.38
C PHE T 153 47.09 17.18 -33.10
N GLY T 154 45.97 17.70 -32.58
CA GLY T 154 45.98 18.56 -31.42
C GLY T 154 46.03 20.04 -31.74
N GLY T 155 46.32 20.40 -32.99
CA GLY T 155 46.39 21.79 -33.40
C GLY T 155 45.04 22.33 -33.84
N LYS T 156 45.08 23.36 -34.67
CA LYS T 156 43.89 24.02 -35.17
C LYS T 156 44.17 24.58 -36.55
N PRO T 157 43.17 24.63 -37.44
CA PRO T 157 43.42 25.08 -38.80
C PRO T 157 43.18 26.58 -38.97
N TYR T 158 43.97 27.18 -39.85
CA TYR T 158 43.85 28.60 -40.11
C TYR T 158 42.58 28.88 -40.92
N GLY T 159 41.78 29.84 -40.43
CA GLY T 159 40.51 30.12 -41.09
C GLY T 159 40.69 30.79 -42.45
N ILE T 160 41.51 31.84 -42.49
CA ILE T 160 41.70 32.61 -43.72
C ILE T 160 43.02 33.36 -43.60
N ILE T 161 43.56 33.81 -44.74
CA ILE T 161 44.83 34.52 -44.81
C ILE T 161 44.58 35.88 -45.45
N SER T 162 44.95 36.94 -44.74
CA SER T 162 44.79 38.32 -45.21
C SER T 162 46.19 38.85 -45.54
N ALA T 163 46.42 39.16 -46.80
CA ALA T 163 47.71 39.64 -47.28
C ALA T 163 47.61 41.13 -47.58
N ASN T 164 48.41 41.93 -46.87
CA ASN T 164 48.41 43.39 -47.06
C ASN T 164 49.34 43.74 -48.24
N TYR T 165 48.83 43.46 -49.43
CA TYR T 165 49.58 43.69 -50.65
C TYR T 165 48.65 44.20 -51.74
N ASP T 166 49.25 44.93 -52.69
CA ASP T 166 48.58 45.36 -53.91
C ASP T 166 49.17 44.57 -55.07
N PHE T 167 48.32 44.11 -55.97
CA PHE T 167 48.73 43.25 -57.08
C PHE T 167 48.54 43.99 -58.40
N ASN T 168 49.51 43.83 -59.28
CA ASN T 168 49.43 44.33 -60.64
C ASN T 168 49.33 43.14 -61.60
N VAL T 169 49.34 43.43 -62.91
CA VAL T 169 49.36 42.37 -63.92
C VAL T 169 50.74 41.80 -64.14
N GLY T 170 51.75 42.25 -63.40
CA GLY T 170 53.10 41.78 -63.55
C GLY T 170 53.25 40.30 -63.33
N PRO T 171 54.17 39.67 -64.08
CA PRO T 171 54.32 38.22 -63.96
C PRO T 171 54.66 37.74 -62.57
N GLN T 172 55.49 38.49 -61.83
CA GLN T 172 55.80 38.11 -60.46
C GLN T 172 54.55 38.07 -59.59
N ASP T 173 53.71 39.10 -59.69
CA ASP T 173 52.47 39.11 -58.93
C ASP T 173 51.55 37.95 -59.32
N MET T 174 51.45 37.68 -60.63
CA MET T 174 50.63 36.56 -61.07
C MET T 174 51.11 35.23 -60.48
N GLU T 175 52.43 34.99 -60.53
CA GLU T 175 52.97 33.75 -59.97
C GLU T 175 52.72 33.66 -58.46
N LEU T 176 52.93 34.76 -57.74
CA LEU T 176 52.61 34.78 -56.32
C LEU T 176 51.15 34.40 -56.08
N LEU T 177 50.24 34.95 -56.89
CA LEU T 177 48.83 34.58 -56.77
C LEU T 177 48.62 33.09 -57.01
N ARG T 178 49.35 32.52 -57.97
CA ARG T 178 49.23 31.08 -58.22
C ARG T 178 49.64 30.27 -56.99
N LYS T 179 50.79 30.59 -56.40
CA LYS T 179 51.23 29.88 -55.21
C LYS T 179 50.23 30.02 -54.06
N CYS T 180 49.73 31.24 -53.83
CA CYS T 180 48.76 31.45 -52.76
C CYS T 180 47.47 30.67 -53.02
N ALA T 181 47.05 30.55 -54.27
CA ALA T 181 45.87 29.74 -54.59
C ALA T 181 46.12 28.27 -54.27
N SER T 182 47.32 27.77 -54.61
CA SER T 182 47.64 26.38 -54.28
C SER T 182 47.59 26.14 -52.78
N VAL T 183 48.27 26.98 -52.00
CA VAL T 183 48.29 26.79 -50.54
C VAL T 183 46.88 26.87 -49.97
N ALA T 184 46.12 27.89 -50.39
CA ALA T 184 44.77 28.06 -49.89
C ALA T 184 43.89 26.85 -50.22
N ALA T 185 44.09 26.27 -51.40
CA ALA T 185 43.33 25.06 -51.75
C ALA T 185 43.74 23.88 -50.88
N MET T 186 45.04 23.73 -50.61
CA MET T 186 45.50 22.60 -49.80
C MET T 186 45.02 22.68 -48.36
N ALA T 187 44.92 23.90 -47.81
CA ALA T 187 44.54 24.07 -46.42
C ALA T 187 43.06 24.42 -46.25
N HIS T 188 42.34 24.59 -47.36
CA HIS T 188 40.93 24.98 -47.32
C HIS T 188 40.73 26.33 -46.63
N ALA T 189 41.51 27.33 -47.07
CA ALA T 189 41.45 28.66 -46.50
C ALA T 189 41.70 29.71 -47.59
N PRO T 190 40.79 30.66 -47.76
CA PRO T 190 40.94 31.63 -48.85
C PRO T 190 42.03 32.65 -48.57
N PHE T 191 42.61 33.18 -49.65
CA PHE T 191 43.64 34.21 -49.57
C PHE T 191 43.05 35.51 -50.10
N ILE T 192 43.01 36.53 -49.25
CA ILE T 192 42.38 37.81 -49.58
C ILE T 192 43.44 38.89 -49.66
N GLY T 193 43.36 39.71 -50.71
CA GLY T 193 44.28 40.82 -50.90
C GLY T 193 43.62 41.97 -51.65
N ASN T 194 44.43 42.87 -52.19
CA ASN T 194 43.92 44.04 -52.90
C ASN T 194 44.62 44.18 -54.25
N ALA T 195 43.98 44.92 -55.14
CA ALA T 195 44.52 45.19 -56.46
C ALA T 195 44.95 46.66 -56.56
N ALA T 196 46.05 46.89 -57.26
CA ALA T 196 46.56 48.25 -57.42
C ALA T 196 45.85 48.96 -58.57
N PRO T 197 45.80 50.30 -58.53
CA PRO T 197 45.09 51.03 -59.59
C PRO T 197 45.62 50.76 -60.99
N GLU T 198 46.93 50.67 -61.15
CA GLU T 198 47.53 50.41 -62.46
C GLU T 198 47.07 49.09 -63.07
N VAL T 199 46.45 48.22 -62.27
CA VAL T 199 45.88 46.99 -62.81
C VAL T 199 44.82 47.30 -63.86
N PHE T 200 44.13 48.43 -63.72
CA PHE T 200 43.14 48.89 -64.69
C PHE T 200 43.74 49.86 -65.71
N GLY T 201 45.06 50.00 -65.75
CA GLY T 201 45.69 50.93 -66.66
C GLY T 201 45.46 52.39 -66.32
N GLU T 202 45.22 52.69 -65.05
CA GLU T 202 44.95 54.04 -64.60
C GLU T 202 45.94 54.43 -63.51
N GLU T 203 46.25 55.72 -63.44
CA GLU T 203 47.20 56.21 -62.44
C GLU T 203 46.69 55.97 -61.02
N SER T 204 45.40 56.16 -60.80
CA SER T 204 44.80 55.98 -59.49
C SER T 204 43.33 55.64 -59.65
N PHE T 205 42.76 55.02 -58.62
CA PHE T 205 41.35 54.65 -58.62
C PHE T 205 40.42 55.80 -58.97
N LEU T 206 40.84 57.05 -58.74
CA LEU T 206 40.03 58.22 -59.11
C LEU T 206 39.70 58.27 -60.60
N LYS T 207 40.34 57.44 -61.43
CA LYS T 207 40.07 57.38 -62.86
C LYS T 207 39.08 56.29 -63.23
N LEU T 208 38.52 55.57 -62.25
CA LEU T 208 37.59 54.50 -62.56
C LEU T 208 36.37 54.96 -63.32
N PRO T 209 35.79 56.13 -63.06
CA PRO T 209 34.61 56.55 -63.84
C PRO T 209 34.91 56.83 -65.29
N ASP T 210 36.18 57.02 -65.65
CA ASP T 210 36.55 57.25 -67.04
C ASP T 210 36.68 55.96 -67.84
N LEU T 211 36.69 54.81 -67.18
CA LEU T 211 36.82 53.53 -67.87
C LEU T 211 35.50 53.15 -68.50
N LYS T 212 35.46 53.05 -69.83
CA LYS T 212 34.20 52.82 -70.53
C LYS T 212 33.78 51.35 -70.50
N ASP T 213 34.74 50.42 -70.42
CA ASP T 213 34.41 49.01 -70.57
C ASP T 213 35.57 48.17 -70.04
N LEU T 214 35.46 47.70 -68.80
CA LEU T 214 36.50 46.87 -68.21
C LEU T 214 36.60 45.52 -68.92
N LYS T 215 35.46 44.93 -69.27
CA LYS T 215 35.47 43.62 -69.94
C LYS T 215 36.28 43.67 -71.22
N SER T 216 36.10 44.73 -72.02
CA SER T 216 36.92 44.91 -73.21
C SER T 216 38.36 45.26 -72.86
N LEU T 217 38.56 46.01 -71.78
CA LEU T 217 39.93 46.33 -71.35
C LEU T 217 40.74 45.07 -71.06
N PHE T 218 40.10 44.04 -70.49
CA PHE T 218 40.77 42.82 -70.10
C PHE T 218 41.06 41.88 -71.27
N GLU T 219 40.73 42.27 -72.50
CA GLU T 219 41.00 41.44 -73.66
C GLU T 219 42.40 41.63 -74.21
N GLY T 220 43.11 42.67 -73.79
CA GLY T 220 44.45 42.92 -74.26
C GLY T 220 45.41 41.83 -73.85
N PRO T 221 46.46 41.63 -74.65
CA PRO T 221 47.43 40.57 -74.33
C PRO T 221 48.15 40.79 -73.01
N GLN T 222 48.12 42.01 -72.47
CA GLN T 222 48.79 42.28 -71.20
C GLN T 222 48.22 41.44 -70.05
N TYR T 223 46.98 40.96 -70.20
CA TYR T 223 46.31 40.22 -69.14
C TYR T 223 46.17 38.73 -69.44
N ALA T 224 47.02 38.18 -70.32
CA ALA T 224 46.91 36.77 -70.67
C ALA T 224 47.06 35.87 -69.44
N ARG T 225 48.10 36.13 -68.64
CA ARG T 225 48.35 35.30 -67.46
C ARG T 225 47.19 35.38 -66.47
N TRP T 226 46.66 36.59 -66.23
CA TRP T 226 45.50 36.73 -65.35
C TRP T 226 44.31 35.95 -65.90
N HIS T 227 44.11 35.99 -67.22
CA HIS T 227 43.02 35.25 -67.85
C HIS T 227 43.13 33.75 -67.58
N SER T 228 44.33 33.19 -67.70
CA SER T 228 44.49 31.77 -67.37
C SER T 228 44.28 31.51 -65.89
N PHE T 229 44.81 32.39 -65.04
CA PHE T 229 44.63 32.25 -63.59
C PHE T 229 43.16 32.14 -63.22
N ARG T 230 42.32 32.97 -63.85
CA ARG T 230 40.87 32.90 -63.59
C ARG T 230 40.27 31.56 -63.98
N GLU T 231 40.93 30.80 -64.85
CA GLU T 231 40.43 29.51 -65.30
C GLU T 231 40.98 28.35 -64.48
N SER T 232 42.05 28.56 -63.72
CA SER T 232 42.52 27.51 -62.83
C SER T 232 41.46 27.16 -61.77
N GLU T 233 41.44 25.88 -61.38
CA GLU T 233 40.50 25.41 -60.36
C GLU T 233 40.92 25.82 -58.96
N ASP T 234 42.14 26.32 -58.78
CA ASP T 234 42.56 26.85 -57.50
C ASP T 234 42.15 28.31 -57.30
N ALA T 235 41.62 28.94 -58.35
CA ALA T 235 41.22 30.35 -58.26
C ALA T 235 40.09 30.57 -57.28
N ARG T 236 39.38 29.51 -56.88
CA ARG T 236 38.30 29.66 -55.91
C ARG T 236 38.79 30.12 -54.55
N TYR T 237 40.09 29.97 -54.26
CA TYR T 237 40.67 30.37 -52.98
C TYR T 237 41.37 31.72 -53.05
N VAL T 238 41.13 32.50 -54.11
CA VAL T 238 41.74 33.81 -54.29
C VAL T 238 40.65 34.87 -54.28
N GLY T 239 40.88 35.95 -53.56
CA GLY T 239 39.94 37.06 -53.52
C GLY T 239 40.63 38.40 -53.44
N LEU T 240 40.41 39.27 -54.43
CA LEU T 240 41.06 40.57 -54.50
C LEU T 240 40.03 41.68 -54.41
N ALA T 241 40.36 42.72 -53.66
CA ALA T 241 39.49 43.88 -53.45
C ALA T 241 39.94 45.05 -54.31
N LEU T 242 39.03 45.99 -54.52
CA LEU T 242 39.25 47.11 -55.42
C LEU T 242 39.79 48.33 -54.66
N PRO T 243 39.02 49.42 -54.60
CA PRO T 243 39.56 50.68 -54.07
C PRO T 243 39.91 50.59 -52.59
N ARG T 244 40.88 51.40 -52.20
CA ARG T 244 41.32 51.47 -50.82
C ARG T 244 40.35 52.34 -50.02
N PHE T 245 40.72 52.68 -48.78
CA PHE T 245 39.80 53.48 -47.98
C PHE T 245 40.59 54.27 -46.94
N LEU T 246 40.09 55.47 -46.63
CA LEU T 246 40.79 56.35 -45.70
C LEU T 246 40.90 55.72 -44.32
N LEU T 247 42.05 55.91 -43.68
CA LEU T 247 42.31 55.45 -42.32
C LEU T 247 42.42 56.58 -41.32
N ARG T 248 42.87 57.76 -41.73
CA ARG T 248 43.07 58.88 -40.82
C ARG T 248 42.56 60.16 -41.46
N LEU T 249 41.88 60.96 -40.65
CA LEU T 249 41.47 62.30 -41.09
C LEU T 249 42.66 63.25 -40.93
N PRO T 250 42.93 64.11 -41.91
CA PRO T 250 44.14 64.94 -41.86
C PRO T 250 44.14 65.86 -40.63
N TYR T 251 45.34 66.12 -40.13
CA TYR T 251 45.48 66.86 -38.88
C TYR T 251 44.93 68.28 -39.01
N GLY T 252 44.20 68.71 -37.99
CA GLY T 252 43.63 70.05 -37.97
C GLY T 252 43.33 70.53 -36.57
N GLU T 253 43.52 71.83 -36.32
CA GLU T 253 43.41 72.37 -34.98
C GLU T 253 42.07 72.09 -34.32
N LYS T 254 41.03 71.82 -35.12
CA LYS T 254 39.70 71.52 -34.61
C LYS T 254 39.36 70.03 -34.73
N THR T 255 39.50 69.47 -35.94
CA THR T 255 39.02 68.11 -36.18
C THR T 255 40.01 67.06 -35.65
N VAL T 256 41.30 67.34 -35.72
CA VAL T 256 42.32 66.37 -35.29
C VAL T 256 43.52 67.13 -34.75
N PRO T 257 43.44 67.71 -33.56
CA PRO T 257 44.54 68.55 -33.09
C PRO T 257 45.65 67.74 -32.46
N VAL T 258 46.82 68.37 -32.36
CA VAL T 258 47.99 67.80 -31.71
C VAL T 258 48.44 68.75 -30.61
N LYS T 259 49.33 68.25 -29.76
CA LYS T 259 49.78 69.00 -28.60
C LYS T 259 50.84 70.02 -28.97
N ALA T 260 50.85 71.14 -28.26
CA ALA T 260 51.89 72.15 -28.41
C ALA T 260 51.88 72.77 -29.80
N PHE T 261 52.58 72.14 -30.75
CA PHE T 261 52.72 72.69 -32.09
C PHE T 261 51.36 72.79 -32.77
N ASN T 262 51.05 73.98 -33.30
CA ASN T 262 49.78 74.21 -33.99
C ASN T 262 49.91 73.71 -35.43
N PHE T 263 49.77 72.40 -35.58
CA PHE T 263 49.95 71.75 -36.87
C PHE T 263 48.63 71.63 -37.61
N THR T 264 48.61 72.08 -38.86
CA THR T 264 47.46 71.95 -39.75
C THR T 264 47.96 71.24 -41.00
N GLU T 265 47.63 69.96 -41.14
CA GLU T 265 48.11 69.18 -42.28
C GLU T 265 47.52 69.72 -43.57
N ASP T 266 48.36 69.86 -44.59
CA ASP T 266 47.98 70.46 -45.87
C ASP T 266 48.05 69.38 -46.94
N VAL T 267 46.90 68.77 -47.25
CA VAL T 267 46.82 67.82 -48.34
C VAL T 267 46.77 68.59 -49.65
N VAL T 268 47.71 68.31 -50.54
CA VAL T 268 47.83 69.04 -51.80
C VAL T 268 46.83 68.47 -52.82
N GLY T 269 47.09 68.71 -54.09
CA GLY T 269 46.22 68.15 -55.13
C GLY T 269 46.31 66.65 -55.23
N HIS T 270 47.40 66.07 -54.72
CA HIS T 270 47.62 64.63 -54.81
C HIS T 270 46.94 63.94 -53.64
N HIS T 271 45.81 63.28 -53.90
CA HIS T 271 45.09 62.53 -52.88
C HIS T 271 45.94 61.44 -52.25
N GLU T 272 47.07 61.07 -52.87
CA GLU T 272 48.02 60.17 -52.25
C GLU T 272 48.58 60.71 -50.94
N ARG T 273 48.40 62.00 -50.66
CA ARG T 273 48.78 62.55 -49.36
C ARG T 273 47.90 61.98 -48.25
N TYR T 274 46.69 61.53 -48.60
CA TYR T 274 45.81 60.92 -47.61
C TYR T 274 46.29 59.53 -47.24
N LEU T 275 46.11 59.16 -45.98
CA LEU T 275 46.56 57.87 -45.46
C LEU T 275 45.56 56.80 -45.88
N TRP T 276 45.77 56.27 -47.09
CA TRP T 276 44.90 55.21 -47.61
C TRP T 276 45.26 53.87 -46.97
N GLY T 277 44.27 53.01 -46.87
CA GLY T 277 44.41 51.72 -46.23
C GLY T 277 43.81 50.62 -47.08
N HIS T 278 44.33 49.40 -46.91
CA HIS T 278 43.96 48.27 -47.75
C HIS T 278 42.61 47.71 -47.31
N ALA T 279 41.65 47.67 -48.23
CA ALA T 279 40.28 47.27 -47.89
C ALA T 279 40.17 45.80 -47.51
N SER T 280 41.19 44.99 -47.81
CA SER T 280 41.19 43.60 -47.39
C SER T 280 40.91 43.46 -45.91
N VAL T 281 41.39 44.41 -45.10
CA VAL T 281 41.15 44.38 -43.66
C VAL T 281 39.66 44.57 -43.36
N ALA T 282 39.00 45.46 -44.10
CA ALA T 282 37.56 45.64 -43.92
C ALA T 282 36.82 44.34 -44.23
N LEU T 283 37.13 43.70 -45.36
CA LEU T 283 36.54 42.39 -45.64
C LEU T 283 36.77 41.41 -44.49
N THR T 284 38.01 41.37 -43.98
CA THR T 284 38.31 40.51 -42.83
C THR T 284 37.42 40.80 -41.64
N SER T 285 37.17 42.08 -41.37
CA SER T 285 36.21 42.43 -40.32
C SER T 285 34.84 41.85 -40.60
N ARG T 286 34.40 41.87 -41.86
CA ARG T 286 33.13 41.23 -42.20
C ARG T 286 33.12 39.76 -41.79
N VAL T 287 34.13 39.00 -42.24
CA VAL T 287 34.21 37.59 -41.86
C VAL T 287 34.18 37.43 -40.34
N ALA T 288 34.94 38.27 -39.64
CA ALA T 288 35.01 38.19 -38.18
C ALA T 288 33.63 38.38 -37.54
N ASP T 289 32.86 39.38 -38.01
CA ASP T 289 31.55 39.61 -37.41
C ASP T 289 30.61 38.43 -37.65
N SER T 290 30.55 37.94 -38.90
CA SER T 290 29.71 36.78 -39.19
C SER T 290 30.04 35.63 -38.25
N PHE T 291 31.34 35.34 -38.05
CA PHE T 291 31.73 34.24 -37.19
C PHE T 291 31.44 34.52 -35.72
N ALA T 292 31.56 35.77 -35.30
CA ALA T 292 31.29 36.12 -33.91
C ALA T 292 29.82 35.92 -33.57
N LYS T 293 28.93 36.14 -34.54
CA LYS T 293 27.50 35.99 -34.28
C LYS T 293 27.04 34.54 -34.43
N PHE T 294 27.52 33.82 -35.46
CA PHE T 294 26.93 32.54 -35.81
C PHE T 294 27.90 31.36 -35.84
N ARG T 295 29.21 31.59 -35.79
CA ARG T 295 30.21 30.53 -35.96
C ARG T 295 30.40 30.12 -37.41
N TRP T 296 29.83 30.90 -38.34
CA TRP T 296 29.96 30.65 -39.77
C TRP T 296 30.17 31.98 -40.46
N SER T 297 30.74 31.94 -41.67
CA SER T 297 31.15 33.13 -42.40
C SER T 297 30.45 33.22 -43.75
N PRO T 298 29.13 33.42 -43.76
CA PRO T 298 28.43 33.58 -45.03
C PRO T 298 27.79 34.95 -45.16
N ASN T 299 27.58 35.62 -44.02
CA ASN T 299 26.86 36.89 -44.00
C ASN T 299 27.87 38.04 -44.08
N ILE T 300 28.31 38.33 -45.30
CA ILE T 300 29.28 39.40 -45.50
C ILE T 300 29.11 40.05 -46.87
N ILE T 301 27.88 40.02 -47.41
CA ILE T 301 27.65 40.56 -48.74
C ILE T 301 26.34 41.34 -48.83
N GLY T 302 26.15 42.32 -47.94
CA GLY T 302 24.96 43.13 -47.99
C GLY T 302 24.96 44.29 -47.01
N PRO T 303 24.30 45.39 -47.38
CA PRO T 303 24.18 46.52 -46.45
C PRO T 303 23.42 46.17 -45.19
N GLN T 304 22.51 45.20 -45.25
CA GLN T 304 21.81 44.70 -44.08
C GLN T 304 22.23 43.30 -43.67
N SER T 305 22.77 42.50 -44.59
CA SER T 305 23.15 41.14 -44.28
C SER T 305 24.39 41.08 -43.39
N GLY T 306 25.29 42.04 -43.51
CA GLY T 306 26.50 42.02 -42.70
C GLY T 306 27.75 42.35 -43.48
N GLY T 307 27.58 42.75 -44.74
CA GLY T 307 28.67 43.24 -45.55
C GLY T 307 28.84 44.74 -45.53
N ALA T 308 28.21 45.44 -44.59
CA ALA T 308 28.30 46.89 -44.49
C ALA T 308 29.46 47.27 -43.57
N VAL T 309 30.29 48.20 -44.03
CA VAL T 309 31.36 48.77 -43.22
C VAL T 309 30.88 50.13 -42.76
N GLU T 310 30.72 50.30 -41.45
CA GLU T 310 30.19 51.52 -40.87
C GLU T 310 31.30 52.29 -40.16
N ASN T 311 31.09 53.60 -40.05
CA ASN T 311 32.01 54.47 -39.32
C ASN T 311 33.26 54.78 -40.13
N LEU T 312 33.08 55.32 -41.34
CA LEU T 312 34.25 55.68 -42.14
C LEU T 312 34.65 57.12 -41.85
N PRO T 313 35.95 57.44 -41.97
CA PRO T 313 36.38 58.80 -41.73
C PRO T 313 35.87 59.74 -42.82
N LEU T 314 35.62 60.99 -42.43
CA LEU T 314 35.13 62.02 -43.33
C LEU T 314 36.05 63.23 -43.25
N HIS T 315 36.00 64.06 -44.29
CA HIS T 315 36.90 65.22 -44.35
C HIS T 315 36.25 66.28 -45.26
N GLN T 316 35.57 67.23 -44.64
CA GLN T 316 34.97 68.34 -45.37
C GLN T 316 36.02 69.42 -45.58
N TYR T 317 36.06 69.96 -46.80
CA TYR T 317 37.01 71.00 -47.17
C TYR T 317 36.41 71.80 -48.32
N GLU T 318 36.99 72.97 -48.59
CA GLU T 318 36.40 73.89 -49.56
C GLU T 318 36.53 73.34 -50.98
N ALA T 319 35.48 73.52 -51.76
CA ALA T 319 35.44 73.11 -53.16
C ALA T 319 35.53 74.37 -54.04
N MET T 320 34.65 74.57 -55.01
CA MET T 320 34.64 75.79 -55.81
C MET T 320 33.82 76.90 -55.18
N GLY T 321 34.05 77.18 -53.89
CA GLY T 321 33.24 78.12 -53.14
C GLY T 321 32.25 77.45 -52.22
N GLU T 322 31.93 76.19 -52.47
CA GLU T 322 31.23 75.37 -51.49
C GLU T 322 32.25 74.56 -50.69
N ILE T 323 31.77 73.59 -49.92
CA ILE T 323 32.59 72.68 -49.13
C ILE T 323 32.06 71.26 -49.25
N GLN T 324 32.93 70.34 -49.67
CA GLN T 324 32.55 68.95 -49.92
C GLN T 324 33.50 68.02 -49.15
N THR T 325 33.08 66.76 -49.04
CA THR T 325 33.76 65.77 -48.23
C THR T 325 34.55 64.80 -49.10
N LYS T 326 35.81 64.58 -48.73
CA LYS T 326 36.64 63.60 -49.42
C LYS T 326 36.01 62.23 -49.23
N ILE T 327 35.73 61.56 -50.36
CA ILE T 327 35.04 60.27 -50.29
C ILE T 327 35.92 59.27 -49.54
N PRO T 328 35.37 58.52 -48.59
CA PRO T 328 36.19 57.53 -47.86
C PRO T 328 36.89 56.54 -48.76
N THR T 329 36.25 56.15 -49.86
CA THR T 329 36.91 55.45 -50.95
C THR T 329 37.27 56.45 -52.04
N GLU T 330 38.26 56.08 -52.84
CA GLU T 330 38.77 57.00 -53.85
C GLU T 330 37.67 57.54 -54.76
N VAL T 331 36.69 56.70 -55.09
CA VAL T 331 35.61 57.08 -55.98
C VAL T 331 34.28 56.60 -55.41
N MET T 332 33.20 57.17 -55.94
CA MET T 332 31.83 56.79 -55.57
C MET T 332 31.35 55.86 -56.69
N LEU T 333 31.47 54.55 -56.45
CA LEU T 333 31.18 53.58 -57.48
C LEU T 333 29.68 53.46 -57.71
N THR T 334 29.28 53.54 -58.98
CA THR T 334 27.87 53.35 -59.33
C THR T 334 27.55 51.87 -59.44
N GLU T 335 26.25 51.56 -59.46
CA GLU T 335 25.80 50.18 -59.48
C GLU T 335 26.31 49.44 -60.72
N ARG T 336 26.30 50.10 -61.87
CA ARG T 336 26.76 49.45 -63.10
C ARG T 336 28.24 49.15 -63.04
N ARG T 337 29.05 50.10 -62.57
CA ARG T 337 30.49 49.88 -62.46
C ARG T 337 30.79 48.76 -61.46
N GLU T 338 30.10 48.76 -60.32
CA GLU T 338 30.28 47.69 -59.35
C GLU T 338 29.92 46.34 -59.96
N PHE T 339 28.85 46.30 -60.75
CA PHE T 339 28.46 45.06 -61.41
C PHE T 339 29.54 44.59 -62.39
N GLU T 340 30.12 45.52 -63.14
CA GLU T 340 31.20 45.17 -64.06
C GLU T 340 32.39 44.59 -63.30
N LEU T 341 32.80 45.26 -62.22
CA LEU T 341 33.90 44.73 -61.40
C LEU T 341 33.58 43.35 -60.86
N SER T 342 32.32 43.12 -60.47
CA SER T 342 31.93 41.79 -60.00
C SER T 342 32.03 40.75 -61.11
N GLU T 343 31.65 41.12 -62.33
CA GLU T 343 31.83 40.22 -63.47
C GLU T 343 33.30 39.92 -63.72
N GLU T 344 34.18 40.88 -63.38
CA GLU T 344 35.63 40.70 -63.52
C GLU T 344 36.27 40.06 -62.29
N GLY T 345 35.46 39.50 -61.38
CA GLY T 345 35.99 38.81 -60.23
C GLY T 345 36.67 39.69 -59.20
N PHE T 346 36.24 40.94 -59.06
CA PHE T 346 36.79 41.87 -58.09
C PHE T 346 35.77 42.12 -56.98
N ILE T 347 36.29 42.37 -55.78
CA ILE T 347 35.46 42.64 -54.61
C ILE T 347 35.50 44.15 -54.39
N GLY T 348 34.52 44.84 -54.94
CA GLY T 348 34.48 46.30 -54.83
C GLY T 348 33.71 46.80 -53.63
N LEU T 349 34.38 47.51 -52.74
CA LEU T 349 33.73 48.14 -51.59
C LEU T 349 33.13 49.45 -52.07
N VAL T 350 31.80 49.48 -52.18
CA VAL T 350 31.11 50.66 -52.71
C VAL T 350 30.79 51.63 -51.58
N PHE T 351 30.83 52.92 -51.89
CA PHE T 351 30.58 53.98 -50.92
C PHE T 351 29.12 54.39 -50.98
N ARG T 352 28.46 54.44 -49.83
CA ARG T 352 27.07 54.86 -49.74
C ARG T 352 27.04 56.36 -49.94
N LYS T 353 26.40 56.80 -51.03
CA LYS T 353 26.40 58.20 -51.45
C LYS T 353 26.16 59.11 -50.26
N ASP T 354 27.15 59.94 -49.94
CA ASP T 354 27.14 60.74 -48.74
C ASP T 354 26.75 59.95 -47.51
N SER T 355 27.61 59.03 -47.08
CA SER T 355 27.47 58.38 -45.79
C SER T 355 28.84 58.44 -45.15
N ASP T 356 28.99 57.78 -44.00
CA ASP T 356 30.26 57.20 -43.60
C ASP T 356 30.20 55.69 -43.72
N ASN T 357 29.38 55.21 -44.65
CA ASN T 357 29.05 53.80 -44.78
C ASN T 357 29.38 53.29 -46.18
N ALA T 358 30.03 52.13 -46.23
CA ALA T 358 30.29 51.42 -47.47
C ALA T 358 29.68 50.03 -47.38
N ALA T 359 29.70 49.30 -48.49
CA ALA T 359 29.09 47.98 -48.54
C ALA T 359 29.79 47.11 -49.58
N PHE T 360 29.87 45.82 -49.28
CA PHE T 360 30.35 44.82 -50.22
C PHE T 360 29.10 44.09 -50.73
N PHE T 361 28.72 44.39 -51.97
CA PHE T 361 27.50 43.80 -52.52
C PHE T 361 27.68 42.32 -52.83
N SER T 362 28.91 41.87 -53.04
CA SER T 362 29.16 40.48 -53.40
C SER T 362 30.63 40.17 -53.16
N ALA T 363 30.91 38.90 -52.91
CA ALA T 363 32.28 38.45 -52.70
C ALA T 363 32.63 37.31 -53.65
N ASN T 364 32.61 37.59 -54.95
CA ASN T 364 33.00 36.58 -55.92
C ASN T 364 34.51 36.37 -55.87
N SER T 365 34.93 35.13 -56.10
CA SER T 365 36.35 34.82 -56.15
C SER T 365 36.92 35.22 -57.51
N THR T 366 38.22 34.98 -57.69
CA THR T 366 38.83 35.29 -58.98
C THR T 366 38.37 34.34 -60.07
N GLN T 367 37.92 33.14 -59.69
CA GLN T 367 37.57 32.11 -60.66
C GLN T 367 36.41 32.57 -61.55
N LYS T 368 36.55 32.33 -62.85
CA LYS T 368 35.51 32.69 -63.81
C LYS T 368 34.55 31.51 -63.98
N PRO T 369 33.25 31.75 -64.01
CA PRO T 369 32.31 30.63 -64.14
C PRO T 369 32.36 30.02 -65.54
N ARG T 370 32.06 28.73 -65.60
CA ARG T 370 32.05 28.01 -66.86
C ARG T 370 30.63 27.93 -67.40
N PHE T 371 30.52 27.92 -68.73
CA PHE T 371 29.24 27.83 -69.41
C PHE T 371 29.03 26.41 -69.92
N PHE T 372 27.80 25.92 -69.76
CA PHE T 372 27.43 24.58 -70.19
C PHE T 372 26.23 24.66 -71.13
N GLY T 373 25.96 23.54 -71.80
CA GLY T 373 24.83 23.50 -72.72
C GLY T 373 23.52 23.76 -71.99
N ASN T 374 22.64 24.48 -72.67
CA ASN T 374 21.35 24.89 -72.09
C ASN T 374 20.36 23.71 -72.16
N THR T 375 20.62 22.74 -71.30
CA THR T 375 19.72 21.62 -71.05
C THR T 375 19.52 21.54 -69.54
N PRO T 376 18.61 20.68 -69.07
CA PRO T 376 18.44 20.57 -67.61
C PRO T 376 19.73 20.22 -66.87
N GLU T 377 20.43 19.18 -67.33
CA GLU T 377 21.68 18.79 -66.70
C GLU T 377 22.74 19.88 -66.85
N GLY T 378 22.82 20.51 -68.02
CA GLY T 378 23.82 21.55 -68.22
C GLY T 378 23.62 22.75 -67.31
N LYS T 379 22.36 23.21 -67.18
CA LYS T 379 22.06 24.30 -66.25
C LYS T 379 22.32 23.90 -64.81
N ALA T 380 22.03 22.64 -64.45
CA ALA T 380 22.41 22.17 -63.11
C ALA T 380 23.91 22.29 -62.89
N ALA T 381 24.70 21.88 -63.89
CA ALA T 381 26.16 21.99 -63.79
C ALA T 381 26.58 23.45 -63.61
N GLU T 382 25.97 24.36 -64.38
CA GLU T 382 26.27 25.77 -64.22
C GLU T 382 26.00 26.24 -62.79
N THR T 383 24.85 25.87 -62.23
CA THR T 383 24.51 26.28 -60.87
C THR T 383 25.57 25.82 -59.87
N ASN T 384 25.90 24.53 -59.90
CA ASN T 384 26.92 24.02 -58.99
C ASN T 384 28.23 24.78 -59.13
N TYR T 385 28.71 24.95 -60.37
CA TYR T 385 29.98 25.64 -60.60
C TYR T 385 29.98 27.05 -60.02
N ARG T 386 28.93 27.84 -60.29
CA ARG T 386 28.89 29.20 -59.75
C ARG T 386 28.90 29.19 -58.22
N LEU T 387 28.08 28.32 -57.62
CA LEU T 387 28.17 28.10 -56.18
C LEU T 387 29.63 27.93 -55.75
N GLY T 388 30.39 27.11 -56.48
CA GLY T 388 31.81 27.00 -56.20
C GLY T 388 32.56 28.31 -56.35
N THR T 389 32.17 29.14 -57.32
CA THR T 389 32.85 30.40 -57.60
C THR T 389 32.60 31.46 -56.54
N GLN T 390 31.61 31.26 -55.66
CA GLN T 390 31.25 32.25 -54.66
C GLN T 390 31.90 31.96 -53.31
N LEU T 391 32.59 32.97 -52.77
CA LEU T 391 33.20 32.81 -51.45
C LEU T 391 32.19 32.63 -50.33
N PRO T 392 31.00 33.26 -50.38
CA PRO T 392 30.02 33.09 -49.29
C PRO T 392 29.59 31.65 -49.04
N TYR T 393 29.72 30.79 -50.04
CA TYR T 393 29.51 29.36 -49.86
C TYR T 393 30.82 28.60 -49.68
N MET T 394 31.88 29.04 -50.36
CA MET T 394 33.20 28.45 -50.12
C MET T 394 33.54 28.42 -48.64
N PHE T 395 33.14 29.44 -47.88
CA PHE T 395 33.43 29.47 -46.46
C PHE T 395 32.73 28.34 -45.70
N ILE T 396 31.46 28.06 -46.03
CA ILE T 396 30.79 26.92 -45.45
C ILE T 396 31.54 25.63 -45.76
N MET T 397 31.94 25.45 -47.02
CA MET T 397 32.72 24.27 -47.38
C MET T 397 33.99 24.15 -46.55
N THR T 398 34.69 25.28 -46.33
CA THR T 398 35.96 25.24 -45.61
C THR T 398 35.77 24.88 -44.15
N ARG T 399 34.77 25.49 -43.50
CA ARG T 399 34.46 25.11 -42.12
C ARG T 399 34.15 23.63 -42.01
N LEU T 400 33.36 23.12 -42.97
CA LEU T 400 33.03 21.69 -42.97
C LEU T 400 34.28 20.84 -43.06
N ALA T 401 35.23 21.21 -43.93
CA ALA T 401 36.46 20.44 -44.06
C ALA T 401 37.27 20.44 -42.76
N HIS T 402 37.39 21.59 -42.10
CA HIS T 402 38.10 21.63 -40.83
C HIS T 402 37.46 20.69 -39.81
N TYR T 403 36.13 20.80 -39.63
CA TYR T 403 35.44 19.94 -38.68
C TYR T 403 35.63 18.47 -39.02
N ILE T 404 35.61 18.12 -40.30
CA ILE T 404 35.75 16.73 -40.71
C ILE T 404 37.13 16.20 -40.35
N LYS T 405 38.18 16.93 -40.72
CA LYS T 405 39.54 16.52 -40.35
C LYS T 405 39.64 16.29 -38.84
N VAL T 406 39.35 17.33 -38.06
CA VAL T 406 39.50 17.25 -36.60
C VAL T 406 38.73 16.06 -36.04
N LEU T 407 37.41 16.03 -36.27
CA LEU T 407 36.54 15.04 -35.63
C LEU T 407 36.83 13.62 -36.09
N GLN T 408 37.24 13.43 -37.34
CA GLN T 408 37.53 12.07 -37.82
C GLN T 408 38.82 11.54 -37.23
N ARG T 409 39.83 12.40 -37.08
CA ARG T 409 41.05 11.99 -36.40
C ARG T 409 40.75 11.29 -35.07
N GLU T 410 39.77 11.81 -34.31
CA GLU T 410 39.44 11.21 -33.01
C GLU T 410 38.74 9.86 -33.15
N GLN T 411 38.15 9.59 -34.31
CA GLN T 411 37.45 8.33 -34.54
C GLN T 411 38.36 7.25 -35.11
N ILE T 412 39.54 7.62 -35.63
CA ILE T 412 40.49 6.62 -36.10
C ILE T 412 40.75 5.58 -35.00
N GLY T 413 40.63 4.30 -35.36
CA GLY T 413 40.84 3.21 -34.44
C GLY T 413 39.58 2.54 -33.95
N SER T 414 38.42 3.18 -34.11
CA SER T 414 37.17 2.61 -33.65
C SER T 414 36.66 1.55 -34.62
N TRP T 415 35.78 0.69 -34.13
CA TRP T 415 35.22 -0.41 -34.92
C TRP T 415 34.12 0.16 -35.82
N LYS T 416 34.51 0.56 -37.02
CA LYS T 416 33.61 1.24 -37.94
C LYS T 416 33.49 0.41 -39.22
N GLU T 417 32.27 -0.02 -39.52
CA GLU T 417 31.93 -0.56 -40.82
C GLU T 417 31.37 0.57 -41.70
N LYS T 418 31.26 0.30 -43.00
CA LYS T 418 30.84 1.33 -43.95
C LYS T 418 29.52 1.95 -43.56
N SER T 419 28.48 1.12 -43.35
CA SER T 419 27.19 1.61 -42.89
C SER T 419 27.28 2.38 -41.58
N ASP T 420 28.19 1.98 -40.68
CA ASP T 420 28.43 2.77 -39.47
C ASP T 420 28.89 4.18 -39.83
N LEU T 421 29.84 4.29 -40.77
CA LEU T 421 30.24 5.61 -41.26
C LEU T 421 29.04 6.38 -41.80
N GLU T 422 28.18 5.71 -42.59
CA GLU T 422 27.01 6.38 -43.16
C GLU T 422 26.11 6.94 -42.07
N ARG T 423 25.74 6.12 -41.08
CA ARG T 423 24.81 6.56 -40.04
C ARG T 423 25.40 7.70 -39.23
N GLU T 424 26.63 7.53 -38.74
CA GLU T 424 27.24 8.57 -37.90
C GLU T 424 27.38 9.88 -38.66
N LEU T 425 27.88 9.82 -39.89
CA LEU T 425 28.10 11.05 -40.66
C LEU T 425 26.78 11.76 -40.95
N ASN T 426 25.72 11.01 -41.26
CA ASN T 426 24.41 11.63 -41.45
C ASN T 426 23.98 12.35 -40.18
N HIS T 427 24.00 11.65 -39.04
CA HIS T 427 23.60 12.26 -37.78
C HIS T 427 24.41 13.51 -37.47
N TRP T 428 25.69 13.53 -37.86
CA TRP T 428 26.53 14.70 -37.58
C TRP T 428 26.18 15.86 -38.50
N LEU T 429 26.07 15.59 -39.81
CA LEU T 429 25.76 16.65 -40.76
C LEU T 429 24.43 17.31 -40.47
N SER T 430 23.46 16.55 -39.93
CA SER T 430 22.16 17.12 -39.60
C SER T 430 22.27 18.30 -38.64
N GLN T 431 23.38 18.40 -37.90
CA GLN T 431 23.52 19.44 -36.88
C GLN T 431 23.52 20.85 -37.48
N TYR T 432 23.92 20.99 -38.74
CA TYR T 432 23.98 22.29 -39.40
C TYR T 432 22.94 22.44 -40.50
N ILE T 433 21.85 21.68 -40.43
CA ILE T 433 20.83 21.67 -41.46
C ILE T 433 19.57 22.33 -40.91
N SER T 434 18.99 23.23 -41.69
CA SER T 434 17.72 23.88 -41.38
C SER T 434 16.77 23.61 -42.53
N ASP T 435 16.02 22.52 -42.48
CA ASP T 435 15.11 22.18 -43.58
C ASP T 435 13.62 22.28 -43.26
N MET T 436 13.09 23.44 -42.86
CA MET T 436 11.68 23.53 -42.45
C MET T 436 10.79 24.19 -43.52
N ASP T 437 9.83 25.00 -43.06
CA ASP T 437 8.93 25.67 -43.99
C ASP T 437 9.37 27.09 -44.26
N ASP T 438 9.26 27.89 -43.32
CA ASP T 438 9.88 29.20 -43.77
C ASP T 438 10.93 29.76 -42.82
N PRO T 439 12.15 29.88 -43.27
CA PRO T 439 13.23 30.10 -42.35
C PRO T 439 13.24 31.47 -41.72
N ALA T 440 13.38 31.43 -40.37
CA ALA T 440 13.84 32.55 -39.56
C ALA T 440 14.90 33.33 -40.32
N PRO T 441 14.52 34.39 -41.00
CA PRO T 441 15.43 35.02 -41.96
C PRO T 441 16.69 35.46 -41.25
N ALA T 442 17.83 35.08 -41.82
CA ALA T 442 19.10 35.32 -41.17
C ALA T 442 19.25 34.50 -39.89
N VAL T 443 18.42 33.45 -39.75
CA VAL T 443 18.58 32.43 -38.72
C VAL T 443 19.11 31.13 -39.31
N ARG T 444 18.84 30.87 -40.59
CA ARG T 444 19.56 29.85 -41.33
C ARG T 444 21.00 30.31 -41.49
N SER T 445 21.30 31.49 -40.94
CA SER T 445 22.69 31.91 -40.80
C SER T 445 23.47 30.92 -39.93
N ARG T 446 22.94 30.57 -38.76
CA ARG T 446 23.62 29.61 -37.89
C ARG T 446 23.58 28.20 -38.45
N ARG T 447 22.58 27.89 -39.29
CA ARG T 447 22.44 26.59 -39.95
C ARG T 447 22.44 26.85 -41.45
N PRO T 448 23.62 27.01 -42.05
CA PRO T 448 23.66 27.48 -43.44
C PRO T 448 23.19 26.46 -44.47
N LEU T 449 23.12 25.19 -44.09
CA LEU T 449 22.73 24.14 -45.02
C LEU T 449 21.22 23.91 -44.99
N ARG T 450 20.67 23.64 -46.17
CA ARG T 450 19.28 23.21 -46.32
C ARG T 450 19.14 21.71 -46.56
N ALA T 451 20.03 21.13 -47.36
CA ALA T 451 20.00 19.70 -47.62
C ALA T 451 21.44 19.17 -47.66
N ALA T 452 21.56 17.85 -47.50
CA ALA T 452 22.88 17.23 -47.52
C ALA T 452 22.72 15.73 -47.74
N ARG T 453 23.66 15.17 -48.51
CA ARG T 453 23.67 13.76 -48.85
C ARG T 453 25.08 13.22 -48.69
N VAL T 454 25.18 12.03 -48.08
CA VAL T 454 26.46 11.39 -47.80
C VAL T 454 26.38 9.94 -48.27
N VAL T 455 27.41 9.51 -49.00
CA VAL T 455 27.53 8.14 -49.48
C VAL T 455 28.90 7.62 -49.10
N VAL T 456 28.98 6.37 -48.66
CA VAL T 456 30.22 5.78 -48.19
C VAL T 456 30.42 4.43 -48.89
N GLU T 457 31.57 4.28 -49.53
CA GLU T 457 31.96 3.03 -50.14
C GLU T 457 33.26 2.56 -49.51
N ASP T 458 33.64 1.33 -49.83
CA ASP T 458 34.94 0.81 -49.43
C ASP T 458 35.89 0.87 -50.62
N VAL T 459 37.11 1.35 -50.36
CA VAL T 459 38.19 1.26 -51.36
C VAL T 459 38.62 -0.21 -51.36
N GLU T 460 38.57 -0.91 -52.47
CA GLU T 460 38.94 -2.31 -52.35
C GLU T 460 40.44 -2.51 -52.47
N GLY T 461 40.95 -3.42 -51.66
CA GLY T 461 42.29 -3.99 -51.88
C GLY T 461 43.15 -4.06 -50.62
N GLN T 462 42.54 -3.93 -49.46
CA GLN T 462 43.18 -4.04 -48.15
C GLN T 462 42.24 -3.24 -47.28
N PRO T 463 41.93 -3.69 -46.05
CA PRO T 463 40.62 -3.37 -45.39
C PRO T 463 40.48 -2.62 -44.02
N GLY T 464 39.75 -1.48 -44.05
CA GLY T 464 39.43 -0.67 -42.90
C GLY T 464 39.25 0.83 -43.17
N TRP T 465 39.32 1.29 -44.42
CA TRP T 465 39.22 2.71 -44.79
C TRP T 465 38.29 2.83 -45.99
N TYR T 466 37.73 4.02 -46.21
CA TYR T 466 36.59 4.14 -47.11
C TYR T 466 36.67 5.39 -47.99
N ARG T 467 35.75 5.46 -48.95
CA ARG T 467 35.65 6.62 -49.83
C ARG T 467 34.31 7.28 -49.54
N CYS T 468 34.33 8.52 -49.07
CA CYS T 468 33.15 9.23 -48.64
C CYS T 468 32.86 10.38 -49.59
N SER T 469 31.59 10.55 -49.94
CA SER T 469 31.11 11.63 -50.79
C SER T 469 30.08 12.42 -50.01
N LEU T 470 30.30 13.72 -49.89
CA LEU T 470 29.41 14.62 -49.15
C LEU T 470 29.04 15.77 -50.06
N GLN T 471 27.74 15.90 -50.35
CA GLN T 471 27.22 16.96 -51.20
C GLN T 471 26.19 17.74 -50.41
N VAL T 472 26.24 19.07 -50.51
CA VAL T 472 25.41 19.93 -49.68
C VAL T 472 24.68 20.95 -50.54
N ARG T 473 23.45 21.26 -50.13
CA ARG T 473 22.64 22.31 -50.74
C ARG T 473 22.43 23.38 -49.68
N PRO T 474 23.14 24.50 -49.75
CA PRO T 474 22.96 25.56 -48.75
C PRO T 474 21.92 26.57 -49.19
N HIS T 475 21.51 27.40 -48.25
CA HIS T 475 20.52 28.43 -48.53
C HIS T 475 21.09 29.47 -49.48
N PHE T 476 20.21 29.99 -50.35
CA PHE T 476 20.63 30.96 -51.36
C PHE T 476 20.60 32.39 -50.82
N LEU U 30 -14.35 14.13 -50.91
CA LEU U 30 -14.40 14.49 -52.32
C LEU U 30 -15.23 15.74 -52.54
N PRO U 31 -14.62 16.75 -53.18
CA PRO U 31 -15.37 17.98 -53.47
C PRO U 31 -16.45 17.74 -54.51
N LEU U 32 -17.35 18.72 -54.62
CA LEU U 32 -18.41 18.69 -55.63
C LEU U 32 -17.98 19.64 -56.74
N LYS U 33 -17.48 19.08 -57.84
CA LYS U 33 -16.94 19.86 -58.96
C LYS U 33 -17.92 19.80 -60.12
N VAL U 34 -18.28 20.96 -60.64
CA VAL U 34 -19.21 21.08 -61.77
C VAL U 34 -18.46 21.65 -62.96
N LEU U 35 -18.86 21.21 -64.15
CA LEU U 35 -18.26 21.65 -65.41
C LEU U 35 -19.32 22.41 -66.19
N MET U 36 -19.13 23.72 -66.33
CA MET U 36 -20.02 24.56 -67.13
C MET U 36 -19.44 24.65 -68.53
N LEU U 37 -20.13 24.05 -69.49
CA LEU U 37 -19.70 24.06 -70.89
C LEU U 37 -20.65 24.93 -71.67
N GLY U 38 -20.11 25.87 -72.44
CA GLY U 38 -20.97 26.76 -73.21
C GLY U 38 -20.17 27.76 -74.02
N ASP U 39 -20.92 28.53 -74.82
CA ASP U 39 -20.34 29.51 -75.75
C ASP U 39 -20.20 30.84 -75.03
N PHE U 40 -19.10 30.97 -74.30
CA PHE U 40 -18.83 32.17 -73.52
C PHE U 40 -18.16 33.27 -74.33
N THR U 41 -17.81 33.01 -75.59
CA THR U 41 -17.18 34.00 -76.45
C THR U 41 -18.05 34.26 -77.67
N GLY U 42 -17.73 35.33 -78.39
CA GLY U 42 -18.46 35.67 -79.59
C GLY U 42 -18.08 34.89 -80.83
N GLN U 43 -17.14 33.95 -80.71
CA GLN U 43 -16.72 33.16 -81.86
C GLN U 43 -16.11 31.86 -81.37
N GLU U 44 -16.11 30.86 -82.24
CA GLU U 44 -15.46 29.61 -81.91
C GLU U 44 -13.94 29.75 -82.01
N ASP U 45 -13.25 28.95 -81.23
CA ASP U 45 -11.80 28.82 -81.36
C ASP U 45 -11.45 27.69 -82.31
N ALA U 46 -10.41 27.91 -83.12
CA ALA U 46 -9.87 26.81 -83.92
C ALA U 46 -9.13 25.78 -83.07
N ARG U 47 -8.86 26.07 -81.79
CA ARG U 47 -8.17 25.15 -80.90
C ARG U 47 -8.96 23.87 -80.70
N PRO U 48 -8.34 22.69 -80.90
CA PRO U 48 -9.04 21.42 -80.64
C PRO U 48 -9.70 21.40 -79.27
N LEU U 49 -10.84 20.70 -79.18
CA LEU U 49 -11.72 20.85 -78.03
C LEU U 49 -10.98 20.57 -76.74
N GLU U 50 -10.21 19.48 -76.70
CA GLU U 50 -9.47 19.16 -75.50
C GLU U 50 -8.15 19.91 -75.38
N GLN U 51 -7.53 20.29 -76.50
CA GLN U 51 -6.43 21.25 -76.47
C GLN U 51 -6.72 22.49 -75.61
N ARG U 52 -7.85 23.14 -75.84
CA ARG U 52 -8.25 24.22 -74.96
C ARG U 52 -8.47 23.69 -73.55
N ALA U 53 -8.14 24.51 -72.56
CA ALA U 53 -8.18 24.07 -71.18
C ALA U 53 -9.37 24.65 -70.44
N PRO U 54 -9.80 24.02 -69.35
CA PRO U 54 -10.86 24.62 -68.54
C PRO U 54 -10.29 25.62 -67.55
N ILE U 55 -11.15 26.48 -67.04
CA ILE U 55 -10.74 27.56 -66.13
C ILE U 55 -11.48 27.41 -64.82
N ASN U 56 -10.74 27.40 -63.71
CA ASN U 56 -11.34 27.32 -62.39
C ASN U 56 -11.87 28.68 -61.98
N VAL U 57 -13.14 28.73 -61.56
CA VAL U 57 -13.83 29.98 -61.27
C VAL U 57 -14.32 29.97 -59.82
N ASP U 58 -14.21 31.12 -59.17
CA ASP U 58 -14.65 31.28 -57.80
C ASP U 58 -14.96 32.75 -57.56
N LYS U 59 -15.57 33.03 -56.40
CA LYS U 59 -16.05 34.37 -56.11
C LYS U 59 -14.91 35.39 -56.03
N ALA U 60 -13.70 34.94 -55.70
CA ALA U 60 -12.55 35.83 -55.52
C ALA U 60 -11.77 36.09 -56.80
N ASN U 61 -12.29 35.69 -57.95
CA ASN U 61 -11.54 35.90 -59.20
C ASN U 61 -12.40 35.83 -60.45
N PHE U 62 -13.73 35.92 -60.30
CA PHE U 62 -14.61 35.82 -61.46
C PHE U 62 -14.31 36.93 -62.47
N ASN U 63 -14.25 38.17 -61.99
CA ASN U 63 -13.96 39.30 -62.88
C ASN U 63 -12.61 39.12 -63.56
N GLU U 64 -11.60 38.66 -62.80
CA GLU U 64 -10.29 38.39 -63.39
C GLU U 64 -10.39 37.35 -64.49
N VAL U 65 -11.26 36.35 -64.30
CA VAL U 65 -11.47 35.33 -65.33
C VAL U 65 -12.08 35.95 -66.58
N MET U 66 -13.03 36.87 -66.40
CA MET U 66 -13.58 37.58 -67.55
C MET U 66 -12.50 38.36 -68.29
N ALA U 67 -11.72 39.16 -67.56
CA ALA U 67 -10.69 39.98 -68.18
C ALA U 67 -9.67 39.13 -68.93
N GLN U 68 -9.25 38.00 -68.34
CA GLN U 68 -8.28 37.13 -69.01
C GLN U 68 -8.90 36.41 -70.20
N GLN U 69 -10.20 36.09 -70.13
CA GLN U 69 -10.87 35.45 -71.26
C GLN U 69 -11.00 36.42 -72.44
N ASN U 70 -11.19 37.71 -72.17
CA ASN U 70 -11.20 38.72 -73.22
C ASN U 70 -12.43 38.62 -74.10
N LEU U 71 -13.44 39.47 -73.86
CA LEU U 71 -14.71 39.40 -74.56
C LEU U 71 -14.77 40.45 -75.67
N LYS U 72 -15.30 40.05 -76.82
CA LYS U 72 -15.40 40.97 -77.95
C LYS U 72 -16.62 40.61 -78.79
N VAL U 73 -17.34 41.63 -79.24
CA VAL U 73 -18.55 41.46 -80.04
C VAL U 73 -18.47 42.43 -81.21
N THR U 74 -18.38 41.88 -82.43
CA THR U 74 -18.44 42.67 -83.66
C THR U 74 -19.81 42.40 -84.27
N LEU U 75 -20.67 43.42 -84.26
CA LEU U 75 -22.05 43.19 -84.67
C LEU U 75 -22.64 44.47 -85.25
N THR U 76 -23.67 44.30 -86.08
CA THR U 76 -24.35 45.40 -86.75
C THR U 76 -25.80 45.45 -86.32
N ALA U 77 -26.25 46.63 -85.90
CA ALA U 77 -27.64 46.87 -85.55
C ALA U 77 -28.17 48.01 -86.41
N ALA U 78 -29.50 48.13 -86.41
CA ALA U 78 -30.15 49.18 -87.19
C ALA U 78 -29.76 50.55 -86.64
N ASP U 79 -29.41 51.46 -87.54
CA ASP U 79 -28.98 52.81 -87.16
C ASP U 79 -30.23 53.68 -87.00
N LYS U 80 -30.67 53.88 -85.75
CA LYS U 80 -31.84 54.67 -85.44
C LYS U 80 -31.51 56.10 -85.08
N LEU U 81 -30.29 56.54 -85.35
CA LEU U 81 -29.91 57.94 -85.16
C LEU U 81 -30.30 58.82 -86.33
N SER U 82 -30.87 58.24 -87.38
CA SER U 82 -31.37 58.99 -88.53
C SER U 82 -32.70 58.39 -88.96
N ALA U 83 -33.17 58.76 -90.15
CA ALA U 83 -34.44 58.26 -90.69
C ALA U 83 -34.24 57.52 -92.00
N ASP U 84 -33.25 56.63 -92.05
CA ASP U 84 -32.92 55.90 -93.26
C ASP U 84 -32.95 54.41 -92.96
N PRO U 85 -33.81 53.63 -93.62
CA PRO U 85 -33.83 52.18 -93.34
C PRO U 85 -32.60 51.46 -93.82
N ASN U 86 -31.86 52.04 -94.77
CA ASN U 86 -30.60 51.46 -95.23
C ASN U 86 -29.41 51.81 -94.36
N ALA U 87 -29.62 52.66 -93.34
CA ALA U 87 -28.54 53.05 -92.44
C ALA U 87 -28.34 51.97 -91.39
N THR U 88 -27.11 51.46 -91.29
CA THR U 88 -26.76 50.44 -90.32
C THR U 88 -25.52 50.89 -89.55
N MET U 89 -25.41 50.41 -88.32
CA MET U 89 -24.32 50.79 -87.43
C MET U 89 -23.59 49.53 -86.98
N ASN U 90 -22.29 49.47 -87.25
CA ASN U 90 -21.45 48.35 -86.84
C ASN U 90 -20.62 48.76 -85.63
N VAL U 91 -20.64 47.92 -84.59
CA VAL U 91 -19.98 48.20 -83.33
C VAL U 91 -19.05 47.05 -82.98
N SER U 92 -17.97 47.38 -82.26
CA SER U 92 -16.99 46.41 -81.78
C SER U 92 -16.84 46.64 -80.28
N LEU U 93 -17.67 45.95 -79.49
CA LEU U 93 -17.64 46.09 -78.05
C LEU U 93 -16.62 45.13 -77.44
N GLN U 94 -16.03 45.54 -76.32
CA GLN U 94 -15.03 44.76 -75.61
C GLN U 94 -15.42 44.67 -74.14
N PHE U 95 -15.24 43.49 -73.56
CA PHE U 95 -15.68 43.21 -72.20
C PHE U 95 -14.54 42.59 -71.40
N LYS U 96 -14.30 43.17 -70.22
CA LYS U 96 -13.41 42.63 -69.20
C LYS U 96 -14.12 42.29 -67.90
N ASN U 97 -15.26 42.90 -67.61
CA ASN U 97 -16.06 42.59 -66.43
C ASN U 97 -17.53 42.81 -66.75
N LEU U 98 -18.40 42.31 -65.86
CA LEU U 98 -19.84 42.40 -66.09
C LEU U 98 -20.31 43.84 -66.19
N ASN U 99 -19.65 44.76 -65.48
CA ASN U 99 -20.03 46.17 -65.55
C ASN U 99 -19.87 46.73 -66.95
N ASP U 100 -19.04 46.10 -67.78
CA ASP U 100 -18.89 46.49 -69.17
C ASP U 100 -20.13 46.20 -70.01
N PHE U 101 -21.13 45.52 -69.46
CA PHE U 101 -22.40 45.30 -70.15
C PHE U 101 -23.41 46.41 -69.89
N SER U 102 -23.06 47.39 -69.06
CA SER U 102 -23.98 48.47 -68.75
C SER U 102 -24.06 49.46 -69.91
N PRO U 103 -25.19 50.16 -70.05
CA PRO U 103 -25.32 51.14 -71.13
C PRO U 103 -24.27 52.23 -71.11
N GLU U 104 -23.74 52.58 -69.93
CA GLU U 104 -22.68 53.57 -69.86
C GLU U 104 -21.44 53.09 -70.62
N SER U 105 -21.00 51.86 -70.36
CA SER U 105 -19.89 51.28 -71.12
C SER U 105 -20.24 51.12 -72.59
N VAL U 106 -21.44 50.67 -72.91
CA VAL U 106 -21.85 50.53 -74.31
C VAL U 106 -21.71 51.86 -75.04
N VAL U 107 -22.18 52.94 -74.41
CA VAL U 107 -22.03 54.27 -75.01
C VAL U 107 -20.57 54.66 -75.10
N ASN U 108 -19.79 54.38 -74.05
CA ASN U 108 -18.37 54.70 -74.07
C ASN U 108 -17.64 54.04 -75.23
N GLN U 109 -18.10 52.86 -75.65
CA GLN U 109 -17.44 52.08 -76.69
C GLN U 109 -18.02 52.30 -78.09
N VAL U 110 -19.01 53.16 -78.24
CA VAL U 110 -19.65 53.42 -79.53
C VAL U 110 -19.61 54.93 -79.77
N PRO U 111 -18.65 55.41 -80.57
CA PRO U 111 -18.50 56.88 -80.74
C PRO U 111 -19.75 57.60 -81.22
N GLU U 112 -20.56 56.93 -82.05
CA GLU U 112 -21.81 57.52 -82.54
C GLU U 112 -22.77 57.84 -81.41
N LEU U 113 -22.61 57.22 -80.24
CA LEU U 113 -23.37 57.55 -79.05
C LEU U 113 -22.58 58.33 -78.03
N LYS U 114 -21.28 58.06 -77.91
CA LYS U 114 -20.44 58.78 -76.96
C LYS U 114 -20.38 60.27 -77.30
N LYS U 115 -20.27 60.60 -78.59
CA LYS U 115 -20.34 62.00 -78.99
C LYS U 115 -21.66 62.63 -78.61
N LEU U 116 -22.76 61.86 -78.67
CA LEU U 116 -24.07 62.38 -78.27
C LEU U 116 -24.16 62.57 -76.76
N LEU U 117 -23.45 61.74 -75.99
CA LEU U 117 -23.42 61.93 -74.54
C LEU U 117 -22.59 63.14 -74.16
N GLU U 118 -21.47 63.35 -74.85
CA GLU U 118 -20.69 64.58 -74.64
C GLU U 118 -21.51 65.81 -75.00
N LEU U 119 -22.28 65.72 -76.09
CA LEU U 119 -23.17 66.83 -76.45
C LEU U 119 -24.22 67.05 -75.37
N ARG U 120 -24.76 65.96 -74.81
CA ARG U 120 -25.70 66.08 -73.71
C ARG U 120 -25.08 66.84 -72.55
N SER U 121 -23.87 66.43 -72.12
CA SER U 121 -23.19 67.13 -71.03
C SER U 121 -22.97 68.60 -71.35
N ALA U 122 -22.61 68.90 -72.60
CA ALA U 122 -22.40 70.30 -72.99
C ALA U 122 -23.70 71.10 -72.87
N LEU U 123 -24.82 70.53 -73.34
CA LEU U 123 -26.10 71.23 -73.29
C LEU U 123 -26.60 71.42 -71.87
N ASN U 124 -26.42 70.41 -71.02
CA ASN U 124 -26.83 70.54 -69.62
C ASN U 124 -25.97 71.57 -68.90
N ALA U 125 -24.66 71.58 -69.18
CA ALA U 125 -23.79 72.58 -68.59
C ALA U 125 -24.19 73.99 -69.03
N LEU U 126 -24.47 74.17 -70.32
CA LEU U 126 -24.89 75.47 -70.82
C LEU U 126 -26.21 75.91 -70.21
N LYS U 127 -27.20 75.00 -70.17
CA LYS U 127 -28.52 75.34 -69.66
C LYS U 127 -28.50 75.62 -68.15
N GLY U 128 -27.58 74.99 -67.43
CA GLY U 128 -27.43 75.23 -66.01
C GLY U 128 -26.50 76.41 -65.74
N PRO U 129 -26.01 77.04 -66.81
CA PRO U 129 -25.17 78.24 -66.65
C PRO U 129 -23.78 77.94 -66.10
N LEU U 130 -23.35 76.69 -66.22
CA LEU U 130 -22.07 76.27 -65.68
C LEU U 130 -20.88 76.74 -66.51
N GLY U 131 -21.11 77.10 -67.77
CA GLY U 131 -20.05 77.59 -68.62
C GLY U 131 -20.56 78.69 -69.52
N ASN U 132 -19.64 79.54 -69.98
CA ASN U 132 -20.00 80.65 -70.83
C ASN U 132 -20.08 80.22 -72.29
N LEU U 133 -20.62 81.10 -73.12
CA LEU U 133 -20.81 80.78 -74.53
C LEU U 133 -19.51 80.51 -75.28
N PRO U 134 -18.40 81.21 -75.02
CA PRO U 134 -17.16 80.88 -75.73
C PRO U 134 -16.66 79.47 -75.43
N ALA U 135 -16.62 79.09 -74.15
CA ALA U 135 -16.27 77.72 -73.79
C ALA U 135 -17.23 76.72 -74.44
N PHE U 136 -18.54 77.04 -74.41
CA PHE U 136 -19.52 76.16 -75.04
C PHE U 136 -19.21 75.93 -76.51
N ARG U 137 -18.88 77.01 -77.22
CA ARG U 137 -18.56 76.89 -78.65
C ARG U 137 -17.32 76.05 -78.88
N LYS U 138 -16.25 76.31 -78.11
CA LYS U 138 -15.02 75.54 -78.28
C LYS U 138 -15.29 74.05 -78.06
N LYS U 139 -15.92 73.69 -76.94
CA LYS U 139 -16.19 72.29 -76.66
C LYS U 139 -17.10 71.67 -77.72
N LEU U 140 -18.07 72.42 -78.23
CA LEU U 140 -18.93 71.90 -79.29
C LEU U 140 -18.12 71.56 -80.53
N GLN U 141 -17.24 72.46 -80.96
CA GLN U 141 -16.34 72.16 -82.06
C GLN U 141 -15.55 70.89 -81.79
N ALA U 142 -15.02 70.76 -80.56
CA ALA U 142 -14.27 69.57 -80.18
C ALA U 142 -15.12 68.31 -80.38
N LEU U 143 -16.36 68.33 -79.90
CA LEU U 143 -17.22 67.15 -79.98
C LEU U 143 -17.53 66.79 -81.43
N LEU U 144 -17.89 67.80 -82.24
CA LEU U 144 -18.27 67.54 -83.63
C LEU U 144 -17.10 67.26 -84.55
N ALA U 145 -15.86 67.44 -84.08
CA ALA U 145 -14.70 67.25 -84.96
C ALA U 145 -14.43 65.79 -85.29
N ASP U 146 -14.98 64.86 -84.50
CA ASP U 146 -14.73 63.43 -84.68
C ASP U 146 -15.00 62.96 -86.10
N GLU U 147 -13.97 62.46 -86.78
CA GLU U 147 -14.10 62.10 -88.19
C GLU U 147 -14.94 60.85 -88.42
N ASP U 148 -15.18 60.04 -87.40
CA ASP U 148 -16.01 58.84 -87.55
C ASP U 148 -17.50 59.14 -87.54
N GLY U 149 -17.90 60.36 -87.21
CA GLY U 149 -19.30 60.70 -87.18
C GLY U 149 -19.83 61.04 -88.56
N ARG U 150 -21.13 60.82 -88.74
CA ARG U 150 -21.79 61.18 -89.98
C ARG U 150 -22.20 62.65 -89.95
N LYS U 151 -22.21 63.27 -91.14
CA LYS U 151 -22.65 64.65 -91.24
C LYS U 151 -24.10 64.82 -90.81
N ALA U 152 -24.95 63.83 -91.11
CA ALA U 152 -26.34 63.88 -90.66
C ALA U 152 -26.42 63.92 -89.15
N LEU U 153 -25.67 63.05 -88.47
CA LEU U 153 -25.62 63.07 -87.02
C LEU U 153 -25.11 64.42 -86.51
N ILE U 154 -24.07 64.96 -87.15
CA ILE U 154 -23.55 66.27 -86.74
C ILE U 154 -24.64 67.33 -86.85
N LYS U 155 -25.42 67.29 -87.93
CA LYS U 155 -26.49 68.27 -88.11
C LYS U 155 -27.57 68.11 -87.05
N GLU U 156 -27.95 66.87 -86.75
CA GLU U 156 -28.92 66.62 -85.68
C GLU U 156 -28.43 67.12 -84.34
N LEU U 157 -27.12 67.02 -84.08
CA LEU U 157 -26.56 67.49 -82.81
C LEU U 157 -26.54 69.01 -82.76
N GLY U 158 -26.14 69.66 -83.86
CA GLY U 158 -26.15 71.12 -83.89
C GLY U 158 -27.54 71.71 -83.83
N LEU U 159 -28.55 70.96 -84.30
CA LEU U 159 -29.93 71.42 -84.21
C LEU U 159 -30.44 71.50 -82.78
N THR U 160 -29.75 70.91 -81.82
CA THR U 160 -30.15 70.96 -80.42
C THR U 160 -29.59 72.17 -79.69
N GLU U 161 -28.69 72.93 -80.31
CA GLU U 161 -28.08 74.08 -79.65
C GLU U 161 -29.06 75.26 -79.68
N GLU U 162 -29.29 75.85 -78.51
CA GLU U 162 -30.15 77.01 -78.43
C GLU U 162 -29.57 78.16 -79.25
N THR U 163 -30.45 78.97 -79.83
CA THR U 163 -30.01 80.00 -80.77
C THR U 163 -29.09 81.02 -80.12
N LYS U 164 -29.34 81.33 -78.84
CA LYS U 164 -28.56 82.34 -78.13
C LYS U 164 -27.14 81.85 -77.83
N ASP V 63 -35.94 80.31 -71.14
CA ASP V 63 -35.03 79.85 -72.18
C ASP V 63 -34.53 78.44 -71.86
N LYS V 64 -34.19 78.22 -70.60
CA LYS V 64 -33.65 76.94 -70.17
C LYS V 64 -34.64 75.80 -70.42
N ALA V 65 -35.94 76.08 -70.39
CA ALA V 65 -36.93 75.05 -70.67
C ALA V 65 -36.75 74.46 -72.06
N LEU V 66 -36.45 75.32 -73.04
CA LEU V 66 -36.20 74.84 -74.40
C LEU V 66 -34.94 73.97 -74.46
N VAL V 67 -33.89 74.35 -73.74
CA VAL V 67 -32.68 73.53 -73.70
C VAL V 67 -32.97 72.17 -73.07
N ASP V 68 -33.80 72.15 -72.02
CA ASP V 68 -34.20 70.89 -71.42
C ASP V 68 -35.00 70.04 -72.40
N ALA V 69 -35.86 70.66 -73.19
CA ALA V 69 -36.55 69.92 -74.24
C ALA V 69 -35.56 69.34 -75.24
N MET V 70 -34.50 70.10 -75.57
CA MET V 70 -33.44 69.57 -76.42
C MET V 70 -32.79 68.35 -75.80
N ILE V 71 -32.54 68.39 -74.48
CA ILE V 71 -31.97 67.23 -73.79
C ILE V 71 -32.93 66.05 -73.84
N ALA V 72 -34.23 66.32 -73.74
CA ALA V 72 -35.21 65.24 -73.79
C ALA V 72 -35.22 64.54 -75.14
N GLU V 73 -35.20 65.33 -76.23
CA GLU V 73 -35.18 64.72 -77.56
C GLU V 73 -33.85 64.00 -77.81
N ILE V 74 -32.73 64.58 -77.38
CA ILE V 74 -31.44 63.96 -77.58
C ILE V 74 -31.38 62.61 -76.87
N ASP V 75 -31.78 62.58 -75.59
CA ASP V 75 -31.83 61.33 -74.85
C ASP V 75 -32.81 60.35 -75.48
N LYS V 76 -33.89 60.85 -76.09
CA LYS V 76 -34.85 59.98 -76.75
C LYS V 76 -34.19 59.23 -77.91
N ARG V 77 -33.48 59.96 -78.77
CA ARG V 77 -32.81 59.30 -79.89
C ARG V 77 -31.72 58.34 -79.40
N LEU V 78 -30.88 58.81 -78.48
CA LEU V 78 -29.80 57.97 -77.95
C LEU V 78 -30.35 56.67 -77.37
N SER V 79 -31.44 56.75 -76.60
CA SER V 79 -32.05 55.53 -76.06
C SER V 79 -32.65 54.68 -77.17
N SER V 80 -33.15 55.32 -78.24
CA SER V 80 -33.62 54.57 -79.40
C SER V 80 -32.52 53.65 -79.94
N GLN V 81 -31.29 54.14 -80.04
CA GLN V 81 -30.21 53.28 -80.56
C GLN V 81 -29.71 52.29 -79.50
N VAL V 82 -29.54 52.77 -78.26
CA VAL V 82 -29.08 51.91 -77.18
C VAL V 82 -29.98 50.69 -77.03
N ASN V 83 -31.29 50.85 -77.26
CA ASN V 83 -32.19 49.71 -77.24
C ASN V 83 -31.81 48.69 -78.31
N GLU V 84 -31.40 49.16 -79.49
CA GLU V 84 -30.96 48.26 -80.54
C GLU V 84 -29.72 47.48 -80.11
N ILE V 85 -28.79 48.14 -79.42
CA ILE V 85 -27.61 47.44 -78.94
C ILE V 85 -27.98 46.41 -77.87
N LEU V 86 -28.76 46.82 -76.85
CA LEU V 86 -29.03 45.96 -75.71
C LEU V 86 -30.00 44.83 -76.05
N HIS V 87 -30.77 44.97 -77.12
CA HIS V 87 -31.69 43.93 -77.58
C HIS V 87 -31.14 43.12 -78.74
N ALA V 88 -29.85 43.28 -79.05
CA ALA V 88 -29.23 42.48 -80.11
C ALA V 88 -29.02 41.05 -79.60
N LYS V 89 -29.32 40.08 -80.47
CA LYS V 89 -29.27 38.68 -80.06
C LYS V 89 -27.87 38.24 -79.69
N GLU V 90 -26.86 38.70 -80.43
CA GLU V 90 -25.48 38.34 -80.11
C GLU V 90 -25.05 38.93 -78.77
N PHE V 91 -25.30 40.24 -78.59
CA PHE V 91 -25.00 40.88 -77.31
C PHE V 91 -25.67 40.16 -76.15
N GLN V 92 -26.96 39.85 -76.30
CA GLN V 92 -27.68 39.15 -75.24
C GLN V 92 -27.15 37.74 -75.02
N LYS V 93 -26.69 37.08 -76.08
CA LYS V 93 -26.05 35.78 -75.91
C LYS V 93 -24.84 35.88 -74.99
N LEU V 94 -23.89 36.76 -75.33
CA LEU V 94 -22.72 36.92 -74.48
C LEU V 94 -23.11 37.32 -73.05
N GLU V 95 -23.90 38.39 -72.92
CA GLU V 95 -24.27 38.92 -71.61
C GLU V 95 -24.93 37.86 -70.76
N SER V 96 -26.02 37.25 -71.27
CA SER V 96 -26.74 36.23 -70.51
C SER V 96 -25.83 35.06 -70.13
N SER V 97 -24.90 34.68 -71.02
CA SER V 97 -23.92 33.67 -70.67
C SER V 97 -23.17 34.06 -69.40
N TRP V 98 -22.49 35.21 -69.42
CA TRP V 98 -21.64 35.60 -68.29
C TRP V 98 -22.46 35.89 -67.02
N ARG V 99 -23.57 36.61 -67.17
CA ARG V 99 -24.37 37.03 -66.02
C ARG V 99 -25.04 35.83 -65.36
N SER V 100 -25.59 34.91 -66.16
CA SER V 100 -26.11 33.67 -65.59
C SER V 100 -25.00 32.89 -64.91
N LEU V 101 -23.80 32.86 -65.51
CA LEU V 101 -22.67 32.21 -64.86
C LEU V 101 -22.41 32.77 -63.47
N LYS V 102 -22.36 34.10 -63.35
CA LYS V 102 -22.11 34.72 -62.05
C LYS V 102 -23.27 34.47 -61.09
N PHE V 103 -24.51 34.52 -61.61
CA PHE V 103 -25.68 34.21 -60.77
C PHE V 103 -25.57 32.83 -60.17
N MET V 104 -24.98 31.89 -60.90
CA MET V 104 -24.71 30.57 -60.33
C MET V 104 -23.59 30.64 -59.30
N VAL V 105 -22.46 31.26 -59.68
CA VAL V 105 -21.23 31.17 -58.88
C VAL V 105 -21.41 31.83 -57.51
N ASP V 106 -22.01 33.03 -57.49
CA ASP V 106 -22.17 33.80 -56.27
C ASP V 106 -23.24 33.23 -55.34
N ARG V 107 -23.97 32.20 -55.75
CA ARG V 107 -24.93 31.52 -54.91
C ARG V 107 -24.40 30.22 -54.34
N THR V 108 -23.15 29.88 -54.64
CA THR V 108 -22.49 28.71 -54.08
C THR V 108 -21.58 29.13 -52.93
N ASP V 109 -20.93 28.14 -52.32
CA ASP V 109 -20.06 28.36 -51.17
C ASP V 109 -18.78 27.57 -51.37
N PHE V 110 -17.75 28.24 -51.91
CA PHE V 110 -16.47 27.60 -52.19
C PHE V 110 -15.75 27.11 -50.94
N ARG V 111 -16.16 27.56 -49.75
CA ARG V 111 -15.60 27.05 -48.51
C ARG V 111 -16.15 25.68 -48.14
N GLU V 112 -17.21 25.22 -48.81
CA GLU V 112 -17.82 23.92 -48.56
C GLU V 112 -17.35 22.86 -49.54
N ASN V 113 -16.14 23.02 -50.10
CA ASN V 113 -15.58 22.06 -51.04
C ASN V 113 -16.38 21.99 -52.34
N THR V 114 -16.80 23.15 -52.83
CA THR V 114 -17.52 23.26 -54.09
C THR V 114 -16.61 23.91 -55.13
N ARG V 115 -16.56 23.31 -56.32
CA ARG V 115 -15.66 23.76 -57.37
C ARG V 115 -16.41 23.83 -58.69
N VAL V 116 -15.95 24.71 -59.57
CA VAL V 116 -16.60 24.95 -60.86
C VAL V 116 -15.54 25.33 -61.89
N GLU V 117 -15.59 24.68 -63.05
CA GLU V 117 -14.69 24.94 -64.15
C GLU V 117 -15.49 25.33 -65.39
N MET V 118 -14.90 26.19 -66.20
CA MET V 118 -15.53 26.72 -67.41
C MET V 118 -14.85 26.11 -68.63
N LEU V 119 -15.67 25.63 -69.57
CA LEU V 119 -15.23 25.00 -70.81
C LEU V 119 -15.99 25.67 -71.95
N ASN V 120 -15.28 26.47 -72.73
CA ASN V 120 -15.87 27.19 -73.85
C ASN V 120 -16.05 26.23 -75.02
N ALA V 121 -17.29 25.94 -75.37
CA ALA V 121 -17.58 25.02 -76.46
C ALA V 121 -18.99 25.29 -76.97
N SER V 122 -19.13 25.34 -78.29
CA SER V 122 -20.45 25.46 -78.90
C SER V 122 -20.97 24.07 -79.27
N LYS V 123 -22.29 23.98 -79.42
CA LYS V 123 -22.90 22.69 -79.75
C LYS V 123 -22.37 22.15 -81.08
N GLU V 124 -22.21 23.02 -82.07
CA GLU V 124 -21.72 22.59 -83.38
C GLU V 124 -20.34 21.93 -83.25
N ASP V 125 -19.45 22.53 -82.45
CA ASP V 125 -18.12 21.97 -82.22
C ASP V 125 -18.15 20.73 -81.36
N LEU V 126 -19.12 20.62 -80.43
CA LEU V 126 -19.30 19.37 -79.72
C LEU V 126 -19.62 18.24 -80.68
N GLN V 127 -20.56 18.47 -81.60
CA GLN V 127 -20.86 17.49 -82.63
C GLN V 127 -19.64 17.23 -83.51
N LYS V 128 -18.86 18.28 -83.81
CA LYS V 128 -17.68 18.11 -84.64
C LYS V 128 -16.67 17.18 -83.99
N ASP V 129 -16.44 17.34 -82.69
CA ASP V 129 -15.49 16.48 -81.99
C ASP V 129 -16.01 15.07 -81.86
N PHE V 130 -17.28 14.91 -81.47
CA PHE V 130 -17.85 13.58 -81.26
C PHE V 130 -17.93 12.78 -82.56
N GLU V 131 -18.19 13.44 -83.68
CA GLU V 131 -18.26 12.75 -84.96
C GLU V 131 -16.87 12.53 -85.55
N ASP V 132 -15.94 13.44 -85.26
CA ASP V 132 -14.56 13.27 -85.73
C ASP V 132 -13.88 12.11 -85.03
N ALA V 133 -14.09 11.98 -83.73
CA ALA V 133 -13.45 10.89 -82.98
C ALA V 133 -14.03 9.55 -83.42
N PRO V 134 -13.22 8.48 -83.43
CA PRO V 134 -13.77 7.17 -83.77
C PRO V 134 -14.63 6.57 -82.67
N GLU V 135 -14.42 6.99 -81.42
CA GLU V 135 -15.18 6.48 -80.29
C GLU V 135 -15.17 7.54 -79.19
N VAL V 136 -16.20 7.48 -78.34
CA VAL V 136 -16.37 8.50 -77.31
C VAL V 136 -15.20 8.51 -76.33
N THR V 137 -14.55 7.36 -76.13
CA THR V 137 -13.39 7.29 -75.26
C THR V 137 -12.21 8.11 -75.78
N LYS V 138 -12.25 8.56 -77.04
CA LYS V 138 -11.20 9.36 -77.62
C LYS V 138 -11.62 10.80 -77.89
N SER V 139 -12.80 11.19 -77.43
CA SER V 139 -13.23 12.58 -77.59
C SER V 139 -12.54 13.47 -76.57
N GLY V 140 -12.36 14.74 -76.94
CA GLY V 140 -11.70 15.68 -76.04
C GLY V 140 -12.48 15.89 -74.76
N LEU V 141 -13.78 16.12 -74.87
CA LEU V 141 -14.63 16.26 -73.69
C LEU V 141 -14.46 15.07 -72.74
N TYR V 142 -14.52 13.84 -73.29
CA TYR V 142 -14.25 12.67 -72.48
C TYR V 142 -12.86 12.71 -71.88
N LYS V 143 -11.88 13.23 -72.64
CA LYS V 143 -10.53 13.38 -72.11
C LYS V 143 -10.52 14.22 -70.85
N LEU V 144 -11.16 15.39 -70.88
CA LEU V 144 -11.11 16.35 -69.79
C LEU V 144 -12.17 16.11 -68.72
N VAL V 145 -13.08 15.18 -68.93
CA VAL V 145 -14.13 14.90 -67.95
C VAL V 145 -13.76 13.62 -67.21
N TYR V 146 -13.58 12.53 -67.96
CA TYR V 146 -13.29 11.24 -67.34
C TYR V 146 -11.80 11.05 -67.15
N SER V 147 -11.03 11.16 -68.24
CA SER V 147 -9.62 10.77 -68.22
C SER V 147 -8.81 11.59 -67.22
N ASN V 148 -8.92 12.91 -67.29
CA ASN V 148 -8.17 13.79 -66.40
C ASN V 148 -8.77 13.89 -65.01
N GLU V 149 -9.83 13.15 -64.72
CA GLU V 149 -10.49 13.27 -63.43
C GLU V 149 -10.78 11.91 -62.80
N TYR V 150 -11.94 11.35 -63.11
CA TYR V 150 -12.39 10.12 -62.46
C TYR V 150 -11.42 8.97 -62.70
N GLY V 151 -10.80 8.91 -63.88
CA GLY V 151 -9.91 7.82 -64.20
C GLY V 151 -8.45 8.15 -64.01
N VAL V 152 -8.14 9.04 -63.05
CA VAL V 152 -6.78 9.49 -62.81
C VAL V 152 -6.47 9.30 -61.33
N PHE V 153 -5.47 8.48 -61.03
CA PHE V 153 -5.04 8.29 -59.65
C PHE V 153 -4.46 9.60 -59.12
N GLY V 154 -4.99 10.06 -57.98
CA GLY V 154 -4.62 11.33 -57.42
C GLY V 154 -5.52 12.48 -57.82
N GLY V 155 -6.38 12.28 -58.83
CA GLY V 155 -7.28 13.32 -59.28
C GLY V 155 -8.60 13.31 -58.52
N LYS V 156 -9.63 13.84 -59.17
CA LYS V 156 -10.95 13.94 -58.56
C LYS V 156 -11.99 13.86 -59.67
N PRO V 157 -13.17 13.30 -59.39
CA PRO V 157 -14.18 13.13 -60.44
C PRO V 157 -15.14 14.30 -60.51
N TYR V 158 -15.58 14.59 -61.74
CA TYR V 158 -16.52 15.68 -61.97
C TYR V 158 -17.90 15.30 -61.43
N GLY V 159 -18.48 16.19 -60.64
CA GLY V 159 -19.77 15.88 -60.03
C GLY V 159 -20.91 15.88 -61.04
N ILE V 160 -20.99 16.94 -61.84
CA ILE V 160 -22.08 17.09 -62.82
C ILE V 160 -21.62 18.06 -63.89
N ILE V 161 -22.30 18.04 -65.04
CA ILE V 161 -21.98 18.88 -66.18
C ILE V 161 -23.21 19.72 -66.52
N SER V 162 -23.03 21.04 -66.53
CA SER V 162 -24.10 21.99 -66.84
C SER V 162 -23.79 22.59 -68.21
N ALA V 163 -24.68 22.33 -69.17
CA ALA V 163 -24.51 22.79 -70.55
C ALA V 163 -25.48 23.93 -70.81
N ASN V 164 -24.94 25.11 -71.14
CA ASN V 164 -25.77 26.29 -71.42
C ASN V 164 -26.21 26.24 -72.89
N TYR V 165 -27.17 25.37 -73.15
CA TYR V 165 -27.68 25.16 -74.49
C TYR V 165 -29.18 24.92 -74.44
N ASP V 166 -29.83 25.24 -75.56
CA ASP V 166 -31.24 24.93 -75.79
C ASP V 166 -31.31 23.84 -76.84
N PHE V 167 -32.17 22.85 -76.62
CA PHE V 167 -32.27 21.70 -77.50
C PHE V 167 -33.62 21.69 -78.21
N ASN V 168 -33.61 21.36 -79.49
CA ASN V 168 -34.81 21.15 -80.28
C ASN V 168 -34.93 19.67 -80.62
N VAL V 169 -35.94 19.33 -81.42
CA VAL V 169 -36.11 17.96 -81.89
C VAL V 169 -35.20 17.63 -83.07
N GLY V 170 -34.36 18.57 -83.50
CA GLY V 170 -33.48 18.37 -84.62
C GLY V 170 -32.53 17.20 -84.43
N PRO V 171 -32.22 16.51 -85.53
CA PRO V 171 -31.36 15.32 -85.41
C PRO V 171 -30.00 15.61 -84.82
N GLN V 172 -29.40 16.76 -85.14
CA GLN V 172 -28.11 17.12 -84.56
C GLN V 172 -28.21 17.22 -83.04
N ASP V 173 -29.25 17.91 -82.54
CA ASP V 173 -29.43 18.01 -81.10
C ASP V 173 -29.65 16.65 -80.46
N MET V 174 -30.46 15.79 -81.10
CA MET V 174 -30.68 14.45 -80.57
C MET V 174 -29.37 13.68 -80.46
N GLU V 175 -28.55 13.71 -81.51
CA GLU V 175 -27.27 12.99 -81.48
C GLU V 175 -26.35 13.54 -80.39
N LEU V 176 -26.28 14.87 -80.26
CA LEU V 176 -25.52 15.47 -79.18
C LEU V 176 -25.97 14.95 -77.83
N LEU V 177 -27.30 14.87 -77.63
CA LEU V 177 -27.83 14.32 -76.38
C LEU V 177 -27.40 12.89 -76.18
N ARG V 178 -27.35 12.09 -77.25
CA ARG V 178 -26.90 10.71 -77.13
C ARG V 178 -25.45 10.65 -76.65
N LYS V 179 -24.57 11.42 -77.27
CA LYS V 179 -23.16 11.43 -76.85
C LYS V 179 -23.03 11.87 -75.39
N CYS V 180 -23.74 12.94 -75.00
CA CYS V 180 -23.67 13.40 -73.62
C CYS V 180 -24.17 12.36 -72.64
N ALA V 181 -25.21 11.60 -73.02
CA ALA V 181 -25.68 10.51 -72.17
C ALA V 181 -24.62 9.44 -72.01
N SER V 182 -23.93 9.08 -73.11
CA SER V 182 -22.87 8.09 -73.01
C SER V 182 -21.77 8.55 -72.06
N VAL V 183 -21.27 9.78 -72.25
CA VAL V 183 -20.18 10.28 -71.41
C VAL V 183 -20.62 10.32 -69.94
N ALA V 184 -21.82 10.87 -69.69
CA ALA V 184 -22.32 10.96 -68.34
C ALA V 184 -22.46 9.59 -67.69
N ALA V 185 -22.85 8.58 -68.46
CA ALA V 185 -22.94 7.23 -67.92
C ALA V 185 -21.55 6.68 -67.60
N MET V 186 -20.57 6.93 -68.47
CA MET V 186 -19.23 6.41 -68.23
C MET V 186 -18.57 7.04 -67.01
N ALA V 187 -18.83 8.32 -66.76
CA ALA V 187 -18.19 9.02 -65.65
C ALA V 187 -19.08 9.10 -64.42
N HIS V 188 -20.31 8.61 -64.51
CA HIS V 188 -21.26 8.68 -63.39
C HIS V 188 -21.57 10.12 -62.99
N ALA V 189 -21.90 10.95 -63.99
CA ALA V 189 -22.20 12.36 -63.77
C ALA V 189 -23.29 12.81 -64.72
N PRO V 190 -24.38 13.38 -64.21
CA PRO V 190 -25.49 13.75 -65.08
C PRO V 190 -25.18 15.00 -65.91
N PHE V 191 -25.84 15.08 -67.06
CA PHE V 191 -25.71 16.21 -67.97
C PHE V 191 -27.03 16.98 -67.95
N ILE V 192 -26.97 18.25 -67.55
CA ILE V 192 -28.15 19.08 -67.38
C ILE V 192 -28.13 20.21 -68.42
N GLY V 193 -29.27 20.43 -69.06
CA GLY V 193 -29.44 21.49 -70.04
C GLY V 193 -30.86 22.00 -70.08
N ASN V 194 -31.21 22.71 -71.15
CA ASN V 194 -32.52 23.30 -71.30
C ASN V 194 -33.11 22.95 -72.65
N ALA V 195 -34.44 23.06 -72.75
CA ALA V 195 -35.16 22.81 -73.98
C ALA V 195 -35.68 24.12 -74.57
N ALA V 196 -35.66 24.23 -75.89
CA ALA V 196 -36.13 25.44 -76.55
C ALA V 196 -37.64 25.40 -76.73
N PRO V 197 -38.29 26.56 -76.83
CA PRO V 197 -39.76 26.57 -76.96
C PRO V 197 -40.27 25.81 -78.16
N GLU V 198 -39.60 25.92 -79.32
CA GLU V 198 -40.03 25.22 -80.53
C GLU V 198 -40.05 23.71 -80.36
N VAL V 199 -39.44 23.19 -79.28
CA VAL V 199 -39.54 21.76 -79.00
C VAL V 199 -40.99 21.34 -78.80
N PHE V 200 -41.83 22.25 -78.29
CA PHE V 200 -43.26 22.01 -78.12
C PHE V 200 -44.08 22.51 -79.31
N GLY V 201 -43.42 22.89 -80.41
CA GLY V 201 -44.14 23.41 -81.56
C GLY V 201 -44.73 24.77 -81.34
N GLU V 202 -44.16 25.56 -80.44
CA GLU V 202 -44.66 26.90 -80.12
C GLU V 202 -43.55 27.92 -80.33
N GLU V 203 -43.96 29.14 -80.69
CA GLU V 203 -42.99 30.20 -80.94
C GLU V 203 -42.21 30.54 -79.67
N SER V 204 -42.86 30.53 -78.52
CA SER V 204 -42.23 30.87 -77.26
C SER V 204 -43.00 30.20 -76.13
N PHE V 205 -42.32 30.00 -75.00
CA PHE V 205 -42.93 29.41 -73.82
C PHE V 205 -44.25 30.07 -73.41
N LEU V 206 -44.46 31.34 -73.76
CA LEU V 206 -45.72 32.01 -73.47
C LEU V 206 -46.94 31.31 -74.07
N LYS V 207 -46.74 30.35 -74.97
CA LYS V 207 -47.82 29.59 -75.58
C LYS V 207 -48.11 28.27 -74.87
N LEU V 208 -47.41 27.99 -73.77
CA LEU V 208 -47.62 26.73 -73.07
C LEU V 208 -49.05 26.53 -72.59
N PRO V 209 -49.76 27.56 -72.11
CA PRO V 209 -51.14 27.33 -71.67
C PRO V 209 -52.10 26.98 -72.79
N ASP V 210 -51.72 27.23 -74.04
CA ASP V 210 -52.56 26.88 -75.18
C ASP V 210 -52.41 25.42 -75.61
N LEU V 211 -51.40 24.72 -75.09
CA LEU V 211 -51.17 23.32 -75.45
C LEU V 211 -52.15 22.45 -74.69
N LYS V 212 -53.02 21.75 -75.43
CA LYS V 212 -54.09 20.97 -74.80
C LYS V 212 -53.60 19.62 -74.28
N ASP V 213 -52.56 19.05 -74.89
CA ASP V 213 -52.16 17.69 -74.54
C ASP V 213 -50.75 17.43 -75.07
N LEU V 214 -49.75 17.57 -74.20
CA LEU V 214 -48.37 17.32 -74.60
C LEU V 214 -48.14 15.85 -74.94
N LYS V 215 -48.73 14.95 -74.15
CA LYS V 215 -48.55 13.51 -74.39
C LYS V 215 -48.98 13.13 -75.80
N SER V 216 -50.13 13.65 -76.25
CA SER V 216 -50.55 13.44 -77.62
C SER V 216 -49.68 14.19 -78.60
N LEU V 217 -49.20 15.37 -78.23
CA LEU V 217 -48.30 16.12 -79.11
C LEU V 217 -47.06 15.32 -79.45
N PHE V 218 -46.54 14.56 -78.49
CA PHE V 218 -45.30 13.80 -78.65
C PHE V 218 -45.47 12.52 -79.46
N GLU V 219 -46.68 12.25 -79.95
CA GLU V 219 -46.90 11.04 -80.75
C GLU V 219 -46.57 11.24 -82.22
N GLY V 220 -46.41 12.48 -82.67
CA GLY V 220 -46.09 12.76 -84.05
C GLY V 220 -44.75 12.20 -84.46
N PRO V 221 -44.61 11.87 -85.74
CA PRO V 221 -43.33 11.29 -86.20
C PRO V 221 -42.14 12.22 -86.05
N GLN V 222 -42.39 13.52 -85.85
CA GLN V 222 -41.29 14.46 -85.67
C GLN V 222 -40.44 14.14 -84.46
N TYR V 223 -40.99 13.40 -83.48
CA TYR V 223 -40.30 13.10 -82.24
C TYR V 223 -39.87 11.65 -82.13
N ALA V 224 -39.71 10.95 -83.26
CA ALA V 224 -39.33 9.54 -83.22
C ALA V 224 -37.99 9.35 -82.51
N ARG V 225 -36.98 10.14 -82.91
CA ARG V 225 -35.65 10.01 -82.31
C ARG V 225 -35.68 10.30 -80.81
N TRP V 226 -36.40 11.34 -80.40
CA TRP V 226 -36.51 11.63 -78.96
C TRP V 226 -37.17 10.46 -78.24
N HIS V 227 -38.20 9.86 -78.85
CA HIS V 227 -38.87 8.71 -78.25
C HIS V 227 -37.91 7.56 -78.01
N SER V 228 -37.05 7.25 -78.99
CA SER V 228 -36.06 6.20 -78.75
C SER V 228 -35.03 6.61 -77.68
N PHE V 229 -34.60 7.87 -77.71
CA PHE V 229 -33.66 8.36 -76.72
C PHE V 229 -34.19 8.14 -75.31
N ARG V 230 -35.48 8.40 -75.08
CA ARG V 230 -36.07 8.17 -73.77
C ARG V 230 -36.03 6.71 -73.35
N GLU V 231 -35.88 5.79 -74.31
CA GLU V 231 -35.84 4.36 -74.01
C GLU V 231 -34.43 3.84 -73.84
N SER V 232 -33.41 4.58 -74.28
CA SER V 232 -32.04 4.17 -74.01
C SER V 232 -31.75 4.13 -72.51
N GLU V 233 -30.89 3.19 -72.11
CA GLU V 233 -30.50 3.06 -70.71
C GLU V 233 -29.51 4.13 -70.27
N ASP V 234 -28.94 4.89 -71.21
CA ASP V 234 -28.11 6.03 -70.86
C ASP V 234 -28.91 7.28 -70.59
N ALA V 235 -30.23 7.26 -70.85
CA ALA V 235 -31.06 8.44 -70.64
C ALA V 235 -31.14 8.86 -69.19
N ARG V 236 -30.76 7.97 -68.26
CA ARG V 236 -30.77 8.32 -66.84
C ARG V 236 -29.81 9.44 -66.50
N TYR V 237 -28.81 9.69 -67.35
CA TYR V 237 -27.83 10.74 -67.11
C TYR V 237 -28.13 12.03 -67.89
N VAL V 238 -29.35 12.17 -68.39
CA VAL V 238 -29.76 13.35 -69.14
C VAL V 238 -30.87 14.05 -68.39
N GLY V 239 -30.78 15.37 -68.27
CA GLY V 239 -31.82 16.15 -67.64
C GLY V 239 -32.02 17.50 -68.30
N LEU V 240 -33.23 17.76 -68.79
CA LEU V 240 -33.54 18.98 -69.52
C LEU V 240 -34.60 19.78 -68.77
N ALA V 241 -34.40 21.10 -68.72
CA ALA V 241 -35.30 22.02 -68.04
C ALA V 241 -36.20 22.73 -69.05
N LEU V 242 -37.31 23.27 -68.54
CA LEU V 242 -38.32 23.89 -69.37
C LEU V 242 -38.11 25.39 -69.50
N PRO V 243 -39.01 26.21 -68.99
CA PRO V 243 -38.96 27.65 -69.25
C PRO V 243 -37.72 28.32 -68.66
N ARG V 244 -37.31 29.40 -69.31
CA ARG V 244 -36.17 30.18 -68.86
C ARG V 244 -36.60 31.09 -67.72
N PHE V 245 -35.72 32.02 -67.34
CA PHE V 245 -36.06 32.90 -66.22
C PHE V 245 -35.31 34.21 -66.35
N LEU V 246 -35.96 35.29 -65.90
CA LEU V 246 -35.37 36.62 -66.02
C LEU V 246 -34.07 36.72 -65.23
N LEU V 247 -33.09 37.42 -65.82
CA LEU V 247 -31.82 37.68 -65.17
C LEU V 247 -31.61 39.14 -64.81
N ARG V 248 -32.19 40.06 -65.56
CA ARG V 248 -32.01 41.48 -65.31
C ARG V 248 -33.35 42.21 -65.43
N LEU V 249 -33.58 43.15 -64.50
CA LEU V 249 -34.74 44.02 -64.60
C LEU V 249 -34.43 45.15 -65.58
N PRO V 250 -35.36 45.51 -66.45
CA PRO V 250 -35.04 46.50 -67.49
C PRO V 250 -34.66 47.84 -66.89
N TYR V 251 -33.77 48.55 -67.59
CA TYR V 251 -33.20 49.78 -67.06
C TYR V 251 -34.29 50.84 -66.86
N GLY V 252 -34.21 51.55 -65.73
CA GLY V 252 -35.17 52.59 -65.41
C GLY V 252 -34.62 53.59 -64.42
N GLU V 253 -34.97 54.86 -64.58
CA GLU V 253 -34.38 55.93 -63.77
C GLU V 253 -34.57 55.70 -62.27
N LYS V 254 -35.55 54.89 -61.89
CA LYS V 254 -35.82 54.59 -60.48
C LYS V 254 -35.37 53.19 -60.10
N THR V 255 -35.83 52.18 -60.84
CA THR V 255 -35.60 50.78 -60.45
C THR V 255 -34.19 50.31 -60.81
N VAL V 256 -33.64 50.79 -61.91
CA VAL V 256 -32.32 50.35 -62.36
C VAL V 256 -31.65 51.49 -63.11
N PRO V 257 -31.17 52.52 -62.42
CA PRO V 257 -30.65 53.70 -63.12
C PRO V 257 -29.20 53.50 -63.56
N VAL V 258 -28.79 54.33 -64.51
CA VAL V 258 -27.42 54.36 -65.01
C VAL V 258 -26.88 55.77 -64.84
N LYS V 259 -25.57 55.90 -64.99
CA LYS V 259 -24.90 57.17 -64.76
C LYS V 259 -25.05 58.10 -65.96
N ALA V 260 -25.10 59.40 -65.68
CA ALA V 260 -25.12 60.42 -66.73
C ALA V 260 -26.36 60.32 -67.61
N PHE V 261 -26.29 59.48 -68.64
CA PHE V 261 -27.39 59.39 -69.60
C PHE V 261 -28.66 58.89 -68.92
N ASN V 262 -29.76 59.62 -69.12
CA ASN V 262 -31.04 59.26 -68.53
C ASN V 262 -31.70 58.19 -69.41
N PHE V 263 -31.26 56.95 -69.23
CA PHE V 263 -31.69 55.84 -70.06
C PHE V 263 -32.89 55.13 -69.40
N THR V 264 -33.95 54.96 -70.17
CA THR V 264 -35.14 54.20 -69.76
C THR V 264 -35.36 53.13 -70.82
N GLU V 265 -35.03 51.89 -70.47
CA GLU V 265 -35.14 50.79 -71.42
C GLU V 265 -36.61 50.55 -71.77
N ASP V 266 -36.89 50.38 -73.06
CA ASP V 266 -38.26 50.25 -73.57
C ASP V 266 -38.42 48.83 -74.12
N VAL V 267 -38.97 47.94 -73.31
CA VAL V 267 -39.30 46.60 -73.77
C VAL V 267 -40.58 46.67 -74.59
N VAL V 268 -40.52 46.21 -75.83
CA VAL V 268 -41.66 46.29 -76.74
C VAL V 268 -42.61 45.13 -76.46
N GLY V 269 -43.45 44.82 -77.45
CA GLY V 269 -44.37 43.70 -77.28
C GLY V 269 -43.65 42.36 -77.24
N HIS V 270 -42.43 42.30 -77.75
CA HIS V 270 -41.68 41.06 -77.81
C HIS V 270 -40.93 40.86 -76.50
N HIS V 271 -41.43 39.93 -75.67
CA HIS V 271 -40.77 39.61 -74.41
C HIS V 271 -39.35 39.11 -74.58
N GLU V 272 -38.96 38.74 -75.81
CA GLU V 272 -37.57 38.43 -76.11
C GLU V 272 -36.63 39.61 -75.87
N ARG V 273 -37.17 40.81 -75.70
CA ARG V 273 -36.34 41.95 -75.31
C ARG V 273 -35.81 41.79 -73.90
N TYR V 274 -36.51 41.00 -73.07
CA TYR V 274 -36.04 40.73 -71.72
C TYR V 274 -34.85 39.79 -71.73
N LEU V 275 -33.92 40.01 -70.80
CA LEU V 275 -32.70 39.21 -70.71
C LEU V 275 -33.04 37.90 -70.02
N TRP V 276 -33.47 36.93 -70.82
CA TRP V 276 -33.80 35.61 -70.32
C TRP V 276 -32.52 34.80 -70.08
N GLY V 277 -32.60 33.89 -69.11
CA GLY V 277 -31.46 33.10 -68.70
C GLY V 277 -31.84 31.63 -68.59
N HIS V 278 -30.84 30.76 -68.77
CA HIS V 278 -31.07 29.32 -68.82
C HIS V 278 -31.26 28.76 -67.41
N ALA V 279 -32.40 28.10 -67.17
CA ALA V 279 -32.75 27.65 -65.83
C ALA V 279 -31.84 26.52 -65.34
N SER V 280 -31.08 25.88 -66.24
CA SER V 280 -30.13 24.86 -65.84
C SER V 280 -29.22 25.37 -64.73
N VAL V 281 -28.87 26.65 -64.76
CA VAL V 281 -28.02 27.22 -63.71
C VAL V 281 -28.74 27.22 -62.38
N ALA V 282 -30.04 27.53 -62.37
CA ALA V 282 -30.82 27.47 -61.14
C ALA V 282 -30.81 26.06 -60.57
N LEU V 283 -31.08 25.06 -61.41
CA LEU V 283 -30.98 23.67 -60.94
C LEU V 283 -29.60 23.38 -60.34
N THR V 284 -28.54 23.84 -61.02
CA THR V 284 -27.19 23.66 -60.50
C THR V 284 -27.02 24.28 -59.12
N SER V 285 -27.60 25.47 -58.90
CA SER V 285 -27.59 26.06 -57.57
C SER V 285 -28.27 25.15 -56.56
N ARG V 286 -29.37 24.50 -56.95
CA ARG V 286 -30.01 23.53 -56.05
C ARG V 286 -29.03 22.44 -55.63
N VAL V 287 -28.40 21.78 -56.61
CA VAL V 287 -27.42 20.74 -56.29
C VAL V 287 -26.33 21.29 -55.36
N ALA V 288 -25.84 22.50 -55.67
CA ALA V 288 -24.79 23.11 -54.85
C ALA V 288 -25.21 23.27 -53.41
N ASP V 289 -26.43 23.77 -53.17
CA ASP V 289 -26.89 23.98 -51.80
C ASP V 289 -27.01 22.66 -51.05
N SER V 290 -27.65 21.67 -51.67
CA SER V 290 -27.75 20.35 -51.03
C SER V 290 -26.37 19.83 -50.60
N PHE V 291 -25.38 19.95 -51.50
CA PHE V 291 -24.05 19.44 -51.18
C PHE V 291 -23.35 20.30 -50.11
N ALA V 292 -23.61 21.61 -50.11
CA ALA V 292 -22.98 22.48 -49.14
C ALA V 292 -23.48 22.17 -47.73
N LYS V 293 -24.74 21.75 -47.61
CA LYS V 293 -25.29 21.44 -46.29
C LYS V 293 -24.97 20.01 -45.84
N PHE V 294 -25.03 19.04 -46.74
CA PHE V 294 -24.98 17.63 -46.32
C PHE V 294 -23.90 16.79 -46.97
N ARG V 295 -23.24 17.28 -48.03
CA ARG V 295 -22.28 16.49 -48.80
C ARG V 295 -22.96 15.51 -49.74
N TRP V 296 -24.27 15.65 -49.93
CA TRP V 296 -25.04 14.81 -50.84
C TRP V 296 -26.05 15.70 -51.57
N SER V 297 -26.51 15.23 -52.73
CA SER V 297 -27.35 16.01 -53.63
C SER V 297 -28.69 15.33 -53.86
N PRO V 298 -29.53 15.23 -52.83
CA PRO V 298 -30.86 14.66 -53.03
C PRO V 298 -31.97 15.66 -52.75
N ASN V 299 -31.64 16.72 -52.00
CA ASN V 299 -32.63 17.70 -51.55
C ASN V 299 -32.68 18.86 -52.54
N ILE V 300 -33.40 18.64 -53.65
CA ILE V 300 -33.50 19.67 -54.67
C ILE V 300 -34.85 19.58 -55.40
N ILE V 301 -35.87 19.07 -54.73
CA ILE V 301 -37.16 18.88 -55.38
C ILE V 301 -38.33 19.26 -54.48
N GLY V 302 -38.31 20.47 -53.92
CA GLY V 302 -39.40 20.92 -53.09
C GLY V 302 -39.29 22.37 -52.65
N PRO V 303 -40.45 23.01 -52.47
CA PRO V 303 -40.43 24.39 -51.97
C PRO V 303 -39.85 24.51 -50.57
N GLN V 304 -39.92 23.45 -49.76
CA GLN V 304 -39.28 23.41 -48.45
C GLN V 304 -38.10 22.47 -48.39
N SER V 305 -38.04 21.47 -49.27
CA SER V 305 -36.94 20.49 -49.23
C SER V 305 -35.63 21.09 -49.70
N GLY V 306 -35.67 22.06 -50.61
CA GLY V 306 -34.45 22.66 -51.11
C GLY V 306 -34.43 22.85 -52.61
N GLY V 307 -35.55 22.58 -53.26
CA GLY V 307 -35.73 22.86 -54.67
C GLY V 307 -36.35 24.22 -54.96
N ALA V 308 -36.39 25.11 -53.98
CA ALA V 308 -36.98 26.43 -54.18
C ALA V 308 -35.90 27.41 -54.61
N VAL V 309 -36.19 28.18 -55.65
CA VAL V 309 -35.32 29.26 -56.11
C VAL V 309 -35.94 30.56 -55.61
N GLU V 310 -35.23 31.26 -54.74
CA GLU V 310 -35.71 32.48 -54.13
C GLU V 310 -34.99 33.69 -54.68
N ASN V 311 -35.66 34.85 -54.61
CA ASN V 311 -35.07 36.11 -55.03
C ASN V 311 -35.07 36.26 -56.55
N LEU V 312 -36.25 36.15 -57.17
CA LEU V 312 -36.30 36.33 -58.62
C LEU V 312 -36.58 37.79 -58.95
N PRO V 313 -36.08 38.27 -60.09
CA PRO V 313 -36.34 39.66 -60.47
C PRO V 313 -37.81 39.88 -60.78
N LEU V 314 -38.29 41.09 -60.50
CA LEU V 314 -39.66 41.48 -60.76
C LEU V 314 -39.68 42.75 -61.60
N HIS V 315 -40.81 43.00 -62.27
CA HIS V 315 -40.92 44.15 -63.17
C HIS V 315 -42.39 44.53 -63.30
N GLN V 316 -42.82 45.49 -62.49
CA GLN V 316 -44.17 46.00 -62.56
C GLN V 316 -44.27 47.06 -63.66
N TYR V 317 -45.32 46.96 -64.46
CA TYR V 317 -45.55 47.88 -65.58
C TYR V 317 -47.05 47.94 -65.83
N GLU V 318 -47.46 48.95 -66.60
CA GLU V 318 -48.88 49.20 -66.81
C GLU V 318 -49.50 48.12 -67.68
N ALA V 319 -50.70 47.70 -67.32
CA ALA V 319 -51.47 46.71 -68.07
C ALA V 319 -52.61 47.43 -68.79
N MET V 320 -53.86 46.99 -68.68
CA MET V 320 -54.99 47.69 -69.29
C MET V 320 -55.55 48.77 -68.37
N GLY V 321 -54.70 49.64 -67.86
CA GLY V 321 -55.10 50.63 -66.87
C GLY V 321 -54.70 50.27 -65.46
N GLU V 322 -54.41 48.99 -65.20
CA GLU V 322 -53.81 48.56 -63.95
C GLU V 322 -52.30 48.40 -64.17
N ILE V 323 -51.64 47.73 -63.21
CA ILE V 323 -50.21 47.49 -63.25
C ILE V 323 -49.92 46.07 -62.77
N GLN V 324 -49.21 45.30 -63.61
CA GLN V 324 -48.90 43.90 -63.33
C GLN V 324 -47.41 43.68 -63.53
N THR V 325 -46.92 42.57 -62.96
CA THR V 325 -45.50 42.23 -62.96
C THR V 325 -45.21 41.16 -63.99
N LYS V 326 -44.15 41.39 -64.78
CA LYS V 326 -43.68 40.39 -65.72
C LYS V 326 -43.25 39.16 -64.95
N ILE V 327 -43.84 38.01 -65.29
CA ILE V 327 -43.56 36.78 -64.55
C ILE V 327 -42.09 36.44 -64.70
N PRO V 328 -41.39 36.10 -63.61
CA PRO V 328 -39.96 35.75 -63.73
C PRO V 328 -39.70 34.61 -64.69
N THR V 329 -40.62 33.65 -64.80
CA THR V 329 -40.64 32.68 -65.87
C THR V 329 -41.65 33.12 -66.90
N GLU V 330 -41.47 32.64 -68.14
CA GLU V 330 -42.31 33.09 -69.25
C GLU V 330 -43.78 32.92 -68.94
N VAL V 331 -44.15 31.84 -68.25
CA VAL V 331 -45.55 31.54 -67.94
C VAL V 331 -45.68 31.12 -66.48
N MET V 332 -46.92 31.17 -65.99
CA MET V 332 -47.25 30.72 -64.64
C MET V 332 -47.81 29.31 -64.80
N LEU V 333 -46.96 28.31 -64.60
CA LEU V 333 -47.34 26.94 -64.86
C LEU V 333 -48.29 26.43 -63.76
N THR V 334 -49.41 25.84 -64.19
CA THR V 334 -50.34 25.23 -63.25
C THR V 334 -49.88 23.83 -62.88
N GLU V 335 -50.48 23.30 -61.80
CA GLU V 335 -50.07 21.99 -61.30
C GLU V 335 -50.26 20.90 -62.33
N ARG V 336 -51.37 20.94 -63.08
CA ARG V 336 -51.63 19.92 -64.09
C ARG V 336 -50.61 19.98 -65.21
N ARG V 337 -50.29 21.19 -65.70
CA ARG V 337 -49.30 21.32 -66.77
C ARG V 337 -47.92 20.88 -66.29
N GLU V 338 -47.54 21.25 -65.07
CA GLU V 338 -46.27 20.80 -64.52
C GLU V 338 -46.23 19.28 -64.42
N PHE V 339 -47.35 18.67 -64.03
CA PHE V 339 -47.40 17.21 -63.95
C PHE V 339 -47.24 16.59 -65.33
N GLU V 340 -47.87 17.16 -66.35
CA GLU V 340 -47.71 16.66 -67.71
C GLU V 340 -46.26 16.73 -68.16
N LEU V 341 -45.62 17.90 -67.94
CA LEU V 341 -44.21 18.03 -68.28
C LEU V 341 -43.35 17.01 -67.54
N SER V 342 -43.69 16.73 -66.29
CA SER V 342 -42.95 15.72 -65.53
C SER V 342 -43.14 14.33 -66.14
N GLU V 343 -44.35 14.02 -66.59
CA GLU V 343 -44.59 12.76 -67.29
C GLU V 343 -43.79 12.69 -68.59
N GLU V 344 -43.52 13.84 -69.21
CA GLU V 344 -42.72 13.92 -70.43
C GLU V 344 -41.22 14.04 -70.15
N GLY V 345 -40.80 13.81 -68.91
CA GLY V 345 -39.38 13.84 -68.59
C GLY V 345 -38.74 15.21 -68.63
N PHE V 346 -39.50 16.26 -68.35
CA PHE V 346 -38.97 17.62 -68.34
C PHE V 346 -38.91 18.15 -66.91
N ILE V 347 -37.94 19.00 -66.64
CA ILE V 347 -37.74 19.60 -65.33
C ILE V 347 -38.30 21.02 -65.41
N GLY V 348 -39.56 21.19 -65.02
CA GLY V 348 -40.20 22.48 -65.11
C GLY V 348 -40.07 23.30 -63.84
N LEU V 349 -39.43 24.47 -63.95
CA LEU V 349 -39.33 25.40 -62.83
C LEU V 349 -40.63 26.20 -62.77
N VAL V 350 -41.46 25.91 -61.77
CA VAL V 350 -42.77 26.55 -61.66
C VAL V 350 -42.66 27.84 -60.87
N PHE V 351 -43.47 28.83 -61.24
CA PHE V 351 -43.45 30.13 -60.58
C PHE V 351 -44.51 30.17 -59.50
N ARG V 352 -44.13 30.61 -58.30
CA ARG V 352 -45.06 30.72 -57.19
C ARG V 352 -45.92 31.94 -57.45
N LYS V 353 -47.23 31.71 -57.60
CA LYS V 353 -48.17 32.76 -57.99
C LYS V 353 -47.88 34.07 -57.26
N ASP V 354 -47.46 35.08 -58.01
CA ASP V 354 -47.19 36.39 -57.45
C ASP V 354 -45.95 36.42 -56.58
N SER V 355 -45.20 35.32 -56.55
CA SER V 355 -43.99 35.29 -55.73
C SER V 355 -42.88 36.08 -56.39
N ASP V 356 -41.71 36.11 -55.74
CA ASP V 356 -40.41 36.20 -56.38
C ASP V 356 -39.72 34.83 -56.26
N ASN V 357 -40.53 33.80 -56.09
CA ASN V 357 -40.06 32.46 -55.77
C ASN V 357 -40.59 31.46 -56.79
N ALA V 358 -39.71 30.54 -57.20
CA ALA V 358 -40.07 29.42 -58.04
C ALA V 358 -39.67 28.13 -57.34
N ALA V 359 -40.05 26.99 -57.93
CA ALA V 359 -39.80 25.70 -57.31
C ALA V 359 -39.69 24.62 -58.37
N PHE V 360 -38.82 23.65 -58.09
CA PHE V 360 -38.70 22.45 -58.92
C PHE V 360 -39.39 21.34 -58.13
N PHE V 361 -40.59 20.95 -58.57
CA PHE V 361 -41.35 19.95 -57.84
C PHE V 361 -40.75 18.56 -58.00
N SER V 362 -39.98 18.33 -59.06
CA SER V 362 -39.41 17.01 -59.30
C SER V 362 -38.28 17.14 -60.32
N ALA V 363 -37.34 16.21 -60.24
CA ALA V 363 -36.22 16.20 -61.17
C ALA V 363 -36.12 14.84 -61.86
N ASN V 364 -37.14 14.48 -62.64
CA ASN V 364 -37.09 13.25 -63.40
C ASN V 364 -36.10 13.39 -64.56
N SER V 365 -35.43 12.30 -64.89
CA SER V 365 -34.52 12.30 -66.03
C SER V 365 -35.31 12.14 -67.32
N THR V 366 -34.59 12.12 -68.45
CA THR V 366 -35.26 11.92 -69.73
C THR V 366 -35.79 10.50 -69.87
N GLN V 367 -35.21 9.55 -69.15
CA GLN V 367 -35.57 8.14 -69.32
C GLN V 367 -37.04 7.90 -68.96
N LYS V 368 -37.72 7.14 -69.81
CA LYS V 368 -39.12 6.80 -69.57
C LYS V 368 -39.20 5.51 -68.76
N PRO V 369 -40.07 5.44 -67.75
CA PRO V 369 -40.14 4.22 -66.94
C PRO V 369 -40.77 3.08 -67.72
N ARG V 370 -40.36 1.86 -67.37
CA ARG V 370 -40.87 0.67 -68.01
C ARG V 370 -41.98 0.04 -67.18
N PHE V 371 -42.93 -0.57 -67.86
CA PHE V 371 -44.06 -1.22 -67.21
C PHE V 371 -43.84 -2.73 -67.18
N PHE V 372 -44.18 -3.33 -66.04
CA PHE V 372 -44.05 -4.77 -65.85
C PHE V 372 -45.40 -5.35 -65.45
N GLY V 373 -45.48 -6.68 -65.49
CA GLY V 373 -46.69 -7.35 -65.07
C GLY V 373 -47.00 -7.06 -63.63
N ASN V 374 -48.30 -6.89 -63.34
CA ASN V 374 -48.76 -6.49 -62.00
C ASN V 374 -48.83 -7.71 -61.09
N THR V 375 -47.66 -8.25 -60.80
CA THR V 375 -47.46 -9.28 -59.79
C THR V 375 -46.53 -8.70 -58.73
N PRO V 376 -46.33 -9.42 -57.62
CA PRO V 376 -45.39 -8.89 -56.61
C PRO V 376 -44.02 -8.59 -57.19
N GLU V 377 -43.43 -9.56 -57.90
CA GLU V 377 -42.11 -9.35 -58.50
C GLU V 377 -42.15 -8.27 -59.56
N GLY V 378 -43.20 -8.24 -60.38
CA GLY V 378 -43.27 -7.22 -61.42
C GLY V 378 -43.34 -5.81 -60.87
N LYS V 379 -44.19 -5.61 -59.85
CA LYS V 379 -44.26 -4.30 -59.19
C LYS V 379 -42.94 -3.94 -58.51
N ALA V 380 -42.25 -4.93 -57.91
CA ALA V 380 -40.92 -4.65 -57.39
C ALA V 380 -39.99 -4.15 -58.48
N ALA V 381 -40.01 -4.80 -59.65
CA ALA V 381 -39.19 -4.36 -60.78
C ALA V 381 -39.54 -2.93 -61.19
N GLU V 382 -40.84 -2.61 -61.24
CA GLU V 382 -41.24 -1.25 -61.56
C GLU V 382 -40.65 -0.25 -60.57
N THR V 383 -40.74 -0.55 -59.27
CA THR V 383 -40.22 0.35 -58.25
C THR V 383 -38.73 0.61 -58.47
N ASN V 384 -37.94 -0.45 -58.60
CA ASN V 384 -36.50 -0.27 -58.83
C ASN V 384 -36.23 0.59 -60.06
N TYR V 385 -36.89 0.28 -61.18
CA TYR V 385 -36.66 1.02 -62.42
C TYR V 385 -36.94 2.51 -62.25
N ARG V 386 -38.09 2.86 -61.65
CA ARG V 386 -38.41 4.28 -61.46
C ARG V 386 -37.37 4.96 -60.58
N LEU V 387 -37.00 4.32 -59.46
CA LEU V 387 -35.88 4.80 -58.68
C LEU V 387 -34.70 5.14 -59.57
N GLY V 388 -34.36 4.25 -60.51
CA GLY V 388 -33.32 4.57 -61.47
C GLY V 388 -33.64 5.80 -62.32
N THR V 389 -34.91 5.98 -62.67
CA THR V 389 -35.33 7.08 -63.53
C THR V 389 -35.26 8.44 -62.84
N GLN V 390 -35.13 8.47 -61.51
CA GLN V 390 -35.14 9.72 -60.75
C GLN V 390 -33.72 10.21 -60.46
N LEU V 391 -33.45 11.46 -60.80
CA LEU V 391 -32.14 12.05 -60.51
C LEU V 391 -31.88 12.19 -59.02
N PRO V 392 -32.87 12.47 -58.17
CA PRO V 392 -32.61 12.63 -56.73
C PRO V 392 -31.98 11.41 -56.07
N TYR V 393 -32.17 10.23 -56.65
CA TYR V 393 -31.48 9.02 -56.22
C TYR V 393 -30.26 8.71 -57.06
N MET V 394 -30.33 9.01 -58.37
CA MET V 394 -29.16 8.87 -59.23
C MET V 394 -27.95 9.57 -58.63
N PHE V 395 -28.15 10.73 -57.98
CA PHE V 395 -27.04 11.46 -57.38
C PHE V 395 -26.38 10.67 -56.26
N ILE V 396 -27.18 10.03 -55.41
CA ILE V 396 -26.61 9.16 -54.37
C ILE V 396 -25.77 8.06 -55.02
N MET V 397 -26.32 7.42 -56.04
CA MET V 397 -25.56 6.38 -56.75
C MET V 397 -24.23 6.92 -57.28
N THR V 398 -24.23 8.12 -57.84
CA THR V 398 -23.01 8.67 -58.43
C THR V 398 -21.96 8.99 -57.37
N ARG V 399 -22.38 9.62 -56.27
CA ARG V 399 -21.43 9.85 -55.18
C ARG V 399 -20.83 8.54 -54.68
N LEU V 400 -21.67 7.51 -54.55
CA LEU V 400 -21.16 6.21 -54.11
C LEU V 400 -20.11 5.67 -55.08
N ALA V 401 -20.35 5.80 -56.39
CA ALA V 401 -19.38 5.31 -57.37
C ALA V 401 -18.05 6.05 -57.26
N HIS V 402 -18.09 7.39 -57.11
CA HIS V 402 -16.86 8.14 -56.94
C HIS V 402 -16.07 7.66 -55.71
N TYR V 403 -16.75 7.57 -54.56
CA TYR V 403 -16.08 7.11 -53.34
C TYR V 403 -15.49 5.72 -53.53
N ILE V 404 -16.21 4.84 -54.21
CA ILE V 404 -15.73 3.47 -54.40
C ILE V 404 -14.45 3.45 -55.23
N LYS V 405 -14.47 4.14 -56.38
CA LYS V 405 -13.26 4.21 -57.21
C LYS V 405 -12.08 4.72 -56.39
N VAL V 406 -12.21 5.92 -55.82
CA VAL V 406 -11.11 6.54 -55.08
C VAL V 406 -10.60 5.59 -53.99
N LEU V 407 -11.48 5.20 -53.06
CA LEU V 407 -11.05 4.47 -51.88
C LEU V 407 -10.50 3.08 -52.20
N GLN V 408 -11.03 2.43 -53.24
CA GLN V 408 -10.54 1.10 -53.59
C GLN V 408 -9.16 1.15 -54.22
N ARG V 409 -8.91 2.18 -55.05
CA ARG V 409 -7.57 2.38 -55.59
C ARG V 409 -6.51 2.32 -54.49
N GLU V 410 -6.80 2.90 -53.32
CA GLU V 410 -5.82 2.91 -52.23
C GLU V 410 -5.65 1.53 -51.59
N GLN V 411 -6.64 0.65 -51.76
CA GLN V 411 -6.58 -0.69 -51.19
C GLN V 411 -5.92 -1.70 -52.12
N ILE V 412 -5.79 -1.37 -53.41
CA ILE V 412 -5.09 -2.26 -54.33
C ILE V 412 -3.71 -2.62 -53.77
N GLY V 413 -3.40 -3.92 -53.74
CA GLY V 413 -2.13 -4.41 -53.25
C GLY V 413 -2.19 -5.02 -51.86
N SER V 414 -3.25 -4.76 -51.10
CA SER V 414 -3.37 -5.30 -49.75
C SER V 414 -3.81 -6.77 -49.79
N TRP V 415 -3.54 -7.47 -48.69
CA TRP V 415 -3.87 -8.89 -48.58
C TRP V 415 -5.36 -9.04 -48.28
N LYS V 416 -6.14 -9.14 -49.34
CA LYS V 416 -7.60 -9.16 -49.25
C LYS V 416 -8.12 -10.48 -49.79
N GLU V 417 -8.80 -11.24 -48.93
CA GLU V 417 -9.61 -12.36 -49.37
C GLU V 417 -11.06 -11.89 -49.56
N LYS V 418 -11.87 -12.75 -50.20
CA LYS V 418 -13.24 -12.37 -50.54
C LYS V 418 -14.02 -11.91 -49.30
N SER V 419 -14.05 -12.75 -48.26
CA SER V 419 -14.70 -12.38 -47.01
C SER V 419 -14.13 -11.10 -46.41
N ASP V 420 -12.84 -10.85 -46.58
CA ASP V 420 -12.27 -9.57 -46.15
C ASP V 420 -12.93 -8.41 -46.89
N LEU V 421 -13.08 -8.55 -48.21
CA LEU V 421 -13.83 -7.55 -48.97
C LEU V 421 -15.24 -7.37 -48.42
N GLU V 422 -15.92 -8.48 -48.12
CA GLU V 422 -17.28 -8.39 -47.59
C GLU V 422 -17.33 -7.59 -46.29
N ARG V 423 -16.48 -7.93 -45.32
CA ARG V 423 -16.50 -7.27 -44.03
C ARG V 423 -16.18 -5.78 -44.16
N GLU V 424 -15.07 -5.46 -44.84
CA GLU V 424 -14.67 -4.06 -44.95
C GLU V 424 -15.73 -3.24 -45.66
N LEU V 425 -16.26 -3.74 -46.79
CA LEU V 425 -17.24 -2.99 -47.56
C LEU V 425 -18.52 -2.77 -46.75
N ASN V 426 -18.96 -3.78 -46.00
CA ASN V 426 -20.11 -3.59 -45.12
C ASN V 426 -19.86 -2.47 -44.12
N HIS V 427 -18.74 -2.56 -43.38
CA HIS V 427 -18.40 -1.53 -42.40
C HIS V 427 -18.34 -0.15 -43.02
N TRP V 428 -17.90 -0.04 -44.28
CA TRP V 428 -17.80 1.25 -44.93
C TRP V 428 -19.18 1.78 -45.33
N LEU V 429 -19.99 0.94 -45.97
CA LEU V 429 -21.32 1.36 -46.40
C LEU V 429 -22.18 1.80 -45.23
N SER V 430 -22.00 1.18 -44.06
CA SER V 430 -22.78 1.57 -42.88
C SER V 430 -22.64 3.05 -42.55
N GLN V 431 -21.57 3.70 -43.02
CA GLN V 431 -21.30 5.09 -42.66
C GLN V 431 -22.39 6.04 -43.17
N TYR V 432 -23.07 5.67 -44.25
CA TYR V 432 -24.11 6.51 -44.84
C TYR V 432 -25.51 5.94 -44.66
N ILE V 433 -25.70 5.09 -43.65
CA ILE V 433 -26.96 4.40 -43.42
C ILE V 433 -27.62 4.97 -42.17
N SER V 434 -28.91 5.27 -42.27
CA SER V 434 -29.71 5.73 -41.13
C SER V 434 -30.92 4.80 -41.00
N ASP V 435 -30.79 3.74 -40.21
CA ASP V 435 -31.88 2.76 -40.08
C ASP V 435 -32.50 2.65 -38.69
N MET V 436 -32.97 3.75 -38.09
CA MET V 436 -33.54 3.76 -36.74
C MET V 436 -35.07 3.56 -36.75
N ASP V 437 -35.77 4.41 -35.96
CA ASP V 437 -37.24 4.32 -35.82
C ASP V 437 -37.96 5.48 -36.50
N ASP V 438 -37.75 6.65 -36.02
CA ASP V 438 -38.32 7.69 -36.90
C ASP V 438 -37.29 8.77 -37.23
N PRO V 439 -36.77 8.85 -38.44
CA PRO V 439 -35.58 9.66 -38.69
C PRO V 439 -35.86 11.16 -38.59
N ALA V 440 -34.94 11.87 -37.91
CA ALA V 440 -34.88 13.31 -37.93
C ALA V 440 -35.18 13.81 -39.34
N PRO V 441 -36.37 14.33 -39.60
CA PRO V 441 -36.76 14.62 -40.97
C PRO V 441 -35.78 15.60 -41.59
N ALA V 442 -35.34 15.27 -42.81
CA ALA V 442 -34.31 16.05 -43.47
C ALA V 442 -32.97 15.94 -42.74
N VAL V 443 -32.85 14.93 -41.89
CA VAL V 443 -31.57 14.54 -41.30
C VAL V 443 -31.04 13.26 -41.91
N ARG V 444 -31.93 12.39 -42.41
CA ARG V 444 -31.53 11.31 -43.29
C ARG V 444 -31.05 11.92 -44.59
N SER V 445 -31.08 13.27 -44.67
CA SER V 445 -30.41 13.97 -45.74
C SER V 445 -28.92 13.66 -45.75
N ARG V 446 -28.26 13.78 -44.60
CA ARG V 446 -26.83 13.49 -44.52
C ARG V 446 -26.55 12.00 -44.65
N ARG V 447 -27.52 11.14 -44.30
CA ARG V 447 -27.42 9.69 -44.42
C ARG V 447 -28.55 9.23 -45.33
N PRO V 448 -28.38 9.34 -46.65
CA PRO V 448 -29.52 9.13 -47.55
C PRO V 448 -29.98 7.68 -47.65
N LEU V 449 -29.15 6.73 -47.22
CA LEU V 449 -29.49 5.32 -47.32
C LEU V 449 -30.20 4.83 -46.07
N ARG V 450 -31.18 3.95 -46.28
CA ARG V 450 -31.85 3.24 -45.20
C ARG V 450 -31.37 1.80 -45.06
N ALA V 451 -31.14 1.10 -46.17
CA ALA V 451 -30.63 -0.26 -46.13
C ALA V 451 -29.60 -0.45 -47.23
N ALA V 452 -28.79 -1.50 -47.09
CA ALA V 452 -27.76 -1.78 -48.09
C ALA V 452 -27.28 -3.21 -47.92
N ARG V 453 -27.00 -3.86 -49.05
CA ARG V 453 -26.55 -5.24 -49.09
C ARG V 453 -25.38 -5.35 -50.07
N VAL V 454 -24.35 -6.09 -49.66
CA VAL V 454 -23.13 -6.26 -50.44
C VAL V 454 -22.79 -7.74 -50.49
N VAL V 455 -22.52 -8.24 -51.68
CA VAL V 455 -22.10 -9.63 -51.90
C VAL V 455 -20.82 -9.62 -52.72
N VAL V 456 -19.88 -10.50 -52.37
CA VAL V 456 -18.58 -10.55 -53.03
C VAL V 456 -18.30 -11.99 -53.44
N GLU V 457 -18.01 -12.19 -54.73
CA GLU V 457 -17.60 -13.47 -55.25
C GLU V 457 -16.22 -13.32 -55.87
N ASP V 458 -15.62 -14.44 -56.21
CA ASP V 458 -14.41 -14.41 -57.00
C ASP V 458 -14.75 -14.72 -58.45
N VAL V 459 -14.23 -13.88 -59.35
CA VAL V 459 -13.98 -14.29 -60.73
C VAL V 459 -13.24 -15.62 -60.64
N GLU V 460 -13.47 -16.51 -61.60
CA GLU V 460 -12.73 -17.76 -61.68
C GLU V 460 -11.83 -17.74 -62.92
N GLY V 461 -10.50 -17.86 -62.69
CA GLY V 461 -9.46 -17.82 -63.72
C GLY V 461 -8.13 -17.11 -63.39
N GLN V 462 -7.91 -16.68 -62.16
CA GLN V 462 -6.71 -15.89 -61.84
C GLN V 462 -6.72 -15.47 -60.38
N PRO V 463 -5.62 -14.97 -59.84
CA PRO V 463 -5.59 -14.84 -58.38
C PRO V 463 -5.72 -13.43 -57.81
N GLY V 464 -6.94 -13.04 -57.39
CA GLY V 464 -7.11 -11.86 -56.53
C GLY V 464 -8.01 -10.73 -57.04
N TRP V 465 -8.88 -10.99 -58.00
CA TRP V 465 -9.92 -10.04 -58.40
C TRP V 465 -11.28 -10.63 -58.03
N TYR V 466 -12.24 -9.77 -57.74
CA TYR V 466 -13.54 -10.22 -57.27
C TYR V 466 -14.65 -9.52 -58.02
N ARG V 467 -15.87 -10.05 -57.89
CA ARG V 467 -17.07 -9.46 -58.46
C ARG V 467 -17.93 -9.03 -57.28
N CYS V 468 -18.19 -7.73 -57.18
CA CYS V 468 -18.91 -7.17 -56.05
C CYS V 468 -20.27 -6.65 -56.51
N SER V 469 -21.29 -6.92 -55.70
CA SER V 469 -22.66 -6.46 -55.96
C SER V 469 -23.10 -5.64 -54.76
N LEU V 470 -23.51 -4.40 -55.02
CA LEU V 470 -23.94 -3.47 -53.99
C LEU V 470 -25.33 -2.96 -54.35
N GLN V 471 -26.31 -3.24 -53.49
CA GLN V 471 -27.69 -2.81 -53.69
C GLN V 471 -28.10 -1.98 -52.49
N VAL V 472 -28.79 -0.87 -52.75
CA VAL V 472 -29.10 0.10 -51.70
C VAL V 472 -30.59 0.45 -51.74
N ARG V 473 -31.15 0.65 -50.54
CA ARG V 473 -32.52 1.12 -50.38
C ARG V 473 -32.44 2.49 -49.71
N PRO V 474 -32.63 3.57 -50.46
CA PRO V 474 -32.57 4.90 -49.86
C PRO V 474 -33.93 5.36 -49.40
N HIS V 475 -33.92 6.45 -48.61
CA HIS V 475 -35.17 7.00 -48.10
C HIS V 475 -35.99 7.59 -49.23
N PHE V 476 -37.32 7.49 -49.10
CA PHE V 476 -38.22 7.95 -50.14
C PHE V 476 -38.57 9.43 -49.97
N LEU W 30 -49.43 -13.40 -19.19
CA LEU W 30 -50.59 -13.73 -20.00
C LEU W 30 -51.80 -12.92 -19.58
N PRO W 31 -52.40 -12.20 -20.53
CA PRO W 31 -53.58 -11.40 -20.21
C PRO W 31 -54.78 -12.29 -19.91
N LEU W 32 -55.82 -11.69 -19.34
CA LEU W 32 -57.08 -12.37 -19.05
C LEU W 32 -58.06 -11.95 -20.13
N LYS W 33 -58.27 -12.82 -21.11
CA LYS W 33 -59.12 -12.54 -22.27
C LYS W 33 -60.43 -13.31 -22.14
N VAL W 34 -61.54 -12.60 -22.25
CA VAL W 34 -62.87 -13.18 -22.16
C VAL W 34 -63.56 -13.06 -23.51
N LEU W 35 -64.38 -14.06 -23.82
CA LEU W 35 -65.14 -14.11 -25.08
C LEU W 35 -66.62 -14.03 -24.74
N MET W 36 -67.24 -12.91 -25.10
CA MET W 36 -68.67 -12.71 -24.91
C MET W 36 -69.37 -13.13 -26.19
N LEU W 37 -70.12 -14.23 -26.14
CA LEU W 37 -70.84 -14.76 -27.28
C LEU W 37 -72.33 -14.53 -27.05
N GLY W 38 -73.02 -13.95 -28.03
CA GLY W 38 -74.43 -13.69 -27.84
C GLY W 38 -75.04 -13.02 -29.06
N ASP W 39 -76.37 -12.86 -28.99
CA ASP W 39 -77.16 -12.30 -30.09
C ASP W 39 -77.23 -10.79 -29.93
N PHE W 40 -76.18 -10.13 -30.42
CA PHE W 40 -76.08 -8.68 -30.32
C PHE W 40 -76.81 -7.94 -31.43
N THR W 41 -77.36 -8.65 -32.41
CA THR W 41 -78.08 -8.05 -33.52
C THR W 41 -79.52 -8.54 -33.53
N GLY W 42 -80.35 -7.87 -34.32
CA GLY W 42 -81.75 -8.26 -34.44
C GLY W 42 -82.01 -9.41 -35.38
N GLN W 43 -80.97 -9.98 -35.98
CA GLN W 43 -81.16 -11.09 -36.90
C GLN W 43 -79.85 -11.88 -36.99
N GLU W 44 -79.98 -13.14 -37.40
CA GLU W 44 -78.79 -13.95 -37.60
C GLU W 44 -78.11 -13.56 -38.91
N ASP W 45 -76.80 -13.78 -38.94
CA ASP W 45 -76.05 -13.65 -40.18
C ASP W 45 -75.98 -14.99 -40.90
N ALA W 46 -76.04 -14.95 -42.23
CA ALA W 46 -75.76 -16.15 -43.01
C ALA W 46 -74.28 -16.53 -42.97
N ARG W 47 -73.42 -15.71 -42.34
CA ARG W 47 -71.98 -15.97 -42.29
C ARG W 47 -71.67 -17.23 -41.48
N PRO W 48 -70.95 -18.20 -42.06
CA PRO W 48 -70.40 -19.29 -41.26
C PRO W 48 -69.86 -18.80 -39.93
N LEU W 49 -70.13 -19.56 -38.86
CA LEU W 49 -69.89 -19.08 -37.52
C LEU W 49 -68.45 -18.60 -37.38
N GLU W 50 -67.51 -19.32 -37.99
CA GLU W 50 -66.11 -18.94 -37.89
C GLU W 50 -65.64 -18.07 -39.05
N GLN W 51 -66.37 -18.05 -40.17
CA GLN W 51 -66.22 -16.94 -41.11
C GLN W 51 -66.30 -15.57 -40.44
N ARG W 52 -67.37 -15.33 -39.68
CA ARG W 52 -67.49 -14.08 -38.93
C ARG W 52 -66.38 -13.96 -37.90
N ALA W 53 -65.93 -12.73 -37.68
CA ALA W 53 -64.78 -12.50 -36.82
C ALA W 53 -65.21 -11.90 -35.48
N PRO W 54 -64.40 -12.06 -34.46
CA PRO W 54 -64.70 -11.40 -33.18
C PRO W 54 -64.18 -9.97 -33.18
N ILE W 55 -64.72 -9.17 -32.27
CA ILE W 55 -64.39 -7.74 -32.20
C ILE W 55 -63.81 -7.43 -30.83
N ASN W 56 -62.64 -6.79 -30.79
CA ASN W 56 -62.02 -6.41 -29.54
C ASN W 56 -62.68 -5.14 -29.00
N VAL W 57 -63.10 -5.18 -27.74
CA VAL W 57 -63.88 -4.11 -27.15
C VAL W 57 -63.15 -3.57 -25.92
N ASP W 58 -63.19 -2.25 -25.74
CA ASP W 58 -62.56 -1.59 -24.61
C ASP W 58 -63.26 -0.26 -24.37
N LYS W 59 -62.94 0.36 -23.23
CA LYS W 59 -63.65 1.57 -22.82
C LYS W 59 -63.46 2.72 -23.80
N ALA W 60 -62.37 2.72 -24.56
CA ALA W 60 -62.05 3.82 -25.46
C ALA W 60 -62.62 3.64 -26.85
N ASN W 61 -63.51 2.66 -27.07
CA ASN W 61 -64.05 2.45 -28.40
C ASN W 61 -65.35 1.66 -28.42
N PHE W 62 -66.01 1.52 -27.27
CA PHE W 62 -67.24 0.74 -27.20
C PHE W 62 -68.30 1.32 -28.13
N ASN W 63 -68.55 2.62 -28.03
CA ASN W 63 -69.54 3.27 -28.89
C ASN W 63 -69.18 3.10 -30.36
N GLU W 64 -67.90 3.25 -30.70
CA GLU W 64 -67.46 3.02 -32.07
C GLU W 64 -67.78 1.59 -32.51
N VAL W 65 -67.63 0.63 -31.61
CA VAL W 65 -67.96 -0.76 -31.92
C VAL W 65 -69.45 -0.90 -32.20
N MET W 66 -70.29 -0.20 -31.42
CA MET W 66 -71.73 -0.22 -31.70
C MET W 66 -72.02 0.35 -33.08
N ALA W 67 -71.47 1.53 -33.38
CA ALA W 67 -71.73 2.19 -34.66
C ALA W 67 -71.29 1.32 -35.84
N GLN W 68 -70.11 0.69 -35.72
CA GLN W 68 -69.62 -0.17 -36.79
C GLN W 68 -70.44 -1.46 -36.91
N GLN W 69 -70.94 -1.97 -35.79
CA GLN W 69 -71.78 -3.17 -35.83
C GLN W 69 -73.12 -2.89 -36.50
N ASN W 70 -73.65 -1.68 -36.31
CA ASN W 70 -74.87 -1.26 -37.00
C ASN W 70 -76.11 -2.00 -36.49
N LEU W 71 -76.88 -1.36 -35.62
CA LEU W 71 -78.03 -2.00 -34.98
C LEU W 71 -79.33 -1.59 -35.68
N LYS W 72 -80.22 -2.55 -35.86
CA LYS W 72 -81.49 -2.27 -36.52
C LYS W 72 -82.55 -3.22 -35.98
N VAL W 73 -83.75 -2.67 -35.74
CA VAL W 73 -84.88 -3.43 -35.21
C VAL W 73 -86.11 -3.09 -36.04
N THR W 74 -86.63 -4.08 -36.75
CA THR W 74 -87.89 -3.96 -37.49
C THR W 74 -88.93 -4.75 -36.70
N LEU W 75 -89.88 -4.04 -36.09
CA LEU W 75 -90.80 -4.71 -35.18
C LEU W 75 -92.13 -3.98 -35.16
N THR W 76 -93.18 -4.70 -34.79
CA THR W 76 -94.54 -4.19 -34.74
C THR W 76 -95.05 -4.25 -33.30
N ALA W 77 -95.58 -3.13 -32.82
CA ALA W 77 -96.21 -3.04 -31.52
C ALA W 77 -97.64 -2.55 -31.67
N ALA W 78 -98.42 -2.71 -30.62
CA ALA W 78 -99.82 -2.27 -30.64
C ALA W 78 -99.88 -0.76 -30.78
N ASP W 79 -100.74 -0.29 -31.67
CA ASP W 79 -100.90 1.14 -31.93
C ASP W 79 -101.89 1.71 -30.92
N LYS W 80 -101.36 2.34 -29.87
CA LYS W 80 -102.17 2.93 -28.81
C LYS W 80 -102.43 4.41 -29.02
N LEU W 81 -102.16 4.93 -30.21
CA LEU W 81 -102.50 6.31 -30.56
C LEU W 81 -103.94 6.47 -30.99
N SER W 82 -104.70 5.38 -31.07
CA SER W 82 -106.12 5.42 -31.39
C SER W 82 -106.86 4.43 -30.50
N ALA W 83 -108.11 4.12 -30.84
CA ALA W 83 -108.92 3.20 -30.07
C ALA W 83 -109.36 2.00 -30.91
N ASP W 84 -108.43 1.42 -31.65
CA ASP W 84 -108.72 0.30 -32.54
C ASP W 84 -107.82 -0.87 -32.20
N PRO W 85 -108.36 -2.02 -31.79
CA PRO W 85 -107.49 -3.16 -31.46
C PRO W 85 -106.81 -3.76 -32.68
N ASN W 86 -107.33 -3.51 -33.88
CA ASN W 86 -106.69 -3.97 -35.11
C ASN W 86 -105.61 -3.02 -35.60
N ALA W 87 -105.43 -1.88 -34.95
CA ALA W 87 -104.41 -0.91 -35.35
C ALA W 87 -103.06 -1.34 -34.80
N THR W 88 -102.08 -1.50 -35.69
CA THR W 88 -100.73 -1.87 -35.31
C THR W 88 -99.74 -0.89 -35.92
N MET W 89 -98.60 -0.73 -35.26
CA MET W 89 -97.58 0.22 -35.69
C MET W 89 -96.27 -0.52 -35.89
N ASN W 90 -95.71 -0.43 -37.10
CA ASN W 90 -94.45 -1.05 -37.44
C ASN W 90 -93.36 0.02 -37.46
N VAL W 91 -92.26 -0.25 -36.76
CA VAL W 91 -91.15 0.68 -36.61
C VAL W 91 -89.85 0.02 -37.05
N SER W 92 -88.93 0.85 -37.53
CA SER W 92 -87.61 0.43 -37.97
C SER W 92 -86.60 1.33 -37.25
N LEU W 93 -86.18 0.92 -36.06
CA LEU W 93 -85.24 1.68 -35.27
C LEU W 93 -83.80 1.32 -35.65
N GLN W 94 -82.92 2.31 -35.54
CA GLN W 94 -81.50 2.15 -35.86
C GLN W 94 -80.67 2.64 -34.70
N PHE W 95 -79.60 1.91 -34.39
CA PHE W 95 -78.76 2.18 -33.23
C PHE W 95 -77.30 2.23 -33.63
N LYS W 96 -76.64 3.31 -33.20
CA LYS W 96 -75.19 3.48 -33.29
C LYS W 96 -74.51 3.62 -31.94
N ASN W 97 -75.24 4.04 -30.90
CA ASN W 97 -74.71 4.15 -29.55
C ASN W 97 -75.84 3.90 -28.55
N LEU W 98 -75.45 3.70 -27.28
CA LEU W 98 -76.41 3.28 -26.26
C LEU W 98 -77.52 4.31 -26.06
N ASN W 99 -77.21 5.60 -26.26
CA ASN W 99 -78.21 6.64 -26.07
C ASN W 99 -79.25 6.65 -27.18
N ASP W 100 -78.99 5.94 -28.29
CA ASP W 100 -80.03 5.66 -29.27
C ASP W 100 -81.16 4.80 -28.69
N PHE W 101 -80.98 4.27 -27.48
CA PHE W 101 -82.02 3.52 -26.79
C PHE W 101 -82.92 4.40 -25.93
N SER W 102 -82.62 5.69 -25.84
CA SER W 102 -83.43 6.58 -25.02
C SER W 102 -84.75 6.91 -25.73
N PRO W 103 -85.79 7.23 -24.95
CA PRO W 103 -87.08 7.57 -25.56
C PRO W 103 -87.02 8.75 -26.51
N GLU W 104 -86.09 9.69 -26.30
CA GLU W 104 -85.94 10.80 -27.23
C GLU W 104 -85.56 10.31 -28.63
N SER W 105 -84.55 9.44 -28.71
CA SER W 105 -84.18 8.82 -29.98
C SER W 105 -85.32 7.96 -30.54
N VAL W 106 -85.97 7.16 -29.68
CA VAL W 106 -87.09 6.34 -30.14
C VAL W 106 -88.15 7.21 -30.82
N VAL W 107 -88.50 8.34 -30.19
CA VAL W 107 -89.48 9.25 -30.77
C VAL W 107 -88.93 9.86 -32.06
N ASN W 108 -87.64 10.22 -32.06
CA ASN W 108 -87.03 10.80 -33.26
C ASN W 108 -87.12 9.86 -34.44
N GLN W 109 -87.10 8.55 -34.19
CA GLN W 109 -87.08 7.55 -35.26
C GLN W 109 -88.45 6.99 -35.61
N VAL W 110 -89.52 7.47 -34.96
CA VAL W 110 -90.87 7.00 -35.21
C VAL W 110 -91.74 8.20 -35.53
N PRO W 111 -92.00 8.47 -36.82
CA PRO W 111 -92.74 9.70 -37.18
C PRO W 111 -94.09 9.86 -36.52
N GLU W 112 -94.79 8.74 -36.27
CA GLU W 112 -96.08 8.77 -35.59
C GLU W 112 -95.99 9.36 -34.19
N LEU W 113 -94.81 9.37 -33.60
CA LEU W 113 -94.54 10.03 -32.33
C LEU W 113 -93.79 11.34 -32.46
N LYS W 114 -92.87 11.42 -33.43
CA LYS W 114 -92.11 12.64 -33.63
C LYS W 114 -93.02 13.80 -34.04
N LYS W 115 -94.01 13.54 -34.88
CA LYS W 115 -95.00 14.56 -35.21
C LYS W 115 -95.75 15.01 -33.97
N LEU W 116 -96.03 14.09 -33.04
CA LEU W 116 -96.71 14.44 -31.80
C LEU W 116 -95.81 15.26 -30.87
N LEU W 117 -94.50 15.03 -30.93
CA LEU W 117 -93.58 15.84 -30.14
C LEU W 117 -93.45 17.25 -30.72
N GLU W 118 -93.41 17.36 -32.05
CA GLU W 118 -93.44 18.67 -32.68
C GLU W 118 -94.72 19.42 -32.35
N LEU W 119 -95.85 18.70 -32.34
CA LEU W 119 -97.11 19.31 -31.93
C LEU W 119 -97.04 19.77 -30.48
N ARG W 120 -96.43 18.96 -29.61
CA ARG W 120 -96.24 19.36 -28.23
C ARG W 120 -95.46 20.68 -28.14
N SER W 121 -94.33 20.76 -28.83
CA SER W 121 -93.53 21.99 -28.84
C SER W 121 -94.35 23.17 -29.34
N ALA W 122 -95.16 22.96 -30.39
CA ALA W 122 -95.98 24.04 -30.91
C ALA W 122 -97.00 24.52 -29.88
N LEU W 123 -97.64 23.59 -29.18
CA LEU W 123 -98.64 23.96 -28.18
C LEU W 123 -98.02 24.65 -26.97
N ASN W 124 -96.85 24.19 -26.53
CA ASN W 124 -96.18 24.84 -25.41
C ASN W 124 -95.72 26.24 -25.80
N ALA W 125 -95.21 26.39 -27.02
CA ALA W 125 -94.80 27.71 -27.50
C ALA W 125 -95.99 28.65 -27.57
N LEU W 126 -97.12 28.17 -28.09
CA LEU W 126 -98.32 29.01 -28.17
C LEU W 126 -98.83 29.38 -26.79
N LYS W 127 -98.90 28.40 -25.87
CA LYS W 127 -99.44 28.66 -24.54
C LYS W 127 -98.52 29.57 -23.72
N GLY W 128 -97.21 29.54 -23.99
CA GLY W 128 -96.27 30.41 -23.32
C GLY W 128 -96.15 31.75 -24.04
N PRO W 129 -96.93 31.93 -25.11
CA PRO W 129 -96.94 33.22 -25.83
C PRO W 129 -95.66 33.48 -26.60
N LEU W 130 -94.90 32.42 -26.90
CA LEU W 130 -93.63 32.57 -27.60
C LEU W 130 -93.79 32.85 -29.08
N GLY W 131 -94.95 32.55 -29.66
CA GLY W 131 -95.19 32.83 -31.06
C GLY W 131 -96.62 33.29 -31.26
N ASN W 132 -96.84 34.00 -32.36
CA ASN W 132 -98.16 34.52 -32.68
C ASN W 132 -99.00 33.47 -33.40
N LEU W 133 -100.29 33.76 -33.52
CA LEU W 133 -101.21 32.82 -34.14
C LEU W 133 -100.88 32.52 -35.61
N PRO W 134 -100.44 33.48 -36.42
CA PRO W 134 -100.10 33.12 -37.81
C PRO W 134 -98.94 32.13 -37.90
N ALA W 135 -97.85 32.38 -37.17
CA ALA W 135 -96.76 31.41 -37.11
C ALA W 135 -97.25 30.07 -36.60
N PHE W 136 -98.08 30.08 -35.55
CA PHE W 136 -98.63 28.84 -35.02
C PHE W 136 -99.37 28.04 -36.10
N ARG W 137 -100.20 28.73 -36.89
CA ARG W 137 -100.95 28.05 -37.94
C ARG W 137 -100.03 27.49 -39.00
N LYS W 138 -99.05 28.27 -39.46
CA LYS W 138 -98.12 27.78 -40.47
C LYS W 138 -97.40 26.51 -39.99
N LYS W 139 -96.80 26.59 -38.80
CA LYS W 139 -96.08 25.43 -38.27
C LYS W 139 -97.01 24.22 -38.08
N LEU W 140 -98.24 24.45 -37.66
CA LEU W 140 -99.20 23.35 -37.51
C LEU W 140 -99.45 22.66 -38.85
N GLN W 141 -99.69 23.45 -39.90
CA GLN W 141 -99.82 22.87 -41.23
C GLN W 141 -98.59 22.05 -41.59
N ALA W 142 -97.40 22.60 -41.31
CA ALA W 142 -96.15 21.89 -41.58
C ALA W 142 -96.14 20.53 -40.87
N LEU W 143 -96.50 20.50 -39.60
CA LEU W 143 -96.46 19.25 -38.83
C LEU W 143 -97.45 18.24 -39.38
N LEU W 144 -98.68 18.68 -39.64
CA LEU W 144 -99.73 17.75 -40.09
C LEU W 144 -99.59 17.35 -41.55
N ALA W 145 -98.67 17.97 -42.31
CA ALA W 145 -98.56 17.65 -43.74
C ALA W 145 -97.94 16.28 -43.99
N ASP W 146 -97.25 15.71 -43.01
CA ASP W 146 -96.55 14.44 -43.17
C ASP W 146 -97.46 13.34 -43.72
N GLU W 147 -97.12 12.81 -44.90
CA GLU W 147 -97.98 11.84 -45.56
C GLU W 147 -98.00 10.48 -44.89
N ASP W 148 -97.03 10.18 -44.02
CA ASP W 148 -97.01 8.90 -43.32
C ASP W 148 -97.96 8.85 -42.13
N GLY W 149 -98.54 9.98 -41.74
CA GLY W 149 -99.45 9.99 -40.61
C GLY W 149 -100.86 9.57 -41.01
N ARG W 150 -101.57 9.04 -40.03
CA ARG W 150 -102.96 8.67 -40.25
C ARG W 150 -103.86 9.87 -40.04
N LYS W 151 -104.99 9.88 -40.78
CA LYS W 151 -105.95 10.94 -40.62
C LYS W 151 -106.53 10.98 -39.20
N ALA W 152 -106.72 9.80 -38.58
CA ALA W 152 -107.20 9.77 -37.20
C ALA W 152 -106.22 10.47 -36.27
N LEU W 153 -104.93 10.15 -36.41
CA LEU W 153 -103.91 10.83 -35.61
C LEU W 153 -103.93 12.33 -35.87
N ILE W 154 -104.06 12.75 -37.14
CA ILE W 154 -104.13 14.16 -37.46
C ILE W 154 -105.30 14.83 -36.75
N LYS W 155 -106.45 14.15 -36.73
CA LYS W 155 -107.63 14.71 -36.06
C LYS W 155 -107.41 14.81 -34.55
N GLU W 156 -106.81 13.78 -33.95
CA GLU W 156 -106.49 13.84 -32.52
C GLU W 156 -105.53 14.98 -32.21
N LEU W 157 -104.60 15.27 -33.11
CA LEU W 157 -103.65 16.36 -32.89
C LEU W 157 -104.33 17.72 -33.02
N GLY W 158 -105.18 17.88 -34.04
CA GLY W 158 -105.91 19.13 -34.20
C GLY W 158 -106.91 19.38 -33.09
N LEU W 159 -107.42 18.32 -32.46
CA LEU W 159 -108.34 18.47 -31.34
C LEU W 159 -107.67 19.08 -30.11
N THR W 160 -106.34 19.12 -30.07
CA THR W 160 -105.62 19.71 -28.95
C THR W 160 -105.39 21.20 -29.10
N GLU W 161 -105.70 21.78 -30.27
CA GLU W 161 -105.47 23.19 -30.49
C GLU W 161 -106.58 24.01 -29.84
N GLU W 162 -106.18 25.00 -29.04
CA GLU W 162 -107.16 25.88 -28.40
C GLU W 162 -107.96 26.62 -29.46
N THR W 163 -109.23 26.89 -29.17
CA THR W 163 -110.13 27.46 -30.17
C THR W 163 -109.66 28.83 -30.63
N LYS W 164 -109.07 29.62 -29.73
CA LYS W 164 -108.64 30.98 -30.07
C LYS W 164 -107.43 30.98 -30.99
N ASP X 63 -106.88 30.79 -19.85
CA ASP X 63 -106.88 30.12 -21.14
C ASP X 63 -105.72 29.13 -21.23
N LYS X 64 -104.55 29.58 -20.75
CA LYS X 64 -103.34 28.75 -20.82
C LYS X 64 -103.50 27.45 -20.04
N ALA X 65 -104.34 27.45 -19.00
CA ALA X 65 -104.56 26.21 -18.24
C ALA X 65 -105.14 25.12 -19.13
N LEU X 66 -106.06 25.49 -20.03
CA LEU X 66 -106.63 24.52 -20.96
C LEU X 66 -105.57 24.00 -21.93
N VAL X 67 -104.69 24.87 -22.41
CA VAL X 67 -103.60 24.43 -23.29
C VAL X 67 -102.68 23.46 -22.55
N ASP X 68 -102.40 23.74 -21.29
CA ASP X 68 -101.59 22.82 -20.48
C ASP X 68 -102.30 21.48 -20.31
N ALA X 69 -103.62 21.49 -20.13
CA ALA X 69 -104.36 20.23 -20.09
C ALA X 69 -104.21 19.48 -21.41
N MET X 70 -104.24 20.22 -22.54
CA MET X 70 -104.00 19.60 -23.83
C MET X 70 -102.62 18.95 -23.88
N ILE X 71 -101.60 19.62 -23.33
CA ILE X 71 -100.27 19.04 -23.29
C ILE X 71 -100.25 17.78 -22.42
N ALA X 72 -101.02 17.79 -21.33
CA ALA X 72 -101.06 16.63 -20.44
C ALA X 72 -101.66 15.43 -21.15
N GLU X 73 -102.78 15.62 -21.86
CA GLU X 73 -103.39 14.51 -22.60
C GLU X 73 -102.50 14.04 -23.74
N ILE X 74 -101.87 14.97 -24.45
CA ILE X 74 -101.00 14.61 -25.57
C ILE X 74 -99.83 13.76 -25.07
N ASP X 75 -99.17 14.23 -24.01
CA ASP X 75 -98.07 13.45 -23.42
C ASP X 75 -98.57 12.12 -22.88
N LYS X 76 -99.81 12.06 -22.40
CA LYS X 76 -100.37 10.81 -21.91
C LYS X 76 -100.46 9.77 -23.04
N ARG X 77 -101.02 10.16 -24.19
CA ARG X 77 -101.10 9.24 -25.30
C ARG X 77 -99.71 8.84 -25.81
N LEU X 78 -98.84 9.83 -26.02
CA LEU X 78 -97.50 9.56 -26.51
C LEU X 78 -96.77 8.57 -25.60
N SER X 79 -96.87 8.76 -24.28
CA SER X 79 -96.26 7.81 -23.35
C SER X 79 -96.93 6.45 -23.42
N SER X 80 -98.23 6.43 -23.68
CA SER X 80 -98.93 5.16 -23.90
C SER X 80 -98.27 4.35 -25.00
N GLN X 81 -97.90 4.99 -26.12
CA GLN X 81 -97.25 4.24 -27.20
C GLN X 81 -95.78 3.94 -26.90
N VAL X 82 -95.07 4.94 -26.38
CA VAL X 82 -93.66 4.78 -26.04
C VAL X 82 -93.46 3.60 -25.11
N ASN X 83 -94.41 3.37 -24.19
CA ASN X 83 -94.33 2.19 -23.33
C ASN X 83 -94.38 0.90 -24.15
N GLU X 84 -95.18 0.88 -25.22
CA GLU X 84 -95.24 -0.29 -26.09
C GLU X 84 -93.89 -0.52 -26.76
N ILE X 85 -93.23 0.55 -27.19
CA ILE X 85 -91.91 0.40 -27.80
C ILE X 85 -90.89 -0.11 -26.78
N LEU X 86 -90.82 0.55 -25.62
CA LEU X 86 -89.77 0.25 -24.65
C LEU X 86 -89.98 -1.08 -23.94
N HIS X 87 -91.20 -1.59 -23.95
CA HIS X 87 -91.52 -2.89 -23.35
C HIS X 87 -91.63 -4.00 -24.38
N ALA X 88 -91.22 -3.74 -25.63
CA ALA X 88 -91.23 -4.77 -26.65
C ALA X 88 -90.08 -5.75 -26.39
N LYS X 89 -90.37 -7.04 -26.55
CA LYS X 89 -89.39 -8.07 -26.21
C LYS X 89 -88.16 -8.01 -27.11
N GLU X 90 -88.35 -7.72 -28.40
CA GLU X 90 -87.21 -7.60 -29.30
C GLU X 90 -86.33 -6.40 -28.93
N PHE X 91 -86.96 -5.24 -28.75
CA PHE X 91 -86.24 -4.05 -28.35
C PHE X 91 -85.46 -4.30 -27.06
N GLN X 92 -86.10 -4.90 -26.06
CA GLN X 92 -85.43 -5.19 -24.80
C GLN X 92 -84.32 -6.21 -24.96
N LYS X 93 -84.49 -7.16 -25.87
CA LYS X 93 -83.40 -8.09 -26.17
C LYS X 93 -82.15 -7.33 -26.63
N LEU X 94 -82.29 -6.54 -27.69
CA LEU X 94 -81.14 -5.77 -28.17
C LEU X 94 -80.56 -4.88 -27.08
N GLU X 95 -81.42 -4.04 -26.47
CA GLU X 95 -80.97 -3.07 -25.48
C GLU X 95 -80.23 -3.76 -24.33
N SER X 96 -80.88 -4.74 -23.69
CA SER X 96 -80.25 -5.44 -22.57
C SER X 96 -78.95 -6.10 -22.97
N SER X 97 -78.88 -6.63 -24.20
CA SER X 97 -77.61 -7.15 -24.69
C SER X 97 -76.52 -6.09 -24.61
N TRP X 98 -76.71 -4.96 -25.29
CA TRP X 98 -75.67 -3.94 -25.37
C TRP X 98 -75.38 -3.29 -24.01
N ARG X 99 -76.43 -2.96 -23.26
CA ARG X 99 -76.27 -2.25 -21.99
C ARG X 99 -75.60 -3.13 -20.95
N SER X 100 -76.01 -4.41 -20.87
CA SER X 100 -75.31 -5.34 -20.00
C SER X 100 -73.85 -5.49 -20.43
N LEU X 101 -73.60 -5.53 -21.74
CA LEU X 101 -72.23 -5.59 -22.23
C LEU X 101 -71.41 -4.41 -21.70
N LYS X 102 -71.93 -3.19 -21.81
CA LYS X 102 -71.20 -2.03 -21.32
C LYS X 102 -71.06 -2.06 -19.80
N PHE X 103 -72.10 -2.50 -19.10
CA PHE X 103 -72.02 -2.63 -17.64
C PHE X 103 -70.88 -3.55 -17.25
N MET X 104 -70.61 -4.57 -18.05
CA MET X 104 -69.44 -5.41 -17.81
C MET X 104 -68.15 -4.66 -18.15
N VAL X 105 -68.10 -4.06 -19.34
CA VAL X 105 -66.83 -3.53 -19.86
C VAL X 105 -66.30 -2.38 -19.00
N ASP X 106 -67.20 -1.45 -18.63
CA ASP X 106 -66.80 -0.27 -17.87
C ASP X 106 -66.48 -0.56 -16.41
N ARG X 107 -66.66 -1.80 -15.95
CA ARG X 107 -66.29 -2.22 -14.61
C ARG X 107 -64.97 -2.99 -14.60
N THR X 108 -64.34 -3.16 -15.75
CA THR X 108 -63.04 -3.79 -15.84
C THR X 108 -61.95 -2.73 -15.98
N ASP X 109 -60.70 -3.18 -16.06
CA ASP X 109 -59.54 -2.30 -16.12
C ASP X 109 -58.60 -2.80 -17.20
N PHE X 110 -58.74 -2.26 -18.42
CA PHE X 110 -57.92 -2.67 -19.55
C PHE X 110 -56.44 -2.40 -19.37
N ARG X 111 -56.06 -1.56 -18.41
CA ARG X 111 -54.65 -1.35 -18.09
C ARG X 111 -54.05 -2.49 -17.30
N GLU X 112 -54.87 -3.40 -16.77
CA GLU X 112 -54.40 -4.55 -16.01
C GLU X 112 -54.30 -5.81 -16.85
N ASN X 113 -54.11 -5.66 -18.16
CA ASN X 113 -53.99 -6.81 -19.07
C ASN X 113 -55.29 -7.61 -19.16
N THR X 114 -56.42 -6.92 -19.20
CA THR X 114 -57.73 -7.52 -19.35
C THR X 114 -58.25 -7.24 -20.75
N ARG X 115 -58.76 -8.28 -21.41
CA ARG X 115 -59.21 -8.15 -22.80
C ARG X 115 -60.55 -8.85 -22.95
N VAL X 116 -61.34 -8.37 -23.91
CA VAL X 116 -62.69 -8.88 -24.15
C VAL X 116 -63.01 -8.79 -25.63
N GLU X 117 -63.52 -9.88 -26.19
CA GLU X 117 -63.92 -9.96 -27.59
C GLU X 117 -65.38 -10.33 -27.69
N MET X 118 -66.04 -9.82 -28.72
CA MET X 118 -67.46 -10.03 -28.95
C MET X 118 -67.65 -10.96 -30.13
N LEU X 119 -68.51 -11.98 -29.96
CA LEU X 119 -68.82 -12.98 -30.97
C LEU X 119 -70.33 -13.05 -31.07
N ASN X 120 -70.87 -12.56 -32.18
CA ASN X 120 -72.31 -12.56 -32.40
C ASN X 120 -72.75 -13.95 -32.84
N ALA X 121 -73.53 -14.62 -31.99
CA ALA X 121 -73.99 -15.96 -32.30
C ALA X 121 -75.24 -16.23 -31.47
N SER X 122 -76.25 -16.82 -32.11
CA SER X 122 -77.44 -17.26 -31.41
C SER X 122 -77.31 -18.74 -31.06
N LYS X 123 -78.09 -19.16 -30.06
CA LYS X 123 -78.04 -20.55 -29.63
C LYS X 123 -78.40 -21.50 -30.76
N GLU X 124 -79.41 -21.16 -31.54
CA GLU X 124 -79.82 -22.01 -32.66
C GLU X 124 -78.68 -22.23 -33.63
N ASP X 125 -77.94 -21.17 -33.96
CA ASP X 125 -76.79 -21.28 -34.85
C ASP X 125 -75.61 -22.00 -34.21
N LEU X 126 -75.46 -21.88 -32.88
CA LEU X 126 -74.45 -22.68 -32.21
C LEU X 126 -74.75 -24.17 -32.38
N GLN X 127 -76.01 -24.56 -32.15
CA GLN X 127 -76.41 -25.94 -32.41
C GLN X 127 -76.22 -26.31 -33.88
N LYS X 128 -76.49 -25.37 -34.79
CA LYS X 128 -76.36 -25.64 -36.21
C LYS X 128 -74.92 -25.96 -36.58
N ASP X 129 -73.98 -25.20 -36.02
CA ASP X 129 -72.57 -25.43 -36.31
C ASP X 129 -72.06 -26.72 -35.67
N PHE X 130 -72.42 -26.94 -34.39
CA PHE X 130 -71.95 -28.12 -33.69
C PHE X 130 -72.50 -29.41 -34.29
N GLU X 131 -73.74 -29.38 -34.78
CA GLU X 131 -74.32 -30.57 -35.38
C GLU X 131 -73.87 -30.74 -36.83
N ASP X 132 -73.58 -29.62 -37.52
CA ASP X 132 -73.09 -29.70 -38.89
C ASP X 132 -71.68 -30.27 -38.93
N ALA X 133 -70.82 -29.84 -38.00
CA ALA X 133 -69.45 -30.32 -37.98
C ALA X 133 -69.41 -31.81 -37.62
N PRO X 134 -68.46 -32.57 -38.18
CA PRO X 134 -68.37 -33.99 -37.80
C PRO X 134 -67.79 -34.19 -36.41
N GLU X 135 -67.02 -33.23 -35.91
CA GLU X 135 -66.41 -33.32 -34.59
C GLU X 135 -66.17 -31.92 -34.07
N VAL X 136 -66.11 -31.79 -32.74
CA VAL X 136 -65.98 -30.49 -32.11
C VAL X 136 -64.68 -29.80 -32.52
N THR X 137 -63.64 -30.58 -32.81
CA THR X 137 -62.37 -30.01 -33.25
C THR X 137 -62.48 -29.28 -34.58
N LYS X 138 -63.57 -29.46 -35.31
CA LYS X 138 -63.79 -28.80 -36.59
C LYS X 138 -64.91 -27.76 -36.54
N SER X 139 -65.42 -27.45 -35.36
CA SER X 139 -66.43 -26.41 -35.23
C SER X 139 -65.77 -25.03 -35.32
N GLY X 140 -66.55 -24.05 -35.78
CA GLY X 140 -66.03 -22.70 -35.90
C GLY X 140 -65.66 -22.10 -34.56
N LEU X 141 -66.56 -22.22 -33.58
CA LEU X 141 -66.27 -21.75 -32.23
C LEU X 141 -64.97 -22.33 -31.71
N TYR X 142 -64.78 -23.65 -31.86
CA TYR X 142 -63.51 -24.26 -31.48
C TYR X 142 -62.36 -23.67 -32.28
N LYS X 143 -62.60 -23.35 -33.56
CA LYS X 143 -61.57 -22.72 -34.37
C LYS X 143 -61.10 -21.41 -33.74
N LEU X 144 -62.04 -20.54 -33.36
CA LEU X 144 -61.72 -19.21 -32.87
C LEU X 144 -61.44 -19.15 -31.37
N VAL X 145 -61.64 -20.26 -30.66
CA VAL X 145 -61.40 -20.29 -29.22
C VAL X 145 -60.08 -20.99 -28.96
N TYR X 146 -59.97 -22.23 -29.43
CA TYR X 146 -58.76 -23.02 -29.18
C TYR X 146 -57.72 -22.79 -30.27
N SER X 147 -58.11 -23.02 -31.54
CA SER X 147 -57.14 -23.07 -32.62
C SER X 147 -56.41 -21.74 -32.79
N ASN X 148 -57.16 -20.64 -32.88
CA ASN X 148 -56.56 -19.32 -33.07
C ASN X 148 -55.97 -18.73 -31.79
N GLU X 149 -56.00 -19.48 -30.68
CA GLU X 149 -55.53 -18.93 -29.42
C GLU X 149 -54.60 -19.89 -28.68
N TYR X 150 -55.18 -20.76 -27.86
CA TYR X 150 -54.38 -21.64 -27.00
C TYR X 150 -53.46 -22.55 -27.82
N GLY X 151 -53.91 -22.99 -28.98
CA GLY X 151 -53.12 -23.90 -29.80
C GLY X 151 -52.35 -23.22 -30.91
N VAL X 152 -51.95 -21.97 -30.70
CA VAL X 152 -51.26 -21.18 -31.70
C VAL X 152 -49.98 -20.63 -31.09
N PHE X 153 -48.84 -21.01 -31.64
CA PHE X 153 -47.56 -20.46 -31.19
C PHE X 153 -47.52 -18.97 -31.49
N GLY X 154 -47.24 -18.18 -30.46
CA GLY X 154 -47.27 -16.73 -30.56
C GLY X 154 -48.58 -16.10 -30.17
N GLY X 155 -49.65 -16.89 -30.03
CA GLY X 155 -50.95 -16.39 -29.65
C GLY X 155 -51.13 -16.32 -28.15
N LYS X 156 -52.40 -16.36 -27.73
CA LYS X 156 -52.76 -16.28 -26.33
C LYS X 156 -54.04 -17.06 -26.11
N PRO X 157 -54.22 -17.66 -24.93
CA PRO X 157 -55.40 -18.49 -24.70
C PRO X 157 -56.55 -17.70 -24.07
N TYR X 158 -57.76 -18.09 -24.43
CA TYR X 158 -58.95 -17.42 -23.92
C TYR X 158 -59.17 -17.80 -22.46
N GLY X 159 -59.35 -16.81 -21.61
CA GLY X 159 -59.49 -17.07 -20.19
C GLY X 159 -60.80 -17.75 -19.84
N ILE X 160 -61.91 -17.20 -20.34
CA ILE X 160 -63.24 -17.73 -20.02
C ILE X 160 -64.21 -17.26 -21.11
N ILE X 161 -65.35 -17.93 -21.21
CA ILE X 161 -66.37 -17.64 -22.21
C ILE X 161 -67.66 -17.32 -21.50
N SER X 162 -68.22 -16.13 -21.78
CA SER X 162 -69.46 -15.66 -21.18
C SER X 162 -70.52 -15.69 -22.27
N ALA X 163 -71.54 -16.53 -22.09
CA ALA X 163 -72.62 -16.69 -23.06
C ALA X 163 -73.88 -16.02 -22.53
N ASN X 164 -74.38 -15.02 -23.27
CA ASN X 164 -75.59 -14.30 -22.89
C ASN X 164 -76.82 -15.08 -23.36
N TYR X 165 -77.09 -16.17 -22.64
CA TYR X 165 -78.20 -17.04 -22.97
C TYR X 165 -78.87 -17.54 -21.70
N ASP X 166 -80.15 -17.89 -21.84
CA ASP X 166 -80.90 -18.56 -20.79
C ASP X 166 -81.16 -20.00 -21.24
N PHE X 167 -81.00 -20.93 -20.31
CA PHE X 167 -81.11 -22.35 -20.61
C PHE X 167 -82.32 -22.95 -19.92
N ASN X 168 -83.03 -23.81 -20.64
CA ASN X 168 -84.13 -24.58 -20.09
C ASN X 168 -83.72 -26.06 -20.03
N VAL X 169 -84.65 -26.92 -19.64
CA VAL X 169 -84.41 -28.36 -19.64
C VAL X 169 -84.57 -28.97 -21.01
N GLY X 170 -84.87 -28.18 -22.04
CA GLY X 170 -85.06 -28.67 -23.37
C GLY X 170 -83.85 -29.41 -23.91
N PRO X 171 -84.11 -30.43 -24.74
CA PRO X 171 -82.99 -31.24 -25.25
C PRO X 171 -81.99 -30.44 -26.05
N GLN X 172 -82.43 -29.46 -26.83
CA GLN X 172 -81.50 -28.62 -27.58
C GLN X 172 -80.56 -27.88 -26.64
N ASP X 173 -81.10 -27.28 -25.58
CA ASP X 173 -80.26 -26.58 -24.61
C ASP X 173 -79.29 -27.53 -23.93
N MET X 174 -79.76 -28.72 -23.57
CA MET X 174 -78.87 -29.70 -22.95
C MET X 174 -77.70 -30.06 -23.86
N GLU X 175 -78.00 -30.34 -25.14
CA GLU X 175 -76.94 -30.67 -26.09
C GLU X 175 -75.95 -29.52 -26.26
N LEU X 176 -76.47 -28.30 -26.39
CA LEU X 176 -75.59 -27.13 -26.45
C LEU X 176 -74.66 -27.08 -25.24
N LEU X 177 -75.21 -27.33 -24.05
CA LEU X 177 -74.38 -27.35 -22.84
C LEU X 177 -73.31 -28.44 -22.93
N ARG X 178 -73.64 -29.60 -23.51
CA ARG X 178 -72.65 -30.66 -23.67
C ARG X 178 -71.50 -30.19 -24.56
N LYS X 179 -71.82 -29.60 -25.72
CA LYS X 179 -70.77 -29.12 -26.61
C LYS X 179 -69.90 -28.06 -25.94
N CYS X 180 -70.54 -27.11 -25.24
CA CYS X 180 -69.77 -26.07 -24.56
C CYS X 180 -68.87 -26.65 -23.48
N ALA X 181 -69.33 -27.70 -22.78
CA ALA X 181 -68.48 -28.36 -21.79
C ALA X 181 -67.27 -29.01 -22.46
N SER X 182 -67.49 -29.66 -23.61
CA SER X 182 -66.37 -30.27 -24.32
C SER X 182 -65.34 -29.22 -24.73
N VAL X 183 -65.78 -28.13 -25.36
CA VAL X 183 -64.84 -27.09 -25.80
C VAL X 183 -64.11 -26.49 -24.62
N ALA X 184 -64.85 -26.16 -23.56
CA ALA X 184 -64.22 -25.57 -22.38
C ALA X 184 -63.19 -26.50 -21.76
N ALA X 185 -63.46 -27.81 -21.77
CA ALA X 185 -62.48 -28.77 -21.26
C ALA X 185 -61.24 -28.81 -22.15
N MET X 186 -61.43 -28.78 -23.47
CA MET X 186 -60.29 -28.85 -24.38
C MET X 186 -59.39 -27.63 -24.28
N ALA X 187 -59.97 -26.45 -24.05
CA ALA X 187 -59.21 -25.21 -24.01
C ALA X 187 -58.87 -24.77 -22.58
N HIS X 188 -59.37 -25.50 -21.58
CA HIS X 188 -59.15 -25.13 -20.18
C HIS X 188 -59.73 -23.77 -19.85
N ALA X 189 -61.00 -23.56 -20.23
CA ALA X 189 -61.68 -22.30 -20.00
C ALA X 189 -63.16 -22.55 -19.70
N PRO X 190 -63.67 -22.04 -18.58
CA PRO X 190 -65.05 -22.34 -18.21
C PRO X 190 -66.05 -21.57 -19.07
N PHE X 191 -67.24 -22.14 -19.19
CA PHE X 191 -68.34 -21.53 -19.94
C PHE X 191 -69.42 -21.12 -18.94
N ILE X 192 -69.71 -19.83 -18.88
CA ILE X 192 -70.64 -19.27 -17.90
C ILE X 192 -71.89 -18.75 -18.62
N GLY X 193 -73.06 -19.08 -18.08
CA GLY X 193 -74.32 -18.63 -18.62
C GLY X 193 -75.38 -18.49 -17.54
N ASN X 194 -76.64 -18.42 -17.94
CA ASN X 194 -77.74 -18.24 -17.01
C ASN X 194 -78.82 -19.28 -17.27
N ALA X 195 -79.66 -19.49 -16.27
CA ALA X 195 -80.79 -20.41 -16.36
C ALA X 195 -82.10 -19.63 -16.40
N ALA X 196 -83.05 -20.12 -17.19
CA ALA X 196 -84.34 -19.46 -17.31
C ALA X 196 -85.27 -19.90 -16.17
N PRO X 197 -86.25 -19.06 -15.82
CA PRO X 197 -87.14 -19.40 -14.70
C PRO X 197 -87.88 -20.71 -14.90
N GLU X 198 -88.36 -20.99 -16.11
CA GLU X 198 -89.10 -22.23 -16.40
C GLU X 198 -88.26 -23.48 -16.13
N VAL X 199 -86.96 -23.33 -15.95
CA VAL X 199 -86.11 -24.46 -15.57
C VAL X 199 -86.57 -25.03 -14.22
N PHE X 200 -87.11 -24.19 -13.35
CA PHE X 200 -87.66 -24.62 -12.07
C PHE X 200 -89.16 -24.88 -12.13
N GLY X 201 -89.74 -24.91 -13.33
CA GLY X 201 -91.17 -25.11 -13.46
C GLY X 201 -92.01 -23.96 -12.99
N GLU X 202 -91.45 -22.75 -13.01
CA GLU X 202 -92.13 -21.55 -12.55
C GLU X 202 -92.18 -20.52 -13.68
N GLU X 203 -93.23 -19.70 -13.68
CA GLU X 203 -93.38 -18.68 -14.71
C GLU X 203 -92.24 -17.66 -14.66
N SER X 204 -91.81 -17.29 -13.46
CA SER X 204 -90.75 -16.31 -13.28
C SER X 204 -90.08 -16.55 -11.94
N PHE X 205 -88.83 -16.07 -11.83
CA PHE X 205 -88.07 -16.19 -10.60
C PHE X 205 -88.82 -15.71 -9.36
N LEU X 206 -89.79 -14.80 -9.51
CA LEU X 206 -90.60 -14.35 -8.39
C LEU X 206 -91.34 -15.47 -7.68
N LYS X 207 -91.38 -16.68 -8.26
CA LYS X 207 -92.04 -17.83 -7.65
C LYS X 207 -91.07 -18.72 -6.89
N LEU X 208 -89.80 -18.33 -6.79
CA LEU X 208 -88.82 -19.17 -6.09
C LEU X 208 -89.17 -19.41 -4.63
N PRO X 209 -89.73 -18.46 -3.88
CA PRO X 209 -90.06 -18.75 -2.48
C PRO X 209 -91.18 -19.75 -2.31
N ASP X 210 -91.96 -20.01 -3.37
CA ASP X 210 -93.03 -20.99 -3.31
C ASP X 210 -92.53 -22.41 -3.52
N LEU X 211 -91.30 -22.59 -3.97
CA LEU X 211 -90.75 -23.91 -4.22
C LEU X 211 -90.34 -24.55 -2.90
N LYS X 212 -90.99 -25.67 -2.56
CA LYS X 212 -90.76 -26.28 -1.25
C LYS X 212 -89.49 -27.13 -1.22
N ASP X 213 -89.07 -27.69 -2.35
CA ASP X 213 -87.95 -28.63 -2.34
C ASP X 213 -87.43 -28.80 -3.76
N LEU X 214 -86.35 -28.08 -4.09
CA LEU X 214 -85.76 -28.20 -5.42
C LEU X 214 -85.15 -29.58 -5.65
N LYS X 215 -84.50 -30.14 -4.63
CA LYS X 215 -83.88 -31.45 -4.77
C LYS X 215 -84.91 -32.50 -5.19
N SER X 216 -86.09 -32.49 -4.56
CA SER X 216 -87.16 -33.38 -4.98
C SER X 216 -87.74 -32.98 -6.33
N LEU X 217 -87.78 -31.68 -6.63
CA LEU X 217 -88.26 -31.23 -7.93
C LEU X 217 -87.42 -31.83 -9.07
N PHE X 218 -86.11 -31.94 -8.86
CA PHE X 218 -85.19 -32.43 -9.89
C PHE X 218 -85.22 -33.94 -10.07
N GLU X 219 -86.09 -34.66 -9.35
CA GLU X 219 -86.18 -36.10 -9.51
C GLU X 219 -87.11 -36.52 -10.64
N GLY X 220 -87.92 -35.60 -11.15
CA GLY X 220 -88.83 -35.91 -12.22
C GLY X 220 -88.11 -36.31 -13.50
N PRO X 221 -88.76 -37.13 -14.32
CA PRO X 221 -88.11 -37.58 -15.55
C PRO X 221 -87.80 -36.46 -16.53
N GLN X 222 -88.43 -35.28 -16.35
CA GLN X 222 -88.16 -34.16 -17.24
C GLN X 222 -86.70 -33.71 -17.19
N TYR X 223 -85.98 -34.04 -16.12
CA TYR X 223 -84.60 -33.61 -15.93
C TYR X 223 -83.58 -34.74 -16.08
N ALA X 224 -83.95 -35.82 -16.79
CA ALA X 224 -83.03 -36.95 -16.93
C ALA X 224 -81.73 -36.52 -17.59
N ARG X 225 -81.83 -35.80 -18.72
CA ARG X 225 -80.64 -35.38 -19.45
C ARG X 225 -79.76 -34.46 -18.61
N TRP X 226 -80.36 -33.52 -17.88
CA TRP X 226 -79.58 -32.66 -16.99
C TRP X 226 -78.88 -33.48 -15.92
N HIS X 227 -79.57 -34.50 -15.39
CA HIS X 227 -78.98 -35.36 -14.37
C HIS X 227 -77.73 -36.06 -14.90
N SER X 228 -77.78 -36.58 -16.13
CA SER X 228 -76.58 -37.20 -16.70
C SER X 228 -75.48 -36.15 -16.96
N PHE X 229 -75.88 -34.98 -17.46
CA PHE X 229 -74.91 -33.91 -17.70
C PHE X 229 -74.12 -33.58 -16.44
N ARG X 230 -74.80 -33.52 -15.29
CA ARG X 230 -74.11 -33.26 -14.02
C ARG X 230 -73.09 -34.34 -13.68
N GLU X 231 -73.23 -35.54 -14.25
CA GLU X 231 -72.32 -36.64 -13.98
C GLU X 231 -71.17 -36.73 -14.97
N SER X 232 -71.28 -36.07 -16.12
CA SER X 232 -70.16 -36.03 -17.05
C SER X 232 -68.95 -35.33 -16.41
N GLU X 233 -67.75 -35.79 -16.79
CA GLU X 233 -66.51 -35.20 -16.29
C GLU X 233 -66.18 -33.87 -16.95
N ASP X 234 -66.89 -33.51 -18.03
CA ASP X 234 -66.74 -32.19 -18.62
C ASP X 234 -67.60 -31.14 -17.95
N ALA X 235 -68.47 -31.54 -17.02
CA ALA X 235 -69.35 -30.60 -16.34
C ALA X 235 -68.59 -29.60 -15.48
N ARG X 236 -67.32 -29.88 -15.17
CA ARG X 236 -66.52 -28.95 -14.38
C ARG X 236 -66.31 -27.62 -15.08
N TYR X 237 -66.47 -27.58 -16.41
CA TYR X 237 -66.28 -26.36 -17.19
C TYR X 237 -67.59 -25.64 -17.50
N VAL X 238 -68.67 -25.99 -16.82
CA VAL X 238 -69.97 -25.39 -17.04
C VAL X 238 -70.40 -24.67 -15.76
N GLY X 239 -70.90 -23.45 -15.90
CA GLY X 239 -71.41 -22.69 -14.77
C GLY X 239 -72.62 -21.87 -15.13
N LEU X 240 -73.75 -22.10 -14.46
CA LEU X 240 -75.00 -21.42 -14.74
C LEU X 240 -75.45 -20.61 -13.52
N ALA X 241 -75.93 -19.40 -13.78
CA ALA X 241 -76.39 -18.49 -12.76
C ALA X 241 -77.91 -18.50 -12.68
N LEU X 242 -78.43 -18.03 -11.53
CA LEU X 242 -79.86 -18.07 -11.25
C LEU X 242 -80.54 -16.78 -11.65
N PRO X 243 -81.08 -16.02 -10.69
CA PRO X 243 -81.92 -14.88 -11.03
C PRO X 243 -81.17 -13.78 -11.77
N ARG X 244 -81.91 -13.03 -12.59
CA ARG X 244 -81.35 -11.92 -13.34
C ARG X 244 -81.24 -10.70 -12.43
N PHE X 245 -80.94 -9.54 -13.02
CA PHE X 245 -80.78 -8.35 -12.18
C PHE X 245 -81.09 -7.10 -13.00
N LEU X 246 -81.65 -6.10 -12.32
CA LEU X 246 -82.05 -4.88 -13.01
C LEU X 246 -80.86 -4.17 -13.63
N LEU X 247 -81.06 -3.63 -14.83
CA LEU X 247 -80.05 -2.84 -15.52
C LEU X 247 -80.39 -1.37 -15.62
N ARG X 248 -81.67 -1.01 -15.66
CA ARG X 248 -82.09 0.37 -15.81
C ARG X 248 -83.23 0.68 -14.87
N LEU X 249 -83.17 1.86 -14.25
CA LEU X 249 -84.29 2.33 -13.44
C LEU X 249 -85.33 2.95 -14.37
N PRO X 250 -86.62 2.68 -14.16
CA PRO X 250 -87.64 3.14 -15.10
C PRO X 250 -87.66 4.66 -15.22
N TYR X 251 -88.00 5.15 -16.40
CA TYR X 251 -87.92 6.58 -16.68
C TYR X 251 -88.88 7.36 -15.79
N GLY X 252 -88.40 8.49 -15.27
CA GLY X 252 -89.20 9.35 -14.43
C GLY X 252 -88.69 10.77 -14.40
N GLU X 253 -89.61 11.75 -14.32
CA GLU X 253 -89.25 13.15 -14.45
C GLU X 253 -88.20 13.58 -13.43
N LYS X 254 -88.09 12.85 -12.31
CA LYS X 254 -87.12 13.16 -11.27
C LYS X 254 -85.94 12.19 -11.27
N THR X 255 -86.21 10.89 -11.21
CA THR X 255 -85.15 9.90 -11.04
C THR X 255 -84.41 9.62 -12.34
N VAL X 256 -85.10 9.65 -13.48
CA VAL X 256 -84.48 9.34 -14.76
C VAL X 256 -85.17 10.15 -15.86
N PRO X 257 -84.94 11.45 -15.95
CA PRO X 257 -85.70 12.27 -16.89
C PRO X 257 -85.11 12.20 -18.30
N VAL X 258 -85.94 12.59 -19.26
CA VAL X 258 -85.56 12.67 -20.67
C VAL X 258 -85.82 14.09 -21.15
N LYS X 259 -85.29 14.40 -22.32
CA LYS X 259 -85.38 15.75 -22.86
C LYS X 259 -86.72 16.00 -23.52
N ALA X 260 -87.18 17.24 -23.44
CA ALA X 260 -88.39 17.66 -24.14
C ALA X 260 -89.64 16.93 -23.62
N PHE X 261 -89.91 15.74 -24.18
CA PHE X 261 -91.12 15.00 -23.83
C PHE X 261 -91.09 14.62 -22.35
N ASN X 262 -92.18 14.93 -21.65
CA ASN X 262 -92.30 14.61 -20.22
C ASN X 262 -92.76 13.17 -20.10
N PHE X 263 -91.80 12.26 -20.22
CA PHE X 263 -92.07 10.83 -20.22
C PHE X 263 -91.92 10.26 -18.82
N THR X 264 -92.95 9.54 -18.37
CA THR X 264 -92.95 8.83 -17.10
C THR X 264 -93.28 7.38 -17.41
N GLU X 265 -92.26 6.51 -17.37
CA GLU X 265 -92.46 5.11 -17.71
C GLU X 265 -93.38 4.45 -16.69
N ASP X 266 -94.34 3.67 -17.18
CA ASP X 266 -95.36 3.04 -16.35
C ASP X 266 -95.16 1.53 -16.39
N VAL X 267 -94.47 1.00 -15.38
CA VAL X 267 -94.32 -0.44 -15.25
C VAL X 267 -95.61 -1.00 -14.68
N VAL X 268 -96.22 -1.95 -15.40
CA VAL X 268 -97.50 -2.52 -15.00
C VAL X 268 -97.27 -3.60 -13.95
N GLY X 269 -98.25 -4.49 -13.80
CA GLY X 269 -98.11 -5.58 -12.85
C GLY X 269 -97.05 -6.58 -13.27
N HIS X 270 -96.69 -6.61 -14.56
CA HIS X 270 -95.73 -7.57 -15.07
C HIS X 270 -94.32 -6.99 -14.91
N HIS X 271 -93.58 -7.53 -13.94
CA HIS X 271 -92.19 -7.12 -13.71
C HIS X 271 -91.31 -7.34 -14.93
N GLU X 272 -91.76 -8.12 -15.91
CA GLU X 272 -91.07 -8.24 -17.19
C GLU X 272 -90.95 -6.92 -17.93
N ARG X 273 -91.72 -5.90 -17.52
CA ARG X 273 -91.54 -4.57 -18.07
C ARG X 273 -90.20 -3.98 -17.68
N TYR X 274 -89.63 -4.43 -16.56
CA TYR X 274 -88.32 -3.97 -16.13
C TYR X 274 -87.23 -4.55 -17.02
N LEU X 275 -86.19 -3.76 -17.26
CA LEU X 275 -85.07 -4.16 -18.12
C LEU X 275 -84.15 -5.07 -17.32
N TRP X 276 -84.48 -6.36 -17.33
CA TRP X 276 -83.67 -7.35 -16.64
C TRP X 276 -82.43 -7.68 -17.46
N GLY X 277 -81.37 -8.06 -16.75
CA GLY X 277 -80.08 -8.34 -17.37
C GLY X 277 -79.51 -9.64 -16.84
N HIS X 278 -78.67 -10.27 -17.67
CA HIS X 278 -78.15 -11.61 -17.38
C HIS X 278 -77.01 -11.50 -16.36
N ALA X 279 -77.15 -12.20 -15.23
CA ALA X 279 -76.18 -12.07 -14.13
C ALA X 279 -74.82 -12.65 -14.48
N SER X 280 -74.73 -13.44 -15.54
CA SER X 280 -73.43 -13.96 -15.98
C SER X 280 -72.41 -12.85 -16.14
N VAL X 281 -72.86 -11.66 -16.57
CA VAL X 281 -71.96 -10.53 -16.72
C VAL X 281 -71.43 -10.07 -15.37
N ALA X 282 -72.29 -10.07 -14.34
CA ALA X 282 -71.83 -9.73 -13.00
C ALA X 282 -70.74 -10.71 -12.53
N LEU X 283 -71.00 -12.01 -12.69
CA LEU X 283 -69.95 -12.98 -12.36
C LEU X 283 -68.65 -12.69 -13.12
N THR X 284 -68.77 -12.37 -14.41
CA THR X 284 -67.58 -12.03 -15.20
C THR X 284 -66.85 -10.83 -14.61
N SER X 285 -67.58 -9.82 -14.14
CA SER X 285 -66.94 -8.71 -13.43
C SER X 285 -66.17 -9.20 -12.22
N ARG X 286 -66.73 -10.17 -11.47
CA ARG X 286 -65.99 -10.73 -10.34
C ARG X 286 -64.65 -11.30 -10.79
N VAL X 287 -64.66 -12.18 -11.80
CA VAL X 287 -63.40 -12.74 -12.31
C VAL X 287 -62.45 -11.63 -12.71
N ALA X 288 -62.97 -10.60 -13.41
CA ALA X 288 -62.13 -9.51 -13.86
C ALA X 288 -61.44 -8.79 -12.70
N ASP X 289 -62.18 -8.51 -11.62
CA ASP X 289 -61.59 -7.81 -10.49
C ASP X 289 -60.50 -8.65 -9.83
N SER X 290 -60.80 -9.93 -9.57
CA SER X 290 -59.78 -10.80 -8.99
C SER X 290 -58.50 -10.78 -9.81
N PHE X 291 -58.62 -10.88 -11.14
CA PHE X 291 -57.44 -10.90 -11.99
C PHE X 291 -56.74 -9.53 -12.03
N ALA X 292 -57.51 -8.45 -11.95
CA ALA X 292 -56.91 -7.12 -11.99
C ALA X 292 -56.07 -6.87 -10.74
N LYS X 293 -56.47 -7.45 -9.60
CA LYS X 293 -55.71 -7.24 -8.38
C LYS X 293 -54.54 -8.21 -8.24
N PHE X 294 -54.72 -9.48 -8.61
CA PHE X 294 -53.73 -10.50 -8.26
C PHE X 294 -53.19 -11.31 -9.44
N ARG X 295 -53.78 -11.22 -10.63
CA ARG X 295 -53.42 -12.05 -11.77
C ARG X 295 -53.97 -13.47 -11.66
N TRP X 296 -54.87 -13.70 -10.71
CA TRP X 296 -55.51 -14.99 -10.52
C TRP X 296 -56.99 -14.75 -10.22
N SER X 297 -57.81 -15.77 -10.45
CA SER X 297 -59.27 -15.66 -10.36
C SER X 297 -59.83 -16.63 -9.33
N PRO X 298 -59.53 -16.44 -8.05
CA PRO X 298 -60.12 -17.30 -7.03
C PRO X 298 -61.00 -16.53 -6.07
N ASN X 299 -60.82 -15.21 -6.01
CA ASN X 299 -61.53 -14.36 -5.04
C ASN X 299 -62.78 -13.80 -5.69
N ILE X 300 -63.83 -14.63 -5.72
CA ILE X 300 -65.09 -14.22 -6.32
C ILE X 300 -66.28 -14.90 -5.64
N ILE X 301 -66.13 -15.25 -4.37
CA ILE X 301 -67.20 -15.96 -3.68
C ILE X 301 -67.39 -15.48 -2.24
N GLY X 302 -67.56 -14.17 -2.07
CA GLY X 302 -67.81 -13.64 -0.75
C GLY X 302 -68.15 -12.15 -0.73
N PRO X 303 -68.96 -11.75 0.25
CA PRO X 303 -69.26 -10.32 0.40
C PRO X 303 -68.04 -9.48 0.70
N GLN X 304 -67.01 -10.05 1.33
CA GLN X 304 -65.75 -9.38 1.57
C GLN X 304 -64.61 -9.93 0.74
N SER X 305 -64.71 -11.18 0.28
CA SER X 305 -63.62 -11.78 -0.48
C SER X 305 -63.51 -11.20 -1.88
N GLY X 306 -64.63 -10.78 -2.48
CA GLY X 306 -64.58 -10.21 -3.82
C GLY X 306 -65.70 -10.71 -4.70
N GLY X 307 -66.63 -11.46 -4.13
CA GLY X 307 -67.83 -11.89 -4.83
C GLY X 307 -69.02 -10.97 -4.63
N ALA X 308 -68.81 -9.75 -4.12
CA ALA X 308 -69.88 -8.82 -3.89
C ALA X 308 -70.07 -7.94 -5.12
N VAL X 309 -71.31 -7.78 -5.56
CA VAL X 309 -71.68 -6.87 -6.63
C VAL X 309 -72.29 -5.64 -5.97
N GLU X 310 -71.64 -4.50 -6.12
CA GLU X 310 -72.07 -3.26 -5.49
C GLU X 310 -72.65 -2.31 -6.53
N ASN X 311 -73.51 -1.41 -6.06
CA ASN X 311 -74.09 -0.36 -6.90
C ASN X 311 -75.20 -0.91 -7.79
N LEU X 312 -76.22 -1.53 -7.17
CA LEU X 312 -77.33 -2.02 -7.97
C LEU X 312 -78.41 -0.96 -8.09
N PRO X 313 -79.16 -0.94 -9.19
CA PRO X 313 -80.22 0.05 -9.34
C PRO X 313 -81.35 -0.21 -8.34
N LEU X 314 -81.99 0.87 -7.92
CA LEU X 314 -83.11 0.81 -6.99
C LEU X 314 -84.31 1.54 -7.58
N HIS X 315 -85.50 1.23 -7.07
CA HIS X 315 -86.73 1.81 -7.62
C HIS X 315 -87.80 1.77 -6.53
N GLN X 316 -87.94 2.89 -5.81
CA GLN X 316 -88.98 3.03 -4.80
C GLN X 316 -90.28 3.43 -5.46
N TYR X 317 -91.37 2.78 -5.07
CA TYR X 317 -92.70 3.04 -5.60
C TYR X 317 -93.73 2.67 -4.55
N GLU X 318 -94.96 3.13 -4.75
CA GLU X 318 -95.99 2.95 -3.74
C GLU X 318 -96.41 1.48 -3.62
N ALA X 319 -96.60 1.03 -2.38
CA ALA X 319 -97.07 -0.32 -2.09
C ALA X 319 -98.53 -0.24 -1.65
N MET X 320 -98.92 -0.85 -0.53
CA MET X 320 -100.29 -0.74 -0.03
C MET X 320 -100.50 0.49 0.84
N GLY X 321 -100.10 1.67 0.36
CA GLY X 321 -100.11 2.88 1.15
C GLY X 321 -98.75 3.27 1.67
N GLU X 322 -97.80 2.35 1.73
CA GLU X 322 -96.41 2.64 1.97
C GLU X 322 -95.67 2.73 0.65
N ILE X 323 -94.33 2.77 0.72
CA ILE X 323 -93.47 2.81 -0.45
C ILE X 323 -92.33 1.81 -0.26
N GLN X 324 -92.12 0.96 -1.29
CA GLN X 324 -91.13 -0.11 -1.23
C GLN X 324 -90.31 -0.09 -2.52
N THR X 325 -89.14 -0.73 -2.46
CA THR X 325 -88.18 -0.72 -3.54
C THR X 325 -88.20 -2.05 -4.28
N LYS X 326 -88.27 -1.97 -5.62
CA LYS X 326 -88.18 -3.17 -6.44
C LYS X 326 -86.83 -3.82 -6.23
N ILE X 327 -86.84 -5.09 -5.84
CA ILE X 327 -85.58 -5.77 -5.51
C ILE X 327 -84.71 -5.83 -6.76
N PRO X 328 -83.42 -5.51 -6.67
CA PRO X 328 -82.56 -5.57 -7.87
C PRO X 328 -82.54 -6.93 -8.53
N THR X 329 -82.65 -7.99 -7.74
CA THR X 329 -82.92 -9.33 -8.23
C THR X 329 -84.40 -9.62 -8.06
N GLU X 330 -84.92 -10.54 -8.86
CA GLU X 330 -86.35 -10.83 -8.86
C GLU X 330 -86.86 -11.14 -7.47
N VAL X 331 -86.08 -11.86 -6.66
CA VAL X 331 -86.48 -12.25 -5.32
C VAL X 331 -85.34 -12.00 -4.33
N MET X 332 -85.69 -12.00 -3.06
CA MET X 332 -84.74 -11.85 -1.96
C MET X 332 -84.47 -13.27 -1.45
N LEU X 333 -83.39 -13.87 -1.93
CA LEU X 333 -83.12 -15.27 -1.62
C LEU X 333 -82.64 -15.42 -0.19
N THR X 334 -83.26 -16.35 0.54
CA THR X 334 -82.83 -16.65 1.90
C THR X 334 -81.64 -17.61 1.88
N GLU X 335 -80.97 -17.73 3.03
CA GLU X 335 -79.77 -18.55 3.12
C GLU X 335 -80.07 -20.01 2.79
N ARG X 336 -81.21 -20.53 3.26
CA ARG X 336 -81.55 -21.92 3.00
C ARG X 336 -81.80 -22.16 1.51
N ARG X 337 -82.54 -21.26 0.86
CA ARG X 337 -82.80 -21.41 -0.56
C ARG X 337 -81.51 -21.31 -1.37
N GLU X 338 -80.64 -20.36 -1.02
CA GLU X 338 -79.36 -20.25 -1.70
C GLU X 338 -78.53 -21.53 -1.53
N PHE X 339 -78.58 -22.11 -0.32
CA PHE X 339 -77.86 -23.35 -0.09
C PHE X 339 -78.41 -24.48 -0.95
N GLU X 340 -79.75 -24.56 -1.08
CA GLU X 340 -80.35 -25.58 -1.94
C GLU X 340 -79.90 -25.40 -3.39
N LEU X 341 -79.95 -24.16 -3.89
CA LEU X 341 -79.49 -23.90 -5.25
C LEU X 341 -78.03 -24.29 -5.42
N SER X 342 -77.20 -24.04 -4.40
CA SER X 342 -75.80 -24.44 -4.47
C SER X 342 -75.66 -25.96 -4.52
N GLU X 343 -76.48 -26.68 -3.77
CA GLU X 343 -76.48 -28.13 -3.85
C GLU X 343 -76.91 -28.61 -5.24
N GLU X 344 -77.74 -27.83 -5.92
CA GLU X 344 -78.19 -28.14 -7.28
C GLU X 344 -77.24 -27.60 -8.35
N GLY X 345 -76.05 -27.16 -7.96
CA GLY X 345 -75.07 -26.70 -8.93
C GLY X 345 -75.41 -25.40 -9.62
N PHE X 346 -76.13 -24.51 -8.95
CA PHE X 346 -76.49 -23.21 -9.50
C PHE X 346 -75.72 -22.10 -8.78
N ILE X 347 -75.42 -21.04 -9.51
CA ILE X 347 -74.70 -19.89 -8.97
C ILE X 347 -75.74 -18.80 -8.71
N GLY X 348 -76.23 -18.75 -7.48
CA GLY X 348 -77.27 -17.78 -7.14
C GLY X 348 -76.71 -16.48 -6.60
N LEU X 349 -77.00 -15.38 -7.30
CA LEU X 349 -76.63 -14.05 -6.83
C LEU X 349 -77.68 -13.60 -5.82
N VAL X 350 -77.30 -13.57 -4.54
CA VAL X 350 -78.25 -13.24 -3.49
C VAL X 350 -78.26 -11.74 -3.25
N PHE X 351 -79.43 -11.21 -2.90
CA PHE X 351 -79.60 -9.78 -2.67
C PHE X 351 -79.45 -9.48 -1.19
N ARG X 352 -78.62 -8.49 -0.86
CA ARG X 352 -78.42 -8.09 0.52
C ARG X 352 -79.66 -7.32 0.96
N LYS X 353 -80.35 -7.89 1.97
CA LYS X 353 -81.63 -7.37 2.44
C LYS X 353 -81.61 -5.83 2.47
N ASP X 354 -82.38 -5.22 1.58
CA ASP X 354 -82.38 -3.78 1.42
C ASP X 354 -80.98 -3.21 1.27
N SER X 355 -80.21 -3.67 0.29
CA SER X 355 -78.99 -2.97 -0.06
C SER X 355 -79.20 -2.43 -1.46
N ASP X 356 -78.14 -1.91 -2.06
CA ASP X 356 -77.92 -1.99 -3.50
C ASP X 356 -76.81 -3.01 -3.78
N ASN X 357 -76.68 -3.98 -2.88
CA ASN X 357 -75.57 -4.90 -2.88
C ASN X 357 -76.07 -6.34 -2.94
N ALA X 358 -75.42 -7.13 -3.80
CA ALA X 358 -75.67 -8.57 -3.89
C ALA X 358 -74.35 -9.29 -3.68
N ALA X 359 -74.41 -10.62 -3.59
CA ALA X 359 -73.23 -11.42 -3.31
C ALA X 359 -73.37 -12.81 -3.91
N PHE X 360 -72.25 -13.36 -4.36
CA PHE X 360 -72.17 -14.75 -4.81
C PHE X 360 -71.47 -15.51 -3.68
N PHE X 361 -72.25 -16.30 -2.93
CA PHE X 361 -71.68 -17.00 -1.79
C PHE X 361 -70.79 -18.16 -2.23
N SER X 362 -70.99 -18.67 -3.44
CA SER X 362 -70.21 -19.81 -3.91
C SER X 362 -70.36 -19.91 -5.42
N ALA X 363 -69.35 -20.50 -6.05
CA ALA X 363 -69.36 -20.69 -7.49
C ALA X 363 -69.14 -22.16 -7.83
N ASN X 364 -70.06 -23.03 -7.41
CA ASN X 364 -69.97 -24.43 -7.77
C ASN X 364 -70.30 -24.61 -9.24
N SER X 365 -69.63 -25.57 -9.88
CA SER X 365 -69.91 -25.90 -11.27
C SER X 365 -71.15 -26.77 -11.35
N THR X 366 -71.53 -27.14 -12.58
CA THR X 366 -72.68 -28.02 -12.75
C THR X 366 -72.40 -29.43 -12.26
N GLN X 367 -71.12 -29.83 -12.22
CA GLN X 367 -70.75 -31.20 -11.88
C GLN X 367 -71.19 -31.54 -10.46
N LYS X 368 -71.78 -32.73 -10.31
CA LYS X 368 -72.22 -33.21 -9.00
C LYS X 368 -71.09 -33.99 -8.34
N PRO X 369 -70.82 -33.78 -7.05
CA PRO X 369 -69.72 -34.50 -6.40
C PRO X 369 -70.04 -35.97 -6.23
N ARG X 370 -69.00 -36.79 -6.25
CA ARG X 370 -69.14 -38.23 -6.08
C ARG X 370 -68.88 -38.62 -4.63
N PHE X 371 -69.57 -39.66 -4.19
CA PHE X 371 -69.44 -40.17 -2.83
C PHE X 371 -68.57 -41.42 -2.83
N PHE X 372 -67.68 -41.51 -1.84
CA PHE X 372 -66.77 -42.63 -1.70
C PHE X 372 -66.94 -43.26 -0.33
N GLY X 373 -66.36 -44.45 -0.17
CA GLY X 373 -66.45 -45.14 1.11
C GLY X 373 -65.80 -44.34 2.22
N ASN X 374 -66.40 -44.42 3.41
CA ASN X 374 -65.97 -43.62 4.56
C ASN X 374 -64.75 -44.27 5.23
N THR X 375 -63.63 -44.19 4.54
CA THR X 375 -62.32 -44.59 5.04
C THR X 375 -61.37 -43.43 4.80
N PRO X 376 -60.15 -43.52 5.32
CA PRO X 376 -59.20 -42.41 5.09
C PRO X 376 -58.98 -42.13 3.61
N GLU X 377 -58.67 -43.17 2.82
CA GLU X 377 -58.47 -42.99 1.39
C GLU X 377 -59.74 -42.51 0.70
N GLY X 378 -60.89 -43.07 1.09
CA GLY X 378 -62.14 -42.66 0.44
C GLY X 378 -62.47 -41.20 0.68
N LYS X 379 -62.33 -40.73 1.92
CA LYS X 379 -62.53 -39.32 2.23
C LYS X 379 -61.52 -38.44 1.52
N ALA X 380 -60.27 -38.89 1.40
CA ALA X 380 -59.30 -38.14 0.59
C ALA X 380 -59.80 -38.00 -0.85
N ALA X 381 -60.31 -39.09 -1.43
CA ALA X 381 -60.83 -39.04 -2.79
C ALA X 381 -62.00 -38.05 -2.89
N GLU X 382 -62.89 -38.06 -1.90
CA GLU X 382 -63.99 -37.10 -1.89
C GLU X 382 -63.46 -35.67 -1.90
N THR X 383 -62.48 -35.37 -1.05
CA THR X 383 -61.93 -34.02 -0.98
C THR X 383 -61.39 -33.58 -2.34
N ASN X 384 -60.54 -34.40 -2.96
CA ASN X 384 -60.00 -34.05 -4.27
C ASN X 384 -61.12 -33.79 -5.29
N TYR X 385 -62.09 -34.70 -5.36
CA TYR X 385 -63.18 -34.56 -6.33
C TYR X 385 -63.93 -33.24 -6.15
N ARG X 386 -64.32 -32.91 -4.91
CA ARG X 386 -65.03 -31.65 -4.68
C ARG X 386 -64.20 -30.45 -5.09
N LEU X 387 -62.91 -30.44 -4.68
CA LEU X 387 -61.99 -29.44 -5.19
C LEU X 387 -62.13 -29.30 -6.71
N GLY X 388 -62.17 -30.42 -7.43
CA GLY X 388 -62.42 -30.36 -8.86
C GLY X 388 -63.76 -29.74 -9.21
N THR X 389 -64.78 -29.99 -8.39
CA THR X 389 -66.13 -29.49 -8.66
C THR X 389 -66.27 -27.99 -8.45
N GLN X 390 -65.30 -27.35 -7.80
CA GLN X 390 -65.38 -25.93 -7.48
C GLN X 390 -64.64 -25.07 -8.52
N LEU X 391 -65.35 -24.08 -9.06
CA LEU X 391 -64.71 -23.17 -10.01
C LEU X 391 -63.61 -22.32 -9.39
N PRO X 392 -63.70 -21.90 -8.13
CA PRO X 392 -62.63 -21.07 -7.53
C PRO X 392 -61.27 -21.72 -7.54
N TYR X 393 -61.19 -23.05 -7.60
CA TYR X 393 -59.93 -23.76 -7.80
C TYR X 393 -59.70 -24.16 -9.24
N MET X 394 -60.78 -24.50 -9.96
CA MET X 394 -60.67 -24.75 -11.38
C MET X 394 -59.95 -23.62 -12.10
N PHE X 395 -60.17 -22.36 -11.68
CA PHE X 395 -59.51 -21.23 -12.31
C PHE X 395 -57.99 -21.28 -12.13
N ILE X 396 -57.52 -21.62 -10.93
CA ILE X 396 -56.09 -21.81 -10.71
C ILE X 396 -55.55 -22.88 -11.64
N MET X 397 -56.25 -24.02 -11.72
CA MET X 397 -55.81 -25.08 -12.64
C MET X 397 -55.71 -24.57 -14.08
N THR X 398 -56.68 -23.76 -14.53
CA THR X 398 -56.70 -23.30 -15.91
C THR X 398 -55.55 -22.34 -16.20
N ARG X 399 -55.31 -21.39 -15.29
CA ARG X 399 -54.16 -20.50 -15.44
C ARG X 399 -52.86 -21.29 -15.53
N LEU X 400 -52.72 -22.31 -14.66
CA LEU X 400 -51.53 -23.14 -14.70
C LEU X 400 -51.36 -23.82 -16.05
N ALA X 401 -52.45 -24.35 -16.61
CA ALA X 401 -52.37 -25.00 -17.91
C ALA X 401 -51.92 -24.03 -19.01
N HIS X 402 -52.49 -22.82 -19.02
CA HIS X 402 -52.06 -21.82 -20.01
C HIS X 402 -50.56 -21.54 -19.89
N TYR X 403 -50.09 -21.24 -18.67
CA TYR X 403 -48.67 -20.97 -18.48
C TYR X 403 -47.80 -22.14 -18.92
N ILE X 404 -48.25 -23.36 -18.65
CA ILE X 404 -47.45 -24.53 -19.00
C ILE X 404 -47.32 -24.66 -20.51
N LYS X 405 -48.45 -24.58 -21.23
CA LYS X 405 -48.40 -24.63 -22.69
C LYS X 405 -47.43 -23.58 -23.24
N VAL X 406 -47.69 -22.31 -22.92
CA VAL X 406 -46.88 -21.21 -23.46
C VAL X 406 -45.40 -21.44 -23.16
N LEU X 407 -45.06 -21.55 -21.87
CA LEU X 407 -43.65 -21.57 -21.47
C LEU X 407 -42.91 -22.82 -21.95
N GLN X 408 -43.60 -23.96 -22.06
CA GLN X 408 -42.94 -25.17 -22.52
C GLN X 408 -42.64 -25.12 -24.01
N ARG X 409 -43.57 -24.55 -24.79
CA ARG X 409 -43.30 -24.33 -26.22
C ARG X 409 -41.95 -23.67 -26.44
N GLU X 410 -41.57 -22.70 -25.60
CA GLU X 410 -40.30 -22.01 -25.76
C GLU X 410 -39.12 -22.89 -25.41
N GLN X 411 -39.34 -23.94 -24.60
CA GLN X 411 -38.26 -24.84 -24.19
C GLN X 411 -38.07 -26.00 -25.16
N ILE X 412 -39.04 -26.26 -26.03
CA ILE X 412 -38.87 -27.30 -27.05
C ILE X 412 -37.57 -27.08 -27.81
N GLY X 413 -36.74 -28.13 -27.91
CA GLY X 413 -35.48 -28.08 -28.61
C GLY X 413 -34.26 -28.01 -27.71
N SER X 414 -34.45 -27.66 -26.44
CA SER X 414 -33.32 -27.56 -25.52
C SER X 414 -32.88 -28.94 -25.04
N TRP X 415 -31.65 -29.01 -24.54
CA TRP X 415 -31.06 -30.27 -24.07
C TRP X 415 -31.59 -30.56 -22.67
N LYS X 416 -32.70 -31.30 -22.64
CA LYS X 416 -33.42 -31.57 -21.40
C LYS X 416 -33.45 -33.07 -21.15
N GLU X 417 -32.86 -33.48 -20.03
CA GLU X 417 -33.06 -34.83 -19.50
C GLU X 417 -34.20 -34.80 -18.49
N LYS X 418 -34.67 -35.99 -18.11
CA LYS X 418 -35.83 -36.10 -17.23
C LYS X 418 -35.63 -35.32 -15.93
N SER X 419 -34.52 -35.59 -15.23
CA SER X 419 -34.21 -34.84 -14.02
C SER X 419 -34.10 -33.34 -14.27
N ASP X 420 -33.63 -32.93 -15.44
CA ASP X 420 -33.64 -31.51 -15.78
C ASP X 420 -35.06 -30.97 -15.79
N LEU X 421 -35.99 -31.71 -16.41
CA LEU X 421 -37.39 -31.33 -16.34
C LEU X 421 -37.87 -31.22 -14.89
N GLU X 422 -37.50 -32.19 -14.05
CA GLU X 422 -37.92 -32.16 -12.65
C GLU X 422 -37.43 -30.89 -11.95
N ARG X 423 -36.14 -30.58 -12.06
CA ARG X 423 -35.58 -29.43 -11.35
C ARG X 423 -36.21 -28.13 -11.84
N GLU X 424 -36.22 -27.92 -13.17
CA GLU X 424 -36.76 -26.68 -13.70
C GLU X 424 -38.22 -26.49 -13.33
N LEU X 425 -39.04 -27.53 -13.49
CA LEU X 425 -40.47 -27.43 -13.20
C LEU X 425 -40.72 -27.15 -11.73
N ASN X 426 -39.94 -27.78 -10.84
CA ASN X 426 -40.07 -27.46 -9.41
C ASN X 426 -39.76 -25.98 -9.16
N HIS X 427 -38.61 -25.50 -9.64
CA HIS X 427 -38.25 -24.10 -9.45
C HIS X 427 -39.31 -23.16 -10.00
N TRP X 428 -39.98 -23.55 -11.09
CA TRP X 428 -41.00 -22.67 -11.67
C TRP X 428 -42.27 -22.68 -10.83
N LEU X 429 -42.75 -23.86 -10.45
CA LEU X 429 -43.98 -23.97 -9.67
C LEU X 429 -43.84 -23.24 -8.34
N SER X 430 -42.64 -23.21 -7.75
CA SER X 430 -42.45 -22.52 -6.48
C SER X 430 -42.85 -21.05 -6.55
N GLN X 431 -42.91 -20.48 -7.76
CA GLN X 431 -43.18 -19.05 -7.90
C GLN X 431 -44.58 -18.67 -7.42
N TYR X 432 -45.53 -19.61 -7.43
CA TYR X 432 -46.89 -19.35 -7.01
C TYR X 432 -47.26 -20.07 -5.70
N ILE X 433 -46.26 -20.39 -4.89
CA ILE X 433 -46.46 -21.15 -3.66
C ILE X 433 -46.23 -20.23 -2.48
N SER X 434 -47.15 -20.28 -1.51
CA SER X 434 -47.02 -19.55 -0.25
C SER X 434 -47.14 -20.56 0.89
N ASP X 435 -46.01 -21.12 1.33
CA ASP X 435 -46.05 -22.15 2.38
C ASP X 435 -45.42 -21.75 3.71
N MET X 436 -45.90 -20.68 4.37
CA MET X 436 -45.28 -20.21 5.62
C MET X 436 -46.05 -20.65 6.86
N ASP X 437 -46.11 -19.75 7.87
CA ASP X 437 -46.82 -20.08 9.10
C ASP X 437 -48.22 -19.51 9.10
N ASP X 438 -48.31 -18.25 9.07
CA ASP X 438 -49.75 -17.92 8.90
C ASP X 438 -49.99 -16.86 7.87
N PRO X 439 -50.74 -17.14 6.83
CA PRO X 439 -50.70 -16.32 5.64
C PRO X 439 -51.38 -14.96 5.81
N ALA X 440 -50.69 -13.93 5.29
CA ALA X 440 -51.26 -12.63 4.99
C ALA X 440 -52.64 -12.84 4.38
N PRO X 441 -53.71 -12.71 5.17
CA PRO X 441 -55.02 -13.13 4.69
C PRO X 441 -55.39 -12.39 3.43
N ALA X 442 -55.82 -13.13 2.42
CA ALA X 442 -56.08 -12.56 1.11
C ALA X 442 -54.81 -12.04 0.46
N VAL X 443 -53.66 -12.52 0.94
CA VAL X 443 -52.37 -12.32 0.28
C VAL X 443 -51.89 -13.61 -0.38
N ARG X 444 -52.31 -14.77 0.16
CA ARG X 444 -52.18 -16.02 -0.57
C ARG X 444 -53.11 -15.96 -1.76
N SER X 445 -53.82 -14.84 -1.91
CA SER X 445 -54.53 -14.56 -3.15
C SER X 445 -53.58 -14.54 -4.34
N ARG X 446 -52.48 -13.77 -4.23
CA ARG X 446 -51.51 -13.70 -5.31
C ARG X 446 -50.73 -15.00 -5.46
N ARG X 447 -50.61 -15.79 -4.39
CA ARG X 447 -49.93 -17.08 -4.40
C ARG X 447 -50.96 -18.13 -3.96
N PRO X 448 -51.82 -18.57 -4.86
CA PRO X 448 -52.96 -19.40 -4.42
C PRO X 448 -52.58 -20.79 -3.96
N LEU X 449 -51.38 -21.27 -4.29
CA LEU X 449 -50.96 -22.62 -3.94
C LEU X 449 -50.24 -22.63 -2.60
N ARG X 450 -50.49 -23.69 -1.83
CA ARG X 450 -49.79 -23.97 -0.59
C ARG X 450 -48.73 -25.06 -0.77
N ALA X 451 -49.03 -26.11 -1.53
CA ALA X 451 -48.08 -27.18 -1.76
C ALA X 451 -48.18 -27.62 -3.22
N ALA X 452 -47.14 -28.31 -3.69
CA ALA X 452 -47.14 -28.79 -5.07
C ALA X 452 -46.07 -29.86 -5.22
N ARG X 453 -46.39 -30.87 -6.03
CA ARG X 453 -45.50 -31.99 -6.29
C ARG X 453 -45.49 -32.28 -7.79
N VAL X 454 -44.29 -32.53 -8.32
CA VAL X 454 -44.08 -32.78 -9.74
C VAL X 454 -43.22 -34.02 -9.89
N VAL X 455 -43.65 -34.94 -10.76
CA VAL X 455 -42.90 -36.15 -11.08
C VAL X 455 -42.78 -36.25 -12.59
N VAL X 456 -41.61 -36.66 -13.06
CA VAL X 456 -41.32 -36.72 -14.49
C VAL X 456 -40.77 -38.10 -14.81
N GLU X 457 -41.41 -38.79 -15.76
CA GLU X 457 -40.94 -40.06 -16.26
C GLU X 457 -40.66 -39.93 -17.76
N ASP X 458 -40.05 -40.97 -18.32
CA ASP X 458 -39.83 -41.04 -19.75
C ASP X 458 -40.87 -41.98 -20.36
N VAL X 459 -41.45 -41.56 -21.49
CA VAL X 459 -42.33 -42.44 -22.28
C VAL X 459 -41.42 -43.41 -23.03
N GLU X 460 -41.48 -44.70 -22.77
CA GLU X 460 -40.48 -45.52 -23.42
C GLU X 460 -40.90 -45.86 -24.86
N GLY X 461 -39.91 -45.93 -25.76
CA GLY X 461 -40.15 -46.48 -27.11
C GLY X 461 -39.73 -45.59 -28.29
N GLN X 462 -39.20 -44.41 -28.00
CA GLN X 462 -38.40 -43.59 -28.93
C GLN X 462 -38.13 -42.35 -28.08
N PRO X 463 -37.05 -41.61 -28.30
CA PRO X 463 -36.41 -40.82 -27.17
C PRO X 463 -36.17 -39.30 -27.22
N GLY X 464 -36.79 -38.58 -26.26
CA GLY X 464 -36.75 -37.12 -26.19
C GLY X 464 -37.94 -36.40 -25.52
N TRP X 465 -39.04 -37.09 -25.17
CA TRP X 465 -40.22 -36.48 -24.56
C TRP X 465 -40.66 -37.32 -23.35
N TYR X 466 -41.51 -36.77 -22.48
CA TYR X 466 -41.67 -37.33 -21.14
C TYR X 466 -43.13 -37.25 -20.68
N ARG X 467 -43.42 -37.89 -19.54
CA ARG X 467 -44.75 -37.87 -18.95
C ARG X 467 -44.62 -37.16 -17.61
N CYS X 468 -45.32 -36.04 -17.46
CA CYS X 468 -45.21 -35.19 -16.29
C CYS X 468 -46.52 -35.23 -15.51
N SER X 469 -46.40 -35.32 -14.18
CA SER X 469 -47.52 -35.31 -13.27
C SER X 469 -47.33 -34.15 -12.30
N LEU X 470 -48.33 -33.28 -12.24
CA LEU X 470 -48.30 -32.09 -11.38
C LEU X 470 -49.56 -32.09 -10.52
N GLN X 471 -49.36 -32.16 -9.20
CA GLN X 471 -50.45 -32.16 -8.24
C GLN X 471 -50.25 -30.99 -7.30
N VAL X 472 -51.34 -30.27 -7.00
CA VAL X 472 -51.25 -29.03 -6.24
C VAL X 472 -52.25 -29.05 -5.09
N ARG X 473 -51.84 -28.47 -3.97
CA ARG X 473 -52.68 -28.26 -2.81
C ARG X 473 -52.84 -26.76 -2.63
N PRO X 474 -53.99 -26.19 -3.01
CA PRO X 474 -54.18 -24.74 -2.85
C PRO X 474 -54.82 -24.41 -1.52
N HIS X 475 -54.80 -23.12 -1.18
CA HIS X 475 -55.39 -22.66 0.06
C HIS X 475 -56.91 -22.83 0.03
N PHE X 476 -57.48 -23.13 1.19
CA PHE X 476 -58.92 -23.37 1.29
C PHE X 476 -59.69 -22.09 1.52
N LEU Y 30 -33.79 -30.88 29.93
CA LEU Y 30 -34.82 -31.78 30.42
C LEU Y 30 -35.61 -31.15 31.55
N PRO Y 31 -36.93 -31.08 31.39
CA PRO Y 31 -37.77 -30.51 32.45
C PRO Y 31 -37.79 -31.41 33.68
N LEU Y 32 -38.28 -30.85 34.78
CA LEU Y 32 -38.45 -31.60 36.03
C LEU Y 32 -39.94 -31.93 36.14
N LYS Y 33 -40.28 -33.17 35.82
CA LYS Y 33 -41.67 -33.62 35.80
C LYS Y 33 -41.93 -34.53 36.99
N VAL Y 34 -42.97 -34.21 37.76
CA VAL Y 34 -43.37 -34.97 38.93
C VAL Y 34 -44.72 -35.62 38.67
N LEU Y 35 -44.90 -36.80 39.26
CA LEU Y 35 -46.13 -37.58 39.12
C LEU Y 35 -46.78 -37.68 40.50
N MET Y 36 -47.91 -37.00 40.67
CA MET Y 36 -48.67 -37.07 41.91
C MET Y 36 -49.72 -38.16 41.75
N LEU Y 37 -49.56 -39.25 42.51
CA LEU Y 37 -50.48 -40.38 42.47
C LEU Y 37 -51.25 -40.41 43.78
N GLY Y 38 -52.58 -40.48 43.68
CA GLY Y 38 -53.37 -40.49 44.91
C GLY Y 38 -54.85 -40.59 44.61
N ASP Y 39 -55.63 -40.71 45.69
CA ASP Y 39 -57.08 -40.89 45.62
C ASP Y 39 -57.74 -39.52 45.62
N PHE Y 40 -57.82 -38.94 44.43
CA PHE Y 40 -58.40 -37.62 44.26
C PHE Y 40 -59.91 -37.65 44.11
N THR Y 41 -60.53 -38.82 44.05
CA THR Y 41 -61.97 -38.95 43.91
C THR Y 41 -62.54 -39.70 45.11
N GLY Y 42 -63.86 -39.65 45.24
CA GLY Y 42 -64.53 -40.35 46.32
C GLY Y 42 -64.74 -41.83 46.10
N GLN Y 43 -64.29 -42.37 44.97
CA GLN Y 43 -64.48 -43.77 44.69
C GLN Y 43 -63.42 -44.21 43.69
N GLU Y 44 -63.14 -45.52 43.68
CA GLU Y 44 -62.23 -46.05 42.69
C GLU Y 44 -62.92 -46.13 41.33
N ASP Y 45 -62.12 -46.01 40.28
CA ASP Y 45 -62.57 -46.30 38.93
C ASP Y 45 -62.33 -47.77 38.60
N ALA Y 46 -63.30 -48.37 37.90
CA ALA Y 46 -63.07 -49.71 37.36
C ALA Y 46 -62.10 -49.71 36.19
N ARG Y 47 -61.77 -48.56 35.64
CA ARG Y 47 -60.82 -48.45 34.53
C ARG Y 47 -59.44 -49.00 34.91
N PRO Y 48 -58.88 -49.92 34.11
CA PRO Y 48 -57.52 -50.43 34.38
C PRO Y 48 -56.53 -49.30 34.64
N LEU Y 49 -55.57 -49.57 35.53
CA LEU Y 49 -54.75 -48.50 36.07
C LEU Y 49 -54.03 -47.75 34.96
N GLU Y 50 -53.48 -48.47 34.00
CA GLU Y 50 -52.81 -47.80 32.90
C GLU Y 50 -53.75 -47.32 31.81
N GLN Y 51 -54.91 -47.96 31.64
CA GLN Y 51 -55.99 -47.42 30.81
C GLN Y 51 -56.33 -45.97 31.15
N ARG Y 52 -56.56 -45.68 32.43
CA ARG Y 52 -56.77 -44.30 32.85
C ARG Y 52 -55.52 -43.47 32.57
N ALA Y 53 -55.73 -42.21 32.20
CA ALA Y 53 -54.63 -41.38 31.76
C ALA Y 53 -54.26 -40.36 32.83
N PRO Y 54 -53.04 -39.84 32.79
CA PRO Y 54 -52.67 -38.76 33.72
C PRO Y 54 -53.09 -37.42 33.16
N ILE Y 55 -53.15 -36.43 34.05
CA ILE Y 55 -53.62 -35.09 33.68
C ILE Y 55 -52.53 -34.08 34.00
N ASN Y 56 -52.17 -33.26 33.01
CA ASN Y 56 -51.16 -32.22 33.21
C ASN Y 56 -51.79 -31.03 33.93
N VAL Y 57 -51.16 -30.59 35.02
CA VAL Y 57 -51.72 -29.56 35.88
C VAL Y 57 -50.74 -28.38 35.97
N ASP Y 58 -51.30 -27.17 35.98
CA ASP Y 58 -50.51 -25.95 36.06
C ASP Y 58 -51.39 -24.85 36.64
N LYS Y 59 -50.76 -23.73 36.97
CA LYS Y 59 -51.46 -22.65 37.66
C LYS Y 59 -52.57 -22.05 36.82
N ALA Y 60 -52.47 -22.15 35.50
CA ALA Y 60 -53.44 -21.53 34.59
C ALA Y 60 -54.61 -22.44 34.26
N ASN Y 61 -54.77 -23.58 34.94
CA ASN Y 61 -55.87 -24.48 34.61
C ASN Y 61 -56.20 -25.46 35.72
N PHE Y 62 -55.73 -25.20 36.95
CA PHE Y 62 -56.00 -26.12 38.05
C PHE Y 62 -57.49 -26.27 38.30
N ASN Y 63 -58.20 -25.14 38.42
CA ASN Y 63 -59.64 -25.19 38.64
C ASN Y 63 -60.35 -25.92 37.51
N GLU Y 64 -59.94 -25.66 36.26
CA GLU Y 64 -60.51 -26.39 35.12
C GLU Y 64 -60.28 -27.88 35.26
N VAL Y 65 -59.11 -28.28 35.78
CA VAL Y 65 -58.83 -29.69 36.00
C VAL Y 65 -59.78 -30.27 37.04
N MET Y 66 -60.06 -29.51 38.10
CA MET Y 66 -61.04 -29.96 39.08
C MET Y 66 -62.41 -30.14 38.45
N ALA Y 67 -62.89 -29.14 37.72
CA ALA Y 67 -64.21 -29.20 37.11
C ALA Y 67 -64.33 -30.38 36.15
N GLN Y 68 -63.29 -30.62 35.34
CA GLN Y 68 -63.32 -31.74 34.40
C GLN Y 68 -63.23 -33.07 35.11
N GLN Y 69 -62.50 -33.13 36.23
CA GLN Y 69 -62.40 -34.37 37.00
C GLN Y 69 -63.73 -34.72 37.66
N ASN Y 70 -64.50 -33.71 38.08
CA ASN Y 70 -65.85 -33.92 38.60
C ASN Y 70 -65.83 -34.61 39.96
N LEU Y 71 -65.99 -33.83 41.03
CA LEU Y 71 -65.88 -34.35 42.39
C LEU Y 71 -67.27 -34.60 42.98
N LYS Y 72 -67.42 -35.71 43.69
CA LYS Y 72 -68.71 -36.05 44.29
C LYS Y 72 -68.48 -36.86 45.56
N VAL Y 73 -69.24 -36.53 46.60
CA VAL Y 73 -69.14 -37.20 47.89
C VAL Y 73 -70.56 -37.55 48.36
N THR Y 74 -70.84 -38.85 48.46
CA THR Y 74 -72.09 -39.34 49.02
C THR Y 74 -71.75 -39.90 50.40
N LEU Y 75 -72.21 -39.22 51.45
CA LEU Y 75 -71.80 -39.59 52.79
C LEU Y 75 -72.88 -39.24 53.80
N THR Y 76 -72.85 -39.94 54.93
CA THR Y 76 -73.83 -39.76 56.00
C THR Y 76 -73.12 -39.29 57.26
N ALA Y 77 -73.64 -38.22 57.85
CA ALA Y 77 -73.15 -37.70 59.12
C ALA Y 77 -74.30 -37.65 60.12
N ALA Y 78 -73.94 -37.50 61.39
CA ALA Y 78 -74.94 -37.43 62.44
C ALA Y 78 -75.81 -36.19 62.26
N ASP Y 79 -77.13 -36.38 62.39
CA ASP Y 79 -78.09 -35.29 62.21
C ASP Y 79 -78.23 -34.55 63.54
N LYS Y 80 -77.55 -33.43 63.67
CA LYS Y 80 -77.57 -32.62 64.88
C LYS Y 80 -78.57 -31.48 64.82
N LEU Y 81 -79.48 -31.51 63.84
CA LEU Y 81 -80.58 -30.55 63.77
C LEU Y 81 -81.74 -30.91 64.66
N SER Y 82 -81.69 -32.07 65.33
CA SER Y 82 -82.71 -32.48 66.27
C SER Y 82 -82.04 -33.10 67.49
N ALA Y 83 -82.81 -33.80 68.32
CA ALA Y 83 -82.29 -34.43 69.53
C ALA Y 83 -82.53 -35.94 69.50
N ASP Y 84 -82.21 -36.58 68.38
CA ASP Y 84 -82.43 -38.01 68.21
C ASP Y 84 -81.12 -38.67 67.80
N PRO Y 85 -80.59 -39.60 68.60
CA PRO Y 85 -79.33 -40.26 68.20
C PRO Y 85 -79.47 -41.17 66.99
N ASN Y 86 -80.70 -41.61 66.69
CA ASN Y 86 -80.94 -42.41 65.50
C ASN Y 86 -81.14 -41.58 64.24
N ALA Y 87 -81.15 -40.25 64.37
CA ALA Y 87 -81.33 -39.37 63.22
C ALA Y 87 -80.00 -39.20 62.50
N THR Y 88 -79.98 -39.52 61.21
CA THR Y 88 -78.78 -39.39 60.38
C THR Y 88 -79.13 -38.59 59.14
N MET Y 89 -78.14 -37.90 58.58
CA MET Y 89 -78.31 -37.04 57.42
C MET Y 89 -77.35 -37.48 56.33
N ASN Y 90 -77.91 -37.83 55.17
CA ASN Y 90 -77.13 -38.24 54.01
C ASN Y 90 -77.06 -37.08 53.02
N VAL Y 91 -75.84 -36.76 52.57
CA VAL Y 91 -75.59 -35.64 51.69
C VAL Y 91 -74.84 -36.13 50.46
N SER Y 92 -75.06 -35.42 49.34
CA SER Y 92 -74.41 -35.68 48.06
C SER Y 92 -73.80 -34.37 47.59
N LEU Y 93 -72.56 -34.10 48.00
CA LEU Y 93 -71.88 -32.88 47.62
C LEU Y 93 -71.17 -33.05 46.29
N GLN Y 94 -71.08 -31.94 45.55
CA GLN Y 94 -70.44 -31.93 44.24
C GLN Y 94 -69.43 -30.78 44.20
N PHE Y 95 -68.26 -31.05 43.60
CA PHE Y 95 -67.15 -30.11 43.59
C PHE Y 95 -66.63 -29.91 42.18
N LYS Y 96 -66.51 -28.64 41.78
CA LYS Y 96 -65.84 -28.23 40.56
C LYS Y 96 -64.62 -27.36 40.79
N ASN Y 97 -64.54 -26.68 41.94
CA ASN Y 97 -63.38 -25.87 42.31
C ASN Y 97 -63.21 -25.90 43.82
N LEU Y 98 -62.04 -25.45 44.28
CA LEU Y 98 -61.71 -25.50 45.70
C LEU Y 98 -62.70 -24.71 46.55
N ASN Y 99 -63.25 -23.63 46.00
CA ASN Y 99 -64.21 -22.81 46.75
C ASN Y 99 -65.50 -23.58 47.04
N ASP Y 100 -65.76 -24.65 46.29
CA ASP Y 100 -66.88 -25.54 46.59
C ASP Y 100 -66.70 -26.29 47.91
N PHE Y 101 -65.53 -26.18 48.54
CA PHE Y 101 -65.29 -26.77 49.85
C PHE Y 101 -65.64 -25.83 50.99
N SER Y 102 -66.05 -24.60 50.68
CA SER Y 102 -66.38 -23.63 51.72
C SER Y 102 -67.75 -23.95 52.33
N PRO Y 103 -67.96 -23.56 53.59
CA PRO Y 103 -69.26 -23.82 54.23
C PRO Y 103 -70.44 -23.22 53.50
N GLU Y 104 -70.24 -22.11 52.78
CA GLU Y 104 -71.33 -21.53 52.00
C GLU Y 104 -71.81 -22.50 50.93
N SER Y 105 -70.88 -23.07 50.14
CA SER Y 105 -71.23 -24.09 49.17
C SER Y 105 -71.81 -25.33 49.84
N VAL Y 106 -71.22 -25.78 50.95
CA VAL Y 106 -71.74 -26.95 51.66
C VAL Y 106 -73.21 -26.73 52.02
N VAL Y 107 -73.53 -25.55 52.55
CA VAL Y 107 -74.91 -25.24 52.90
C VAL Y 107 -75.78 -25.17 51.65
N ASN Y 108 -75.24 -24.56 50.58
CA ASN Y 108 -75.98 -24.47 49.33
C ASN Y 108 -76.37 -25.84 48.79
N GLN Y 109 -75.55 -26.85 49.06
CA GLN Y 109 -75.77 -28.19 48.52
C GLN Y 109 -76.50 -29.13 49.47
N VAL Y 110 -76.88 -28.66 50.64
CA VAL Y 110 -77.58 -29.48 51.64
C VAL Y 110 -78.87 -28.77 52.02
N PRO Y 111 -80.01 -29.17 51.46
CA PRO Y 111 -81.27 -28.42 51.69
C PRO Y 111 -81.65 -28.30 53.16
N GLU Y 112 -81.31 -29.31 53.98
CA GLU Y 112 -81.60 -29.26 55.41
C GLU Y 112 -80.89 -28.09 56.10
N LEU Y 113 -79.84 -27.56 55.50
CA LEU Y 113 -79.16 -26.36 55.98
C LEU Y 113 -79.47 -25.13 55.16
N LYS Y 114 -79.65 -25.29 53.84
CA LYS Y 114 -79.96 -24.15 52.98
C LYS Y 114 -81.31 -23.53 53.36
N LYS Y 115 -82.30 -24.36 53.68
CA LYS Y 115 -83.56 -23.83 54.17
C LYS Y 115 -83.36 -23.05 55.47
N LEU Y 116 -82.45 -23.50 56.32
CA LEU Y 116 -82.17 -22.78 57.57
C LEU Y 116 -81.45 -21.46 57.31
N LEU Y 117 -80.63 -21.40 56.25
CA LEU Y 117 -80.00 -20.13 55.90
C LEU Y 117 -80.99 -19.15 55.31
N GLU Y 118 -81.92 -19.65 54.49
CA GLU Y 118 -83.00 -18.79 54.00
C GLU Y 118 -83.86 -18.28 55.15
N LEU Y 119 -84.13 -19.15 56.14
CA LEU Y 119 -84.86 -18.71 57.32
C LEU Y 119 -84.07 -17.64 58.07
N ARG Y 120 -82.75 -17.83 58.18
CA ARG Y 120 -81.91 -16.81 58.80
C ARG Y 120 -82.06 -15.46 58.09
N SER Y 121 -81.93 -15.45 56.76
CA SER Y 121 -82.09 -14.22 56.01
C SER Y 121 -83.47 -13.60 56.24
N ALA Y 122 -84.51 -14.43 56.29
CA ALA Y 122 -85.86 -13.90 56.54
C ALA Y 122 -85.96 -13.25 57.90
N LEU Y 123 -85.39 -13.89 58.94
CA LEU Y 123 -85.46 -13.34 60.29
C LEU Y 123 -84.64 -12.07 60.44
N ASN Y 124 -83.47 -12.01 59.80
CA ASN Y 124 -82.66 -10.80 59.85
C ASN Y 124 -83.35 -9.66 59.11
N ALA Y 125 -83.96 -9.96 57.96
CA ALA Y 125 -84.70 -8.94 57.22
C ALA Y 125 -85.87 -8.42 58.05
N LEU Y 126 -86.61 -9.31 58.70
CA LEU Y 126 -87.74 -8.89 59.51
C LEU Y 126 -87.27 -8.06 60.71
N LYS Y 127 -86.22 -8.51 61.40
CA LYS Y 127 -85.75 -7.80 62.59
C LYS Y 127 -85.13 -6.46 62.25
N GLY Y 128 -84.58 -6.31 61.04
CA GLY Y 128 -84.04 -5.06 60.59
C GLY Y 128 -85.10 -4.19 59.94
N PRO Y 129 -86.34 -4.69 59.90
CA PRO Y 129 -87.46 -3.90 59.36
C PRO Y 129 -87.40 -3.73 57.85
N LEU Y 130 -86.66 -4.61 57.17
CA LEU Y 130 -86.49 -4.51 55.73
C LEU Y 130 -87.72 -4.97 54.96
N GLY Y 131 -88.60 -5.74 55.58
CA GLY Y 131 -89.82 -6.19 54.93
C GLY Y 131 -90.97 -6.19 55.90
N ASN Y 132 -92.18 -6.12 55.35
CA ASN Y 132 -93.37 -6.10 56.18
C ASN Y 132 -93.82 -7.52 56.53
N LEU Y 133 -94.76 -7.60 57.47
CA LEU Y 133 -95.22 -8.91 57.93
C LEU Y 133 -95.88 -9.75 56.84
N PRO Y 134 -96.65 -9.19 55.91
CA PRO Y 134 -97.22 -10.03 54.84
C PRO Y 134 -96.16 -10.68 53.96
N ALA Y 135 -95.18 -9.90 53.51
CA ALA Y 135 -94.06 -10.46 52.76
C ALA Y 135 -93.33 -11.52 53.59
N PHE Y 136 -93.10 -11.22 54.88
CA PHE Y 136 -92.43 -12.18 55.76
C PHE Y 136 -93.18 -13.51 55.79
N ARG Y 137 -94.52 -13.45 55.92
CA ARG Y 137 -95.31 -14.67 55.98
C ARG Y 137 -95.23 -15.44 54.66
N LYS Y 138 -95.37 -14.75 53.53
CA LYS Y 138 -95.30 -15.43 52.24
C LYS Y 138 -93.96 -16.14 52.07
N LYS Y 139 -92.86 -15.43 52.29
CA LYS Y 139 -91.54 -16.03 52.15
C LYS Y 139 -91.33 -17.19 53.11
N LEU Y 140 -91.84 -17.07 54.34
CA LEU Y 140 -91.74 -18.17 55.30
C LEU Y 140 -92.44 -19.42 54.77
N GLN Y 141 -93.68 -19.26 54.27
CA GLN Y 141 -94.35 -20.39 53.65
C GLN Y 141 -93.51 -20.99 52.53
N ALA Y 142 -92.92 -20.13 51.69
CA ALA Y 142 -92.07 -20.60 50.61
C ALA Y 142 -90.93 -21.46 51.15
N LEU Y 143 -90.25 -20.99 52.20
CA LEU Y 143 -89.10 -21.71 52.74
C LEU Y 143 -89.53 -23.05 53.32
N LEU Y 144 -90.61 -23.07 54.11
CA LEU Y 144 -91.04 -24.29 54.77
C LEU Y 144 -91.74 -25.27 53.84
N ALA Y 145 -92.04 -24.88 52.60
CA ALA Y 145 -92.79 -25.76 51.70
C ALA Y 145 -91.95 -26.93 51.19
N ASP Y 146 -90.62 -26.84 51.27
CA ASP Y 146 -89.72 -27.85 50.74
C ASP Y 146 -90.05 -29.25 51.27
N GLU Y 147 -90.40 -30.16 50.36
CA GLU Y 147 -90.86 -31.49 50.75
C GLU Y 147 -89.74 -32.37 51.31
N ASP Y 148 -88.48 -32.03 51.07
CA ASP Y 148 -87.37 -32.82 51.59
C ASP Y 148 -87.07 -32.54 53.06
N GLY Y 149 -87.68 -31.51 53.63
CA GLY Y 149 -87.44 -31.20 55.02
C GLY Y 149 -88.28 -32.03 55.97
N ARG Y 150 -87.76 -32.23 57.17
CA ARG Y 150 -88.50 -32.95 58.20
C ARG Y 150 -89.45 -32.01 58.92
N LYS Y 151 -90.57 -32.58 59.38
CA LYS Y 151 -91.52 -31.79 60.15
C LYS Y 151 -90.90 -31.26 61.44
N ALA Y 152 -90.04 -32.04 62.08
CA ALA Y 152 -89.35 -31.56 63.27
C ALA Y 152 -88.50 -30.32 62.97
N LEU Y 153 -87.73 -30.36 61.88
CA LEU Y 153 -86.97 -29.20 61.47
C LEU Y 153 -87.89 -28.02 61.18
N ILE Y 154 -89.01 -28.26 60.49
CA ILE Y 154 -89.96 -27.20 60.22
C ILE Y 154 -90.47 -26.55 61.50
N LYS Y 155 -90.76 -27.38 62.52
CA LYS Y 155 -91.23 -26.87 63.80
C LYS Y 155 -90.14 -26.04 64.49
N GLU Y 156 -88.91 -26.54 64.46
CA GLU Y 156 -87.80 -25.78 65.05
C GLU Y 156 -87.61 -24.44 64.36
N LEU Y 157 -87.84 -24.38 63.04
CA LEU Y 157 -87.69 -23.13 62.31
C LEU Y 157 -88.82 -22.17 62.63
N GLY Y 158 -90.06 -22.67 62.69
CA GLY Y 158 -91.19 -21.82 63.05
C GLY Y 158 -91.13 -21.32 64.49
N LEU Y 159 -90.46 -22.07 65.37
CA LEU Y 159 -90.29 -21.64 66.76
C LEU Y 159 -89.39 -20.41 66.88
N THR Y 160 -88.65 -20.07 65.84
CA THR Y 160 -87.78 -18.90 65.86
C THR Y 160 -88.48 -17.62 65.44
N GLU Y 161 -89.71 -17.71 64.94
CA GLU Y 161 -90.44 -16.53 64.47
C GLU Y 161 -91.00 -15.78 65.66
N GLU Y 162 -90.74 -14.47 65.73
CA GLU Y 162 -91.28 -13.65 66.79
C GLU Y 162 -92.81 -13.65 66.73
N THR Y 163 -93.44 -13.56 67.89
CA THR Y 163 -94.89 -13.72 67.97
C THR Y 163 -95.62 -12.64 67.18
N LYS Y 164 -95.07 -11.43 67.16
CA LYS Y 164 -95.71 -10.30 66.48
C LYS Y 164 -95.66 -10.46 64.96
N ASP Z 63 -87.79 -5.50 71.10
CA ASP Z 63 -88.31 -6.66 70.40
C ASP Z 63 -87.24 -7.29 69.52
N LYS Z 64 -86.49 -6.44 68.83
CA LYS Z 64 -85.47 -6.92 67.90
C LYS Z 64 -84.40 -7.73 68.62
N ALA Z 65 -84.16 -7.45 69.90
CA ALA Z 65 -83.17 -8.23 70.66
C ALA Z 65 -83.56 -9.70 70.70
N LEU Z 66 -84.85 -9.99 70.88
CA LEU Z 66 -85.32 -11.37 70.88
C LEU Z 66 -85.12 -12.03 69.52
N VAL Z 67 -85.38 -11.29 68.44
CA VAL Z 67 -85.16 -11.84 67.10
C VAL Z 67 -83.67 -12.14 66.89
N ASP Z 68 -82.81 -11.26 67.39
CA ASP Z 68 -81.37 -11.52 67.30
C ASP Z 68 -80.98 -12.76 68.11
N ALA Z 69 -81.60 -12.96 69.27
CA ALA Z 69 -81.38 -14.20 70.01
C ALA Z 69 -81.82 -15.40 69.19
N MET Z 70 -82.95 -15.28 68.48
CA MET Z 70 -83.39 -16.34 67.58
C MET Z 70 -82.33 -16.63 66.52
N ILE Z 71 -81.72 -15.58 65.95
CA ILE Z 71 -80.67 -15.77 64.96
C ILE Z 71 -79.46 -16.46 65.59
N ALA Z 72 -79.16 -16.13 66.85
CA ALA Z 72 -78.03 -16.75 67.53
C ALA Z 72 -78.25 -18.25 67.71
N GLU Z 73 -79.44 -18.64 68.17
CA GLU Z 73 -79.72 -20.06 68.35
C GLU Z 73 -79.77 -20.79 67.00
N ILE Z 74 -80.36 -20.16 65.98
CA ILE Z 74 -80.45 -20.78 64.66
C ILE Z 74 -79.05 -21.04 64.11
N ASP Z 75 -78.19 -20.02 64.15
CA ASP Z 75 -76.81 -20.18 63.71
C ASP Z 75 -76.07 -21.21 64.55
N LYS Z 76 -76.41 -21.31 65.84
CA LYS Z 76 -75.78 -22.31 66.70
C LYS Z 76 -76.08 -23.72 66.21
N ARG Z 77 -77.35 -24.02 65.94
CA ARG Z 77 -77.70 -25.35 65.45
C ARG Z 77 -77.07 -25.61 64.08
N LEU Z 78 -77.21 -24.65 63.15
CA LEU Z 78 -76.65 -24.82 61.82
C LEU Z 78 -75.16 -25.10 61.87
N SER Z 79 -74.43 -24.37 62.70
CA SER Z 79 -73.00 -24.64 62.86
C SER Z 79 -72.75 -26.00 63.50
N SER Z 80 -73.64 -26.42 64.39
CA SER Z 80 -73.56 -27.76 64.95
C SER Z 80 -73.53 -28.82 63.85
N GLN Z 81 -74.39 -28.69 62.84
CA GLN Z 81 -74.39 -29.68 61.75
C GLN Z 81 -73.23 -29.48 60.78
N VAL Z 82 -72.97 -28.22 60.41
CA VAL Z 82 -71.87 -27.91 59.50
C VAL Z 82 -70.56 -28.47 60.01
N ASN Z 83 -70.36 -28.46 61.33
CA ASN Z 83 -69.16 -29.08 61.90
C ASN Z 83 -69.11 -30.57 61.58
N GLU Z 84 -70.26 -31.25 61.60
CA GLU Z 84 -70.30 -32.66 61.26
C GLU Z 84 -69.90 -32.88 59.80
N ILE Z 85 -70.34 -31.98 58.91
CA ILE Z 85 -69.95 -32.10 57.51
C ILE Z 85 -68.45 -31.85 57.34
N LEU Z 86 -67.94 -30.75 57.91
CA LEU Z 86 -66.56 -30.35 57.66
C LEU Z 86 -65.55 -31.23 58.38
N HIS Z 87 -65.99 -31.95 59.41
CA HIS Z 87 -65.13 -32.87 60.15
C HIS Z 87 -65.35 -34.32 59.74
N ALA Z 88 -66.08 -34.56 58.65
CA ALA Z 88 -66.26 -35.92 58.17
C ALA Z 88 -64.98 -36.39 57.49
N LYS Z 89 -64.62 -37.66 57.76
CA LYS Z 89 -63.34 -38.18 57.29
C LYS Z 89 -63.29 -38.25 55.77
N GLU Z 90 -64.39 -38.62 55.13
CA GLU Z 90 -64.42 -38.68 53.67
C GLU Z 90 -64.28 -37.28 53.07
N PHE Z 91 -65.08 -36.33 53.56
CA PHE Z 91 -64.98 -34.95 53.09
C PHE Z 91 -63.56 -34.42 53.24
N GLN Z 92 -62.95 -34.65 54.42
CA GLN Z 92 -61.59 -34.17 54.66
C GLN Z 92 -60.58 -34.88 53.77
N LYS Z 93 -60.82 -36.16 53.46
CA LYS Z 93 -59.96 -36.85 52.50
C LYS Z 93 -59.95 -36.14 51.17
N LEU Z 94 -61.13 -35.95 50.57
CA LEU Z 94 -61.19 -35.25 49.29
C LEU Z 94 -60.57 -33.86 49.37
N GLU Z 95 -61.04 -33.05 50.33
CA GLU Z 95 -60.60 -31.66 50.46
C GLU Z 95 -59.09 -31.58 50.62
N SER Z 96 -58.54 -32.29 51.61
CA SER Z 96 -57.10 -32.26 51.84
C SER Z 96 -56.31 -32.72 50.63
N SER Z 97 -56.84 -33.72 49.90
CA SER Z 97 -56.21 -34.11 48.64
C SER Z 97 -56.07 -32.92 47.70
N TRP Z 98 -57.19 -32.29 47.35
CA TRP Z 98 -57.16 -31.21 46.37
C TRP Z 98 -56.40 -29.98 46.86
N ARG Z 99 -56.64 -29.58 48.12
CA ARG Z 99 -56.05 -28.36 48.66
C ARG Z 99 -54.54 -28.51 48.84
N SER Z 100 -54.10 -29.67 49.33
CA SER Z 100 -52.67 -29.94 49.38
C SER Z 100 -52.07 -29.94 47.97
N LEU Z 101 -52.80 -30.50 47.00
CA LEU Z 101 -52.33 -30.47 45.62
C LEU Z 101 -52.09 -29.04 45.15
N LYS Z 102 -53.05 -28.15 45.39
CA LYS Z 102 -52.89 -26.76 44.98
C LYS Z 102 -51.77 -26.08 45.75
N PHE Z 103 -51.66 -26.37 47.06
CA PHE Z 103 -50.57 -25.81 47.85
C PHE Z 103 -49.22 -26.18 47.27
N MET Z 104 -49.12 -27.37 46.68
CA MET Z 104 -47.89 -27.73 45.97
C MET Z 104 -47.77 -26.94 44.66
N VAL Z 105 -48.84 -26.94 43.86
CA VAL Z 105 -48.74 -26.44 42.48
C VAL Z 105 -48.44 -24.94 42.45
N ASP Z 106 -49.14 -24.17 43.29
CA ASP Z 106 -48.99 -22.72 43.31
C ASP Z 106 -47.68 -22.25 43.92
N ARG Z 107 -46.87 -23.16 44.47
CA ARG Z 107 -45.56 -22.84 45.00
C ARG Z 107 -44.43 -23.21 44.05
N THR Z 108 -44.78 -23.72 42.87
CA THR Z 108 -43.80 -24.04 41.83
C THR Z 108 -43.81 -22.92 40.77
N ASP Z 109 -42.95 -23.09 39.77
CA ASP Z 109 -42.78 -22.10 38.72
C ASP Z 109 -42.73 -22.81 37.38
N PHE Z 110 -43.89 -22.91 36.71
CA PHE Z 110 -44.00 -23.61 35.44
C PHE Z 110 -43.19 -22.96 34.33
N ARG Z 111 -42.73 -21.72 34.50
CA ARG Z 111 -41.86 -21.08 33.54
C ARG Z 111 -40.42 -21.59 33.64
N GLU Z 112 -40.08 -22.32 34.70
CA GLU Z 112 -38.74 -22.86 34.88
C GLU Z 112 -38.65 -24.32 34.44
N ASN Z 113 -39.49 -24.74 33.50
CA ASN Z 113 -39.46 -26.11 32.98
C ASN Z 113 -39.85 -27.13 34.05
N THR Z 114 -40.85 -26.79 34.86
CA THR Z 114 -41.38 -27.67 35.89
C THR Z 114 -42.75 -28.17 35.45
N ARG Z 115 -42.98 -29.47 35.57
CA ARG Z 115 -44.22 -30.09 35.11
C ARG Z 115 -44.73 -31.05 36.17
N VAL Z 116 -46.05 -31.25 36.18
CA VAL Z 116 -46.71 -32.09 37.18
C VAL Z 116 -47.93 -32.75 36.55
N GLU Z 117 -48.05 -34.06 36.74
CA GLU Z 117 -49.18 -34.83 36.25
C GLU Z 117 -49.88 -35.52 37.41
N MET Z 118 -51.19 -35.69 37.27
CA MET Z 118 -52.03 -36.29 38.30
C MET Z 118 -52.47 -37.67 37.83
N LEU Z 119 -52.34 -38.65 38.73
CA LEU Z 119 -52.69 -40.04 38.49
C LEU Z 119 -53.56 -40.49 39.66
N ASN Z 120 -54.86 -40.67 39.38
CA ASN Z 120 -55.81 -41.09 40.40
C ASN Z 120 -55.66 -42.59 40.64
N ALA Z 121 -55.20 -42.96 41.83
CA ALA Z 121 -55.01 -44.37 42.16
C ALA Z 121 -55.02 -44.50 43.67
N SER Z 122 -55.72 -45.51 44.17
CA SER Z 122 -55.70 -45.84 45.58
C SER Z 122 -54.67 -46.94 45.83
N LYS Z 123 -54.22 -47.02 47.09
CA LYS Z 123 -53.22 -48.03 47.45
C LYS Z 123 -53.71 -49.44 47.15
N GLU Z 124 -54.98 -49.72 47.48
CA GLU Z 124 -55.54 -51.05 47.24
C GLU Z 124 -55.45 -51.43 45.76
N ASP Z 125 -55.77 -50.49 44.87
CA ASP Z 125 -55.68 -50.74 43.44
C ASP Z 125 -54.25 -50.80 42.95
N LEU Z 126 -53.32 -50.07 43.58
CA LEU Z 126 -51.91 -50.25 43.27
C LEU Z 126 -51.48 -51.67 43.55
N GLN Z 127 -51.83 -52.20 44.73
CA GLN Z 127 -51.55 -53.59 45.04
C GLN Z 127 -52.26 -54.53 44.06
N LYS Z 128 -53.47 -54.18 43.66
CA LYS Z 128 -54.22 -55.03 42.74
C LYS Z 128 -53.51 -55.15 41.40
N ASP Z 129 -52.99 -54.03 40.88
CA ASP Z 129 -52.29 -54.05 39.61
C ASP Z 129 -50.95 -54.76 39.72
N PHE Z 130 -50.19 -54.47 40.78
CA PHE Z 130 -48.86 -55.08 40.93
C PHE Z 130 -48.94 -56.58 41.16
N GLU Z 131 -49.98 -57.05 41.85
CA GLU Z 131 -50.13 -58.48 42.08
C GLU Z 131 -50.77 -59.17 40.89
N ASP Z 132 -51.61 -58.45 40.15
CA ASP Z 132 -52.23 -59.03 38.95
C ASP Z 132 -51.19 -59.22 37.85
N ALA Z 133 -50.30 -58.25 37.67
CA ALA Z 133 -49.28 -58.35 36.63
C ALA Z 133 -48.31 -59.47 36.95
N PRO Z 134 -47.77 -60.18 35.95
CA PRO Z 134 -46.77 -61.21 36.25
C PRO Z 134 -45.42 -60.64 36.62
N GLU Z 135 -45.13 -59.41 36.20
CA GLU Z 135 -43.85 -58.76 36.50
C GLU Z 135 -44.05 -57.26 36.46
N VAL Z 136 -43.19 -56.54 37.19
CA VAL Z 136 -43.33 -55.10 37.32
C VAL Z 136 -43.22 -54.40 35.97
N THR Z 137 -42.45 -54.98 35.04
CA THR Z 137 -42.32 -54.41 33.71
C THR Z 137 -43.63 -54.39 32.94
N LYS Z 138 -44.65 -55.12 33.41
CA LYS Z 138 -45.95 -55.17 32.76
C LYS Z 138 -47.04 -54.49 33.57
N SER Z 139 -46.68 -53.81 34.66
CA SER Z 139 -47.67 -53.07 35.42
C SER Z 139 -48.03 -51.77 34.71
N GLY Z 140 -49.27 -51.31 34.95
CA GLY Z 140 -49.70 -50.07 34.32
C GLY Z 140 -48.89 -48.87 34.75
N LEU Z 141 -48.68 -48.73 36.07
CA LEU Z 141 -47.85 -47.65 36.58
C LEU Z 141 -46.48 -47.64 35.92
N TYR Z 142 -45.84 -48.80 35.82
CA TYR Z 142 -44.58 -48.89 35.08
C TYR Z 142 -44.77 -48.47 33.63
N LYS Z 143 -45.91 -48.84 33.03
CA LYS Z 143 -46.19 -48.42 31.67
C LYS Z 143 -46.14 -46.90 31.53
N LEU Z 144 -46.84 -46.18 32.42
CA LEU Z 144 -46.99 -44.73 32.31
C LEU Z 144 -45.85 -43.96 32.97
N VAL Z 145 -44.93 -44.64 33.66
CA VAL Z 145 -43.82 -43.96 34.32
C VAL Z 145 -42.58 -44.17 33.48
N TYR Z 146 -42.22 -45.43 33.24
CA TYR Z 146 -41.00 -45.73 32.50
C TYR Z 146 -41.27 -45.80 31.00
N SER Z 147 -42.22 -46.65 30.60
CA SER Z 147 -42.38 -46.96 29.18
C SER Z 147 -42.75 -45.73 28.36
N ASN Z 148 -43.75 -44.98 28.80
CA ASN Z 148 -44.19 -43.79 28.07
C ASN Z 148 -43.30 -42.58 28.30
N GLU Z 149 -42.20 -42.73 29.04
CA GLU Z 149 -41.35 -41.59 29.36
C GLU Z 149 -39.88 -41.89 29.14
N TYR Z 150 -39.21 -42.41 30.18
CA TYR Z 150 -37.77 -42.61 30.13
C TYR Z 150 -37.37 -43.55 29.01
N GLY Z 151 -38.18 -44.56 28.73
CA GLY Z 151 -37.84 -45.53 27.72
C GLY Z 151 -38.49 -45.28 26.36
N VAL Z 152 -38.74 -44.01 26.05
CA VAL Z 152 -39.42 -43.63 24.82
C VAL Z 152 -38.56 -42.59 24.10
N PHE Z 153 -38.13 -42.92 22.89
CA PHE Z 153 -37.37 -41.97 22.08
C PHE Z 153 -38.28 -40.79 21.72
N GLY Z 154 -37.82 -39.58 22.02
CA GLY Z 154 -38.61 -38.38 21.83
C GLY Z 154 -39.39 -37.95 23.05
N GLY Z 155 -39.49 -38.80 24.07
CA GLY Z 155 -40.21 -38.48 25.28
C GLY Z 155 -39.34 -37.79 26.31
N LYS Z 156 -39.74 -37.92 27.58
CA LYS Z 156 -39.04 -37.29 28.68
C LYS Z 156 -39.22 -38.15 29.92
N PRO Z 157 -38.23 -38.18 30.82
CA PRO Z 157 -38.33 -39.06 31.99
C PRO Z 157 -38.93 -38.35 33.19
N TYR Z 158 -39.66 -39.11 34.00
CA TYR Z 158 -40.30 -38.57 35.19
C TYR Z 158 -39.24 -38.29 36.26
N GLY Z 159 -39.27 -37.08 36.80
CA GLY Z 159 -38.26 -36.70 37.78
C GLY Z 159 -38.43 -37.43 39.11
N ILE Z 160 -39.65 -37.43 39.65
CA ILE Z 160 -39.92 -38.02 40.94
C ILE Z 160 -41.41 -38.32 41.03
N ILE Z 161 -41.79 -39.20 41.96
CA ILE Z 161 -43.17 -39.63 42.16
C ILE Z 161 -43.58 -39.30 43.59
N SER Z 162 -44.64 -38.52 43.74
CA SER Z 162 -45.17 -38.13 45.05
C SER Z 162 -46.48 -38.87 45.26
N ALA Z 163 -46.51 -39.73 46.27
CA ALA Z 163 -47.67 -40.55 46.57
C ALA Z 163 -48.35 -40.01 47.83
N ASN Z 164 -49.60 -39.59 47.69
CA ASN Z 164 -50.38 -39.05 48.81
C ASN Z 164 -51.00 -40.21 49.60
N TYR Z 165 -50.14 -40.88 50.36
CA TYR Z 165 -50.55 -42.04 51.14
C TYR Z 165 -49.82 -42.05 52.47
N ASP Z 166 -50.45 -42.70 53.45
CA ASP Z 166 -49.85 -42.98 54.74
C ASP Z 166 -49.59 -44.47 54.83
N PHE Z 167 -48.41 -44.84 55.35
CA PHE Z 167 -47.98 -46.22 55.39
C PHE Z 167 -47.91 -46.69 56.84
N ASN Z 168 -48.37 -47.92 57.07
CA ASN Z 168 -48.22 -48.58 58.35
C ASN Z 168 -47.24 -49.74 58.21
N VAL Z 169 -47.08 -50.52 59.28
CA VAL Z 169 -46.23 -51.71 59.24
C VAL Z 169 -46.94 -52.90 58.61
N GLY Z 170 -48.19 -52.72 58.16
CA GLY Z 170 -48.96 -53.81 57.58
C GLY Z 170 -48.28 -54.42 56.37
N PRO Z 171 -48.48 -55.73 56.20
CA PRO Z 171 -47.81 -56.41 55.08
C PRO Z 171 -48.17 -55.86 53.71
N GLN Z 172 -49.43 -55.46 53.51
CA GLN Z 172 -49.82 -54.86 52.24
C GLN Z 172 -49.03 -53.59 51.97
N ASP Z 173 -48.92 -52.71 52.97
CA ASP Z 173 -48.14 -51.49 52.79
C ASP Z 173 -46.68 -51.80 52.50
N MET Z 174 -46.11 -52.77 53.22
CA MET Z 174 -44.72 -53.15 52.98
C MET Z 174 -44.51 -53.61 51.53
N GLU Z 175 -45.40 -54.48 51.04
CA GLU Z 175 -45.28 -54.97 49.68
C GLU Z 175 -45.42 -53.84 48.67
N LEU Z 176 -46.38 -52.94 48.89
CA LEU Z 176 -46.51 -51.77 48.02
C LEU Z 176 -45.21 -50.98 47.98
N LEU Z 177 -44.58 -50.78 49.14
CA LEU Z 177 -43.30 -50.08 49.19
C LEU Z 177 -42.23 -50.82 48.40
N ARG Z 178 -42.25 -52.16 48.45
CA ARG Z 178 -41.28 -52.93 47.66
C ARG Z 178 -41.47 -52.68 46.16
N LYS Z 179 -42.71 -52.76 45.68
CA LYS Z 179 -42.97 -52.51 44.26
C LYS Z 179 -42.55 -51.10 43.85
N CYS Z 180 -42.89 -50.10 44.67
CA CYS Z 180 -42.51 -48.72 44.36
C CYS Z 180 -41.00 -48.54 44.33
N ALA Z 181 -40.28 -49.24 45.21
CA ALA Z 181 -38.82 -49.19 45.19
C ALA Z 181 -38.28 -49.79 43.89
N SER Z 182 -38.86 -50.91 43.45
CA SER Z 182 -38.41 -51.51 42.20
C SER Z 182 -38.62 -50.56 41.02
N VAL Z 183 -39.83 -49.99 40.89
CA VAL Z 183 -40.11 -49.10 39.78
C VAL Z 183 -39.20 -47.87 39.83
N ALA Z 184 -39.06 -47.27 41.01
CA ALA Z 184 -38.21 -46.09 41.15
C ALA Z 184 -36.77 -46.40 40.78
N ALA Z 185 -36.29 -47.60 41.12
CA ALA Z 185 -34.93 -47.99 40.74
C ALA Z 185 -34.81 -48.15 39.22
N MET Z 186 -35.82 -48.76 38.59
CA MET Z 186 -35.76 -48.98 37.15
C MET Z 186 -35.80 -47.67 36.36
N ALA Z 187 -36.54 -46.67 36.84
CA ALA Z 187 -36.69 -45.41 36.12
C ALA Z 187 -35.76 -44.32 36.65
N HIS Z 188 -35.01 -44.61 37.71
CA HIS Z 188 -34.13 -43.62 38.33
C HIS Z 188 -34.90 -42.41 38.86
N ALA Z 189 -35.96 -42.68 39.62
CA ALA Z 189 -36.81 -41.63 40.17
C ALA Z 189 -37.30 -42.05 41.56
N PRO Z 190 -37.09 -41.21 42.58
CA PRO Z 190 -37.46 -41.61 43.93
C PRO Z 190 -38.95 -41.54 44.15
N PHE Z 191 -39.43 -42.37 45.09
CA PHE Z 191 -40.84 -42.41 45.48
C PHE Z 191 -40.96 -41.84 46.88
N ILE Z 192 -41.72 -40.75 47.02
CA ILE Z 192 -41.86 -40.04 48.29
C ILE Z 192 -43.28 -40.19 48.81
N GLY Z 193 -43.42 -40.48 50.10
CA GLY Z 193 -44.69 -40.61 50.75
C GLY Z 193 -44.63 -40.24 52.21
N ASN Z 194 -45.63 -40.64 52.99
CA ASN Z 194 -45.70 -40.30 54.40
C ASN Z 194 -45.98 -41.56 55.21
N ALA Z 195 -45.66 -41.48 56.50
CA ALA Z 195 -45.90 -42.57 57.45
C ALA Z 195 -47.04 -42.19 58.39
N ALA Z 196 -47.86 -43.19 58.75
CA ALA Z 196 -48.98 -42.95 59.64
C ALA Z 196 -48.51 -43.02 61.09
N PRO Z 197 -49.23 -42.35 62.00
CA PRO Z 197 -48.81 -42.34 63.41
C PRO Z 197 -48.71 -43.73 64.03
N GLU Z 198 -49.66 -44.62 63.73
CA GLU Z 198 -49.66 -45.98 64.27
C GLU Z 198 -48.40 -46.75 63.89
N VAL Z 199 -47.62 -46.26 62.93
CA VAL Z 199 -46.34 -46.89 62.60
C VAL Z 199 -45.42 -46.88 63.81
N PHE Z 200 -45.54 -45.88 64.67
CA PHE Z 200 -44.77 -45.80 65.90
C PHE Z 200 -45.52 -46.37 67.11
N GLY Z 201 -46.64 -47.07 66.87
CA GLY Z 201 -47.42 -47.62 67.96
C GLY Z 201 -48.14 -46.58 68.78
N GLU Z 202 -48.43 -45.42 68.21
CA GLU Z 202 -49.10 -44.33 68.90
C GLU Z 202 -50.38 -43.96 68.17
N GLU Z 203 -51.36 -43.48 68.93
CA GLU Z 203 -52.64 -43.09 68.34
C GLU Z 203 -52.47 -41.93 67.35
N SER Z 204 -51.60 -40.98 67.67
CA SER Z 204 -51.38 -39.82 66.83
C SER Z 204 -49.99 -39.28 67.10
N PHE Z 205 -49.45 -38.54 66.13
CA PHE Z 205 -48.13 -37.93 66.25
C PHE Z 205 -47.95 -37.12 67.53
N LEU Z 206 -49.04 -36.62 68.12
CA LEU Z 206 -48.96 -35.89 69.39
C LEU Z 206 -48.34 -36.71 70.52
N LYS Z 207 -48.17 -38.02 70.33
CA LYS Z 207 -47.56 -38.89 71.34
C LYS Z 207 -46.06 -39.11 71.10
N LEU Z 208 -45.49 -38.45 70.10
CA LEU Z 208 -44.07 -38.64 69.81
C LEU Z 208 -43.16 -38.28 70.97
N PRO Z 209 -43.42 -37.24 71.76
CA PRO Z 209 -42.53 -36.93 72.89
C PRO Z 209 -42.55 -37.97 73.99
N ASP Z 210 -43.57 -38.84 74.01
CA ASP Z 210 -43.64 -39.90 75.01
C ASP Z 210 -42.81 -41.12 74.63
N LEU Z 211 -42.34 -41.21 73.39
CA LEU Z 211 -41.56 -42.35 72.94
C LEU Z 211 -40.13 -42.22 73.46
N LYS Z 212 -39.72 -43.17 74.29
CA LYS Z 212 -38.42 -43.06 74.94
C LYS Z 212 -37.27 -43.50 74.03
N ASP Z 213 -37.53 -44.41 73.08
CA ASP Z 213 -36.44 -44.98 72.29
C ASP Z 213 -37.02 -45.65 71.05
N LEU Z 214 -36.99 -44.94 69.92
CA LEU Z 214 -37.49 -45.49 68.67
C LEU Z 214 -36.65 -46.66 68.20
N LYS Z 215 -35.32 -46.55 68.32
CA LYS Z 215 -34.44 -47.62 67.88
C LYS Z 215 -34.77 -48.94 68.56
N SER Z 216 -35.01 -48.90 69.87
CA SER Z 216 -35.45 -50.10 70.58
C SER Z 216 -36.87 -50.48 70.20
N LEU Z 217 -37.73 -49.50 69.93
CA LEU Z 217 -39.09 -49.80 69.50
C LEU Z 217 -39.10 -50.64 68.23
N PHE Z 218 -38.18 -50.37 67.30
CA PHE Z 218 -38.11 -51.04 66.01
C PHE Z 218 -37.52 -52.44 66.09
N GLU Z 219 -37.17 -52.93 67.27
CA GLU Z 219 -36.63 -54.27 67.41
C GLU Z 219 -37.70 -55.34 67.52
N GLY Z 220 -38.94 -54.95 67.77
CA GLY Z 220 -40.01 -55.91 67.91
C GLY Z 220 -40.28 -56.66 66.62
N PRO Z 221 -40.79 -57.89 66.74
CA PRO Z 221 -41.03 -58.68 65.53
C PRO Z 221 -42.07 -58.08 64.60
N GLN Z 222 -42.87 -57.12 65.08
CA GLN Z 222 -43.87 -56.48 64.24
C GLN Z 222 -43.24 -55.76 63.04
N TYR Z 223 -41.96 -55.40 63.14
CA TYR Z 223 -41.28 -54.65 62.10
C TYR Z 223 -40.26 -55.47 61.31
N ALA Z 224 -40.42 -56.80 61.30
CA ALA Z 224 -39.45 -57.64 60.59
C ALA Z 224 -39.37 -57.28 59.12
N ARG Z 225 -40.54 -57.19 58.46
CA ARG Z 225 -40.58 -56.88 57.03
C ARG Z 225 -39.96 -55.52 56.73
N TRP Z 226 -40.28 -54.50 57.55
CA TRP Z 226 -39.67 -53.19 57.35
C TRP Z 226 -38.16 -53.27 57.50
N HIS Z 227 -37.68 -54.07 58.48
CA HIS Z 227 -36.25 -54.22 58.68
C HIS Z 227 -35.57 -54.80 57.44
N SER Z 228 -36.17 -55.81 56.81
CA SER Z 228 -35.58 -56.33 55.58
C SER Z 228 -35.65 -55.31 54.44
N PHE Z 229 -36.78 -54.60 54.34
CA PHE Z 229 -36.94 -53.57 53.32
C PHE Z 229 -35.81 -52.54 53.39
N ARG Z 230 -35.44 -52.13 54.60
CA ARG Z 230 -34.34 -51.18 54.78
C ARG Z 230 -33.00 -51.75 54.28
N GLU Z 231 -32.88 -53.07 54.16
CA GLU Z 231 -31.65 -53.69 53.71
C GLU Z 231 -31.64 -53.97 52.22
N SER Z 232 -32.80 -53.94 51.56
CA SER Z 232 -32.81 -54.07 50.11
C SER Z 232 -32.06 -52.91 49.44
N GLU Z 233 -31.42 -53.22 48.30
CA GLU Z 233 -30.69 -52.21 47.55
C GLU Z 233 -31.60 -51.28 46.76
N ASP Z 234 -32.89 -51.61 46.66
CA ASP Z 234 -33.85 -50.70 46.05
C ASP Z 234 -34.39 -49.67 47.02
N ALA Z 235 -34.06 -49.80 48.32
CA ALA Z 235 -34.54 -48.87 49.33
C ALA Z 235 -34.04 -47.45 49.12
N ARG Z 236 -32.98 -47.28 48.31
CA ARG Z 236 -32.46 -45.94 48.05
C ARG Z 236 -33.46 -45.06 47.32
N TYR Z 237 -34.47 -45.65 46.67
CA TYR Z 237 -35.47 -44.90 45.93
C TYR Z 237 -36.77 -44.71 46.72
N VAL Z 238 -36.74 -44.94 48.03
CA VAL Z 238 -37.91 -44.80 48.89
C VAL Z 238 -37.64 -43.71 49.91
N GLY Z 239 -38.61 -42.82 50.10
CA GLY Z 239 -38.50 -41.77 51.10
C GLY Z 239 -39.82 -41.48 51.77
N LEU Z 240 -39.87 -41.63 53.09
CA LEU Z 240 -41.09 -41.45 53.86
C LEU Z 240 -40.92 -40.30 54.85
N ALA Z 241 -41.96 -39.47 54.96
CA ALA Z 241 -41.97 -38.31 55.85
C ALA Z 241 -42.76 -38.62 57.12
N LEU Z 242 -42.51 -37.82 58.15
CA LEU Z 242 -43.09 -38.04 59.47
C LEU Z 242 -44.38 -37.24 59.65
N PRO Z 243 -44.40 -36.28 60.57
CA PRO Z 243 -45.66 -35.63 60.92
C PRO Z 243 -46.27 -34.84 59.78
N ARG Z 244 -47.59 -34.72 59.81
CA ARG Z 244 -48.33 -33.98 58.81
C ARG Z 244 -48.25 -32.48 59.14
N PHE Z 245 -49.05 -31.68 58.44
CA PHE Z 245 -48.98 -30.24 58.68
C PHE Z 245 -50.31 -29.59 58.32
N LEU Z 246 -50.67 -28.55 59.07
CA LEU Z 246 -51.94 -27.88 58.86
C LEU Z 246 -52.03 -27.28 57.46
N LEU Z 247 -53.22 -27.39 56.87
CA LEU Z 247 -53.51 -26.80 55.56
C LEU Z 247 -54.49 -25.64 55.62
N ARG Z 248 -55.40 -25.63 56.59
CA ARG Z 248 -56.41 -24.60 56.69
C ARG Z 248 -56.56 -24.16 58.14
N LEU Z 249 -56.69 -22.85 58.33
CA LEU Z 249 -56.99 -22.32 59.66
C LEU Z 249 -58.51 -22.42 59.89
N PRO Z 250 -58.94 -22.85 61.07
CA PRO Z 250 -60.38 -23.10 61.29
C PRO Z 250 -61.20 -21.83 61.08
N TYR Z 251 -62.43 -22.01 60.60
CA TYR Z 251 -63.27 -20.88 60.23
C TYR Z 251 -63.59 -20.02 61.45
N GLY Z 252 -63.53 -18.70 61.25
CA GLY Z 252 -63.82 -17.76 62.30
C GLY Z 252 -64.22 -16.40 61.77
N GLU Z 253 -65.16 -15.74 62.45
CA GLU Z 253 -65.72 -14.48 61.95
C GLU Z 253 -64.66 -13.42 61.67
N LYS Z 254 -63.49 -13.53 62.31
CA LYS Z 254 -62.41 -12.58 62.11
C LYS Z 254 -61.28 -13.16 61.26
N THR Z 255 -60.75 -14.33 61.65
CA THR Z 255 -59.56 -14.87 61.00
C THR Z 255 -59.89 -15.54 59.66
N VAL Z 256 -61.05 -16.16 59.54
CA VAL Z 256 -61.42 -16.88 58.32
C VAL Z 256 -62.93 -16.83 58.15
N PRO Z 257 -63.49 -15.68 57.77
CA PRO Z 257 -64.96 -15.57 57.74
C PRO Z 257 -65.54 -16.13 56.46
N VAL Z 258 -66.84 -16.41 56.52
CA VAL Z 258 -67.62 -16.88 55.37
C VAL Z 258 -68.79 -15.92 55.16
N LYS Z 259 -69.43 -16.06 54.01
CA LYS Z 259 -70.49 -15.15 53.62
C LYS Z 259 -71.81 -15.54 54.29
N ALA Z 260 -72.62 -14.52 54.57
CA ALA Z 260 -73.97 -14.73 55.10
C ALA Z 260 -73.95 -15.40 56.46
N PHE Z 261 -73.90 -16.74 56.48
CA PHE Z 261 -73.98 -17.49 57.73
C PHE Z 261 -72.78 -17.16 58.62
N ASN Z 262 -73.06 -16.82 59.87
CA ASN Z 262 -72.02 -16.47 60.84
C ASN Z 262 -71.48 -17.77 61.43
N PHE Z 263 -70.59 -18.40 60.68
CA PHE Z 263 -70.04 -19.70 61.04
C PHE Z 263 -68.74 -19.53 61.81
N THR Z 264 -68.66 -20.19 62.97
CA THR Z 264 -67.45 -20.23 63.78
C THR Z 264 -67.13 -21.71 64.01
N GLU Z 265 -66.11 -22.21 63.32
CA GLU Z 265 -65.76 -23.62 63.41
C GLU Z 265 -65.27 -23.93 64.82
N ASP Z 266 -65.76 -25.04 65.38
CA ASP Z 266 -65.46 -25.44 66.75
C ASP Z 266 -64.63 -26.72 66.72
N VAL Z 267 -63.31 -26.58 66.81
CA VAL Z 267 -62.44 -27.74 66.91
C VAL Z 267 -62.49 -28.25 68.34
N VAL Z 268 -62.86 -29.53 68.50
CA VAL Z 268 -63.02 -30.12 69.82
C VAL Z 268 -61.66 -30.53 70.37
N GLY Z 269 -61.66 -31.45 71.34
CA GLY Z 269 -60.42 -31.94 71.88
C GLY Z 269 -59.62 -32.77 70.89
N HIS Z 270 -60.27 -33.28 69.86
CA HIS Z 270 -59.62 -34.14 68.87
C HIS Z 270 -59.01 -33.26 67.79
N HIS Z 271 -57.68 -33.13 67.81
CA HIS Z 271 -56.96 -32.37 66.81
C HIS Z 271 -57.17 -32.91 65.40
N GLU Z 272 -57.71 -34.13 65.26
CA GLU Z 272 -58.11 -34.65 63.97
C GLU Z 272 -59.19 -33.81 63.30
N ARG Z 273 -59.84 -32.91 64.05
CA ARG Z 273 -60.77 -31.97 63.45
C ARG Z 273 -60.05 -30.98 62.54
N TYR Z 274 -58.76 -30.76 62.79
CA TYR Z 274 -57.97 -29.87 61.94
C TYR Z 274 -57.68 -30.53 60.61
N LEU Z 275 -57.65 -29.72 59.55
CA LEU Z 275 -57.42 -30.21 58.20
C LEU Z 275 -55.92 -30.44 58.01
N TRP Z 276 -55.47 -31.64 58.41
CA TRP Z 276 -54.08 -32.00 58.26
C TRP Z 276 -53.77 -32.39 56.81
N GLY Z 277 -52.52 -32.17 56.43
CA GLY Z 277 -52.09 -32.40 55.05
C GLY Z 277 -50.78 -33.16 55.04
N HIS Z 278 -50.56 -33.90 53.94
CA HIS Z 278 -49.42 -34.81 53.83
C HIS Z 278 -48.15 -34.01 53.51
N ALA Z 279 -47.13 -34.13 54.36
CA ALA Z 279 -45.92 -33.33 54.22
C ALA Z 279 -45.11 -33.69 52.98
N SER Z 280 -45.38 -34.83 52.36
CA SER Z 280 -44.71 -35.19 51.12
C SER Z 280 -44.80 -34.07 50.09
N VAL Z 281 -45.92 -33.34 50.08
CA VAL Z 281 -46.07 -32.22 49.15
C VAL Z 281 -45.08 -31.10 49.48
N ALA Z 282 -44.87 -30.83 50.77
CA ALA Z 282 -43.88 -29.84 51.15
C ALA Z 282 -42.49 -30.24 50.67
N LEU Z 283 -42.10 -31.49 50.90
CA LEU Z 283 -40.82 -31.96 50.36
C LEU Z 283 -40.75 -31.76 48.85
N THR Z 284 -41.84 -32.09 48.13
CA THR Z 284 -41.88 -31.88 46.69
C THR Z 284 -41.65 -30.43 46.33
N SER Z 285 -42.24 -29.49 47.09
CA SER Z 285 -41.95 -28.08 46.88
C SER Z 285 -40.46 -27.78 47.03
N ARG Z 286 -39.80 -28.41 48.02
CA ARG Z 286 -38.36 -28.23 48.15
C ARG Z 286 -37.64 -28.63 46.86
N VAL Z 287 -37.89 -29.85 46.37
CA VAL Z 287 -37.26 -30.28 45.12
C VAL Z 287 -37.54 -29.29 44.00
N ALA Z 288 -38.80 -28.83 43.90
CA ALA Z 288 -39.18 -27.89 42.85
C ALA Z 288 -38.37 -26.61 42.91
N ASP Z 289 -38.19 -26.04 44.11
CA ASP Z 289 -37.44 -24.79 44.23
C ASP Z 289 -35.98 -24.99 43.83
N SER Z 290 -35.34 -26.05 44.35
CA SER Z 290 -33.96 -26.32 43.97
C SER Z 290 -33.81 -26.39 42.45
N PHE Z 291 -34.72 -27.09 41.78
CA PHE Z 291 -34.63 -27.24 40.32
C PHE Z 291 -34.93 -25.93 39.61
N ALA Z 292 -35.84 -25.11 40.16
CA ALA Z 292 -36.18 -23.84 39.52
C ALA Z 292 -34.99 -22.88 39.56
N LYS Z 293 -34.18 -22.97 40.61
CA LYS Z 293 -33.03 -22.07 40.70
C LYS Z 293 -31.81 -22.59 39.94
N PHE Z 294 -31.54 -23.89 40.01
CA PHE Z 294 -30.26 -24.41 39.51
C PHE Z 294 -30.35 -25.51 38.47
N ARG Z 295 -31.53 -26.10 38.24
CA ARG Z 295 -31.68 -27.25 37.36
C ARG Z 295 -31.23 -28.55 38.01
N TRP Z 296 -30.98 -28.52 39.31
CA TRP Z 296 -30.58 -29.70 40.07
C TRP Z 296 -31.30 -29.68 41.41
N SER Z 297 -31.42 -30.86 42.03
CA SER Z 297 -32.22 -31.03 43.24
C SER Z 297 -31.38 -31.54 44.40
N PRO Z 298 -30.45 -30.73 44.90
CA PRO Z 298 -29.65 -31.14 46.06
C PRO Z 298 -29.88 -30.24 47.25
N ASN Z 299 -30.38 -29.03 47.01
CA ASN Z 299 -30.53 -28.02 48.06
C ASN Z 299 -31.95 -28.10 48.63
N ILE Z 300 -32.14 -29.06 49.53
CA ILE Z 300 -33.45 -29.25 50.15
C ILE Z 300 -33.33 -29.79 51.57
N ILE Z 301 -32.21 -29.50 52.23
CA ILE Z 301 -31.98 -30.04 53.57
C ILE Z 301 -31.37 -29.02 54.52
N GLY Z 302 -31.99 -27.85 54.64
CA GLY Z 302 -31.49 -26.84 55.55
C GLY Z 302 -32.40 -25.62 55.68
N PRO Z 303 -32.39 -25.01 56.87
CA PRO Z 303 -33.16 -23.78 57.05
C PRO Z 303 -32.69 -22.65 56.16
N GLN Z 304 -31.41 -22.63 55.78
CA GLN Z 304 -30.88 -21.66 54.83
C GLN Z 304 -30.54 -22.26 53.48
N SER Z 305 -30.28 -23.57 53.41
CA SER Z 305 -29.90 -24.19 52.15
C SER Z 305 -31.07 -24.30 51.18
N GLY Z 306 -32.29 -24.43 51.69
CA GLY Z 306 -33.44 -24.55 50.81
C GLY Z 306 -34.41 -25.62 51.23
N GLY Z 307 -34.18 -26.22 52.39
CA GLY Z 307 -35.11 -27.16 52.98
C GLY Z 307 -36.09 -26.54 53.95
N ALA Z 308 -36.21 -25.21 53.97
CA ALA Z 308 -37.12 -24.53 54.87
C ALA Z 308 -38.48 -24.35 54.21
N VAL Z 309 -39.54 -24.70 54.94
CA VAL Z 309 -40.92 -24.47 54.50
C VAL Z 309 -41.41 -23.24 55.25
N GLU Z 310 -41.71 -22.17 54.52
CA GLU Z 310 -42.13 -20.92 55.12
C GLU Z 310 -43.61 -20.68 54.87
N ASN Z 311 -44.22 -19.87 55.76
CA ASN Z 311 -45.61 -19.48 55.61
C ASN Z 311 -46.56 -20.60 56.04
N LEU Z 312 -46.41 -21.08 57.28
CA LEU Z 312 -47.32 -22.12 57.74
C LEU Z 312 -48.53 -21.48 58.44
N PRO Z 313 -49.69 -22.12 58.38
CA PRO Z 313 -50.87 -21.57 59.05
C PRO Z 313 -50.70 -21.59 60.56
N LEU Z 314 -51.30 -20.61 61.22
CA LEU Z 314 -51.25 -20.49 62.67
C LEU Z 314 -52.68 -20.38 63.21
N HIS Z 315 -52.85 -20.68 64.50
CA HIS Z 315 -54.18 -20.69 65.10
C HIS Z 315 -54.03 -20.47 66.60
N GLN Z 316 -54.18 -19.21 67.02
CA GLN Z 316 -54.13 -18.86 68.42
C GLN Z 316 -55.50 -19.10 69.06
N TYR Z 317 -55.50 -19.73 70.22
CA TYR Z 317 -56.73 -20.04 70.95
C TYR Z 317 -56.40 -20.11 72.43
N GLU Z 318 -57.45 -20.08 73.25
CA GLU Z 318 -57.27 -20.00 74.70
C GLU Z 318 -56.71 -21.31 75.25
N ALA Z 319 -55.77 -21.19 76.18
CA ALA Z 319 -55.17 -22.34 76.87
C ALA Z 319 -55.74 -22.39 78.29
N MET Z 320 -54.89 -22.50 79.33
CA MET Z 320 -55.38 -22.48 80.70
C MET Z 320 -55.51 -21.06 81.25
N GLY Z 321 -56.19 -20.19 80.54
CA GLY Z 321 -56.26 -18.78 80.88
C GLY Z 321 -55.35 -17.91 80.06
N GLU Z 322 -54.34 -18.48 79.42
CA GLU Z 322 -53.51 -17.79 78.44
C GLU Z 322 -53.99 -18.15 77.03
N ILE Z 323 -53.16 -17.83 76.03
CA ILE Z 323 -53.48 -18.06 74.62
C ILE Z 323 -52.25 -18.63 73.92
N GLN Z 324 -52.44 -19.77 73.26
CA GLN Z 324 -51.36 -20.47 72.58
C GLN Z 324 -51.79 -20.85 71.17
N THR Z 325 -50.80 -21.10 70.31
CA THR Z 325 -51.03 -21.38 68.90
C THR Z 325 -50.88 -22.87 68.62
N LYS Z 326 -51.85 -23.42 67.89
CA LYS Z 326 -51.77 -24.81 67.46
C LYS Z 326 -50.55 -24.97 66.56
N ILE Z 327 -49.67 -25.90 66.93
CA ILE Z 327 -48.42 -26.07 66.19
C ILE Z 327 -48.75 -26.50 64.76
N PRO Z 328 -48.14 -25.88 63.74
CA PRO Z 328 -48.43 -26.29 62.36
C PRO Z 328 -48.20 -27.76 62.10
N THR Z 329 -47.20 -28.35 62.75
CA THR Z 329 -47.04 -29.79 62.81
C THR Z 329 -47.60 -30.28 64.14
N GLU Z 330 -47.97 -31.56 64.17
CA GLU Z 330 -48.63 -32.12 65.34
C GLU Z 330 -47.83 -31.88 66.62
N VAL Z 331 -46.50 -31.96 66.53
CA VAL Z 331 -45.62 -31.80 67.68
C VAL Z 331 -44.46 -30.88 67.32
N MET Z 332 -43.79 -30.39 68.36
CA MET Z 332 -42.59 -29.56 68.22
C MET Z 332 -41.42 -30.49 68.46
N LEU Z 333 -40.85 -31.01 67.37
CA LEU Z 333 -39.80 -32.01 67.47
C LEU Z 333 -38.49 -31.39 67.95
N THR Z 334 -37.89 -32.01 68.96
CA THR Z 334 -36.60 -31.57 69.45
C THR Z 334 -35.47 -32.16 68.59
N GLU Z 335 -34.28 -31.58 68.75
CA GLU Z 335 -33.15 -32.00 67.92
C GLU Z 335 -32.82 -33.47 68.12
N ARG Z 336 -32.88 -33.96 69.35
CA ARG Z 336 -32.57 -35.37 69.62
C ARG Z 336 -33.59 -36.29 68.96
N ARG Z 337 -34.88 -35.96 69.08
CA ARG Z 337 -35.91 -36.79 68.46
C ARG Z 337 -35.79 -36.78 66.95
N GLU Z 338 -35.53 -35.61 66.36
CA GLU Z 338 -35.33 -35.54 64.92
C GLU Z 338 -34.13 -36.38 64.50
N PHE Z 339 -33.06 -36.36 65.29
CA PHE Z 339 -31.90 -37.18 64.98
C PHE Z 339 -32.23 -38.66 65.03
N GLU Z 340 -33.02 -39.07 66.03
CA GLU Z 340 -33.44 -40.47 66.12
C GLU Z 340 -34.25 -40.87 64.89
N LEU Z 341 -35.22 -40.04 64.51
CA LEU Z 341 -36.00 -40.32 63.31
C LEU Z 341 -35.12 -40.42 62.07
N SER Z 342 -34.09 -39.57 61.98
CA SER Z 342 -33.16 -39.62 60.87
C SER Z 342 -32.38 -40.93 60.86
N GLU Z 343 -31.97 -41.41 62.05
CA GLU Z 343 -31.32 -42.70 62.15
C GLU Z 343 -32.25 -43.83 61.72
N GLU Z 344 -33.56 -43.64 61.90
CA GLU Z 344 -34.57 -44.62 61.50
C GLU Z 344 -35.03 -44.42 60.05
N GLY Z 345 -34.32 -43.60 59.28
CA GLY Z 345 -34.65 -43.43 57.87
C GLY Z 345 -35.94 -42.69 57.61
N PHE Z 346 -36.33 -41.76 58.49
CA PHE Z 346 -37.53 -40.97 58.32
C PHE Z 346 -37.16 -39.52 58.02
N ILE Z 347 -38.01 -38.85 57.24
CA ILE Z 347 -37.80 -37.45 56.86
C ILE Z 347 -38.74 -36.63 57.74
N GLY Z 348 -38.21 -36.14 58.85
CA GLY Z 348 -39.02 -35.38 59.79
C GLY Z 348 -38.99 -33.89 59.52
N LEU Z 349 -40.16 -33.31 59.23
CA LEU Z 349 -40.29 -31.86 59.07
C LEU Z 349 -40.42 -31.25 60.46
N VAL Z 350 -39.36 -30.58 60.92
CA VAL Z 350 -39.33 -30.02 62.27
C VAL Z 350 -39.92 -28.62 62.26
N PHE Z 351 -40.59 -28.25 63.35
CA PHE Z 351 -41.24 -26.96 63.49
C PHE Z 351 -40.30 -25.99 64.20
N ARG Z 352 -40.10 -24.81 63.62
CA ARG Z 352 -39.25 -23.80 64.23
C ARG Z 352 -40.01 -23.21 65.39
N LYS Z 353 -39.44 -23.37 66.59
CA LYS Z 353 -40.09 -22.97 67.85
C LYS Z 353 -40.87 -21.67 67.66
N ASP Z 354 -42.20 -21.78 67.63
CA ASP Z 354 -43.05 -20.61 67.56
C ASP Z 354 -43.02 -19.96 66.19
N SER Z 355 -42.26 -20.50 65.25
CA SER Z 355 -42.24 -19.92 63.91
C SER Z 355 -43.60 -20.06 63.24
N ASP Z 356 -43.68 -19.59 62.00
CA ASP Z 356 -44.56 -20.15 60.99
C ASP Z 356 -43.71 -20.93 59.99
N ASN Z 357 -42.55 -21.37 60.45
CA ASN Z 357 -41.52 -21.95 59.60
C ASN Z 357 -41.13 -23.33 60.12
N ALA Z 358 -40.96 -24.26 59.19
CA ALA Z 358 -40.46 -25.59 59.48
C ALA Z 358 -39.22 -25.84 58.61
N ALA Z 359 -38.55 -26.96 58.86
CA ALA Z 359 -37.31 -27.27 58.15
C ALA Z 359 -37.12 -28.77 58.06
N PHE Z 360 -36.53 -29.20 56.96
CA PHE Z 360 -36.10 -30.59 56.77
C PHE Z 360 -34.59 -30.58 56.95
N PHE Z 361 -34.14 -31.09 58.09
CA PHE Z 361 -32.70 -31.08 58.38
C PHE Z 361 -31.93 -32.08 57.52
N SER Z 362 -32.61 -33.11 57.03
CA SER Z 362 -31.94 -34.14 56.24
C SER Z 362 -32.99 -34.93 55.49
N ALA Z 363 -32.56 -35.50 54.36
CA ALA Z 363 -33.45 -36.32 53.54
C ALA Z 363 -32.83 -37.70 53.31
N ASN Z 364 -32.65 -38.46 54.38
CA ASN Z 364 -32.14 -39.82 54.24
C ASN Z 364 -33.23 -40.72 53.66
N SER Z 365 -32.81 -41.68 52.84
CA SER Z 365 -33.75 -42.64 52.28
C SER Z 365 -34.07 -43.72 53.32
N THR Z 366 -34.92 -44.67 52.93
CA THR Z 366 -35.24 -45.77 53.85
C THR Z 366 -34.06 -46.70 54.06
N GLN Z 367 -33.14 -46.74 53.10
CA GLN Z 367 -32.04 -47.70 53.14
C GLN Z 367 -31.15 -47.46 54.36
N LYS Z 368 -30.80 -48.54 55.04
CA LYS Z 368 -29.92 -48.47 56.21
C LYS Z 368 -28.47 -48.61 55.76
N PRO Z 369 -27.57 -47.79 56.30
CA PRO Z 369 -26.17 -47.87 55.87
C PRO Z 369 -25.51 -49.15 56.38
N ARG Z 370 -24.54 -49.63 55.62
CA ARG Z 370 -23.80 -50.83 55.97
C ARG Z 370 -22.49 -50.47 56.66
N PHE Z 371 -22.07 -51.32 57.58
CA PHE Z 371 -20.83 -51.13 58.32
C PHE Z 371 -19.74 -52.01 57.74
N PHE Z 372 -18.53 -51.46 57.63
CA PHE Z 372 -17.39 -52.18 57.11
C PHE Z 372 -16.25 -52.14 58.12
N GLY Z 373 -15.24 -52.97 57.88
CA GLY Z 373 -14.08 -52.98 58.76
C GLY Z 373 -13.39 -51.64 58.77
N ASN Z 374 -12.91 -51.23 59.96
CA ASN Z 374 -12.31 -49.92 60.16
C ASN Z 374 -10.86 -49.93 59.68
N THR Z 375 -10.70 -50.04 58.37
CA THR Z 375 -9.43 -49.88 57.68
C THR Z 375 -9.62 -48.75 56.68
N PRO Z 376 -8.54 -48.32 56.01
CA PRO Z 376 -8.72 -47.27 55.00
C PRO Z 376 -9.72 -47.63 53.92
N GLU Z 377 -9.58 -48.82 53.33
CA GLU Z 377 -10.52 -49.26 52.31
C GLU Z 377 -11.92 -49.44 52.86
N GLY Z 378 -12.04 -50.01 54.07
CA GLY Z 378 -13.36 -50.22 54.65
C GLY Z 378 -14.09 -48.92 54.92
N LYS Z 379 -13.40 -47.92 55.48
CA LYS Z 379 -14.01 -46.61 55.69
C LYS Z 379 -14.36 -45.94 54.36
N ALA Z 380 -13.53 -46.11 53.34
CA ALA Z 380 -13.90 -45.61 52.01
C ALA Z 380 -15.21 -46.24 51.54
N ALA Z 381 -15.35 -47.55 51.72
CA ALA Z 381 -16.59 -48.24 51.35
C ALA Z 381 -17.77 -47.68 52.11
N GLU Z 382 -17.60 -47.44 53.41
CA GLU Z 382 -18.67 -46.85 54.20
C GLU Z 382 -19.09 -45.49 53.63
N THR Z 383 -18.11 -44.64 53.31
CA THR Z 383 -18.42 -43.32 52.77
C THR Z 383 -19.25 -43.42 51.49
N ASN Z 384 -18.79 -44.24 50.53
CA ASN Z 384 -19.55 -44.40 49.29
C ASN Z 384 -20.97 -44.87 49.57
N TYR Z 385 -21.12 -45.91 50.39
CA TYR Z 385 -22.45 -46.46 50.68
C TYR Z 385 -23.39 -45.40 51.25
N ARG Z 386 -22.93 -44.65 52.25
CA ARG Z 386 -23.79 -43.62 52.85
C ARG Z 386 -24.19 -42.56 51.81
N LEU Z 387 -23.21 -42.10 51.02
CA LEU Z 387 -23.53 -41.26 49.87
C LEU Z 387 -24.69 -41.84 49.07
N GLY Z 388 -24.65 -43.14 48.80
CA GLY Z 388 -25.78 -43.78 48.15
C GLY Z 388 -27.07 -43.70 48.96
N THR Z 389 -26.97 -43.77 50.29
CA THR Z 389 -28.13 -43.76 51.15
C THR Z 389 -28.81 -42.40 51.24
N GLN Z 390 -28.14 -41.34 50.78
CA GLN Z 390 -28.67 -39.97 50.88
C GLN Z 390 -29.37 -39.54 49.60
N LEU Z 391 -30.61 -39.08 49.74
CA LEU Z 391 -31.34 -38.58 48.58
C LEU Z 391 -30.72 -37.32 47.97
N PRO Z 392 -30.12 -36.40 48.76
CA PRO Z 392 -29.54 -35.18 48.17
C PRO Z 392 -28.47 -35.45 47.12
N TYR Z 393 -27.83 -36.62 47.17
CA TYR Z 393 -26.91 -37.04 46.12
C TYR Z 393 -27.56 -37.99 45.12
N MET Z 394 -28.47 -38.84 45.60
CA MET Z 394 -29.25 -39.68 44.68
C MET Z 394 -29.88 -38.86 43.58
N PHE Z 395 -30.34 -37.64 43.87
CA PHE Z 395 -30.94 -36.78 42.84
C PHE Z 395 -29.95 -36.41 41.75
N ILE Z 396 -28.72 -36.07 42.13
CA ILE Z 396 -27.68 -35.81 41.12
C ILE Z 396 -27.48 -37.04 40.24
N MET Z 397 -27.37 -38.22 40.87
CA MET Z 397 -27.24 -39.45 40.09
C MET Z 397 -28.39 -39.64 39.10
N THR Z 398 -29.62 -39.34 39.54
CA THR Z 398 -30.79 -39.58 38.69
C THR Z 398 -30.81 -38.62 37.51
N ARG Z 399 -30.53 -37.33 37.75
CA ARG Z 399 -30.44 -36.39 36.65
C ARG Z 399 -29.38 -36.83 35.64
N LEU Z 400 -28.22 -37.28 36.14
CA LEU Z 400 -27.17 -37.76 35.24
C LEU Z 400 -27.66 -38.92 34.38
N ALA Z 401 -28.40 -39.87 34.98
CA ALA Z 401 -28.91 -41.00 34.21
C ALA Z 401 -29.86 -40.55 33.11
N HIS Z 402 -30.78 -39.63 33.43
CA HIS Z 402 -31.68 -39.11 32.41
C HIS Z 402 -30.92 -38.49 31.24
N TYR Z 403 -29.98 -37.58 31.56
CA TYR Z 403 -29.20 -36.94 30.51
C TYR Z 403 -28.44 -37.96 29.67
N ILE Z 404 -27.90 -39.00 30.31
CA ILE Z 404 -27.12 -40.00 29.58
C ILE Z 404 -28.01 -40.76 28.60
N LYS Z 405 -29.16 -41.26 29.07
CA LYS Z 405 -30.08 -41.95 28.18
C LYS Z 405 -30.43 -41.07 26.98
N VAL Z 406 -30.98 -39.88 27.25
CA VAL Z 406 -31.42 -39.00 26.16
C VAL Z 406 -30.29 -38.73 25.18
N LEU Z 407 -29.18 -38.17 25.67
CA LEU Z 407 -28.11 -37.71 24.79
C LEU Z 407 -27.43 -38.84 24.03
N GLN Z 408 -27.32 -40.03 24.64
CA GLN Z 408 -26.66 -41.14 23.96
C GLN Z 408 -27.54 -41.70 22.84
N ARG Z 409 -28.85 -41.76 23.07
CA ARG Z 409 -29.77 -42.14 21.99
C ARG Z 409 -29.49 -41.38 20.70
N GLU Z 410 -29.18 -40.08 20.80
CA GLU Z 410 -28.93 -39.28 19.62
C GLU Z 410 -27.59 -39.62 18.97
N GLN Z 411 -26.67 -40.21 19.72
CA GLN Z 411 -25.36 -40.57 19.19
C GLN Z 411 -25.33 -41.97 18.58
N ILE Z 412 -26.33 -42.80 18.88
CA ILE Z 412 -26.40 -44.12 18.24
C ILE Z 412 -26.31 -43.99 16.72
N GLY Z 413 -25.41 -44.77 16.12
CA GLY Z 413 -25.19 -44.76 14.69
C GLY Z 413 -23.95 -44.02 14.23
N SER Z 414 -23.36 -43.19 15.09
CA SER Z 414 -22.17 -42.44 14.73
C SER Z 414 -20.93 -43.33 14.80
N TRP Z 415 -19.88 -42.90 14.10
CA TRP Z 415 -18.62 -43.64 14.04
C TRP Z 415 -17.83 -43.39 15.33
N LYS Z 416 -18.07 -44.25 16.31
CA LYS Z 416 -17.50 -44.09 17.63
C LYS Z 416 -16.61 -45.28 17.96
N GLU Z 417 -15.33 -45.02 18.19
CA GLU Z 417 -14.43 -45.98 18.80
C GLU Z 417 -14.39 -45.76 20.31
N LYS Z 418 -13.82 -46.72 21.03
CA LYS Z 418 -13.82 -46.67 22.49
C LYS Z 418 -13.22 -45.37 23.00
N SER Z 419 -12.00 -45.04 22.57
CA SER Z 419 -11.37 -43.78 22.94
C SER Z 419 -12.20 -42.57 22.56
N ASP Z 420 -12.94 -42.64 21.45
CA ASP Z 420 -13.87 -41.57 21.11
C ASP Z 420 -14.93 -41.41 22.20
N LEU Z 421 -15.50 -42.53 22.65
CA LEU Z 421 -16.42 -42.49 23.78
C LEU Z 421 -15.77 -41.85 25.00
N GLU Z 422 -14.52 -42.23 25.30
CA GLU Z 422 -13.82 -41.67 26.45
C GLU Z 422 -13.71 -40.15 26.36
N ARG Z 423 -13.21 -39.65 25.22
CA ARG Z 423 -12.99 -38.21 25.07
C ARG Z 423 -14.30 -37.43 25.15
N GLU Z 424 -15.30 -37.86 24.37
CA GLU Z 424 -16.57 -37.13 24.35
C GLU Z 424 -17.22 -37.12 25.73
N LEU Z 425 -17.28 -38.29 26.39
CA LEU Z 425 -17.92 -38.37 27.70
C LEU Z 425 -17.21 -37.52 28.73
N ASN Z 426 -15.87 -37.50 28.70
CA ASN Z 426 -15.15 -36.61 29.61
C ASN Z 426 -15.53 -35.15 29.37
N HIS Z 427 -15.44 -34.70 28.11
CA HIS Z 427 -15.79 -33.33 27.78
C HIS Z 427 -17.22 -32.98 28.22
N TRP Z 428 -18.14 -33.95 28.16
CA TRP Z 428 -19.52 -33.68 28.54
C TRP Z 428 -19.66 -33.59 30.06
N LEU Z 429 -19.09 -34.55 30.78
CA LEU Z 429 -19.19 -34.55 32.24
C LEU Z 429 -18.58 -33.31 32.85
N SER Z 430 -17.52 -32.76 32.22
CA SER Z 430 -16.91 -31.54 32.75
C SER Z 430 -17.90 -30.38 32.88
N GLN Z 431 -19.02 -30.44 32.16
CA GLN Z 431 -19.98 -29.33 32.15
C GLN Z 431 -20.61 -29.09 33.51
N TYR Z 432 -20.68 -30.13 34.35
CA TYR Z 432 -21.29 -30.01 35.68
C TYR Z 432 -20.26 -30.13 36.80
N ILE Z 433 -19.01 -29.83 36.52
CA ILE Z 433 -17.91 -29.98 37.48
C ILE Z 433 -17.43 -28.60 37.91
N SER Z 434 -17.28 -28.41 39.21
CA SER Z 434 -16.73 -27.17 39.77
C SER Z 434 -15.52 -27.56 40.65
N ASP Z 435 -14.33 -27.58 40.08
CA ASP Z 435 -13.14 -28.01 40.82
C ASP Z 435 -12.06 -26.94 41.01
N MET Z 436 -12.40 -25.76 41.55
CA MET Z 436 -11.47 -24.66 41.76
C MET Z 436 -10.80 -24.70 43.15
N ASP Z 437 -10.75 -23.51 43.81
CA ASP Z 437 -10.09 -23.38 45.12
C ASP Z 437 -11.11 -23.20 46.27
N ASP Z 438 -11.82 -22.13 46.24
CA ASP Z 438 -12.89 -22.19 47.26
C ASP Z 438 -14.20 -21.83 46.60
N PRO Z 439 -15.17 -22.72 46.50
CA PRO Z 439 -16.31 -22.49 45.62
C PRO Z 439 -17.29 -21.48 46.19
N ALA Z 440 -17.78 -20.59 45.30
CA ALA Z 440 -18.91 -19.72 45.59
C ALA Z 440 -19.97 -20.52 46.34
N PRO Z 441 -20.10 -20.31 47.65
CA PRO Z 441 -20.95 -21.20 48.45
C PRO Z 441 -22.37 -21.16 47.92
N ALA Z 442 -22.94 -22.36 47.74
CA ALA Z 442 -24.25 -22.49 47.14
C ALA Z 442 -24.25 -22.07 45.67
N VAL Z 443 -23.04 -22.01 45.09
CA VAL Z 443 -22.86 -21.86 43.64
C VAL Z 443 -22.41 -23.16 43.01
N ARG Z 444 -21.71 -24.02 43.77
CA ARG Z 444 -21.51 -25.40 43.36
C ARG Z 444 -22.87 -26.09 43.41
N SER Z 445 -23.91 -25.34 43.77
CA SER Z 445 -25.28 -25.81 43.59
C SER Z 445 -25.55 -26.11 42.11
N ARG Z 446 -25.24 -25.15 41.22
CA ARG Z 446 -25.47 -25.37 39.80
C ARG Z 446 -24.50 -26.39 39.21
N ARG Z 447 -23.33 -26.56 39.84
CA ARG Z 447 -22.33 -27.54 39.42
C ARG Z 447 -22.09 -28.47 40.61
N PRO Z 448 -22.96 -29.46 40.81
CA PRO Z 448 -22.89 -30.24 42.07
C PRO Z 448 -21.70 -31.14 42.17
N LEU Z 449 -21.03 -31.44 41.07
CA LEU Z 449 -19.89 -32.35 41.08
C LEU Z 449 -18.58 -31.60 41.30
N ARG Z 450 -17.69 -32.24 42.05
CA ARG Z 450 -16.32 -31.78 42.25
C ARG Z 450 -15.32 -32.56 41.41
N ALA Z 451 -15.48 -33.88 41.31
CA ALA Z 451 -14.59 -34.71 40.50
C ALA Z 451 -15.41 -35.76 39.78
N ALA Z 452 -14.81 -36.34 38.74
CA ALA Z 452 -15.51 -37.37 37.97
C ALA Z 452 -14.50 -38.14 37.13
N ARG Z 453 -14.72 -39.44 37.01
CA ARG Z 453 -13.85 -40.34 36.27
C ARG Z 453 -14.71 -41.25 35.40
N VAL Z 454 -14.27 -41.45 34.15
CA VAL Z 454 -15.00 -42.25 33.17
C VAL Z 454 -14.01 -43.21 32.52
N VAL Z 455 -14.39 -44.48 32.44
CA VAL Z 455 -13.59 -45.51 31.79
C VAL Z 455 -14.49 -46.25 30.81
N VAL Z 456 -13.96 -46.56 29.63
CA VAL Z 456 -14.73 -47.20 28.57
C VAL Z 456 -13.96 -48.42 28.07
N GLU Z 457 -14.61 -49.58 28.09
CA GLU Z 457 -14.07 -50.79 27.53
C GLU Z 457 -15.01 -51.28 26.44
N ASP Z 458 -14.56 -52.29 25.71
CA ASP Z 458 -15.42 -52.97 24.76
C ASP Z 458 -15.87 -54.28 25.37
N VAL Z 459 -17.17 -54.54 25.29
CA VAL Z 459 -17.71 -55.90 25.34
C VAL Z 459 -16.89 -56.70 24.32
N GLU Z 460 -16.65 -57.98 24.61
CA GLU Z 460 -16.02 -58.86 23.63
C GLU Z 460 -17.04 -59.87 23.12
N GLY Z 461 -17.28 -59.86 21.80
CA GLY Z 461 -18.27 -60.71 21.08
C GLY Z 461 -19.02 -60.12 19.88
N GLN Z 462 -18.70 -58.92 19.43
CA GLN Z 462 -19.52 -58.24 18.42
C GLN Z 462 -19.00 -56.85 18.15
N PRO Z 463 -19.55 -56.15 17.19
CA PRO Z 463 -18.87 -54.90 16.80
C PRO Z 463 -19.60 -53.59 17.12
N GLY Z 464 -19.21 -52.92 18.21
CA GLY Z 464 -19.61 -51.55 18.44
C GLY Z 464 -20.45 -51.23 19.68
N TRP Z 465 -20.46 -52.09 20.69
CA TRP Z 465 -21.05 -51.78 21.98
C TRP Z 465 -19.94 -51.71 23.00
N TYR Z 466 -20.11 -50.90 24.04
CA TYR Z 466 -19.06 -50.69 25.03
C TYR Z 466 -19.62 -50.80 26.43
N ARG Z 467 -18.72 -50.94 27.40
CA ARG Z 467 -19.07 -50.95 28.81
C ARG Z 467 -18.45 -49.70 29.43
N CYS Z 468 -19.29 -48.81 29.95
CA CYS Z 468 -18.85 -47.53 30.47
C CYS Z 468 -19.03 -47.49 31.98
N SER Z 469 -18.03 -46.95 32.67
CA SER Z 469 -18.04 -46.78 34.11
C SER Z 469 -17.85 -45.30 34.41
N LEU Z 470 -18.80 -44.73 35.17
CA LEU Z 470 -18.79 -43.32 35.52
C LEU Z 470 -18.90 -43.21 37.04
N GLN Z 471 -17.88 -42.63 37.66
CA GLN Z 471 -17.84 -42.44 39.10
C GLN Z 471 -17.66 -40.96 39.39
N VAL Z 472 -18.41 -40.44 40.35
CA VAL Z 472 -18.46 -39.01 40.60
C VAL Z 472 -18.23 -38.73 42.08
N ARG Z 473 -17.53 -37.63 42.34
CA ARG Z 473 -17.33 -37.12 43.70
C ARG Z 473 -18.03 -35.77 43.78
N PRO Z 474 -19.19 -35.69 44.41
CA PRO Z 474 -19.91 -34.41 44.50
C PRO Z 474 -19.53 -33.67 45.78
N HIS Z 475 -19.92 -32.40 45.82
CA HIS Z 475 -19.64 -31.57 46.99
C HIS Z 475 -20.42 -32.06 48.20
N PHE Z 476 -19.81 -31.94 49.37
CA PHE Z 476 -20.42 -32.42 50.61
C PHE Z 476 -21.33 -31.37 51.24
N LEU AA 30 16.71 -20.02 47.99
CA LEU AA 30 16.92 -20.79 49.21
C LEU AA 30 16.95 -19.87 50.44
N PRO AA 31 16.08 -20.16 51.40
CA PRO AA 31 16.07 -19.35 52.63
C PRO AA 31 17.32 -19.56 53.45
N LEU AA 32 17.52 -18.68 54.42
CA LEU AA 32 18.64 -18.78 55.35
C LEU AA 32 18.07 -19.32 56.67
N LYS AA 33 18.26 -20.60 56.91
CA LYS AA 33 17.71 -21.29 58.07
C LYS AA 33 18.82 -21.57 59.08
N VAL AA 34 18.60 -21.15 60.32
CA VAL AA 34 19.56 -21.35 61.40
C VAL AA 34 18.95 -22.30 62.43
N LEU AA 35 19.83 -23.09 63.05
CA LEU AA 35 19.44 -24.08 64.06
C LEU AA 35 20.07 -23.66 65.38
N MET AA 36 19.23 -23.23 66.33
CA MET AA 36 19.68 -22.87 67.66
C MET AA 36 19.54 -24.09 68.54
N LEU AA 37 20.66 -24.66 68.97
CA LEU AA 37 20.68 -25.83 69.82
C LEU AA 37 21.16 -25.42 71.20
N GLY AA 38 20.41 -25.80 72.23
CA GLY AA 38 20.80 -25.40 73.58
C GLY AA 38 19.84 -25.92 74.62
N ASP AA 39 20.21 -25.68 75.88
CA ASP AA 39 19.45 -26.17 77.04
C ASP AA 39 18.42 -25.11 77.42
N PHE AA 40 17.28 -25.17 76.73
CA PHE AA 40 16.20 -24.22 76.96
C PHE AA 40 15.28 -24.61 78.10
N THR AA 41 15.47 -25.78 78.70
CA THR AA 41 14.65 -26.25 79.81
C THR AA 41 15.52 -26.47 81.03
N GLY AA 42 14.86 -26.63 82.18
CA GLY AA 42 15.57 -26.87 83.43
C GLY AA 42 16.01 -28.29 83.64
N GLN AA 43 15.76 -29.18 82.69
CA GLN AA 43 16.15 -30.58 82.84
C GLN AA 43 16.26 -31.21 81.46
N GLU AA 44 17.04 -32.28 81.38
CA GLU AA 44 17.15 -33.02 80.14
C GLU AA 44 15.89 -33.85 79.92
N ASP AA 45 15.57 -34.10 78.65
CA ASP AA 45 14.53 -35.05 78.29
C ASP AA 45 15.13 -36.43 78.09
N ALA AA 46 14.38 -37.45 78.52
CA ALA AA 46 14.77 -38.81 78.17
C ALA AA 46 14.57 -39.13 76.69
N ARG AA 47 13.97 -38.21 75.92
CA ARG AA 47 13.71 -38.43 74.50
C ARG AA 47 14.99 -38.56 73.70
N PRO AA 48 15.18 -39.64 72.94
CA PRO AA 48 16.29 -39.70 71.97
C PRO AA 48 16.45 -38.38 71.23
N LEU AA 49 17.71 -37.99 71.02
CA LEU AA 49 17.99 -36.65 70.55
C LEU AA 49 17.22 -36.36 69.26
N GLU AA 50 17.15 -37.35 68.37
CA GLU AA 50 16.44 -37.16 67.12
C GLU AA 50 14.97 -37.52 67.20
N GLN AA 51 14.56 -38.35 68.17
CA GLN AA 51 13.15 -38.45 68.53
C GLN AA 51 12.51 -37.07 68.77
N ARG AA 52 13.11 -36.26 69.63
CA ARG AA 52 12.61 -34.92 69.87
C ARG AA 52 12.71 -34.08 68.59
N ALA AA 53 11.73 -33.20 68.40
CA ALA AA 53 11.62 -32.46 67.16
C ALA AA 53 12.05 -31.01 67.36
N PRO AA 54 12.45 -30.33 66.29
CA PRO AA 54 12.76 -28.90 66.39
C PRO AA 54 11.49 -28.07 66.26
N ILE AA 55 11.57 -26.82 66.71
CA ILE AA 55 10.42 -25.93 66.72
C ILE AA 55 10.73 -24.69 65.90
N ASN AA 56 9.86 -24.37 64.95
CA ASN AA 56 10.05 -23.16 64.12
C ASN AA 56 9.61 -21.93 64.90
N VAL AA 57 10.48 -20.93 64.96
CA VAL AA 57 10.26 -19.75 65.79
C VAL AA 57 10.27 -18.50 64.92
N ASP AA 58 9.38 -17.56 65.22
CA ASP AA 58 9.28 -16.30 64.50
C ASP AA 58 8.65 -15.26 65.41
N LYS AA 59 8.68 -14.01 64.97
CA LYS AA 59 8.24 -12.90 65.81
C LYS AA 59 6.76 -13.00 66.16
N ALA AA 60 5.96 -13.66 65.33
CA ALA AA 60 4.52 -13.75 65.52
C ALA AA 60 4.09 -14.92 66.39
N ASN AA 61 5.02 -15.62 67.04
CA ASN AA 61 4.64 -16.77 67.84
C ASN AA 61 5.69 -17.18 68.87
N PHE AA 62 6.65 -16.30 69.16
CA PHE AA 62 7.70 -16.64 70.11
C PHE AA 62 7.12 -16.95 71.49
N ASN AA 63 6.26 -16.07 72.00
CA ASN AA 63 5.64 -16.30 73.29
C ASN AA 63 4.84 -17.60 73.30
N GLU AA 64 4.10 -17.86 72.22
CA GLU AA 64 3.36 -19.12 72.12
C GLU AA 64 4.31 -20.31 72.19
N VAL AA 65 5.50 -20.18 71.58
CA VAL AA 65 6.49 -21.24 71.65
C VAL AA 65 6.96 -21.46 73.08
N MET AA 66 7.16 -20.36 73.83
CA MET AA 66 7.50 -20.50 75.24
C MET AA 66 6.40 -21.23 76.01
N ALA AA 67 5.16 -20.79 75.86
CA ALA AA 67 4.05 -21.40 76.59
C ALA AA 67 3.91 -22.87 76.27
N GLN AA 68 4.05 -23.25 75.00
CA GLN AA 68 3.93 -24.65 74.61
C GLN AA 68 5.13 -25.47 75.09
N GLN AA 69 6.32 -24.85 75.15
CA GLN AA 69 7.49 -25.55 75.66
C GLN AA 69 7.38 -25.82 77.16
N ASN AA 70 6.75 -24.90 77.90
CA ASN AA 70 6.47 -25.13 79.32
C ASN AA 70 7.74 -25.08 80.16
N LEU AA 71 8.00 -23.95 80.82
CA LEU AA 71 9.23 -23.76 81.57
C LEU AA 71 8.98 -23.98 83.06
N LYS AA 72 9.92 -24.64 83.73
CA LYS AA 72 9.79 -24.92 85.15
C LYS AA 72 11.17 -24.99 85.78
N VAL AA 73 11.30 -24.39 86.96
CA VAL AA 73 12.56 -24.35 87.71
C VAL AA 73 12.27 -24.72 89.15
N THR AA 74 12.81 -25.85 89.59
CA THR AA 74 12.75 -26.28 90.99
C THR AA 74 14.14 -26.06 91.56
N LEU AA 75 14.27 -25.08 92.47
CA LEU AA 75 15.59 -24.70 92.94
C LEU AA 75 15.50 -24.16 94.35
N THR AA 76 16.63 -24.23 95.07
CA THR AA 76 16.72 -23.78 96.45
C THR AA 76 17.75 -22.65 96.54
N ALA AA 77 17.34 -21.57 97.18
CA ALA AA 77 18.21 -20.43 97.45
C ALA AA 77 18.24 -20.16 98.95
N ALA AA 78 19.21 -19.36 99.36
CA ALA AA 78 19.36 -19.03 100.78
C ALA AA 78 18.15 -18.22 101.24
N ASP AA 79 17.60 -18.59 102.39
CA ASP AA 79 16.42 -17.92 102.94
C ASP AA 79 16.89 -16.70 103.74
N LYS AA 80 16.80 -15.53 103.12
CA LYS AA 80 17.22 -14.27 103.74
C LYS AA 80 16.06 -13.53 104.40
N LEU AA 81 14.92 -14.18 104.58
CA LEU AA 81 13.80 -13.60 105.30
C LEU AA 81 13.93 -13.74 106.81
N SER AA 82 14.98 -14.42 107.27
CA SER AA 82 15.26 -14.56 108.70
C SER AA 82 16.76 -14.40 108.93
N ALA AA 83 17.24 -14.77 110.10
CA ALA AA 83 18.65 -14.67 110.45
C ALA AA 83 19.25 -16.03 110.80
N ASP AA 84 18.97 -17.03 109.98
CA ASP AA 84 19.43 -18.40 110.22
C ASP AA 84 20.19 -18.89 109.00
N PRO AA 85 21.48 -19.22 109.14
CA PRO AA 85 22.22 -19.72 107.97
C PRO AA 85 21.76 -21.08 107.50
N ASN AA 86 21.11 -21.86 108.36
CA ASN AA 86 20.56 -23.15 107.96
C ASN AA 86 19.19 -23.04 107.32
N ALA AA 87 18.62 -21.84 107.24
CA ALA AA 87 17.32 -21.64 106.62
C ALA AA 87 17.47 -21.55 105.12
N THR AA 88 16.76 -22.42 104.39
CA THR AA 88 16.79 -22.44 102.94
C THR AA 88 15.36 -22.40 102.42
N MET AA 89 15.21 -21.85 101.20
CA MET AA 89 13.90 -21.67 100.59
C MET AA 89 13.90 -22.38 99.23
N ASN AA 90 12.98 -23.31 99.05
CA ASN AA 90 12.83 -24.04 97.80
C ASN AA 90 11.63 -23.49 97.04
N VAL AA 91 11.84 -23.17 95.77
CA VAL AA 91 10.83 -22.56 94.92
C VAL AA 91 10.65 -23.39 93.67
N SER AA 92 9.42 -23.33 93.12
CA SER AA 92 9.04 -24.02 91.89
C SER AA 92 8.41 -22.98 90.98
N LEU AA 93 9.23 -22.32 90.17
CA LEU AA 93 8.76 -21.29 89.26
C LEU AA 93 8.32 -21.90 87.94
N GLN AA 94 7.33 -21.28 87.32
CA GLN AA 94 6.79 -21.72 86.05
C GLN AA 94 6.76 -20.55 85.07
N PHE AA 95 7.14 -20.82 83.81
CA PHE AA 95 7.28 -19.79 82.80
C PHE AA 95 6.50 -20.18 81.54
N LYS AA 96 5.69 -19.23 81.07
CA LYS AA 96 5.01 -19.30 79.79
C LYS AA 96 5.42 -18.18 78.83
N ASN AA 97 5.92 -17.06 79.34
CA ASN AA 97 6.40 -15.95 78.52
C ASN AA 97 7.52 -15.23 79.25
N LEU AA 98 8.23 -14.36 78.53
CA LEU AA 98 9.45 -13.75 79.05
C LEU AA 98 9.21 -12.93 80.30
N ASN AA 99 8.02 -12.31 80.39
CA ASN AA 99 7.70 -11.48 81.55
C ASN AA 99 7.39 -12.29 82.79
N ASP AA 100 7.20 -13.61 82.65
CA ASP AA 100 7.25 -14.50 83.80
C ASP AA 100 8.60 -14.46 84.50
N PHE AA 101 9.61 -13.84 83.89
CA PHE AA 101 10.92 -13.65 84.50
C PHE AA 101 11.03 -12.38 85.33
N SER AA 102 9.99 -11.55 85.33
CA SER AA 102 10.04 -10.31 86.08
C SER AA 102 9.86 -10.58 87.58
N PRO AA 103 10.42 -9.71 88.42
CA PRO AA 103 10.27 -9.89 89.88
C PRO AA 103 8.82 -9.94 90.35
N GLU AA 104 7.90 -9.26 89.64
CA GLU AA 104 6.50 -9.35 90.01
C GLU AA 104 5.98 -10.77 89.90
N SER AA 105 6.23 -11.44 88.76
CA SER AA 105 5.89 -12.84 88.61
C SER AA 105 6.62 -13.73 89.60
N VAL AA 106 7.92 -13.48 89.81
CA VAL AA 106 8.68 -14.26 90.78
C VAL AA 106 8.02 -14.21 92.15
N VAL AA 107 7.63 -13.01 92.59
CA VAL AA 107 6.94 -12.86 93.86
C VAL AA 107 5.58 -13.55 93.83
N ASN AA 108 4.86 -13.41 92.72
CA ASN AA 108 3.56 -14.05 92.60
C ASN AA 108 3.65 -15.56 92.76
N GLN AA 109 4.77 -16.16 92.37
CA GLN AA 109 4.95 -17.61 92.38
C GLN AA 109 5.65 -18.13 93.63
N VAL AA 110 6.00 -17.26 94.57
CA VAL AA 110 6.69 -17.65 95.79
C VAL AA 110 5.90 -17.12 96.98
N PRO AA 111 5.07 -17.96 97.62
CA PRO AA 111 4.20 -17.45 98.70
C PRO AA 111 4.92 -16.75 99.83
N GLU AA 112 6.14 -17.18 100.15
CA GLU AA 112 6.93 -16.53 101.19
C GLU AA 112 7.23 -15.07 100.89
N LEU AA 113 7.13 -14.67 99.62
CA LEU AA 113 7.25 -13.28 99.21
C LEU AA 113 5.92 -12.64 98.84
N LYS AA 114 5.01 -13.43 98.26
CA LYS AA 114 3.69 -12.91 97.88
C LYS AA 114 2.92 -12.46 99.11
N LYS AA 115 2.99 -13.23 100.20
CA LYS AA 115 2.38 -12.80 101.45
C LYS AA 115 2.97 -11.49 101.94
N LEU AA 116 4.28 -11.30 101.74
CA LEU AA 116 4.92 -10.06 102.14
C LEU AA 116 4.51 -8.89 101.26
N LEU AA 117 4.20 -9.15 99.99
CA LEU AA 117 3.70 -8.09 99.11
C LEU AA 117 2.27 -7.71 99.48
N GLU AA 118 1.44 -8.71 99.81
CA GLU AA 118 0.10 -8.41 100.30
C GLU AA 118 0.16 -7.61 101.61
N LEU AA 119 1.11 -7.96 102.48
CA LEU AA 119 1.29 -7.19 103.70
C LEU AA 119 1.72 -5.76 103.38
N ARG AA 120 2.60 -5.60 102.39
CA ARG AA 120 2.99 -4.27 101.94
C ARG AA 120 1.77 -3.46 101.50
N SER AA 121 0.93 -4.04 100.64
CA SER AA 121 -0.27 -3.35 100.19
C SER AA 121 -1.17 -2.98 101.37
N ALA AA 122 -1.31 -3.89 102.34
CA ALA AA 122 -2.13 -3.59 103.51
C ALA AA 122 -1.58 -2.42 104.30
N LEU AA 123 -0.26 -2.38 104.50
CA LEU AA 123 0.36 -1.30 105.27
C LEU AA 123 0.28 0.04 104.55
N ASN AA 124 0.48 0.03 103.22
CA ASN AA 124 0.35 1.27 102.46
C ASN AA 124 -1.08 1.78 102.45
N ALA AA 125 -2.04 0.86 102.32
CA ALA AA 125 -3.45 1.25 102.39
C ALA AA 125 -3.79 1.85 103.75
N LEU AA 126 -3.33 1.22 104.83
CA LEU AA 126 -3.59 1.74 106.17
C LEU AA 126 -2.93 3.10 106.37
N LYS AA 127 -1.66 3.24 105.97
CA LYS AA 127 -0.94 4.49 106.19
C LYS AA 127 -1.50 5.63 105.34
N GLY AA 128 -2.07 5.31 104.18
CA GLY AA 128 -2.70 6.30 103.34
C GLY AA 128 -4.14 6.54 103.72
N PRO AA 129 -4.61 5.84 104.77
CA PRO AA 129 -5.97 6.05 105.26
C PRO AA 129 -7.05 5.51 104.33
N LEU AA 130 -6.67 4.59 103.46
CA LEU AA 130 -7.60 4.04 102.47
C LEU AA 130 -8.58 3.04 103.07
N GLY AA 131 -8.27 2.48 104.24
CA GLY AA 131 -9.16 1.54 104.90
C GLY AA 131 -9.13 1.76 106.39
N ASN AA 132 -10.20 1.33 107.05
CA ASN AA 132 -10.32 1.49 108.50
C ASN AA 132 -9.63 0.33 109.22
N LEU AA 133 -9.47 0.50 110.53
CA LEU AA 133 -8.77 -0.51 111.33
C LEU AA 133 -9.46 -1.86 111.34
N PRO AA 134 -10.79 -1.97 111.34
CA PRO AA 134 -11.41 -3.30 111.30
C PRO AA 134 -11.11 -4.06 110.02
N ALA AA 135 -11.26 -3.39 108.87
CA ALA AA 135 -10.88 -4.00 107.60
C ALA AA 135 -9.40 -4.37 107.60
N PHE AA 136 -8.55 -3.48 108.12
CA PHE AA 136 -7.12 -3.78 108.20
C PHE AA 136 -6.86 -5.06 108.98
N ARG AA 137 -7.53 -5.22 110.12
CA ARG AA 137 -7.33 -6.41 110.95
C ARG AA 137 -7.80 -7.67 110.22
N LYS AA 138 -8.99 -7.61 109.61
CA LYS AA 138 -9.49 -8.77 108.87
C LYS AA 138 -8.52 -9.20 107.78
N LYS AA 139 -8.12 -8.26 106.92
CA LYS AA 139 -7.19 -8.59 105.84
C LYS AA 139 -5.86 -9.11 106.36
N LEU AA 140 -5.37 -8.55 107.47
CA LEU AA 140 -4.13 -9.04 108.06
C LEU AA 140 -4.25 -10.50 108.48
N GLN AA 141 -5.35 -10.84 109.18
CA GLN AA 141 -5.60 -12.24 109.50
C GLN AA 141 -5.59 -13.10 108.24
N ALA AA 142 -6.27 -12.62 107.18
CA ALA AA 142 -6.30 -13.36 105.92
C ALA AA 142 -4.89 -13.61 105.41
N LEU AA 143 -4.03 -12.59 105.41
CA LEU AA 143 -2.69 -12.74 104.87
C LEU AA 143 -1.87 -13.72 105.70
N LEU AA 144 -1.92 -13.59 107.03
CA LEU AA 144 -1.11 -14.43 107.90
C LEU AA 144 -1.66 -15.85 108.05
N ALA AA 145 -2.85 -16.13 107.54
CA ALA AA 145 -3.44 -17.47 107.73
C ALA AA 145 -2.75 -18.54 106.90
N ASP AA 146 -2.01 -18.15 105.85
CA ASP AA 146 -1.38 -19.10 104.94
C ASP AA 146 -0.52 -20.13 105.67
N GLU AA 147 -0.89 -21.41 105.53
CA GLU AA 147 -0.23 -22.46 106.29
C GLU AA 147 1.19 -22.74 105.80
N ASP AA 148 1.57 -22.31 104.60
CA ASP AA 148 2.91 -22.53 104.09
C ASP AA 148 3.93 -21.55 104.66
N GLY AA 149 3.48 -20.52 105.37
CA GLY AA 149 4.40 -19.55 105.93
C GLY AA 149 4.99 -20.02 107.25
N ARG AA 150 6.20 -19.54 107.54
CA ARG AA 150 6.84 -19.83 108.80
C ARG AA 150 6.34 -18.89 109.89
N LYS AA 151 6.31 -19.38 111.13
CA LYS AA 151 5.94 -18.55 112.25
C LYS AA 151 6.89 -17.37 112.43
N ALA AA 152 8.18 -17.57 112.18
CA ALA AA 152 9.14 -16.47 112.25
C ALA AA 152 8.78 -15.37 111.25
N LEU AA 153 8.49 -15.76 110.01
CA LEU AA 153 8.06 -14.78 109.01
C LEU AA 153 6.79 -14.08 109.45
N ILE AA 154 5.83 -14.84 110.00
CA ILE AA 154 4.58 -14.23 110.49
C ILE AA 154 4.88 -13.18 111.56
N LYS AA 155 5.80 -13.49 112.47
CA LYS AA 155 6.17 -12.55 113.53
C LYS AA 155 6.84 -11.30 112.96
N GLU AA 156 7.74 -11.48 112.00
CA GLU AA 156 8.37 -10.34 111.34
C GLU AA 156 7.34 -9.46 110.63
N LEU AA 157 6.30 -10.07 110.06
CA LEU AA 157 5.27 -9.29 109.38
C LEU AA 157 4.40 -8.53 110.37
N GLY AA 158 4.01 -9.19 111.47
CA GLY AA 158 3.22 -8.51 112.49
C GLY AA 158 3.99 -7.42 113.21
N LEU AA 159 5.31 -7.52 113.26
CA LEU AA 159 6.14 -6.48 113.87
C LEU AA 159 6.13 -5.18 113.07
N THR AA 160 5.65 -5.21 111.82
CA THR AA 160 5.58 -4.01 110.99
C THR AA 160 4.27 -3.24 111.17
N GLU AA 161 3.31 -3.80 111.89
CA GLU AA 161 2.02 -3.14 112.09
C GLU AA 161 2.14 -2.05 113.14
N GLU AA 162 1.70 -0.84 112.80
CA GLU AA 162 1.71 0.25 113.76
C GLU AA 162 0.84 -0.09 114.96
N THR AA 163 1.24 0.39 116.14
CA THR AA 163 0.57 0.01 117.37
C THR AA 163 -0.89 0.44 117.38
N LYS AA 164 -1.20 1.58 116.79
CA LYS AA 164 -2.56 2.11 116.79
C LYS AA 164 -3.49 1.30 115.90
N ASP BA 63 2.59 10.00 112.45
CA ASP BA 63 2.39 8.56 112.61
C ASP BA 63 2.69 7.82 111.31
N LYS BA 64 2.21 8.40 110.21
CA LYS BA 64 2.38 7.76 108.90
C LYS BA 64 3.85 7.60 108.54
N ALA BA 65 4.72 8.48 109.05
CA ALA BA 65 6.15 8.34 108.77
C ALA BA 65 6.69 7.02 109.29
N LEU BA 66 6.24 6.59 110.47
CA LEU BA 66 6.66 5.30 111.01
C LEU BA 66 6.16 4.15 110.15
N VAL BA 67 4.93 4.24 109.65
CA VAL BA 67 4.40 3.20 108.76
C VAL BA 67 5.23 3.13 107.48
N ASP BA 68 5.62 4.30 106.95
CA ASP BA 68 6.47 4.33 105.77
C ASP BA 68 7.83 3.69 106.06
N ALA BA 69 8.38 3.94 107.26
CA ALA BA 69 9.61 3.25 107.65
C ALA BA 69 9.40 1.74 107.67
N MET BA 70 8.24 1.30 108.16
CA MET BA 70 7.90 -0.12 108.12
C MET BA 70 7.90 -0.65 106.70
N ILE BA 71 7.34 0.12 105.75
CA ILE BA 71 7.35 -0.29 104.36
C ILE BA 71 8.77 -0.34 103.81
N ALA BA 72 9.63 0.57 104.25
CA ALA BA 72 11.01 0.58 103.79
C ALA BA 72 11.74 -0.68 104.25
N GLU BA 73 11.60 -1.05 105.53
CA GLU BA 73 12.25 -2.26 106.02
C GLU BA 73 11.68 -3.52 105.38
N ILE BA 74 10.35 -3.56 105.20
CA ILE BA 74 9.71 -4.72 104.58
C ILE BA 74 10.22 -4.92 103.15
N ASP BA 75 10.23 -3.83 102.37
CA ASP BA 75 10.77 -3.91 101.01
C ASP BA 75 12.25 -4.25 101.02
N LYS BA 76 12.98 -3.82 102.04
CA LYS BA 76 14.40 -4.17 102.15
C LYS BA 76 14.59 -5.67 102.27
N ARG BA 77 13.86 -6.31 103.19
CA ARG BA 77 13.97 -7.76 103.33
C ARG BA 77 13.52 -8.48 102.07
N LEU BA 78 12.35 -8.10 101.55
CA LEU BA 78 11.82 -8.75 100.34
C LEU BA 78 12.83 -8.67 99.19
N SER BA 79 13.44 -7.51 98.99
CA SER BA 79 14.46 -7.38 97.94
C SER BA 79 15.68 -8.21 98.28
N SER BA 80 16.02 -8.35 99.56
CA SER BA 80 17.10 -9.24 99.97
C SER BA 80 16.88 -10.66 99.44
N GLN BA 81 15.65 -11.18 99.54
CA GLN BA 81 15.41 -12.53 99.03
C GLN BA 81 15.29 -12.57 97.51
N VAL BA 82 14.56 -11.61 96.94
CA VAL BA 82 14.39 -11.53 95.49
C VAL BA 82 15.74 -11.52 94.78
N ASN BA 83 16.74 -10.87 95.38
CA ASN BA 83 18.08 -10.90 94.81
C ASN BA 83 18.62 -12.32 94.75
N GLU BA 84 18.33 -13.12 95.79
CA GLU BA 84 18.77 -14.52 95.77
C GLU BA 84 18.10 -15.29 94.65
N ILE BA 85 16.82 -15.02 94.39
CA ILE BA 85 16.14 -15.69 93.28
C ILE BA 85 16.74 -15.25 91.94
N LEU BA 86 16.86 -13.93 91.73
CA LEU BA 86 17.26 -13.41 90.41
C LEU BA 86 18.73 -13.64 90.12
N HIS BA 87 19.54 -13.88 91.15
CA HIS BA 87 20.96 -14.16 90.98
C HIS BA 87 21.28 -15.65 91.09
N ALA BA 88 20.25 -16.51 91.08
CA ALA BA 88 20.48 -17.95 91.11
C ALA BA 88 20.96 -18.41 89.74
N LYS BA 89 21.97 -19.29 89.74
CA LYS BA 89 22.59 -19.71 88.49
C LYS BA 89 21.63 -20.47 87.58
N GLU BA 90 20.77 -21.31 88.16
CA GLU BA 90 19.79 -22.03 87.35
C GLU BA 90 18.78 -21.07 86.73
N PHE BA 91 18.21 -20.18 87.55
CA PHE BA 91 17.27 -19.18 87.05
C PHE BA 91 17.91 -18.37 85.92
N GLN BA 92 19.14 -17.90 86.13
CA GLN BA 92 19.82 -17.11 85.11
C GLN BA 92 20.12 -17.93 83.86
N LYS BA 93 20.39 -19.22 84.02
CA LYS BA 93 20.56 -20.09 82.86
C LYS BA 93 19.31 -20.09 82.00
N LEU BA 94 18.16 -20.43 82.59
CA LEU BA 94 16.91 -20.43 81.83
C LEU BA 94 16.64 -19.05 81.21
N GLU BA 95 16.63 -18.01 82.05
CA GLU BA 95 16.29 -16.66 81.60
C GLU BA 95 17.19 -16.22 80.46
N SER BA 96 18.51 -16.26 80.67
CA SER BA 96 19.44 -15.83 79.63
C SER BA 96 19.28 -16.64 78.35
N SER BA 97 18.98 -17.94 78.47
CA SER BA 97 18.66 -18.74 77.29
C SER BA 97 17.52 -18.10 76.49
N TRP BA 98 16.36 -17.95 77.13
CA TRP BA 98 15.19 -17.46 76.40
C TRP BA 98 15.33 -16.01 75.94
N ARG BA 99 15.86 -15.14 76.81
CA ARG BA 99 15.95 -13.72 76.50
C ARG BA 99 16.99 -13.47 75.39
N SER BA 100 18.13 -14.15 75.46
CA SER BA 100 19.07 -14.06 74.34
C SER BA 100 18.45 -14.59 73.06
N LEU BA 101 17.67 -15.68 73.16
CA LEU BA 101 16.96 -16.19 71.99
C LEU BA 101 16.09 -15.12 71.35
N LYS BA 102 15.28 -14.43 72.17
CA LYS BA 102 14.42 -13.38 71.64
C LYS BA 102 15.22 -12.21 71.09
N PHE BA 103 16.31 -11.85 71.79
CA PHE BA 103 17.17 -10.78 71.31
C PHE BA 103 17.69 -11.09 69.91
N MET BA 104 17.95 -12.37 69.63
CA MET BA 104 18.31 -12.77 68.27
C MET BA 104 17.11 -12.66 67.33
N VAL BA 105 15.97 -13.24 67.73
CA VAL BA 105 14.84 -13.43 66.81
C VAL BA 105 14.26 -12.08 66.37
N ASP BA 106 14.07 -11.17 67.32
CA ASP BA 106 13.46 -9.88 67.05
C ASP BA 106 14.37 -8.92 66.29
N ARG BA 107 15.62 -9.29 66.05
CA ARG BA 107 16.55 -8.50 65.25
C ARG BA 107 16.70 -9.04 63.84
N THR BA 108 15.96 -10.10 63.50
CA THR BA 108 15.94 -10.65 62.15
C THR BA 108 14.69 -10.18 61.42
N ASP BA 109 14.56 -10.61 60.17
CA ASP BA 109 13.45 -10.20 59.31
C ASP BA 109 12.92 -11.43 58.58
N PHE BA 110 11.88 -12.05 59.16
CA PHE BA 110 11.29 -13.26 58.60
C PHE BA 110 10.67 -13.05 57.22
N ARG BA 111 10.44 -11.79 56.81
CA ARG BA 111 9.95 -11.50 55.47
C ARG BA 111 11.05 -11.60 54.42
N GLU BA 112 12.32 -11.69 54.84
CA GLU BA 112 13.44 -11.81 53.92
C GLU BA 112 13.91 -13.25 53.76
N ASN BA 113 13.01 -14.21 53.95
CA ASN BA 113 13.34 -15.63 53.80
C ASN BA 113 14.35 -16.10 54.85
N THR BA 114 14.18 -15.63 56.08
CA THR BA 114 15.02 -16.04 57.20
C THR BA 114 14.22 -16.94 58.12
N ARG BA 115 14.81 -18.07 58.52
CA ARG BA 115 14.11 -19.06 59.33
C ARG BA 115 15.02 -19.51 60.47
N VAL BA 116 14.40 -19.93 61.57
CA VAL BA 116 15.12 -20.34 62.77
C VAL BA 116 14.35 -21.44 63.47
N GLU BA 117 15.05 -22.52 63.83
CA GLU BA 117 14.47 -23.64 64.55
C GLU BA 117 15.21 -23.84 65.87
N MET BA 118 14.48 -24.31 66.88
CA MET BA 118 15.01 -24.53 68.21
C MET BA 118 15.13 -26.03 68.46
N LEU BA 119 16.28 -26.44 68.98
CA LEU BA 119 16.61 -27.83 69.29
C LEU BA 119 17.13 -27.85 70.72
N ASN BA 120 16.33 -28.39 71.64
CA ASN BA 120 16.70 -28.48 73.04
C ASN BA 120 17.67 -29.63 73.24
N ALA BA 121 18.91 -29.32 73.59
CA ALA BA 121 19.93 -30.34 73.78
C ALA BA 121 21.02 -29.77 74.66
N SER BA 122 21.46 -30.56 75.65
CA SER BA 122 22.59 -30.18 76.47
C SER BA 122 23.86 -30.81 75.91
N LYS BA 123 25.00 -30.22 76.27
CA LYS BA 123 26.29 -30.72 75.79
C LYS BA 123 26.50 -32.17 76.19
N GLU BA 124 26.16 -32.52 77.42
CA GLU BA 124 26.34 -33.89 77.90
C GLU BA 124 25.58 -34.88 77.02
N ASP BA 125 24.34 -34.55 76.67
CA ASP BA 125 23.54 -35.40 75.80
C ASP BA 125 24.02 -35.40 74.35
N LEU BA 126 24.61 -34.29 73.90
CA LEU BA 126 25.25 -34.29 72.58
C LEU BA 126 26.39 -35.32 72.56
N GLN BA 127 27.25 -35.29 73.59
CA GLN BA 127 28.29 -36.30 73.70
C GLN BA 127 27.69 -37.71 73.82
N LYS BA 128 26.57 -37.83 74.54
CA LYS BA 128 25.96 -39.14 74.71
C LYS BA 128 25.50 -39.71 73.37
N ASP BA 129 24.89 -38.88 72.53
CA ASP BA 129 24.41 -39.35 71.23
C ASP BA 129 25.58 -39.64 70.30
N PHE BA 130 26.57 -38.75 70.25
CA PHE BA 130 27.69 -38.93 69.33
C PHE BA 130 28.54 -40.14 69.70
N GLU BA 131 28.68 -40.44 70.99
CA GLU BA 131 29.44 -41.60 71.41
C GLU BA 131 28.62 -42.88 71.32
N ASP BA 132 27.31 -42.77 71.51
CA ASP BA 132 26.43 -43.94 71.38
C ASP BA 132 26.35 -44.41 69.94
N ALA BA 133 26.24 -43.47 68.99
CA ALA BA 133 26.15 -43.82 67.59
C ALA BA 133 27.46 -44.45 67.11
N PRO BA 134 27.41 -45.42 66.19
CA PRO BA 134 28.66 -45.98 65.66
C PRO BA 134 29.38 -45.03 64.72
N GLU BA 135 28.66 -44.11 64.09
CA GLU BA 135 29.25 -43.16 63.16
C GLU BA 135 28.38 -41.91 63.12
N VAL BA 136 29.00 -40.79 62.76
CA VAL BA 136 28.31 -39.50 62.78
C VAL BA 136 27.11 -39.49 61.83
N THR BA 137 27.19 -40.26 60.75
CA THR BA 137 26.07 -40.35 59.81
C THR BA 137 24.82 -40.97 60.43
N LYS BA 138 24.93 -41.59 61.61
CA LYS BA 138 23.80 -42.18 62.30
C LYS BA 138 23.42 -41.44 63.57
N SER BA 139 24.02 -40.28 63.82
CA SER BA 139 23.64 -39.48 64.98
C SER BA 139 22.33 -38.76 64.72
N GLY BA 140 21.58 -38.50 65.80
CA GLY BA 140 20.31 -37.81 65.65
C GLY BA 140 20.47 -36.41 65.11
N LEU BA 141 21.41 -35.64 65.66
CA LEU BA 141 21.69 -34.30 65.16
C LEU BA 141 21.98 -34.33 63.67
N TYR BA 142 22.83 -35.25 63.22
CA TYR BA 142 23.07 -35.40 61.78
C TYR BA 142 21.78 -35.75 61.05
N LYS BA 143 20.92 -36.57 61.69
CA LYS BA 143 19.63 -36.89 61.09
C LYS BA 143 18.82 -35.63 60.79
N LEU BA 144 18.69 -34.74 61.77
CA LEU BA 144 17.84 -33.57 61.67
C LEU BA 144 18.53 -32.37 61.03
N VAL BA 145 19.82 -32.45 60.77
CA VAL BA 145 20.56 -31.34 60.17
C VAL BA 145 20.78 -31.65 58.69
N TYR BA 146 21.43 -32.79 58.42
CA TYR BA 146 21.75 -33.14 57.04
C TYR BA 146 20.62 -33.94 56.41
N SER BA 147 20.23 -35.05 57.04
CA SER BA 147 19.33 -36.00 56.40
C SER BA 147 17.98 -35.38 56.07
N ASN BA 148 17.35 -34.74 57.06
CA ASN BA 148 16.04 -34.15 56.86
C ASN BA 148 16.09 -32.81 56.13
N GLU BA 149 17.27 -32.38 55.69
CA GLU BA 149 17.39 -31.07 55.04
C GLU BA 149 18.21 -31.14 53.76
N TYR BA 150 19.53 -30.97 53.87
CA TYR BA 150 20.38 -30.87 52.69
C TYR BA 150 20.31 -32.12 51.83
N GLY BA 151 20.16 -33.29 52.46
CA GLY BA 151 20.14 -34.53 51.71
C GLY BA 151 18.75 -35.06 51.44
N VAL BA 152 17.77 -34.17 51.31
CA VAL BA 152 16.38 -34.53 51.11
C VAL BA 152 15.85 -33.79 49.89
N PHE BA 153 15.44 -34.54 48.87
CA PHE BA 153 14.83 -33.94 47.68
C PHE BA 153 13.52 -33.27 48.07
N GLY BA 154 13.39 -31.99 47.74
CA GLY BA 154 12.24 -31.20 48.13
C GLY BA 154 12.43 -30.41 49.41
N GLY BA 155 13.47 -30.71 50.18
CA GLY BA 155 13.74 -30.02 51.43
C GLY BA 155 14.59 -28.78 51.22
N LYS BA 156 15.29 -28.39 52.29
CA LYS BA 156 16.12 -27.20 52.28
C LYS BA 156 17.28 -27.41 53.24
N PRO BA 157 18.44 -26.83 52.95
CA PRO BA 157 19.61 -27.06 53.81
C PRO BA 157 19.75 -26.01 54.90
N TYR BA 158 20.27 -26.46 56.05
CA TYR BA 158 20.46 -25.57 57.18
C TYR BA 158 21.62 -24.63 56.91
N GLY BA 159 21.39 -23.33 57.10
CA GLY BA 159 22.42 -22.35 56.80
C GLY BA 159 23.59 -22.40 57.79
N ILE BA 160 23.28 -22.40 59.08
CA ILE BA 160 24.31 -22.38 60.12
C ILE BA 160 23.69 -22.89 61.41
N ILE BA 161 24.54 -23.31 62.35
CA ILE BA 161 24.12 -23.86 63.63
C ILE BA 161 24.71 -23.00 64.74
N SER BA 162 23.85 -22.47 65.61
CA SER BA 162 24.25 -21.64 66.73
C SER BA 162 24.04 -22.45 68.00
N ALA BA 163 25.13 -22.73 68.71
CA ALA BA 163 25.09 -23.54 69.92
C ALA BA 163 25.30 -22.63 71.13
N ASN BA 164 24.32 -22.59 72.02
CA ASN BA 164 24.39 -21.76 73.22
C ASN BA 164 25.16 -22.52 74.31
N TYR BA 165 26.47 -22.59 74.13
CA TYR BA 165 27.33 -23.31 75.04
C TYR BA 165 28.64 -22.56 75.22
N ASP BA 166 29.27 -22.80 76.37
CA ASP BA 166 30.62 -22.32 76.66
C ASP BA 166 31.55 -23.52 76.66
N PHE BA 167 32.73 -23.37 76.05
CA PHE BA 167 33.66 -24.46 75.89
C PHE BA 167 34.92 -24.19 76.72
N ASN BA 168 35.43 -25.23 77.35
CA ASN BA 168 36.70 -25.19 78.05
C ASN BA 168 37.70 -26.06 77.31
N VAL BA 169 38.90 -26.21 77.88
CA VAL BA 169 39.91 -27.08 77.30
C VAL BA 169 39.68 -28.54 77.67
N GLY BA 170 38.62 -28.85 78.39
CA GLY BA 170 38.32 -30.20 78.81
C GLY BA 170 38.16 -31.16 77.65
N PRO BA 171 38.59 -32.41 77.85
CA PRO BA 171 38.53 -33.38 76.75
C PRO BA 171 37.13 -33.61 76.20
N GLN BA 172 36.11 -33.60 77.06
CA GLN BA 172 34.74 -33.75 76.58
C GLN BA 172 34.36 -32.62 75.63
N ASP BA 173 34.68 -31.37 76.00
CA ASP BA 173 34.38 -30.24 75.14
C ASP BA 173 35.15 -30.34 73.82
N MET BA 174 36.43 -30.74 73.89
CA MET BA 174 37.21 -30.90 72.65
C MET BA 174 36.57 -31.92 71.73
N GLU BA 175 36.17 -33.08 72.26
CA GLU BA 175 35.55 -34.11 71.43
C GLU BA 175 34.24 -33.62 70.83
N LEU BA 176 33.41 -32.93 71.64
CA LEU BA 176 32.18 -32.34 71.10
C LEU BA 176 32.49 -31.41 69.94
N LEU BA 177 33.53 -30.58 70.07
CA LEU BA 177 33.93 -29.70 68.99
C LEU BA 177 34.33 -30.49 67.75
N ARG BA 178 35.01 -31.62 67.94
CA ARG BA 178 35.38 -32.46 66.80
C ARG BA 178 34.15 -32.97 66.06
N LYS BA 179 33.17 -33.51 66.80
CA LYS BA 179 31.95 -34.00 66.17
C LYS BA 179 31.22 -32.88 65.43
N CYS BA 180 31.09 -31.71 66.06
CA CYS BA 180 30.42 -30.59 65.42
C CYS BA 180 31.14 -30.14 64.15
N ALA BA 181 32.48 -30.19 64.16
CA ALA BA 181 33.23 -29.87 62.95
C ALA BA 181 32.93 -30.87 61.84
N SER BA 182 32.87 -32.16 62.18
CA SER BA 182 32.55 -33.17 61.18
C SER BA 182 31.18 -32.92 60.56
N VAL BA 183 30.15 -32.74 61.40
CA VAL BA 183 28.80 -32.52 60.89
C VAL BA 183 28.74 -31.26 60.03
N ALA BA 184 29.33 -30.17 60.53
CA ALA BA 184 29.32 -28.91 59.78
C ALA BA 184 30.01 -29.06 58.44
N ALA BA 185 31.09 -29.85 58.38
CA ALA BA 185 31.76 -30.09 57.11
C ALA BA 185 30.88 -30.91 56.16
N MET BA 186 30.19 -31.91 56.69
CA MET BA 186 29.36 -32.76 55.84
C MET BA 186 28.17 -32.00 55.27
N ALA BA 187 27.60 -31.07 56.03
CA ALA BA 187 26.41 -30.34 55.59
C ALA BA 187 26.75 -28.96 55.02
N HIS BA 188 28.02 -28.57 55.05
CA HIS BA 188 28.44 -27.25 54.56
C HIS BA 188 27.79 -26.12 55.35
N ALA BA 189 27.86 -26.22 56.68
CA ALA BA 189 27.26 -25.22 57.57
C ALA BA 189 28.12 -25.04 58.81
N PRO BA 190 28.53 -23.81 59.12
CA PRO BA 190 29.44 -23.62 60.24
C PRO BA 190 28.73 -23.75 61.59
N PHE BA 191 29.50 -24.13 62.60
CA PHE BA 191 29.01 -24.27 63.96
C PHE BA 191 29.62 -23.16 64.81
N ILE BA 192 28.77 -22.30 65.38
CA ILE BA 192 29.20 -21.13 66.14
C ILE BA 192 28.84 -21.30 67.60
N GLY BA 193 29.79 -21.00 68.48
CA GLY BA 193 29.60 -21.07 69.91
C GLY BA 193 30.45 -20.06 70.65
N ASN BA 194 30.61 -20.25 71.95
CA ASN BA 194 31.37 -19.33 72.79
C ASN BA 194 32.38 -20.10 73.63
N ALA BA 195 33.39 -19.38 74.10
CA ALA BA 195 34.43 -19.93 74.95
C ALA BA 195 34.26 -19.40 76.38
N ALA BA 196 34.53 -20.26 77.35
CA ALA BA 196 34.41 -19.87 78.75
C ALA BA 196 35.68 -19.17 79.22
N PRO BA 197 35.58 -18.32 80.25
CA PRO BA 197 36.77 -17.58 80.71
C PRO BA 197 37.91 -18.48 81.15
N GLU BA 198 37.62 -19.58 81.84
CA GLU BA 198 38.65 -20.49 82.31
C GLU BA 198 39.47 -21.09 81.17
N VAL BA 199 39.00 -20.96 79.92
CA VAL BA 199 39.78 -21.40 78.77
C VAL BA 199 41.11 -20.65 78.72
N PHE BA 200 41.14 -19.41 79.19
CA PHE BA 200 42.36 -18.61 79.27
C PHE BA 200 43.04 -18.71 80.63
N GLY BA 201 42.61 -19.65 81.48
CA GLY BA 201 43.19 -19.78 82.80
C GLY BA 201 42.85 -18.65 83.74
N GLU BA 202 41.72 -17.97 83.51
CA GLU BA 202 41.30 -16.84 84.32
C GLU BA 202 39.91 -17.11 84.90
N GLU BA 203 39.66 -16.54 86.08
CA GLU BA 203 38.37 -16.73 86.73
C GLU BA 203 37.23 -16.15 85.89
N SER BA 204 37.46 -15.01 85.26
CA SER BA 204 36.44 -14.35 84.46
C SER BA 204 37.13 -13.47 83.43
N PHE BA 205 36.40 -13.18 82.34
CA PHE BA 205 36.90 -12.32 81.28
C PHE BA 205 37.47 -11.00 81.77
N LEU BA 206 37.04 -10.51 82.93
CA LEU BA 206 37.58 -9.29 83.52
C LEU BA 206 39.09 -9.35 83.76
N LYS BA 207 39.70 -10.53 83.66
CA LYS BA 207 41.14 -10.70 83.84
C LYS BA 207 41.90 -10.70 82.53
N LEU BA 208 41.22 -10.47 81.40
CA LEU BA 208 41.90 -10.48 80.11
C LEU BA 208 43.01 -9.46 80.00
N PRO BA 209 42.88 -8.25 80.55
CA PRO BA 209 43.99 -7.28 80.42
C PRO BA 209 45.24 -7.69 81.20
N ASP BA 210 45.12 -8.63 82.14
CA ASP BA 210 46.27 -9.10 82.89
C ASP BA 210 47.07 -10.17 82.15
N LEU BA 211 46.53 -10.71 81.06
CA LEU BA 211 47.20 -11.76 80.30
C LEU BA 211 48.27 -11.12 79.42
N LYS BA 212 49.54 -11.47 79.67
CA LYS BA 212 50.65 -10.82 78.98
C LYS BA 212 50.87 -11.38 77.58
N ASP BA 213 50.53 -12.65 77.34
CA ASP BA 213 50.86 -13.29 76.07
C ASP BA 213 50.03 -14.56 75.91
N LEU BA 214 48.94 -14.45 75.16
CA LEU BA 214 48.09 -15.61 74.92
C LEU BA 214 48.80 -16.67 74.09
N LYS BA 215 49.56 -16.25 73.08
CA LYS BA 215 50.27 -17.19 72.22
C LYS BA 215 51.19 -18.10 73.04
N SER BA 216 51.92 -17.51 73.99
CA SER BA 216 52.75 -18.30 74.88
C SER BA 216 51.90 -19.10 75.86
N LEU BA 217 50.76 -18.55 76.29
CA LEU BA 217 49.87 -19.28 77.19
C LEU BA 217 49.41 -20.60 76.56
N PHE BA 218 49.16 -20.59 75.25
CA PHE BA 218 48.65 -21.76 74.54
C PHE BA 218 49.71 -22.82 74.27
N GLU BA 219 50.94 -22.63 74.71
CA GLU BA 219 51.99 -23.61 74.50
C GLU BA 219 51.99 -24.70 75.56
N GLY BA 220 51.30 -24.50 76.67
CA GLY BA 220 51.27 -25.48 77.73
C GLY BA 220 50.61 -26.77 77.29
N PRO BA 221 51.01 -27.88 77.91
CA PRO BA 221 50.44 -29.18 77.52
C PRO BA 221 48.95 -29.29 77.75
N GLN BA 222 48.37 -28.41 78.56
CA GLN BA 222 46.94 -28.44 78.82
C GLN BA 222 46.12 -28.24 77.54
N TYR BA 223 46.71 -27.63 76.51
CA TYR BA 223 46.01 -27.31 75.27
C TYR BA 223 46.44 -28.18 74.10
N ALA BA 224 46.99 -29.37 74.36
CA ALA BA 224 47.45 -30.23 73.28
C ALA BA 224 46.32 -30.59 72.32
N ARG BA 225 45.19 -31.03 72.88
CA ARG BA 225 44.05 -31.44 72.06
C ARG BA 225 43.52 -30.26 71.23
N TRP BA 226 43.41 -29.09 71.84
CA TRP BA 226 42.97 -27.91 71.08
C TRP BA 226 43.95 -27.61 69.94
N HIS BA 227 45.25 -27.74 70.22
CA HIS BA 227 46.25 -27.51 69.19
C HIS BA 227 46.07 -28.43 67.99
N SER BA 228 45.80 -29.72 68.24
CA SER BA 228 45.54 -30.62 67.12
C SER BA 228 44.24 -30.27 66.40
N PHE BA 229 43.20 -29.93 67.18
CA PHE BA 229 41.92 -29.54 66.59
C PHE BA 229 42.09 -28.40 65.60
N ARG BA 230 42.91 -27.40 65.95
CA ARG BA 230 43.18 -26.29 65.04
C ARG BA 230 43.84 -26.73 63.74
N GLU BA 231 44.47 -27.90 63.73
CA GLU BA 231 45.16 -28.41 62.55
C GLU BA 231 44.28 -29.33 61.72
N SER BA 232 43.18 -29.84 62.27
CA SER BA 232 42.24 -30.62 61.47
C SER BA 232 41.65 -29.77 60.34
N GLU BA 233 41.37 -30.44 59.20
CA GLU BA 233 40.77 -29.76 58.05
C GLU BA 233 39.29 -29.50 58.25
N ASP BA 234 38.67 -30.09 59.27
CA ASP BA 234 37.29 -29.78 59.59
C ASP BA 234 37.16 -28.54 60.47
N ALA BA 235 38.28 -28.00 60.95
CA ALA BA 235 38.23 -26.83 61.82
C ALA BA 235 37.69 -25.60 61.13
N ARG BA 236 37.64 -25.61 59.79
CA ARG BA 236 37.09 -24.46 59.06
C ARG BA 236 35.61 -24.23 59.35
N TYR BA 237 34.91 -25.25 59.86
CA TYR BA 237 33.49 -25.14 60.16
C TYR BA 237 33.22 -24.87 61.64
N VAL BA 238 34.23 -24.46 62.40
CA VAL BA 238 34.10 -24.18 63.83
C VAL BA 238 34.41 -22.72 64.06
N GLY BA 239 33.57 -22.05 64.86
CA GLY BA 239 33.79 -20.67 65.22
C GLY BA 239 33.39 -20.37 66.65
N LEU BA 240 34.33 -19.90 67.46
CA LEU BA 240 34.09 -19.63 68.87
C LEU BA 240 34.29 -18.16 69.17
N ALA BA 241 33.40 -17.60 69.98
CA ALA BA 241 33.43 -16.19 70.36
C ALA BA 241 34.00 -16.03 71.77
N LEU BA 242 34.46 -14.81 72.06
CA LEU BA 242 35.14 -14.52 73.32
C LEU BA 242 34.16 -14.01 74.37
N PRO BA 243 34.30 -12.75 74.80
CA PRO BA 243 33.53 -12.28 75.95
C PRO BA 243 32.04 -12.24 75.69
N ARG BA 244 31.28 -12.40 76.78
CA ARG BA 244 29.82 -12.36 76.71
C ARG BA 244 29.36 -10.90 76.66
N PHE BA 245 28.06 -10.69 76.82
CA PHE BA 245 27.55 -9.32 76.73
C PHE BA 245 26.27 -9.19 77.53
N LEU BA 246 26.06 -8.02 78.12
CA LEU BA 246 24.90 -7.79 78.96
C LEU BA 246 23.61 -7.93 78.16
N LEU BA 247 22.61 -8.54 78.80
CA LEU BA 247 21.27 -8.68 78.21
C LEU BA 247 20.21 -7.86 78.91
N ARG BA 248 20.37 -7.59 80.20
CA ARG BA 248 19.38 -6.84 80.96
C ARG BA 248 20.06 -5.83 81.86
N LEU BA 249 19.49 -4.64 81.93
CA LEU BA 249 19.95 -3.63 82.88
C LEU BA 249 19.34 -3.91 84.24
N PRO BA 250 20.10 -3.83 85.33
CA PRO BA 250 19.58 -4.23 86.64
C PRO BA 250 18.37 -3.40 87.04
N TYR BA 251 17.45 -4.02 87.79
CA TYR BA 251 16.20 -3.39 88.13
C TYR BA 251 16.41 -2.15 88.98
N GLY BA 252 15.67 -1.08 88.66
CA GLY BA 252 15.78 0.16 89.40
C GLY BA 252 14.53 1.02 89.26
N GLU BA 253 14.15 1.71 90.34
CA GLU BA 253 12.88 2.45 90.34
C GLU BA 253 12.76 3.45 89.21
N LYS BA 254 13.89 3.88 88.64
CA LYS BA 254 13.89 4.84 87.53
C LYS BA 254 14.22 4.17 86.20
N THR BA 255 15.34 3.44 86.13
CA THR BA 255 15.82 2.91 84.86
C THR BA 255 15.05 1.65 84.43
N VAL BA 256 14.64 0.83 85.38
CA VAL BA 256 13.96 -0.43 85.06
C VAL BA 256 12.98 -0.76 86.18
N PRO BA 257 11.86 -0.06 86.29
CA PRO BA 257 10.98 -0.27 87.44
C PRO BA 257 10.05 -1.46 87.25
N VAL BA 258 9.52 -1.94 88.37
CA VAL BA 258 8.55 -3.03 88.40
C VAL BA 258 7.30 -2.54 89.11
N LYS BA 259 6.23 -3.31 88.98
CA LYS BA 259 4.94 -2.91 89.52
C LYS BA 259 4.86 -3.20 91.02
N ALA BA 260 4.11 -2.35 91.72
CA ALA BA 260 3.83 -2.58 93.14
C ALA BA 260 5.10 -2.53 93.98
N PHE BA 261 5.78 -3.66 94.11
CA PHE BA 261 6.95 -3.75 94.97
C PHE BA 261 8.06 -2.82 94.48
N ASN BA 262 8.58 -1.99 95.39
CA ASN BA 262 9.64 -1.05 95.05
C ASN BA 262 10.97 -1.80 95.10
N PHE BA 263 11.26 -2.51 94.02
CA PHE BA 263 12.44 -3.36 93.95
C PHE BA 263 13.60 -2.59 93.30
N THR BA 264 14.75 -2.61 93.98
CA THR BA 264 15.99 -2.03 93.48
C THR BA 264 17.03 -3.13 93.52
N GLU BA 265 17.36 -3.69 92.36
CA GLU BA 265 18.31 -4.79 92.29
C GLU BA 265 19.69 -4.32 92.73
N ASP BA 266 20.34 -5.12 93.57
CA ASP BA 266 21.64 -4.77 94.16
C ASP BA 266 22.69 -5.74 93.62
N VAL BA 267 23.41 -5.30 92.60
CA VAL BA 267 24.52 -6.08 92.08
C VAL BA 267 25.72 -5.88 93.01
N VAL BA 268 26.24 -6.98 93.53
CA VAL BA 268 27.34 -6.92 94.49
C VAL BA 268 28.66 -6.75 93.75
N GLY BA 269 29.77 -7.10 94.42
CA GLY BA 269 31.06 -7.03 93.78
C GLY BA 269 31.23 -8.03 92.65
N HIS BA 270 30.42 -9.10 92.66
CA HIS BA 270 30.53 -10.15 91.66
C HIS BA 270 29.70 -9.77 90.44
N HIS BA 271 30.38 -9.38 89.36
CA HIS BA 271 29.72 -9.03 88.11
C HIS BA 271 28.91 -10.19 87.54
N GLU BA 272 29.12 -11.41 88.03
CA GLU BA 272 28.27 -12.55 87.68
C GLU BA 272 26.82 -12.33 88.07
N ARG BA 273 26.53 -11.34 88.93
CA ARG BA 273 25.15 -10.99 89.22
C ARG BA 273 24.45 -10.41 88.01
N TYR BA 274 25.22 -9.84 87.08
CA TYR BA 274 24.65 -9.30 85.85
C TYR BA 274 24.23 -10.44 84.92
N LEU BA 275 23.13 -10.21 84.20
CA LEU BA 275 22.58 -11.21 83.29
C LEU BA 275 23.40 -11.19 82.00
N TRP BA 276 24.48 -11.95 82.00
CA TRP BA 276 25.33 -12.06 80.83
C TRP BA 276 24.71 -13.00 79.79
N GLY BA 277 25.02 -12.73 78.53
CA GLY BA 277 24.45 -13.48 77.43
C GLY BA 277 25.52 -13.88 76.44
N HIS BA 278 25.26 -14.98 75.72
CA HIS BA 278 26.25 -15.58 74.83
C HIS BA 278 26.34 -14.79 73.54
N ALA BA 279 27.55 -14.30 73.21
CA ALA BA 279 27.72 -13.43 72.05
C ALA BA 279 27.50 -14.13 70.72
N SER BA 280 27.49 -15.46 70.72
CA SER BA 280 27.19 -16.22 69.51
C SER BA 280 25.90 -15.74 68.85
N VAL BA 281 24.92 -15.33 69.67
CA VAL BA 281 23.66 -14.83 69.13
C VAL BA 281 23.88 -13.51 68.40
N ALA BA 282 24.74 -12.64 68.93
CA ALA BA 282 25.06 -11.39 68.23
C ALA BA 282 25.69 -11.69 66.87
N LEU BA 283 26.67 -12.58 66.83
CA LEU BA 283 27.24 -12.99 65.54
C LEU BA 283 26.15 -13.49 64.60
N THR BA 284 25.23 -14.33 65.10
CA THR BA 284 24.13 -14.81 64.29
C THR BA 284 23.30 -13.67 63.72
N SER BA 285 23.04 -12.63 64.53
CA SER BA 285 22.36 -11.45 64.01
C SER BA 285 23.14 -10.82 62.86
N ARG BA 286 24.47 -10.78 62.96
CA ARG BA 286 25.27 -10.28 61.85
C ARG BA 286 24.98 -11.07 60.56
N VAL BA 287 25.11 -12.40 60.63
CA VAL BA 287 24.82 -13.22 59.46
C VAL BA 287 23.42 -12.93 58.92
N ALA BA 288 22.44 -12.84 59.82
CA ALA BA 288 21.05 -12.59 59.44
C ALA BA 288 20.92 -11.28 58.65
N ASP BA 289 21.56 -10.21 59.13
CA ASP BA 289 21.44 -8.92 58.45
C ASP BA 289 22.07 -8.98 57.06
N SER BA 290 23.29 -9.52 56.97
CA SER BA 290 23.92 -9.66 55.66
C SER BA 290 23.01 -10.39 54.67
N PHE BA 291 22.40 -11.49 55.11
CA PHE BA 291 21.53 -12.26 54.22
C PHE BA 291 20.24 -11.52 53.91
N ALA BA 292 19.71 -10.75 54.86
CA ALA BA 292 18.48 -10.00 54.62
C ALA BA 292 18.68 -8.93 53.57
N LYS BA 293 19.88 -8.35 53.51
CA LYS BA 293 20.14 -7.29 52.54
C LYS BA 293 20.55 -7.84 51.18
N PHE BA 294 21.38 -8.89 51.14
CA PHE BA 294 22.00 -9.30 49.88
C PHE BA 294 21.78 -10.76 49.48
N ARG BA 295 21.27 -11.61 50.37
CA ARG BA 295 21.14 -13.04 50.13
C ARG BA 295 22.47 -13.78 50.28
N TRP BA 296 23.48 -13.10 50.82
CA TRP BA 296 24.78 -13.69 51.08
C TRP BA 296 25.28 -13.21 52.42
N SER BA 297 26.21 -13.96 53.02
CA SER BA 297 26.68 -13.72 54.38
C SER BA 297 28.18 -13.46 54.41
N PRO BA 298 28.63 -12.34 53.85
CA PRO BA 298 30.06 -12.00 53.92
C PRO BA 298 30.31 -10.72 54.69
N ASN BA 299 29.27 -9.89 54.81
CA ASN BA 299 29.40 -8.57 55.42
C ASN BA 299 29.05 -8.66 56.90
N ILE BA 300 30.03 -9.11 57.69
CA ILE BA 300 29.82 -9.25 59.12
C ILE BA 300 31.12 -9.05 59.90
N ILE BA 301 32.03 -8.26 59.35
CA ILE BA 301 33.33 -8.08 60.00
C ILE BA 301 33.81 -6.63 59.92
N GLY BA 302 32.99 -5.68 60.36
CA GLY BA 302 33.39 -4.30 60.36
C GLY BA 302 32.38 -3.37 61.03
N PRO BA 303 32.90 -2.29 61.64
CA PRO BA 303 31.99 -1.29 62.21
C PRO BA 303 31.09 -0.62 61.19
N GLN BA 304 31.53 -0.54 59.94
CA GLN BA 304 30.70 -0.02 58.85
C GLN BA 304 30.27 -1.09 57.87
N SER BA 305 31.00 -2.20 57.78
CA SER BA 305 30.67 -3.25 56.81
C SER BA 305 29.42 -4.02 57.21
N GLY BA 306 29.15 -4.15 58.52
CA GLY BA 306 27.98 -4.88 58.95
C GLY BA 306 28.25 -5.81 60.11
N GLY BA 307 29.46 -5.75 60.66
CA GLY BA 307 29.82 -6.47 61.86
C GLY BA 307 29.63 -5.69 63.13
N ALA BA 308 28.93 -4.56 63.10
CA ALA BA 308 28.71 -3.74 64.27
C ALA BA 308 27.42 -4.17 64.97
N VAL BA 309 27.50 -4.34 66.28
CA VAL BA 309 26.34 -4.62 67.12
C VAL BA 309 25.98 -3.31 67.82
N GLU BA 310 24.80 -2.79 67.51
CA GLU BA 310 24.36 -1.51 68.05
C GLU BA 310 23.26 -1.72 69.09
N ASN BA 311 23.13 -0.74 69.98
CA ASN BA 311 22.08 -0.74 70.99
C ASN BA 311 22.38 -1.70 72.14
N LEU BA 312 23.55 -1.52 72.78
CA LEU BA 312 23.86 -2.38 73.91
C LEU BA 312 23.37 -1.75 75.20
N PRO BA 313 23.00 -2.58 76.19
CA PRO BA 313 22.54 -2.02 77.46
C PRO BA 313 23.67 -1.31 78.20
N LEU BA 314 23.31 -0.27 78.95
CA LEU BA 314 24.26 0.49 79.74
C LEU BA 314 23.78 0.55 81.18
N HIS BA 315 24.71 0.85 82.10
CA HIS BA 315 24.40 0.84 83.52
C HIS BA 315 25.39 1.76 84.24
N GLN BA 316 24.99 3.00 84.45
CA GLN BA 316 25.79 3.96 85.19
C GLN BA 316 25.56 3.77 86.69
N TYR BA 317 26.64 3.78 87.46
CA TYR BA 317 26.61 3.59 88.91
C TYR BA 317 27.83 4.25 89.50
N GLU BA 318 27.80 4.47 90.81
CA GLU BA 318 28.86 5.23 91.47
C GLU BA 318 30.18 4.46 91.48
N ALA BA 319 31.27 5.17 91.24
CA ALA BA 319 32.62 4.62 91.27
C ALA BA 319 33.31 5.12 92.56
N MET BA 320 34.52 5.68 92.47
CA MET BA 320 35.19 6.23 93.65
C MET BA 320 34.81 7.68 93.90
N GLY BA 321 33.51 7.97 93.94
CA GLY BA 321 33.03 9.34 94.04
C GLY BA 321 32.54 9.89 92.72
N GLU BA 322 32.96 9.32 91.60
CA GLU BA 322 32.38 9.61 90.30
C GLU BA 322 31.32 8.55 89.97
N ILE BA 323 30.86 8.54 88.73
CA ILE BA 323 29.86 7.60 88.24
C ILE BA 323 30.33 7.04 86.89
N GLN BA 324 30.35 5.72 86.78
CA GLN BA 324 30.86 5.02 85.60
C GLN BA 324 29.87 3.96 85.15
N THR BA 325 30.00 3.57 83.88
CA THR BA 325 29.07 2.66 83.24
C THR BA 325 29.67 1.26 83.12
N LYS BA 326 28.91 0.26 83.55
CA LYS BA 326 29.33 -1.12 83.40
C LYS BA 326 29.46 -1.45 81.91
N ILE BA 327 30.65 -1.91 81.53
CA ILE BA 327 30.91 -2.15 80.11
C ILE BA 327 29.98 -3.24 79.60
N PRO BA 328 29.33 -3.05 78.45
CA PRO BA 328 28.43 -4.09 77.93
C PRO BA 328 29.10 -5.44 77.76
N THR BA 329 30.37 -5.46 77.39
CA THR BA 329 31.21 -6.64 77.47
C THR BA 329 32.04 -6.57 78.75
N GLU BA 330 32.48 -7.73 79.22
CA GLU BA 330 33.19 -7.81 80.49
C GLU BA 330 34.37 -6.86 80.54
N VAL BA 331 35.08 -6.71 79.42
CA VAL BA 331 36.26 -5.86 79.36
C VAL BA 331 36.22 -5.00 78.10
N MET BA 332 37.04 -3.95 78.09
CA MET BA 332 37.21 -3.06 76.95
C MET BA 332 38.47 -3.53 76.24
N LEU BA 333 38.29 -4.35 75.21
CA LEU BA 333 39.43 -4.97 74.53
C LEU BA 333 40.17 -3.95 73.67
N THR BA 334 41.49 -3.90 73.84
CA THR BA 334 42.32 -3.03 73.02
C THR BA 334 42.63 -3.71 71.69
N GLU BA 335 43.12 -2.90 70.74
CA GLU BA 335 43.39 -3.41 69.39
C GLU BA 335 44.40 -4.53 69.41
N ARG BA 336 45.46 -4.40 70.23
CA ARG BA 336 46.49 -5.43 70.29
C ARG BA 336 45.94 -6.73 70.85
N ARG BA 337 45.16 -6.66 71.93
CA ARG BA 337 44.57 -7.87 72.50
C ARG BA 337 43.60 -8.53 71.53
N GLU BA 338 42.78 -7.73 70.86
CA GLU BA 338 41.87 -8.28 69.85
C GLU BA 338 42.65 -8.97 68.74
N PHE BA 339 43.77 -8.37 68.32
CA PHE BA 339 44.61 -8.98 67.29
C PHE BA 339 45.18 -10.32 67.77
N GLU BA 340 45.63 -10.38 69.03
CA GLU BA 340 46.13 -11.62 69.57
C GLU BA 340 45.05 -12.70 69.58
N LEU BA 341 43.85 -12.35 70.05
CA LEU BA 341 42.74 -13.30 70.04
C LEU BA 341 42.43 -13.78 68.61
N SER BA 342 42.52 -12.87 67.63
CA SER BA 342 42.31 -13.26 66.25
C SER BA 342 43.38 -14.23 65.76
N GLU BA 343 44.64 -14.01 66.16
CA GLU BA 343 45.69 -14.96 65.85
C GLU BA 343 45.43 -16.31 66.48
N GLU BA 344 44.76 -16.33 67.63
CA GLU BA 344 44.39 -17.56 68.32
C GLU BA 344 43.07 -18.15 67.85
N GLY BA 345 42.53 -17.66 66.74
CA GLY BA 345 41.32 -18.21 66.18
C GLY BA 345 40.07 -17.95 66.98
N PHE BA 346 40.00 -16.83 67.69
CA PHE BA 346 38.84 -16.46 68.48
C PHE BA 346 38.14 -15.27 67.84
N ILE BA 347 36.82 -15.22 68.01
CA ILE BA 347 35.99 -14.14 67.46
C ILE BA 347 35.66 -13.22 68.62
N GLY BA 348 36.48 -12.18 68.78
CA GLY BA 348 36.29 -11.25 69.88
C GLY BA 348 35.39 -10.07 69.54
N LEU BA 349 34.28 -9.95 70.25
CA LEU BA 349 33.39 -8.80 70.10
C LEU BA 349 33.97 -7.65 70.93
N VAL BA 350 34.53 -6.65 70.26
CA VAL BA 350 35.18 -5.54 70.95
C VAL BA 350 34.17 -4.45 71.25
N PHE BA 351 34.36 -3.77 72.38
CA PHE BA 351 33.47 -2.72 72.83
C PHE BA 351 33.99 -1.37 72.36
N ARG BA 352 33.13 -0.57 71.73
CA ARG BA 352 33.51 0.76 71.27
C ARG BA 352 33.64 1.65 72.49
N LYS BA 353 34.87 2.11 72.75
CA LYS BA 353 35.20 2.88 73.96
C LYS BA 353 34.08 3.87 74.26
N ASP BA 354 33.37 3.62 75.34
CA ASP BA 354 32.16 4.34 75.67
C ASP BA 354 31.23 4.54 74.48
N SER BA 355 30.46 3.52 74.11
CA SER BA 355 29.30 3.66 73.26
C SER BA 355 28.28 2.74 73.89
N ASP BA 356 27.21 2.44 73.17
CA ASP BA 356 26.49 1.18 73.33
C ASP BA 356 26.75 0.30 72.10
N ASN BA 357 27.93 0.43 71.51
CA ASN BA 357 28.25 -0.20 70.24
C ASN BA 357 29.49 -1.09 70.38
N ALA BA 358 29.39 -2.30 69.83
CA ALA BA 358 30.52 -3.21 69.73
C ALA BA 358 30.72 -3.58 68.27
N ALA BA 359 31.81 -4.30 68.00
CA ALA BA 359 32.16 -4.64 66.63
C ALA BA 359 32.94 -5.94 66.60
N PHE BA 360 32.73 -6.70 65.52
CA PHE BA 360 33.50 -7.90 65.24
C PHE BA 360 34.45 -7.52 64.11
N PHE BA 361 35.73 -7.35 64.45
CA PHE BA 361 36.70 -6.91 63.45
C PHE BA 361 37.03 -8.01 62.46
N SER BA 362 36.83 -9.27 62.85
CA SER BA 362 37.16 -10.38 61.97
C SER BA 362 36.46 -11.63 62.48
N ALA BA 363 36.21 -12.56 61.55
CA ALA BA 363 35.58 -13.82 61.90
C ALA BA 363 36.42 -14.99 61.42
N ASN BA 364 37.63 -15.13 61.97
CA ASN BA 364 38.47 -16.25 61.64
C ASN BA 364 37.91 -17.51 62.29
N SER BA 365 38.06 -18.64 61.60
CA SER BA 365 37.64 -19.92 62.15
C SER BA 365 38.69 -20.44 63.12
N THR BA 366 38.43 -21.61 63.71
CA THR BA 366 39.40 -22.20 64.62
C THR BA 366 40.65 -22.68 63.89
N GLN BA 367 40.52 -22.97 62.59
CA GLN BA 367 41.63 -23.55 61.84
C GLN BA 367 42.82 -22.61 61.80
N LYS BA 368 44.01 -23.17 62.02
CA LYS BA 368 45.25 -22.40 61.98
C LYS BA 368 45.81 -22.42 60.56
N PRO BA 369 46.27 -21.29 60.03
CA PRO BA 369 46.79 -21.28 58.66
C PRO BA 369 48.12 -22.01 58.57
N ARG BA 370 48.37 -22.58 57.40
CA ARG BA 370 49.60 -23.31 57.15
C ARG BA 370 50.61 -22.42 56.45
N PHE BA 371 51.89 -22.65 56.72
CA PHE BA 371 52.98 -21.89 56.13
C PHE BA 371 53.62 -22.70 55.01
N PHE BA 372 53.93 -22.03 53.91
CA PHE BA 372 54.55 -22.66 52.74
C PHE BA 372 55.85 -21.93 52.40
N GLY BA 373 56.63 -22.57 51.54
CA GLY BA 373 57.88 -21.96 51.12
C GLY BA 373 57.66 -20.63 50.42
N ASN BA 374 58.57 -19.69 50.66
CA ASN BA 374 58.45 -18.33 50.14
C ASN BA 374 58.90 -18.28 48.67
N THR BA 375 58.07 -18.86 47.82
CA THR BA 375 58.20 -18.79 46.37
C THR BA 375 56.87 -18.34 45.82
N PRO BA 376 56.80 -18.05 44.52
CA PRO BA 376 55.50 -17.65 43.95
C PRO BA 376 54.39 -18.65 44.20
N GLU BA 377 54.65 -19.92 43.87
CA GLU BA 377 53.65 -20.97 44.09
C GLU BA 377 53.35 -21.15 45.57
N GLY BA 378 54.38 -21.10 46.42
CA GLY BA 378 54.14 -21.28 47.85
C GLY BA 378 53.28 -20.19 48.45
N LYS BA 379 53.57 -18.93 48.10
CA LYS BA 379 52.74 -17.82 48.55
C LYS BA 379 51.32 -17.91 48.00
N ALA BA 380 51.17 -18.36 46.75
CA ALA BA 380 49.82 -18.62 46.24
C ALA BA 380 49.08 -19.65 47.10
N ALA BA 381 49.77 -20.72 47.47
CA ALA BA 381 49.17 -21.74 48.34
C ALA BA 381 48.76 -21.14 49.68
N GLU BA 382 49.62 -20.31 50.26
CA GLU BA 382 49.27 -19.64 51.52
C GLU BA 382 48.00 -18.82 51.36
N THR BA 383 47.91 -18.03 50.29
CA THR BA 383 46.72 -17.20 50.08
C THR BA 383 45.45 -18.05 50.03
N ASN BA 384 45.45 -19.09 49.20
CA ASN BA 384 44.28 -19.96 49.12
C ASN BA 384 43.90 -20.53 50.48
N TYR BA 385 44.89 -21.08 51.20
CA TYR BA 385 44.62 -21.69 52.50
C TYR BA 385 43.97 -20.70 53.47
N ARG BA 386 44.54 -19.49 53.59
CA ARG BA 386 43.96 -18.50 54.51
C ARG BA 386 42.53 -18.15 54.11
N LEU BA 387 42.30 -17.91 52.82
CA LEU BA 387 40.94 -17.77 52.31
C LEU BA 387 40.05 -18.88 52.87
N GLY BA 388 40.51 -20.13 52.83
CA GLY BA 388 39.77 -21.20 53.45
C GLY BA 388 39.57 -21.02 54.94
N THR BA 389 40.56 -20.45 55.64
CA THR BA 389 40.51 -20.28 57.08
C THR BA 389 39.53 -19.19 57.51
N GLN BA 390 39.06 -18.36 56.59
CA GLN BA 390 38.18 -17.23 56.92
C GLN BA 390 36.71 -17.60 56.70
N LEU BA 391 35.89 -17.38 57.73
CA LEU BA 391 34.46 -17.62 57.60
C LEU BA 391 33.78 -16.70 56.61
N PRO BA 392 34.20 -15.42 56.46
CA PRO BA 392 33.53 -14.51 55.51
C PRO BA 392 33.52 -15.00 54.07
N TYR BA 393 34.48 -15.87 53.72
CA TYR BA 393 34.48 -16.53 52.42
C TYR BA 393 33.91 -17.94 52.48
N MET BA 394 34.15 -18.64 53.59
CA MET BA 394 33.51 -19.94 53.80
C MET BA 394 32.01 -19.87 53.58
N PHE BA 395 31.36 -18.76 53.97
CA PHE BA 395 29.93 -18.62 53.78
C PHE BA 395 29.54 -18.61 52.30
N ILE BA 396 30.31 -17.90 51.48
CA ILE BA 396 30.06 -17.92 50.04
C ILE BA 396 30.18 -19.34 49.51
N MET BA 397 31.24 -20.06 49.92
CA MET BA 397 31.39 -21.45 49.51
C MET BA 397 30.17 -22.30 49.90
N THR BA 398 29.65 -22.10 51.11
CA THR BA 398 28.55 -22.92 51.60
C THR BA 398 27.26 -22.64 50.81
N ARG BA 399 26.95 -21.36 50.59
CA ARG BA 399 25.80 -21.03 49.77
C ARG BA 399 25.92 -21.65 48.39
N LEU BA 400 27.11 -21.59 47.79
CA LEU BA 400 27.31 -22.20 46.48
C LEU BA 400 27.03 -23.69 46.52
N ALA BA 401 27.49 -24.38 47.56
CA ALA BA 401 27.25 -25.83 47.67
C ALA BA 401 25.75 -26.14 47.76
N HIS BA 402 25.01 -25.38 48.58
CA HIS BA 402 23.57 -25.58 48.66
C HIS BA 402 22.90 -25.42 47.31
N TYR BA 403 23.18 -24.31 46.62
CA TYR BA 403 22.59 -24.08 45.30
C TYR BA 403 22.94 -25.19 44.33
N ILE BA 404 24.18 -25.68 44.38
CA ILE BA 404 24.59 -26.74 43.45
C ILE BA 404 23.81 -28.02 43.69
N LYS BA 405 23.74 -28.46 44.95
CA LYS BA 405 22.97 -29.65 45.27
C LYS BA 405 21.54 -29.52 44.76
N VAL BA 406 20.83 -28.47 45.23
CA VAL BA 406 19.42 -28.30 44.87
C VAL BA 406 19.25 -28.30 43.35
N LEU BA 407 19.92 -27.36 42.66
CA LEU BA 407 19.68 -27.14 41.24
C LEU BA 407 20.10 -28.33 40.38
N GLN BA 408 21.15 -29.06 40.77
CA GLN BA 408 21.58 -30.21 39.98
C GLN BA 408 20.62 -31.38 40.11
N ARG BA 409 20.08 -31.59 41.32
CA ARG BA 409 19.04 -32.60 41.49
C ARG BA 409 17.95 -32.48 40.43
N GLU BA 410 17.55 -31.25 40.10
CA GLU BA 410 16.49 -31.05 39.11
C GLU BA 410 16.95 -31.37 37.69
N GLN BA 411 18.25 -31.35 37.45
CA GLN BA 411 18.80 -31.64 36.12
C GLN BA 411 19.08 -33.12 35.92
N ILE BA 412 19.13 -33.91 36.99
CA ILE BA 412 19.31 -35.36 36.84
C ILE BA 412 18.27 -35.92 35.88
N GLY BA 413 18.72 -36.69 34.89
CA GLY BA 413 17.87 -37.30 33.89
C GLY BA 413 17.89 -36.62 32.54
N SER BA 414 18.39 -35.39 32.45
CA SER BA 414 18.43 -34.67 31.20
C SER BA 414 19.59 -35.15 30.33
N TRP BA 415 19.49 -34.88 29.03
CA TRP BA 415 20.50 -35.31 28.05
C TRP BA 415 21.68 -34.35 28.13
N LYS BA 416 22.64 -34.68 28.98
CA LYS BA 416 23.78 -33.82 29.27
C LYS BA 416 25.07 -34.53 28.87
N GLU BA 417 25.79 -33.93 27.93
CA GLU BA 417 27.17 -34.31 27.66
C GLU BA 417 28.11 -33.40 28.47
N LYS BA 418 29.38 -33.80 28.54
CA LYS BA 418 30.35 -33.09 29.37
C LYS BA 418 30.39 -31.60 29.03
N SER BA 419 30.61 -31.27 27.75
CA SER BA 419 30.60 -29.89 27.30
C SER BA 419 29.29 -29.18 27.62
N ASP BA 420 28.16 -29.90 27.58
CA ASP BA 420 26.90 -29.31 28.03
C ASP BA 420 26.98 -28.89 29.48
N LEU BA 421 27.51 -29.77 30.34
CA LEU BA 421 27.76 -29.39 31.74
C LEU BA 421 28.62 -28.15 31.82
N GLU BA 422 29.70 -28.09 31.03
CA GLU BA 422 30.60 -26.93 31.07
C GLU BA 422 29.85 -25.65 30.74
N ARG BA 423 29.11 -25.63 29.62
CA ARG BA 423 28.43 -24.41 29.19
C ARG BA 423 27.39 -23.97 30.21
N GLU BA 424 26.51 -24.89 30.63
CA GLU BA 424 25.45 -24.53 31.57
C GLU BA 424 26.02 -24.02 32.87
N LEU BA 425 27.00 -24.73 33.44
CA LEU BA 425 27.57 -24.34 34.72
C LEU BA 425 28.26 -22.98 34.64
N ASN BA 426 28.96 -22.71 33.53
CA ASN BA 426 29.53 -21.37 33.36
C ASN BA 426 28.45 -20.30 33.36
N HIS BA 427 27.43 -20.47 32.51
CA HIS BA 427 26.34 -19.50 32.46
C HIS BA 427 25.69 -19.29 33.82
N TRP BA 428 25.62 -20.35 34.64
CA TRP BA 428 24.98 -20.21 35.96
C TRP BA 428 25.89 -19.46 36.92
N LEU BA 429 27.17 -19.85 37.00
CA LEU BA 429 28.10 -19.20 37.91
C LEU BA 429 28.23 -17.72 37.62
N SER BA 430 28.12 -17.32 36.34
CA SER BA 430 28.22 -15.91 36.00
C SER BA 430 27.21 -15.04 36.75
N GLN BA 431 26.13 -15.65 37.25
CA GLN BA 431 25.06 -14.88 37.88
C GLN BA 431 25.53 -14.18 39.15
N TYR BA 432 26.55 -14.70 39.82
CA TYR BA 432 27.06 -14.12 41.06
C TYR BA 432 28.44 -13.50 40.88
N ILE BA 433 28.80 -13.10 39.66
CA ILE BA 433 30.12 -12.58 39.35
C ILE BA 433 30.00 -11.09 39.04
N SER BA 434 30.87 -10.29 39.64
CA SER BA 434 30.97 -8.86 39.38
C SER BA 434 32.41 -8.58 38.96
N ASP BA 435 32.68 -8.69 37.65
CA ASP BA 435 34.04 -8.48 37.15
C ASP BA 435 34.25 -7.19 36.37
N MET BA 436 33.95 -6.02 36.94
CA MET BA 436 33.96 -4.77 36.18
C MET BA 436 35.20 -3.92 36.46
N ASP BA 437 35.00 -2.60 36.43
CA ASP BA 437 36.14 -1.70 36.48
C ASP BA 437 36.36 -1.18 37.86
N ASP BA 438 35.50 -0.36 38.32
CA ASP BA 438 35.63 -0.16 39.79
C ASP BA 438 34.36 -0.42 40.57
N PRO BA 439 34.39 -1.33 41.51
CA PRO BA 439 33.15 -1.84 42.07
C PRO BA 439 32.42 -0.89 43.00
N ALA BA 440 31.11 -0.75 42.71
CA ALA BA 440 30.09 -0.27 43.62
C ALA BA 440 30.36 -0.78 45.02
N PRO BA 441 31.04 0.01 45.85
CA PRO BA 441 31.57 -0.52 47.11
C PRO BA 441 30.43 -1.05 47.96
N ALA BA 442 30.61 -2.27 48.44
CA ALA BA 442 29.54 -2.95 49.17
C ALA BA 442 28.35 -3.25 48.26
N VAL BA 443 28.58 -3.22 46.95
CA VAL BA 443 27.62 -3.72 45.97
C VAL BA 443 28.07 -5.05 45.36
N ARG BA 444 29.38 -5.29 45.34
CA ARG BA 444 29.89 -6.64 45.11
C ARG BA 444 29.52 -7.49 46.32
N SER BA 445 28.82 -6.88 47.29
CA SER BA 445 28.18 -7.64 48.34
C SER BA 445 27.18 -8.64 47.76
N ARG BA 446 26.28 -8.16 46.88
CA ARG BA 446 25.29 -9.04 46.28
C ARG BA 446 25.93 -10.00 45.27
N ARG BA 447 27.08 -9.64 44.69
CA ARG BA 447 27.82 -10.47 43.76
C ARG BA 447 29.21 -10.68 44.35
N PRO BA 448 29.35 -11.61 45.29
CA PRO BA 448 30.62 -11.70 46.05
C PRO BA 448 31.79 -12.19 45.24
N LEU BA 449 31.56 -12.82 44.09
CA LEU BA 449 32.63 -13.38 43.29
C LEU BA 449 33.14 -12.37 42.27
N ARG BA 450 34.46 -12.39 42.05
CA ARG BA 450 35.10 -11.63 41.00
C ARG BA 450 35.47 -12.49 39.80
N ALA BA 451 35.96 -13.71 40.02
CA ALA BA 451 36.30 -14.61 38.94
C ALA BA 451 35.87 -16.03 39.31
N ALA BA 452 35.78 -16.88 38.29
CA ALA BA 452 35.37 -18.26 38.53
C ALA BA 452 35.74 -19.11 37.32
N ARG BA 453 36.18 -20.34 37.59
CA ARG BA 453 36.58 -21.28 36.56
C ARG BA 453 35.98 -22.64 36.87
N VAL BA 454 35.46 -23.30 35.83
CA VAL BA 454 34.79 -24.58 35.94
C VAL BA 454 35.35 -25.52 34.88
N VAL BA 455 35.73 -26.72 35.28
CA VAL BA 455 36.22 -27.76 34.38
C VAL BA 455 35.42 -29.03 34.63
N VAL BA 456 35.07 -29.73 33.57
CA VAL BA 456 34.23 -30.92 33.65
C VAL BA 456 34.91 -32.06 32.89
N GLU BA 457 35.12 -33.17 33.56
CA GLU BA 457 35.65 -34.38 32.95
C GLU BA 457 34.64 -35.50 33.12
N ASP BA 458 34.90 -36.61 32.44
CA ASP BA 458 34.10 -37.81 32.60
C ASP BA 458 34.84 -38.79 33.51
N VAL BA 459 34.12 -39.40 34.45
CA VAL BA 459 34.65 -40.49 35.26
C VAL BA 459 34.66 -41.73 34.35
N GLU BA 460 35.80 -42.32 34.05
CA GLU BA 460 35.72 -43.41 33.10
C GLU BA 460 35.33 -44.71 33.79
N GLY BA 461 34.55 -45.54 33.09
CA GLY BA 461 34.30 -46.92 33.53
C GLY BA 461 32.83 -47.35 33.64
N GLN BA 462 31.92 -46.45 33.30
CA GLN BA 462 30.51 -46.74 32.99
C GLN BA 462 29.93 -45.34 32.83
N PRO BA 463 28.88 -45.12 32.05
CA PRO BA 463 28.66 -43.79 31.36
C PRO BA 463 27.40 -42.93 31.53
N GLY BA 464 27.60 -41.69 32.04
CA GLY BA 464 26.52 -40.74 32.30
C GLY BA 464 26.75 -39.70 33.42
N TRP BA 465 27.86 -39.75 34.19
CA TRP BA 465 28.13 -38.83 35.29
C TRP BA 465 29.58 -38.35 35.19
N TYR BA 466 29.93 -37.26 35.89
CA TYR BA 466 31.16 -36.54 35.56
C TYR BA 466 31.84 -36.03 36.82
N ARG BA 467 33.06 -35.50 36.64
CA ARG BA 467 33.83 -34.93 37.75
C ARG BA 467 33.99 -33.45 37.44
N CYS BA 468 33.45 -32.61 38.33
CA CYS BA 468 33.42 -31.17 38.12
C CYS BA 468 34.33 -30.49 39.13
N SER BA 469 35.07 -29.49 38.65
CA SER BA 469 35.98 -28.69 39.47
C SER BA 469 35.55 -27.24 39.32
N LEU BA 470 35.26 -26.59 40.45
CA LEU BA 470 34.82 -25.20 40.48
C LEU BA 470 35.74 -24.43 41.43
N GLN BA 471 36.44 -23.44 40.88
CA GLN BA 471 37.35 -22.60 41.66
C GLN BA 471 36.91 -21.16 41.51
N VAL BA 472 36.90 -20.42 42.61
CA VAL BA 472 36.35 -19.07 42.63
C VAL BA 472 37.34 -18.10 43.27
N ARG BA 473 37.37 -16.89 42.72
CA ARG BA 473 38.14 -15.77 43.27
C ARG BA 473 37.15 -14.72 43.74
N PRO BA 474 36.90 -14.60 45.02
CA PRO BA 474 35.96 -13.58 45.51
C PRO BA 474 36.66 -12.29 45.85
N HIS BA 475 35.86 -11.25 46.05
CA HIS BA 475 36.40 -9.93 46.39
C HIS BA 475 37.03 -9.96 47.77
N PHE BA 476 38.10 -9.19 47.94
CA PHE BA 476 38.84 -9.17 49.19
C PHE BA 476 38.25 -8.15 50.17
N LEU CA 30 51.62 7.36 16.47
CA LEU CA 30 52.94 7.28 17.10
C LEU CA 30 53.35 8.61 17.68
N PRO CA 31 53.67 8.61 18.98
CA PRO CA 31 54.10 9.86 19.63
C PRO CA 31 55.48 10.28 19.11
N LEU CA 32 55.83 11.53 19.42
CA LEU CA 32 57.14 12.08 19.08
C LEU CA 32 57.97 12.07 20.36
N LYS CA 33 58.85 11.09 20.48
CA LYS CA 33 59.66 10.89 21.67
C LYS CA 33 61.09 11.32 21.39
N VAL CA 34 61.64 12.18 22.25
CA VAL CA 34 63.00 12.68 22.13
C VAL CA 34 63.81 12.17 23.30
N LEU CA 35 65.10 11.93 23.05
CA LEU CA 35 66.03 11.43 24.05
C LEU CA 35 67.09 12.50 24.27
N MET CA 36 67.07 13.13 25.45
CA MET CA 36 68.06 14.13 25.82
C MET CA 36 69.17 13.41 26.59
N LEU CA 37 70.36 13.34 25.98
CA LEU CA 37 71.50 12.68 26.59
C LEU CA 37 72.52 13.75 26.96
N GLY CA 38 72.99 13.72 28.21
CA GLY CA 38 73.94 14.74 28.64
C GLY CA 38 74.36 14.54 30.08
N ASP CA 39 75.31 15.38 30.48
CA ASP CA 39 75.92 15.31 31.82
C ASP CA 39 75.10 16.19 32.77
N PHE CA 40 74.02 15.59 33.29
CA PHE CA 40 73.13 16.30 34.19
C PHE CA 40 73.58 16.27 35.64
N THR CA 41 74.66 15.55 35.96
CA THR CA 41 75.18 15.46 37.31
C THR CA 41 76.61 15.99 37.35
N GLY CA 42 77.11 16.22 38.56
CA GLY CA 42 78.46 16.69 38.74
C GLY CA 42 79.54 15.64 38.65
N GLN CA 43 79.17 14.39 38.39
CA GLN CA 43 80.14 13.32 38.30
C GLN CA 43 79.56 12.19 37.47
N GLU CA 44 80.45 11.37 36.91
CA GLU CA 44 80.00 10.20 36.18
C GLU CA 44 79.55 9.11 37.16
N ASP CA 45 78.62 8.29 36.69
CA ASP CA 45 78.25 7.08 37.42
C ASP CA 45 79.10 5.90 36.97
N ALA CA 46 79.47 5.05 37.92
CA ALA CA 46 80.12 3.79 37.56
C ALA CA 46 79.15 2.79 36.94
N ARG CA 47 77.84 3.05 37.02
CA ARG CA 47 76.83 2.17 36.43
C ARG CA 47 77.00 2.06 34.92
N PRO CA 48 77.05 0.84 34.36
CA PRO CA 48 77.14 0.68 32.91
C PRO CA 48 76.08 1.49 32.17
N LEU CA 49 76.43 1.94 30.97
CA LEU CA 49 75.64 2.97 30.30
C LEU CA 49 74.21 2.53 30.11
N GLU CA 50 74.01 1.31 29.62
CA GLU CA 50 72.66 0.83 29.46
C GLU CA 50 72.02 0.36 30.76
N GLN CA 51 72.79 -0.17 31.70
CA GLN CA 51 72.31 -0.43 33.07
C GLN CA 51 71.54 0.73 33.68
N ARG CA 52 72.11 1.93 33.64
CA ARG CA 52 71.36 3.11 34.05
C ARG CA 52 70.15 3.30 33.15
N ALA CA 53 69.05 3.78 33.73
CA ALA CA 53 67.80 3.85 33.00
C ALA CA 53 67.48 5.30 32.63
N PRO CA 54 66.66 5.51 31.61
CA PRO CA 54 66.23 6.86 31.29
C PRO CA 54 65.04 7.26 32.14
N ILE CA 55 64.79 8.57 32.22
CA ILE CA 55 63.74 9.11 33.06
C ILE CA 55 62.76 9.90 32.19
N ASN CA 56 61.47 9.60 32.31
CA ASN CA 56 60.45 10.31 31.57
C ASN CA 56 60.15 11.64 32.25
N VAL CA 57 60.20 12.73 31.48
CA VAL CA 57 60.09 14.09 32.01
C VAL CA 57 58.91 14.79 31.37
N ASP CA 58 58.17 15.56 32.17
CA ASP CA 58 57.03 16.32 31.70
C ASP CA 58 56.81 17.50 32.64
N LYS CA 59 55.92 18.41 32.22
CA LYS CA 59 55.73 19.66 32.96
C LYS CA 59 55.19 19.42 34.36
N ALA CA 60 54.49 18.31 34.59
CA ALA CA 60 53.87 18.02 35.88
C ALA CA 60 54.78 17.28 36.84
N ASN CA 61 56.08 17.16 36.54
CA ASN CA 61 56.95 16.42 37.44
C ASN CA 61 58.44 16.73 37.24
N PHE CA 62 58.74 17.83 36.54
CA PHE CA 62 60.14 18.16 36.28
C PHE CA 62 60.91 18.38 37.58
N ASN CA 63 60.37 19.20 38.48
CA ASN CA 63 61.02 19.43 39.76
C ASN CA 63 61.20 18.14 40.55
N GLU CA 64 60.17 17.28 40.54
CA GLU CA 64 60.29 15.99 41.20
C GLU CA 64 61.42 15.17 40.59
N VAL CA 65 61.61 15.26 39.27
CA VAL CA 65 62.71 14.56 38.62
C VAL CA 65 64.05 15.11 39.10
N MET CA 66 64.15 16.42 39.27
CA MET CA 66 65.38 16.99 39.82
C MET CA 66 65.64 16.47 41.23
N ALA CA 67 64.63 16.54 42.10
CA ALA CA 67 64.80 16.10 43.49
C ALA CA 67 65.21 14.63 43.57
N GLN CA 68 64.59 13.77 42.75
CA GLN CA 68 64.93 12.36 42.76
C GLN CA 68 66.31 12.10 42.16
N GLN CA 69 66.71 12.92 41.17
CA GLN CA 69 68.05 12.77 40.59
C GLN CA 69 69.13 13.17 41.58
N ASN CA 70 68.87 14.16 42.43
CA ASN CA 70 69.78 14.53 43.51
C ASN CA 70 71.04 15.21 42.97
N LEU CA 71 71.10 16.53 43.03
CA LEU CA 71 72.20 17.29 42.46
C LEU CA 71 73.19 17.70 43.55
N LYS CA 72 74.48 17.60 43.23
CA LYS CA 72 75.52 17.96 44.21
C LYS CA 72 76.75 18.47 43.47
N VAL CA 73 77.34 19.54 43.99
CA VAL CA 73 78.53 20.16 43.40
C VAL CA 73 79.53 20.41 44.52
N THR CA 74 80.67 19.72 44.45
CA THR CA 74 81.79 19.94 45.36
C THR CA 74 82.85 20.68 44.56
N LEU CA 75 83.08 21.96 44.88
CA LEU CA 75 83.95 22.77 44.05
C LEU CA 75 84.62 23.85 44.89
N THR CA 76 85.76 24.32 44.41
CA THR CA 76 86.55 25.35 45.09
C THR CA 76 86.63 26.59 44.20
N ALA CA 77 86.33 27.74 44.79
CA ALA CA 77 86.46 29.03 44.14
C ALA CA 77 87.37 29.92 44.96
N ALA CA 78 87.82 31.01 44.33
CA ALA CA 78 88.71 31.95 45.01
C ALA CA 78 87.96 32.61 46.16
N ASP CA 79 88.63 32.68 47.32
CA ASP CA 79 88.04 33.27 48.52
C ASP CA 79 88.26 34.77 48.48
N LYS CA 80 87.23 35.52 48.08
CA LYS CA 80 87.29 36.97 47.97
C LYS CA 80 86.74 37.67 49.21
N LEU CA 81 86.54 36.94 50.29
CA LEU CA 81 86.14 37.53 51.57
C LEU CA 81 87.32 38.09 52.34
N SER CA 82 88.55 37.93 51.85
CA SER CA 82 89.73 38.49 52.46
C SER CA 82 90.64 39.04 51.37
N ALA CA 83 91.90 39.32 51.72
CA ALA CA 83 92.86 39.86 50.76
C ALA CA 83 94.07 38.95 50.63
N ASP CA 84 93.84 37.66 50.48
CA ASP CA 84 94.91 36.67 50.38
C ASP CA 84 94.73 35.86 49.11
N PRO CA 85 95.69 35.89 48.19
CA PRO CA 85 95.54 35.10 46.95
C PRO CA 85 95.61 33.60 47.18
N ASN CA 86 96.20 33.17 48.30
CA ASN CA 86 96.25 31.76 48.64
C ASN CA 86 94.99 31.28 49.35
N ALA CA 87 94.05 32.18 49.65
CA ALA CA 87 92.81 31.81 50.32
C ALA CA 87 91.82 31.25 49.30
N THR CA 88 91.35 30.04 49.55
CA THR CA 88 90.38 29.39 48.67
C THR CA 88 89.21 28.90 49.51
N MET CA 89 88.04 28.81 48.88
CA MET CA 89 86.81 28.43 49.56
C MET CA 89 86.21 27.22 48.84
N ASN CA 90 86.04 26.12 49.57
CA ASN CA 90 85.43 24.91 49.05
C ASN CA 90 83.99 24.82 49.51
N VAL CA 91 83.08 24.57 48.57
CA VAL CA 91 81.65 24.54 48.82
C VAL CA 91 81.09 23.21 48.33
N SER CA 92 80.01 22.78 48.99
CA SER CA 92 79.28 21.55 48.65
C SER CA 92 77.81 21.93 48.52
N LEU CA 93 77.41 22.33 47.32
CA LEU CA 93 76.04 22.74 47.06
C LEU CA 93 75.18 21.53 46.70
N GLN CA 94 73.90 21.59 47.07
CA GLN CA 94 72.94 20.53 46.82
C GLN CA 94 71.71 21.12 46.15
N PHE CA 95 71.18 20.41 45.15
CA PHE CA 95 70.08 20.89 44.34
C PHE CA 95 68.97 19.84 44.27
N LYS CA 96 67.74 20.30 44.55
CA LYS CA 96 66.52 19.54 44.35
C LYS CA 96 65.57 20.17 43.36
N ASN CA 97 65.66 21.48 43.13
CA ASN CA 97 64.84 22.19 42.14
C ASN CA 97 65.64 23.36 41.59
N LEU CA 98 65.15 23.92 40.48
CA LEU CA 98 65.86 25.00 39.81
C LEU CA 98 66.03 26.22 40.70
N ASN CA 99 65.09 26.45 41.62
CA ASN CA 99 65.20 27.60 42.53
C ASN CA 99 66.40 27.46 43.46
N ASP CA 100 66.92 26.25 43.63
CA ASP CA 100 68.15 26.04 44.39
C ASP CA 100 69.38 26.61 43.70
N PHE CA 101 69.24 27.09 42.47
CA PHE CA 101 70.34 27.76 41.77
C PHE CA 101 70.37 29.26 42.03
N SER CA 102 69.41 29.78 42.78
CA SER CA 102 69.36 31.20 43.06
C SER CA 102 70.41 31.59 44.10
N PRO CA 103 70.89 32.83 44.06
CA PRO CA 103 71.88 33.27 45.05
C PRO CA 103 71.43 33.14 46.49
N GLU CA 104 70.11 33.24 46.75
CA GLU CA 104 69.62 33.03 48.11
C GLU CA 104 69.94 31.62 48.61
N SER CA 105 69.62 30.60 47.80
CA SER CA 105 69.99 29.24 48.14
C SER CA 105 71.49 29.05 48.22
N VAL CA 106 72.23 29.62 47.26
CA VAL CA 106 73.69 29.52 47.30
C VAL CA 106 74.24 30.03 48.63
N VAL CA 107 73.75 31.19 49.07
CA VAL CA 107 74.18 31.74 50.35
C VAL CA 107 73.72 30.84 51.50
N ASN CA 108 72.49 30.33 51.42
CA ASN CA 108 71.99 29.44 52.47
C ASN CA 108 72.88 28.21 52.64
N GLN CA 109 73.51 27.75 51.56
CA GLN CA 109 74.30 26.53 51.58
C GLN CA 109 75.79 26.76 51.80
N VAL CA 110 76.22 28.01 51.97
CA VAL CA 110 77.63 28.35 52.16
C VAL CA 110 77.75 29.17 53.44
N PRO CA 111 78.13 28.55 54.56
CA PRO CA 111 78.13 29.28 55.84
C PRO CA 111 78.97 30.55 55.85
N GLU CA 112 80.07 30.56 55.10
CA GLU CA 112 80.92 31.75 55.01
C GLU CA 112 80.17 32.95 54.44
N LEU CA 113 79.08 32.72 53.73
CA LEU CA 113 78.19 33.78 53.25
C LEU CA 113 76.91 33.89 54.06
N LYS CA 114 76.37 32.78 54.53
CA LYS CA 114 75.14 32.80 55.32
C LYS CA 114 75.33 33.56 56.62
N LYS CA 115 76.49 33.39 57.27
CA LYS CA 115 76.80 34.18 58.45
C LYS CA 115 76.84 35.67 58.12
N LEU CA 116 77.34 36.02 56.93
CA LEU CA 116 77.38 37.42 56.52
C LEU CA 116 75.99 37.96 56.22
N LEU CA 117 75.08 37.10 55.76
CA LEU CA 117 73.69 37.54 55.54
C LEU CA 117 72.98 37.74 56.86
N GLU CA 118 73.21 36.84 57.83
CA GLU CA 118 72.67 37.04 59.17
C GLU CA 118 73.21 38.32 59.79
N LEU CA 119 74.51 38.60 59.59
CA LEU CA 119 75.08 39.86 60.06
C LEU CA 119 74.41 41.05 59.38
N ARG CA 120 74.15 40.93 58.08
CA ARG CA 120 73.42 41.98 57.37
C ARG CA 120 72.08 42.25 58.01
N SER CA 121 71.29 41.18 58.24
CA SER CA 121 69.99 41.35 58.89
C SER CA 121 70.12 41.99 60.26
N ALA CA 122 71.14 41.60 61.03
CA ALA CA 122 71.34 42.20 62.35
C ALA CA 122 71.63 43.70 62.24
N LEU CA 123 72.48 44.09 61.29
CA LEU CA 123 72.84 45.50 61.13
C LEU CA 123 71.66 46.33 60.64
N ASN CA 124 70.87 45.78 59.71
CA ASN CA 124 69.70 46.50 59.23
C ASN CA 124 68.66 46.65 60.34
N ALA CA 125 68.47 45.60 61.13
CA ALA CA 125 67.54 45.67 62.26
C ALA CA 125 68.00 46.72 63.26
N LEU CA 126 69.29 46.74 63.58
CA LEU CA 126 69.82 47.73 64.53
C LEU CA 126 69.68 49.15 63.98
N LYS CA 127 70.04 49.35 62.71
CA LYS CA 127 69.99 50.69 62.12
C LYS CA 127 68.57 51.20 61.96
N GLY CA 128 67.60 50.29 61.78
CA GLY CA 128 66.21 50.66 61.69
C GLY CA 128 65.56 50.73 63.05
N PRO CA 129 66.36 50.48 64.12
CA PRO CA 129 65.83 50.61 65.48
C PRO CA 129 64.86 49.51 65.86
N LEU CA 130 64.90 48.38 65.14
CA LEU CA 130 63.97 47.29 65.37
C LEU CA 130 64.33 46.47 66.62
N GLY CA 131 65.55 46.57 67.09
CA GLY CA 131 65.96 45.86 68.30
C GLY CA 131 66.89 46.71 69.12
N ASN CA 132 66.95 46.40 70.42
CA ASN CA 132 67.80 47.14 71.33
C ASN CA 132 69.23 46.59 71.32
N LEU CA 133 70.13 47.35 71.93
CA LEU CA 133 71.54 46.96 71.94
C LEU CA 133 71.80 45.62 72.64
N PRO CA 134 71.13 45.28 73.74
CA PRO CA 134 71.39 43.96 74.34
C PRO CA 134 71.03 42.80 73.42
N ALA CA 135 69.84 42.84 72.81
CA ALA CA 135 69.48 41.83 71.82
C ALA CA 135 70.48 41.81 70.67
N PHE CA 136 70.88 42.99 70.19
CA PHE CA 136 71.87 43.06 69.11
C PHE CA 136 73.15 42.34 69.49
N ARG CA 137 73.64 42.56 70.71
CA ARG CA 137 74.88 41.93 71.15
C ARG CA 137 74.72 40.40 71.24
N LYS CA 138 73.62 39.94 71.84
CA LYS CA 138 73.39 38.50 71.93
C LYS CA 138 73.38 37.85 70.56
N LYS CA 139 72.58 38.38 69.63
CA LYS CA 139 72.50 37.81 68.29
C LYS CA 139 73.84 37.86 67.57
N LEU CA 140 74.60 38.94 67.77
CA LEU CA 140 75.93 39.03 67.16
C LEU CA 140 76.84 37.91 67.66
N GLN CA 141 76.87 37.69 68.98
CA GLN CA 141 77.62 36.56 69.51
C GLN CA 141 77.17 35.25 68.86
N ALA CA 142 75.85 35.06 68.74
CA ALA CA 142 75.31 33.86 68.11
C ALA CA 142 75.87 33.70 66.69
N LEU CA 143 75.85 34.77 65.89
CA LEU CA 143 76.30 34.69 64.51
C LEU CA 143 77.79 34.37 64.44
N LEU CA 144 78.61 35.06 65.24
CA LEU CA 144 80.05 34.86 65.18
C LEU CA 144 80.53 33.58 65.86
N ALA CA 145 79.65 32.86 66.55
CA ALA CA 145 80.08 31.66 67.27
C ALA CA 145 80.40 30.49 66.34
N ASP CA 146 79.92 30.53 65.09
CA ASP CA 146 80.09 29.43 64.15
C ASP CA 146 81.55 29.02 63.99
N GLU CA 147 81.87 27.77 64.34
CA GLU CA 147 83.25 27.32 64.35
C GLU CA 147 83.84 27.15 62.96
N ASP CA 148 83.02 27.08 61.91
CA ASP CA 148 83.52 26.94 60.55
C ASP CA 148 84.01 28.26 59.96
N GLY CA 149 83.75 29.38 60.62
CA GLY CA 149 84.19 30.66 60.11
C GLY CA 149 85.65 30.95 60.45
N ARG CA 150 86.27 31.75 59.61
CA ARG CA 150 87.64 32.18 59.85
C ARG CA 150 87.65 33.38 60.78
N LYS CA 151 88.72 33.48 61.57
CA LYS CA 151 88.89 34.63 62.46
C LYS CA 151 88.97 35.94 61.68
N ALA CA 152 89.62 35.92 60.50
CA ALA CA 152 89.68 37.11 59.67
C ALA CA 152 88.28 37.56 59.26
N LEU CA 153 87.44 36.62 58.80
CA LEU CA 153 86.06 36.94 58.48
C LEU CA 153 85.32 37.48 59.69
N ILE CA 154 85.52 36.87 60.86
CA ILE CA 154 84.88 37.36 62.08
C ILE CA 154 85.29 38.81 62.36
N LYS CA 155 86.57 39.12 62.18
CA LYS CA 155 87.04 40.49 62.41
C LYS CA 155 86.43 41.47 61.41
N GLU CA 156 86.35 41.07 60.13
CA GLU CA 156 85.73 41.91 59.13
C GLU CA 156 84.25 42.16 59.46
N LEU CA 157 83.56 41.16 60.02
CA LEU CA 157 82.16 41.32 60.38
C LEU CA 157 81.99 42.24 61.59
N GLY CA 158 82.84 42.07 62.60
CA GLY CA 158 82.78 42.95 63.76
C GLY CA 158 83.18 44.39 63.46
N LEU CA 159 84.00 44.59 62.42
CA LEU CA 159 84.37 45.94 62.01
C LEU CA 159 83.20 46.72 61.42
N THR CA 160 82.10 46.05 61.08
CA THR CA 160 80.93 46.71 60.54
C THR CA 160 79.97 47.19 61.61
N GLU CA 161 80.19 46.83 62.87
CA GLU CA 161 79.29 47.22 63.95
C GLU CA 161 79.56 48.67 64.35
N GLU CA 162 78.50 49.48 64.40
CA GLU CA 162 78.65 50.86 64.82
C GLU CA 162 79.16 50.91 66.26
N THR CA 163 79.95 51.94 66.58
CA THR CA 163 80.61 52.00 67.87
C THR CA 163 79.60 52.07 69.02
N LYS CA 164 78.48 52.75 68.80
CA LYS CA 164 77.48 52.93 69.85
C LYS CA 164 76.74 51.63 70.15
N ASP DA 63 73.62 58.98 62.37
CA ASP DA 63 74.31 57.77 62.77
C ASP DA 63 73.93 56.61 61.85
N LYS DA 64 72.64 56.52 61.52
CA LYS DA 64 72.14 55.43 60.69
C LYS DA 64 72.78 55.43 59.31
N ALA DA 65 73.20 56.60 58.81
CA ALA DA 65 73.86 56.67 57.51
C ALA DA 65 75.14 55.85 57.52
N LEU DA 66 75.90 55.89 58.62
CA LEU DA 66 77.12 55.09 58.72
C LEU DA 66 76.80 53.60 58.74
N VAL DA 67 75.73 53.20 59.44
CA VAL DA 67 75.33 51.80 59.45
C VAL DA 67 74.94 51.35 58.04
N ASP DA 68 74.25 52.21 57.29
CA ASP DA 68 73.89 51.90 55.92
C ASP DA 68 75.15 51.76 55.05
N ALA DA 69 76.15 52.61 55.29
CA ALA DA 69 77.42 52.43 54.59
C ALA DA 69 78.05 51.08 54.93
N MET DA 70 77.94 50.66 56.20
CA MET DA 70 78.41 49.34 56.59
C MET DA 70 77.68 48.25 55.81
N ILE DA 71 76.37 48.39 55.64
CA ILE DA 71 75.60 47.42 54.87
C ILE DA 71 76.05 47.43 53.40
N ALA DA 72 76.39 48.61 52.87
CA ALA DA 72 76.84 48.69 51.48
C ALA DA 72 78.16 47.94 51.29
N GLU DA 73 79.12 48.15 52.19
CA GLU DA 73 80.40 47.44 52.08
C GLU DA 73 80.23 45.95 52.29
N ILE DA 74 79.39 45.55 53.26
CA ILE DA 74 79.18 44.14 53.54
C ILE DA 74 78.58 43.44 52.31
N ASP DA 75 77.53 44.05 51.74
CA ASP DA 75 76.93 43.50 50.52
C ASP DA 75 77.92 43.50 49.36
N LYS DA 76 78.83 44.49 49.33
CA LYS DA 76 79.84 44.52 48.28
C LYS DA 76 80.75 43.31 48.35
N ARG DA 77 81.27 43.00 49.54
CA ARG DA 77 82.12 41.82 49.67
C ARG DA 77 81.36 40.53 49.39
N LEU DA 78 80.17 40.39 49.99
CA LEU DA 78 79.36 39.19 49.77
C LEU DA 78 79.09 38.96 48.29
N SER DA 79 78.74 40.02 47.55
CA SER DA 79 78.53 39.88 46.11
C SER DA 79 79.83 39.55 45.40
N SER DA 80 80.96 40.06 45.90
CA SER DA 80 82.25 39.68 45.35
C SER DA 80 82.44 38.17 45.36
N GLN DA 81 82.09 37.51 46.47
CA GLN DA 81 82.24 36.04 46.50
C GLN DA 81 81.16 35.32 45.72
N VAL DA 82 79.91 35.77 45.87
CA VAL DA 82 78.78 35.16 45.16
C VAL DA 82 79.04 35.14 43.66
N ASN DA 83 79.70 36.18 43.13
CA ASN DA 83 80.07 36.18 41.72
C ASN DA 83 81.00 35.02 41.40
N GLU DA 84 81.93 34.71 42.31
CA GLU DA 84 82.82 33.58 42.10
C GLU DA 84 82.05 32.27 42.05
N ILE DA 85 81.04 32.13 42.92
CA ILE DA 85 80.21 30.91 42.88
C ILE DA 85 79.42 30.84 41.57
N LEU DA 86 78.72 31.91 41.21
CA LEU DA 86 77.79 31.88 40.08
C LEU DA 86 78.52 31.86 38.74
N HIS DA 87 79.79 32.26 38.71
CA HIS DA 87 80.59 32.23 37.50
C HIS DA 87 81.54 31.04 37.46
N ALA DA 88 81.37 30.09 38.37
CA ALA DA 88 82.20 28.89 38.35
C ALA DA 88 81.76 27.98 37.21
N LYS DA 89 82.73 27.40 36.50
CA LYS DA 89 82.43 26.63 35.30
C LYS DA 89 81.64 25.38 35.62
N GLU DA 90 81.94 24.72 36.74
CA GLU DA 90 81.19 23.53 37.14
C GLU DA 90 79.75 23.88 37.49
N PHE DA 91 79.57 24.91 38.33
CA PHE DA 91 78.24 25.36 38.69
C PHE DA 91 77.43 25.71 37.44
N GLN DA 92 78.03 26.47 36.52
CA GLN DA 92 77.34 26.85 35.31
C GLN DA 92 77.03 25.64 34.42
N LYS DA 93 77.92 24.64 34.42
CA LYS DA 93 77.63 23.41 33.70
C LYS DA 93 76.34 22.78 34.20
N LEU DA 94 76.26 22.50 35.51
CA LEU DA 94 75.06 21.90 36.07
C LEU DA 94 73.83 22.78 35.79
N GLU DA 95 73.91 24.05 36.18
CA GLU DA 95 72.78 24.97 36.06
C GLU DA 95 72.28 25.04 34.62
N SER DA 96 73.17 25.36 33.68
CA SER DA 96 72.78 25.48 32.28
C SER DA 96 72.19 24.18 31.75
N SER DA 97 72.73 23.04 32.20
CA SER DA 97 72.12 21.76 31.84
C SER DA 97 70.65 21.72 32.24
N TRP DA 98 70.36 21.90 33.53
CA TRP DA 98 68.98 21.76 34.01
C TRP DA 98 68.06 22.85 33.46
N ARG DA 99 68.53 24.10 33.46
CA ARG DA 99 67.70 25.23 33.05
C ARG DA 99 67.39 25.18 31.56
N SER DA 100 68.40 24.85 30.73
CA SER DA 100 68.12 24.62 29.32
C SER DA 100 67.14 23.47 29.13
N LEU DA 101 67.29 22.41 29.92
CA LEU DA 101 66.35 21.29 29.86
C LEU DA 101 64.92 21.77 30.09
N LYS DA 102 64.71 22.56 31.14
CA LYS DA 102 63.36 23.07 31.42
C LYS DA 102 62.89 24.02 30.34
N PHE DA 103 63.78 24.86 29.83
CA PHE DA 103 63.43 25.77 28.74
C PHE DA 103 62.92 25.00 27.54
N MET DA 104 63.46 23.80 27.31
CA MET DA 104 62.93 22.94 26.26
C MET DA 104 61.57 22.36 26.67
N VAL DA 105 61.48 21.80 27.88
CA VAL DA 105 60.31 21.01 28.27
C VAL DA 105 59.06 21.87 28.35
N ASP DA 106 59.17 23.04 28.96
CA ASP DA 106 58.02 23.93 29.16
C ASP DA 106 57.56 24.62 27.89
N ARG DA 107 58.27 24.44 26.78
CA ARG DA 107 57.87 24.97 25.48
C ARG DA 107 57.24 23.92 24.60
N THR DA 108 57.10 22.69 25.10
CA THR DA 108 56.42 21.62 24.38
C THR DA 108 55.01 21.44 24.93
N ASP DA 109 54.28 20.50 24.35
CA ASP DA 109 52.89 20.25 24.69
C ASP DA 109 52.68 18.74 24.83
N PHE DA 110 52.79 18.24 26.06
CA PHE DA 110 52.65 16.81 26.33
C PHE DA 110 51.27 16.26 26.00
N ARG DA 111 50.27 17.13 25.84
CA ARG DA 111 48.95 16.69 25.41
C ARG DA 111 48.88 16.37 23.92
N GLU DA 112 49.91 16.74 23.16
CA GLU DA 112 49.97 16.47 21.72
C GLU DA 112 50.80 15.23 21.39
N ASN DA 113 50.89 14.29 22.34
CA ASN DA 113 51.63 13.06 22.12
C ASN DA 113 53.13 13.31 21.97
N THR DA 114 53.66 14.22 22.78
CA THR DA 114 55.09 14.54 22.80
C THR DA 114 55.70 13.98 24.07
N ARG DA 115 56.83 13.30 23.94
CA ARG DA 115 57.47 12.65 25.07
C ARG DA 115 58.97 12.93 25.05
N VAL DA 116 59.58 12.92 26.23
CA VAL DA 116 60.99 13.25 26.40
C VAL DA 116 61.56 12.43 27.55
N GLU DA 117 62.72 11.80 27.30
CA GLU DA 117 63.42 11.01 28.30
C GLU DA 117 64.83 11.55 28.49
N MET DA 118 65.33 11.44 29.71
CA MET DA 118 66.63 11.95 30.09
C MET DA 118 67.59 10.78 30.29
N LEU DA 119 68.78 10.88 29.70
CA LEU DA 119 69.83 9.87 29.76
C LEU DA 119 71.11 10.59 30.18
N ASN DA 120 71.54 10.34 31.41
CA ASN DA 120 72.75 10.96 31.94
C ASN DA 120 73.97 10.24 31.38
N ALA DA 121 74.75 10.93 30.56
CA ALA DA 121 75.93 10.33 29.95
C ALA DA 121 76.87 11.44 29.53
N SER DA 122 78.16 11.27 29.83
CA SER DA 122 79.17 12.20 29.36
C SER DA 122 79.80 11.67 28.07
N LYS DA 123 80.40 12.58 27.31
CA LYS DA 123 81.01 12.19 26.04
C LYS DA 123 82.09 11.14 26.24
N GLU DA 124 82.91 11.30 27.28
CA GLU DA 124 83.99 10.36 27.54
C GLU DA 124 83.44 8.95 27.75
N ASP DA 125 82.35 8.83 28.51
CA ASP DA 125 81.71 7.53 28.74
C ASP DA 125 81.00 7.01 27.50
N LEU DA 126 80.47 7.89 26.65
CA LEU DA 126 79.94 7.44 25.38
C LEU DA 126 81.03 6.78 24.55
N GLN DA 127 82.20 7.42 24.45
CA GLN DA 127 83.34 6.81 23.78
C GLN DA 127 83.76 5.51 24.47
N LYS DA 128 83.69 5.48 25.80
CA LYS DA 128 84.09 4.29 26.54
C LYS DA 128 83.19 3.10 26.19
N ASP DA 129 81.88 3.35 26.10
CA ASP DA 129 80.96 2.27 25.78
C ASP DA 129 81.10 1.84 24.32
N PHE DA 130 81.18 2.80 23.40
CA PHE DA 130 81.28 2.47 21.98
C PHE DA 130 82.57 1.75 21.63
N GLU DA 131 83.67 2.09 22.31
CA GLU DA 131 84.94 1.41 22.06
C GLU DA 131 85.02 0.09 22.80
N ASP DA 132 84.37 -0.01 23.95
CA ASP DA 132 84.35 -1.27 24.70
C ASP DA 132 83.54 -2.34 23.97
N ALA DA 133 82.39 -1.94 23.42
CA ALA DA 133 81.54 -2.89 22.71
C ALA DA 133 82.25 -3.38 21.44
N PRO DA 134 82.04 -4.64 21.04
CA PRO DA 134 82.64 -5.09 19.77
C PRO DA 134 81.95 -4.55 18.55
N GLU DA 135 80.68 -4.15 18.67
CA GLU DA 135 79.92 -3.61 17.56
C GLU DA 135 78.81 -2.72 18.11
N VAL DA 136 78.37 -1.77 17.29
CA VAL DA 136 77.40 -0.78 17.73
C VAL DA 136 76.08 -1.44 18.13
N THR DA 137 75.75 -2.57 17.53
CA THR DA 137 74.53 -3.30 17.88
C THR DA 137 74.56 -3.82 19.31
N LYS DA 138 75.72 -3.81 19.98
CA LYS DA 138 75.85 -4.27 21.35
C LYS DA 138 76.16 -3.13 22.32
N SER DA 139 76.10 -1.89 21.87
CA SER DA 139 76.32 -0.76 22.77
C SER DA 139 75.05 -0.52 23.60
N GLY DA 140 75.26 0.03 24.80
CA GLY DA 140 74.13 0.31 25.67
C GLY DA 140 73.17 1.32 25.08
N LEU DA 141 73.72 2.44 24.57
CA LEU DA 141 72.89 3.45 23.92
C LEU DA 141 72.04 2.82 22.82
N TYR DA 142 72.65 2.00 21.96
CA TYR DA 142 71.87 1.28 20.95
C TYR DA 142 70.82 0.39 21.61
N LYS DA 143 71.17 -0.22 22.74
CA LYS DA 143 70.20 -1.04 23.46
C LYS DA 143 68.95 -0.23 23.81
N LEU DA 144 69.13 0.95 24.40
CA LEU DA 144 68.02 1.76 24.91
C LEU DA 144 67.41 2.67 23.87
N VAL DA 145 67.98 2.74 22.66
CA VAL DA 145 67.45 3.61 21.62
C VAL DA 145 66.71 2.73 20.61
N TYR DA 146 67.43 1.76 20.05
CA TYR DA 146 66.82 0.91 19.02
C TYR DA 146 66.14 -0.30 19.64
N SER DA 147 66.89 -1.07 20.44
CA SER DA 147 66.41 -2.38 20.89
C SER DA 147 65.14 -2.26 21.73
N ASN DA 148 65.16 -1.40 22.74
CA ASN DA 148 64.01 -1.23 23.62
C ASN DA 148 62.90 -0.38 23.02
N GLU DA 149 63.05 0.05 21.76
CA GLU DA 149 62.06 0.93 21.15
C GLU DA 149 61.67 0.49 19.76
N TYR DA 150 62.40 0.95 18.74
CA TYR DA 150 62.02 0.70 17.35
C TYR DA 150 61.99 -0.79 17.04
N GLY DA 151 62.87 -1.57 17.64
CA GLY DA 151 62.94 -2.99 17.35
C GLY DA 151 62.24 -3.85 18.37
N VAL DA 152 61.18 -3.33 18.99
CA VAL DA 152 60.45 -4.03 20.03
C VAL DA 152 58.97 -4.03 19.67
N PHE DA 153 58.40 -5.21 19.49
CA PHE DA 153 56.98 -5.33 19.22
C PHE DA 153 56.19 -4.85 20.44
N GLY DA 154 55.28 -3.91 20.22
CA GLY DA 154 54.54 -3.28 21.29
C GLY DA 154 55.15 -1.99 21.81
N GLY DA 155 56.40 -1.70 21.44
CA GLY DA 155 57.07 -0.49 21.89
C GLY DA 155 56.80 0.68 20.96
N LYS DA 156 57.74 1.63 20.98
CA LYS DA 156 57.63 2.84 20.18
C LYS DA 156 59.02 3.33 19.83
N PRO DA 157 59.20 3.95 18.66
CA PRO DA 157 60.54 4.36 18.24
C PRO DA 157 60.87 5.79 18.66
N TYR DA 158 62.15 6.01 18.96
CA TYR DA 158 62.61 7.32 19.37
C TYR DA 158 62.62 8.27 18.18
N GLY DA 159 62.01 9.44 18.35
CA GLY DA 159 61.92 10.37 17.23
C GLY DA 159 63.25 11.00 16.88
N ILE DA 160 63.97 11.51 17.88
CA ILE DA 160 65.24 12.19 17.65
C ILE DA 160 66.02 12.18 18.96
N ILE DA 161 67.33 12.42 18.85
CA ILE DA 161 68.24 12.41 20.00
C ILE DA 161 68.92 13.76 20.08
N SER DA 162 68.78 14.43 21.23
CA SER DA 162 69.37 15.74 21.47
C SER DA 162 70.51 15.54 22.47
N ALA DA 163 71.74 15.82 22.04
CA ALA DA 163 72.93 15.65 22.86
C ALA DA 163 73.44 17.02 23.29
N ASN DA 164 73.48 17.24 24.61
CA ASN DA 164 73.96 18.52 25.16
C ASN DA 164 75.48 18.48 25.26
N TYR DA 165 76.12 18.62 24.10
CA TYR DA 165 77.57 18.56 24.01
C TYR DA 165 78.06 19.56 22.98
N ASP DA 166 79.31 19.99 23.15
CA ASP DA 166 80.02 20.81 22.20
C ASP DA 166 81.10 19.96 21.57
N PHE DA 167 81.26 20.07 20.25
CA PHE DA 167 82.20 19.24 19.51
C PHE DA 167 83.32 20.10 18.95
N ASN DA 168 84.55 19.58 19.02
CA ASN DA 168 85.71 20.18 18.40
C ASN DA 168 86.16 19.30 17.25
N VAL DA 169 87.29 19.67 16.63
CA VAL DA 169 87.88 18.86 15.57
C VAL DA 169 88.69 17.69 16.11
N GLY DA 170 88.74 17.52 17.43
CA GLY DA 170 89.50 16.46 18.05
C GLY DA 170 89.08 15.08 17.59
N PRO DA 171 90.04 14.16 17.50
CA PRO DA 171 89.72 12.82 17.00
C PRO DA 171 88.67 12.10 17.83
N GLN DA 172 88.69 12.26 19.15
CA GLN DA 172 87.67 11.64 19.99
C GLN DA 172 86.28 12.14 19.62
N ASP DA 173 86.12 13.46 19.47
CA ASP DA 173 84.82 14.01 19.08
C ASP DA 173 84.40 13.50 17.72
N MET DA 174 85.34 13.43 16.76
CA MET DA 174 85.01 12.92 15.43
C MET DA 174 84.50 11.48 15.51
N GLU DA 175 85.20 10.62 16.26
CA GLU DA 175 84.77 9.24 16.39
C GLU DA 175 83.40 9.13 17.04
N LEU DA 176 83.17 9.91 18.10
CA LEU DA 176 81.84 9.94 18.72
C LEU DA 176 80.77 10.30 17.70
N LEU DA 177 81.05 11.30 16.86
CA LEU DA 177 80.10 11.68 15.82
C LEU DA 177 79.86 10.52 14.85
N ARG DA 178 80.91 9.76 14.52
CA ARG DA 178 80.73 8.61 13.65
C ARG DA 178 79.78 7.58 14.26
N LYS DA 179 80.00 7.23 15.54
CA LYS DA 179 79.13 6.27 16.20
C LYS DA 179 77.68 6.77 16.25
N CYS DA 180 77.49 8.06 16.60
CA CYS DA 180 76.15 8.61 16.65
C CYS DA 180 75.47 8.59 15.29
N ALA DA 181 76.24 8.83 14.23
CA ALA DA 181 75.67 8.74 12.88
C ALA DA 181 75.23 7.31 12.57
N SER DA 182 76.04 6.33 12.94
CA SER DA 182 75.65 4.94 12.72
C SER DA 182 74.36 4.60 13.44
N VAL DA 183 74.27 4.92 14.74
CA VAL DA 183 73.07 4.60 15.51
C VAL DA 183 71.86 5.31 14.93
N ALA DA 184 72.00 6.61 14.64
CA ALA DA 184 70.90 7.37 14.09
C ALA DA 184 70.42 6.79 12.75
N ALA DA 185 71.35 6.30 11.93
CA ALA DA 185 70.97 5.67 10.67
C ALA DA 185 70.22 4.37 10.92
N MET DA 186 70.69 3.57 11.88
CA MET DA 186 70.04 2.28 12.15
C MET DA 186 68.62 2.45 12.70
N ALA DA 187 68.38 3.49 13.50
CA ALA DA 187 67.09 3.70 14.13
C ALA DA 187 66.23 4.71 13.38
N HIS DA 188 66.76 5.33 12.34
CA HIS DA 188 66.04 6.35 11.58
C HIS DA 188 65.68 7.56 12.44
N ALA DA 189 66.67 8.07 13.18
CA ALA DA 189 66.48 9.20 14.08
C ALA DA 189 67.72 10.08 14.08
N PRO DA 190 67.58 11.37 13.82
CA PRO DA 190 68.76 12.23 13.72
C PRO DA 190 69.35 12.56 15.08
N PHE DA 191 70.65 12.83 15.08
CA PHE DA 191 71.37 13.21 16.30
C PHE DA 191 71.77 14.67 16.19
N ILE DA 192 71.28 15.49 17.12
CA ILE DA 192 71.48 16.93 17.08
C ILE DA 192 72.36 17.35 18.25
N GLY DA 193 73.34 18.21 17.96
CA GLY DA 193 74.25 18.73 18.96
C GLY DA 193 74.74 20.12 18.60
N ASN DA 194 75.82 20.56 19.26
CA ASN DA 194 76.37 21.89 19.03
C ASN DA 194 77.87 21.79 18.79
N ALA DA 195 78.41 22.84 18.17
CA ALA DA 195 79.83 22.94 17.89
C ALA DA 195 80.46 24.00 18.80
N ALA DA 196 81.69 23.72 19.24
CA ALA DA 196 82.39 24.66 20.11
C ALA DA 196 83.09 25.75 19.29
N PRO DA 197 83.32 26.92 19.89
CA PRO DA 197 83.95 28.01 19.12
C PRO DA 197 85.31 27.66 18.55
N GLU DA 198 86.14 26.95 19.30
CA GLU DA 198 87.47 26.55 18.82
C GLU DA 198 87.43 25.70 17.57
N VAL DA 199 86.25 25.18 17.21
CA VAL DA 199 86.11 24.45 15.95
C VAL DA 199 86.45 25.35 14.77
N PHE DA 200 86.19 26.65 14.90
CA PHE DA 200 86.55 27.63 13.88
C PHE DA 200 87.90 28.28 14.13
N GLY DA 201 88.69 27.75 15.07
CA GLY DA 201 89.98 28.34 15.39
C GLY DA 201 89.90 29.66 16.09
N GLU DA 202 88.79 29.93 16.79
CA GLU DA 202 88.58 31.18 17.50
C GLU DA 202 88.34 30.91 18.98
N GLU DA 203 88.73 31.88 19.81
CA GLU DA 203 88.54 31.72 21.25
C GLU DA 203 87.07 31.63 21.63
N SER DA 204 86.23 32.41 20.96
CA SER DA 204 84.80 32.41 21.24
C SER DA 204 84.06 32.87 20.00
N PHE DA 205 82.78 32.50 19.92
CA PHE DA 205 81.91 32.89 18.81
C PHE DA 205 81.95 34.38 18.50
N LEU DA 206 82.26 35.23 19.48
CA LEU DA 206 82.39 36.67 19.25
C LEU DA 206 83.42 37.02 18.18
N LYS DA 207 84.25 36.07 17.76
CA LYS DA 207 85.25 36.30 16.72
C LYS DA 207 84.78 35.88 15.34
N LEU DA 208 83.52 35.45 15.20
CA LEU DA 208 83.02 35.01 13.91
C LEU DA 208 83.08 36.09 12.84
N PRO DA 209 82.80 37.37 13.14
CA PRO DA 209 82.88 38.38 12.07
C PRO DA 209 84.28 38.62 11.57
N ASP DA 210 85.31 38.19 12.31
CA ASP DA 210 86.68 38.35 11.86
C ASP DA 210 87.12 37.25 10.90
N LEU DA 211 86.34 36.19 10.76
CA LEU DA 211 86.70 35.08 9.87
C LEU DA 211 86.39 35.48 8.43
N LYS DA 212 87.43 35.54 7.60
CA LYS DA 212 87.25 36.03 6.23
C LYS DA 212 86.69 34.97 5.30
N ASP DA 213 86.94 33.69 5.56
CA ASP DA 213 86.56 32.64 4.62
C ASP DA 213 86.59 31.28 5.32
N LEU DA 214 85.41 30.82 5.76
CA LEU DA 214 85.33 29.53 6.42
C LEU DA 214 85.67 28.38 5.48
N LYS DA 215 85.20 28.47 4.22
CA LYS DA 215 85.45 27.41 3.25
C LYS DA 215 86.94 27.17 3.08
N SER DA 216 87.72 28.26 2.98
CA SER DA 216 89.18 28.13 2.92
C SER DA 216 89.75 27.68 4.25
N LEU DA 217 89.15 28.12 5.37
CA LEU DA 217 89.61 27.68 6.68
C LEU DA 217 89.55 26.16 6.82
N PHE DA 218 88.51 25.54 6.26
CA PHE DA 218 88.30 24.10 6.37
C PHE DA 218 89.19 23.27 5.47
N GLU DA 219 90.10 23.90 4.71
CA GLU DA 219 91.01 23.16 3.85
C GLU DA 219 92.25 22.68 4.57
N GLY DA 220 92.52 23.19 5.76
CA GLY DA 220 93.69 22.79 6.51
C GLY DA 220 93.65 21.33 6.91
N PRO DA 221 94.82 20.72 7.05
CA PRO DA 221 94.86 19.30 7.42
C PRO DA 221 94.24 18.99 8.77
N GLN DA 222 94.05 20.01 9.62
CA GLN DA 222 93.44 19.78 10.93
C GLN DA 222 92.02 19.24 10.82
N TYR DA 223 91.37 19.43 9.68
CA TYR DA 223 89.97 19.03 9.49
C TYR DA 223 89.82 17.83 8.55
N ALA DA 224 90.87 17.04 8.38
CA ALA DA 224 90.80 15.90 7.45
C ALA DA 224 89.68 14.93 7.86
N ARG DA 225 89.65 14.56 9.14
CA ARG DA 225 88.64 13.61 9.62
C ARG DA 225 87.23 14.15 9.45
N TRP DA 226 87.01 15.43 9.77
CA TRP DA 226 85.71 16.03 9.56
C TRP DA 226 85.33 16.00 8.08
N HIS DA 227 86.30 16.27 7.20
CA HIS DA 227 86.05 16.23 5.77
C HIS DA 227 85.56 14.86 5.32
N SER DA 228 86.20 13.79 5.80
CA SER DA 228 85.70 12.45 5.45
C SER DA 228 84.32 12.18 6.05
N PHE DA 229 84.12 12.60 7.30
CA PHE DA 229 82.83 12.42 7.96
C PHE DA 229 81.70 13.03 7.13
N ARG DA 230 81.93 14.22 6.57
CA ARG DA 230 80.92 14.84 5.71
C ARG DA 230 80.61 14.03 4.46
N GLU DA 231 81.51 13.13 4.06
CA GLU DA 231 81.31 12.30 2.88
C GLU DA 231 80.70 10.95 3.19
N SER DA 232 80.71 10.53 4.45
CA SER DA 232 80.02 9.30 4.82
C SER DA 232 78.50 9.42 4.55
N GLU DA 233 77.90 8.28 4.19
CA GLU DA 233 76.46 8.24 3.93
C GLU DA 233 75.64 8.24 5.21
N ASP DA 234 76.28 8.05 6.37
CA ASP DA 234 75.59 8.18 7.64
C ASP DA 234 75.53 9.62 8.13
N ALA DA 235 76.21 10.54 7.45
CA ALA DA 235 76.24 11.94 7.87
C ALA DA 235 74.87 12.59 7.78
N ARG DA 236 73.93 11.99 7.05
CA ARG DA 236 72.59 12.55 6.94
C ARG DA 236 71.86 12.58 8.28
N TYR DA 237 72.30 11.77 9.25
CA TYR DA 237 71.68 11.70 10.56
C TYR DA 237 72.41 12.53 11.61
N VAL DA 238 73.29 13.43 11.20
CA VAL DA 238 74.05 14.27 12.10
C VAL DA 238 73.70 15.72 11.84
N GLY DA 239 73.46 16.47 12.91
CA GLY DA 239 73.17 17.89 12.80
C GLY DA 239 73.78 18.70 13.93
N LEU DA 240 74.64 19.66 13.60
CA LEU DA 240 75.35 20.46 14.59
C LEU DA 240 74.95 21.93 14.44
N ALA DA 241 74.75 22.59 15.58
CA ALA DA 241 74.36 23.99 15.64
C ALA DA 241 75.56 24.86 15.97
N LEU DA 242 75.44 26.15 15.66
CA LEU DA 242 76.53 27.10 15.81
C LEU DA 242 76.48 27.81 17.16
N PRO DA 243 76.26 29.13 17.17
CA PRO DA 243 76.40 29.88 18.42
C PRO DA 243 75.36 29.49 19.47
N ARG DA 244 75.75 29.68 20.72
CA ARG DA 244 74.89 29.38 21.86
C ARG DA 244 73.91 30.53 22.05
N PHE DA 245 73.19 30.52 23.17
CA PHE DA 245 72.20 31.58 23.39
C PHE DA 245 71.97 31.77 24.88
N LEU DA 246 71.71 33.02 25.27
CA LEU DA 246 71.52 33.35 26.67
C LEU DA 246 70.33 32.61 27.27
N LEU DA 247 70.51 32.15 28.50
CA LEU DA 247 69.44 31.49 29.26
C LEU DA 247 68.93 32.30 30.42
N ARG DA 248 69.78 33.13 31.03
CA ARG DA 248 69.39 33.91 32.20
C ARG DA 248 69.90 35.33 32.07
N LEU DA 249 69.06 36.29 32.44
CA LEU DA 249 69.49 37.68 32.52
C LEU DA 249 70.21 37.90 33.84
N PRO DA 250 71.34 38.61 33.85
CA PRO DA 250 72.14 38.72 35.08
C PRO DA 250 71.35 39.38 36.20
N TYR DA 251 71.65 38.98 37.43
CA TYR DA 251 70.88 39.42 38.58
C TYR DA 251 71.00 40.93 38.77
N GLY DA 252 69.86 41.56 39.07
CA GLY DA 252 69.83 42.99 39.30
C GLY DA 252 68.64 43.41 40.14
N GLU DA 253 68.83 44.42 41.00
CA GLU DA 253 67.80 44.81 41.96
C GLU DA 253 66.47 45.16 41.28
N LYS DA 254 66.50 45.53 40.00
CA LYS DA 254 65.30 45.87 39.26
C LYS DA 254 64.88 44.77 38.29
N THR DA 255 65.81 44.34 37.42
CA THR DA 255 65.45 43.41 36.34
C THR DA 255 65.33 41.97 36.83
N VAL DA 256 66.15 41.58 37.80
CA VAL DA 256 66.14 40.20 38.30
C VAL DA 256 66.53 40.20 39.77
N PRO DA 257 65.65 40.63 40.67
CA PRO DA 257 66.05 40.77 42.07
C PRO DA 257 65.96 39.45 42.83
N VAL DA 258 66.67 39.41 43.96
CA VAL DA 258 66.66 38.27 44.86
C VAL DA 258 66.21 38.75 46.24
N LYS DA 259 65.91 37.80 47.10
CA LYS DA 259 65.37 38.12 48.42
C LYS DA 259 66.48 38.50 49.39
N ALA DA 260 66.15 39.39 50.32
CA ALA DA 260 67.07 39.78 51.39
C ALA DA 260 68.33 40.45 50.86
N PHE DA 261 69.33 39.65 50.49
CA PHE DA 261 70.62 40.19 50.06
C PHE DA 261 70.45 41.02 48.79
N ASN DA 262 70.96 42.24 48.81
CA ASN DA 262 70.88 43.15 47.66
C ASN DA 262 72.01 42.79 46.70
N PHE DA 263 71.76 41.75 45.90
CA PHE DA 263 72.77 41.22 44.99
C PHE DA 263 72.61 41.85 43.62
N THR DA 264 73.71 42.37 43.08
CA THR DA 264 73.78 42.92 41.72
C THR DA 264 74.92 42.19 41.03
N GLU DA 265 74.56 41.25 40.13
CA GLU DA 265 75.57 40.45 39.45
C GLU DA 265 76.41 41.35 38.54
N ASP DA 266 77.73 41.15 38.59
CA ASP DA 266 78.68 41.99 37.86
C ASP DA 266 79.35 41.12 36.79
N VAL DA 267 78.83 41.20 35.57
CA VAL DA 267 79.48 40.52 34.44
C VAL DA 267 80.68 41.35 34.00
N VAL DA 268 81.85 40.73 34.00
CA VAL DA 268 83.09 41.43 33.66
C VAL DA 268 83.24 41.53 32.15
N GLY DA 269 84.48 41.74 31.69
CA GLY DA 269 84.72 41.79 30.26
C GLY DA 269 84.52 40.45 29.58
N HIS DA 270 84.56 39.37 30.34
CA HIS DA 270 84.45 38.03 29.78
C HIS DA 270 82.98 37.66 29.69
N HIS DA 271 82.43 37.67 28.47
CA HIS DA 271 81.05 37.27 28.24
C HIS DA 271 80.76 35.85 28.69
N GLU DA 272 81.79 35.03 28.93
CA GLU DA 272 81.62 33.71 29.52
C GLU DA 272 80.99 33.77 30.90
N ARG DA 273 80.93 34.95 31.52
CA ARG DA 273 80.21 35.11 32.78
C ARG DA 273 78.71 34.94 32.57
N TYR DA 274 78.23 35.19 31.35
CA TYR DA 274 76.82 35.00 31.04
C TYR DA 274 76.49 33.51 30.96
N LEU DA 275 75.28 33.17 31.40
CA LEU DA 275 74.83 31.77 31.41
C LEU DA 275 74.38 31.39 30.00
N TRP DA 276 75.36 30.95 29.20
CA TRP DA 276 75.07 30.52 27.84
C TRP DA 276 74.47 29.13 27.84
N GLY DA 277 73.65 28.86 26.83
CA GLY DA 277 72.92 27.61 26.72
C GLY DA 277 73.04 27.04 25.32
N HIS DA 278 72.92 25.71 25.22
CA HIS DA 278 73.16 25.01 23.97
C HIS DA 278 71.93 25.14 23.06
N ALA DA 279 72.15 25.67 21.85
CA ALA DA 279 71.04 25.98 20.94
C ALA DA 279 70.35 24.72 20.41
N SER DA 280 70.97 23.55 20.57
CA SER DA 280 70.33 22.31 20.17
C SER DA 280 68.95 22.17 20.79
N VAL DA 281 68.77 22.68 22.01
CA VAL DA 281 67.46 22.63 22.66
C VAL DA 281 66.45 23.50 21.91
N ALA DA 282 66.88 24.67 21.44
CA ALA DA 282 65.99 25.51 20.65
C ALA DA 282 65.54 24.80 19.39
N LEU DA 283 66.50 24.19 18.66
CA LEU DA 283 66.12 23.40 17.49
C LEU DA 283 65.10 22.31 17.87
N THR DA 284 65.34 21.62 18.99
CA THR DA 284 64.40 20.61 19.46
C THR DA 284 63.01 21.18 19.68
N SER DA 285 62.92 22.39 20.25
CA SER DA 285 61.64 23.05 20.38
C SER DA 285 60.98 23.26 19.02
N ARG DA 286 61.77 23.61 18.00
CA ARG DA 286 61.21 23.73 16.65
C ARG DA 286 60.55 22.42 16.21
N VAL DA 287 61.30 21.31 16.29
CA VAL DA 287 60.72 20.01 15.92
C VAL DA 287 59.45 19.75 16.71
N ALA DA 288 59.49 20.03 18.01
CA ALA DA 288 58.32 19.78 18.87
C ALA DA 288 57.10 20.55 18.40
N ASP DA 289 57.27 21.84 18.06
CA ASP DA 289 56.12 22.63 17.62
C ASP DA 289 55.55 22.11 16.31
N SER DA 290 56.42 21.84 15.33
CA SER DA 290 55.94 21.28 14.06
C SER DA 290 55.11 20.02 14.31
N PHE DA 291 55.59 19.12 15.17
CA PHE DA 291 54.87 17.88 15.42
C PHE DA 291 53.57 18.12 16.21
N ALA DA 292 53.58 19.11 17.10
CA ALA DA 292 52.38 19.40 17.88
C ALA DA 292 51.26 19.92 17.00
N LYS DA 293 51.61 20.65 15.94
CA LYS DA 293 50.59 21.20 15.05
C LYS DA 293 50.14 20.20 13.99
N PHE DA 294 51.08 19.44 13.40
CA PHE DA 294 50.76 18.65 12.21
C PHE DA 294 51.05 17.16 12.32
N ARG DA 295 51.77 16.71 13.33
CA ARG DA 295 52.22 15.32 13.43
C ARG DA 295 53.41 15.01 12.52
N TRP DA 296 54.03 16.05 11.96
CA TRP DA 296 55.20 15.92 11.11
C TRP DA 296 56.17 17.04 11.45
N SER DA 297 57.44 16.83 11.12
CA SER DA 297 58.53 17.74 11.51
C SER DA 297 59.25 18.29 10.29
N PRO DA 298 58.59 19.11 9.50
CA PRO DA 298 59.27 19.73 8.34
C PRO DA 298 59.32 21.25 8.47
N ASN DA 299 58.43 21.82 9.28
CA ASN DA 299 58.30 23.26 9.40
C ASN DA 299 59.17 23.77 10.55
N ILE DA 300 60.46 23.92 10.28
CA ILE DA 300 61.39 24.38 11.30
C ILE DA 300 62.54 25.16 10.68
N ILE DA 301 62.30 25.80 9.54
CA ILE DA 301 63.37 26.52 8.85
C ILE DA 301 62.90 27.84 8.27
N GLY DA 302 62.28 28.69 9.10
CA GLY DA 302 61.86 29.99 8.64
C GLY DA 302 61.32 30.89 9.73
N PRO DA 303 61.50 32.21 9.56
CA PRO DA 303 60.92 33.14 10.53
C PRO DA 303 59.41 33.09 10.59
N GLN DA 304 58.75 32.71 9.50
CA GLN DA 304 57.31 32.51 9.47
C GLN DA 304 56.91 31.05 9.37
N SER DA 305 57.78 30.19 8.84
CA SER DA 305 57.43 28.79 8.66
C SER DA 305 57.37 28.04 9.97
N GLY DA 306 58.18 28.43 10.96
CA GLY DA 306 58.17 27.74 12.22
C GLY DA 306 59.56 27.50 12.78
N GLY DA 307 60.58 28.04 12.12
CA GLY DA 307 61.94 28.01 12.61
C GLY DA 307 62.34 29.21 13.42
N ALA DA 308 61.38 30.04 13.85
CA ALA DA 308 61.68 31.23 14.63
C ALA DA 308 61.65 30.89 16.12
N VAL DA 309 62.67 31.33 16.84
CA VAL DA 309 62.73 31.22 18.29
C VAL DA 309 62.39 32.59 18.85
N GLU DA 310 61.27 32.68 19.57
CA GLU DA 310 60.78 33.94 20.11
C GLU DA 310 60.98 33.98 21.62
N ASN DA 311 61.06 35.21 22.15
CA ASN DA 311 61.17 35.42 23.59
C ASN DA 311 62.58 35.16 24.10
N LEU DA 312 63.58 35.83 23.52
CA LEU DA 312 64.93 35.65 24.01
C LEU DA 312 65.25 36.66 25.11
N PRO DA 313 66.11 36.30 26.06
CA PRO DA 313 66.46 37.25 27.12
C PRO DA 313 67.25 38.42 26.57
N LEU DA 314 67.08 39.58 27.19
CA LEU DA 314 67.77 40.80 26.80
C LEU DA 314 68.47 41.38 28.01
N HIS DA 315 69.47 42.23 27.76
CA HIS DA 315 70.27 42.79 28.86
C HIS DA 315 70.88 44.11 28.38
N GLN DA 316 70.20 45.21 28.70
CA GLN DA 316 70.70 46.54 28.38
C GLN DA 316 71.70 46.98 29.45
N TYR DA 317 72.82 47.54 29.01
CA TYR DA 317 73.88 48.00 29.90
C TYR DA 317 74.64 49.12 29.19
N GLU DA 318 75.43 49.86 29.96
CA GLU DA 318 76.10 51.04 29.44
C GLU DA 318 77.20 50.65 28.45
N ALA DA 319 77.30 51.40 27.36
CA ALA DA 319 78.33 51.20 26.35
C ALA DA 319 79.36 52.33 26.49
N MET DA 320 79.72 53.04 25.42
CA MET DA 320 80.62 54.18 25.51
C MET DA 320 79.90 55.48 25.82
N GLY DA 321 79.06 55.48 26.85
CA GLY DA 321 78.20 56.62 27.16
C GLY DA 321 76.78 56.43 26.72
N GLU DA 322 76.51 55.52 25.80
CA GLU DA 322 75.17 55.08 25.47
C GLU DA 322 74.87 53.78 26.23
N ILE DA 323 73.80 53.10 25.83
CA ILE DA 323 73.34 51.87 26.46
C ILE DA 323 72.87 50.89 25.38
N GLN DA 324 73.50 49.70 25.36
CA GLN DA 324 73.22 48.69 24.34
C GLN DA 324 72.89 47.36 25.02
N THR DA 325 72.28 46.47 24.25
CA THR DA 325 71.80 45.20 24.76
C THR DA 325 72.72 44.06 24.34
N LYS DA 326 73.08 43.20 25.31
CA LYS DA 326 73.87 42.02 25.00
C LYS DA 326 73.08 41.13 24.07
N ILE DA 327 73.69 40.80 22.93
CA ILE DA 327 72.97 40.02 21.92
C ILE DA 327 72.62 38.66 22.49
N PRO DA 328 71.38 38.18 22.32
CA PRO DA 328 71.04 36.85 22.86
C PRO DA 328 71.92 35.74 22.35
N THR DA 329 72.39 35.84 21.11
CA THR DA 329 73.46 35.00 20.60
C THR DA 329 74.76 35.80 20.66
N GLU DA 330 75.88 35.08 20.70
CA GLU DA 330 77.18 35.72 20.89
C GLU DA 330 77.41 36.81 19.87
N VAL DA 331 76.97 36.61 18.61
CA VAL DA 331 77.18 37.56 17.54
C VAL DA 331 75.88 37.75 16.76
N MET DA 332 75.85 38.84 15.98
CA MET DA 332 74.74 39.14 15.10
C MET DA 332 75.17 38.69 13.71
N LEU DA 333 74.75 37.48 13.34
CA LEU DA 333 75.22 36.87 12.10
C LEU DA 333 74.56 37.54 10.89
N THR DA 334 75.38 37.93 9.92
CA THR DA 334 74.86 38.51 8.68
C THR DA 334 74.45 37.39 7.73
N GLU DA 335 73.69 37.78 6.69
CA GLU DA 335 73.15 36.80 5.74
C GLU DA 335 74.27 36.04 5.05
N ARG DA 336 75.34 36.74 4.66
CA ARG DA 336 76.45 36.08 3.97
C ARG DA 336 77.15 35.06 4.88
N ARG DA 337 77.41 35.44 6.13
CA ARG DA 337 78.04 34.51 7.06
C ARG DA 337 77.16 33.31 7.35
N GLU DA 338 75.87 33.53 7.53
CA GLU DA 338 74.94 32.42 7.73
C GLU DA 338 74.94 31.50 6.52
N PHE DA 339 75.00 32.07 5.31
CA PHE DA 339 75.05 31.26 4.11
C PHE DA 339 76.32 30.43 4.06
N GLU DA 340 77.45 31.01 4.43
CA GLU DA 340 78.71 30.27 4.48
C GLU DA 340 78.62 29.10 5.45
N LEU DA 341 78.11 29.37 6.66
CA LEU DA 341 77.93 28.30 7.65
C LEU DA 341 77.02 27.20 7.11
N SER DA 342 75.97 27.58 6.38
CA SER DA 342 75.08 26.59 5.78
C SER DA 342 75.80 25.75 4.74
N GLU DA 343 76.67 26.38 3.94
CA GLU DA 343 77.48 25.62 3.00
C GLU DA 343 78.43 24.67 3.72
N GLU DA 344 78.84 25.01 4.93
CA GLU DA 344 79.71 24.17 5.75
C GLU DA 344 78.92 23.17 6.60
N GLY DA 345 77.63 23.00 6.33
CA GLY DA 345 76.84 22.02 7.05
C GLY DA 345 76.57 22.34 8.50
N PHE DA 346 76.49 23.62 8.85
CA PHE DA 346 76.21 24.05 10.21
C PHE DA 346 74.81 24.66 10.29
N ILE DA 347 74.18 24.50 11.43
CA ILE DA 347 72.83 25.03 11.68
C ILE DA 347 73.01 26.29 12.52
N GLY DA 348 73.07 27.44 11.86
CA GLY DA 348 73.27 28.69 12.56
C GLY DA 348 71.99 29.38 12.95
N LEU DA 349 71.80 29.58 14.25
CA LEU DA 349 70.65 30.34 14.76
C LEU DA 349 71.00 31.81 14.67
N VAL DA 350 70.37 32.51 13.73
CA VAL DA 350 70.67 33.92 13.48
C VAL DA 350 69.81 34.81 14.35
N PHE DA 351 70.37 35.93 14.79
CA PHE DA 351 69.66 36.86 15.67
C PHE DA 351 69.01 37.96 14.84
N ARG DA 352 67.72 38.20 15.08
CA ARG DA 352 67.00 39.25 14.37
C ARG DA 352 67.46 40.59 14.91
N LYS DA 353 68.06 41.39 14.05
CA LYS DA 353 68.68 42.67 14.42
C LYS DA 353 67.84 43.39 15.48
N ASP DA 354 68.36 43.49 16.70
CA ASP DA 354 67.66 44.14 17.78
C ASP DA 354 66.34 43.47 18.09
N SER DA 355 66.24 42.16 17.88
CA SER DA 355 65.03 41.44 18.26
C SER DA 355 65.15 40.95 19.69
N ASP DA 356 64.12 40.28 20.17
CA ASP DA 356 64.24 39.17 21.11
C ASP DA 356 64.01 37.86 20.36
N ASN DA 357 64.21 37.92 19.04
CA ASN DA 357 63.83 36.85 18.12
C ASN DA 357 65.03 36.40 17.30
N ALA DA 358 65.17 35.08 17.17
CA ALA DA 358 66.16 34.47 16.31
C ALA DA 358 65.45 33.54 15.32
N ALA DA 359 66.21 33.02 14.36
CA ALA DA 359 65.62 32.19 13.31
C ALA DA 359 66.65 31.19 12.79
N PHE DA 360 66.16 30.01 12.42
CA PHE DA 360 66.97 29.01 11.75
C PHE DA 360 66.54 29.04 10.29
N PHE DA 361 67.40 29.61 9.44
CA PHE DA 361 67.05 29.76 8.03
C PHE DA 361 67.08 28.42 7.30
N SER DA 362 67.83 27.44 7.81
CA SER DA 362 67.94 26.16 7.14
C SER DA 362 68.49 25.14 8.13
N ALA DA 363 68.16 23.88 7.89
CA ALA DA 363 68.64 22.79 8.73
C ALA DA 363 69.34 21.74 7.89
N ASN DA 364 70.44 22.12 7.25
CA ASN DA 364 71.23 21.14 6.50
C ASN DA 364 71.96 20.22 7.46
N SER DA 365 72.10 18.96 7.05
CA SER DA 365 72.85 17.99 7.83
C SER DA 365 74.35 18.19 7.62
N THR DA 366 75.16 17.37 8.29
CA THR DA 366 76.60 17.45 8.09
C THR DA 366 77.01 16.96 6.70
N GLN DA 367 76.21 16.11 6.08
CA GLN DA 367 76.58 15.50 4.81
C GLN DA 367 76.76 16.55 3.72
N LYS DA 368 77.83 16.42 2.96
CA LYS DA 368 78.12 17.33 1.86
C LYS DA 368 77.48 16.80 0.57
N PRO DA 369 76.84 17.66 -0.21
CA PRO DA 369 76.19 17.18 -1.43
C PRO DA 369 77.21 16.77 -2.48
N ARG DA 370 76.81 15.80 -3.31
CA ARG DA 370 77.68 15.32 -4.38
C ARG DA 370 77.32 15.99 -5.69
N PHE DA 371 78.33 16.17 -6.53
CA PHE DA 371 78.16 16.80 -7.84
C PHE DA 371 78.15 15.73 -8.92
N PHE DA 372 77.24 15.89 -9.88
CA PHE DA 372 77.12 14.97 -11.00
C PHE DA 372 77.23 15.73 -12.31
N GLY DA 373 77.41 14.98 -13.39
CA GLY DA 373 77.47 15.60 -14.70
C GLY DA 373 76.19 16.35 -15.02
N ASN DA 374 76.35 17.52 -15.64
CA ASN DA 374 75.22 18.41 -15.93
C ASN DA 374 74.48 17.95 -17.18
N THR DA 375 73.86 16.78 -17.06
CA THR DA 375 72.91 16.26 -18.04
C THR DA 375 71.57 16.16 -17.34
N PRO DA 376 70.50 15.84 -18.07
CA PRO DA 376 69.20 15.68 -17.40
C PRO DA 376 69.25 14.68 -16.26
N GLU DA 377 69.78 13.48 -16.53
CA GLU DA 377 69.87 12.46 -15.49
C GLU DA 377 70.80 12.90 -14.37
N GLY DA 378 71.93 13.52 -14.70
CA GLY DA 378 72.86 13.94 -13.67
C GLY DA 378 72.28 14.99 -12.73
N LYS DA 379 71.60 15.99 -13.29
CA LYS DA 379 70.92 16.98 -12.48
C LYS DA 379 69.81 16.36 -11.64
N ALA DA 380 69.08 15.39 -12.19
CA ALA DA 380 68.11 14.66 -11.39
C ALA DA 380 68.78 14.00 -10.19
N ALA DA 381 69.92 13.36 -10.42
CA ALA DA 381 70.66 12.73 -9.32
C ALA DA 381 71.07 13.75 -8.27
N GLU DA 382 71.55 14.92 -8.71
CA GLU DA 382 71.90 15.97 -7.77
C GLU DA 382 70.70 16.37 -6.91
N THR DA 383 69.54 16.56 -7.54
CA THR DA 383 68.34 16.95 -6.80
C THR DA 383 68.00 15.93 -5.71
N ASN DA 384 67.93 14.65 -6.09
CA ASN DA 384 67.64 13.62 -5.09
C ASN DA 384 68.63 13.64 -3.95
N TYR DA 385 69.93 13.68 -4.27
CA TYR DA 385 70.96 13.66 -3.23
C TYR DA 385 70.80 14.82 -2.24
N ARG DA 386 70.62 16.04 -2.75
CA ARG DA 386 70.46 17.19 -1.86
C ARG DA 386 69.22 17.03 -0.97
N LEU DA 387 68.10 16.62 -1.57
CA LEU DA 387 66.94 16.23 -0.77
C LEU DA 387 67.35 15.33 0.38
N GLY DA 388 68.17 14.32 0.10
CA GLY DA 388 68.69 13.49 1.18
C GLY DA 388 69.52 14.27 2.19
N THR DA 389 70.27 15.28 1.75
CA THR DA 389 71.14 16.05 2.61
C THR DA 389 70.39 16.98 3.54
N GLN DA 390 69.09 17.21 3.29
CA GLN DA 390 68.30 18.15 4.08
C GLN DA 390 67.50 17.45 5.18
N LEU DA 391 67.66 17.91 6.41
CA LEU DA 391 66.89 17.36 7.52
C LEU DA 391 65.39 17.59 7.40
N PRO DA 392 64.91 18.72 6.84
CA PRO DA 392 63.47 18.96 6.74
C PRO DA 392 62.72 17.89 5.94
N TYR DA 393 63.41 17.18 5.05
CA TYR DA 393 62.84 16.03 4.37
C TYR DA 393 63.23 14.71 5.01
N MET DA 394 64.46 14.64 5.54
CA MET DA 394 64.87 13.46 6.30
C MET DA 394 63.84 13.11 7.37
N PHE DA 395 63.23 14.12 8.01
CA PHE DA 395 62.24 13.85 9.04
C PHE DA 395 61.01 13.14 8.49
N ILE DA 396 60.53 13.57 7.32
CA ILE DA 396 59.42 12.86 6.68
C ILE DA 396 59.81 11.40 6.43
N MET DA 397 61.00 11.18 5.88
CA MET DA 397 61.46 9.82 5.66
C MET DA 397 61.46 8.99 6.96
N THR DA 398 61.91 9.60 8.06
CA THR DA 398 62.02 8.86 9.32
C THR DA 398 60.65 8.50 9.87
N ARG DA 399 59.70 9.46 9.86
CA ARG DA 399 58.34 9.15 10.28
C ARG DA 399 57.77 8.02 9.45
N LEU DA 400 57.98 8.06 8.13
CA LEU DA 400 57.49 6.99 7.26
C LEU DA 400 58.07 5.64 7.66
N ALA DA 401 59.37 5.58 7.97
CA ALA DA 401 59.98 4.32 8.38
C ALA DA 401 59.37 3.78 9.67
N HIS DA 402 59.16 4.66 10.66
CA HIS DA 402 58.52 4.21 11.90
C HIS DA 402 57.14 3.62 11.63
N TYR DA 403 56.30 4.36 10.89
CA TYR DA 403 54.96 3.86 10.57
C TYR DA 403 55.02 2.52 9.84
N ILE DA 404 55.97 2.36 8.92
CA ILE DA 404 56.06 1.13 8.15
C ILE DA 404 56.41 -0.04 9.05
N LYS DA 405 57.45 0.10 9.88
CA LYS DA 405 57.79 -0.96 10.83
C LYS DA 405 56.59 -1.36 11.67
N VAL DA 406 56.03 -0.40 12.40
CA VAL DA 406 54.91 -0.69 13.30
C VAL DA 406 53.77 -1.38 12.56
N LEU DA 407 53.23 -0.73 11.52
CA LEU DA 407 52.03 -1.23 10.87
C LEU DA 407 52.23 -2.55 10.15
N GLN DA 408 53.44 -2.79 9.61
CA GLN DA 408 53.68 -4.05 8.91
C GLN DA 408 53.79 -5.21 9.88
N ARG DA 409 54.41 -4.99 11.04
CA ARG DA 409 54.43 -6.01 12.09
C ARG DA 409 53.05 -6.60 12.33
N GLU DA 410 52.01 -5.75 12.34
CA GLU DA 410 50.65 -6.23 12.60
C GLU DA 410 50.10 -7.03 11.44
N GLN DA 411 50.64 -6.85 10.23
CA GLN DA 411 50.17 -7.58 9.05
C GLN DA 411 50.89 -8.90 8.86
N ILE DA 412 52.03 -9.11 9.52
CA ILE DA 412 52.71 -10.41 9.44
C ILE DA 412 51.74 -11.53 9.78
N GLY DA 413 51.68 -12.55 8.90
CA GLY DA 413 50.82 -13.69 9.07
C GLY DA 413 49.58 -13.69 8.21
N SER DA 414 49.22 -12.55 7.63
CA SER DA 414 48.04 -12.46 6.78
C SER DA 414 48.31 -13.03 5.40
N TRP DA 415 47.24 -13.39 4.69
CA TRP DA 415 47.34 -13.97 3.36
C TRP DA 415 47.59 -12.85 2.34
N LYS DA 416 48.86 -12.58 2.10
CA LYS DA 416 49.28 -11.46 1.27
C LYS DA 416 50.05 -11.98 0.07
N GLU DA 417 49.54 -11.72 -1.12
CA GLU DA 417 50.30 -11.88 -2.36
C GLU DA 417 50.95 -10.56 -2.73
N LYS DA 418 51.88 -10.61 -3.68
CA LYS DA 418 52.65 -9.42 -4.05
C LYS DA 418 51.74 -8.26 -4.44
N SER DA 419 50.82 -8.49 -5.39
CA SER DA 419 49.85 -7.47 -5.78
C SER DA 419 49.00 -6.98 -4.60
N ASP DA 420 48.70 -7.86 -3.64
CA ASP DA 420 48.02 -7.41 -2.43
C ASP DA 420 48.86 -6.39 -1.69
N LEU DA 421 50.17 -6.67 -1.53
CA LEU DA 421 51.07 -5.69 -0.95
C LEU DA 421 51.02 -4.37 -1.73
N GLU DA 422 51.05 -4.45 -3.07
CA GLU DA 422 51.01 -3.24 -3.88
C GLU DA 422 49.76 -2.41 -3.61
N ARG DA 423 48.59 -3.04 -3.66
CA ARG DA 423 47.34 -2.31 -3.49
C ARG DA 423 47.25 -1.69 -2.10
N GLU DA 424 47.48 -2.49 -1.05
CA GLU DA 424 47.36 -1.98 0.31
C GLU DA 424 48.34 -0.84 0.57
N LEU DA 425 49.61 -1.02 0.16
CA LEU DA 425 50.62 0.01 0.41
C LEU DA 425 50.29 1.30 -0.32
N ASN DA 426 49.79 1.20 -1.56
CA ASN DA 426 49.36 2.41 -2.27
C ASN DA 426 48.26 3.13 -1.50
N HIS DA 427 47.19 2.39 -1.15
CA HIS DA 427 46.09 3.00 -0.41
C HIS DA 427 46.55 3.64 0.90
N TRP DA 428 47.57 3.06 1.54
CA TRP DA 428 48.06 3.62 2.80
C TRP DA 428 48.87 4.89 2.57
N LEU DA 429 49.82 4.85 1.62
CA LEU DA 429 50.64 6.01 1.33
C LEU DA 429 49.82 7.21 0.90
N SER DA 430 48.70 6.97 0.21
CA SER DA 430 47.84 8.08 -0.22
C SER DA 430 47.38 8.95 0.95
N GLN DA 431 47.42 8.42 2.17
CA GLN DA 431 46.90 9.15 3.33
C GLN DA 431 47.69 10.41 3.62
N TYR DA 432 48.96 10.46 3.23
CA TYR DA 432 49.81 11.61 3.48
C TYR DA 432 50.16 12.38 2.20
N ILE DA 433 49.34 12.25 1.17
CA ILE DA 433 49.61 12.85 -0.14
C ILE DA 433 48.63 13.99 -0.37
N SER DA 434 49.14 15.13 -0.81
CA SER DA 434 48.33 16.29 -1.18
C SER DA 434 48.69 16.67 -2.62
N ASP DA 435 47.98 16.12 -3.60
CA ASP DA 435 48.29 16.37 -5.01
C ASP DA 435 47.22 17.13 -5.80
N MET DA 436 46.76 18.30 -5.34
CA MET DA 436 45.70 19.07 -6.00
C MET DA 436 46.25 20.10 -6.98
N ASP DA 437 45.68 21.33 -6.92
CA ASP DA 437 46.08 22.39 -7.84
C ASP DA 437 46.87 23.49 -7.11
N ASP DA 438 46.27 24.13 -6.19
CA ASP DA 438 47.22 24.98 -5.46
C ASP DA 438 47.08 24.78 -3.96
N PRO DA 439 48.06 24.20 -3.28
CA PRO DA 439 47.85 23.74 -1.92
C PRO DA 439 47.73 24.88 -0.91
N ALA DA 440 46.73 24.75 -0.03
CA ALA DA 440 46.62 25.56 1.17
C ALA DA 440 48.01 25.75 1.76
N PRO DA 441 48.62 26.92 1.59
CA PRO DA 441 50.02 27.07 1.96
C PRO DA 441 50.20 26.76 3.42
N ALA DA 442 51.21 25.94 3.72
CA ALA DA 442 51.42 25.46 5.08
C ALA DA 442 50.29 24.55 5.54
N VAL DA 443 49.51 24.04 4.59
CA VAL DA 443 48.54 22.99 4.83
C VAL DA 443 49.02 21.66 4.26
N ARG DA 444 49.85 21.69 3.21
CA ARG DA 444 50.61 20.53 2.79
C ARG DA 444 51.63 20.23 3.89
N SER DA 445 51.61 21.04 4.95
CA SER DA 445 52.33 20.70 6.17
C SER DA 445 51.86 19.38 6.73
N ARG DA 446 50.54 19.22 6.90
CA ARG DA 446 49.99 17.98 7.43
C ARG DA 446 50.11 16.83 6.43
N ARG DA 447 50.18 17.15 5.13
CA ARG DA 447 50.35 16.15 4.07
C ARG DA 447 51.63 16.52 3.32
N PRO DA 448 52.79 16.15 3.84
CA PRO DA 448 54.05 16.67 3.28
C PRO DA 448 54.39 16.13 1.91
N LEU DA 449 53.77 15.02 1.50
CA LEU DA 449 54.07 14.40 0.22
C LEU DA 449 53.17 14.94 -0.89
N ARG DA 450 53.77 15.09 -2.07
CA ARG DA 450 53.05 15.44 -3.29
C ARG DA 450 52.83 14.23 -4.20
N ALA DA 451 53.84 13.37 -4.33
CA ALA DA 451 53.72 12.17 -5.16
C ALA DA 451 54.41 11.01 -4.45
N ALA DA 452 54.07 9.79 -4.87
CA ALA DA 452 54.67 8.61 -4.27
C ALA DA 452 54.43 7.41 -5.19
N ARG DA 453 55.44 6.54 -5.25
CA ARG DA 453 55.41 5.35 -6.08
C ARG DA 453 55.94 4.17 -5.27
N VAL DA 454 55.24 3.03 -5.41
CA VAL DA 454 55.57 1.83 -4.67
C VAL DA 454 55.59 0.65 -5.65
N VAL DA 455 56.65 -0.15 -5.58
CA VAL DA 455 56.79 -1.34 -6.40
C VAL DA 455 57.13 -2.51 -5.47
N VAL DA 456 56.54 -3.67 -5.74
CA VAL DA 456 56.71 -4.85 -4.90
C VAL DA 456 57.09 -6.03 -5.78
N GLU DA 457 58.20 -6.67 -5.45
CA GLU DA 457 58.63 -7.89 -6.11
C GLU DA 457 58.72 -8.99 -5.06
N ASP DA 458 58.92 -10.20 -5.52
CA ASP DA 458 59.23 -11.30 -4.63
C ASP DA 458 60.72 -11.56 -4.70
N VAL DA 459 61.33 -11.67 -3.51
CA VAL DA 459 62.57 -12.44 -3.34
C VAL DA 459 62.31 -13.79 -4.02
N GLU DA 460 63.37 -14.37 -4.59
CA GLU DA 460 63.27 -15.71 -5.16
C GLU DA 460 64.12 -16.67 -4.33
N GLY DA 461 63.46 -17.69 -3.75
CA GLY DA 461 64.06 -18.71 -2.87
C GLY DA 461 63.24 -19.21 -1.67
N GLN DA 462 61.98 -18.83 -1.53
CA GLN DA 462 61.20 -19.18 -0.34
C GLN DA 462 59.83 -18.57 -0.39
N PRO DA 463 58.91 -18.99 0.47
CA PRO DA 463 57.52 -18.57 0.20
C PRO DA 463 56.94 -17.49 1.12
N GLY DA 464 56.93 -16.23 0.65
CA GLY DA 464 56.11 -15.18 1.29
C GLY DA 464 56.82 -13.94 1.82
N TRP DA 465 58.04 -13.66 1.37
CA TRP DA 465 58.72 -12.40 1.66
C TRP DA 465 58.86 -11.64 0.35
N TYR DA 466 58.87 -10.32 0.43
CA TYR DA 466 58.91 -9.49 -0.77
C TYR DA 466 59.96 -8.40 -0.62
N ARG DA 467 60.28 -7.77 -1.75
CA ARG DA 467 61.19 -6.63 -1.80
C ARG DA 467 60.35 -5.43 -2.24
N CYS DA 468 60.26 -4.42 -1.38
CA CYS DA 468 59.42 -3.26 -1.61
C CYS DA 468 60.29 -2.03 -1.83
N SER DA 469 59.90 -1.22 -2.82
CA SER DA 469 60.58 0.03 -3.14
C SER DA 469 59.56 1.15 -3.03
N LEU DA 470 59.85 2.14 -2.22
CA LEU DA 470 58.98 3.28 -1.99
C LEU DA 470 59.76 4.56 -2.24
N GLN DA 471 59.32 5.34 -3.23
CA GLN DA 471 59.95 6.60 -3.60
C GLN DA 471 58.92 7.70 -3.48
N VAL DA 472 59.32 8.83 -2.90
CA VAL DA 472 58.38 9.91 -2.58
C VAL DA 472 58.90 11.24 -3.11
N ARG DA 473 57.97 12.07 -3.58
CA ARG DA 473 58.25 13.44 -4.00
C ARG DA 473 57.52 14.36 -3.03
N PRO DA 474 58.21 14.98 -2.09
CA PRO DA 474 57.54 15.88 -1.15
C PRO DA 474 57.54 17.31 -1.65
N HIS DA 475 56.74 18.15 -1.00
CA HIS DA 475 56.65 19.55 -1.37
C HIS DA 475 57.96 20.26 -1.06
N PHE DA 476 58.30 21.23 -1.91
CA PHE DA 476 59.55 21.96 -1.77
C PHE DA 476 59.41 23.15 -0.84
N SER EA 4 22.27 -19.77 -34.00
CA SER EA 4 22.44 -18.73 -34.95
C SER EA 4 21.78 -17.41 -34.49
N VAL EA 5 22.49 -16.32 -34.60
CA VAL EA 5 21.98 -14.98 -34.41
C VAL EA 5 22.71 -14.06 -33.39
N HIS EA 6 24.07 -14.10 -33.30
CA HIS EA 6 24.89 -13.62 -32.15
C HIS EA 6 25.15 -12.10 -31.97
N LEU EA 7 24.99 -11.62 -30.70
CA LEU EA 7 25.08 -10.21 -30.23
C LEU EA 7 26.48 -9.64 -29.91
N TYR EA 8 26.87 -8.60 -30.67
CA TYR EA 8 28.02 -7.76 -30.36
C TYR EA 8 27.56 -6.33 -30.09
N LEU EA 9 28.31 -5.63 -29.23
CA LEU EA 9 27.95 -4.28 -28.83
C LEU EA 9 29.23 -3.44 -28.85
N LYS EA 10 29.15 -2.24 -29.40
CA LYS EA 10 30.32 -1.40 -29.61
C LYS EA 10 30.11 -0.06 -28.90
N ALA EA 11 31.02 0.25 -27.98
CA ALA EA 11 31.23 1.59 -27.47
C ALA EA 11 32.61 2.08 -27.91
N ASN EA 12 32.71 2.55 -29.13
CA ASN EA 12 33.96 3.16 -29.56
C ASN EA 12 33.94 4.67 -29.38
N GLY EA 13 32.76 5.27 -29.19
CA GLY EA 13 32.70 6.71 -29.04
C GLY EA 13 33.51 7.24 -27.88
N SER EA 14 33.52 6.52 -26.76
CA SER EA 14 34.37 6.84 -25.62
C SER EA 14 35.62 5.96 -25.57
N ASP EA 15 35.78 5.04 -26.51
CA ASP EA 15 36.92 4.12 -26.51
C ASP EA 15 36.77 3.11 -25.39
N ILE EA 16 36.06 2.01 -25.65
CA ILE EA 16 35.77 1.01 -24.62
C ILE EA 16 35.95 -0.39 -25.20
N LYS EA 17 37.20 -0.85 -25.27
CA LYS EA 17 37.50 -2.13 -25.90
C LYS EA 17 36.91 -3.28 -25.10
N GLY EA 18 36.05 -4.06 -25.74
CA GLY EA 18 35.60 -5.33 -25.21
C GLY EA 18 36.62 -6.42 -25.46
N ASP EA 19 36.14 -7.66 -25.59
CA ASP EA 19 37.03 -8.80 -25.75
C ASP EA 19 36.75 -9.68 -26.95
N SER EA 20 35.84 -9.29 -27.85
CA SER EA 20 35.46 -10.13 -28.96
C SER EA 20 36.68 -10.47 -29.84
N THR EA 21 36.51 -11.52 -30.64
CA THR EA 21 37.59 -12.03 -31.49
C THR EA 21 37.21 -12.18 -32.96
N GLN EA 22 35.92 -12.35 -33.28
CA GLN EA 22 35.44 -12.37 -34.65
C GLN EA 22 36.04 -11.24 -35.48
N THR EA 23 37.08 -11.56 -36.26
CA THR EA 23 37.65 -10.59 -37.18
C THR EA 23 37.07 -10.72 -38.58
N SER EA 24 36.87 -11.96 -39.05
CA SER EA 24 36.25 -12.14 -40.36
C SER EA 24 34.83 -11.58 -40.37
N LEU EA 25 34.08 -11.77 -39.28
CA LEU EA 25 32.76 -11.18 -39.17
C LEU EA 25 32.81 -9.68 -38.95
N GLY EA 26 33.90 -9.17 -38.40
CA GLY EA 26 34.10 -7.74 -38.23
C GLY EA 26 33.88 -7.19 -36.85
N ARG EA 27 34.10 -7.98 -35.80
CA ARG EA 27 33.79 -7.53 -34.44
C ARG EA 27 35.00 -7.62 -33.52
N ALA EA 28 36.14 -7.13 -34.00
CA ALA EA 28 37.38 -7.21 -33.23
C ALA EA 28 37.32 -6.26 -32.03
N ASP EA 29 37.56 -6.81 -30.85
CA ASP EA 29 37.60 -6.07 -29.60
C ASP EA 29 36.25 -5.52 -29.18
N SER EA 30 35.18 -5.89 -29.89
CA SER EA 30 33.84 -5.49 -29.47
C SER EA 30 33.43 -6.26 -28.23
N ILE EA 31 32.29 -5.87 -27.66
CA ILE EA 31 31.77 -6.50 -26.45
C ILE EA 31 30.82 -7.62 -26.86
N GLU EA 32 31.15 -8.85 -26.46
CA GLU EA 32 30.27 -9.98 -26.73
C GLU EA 32 29.13 -9.98 -25.72
N CYS EA 33 27.91 -10.09 -26.22
CA CYS EA 33 26.71 -9.96 -25.39
C CYS EA 33 25.76 -11.12 -25.69
N VAL EA 34 25.04 -11.54 -24.64
CA VAL EA 34 24.11 -12.64 -24.76
C VAL EA 34 22.74 -12.11 -25.16
N ALA EA 35 22.12 -11.34 -24.26
CA ALA EA 35 20.76 -10.86 -24.45
C ALA EA 35 20.70 -9.33 -24.49
N TYR EA 36 19.64 -8.82 -25.13
CA TYR EA 36 19.52 -7.41 -25.43
C TYR EA 36 18.33 -6.75 -24.75
N SER EA 37 17.10 -7.13 -25.09
CA SER EA 37 15.91 -6.59 -24.44
C SER EA 37 15.75 -5.08 -24.63
N GLN EA 38 14.81 -4.66 -25.48
CA GLN EA 38 14.59 -3.25 -25.71
C GLN EA 38 13.20 -3.06 -26.29
N LYS EA 39 12.53 -1.98 -25.87
CA LYS EA 39 11.14 -1.81 -26.26
C LYS EA 39 10.82 -0.33 -26.42
N VAL EA 40 9.66 -0.09 -27.04
CA VAL EA 40 9.17 1.26 -27.33
C VAL EA 40 7.71 1.15 -27.76
N PHE EA 41 6.96 2.22 -27.54
CA PHE EA 41 5.54 2.23 -27.87
C PHE EA 41 4.86 3.40 -27.17
N THR EA 42 3.71 3.84 -27.69
CA THR EA 42 3.04 5.06 -27.26
C THR EA 42 2.08 4.81 -26.10
N ALA EA 43 1.31 5.85 -25.75
CA ALA EA 43 0.44 5.83 -24.57
C ALA EA 43 -0.96 5.30 -24.89
N ARG EA 44 -1.04 4.16 -25.55
CA ARG EA 44 -2.20 3.85 -26.38
C ARG EA 44 -3.37 3.36 -25.53
N GLU EA 45 -4.34 4.26 -25.25
CA GLU EA 45 -5.59 3.88 -24.59
C GLU EA 45 -6.65 3.39 -25.56
N ALA EA 46 -7.92 3.41 -25.15
CA ALA EA 46 -9.02 3.06 -26.02
C ALA EA 46 -9.77 4.33 -26.39
N GLY EA 47 -10.16 4.48 -27.66
CA GLY EA 47 -10.92 5.63 -28.07
C GLY EA 47 -10.97 5.77 -29.59
N SER EA 48 -11.74 6.77 -30.01
CA SER EA 48 -11.91 7.13 -31.43
C SER EA 48 -12.14 8.66 -31.51
N GLY EA 49 -11.26 9.37 -32.19
CA GLY EA 49 -10.11 8.77 -32.82
C GLY EA 49 -9.08 8.41 -31.79
N LEU EA 50 -7.88 8.15 -32.25
CA LEU EA 50 -6.81 7.73 -31.37
C LEU EA 50 -6.21 8.93 -30.65
N ALA EA 51 -5.91 8.73 -29.38
CA ALA EA 51 -5.07 9.70 -28.67
C ALA EA 51 -3.68 9.71 -29.30
N THR EA 52 -2.83 10.70 -29.01
CA THR EA 52 -1.67 10.80 -29.88
C THR EA 52 -0.38 11.04 -29.09
N GLY EA 53 0.48 9.99 -28.98
CA GLY EA 53 1.60 10.01 -28.04
C GLY EA 53 2.75 9.09 -28.39
N ARG EA 54 3.94 9.45 -27.89
CA ARG EA 54 5.26 8.96 -28.28
C ARG EA 54 6.10 8.38 -27.14
N ARG EA 55 5.92 7.08 -26.92
CA ARG EA 55 6.30 6.46 -25.66
C ARG EA 55 7.80 6.46 -25.39
N GLN EA 56 8.18 7.15 -24.31
CA GLN EA 56 9.54 7.12 -23.78
C GLN EA 56 10.20 5.77 -24.04
N TYR EA 57 11.15 5.77 -24.95
CA TYR EA 57 11.82 4.53 -25.34
C TYR EA 57 12.45 3.88 -24.13
N GLU EA 58 12.23 2.57 -24.00
CA GLU EA 58 12.81 1.84 -22.89
C GLU EA 58 14.33 1.81 -23.03
N GLY EA 59 15.00 1.71 -21.89
CA GLY EA 59 16.43 1.49 -21.89
C GLY EA 59 16.79 0.15 -22.52
N ILE EA 60 18.07 0.02 -22.85
CA ILE EA 60 18.60 -1.21 -23.43
C ILE EA 60 19.22 -2.05 -22.31
N GLU EA 61 18.89 -3.33 -22.26
CA GLU EA 61 19.22 -4.19 -21.13
C GLU EA 61 20.21 -5.28 -21.55
N ILE EA 62 21.49 -4.94 -21.61
CA ILE EA 62 22.53 -5.85 -22.06
C ILE EA 62 22.82 -6.88 -20.98
N THR EA 63 23.06 -8.12 -21.41
CA THR EA 63 23.51 -9.20 -20.55
C THR EA 63 24.83 -9.73 -21.09
N LYS EA 64 25.82 -9.86 -20.20
CA LYS EA 64 27.09 -10.41 -20.63
C LYS EA 64 27.86 -10.98 -19.46
N ARG EA 65 28.48 -12.15 -19.63
CA ARG EA 65 29.35 -12.68 -18.60
C ARG EA 65 30.73 -12.02 -18.67
N ILE EA 66 31.39 -12.13 -19.81
CA ILE EA 66 32.73 -11.60 -19.96
C ILE EA 66 32.75 -10.10 -19.71
N ASP EA 67 31.65 -9.41 -20.04
CA ASP EA 67 31.57 -7.97 -19.80
C ASP EA 67 31.78 -7.59 -18.35
N LYS EA 68 31.57 -8.54 -17.42
CA LYS EA 68 31.81 -8.25 -16.01
C LYS EA 68 33.26 -7.89 -15.75
N SER EA 69 34.19 -8.40 -16.55
CA SER EA 69 35.61 -8.11 -16.37
C SER EA 69 36.01 -6.73 -16.87
N SER EA 70 35.06 -5.95 -17.42
CA SER EA 70 35.37 -4.63 -17.95
C SER EA 70 35.04 -3.58 -16.89
N PRO EA 71 36.03 -3.02 -16.20
CA PRO EA 71 35.70 -1.99 -15.19
C PRO EA 71 35.08 -0.75 -15.79
N LEU EA 72 35.39 -0.43 -17.05
CA LEU EA 72 34.97 0.83 -17.65
C LEU EA 72 33.45 1.00 -17.59
N LEU EA 73 32.70 -0.10 -17.65
CA LEU EA 73 31.26 -0.01 -17.46
C LEU EA 73 30.92 0.36 -16.02
N MET EA 74 31.62 -0.26 -15.06
CA MET EA 74 31.40 0.03 -13.65
C MET EA 74 31.68 1.50 -13.37
N LYS EA 75 32.83 2.00 -13.82
CA LYS EA 75 33.14 3.42 -13.65
C LYS EA 75 32.16 4.29 -14.42
N ALA EA 76 31.70 3.82 -15.58
CA ALA EA 76 30.75 4.59 -16.38
C ALA EA 76 29.43 4.77 -15.65
N LEU EA 77 29.05 3.80 -14.81
CA LEU EA 77 27.84 3.92 -14.03
C LEU EA 77 27.92 5.11 -13.09
N CYS EA 78 28.74 4.99 -12.05
CA CYS EA 78 28.85 6.00 -11.01
C CYS EA 78 29.56 7.28 -11.46
N GLU EA 79 30.28 7.26 -12.55
CA GLU EA 79 30.83 8.49 -13.07
C GLU EA 79 30.16 8.87 -14.38
N ASN EA 80 28.98 8.34 -14.63
CA ASN EA 80 28.43 8.02 -15.92
C ASN EA 80 29.15 8.60 -17.10
N GLN EA 81 29.91 7.80 -17.82
CA GLN EA 81 30.58 8.41 -18.97
C GLN EA 81 29.53 8.67 -20.07
N VAL EA 82 29.43 9.92 -20.53
CA VAL EA 82 28.59 10.25 -21.69
C VAL EA 82 29.30 9.72 -22.93
N ILE EA 83 28.61 8.84 -23.66
CA ILE EA 83 29.16 8.25 -24.87
C ILE EA 83 28.37 8.78 -26.05
N ASP EA 84 29.05 8.94 -27.17
CA ASP EA 84 28.41 9.50 -28.36
C ASP EA 84 27.57 8.47 -29.10
N ALA EA 85 28.02 7.21 -29.15
CA ALA EA 85 27.30 6.22 -29.95
C ALA EA 85 27.52 4.83 -29.36
N THR EA 86 26.44 4.05 -29.30
CA THR EA 86 26.50 2.64 -28.96
C THR EA 86 25.87 1.86 -30.11
N PHE EA 87 26.61 0.90 -30.66
CA PHE EA 87 26.16 0.15 -31.82
C PHE EA 87 25.86 -1.28 -31.40
N LYS EA 88 24.60 -1.69 -31.57
CA LYS EA 88 24.20 -3.08 -31.33
C LYS EA 88 24.14 -3.80 -32.66
N PHE EA 89 24.56 -5.07 -32.67
CA PHE EA 89 24.58 -5.83 -33.92
C PHE EA 89 24.37 -7.31 -33.65
N PHE EA 90 23.35 -7.88 -34.28
CA PHE EA 90 23.06 -9.31 -34.20
C PHE EA 90 23.26 -9.96 -35.56
N ARG EA 91 23.68 -11.23 -35.53
CA ARG EA 91 24.06 -11.88 -36.78
C ARG EA 91 22.98 -12.86 -37.18
N PRO EA 92 22.89 -13.24 -38.44
CA PRO EA 92 21.92 -14.28 -38.82
C PRO EA 92 22.15 -15.59 -38.07
N ASN EA 93 21.00 -16.51 -38.05
CA ASN EA 93 20.83 -17.86 -37.52
C ASN EA 93 20.57 -18.86 -38.64
N PRO EA 94 21.02 -20.12 -38.55
CA PRO EA 94 21.23 -20.96 -39.75
C PRO EA 94 20.00 -21.66 -40.34
N THR EA 95 20.14 -22.12 -41.61
CA THR EA 95 19.11 -22.98 -42.27
C THR EA 95 19.38 -23.48 -43.69
N GLY EA 96 18.70 -22.89 -44.68
CA GLY EA 96 19.31 -22.91 -45.97
C GLY EA 96 20.61 -22.10 -46.01
N ASP EA 97 20.71 -20.97 -45.28
CA ASP EA 97 21.93 -20.16 -45.42
C ASP EA 97 22.90 -20.28 -44.24
N GLY EA 98 24.01 -19.55 -44.41
CA GLY EA 98 25.03 -19.41 -43.36
C GLY EA 98 25.74 -18.08 -43.55
N THR EA 99 25.40 -17.11 -42.72
CA THR EA 99 25.93 -15.75 -42.83
C THR EA 99 26.43 -15.26 -41.47
N THR EA 100 27.64 -14.69 -41.48
CA THR EA 100 28.16 -13.91 -40.36
C THR EA 100 27.72 -12.45 -40.41
N GLU EA 101 26.75 -12.15 -41.26
CA GLU EA 101 26.30 -10.78 -41.48
C GLU EA 101 25.29 -10.36 -40.41
N GLN EA 102 25.18 -9.05 -40.21
CA GLN EA 102 24.30 -8.48 -39.19
C GLN EA 102 22.91 -8.28 -39.80
N PHE EA 103 21.98 -9.16 -39.45
CA PHE EA 103 20.60 -9.02 -39.88
C PHE EA 103 19.82 -7.99 -39.08
N TYR EA 104 20.46 -7.38 -38.08
CA TYR EA 104 19.81 -6.35 -37.27
C TYR EA 104 20.90 -5.47 -36.68
N THR EA 105 20.88 -4.18 -37.01
CA THR EA 105 21.93 -3.24 -36.65
C THR EA 105 21.30 -2.02 -35.96
N VAL EA 106 21.28 -2.03 -34.64
CA VAL EA 106 20.74 -0.93 -33.84
C VAL EA 106 21.81 0.12 -33.63
N SER EA 107 21.38 1.38 -33.57
CA SER EA 107 22.30 2.50 -33.43
C SER EA 107 21.75 3.51 -32.43
N ILE EA 108 22.47 3.70 -31.33
CA ILE EA 108 22.07 4.65 -30.29
C ILE EA 108 23.05 5.80 -30.26
N LYS EA 109 22.53 7.01 -30.01
CA LYS EA 109 23.31 8.24 -29.98
C LYS EA 109 23.05 8.96 -28.67
N LYS EA 110 24.14 9.37 -28.00
CA LYS EA 110 24.05 10.07 -26.72
C LYS EA 110 23.77 9.10 -25.59
N ALA EA 111 24.64 8.11 -25.42
CA ALA EA 111 24.39 6.99 -24.54
C ALA EA 111 25.08 7.17 -23.19
N ARG EA 112 24.49 6.58 -22.16
CA ARG EA 112 25.08 6.53 -20.83
C ARG EA 112 24.72 5.20 -20.18
N ILE EA 113 25.50 4.83 -19.18
CA ILE EA 113 25.24 3.64 -18.37
C ILE EA 113 24.41 4.09 -17.18
N ASN EA 114 23.12 3.73 -17.20
CA ASN EA 114 22.23 4.08 -16.10
C ASN EA 114 22.29 3.09 -14.95
N ALA EA 115 22.83 1.89 -15.17
CA ALA EA 115 22.90 0.90 -14.11
C ALA EA 115 23.92 -0.17 -14.46
N ILE EA 116 24.66 -0.61 -13.46
CA ILE EA 116 25.61 -1.72 -13.59
C ILE EA 116 25.27 -2.77 -12.53
N GLN EA 117 25.05 -4.00 -12.98
CA GLN EA 117 24.76 -5.12 -12.09
C GLN EA 117 25.88 -6.15 -12.17
N GLN EA 118 26.15 -6.80 -11.04
CA GLN EA 118 27.18 -7.84 -10.98
C GLN EA 118 26.72 -8.99 -10.09
N THR EA 119 27.22 -10.18 -10.41
CA THR EA 119 26.74 -11.39 -9.76
C THR EA 119 27.63 -12.55 -10.17
N VAL EA 120 27.87 -13.44 -9.21
CA VAL EA 120 28.73 -14.61 -9.40
C VAL EA 120 27.97 -15.83 -8.88
N PRO EA 121 27.73 -16.84 -9.68
CA PRO EA 121 26.77 -17.87 -9.27
C PRO EA 121 27.40 -19.05 -8.51
N ASN EA 122 27.51 -18.89 -7.19
CA ASN EA 122 27.47 -19.99 -6.21
C ASN EA 122 27.89 -21.39 -6.70
N SER EA 123 29.01 -21.86 -6.13
CA SER EA 123 29.42 -23.25 -6.22
C SER EA 123 30.77 -23.30 -6.92
N PHE EA 124 31.08 -24.45 -7.51
CA PHE EA 124 32.36 -24.70 -8.14
C PHE EA 124 32.10 -25.60 -9.34
N VAL EA 125 32.95 -25.48 -10.34
CA VAL EA 125 32.78 -26.30 -11.53
C VAL EA 125 33.33 -27.67 -11.20
N PRO EA 126 32.83 -28.72 -11.85
CA PRO EA 126 33.61 -29.95 -11.95
C PRO EA 126 35.04 -29.70 -12.39
N ALA EA 127 35.37 -28.51 -12.89
CA ALA EA 127 36.73 -28.16 -13.28
C ALA EA 127 37.56 -27.36 -12.28
N SER EA 128 37.34 -27.52 -10.96
CA SER EA 128 38.33 -27.25 -9.92
C SER EA 128 38.61 -25.78 -9.77
N THR EA 129 37.96 -24.99 -10.62
CA THR EA 129 37.67 -23.60 -10.30
C THR EA 129 36.24 -23.55 -9.74
N ASN EA 130 35.42 -22.64 -10.30
CA ASN EA 130 34.13 -22.20 -9.73
C ASN EA 130 33.58 -21.10 -10.66
N LEU EA 131 32.50 -20.40 -10.21
CA LEU EA 131 31.71 -19.57 -11.16
C LEU EA 131 32.55 -18.59 -12.02
N PRO EA 132 32.27 -18.53 -13.34
CA PRO EA 132 32.50 -17.29 -14.06
C PRO EA 132 31.34 -16.34 -13.82
N PRO EA 133 31.55 -15.02 -13.97
CA PRO EA 133 30.54 -14.07 -13.47
C PRO EA 133 29.63 -13.45 -14.54
N MET EA 134 28.47 -12.91 -14.15
CA MET EA 134 27.51 -12.35 -15.10
C MET EA 134 27.10 -10.94 -14.70
N GLU EA 135 27.11 -10.02 -15.67
CA GLU EA 135 26.74 -8.64 -15.45
C GLU EA 135 25.59 -8.25 -16.37
N THR EA 136 24.72 -7.38 -15.86
CA THR EA 136 23.59 -6.84 -16.61
C THR EA 136 23.67 -5.33 -16.54
N LEU EA 137 23.69 -4.69 -17.72
CA LEU EA 137 23.92 -3.25 -17.81
C LEU EA 137 22.72 -2.60 -18.50
N GLN EA 138 22.28 -1.48 -17.95
CA GLN EA 138 21.18 -0.70 -18.52
C GLN EA 138 21.78 0.51 -19.22
N LEU EA 139 21.47 0.66 -20.50
CA LEU EA 139 21.97 1.74 -21.34
C LEU EA 139 20.81 2.69 -21.61
N VAL EA 140 20.92 3.91 -21.10
CA VAL EA 140 19.98 4.95 -21.46
C VAL EA 140 20.59 5.75 -22.60
N PHE EA 141 19.75 6.44 -23.37
CA PHE EA 141 20.23 7.11 -24.56
C PHE EA 141 19.30 8.24 -24.96
N HIS EA 142 19.58 8.81 -26.14
CA HIS EA 142 18.83 9.93 -26.70
C HIS EA 142 18.22 9.61 -28.06
N THR EA 143 18.97 8.99 -28.97
CA THR EA 143 18.43 8.65 -30.29
C THR EA 143 18.77 7.21 -30.64
N ILE EA 144 18.05 6.64 -31.61
CA ILE EA 144 18.23 5.22 -31.95
C ILE EA 144 17.73 4.97 -33.36
N ASN EA 145 18.20 3.87 -33.97
CA ASN EA 145 17.87 3.47 -35.34
C ASN EA 145 17.83 1.95 -35.44
N TRP EA 146 16.90 1.43 -36.23
CA TRP EA 146 16.55 0.01 -36.19
C TRP EA 146 17.35 -0.84 -37.17
N THR EA 147 17.03 -0.76 -38.46
CA THR EA 147 17.80 -1.42 -39.50
C THR EA 147 17.76 -2.95 -39.43
N ILE EA 148 17.16 -3.60 -40.43
CA ILE EA 148 17.06 -5.05 -40.47
C ILE EA 148 17.46 -5.53 -41.86
N THR EA 149 17.90 -6.79 -41.93
CA THR EA 149 18.27 -7.41 -43.20
C THR EA 149 17.96 -8.91 -43.16
N GLN EA 150 17.33 -9.39 -44.23
CA GLN EA 150 16.97 -10.81 -44.32
C GLN EA 150 16.19 -11.08 -45.60
N GLY EA 151 15.15 -10.28 -45.84
CA GLY EA 151 14.46 -10.26 -47.12
C GLY EA 151 14.75 -8.94 -47.79
N GLY EA 152 15.98 -8.46 -47.59
CA GLY EA 152 16.41 -7.17 -48.08
C GLY EA 152 16.97 -6.28 -46.99
N VAL EA 153 17.83 -5.34 -47.36
CA VAL EA 153 18.09 -4.21 -46.48
C VAL EA 153 16.78 -3.45 -46.31
N THR EA 154 16.35 -3.29 -45.05
CA THR EA 154 15.04 -2.76 -44.73
C THR EA 154 15.20 -1.38 -44.11
N HIS EA 155 14.96 -0.34 -44.93
CA HIS EA 155 15.05 1.08 -44.60
C HIS EA 155 15.38 1.40 -43.15
N GLU EA 156 16.61 1.84 -42.90
CA GLU EA 156 17.02 2.23 -41.56
C GLU EA 156 16.16 3.37 -41.05
N ASP EA 157 15.31 3.10 -40.07
CA ASP EA 157 14.46 4.10 -39.43
C ASP EA 157 14.82 4.17 -37.95
N THR EA 158 14.24 5.15 -37.25
CA THR EA 158 14.53 5.32 -35.83
C THR EA 158 13.79 6.49 -35.23
N TRP EA 159 14.33 7.07 -34.16
CA TRP EA 159 13.62 8.13 -33.46
C TRP EA 159 14.58 8.85 -32.52
N ASP EA 160 14.17 10.05 -32.10
CA ASP EA 160 14.95 10.90 -31.22
C ASP EA 160 14.03 11.47 -30.15
N THR EA 161 14.43 11.31 -28.89
CA THR EA 161 13.72 11.89 -27.76
C THR EA 161 14.10 13.34 -27.53
N GLN EA 162 15.02 13.88 -28.31
CA GLN EA 162 15.34 15.30 -28.25
C GLN EA 162 14.44 16.14 -29.16
N ARG EA 163 13.85 15.54 -30.17
CA ARG EA 163 12.96 16.28 -31.07
C ARG EA 163 11.53 15.74 -31.03
N SER FA 4 -1.19 -27.79 -35.64
CA SER FA 4 -2.25 -27.26 -36.45
C SER FA 4 -2.94 -26.06 -35.77
N VAL FA 5 -3.15 -25.01 -36.54
CA VAL FA 5 -3.95 -23.86 -36.14
C VAL FA 5 -3.30 -22.45 -36.24
N HIS FA 6 -2.46 -22.17 -37.29
CA HIS FA 6 -1.47 -21.06 -37.33
C HIS FA 6 -1.94 -19.61 -37.59
N LEU FA 7 -1.39 -18.66 -36.78
CA LEU FA 7 -1.71 -17.20 -36.73
C LEU FA 7 -1.01 -16.27 -37.74
N TYR FA 8 -1.80 -15.63 -38.61
CA TYR FA 8 -1.37 -14.52 -39.45
C TYR FA 8 -2.13 -13.25 -39.07
N LEU FA 9 -1.48 -12.10 -39.25
CA LEU FA 9 -2.05 -10.82 -38.87
C LEU FA 9 -1.77 -9.84 -40.00
N LYS FA 10 -2.77 -9.07 -40.38
CA LYS FA 10 -2.68 -8.18 -41.53
C LYS FA 10 -2.95 -6.74 -41.11
N ALA FA 11 -1.96 -5.87 -41.33
CA ALA FA 11 -2.17 -4.43 -41.36
C ALA FA 11 -1.94 -3.91 -42.77
N ASN FA 12 -2.96 -4.03 -43.62
CA ASN FA 12 -2.85 -3.43 -44.94
C ASN FA 12 -3.47 -2.05 -44.98
N GLY FA 13 -4.28 -1.69 -43.98
CA GLY FA 13 -4.91 -0.37 -43.99
C GLY FA 13 -3.92 0.78 -44.03
N SER FA 14 -2.81 0.65 -43.32
CA SER FA 14 -1.72 1.62 -43.38
C SER FA 14 -0.57 1.15 -44.26
N ASP FA 15 -0.68 -0.05 -44.84
CA ASP FA 15 0.39 -0.60 -45.66
C ASP FA 15 1.56 -1.01 -44.78
N ILE FA 16 1.53 -2.23 -44.24
CA ILE FA 16 2.56 -2.69 -43.31
C ILE FA 16 2.94 -4.13 -43.64
N LYS FA 17 3.80 -4.30 -44.63
CA LYS FA 17 4.15 -5.64 -45.11
C LYS FA 17 4.94 -6.41 -44.05
N GLY FA 18 4.40 -7.54 -43.64
CA GLY FA 18 5.13 -8.50 -42.84
C GLY FA 18 6.04 -9.34 -43.70
N ASP FA 19 6.30 -10.58 -43.25
CA ASP FA 19 7.24 -11.45 -43.94
C ASP FA 19 6.69 -12.83 -44.31
N SER FA 20 5.40 -13.07 -44.14
CA SER FA 20 4.83 -14.39 -44.40
C SER FA 20 5.07 -14.83 -45.85
N THR FA 21 4.95 -16.13 -46.07
CA THR FA 21 5.20 -16.72 -47.38
C THR FA 21 4.08 -17.60 -47.91
N GLN FA 22 3.24 -18.16 -47.04
CA GLN FA 22 2.04 -18.90 -47.44
C GLN FA 22 1.27 -18.17 -48.53
N THR FA 23 1.46 -18.57 -49.78
CA THR FA 23 0.68 -18.02 -50.87
C THR FA 23 -0.52 -18.89 -51.21
N SER FA 24 -0.35 -20.21 -51.19
CA SER FA 24 -1.49 -21.10 -51.42
C SER FA 24 -2.56 -20.91 -50.35
N LEU FA 25 -2.14 -20.75 -49.09
CA LEU FA 25 -3.08 -20.46 -48.03
C LEU FA 25 -3.63 -19.05 -48.09
N GLY FA 26 -2.89 -18.13 -48.71
CA GLY FA 26 -3.37 -16.77 -48.93
C GLY FA 26 -2.81 -15.72 -48.00
N ARG FA 27 -1.60 -15.88 -47.49
CA ARG FA 27 -1.07 -14.95 -46.49
C ARG FA 27 0.27 -14.36 -46.93
N ALA FA 28 0.34 -13.91 -48.18
CA ALA FA 28 1.58 -13.37 -48.72
C ALA FA 28 1.90 -12.02 -48.08
N ASP FA 29 3.10 -11.91 -47.54
CA ASP FA 29 3.61 -10.69 -46.93
C ASP FA 29 2.88 -10.32 -45.64
N SER FA 30 2.00 -11.17 -45.15
CA SER FA 30 1.35 -10.93 -43.88
C SER FA 30 2.34 -11.12 -42.73
N ILE FA 31 1.90 -10.77 -41.52
CA ILE FA 31 2.74 -10.88 -40.34
C ILE FA 31 2.48 -12.23 -39.69
N GLU FA 32 3.53 -13.06 -39.60
CA GLU FA 32 3.42 -14.34 -38.92
C GLU FA 32 3.48 -14.13 -37.41
N CYS FA 33 2.51 -14.70 -36.70
CA CYS FA 33 2.34 -14.47 -35.28
C CYS FA 33 2.19 -15.79 -34.55
N VAL FA 34 2.70 -15.84 -33.33
CA VAL FA 34 2.65 -17.05 -32.52
C VAL FA 34 1.36 -17.05 -31.70
N ALA FA 35 1.25 -16.10 -30.76
CA ALA FA 35 0.15 -16.07 -29.81
C ALA FA 35 -0.65 -14.78 -29.96
N TYR FA 36 -1.92 -14.85 -29.53
CA TYR FA 36 -2.88 -13.76 -29.76
C TYR FA 36 -3.40 -13.13 -28.47
N SER FA 37 -4.12 -13.88 -27.64
CA SER FA 37 -4.60 -13.37 -26.36
C SER FA 37 -5.55 -12.18 -26.50
N GLN FA 38 -6.84 -12.39 -26.28
CA GLN FA 38 -7.81 -11.31 -26.38
C GLN FA 38 -9.06 -11.70 -25.61
N LYS FA 39 -9.67 -10.72 -24.95
CA LYS FA 39 -10.79 -11.04 -24.07
C LYS FA 39 -11.79 -9.89 -24.05
N VAL FA 40 -12.96 -10.20 -23.51
CA VAL FA 40 -14.08 -9.27 -23.42
C VAL FA 40 -15.11 -9.86 -22.49
N PHE FA 41 -15.90 -8.98 -21.86
CA PHE FA 41 -16.91 -9.41 -20.91
C PHE FA 41 -17.39 -8.23 -20.07
N THR FA 42 -18.58 -8.33 -19.50
CA THR FA 42 -19.25 -7.22 -18.84
C THR FA 42 -18.88 -7.11 -17.35
N ALA FA 43 -19.57 -6.21 -16.65
CA ALA FA 43 -19.24 -5.88 -15.26
C ALA FA 43 -20.00 -6.78 -14.27
N ARG FA 44 -19.91 -8.08 -14.45
CA ARG FA 44 -20.97 -8.97 -13.97
C ARG FA 44 -20.80 -9.25 -12.47
N GLU FA 45 -21.57 -8.56 -11.63
CA GLU FA 45 -21.62 -8.84 -10.19
C GLU FA 45 -22.64 -9.92 -9.85
N ALA FA 46 -23.07 -9.99 -8.59
CA ALA FA 46 -24.10 -10.92 -8.17
C ALA FA 46 -25.39 -10.13 -7.91
N GLY FA 47 -26.52 -10.66 -8.35
CA GLY FA 47 -27.78 -10.00 -8.11
C GLY FA 47 -28.91 -10.57 -8.95
N SER FA 48 -30.11 -10.06 -8.69
CA SER FA 48 -31.32 -10.42 -9.40
C SER FA 48 -32.25 -9.18 -9.43
N GLY FA 49 -32.58 -8.68 -10.61
CA GLY FA 49 -32.08 -9.25 -11.84
C GLY FA 49 -30.64 -8.88 -12.05
N LEU FA 50 -30.17 -9.10 -13.25
CA LEU FA 50 -28.79 -8.82 -13.59
C LEU FA 50 -28.55 -7.33 -13.74
N ALA FA 51 -27.44 -6.87 -13.21
CA ALA FA 51 -26.93 -5.57 -13.59
C ALA FA 51 -26.58 -5.57 -15.08
N THR FA 52 -26.44 -4.41 -15.71
CA THR FA 52 -26.39 -4.49 -17.17
C THR FA 52 -25.28 -3.64 -17.77
N GLY FA 53 -24.21 -4.29 -18.28
CA GLY FA 53 -23.00 -3.59 -18.65
C GLY FA 53 -22.12 -4.30 -19.68
N ARG FA 54 -21.31 -3.49 -20.38
CA ARG FA 54 -20.61 -3.78 -21.64
C ARG FA 54 -19.09 -3.61 -21.59
N ARG FA 55 -18.40 -4.69 -21.21
CA ARG FA 55 -17.04 -4.59 -20.70
C ARG FA 55 -16.03 -4.16 -21.74
N GLN FA 56 -15.43 -3.00 -21.51
CA GLN FA 56 -14.30 -2.49 -22.28
C GLN FA 56 -13.46 -3.64 -22.82
N TYR FA 57 -13.56 -3.87 -24.13
CA TYR FA 57 -12.86 -4.98 -24.76
C TYR FA 57 -11.37 -4.86 -24.49
N GLU FA 58 -10.77 -5.99 -24.11
CA GLU FA 58 -9.34 -6.00 -23.85
C GLU FA 58 -8.58 -5.77 -25.15
N GLY FA 59 -7.39 -5.21 -25.03
CA GLY FA 59 -6.49 -5.10 -26.16
C GLY FA 59 -6.08 -6.46 -26.67
N ILE FA 60 -5.52 -6.47 -27.89
CA ILE FA 60 -5.03 -7.69 -28.52
C ILE FA 60 -3.53 -7.77 -28.27
N GLU FA 61 -3.06 -8.95 -27.84
CA GLU FA 61 -1.68 -9.09 -27.36
C GLU FA 61 -0.90 -10.03 -28.29
N ILE FA 62 -0.40 -9.49 -29.39
CA ILE FA 62 0.32 -10.27 -30.40
C ILE FA 62 1.71 -10.62 -29.90
N THR FA 63 2.14 -11.83 -30.21
CA THR FA 63 3.51 -12.29 -29.95
C THR FA 63 4.13 -12.72 -31.28
N LYS FA 64 5.33 -12.23 -31.55
CA LYS FA 64 6.01 -12.64 -32.77
C LYS FA 64 7.51 -12.43 -32.65
N ARG FA 65 8.30 -13.41 -33.11
CA ARG FA 65 9.74 -13.21 -33.17
C ARG FA 65 10.12 -12.39 -34.39
N ILE FA 66 9.76 -12.87 -35.58
CA ILE FA 66 10.15 -12.18 -36.81
C ILE FA 66 9.61 -10.76 -36.84
N ASP FA 67 8.45 -10.54 -36.22
CA ASP FA 67 7.85 -9.20 -36.16
C ASP FA 67 8.78 -8.18 -35.53
N LYS FA 68 9.75 -8.62 -34.73
CA LYS FA 68 10.71 -7.68 -34.13
C LYS FA 68 11.51 -6.95 -35.19
N SER FA 69 11.72 -7.57 -36.35
CA SER FA 69 12.48 -6.93 -37.42
C SER FA 69 11.69 -5.88 -38.18
N SER FA 70 10.43 -5.65 -37.81
CA SER FA 70 9.59 -4.68 -38.52
C SER FA 70 9.62 -3.37 -37.74
N PRO FA 71 10.36 -2.35 -38.20
CA PRO FA 71 10.36 -1.08 -37.46
C PRO FA 71 9.02 -0.39 -37.44
N LEU FA 72 8.18 -0.62 -38.46
CA LEU FA 72 6.92 0.11 -38.59
C LEU FA 72 6.05 -0.03 -37.36
N LEU FA 73 6.13 -1.17 -36.66
CA LEU FA 73 5.41 -1.31 -35.40
C LEU FA 73 6.04 -0.41 -34.34
N MET FA 74 7.37 -0.37 -34.27
CA MET FA 74 8.06 0.48 -33.31
C MET FA 74 7.70 1.94 -33.52
N LYS FA 75 7.78 2.41 -34.77
CA LYS FA 75 7.38 3.78 -35.07
C LYS FA 75 5.89 3.99 -34.82
N ALA FA 76 5.07 2.96 -35.07
CA ALA FA 76 3.64 3.08 -34.85
C ALA FA 76 3.32 3.29 -33.38
N LEU FA 77 4.15 2.73 -32.50
CA LEU FA 77 3.95 2.93 -31.06
C LEU FA 77 4.07 4.41 -30.71
N CYS FA 78 5.28 4.94 -30.73
CA CYS FA 78 5.55 6.31 -30.33
C CYS FA 78 5.04 7.38 -31.29
N GLU FA 79 4.75 7.03 -32.54
CA GLU FA 79 4.11 7.98 -33.42
C GLU FA 79 2.66 7.60 -33.66
N ASN FA 80 2.10 6.77 -32.81
CA ASN FA 80 1.07 5.79 -33.09
C ASN FA 80 0.37 5.94 -34.41
N GLN FA 81 0.63 5.04 -35.35
CA GLN FA 81 -0.09 5.15 -36.61
C GLN FA 81 -1.53 4.70 -36.41
N VAL FA 82 -2.50 5.56 -36.74
CA VAL FA 82 -3.91 5.15 -36.79
C VAL FA 82 -4.10 4.26 -38.02
N ILE FA 83 -4.55 3.04 -37.80
CA ILE FA 83 -4.77 2.10 -38.88
C ILE FA 83 -6.27 1.85 -38.97
N ASP FA 84 -6.73 1.64 -40.21
CA ASP FA 84 -8.15 1.45 -40.44
C ASP FA 84 -8.62 0.05 -40.07
N ALA FA 85 -7.81 -0.97 -40.33
CA ALA FA 85 -8.27 -2.34 -40.10
C ALA FA 85 -7.07 -3.24 -39.80
N THR FA 86 -7.25 -4.11 -38.82
CA THR FA 86 -6.29 -5.18 -38.50
C THR FA 86 -7.04 -6.49 -38.58
N PHE FA 87 -6.54 -7.43 -39.40
CA PHE FA 87 -7.21 -8.69 -39.64
C PHE FA 87 -6.41 -9.82 -38.99
N LYS FA 88 -7.01 -10.51 -38.03
CA LYS FA 88 -6.40 -11.67 -37.42
C LYS FA 88 -6.99 -12.93 -38.07
N PHE FA 89 -6.15 -13.94 -38.28
CA PHE FA 89 -6.62 -15.16 -38.94
C PHE FA 89 -5.83 -16.37 -38.45
N PHE FA 90 -6.54 -17.36 -37.94
CA PHE FA 90 -5.95 -18.63 -37.51
C PHE FA 90 -6.45 -19.76 -38.39
N ARG FA 91 -5.60 -20.76 -38.57
CA ARG FA 91 -5.90 -21.81 -39.53
C ARG FA 91 -6.30 -23.07 -38.78
N PRO FA 92 -7.01 -23.99 -39.41
CA PRO FA 92 -7.32 -25.26 -38.75
C PRO FA 92 -6.05 -26.02 -38.38
N ASN FA 93 -6.22 -27.04 -37.32
CA ASN FA 93 -5.30 -28.01 -36.71
C ASN FA 93 -5.72 -29.44 -37.05
N PRO FA 94 -4.81 -30.40 -37.19
CA PRO FA 94 -5.06 -31.62 -37.97
C PRO FA 94 -5.80 -32.77 -37.26
N THR FA 95 -6.35 -33.72 -38.08
CA THR FA 95 -6.89 -34.99 -37.55
C THR FA 95 -7.53 -35.98 -38.54
N GLY FA 96 -8.87 -35.99 -38.61
CA GLY FA 96 -9.47 -36.48 -39.82
C GLY FA 96 -9.22 -35.58 -41.03
N ASP FA 97 -9.21 -34.24 -40.86
CA ASP FA 97 -9.01 -33.36 -42.02
C ASP FA 97 -7.61 -32.76 -42.10
N GLY FA 98 -7.45 -31.96 -43.17
CA GLY FA 98 -6.23 -31.14 -43.36
C GLY FA 98 -6.57 -29.91 -44.17
N THR FA 99 -6.65 -28.75 -43.51
CA THR FA 99 -7.09 -27.51 -44.15
C THR FA 99 -6.14 -26.36 -43.82
N THR FA 100 -5.77 -25.61 -44.86
CA THR FA 100 -5.10 -24.34 -44.70
C THR FA 100 -6.08 -23.17 -44.53
N GLU FA 101 -7.34 -23.49 -44.28
CA GLU FA 101 -8.40 -22.50 -44.18
C GLU FA 101 -8.44 -21.87 -42.79
N GLN FA 102 -9.00 -20.67 -42.73
CA GLN FA 102 -9.07 -19.90 -41.49
C GLN FA 102 -10.34 -20.29 -40.75
N PHE FA 103 -10.19 -21.08 -39.69
CA PHE FA 103 -11.31 -21.46 -38.84
C PHE FA 103 -11.69 -20.36 -37.86
N TYR FA 104 -10.97 -19.23 -37.86
CA TYR FA 104 -11.26 -18.11 -36.97
C TYR FA 104 -10.69 -16.85 -37.62
N THR FA 105 -11.56 -15.89 -37.92
CA THR FA 105 -11.18 -14.69 -38.66
C THR FA 105 -11.66 -13.47 -37.88
N VAL FA 106 -10.77 -12.87 -37.09
CA VAL FA 106 -11.06 -11.68 -36.30
C VAL FA 106 -10.84 -10.45 -37.17
N SER FA 107 -11.64 -9.41 -36.91
CA SER FA 107 -11.59 -8.19 -37.71
C SER FA 107 -11.69 -6.97 -36.79
N ILE FA 108 -10.64 -6.16 -36.75
CA ILE FA 108 -10.61 -4.96 -35.92
C ILE FA 108 -10.62 -3.73 -36.82
N LYS FA 109 -11.32 -2.69 -36.37
CA LYS FA 109 -11.46 -1.44 -37.12
C LYS FA 109 -11.06 -0.27 -36.23
N LYS FA 110 -10.22 0.61 -36.76
CA LYS FA 110 -9.74 1.78 -36.03
C LYS FA 110 -8.65 1.38 -35.04
N ALA FA 111 -7.57 0.77 -35.54
CA ALA FA 111 -6.56 0.14 -34.70
C ALA FA 111 -5.36 1.06 -34.50
N ARG FA 112 -4.70 0.88 -33.36
CA ARG FA 112 -3.45 1.57 -33.06
C ARG FA 112 -2.56 0.63 -32.24
N ILE FA 113 -1.27 0.92 -32.27
CA ILE FA 113 -0.29 0.20 -31.46
C ILE FA 113 -0.16 0.94 -30.14
N ASN FA 114 -0.71 0.37 -29.07
CA ASN FA 114 -0.62 0.97 -27.76
C ASN FA 114 0.67 0.64 -27.03
N ALA FA 115 1.40 -0.38 -27.47
CA ALA FA 115 2.64 -0.75 -26.80
C ALA FA 115 3.48 -1.63 -27.71
N ILE FA 116 4.79 -1.41 -27.69
CA ILE FA 116 5.76 -2.22 -28.41
C ILE FA 116 6.80 -2.73 -27.41
N GLN FA 117 6.98 -4.06 -27.37
CA GLN FA 117 7.96 -4.68 -26.50
C GLN FA 117 9.02 -5.39 -27.34
N GLN FA 118 10.25 -5.38 -26.84
CA GLN FA 118 11.37 -6.02 -27.51
C GLN FA 118 12.27 -6.73 -26.51
N THR FA 119 12.91 -7.81 -26.96
CA THR FA 119 13.67 -8.66 -26.08
C THR FA 119 14.44 -9.67 -26.90
N VAL FA 120 15.66 -9.96 -26.45
CA VAL FA 120 16.58 -10.86 -27.12
C VAL FA 120 17.10 -11.86 -26.09
N PRO FA 121 16.92 -13.16 -26.25
CA PRO FA 121 17.15 -14.07 -25.14
C PRO FA 121 18.58 -14.62 -25.06
N ASN FA 122 19.43 -13.89 -24.34
CA ASN FA 122 20.68 -14.35 -23.71
C ASN FA 122 21.24 -15.72 -24.16
N SER FA 123 22.47 -15.65 -24.67
CA SER FA 123 23.30 -16.82 -24.93
C SER FA 123 23.60 -16.90 -26.42
N PHE FA 124 23.92 -18.10 -26.89
CA PHE FA 124 24.32 -18.33 -28.26
C PHE FA 124 23.80 -19.68 -28.64
N VAL FA 125 23.53 -19.85 -29.93
CA VAL FA 125 23.03 -21.14 -30.40
C VAL FA 125 24.22 -22.06 -30.51
N PRO FA 126 24.01 -23.37 -30.35
CA PRO FA 126 24.97 -24.33 -30.93
C PRO FA 126 25.32 -24.01 -32.36
N ALA FA 127 24.59 -23.13 -33.05
CA ALA FA 127 24.90 -22.73 -34.41
C ALA FA 127 25.65 -21.39 -34.58
N SER FA 128 26.51 -20.99 -33.63
CA SER FA 128 27.62 -20.08 -33.83
C SER FA 128 27.18 -18.68 -34.14
N THR FA 129 25.87 -18.51 -34.19
CA THR FA 129 25.25 -17.22 -33.92
C THR FA 129 24.82 -17.23 -32.44
N ASN FA 130 23.55 -16.84 -32.21
CA ASN FA 130 23.01 -16.49 -30.88
C ASN FA 130 21.54 -16.07 -31.09
N LEU FA 131 20.91 -15.49 -30.03
CA LEU FA 131 19.43 -15.36 -30.04
C LEU FA 131 18.84 -14.72 -31.31
N PRO FA 132 17.76 -15.32 -31.86
CA PRO FA 132 16.79 -14.52 -32.59
C PRO FA 132 15.85 -13.83 -31.62
N PRO FA 133 15.22 -12.71 -32.03
CA PRO FA 133 14.54 -11.87 -31.02
C PRO FA 133 13.02 -11.99 -30.97
N MET FA 134 12.38 -11.60 -29.86
CA MET FA 134 10.94 -11.74 -29.69
C MET FA 134 10.31 -10.42 -29.28
N GLU FA 135 9.21 -10.06 -29.95
CA GLU FA 135 8.48 -8.83 -29.66
C GLU FA 135 7.03 -9.15 -29.31
N THR FA 136 6.47 -8.35 -28.42
CA THR FA 136 5.08 -8.46 -27.99
C THR FA 136 4.43 -7.10 -28.17
N LEU FA 137 3.35 -7.06 -28.94
CA LEU FA 137 2.71 -5.81 -29.33
C LEU FA 137 1.26 -5.81 -28.84
N GLN FA 138 0.84 -4.68 -28.27
CA GLN FA 138 -0.52 -4.49 -27.80
C GLN FA 138 -1.26 -3.63 -28.83
N LEU FA 139 -2.37 -4.14 -29.33
CA LEU FA 139 -3.18 -3.47 -30.34
C LEU FA 139 -4.46 -3.02 -29.67
N VAL FA 140 -4.65 -1.71 -29.57
CA VAL FA 140 -5.92 -1.15 -29.14
C VAL FA 140 -6.74 -0.85 -30.37
N PHE FA 141 -8.08 -0.77 -30.21
CA PHE FA 141 -8.94 -0.63 -31.37
C PHE FA 141 -10.27 -0.02 -30.97
N HIS FA 142 -11.19 0.00 -31.94
CA HIS FA 142 -12.52 0.56 -31.78
C HIS FA 142 -13.63 -0.45 -32.04
N THR FA 143 -13.54 -1.25 -33.11
CA THR FA 143 -14.56 -2.24 -33.41
C THR FA 143 -13.91 -3.58 -33.73
N ILE FA 144 -14.69 -4.66 -33.65
CA ILE FA 144 -14.14 -6.00 -33.84
C ILE FA 144 -15.26 -6.97 -34.23
N ASN FA 145 -14.88 -8.10 -34.85
CA ASN FA 145 -15.79 -9.13 -35.33
C ASN FA 145 -15.13 -10.49 -35.20
N TRP FA 146 -15.95 -11.51 -34.85
CA TRP FA 146 -15.41 -12.79 -34.39
C TRP FA 146 -15.23 -13.80 -35.51
N THR FA 147 -16.33 -14.38 -36.01
CA THR FA 147 -16.29 -15.26 -37.18
C THR FA 147 -15.52 -16.56 -36.93
N ILE FA 148 -16.21 -17.70 -36.97
CA ILE FA 148 -15.59 -18.99 -36.75
C ILE FA 148 -16.08 -19.97 -37.82
N THR FA 149 -15.27 -21.00 -38.08
CA THR FA 149 -15.62 -22.03 -39.06
C THR FA 149 -15.05 -23.37 -38.62
N GLN FA 150 -15.88 -24.41 -38.67
CA GLN FA 150 -15.46 -25.75 -38.29
C GLN FA 150 -16.62 -26.73 -38.38
N GLY FA 151 -17.75 -26.37 -37.77
CA GLY FA 151 -19.01 -27.07 -37.96
C GLY FA 151 -19.95 -26.16 -38.72
N GLY FA 152 -19.37 -25.40 -39.65
CA GLY FA 152 -20.09 -24.41 -40.43
C GLY FA 152 -19.48 -23.03 -40.33
N VAL FA 153 -19.70 -22.19 -41.34
CA VAL FA 153 -19.51 -20.76 -41.16
C VAL FA 153 -20.48 -20.30 -40.07
N THR FA 154 -19.93 -19.68 -39.03
CA THR FA 154 -20.70 -19.35 -37.83
C THR FA 154 -20.87 -17.84 -37.75
N HIS FA 155 -22.05 -17.36 -38.15
CA HIS FA 155 -22.47 -15.97 -38.18
C HIS FA 155 -21.46 -14.97 -37.64
N GLU FA 156 -20.82 -14.20 -38.53
CA GLU FA 156 -19.87 -13.18 -38.12
C GLU FA 156 -20.56 -12.13 -37.25
N ASP FA 157 -20.23 -12.11 -35.97
CA ASP FA 157 -20.75 -11.13 -35.02
C ASP FA 157 -19.58 -10.33 -34.46
N THR FA 158 -19.91 -9.29 -33.68
CA THR FA 158 -18.86 -8.45 -33.12
C THR FA 158 -19.43 -7.30 -32.29
N TRP FA 159 -18.69 -6.21 -32.16
CA TRP FA 159 -19.12 -5.12 -31.31
C TRP FA 159 -18.30 -3.88 -31.61
N ASP FA 160 -18.82 -2.74 -31.15
CA ASP FA 160 -18.21 -1.44 -31.38
C ASP FA 160 -18.26 -0.65 -30.07
N THR FA 161 -17.10 -0.15 -29.64
CA THR FA 161 -17.01 0.73 -28.48
C THR FA 161 -17.36 2.17 -28.80
N GLN FA 162 -17.64 2.47 -30.06
CA GLN FA 162 -18.10 3.80 -30.44
C GLN FA 162 -19.62 3.93 -30.32
N ARG FA 163 -20.36 2.83 -30.37
CA ARG FA 163 -21.81 2.87 -30.25
C ARG FA 163 -22.30 2.13 -29.02
N SER GA 4 -11.37 -40.40 -16.79
CA SER GA 4 -12.75 -40.52 -16.44
C SER GA 4 -13.25 -39.32 -15.64
N VAL GA 5 -14.40 -38.79 -16.03
CA VAL GA 5 -15.12 -37.79 -15.28
C VAL GA 5 -15.52 -36.48 -16.01
N HIS GA 6 -15.90 -36.53 -17.32
CA HIS GA 6 -15.92 -35.37 -18.26
C HIS GA 6 -17.06 -34.32 -18.20
N LEU GA 7 -16.67 -33.02 -18.26
CA LEU GA 7 -17.52 -31.80 -18.14
C LEU GA 7 -18.27 -31.28 -19.39
N TYR GA 8 -19.60 -31.29 -19.31
CA TYR GA 8 -20.47 -30.63 -20.27
C TYR GA 8 -21.25 -29.51 -19.58
N LEU GA 9 -21.56 -28.45 -20.32
CA LEU GA 9 -22.25 -27.29 -19.78
C LEU GA 9 -23.33 -26.89 -20.77
N LYS GA 10 -24.53 -26.59 -20.26
CA LYS GA 10 -25.68 -26.33 -21.10
C LYS GA 10 -26.24 -24.95 -20.78
N ALA GA 11 -26.28 -24.09 -21.80
CA ALA GA 11 -27.10 -22.89 -21.80
C ALA GA 11 -28.19 -23.02 -22.87
N ASN GA 12 -29.26 -23.72 -22.53
CA ASN GA 12 -30.38 -23.77 -23.44
C ASN GA 12 -31.43 -22.72 -23.11
N GLY GA 13 -31.38 -22.13 -21.91
CA GLY GA 13 -32.36 -21.13 -21.55
C GLY GA 13 -32.41 -19.93 -22.49
N SER GA 14 -31.24 -19.49 -22.96
CA SER GA 14 -31.15 -18.45 -23.98
C SER GA 14 -30.89 -19.01 -25.37
N ASP GA 15 -30.77 -20.33 -25.50
CA ASP GA 15 -30.46 -20.96 -26.77
C ASP GA 15 -29.01 -20.68 -27.17
N ILE GA 16 -28.08 -21.51 -26.70
CA ILE GA 16 -26.66 -21.27 -26.93
C ILE GA 16 -25.98 -22.58 -27.28
N LYS GA 17 -26.09 -23.00 -28.54
CA LYS GA 17 -25.57 -24.30 -28.96
C LYS GA 17 -24.05 -24.32 -28.90
N GLY GA 18 -23.51 -25.24 -28.11
CA GLY GA 18 -22.10 -25.56 -28.12
C GLY GA 18 -21.77 -26.49 -29.27
N ASP GA 19 -20.73 -27.30 -29.09
CA ASP GA 19 -20.26 -28.18 -30.15
C ASP GA 19 -20.15 -29.65 -29.79
N SER GA 20 -20.62 -30.06 -28.61
CA SER GA 20 -20.47 -31.44 -28.16
C SER GA 20 -21.11 -32.42 -29.15
N THR GA 21 -20.70 -33.68 -29.04
CA THR GA 21 -21.16 -34.73 -29.95
C THR GA 21 -21.70 -35.97 -29.26
N GLN GA 22 -21.31 -36.24 -28.01
CA GLN GA 22 -21.88 -37.33 -27.22
C GLN GA 22 -23.40 -37.33 -27.29
N THR GA 23 -23.96 -38.20 -28.14
CA THR GA 23 -25.40 -38.37 -28.18
C THR GA 23 -25.87 -39.53 -27.30
N SER GA 24 -25.13 -40.64 -27.30
CA SER GA 24 -25.48 -41.75 -26.42
C SER GA 24 -25.43 -41.33 -24.96
N LEU GA 25 -24.42 -40.53 -24.59
CA LEU GA 25 -24.36 -40.00 -23.24
C LEU GA 25 -25.39 -38.92 -22.98
N GLY GA 26 -25.85 -38.24 -24.03
CA GLY GA 26 -26.92 -37.26 -23.92
C GLY GA 26 -26.50 -35.82 -23.94
N ARG GA 27 -25.39 -35.46 -24.60
CA ARG GA 27 -24.87 -34.10 -24.56
C ARG GA 27 -24.72 -33.51 -25.95
N ALA GA 28 -25.75 -33.66 -26.78
CA ALA GA 28 -25.70 -33.17 -28.15
C ALA GA 28 -25.74 -31.66 -28.18
N ASP GA 29 -24.76 -31.06 -28.85
CA ASP GA 29 -24.65 -29.62 -29.03
C ASP GA 29 -24.37 -28.87 -27.74
N SER GA 30 -24.11 -29.58 -26.65
CA SER GA 30 -23.73 -28.92 -25.41
C SER GA 30 -22.30 -28.37 -25.53
N ILE GA 31 -21.90 -27.61 -24.51
CA ILE GA 31 -20.58 -27.00 -24.49
C ILE GA 31 -19.61 -27.94 -23.77
N GLU GA 32 -18.58 -28.39 -24.47
CA GLU GA 32 -17.57 -29.23 -23.85
C GLU GA 32 -16.61 -28.35 -23.04
N CYS GA 33 -16.38 -28.73 -21.79
CA CYS GA 33 -15.62 -27.93 -20.86
C CYS GA 33 -14.56 -28.78 -20.16
N VAL GA 34 -13.43 -28.16 -19.86
CA VAL GA 34 -12.32 -28.86 -19.21
C VAL GA 34 -12.48 -28.76 -17.70
N ALA GA 35 -12.36 -27.54 -17.18
CA ALA GA 35 -12.35 -27.31 -15.74
C ALA GA 35 -13.51 -26.42 -15.31
N TYR GA 36 -13.89 -26.55 -14.04
CA TYR GA 36 -15.09 -25.93 -13.50
C TYR GA 36 -14.81 -24.91 -12.41
N SER GA 37 -14.28 -25.33 -11.26
CA SER GA 37 -13.92 -24.41 -10.18
C SER GA 37 -15.12 -23.64 -9.64
N GLN GA 38 -15.58 -23.99 -8.44
CA GLN GA 38 -16.71 -23.30 -7.83
C GLN GA 38 -16.69 -23.55 -6.33
N LYS GA 39 -17.04 -22.53 -5.56
CA LYS GA 39 -16.92 -22.65 -4.12
C LYS GA 39 -18.00 -21.85 -3.42
N VAL GA 40 -18.13 -22.11 -2.13
CA VAL GA 40 -19.15 -21.50 -1.28
C VAL GA 40 -18.80 -21.82 0.18
N PHE GA 41 -19.23 -20.94 1.08
CA PHE GA 41 -18.93 -21.09 2.50
C PHE GA 41 -19.20 -19.79 3.24
N THR GA 42 -19.42 -19.87 4.55
CA THR GA 42 -19.89 -18.74 5.35
C THR GA 42 -18.73 -17.92 5.91
N ALA GA 43 -19.07 -16.96 6.78
CA ALA GA 43 -18.10 -15.98 7.30
C ALA GA 43 -17.43 -16.48 8.59
N ARG GA 44 -16.84 -17.67 8.53
CA ARG GA 44 -16.65 -18.45 9.75
C ARG GA 44 -15.42 -17.98 10.52
N GLU GA 45 -15.62 -17.15 11.55
CA GLU GA 45 -14.53 -16.76 12.46
C GLU GA 45 -14.34 -17.76 13.59
N ALA GA 46 -13.69 -17.34 14.68
CA ALA GA 46 -13.53 -18.18 15.86
C ALA GA 46 -14.43 -17.64 16.96
N GLY GA 47 -15.11 -18.54 17.67
CA GLY GA 47 -15.95 -18.12 18.77
C GLY GA 47 -16.87 -19.23 19.24
N SER GA 48 -17.60 -18.91 20.31
CA SER GA 48 -18.59 -19.80 20.91
C SER GA 48 -19.71 -18.94 21.51
N GLY GA 49 -20.94 -19.10 21.03
CA GLY GA 49 -21.23 -20.04 19.98
C GLY GA 49 -20.73 -19.52 18.66
N LEU GA 50 -21.16 -20.17 17.61
CA LEU GA 50 -20.79 -19.78 16.27
C LEU GA 50 -21.51 -18.50 15.88
N ALA GA 51 -20.74 -17.57 15.31
CA ALA GA 51 -21.35 -16.52 14.51
C ALA GA 51 -22.11 -17.17 13.34
N THR GA 52 -23.05 -16.45 12.72
CA THR GA 52 -23.96 -17.17 11.84
C THR GA 52 -24.20 -16.47 10.51
N GLY GA 53 -23.66 -17.04 9.41
CA GLY GA 53 -23.63 -16.34 8.12
C GLY GA 53 -23.46 -17.21 6.89
N ARG GA 54 -23.87 -16.63 5.74
CA ARG GA 54 -24.20 -17.28 4.47
C ARG GA 54 -23.42 -16.82 3.23
N ARG GA 55 -22.28 -17.46 3.02
CA ARG GA 55 -21.23 -16.87 2.20
C ARG GA 55 -21.58 -16.74 0.73
N GLN GA 56 -21.64 -15.50 0.26
CA GLN GA 56 -21.78 -15.16 -1.15
C GLN GA 56 -21.12 -16.22 -2.02
N TYR GA 57 -21.96 -17.03 -2.68
CA TYR GA 57 -21.47 -18.13 -3.50
C TYR GA 57 -20.51 -17.60 -4.56
N GLU GA 58 -19.37 -18.28 -4.69
CA GLU GA 58 -18.41 -17.87 -5.69
C GLU GA 58 -18.98 -18.10 -7.08
N GLY GA 59 -18.52 -17.30 -8.03
CA GLY GA 59 -18.85 -17.53 -9.41
C GLY GA 59 -18.30 -18.86 -9.92
N ILE GA 60 -18.82 -19.29 -11.06
CA ILE GA 60 -18.38 -20.53 -11.70
C ILE GA 60 -17.35 -20.18 -12.75
N GLU GA 61 -16.22 -20.91 -12.77
CA GLU GA 61 -15.06 -20.54 -13.58
C GLU GA 61 -14.81 -21.60 -14.64
N ILE GA 62 -15.55 -21.53 -15.76
CA ILE GA 62 -15.46 -22.51 -16.83
C ILE GA 62 -14.18 -22.29 -17.63
N THR GA 63 -13.56 -23.40 -18.04
CA THR GA 63 -12.43 -23.39 -18.94
C THR GA 63 -12.77 -24.23 -20.15
N LYS GA 64 -12.52 -23.68 -21.33
CA LYS GA 64 -12.78 -24.43 -22.56
C LYS GA 64 -11.97 -23.89 -23.72
N ARG GA 65 -11.38 -24.79 -24.52
CA ARG GA 65 -10.71 -24.34 -25.73
C ARG GA 65 -11.72 -24.09 -26.84
N ILE GA 66 -12.51 -25.12 -27.19
CA ILE GA 66 -13.47 -25.00 -28.29
C ILE GA 66 -14.47 -23.88 -28.02
N ASP GA 67 -14.80 -23.66 -26.75
CA ASP GA 67 -15.73 -22.60 -26.37
C ASP GA 67 -15.29 -21.23 -26.86
N LYS GA 68 -13.99 -21.05 -27.14
CA LYS GA 68 -13.52 -19.77 -27.66
C LYS GA 68 -14.14 -19.44 -29.00
N SER GA 69 -14.52 -20.45 -29.78
CA SER GA 69 -15.13 -20.23 -31.09
C SER GA 69 -16.59 -19.82 -30.99
N SER GA 70 -17.16 -19.73 -29.79
CA SER GA 70 -18.56 -19.37 -29.62
C SER GA 70 -18.66 -17.87 -29.34
N PRO GA 71 -19.05 -17.04 -30.30
CA PRO GA 71 -19.16 -15.61 -30.02
C PRO GA 71 -20.23 -15.28 -28.99
N LEU GA 72 -21.27 -16.11 -28.88
CA LEU GA 72 -22.40 -15.80 -28.02
C LEU GA 72 -21.98 -15.55 -26.58
N LEU GA 73 -20.92 -16.21 -26.13
CA LEU GA 73 -20.39 -15.90 -24.81
C LEU GA 73 -19.76 -14.51 -24.79
N MET GA 74 -18.99 -14.18 -25.83
CA MET GA 74 -18.37 -12.86 -25.91
C MET GA 74 -19.42 -11.76 -25.90
N LYS GA 75 -20.46 -11.91 -26.74
CA LYS GA 75 -21.55 -10.95 -26.74
C LYS GA 75 -22.30 -10.96 -25.42
N ALA GA 76 -22.41 -12.13 -24.78
CA ALA GA 76 -23.13 -12.22 -23.51
C ALA GA 76 -22.40 -11.43 -22.43
N LEU GA 77 -21.07 -11.36 -22.52
CA LEU GA 77 -20.31 -10.58 -21.55
C LEU GA 77 -20.71 -9.11 -21.59
N CYS GA 78 -20.28 -8.41 -22.63
CA CYS GA 78 -20.52 -6.98 -22.77
C CYS GA 78 -21.98 -6.58 -23.05
N GLU GA 79 -22.80 -7.47 -23.59
CA GLU GA 79 -24.22 -7.19 -23.72
C GLU GA 79 -25.00 -7.89 -22.62
N ASN GA 80 -24.33 -8.36 -21.60
CA ASN GA 80 -24.64 -9.54 -20.78
C ASN GA 80 -26.02 -10.13 -20.96
N GLN GA 81 -26.10 -11.32 -21.55
CA GLN GA 81 -27.43 -11.90 -21.68
C GLN GA 81 -27.85 -12.56 -20.37
N VAL GA 82 -29.02 -12.17 -19.85
CA VAL GA 82 -29.63 -12.88 -18.72
C VAL GA 82 -30.10 -14.24 -19.23
N ILE GA 83 -29.61 -15.30 -18.61
CA ILE GA 83 -30.00 -16.65 -18.96
C ILE GA 83 -30.79 -17.23 -17.79
N ASP GA 84 -31.78 -18.05 -18.10
CA ASP GA 84 -32.63 -18.62 -17.06
C ASP GA 84 -31.95 -19.77 -16.31
N ALA GA 85 -31.20 -20.61 -17.02
CA ALA GA 85 -30.62 -21.78 -16.38
C ALA GA 85 -29.32 -22.17 -17.07
N THR GA 86 -28.32 -22.53 -16.26
CA THR GA 86 -27.07 -23.11 -16.74
C THR GA 86 -26.90 -24.45 -16.04
N PHE GA 87 -26.73 -25.51 -16.82
CA PHE GA 87 -26.64 -26.87 -16.27
C PHE GA 87 -25.22 -27.38 -16.43
N LYS GA 88 -24.57 -27.67 -15.31
CA LYS GA 88 -23.25 -28.30 -15.33
C LYS GA 88 -23.41 -29.79 -15.10
N PHE GA 89 -22.59 -30.60 -15.79
CA PHE GA 89 -22.71 -32.04 -15.67
C PHE GA 89 -21.36 -32.71 -15.90
N PHE GA 90 -20.92 -33.49 -14.91
CA PHE GA 90 -19.69 -34.27 -15.00
C PHE GA 90 -20.01 -35.76 -14.99
N ARG GA 91 -19.18 -36.53 -15.68
CA ARG GA 91 -19.50 -37.94 -15.88
C ARG GA 91 -18.59 -38.79 -15.00
N PRO GA 92 -18.97 -40.02 -14.69
CA PRO GA 92 -18.08 -40.89 -13.92
C PRO GA 92 -16.76 -41.13 -14.65
N ASN GA 93 -15.63 -41.55 -13.77
CA ASN GA 93 -14.24 -41.93 -14.05
C ASN GA 93 -14.03 -43.40 -13.74
N PRO GA 94 -13.10 -44.09 -14.43
CA PRO GA 94 -13.18 -45.56 -14.59
C PRO GA 94 -12.53 -46.41 -13.48
N THR GA 95 -12.94 -47.71 -13.43
CA THR GA 95 -12.26 -48.71 -12.58
C THR GA 95 -12.86 -50.12 -12.51
N GLY GA 96 -13.67 -50.40 -11.48
CA GLY GA 96 -14.56 -51.52 -11.59
C GLY GA 96 -15.72 -51.30 -12.56
N ASP GA 97 -16.28 -50.08 -12.65
CA ASP GA 97 -17.37 -49.82 -13.60
C ASP GA 97 -16.93 -49.04 -14.84
N GLY GA 98 -17.91 -48.79 -15.71
CA GLY GA 98 -17.75 -47.87 -16.86
C GLY GA 98 -19.09 -47.22 -17.19
N THR GA 99 -19.23 -45.93 -16.87
CA THR GA 99 -20.49 -45.22 -16.99
C THR GA 99 -20.32 -43.88 -17.70
N THR GA 100 -21.20 -43.61 -18.66
CA THR GA 100 -21.33 -42.29 -19.26
C THR GA 100 -22.32 -41.41 -18.50
N GLU GA 101 -22.69 -41.83 -17.30
CA GLU GA 101 -23.69 -41.15 -16.49
C GLU GA 101 -23.08 -39.99 -15.73
N GLN GA 102 -23.93 -39.03 -15.35
CA GLN GA 102 -23.50 -37.82 -14.66
C GLN GA 102 -23.51 -38.09 -13.17
N PHE GA 103 -22.32 -38.28 -12.59
CA PHE GA 103 -22.19 -38.45 -11.15
C PHE GA 103 -22.25 -37.13 -10.39
N TYR GA 104 -22.40 -36.01 -11.10
CA TYR GA 104 -22.50 -34.69 -10.46
C TYR GA 104 -23.24 -33.77 -11.43
N THR GA 105 -24.39 -33.26 -11.01
CA THR GA 105 -25.27 -32.46 -11.86
C THR GA 105 -25.59 -31.15 -11.16
N VAL GA 106 -24.85 -30.10 -11.50
CA VAL GA 106 -25.06 -28.77 -10.93
C VAL GA 106 -26.12 -28.04 -11.73
N SER GA 107 -26.89 -27.19 -11.04
CA SER GA 107 -27.99 -26.47 -11.69
C SER GA 107 -28.02 -25.03 -11.19
N ILE GA 108 -27.80 -24.08 -12.10
CA ILE GA 108 -27.81 -22.67 -11.77
C ILE GA 108 -29.02 -22.00 -12.43
N LYS GA 109 -29.61 -21.04 -11.71
CA LYS GA 109 -30.79 -20.33 -12.16
C LYS GA 109 -30.53 -18.83 -12.08
N LYS GA 110 -30.86 -18.12 -13.18
CA LYS GA 110 -30.66 -16.68 -13.26
C LYS GA 110 -29.20 -16.35 -13.52
N ALA GA 111 -28.65 -16.88 -14.62
CA ALA GA 111 -27.22 -16.83 -14.88
C ALA GA 111 -26.86 -15.71 -15.84
N ARG GA 112 -25.64 -15.21 -15.69
CA ARG GA 112 -25.08 -14.21 -16.59
C ARG GA 112 -23.58 -14.48 -16.73
N ILE GA 113 -23.03 -13.96 -17.83
CA ILE GA 113 -21.59 -14.03 -18.07
C ILE GA 113 -20.98 -12.76 -17.48
N ASN GA 114 -20.27 -12.89 -16.36
CA ASN GA 114 -19.62 -11.76 -15.73
C ASN GA 114 -18.26 -11.44 -16.32
N ALA GA 115 -17.66 -12.37 -17.06
CA ALA GA 115 -16.35 -12.13 -17.63
C ALA GA 115 -16.08 -13.14 -18.74
N ILE GA 116 -15.45 -12.65 -19.82
CA ILE GA 116 -15.01 -13.50 -20.92
C ILE GA 116 -13.52 -13.26 -21.13
N GLN GA 117 -12.74 -14.35 -21.11
CA GLN GA 117 -11.30 -14.30 -21.33
C GLN GA 117 -10.94 -15.07 -22.59
N GLN GA 118 -9.93 -14.57 -23.31
CA GLN GA 118 -9.46 -15.21 -24.53
C GLN GA 118 -7.94 -15.19 -24.60
N THR GA 119 -7.37 -16.19 -25.27
CA THR GA 119 -5.94 -16.38 -25.27
C THR GA 119 -5.59 -17.45 -26.27
N VAL GA 120 -4.46 -17.26 -26.96
CA VAL GA 120 -3.97 -18.15 -28.00
C VAL GA 120 -2.50 -18.43 -27.71
N PRO GA 121 -2.09 -19.67 -27.52
CA PRO GA 121 -0.76 -19.93 -26.96
C PRO GA 121 0.36 -20.06 -28.02
N ASN GA 122 0.96 -18.93 -28.36
CA ASN GA 122 2.29 -18.78 -28.96
C ASN GA 122 2.96 -20.06 -29.53
N SER GA 123 3.25 -19.98 -30.83
CA SER GA 123 4.11 -20.93 -31.53
C SER GA 123 3.29 -21.60 -32.62
N PHE GA 124 3.74 -22.78 -33.03
CA PHE GA 124 3.15 -23.51 -34.12
C PHE GA 124 3.25 -24.99 -33.78
N VAL GA 125 2.31 -25.76 -34.29
CA VAL GA 125 2.34 -27.18 -34.02
C VAL GA 125 3.36 -27.80 -34.94
N PRO GA 126 3.98 -28.91 -34.54
CA PRO GA 126 4.59 -29.79 -35.54
C PRO GA 126 3.67 -30.09 -36.70
N ALA GA 127 2.36 -29.78 -36.61
CA ALA GA 127 1.41 -29.99 -37.70
C ALA GA 127 1.07 -28.75 -38.54
N SER GA 128 2.00 -27.79 -38.72
CA SER GA 128 2.02 -26.86 -39.85
C SER GA 128 0.90 -25.88 -39.80
N THR GA 129 0.06 -26.02 -38.79
CA THR GA 129 -0.73 -24.90 -38.27
C THR GA 129 0.04 -24.35 -37.06
N ASN GA 130 -0.69 -24.17 -35.94
CA ASN GA 130 -0.25 -23.38 -34.77
C ASN GA 130 -1.41 -23.41 -33.74
N LEU GA 131 -1.33 -22.56 -32.70
CA LEU GA 131 -2.20 -22.77 -31.51
C LEU GA 131 -3.72 -22.91 -31.84
N PRO GA 132 -4.38 -23.90 -31.23
CA PRO GA 132 -5.80 -23.74 -30.96
C PRO GA 132 -5.99 -22.89 -29.71
N PRO GA 133 -7.16 -22.23 -29.55
CA PRO GA 133 -7.25 -21.20 -28.51
C PRO GA 133 -8.00 -21.60 -27.23
N MET GA 134 -7.80 -20.89 -26.11
CA MET GA 134 -8.41 -21.24 -24.84
C MET GA 134 -9.12 -20.05 -24.23
N GLU GA 135 -10.35 -20.26 -23.77
CA GLU GA 135 -11.16 -19.22 -23.15
C GLU GA 135 -11.55 -19.64 -21.74
N THR GA 136 -11.64 -18.65 -20.85
CA THR GA 136 -12.07 -18.85 -19.47
C THR GA 136 -13.21 -17.89 -19.21
N LEU GA 137 -14.35 -18.44 -18.77
CA LEU GA 137 -15.57 -17.66 -18.61
C LEU GA 137 -16.04 -17.74 -17.16
N GLN GA 138 -16.43 -16.59 -16.62
CA GLN GA 138 -16.96 -16.49 -15.26
C GLN GA 138 -18.47 -16.36 -15.35
N LEU GA 139 -19.19 -17.27 -14.70
CA LEU GA 139 -20.65 -17.31 -14.70
C LEU GA 139 -21.11 -16.88 -13.31
N VAL GA 140 -21.78 -15.74 -13.25
CA VAL GA 140 -22.46 -15.33 -12.03
C VAL GA 140 -23.90 -15.79 -12.11
N PHE GA 141 -24.56 -15.93 -10.97
CA PHE GA 141 -25.90 -16.51 -10.95
C PHE GA 141 -26.65 -16.08 -9.70
N HIS GA 142 -27.83 -16.68 -9.53
CA HIS GA 142 -28.72 -16.41 -8.42
C HIS GA 142 -29.02 -17.63 -7.57
N THR GA 143 -29.32 -18.78 -8.18
CA THR GA 143 -29.60 -20.00 -7.41
C THR GA 143 -28.81 -21.17 -7.99
N ILE GA 144 -28.66 -22.23 -7.20
CA ILE GA 144 -27.84 -23.37 -7.61
C ILE GA 144 -28.25 -24.62 -6.82
N ASN GA 145 -27.91 -25.80 -7.37
CA ASN GA 145 -28.25 -27.10 -6.81
C ASN GA 145 -27.12 -28.09 -7.11
N TRP GA 146 -26.85 -28.98 -6.16
CA TRP GA 146 -25.61 -29.77 -6.18
C TRP GA 146 -25.79 -31.12 -6.87
N THR GA 147 -26.45 -32.07 -6.21
CA THR GA 147 -26.79 -33.36 -6.83
C THR GA 147 -25.57 -34.23 -7.17
N ILE GA 148 -25.43 -35.37 -6.50
CA ILE GA 148 -24.31 -36.27 -6.75
C ILE GA 148 -24.84 -37.70 -6.87
N THR GA 149 -24.07 -38.54 -7.56
CA THR GA 149 -24.43 -39.94 -7.74
C THR GA 149 -23.17 -40.79 -7.81
N GLN GA 150 -23.16 -41.90 -7.06
CA GLN GA 150 -22.01 -42.80 -7.03
C GLN GA 150 -22.24 -43.93 -6.03
N GLY GA 151 -22.62 -43.58 -4.81
CA GLY GA 151 -23.11 -44.53 -3.83
C GLY GA 151 -24.59 -44.29 -3.60
N GLY GA 152 -25.26 -43.92 -4.69
CA GLY GA 152 -26.66 -43.56 -4.67
C GLY GA 152 -26.93 -42.18 -5.26
N VAL GA 153 -28.15 -41.97 -5.74
CA VAL GA 153 -28.61 -40.60 -5.95
C VAL GA 153 -28.63 -39.91 -4.59
N THR GA 154 -27.92 -38.80 -4.48
CA THR GA 154 -27.69 -38.14 -3.20
C THR GA 154 -28.47 -36.82 -3.19
N HIS GA 155 -29.61 -36.83 -2.51
CA HIS GA 155 -30.55 -35.71 -2.34
C HIS GA 155 -30.10 -34.39 -2.95
N GLU GA 156 -30.73 -34.01 -4.06
CA GLU GA 156 -30.43 -32.73 -4.69
C GLU GA 156 -30.71 -31.58 -3.75
N ASP GA 157 -29.67 -30.92 -3.27
CA ASP GA 157 -29.79 -29.74 -2.42
C ASP GA 157 -29.16 -28.55 -3.11
N THR GA 158 -29.32 -27.37 -2.52
CA THR GA 158 -28.76 -26.16 -3.12
C THR GA 158 -29.06 -24.92 -2.29
N TRP GA 159 -29.11 -23.75 -2.95
CA TRP GA 159 -29.29 -22.51 -2.21
C TRP GA 159 -29.65 -21.40 -3.18
N ASP GA 160 -30.19 -20.31 -2.62
CA ASP GA 160 -30.62 -19.15 -3.37
C ASP GA 160 -30.15 -17.89 -2.66
N THR GA 161 -29.44 -17.02 -3.39
CA THR GA 161 -29.03 -15.73 -2.89
C THR GA 161 -30.14 -14.69 -2.96
N GLN GA 162 -31.30 -15.06 -3.51
CA GLN GA 162 -32.46 -14.18 -3.49
C GLN GA 162 -33.27 -14.33 -2.21
N ARG GA 163 -33.18 -15.46 -1.52
CA ARG GA 163 -33.93 -15.67 -0.28
C ARG GA 163 -33.00 -15.85 0.92
N SER HA 4 1.94 -44.98 3.71
CA SER HA 4 1.49 -45.23 5.04
C SER HA 4 1.15 -43.93 5.78
N VAL HA 5 0.01 -43.88 6.41
CA VAL HA 5 -0.38 -42.83 7.33
C VAL HA 5 -1.72 -42.09 7.09
N HIS HA 6 -2.80 -42.81 6.64
CA HIS HA 6 -4.01 -42.23 5.98
C HIS HA 6 -5.10 -41.53 6.84
N LEU HA 7 -5.57 -40.35 6.35
CA LEU HA 7 -6.53 -39.41 6.98
C LEU HA 7 -8.04 -39.68 6.79
N TYR HA 8 -8.73 -39.94 7.91
CA TYR HA 8 -10.18 -39.96 7.98
C TYR HA 8 -10.68 -38.85 8.90
N LEU HA 9 -11.88 -38.34 8.61
CA LEU HA 9 -12.44 -37.22 9.36
C LEU HA 9 -13.91 -37.55 9.62
N LYS HA 10 -14.36 -37.32 10.84
CA LYS HA 10 -15.70 -37.70 11.26
C LYS HA 10 -16.46 -36.47 11.75
N ALA HA 11 -17.59 -36.19 11.10
CA ALA HA 11 -18.63 -35.33 11.64
C ALA HA 11 -19.88 -36.15 11.92
N ASN HA 12 -19.91 -36.83 13.04
CA ASN HA 12 -21.12 -37.52 13.43
C ASN HA 12 -21.98 -36.68 14.36
N GLY HA 13 -21.43 -35.61 14.94
CA GLY HA 13 -22.22 -34.78 15.85
C GLY HA 13 -23.45 -34.18 15.21
N SER HA 14 -23.35 -33.76 13.95
CA SER HA 14 -24.50 -33.31 13.18
C SER HA 14 -25.02 -34.36 12.21
N ASP HA 15 -24.39 -35.54 12.19
CA ASP HA 15 -24.80 -36.60 11.26
C ASP HA 15 -24.39 -36.22 9.83
N ILE HA 16 -23.16 -36.54 9.44
CA ILE HA 16 -22.65 -36.15 8.13
C ILE HA 16 -21.87 -37.29 7.52
N LYS HA 17 -22.59 -38.25 6.93
CA LYS HA 17 -21.95 -39.46 6.40
C LYS HA 17 -21.07 -39.12 5.21
N GLY HA 18 -19.78 -39.46 5.33
CA GLY HA 18 -18.86 -39.46 4.21
C GLY HA 18 -19.01 -40.71 3.38
N ASP HA 19 -17.91 -41.10 2.74
CA ASP HA 19 -17.96 -42.24 1.83
C ASP HA 19 -16.93 -43.33 2.11
N SER HA 20 -16.20 -43.26 3.21
CA SER HA 20 -15.15 -44.22 3.51
C SER HA 20 -15.70 -45.65 3.55
N THR HA 21 -14.79 -46.61 3.42
CA THR HA 21 -15.15 -48.03 3.37
C THR HA 21 -14.38 -48.92 4.33
N GLN HA 22 -13.18 -48.53 4.77
CA GLN HA 22 -12.43 -49.23 5.80
C GLN HA 22 -13.31 -49.57 6.99
N THR HA 23 -13.78 -50.82 7.06
CA THR HA 23 -14.52 -51.29 8.21
C THR HA 23 -13.62 -52.00 9.22
N SER HA 24 -12.67 -52.79 8.74
CA SER HA 24 -11.73 -53.44 9.64
C SER HA 24 -10.91 -52.41 10.42
N LEU HA 25 -10.49 -51.34 9.73
CA LEU HA 25 -9.79 -50.25 10.41
C LEU HA 25 -10.72 -49.42 11.27
N GLY HA 26 -12.01 -49.39 10.96
CA GLY HA 26 -12.99 -48.73 11.79
C GLY HA 26 -13.48 -47.37 11.28
N ARG HA 27 -13.49 -47.15 9.97
CA ARG HA 27 -13.84 -45.83 9.43
C ARG HA 27 -14.99 -45.91 8.44
N ALA HA 28 -16.05 -46.64 8.80
CA ALA HA 28 -17.18 -46.83 7.92
C ALA HA 28 -17.96 -45.53 7.77
N ASP HA 29 -18.16 -45.11 6.52
CA ASP HA 29 -18.92 -43.91 6.18
C ASP HA 29 -18.26 -42.62 6.62
N SER HA 30 -17.02 -42.69 7.12
CA SER HA 30 -16.29 -41.49 7.46
C SER HA 30 -15.85 -40.76 6.18
N ILE HA 31 -15.31 -39.57 6.37
CA ILE HA 31 -14.86 -38.74 5.25
C ILE HA 31 -13.38 -39.03 4.99
N GLU HA 32 -13.07 -39.52 3.79
CA GLU HA 32 -11.68 -39.75 3.42
C GLU HA 32 -11.04 -38.43 3.03
N CYS HA 33 -9.87 -38.15 3.61
CA CYS HA 33 -9.21 -36.87 3.45
C CYS HA 33 -7.75 -37.08 3.09
N VAL HA 34 -7.21 -36.18 2.28
CA VAL HA 34 -5.83 -36.26 1.84
C VAL HA 34 -4.94 -35.53 2.83
N ALA HA 35 -5.09 -34.20 2.91
CA ALA HA 35 -4.23 -33.36 3.71
C ALA HA 35 -5.01 -32.63 4.81
N TYR HA 36 -4.29 -32.25 5.86
CA TYR HA 36 -4.90 -31.72 7.08
C TYR HA 36 -4.49 -30.28 7.37
N SER HA 37 -3.22 -30.02 7.66
CA SER HA 37 -2.74 -28.66 7.90
C SER HA 37 -3.39 -28.00 9.10
N GLN HA 38 -2.67 -27.86 10.20
CA GLN HA 38 -3.21 -27.23 11.39
C GLN HA 38 -2.06 -26.77 12.27
N LYS HA 39 -2.23 -25.61 12.90
CA LYS HA 39 -1.12 -25.03 13.64
C LYS HA 39 -1.63 -24.25 14.85
N VAL HA 40 -0.70 -23.92 15.74
CA VAL HA 40 -0.98 -23.22 16.98
C VAL HA 40 0.35 -22.77 17.57
N PHE HA 41 0.30 -21.70 18.36
CA PHE HA 41 1.50 -21.13 18.95
C PHE HA 41 1.23 -19.72 19.46
N THR HA 42 2.03 -19.24 20.40
CA THR HA 42 1.78 -18.00 21.13
C THR HA 42 2.40 -16.79 20.43
N ALA HA 43 2.33 -15.64 21.11
CA ALA HA 43 2.75 -14.36 20.54
C ALA HA 43 4.23 -14.07 20.79
N ARG HA 44 5.10 -15.00 20.40
CA ARG HA 44 6.41 -15.08 21.03
C ARG HA 44 7.38 -14.08 20.43
N GLU HA 45 7.58 -12.93 21.10
CA GLU HA 45 8.60 -11.96 20.72
C GLU HA 45 9.96 -12.28 21.32
N ALA HA 46 10.85 -11.29 21.37
CA ALA HA 46 12.14 -11.45 22.02
C ALA HA 46 12.13 -10.68 23.34
N GLY HA 47 12.68 -11.27 24.39
CA GLY HA 47 12.75 -10.59 25.67
C GLY HA 47 13.10 -11.54 26.80
N SER HA 48 13.27 -10.94 27.98
CA SER HA 48 13.58 -11.65 29.22
C SER HA 48 12.94 -10.86 30.39
N GLY HA 49 12.01 -11.48 31.12
CA GLY HA 49 11.60 -12.83 30.83
C GLY HA 49 10.73 -12.87 29.61
N LEU HA 50 10.09 -14.00 29.40
CA LEU HA 50 9.18 -14.17 28.29
C LEU HA 50 7.91 -13.38 28.53
N ALA HA 51 7.50 -12.65 27.52
CA ALA HA 51 6.10 -12.23 27.43
C ALA HA 51 5.21 -13.48 27.40
N THR HA 52 3.93 -13.35 27.74
CA THR HA 52 3.18 -14.58 28.02
C THR HA 52 1.79 -14.63 27.38
N GLY HA 53 1.62 -15.49 26.38
CA GLY HA 53 0.42 -15.48 25.55
C GLY HA 53 0.10 -16.73 24.76
N ARG HA 54 -1.18 -16.81 24.34
CA ARG HA 54 -1.92 -18.02 23.95
C ARG HA 54 -2.55 -18.04 22.56
N ARG HA 55 -1.75 -18.45 21.57
CA ARG HA 55 -2.01 -18.09 20.18
C ARG HA 55 -3.26 -18.72 19.60
N GLN HA 56 -4.23 -17.84 19.25
CA GLN HA 56 -5.42 -18.21 18.49
C GLN HA 56 -5.13 -19.39 17.58
N TYR HA 57 -5.64 -20.56 17.95
CA TYR HA 57 -5.40 -21.78 17.20
C TYR HA 57 -5.84 -21.60 15.76
N GLU HA 58 -4.99 -22.01 14.84
CA GLU HA 58 -5.33 -21.91 13.43
C GLU HA 58 -6.48 -22.85 13.11
N GLY HA 59 -7.24 -22.48 12.10
CA GLY HA 59 -8.26 -23.38 11.58
C GLY HA 59 -7.66 -24.64 11.00
N ILE HA 60 -8.52 -25.63 10.80
CA ILE HA 60 -8.10 -26.92 10.21
C ILE HA 60 -8.41 -26.87 8.72
N GLU HA 61 -7.46 -27.27 7.89
CA GLU HA 61 -7.55 -27.07 6.44
C GLU HA 61 -7.62 -28.42 5.73
N ILE HA 62 -8.81 -29.01 5.67
CA ILE HA 62 -9.02 -30.33 5.08
C ILE HA 62 -8.96 -30.23 3.56
N THR HA 63 -8.36 -31.24 2.95
CA THR HA 63 -8.35 -31.40 1.50
C THR HA 63 -8.95 -32.75 1.16
N LYS HA 64 -9.89 -32.76 0.23
CA LYS HA 64 -10.48 -34.01 -0.20
C LYS HA 64 -11.10 -33.89 -1.58
N ARG HA 65 -10.88 -34.91 -2.44
CA ARG HA 65 -11.56 -34.93 -3.72
C ARG HA 65 -12.99 -35.42 -3.58
N ILE HA 66 -13.16 -36.63 -3.05
CA ILE HA 66 -14.49 -37.22 -2.92
C ILE HA 66 -15.40 -36.35 -2.06
N ASP HA 67 -14.82 -35.64 -1.09
CA ASP HA 67 -15.60 -34.76 -0.23
C ASP HA 67 -16.35 -33.69 -1.02
N LYS HA 68 -15.91 -33.40 -2.24
CA LYS HA 68 -16.62 -32.42 -3.07
C LYS HA 68 -18.04 -32.86 -3.37
N SER HA 69 -18.29 -34.17 -3.42
CA SER HA 69 -19.62 -34.69 -3.70
C SER HA 69 -20.56 -34.61 -2.51
N SER HA 70 -20.10 -34.09 -1.37
CA SER HA 70 -20.94 -34.00 -0.18
C SER HA 70 -21.52 -32.60 -0.09
N PRO HA 71 -22.79 -32.40 -0.42
CA PRO HA 71 -23.36 -31.04 -0.31
C PRO HA 71 -23.40 -30.52 1.10
N LEU HA 72 -23.50 -31.41 2.10
CA LEU HA 72 -23.70 -30.99 3.48
C LEU HA 72 -22.60 -30.03 3.95
N LEU HA 73 -21.39 -30.18 3.42
CA LEU HA 73 -20.35 -29.21 3.73
C LEU HA 73 -20.66 -27.86 3.09
N MET HA 74 -21.11 -27.88 1.82
CA MET HA 74 -21.45 -26.65 1.14
C MET HA 74 -22.57 -25.91 1.88
N LYS HA 75 -23.63 -26.63 2.24
CA LYS HA 75 -24.71 -26.03 3.03
C LYS HA 75 -24.20 -25.60 4.40
N ALA HA 76 -23.28 -26.35 4.98
CA ALA HA 76 -22.78 -25.99 6.31
C ALA HA 76 -22.03 -24.67 6.27
N LEU HA 77 -21.38 -24.38 5.14
CA LEU HA 77 -20.66 -23.11 5.00
C LEU HA 77 -21.60 -21.92 5.12
N CYS HA 78 -22.38 -21.66 4.07
CA CYS HA 78 -23.32 -20.53 4.05
C CYS HA 78 -24.51 -20.65 5.00
N GLU HA 79 -24.96 -21.85 5.37
CA GLU HA 79 -25.99 -22.00 6.38
C GLU HA 79 -25.38 -22.19 7.76
N ASN HA 80 -24.08 -22.04 7.86
CA ASN HA 80 -23.17 -22.75 8.75
C ASN HA 80 -23.80 -23.63 9.83
N GLN HA 81 -23.50 -24.94 9.75
CA GLN HA 81 -23.99 -25.83 10.80
C GLN HA 81 -23.02 -25.87 11.99
N VAL HA 82 -23.54 -25.56 13.17
CA VAL HA 82 -22.81 -25.78 14.41
C VAL HA 82 -22.74 -27.29 14.64
N ILE HA 83 -21.53 -27.82 14.70
CA ILE HA 83 -21.32 -29.24 14.97
C ILE HA 83 -20.68 -29.37 16.34
N ASP HA 84 -21.04 -30.45 17.04
CA ASP HA 84 -20.53 -30.64 18.40
C ASP HA 84 -19.09 -31.16 18.41
N ALA HA 85 -18.74 -32.05 17.47
CA ALA HA 85 -17.42 -32.66 17.51
C ALA HA 85 -16.98 -33.04 16.10
N THR HA 86 -15.71 -32.78 15.80
CA THR HA 86 -15.07 -33.23 14.57
C THR HA 86 -13.85 -34.05 14.99
N PHE HA 87 -13.76 -35.28 14.51
CA PHE HA 87 -12.69 -36.20 14.90
C PHE HA 87 -11.77 -36.42 13.72
N LYS HA 88 -10.51 -36.03 13.86
CA LYS HA 88 -9.49 -36.30 12.85
C LYS HA 88 -8.70 -37.54 13.27
N PHE HA 89 -8.33 -38.37 12.30
CA PHE HA 89 -7.61 -39.60 12.62
C PHE HA 89 -6.70 -40.00 11.47
N PHE HA 90 -5.41 -40.14 11.77
CA PHE HA 90 -4.41 -40.60 10.81
C PHE HA 90 -3.86 -41.96 11.23
N ARG HA 91 -3.49 -42.77 10.24
CA ARG HA 91 -3.12 -44.14 10.52
C ARG HA 91 -1.61 -44.29 10.41
N PRO HA 92 -1.03 -45.31 11.01
CA PRO HA 92 0.42 -45.52 10.85
C PRO HA 92 0.77 -45.80 9.38
N ASN HA 93 2.19 -45.52 9.02
CA ASN HA 93 2.97 -45.67 7.80
C ASN HA 93 4.00 -46.78 7.95
N PRO HA 94 4.38 -47.48 6.89
CA PRO HA 94 4.95 -48.85 6.99
C PRO HA 94 6.46 -48.96 7.21
N THR HA 95 6.90 -50.13 7.73
CA THR HA 95 8.34 -50.50 7.76
C THR HA 95 8.74 -51.81 8.43
N GLY HA 96 9.12 -51.76 9.72
CA GLY HA 96 9.10 -52.97 10.49
C GLY HA 96 7.69 -53.44 10.83
N ASP HA 97 6.73 -52.54 11.08
CA ASP HA 97 5.36 -52.98 11.39
C ASP HA 97 4.38 -52.77 10.23
N GLY HA 98 3.13 -53.16 10.49
CA GLY HA 98 2.00 -52.84 9.60
C GLY HA 98 0.72 -52.71 10.41
N THR HA 99 0.23 -51.47 10.58
CA THR HA 99 -0.89 -51.17 11.46
C THR HA 99 -1.93 -50.28 10.77
N THR HA 100 -3.19 -50.67 10.90
CA THR HA 100 -4.31 -49.82 10.51
C THR HA 100 -4.76 -48.92 11.66
N GLU HA 101 -3.95 -48.83 12.70
CA GLU HA 101 -4.29 -48.09 13.90
C GLU HA 101 -3.99 -46.60 13.73
N GLN HA 102 -4.68 -45.78 14.52
CA GLN HA 102 -4.56 -44.33 14.45
C GLN HA 102 -3.42 -43.89 15.36
N PHE HA 103 -2.28 -43.54 14.76
CA PHE HA 103 -1.14 -43.01 15.51
C PHE HA 103 -1.31 -41.54 15.86
N TYR HA 104 -2.41 -40.91 15.44
CA TYR HA 104 -2.67 -39.52 15.76
C TYR HA 104 -4.18 -39.30 15.69
N THR HA 105 -4.78 -38.91 16.81
CA THR HA 105 -6.23 -38.78 16.93
C THR HA 105 -6.57 -37.40 17.47
N VAL HA 106 -6.90 -36.48 16.56
CA VAL HA 106 -7.27 -35.12 16.92
C VAL HA 106 -8.76 -35.06 17.23
N SER HA 107 -9.12 -34.18 18.16
CA SER HA 107 -10.51 -34.07 18.60
C SER HA 107 -10.89 -32.61 18.76
N ILE HA 108 -11.85 -32.15 17.96
CA ILE HA 108 -12.32 -30.77 18.01
C ILE HA 108 -13.75 -30.74 18.53
N LYS HA 109 -14.05 -29.71 19.32
CA LYS HA 109 -15.36 -29.53 19.94
C LYS HA 109 -15.90 -28.15 19.62
N LYS HA 110 -17.15 -28.10 19.16
CA LYS HA 110 -17.80 -26.84 18.81
C LYS HA 110 -17.34 -26.37 17.44
N ALA HA 111 -17.53 -27.20 16.42
CA ALA HA 111 -16.93 -26.98 15.11
C ALA HA 111 -17.92 -26.36 14.14
N ARG HA 112 -17.39 -25.60 13.19
CA ARG HA 112 -18.17 -25.03 12.10
C ARG HA 112 -17.32 -25.01 10.84
N ILE HA 113 -18.00 -24.93 9.70
CA ILE HA 113 -17.34 -24.80 8.41
C ILE HA 113 -17.23 -23.31 8.12
N ASN HA 114 -16.01 -22.77 8.22
CA ASN HA 114 -15.79 -21.37 7.94
C ASN HA 114 -15.58 -21.07 6.46
N ALA HA 115 -15.29 -22.09 5.65
CA ALA HA 115 -15.08 -21.87 4.23
C ALA HA 115 -15.20 -23.18 3.48
N ILE HA 116 -15.81 -23.11 2.30
CA ILE HA 116 -15.91 -24.24 1.38
C ILE HA 116 -15.34 -23.82 0.03
N GLN HA 117 -14.37 -24.60 -0.46
CA GLN HA 117 -13.75 -24.35 -1.76
C GLN HA 117 -14.04 -25.52 -2.70
N GLN HA 118 -14.21 -25.20 -3.98
CA GLN HA 118 -14.47 -26.21 -5.00
C GLN HA 118 -13.69 -25.89 -6.28
N THR HA 119 -13.35 -26.94 -7.01
CA THR HA 119 -12.47 -26.81 -8.16
C THR HA 119 -12.43 -28.12 -8.91
N VAL HA 120 -12.38 -28.03 -10.24
CA VAL HA 120 -12.36 -29.17 -11.14
C VAL HA 120 -11.22 -28.98 -12.13
N PRO HA 121 -10.27 -29.87 -12.23
CA PRO HA 121 -9.05 -29.55 -12.96
C PRO HA 121 -9.10 -29.93 -14.45
N ASN HA 122 -9.61 -29.02 -15.26
CA ASN HA 122 -9.22 -28.83 -16.68
C ASN HA 122 -8.66 -30.06 -17.41
N SER HA 123 -9.44 -30.51 -18.41
CA SER HA 123 -8.97 -31.46 -19.41
C SER HA 123 -9.84 -32.71 -19.32
N PHE HA 124 -9.29 -33.82 -19.79
CA PHE HA 124 -10.00 -35.08 -19.86
C PHE HA 124 -9.00 -36.19 -19.59
N VAL HA 125 -9.50 -37.29 -19.04
CA VAL HA 125 -8.61 -38.40 -18.75
C VAL HA 125 -8.37 -39.14 -20.06
N PRO HA 126 -7.22 -39.80 -20.20
CA PRO HA 126 -7.13 -40.89 -21.18
C PRO HA 126 -8.30 -41.85 -21.10
N ALA HA 127 -9.11 -41.81 -20.03
CA ALA HA 127 -10.27 -42.67 -19.87
C ALA HA 127 -11.63 -42.06 -20.22
N SER HA 128 -11.70 -41.11 -21.18
CA SER HA 128 -12.90 -40.80 -21.94
C SER HA 128 -13.96 -40.15 -21.10
N THR HA 129 -13.66 -40.01 -19.83
CA THR HA 129 -14.28 -38.97 -19.00
C THR HA 129 -13.31 -37.78 -18.98
N ASN HA 130 -13.03 -37.28 -17.76
CA ASN HA 130 -12.39 -35.97 -17.51
C ASN HA 130 -12.31 -35.78 -15.98
N LEU HA 131 -11.97 -34.55 -15.53
CA LEU HA 131 -11.55 -34.38 -14.11
C LEU HA 131 -12.53 -34.97 -13.08
N PRO HA 132 -12.01 -35.69 -12.08
CA PRO HA 132 -12.68 -35.73 -10.78
C PRO HA 132 -12.34 -34.47 -9.99
N PRO HA 133 -13.20 -34.08 -9.04
CA PRO HA 133 -13.05 -32.72 -8.46
C PRO HA 133 -12.40 -32.66 -7.08
N MET HA 134 -11.88 -31.50 -6.67
CA MET HA 134 -11.18 -31.36 -5.40
C MET HA 134 -11.73 -30.19 -4.60
N GLU HA 135 -11.99 -30.43 -3.32
CA GLU HA 135 -12.52 -29.42 -2.42
C GLU HA 135 -11.58 -29.23 -1.23
N THR HA 136 -11.51 -28.00 -0.74
CA THR HA 136 -10.71 -27.64 0.42
C THR HA 136 -11.62 -26.92 1.41
N LEU HA 137 -11.70 -27.43 2.63
CA LEU HA 137 -12.64 -26.95 3.62
C LEU HA 137 -11.88 -26.44 4.85
N GLN HA 138 -12.28 -25.30 5.36
CA GLN HA 138 -11.70 -24.71 6.56
C GLN HA 138 -12.66 -24.95 7.72
N LEU HA 139 -12.16 -25.60 8.77
CA LEU HA 139 -12.94 -25.93 9.96
C LEU HA 139 -12.48 -25.03 11.09
N VAL HA 140 -13.36 -24.16 11.54
CA VAL HA 140 -13.09 -23.40 12.75
C VAL HA 140 -13.72 -24.14 13.93
N PHE HA 141 -13.24 -23.87 15.14
CA PHE HA 141 -13.69 -24.66 16.28
C PHE HA 141 -13.47 -23.88 17.58
N HIS HA 142 -13.70 -24.57 18.69
CA HIS HA 142 -13.58 -24.02 20.03
C HIS HA 142 -12.56 -24.76 20.89
N THR HA 143 -12.59 -26.09 20.89
CA THR HA 143 -11.64 -26.86 21.70
C THR HA 143 -11.02 -27.97 20.85
N ILE HA 144 -9.90 -28.51 21.30
CA ILE HA 144 -9.17 -29.52 20.52
C ILE HA 144 -8.26 -30.33 21.44
N ASN HA 145 -7.87 -31.53 20.97
CA ASN HA 145 -7.04 -32.48 21.71
C ASN HA 145 -6.15 -33.24 20.74
N TRP HA 146 -4.92 -33.53 21.16
CA TRP HA 146 -3.86 -33.97 20.23
C TRP HA 146 -3.79 -35.49 20.11
N THR HA 147 -3.24 -36.15 21.13
CA THR HA 147 -3.22 -37.62 21.19
C THR HA 147 -2.36 -38.26 20.11
N ILE HA 148 -1.28 -38.93 20.49
CA ILE HA 148 -0.38 -39.59 19.54
C ILE HA 148 -0.07 -40.99 20.04
N THR HA 149 0.29 -41.88 19.12
CA THR HA 149 0.67 -43.25 19.45
C THR HA 149 1.72 -43.75 18.48
N GLN HA 150 2.78 -44.38 19.03
CA GLN HA 150 3.86 -44.91 18.22
C GLN HA 150 4.96 -45.49 19.10
N GLY HA 151 5.41 -44.70 20.07
CA GLY HA 151 6.27 -45.20 21.14
C GLY HA 151 5.49 -45.20 22.43
N GLY HA 152 4.19 -45.50 22.31
CA GLY HA 152 3.26 -45.48 23.42
C GLY HA 152 2.05 -44.60 23.15
N VAL HA 153 0.94 -44.88 23.82
CA VAL HA 153 -0.12 -43.89 23.93
C VAL HA 153 0.46 -42.69 24.67
N THR HA 154 0.39 -41.52 24.04
CA THR HA 154 1.07 -40.32 24.52
C THR HA 154 0.01 -39.33 25.01
N HIS HA 155 -0.17 -39.28 26.34
CA HIS HA 155 -1.10 -38.43 27.08
C HIS HA 155 -1.91 -37.46 26.22
N GLU HA 156 -3.19 -37.75 26.04
CA GLU HA 156 -4.08 -36.87 25.29
C GLU HA 156 -4.16 -35.50 25.96
N ASP HA 157 -3.58 -34.50 25.32
CA ASP HA 157 -3.64 -33.12 25.79
C ASP HA 157 -4.34 -32.26 24.75
N THR HA 158 -4.59 -31.00 25.10
CA THR HA 158 -5.28 -30.11 24.17
C THR HA 158 -5.48 -28.73 24.76
N TRP HA 159 -6.51 -28.01 24.29
CA TRP HA 159 -6.72 -26.65 24.73
C TRP HA 159 -8.12 -26.19 24.34
N ASP HA 160 -8.55 -25.10 24.98
CA ASP HA 160 -9.86 -24.52 24.77
C ASP HA 160 -9.73 -23.01 24.67
N THR HA 161 -10.26 -22.44 23.58
CA THR HA 161 -10.31 -21.00 23.41
C THR HA 161 -11.49 -20.37 24.15
N GLN HA 162 -12.31 -21.18 24.80
CA GLN HA 162 -13.37 -20.67 25.66
C GLN HA 162 -12.87 -20.38 27.07
N ARG HA 163 -11.81 -21.03 27.52
CA ARG HA 163 -11.29 -20.80 28.86
C ARG HA 163 -9.87 -20.23 28.83
N SER IA 4 25.42 -36.96 5.33
CA SER IA 4 26.19 -36.67 6.49
C SER IA 4 25.87 -35.27 7.05
N VAL IA 5 25.65 -35.19 8.35
CA VAL IA 5 25.55 -33.93 9.07
C VAL IA 5 24.29 -33.70 9.95
N HIS IA 6 23.74 -34.74 10.63
CA HIS IA 6 22.36 -34.79 11.17
C HIS IA 6 21.99 -34.02 12.46
N LEU IA 7 20.82 -33.31 12.44
CA LEU IA 7 20.26 -32.42 13.48
C LEU IA 7 19.43 -33.06 14.63
N TYR IA 8 19.94 -32.92 15.85
CA TYR IA 8 19.21 -33.21 17.08
C TYR IA 8 19.01 -31.93 17.89
N LEU IA 9 17.90 -31.87 18.63
CA LEU IA 9 17.56 -30.68 19.40
C LEU IA 9 17.09 -31.15 20.77
N LYS IA 10 17.55 -30.49 21.82
CA LYS IA 10 17.29 -30.92 23.19
C LYS IA 10 16.60 -29.80 23.96
N ALA IA 11 15.40 -30.08 24.46
CA ALA IA 11 14.77 -29.31 25.52
C ALA IA 11 14.66 -30.16 26.78
N ASN IA 12 15.76 -30.25 27.53
CA ASN IA 12 15.68 -30.93 28.81
C ASN IA 12 15.41 -29.96 29.95
N GLY IA 13 15.61 -28.66 29.73
CA GLY IA 13 15.39 -27.69 30.80
C GLY IA 13 13.98 -27.71 31.36
N SER IA 14 12.98 -27.90 30.50
CA SER IA 14 11.60 -28.09 30.94
C SER IA 14 11.17 -29.55 30.91
N ASP IA 15 12.07 -30.45 30.52
CA ASP IA 15 11.73 -31.87 30.40
C ASP IA 15 10.80 -32.10 29.22
N ILE IA 16 11.37 -32.30 28.03
CA ILE IA 16 10.57 -32.44 26.83
C ILE IA 16 11.15 -33.55 25.95
N LYS IA 17 10.81 -34.79 26.29
CA LYS IA 17 11.38 -35.94 25.60
C LYS IA 17 10.91 -36.01 24.16
N GLY IA 18 11.86 -35.98 23.24
CA GLY IA 18 11.61 -36.27 21.84
C GLY IA 18 11.57 -37.76 21.61
N ASP IA 19 11.92 -38.18 20.39
CA ASP IA 19 11.84 -39.59 20.01
C ASP IA 19 13.13 -40.19 19.47
N SER IA 20 14.25 -39.48 19.52
CA SER IA 20 15.49 -39.97 18.93
C SER IA 20 15.90 -41.31 19.55
N THR IA 21 16.78 -42.01 18.84
CA THR IA 21 17.23 -43.33 19.26
C THR IA 21 18.75 -43.50 19.29
N GLN IA 22 19.51 -42.71 18.53
CA GLN IA 22 20.97 -42.69 18.61
C GLN IA 22 21.46 -42.65 20.04
N THR IA 23 21.85 -43.80 20.58
CA THR IA 23 22.45 -43.84 21.90
C THR IA 23 23.96 -43.82 21.84
N SER IA 24 24.56 -44.53 20.88
CA SER IA 24 26.01 -44.49 20.71
C SER IA 24 26.48 -43.07 20.39
N LEU IA 25 25.72 -42.36 19.55
CA LEU IA 25 26.05 -40.97 19.25
C LEU IA 25 25.71 -40.05 20.42
N GLY IA 26 24.79 -40.45 21.28
CA GLY IA 26 24.47 -39.69 22.47
C GLY IA 26 23.21 -38.85 22.44
N ARG IA 27 22.21 -39.24 21.66
CA ARG IA 27 21.02 -38.42 21.49
C ARG IA 27 19.75 -39.18 21.85
N ALA IA 28 19.76 -39.86 22.99
CA ALA IA 28 18.62 -40.66 23.41
C ALA IA 28 17.46 -39.77 23.82
N ASP IA 29 16.31 -40.01 23.21
CA ASP IA 29 15.06 -39.29 23.50
C ASP IA 29 15.11 -37.83 23.08
N SER IA 30 16.15 -37.40 22.38
CA SER IA 30 16.21 -36.04 21.85
C SER IA 30 15.24 -35.91 20.69
N ILE IA 31 15.08 -34.67 20.23
CA ILE IA 31 14.16 -34.36 19.13
C ILE IA 31 14.95 -34.42 17.82
N GLU IA 32 14.55 -35.32 16.93
CA GLU IA 32 15.17 -35.40 15.61
C GLU IA 32 14.63 -34.29 14.72
N CYS IA 33 15.52 -33.54 14.09
CA CYS IA 33 15.15 -32.36 13.33
C CYS IA 33 15.83 -32.41 11.96
N VAL IA 34 15.13 -31.86 10.96
CA VAL IA 34 15.63 -31.85 9.60
C VAL IA 34 16.44 -30.58 9.37
N ALA IA 35 15.78 -29.43 9.42
CA ALA IA 35 16.38 -28.15 9.08
C ALA IA 35 16.34 -27.19 10.28
N TYR IA 36 17.26 -26.24 10.27
CA TYR IA 36 17.50 -25.35 11.40
C TYR IA 36 17.23 -23.89 11.10
N SER IA 37 18.00 -23.27 10.20
CA SER IA 37 17.78 -21.88 9.81
C SER IA 37 17.91 -20.89 10.97
N GLN IA 38 18.99 -20.13 11.00
CA GLN IA 38 19.19 -19.16 12.07
C GLN IA 38 20.20 -18.12 11.60
N LYS IA 39 19.97 -16.87 11.98
CA LYS IA 39 20.80 -15.81 11.45
C LYS IA 39 20.96 -14.70 12.48
N VAL IA 40 21.92 -13.82 12.22
CA VAL IA 40 22.27 -12.70 13.08
C VAL IA 40 23.19 -11.77 12.30
N PHE IA 41 23.17 -10.49 12.68
CA PHE IA 41 23.96 -9.48 12.00
C PHE IA 41 23.47 -8.08 12.37
N THR IA 42 24.33 -7.07 12.21
CA THR IA 42 24.07 -5.73 12.71
C THR IA 42 23.35 -4.86 11.68
N ALA IA 43 23.22 -3.57 12.00
CA ALA IA 43 22.43 -2.62 11.19
C ALA IA 43 23.27 -1.96 10.10
N ARG IA 44 23.95 -2.75 9.29
CA ARG IA 44 25.15 -2.26 8.61
C ARG IA 44 24.79 -1.46 7.36
N GLU IA 45 24.79 -0.12 7.47
CA GLU IA 45 24.62 0.77 6.32
C GLU IA 45 25.95 1.05 5.60
N ALA IA 46 26.00 2.11 4.81
CA ALA IA 46 27.23 2.53 4.16
C ALA IA 46 27.74 3.79 4.85
N GLY IA 47 29.05 3.86 5.09
CA GLY IA 47 29.61 5.04 5.70
C GLY IA 47 31.04 4.81 6.17
N SER IA 48 31.64 5.89 6.65
CA SER IA 48 33.00 5.90 7.20
C SER IA 48 33.06 6.98 8.31
N GLY IA 49 33.35 6.59 9.54
CA GLY IA 49 33.58 5.19 9.85
C GLY IA 49 32.28 4.44 9.87
N LEU IA 50 32.32 3.25 10.42
CA LEU IA 50 31.16 2.39 10.47
C LEU IA 50 30.22 2.85 11.58
N ALA IA 51 28.93 2.81 11.28
CA ALA IA 51 27.93 2.90 12.32
C ALA IA 51 28.05 1.66 13.23
N THR IA 52 27.46 1.70 14.42
CA THR IA 52 27.84 0.64 15.34
C THR IA 52 26.65 0.01 16.05
N GLY IA 53 26.28 -1.22 15.65
CA GLY IA 53 25.03 -1.83 16.10
C GLY IA 53 24.98 -3.35 16.05
N ARG IA 54 24.04 -3.90 16.85
CA ARG IA 54 23.98 -5.29 17.33
C ARG IA 54 22.69 -6.05 17.03
N ARG IA 55 22.64 -6.65 15.84
CA ARG IA 55 21.38 -7.03 15.21
C ARG IA 55 20.61 -8.09 15.97
N GLN IA 56 19.42 -7.69 16.44
CA GLN IA 56 18.43 -8.60 17.01
C GLN IA 56 18.53 -9.97 16.37
N TYR IA 57 19.06 -10.93 17.14
CA TYR IA 57 19.28 -12.28 16.63
C TYR IA 57 17.97 -12.86 16.13
N GLU IA 58 18.02 -13.45 14.95
CA GLU IA 58 16.83 -14.07 14.40
C GLU IA 58 16.43 -15.28 15.24
N GLY IA 59 15.14 -15.57 15.23
CA GLY IA 59 14.67 -16.79 15.85
C GLY IA 59 15.21 -18.02 15.16
N ILE IA 60 15.08 -19.16 15.83
CA ILE IA 60 15.54 -20.44 15.29
C ILE IA 60 14.33 -21.14 14.69
N GLU IA 61 14.49 -21.66 13.47
CA GLU IA 61 13.35 -22.16 12.67
C GLU IA 61 13.49 -23.66 12.46
N ILE IA 62 13.08 -24.45 13.46
CA ILE IA 62 13.20 -25.90 13.43
C ILE IA 62 12.15 -26.49 12.49
N THR IA 63 12.56 -27.52 11.75
CA THR IA 63 11.67 -28.31 10.92
C THR IA 63 11.76 -29.77 11.35
N LYS IA 64 10.60 -30.39 11.57
CA LYS IA 64 10.59 -31.79 11.94
C LYS IA 64 9.26 -32.44 11.61
N ARG IA 65 9.29 -33.65 11.06
CA ARG IA 65 8.05 -34.39 10.85
C ARG IA 65 7.61 -35.06 12.15
N ILE IA 66 8.46 -35.91 12.72
CA ILE IA 66 8.10 -36.64 13.94
C ILE IA 66 7.76 -35.69 15.07
N ASP IA 67 8.40 -34.51 15.10
CA ASP IA 67 8.12 -33.52 16.13
C ASP IA 67 6.65 -33.11 16.17
N LYS IA 68 5.91 -33.30 15.06
CA LYS IA 68 4.49 -32.97 15.06
C LYS IA 68 3.71 -33.80 16.07
N SER IA 69 4.19 -35.01 16.39
CA SER IA 69 3.50 -35.86 17.35
C SER IA 69 3.75 -35.45 18.80
N SER IA 70 4.54 -34.39 19.03
CA SER IA 70 4.84 -33.96 20.39
C SER IA 70 3.90 -32.82 20.76
N PRO IA 71 2.87 -33.06 21.58
CA PRO IA 71 1.98 -31.96 21.95
C PRO IA 71 2.66 -30.87 22.75
N LEU IA 72 3.71 -31.22 23.50
CA LEU IA 72 4.34 -30.27 24.42
C LEU IA 72 4.80 -29.00 23.70
N LEU IA 73 5.18 -29.12 22.43
CA LEU IA 73 5.49 -27.91 21.67
C LEU IA 73 4.23 -27.10 21.40
N MET IA 74 3.14 -27.77 21.03
CA MET IA 74 1.88 -27.09 20.79
C MET IA 74 1.41 -26.35 22.04
N LYS IA 75 1.42 -27.03 23.18
CA LYS IA 75 1.08 -26.39 24.44
C LYS IA 75 2.07 -25.30 24.79
N ALA IA 76 3.35 -25.48 24.46
CA ALA IA 76 4.34 -24.47 24.79
C ALA IA 76 4.08 -23.17 24.03
N LEU IA 77 3.55 -23.29 22.81
CA LEU IA 77 3.24 -22.12 22.00
C LEU IA 77 2.21 -21.22 22.70
N CYS IA 78 0.94 -21.61 22.66
CA CYS IA 78 -0.14 -20.84 23.29
C CYS IA 78 -0.09 -20.79 24.83
N GLU IA 79 0.47 -21.77 25.52
CA GLU IA 79 0.65 -21.69 26.97
C GLU IA 79 1.99 -21.07 27.32
N ASN IA 80 2.71 -20.64 26.33
CA ASN IA 80 4.18 -20.62 26.24
C ASN IA 80 4.96 -21.07 27.46
N GLN IA 81 5.78 -22.13 27.25
CA GLN IA 81 6.67 -22.58 28.30
C GLN IA 81 8.04 -21.88 28.24
N VAL IA 82 8.37 -21.20 29.32
CA VAL IA 82 9.71 -20.66 29.52
C VAL IA 82 10.65 -21.85 29.74
N ILE IA 83 11.61 -22.03 28.85
CA ILE IA 83 12.60 -23.08 28.98
C ILE IA 83 13.95 -22.45 29.28
N ASP IA 84 14.76 -23.14 30.09
CA ASP IA 84 16.05 -22.59 30.47
C ASP IA 84 17.11 -22.75 29.38
N ALA IA 85 17.09 -23.86 28.65
CA ALA IA 85 18.13 -24.10 27.66
C ALA IA 85 17.60 -24.97 26.54
N THR IA 86 17.97 -24.62 25.31
CA THR IA 86 17.72 -25.43 24.13
C THR IA 86 19.06 -25.70 23.46
N PHE IA 87 19.39 -26.97 23.25
CA PHE IA 87 20.69 -27.36 22.71
C PHE IA 87 20.49 -27.89 21.30
N LYS IA 88 21.11 -27.22 20.32
CA LYS IA 88 21.11 -27.70 18.95
C LYS IA 88 22.43 -28.41 18.69
N PHE IA 89 22.38 -29.50 17.91
CA PHE IA 89 23.59 -30.27 17.64
C PHE IA 89 23.51 -30.95 16.28
N PHE IA 90 24.49 -30.66 15.42
CA PHE IA 90 24.62 -31.29 14.12
C PHE IA 90 25.85 -32.16 14.06
N ARG IA 91 25.78 -33.23 13.28
CA ARG IA 91 26.84 -34.21 13.29
C ARG IA 91 27.66 -34.08 12.01
N PRO IA 92 28.90 -34.56 12.00
CA PRO IA 92 29.68 -34.53 10.76
C PRO IA 92 29.01 -35.34 9.65
N ASN IA 93 29.42 -34.97 8.27
CA ASN IA 93 29.09 -35.51 6.95
C ASN IA 93 30.31 -36.18 6.33
N PRO IA 94 30.13 -37.23 5.52
CA PRO IA 94 31.20 -38.22 5.27
C PRO IA 94 32.23 -37.89 4.18
N THR IA 95 33.41 -38.56 4.24
CA THR IA 95 34.40 -38.52 3.14
C THR IA 95 35.71 -39.30 3.31
N GLY IA 96 36.79 -38.62 3.69
CA GLY IA 96 37.86 -39.35 4.33
C GLY IA 96 37.46 -39.91 5.69
N ASP IA 97 36.66 -39.18 6.49
CA ASP IA 97 36.32 -39.68 7.83
C ASP IA 97 34.90 -40.23 7.95
N GLY IA 98 34.60 -40.71 9.17
CA GLY IA 98 33.22 -41.09 9.54
C GLY IA 98 33.03 -40.89 11.04
N THR IA 99 32.29 -39.84 11.39
CA THR IA 99 32.12 -39.42 12.80
C THR IA 99 30.64 -39.18 13.12
N THR IA 100 30.22 -39.74 14.26
CA THR IA 100 28.92 -39.41 14.85
C THR IA 100 29.03 -38.20 15.79
N GLU IA 101 30.14 -37.48 15.72
CA GLU IA 101 30.41 -36.36 16.61
C GLU IA 101 29.73 -35.09 16.11
N GLN IA 102 29.50 -34.17 17.04
CA GLN IA 102 28.81 -32.91 16.75
C GLN IA 102 29.84 -31.88 16.30
N PHE IA 103 29.89 -31.62 15.00
CA PHE IA 103 30.77 -30.58 14.46
C PHE IA 103 30.21 -29.19 14.65
N TYR IA 104 29.02 -29.05 15.23
CA TYR IA 104 28.41 -27.75 15.47
C TYR IA 104 27.42 -27.91 16.62
N THR IA 105 27.66 -27.20 17.72
CA THR IA 105 26.88 -27.34 18.94
C THR IA 105 26.39 -25.96 19.38
N VAL IA 106 25.15 -25.64 19.03
CA VAL IA 106 24.52 -24.37 19.39
C VAL IA 106 23.89 -24.49 20.77
N SER IA 107 23.90 -23.38 21.51
CA SER IA 107 23.38 -23.38 22.87
C SER IA 107 22.56 -22.12 23.11
N ILE IA 108 21.26 -22.28 23.37
CA ILE IA 108 20.37 -21.16 23.64
C ILE IA 108 19.92 -21.20 25.09
N LYS IA 109 19.79 -20.01 25.69
CA LYS IA 109 19.41 -19.87 27.09
C LYS IA 109 18.22 -18.91 27.18
N LYS IA 110 17.20 -19.34 27.92
CA LYS IA 110 15.98 -18.54 28.11
C LYS IA 110 15.09 -18.65 26.88
N ALA IA 111 14.70 -19.87 26.53
CA ALA IA 111 14.03 -20.14 25.27
C ALA IA 111 12.52 -20.25 25.45
N ARG IA 112 11.79 -19.91 24.38
CA ARG IA 112 10.36 -20.07 24.33
C ARG IA 112 9.95 -20.44 22.91
N ILE IA 113 8.77 -21.03 22.79
CA ILE IA 113 8.19 -21.36 21.48
C ILE IA 113 7.33 -20.17 21.08
N ASN IA 114 7.81 -19.41 20.09
CA ASN IA 114 7.07 -18.26 19.59
C ASN IA 114 6.03 -18.63 18.54
N ALA IA 115 6.14 -19.82 17.95
CA ALA IA 115 5.18 -20.22 16.93
C ALA IA 115 5.24 -21.72 16.73
N ILE IA 116 4.06 -22.32 16.52
CA ILE IA 116 3.94 -23.73 16.20
C ILE IA 116 3.13 -23.85 14.90
N GLN IA 117 3.71 -24.55 13.92
CA GLN IA 117 3.05 -24.79 12.64
C GLN IA 117 2.81 -26.29 12.46
N GLN IA 118 1.70 -26.62 11.81
CA GLN IA 118 1.34 -28.01 11.54
C GLN IA 118 0.76 -28.14 10.14
N THR IA 119 0.96 -29.31 9.54
CA THR IA 119 0.60 -29.53 8.15
C THR IA 119 0.76 -31.01 7.82
N VAL IA 120 -0.17 -31.50 7.00
CA VAL IA 120 -0.21 -32.90 6.60
C VAL IA 120 -0.36 -32.94 5.08
N PRO IA 121 0.55 -33.55 4.35
CA PRO IA 121 0.56 -33.36 2.90
C PRO IA 121 -0.29 -34.37 2.11
N ASN IA 122 -1.57 -34.05 1.95
CA ASN IA 122 -2.41 -34.44 0.80
C ASN IA 122 -2.00 -35.73 0.05
N SER IA 123 -2.88 -36.72 0.16
CA SER IA 123 -2.85 -37.90 -0.71
C SER IA 123 -2.66 -39.13 0.17
N PHE IA 124 -2.14 -40.20 -0.42
CA PHE IA 124 -1.97 -41.47 0.25
C PHE IA 124 -0.71 -42.09 -0.29
N VAL IA 125 -0.07 -42.91 0.55
CA VAL IA 125 1.16 -43.56 0.11
C VAL IA 125 0.76 -44.73 -0.76
N PRO IA 126 1.62 -45.13 -1.69
CA PRO IA 126 1.53 -46.50 -2.21
C PRO IA 126 1.41 -47.55 -1.12
N ALA IA 127 1.65 -47.19 0.14
CA ALA IA 127 1.55 -48.12 1.27
C ALA IA 127 0.26 -48.03 2.10
N SER IA 128 -0.89 -47.65 1.51
CA SER IA 128 -2.22 -47.97 1.99
C SER IA 128 -2.54 -47.25 3.28
N THR IA 129 -1.58 -46.50 3.75
CA THR IA 129 -1.86 -45.36 4.62
C THR IA 129 -1.89 -44.10 3.72
N ASN IA 130 -1.15 -43.06 4.15
CA ASN IA 130 -1.26 -41.68 3.63
C ASN IA 130 -0.27 -40.81 4.45
N LEU IA 131 -0.37 -39.47 4.28
CA LEU IA 131 0.74 -38.59 4.76
C LEU IA 131 1.19 -38.84 6.22
N PRO IA 132 2.51 -38.91 6.45
CA PRO IA 132 3.03 -38.50 7.75
C PRO IA 132 3.14 -36.99 7.81
N PRO IA 133 3.12 -36.39 9.02
CA PRO IA 133 2.95 -34.92 9.08
C PRO IA 133 4.22 -34.11 9.35
N MET IA 134 4.21 -32.81 9.04
CA MET IA 134 5.40 -31.97 9.19
C MET IA 134 5.06 -30.71 9.99
N GLU IA 135 5.90 -30.40 10.97
CA GLU IA 135 5.74 -29.22 11.81
C GLU IA 135 6.98 -28.33 11.72
N THR IA 136 6.74 -27.03 11.81
CA THR IA 136 7.80 -26.02 11.80
C THR IA 136 7.61 -25.15 13.03
N LEU IA 137 8.66 -25.06 13.86
CA LEU IA 137 8.57 -24.37 15.14
C LEU IA 137 9.58 -23.25 15.19
N GLN IA 138 9.16 -22.09 15.68
CA GLN IA 138 10.01 -20.92 15.85
C GLN IA 138 10.38 -20.81 17.33
N LEU IA 139 11.68 -20.80 17.60
CA LEU IA 139 12.21 -20.72 18.96
C LEU IA 139 12.80 -19.34 19.14
N VAL IA 140 12.20 -18.56 20.03
CA VAL IA 140 12.80 -17.29 20.44
C VAL IA 140 13.61 -17.54 21.69
N PHE IA 141 14.58 -16.67 21.98
CA PHE IA 141 15.48 -16.92 23.09
C PHE IA 141 16.10 -15.62 23.59
N HIS IA 142 17.07 -15.77 24.50
CA HIS IA 142 17.77 -14.66 25.11
C HIS IA 142 19.28 -14.71 24.87
N THR IA 143 19.92 -15.87 25.03
CA THR IA 143 21.36 -15.97 24.82
C THR IA 143 21.66 -17.19 23.94
N ILE IA 144 22.86 -17.22 23.35
CA ILE IA 144 23.21 -18.29 22.41
C ILE IA 144 24.73 -18.40 22.30
N ASN IA 145 25.21 -19.56 21.85
CA ASN IA 145 26.63 -19.87 21.71
C ASN IA 145 26.82 -20.79 20.50
N TRP IA 146 27.94 -20.59 19.78
CA TRP IA 146 28.09 -21.17 18.45
C TRP IA 146 28.80 -22.53 18.47
N THR IA 147 30.12 -22.54 18.69
CA THR IA 147 30.87 -23.78 18.86
C THR IA 147 30.91 -24.65 17.61
N ILE IA 148 32.10 -24.82 17.03
CA ILE IA 148 32.27 -25.63 15.81
C ILE IA 148 33.47 -26.56 16.02
N THR IA 149 33.46 -27.67 15.27
CA THR IA 149 34.56 -28.63 15.31
C THR IA 149 34.73 -29.28 13.95
N GLN IA 150 35.98 -29.36 13.49
CA GLN IA 150 36.29 -29.96 12.20
C GLN IA 150 37.78 -29.84 11.88
N GLY IA 151 38.31 -28.62 12.00
CA GLY IA 151 39.74 -28.39 11.98
C GLY IA 151 40.19 -27.97 13.36
N GLY IA 152 39.54 -28.56 14.37
CA GLY IA 152 39.76 -28.24 15.76
C GLY IA 152 38.50 -27.86 16.48
N VAL IA 153 38.48 -28.03 17.80
CA VAL IA 153 37.49 -27.34 18.61
C VAL IA 153 37.72 -25.84 18.45
N THR IA 154 36.69 -25.13 18.02
CA THR IA 154 36.81 -23.72 17.62
C THR IA 154 36.08 -22.87 18.65
N HIS IA 155 36.86 -22.26 19.56
CA HIS IA 155 36.43 -21.39 20.65
C HIS IA 155 34.93 -21.10 20.71
N GLU IA 156 34.24 -21.70 21.68
CA GLU IA 156 32.81 -21.46 21.86
C GLU IA 156 32.56 -20.00 22.16
N ASP IA 157 31.96 -19.28 21.22
CA ASP IA 157 31.59 -17.88 21.39
C ASP IA 157 30.07 -17.76 21.26
N THR IA 158 29.56 -16.56 21.52
CA THR IA 158 28.11 -16.35 21.45
C THR IA 158 27.73 -14.92 21.82
N TRP IA 159 26.50 -14.74 22.30
CA TRP IA 159 26.02 -13.38 22.58
C TRP IA 159 24.76 -13.46 23.43
N ASP IA 160 24.43 -12.32 24.04
CA ASP IA 160 23.28 -12.19 24.92
C ASP IA 160 22.56 -10.89 24.59
N THR IA 161 21.26 -11.00 24.33
CA THR IA 161 20.40 -9.83 24.12
C THR IA 161 19.96 -9.20 25.42
N GLN IA 162 20.34 -9.78 26.55
CA GLN IA 162 20.09 -9.16 27.86
C GLN IA 162 21.17 -8.18 28.25
N ARG IA 163 22.38 -8.31 27.72
CA ARG IA 163 23.46 -7.40 28.05
C ARG IA 163 23.96 -6.63 26.83
N SER JA 4 35.57 -24.35 -13.53
CA SER JA 4 36.65 -23.43 -13.50
C SER JA 4 36.18 -22.02 -13.08
N VAL JA 5 36.89 -21.40 -12.16
CA VAL JA 5 36.73 -20.01 -11.79
C VAL JA 5 36.51 -19.68 -10.30
N HIS JA 6 37.18 -20.39 -9.34
CA HIS JA 6 36.79 -20.48 -7.90
C HIS JA 6 37.10 -19.31 -6.93
N LEU JA 7 36.10 -18.95 -6.09
CA LEU JA 7 36.06 -17.82 -5.12
C LEU JA 7 36.70 -18.04 -3.73
N TYR JA 8 37.74 -17.25 -3.44
CA TYR JA 8 38.31 -17.11 -2.10
C TYR JA 8 38.13 -15.67 -1.61
N LEU JA 9 37.99 -15.52 -0.29
CA LEU JA 9 37.76 -14.21 0.31
C LEU JA 9 38.65 -14.10 1.54
N LYS JA 10 39.31 -12.97 1.71
CA LYS JA 10 40.29 -12.77 2.76
C LYS JA 10 39.89 -11.59 3.63
N ALA JA 11 39.72 -11.86 4.93
CA ALA JA 11 39.70 -10.85 5.97
C ALA JA 11 40.91 -11.04 6.87
N ASN JA 12 42.06 -10.55 6.44
CA ASN JA 12 43.21 -10.59 7.31
C ASN JA 12 43.38 -9.28 8.09
N GLY JA 13 42.71 -8.22 7.66
CA GLY JA 13 42.84 -6.94 8.35
C GLY JA 13 42.47 -7.00 9.83
N SER JA 14 41.42 -7.76 10.15
CA SER JA 14 41.03 -8.01 11.53
C SER JA 14 41.50 -9.39 12.02
N ASP JA 15 42.16 -10.16 11.16
CA ASP JA 15 42.59 -11.51 11.52
C ASP JA 15 41.39 -12.43 11.61
N ILE JA 16 40.98 -13.03 10.49
CA ILE JA 16 39.78 -13.86 10.45
C ILE JA 16 40.05 -15.10 9.60
N LYS JA 17 40.70 -16.09 10.19
CA LYS JA 17 41.11 -17.28 9.45
C LYS JA 17 39.90 -18.09 9.00
N GLY JA 18 39.78 -18.28 7.69
CA GLY JA 18 38.84 -19.21 7.12
C GLY JA 18 39.38 -20.63 7.19
N ASP JA 19 38.95 -21.46 6.23
CA ASP JA 19 39.34 -22.86 6.23
C ASP JA 19 39.96 -23.37 4.94
N SER JA 20 40.27 -22.49 3.98
CA SER JA 20 40.79 -22.92 2.69
C SER JA 20 42.09 -23.71 2.86
N THR JA 21 42.43 -24.46 1.82
CA THR JA 21 43.61 -25.32 1.82
C THR JA 21 44.55 -25.13 0.64
N GLN JA 22 44.07 -24.62 -0.50
CA GLN JA 22 44.91 -24.25 -1.63
C GLN JA 22 46.14 -23.47 -1.20
N THR JA 23 47.27 -24.17 -1.08
CA THR JA 23 48.53 -23.50 -0.79
C THR JA 23 49.31 -23.19 -2.06
N SER JA 24 49.33 -24.11 -3.02
CA SER JA 24 50.00 -23.84 -4.29
C SER JA 24 49.35 -22.66 -5.00
N LEU JA 25 48.02 -22.57 -4.96
CA LEU JA 25 47.32 -21.43 -5.53
C LEU JA 25 47.49 -20.18 -4.69
N GLY JA 26 47.74 -20.33 -3.41
CA GLY JA 26 48.03 -19.20 -2.53
C GLY JA 26 46.90 -18.77 -1.63
N ARG JA 27 45.99 -19.67 -1.22
CA ARG JA 27 44.83 -19.28 -0.45
C ARG JA 27 44.74 -20.03 0.87
N ALA JA 28 45.86 -20.11 1.59
CA ALA JA 28 45.90 -20.85 2.84
C ALA JA 28 45.10 -20.13 3.92
N ASP JA 29 44.17 -20.86 4.53
CA ASP JA 29 43.33 -20.35 5.62
C ASP JA 29 42.36 -19.27 5.18
N SER JA 30 42.26 -19.00 3.88
CA SER JA 30 41.28 -18.04 3.40
C SER JA 30 39.88 -18.66 3.49
N ILE JA 31 38.88 -17.81 3.22
CA ILE JA 31 37.48 -18.24 3.28
C ILE JA 31 37.05 -18.71 1.89
N GLU JA 32 36.66 -19.98 1.80
CA GLU JA 32 36.15 -20.51 0.53
C GLU JA 32 34.70 -20.07 0.35
N CYS JA 33 34.41 -19.50 -0.83
CA CYS JA 33 33.11 -18.91 -1.10
C CYS JA 33 32.58 -19.42 -2.42
N VAL JA 34 31.25 -19.55 -2.50
CA VAL JA 34 30.60 -20.04 -3.70
C VAL JA 34 30.28 -18.87 -4.62
N ALA JA 35 29.38 -18.00 -4.17
CA ALA JA 35 28.87 -16.90 -4.99
C ALA JA 35 29.19 -15.55 -4.37
N TYR JA 36 29.23 -14.52 -5.23
CA TYR JA 36 29.71 -13.20 -4.85
C TYR JA 36 28.64 -12.12 -4.96
N SER JA 37 28.16 -11.82 -6.17
CA SER JA 37 27.10 -10.84 -6.36
C SER JA 37 27.47 -9.44 -5.90
N GLN JA 38 27.72 -8.53 -6.84
CA GLN JA 38 28.09 -7.16 -6.48
C GLN JA 38 27.83 -6.27 -7.68
N LYS JA 39 27.35 -5.06 -7.41
CA LYS JA 39 26.94 -4.19 -8.51
C LYS JA 39 27.18 -2.74 -8.15
N VAL JA 40 27.10 -1.89 -9.18
CA VAL JA 40 27.34 -0.46 -9.07
C VAL JA 40 26.86 0.19 -10.37
N PHE JA 41 26.50 1.46 -10.27
CA PHE JA 41 25.98 2.21 -11.41
C PHE JA 41 25.29 3.48 -10.95
N THR JA 42 25.16 4.47 -11.83
CA THR JA 42 24.70 5.80 -11.49
C THR JA 42 23.18 5.93 -11.59
N ALA JA 43 22.70 7.17 -11.44
CA ALA JA 43 21.26 7.46 -11.35
C ALA JA 43 20.65 7.72 -12.73
N ARG JA 44 20.89 6.81 -13.67
CA ARG JA 44 20.85 7.21 -15.08
C ARG JA 44 19.41 7.26 -15.60
N GLU JA 45 18.84 8.47 -15.69
CA GLU JA 45 17.54 8.67 -16.33
C GLU JA 45 17.64 8.87 -17.83
N ALA JA 46 16.61 9.46 -18.45
CA ALA JA 46 16.64 9.79 -19.87
C ALA JA 46 16.78 11.29 -20.02
N GLY JA 47 17.63 11.74 -20.94
CA GLY JA 47 17.79 13.15 -21.17
C GLY JA 47 19.01 13.47 -22.02
N SER JA 48 19.14 14.74 -22.35
CA SER JA 48 20.26 15.29 -23.12
C SER JA 48 20.51 16.74 -22.65
N GLY JA 49 21.71 17.01 -22.13
CA GLY JA 49 22.73 15.99 -21.98
C GLY JA 49 22.38 15.08 -20.83
N LEU JA 50 23.35 14.30 -20.40
CA LEU JA 50 23.14 13.34 -19.35
C LEU JA 50 23.17 14.00 -17.99
N ALA JA 51 22.31 13.53 -17.10
CA ALA JA 51 22.40 13.91 -15.70
C ALA JA 51 23.70 13.34 -15.12
N THR JA 52 24.11 13.75 -13.93
CA THR JA 52 25.47 13.36 -13.59
C THR JA 52 25.61 12.86 -12.16
N GLY JA 53 25.72 11.51 -11.99
CA GLY JA 53 25.59 10.89 -10.67
C GLY JA 53 26.30 9.56 -10.53
N ARG JA 54 26.63 9.24 -9.26
CA ARG JA 54 27.58 8.22 -8.81
C ARG JA 54 27.02 7.17 -7.85
N ARG JA 55 26.45 6.11 -8.44
CA ARG JA 55 25.52 5.26 -7.72
C ARG JA 55 26.13 4.51 -6.55
N GLN JA 56 25.60 4.82 -5.36
CA GLN JA 56 25.91 4.08 -4.14
C GLN JA 56 26.20 2.61 -4.44
N TYR JA 57 27.47 2.23 -4.32
CA TYR JA 57 27.89 0.88 -4.65
C TYR JA 57 27.12 -0.11 -3.82
N GLU JA 58 26.63 -1.17 -4.47
CA GLU JA 58 25.89 -2.19 -3.77
C GLU JA 58 26.84 -2.95 -2.83
N GLY JA 59 26.27 -3.47 -1.76
CA GLY JA 59 27.02 -4.35 -0.89
C GLY JA 59 27.44 -5.62 -1.61
N ILE JA 60 28.37 -6.33 -0.99
CA ILE JA 60 28.88 -7.59 -1.53
C ILE JA 60 28.14 -8.73 -0.83
N GLU JA 61 27.65 -9.70 -1.61
CA GLU JA 61 26.75 -10.72 -1.11
C GLU JA 61 27.40 -12.10 -1.17
N ILE JA 62 28.23 -12.42 -0.18
CA ILE JA 62 28.97 -13.66 -0.15
C ILE JA 62 28.05 -14.82 0.21
N THR JA 63 28.27 -15.96 -0.44
CA THR JA 63 27.60 -17.20 -0.11
C THR JA 63 28.64 -18.26 0.23
N LYS JA 64 28.45 -18.94 1.36
CA LYS JA 64 29.38 -20.00 1.72
C LYS JA 64 28.74 -20.98 2.68
N ARG JA 65 28.97 -22.27 2.46
CA ARG JA 65 28.51 -23.27 3.42
C ARG JA 65 29.45 -23.36 4.60
N ILE JA 66 30.73 -23.65 4.34
CA ILE JA 66 31.72 -23.82 5.41
C ILE JA 66 31.83 -22.56 6.25
N ASP JA 67 31.63 -21.39 5.62
CA ASP JA 67 31.70 -20.13 6.34
C ASP JA 67 30.72 -20.06 7.49
N LYS JA 68 29.66 -20.87 7.47
CA LYS JA 68 28.71 -20.89 8.58
C LYS JA 68 29.37 -21.31 9.88
N SER JA 69 30.43 -22.12 9.81
CA SER JA 69 31.12 -22.57 11.02
C SER JA 69 32.03 -21.52 11.61
N SER JA 70 32.12 -20.32 11.00
CA SER JA 70 33.00 -19.27 11.50
C SER JA 70 32.18 -18.31 12.36
N PRO JA 71 32.29 -18.36 13.69
CA PRO JA 71 31.50 -17.43 14.50
C PRO JA 71 31.90 -15.99 14.30
N LEU JA 72 33.15 -15.72 13.92
CA LEU JA 72 33.66 -14.36 13.85
C LEU JA 72 32.82 -13.48 12.93
N LEU JA 73 32.22 -14.07 11.89
CA LEU JA 73 31.29 -13.31 11.07
C LEU JA 73 30.03 -12.99 11.85
N MET JA 74 29.50 -13.97 12.60
CA MET JA 74 28.31 -13.75 13.39
C MET JA 74 28.54 -12.64 14.42
N LYS JA 75 29.65 -12.72 15.14
CA LYS JA 75 29.99 -11.66 16.09
C LYS JA 75 30.25 -10.34 15.37
N ALA JA 76 30.82 -10.39 14.18
CA ALA JA 76 31.11 -9.17 13.44
C ALA JA 76 29.82 -8.45 13.05
N LEU JA 77 28.75 -9.21 12.82
CA LEU JA 77 27.47 -8.60 12.49
C LEU JA 77 26.98 -7.72 13.63
N CYS JA 78 26.50 -8.33 14.71
CA CYS JA 78 25.94 -7.61 15.85
C CYS JA 78 26.96 -6.84 16.69
N GLU JA 79 28.24 -7.19 16.67
CA GLU JA 79 29.26 -6.39 17.32
C GLU JA 79 29.99 -5.51 16.32
N ASN JA 80 29.46 -5.39 15.13
CA ASN JA 80 30.15 -5.21 13.86
C ASN JA 80 31.64 -4.82 13.93
N GLN JA 81 32.51 -5.75 13.53
CA GLN JA 81 33.92 -5.38 13.54
C GLN JA 81 34.28 -4.58 12.29
N VAL JA 82 34.84 -3.40 12.51
CA VAL JA 82 35.42 -2.61 11.41
C VAL JA 82 36.67 -3.34 10.93
N ILE JA 83 36.68 -3.70 9.66
CA ILE JA 83 37.84 -4.35 9.05
C ILE JA 83 38.48 -3.38 8.08
N ASP JA 84 39.81 -3.45 7.97
CA ASP JA 84 40.52 -2.53 7.09
C ASP JA 84 40.43 -2.93 5.62
N ALA JA 85 40.46 -4.23 5.33
CA ALA JA 85 40.49 -4.66 3.95
C ALA JA 85 39.85 -6.03 3.81
N THR JA 86 39.05 -6.20 2.76
CA THR JA 86 38.50 -7.49 2.36
C THR JA 86 38.92 -7.74 0.92
N PHE JA 87 39.57 -8.87 0.67
CA PHE JA 87 40.11 -9.18 -0.65
C PHE JA 87 39.31 -10.31 -1.26
N LYS JA 88 38.66 -10.05 -2.39
CA LYS JA 88 37.96 -11.08 -3.14
C LYS JA 88 38.85 -11.55 -4.28
N PHE JA 89 38.83 -12.85 -4.58
CA PHE JA 89 39.68 -13.38 -5.62
C PHE JA 89 39.04 -14.60 -6.27
N PHE JA 90 38.87 -14.53 -7.59
CA PHE JA 90 38.35 -15.64 -8.39
C PHE JA 90 39.43 -16.16 -9.33
N ARG JA 91 39.36 -17.46 -9.60
CA ARG JA 91 40.44 -18.08 -10.35
C ARG JA 91 39.96 -18.36 -11.77
N PRO JA 92 40.85 -18.52 -12.73
CA PRO JA 92 40.41 -18.91 -14.08
C PRO JA 92 39.67 -20.25 -14.08
N ASN JA 93 38.81 -20.47 -15.26
CA ASN JA 93 38.01 -21.62 -15.70
C ASN JA 93 38.57 -22.23 -16.97
N PRO JA 94 38.48 -23.55 -17.17
CA PRO JA 94 39.39 -24.27 -18.09
C PRO JA 94 39.03 -24.22 -19.60
N THR JA 95 40.05 -24.54 -20.44
CA THR JA 95 39.82 -24.73 -21.90
C THR JA 95 41.02 -25.12 -22.77
N GLY JA 96 41.55 -24.18 -23.54
CA GLY JA 96 42.94 -24.33 -23.90
C GLY JA 96 43.86 -24.28 -22.68
N ASP JA 97 43.57 -23.44 -21.67
CA ASP JA 97 44.53 -23.33 -20.56
C ASP JA 97 44.09 -24.03 -19.27
N GLY JA 98 44.99 -23.92 -18.29
CA GLY JA 98 44.72 -24.39 -16.92
C GLY JA 98 45.55 -23.58 -15.94
N THR JA 99 44.89 -22.65 -15.25
CA THR JA 99 45.54 -21.71 -14.34
C THR JA 99 44.83 -21.66 -12.99
N THR JA 100 45.62 -21.74 -11.93
CA THR JA 100 45.17 -21.46 -10.58
C THR JA 100 45.27 -19.97 -10.25
N GLU JA 101 45.49 -19.14 -11.25
CA GLU JA 101 45.70 -17.72 -11.08
C GLU JA 101 44.36 -16.98 -10.96
N GLN JA 102 44.42 -15.81 -10.33
CA GLN JA 102 43.23 -14.99 -10.08
C GLN JA 102 43.01 -14.08 -11.28
N PHE JA 103 42.02 -14.42 -12.10
CA PHE JA 103 41.64 -13.59 -13.23
C PHE JA 103 40.77 -12.41 -12.83
N TYR JA 104 40.45 -12.28 -11.54
CA TYR JA 104 39.65 -11.18 -11.04
C TYR JA 104 39.97 -11.00 -9.56
N THR JA 105 40.49 -9.83 -9.19
CA THR JA 105 40.97 -9.56 -7.84
C THR JA 105 40.32 -8.27 -7.33
N VAL JA 106 39.24 -8.41 -6.57
CA VAL JA 106 38.53 -7.28 -5.99
C VAL JA 106 39.18 -6.91 -4.67
N SER JA 107 39.14 -5.61 -4.35
CA SER JA 107 39.78 -5.10 -3.14
C SER JA 107 38.88 -4.07 -2.48
N ILE JA 108 38.42 -4.36 -1.26
CA ILE JA 108 37.57 -3.46 -0.51
C ILE JA 108 38.32 -2.94 0.70
N LYS JA 109 38.08 -1.66 1.02
CA LYS JA 109 38.75 -0.98 2.13
C LYS JA 109 37.69 -0.35 3.03
N LYS JA 110 37.84 -0.60 4.34
CA LYS JA 110 36.91 -0.08 5.34
C LYS JA 110 35.64 -0.92 5.37
N ALA JA 111 35.78 -2.22 5.62
CA ALA JA 111 34.68 -3.16 5.45
C ALA JA 111 34.03 -3.48 6.78
N ARG JA 112 32.74 -3.82 6.71
CA ARG JA 112 31.98 -4.29 7.86
C ARG JA 112 30.98 -5.33 7.40
N ILE JA 113 30.53 -6.14 8.35
CA ILE JA 113 29.48 -7.14 8.10
C ILE JA 113 28.15 -6.47 8.43
N ASN JA 114 27.38 -6.15 7.39
CA ASN JA 114 26.08 -5.53 7.58
C ASN JA 114 24.97 -6.55 7.83
N ALA JA 115 25.20 -7.82 7.53
CA ALA JA 115 24.17 -8.82 7.76
C ALA JA 115 24.80 -10.21 7.76
N ILE JA 116 24.30 -11.07 8.65
CA ILE JA 116 24.70 -12.47 8.71
C ILE JA 116 23.44 -13.33 8.62
N GLN JA 117 23.42 -14.25 7.66
CA GLN JA 117 22.30 -15.18 7.48
C GLN JA 117 22.78 -16.60 7.72
N GLN JA 118 21.88 -17.42 8.28
CA GLN JA 118 22.18 -18.82 8.55
C GLN JA 118 20.96 -19.69 8.23
N THR JA 119 21.25 -20.93 7.84
CA THR JA 119 20.21 -21.82 7.35
C THR JA 119 20.78 -23.22 7.20
N VAL JA 120 19.95 -24.21 7.52
CA VAL JA 120 20.33 -25.61 7.48
C VAL JA 120 19.24 -26.37 6.71
N PRO JA 121 19.55 -27.05 5.62
CA PRO JA 121 18.49 -27.51 4.73
C PRO JA 121 17.96 -28.92 5.07
N ASN JA 122 16.94 -28.94 5.92
CA ASN JA 122 15.96 -30.03 6.08
C ASN JA 122 16.27 -31.39 5.42
N SER JA 123 16.32 -32.41 6.29
CA SER JA 123 16.35 -33.81 5.88
C SER JA 123 17.65 -34.43 6.37
N PHE JA 124 18.06 -35.52 5.73
CA PHE JA 124 19.21 -36.28 6.12
C PHE JA 124 19.85 -36.80 4.84
N VAL JA 125 21.16 -37.00 4.90
CA VAL JA 125 21.85 -37.50 3.73
C VAL JA 125 21.61 -39.01 3.66
N PRO JA 126 21.64 -39.59 2.47
CA PRO JA 126 21.89 -41.03 2.39
C PRO JA 126 23.08 -41.47 3.23
N ALA JA 127 23.92 -40.54 3.73
CA ALA JA 127 25.05 -40.86 4.56
C ALA JA 127 24.87 -40.68 6.07
N SER JA 128 23.65 -40.86 6.61
CA SER JA 128 23.40 -41.20 8.00
C SER JA 128 23.75 -40.07 8.94
N THR JA 129 24.24 -38.99 8.36
CA THR JA 129 24.12 -37.66 8.97
C THR JA 129 22.89 -36.99 8.33
N ASN JA 130 23.08 -35.74 7.88
CA ASN JA 130 22.00 -34.79 7.52
C ASN JA 130 22.67 -33.47 7.10
N LEU JA 131 21.86 -32.39 6.95
CA LEU JA 131 22.37 -31.19 6.23
C LEU JA 131 23.73 -30.66 6.74
N PRO JA 132 24.65 -30.33 5.82
CA PRO JA 132 25.62 -29.29 6.11
C PRO JA 132 24.99 -27.92 5.89
N PRO JA 133 25.51 -26.86 6.54
CA PRO JA 133 24.74 -25.59 6.57
C PRO JA 133 25.23 -24.50 5.62
N MET JA 134 24.39 -23.52 5.29
CA MET JA 134 24.74 -22.47 4.34
C MET JA 134 24.48 -21.09 4.94
N GLU JA 135 25.47 -20.20 4.80
CA GLU JA 135 25.37 -18.84 5.30
C GLU JA 135 25.56 -17.84 4.15
N THR JA 136 24.86 -16.72 4.25
CA THR JA 136 24.94 -15.63 3.29
C THR JA 136 25.26 -14.35 4.06
N LEU JA 137 26.35 -13.69 3.68
CA LEU JA 137 26.85 -12.53 4.42
C LEU JA 137 26.89 -11.32 3.52
N GLN JA 138 26.43 -10.19 4.03
CA GLN JA 138 26.45 -8.92 3.32
C GLN JA 138 27.60 -8.08 3.85
N LEU JA 139 28.49 -7.67 2.97
CA LEU JA 139 29.68 -6.89 3.31
C LEU JA 139 29.45 -5.47 2.78
N VAL JA 140 29.34 -4.53 3.70
CA VAL JA 140 29.34 -3.11 3.32
C VAL JA 140 30.77 -2.60 3.43
N PHE JA 141 31.07 -1.51 2.73
CA PHE JA 141 32.44 -1.04 2.67
C PHE JA 141 32.49 0.44 2.31
N HIS JA 142 33.70 0.92 2.08
CA HIS JA 142 33.98 2.31 1.75
C HIS JA 142 34.67 2.48 0.40
N THR JA 143 35.69 1.68 0.10
CA THR JA 143 36.40 1.79 -1.18
C THR JA 143 36.56 0.40 -1.80
N ILE JA 144 36.82 0.36 -3.11
CA ILE JA 144 36.91 -0.92 -3.83
C ILE JA 144 37.72 -0.74 -5.10
N ASN JA 145 38.24 -1.86 -5.63
CA ASN JA 145 39.07 -1.89 -6.83
C ASN JA 145 38.82 -3.20 -7.58
N TRP JA 146 38.83 -3.11 -8.92
CA TRP JA 146 38.30 -4.18 -9.77
C TRP JA 146 39.37 -5.20 -10.17
N THR JA 147 40.24 -4.84 -11.11
CA THR JA 147 41.38 -5.68 -11.48
C THR JA 147 40.98 -6.99 -12.16
N ILE JA 148 41.32 -7.16 -13.44
CA ILE JA 148 40.99 -8.37 -14.19
C ILE JA 148 42.22 -8.84 -14.94
N THR JA 149 42.27 -10.13 -15.25
CA THR JA 149 43.36 -10.72 -16.01
C THR JA 149 42.84 -11.86 -16.86
N GLN JA 150 43.26 -11.87 -18.14
CA GLN JA 150 42.84 -12.91 -19.07
C GLN JA 150 43.39 -12.64 -20.46
N GLY JA 151 43.18 -11.41 -20.95
CA GLY JA 151 43.84 -10.93 -22.15
C GLY JA 151 44.82 -9.85 -21.75
N GLY JA 152 45.43 -10.05 -20.59
CA GLY JA 152 46.34 -9.08 -20.00
C GLY JA 152 45.95 -8.69 -18.59
N VAL JA 153 46.91 -8.25 -17.80
CA VAL JA 153 46.59 -7.49 -16.60
C VAL JA 153 45.88 -6.22 -17.04
N THR JA 154 44.67 -6.01 -16.53
CA THR JA 154 43.79 -4.95 -17.00
C THR JA 154 43.68 -3.89 -15.91
N HIS JA 155 44.42 -2.79 -16.07
CA HIS JA 155 44.50 -1.64 -15.19
C HIS JA 155 43.57 -1.67 -13.98
N GLU JA 156 44.14 -1.91 -12.80
CA GLU JA 156 43.37 -1.91 -11.57
C GLU JA 156 42.72 -0.56 -11.34
N ASP JA 157 41.40 -0.48 -11.48
CA ASP JA 157 40.64 0.72 -11.23
C ASP JA 157 39.65 0.46 -10.09
N THR JA 158 38.97 1.51 -9.64
CA THR JA 158 38.02 1.37 -8.55
C THR JA 158 37.37 2.69 -8.17
N TRP JA 159 36.93 2.81 -6.93
CA TRP JA 159 36.20 4.00 -6.52
C TRP JA 159 36.11 4.06 -5.00
N ASP JA 160 35.79 5.26 -4.50
CA ASP JA 160 35.69 5.53 -3.08
C ASP JA 160 34.44 6.35 -2.81
N THR JA 161 33.61 5.87 -1.90
CA THR JA 161 32.42 6.61 -1.46
C THR JA 161 32.75 7.66 -0.42
N GLN JA 162 34.01 7.76 0.00
CA GLN JA 162 34.44 8.82 0.89
C GLN JA 162 34.84 10.08 0.14
N ARG JA 163 35.21 9.97 -1.13
CA ARG JA 163 35.60 11.13 -1.91
C ARG JA 163 34.67 11.36 -3.10
N LEU KA 30 6.12 56.06 -30.62
CA LEU KA 30 6.90 56.60 -31.72
C LEU KA 30 6.55 58.07 -31.97
N PRO KA 31 7.57 58.92 -31.94
CA PRO KA 31 7.33 60.35 -32.20
C PRO KA 31 6.95 60.58 -33.66
N LEU KA 32 6.44 61.78 -33.92
CA LEU KA 32 6.09 62.20 -35.27
C LEU KA 32 7.21 63.13 -35.74
N LYS KA 33 8.11 62.61 -36.57
CA LYS KA 33 9.28 63.34 -37.04
C LYS KA 33 9.09 63.72 -38.50
N VAL KA 34 9.27 65.01 -38.79
CA VAL KA 34 9.13 65.54 -40.14
C VAL KA 34 10.50 66.02 -40.63
N LEU KA 35 10.72 65.89 -41.93
CA LEU KA 35 11.96 66.30 -42.57
C LEU KA 35 11.64 67.43 -43.54
N MET KA 36 12.10 68.63 -43.21
CA MET KA 36 11.94 69.79 -44.07
C MET KA 36 13.18 69.91 -44.94
N LEU KA 37 13.03 69.68 -46.24
CA LEU KA 37 14.12 69.74 -47.20
C LEU KA 37 13.91 70.97 -48.08
N GLY KA 38 14.94 71.80 -48.21
CA GLY KA 38 14.79 72.99 -49.01
C GLY KA 38 16.05 73.81 -49.04
N ASP KA 39 16.01 74.87 -49.87
CA ASP KA 39 17.15 75.75 -50.10
C ASP KA 39 17.13 76.87 -49.07
N PHE KA 40 17.68 76.57 -47.89
CA PHE KA 40 17.69 77.53 -46.79
C PHE KA 40 18.88 78.48 -46.86
N THR KA 41 19.79 78.31 -47.81
CA THR KA 41 20.95 79.18 -47.95
C THR KA 41 20.91 79.84 -49.33
N GLY KA 42 21.77 80.85 -49.49
CA GLY KA 42 21.86 81.56 -50.76
C GLY KA 42 22.70 80.87 -51.81
N GLN KA 43 23.24 79.70 -51.51
CA GLN KA 43 24.06 78.99 -52.48
C GLN KA 43 24.08 77.51 -52.12
N GLU KA 44 24.37 76.68 -53.13
CA GLU KA 44 24.50 75.26 -52.89
C GLU KA 44 25.82 74.96 -52.19
N ASP KA 45 25.84 73.87 -51.44
CA ASP KA 45 27.06 73.37 -50.83
C ASP KA 45 27.72 72.35 -51.75
N ALA KA 46 29.06 72.36 -51.77
CA ALA KA 46 29.80 71.31 -52.47
C ALA KA 46 29.74 69.98 -51.74
N ARG KA 47 29.22 69.95 -50.50
CA ARG KA 47 29.16 68.73 -49.71
C ARG KA 47 28.18 67.73 -50.31
N PRO KA 48 28.60 66.46 -50.52
CA PRO KA 48 27.66 65.43 -50.96
C PRO KA 48 26.38 65.44 -50.12
N LEU KA 49 25.26 65.13 -50.78
CA LEU KA 49 23.95 65.35 -50.18
C LEU KA 49 23.84 64.61 -48.86
N GLU KA 50 24.30 63.36 -48.83
CA GLU KA 50 24.26 62.62 -47.58
C GLU KA 50 25.35 63.03 -46.60
N GLN KA 51 26.55 63.37 -47.08
CA GLN KA 51 27.59 63.96 -46.24
C GLN KA 51 27.09 65.08 -45.33
N ARG KA 52 26.39 66.06 -45.89
CA ARG KA 52 25.77 67.10 -45.06
C ARG KA 52 24.75 66.47 -44.12
N ALA KA 53 24.65 67.01 -42.94
CA ALA KA 53 23.80 66.41 -41.94
C ALA KA 53 22.53 67.23 -41.72
N PRO KA 54 21.49 66.62 -41.18
CA PRO KA 54 20.28 67.37 -40.83
C PRO KA 54 20.41 68.01 -39.47
N ILE KA 55 19.57 69.02 -39.23
CA ILE KA 55 19.62 69.78 -37.99
C ILE KA 55 18.28 69.68 -37.27
N ASN KA 56 18.31 69.32 -36.00
CA ASN KA 56 17.09 69.22 -35.21
C ASN KA 56 16.67 70.61 -34.75
N VAL KA 57 15.41 70.97 -34.99
CA VAL KA 57 14.91 72.32 -34.76
C VAL KA 57 13.73 72.26 -33.79
N ASP KA 58 13.68 73.22 -32.88
CA ASP KA 58 12.61 73.32 -31.89
C ASP KA 58 12.49 74.76 -31.44
N LYS KA 59 11.42 75.05 -30.70
CA LYS KA 59 11.11 76.43 -30.33
C LYS KA 59 12.19 77.05 -29.44
N ALA KA 60 12.93 76.22 -28.71
CA ALA KA 60 13.94 76.70 -27.77
C ALA KA 60 15.32 76.89 -28.39
N ASN KA 61 15.44 76.83 -29.72
CA ASN KA 61 16.75 76.97 -30.33
C ASN KA 61 16.70 77.33 -31.82
N PHE KA 62 15.54 77.77 -32.30
CA PHE KA 62 15.41 78.10 -33.72
C PHE KA 62 16.38 79.20 -34.13
N ASN KA 63 16.41 80.30 -33.36
CA ASN KA 63 17.32 81.40 -33.66
C ASN KA 63 18.77 80.93 -33.62
N GLU KA 64 19.12 80.10 -32.63
CA GLU KA 64 20.46 79.55 -32.57
C GLU KA 64 20.78 78.73 -33.82
N VAL KA 65 19.79 78.01 -34.34
CA VAL KA 65 19.98 77.25 -35.57
C VAL KA 65 20.24 78.18 -36.74
N MET KA 66 19.54 79.31 -36.80
CA MET KA 66 19.82 80.30 -37.84
C MET KA 66 21.25 80.82 -37.73
N ALA KA 67 21.65 81.25 -36.52
CA ALA KA 67 22.98 81.81 -36.32
C ALA KA 67 24.07 80.81 -36.69
N GLN KA 68 23.90 79.54 -36.30
CA GLN KA 68 24.89 78.53 -36.63
C GLN KA 68 24.89 78.18 -38.11
N GLN KA 69 23.72 78.24 -38.77
CA GLN KA 69 23.66 78.00 -40.20
C GLN KA 69 24.36 79.09 -40.99
N ASN KA 70 24.28 80.34 -40.51
CA ASN KA 70 25.02 81.46 -41.12
C ASN KA 70 24.44 81.85 -42.48
N LEU KA 71 23.64 82.90 -42.52
CA LEU KA 71 22.94 83.30 -43.75
C LEU KA 71 23.68 84.46 -44.42
N LYS KA 72 23.78 84.40 -45.74
CA LYS KA 72 24.47 85.45 -46.49
C LYS KA 72 23.85 85.58 -47.87
N VAL KA 73 23.66 86.83 -48.31
CA VAL KA 73 23.06 87.12 -49.61
C VAL KA 73 23.92 88.18 -50.29
N THR KA 74 24.55 87.81 -51.40
CA THR KA 74 25.29 88.73 -52.26
C THR KA 74 24.45 88.96 -53.50
N LEU KA 75 23.91 90.18 -53.63
CA LEU KA 75 22.95 90.42 -54.70
C LEU KA 75 22.99 91.88 -55.12
N THR KA 76 22.56 92.13 -56.35
CA THR KA 76 22.55 93.46 -56.95
C THR KA 76 21.12 93.87 -57.27
N ALA KA 77 20.75 95.07 -56.82
CA ALA KA 77 19.46 95.65 -57.12
C ALA KA 77 19.66 97.00 -57.79
N ALA KA 78 18.59 97.52 -58.40
CA ALA KA 78 18.66 98.81 -59.08
C ALA KA 78 18.93 99.91 -58.06
N ASP KA 79 19.87 100.79 -58.40
CA ASP KA 79 20.26 101.89 -57.52
C ASP KA 79 19.30 103.05 -57.75
N LYS KA 80 18.31 103.20 -56.86
CA LYS KA 80 17.30 104.24 -56.96
C LYS KA 80 17.65 105.46 -56.11
N LEU KA 81 18.88 105.56 -55.63
CA LEU KA 81 19.35 106.74 -54.91
C LEU KA 81 19.80 107.86 -55.85
N SER KA 82 19.78 107.62 -57.16
CA SER KA 82 20.11 108.63 -58.15
C SER KA 82 19.15 108.51 -59.31
N ALA KA 83 19.46 109.15 -60.44
CA ALA KA 83 18.60 109.13 -61.62
C ALA KA 83 19.34 108.55 -62.82
N ASP KA 84 20.02 107.42 -62.62
CA ASP KA 84 20.81 106.80 -63.67
C ASP KA 84 20.36 105.35 -63.84
N PRO KA 85 19.85 104.95 -65.00
CA PRO KA 85 19.43 103.56 -65.17
C PRO KA 85 20.58 102.57 -65.19
N ASN KA 86 21.80 103.04 -65.46
CA ASN KA 86 22.98 102.18 -65.40
C ASN KA 86 23.56 102.05 -64.00
N ALA KA 87 23.00 102.77 -63.02
CA ALA KA 87 23.49 102.70 -61.65
C ALA KA 87 22.90 101.48 -60.96
N THR KA 88 23.77 100.63 -60.43
CA THR KA 88 23.35 99.43 -59.72
C THR KA 88 24.05 99.38 -58.37
N MET KA 89 23.41 98.73 -57.41
CA MET KA 89 23.91 98.65 -56.04
C MET KA 89 24.04 97.18 -55.65
N ASN KA 90 25.24 96.78 -55.27
CA ASN KA 90 25.53 95.42 -54.84
C ASN KA 90 25.63 95.40 -53.31
N VAL KA 91 24.91 94.48 -52.68
CA VAL KA 91 24.84 94.37 -51.23
C VAL KA 91 25.22 92.96 -50.81
N SER KA 92 25.78 92.86 -49.60
CA SER KA 92 26.16 91.60 -48.98
C SER KA 92 25.53 91.56 -47.59
N LEU KA 93 24.30 91.04 -47.52
CA LEU KA 93 23.59 90.97 -46.27
C LEU KA 93 23.92 89.67 -45.53
N GLN KA 94 23.90 89.75 -44.20
CA GLN KA 94 24.21 88.62 -43.33
C GLN KA 94 23.09 88.45 -42.32
N PHE KA 95 22.70 87.19 -42.07
CA PHE KA 95 21.57 86.87 -41.21
C PHE KA 95 21.97 85.85 -40.16
N LYS KA 96 21.64 86.17 -38.91
CA LYS KA 96 21.74 85.26 -37.78
C LYS KA 96 20.41 84.96 -37.12
N ASN KA 97 19.41 85.83 -37.27
CA ASN KA 97 18.07 85.61 -36.75
C ASN KA 97 17.06 86.31 -37.66
N LEU KA 98 15.78 85.95 -37.48
CA LEU KA 98 14.73 86.52 -38.32
C LEU KA 98 14.64 88.03 -38.21
N ASN KA 99 14.98 88.59 -37.04
CA ASN KA 99 14.98 90.04 -36.88
C ASN KA 99 15.93 90.72 -37.86
N ASP KA 100 16.94 89.99 -38.36
CA ASP KA 100 17.88 90.52 -39.34
C ASP KA 100 17.25 90.71 -40.72
N PHE KA 101 16.01 90.29 -40.93
CA PHE KA 101 15.29 90.55 -42.17
C PHE KA 101 14.52 91.85 -42.14
N SER KA 102 14.54 92.57 -41.02
CA SER KA 102 13.80 93.81 -40.91
C SER KA 102 14.53 94.93 -41.65
N PRO KA 103 13.80 95.94 -42.12
CA PRO KA 103 14.44 97.06 -42.82
C PRO KA 103 15.49 97.77 -42.01
N GLU KA 104 15.37 97.79 -40.68
CA GLU KA 104 16.39 98.41 -39.84
C GLU KA 104 17.73 97.69 -40.01
N SER KA 105 17.74 96.37 -39.91
CA SER KA 105 18.94 95.59 -40.16
C SER KA 105 19.42 95.75 -41.61
N VAL KA 106 18.51 95.71 -42.58
CA VAL KA 106 18.89 95.90 -43.97
C VAL KA 106 19.65 97.21 -44.16
N VAL KA 107 19.12 98.29 -43.57
CA VAL KA 107 19.79 99.59 -43.65
C VAL KA 107 21.12 99.54 -42.92
N ASN KA 108 21.16 98.90 -41.74
CA ASN KA 108 22.40 98.79 -40.98
C ASN KA 108 23.49 98.11 -41.78
N GLN KA 109 23.12 97.19 -42.68
CA GLN KA 109 24.09 96.40 -43.43
C GLN KA 109 24.40 96.97 -44.81
N VAL KA 110 23.81 98.09 -45.19
CA VAL KA 110 24.02 98.70 -46.50
C VAL KA 110 24.45 100.15 -46.28
N PRO KA 111 25.75 100.44 -46.36
CA PRO KA 111 26.23 101.80 -46.03
C PRO KA 111 25.58 102.91 -46.85
N GLU KA 112 25.23 102.63 -48.11
CA GLU KA 112 24.57 103.62 -48.94
C GLU KA 112 23.23 104.05 -48.39
N LEU KA 113 22.63 103.26 -47.50
CA LEU KA 113 21.41 103.62 -46.78
C LEU KA 113 21.68 104.00 -45.34
N LYS KA 114 22.64 103.34 -44.69
CA LYS KA 114 22.95 103.65 -43.29
C LYS KA 114 23.45 105.09 -43.14
N LYS KA 115 24.28 105.55 -44.08
CA LYS KA 115 24.70 106.94 -44.09
C LYS KA 115 23.50 107.88 -44.22
N LEU KA 116 22.50 107.48 -45.01
CA LEU KA 116 21.30 108.29 -45.17
C LEU KA 116 20.45 108.29 -43.90
N LEU KA 117 20.48 107.19 -43.13
CA LEU KA 117 19.76 107.17 -41.86
C LEU KA 117 20.46 108.04 -40.82
N GLU KA 118 21.80 107.99 -40.79
CA GLU KA 118 22.54 108.89 -39.93
C GLU KA 118 22.28 110.35 -40.30
N LEU KA 119 22.21 110.65 -41.59
CA LEU KA 119 21.86 111.99 -42.03
C LEU KA 119 20.46 112.37 -41.56
N ARG KA 120 19.52 111.42 -41.65
CA ARG KA 120 18.18 111.65 -41.14
C ARG KA 120 18.20 112.04 -39.67
N SER KA 121 18.90 111.24 -38.85
CA SER KA 121 19.01 111.55 -37.42
C SER KA 121 19.62 112.92 -37.19
N ALA KA 122 20.64 113.27 -37.98
CA ALA KA 122 21.27 114.59 -37.82
C ALA KA 122 20.28 115.71 -38.14
N LEU KA 123 19.50 115.56 -39.21
CA LEU KA 123 18.55 116.60 -39.61
C LEU KA 123 17.40 116.71 -38.61
N ASN KA 124 16.92 115.60 -38.08
CA ASN KA 124 15.86 115.65 -37.07
C ASN KA 124 16.37 116.28 -35.79
N ALA KA 125 17.60 115.94 -35.39
CA ALA KA 125 18.19 116.56 -34.21
C ALA KA 125 18.34 118.06 -34.38
N LEU KA 126 18.83 118.49 -35.55
CA LEU KA 126 18.98 119.92 -35.82
C LEU KA 126 17.64 120.63 -35.83
N LYS KA 127 16.64 120.05 -36.51
CA LYS KA 127 15.34 120.70 -36.62
C LYS KA 127 14.60 120.74 -35.29
N GLY KA 128 14.86 119.79 -34.41
CA GLY KA 128 14.28 119.78 -33.09
C GLY KA 128 15.11 120.58 -32.10
N PRO KA 129 16.20 121.18 -32.59
CA PRO KA 129 17.03 122.05 -31.73
C PRO KA 129 17.81 121.28 -30.68
N LEU KA 130 18.01 119.98 -30.92
CA LEU KA 130 18.72 119.14 -29.96
C LEU KA 130 20.23 119.36 -29.96
N GLY KA 131 20.77 119.93 -31.03
CA GLY KA 131 22.19 120.21 -31.10
C GLY KA 131 22.44 121.53 -31.79
N ASN KA 132 23.60 122.11 -31.51
CA ASN KA 132 23.96 123.39 -32.09
C ASN KA 132 24.60 123.20 -33.47
N LEU KA 133 24.75 124.31 -34.19
CA LEU KA 133 25.29 124.25 -35.54
C LEU KA 133 26.71 123.72 -35.61
N PRO KA 134 27.60 124.03 -34.67
CA PRO KA 134 28.96 123.44 -34.75
C PRO KA 134 28.96 121.92 -34.65
N ALA KA 135 28.25 121.38 -33.66
CA ALA KA 135 28.09 119.93 -33.56
C ALA KA 135 27.47 119.36 -34.83
N PHE KA 136 26.44 120.03 -35.34
CA PHE KA 136 25.79 119.57 -36.58
C PHE KA 136 26.80 119.47 -37.71
N ARG KA 137 27.65 120.49 -37.87
CA ARG KA 137 28.63 120.47 -38.95
C ARG KA 137 29.64 119.34 -38.76
N LYS KA 138 30.16 119.19 -37.54
CA LYS KA 138 31.12 118.10 -37.29
C LYS KA 138 30.54 116.74 -37.64
N LYS KA 139 29.34 116.45 -37.11
CA LYS KA 139 28.72 115.15 -37.38
C LYS KA 139 28.43 114.97 -38.86
N LEU KA 140 28.03 116.05 -39.56
CA LEU KA 140 27.79 115.95 -40.99
C LEU KA 140 29.05 115.55 -41.73
N GLN KA 141 30.18 116.21 -41.41
CA GLN KA 141 31.45 115.81 -42.00
C GLN KA 141 31.73 114.34 -41.72
N ALA KA 142 31.50 113.90 -40.49
CA ALA KA 142 31.71 112.49 -40.13
C ALA KA 142 30.87 111.58 -41.03
N LEU KA 143 29.60 111.90 -41.23
CA LEU KA 143 28.73 111.04 -42.03
C LEU KA 143 29.18 111.00 -43.48
N LEU KA 144 29.49 112.15 -44.06
CA LEU KA 144 29.86 112.22 -45.46
C LEU KA 144 31.28 111.74 -45.75
N ALA KA 145 32.08 111.47 -44.71
CA ALA KA 145 33.47 111.09 -44.94
C ALA KA 145 33.61 109.66 -45.48
N ASP KA 146 32.58 108.83 -45.34
CA ASP KA 146 32.63 107.44 -45.75
C ASP KA 146 33.07 107.27 -47.20
N GLU KA 147 34.19 106.58 -47.41
CA GLU KA 147 34.77 106.47 -48.74
C GLU KA 147 33.98 105.57 -49.67
N ASP KA 148 33.09 104.73 -49.15
CA ASP KA 148 32.28 103.86 -49.99
C ASP KA 148 31.09 104.57 -50.62
N GLY KA 149 30.80 105.80 -50.21
CA GLY KA 149 29.69 106.53 -50.78
C GLY KA 149 30.05 107.20 -52.09
N ARG KA 150 29.03 107.39 -52.91
CA ARG KA 150 29.21 108.09 -54.17
C ARG KA 150 29.12 109.60 -53.95
N LYS KA 151 29.85 110.35 -54.78
CA LYS KA 151 29.79 111.80 -54.71
C LYS KA 151 28.39 112.32 -55.01
N ALA KA 152 27.67 111.68 -55.92
CA ALA KA 152 26.29 112.08 -56.20
C ALA KA 152 25.42 111.93 -54.96
N LEU KA 153 25.53 110.78 -54.28
CA LEU KA 153 24.80 110.60 -53.03
C LEU KA 153 25.18 111.65 -52.00
N ILE KA 154 26.49 111.95 -51.87
CA ILE KA 154 26.94 112.97 -50.95
C ILE KA 154 26.29 114.32 -51.28
N LYS KA 155 26.20 114.66 -52.56
CA LYS KA 155 25.59 115.93 -52.96
C LYS KA 155 24.10 115.94 -52.64
N GLU KA 156 23.40 114.83 -52.89
CA GLU KA 156 21.99 114.74 -52.55
C GLU KA 156 21.78 114.89 -51.05
N LEU KA 157 22.70 114.37 -50.24
CA LEU KA 157 22.56 114.48 -48.79
C LEU KA 157 22.83 115.91 -48.32
N GLY KA 158 23.86 116.56 -48.86
CA GLY KA 158 24.14 117.94 -48.51
C GLY KA 158 23.05 118.90 -48.97
N LEU KA 159 22.33 118.55 -50.05
CA LEU KA 159 21.23 119.39 -50.52
C LEU KA 159 20.06 119.42 -49.55
N THR KA 160 20.02 118.51 -48.57
CA THR KA 160 18.95 118.49 -47.58
C THR KA 160 19.23 119.37 -46.37
N GLU KA 161 20.44 119.92 -46.26
CA GLU KA 161 20.80 120.74 -45.11
C GLU KA 161 20.22 122.14 -45.27
N GLU KA 162 19.52 122.60 -44.25
CA GLU KA 162 18.96 123.95 -44.28
C GLU KA 162 20.09 124.98 -44.39
N THR KA 163 19.81 126.09 -45.07
CA THR KA 163 20.86 127.05 -45.37
C THR KA 163 21.45 127.66 -44.11
N LYS KA 164 20.63 127.86 -43.08
CA LYS KA 164 21.08 128.48 -41.85
C LYS KA 164 21.99 127.56 -41.05
N ASP LA 63 10.88 127.78 -40.10
CA ASP LA 63 12.10 127.21 -40.65
C ASP LA 63 12.11 125.69 -40.53
N LYS LA 64 11.66 125.20 -39.36
CA LYS LA 64 11.65 123.77 -39.10
C LYS LA 64 10.77 123.01 -40.08
N ALA LA 65 9.73 123.67 -40.61
CA ALA LA 65 8.87 123.01 -41.58
C ALA LA 65 9.66 122.60 -42.83
N LEU LA 66 10.59 123.45 -43.27
CA LEU LA 66 11.43 123.10 -44.41
C LEU LA 66 12.34 121.93 -44.09
N VAL LA 67 12.89 121.88 -42.88
CA VAL LA 67 13.72 120.75 -42.49
C VAL LA 67 12.91 119.47 -42.47
N ASP LA 68 11.66 119.55 -42.00
CA ASP LA 68 10.79 118.38 -42.02
C ASP LA 68 10.49 117.94 -43.46
N ALA LA 69 10.31 118.90 -44.37
CA ALA LA 69 10.17 118.55 -45.78
C ALA LA 69 11.42 117.82 -46.28
N MET LA 70 12.60 118.30 -45.85
CA MET LA 70 13.84 117.60 -46.19
C MET LA 70 13.83 116.16 -45.68
N ILE LA 71 13.35 115.95 -44.46
CA ILE LA 71 13.25 114.60 -43.92
C ILE LA 71 12.26 113.76 -44.74
N ALA LA 72 11.18 114.37 -45.21
CA ALA LA 72 10.20 113.66 -46.00
C ALA LA 72 10.80 113.18 -47.33
N GLU LA 73 11.52 114.06 -48.02
CA GLU LA 73 12.15 113.66 -49.28
C GLU LA 73 13.25 112.62 -49.05
N ILE LA 74 14.04 112.79 -47.99
CA ILE LA 74 15.12 111.84 -47.70
C ILE LA 74 14.54 110.46 -47.44
N ASP LA 75 13.52 110.38 -46.58
CA ASP LA 75 12.87 109.11 -46.32
C ASP LA 75 12.21 108.55 -47.57
N LYS LA 76 11.73 109.43 -48.46
CA LYS LA 76 11.14 108.97 -49.71
C LYS LA 76 12.17 108.24 -50.57
N ARG LA 77 13.34 108.83 -50.76
CA ARG LA 77 14.38 108.16 -51.55
C ARG LA 77 14.84 106.86 -50.87
N LEU LA 78 15.14 106.94 -49.57
CA LEU LA 78 15.59 105.76 -48.84
C LEU LA 78 14.60 104.60 -48.96
N SER LA 79 13.30 104.90 -48.83
CA SER LA 79 12.29 103.86 -49.00
C SER LA 79 12.24 103.37 -50.44
N SER LA 80 12.51 104.26 -51.40
CA SER LA 80 12.61 103.85 -52.80
C SER LA 80 13.63 102.73 -52.96
N GLN LA 81 14.80 102.86 -52.33
CA GLN LA 81 15.80 101.79 -52.46
C GLN LA 81 15.47 100.57 -51.61
N VAL LA 82 15.04 100.79 -50.37
CA VAL LA 82 14.69 99.70 -49.47
C VAL LA 82 13.65 98.79 -50.11
N ASN LA 83 12.72 99.36 -50.88
CA ASN LA 83 11.76 98.54 -51.60
C ASN LA 83 12.47 97.61 -52.59
N GLU LA 84 13.53 98.10 -53.24
CA GLU LA 84 14.28 97.25 -54.16
C GLU LA 84 14.94 96.10 -53.41
N ILE LA 85 15.46 96.36 -52.22
CA ILE LA 85 16.05 95.29 -51.43
C ILE LA 85 14.99 94.27 -51.00
N LEU LA 86 13.88 94.75 -50.42
CA LEU LA 86 12.89 93.85 -49.83
C LEU LA 86 12.06 93.12 -50.87
N HIS LA 87 12.03 93.63 -52.11
CA HIS LA 87 11.32 92.98 -53.20
C HIS LA 87 12.25 92.21 -54.12
N ALA LA 88 13.51 92.01 -53.73
CA ALA LA 88 14.44 91.23 -54.52
C ALA LA 88 14.10 89.75 -54.39
N LYS LA 89 14.14 89.03 -55.51
CA LYS LA 89 13.70 87.64 -55.52
C LYS LA 89 14.60 86.75 -54.66
N GLU LA 90 15.91 87.00 -54.67
CA GLU LA 90 16.81 86.21 -53.83
C GLU LA 90 16.55 86.47 -52.35
N PHE LA 91 16.48 87.75 -51.97
CA PHE LA 91 16.17 88.09 -50.58
C PHE LA 91 14.87 87.45 -50.13
N GLN LA 92 13.83 87.55 -50.96
CA GLN LA 92 12.54 86.95 -50.61
C GLN LA 92 12.61 85.44 -50.55
N LYS LA 93 13.43 84.82 -51.39
CA LYS LA 93 13.63 83.38 -51.29
C LYS LA 93 14.17 83.00 -49.92
N LEU LA 94 15.29 83.59 -49.51
CA LEU LA 94 15.84 83.29 -48.19
C LEU LA 94 14.83 83.59 -47.08
N GLU LA 95 14.30 84.82 -47.07
CA GLU LA 95 13.39 85.24 -45.99
C GLU LA 95 12.19 84.32 -45.90
N SER LA 96 11.46 84.12 -47.00
CA SER LA 96 10.28 83.27 -46.99
C SER LA 96 10.62 81.84 -46.56
N SER LA 97 11.79 81.34 -46.95
CA SER LA 97 12.24 80.04 -46.46
C SER LA 97 12.25 80.01 -44.93
N TRP LA 98 13.03 80.91 -44.31
CA TRP LA 98 13.19 80.88 -42.86
C TRP LA 98 11.89 81.22 -42.12
N ARG LA 99 11.18 82.25 -42.57
CA ARG LA 99 9.98 82.72 -41.89
C ARG LA 99 8.86 81.69 -41.98
N SER LA 100 8.67 81.09 -43.16
CA SER LA 100 7.72 79.99 -43.27
C SER LA 100 8.13 78.83 -42.37
N LEU LA 101 9.42 78.54 -42.30
CA LEU LA 101 9.91 77.50 -41.39
C LEU LA 101 9.48 77.78 -39.96
N LYS LA 102 9.70 79.00 -39.49
CA LYS LA 102 9.32 79.34 -38.11
C LYS LA 102 7.80 79.31 -37.95
N PHE LA 103 7.06 79.78 -38.95
CA PHE LA 103 5.61 79.73 -38.90
C PHE LA 103 5.12 78.30 -38.70
N MET LA 104 5.83 77.34 -39.29
CA MET LA 104 5.51 75.93 -39.04
C MET LA 104 5.91 75.53 -37.62
N VAL LA 105 7.15 75.84 -37.22
CA VAL LA 105 7.71 75.28 -35.99
C VAL LA 105 6.97 75.78 -34.76
N ASP LA 106 6.68 77.08 -34.71
CA ASP LA 106 6.02 77.69 -33.55
C ASP LA 106 4.54 77.35 -33.44
N ARG LA 107 3.98 76.63 -34.43
CA ARG LA 107 2.60 76.16 -34.37
C ARG LA 107 2.51 74.69 -33.98
N THR LA 108 3.64 74.05 -33.71
CA THR LA 108 3.69 72.67 -33.25
C THR LA 108 3.90 72.65 -31.73
N ASP LA 109 3.94 71.43 -31.19
CA ASP LA 109 4.08 71.24 -29.75
C ASP LA 109 5.11 70.14 -29.51
N PHE LA 110 6.37 70.55 -29.29
CA PHE LA 110 7.46 69.60 -29.08
C PHE LA 110 7.30 68.76 -27.83
N ARG LA 111 6.41 69.14 -26.91
CA ARG LA 111 6.12 68.32 -25.74
C ARG LA 111 5.22 67.14 -26.07
N GLU LA 112 4.62 67.11 -27.26
CA GLU LA 112 3.76 66.02 -27.69
C GLU LA 112 4.48 65.01 -28.56
N ASN LA 113 5.80 64.89 -28.40
CA ASN LA 113 6.59 63.94 -29.17
C ASN LA 113 6.61 64.28 -30.67
N THR LA 114 6.73 65.57 -30.97
CA THR LA 114 6.82 66.06 -32.34
C THR LA 114 8.25 66.54 -32.59
N ARG LA 115 8.82 66.13 -33.72
CA ARG LA 115 10.21 66.44 -34.04
C ARG LA 115 10.31 66.90 -35.49
N VAL LA 116 11.31 67.73 -35.77
CA VAL LA 116 11.50 68.31 -37.09
C VAL LA 116 13.00 68.50 -37.34
N GLU LA 117 13.45 68.06 -38.51
CA GLU LA 117 14.83 68.19 -38.93
C GLU LA 117 14.90 68.97 -40.24
N MET LA 118 15.97 69.73 -40.41
CA MET LA 118 16.19 70.56 -41.58
C MET LA 118 17.29 69.95 -42.43
N LEU LA 119 17.03 69.86 -43.74
CA LEU LA 119 17.94 69.31 -44.74
C LEU LA 119 18.04 70.33 -45.86
N ASN LA 120 19.19 70.99 -45.96
CA ASN LA 120 19.43 71.99 -46.99
C ASN LA 120 19.73 71.29 -48.32
N ALA LA 121 18.83 71.43 -49.28
CA ALA LA 121 19.02 70.79 -50.58
C ALA LA 121 18.17 71.54 -51.60
N SER LA 122 18.76 71.80 -52.76
CA SER LA 122 18.03 72.38 -53.87
C SER LA 122 17.55 71.27 -54.80
N LYS LA 123 16.51 71.58 -55.59
CA LYS LA 123 15.96 70.60 -56.51
C LYS LA 123 17.00 70.11 -57.49
N GLU LA 124 17.82 71.02 -58.02
CA GLU LA 124 18.85 70.64 -58.99
C GLU LA 124 19.80 69.60 -58.39
N ASP LA 125 20.22 69.80 -57.14
CA ASP LA 125 21.09 68.86 -56.46
C ASP LA 125 20.38 67.57 -56.09
N LEU LA 126 19.09 67.62 -55.81
CA LEU LA 126 18.32 66.39 -55.63
C LEU LA 126 18.37 65.55 -56.91
N GLN LA 127 18.12 66.17 -58.05
CA GLN LA 127 18.24 65.47 -59.32
C GLN LA 127 19.68 64.99 -59.54
N LYS LA 128 20.67 65.78 -59.13
CA LYS LA 128 22.06 65.40 -59.32
C LYS LA 128 22.39 64.13 -58.54
N ASP LA 129 21.91 64.04 -57.29
CA ASP LA 129 22.18 62.86 -56.48
C ASP LA 129 21.41 61.64 -57.00
N PHE LA 130 20.13 61.82 -57.33
CA PHE LA 130 19.32 60.69 -57.78
C PHE LA 130 19.79 60.13 -59.12
N GLU LA 131 20.29 61.00 -60.00
CA GLU LA 131 20.79 60.54 -61.29
C GLU LA 131 22.22 60.01 -61.17
N ASP LA 132 23.00 60.55 -60.24
CA ASP LA 132 24.36 60.06 -60.02
C ASP LA 132 24.34 58.65 -59.43
N ALA LA 133 23.45 58.42 -58.47
CA ALA LA 133 23.38 57.11 -57.83
C ALA LA 133 22.90 56.06 -58.83
N PRO LA 134 23.38 54.81 -58.73
CA PRO LA 134 22.87 53.77 -59.64
C PRO LA 134 21.48 53.32 -59.29
N GLU LA 135 21.05 53.47 -58.04
CA GLU LA 135 19.73 53.06 -57.60
C GLU LA 135 19.33 53.91 -56.40
N VAL LA 136 18.03 54.05 -56.19
CA VAL LA 136 17.52 54.91 -55.13
C VAL LA 136 17.97 54.45 -53.76
N THR LA 137 18.20 53.15 -53.59
CA THR LA 137 18.68 52.62 -52.32
C THR LA 137 20.08 53.12 -51.97
N LYS LA 138 20.79 53.73 -52.91
CA LYS LA 138 22.12 54.26 -52.67
C LYS LA 138 22.17 55.79 -52.73
N SER LA 139 21.02 56.44 -52.80
CA SER LA 139 20.99 57.90 -52.77
C SER LA 139 21.19 58.40 -51.34
N GLY LA 140 21.76 59.59 -51.23
CA GLY LA 140 21.99 60.16 -49.90
C GLY LA 140 20.71 60.41 -49.15
N LEU LA 141 19.72 61.03 -49.81
CA LEU LA 141 18.42 61.26 -49.19
C LEU LA 141 17.84 59.96 -48.66
N TYR LA 142 17.86 58.89 -49.46
CA TYR LA 142 17.44 57.59 -48.97
C TYR LA 142 18.28 57.14 -47.78
N LYS LA 143 19.58 57.44 -47.81
CA LYS LA 143 20.44 57.12 -46.68
C LYS LA 143 19.93 57.74 -45.39
N LEU LA 144 19.63 59.04 -45.42
CA LEU LA 144 19.26 59.79 -44.22
C LEU LA 144 17.78 59.72 -43.90
N VAL LA 145 16.97 59.13 -44.77
CA VAL LA 145 15.52 59.04 -44.53
C VAL LA 145 15.21 57.63 -44.08
N TYR LA 146 15.56 56.64 -44.91
CA TYR LA 146 15.24 55.26 -44.59
C TYR LA 146 16.34 54.61 -43.77
N SER LA 147 17.58 54.64 -44.28
CA SER LA 147 18.66 53.85 -43.69
C SER LA 147 18.94 54.26 -42.25
N ASN LA 148 19.13 55.56 -42.01
CA ASN LA 148 19.44 56.05 -40.67
C ASN LA 148 18.22 56.12 -39.76
N GLU LA 149 17.04 55.70 -40.23
CA GLU LA 149 15.83 55.83 -39.44
C GLU LA 149 15.02 54.55 -39.42
N TYR LA 150 14.12 54.39 -40.40
CA TYR LA 150 13.19 53.26 -40.39
C TYR LA 150 13.91 51.91 -40.43
N GLY LA 151 15.03 51.85 -41.14
CA GLY LA 151 15.75 50.60 -41.27
C GLY LA 151 16.92 50.46 -40.31
N VAL LA 152 16.82 51.07 -39.14
CA VAL LA 152 17.90 51.07 -38.16
C VAL LA 152 17.32 50.60 -36.82
N PHE LA 153 17.84 49.49 -36.32
CA PHE LA 153 17.44 49.00 -35.00
C PHE LA 153 17.87 50.00 -33.94
N GLY LA 154 16.91 50.42 -33.12
CA GLY LA 154 17.13 51.45 -32.12
C GLY LA 154 16.81 52.85 -32.59
N GLY LA 155 16.61 53.06 -33.88
CA GLY LA 155 16.28 54.36 -34.43
C GLY LA 155 14.79 54.64 -34.42
N LYS LA 156 14.37 55.53 -35.32
CA LYS LA 156 12.98 55.93 -35.42
C LYS LA 156 12.69 56.30 -36.87
N PRO LA 157 11.47 56.08 -37.34
CA PRO LA 157 11.17 56.36 -38.75
C PRO LA 157 10.61 57.76 -38.97
N TYR LA 158 10.95 58.33 -40.12
CA TYR LA 158 10.50 59.66 -40.47
C TYR LA 158 9.01 59.64 -40.79
N GLY LA 159 8.25 60.54 -40.17
CA GLY LA 159 6.81 60.54 -40.37
C GLY LA 159 6.41 61.02 -41.75
N ILE LA 160 6.97 62.15 -42.19
CA ILE LA 160 6.61 62.74 -43.47
C ILE LA 160 7.73 63.68 -43.89
N ILE LA 161 7.77 64.01 -45.18
CA ILE LA 161 8.80 64.87 -45.76
C ILE LA 161 8.12 66.07 -46.40
N SER LA 162 8.50 67.27 -45.97
CA SER LA 162 7.95 68.52 -46.48
C SER LA 162 9.05 69.18 -47.32
N ALA LA 163 8.79 69.32 -48.62
CA ALA LA 163 9.75 69.91 -49.56
C ALA LA 163 9.28 71.31 -49.94
N ASN LA 164 10.11 72.31 -49.64
CA ASN LA 164 9.80 73.70 -49.95
C ASN LA 164 10.20 73.99 -51.41
N TYR LA 165 9.38 73.46 -52.32
CA TYR LA 165 9.64 73.61 -53.74
C TYR LA 165 8.34 73.82 -54.49
N ASP LA 166 8.45 74.47 -55.64
CA ASP LA 166 7.35 74.60 -56.60
C ASP LA 166 7.66 73.74 -57.81
N PHE LA 167 6.65 73.03 -58.30
CA PHE LA 167 6.84 72.09 -59.39
C PHE LA 167 6.09 72.58 -60.63
N ASN LA 168 6.73 72.42 -61.78
CA ASN LA 168 6.11 72.69 -63.07
C ASN LA 168 5.93 71.37 -63.81
N VAL LA 169 5.46 71.45 -65.07
CA VAL LA 169 5.33 70.27 -65.90
C VAL LA 169 6.64 69.86 -66.53
N GLY LA 170 7.74 70.56 -66.24
CA GLY LA 170 9.03 70.26 -66.81
C GLY LA 170 9.50 68.85 -66.52
N PRO LA 171 10.23 68.26 -67.46
CA PRO LA 171 10.66 66.87 -67.27
C PRO LA 171 11.53 66.65 -66.04
N GLN LA 172 12.40 67.62 -65.72
CA GLN LA 172 13.21 67.50 -64.51
C GLN LA 172 12.34 67.42 -63.26
N ASP LA 173 11.34 68.30 -63.16
CA ASP LA 173 10.44 68.26 -62.02
C ASP LA 173 9.67 66.95 -61.96
N MET LA 174 9.20 66.46 -63.11
CA MET LA 174 8.50 65.18 -63.13
C MET LA 174 9.37 64.04 -62.62
N GLU LA 175 10.62 63.98 -63.10
CA GLU LA 175 11.53 62.92 -62.65
C GLU LA 175 11.81 63.04 -61.15
N LEU LA 176 12.03 64.25 -60.66
CA LEU LA 176 12.20 64.44 -59.22
C LEU LA 176 11.00 63.90 -58.46
N LEU LA 177 9.79 64.19 -58.95
CA LEU LA 177 8.59 63.67 -58.30
C LEU LA 177 8.57 62.14 -58.31
N ARG LA 178 9.05 61.53 -59.41
CA ARG LA 178 9.11 60.07 -59.46
C ARG LA 178 10.04 59.52 -58.38
N LYS LA 179 11.24 60.09 -58.26
CA LYS LA 179 12.17 59.62 -57.23
C LYS LA 179 11.59 59.79 -55.82
N CYS LA 180 10.99 60.95 -55.56
CA CYS LA 180 10.40 61.20 -54.25
C CYS LA 180 9.27 60.22 -53.95
N ALA LA 181 8.48 59.86 -54.97
CA ALA LA 181 7.44 58.85 -54.78
C ALA LA 181 8.04 57.50 -54.42
N SER LA 182 9.12 57.11 -55.10
CA SER LA 182 9.78 55.84 -54.78
C SER LA 182 10.28 55.83 -53.34
N VAL LA 183 11.00 56.87 -52.92
CA VAL LA 183 11.53 56.91 -51.57
C VAL LA 183 10.40 56.89 -50.55
N ALA LA 184 9.38 57.71 -50.77
CA ALA LA 184 8.25 57.76 -49.84
C ALA LA 184 7.55 56.41 -49.73
N ALA LA 185 7.45 55.69 -50.84
CA ALA LA 185 6.86 54.36 -50.80
C ALA LA 185 7.73 53.38 -50.01
N MET LA 186 9.04 53.46 -50.20
CA MET LA 186 9.94 52.54 -49.50
C MET LA 186 9.96 52.77 -48.00
N ALA LA 187 9.83 54.03 -47.56
CA ALA LA 187 9.89 54.36 -46.13
C ALA LA 187 8.52 54.52 -45.51
N HIS LA 188 7.45 54.43 -46.30
CA HIS LA 188 6.09 54.62 -45.81
C HIS LA 188 5.88 56.02 -45.24
N ALA LA 189 6.28 57.04 -46.01
CA ALA LA 189 6.17 58.42 -45.59
C ALA LA 189 5.85 59.31 -46.79
N PRO LA 190 4.79 60.09 -46.73
CA PRO LA 190 4.40 60.90 -47.90
C PRO LA 190 5.32 62.09 -48.11
N PHE LA 191 5.40 62.52 -49.37
CA PHE LA 191 6.19 63.67 -49.75
C PHE LA 191 5.25 64.79 -50.17
N ILE LA 192 5.30 65.92 -49.45
CA ILE LA 192 4.38 67.03 -49.66
C ILE LA 192 5.15 68.23 -50.22
N GLY LA 193 4.58 68.86 -51.24
CA GLY LA 193 5.16 70.04 -51.85
C GLY LA 193 4.10 70.95 -52.44
N ASN LA 194 4.50 71.88 -53.30
CA ASN LA 194 3.59 72.83 -53.90
C ASN LA 194 3.77 72.85 -55.41
N ALA LA 195 2.75 73.37 -56.10
CA ALA LA 195 2.77 73.50 -57.54
C ALA LA 195 2.88 74.98 -57.92
N ALA LA 196 3.62 75.26 -58.99
CA ALA LA 196 3.81 76.63 -59.44
C ALA LA 196 2.64 77.05 -60.33
N PRO LA 197 2.37 78.35 -60.41
CA PRO LA 197 1.22 78.82 -61.22
C PRO LA 197 1.31 78.42 -62.68
N GLU LA 198 2.49 78.48 -63.28
CA GLU LA 198 2.66 78.11 -64.69
C GLU LA 198 2.28 76.66 -64.97
N VAL LA 199 2.11 75.84 -63.92
CA VAL LA 199 1.63 74.48 -64.12
C VAL LA 199 0.25 74.48 -64.76
N PHE LA 200 -0.56 75.51 -64.49
CA PHE LA 200 -1.86 75.68 -65.10
C PHE LA 200 -1.82 76.55 -66.35
N GLY LA 201 -0.63 76.86 -66.86
CA GLY LA 201 -0.52 77.72 -68.02
C GLY LA 201 -0.87 79.16 -67.75
N GLU LA 202 -0.75 79.62 -66.51
CA GLU LA 202 -1.09 80.98 -66.13
C GLU LA 202 0.12 81.66 -65.50
N GLU LA 203 0.20 82.98 -65.67
CA GLU LA 203 1.31 83.74 -65.12
C GLU LA 203 1.35 83.66 -63.60
N SER LA 204 0.19 83.69 -62.95
CA SER LA 204 0.10 83.64 -61.50
C SER LA 204 -1.26 83.08 -61.12
N PHE LA 205 -1.33 82.55 -59.89
CA PHE LA 205 -2.57 82.00 -59.36
C PHE LA 205 -3.75 82.95 -59.48
N LEU LA 206 -3.53 84.26 -59.54
CA LEU LA 206 -4.61 85.23 -59.71
C LEU LA 206 -5.41 85.01 -60.99
N LYS LA 207 -4.94 84.16 -61.90
CA LYS LA 207 -5.65 83.84 -63.14
C LYS LA 207 -6.49 82.58 -63.03
N LEU LA 208 -6.55 81.97 -61.86
CA LEU LA 208 -7.32 80.74 -61.71
C LEU LA 208 -8.80 80.90 -62.05
N PRO LA 209 -9.46 82.01 -61.72
CA PRO LA 209 -10.88 82.14 -62.07
C PRO LA 209 -11.14 82.24 -63.56
N ASP LA 210 -10.10 82.54 -64.36
CA ASP LA 210 -10.25 82.61 -65.80
C ASP LA 210 -10.17 81.24 -66.48
N LEU LA 211 -9.74 80.21 -65.75
CA LEU LA 211 -9.60 78.87 -66.31
C LEU LA 211 -10.98 78.22 -66.39
N LYS LA 212 -11.42 77.92 -67.61
CA LYS LA 212 -12.78 77.41 -67.81
C LYS LA 212 -12.89 75.92 -67.51
N ASP LA 213 -11.82 75.16 -67.66
CA ASP LA 213 -11.91 73.69 -67.55
C ASP LA 213 -10.51 73.11 -67.39
N LEU LA 214 -10.12 72.84 -66.13
CA LEU LA 214 -8.81 72.26 -65.87
C LEU LA 214 -8.71 70.84 -66.44
N LYS LA 215 -9.77 70.05 -66.31
CA LYS LA 215 -9.75 68.68 -66.81
C LYS LA 215 -9.42 68.64 -68.29
N SER LA 216 -10.04 69.52 -69.08
CA SER LA 216 -9.70 69.63 -70.50
C SER LA 216 -8.32 70.22 -70.70
N LEU LA 217 -7.91 71.15 -69.83
CA LEU LA 217 -6.57 71.72 -69.94
C LEU LA 217 -5.50 70.64 -69.83
N PHE LA 218 -5.72 69.64 -68.98
CA PHE LA 218 -4.74 68.58 -68.73
C PHE LA 218 -4.69 67.53 -69.83
N GLU LA 219 -5.47 67.69 -70.90
CA GLU LA 219 -5.44 66.73 -72.00
C GLU LA 219 -4.35 67.01 -73.02
N GLY LA 220 -3.75 68.20 -72.96
CA GLY LA 220 -2.71 68.55 -73.90
C GLY LA 220 -1.48 67.69 -73.74
N PRO LA 221 -0.74 67.51 -74.84
CA PRO LA 221 0.46 66.65 -74.76
C PRO LA 221 1.53 67.17 -73.82
N GLN LA 222 1.46 68.44 -73.42
CA GLN LA 222 2.44 68.99 -72.49
C GLN LA 222 2.43 68.26 -71.14
N TYR LA 223 1.33 67.60 -70.80
CA TYR LA 223 1.18 66.95 -69.51
C TYR LA 223 1.22 65.42 -69.60
N ALA LA 224 1.83 64.87 -70.66
CA ALA LA 224 1.87 63.42 -70.81
C ALA LA 224 2.56 62.75 -69.64
N ARG LA 225 3.75 63.25 -69.27
CA ARG LA 225 4.51 62.67 -68.17
C ARG LA 225 3.74 62.74 -66.85
N TRP LA 226 3.11 63.89 -66.57
CA TRP LA 226 2.31 63.99 -65.36
C TRP LA 226 1.16 62.98 -65.38
N HIS LA 227 0.54 62.80 -66.55
CA HIS LA 227 -0.54 61.83 -66.68
C HIS LA 227 -0.09 60.43 -66.32
N SER LA 228 1.09 60.01 -66.80
CA SER LA 228 1.60 58.69 -66.41
C SER LA 228 1.93 58.63 -64.92
N PHE LA 229 2.55 59.70 -64.40
CA PHE LA 229 2.88 59.76 -62.98
C PHE LA 229 1.66 59.52 -62.11
N ARG LA 230 0.52 60.10 -62.48
CA ARG LA 230 -0.72 59.89 -61.73
C ARG LA 230 -1.17 58.43 -61.76
N GLU LA 231 -0.71 57.65 -62.73
CA GLU LA 231 -1.08 56.24 -62.85
C GLU LA 231 -0.10 55.31 -62.17
N SER LA 232 1.10 55.78 -61.85
CA SER LA 232 2.02 54.95 -61.07
C SER LA 232 1.46 54.63 -59.69
N GLU LA 233 1.79 53.43 -59.19
CA GLU LA 233 1.34 53.00 -57.86
C GLU LA 233 2.11 53.66 -56.74
N ASP LA 234 3.22 54.35 -57.05
CA ASP LA 234 3.93 55.13 -56.06
C ASP LA 234 3.35 56.51 -55.88
N ALA LA 235 2.40 56.91 -56.73
CA ALA LA 235 1.81 58.25 -56.64
C ALA LA 235 1.03 58.46 -55.35
N ARG LA 236 0.70 57.39 -54.63
CA ARG LA 236 -0.01 57.53 -53.36
C ARG LA 236 0.80 58.26 -52.31
N TYR LA 237 2.13 58.33 -52.48
CA TYR LA 237 3.01 59.00 -51.53
C TYR LA 237 3.39 60.41 -51.97
N VAL LA 238 2.69 60.97 -52.93
CA VAL LA 238 2.96 62.32 -53.44
C VAL LA 238 1.76 63.20 -53.17
N GLY LA 239 2.02 64.40 -52.67
CA GLY LA 239 0.95 65.36 -52.42
C GLY LA 239 1.38 66.79 -52.72
N LEU LA 240 0.69 67.45 -53.64
CA LEU LA 240 1.05 68.80 -54.06
C LEU LA 240 -0.09 69.77 -53.73
N ALA LA 241 0.28 70.95 -53.24
CA ALA LA 241 -0.67 71.98 -52.86
C ALA LA 241 -0.74 73.06 -53.94
N LEU LA 242 -1.84 73.83 -53.90
CA LEU LA 242 -2.12 74.82 -54.92
C LEU LA 242 -1.60 76.20 -54.51
N PRO LA 243 -2.48 77.17 -54.31
CA PRO LA 243 -2.03 78.56 -54.12
C PRO LA 243 -1.22 78.75 -52.85
N ARG LA 244 -0.33 79.73 -52.90
CA ARG LA 244 0.52 80.07 -51.77
C ARG LA 244 -0.28 80.92 -50.78
N PHE LA 245 0.41 81.49 -49.78
CA PHE LA 245 -0.32 82.26 -48.79
C PHE LA 245 0.61 83.30 -48.17
N LEU LA 246 0.03 84.45 -47.83
CA LEU LA 246 0.82 85.55 -47.28
C LEU LA 246 1.49 85.16 -45.97
N LEU LA 247 2.74 85.61 -45.81
CA LEU LA 247 3.50 85.40 -44.58
C LEU LA 247 3.73 86.67 -43.79
N ARG LA 248 3.81 87.83 -44.45
CA ARG LA 248 4.08 89.08 -43.77
C ARG LA 248 3.17 90.17 -44.31
N LEU LA 249 2.66 91.00 -43.40
CA LEU LA 249 1.90 92.18 -43.80
C LEU LA 249 2.87 93.29 -44.16
N PRO LA 250 2.65 94.02 -45.25
CA PRO LA 250 3.63 95.01 -45.70
C PRO LA 250 3.87 96.09 -44.65
N TYR LA 251 5.11 96.59 -44.62
CA TYR LA 251 5.50 97.53 -43.57
C TYR LA 251 4.69 98.81 -43.64
N GLY LA 252 4.28 99.30 -42.48
CA GLY LA 252 3.52 100.52 -42.39
C GLY LA 252 3.62 101.18 -41.03
N GLU LA 253 3.63 102.51 -40.99
CA GLU LA 253 3.88 103.23 -39.75
C GLU LA 253 2.89 102.87 -38.65
N LYS LA 254 1.71 102.34 -39.01
CA LYS LA 254 0.70 101.94 -38.04
C LYS LA 254 0.61 100.42 -37.89
N THR LA 255 0.45 99.70 -39.00
CA THR LA 255 0.18 98.27 -38.94
C THR LA 255 1.45 97.45 -38.68
N VAL LA 256 2.58 97.90 -39.22
CA VAL LA 256 3.84 97.16 -39.08
C VAL LA 256 5.00 98.15 -39.07
N PRO LA 257 5.21 98.88 -37.99
CA PRO LA 257 6.23 99.94 -38.01
C PRO LA 257 7.62 99.39 -37.73
N VAL LA 258 8.62 100.18 -38.10
CA VAL LA 258 10.02 99.88 -37.86
C VAL LA 258 10.62 101.03 -37.08
N LYS LA 259 11.83 100.80 -36.55
CA LYS LA 259 12.47 101.78 -35.68
C LYS LA 259 13.16 102.86 -36.51
N ALA LA 260 13.20 104.07 -35.95
CA ALA LA 260 13.92 105.17 -36.56
C ALA LA 260 13.35 105.57 -37.91
N PHE LA 261 13.80 104.90 -38.98
CA PHE LA 261 13.39 105.25 -40.33
C PHE LA 261 11.89 105.06 -40.50
N ASN LA 262 11.22 106.10 -41.00
CA ASN LA 262 9.77 106.05 -41.22
C ASN LA 262 9.51 105.36 -42.56
N PHE LA 263 9.55 104.03 -42.53
CA PHE LA 263 9.43 103.22 -43.74
C PHE LA 263 7.98 102.81 -43.94
N THR LA 264 7.48 103.05 -45.15
CA THR LA 264 6.14 102.64 -45.57
C THR LA 264 6.33 101.83 -46.85
N GLU LA 265 6.20 100.50 -46.73
CA GLU LA 265 6.41 99.64 -47.88
C GLU LA 265 5.34 99.88 -48.93
N ASP LA 266 5.77 99.98 -50.20
CA ASP LA 266 4.89 100.32 -51.31
C ASP LA 266 4.80 99.11 -52.23
N VAL LA 267 3.74 98.31 -52.06
CA VAL LA 267 3.48 97.20 -52.96
C VAL LA 267 2.86 97.75 -54.23
N VAL LA 268 3.50 97.47 -55.37
CA VAL LA 268 3.06 98.01 -56.65
C VAL LA 268 1.91 97.16 -57.19
N GLY LA 269 1.68 97.24 -58.51
CA GLY LA 269 0.65 96.43 -59.11
C GLY LA 269 0.97 94.94 -59.09
N HIS LA 270 2.24 94.59 -58.94
CA HIS LA 270 2.68 93.19 -58.97
C HIS LA 270 2.56 92.62 -57.56
N HIS LA 271 1.54 91.77 -57.36
CA HIS LA 271 1.35 91.10 -56.08
C HIS LA 271 2.54 90.24 -55.67
N GLU LA 272 3.45 89.95 -56.61
CA GLU LA 272 4.70 89.28 -56.28
C GLU LA 272 5.56 90.09 -55.31
N ARG LA 273 5.24 91.37 -55.10
CA ARG LA 273 5.92 92.15 -54.08
C ARG LA 273 5.57 91.64 -52.69
N TYR LA 274 4.41 90.99 -52.53
CA TYR LA 274 4.03 90.42 -51.26
C TYR LA 274 4.86 89.18 -50.95
N LEU LA 275 5.16 88.99 -49.67
CA LEU LA 275 5.99 87.86 -49.22
C LEU LA 275 5.11 86.62 -49.16
N TRP LA 276 4.99 85.95 -50.30
CA TRP LA 276 4.22 84.72 -50.39
C TRP LA 276 5.00 83.55 -49.79
N GLY LA 277 4.26 82.58 -49.27
CA GLY LA 277 4.85 81.44 -48.60
C GLY LA 277 4.20 80.15 -49.07
N HIS LA 278 4.98 79.06 -48.98
CA HIS LA 278 4.55 77.77 -49.53
C HIS LA 278 3.55 77.10 -48.58
N ALA LA 279 2.36 76.79 -49.11
CA ALA LA 279 1.28 76.26 -48.28
C ALA LA 279 1.56 74.87 -47.74
N SER LA 280 2.56 74.17 -48.29
CA SER LA 280 2.94 72.87 -47.77
C SER LA 280 3.20 72.92 -46.27
N VAL LA 281 3.73 74.04 -45.79
CA VAL LA 281 3.99 74.20 -44.36
C VAL LA 281 2.67 74.23 -43.58
N ALA LA 282 1.66 74.89 -44.12
CA ALA LA 282 0.34 74.89 -43.48
C ALA LA 282 -0.21 73.48 -43.37
N LEU LA 283 -0.17 72.72 -44.47
CA LEU LA 283 -0.58 71.32 -44.41
C LEU LA 283 0.19 70.57 -43.32
N THR LA 284 1.51 70.78 -43.26
CA THR LA 284 2.32 70.15 -42.23
C THR LA 284 1.84 70.50 -40.83
N SER LA 285 1.46 71.75 -40.61
CA SER LA 285 0.86 72.13 -39.33
C SER LA 285 -0.41 71.32 -39.06
N ARG LA 286 -1.23 71.09 -40.09
CA ARG LA 286 -2.41 70.24 -39.90
C ARG LA 286 -2.02 68.86 -39.37
N VAL LA 287 -1.08 68.18 -40.06
CA VAL LA 287 -0.64 66.87 -39.60
C VAL LA 287 -0.14 66.96 -38.16
N ALA LA 288 0.65 67.98 -37.85
CA ALA LA 288 1.20 68.15 -36.51
C ALA LA 288 0.10 68.23 -35.45
N ASP LA 289 -0.94 69.03 -35.71
CA ASP LA 289 -2.01 69.17 -34.73
C ASP LA 289 -2.76 67.85 -34.51
N SER LA 290 -3.12 67.18 -35.61
CA SER LA 290 -3.79 65.88 -35.47
C SER LA 290 -2.96 64.94 -34.60
N PHE LA 291 -1.65 64.86 -34.84
CA PHE LA 291 -0.80 63.96 -34.06
C PHE LA 291 -0.64 64.42 -32.61
N ALA LA 292 -0.62 65.74 -32.39
CA ALA LA 292 -0.47 66.24 -31.03
C ALA LA 292 -1.69 65.90 -30.19
N LYS LA 293 -2.87 65.86 -30.80
CA LYS LA 293 -4.08 65.55 -30.05
C LYS LA 293 -4.31 64.04 -29.89
N PHE LA 294 -4.06 63.25 -30.94
CA PHE LA 294 -4.49 61.87 -30.94
C PHE LA 294 -3.40 60.83 -31.19
N ARG LA 295 -2.21 61.25 -31.63
CA ARG LA 295 -1.14 60.32 -32.02
C ARG LA 295 -1.37 59.72 -33.40
N TRP LA 296 -2.34 60.26 -34.16
CA TRP LA 296 -2.63 59.82 -35.50
C TRP LA 296 -2.91 61.05 -36.36
N SER LA 297 -2.77 60.89 -37.68
CA SER LA 297 -2.84 62.01 -38.62
C SER LA 297 -3.95 61.80 -39.64
N PRO LA 298 -5.21 61.81 -39.20
CA PRO LA 298 -6.32 61.68 -40.17
C PRO LA 298 -7.20 62.91 -40.19
N ASN LA 299 -7.14 63.70 -39.13
CA ASN LA 299 -8.02 64.86 -38.97
C ASN LA 299 -7.32 66.11 -39.51
N ILE LA 300 -7.37 66.27 -40.82
CA ILE LA 300 -6.72 67.42 -41.47
C ILE LA 300 -7.46 67.81 -42.74
N ILE LA 301 -8.76 67.55 -42.81
CA ILE LA 301 -9.51 67.84 -44.03
C ILE LA 301 -10.89 68.41 -43.73
N GLY LA 302 -10.95 69.47 -42.93
CA GLY LA 302 -12.22 70.11 -42.64
C GLY LA 302 -12.11 71.38 -41.84
N PRO LA 303 -13.04 72.31 -42.07
CA PRO LA 303 -13.05 73.54 -41.25
C PRO LA 303 -13.29 73.29 -39.79
N GLN LA 304 -13.97 72.20 -39.43
CA GLN LA 304 -14.15 71.80 -38.04
C GLN LA 304 -13.37 70.55 -37.67
N SER LA 305 -13.02 69.70 -38.65
CA SER LA 305 -12.33 68.46 -38.36
C SER LA 305 -10.88 68.71 -37.95
N GLY LA 306 -10.25 69.76 -38.48
CA GLY LA 306 -8.87 70.03 -38.14
C GLY LA 306 -8.02 70.41 -39.33
N GLY LA 307 -8.66 70.58 -40.49
CA GLY LA 307 -8.00 71.09 -41.67
C GLY LA 307 -8.10 72.59 -41.85
N ALA LA 308 -8.50 73.32 -40.82
CA ALA LA 308 -8.65 74.76 -40.90
C ALA LA 308 -7.35 75.44 -40.48
N VAL LA 309 -6.90 76.39 -41.29
CA VAL LA 309 -5.74 77.22 -40.97
C VAL LA 309 -6.29 78.56 -40.50
N GLU LA 310 -6.04 78.89 -39.23
CA GLU LA 310 -6.55 80.12 -38.63
C GLU LA 310 -5.44 81.13 -38.43
N ASN LA 311 -5.83 82.40 -38.37
CA ASN LA 311 -4.89 83.49 -38.09
C ASN LA 311 -4.05 83.84 -39.32
N LEU LA 312 -4.71 84.16 -40.45
CA LEU LA 312 -3.95 84.54 -41.63
C LEU LA 312 -3.75 86.06 -41.65
N PRO LA 313 -2.64 86.52 -42.23
CA PRO LA 313 -2.40 87.96 -42.30
C PRO LA 313 -3.41 88.64 -43.21
N LEU LA 314 -3.74 89.88 -42.88
CA LEU LA 314 -4.68 90.69 -43.65
C LEU LA 314 -4.02 92.01 -44.02
N HIS LA 315 -4.54 92.67 -45.04
CA HIS LA 315 -3.94 93.90 -45.55
C HIS LA 315 -5.03 94.72 -46.25
N GLN LA 316 -5.63 95.64 -45.51
CA GLN LA 316 -6.64 96.53 -46.07
C GLN LA 316 -5.96 97.69 -46.78
N TYR LA 317 -6.42 97.99 -47.99
CA TYR LA 317 -5.87 99.07 -48.80
C TYR LA 317 -6.98 99.63 -49.68
N GLU LA 318 -6.71 100.80 -50.25
CA GLU LA 318 -7.71 101.49 -51.04
C GLU LA 318 -7.95 100.78 -52.38
N ALA LA 319 -9.21 100.68 -52.76
CA ALA LA 319 -9.61 100.09 -54.03
C ALA LA 319 -10.04 101.21 -54.99
N MET LA 320 -11.21 101.13 -55.60
CA MET LA 320 -11.70 102.21 -56.46
C MET LA 320 -12.45 103.28 -55.70
N GLY LA 321 -11.85 103.81 -54.63
CA GLY LA 321 -12.51 104.72 -53.72
C GLY LA 321 -13.00 104.06 -52.44
N GLU LA 322 -13.07 102.74 -52.41
CA GLU LA 322 -13.46 101.99 -51.22
C GLU LA 322 -12.22 101.30 -50.64
N ILE LA 323 -12.44 100.35 -49.75
CA ILE LA 323 -11.37 99.61 -49.10
C ILE LA 323 -11.57 98.13 -49.33
N GLN LA 324 -10.46 97.40 -49.45
CA GLN LA 324 -10.50 95.96 -49.64
C GLN LA 324 -9.22 95.36 -49.10
N THR LA 325 -9.31 94.11 -48.67
CA THR LA 325 -8.18 93.40 -48.07
C THR LA 325 -7.57 92.45 -49.08
N LYS LA 326 -6.24 92.46 -49.18
CA LYS LA 326 -5.54 91.51 -50.02
C LYS LA 326 -5.82 90.10 -49.50
N ILE LA 327 -6.33 89.25 -50.38
CA ILE LA 327 -6.72 87.90 -49.95
C ILE LA 327 -5.48 87.16 -49.45
N PRO LA 328 -5.54 86.49 -48.30
CA PRO LA 328 -4.36 85.75 -47.81
C PRO LA 328 -3.83 84.74 -48.80
N THR LA 329 -4.71 84.11 -49.57
CA THR LA 329 -4.33 83.33 -50.74
C THR LA 329 -4.53 84.20 -51.98
N GLU LA 330 -3.81 83.85 -53.04
CA GLU LA 330 -3.83 84.67 -54.25
C GLU LA 330 -5.25 84.90 -54.76
N VAL LA 331 -6.11 83.90 -54.65
CA VAL LA 331 -7.48 83.98 -55.15
C VAL LA 331 -8.44 83.42 -54.09
N MET LA 332 -9.72 83.76 -54.27
CA MET LA 332 -10.80 83.25 -53.42
C MET LA 332 -11.44 82.11 -54.20
N LEU LA 333 -11.01 80.89 -53.89
CA LEU LA 333 -11.44 79.73 -54.67
C LEU LA 333 -12.89 79.37 -54.34
N THR LA 334 -13.70 79.20 -55.39
CA THR LA 334 -15.07 78.77 -55.22
C THR LA 334 -15.15 77.26 -55.06
N GLU LA 335 -16.31 76.79 -54.60
CA GLU LA 335 -16.48 75.36 -54.32
C GLU LA 335 -16.28 74.52 -55.59
N ARG LA 336 -16.79 75.00 -56.73
CA ARG LA 336 -16.64 74.23 -57.97
C ARG LA 336 -15.18 74.14 -58.40
N ARG LA 337 -14.46 75.26 -58.32
CA ARG LA 337 -13.04 75.25 -58.71
C ARG LA 337 -12.24 74.36 -57.77
N GLU LA 338 -12.51 74.44 -56.46
CA GLU LA 338 -11.82 73.56 -55.51
C GLU LA 338 -12.12 72.10 -55.84
N PHE LA 339 -13.37 71.79 -56.19
CA PHE LA 339 -13.71 70.42 -56.55
C PHE LA 339 -12.95 69.97 -57.79
N GLU LA 340 -12.83 70.84 -58.79
CA GLU LA 340 -12.06 70.50 -59.99
C GLU LA 340 -10.61 70.22 -59.64
N LEU LA 341 -9.99 71.08 -58.84
CA LEU LA 341 -8.61 70.86 -58.40
C LEU LA 341 -8.48 69.54 -57.65
N SER LA 342 -9.48 69.19 -56.84
CA SER LA 342 -9.45 67.91 -56.13
C SER LA 342 -9.54 66.74 -57.10
N GLU LA 343 -10.35 66.87 -58.15
CA GLU LA 343 -10.39 65.83 -59.18
C GLU LA 343 -9.05 65.71 -59.89
N GLU LA 344 -8.29 66.81 -59.98
CA GLU LA 344 -6.98 66.81 -60.59
C GLU LA 344 -5.86 66.47 -59.61
N GLY LA 345 -6.21 65.96 -58.43
CA GLY LA 345 -5.21 65.52 -57.48
C GLY LA 345 -4.40 66.63 -56.84
N PHE LA 346 -4.99 67.81 -56.68
CA PHE LA 346 -4.33 68.94 -56.05
C PHE LA 346 -4.95 69.23 -54.69
N ILE LA 347 -4.13 69.72 -53.77
CA ILE LA 347 -4.56 70.05 -52.42
C ILE LA 347 -4.72 71.56 -52.36
N GLY LA 348 -5.95 72.03 -52.61
CA GLY LA 348 -6.19 73.45 -52.63
C GLY LA 348 -6.61 74.02 -51.30
N LEU LA 349 -5.82 74.95 -50.77
CA LEU LA 349 -6.17 75.65 -49.53
C LEU LA 349 -7.13 76.78 -49.89
N VAL LA 350 -8.40 76.62 -49.55
CA VAL LA 350 -9.42 77.59 -49.91
C VAL LA 350 -9.52 78.67 -48.83
N PHE LA 351 -9.81 79.89 -49.26
CA PHE LA 351 -9.94 81.03 -48.35
C PHE LA 351 -11.40 81.23 -47.98
N ARG LA 352 -11.67 81.35 -46.68
CA ARG LA 352 -13.00 81.64 -46.20
C ARG LA 352 -13.28 83.12 -46.42
N LYS LA 353 -14.25 83.43 -47.27
CA LYS LA 353 -14.48 84.80 -47.70
C LYS LA 353 -14.80 85.70 -46.51
N ASP LA 354 -14.16 86.87 -46.49
CA ASP LA 354 -14.39 87.91 -45.49
C ASP LA 354 -13.77 87.60 -44.13
N SER LA 355 -12.85 86.65 -44.06
CA SER LA 355 -12.25 86.31 -42.78
C SER LA 355 -10.72 86.22 -42.90
N ASP LA 356 -10.09 85.61 -41.90
CA ASP LA 356 -8.66 85.33 -41.93
C ASP LA 356 -8.41 83.83 -41.77
N ASN LA 357 -9.34 83.01 -42.23
CA ASN LA 357 -9.27 81.56 -42.09
C ASN LA 357 -9.34 80.91 -43.46
N ALA LA 358 -8.56 79.85 -43.64
CA ALA LA 358 -8.62 79.01 -44.83
C ALA LA 358 -8.89 77.58 -44.39
N ALA LA 359 -9.10 76.70 -45.36
CA ALA LA 359 -9.44 75.32 -45.06
C ALA LA 359 -8.98 74.42 -46.18
N PHE LA 360 -8.58 73.20 -45.81
CA PHE LA 360 -8.27 72.14 -46.76
C PHE LA 360 -9.45 71.18 -46.73
N PHE LA 361 -10.27 71.23 -47.78
CA PHE LA 361 -11.47 70.40 -47.81
C PHE LA 361 -11.14 68.94 -48.02
N SER LA 362 -9.98 68.64 -48.60
CA SER LA 362 -9.61 67.25 -48.88
C SER LA 362 -8.12 67.19 -49.15
N ALA LA 363 -7.54 66.02 -48.88
CA ALA LA 363 -6.12 65.80 -49.13
C ALA LA 363 -5.92 64.59 -50.02
N ASN LA 364 -6.41 64.65 -51.26
CA ASN LA 364 -6.18 63.58 -52.21
C ASN LA 364 -4.72 63.59 -52.66
N SER LA 365 -4.18 62.40 -52.90
CA SER LA 365 -2.82 62.28 -53.41
C SER LA 365 -2.82 62.53 -54.92
N THR LA 366 -1.62 62.47 -55.52
CA THR LA 366 -1.53 62.65 -56.96
C THR LA 366 -2.15 61.48 -57.72
N GLN LA 367 -2.23 60.30 -57.09
CA GLN LA 367 -2.69 59.11 -57.79
C GLN LA 367 -4.13 59.26 -58.25
N LYS LA 368 -4.38 58.85 -59.48
CA LYS LA 368 -5.73 58.91 -60.05
C LYS LA 368 -6.46 57.59 -59.77
N PRO LA 369 -7.72 57.65 -59.36
CA PRO LA 369 -8.43 56.41 -59.04
C PRO LA 369 -8.74 55.61 -60.30
N ARG LA 370 -8.80 54.29 -60.14
CA ARG LA 370 -9.09 53.40 -61.24
C ARG LA 370 -10.57 53.02 -61.25
N PHE LA 371 -11.10 52.81 -62.45
CA PHE LA 371 -12.50 52.45 -62.62
C PHE LA 371 -12.61 50.95 -62.88
N PHE LA 372 -13.60 50.32 -62.26
CA PHE LA 372 -13.85 48.90 -62.40
C PHE LA 372 -15.29 48.66 -62.88
N GLY LA 373 -15.55 47.43 -63.29
CA GLY LA 373 -16.89 47.10 -63.75
C GLY LA 373 -17.91 47.28 -62.64
N ASN LA 374 -19.09 47.78 -63.02
CA ASN LA 374 -20.18 48.08 -62.09
C ASN LA 374 -20.89 46.79 -61.69
N THR LA 375 -20.20 45.99 -60.89
CA THR LA 375 -20.75 44.81 -60.24
C THR LA 375 -20.42 44.94 -58.76
N PRO LA 376 -20.95 44.05 -57.92
CA PRO LA 376 -20.62 44.14 -56.49
C PRO LA 376 -19.12 44.09 -56.22
N GLU LA 377 -18.44 43.10 -56.78
CA GLU LA 377 -16.99 42.99 -56.60
C GLU LA 377 -16.26 44.16 -57.20
N GLY LA 378 -16.68 44.62 -58.38
CA GLY LA 378 -16.01 45.74 -59.02
C GLY LA 378 -16.12 47.02 -58.21
N LYS LA 379 -17.31 47.32 -57.70
CA LYS LA 379 -17.50 48.49 -56.84
C LYS LA 379 -16.70 48.35 -55.55
N ALA LA 380 -16.62 47.14 -54.99
CA ALA LA 380 -15.76 46.93 -53.83
C ALA LA 380 -14.31 47.28 -54.16
N ALA LA 381 -13.83 46.84 -55.32
CA ALA LA 381 -12.47 47.16 -55.74
C ALA LA 381 -12.28 48.67 -55.88
N GLU LA 382 -13.27 49.37 -56.45
CA GLU LA 382 -13.19 50.82 -56.55
C GLU LA 382 -13.05 51.46 -55.17
N THR LA 383 -13.87 51.01 -54.21
CA THR LA 383 -13.82 51.58 -52.87
C THR LA 383 -12.43 51.43 -52.26
N ASN LA 384 -11.89 50.21 -52.28
CA ASN LA 384 -10.55 49.98 -51.73
C ASN LA 384 -9.52 50.89 -52.39
N TYR LA 385 -9.52 50.93 -53.73
CA TYR LA 385 -8.54 51.74 -54.45
C TYR LA 385 -8.60 53.21 -54.05
N ARG LA 386 -9.79 53.80 -54.02
CA ARG LA 386 -9.91 55.20 -53.62
C ARG LA 386 -9.40 55.43 -52.20
N LEU LA 387 -9.81 54.57 -51.28
CA LEU LA 387 -9.21 54.58 -49.94
C LEU LA 387 -7.69 54.68 -50.03
N GLY LA 388 -7.07 53.87 -50.89
CA GLY LA 388 -5.65 54.00 -51.11
C GLY LA 388 -5.23 55.36 -51.65
N THR LA 389 -6.07 55.96 -52.49
CA THR LA 389 -5.76 57.24 -53.11
C THR LA 389 -5.83 58.42 -52.14
N GLN LA 390 -6.42 58.22 -50.96
CA GLN LA 390 -6.61 59.30 -50.00
C GLN LA 390 -5.51 59.31 -48.93
N LEU LA 391 -4.87 60.47 -48.76
CA LEU LA 391 -3.85 60.60 -47.73
C LEU LA 391 -4.39 60.46 -46.32
N PRO LA 392 -5.63 60.90 -46.01
CA PRO LA 392 -6.15 60.77 -44.64
C PRO LA 392 -6.20 59.35 -44.12
N TYR LA 393 -6.25 58.36 -45.01
CA TYR LA 393 -6.12 56.96 -44.63
C TYR LA 393 -4.72 56.42 -44.85
N MET LA 394 -4.04 56.90 -45.90
CA MET LA 394 -2.64 56.55 -46.08
C MET LA 394 -1.82 56.78 -44.81
N PHE LA 395 -2.13 57.84 -44.07
CA PHE LA 395 -1.40 58.13 -42.83
C PHE LA 395 -1.59 57.04 -41.79
N ILE LA 396 -2.82 56.54 -41.62
CA ILE LA 396 -3.06 55.42 -40.72
C ILE LA 396 -2.22 54.22 -41.15
N MET LA 397 -2.24 53.90 -42.46
CA MET LA 397 -1.42 52.80 -42.95
C MET LA 397 0.06 52.99 -42.61
N THR LA 398 0.56 54.21 -42.74
CA THR LA 398 2.00 54.46 -42.53
C THR LA 398 2.36 54.29 -41.05
N ARG LA 399 1.54 54.86 -40.16
CA ARG LA 399 1.77 54.66 -38.73
C ARG LA 399 1.78 53.18 -38.38
N LEU LA 400 0.82 52.42 -38.94
CA LEU LA 400 0.78 50.99 -38.69
C LEU LA 400 2.07 50.30 -39.13
N ALA LA 401 2.59 50.67 -40.31
CA ALA LA 401 3.83 50.06 -40.79
C ALA LA 401 5.00 50.37 -39.85
N HIS LA 402 5.12 51.62 -39.40
CA HIS LA 402 6.19 51.94 -38.46
C HIS LA 402 6.10 51.09 -37.19
N TYR LA 403 4.91 51.05 -36.58
CA TYR LA 403 4.73 50.26 -35.36
C TYR LA 403 5.08 48.79 -35.60
N ILE LA 404 4.68 48.25 -36.76
CA ILE LA 404 4.93 46.84 -37.05
C ILE LA 404 6.43 46.56 -37.14
N LYS LA 405 7.15 47.38 -37.92
CA LYS LA 405 8.60 47.20 -38.01
C LYS LA 405 9.24 47.23 -36.63
N VAL LA 406 9.04 48.33 -35.89
CA VAL LA 406 9.66 48.49 -34.58
C VAL LA 406 9.34 47.31 -33.68
N LEU LA 407 8.05 47.07 -33.42
CA LEU LA 407 7.63 46.08 -32.43
C LEU LA 407 8.02 44.65 -32.81
N GLN LA 408 8.01 44.33 -34.12
CA GLN LA 408 8.37 42.97 -34.53
C GLN LA 408 9.86 42.71 -34.37
N ARG LA 409 10.68 43.71 -34.67
CA ARG LA 409 12.12 43.59 -34.42
C ARG LA 409 12.41 43.07 -33.01
N GLU LA 410 11.65 43.55 -32.01
CA GLU LA 410 11.88 43.12 -30.63
C GLU LA 410 11.43 41.69 -30.39
N GLN LA 411 10.54 41.16 -31.24
CA GLN LA 411 10.05 39.80 -31.09
C GLN LA 411 10.91 38.77 -31.82
N ILE LA 412 11.75 39.22 -32.75
CA ILE LA 412 12.67 38.30 -33.42
C ILE LA 412 13.46 37.49 -32.39
N GLY LA 413 13.45 36.16 -32.57
CA GLY LA 413 14.15 35.26 -31.67
C GLY LA 413 13.26 34.51 -30.71
N SER LA 414 12.03 34.96 -30.51
CA SER LA 414 11.11 34.30 -29.60
C SER LA 414 10.51 33.05 -30.23
N TRP LA 415 10.01 32.15 -29.38
CA TRP LA 415 9.43 30.89 -29.81
C TRP LA 415 8.01 31.14 -30.32
N LYS LA 416 7.91 31.41 -31.62
CA LYS LA 416 6.65 31.81 -32.23
C LYS LA 416 6.27 30.80 -33.30
N GLU LA 417 5.12 30.15 -33.12
CA GLU LA 417 4.48 29.39 -34.16
C GLU LA 417 3.46 30.28 -34.89
N LYS LA 418 2.99 29.79 -36.04
CA LYS LA 418 2.10 30.60 -36.88
C LYS LA 418 0.88 31.09 -36.11
N SER LA 419 0.15 30.17 -35.47
CA SER LA 419 -0.99 30.54 -34.64
C SER LA 419 -0.61 31.50 -33.53
N ASP LA 420 0.60 31.39 -32.97
CA ASP LA 420 1.07 32.37 -32.01
C ASP LA 420 1.13 33.76 -32.63
N LEU LA 421 1.68 33.85 -33.84
CA LEU LA 421 1.65 35.12 -34.57
C LEU LA 421 0.22 35.63 -34.73
N GLU LA 422 -0.71 34.74 -35.11
CA GLU LA 422 -2.10 35.15 -35.29
C GLU LA 422 -2.69 35.74 -34.02
N ARG LA 423 -2.55 35.04 -32.89
CA ARG LA 423 -3.15 35.50 -31.64
C ARG LA 423 -2.55 36.82 -31.20
N GLU LA 424 -1.22 36.90 -31.15
CA GLU LA 424 -0.56 38.12 -30.68
C GLU LA 424 -0.92 39.31 -31.56
N LEU LA 425 -0.84 39.14 -32.89
CA LEU LA 425 -1.12 40.24 -33.80
C LEU LA 425 -2.57 40.71 -33.68
N ASN LA 426 -3.51 39.78 -33.53
CA ASN LA 426 -4.90 40.19 -33.30
C ASN LA 426 -5.02 41.03 -32.04
N HIS LA 427 -4.50 40.52 -30.91
CA HIS LA 427 -4.57 41.26 -29.66
C HIS LA 427 -3.93 42.64 -29.78
N TRP LA 428 -2.88 42.77 -30.58
CA TRP LA 428 -2.22 44.07 -30.73
C TRP LA 428 -3.06 45.02 -31.58
N LEU LA 429 -3.53 44.55 -32.74
CA LEU LA 429 -4.32 45.39 -33.62
C LEU LA 429 -5.59 45.90 -32.94
N SER LA 430 -6.17 45.10 -32.03
CA SER LA 430 -7.37 45.53 -31.33
C SER LA 430 -7.17 46.85 -30.58
N GLN LA 431 -5.92 47.22 -30.29
CA GLN LA 431 -5.65 48.41 -29.49
C GLN LA 431 -6.10 49.69 -30.18
N TYR LA 432 -6.16 49.70 -31.51
CA TYR LA 432 -6.55 50.88 -32.27
C TYR LA 432 -7.90 50.72 -32.95
N ILE LA 433 -8.76 49.84 -32.43
CA ILE LA 433 -10.05 49.52 -33.03
C ILE LA 433 -11.15 50.09 -32.15
N SER LA 434 -12.11 50.76 -32.77
CA SER LA 434 -13.31 51.28 -32.09
C SER LA 434 -14.51 50.70 -32.82
N ASP LA 435 -14.92 49.50 -32.43
CA ASP LA 435 -16.03 48.79 -33.08
C ASP LA 435 -17.32 48.89 -32.28
N MET LA 436 -17.64 50.06 -31.75
CA MET LA 436 -18.88 50.26 -31.04
C MET LA 436 -19.98 50.72 -31.99
N ASP LA 437 -21.22 50.63 -31.51
CA ASP LA 437 -22.37 51.00 -32.34
C ASP LA 437 -22.31 52.45 -32.76
N ASP LA 438 -21.81 53.33 -31.88
CA ASP LA 438 -21.69 54.74 -32.22
C ASP LA 438 -20.68 55.40 -31.30
N PRO LA 439 -19.38 55.28 -31.59
CA PRO LA 439 -18.38 55.95 -30.77
C PRO LA 439 -18.50 57.47 -30.91
N ALA LA 440 -18.06 58.17 -29.88
CA ALA LA 440 -18.15 59.62 -29.86
C ALA LA 440 -17.52 60.21 -31.11
N PRO LA 441 -18.19 61.11 -31.81
CA PRO LA 441 -17.61 61.65 -33.04
C PRO LA 441 -16.31 62.39 -32.76
N ALA LA 442 -15.32 62.17 -33.64
CA ALA LA 442 -13.99 62.73 -33.46
C ALA LA 442 -13.29 62.12 -32.24
N VAL LA 443 -13.83 61.00 -31.75
CA VAL LA 443 -13.18 60.17 -30.75
C VAL LA 443 -12.64 58.88 -31.35
N ARG LA 444 -13.27 58.39 -32.42
CA ARG LA 444 -12.65 57.37 -33.26
C ARG LA 444 -11.45 58.00 -33.96
N SER LA 445 -11.21 59.28 -33.67
CA SER LA 445 -9.94 59.91 -34.05
C SER LA 445 -8.76 59.17 -33.43
N ARG LA 446 -8.81 58.93 -32.11
CA ARG LA 446 -7.73 58.23 -31.45
C ARG LA 446 -7.69 56.75 -31.82
N ARG LA 447 -8.83 56.19 -32.22
CA ARG LA 447 -8.94 54.79 -32.66
C ARG LA 447 -9.48 54.82 -34.09
N PRO LA 448 -8.60 55.05 -35.08
CA PRO LA 448 -9.11 55.30 -36.44
C PRO LA 448 -9.70 54.09 -37.12
N LEU LA 449 -9.42 52.88 -36.63
CA LEU LA 449 -9.89 51.66 -37.25
C LEU LA 449 -11.23 51.23 -36.68
N ARG LA 450 -12.08 50.71 -37.56
CA ARG LA 450 -13.35 50.08 -37.18
C ARG LA 450 -13.28 48.57 -37.21
N ALA LA 451 -12.61 47.99 -38.21
CA ALA LA 451 -12.47 46.54 -38.30
C ALA LA 451 -11.05 46.21 -38.78
N ALA LA 452 -10.65 44.97 -38.55
CA ALA LA 452 -9.32 44.54 -38.97
C ALA LA 452 -9.26 43.02 -38.98
N ARG LA 453 -8.55 42.47 -39.97
CA ARG LA 453 -8.40 41.04 -40.15
C ARG LA 453 -6.94 40.73 -40.44
N VAL LA 454 -6.43 39.68 -39.80
CA VAL LA 454 -5.04 39.27 -39.91
C VAL LA 454 -5.00 37.77 -40.19
N VAL LA 455 -4.21 37.38 -41.19
CA VAL LA 455 -4.01 35.97 -41.54
C VAL LA 455 -2.51 35.72 -41.62
N VAL LA 456 -2.08 34.57 -41.11
CA VAL LA 456 -0.66 34.22 -41.04
C VAL LA 456 -0.46 32.84 -41.63
N GLU LA 457 0.43 32.74 -42.61
CA GLU LA 457 0.81 31.48 -43.21
C GLU LA 457 2.31 31.30 -43.03
N ASP LA 458 2.80 30.10 -43.34
CA ASP LA 458 4.23 29.86 -43.38
C ASP LA 458 4.69 29.86 -44.83
N VAL LA 459 5.77 30.57 -45.10
CA VAL LA 459 6.49 30.40 -46.37
C VAL LA 459 7.01 28.98 -46.30
N GLU LA 460 6.94 28.21 -47.38
CA GLU LA 460 7.48 26.86 -47.31
C GLU LA 460 8.91 26.85 -47.81
N GLY LA 461 9.82 26.26 -47.01
CA GLY LA 461 11.23 26.05 -47.41
C GLY LA 461 12.32 26.30 -46.38
N GLN LA 462 12.00 26.46 -45.11
CA GLN LA 462 12.94 26.92 -44.11
C GLN LA 462 12.26 27.00 -42.76
N PRO LA 463 12.98 27.28 -41.72
CA PRO LA 463 12.34 27.14 -40.40
C PRO LA 463 12.02 28.32 -39.52
N GLY LA 464 10.91 29.01 -39.76
CA GLY LA 464 10.43 29.97 -38.78
C GLY LA 464 10.15 31.40 -39.24
N TRP LA 465 9.84 31.60 -40.51
CA TRP LA 465 9.39 32.88 -41.01
C TRP LA 465 8.02 32.71 -41.66
N TYR LA 466 7.23 33.79 -41.70
CA TYR LA 466 5.84 33.64 -42.09
C TYR LA 466 5.43 34.74 -43.06
N ARG LA 467 4.26 34.57 -43.67
CA ARG LA 467 3.67 35.55 -44.56
C ARG LA 467 2.41 36.06 -43.87
N CYS LA 468 2.38 37.35 -43.56
CA CYS LA 468 1.28 37.94 -42.81
C CYS LA 468 0.50 38.89 -43.71
N SER LA 469 -0.83 38.82 -43.61
CA SER LA 469 -1.73 39.68 -44.35
C SER LA 469 -2.59 40.43 -43.34
N LEU LA 470 -2.59 41.76 -43.42
CA LEU LA 470 -3.32 42.62 -42.51
C LEU LA 470 -4.18 43.56 -43.35
N GLN LA 471 -5.50 43.47 -43.17
CA GLN LA 471 -6.45 44.30 -43.90
C GLN LA 471 -7.29 45.06 -42.87
N VAL LA 472 -7.52 46.34 -43.11
CA VAL LA 472 -8.16 47.20 -42.13
C VAL LA 472 -9.31 47.97 -42.77
N ARG LA 473 -10.38 48.16 -41.99
CA ARG LA 473 -11.51 48.99 -42.38
C ARG LA 473 -11.56 50.17 -41.43
N PRO LA 474 -11.12 51.35 -41.85
CA PRO LA 474 -11.15 52.51 -40.95
C PRO LA 474 -12.45 53.29 -41.10
N HIS LA 475 -12.66 54.20 -40.15
CA HIS LA 475 -13.86 55.02 -40.18
C HIS LA 475 -13.84 55.97 -41.37
N PHE LA 476 -15.02 56.24 -41.92
CA PHE LA 476 -15.14 57.08 -43.09
C PHE LA 476 -15.26 58.56 -42.73
N LEU MA 30 -44.40 35.90 -28.88
CA LEU MA 30 -44.97 36.02 -30.22
C LEU MA 30 -46.04 37.10 -30.26
N PRO MA 31 -45.87 38.08 -31.15
CA PRO MA 31 -46.88 39.14 -31.28
C PRO MA 31 -48.18 38.59 -31.86
N LEU MA 32 -49.23 39.40 -31.74
CA LEU MA 32 -50.53 39.09 -32.32
C LEU MA 32 -50.68 39.91 -33.59
N LYS MA 33 -50.46 39.26 -34.73
CA LYS MA 33 -50.47 39.93 -36.03
C LYS MA 33 -51.75 39.55 -36.78
N VAL MA 34 -52.47 40.57 -37.25
CA VAL MA 34 -53.71 40.38 -37.98
C VAL MA 34 -53.51 40.86 -39.42
N LEU MA 35 -54.19 40.19 -40.34
CA LEU MA 35 -54.13 40.51 -41.77
C LEU MA 35 -55.50 40.99 -42.21
N MET MA 36 -55.62 42.27 -42.52
CA MET MA 36 -56.85 42.86 -43.03
C MET MA 36 -56.79 42.81 -44.56
N LEU MA 37 -57.64 41.98 -45.16
CA LEU MA 37 -57.69 41.84 -46.61
C LEU MA 37 -58.99 42.44 -47.10
N GLY MA 38 -58.91 43.32 -48.10
CA GLY MA 38 -60.12 43.96 -48.59
C GLY MA 38 -59.84 44.91 -49.72
N ASP MA 39 -60.92 45.45 -50.29
CA ASP MA 39 -60.87 46.34 -51.44
C ASP MA 39 -60.74 47.78 -50.95
N PHE MA 40 -59.50 48.17 -50.66
CA PHE MA 40 -59.21 49.49 -50.15
C PHE MA 40 -59.06 50.54 -51.25
N THR MA 41 -59.10 50.15 -52.52
CA THR MA 41 -58.97 51.07 -53.63
C THR MA 41 -60.23 51.01 -54.49
N GLY MA 42 -60.36 51.99 -55.38
CA GLY MA 42 -61.49 52.04 -56.29
C GLY MA 42 -61.40 51.15 -57.49
N GLN MA 43 -60.33 50.37 -57.62
CA GLN MA 43 -60.17 49.48 -58.75
C GLN MA 43 -59.20 48.37 -58.39
N GLU MA 44 -59.31 47.25 -59.11
CA GLU MA 44 -58.39 46.16 -58.91
C GLU MA 44 -57.03 46.50 -59.52
N ASP MA 45 -55.99 45.91 -58.95
CA ASP MA 45 -54.65 46.00 -59.52
C ASP MA 45 -54.41 44.82 -60.47
N ALA MA 46 -53.69 45.10 -61.55
CA ALA MA 46 -53.26 44.02 -62.45
C ALA MA 46 -52.10 43.22 -61.88
N ARG MA 47 -51.43 43.74 -60.85
CA ARG MA 47 -50.33 43.02 -60.21
C ARG MA 47 -50.83 41.73 -59.56
N PRO MA 48 -50.14 40.60 -59.77
CA PRO MA 48 -50.59 39.33 -59.19
C PRO MA 48 -50.68 39.39 -57.68
N LEU MA 49 -51.53 38.53 -57.12
CA LEU MA 49 -51.96 38.69 -55.73
C LEU MA 49 -50.78 38.52 -54.78
N GLU MA 50 -50.01 37.45 -54.94
CA GLU MA 50 -48.79 37.31 -54.15
C GLU MA 50 -47.81 38.47 -54.35
N GLN MA 51 -47.65 38.98 -55.57
CA GLN MA 51 -46.72 40.05 -55.95
C GLN MA 51 -46.95 41.36 -55.24
N ARG MA 52 -48.19 41.83 -55.21
CA ARG MA 52 -48.51 42.97 -54.36
C ARG MA 52 -48.12 42.63 -52.94
N ALA MA 53 -47.60 43.62 -52.23
CA ALA MA 53 -47.10 43.37 -50.89
C ALA MA 53 -48.08 43.90 -49.84
N PRO MA 54 -48.00 43.39 -48.61
CA PRO MA 54 -48.84 43.94 -47.54
C PRO MA 54 -48.16 45.16 -46.93
N ILE MA 55 -48.94 45.96 -46.22
CA ILE MA 55 -48.47 47.21 -45.64
C ILE MA 55 -48.69 47.17 -44.13
N ASN MA 56 -47.63 47.43 -43.36
CA ASN MA 56 -47.74 47.46 -41.91
C ASN MA 56 -48.36 48.79 -41.47
N VAL MA 57 -49.40 48.72 -40.64
CA VAL MA 57 -50.18 49.89 -40.25
C VAL MA 57 -50.16 50.04 -38.74
N ASP MA 58 -50.05 51.29 -38.27
CA ASP MA 58 -50.02 51.60 -36.85
C ASP MA 58 -50.50 53.03 -36.66
N LYS MA 59 -50.74 53.40 -35.40
CA LYS MA 59 -51.33 54.69 -35.10
C LYS MA 59 -50.43 55.85 -35.51
N ALA MA 60 -49.12 55.62 -35.58
CA ALA MA 60 -48.16 56.68 -35.89
C ALA MA 60 -47.90 56.85 -37.39
N ASN MA 61 -48.68 56.21 -38.26
CA ASN MA 61 -48.44 56.32 -39.69
C ASN MA 61 -49.63 55.94 -40.56
N PHE MA 62 -50.83 55.87 -39.97
CA PHE MA 62 -52.01 55.48 -40.73
C PHE MA 62 -52.27 56.46 -41.87
N ASN MA 63 -52.28 57.76 -41.57
CA ASN MA 63 -52.50 58.76 -42.61
C ASN MA 63 -51.44 58.67 -43.69
N GLU MA 64 -50.17 58.48 -43.29
CA GLU MA 64 -49.10 58.30 -44.28
C GLU MA 64 -49.37 57.09 -45.16
N VAL MA 65 -49.93 56.03 -44.59
CA VAL MA 65 -50.28 54.84 -45.37
C VAL MA 65 -51.36 55.18 -46.39
N MET MA 66 -52.35 55.98 -45.98
CA MET MA 66 -53.37 56.42 -46.93
C MET MA 66 -52.75 57.22 -48.07
N ALA MA 67 -51.93 58.22 -47.73
CA ALA MA 67 -51.32 59.07 -48.76
C ALA MA 67 -50.47 58.26 -49.73
N GLN MA 68 -49.69 57.30 -49.22
CA GLN MA 68 -48.85 56.48 -50.08
C GLN MA 68 -49.69 55.51 -50.92
N GLN MA 69 -50.80 55.03 -50.38
CA GLN MA 69 -51.68 54.15 -51.13
C GLN MA 69 -52.36 54.88 -52.28
N ASN MA 70 -52.69 56.15 -52.08
CA ASN MA 70 -53.22 57.00 -53.16
C ASN MA 70 -54.64 56.59 -53.54
N LEU MA 71 -55.64 57.32 -53.04
CA LEU MA 71 -57.04 56.97 -53.26
C LEU MA 71 -57.64 57.82 -54.37
N LYS MA 72 -58.45 57.19 -55.22
CA LYS MA 72 -59.07 57.90 -56.33
C LYS MA 72 -60.41 57.25 -56.65
N VAL MA 73 -61.42 58.08 -56.91
CA VAL MA 73 -62.76 57.63 -57.23
C VAL MA 73 -63.25 58.41 -58.45
N THR MA 74 -63.46 57.70 -59.55
CA THR MA 74 -64.07 58.28 -60.76
C THR MA 74 -65.49 57.73 -60.82
N LEU MA 75 -66.48 58.62 -60.61
CA LEU MA 75 -67.84 58.13 -60.49
C LEU MA 75 -68.81 59.22 -60.95
N THR MA 76 -70.01 58.78 -61.35
CA THR MA 76 -71.05 59.67 -61.85
C THR MA 76 -72.26 59.58 -60.94
N ALA MA 77 -72.76 60.74 -60.51
CA ALA MA 77 -73.97 60.84 -59.73
C ALA MA 77 -74.96 61.76 -60.45
N ALA MA 78 -76.21 61.70 -60.00
CA ALA MA 78 -77.26 62.51 -60.60
C ALA MA 78 -76.97 63.99 -60.35
N ASP MA 79 -77.10 64.79 -61.41
CA ASP MA 79 -76.82 66.22 -61.33
C ASP MA 79 -78.08 66.94 -60.83
N LYS MA 80 -78.12 67.26 -59.53
CA LYS MA 80 -79.25 67.91 -58.91
C LYS MA 80 -79.08 69.43 -58.82
N LEU MA 81 -78.12 69.98 -59.55
CA LEU MA 81 -77.94 71.43 -59.64
C LEU MA 81 -78.86 72.05 -60.69
N SER MA 82 -79.63 71.25 -61.41
CA SER MA 82 -80.60 71.74 -62.37
C SER MA 82 -81.87 70.91 -62.26
N ALA MA 83 -82.77 71.02 -63.24
CA ALA MA 83 -84.02 70.28 -63.25
C ALA MA 83 -84.13 69.39 -64.47
N ASP MA 84 -83.07 68.65 -64.78
CA ASP MA 84 -83.03 67.78 -65.96
C ASP MA 84 -82.68 66.36 -65.51
N PRO MA 85 -83.56 65.39 -65.75
CA PRO MA 85 -83.23 64.00 -65.35
C PRO MA 85 -82.11 63.39 -66.16
N ASN MA 86 -81.84 63.93 -67.36
CA ASN MA 86 -80.72 63.45 -68.17
C ASN MA 86 -79.40 64.10 -67.79
N ALA MA 87 -79.40 65.04 -66.86
CA ALA MA 87 -78.18 65.72 -66.44
C ALA MA 87 -77.45 64.85 -65.42
N THR MA 88 -76.20 64.53 -65.70
CA THR MA 88 -75.37 63.73 -64.82
C THR MA 88 -74.05 64.45 -64.58
N MET MA 89 -73.45 64.19 -63.43
CA MET MA 89 -72.22 64.85 -63.01
C MET MA 89 -71.17 63.79 -62.72
N ASN MA 90 -70.04 63.86 -63.42
CA ASN MA 90 -68.92 62.94 -63.23
C ASN MA 90 -67.84 63.64 -62.43
N VAL MA 91 -67.37 62.98 -61.36
CA VAL MA 91 -66.38 63.53 -60.44
C VAL MA 91 -65.21 62.58 -60.34
N SER MA 92 -64.03 63.16 -60.07
CA SER MA 92 -62.78 62.42 -59.87
C SER MA 92 -62.19 62.90 -58.54
N LEU MA 93 -62.58 62.23 -57.45
CA LEU MA 93 -62.10 62.59 -56.13
C LEU MA 93 -60.79 61.88 -55.82
N GLN MA 94 -59.95 62.55 -55.03
CA GLN MA 94 -58.65 62.02 -54.64
C GLN MA 94 -58.51 62.10 -53.13
N PHE MA 95 -57.95 61.05 -52.53
CA PHE MA 95 -57.85 60.93 -51.09
C PHE MA 95 -56.42 60.60 -50.67
N LYS MA 96 -55.92 61.39 -49.71
CA LYS MA 96 -54.67 61.13 -49.01
C LYS MA 96 -54.83 60.90 -47.53
N ASN MA 97 -55.91 61.38 -46.92
CA ASN MA 97 -56.21 61.15 -45.51
C ASN MA 97 -57.72 61.13 -45.32
N LEU MA 98 -58.14 60.65 -44.14
CA LEU MA 98 -59.57 60.52 -43.85
C LEU MA 98 -60.28 61.87 -43.90
N ASN MA 99 -59.59 62.96 -43.55
CA ASN MA 99 -60.18 64.28 -43.63
C ASN MA 99 -60.63 64.62 -45.04
N ASP MA 100 -60.04 63.98 -46.05
CA ASP MA 100 -60.43 64.17 -47.44
C ASP MA 100 -61.80 63.59 -47.78
N PHE MA 101 -62.44 62.87 -46.85
CA PHE MA 101 -63.79 62.37 -47.03
C PHE MA 101 -64.85 63.36 -46.55
N SER MA 102 -64.42 64.49 -45.99
CA SER MA 102 -65.37 65.48 -45.48
C SER MA 102 -66.00 66.25 -46.64
N PRO MA 103 -67.22 66.75 -46.43
CA PRO MA 103 -67.88 67.53 -47.49
C PRO MA 103 -67.10 68.74 -47.94
N GLU MA 104 -66.28 69.35 -47.06
CA GLU MA 104 -65.44 70.47 -47.47
C GLU MA 104 -64.46 70.06 -48.56
N SER MA 105 -63.75 68.95 -48.35
CA SER MA 105 -62.87 68.41 -49.39
C SER MA 105 -63.64 67.99 -50.62
N VAL MA 106 -64.78 67.32 -50.45
CA VAL MA 106 -65.60 66.93 -51.60
C VAL MA 106 -65.94 68.14 -52.46
N VAL MA 107 -66.36 69.24 -51.83
CA VAL MA 107 -66.67 70.46 -52.57
C VAL MA 107 -65.40 71.03 -53.20
N ASN MA 108 -64.29 71.01 -52.46
CA ASN MA 108 -63.03 71.53 -53.00
C ASN MA 108 -62.62 70.80 -54.27
N GLN MA 109 -62.98 69.52 -54.39
CA GLN MA 109 -62.56 68.69 -55.52
C GLN MA 109 -63.59 68.61 -56.64
N VAL MA 110 -64.72 69.29 -56.52
CA VAL MA 110 -65.77 69.27 -57.51
C VAL MA 110 -66.10 70.71 -57.91
N PRO MA 111 -65.56 71.20 -59.03
CA PRO MA 111 -65.74 72.62 -59.38
C PRO MA 111 -67.18 73.08 -59.47
N GLU MA 112 -68.08 72.19 -59.89
CA GLU MA 112 -69.50 72.53 -59.97
C GLU MA 112 -70.09 72.88 -58.62
N LEU MA 113 -69.44 72.47 -57.53
CA LEU MA 113 -69.82 72.86 -56.18
C LEU MA 113 -68.90 73.90 -55.57
N LYS MA 114 -67.59 73.83 -55.89
CA LYS MA 114 -66.64 74.80 -55.37
C LYS MA 114 -66.96 76.20 -55.85
N LYS MA 115 -67.35 76.35 -57.12
CA LYS MA 115 -67.79 77.64 -57.61
C LYS MA 115 -69.01 78.15 -56.85
N LEU MA 116 -69.90 77.23 -56.46
CA LEU MA 116 -71.07 77.62 -55.68
C LEU MA 116 -70.71 78.02 -54.25
N LEU MA 117 -69.64 77.43 -53.70
CA LEU MA 117 -69.18 77.84 -52.38
C LEU MA 117 -68.51 79.20 -52.43
N GLU MA 118 -67.73 79.45 -53.48
CA GLU MA 118 -67.16 80.78 -53.68
C GLU MA 118 -68.26 81.82 -53.86
N LEU MA 119 -69.31 81.47 -54.59
CA LEU MA 119 -70.46 82.36 -54.72
C LEU MA 119 -71.12 82.62 -53.37
N ARG MA 120 -71.24 81.56 -52.56
CA ARG MA 120 -71.77 81.72 -51.21
C ARG MA 120 -70.95 82.72 -50.41
N SER MA 121 -69.62 82.56 -50.40
CA SER MA 121 -68.76 83.49 -49.69
C SER MA 121 -68.93 84.92 -50.21
N ALA MA 122 -69.05 85.08 -51.53
CA ALA MA 122 -69.24 86.41 -52.09
C ALA MA 122 -70.55 87.03 -51.62
N LEU MA 123 -71.63 86.25 -51.60
CA LEU MA 123 -72.94 86.77 -51.19
C LEU MA 123 -72.96 87.09 -49.69
N ASN MA 124 -72.33 86.26 -48.87
CA ASN MA 124 -72.28 86.55 -47.43
C ASN MA 124 -71.44 87.79 -47.16
N ALA MA 125 -70.32 87.93 -47.88
CA ALA MA 125 -69.49 89.12 -47.73
C ALA MA 125 -70.26 90.37 -48.14
N LEU MA 126 -70.98 90.32 -49.26
CA LEU MA 126 -71.76 91.47 -49.71
C LEU MA 126 -72.88 91.79 -48.72
N LYS MA 127 -73.61 90.78 -48.26
CA LYS MA 127 -74.73 91.02 -47.35
C LYS MA 127 -74.27 91.52 -45.98
N GLY MA 128 -73.07 91.14 -45.56
CA GLY MA 128 -72.51 91.62 -44.32
C GLY MA 128 -71.77 92.93 -44.50
N PRO MA 129 -71.78 93.46 -45.73
CA PRO MA 129 -71.16 94.77 -45.99
C PRO MA 129 -69.64 94.74 -45.92
N LEU MA 130 -69.06 93.56 -46.07
CA LEU MA 130 -67.61 93.41 -45.96
C LEU MA 130 -66.87 93.91 -47.21
N GLY MA 131 -67.56 94.03 -48.33
CA GLY MA 131 -66.95 94.53 -49.55
C GLY MA 131 -67.91 95.41 -50.30
N ASN MA 132 -67.36 96.29 -51.14
CA ASN MA 132 -68.17 97.20 -51.92
C ASN MA 132 -68.65 96.54 -53.22
N LEU MA 133 -69.59 97.20 -53.88
CA LEU MA 133 -70.16 96.65 -55.10
C LEU MA 133 -69.15 96.45 -56.22
N PRO MA 134 -68.16 97.32 -56.43
CA PRO MA 134 -67.18 97.06 -57.50
C PRO MA 134 -66.37 95.80 -57.26
N ALA MA 135 -65.85 95.62 -56.04
CA ALA MA 135 -65.15 94.39 -55.70
C ALA MA 135 -66.08 93.19 -55.87
N PHE MA 136 -67.33 93.32 -55.42
CA PHE MA 136 -68.29 92.23 -55.57
C PHE MA 136 -68.44 91.82 -57.03
N ARG MA 137 -68.57 92.81 -57.92
CA ARG MA 137 -68.73 92.52 -59.34
C ARG MA 137 -67.49 91.83 -59.92
N LYS MA 138 -66.30 92.36 -59.60
CA LYS MA 138 -65.07 91.74 -60.10
C LYS MA 138 -64.97 90.27 -59.67
N LYS MA 139 -65.13 90.01 -58.37
CA LYS MA 139 -65.05 88.64 -57.87
C LYS MA 139 -66.11 87.75 -58.48
N LEU MA 140 -67.31 88.28 -58.70
CA LEU MA 140 -68.37 87.49 -59.33
C LEU MA 140 -67.97 87.07 -60.74
N GLN MA 141 -67.45 88.02 -61.53
CA GLN MA 141 -66.93 87.67 -62.85
C GLN MA 141 -65.87 86.58 -62.74
N ALA MA 142 -64.96 86.72 -61.77
CA ALA MA 142 -63.93 85.71 -61.56
C ALA MA 142 -64.53 84.33 -61.32
N LEU MA 143 -65.55 84.26 -60.45
CA LEU MA 143 -66.15 82.96 -60.11
C LEU MA 143 -66.85 82.35 -61.33
N LEU MA 144 -67.63 83.16 -62.05
CA LEU MA 144 -68.39 82.65 -63.18
C LEU MA 144 -67.55 82.40 -64.42
N ALA MA 145 -66.28 82.81 -64.44
CA ALA MA 145 -65.46 82.66 -65.64
C ALA MA 145 -65.06 81.21 -65.90
N ASP MA 146 -65.14 80.34 -64.89
CA ASP MA 146 -64.71 78.95 -65.01
C ASP MA 146 -65.35 78.23 -66.19
N GLU MA 147 -64.53 77.78 -67.13
CA GLU MA 147 -65.03 77.20 -68.37
C GLU MA 147 -65.67 75.83 -68.17
N ASP MA 148 -65.41 75.16 -67.05
CA ASP MA 148 -66.00 73.84 -66.79
C ASP MA 148 -67.43 73.93 -66.30
N GLY MA 149 -67.92 75.13 -65.97
CA GLY MA 149 -69.28 75.26 -65.49
C GLY MA 149 -70.28 75.33 -66.62
N ARG MA 150 -71.50 74.90 -66.31
CA ARG MA 150 -72.59 74.97 -67.27
C ARG MA 150 -73.22 76.36 -67.25
N LYS MA 151 -73.73 76.79 -68.41
CA LYS MA 151 -74.43 78.07 -68.49
C LYS MA 151 -75.65 78.09 -67.60
N ALA MA 152 -76.37 76.96 -67.48
CA ALA MA 152 -77.52 76.89 -66.59
C ALA MA 152 -77.11 77.15 -65.14
N LEU MA 153 -76.03 76.49 -64.70
CA LEU MA 153 -75.51 76.75 -63.35
C LEU MA 153 -75.12 78.21 -63.19
N ILE MA 154 -74.45 78.79 -64.20
CA ILE MA 154 -74.07 80.20 -64.14
C ILE MA 154 -75.31 81.09 -63.96
N LYS MA 155 -76.39 80.77 -64.69
CA LYS MA 155 -77.61 81.56 -64.58
C LYS MA 155 -78.25 81.41 -63.20
N GLU MA 156 -78.26 80.19 -62.66
CA GLU MA 156 -78.78 79.97 -61.31
C GLU MA 156 -77.96 80.74 -60.27
N LEU MA 157 -76.64 80.86 -60.48
CA LEU MA 157 -75.81 81.59 -59.54
C LEU MA 157 -76.04 83.09 -59.64
N GLY MA 158 -76.14 83.62 -60.87
CA GLY MA 158 -76.43 85.03 -61.04
C GLY MA 158 -77.81 85.44 -60.56
N LEU MA 159 -78.76 84.49 -60.57
CA LEU MA 159 -80.10 84.77 -60.05
C LEU MA 159 -80.12 85.00 -58.55
N THR MA 160 -79.05 84.65 -57.84
CA THR MA 160 -78.98 84.87 -56.40
C THR MA 160 -78.44 86.23 -56.02
N GLU MA 161 -77.94 87.00 -56.99
CA GLU MA 161 -77.37 88.31 -56.70
C GLU MA 161 -78.49 89.33 -56.50
N GLU MA 162 -78.43 90.06 -55.38
CA GLU MA 162 -79.42 91.10 -55.11
C GLU MA 162 -79.35 92.17 -56.20
N THR MA 163 -80.51 92.76 -56.51
CA THR MA 163 -80.59 93.68 -57.65
C THR MA 163 -79.71 94.89 -57.44
N LYS MA 164 -79.57 95.36 -56.20
CA LYS MA 164 -78.80 96.56 -55.91
C LYS MA 164 -77.30 96.32 -56.07
N ASP NA 63 -83.00 94.64 -46.64
CA ASP NA 63 -82.40 94.15 -47.87
C ASP NA 63 -81.59 92.89 -47.62
N LYS NA 64 -80.82 92.91 -46.52
CA LYS NA 64 -79.95 91.79 -46.20
C LYS NA 64 -80.73 90.50 -45.97
N ALA NA 65 -81.99 90.62 -45.52
CA ALA NA 65 -82.81 89.42 -45.33
C ALA NA 65 -83.00 88.66 -46.64
N LEU NA 66 -83.18 89.39 -47.75
CA LEU NA 66 -83.32 88.75 -49.05
C LEU NA 66 -82.02 88.06 -49.45
N VAL NA 67 -80.87 88.69 -49.18
CA VAL NA 67 -79.58 88.06 -49.49
C VAL NA 67 -79.41 86.78 -48.67
N ASP NA 68 -79.83 86.82 -47.41
CA ASP NA 68 -79.78 85.61 -46.58
C ASP NA 68 -80.68 84.52 -47.13
N ALA NA 69 -81.86 84.90 -47.64
CA ALA NA 69 -82.71 83.91 -48.31
C ALA NA 69 -82.00 83.32 -49.53
N MET NA 70 -81.28 84.16 -50.27
CA MET NA 70 -80.47 83.67 -51.39
C MET NA 70 -79.44 82.65 -50.90
N ILE NA 71 -78.79 82.92 -49.78
CA ILE NA 71 -77.82 81.97 -49.23
C ILE NA 71 -78.51 80.68 -48.81
N ALA NA 72 -79.74 80.77 -48.30
CA ALA NA 72 -80.47 79.58 -47.89
C ALA NA 72 -80.79 78.69 -49.09
N GLU NA 73 -81.27 79.29 -50.18
CA GLU NA 73 -81.57 78.51 -51.38
C GLU NA 73 -80.30 77.93 -52.00
N ILE NA 74 -79.23 78.73 -52.04
CA ILE NA 74 -77.97 78.26 -52.62
C ILE NA 74 -77.44 77.06 -51.85
N ASP NA 75 -77.40 77.18 -50.52
CA ASP NA 75 -76.98 76.05 -49.68
C ASP NA 75 -77.91 74.86 -49.83
N LYS NA 76 -79.20 75.11 -50.07
CA LYS NA 76 -80.15 74.03 -50.27
C LYS NA 76 -79.78 73.22 -51.51
N ARG NA 77 -79.55 73.88 -52.64
CA ARG NA 77 -79.17 73.16 -53.85
C ARG NA 77 -77.83 72.44 -53.67
N LEU NA 78 -76.82 73.16 -53.15
CA LEU NA 78 -75.51 72.56 -52.95
C LEU NA 78 -75.58 71.30 -52.09
N SER NA 79 -76.35 71.36 -51.01
CA SER NA 79 -76.53 70.16 -50.18
C SER NA 79 -77.29 69.08 -50.92
N SER NA 80 -78.22 69.47 -51.80
CA SER NA 80 -78.89 68.50 -52.65
C SER NA 80 -77.89 67.66 -53.44
N GLN NA 81 -76.87 68.30 -54.02
CA GLN NA 81 -75.88 67.53 -54.79
C GLN NA 81 -74.90 66.79 -53.88
N VAL NA 82 -74.42 67.47 -52.84
CA VAL NA 82 -73.48 66.85 -51.90
C VAL NA 82 -74.05 65.56 -51.34
N ASN NA 83 -75.36 65.51 -51.11
CA ASN NA 83 -75.98 64.26 -50.66
C ASN NA 83 -75.80 63.16 -51.70
N GLU NA 84 -75.89 63.50 -52.99
CA GLU NA 84 -75.66 62.51 -54.03
C GLU NA 84 -74.23 61.99 -53.99
N ILE NA 85 -73.27 62.87 -53.72
CA ILE NA 85 -71.88 62.41 -53.62
C ILE NA 85 -71.70 61.51 -52.40
N LEU NA 86 -72.16 61.96 -51.22
CA LEU NA 86 -71.88 61.26 -49.98
C LEU NA 86 -72.69 59.98 -49.84
N HIS NA 87 -73.79 59.84 -50.59
CA HIS NA 87 -74.60 58.63 -50.59
C HIS NA 87 -74.32 57.74 -51.79
N ALA NA 88 -73.25 58.01 -52.54
CA ALA NA 88 -72.88 57.16 -53.66
C ALA NA 88 -72.26 55.87 -53.13
N LYS NA 89 -72.64 54.74 -53.74
CA LYS NA 89 -72.22 53.44 -53.24
C LYS NA 89 -70.71 53.25 -53.35
N GLU NA 90 -70.11 53.73 -54.44
CA GLU NA 90 -68.66 53.62 -54.58
C GLU NA 90 -67.93 54.47 -53.53
N PHE NA 91 -68.33 55.73 -53.39
CA PHE NA 91 -67.75 56.61 -52.38
C PHE NA 91 -67.86 55.97 -51.00
N GLN NA 92 -69.05 55.47 -50.65
CA GLN NA 92 -69.25 54.85 -49.34
C GLN NA 92 -68.42 53.58 -49.19
N LYS NA 93 -68.23 52.84 -50.27
CA LYS NA 93 -67.35 51.68 -50.22
C LYS NA 93 -65.95 52.08 -49.78
N LEU NA 94 -65.33 53.01 -50.51
CA LEU NA 94 -63.99 53.47 -50.15
C LEU NA 94 -63.97 54.01 -48.72
N GLU NA 95 -64.84 54.98 -48.43
CA GLU NA 95 -64.84 55.65 -47.13
C GLU NA 95 -65.00 54.64 -46.00
N SER NA 96 -66.05 53.83 -46.04
CA SER NA 96 -66.29 52.85 -44.99
C SER NA 96 -65.12 51.88 -44.83
N SER NA 97 -64.49 51.51 -45.95
CA SER NA 97 -63.26 50.70 -45.86
C SER NA 97 -62.23 51.38 -44.97
N TRP NA 98 -61.81 52.60 -45.35
CA TRP NA 98 -60.73 53.26 -44.62
C TRP NA 98 -61.13 53.63 -43.19
N ARG NA 99 -62.33 54.16 -43.01
CA ARG NA 99 -62.77 54.63 -41.70
C ARG NA 99 -62.97 53.47 -40.74
N SER NA 100 -63.57 52.38 -41.20
CA SER NA 100 -63.64 51.18 -40.37
C SER NA 100 -62.24 50.66 -40.04
N LEU NA 101 -61.33 50.71 -41.01
CA LEU NA 101 -59.94 50.32 -40.74
C LEU NA 101 -59.35 51.13 -39.58
N LYS NA 102 -59.51 52.46 -39.63
CA LYS NA 102 -58.97 53.29 -38.56
C LYS NA 102 -59.68 53.03 -37.24
N PHE NA 103 -61.01 52.83 -37.29
CA PHE NA 103 -61.76 52.50 -36.08
C PHE NA 103 -61.21 51.25 -35.42
N MET NA 104 -60.73 50.30 -36.22
CA MET NA 104 -60.06 49.13 -35.65
C MET NA 104 -58.68 49.51 -35.10
N VAL NA 105 -57.88 50.22 -35.89
CA VAL NA 105 -56.47 50.41 -35.56
C VAL NA 105 -56.31 51.25 -34.28
N ASP NA 106 -57.07 52.34 -34.18
CA ASP NA 106 -56.96 53.26 -33.05
C ASP NA 106 -57.54 52.70 -31.76
N ARG NA 107 -58.17 51.54 -31.80
CA ARG NA 107 -58.67 50.86 -30.61
C ARG NA 107 -57.75 49.74 -30.14
N THR NA 108 -56.62 49.54 -30.81
CA THR NA 108 -55.62 48.57 -30.41
C THR NA 108 -54.47 49.29 -29.69
N ASP NA 109 -53.49 48.50 -29.27
CA ASP NA 109 -52.35 49.00 -28.51
C ASP NA 109 -51.08 48.38 -29.06
N PHE NA 110 -50.43 49.09 -29.99
CA PHE NA 110 -49.21 48.60 -30.64
C PHE NA 110 -48.06 48.40 -29.67
N ARG NA 111 -48.12 48.97 -28.47
CA ARG NA 111 -47.11 48.73 -27.46
C ARG NA 111 -47.25 47.37 -26.79
N GLU NA 112 -48.37 46.68 -27.00
CA GLU NA 112 -48.62 45.36 -26.43
C GLU NA 112 -48.30 44.24 -27.41
N ASN NA 113 -47.40 44.48 -28.36
CA ASN NA 113 -47.01 43.47 -29.35
C ASN NA 113 -48.16 43.09 -30.27
N THR NA 114 -48.93 44.09 -30.70
CA THR NA 114 -50.03 43.91 -31.63
C THR NA 114 -49.64 44.50 -32.97
N ARG NA 115 -49.87 43.75 -34.04
CA ARG NA 115 -49.47 44.16 -35.38
C ARG NA 115 -50.60 43.92 -36.36
N VAL NA 116 -50.63 44.72 -37.42
CA VAL NA 116 -51.69 44.66 -38.43
C VAL NA 116 -51.12 45.02 -39.79
N GLU NA 117 -51.43 44.19 -40.78
CA GLU NA 117 -51.00 44.41 -42.16
C GLU NA 117 -52.21 44.49 -43.08
N MET NA 118 -52.10 45.29 -44.12
CA MET NA 118 -53.17 45.53 -45.07
C MET NA 118 -52.83 44.84 -46.38
N LEU NA 119 -53.81 44.12 -46.93
CA LEU NA 119 -53.69 43.38 -48.17
C LEU NA 119 -54.89 43.76 -49.04
N ASN NA 120 -54.63 44.53 -50.10
CA ASN NA 120 -55.68 44.97 -51.01
C ASN NA 120 -56.05 43.82 -51.94
N ALA NA 121 -57.27 43.32 -51.81
CA ALA NA 121 -57.73 42.21 -52.64
C ALA NA 121 -59.25 42.22 -52.65
N SER NA 122 -59.82 42.04 -53.83
CA SER NA 122 -61.27 41.88 -53.95
C SER NA 122 -61.62 40.40 -53.99
N LYS NA 123 -62.88 40.10 -53.66
CA LYS NA 123 -63.33 38.71 -53.63
C LYS NA 123 -63.17 38.05 -55.00
N GLU NA 124 -63.49 38.77 -56.06
CA GLU NA 124 -63.38 38.22 -57.41
C GLU NA 124 -61.95 37.78 -57.70
N ASP NA 125 -60.98 38.61 -57.33
CA ASP NA 125 -59.57 38.28 -57.53
C ASP NA 125 -59.08 37.19 -56.59
N LEU NA 126 -59.65 37.09 -55.38
CA LEU NA 126 -59.36 35.95 -54.53
C LEU NA 126 -59.77 34.66 -55.21
N GLN NA 127 -61.00 34.62 -55.75
CA GLN NA 127 -61.43 33.45 -56.52
C GLN NA 127 -60.54 33.24 -57.74
N LYS NA 128 -60.10 34.33 -58.39
CA LYS NA 128 -59.26 34.19 -59.57
C LYS NA 128 -57.93 33.51 -59.22
N ASP NA 129 -57.33 33.90 -58.09
CA ASP NA 129 -56.05 33.31 -57.70
C ASP NA 129 -56.24 31.86 -57.25
N PHE NA 130 -57.27 31.60 -56.44
CA PHE NA 130 -57.48 30.25 -55.92
C PHE NA 130 -57.84 29.26 -57.02
N GLU NA 131 -58.56 29.71 -58.04
CA GLU NA 131 -58.92 28.82 -59.14
C GLU NA 131 -57.79 28.71 -60.15
N ASP NA 132 -56.99 29.77 -60.29
CA ASP NA 132 -55.85 29.72 -61.21
C ASP NA 132 -54.77 28.77 -60.67
N ALA NA 133 -54.51 28.81 -59.37
CA ALA NA 133 -53.48 27.97 -58.78
C ALA NA 133 -53.91 26.50 -58.87
N PRO NA 134 -52.97 25.56 -59.05
CA PRO NA 134 -53.36 24.15 -59.06
C PRO NA 134 -53.69 23.62 -57.67
N GLU NA 135 -53.16 24.24 -56.62
CA GLU NA 135 -53.41 23.81 -55.26
C GLU NA 135 -53.24 25.02 -54.33
N VAL NA 136 -53.90 24.95 -53.17
CA VAL NA 136 -53.90 26.07 -52.25
C VAL NA 136 -52.50 26.40 -51.76
N THR NA 137 -51.63 25.40 -51.68
CA THR NA 137 -50.25 25.62 -51.26
C THR NA 137 -49.47 26.51 -52.23
N LYS NA 138 -50.00 26.74 -53.44
CA LYS NA 138 -49.35 27.58 -54.43
C LYS NA 138 -50.10 28.89 -54.67
N SER NA 139 -51.12 29.19 -53.87
CA SER NA 139 -51.82 30.46 -54.00
C SER NA 139 -50.99 31.58 -53.38
N GLY NA 140 -51.18 32.79 -53.91
CA GLY NA 140 -50.43 33.94 -53.40
C GLY NA 140 -50.78 34.24 -51.94
N LEU NA 141 -52.07 34.27 -51.62
CA LEU NA 141 -52.49 34.47 -50.24
C LEU NA 141 -51.83 33.47 -49.31
N TYR NA 142 -51.84 32.18 -49.67
CA TYR NA 142 -51.11 31.19 -48.88
C TYR NA 142 -49.62 31.52 -48.81
N LYS NA 143 -49.06 32.03 -49.92
CA LYS NA 143 -47.66 32.44 -49.90
C LYS NA 143 -47.39 33.47 -48.81
N LEU NA 144 -48.20 34.51 -48.74
CA LEU NA 144 -47.98 35.64 -47.83
C LEU NA 144 -48.57 35.42 -46.44
N VAL NA 145 -49.31 34.34 -46.23
CA VAL NA 145 -49.92 34.08 -44.93
C VAL NA 145 -49.10 32.99 -44.24
N TYR NA 146 -48.98 31.83 -44.89
CA TYR NA 146 -48.28 30.72 -44.29
C TYR NA 146 -46.79 30.75 -44.62
N SER NA 147 -46.45 30.80 -45.91
CA SER NA 147 -45.07 30.61 -46.33
C SER NA 147 -44.15 31.68 -45.77
N ASN NA 148 -44.51 32.95 -45.94
CA ASN NA 148 -43.68 34.05 -45.45
C ASN NA 148 -43.80 34.28 -43.95
N GLU NA 149 -44.55 33.45 -43.24
CA GLU NA 149 -44.77 33.68 -41.81
C GLU NA 149 -44.58 32.40 -41.00
N TYR NA 150 -45.67 31.64 -40.83
CA TYR NA 150 -45.64 30.47 -39.95
C TYR NA 150 -44.60 29.45 -40.39
N GLY NA 151 -44.41 29.29 -41.70
CA GLY NA 151 -43.49 28.30 -42.21
C GLY NA 151 -42.13 28.85 -42.58
N VAL NA 152 -41.70 29.91 -41.87
CA VAL NA 152 -40.43 30.58 -42.16
C VAL NA 152 -39.63 30.66 -40.87
N PHE NA 153 -38.46 30.03 -40.85
CA PHE NA 153 -37.57 30.13 -39.71
C PHE NA 153 -37.10 31.56 -39.54
N GLY NA 154 -37.29 32.11 -38.34
CA GLY NA 154 -37.00 33.49 -38.07
C GLY NA 154 -38.18 34.43 -38.24
N GLY NA 155 -39.26 33.97 -38.86
CA GLY NA 155 -40.44 34.79 -39.06
C GLY NA 155 -41.40 34.72 -37.90
N LYS NA 156 -42.67 35.00 -38.19
CA LYS NA 156 -43.72 35.01 -37.18
C LYS NA 156 -45.04 34.62 -37.85
N PRO NA 157 -45.93 33.96 -37.12
CA PRO NA 157 -47.18 33.49 -37.73
C PRO NA 157 -48.30 34.49 -37.58
N TYR NA 158 -49.17 34.53 -38.59
CA TYR NA 158 -50.30 35.43 -38.58
C TYR NA 158 -51.35 34.95 -37.58
N GLY NA 159 -51.79 35.86 -36.70
CA GLY NA 159 -52.73 35.47 -35.67
C GLY NA 159 -54.12 35.17 -36.22
N ILE NA 160 -54.65 36.07 -37.05
CA ILE NA 160 -56.00 35.92 -37.58
C ILE NA 160 -56.11 36.78 -38.83
N ILE NA 161 -57.11 36.48 -39.66
CA ILE NA 161 -57.34 37.17 -40.93
C ILE NA 161 -58.74 37.77 -40.90
N SER NA 162 -58.81 39.09 -41.09
CA SER NA 162 -60.07 39.83 -41.11
C SER NA 162 -60.35 40.24 -42.55
N ALA NA 163 -61.44 39.72 -43.12
CA ALA NA 163 -61.81 40.00 -44.50
C ALA NA 163 -63.01 40.94 -44.52
N ASN NA 164 -62.82 42.11 -45.11
CA ASN NA 164 -63.89 43.11 -45.22
C ASN NA 164 -64.78 42.78 -46.42
N TYR NA 165 -65.59 41.75 -46.24
CA TYR NA 165 -66.47 41.28 -47.30
C TYR NA 165 -67.81 40.85 -46.72
N ASP NA 166 -68.83 40.89 -47.55
CA ASP NA 166 -70.15 40.36 -47.24
C ASP NA 166 -70.37 39.12 -48.10
N PHE NA 167 -70.92 38.08 -47.51
CA PHE NA 167 -71.09 36.80 -48.18
C PHE NA 167 -72.57 36.50 -48.38
N ASN NA 168 -72.91 35.98 -49.54
CA ASN NA 168 -74.25 35.50 -49.83
C ASN NA 168 -74.21 33.98 -49.95
N VAL NA 169 -75.35 33.38 -50.32
CA VAL NA 169 -75.41 31.94 -50.57
C VAL NA 169 -74.90 31.57 -51.95
N GLY NA 170 -74.43 32.54 -52.73
CA GLY NA 170 -73.95 32.29 -54.07
C GLY NA 170 -72.79 31.30 -54.11
N PRO NA 171 -72.75 30.51 -55.18
CA PRO NA 171 -71.69 29.48 -55.25
C PRO NA 171 -70.29 30.04 -55.21
N GLN NA 172 -70.05 31.20 -55.82
CA GLN NA 172 -68.73 31.81 -55.76
C GLN NA 172 -68.34 32.13 -54.32
N ASP NA 173 -69.25 32.73 -53.56
CA ASP NA 173 -68.97 33.04 -52.16
C ASP NA 173 -68.72 31.76 -51.36
N MET NA 174 -69.52 30.71 -51.60
CA MET NA 174 -69.32 29.45 -50.89
C MET NA 174 -67.92 28.89 -51.17
N GLU NA 175 -67.51 28.87 -52.44
CA GLU NA 175 -66.19 28.35 -52.78
C GLU NA 175 -65.08 29.18 -52.14
N LEU NA 176 -65.21 30.52 -52.18
CA LEU NA 176 -64.25 31.37 -51.49
C LEU NA 176 -64.14 31.01 -50.02
N LEU NA 177 -65.29 30.77 -49.37
CA LEU NA 177 -65.28 30.37 -47.97
C LEU NA 177 -64.55 29.03 -47.78
N ARG NA 178 -64.72 28.11 -48.72
CA ARG NA 178 -64.01 26.83 -48.64
C ARG NA 178 -62.50 27.04 -48.69
N LYS NA 179 -62.02 27.84 -49.65
CA LYS NA 179 -60.59 28.10 -49.74
C LYS NA 179 -60.05 28.76 -48.47
N CYS NA 180 -60.77 29.77 -47.96
CA CYS NA 180 -60.35 30.45 -46.75
C CYS NA 180 -60.31 29.51 -45.55
N ALA NA 181 -61.25 28.56 -45.48
CA ALA NA 181 -61.22 27.57 -44.41
C ALA NA 181 -59.99 26.68 -44.54
N SER NA 182 -59.65 26.26 -45.76
CA SER NA 182 -58.45 25.45 -45.94
C SER NA 182 -57.19 26.20 -45.49
N VAL NA 183 -57.02 27.44 -45.96
CA VAL NA 183 -55.82 28.20 -45.59
C VAL NA 183 -55.77 28.41 -44.08
N ALA NA 184 -56.89 28.81 -43.49
CA ALA NA 184 -56.92 29.05 -42.05
C ALA NA 184 -56.59 27.78 -41.27
N ALA NA 185 -57.03 26.62 -41.75
CA ALA NA 185 -56.69 25.37 -41.10
C ALA NA 185 -55.20 25.07 -41.21
N MET NA 186 -54.62 25.31 -42.39
CA MET NA 186 -53.20 25.03 -42.59
C MET NA 186 -52.30 25.92 -41.74
N ALA NA 187 -52.69 27.18 -41.54
CA ALA NA 187 -51.86 28.12 -40.80
C ALA NA 187 -52.30 28.27 -39.35
N HIS NA 188 -53.38 27.61 -38.95
CA HIS NA 188 -53.91 27.71 -37.58
C HIS NA 188 -54.32 29.14 -37.25
N ALA NA 189 -55.11 29.76 -38.15
CA ALA NA 189 -55.56 31.13 -37.97
C ALA NA 189 -56.98 31.28 -38.52
N PRO NA 190 -57.92 31.78 -37.72
CA PRO NA 190 -59.30 31.84 -38.19
C PRO NA 190 -59.52 32.97 -39.19
N PHE NA 191 -60.51 32.79 -40.04
CA PHE NA 191 -60.90 33.78 -41.04
C PHE NA 191 -62.25 34.36 -40.65
N ILE NA 192 -62.29 35.67 -40.40
CA ILE NA 192 -63.49 36.34 -39.92
C ILE NA 192 -64.00 37.29 -41.00
N GLY NA 193 -65.33 37.25 -41.22
CA GLY NA 193 -65.98 38.11 -42.18
C GLY NA 193 -67.40 38.42 -41.78
N ASN NA 194 -68.21 38.91 -42.72
CA ASN NA 194 -69.59 39.28 -42.45
C ASN NA 194 -70.51 38.64 -43.48
N ALA NA 195 -71.79 38.56 -43.12
CA ALA NA 195 -72.82 38.03 -44.00
C ALA NA 195 -73.73 39.15 -44.48
N ALA NA 196 -74.16 39.06 -45.74
CA ALA NA 196 -75.03 40.08 -46.30
C ALA NA 196 -76.49 39.80 -45.95
N PRO NA 197 -77.33 40.84 -45.93
CA PRO NA 197 -78.73 40.63 -45.54
C PRO NA 197 -79.47 39.63 -46.41
N GLU NA 198 -79.24 39.66 -47.72
CA GLU NA 198 -79.92 38.73 -48.64
C GLU NA 198 -79.61 37.27 -48.32
N VAL NA 199 -78.60 37.00 -47.49
CA VAL NA 199 -78.33 35.64 -47.05
C VAL NA 199 -79.55 35.06 -46.32
N PHE NA 200 -80.31 35.91 -45.64
CA PHE NA 200 -81.54 35.51 -44.97
C PHE NA 200 -82.78 35.70 -45.83
N GLY NA 201 -82.60 35.99 -47.12
CA GLY NA 201 -83.73 36.23 -48.00
C GLY NA 201 -84.46 37.53 -47.72
N GLU NA 202 -83.77 38.51 -47.15
CA GLU NA 202 -84.38 39.79 -46.81
C GLU NA 202 -83.61 40.91 -47.50
N GLU NA 203 -84.32 42.00 -47.80
CA GLU NA 203 -83.70 43.13 -48.47
C GLU NA 203 -82.61 43.77 -47.60
N SER NA 204 -82.85 43.84 -46.29
CA SER NA 204 -81.90 44.44 -45.36
C SER NA 204 -82.14 43.85 -43.98
N PHE NA 205 -81.10 43.94 -43.14
CA PHE NA 205 -81.16 43.44 -41.77
C PHE NA 205 -82.37 43.97 -41.00
N LEU NA 206 -82.91 45.13 -41.37
CA LEU NA 206 -84.11 45.67 -40.73
C LEU NA 206 -85.31 44.72 -40.80
N LYS NA 207 -85.24 43.67 -41.61
CA LYS NA 207 -86.32 42.70 -41.73
C LYS NA 207 -86.11 41.47 -40.85
N LEU NA 208 -85.06 41.46 -40.04
CA LEU NA 208 -84.78 40.30 -39.19
C LEU NA 208 -85.92 39.99 -38.22
N PRO NA 209 -86.60 40.96 -37.63
CA PRO NA 209 -87.70 40.62 -36.70
C PRO NA 209 -88.89 39.97 -37.39
N ASP NA 210 -89.00 40.08 -38.72
CA ASP NA 210 -90.09 39.45 -39.45
C ASP NA 210 -89.81 37.98 -39.76
N LEU NA 211 -88.59 37.51 -39.55
CA LEU NA 211 -88.24 36.12 -39.84
C LEU NA 211 -88.75 35.23 -38.71
N LYS NA 212 -89.67 34.32 -39.03
CA LYS NA 212 -90.31 33.51 -38.00
C LYS NA 212 -89.45 32.34 -37.55
N ASP NA 213 -88.58 31.83 -38.42
CA ASP NA 213 -87.84 30.60 -38.11
C ASP NA 213 -86.66 30.45 -39.06
N LEU NA 214 -85.47 30.87 -38.62
CA LEU NA 214 -84.28 30.76 -39.44
C LEU NA 214 -83.92 29.30 -39.69
N LYS NA 215 -84.05 28.44 -38.67
CA LYS NA 215 -83.70 27.04 -38.82
C LYS NA 215 -84.49 26.39 -39.95
N SER NA 216 -85.79 26.68 -40.01
CA SER NA 216 -86.60 26.20 -41.12
C SER NA 216 -86.25 26.90 -42.43
N LEU NA 217 -85.89 28.18 -42.35
CA LEU NA 217 -85.49 28.90 -43.56
C LEU NA 217 -84.30 28.24 -44.23
N PHE NA 218 -83.36 27.71 -43.44
CA PHE NA 218 -82.13 27.12 -43.95
C PHE NA 218 -82.33 25.71 -44.51
N GLU NA 219 -83.55 25.19 -44.53
CA GLU NA 219 -83.81 23.88 -45.09
C GLU NA 219 -84.02 23.89 -46.59
N GLY NA 220 -84.23 25.05 -47.18
CA GLY NA 220 -84.45 25.15 -48.60
C GLY NA 220 -83.23 24.73 -49.40
N PRO NA 221 -83.45 24.23 -50.62
CA PRO NA 221 -82.32 23.77 -51.43
C PRO NA 221 -81.34 24.87 -51.79
N GLN NA 222 -81.74 26.14 -51.65
CA GLN NA 222 -80.83 27.24 -51.96
C GLN NA 222 -79.57 27.22 -51.08
N TYR NA 223 -79.64 26.57 -49.92
CA TYR NA 223 -78.54 26.56 -48.96
C TYR NA 223 -77.84 25.21 -48.87
N ALA NA 224 -77.94 24.38 -49.92
CA ALA NA 224 -77.31 23.06 -49.87
C ALA NA 224 -75.81 23.17 -49.66
N ARG NA 225 -75.14 24.01 -50.46
CA ARG NA 225 -73.69 24.16 -50.35
C ARG NA 225 -73.27 24.67 -48.98
N TRP NA 226 -74.00 25.66 -48.44
CA TRP NA 226 -73.69 26.13 -47.10
C TRP NA 226 -73.86 25.02 -46.07
N HIS NA 227 -74.90 24.19 -46.23
CA HIS NA 227 -75.12 23.07 -45.32
C HIS NA 227 -73.94 22.11 -45.32
N SER NA 228 -73.40 21.79 -46.50
CA SER NA 228 -72.21 20.92 -46.53
C SER NA 228 -71.00 21.61 -45.92
N PHE NA 229 -70.83 22.91 -46.23
CA PHE NA 229 -69.72 23.68 -45.67
C PHE NA 229 -69.70 23.61 -44.15
N ARG NA 230 -70.88 23.72 -43.52
CA ARG NA 230 -70.95 23.61 -42.07
C ARG NA 230 -70.52 22.25 -41.55
N GLU NA 231 -70.53 21.21 -42.41
CA GLU NA 231 -70.14 19.87 -42.01
C GLU NA 231 -68.67 19.58 -42.28
N SER NA 232 -68.01 20.37 -43.12
CA SER NA 232 -66.57 20.20 -43.31
C SER NA 232 -65.81 20.44 -42.00
N GLU NA 233 -64.70 19.70 -41.83
CA GLU NA 233 -63.86 19.84 -40.65
C GLU NA 233 -63.00 21.09 -40.69
N ASP NA 234 -62.92 21.76 -41.83
CA ASP NA 234 -62.23 23.04 -41.92
C ASP NA 234 -63.12 24.20 -41.51
N ALA NA 235 -64.40 23.96 -41.29
CA ALA NA 235 -65.33 25.03 -40.92
C ALA NA 235 -65.00 25.65 -39.58
N ARG NA 236 -64.19 24.98 -38.75
CA ARG NA 236 -63.80 25.53 -37.45
C ARG NA 236 -63.00 26.81 -37.59
N TYR NA 237 -62.40 27.07 -38.75
CA TYR NA 237 -61.59 28.26 -38.98
C TYR NA 237 -62.35 29.36 -39.71
N VAL NA 238 -63.68 29.26 -39.78
CA VAL NA 238 -64.52 30.25 -40.45
C VAL NA 238 -65.44 30.89 -39.42
N GLY NA 239 -65.54 32.21 -39.48
CA GLY NA 239 -66.44 32.94 -38.59
C GLY NA 239 -67.08 34.12 -39.28
N LEU NA 240 -68.41 34.14 -39.35
CA LEU NA 240 -69.17 35.19 -40.03
C LEU NA 240 -70.05 35.93 -39.04
N ALA NA 241 -70.09 37.26 -39.18
CA ALA NA 241 -70.87 38.14 -38.32
C ALA NA 241 -72.15 38.56 -39.02
N LEU NA 242 -73.11 39.01 -38.21
CA LEU NA 242 -74.44 39.35 -38.70
C LEU NA 242 -74.55 40.84 -39.04
N PRO NA 243 -75.38 41.59 -38.32
CA PRO NA 243 -75.67 42.96 -38.73
C PRO NA 243 -74.46 43.88 -38.67
N ARG NA 244 -74.48 44.89 -39.53
CA ARG NA 244 -73.41 45.88 -39.58
C ARG NA 244 -73.59 46.90 -38.45
N PHE NA 245 -72.82 47.99 -38.49
CA PHE NA 245 -72.94 48.96 -37.42
C PHE NA 245 -72.53 50.33 -37.92
N LEU NA 246 -73.17 51.37 -37.38
CA LEU NA 246 -72.90 52.73 -37.83
C LEU NA 246 -71.46 53.12 -37.56
N LEU NA 247 -70.86 53.86 -38.51
CA LEU NA 247 -69.52 54.38 -38.39
C LEU NA 247 -69.47 55.90 -38.25
N ARG NA 248 -70.43 56.61 -38.84
CA ARG NA 248 -70.44 58.06 -38.81
C ARG NA 248 -71.84 58.57 -38.52
N LEU NA 249 -71.92 59.59 -37.67
CA LEU NA 249 -73.19 60.27 -37.44
C LEU NA 249 -73.43 61.28 -38.56
N PRO NA 250 -74.64 61.37 -39.10
CA PRO NA 250 -74.87 62.22 -40.27
C PRO NA 250 -74.55 63.68 -39.97
N TYR NA 251 -74.09 64.39 -41.00
CA TYR NA 251 -73.61 65.75 -40.82
C TYR NA 251 -74.74 66.67 -40.36
N GLY NA 252 -74.43 67.54 -39.41
CA GLY NA 252 -75.40 68.48 -38.88
C GLY NA 252 -74.75 69.68 -38.24
N GLU NA 253 -75.36 70.86 -38.39
CA GLU NA 253 -74.73 72.11 -37.94
C GLU NA 253 -74.38 72.08 -36.46
N LYS NA 254 -75.02 71.22 -35.67
CA LYS NA 254 -74.75 71.11 -34.25
C LYS NA 254 -73.96 69.85 -33.90
N THR NA 255 -74.45 68.68 -34.34
CA THR NA 255 -73.85 67.41 -33.92
C THR NA 255 -72.58 67.08 -34.70
N VAL NA 256 -72.51 67.46 -35.97
CA VAL NA 256 -71.35 67.15 -36.81
C VAL NA 256 -71.19 68.23 -37.85
N PRO NA 257 -70.70 69.41 -37.47
CA PRO NA 257 -70.66 70.53 -38.42
C PRO NA 257 -69.42 70.47 -39.30
N VAL NA 258 -69.50 71.19 -40.42
CA VAL NA 258 -68.41 71.33 -41.37
C VAL NA 258 -68.10 72.82 -41.53
N LYS NA 259 -66.97 73.10 -42.15
CA LYS NA 259 -66.49 74.47 -42.28
C LYS NA 259 -67.19 75.17 -43.45
N ALA NA 260 -67.38 76.48 -43.29
CA ALA NA 260 -67.92 77.32 -44.36
C ALA NA 260 -69.34 76.92 -44.73
N PHE NA 261 -69.48 75.95 -45.64
CA PHE NA 261 -70.79 75.55 -46.15
C PHE NA 261 -71.65 75.00 -45.02
N ASN NA 262 -72.87 75.53 -44.89
CA ASN NA 262 -73.80 75.09 -43.86
C ASN NA 262 -74.50 73.83 -44.36
N PHE NA 263 -73.81 72.70 -44.22
CA PHE NA 263 -74.29 71.43 -44.73
C PHE NA 263 -75.05 70.67 -43.64
N THR NA 264 -76.26 70.24 -43.97
CA THR NA 264 -77.08 69.40 -43.09
C THR NA 264 -77.44 68.16 -43.90
N GLU NA 265 -76.80 67.04 -43.58
CA GLU NA 265 -77.01 65.81 -44.32
C GLU NA 265 -78.45 65.32 -44.11
N ASP NA 266 -79.10 64.93 -45.20
CA ASP NA 266 -80.51 64.52 -45.18
C ASP NA 266 -80.59 63.04 -45.51
N VAL NA 267 -80.67 62.20 -44.47
CA VAL NA 267 -80.89 60.78 -44.66
C VAL NA 267 -82.36 60.55 -44.97
N VAL NA 268 -82.62 59.92 -46.12
CA VAL NA 268 -83.99 59.70 -46.57
C VAL NA 268 -84.58 58.49 -45.87
N GLY NA 269 -85.63 57.91 -46.46
CA GLY NA 269 -86.22 56.71 -45.90
C GLY NA 269 -85.30 55.51 -45.97
N HIS NA 270 -84.31 55.53 -46.86
CA HIS NA 270 -83.42 54.41 -47.06
C HIS NA 270 -82.26 54.52 -46.07
N HIS NA 271 -82.28 53.67 -45.04
CA HIS NA 271 -81.20 53.64 -44.06
C HIS NA 271 -79.85 53.32 -44.67
N GLU NA 272 -79.82 52.83 -45.92
CA GLU NA 272 -78.57 52.66 -46.65
C GLU NA 272 -77.84 53.98 -46.86
N ARG NA 273 -78.49 55.12 -46.64
CA ARG NA 273 -77.81 56.40 -46.68
C ARG NA 273 -76.82 56.52 -45.52
N TYR NA 274 -77.06 55.79 -44.43
CA TYR NA 274 -76.14 55.80 -43.30
C TYR NA 274 -74.86 55.04 -43.65
N LEU NA 275 -73.74 55.52 -43.12
CA LEU NA 275 -72.43 54.92 -43.38
C LEU NA 275 -72.28 53.69 -42.50
N TRP NA 276 -72.78 52.56 -43.00
CA TRP NA 276 -72.66 51.30 -42.29
C TRP NA 276 -71.27 50.72 -42.43
N GLY NA 277 -70.85 49.96 -41.41
CA GLY NA 277 -69.52 49.41 -41.35
C GLY NA 277 -69.56 47.94 -40.97
N HIS NA 278 -68.55 47.20 -41.40
CA HIS NA 278 -68.52 45.75 -41.24
C HIS NA 278 -68.13 45.38 -39.81
N ALA NA 279 -69.00 44.63 -39.11
CA ALA NA 279 -68.79 44.34 -37.70
C ALA NA 279 -67.58 43.43 -37.44
N SER NA 280 -67.06 42.77 -38.49
CA SER NA 280 -65.86 41.96 -38.35
C SER NA 280 -64.74 42.75 -37.68
N VAL NA 281 -64.66 44.06 -37.96
CA VAL NA 281 -63.64 44.89 -37.33
C VAL NA 281 -63.87 45.00 -35.83
N ALA NA 282 -65.12 45.12 -35.41
CA ALA NA 282 -65.42 45.14 -33.98
C ALA NA 282 -64.98 43.85 -33.31
N LEU NA 283 -65.33 42.71 -33.90
CA LEU NA 283 -64.84 41.44 -33.37
C LEU NA 283 -63.31 41.43 -33.26
N THR NA 284 -62.62 41.92 -34.31
CA THR NA 284 -61.17 42.01 -34.28
C THR NA 284 -60.67 42.85 -33.11
N SER NA 285 -61.36 43.96 -32.82
CA SER NA 285 -61.02 44.74 -31.63
C SER NA 285 -61.15 43.91 -30.37
N ARG NA 286 -62.19 43.07 -30.29
CA ARG NA 286 -62.30 42.18 -29.14
C ARG NA 286 -61.06 41.31 -28.98
N VAL NA 287 -60.67 40.60 -30.04
CA VAL NA 287 -59.47 39.76 -29.99
C VAL NA 287 -58.27 40.59 -29.56
N ALA NA 288 -58.13 41.78 -30.12
CA ALA NA 288 -57.00 42.65 -29.80
C ALA NA 288 -56.94 42.98 -28.31
N ASP NA 289 -58.09 43.34 -27.72
CA ASP NA 289 -58.10 43.69 -26.30
C ASP NA 289 -57.73 42.49 -25.43
N SER NA 290 -58.34 41.33 -25.69
CA SER NA 290 -57.98 40.13 -24.93
C SER NA 290 -56.48 39.89 -24.96
N PHE NA 291 -55.87 39.99 -26.15
CA PHE NA 291 -54.44 39.73 -26.28
C PHE NA 291 -53.61 40.82 -25.61
N ALA NA 292 -54.08 42.07 -25.64
CA ALA NA 292 -53.33 43.16 -25.03
C ALA NA 292 -53.28 43.00 -23.52
N LYS NA 293 -54.34 42.43 -22.92
CA LYS NA 293 -54.36 42.26 -21.48
C LYS NA 293 -53.65 40.98 -21.02
N PHE NA 294 -53.83 39.87 -21.75
CA PHE NA 294 -53.39 38.58 -21.24
C PHE NA 294 -52.44 37.79 -22.14
N ARG NA 295 -52.27 38.19 -23.40
CA ARG NA 295 -51.49 37.44 -24.38
C ARG NA 295 -52.25 36.25 -24.93
N TRP NA 296 -53.55 36.17 -24.66
CA TRP NA 296 -54.41 35.11 -25.17
C TRP NA 296 -55.74 35.73 -25.58
N SER NA 297 -56.47 35.03 -26.45
CA SER NA 297 -57.69 35.54 -27.07
C SER NA 297 -58.89 34.66 -26.76
N PRO NA 298 -59.31 34.61 -25.50
CA PRO NA 298 -60.51 33.83 -25.16
C PRO NA 298 -61.62 34.70 -24.61
N ASN NA 299 -61.27 35.89 -24.13
CA ASN NA 299 -62.22 36.79 -23.46
C ASN NA 299 -62.78 37.76 -24.48
N ILE NA 300 -63.78 37.29 -25.24
CA ILE NA 300 -64.40 38.12 -26.26
C ILE NA 300 -65.86 37.74 -26.47
N ILE NA 301 -66.51 37.20 -25.43
CA ILE NA 301 -67.88 36.74 -25.58
C ILE NA 301 -68.74 37.09 -24.36
N GLY NA 302 -68.75 38.36 -23.96
CA GLY NA 302 -69.57 38.79 -22.86
C GLY NA 302 -69.59 40.28 -22.62
N PRO NA 303 -70.73 40.78 -22.11
CA PRO NA 303 -70.79 42.21 -21.77
C PRO NA 303 -69.80 42.62 -20.70
N GLN NA 304 -69.42 41.70 -19.80
CA GLN NA 304 -68.39 41.94 -18.81
C GLN NA 304 -67.11 41.19 -19.07
N SER NA 305 -67.16 40.09 -19.82
CA SER NA 305 -65.96 39.29 -20.07
C SER NA 305 -64.99 39.98 -21.03
N GLY NA 306 -65.51 40.79 -21.95
CA GLY NA 306 -64.64 41.46 -22.90
C GLY NA 306 -65.15 41.43 -24.32
N GLY NA 307 -66.36 40.91 -24.50
CA GLY NA 307 -67.04 40.95 -25.79
C GLY NA 307 -67.95 42.14 -25.99
N ALA NA 308 -67.84 43.17 -25.14
CA ALA NA 308 -68.68 44.35 -25.24
C ALA NA 308 -68.00 45.39 -26.12
N VAL NA 309 -68.74 45.94 -27.06
CA VAL NA 309 -68.29 47.04 -27.89
C VAL NA 309 -68.93 48.30 -27.34
N GLU NA 310 -68.11 49.22 -26.85
CA GLU NA 310 -68.59 50.44 -26.22
C GLU NA 310 -68.31 51.65 -27.11
N ASN NA 311 -69.12 52.69 -26.92
CA ASN NA 311 -68.94 53.95 -27.64
C ASN NA 311 -69.46 53.87 -29.07
N LEU NA 312 -70.74 53.50 -29.22
CA LEU NA 312 -71.29 53.45 -30.57
C LEU NA 312 -71.93 54.79 -30.93
N PRO NA 313 -71.92 55.15 -32.21
CA PRO NA 313 -72.53 56.43 -32.60
C PRO NA 313 -74.05 56.39 -32.42
N LEU NA 314 -74.61 57.55 -32.10
CA LEU NA 314 -76.04 57.69 -31.91
C LEU NA 314 -76.56 58.81 -32.80
N HIS NA 315 -77.87 58.80 -33.06
CA HIS NA 315 -78.46 59.77 -33.98
C HIS NA 315 -79.94 59.92 -33.61
N GLN NA 316 -80.24 60.93 -32.80
CA GLN NA 316 -81.61 61.24 -32.42
C GLN NA 316 -82.26 62.06 -33.52
N TYR NA 317 -83.49 61.68 -33.88
CA TYR NA 317 -84.24 62.36 -34.94
C TYR NA 317 -85.72 62.21 -34.62
N GLU NA 318 -86.53 63.01 -35.32
CA GLU NA 318 -87.96 63.06 -35.05
C GLU NA 318 -88.64 61.78 -35.56
N ALA NA 319 -89.55 61.26 -34.76
CA ALA NA 319 -90.34 60.08 -35.12
C ALA NA 319 -91.76 60.53 -35.46
N MET NA 320 -92.81 59.94 -34.87
CA MET NA 320 -94.17 60.38 -35.12
C MET NA 320 -94.60 61.51 -34.19
N GLY NA 321 -93.80 62.57 -34.11
CA GLY NA 321 -94.01 63.63 -33.16
C GLY NA 321 -93.12 63.55 -31.94
N GLU NA 322 -92.48 62.40 -31.70
CA GLU NA 322 -91.54 62.21 -30.61
C GLU NA 322 -90.13 62.14 -31.19
N ILE NA 323 -89.19 61.67 -30.38
CA ILE NA 323 -87.79 61.56 -30.76
C ILE NA 323 -87.33 60.12 -30.56
N GLN NA 324 -86.44 59.67 -31.45
CA GLN NA 324 -85.89 58.32 -31.35
C GLN NA 324 -84.51 58.32 -31.99
N THR NA 325 -83.66 57.42 -31.52
CA THR NA 325 -82.29 57.31 -32.00
C THR NA 325 -82.16 56.15 -32.97
N LYS NA 326 -81.49 56.39 -34.09
CA LYS NA 326 -81.19 55.32 -35.04
C LYS NA 326 -80.33 54.29 -34.34
N ILE NA 327 -80.78 53.04 -34.34
CA ILE NA 327 -80.05 51.99 -33.63
C ILE NA 327 -78.67 51.83 -34.24
N PRO NA 328 -77.60 51.76 -33.44
CA PRO NA 328 -76.26 51.60 -34.01
C PRO NA 328 -76.13 50.37 -34.90
N THR NA 329 -76.83 49.30 -34.57
CA THR NA 329 -77.02 48.17 -35.47
C THR NA 329 -78.39 48.31 -36.13
N GLU NA 330 -78.53 47.68 -37.30
CA GLU NA 330 -79.75 47.82 -38.08
C GLU NA 330 -81.00 47.51 -37.27
N VAL NA 331 -80.92 46.51 -36.39
CA VAL NA 331 -82.06 46.07 -35.60
C VAL NA 331 -81.62 45.87 -34.15
N MET NA 332 -82.61 45.81 -33.26
CA MET NA 332 -82.41 45.54 -31.85
C MET NA 332 -82.73 44.06 -31.65
N LEU NA 333 -81.69 43.23 -31.67
CA LEU NA 333 -81.88 41.80 -31.64
C LEU NA 333 -82.30 41.33 -30.25
N THR NA 334 -83.38 40.53 -30.20
CA THR NA 334 -83.83 39.96 -28.94
C THR NA 334 -83.03 38.71 -28.61
N GLU NA 335 -83.13 38.26 -27.36
CA GLU NA 335 -82.35 37.12 -26.89
C GLU NA 335 -82.67 35.86 -27.69
N ARG NA 336 -83.95 35.64 -28.01
CA ARG NA 336 -84.34 34.45 -28.76
C ARG NA 336 -83.76 34.48 -30.18
N ARG NA 337 -83.85 35.63 -30.85
CA ARG NA 337 -83.31 35.74 -32.20
C ARG NA 337 -81.79 35.56 -32.20
N GLU NA 338 -81.11 36.17 -31.22
CA GLU NA 338 -79.67 35.98 -31.11
C GLU NA 338 -79.33 34.51 -30.89
N PHE NA 339 -80.11 33.82 -30.07
CA PHE NA 339 -79.89 32.40 -29.84
C PHE NA 339 -80.07 31.60 -31.12
N GLU NA 340 -81.10 31.93 -31.91
CA GLU NA 340 -81.30 31.24 -33.19
C GLU NA 340 -80.11 31.45 -34.11
N LEU NA 341 -79.66 32.71 -34.24
CA LEU NA 341 -78.49 32.98 -35.07
C LEU NA 341 -77.26 32.21 -34.58
N SER NA 342 -77.10 32.08 -33.26
CA SER NA 342 -75.99 31.31 -32.72
C SER NA 342 -76.12 29.83 -33.08
N GLU NA 343 -77.35 29.29 -33.05
CA GLU NA 343 -77.56 27.92 -33.51
C GLU NA 343 -77.23 27.76 -34.99
N GLU NA 344 -77.39 28.83 -35.77
CA GLU NA 344 -77.07 28.83 -37.19
C GLU NA 344 -75.61 29.20 -37.46
N GLY NA 345 -74.78 29.23 -36.44
CA GLY NA 345 -73.36 29.49 -36.63
C GLY NA 345 -73.02 30.91 -37.03
N PHE NA 346 -73.81 31.88 -36.60
CA PHE NA 346 -73.58 33.29 -36.90
C PHE NA 346 -73.15 34.03 -35.64
N ILE NA 347 -72.31 35.04 -35.82
CA ILE NA 347 -71.81 35.85 -34.71
C ILE NA 347 -72.60 37.16 -34.74
N GLY NA 348 -73.67 37.19 -33.95
CA GLY NA 348 -74.53 38.37 -33.92
C GLY NA 348 -74.14 39.39 -32.88
N LEU NA 349 -73.79 40.60 -33.31
CA LEU NA 349 -73.50 41.69 -32.39
C LEU NA 349 -74.84 42.31 -31.96
N VAL NA 350 -75.23 42.06 -30.71
CA VAL NA 350 -76.53 42.53 -30.23
C VAL NA 350 -76.38 43.93 -29.64
N PHE NA 351 -77.42 44.73 -29.80
CA PHE NA 351 -77.44 46.11 -29.31
C PHE NA 351 -78.11 46.15 -27.94
N ARG NA 352 -77.44 46.78 -26.98
CA ARG NA 352 -78.01 46.98 -25.65
C ARG NA 352 -79.03 48.10 -25.74
N LYS NA 353 -80.30 47.78 -25.49
CA LYS NA 353 -81.39 48.73 -25.71
C LYS NA 353 -81.21 49.98 -24.87
N ASP NA 354 -81.40 51.14 -25.51
CA ASP NA 354 -81.37 52.44 -24.86
C ASP NA 354 -79.96 52.92 -24.52
N SER NA 355 -78.93 52.32 -25.11
CA SER NA 355 -77.57 52.73 -24.81
C SER NA 355 -76.75 52.92 -26.08
N ASP NA 356 -75.43 52.98 -25.95
CA ASP NA 356 -74.50 53.02 -27.07
C ASP NA 356 -73.54 51.85 -27.00
N ASN NA 357 -73.97 50.73 -26.42
CA ASN NA 357 -73.13 49.56 -26.24
C ASN NA 357 -73.78 48.35 -26.90
N ALA NA 358 -72.94 47.52 -27.52
CA ALA NA 358 -73.35 46.24 -28.07
C ALA NA 358 -72.52 45.14 -27.42
N ALA NA 359 -72.85 43.90 -27.72
CA ALA NA 359 -72.18 42.76 -27.10
C ALA NA 359 -72.23 41.56 -28.03
N PHE NA 360 -71.17 40.77 -27.99
CA PHE NA 360 -71.11 39.48 -28.68
C PHE NA 360 -71.29 38.43 -27.59
N PHE NA 361 -72.47 37.82 -27.56
CA PHE NA 361 -72.76 36.84 -26.52
C PHE NA 361 -72.01 35.54 -26.73
N SER NA 362 -71.60 35.26 -27.97
CA SER NA 362 -70.91 34.01 -28.27
C SER NA 362 -70.22 34.13 -29.62
N ALA NA 363 -69.16 33.36 -29.79
CA ALA NA 363 -68.41 33.36 -31.05
C ALA NA 363 -68.30 31.94 -31.59
N ASN NA 364 -69.44 31.33 -31.93
CA ASN NA 364 -69.42 30.02 -32.54
C ASN NA 364 -68.92 30.12 -33.97
N SER NA 365 -68.19 29.09 -34.40
CA SER NA 365 -67.72 29.04 -35.78
C SER NA 365 -68.85 28.58 -36.70
N THR NA 366 -68.55 28.49 -38.00
CA THR NA 366 -69.56 28.00 -38.94
C THR NA 366 -69.85 26.52 -38.75
N GLN NA 367 -68.89 25.77 -38.19
CA GLN NA 367 -69.03 24.33 -38.08
C GLN NA 367 -70.22 23.95 -37.22
N LYS NA 368 -71.00 22.98 -37.69
CA LYS NA 368 -72.16 22.49 -36.95
C LYS NA 368 -71.74 21.34 -36.05
N PRO NA 369 -72.19 21.30 -34.80
CA PRO NA 369 -71.78 20.23 -33.90
C PRO NA 369 -72.41 18.90 -34.30
N ARG NA 370 -71.69 17.82 -34.00
CA ARG NA 370 -72.16 16.48 -34.30
C ARG NA 370 -72.81 15.85 -33.07
N PHE NA 371 -73.80 15.01 -33.33
CA PHE NA 371 -74.53 14.32 -32.27
C PHE NA 371 -74.04 12.89 -32.16
N PHE NA 372 -73.86 12.43 -30.93
CA PHE NA 372 -73.42 11.06 -30.66
C PHE NA 372 -74.43 10.38 -29.76
N GLY NA 373 -74.29 9.06 -29.64
CA GLY NA 373 -75.14 8.31 -28.74
C GLY NA 373 -74.98 8.79 -27.30
N ASN NA 374 -76.11 8.97 -26.63
CA ASN NA 374 -76.12 9.43 -25.24
C ASN NA 374 -75.73 8.27 -24.31
N THR NA 375 -74.46 7.94 -24.34
CA THR NA 375 -73.80 7.10 -23.36
C THR NA 375 -72.70 7.94 -22.76
N PRO NA 376 -72.00 7.45 -21.73
CA PRO NA 376 -70.90 8.24 -21.17
C PRO NA 376 -69.87 8.64 -22.22
N GLU NA 377 -69.39 7.66 -22.99
CA GLU NA 377 -68.40 7.95 -24.02
C GLU NA 377 -68.97 8.85 -25.11
N GLY NA 378 -70.21 8.61 -25.51
CA GLY NA 378 -70.80 9.44 -26.57
C GLY NA 378 -70.95 10.90 -26.15
N LYS NA 379 -71.43 11.14 -24.93
CA LYS NA 379 -71.52 12.49 -24.41
C LYS NA 379 -70.15 13.13 -24.28
N ALA NA 380 -69.13 12.36 -23.86
CA ALA NA 380 -67.77 12.89 -23.86
C ALA NA 380 -67.36 13.35 -25.26
N ALA NA 381 -67.66 12.53 -26.28
CA ALA NA 381 -67.33 12.89 -27.64
C ALA NA 381 -68.04 14.18 -28.05
N GLU NA 382 -69.32 14.32 -27.68
CA GLU NA 382 -70.05 15.54 -27.97
C GLU NA 382 -69.36 16.75 -27.34
N THR NA 383 -68.96 16.63 -26.08
CA THR NA 383 -68.30 17.75 -25.40
C THR NA 383 -67.05 18.18 -26.14
N ASN NA 384 -66.16 17.22 -26.44
CA ASN NA 384 -64.94 17.56 -27.17
C ASN NA 384 -65.24 18.26 -28.49
N TYR NA 385 -66.17 17.68 -29.27
CA TYR NA 385 -66.49 18.26 -30.58
C TYR NA 385 -66.96 19.70 -30.47
N ARG NA 386 -67.90 19.98 -29.56
CA ARG NA 386 -68.39 21.35 -29.40
C ARG NA 386 -67.26 22.30 -29.00
N LEU NA 387 -66.45 21.89 -28.03
CA LEU NA 387 -65.22 22.63 -27.73
C LEU NA 387 -64.48 23.00 -29.02
N GLY NA 388 -64.32 22.02 -29.92
CA GLY NA 388 -63.73 22.34 -31.21
C GLY NA 388 -64.52 23.35 -32.01
N THR NA 389 -65.84 23.31 -31.90
CA THR NA 389 -66.72 24.21 -32.67
C THR NA 389 -66.68 25.65 -32.18
N GLN NA 390 -66.12 25.89 -30.99
CA GLN NA 390 -66.10 27.23 -30.40
C GLN NA 390 -64.78 27.95 -30.66
N LEU NA 391 -64.87 29.17 -31.21
CA LEU NA 391 -63.67 29.96 -31.44
C LEU NA 391 -62.96 30.37 -30.16
N PRO NA 392 -63.66 30.64 -29.04
CA PRO NA 392 -62.97 31.04 -27.81
C PRO NA 392 -61.95 30.04 -27.30
N TYR NA 393 -62.10 28.77 -27.66
CA TYR NA 393 -61.10 27.74 -27.38
C TYR NA 393 -60.19 27.47 -28.57
N MET NA 394 -60.74 27.55 -29.78
CA MET NA 394 -59.91 27.46 -30.98
C MET NA 394 -58.71 28.41 -30.91
N PHE NA 395 -58.91 29.61 -30.35
CA PHE NA 395 -57.81 30.56 -30.24
C PHE NA 395 -56.68 30.05 -29.35
N ILE NA 396 -57.03 29.45 -28.22
CA ILE NA 396 -56.01 28.83 -27.36
C ILE NA 396 -55.24 27.77 -28.14
N MET NA 397 -55.98 26.91 -28.85
CA MET NA 397 -55.31 25.88 -29.67
C MET NA 397 -54.35 26.51 -30.68
N THR NA 398 -54.75 27.62 -31.32
CA THR NA 398 -53.91 28.22 -32.36
C THR NA 398 -52.64 28.83 -31.77
N ARG NA 399 -52.79 29.56 -30.65
CA ARG NA 399 -51.60 30.08 -29.98
C ARG NA 399 -50.64 28.96 -29.60
N LEU NA 400 -51.18 27.86 -29.08
CA LEU NA 400 -50.34 26.71 -28.73
C LEU NA 400 -49.58 26.19 -29.95
N ALA NA 401 -50.25 26.08 -31.09
CA ALA NA 401 -49.59 25.59 -32.30
C ALA NA 401 -48.46 26.52 -32.73
N HIS NA 402 -48.69 27.83 -32.71
CA HIS NA 402 -47.61 28.78 -33.05
C HIS NA 402 -46.41 28.59 -32.13
N TYR NA 403 -46.64 28.59 -30.82
CA TYR NA 403 -45.54 28.42 -29.87
C TYR NA 403 -44.79 27.11 -30.11
N ILE NA 404 -45.52 26.03 -30.42
CA ILE NA 404 -44.90 24.73 -30.63
C ILE NA 404 -43.98 24.77 -31.84
N LYS NA 405 -44.50 25.25 -32.98
CA LYS NA 405 -43.66 25.37 -34.18
C LYS NA 405 -42.39 26.16 -33.87
N VAL NA 406 -42.54 27.40 -33.41
CA VAL NA 406 -41.39 28.27 -33.17
C VAL NA 406 -40.39 27.58 -32.24
N LEU NA 407 -40.83 27.22 -31.02
CA LEU NA 407 -39.91 26.74 -30.00
C LEU NA 407 -39.26 25.41 -30.35
N GLN NA 408 -39.97 24.54 -31.08
CA GLN NA 408 -39.40 23.25 -31.45
C GLN NA 408 -38.33 23.40 -32.52
N ARG NA 409 -38.55 24.30 -33.49
CA ARG NA 409 -37.52 24.61 -34.47
C ARG NA 409 -36.16 24.85 -33.80
N GLU NA 410 -36.15 25.56 -32.68
CA GLU NA 410 -34.90 25.88 -32.00
C GLU NA 410 -34.28 24.65 -31.33
N GLN NA 411 -35.09 23.63 -31.05
CA GLN NA 411 -34.60 22.41 -30.42
C GLN NA 411 -34.12 21.37 -31.41
N ILE NA 412 -34.48 21.51 -32.69
CA ILE NA 412 -33.97 20.59 -33.71
C ILE NA 412 -32.45 20.52 -33.64
N GLY NA 413 -31.91 19.30 -33.58
CA GLY NA 413 -30.49 19.06 -33.52
C GLY NA 413 -29.97 18.67 -32.15
N SER NA 414 -30.75 18.89 -31.10
CA SER NA 414 -30.33 18.55 -29.74
C SER NA 414 -30.48 17.06 -29.49
N TRP NA 415 -29.75 16.57 -28.49
CA TRP NA 415 -29.76 15.15 -28.13
C TRP NA 415 -31.02 14.85 -27.31
N LYS NA 416 -32.08 14.47 -28.03
CA LYS NA 416 -33.39 14.27 -27.43
C LYS NA 416 -33.82 12.83 -27.63
N GLU NA 417 -34.03 12.12 -26.52
CA GLU NA 417 -34.73 10.85 -26.52
C GLU NA 417 -36.20 11.08 -26.25
N LYS NA 418 -37.01 10.04 -26.48
CA LYS NA 418 -38.46 10.16 -26.36
C LYS NA 418 -38.87 10.69 -24.99
N SER NA 419 -38.40 10.03 -23.91
CA SER NA 419 -38.67 10.49 -22.56
C SER NA 419 -38.18 11.92 -22.32
N ASP NA 420 -37.07 12.31 -22.95
CA ASP NA 420 -36.64 13.70 -22.88
C ASP NA 420 -37.70 14.64 -23.45
N LEU NA 421 -38.25 14.29 -24.62
CA LEU NA 421 -39.37 15.04 -25.17
C LEU NA 421 -40.53 15.10 -24.17
N GLU NA 422 -40.87 13.97 -23.55
CA GLU NA 422 -41.96 13.95 -22.59
C GLU NA 422 -41.74 14.93 -21.44
N ARG NA 423 -40.56 14.86 -20.80
CA ARG NA 423 -40.28 15.70 -19.65
C ARG NA 423 -40.29 17.19 -20.02
N GLU NA 424 -39.55 17.55 -21.07
CA GLU NA 424 -39.46 18.95 -21.46
C GLU NA 424 -40.83 19.50 -21.84
N LEU NA 425 -41.59 18.77 -22.66
CA LEU NA 425 -42.90 19.25 -23.09
C LEU NA 425 -43.86 19.41 -21.92
N ASN NA 426 -43.83 18.48 -20.97
CA ASN NA 426 -44.65 18.65 -19.77
C ASN NA 426 -44.29 19.93 -19.02
N HIS NA 427 -42.99 20.10 -18.72
CA HIS NA 427 -42.55 21.30 -18.02
C HIS NA 427 -42.94 22.58 -18.76
N TRP NA 428 -42.96 22.54 -20.09
CA TRP NA 428 -43.32 23.74 -20.86
C TRP NA 428 -44.82 24.00 -20.79
N LEU NA 429 -45.63 22.97 -21.03
CA LEU NA 429 -47.08 23.13 -21.01
C LEU NA 429 -47.58 23.62 -19.67
N SER NA 430 -46.91 23.21 -18.57
CA SER NA 430 -47.32 23.67 -17.25
C SER NA 430 -47.35 25.19 -17.12
N GLN NA 431 -46.63 25.89 -18.00
CA GLN NA 431 -46.52 27.35 -17.89
C GLN NA 431 -47.86 28.05 -18.08
N TYR NA 432 -48.78 27.44 -18.82
CA TYR NA 432 -50.09 28.03 -19.08
C TYR NA 432 -51.23 27.31 -18.38
N ILE NA 433 -50.93 26.60 -17.29
CA ILE NA 433 -51.90 25.78 -16.57
C ILE NA 433 -52.20 26.45 -15.22
N SER NA 434 -53.48 26.55 -14.89
CA SER NA 434 -53.95 27.07 -13.61
C SER NA 434 -54.84 25.98 -13.01
N ASP NA 435 -54.21 25.04 -12.30
CA ASP NA 435 -54.92 23.90 -11.71
C ASP NA 435 -55.16 24.07 -10.22
N MET NA 436 -55.56 25.27 -9.79
CA MET NA 436 -55.87 25.52 -8.40
C MET NA 436 -57.35 25.24 -8.13
N ASP NA 437 -57.68 25.13 -6.84
CA ASP NA 437 -59.06 24.83 -6.45
C ASP NA 437 -60.02 25.92 -6.92
N ASP NA 438 -59.57 27.17 -6.90
CA ASP NA 438 -60.42 28.27 -7.36
C ASP NA 438 -59.55 29.48 -7.72
N PRO NA 439 -58.96 29.50 -8.91
CA PRO NA 439 -58.18 30.67 -9.31
C PRO NA 439 -59.08 31.88 -9.47
N ALA NA 440 -58.48 33.06 -9.30
CA ALA NA 440 -59.22 34.31 -9.38
C ALA NA 440 -59.99 34.36 -10.70
N PRO NA 441 -61.28 34.70 -10.67
CA PRO NA 441 -62.05 34.72 -11.92
C PRO NA 441 -61.49 35.75 -12.89
N ALA NA 442 -61.42 35.37 -14.16
CA ALA NA 442 -60.81 36.21 -15.19
C ALA NA 442 -59.32 36.38 -14.97
N VAL NA 443 -58.74 35.53 -14.12
CA VAL NA 443 -57.30 35.41 -13.96
C VAL NA 443 -56.78 34.13 -14.59
N ARG NA 444 -57.61 33.08 -14.67
CA ARG NA 444 -57.34 31.94 -15.53
C ARG NA 444 -57.43 32.42 -16.97
N SER NA 445 -57.72 33.71 -17.15
CA SER NA 445 -57.58 34.33 -18.46
C SER NA 445 -56.14 34.23 -18.96
N ARG NA 446 -55.18 34.61 -18.12
CA ARG NA 446 -53.77 34.53 -18.51
C ARG NA 446 -53.28 33.09 -18.59
N ARG NA 447 -53.91 32.18 -17.84
CA ARG NA 447 -53.60 30.75 -17.85
C ARG NA 447 -54.86 30.01 -18.26
N PRO NA 448 -55.15 29.94 -19.56
CA PRO NA 448 -56.47 29.43 -19.98
C PRO NA 448 -56.67 27.94 -19.77
N LEU NA 449 -55.59 27.19 -19.57
CA LEU NA 449 -55.68 25.75 -19.42
C LEU NA 449 -55.84 25.36 -17.95
N ARG NA 450 -56.65 24.34 -17.72
CA ARG NA 450 -56.80 23.70 -16.42
C ARG NA 450 -56.04 22.39 -16.31
N ALA NA 451 -56.06 21.57 -17.36
CA ALA NA 451 -55.34 20.31 -17.36
C ALA NA 451 -54.71 20.09 -18.74
N ALA NA 452 -53.72 19.20 -18.79
CA ALA NA 452 -53.04 18.91 -20.04
C ALA NA 452 -52.28 17.61 -19.91
N ARG NA 453 -52.28 16.84 -21.01
CA ARG NA 453 -51.62 15.54 -21.07
C ARG NA 453 -50.84 15.46 -22.37
N VAL NA 454 -49.62 14.93 -22.28
CA VAL NA 454 -48.71 14.81 -23.41
C VAL NA 454 -48.15 13.40 -23.43
N VAL NA 455 -48.18 12.75 -24.60
CA VAL NA 455 -47.63 11.43 -24.80
C VAL NA 455 -46.71 11.48 -26.02
N VAL NA 456 -45.57 10.81 -25.95
CA VAL NA 456 -44.57 10.84 -27.00
C VAL NA 456 -44.18 9.41 -27.35
N GLU NA 457 -44.30 9.06 -28.62
CA GLU NA 457 -43.85 7.77 -29.12
C GLU NA 457 -42.80 8.02 -30.20
N ASP NA 458 -42.16 6.95 -30.62
CA ASP NA 458 -41.28 7.01 -31.77
C ASP NA 458 -42.03 6.47 -32.98
N VAL NA 459 -42.01 7.22 -34.07
CA VAL NA 459 -42.14 6.66 -35.42
C VAL NA 459 -41.12 5.52 -35.49
N GLU NA 460 -41.47 4.43 -36.17
CA GLU NA 460 -40.55 3.32 -36.38
C GLU NA 460 -40.16 3.24 -37.86
N GLY NA 461 -38.84 3.35 -38.13
CA GLY NA 461 -38.23 3.39 -39.46
C GLY NA 461 -37.05 4.34 -39.70
N GLN NA 462 -36.52 5.04 -38.70
CA GLN NA 462 -35.44 6.01 -38.91
C GLN NA 462 -35.06 6.68 -37.58
N PRO NA 463 -33.85 7.20 -37.45
CA PRO NA 463 -33.45 7.57 -36.08
C PRO NA 463 -33.67 9.03 -35.67
N GLY NA 464 -34.74 9.30 -34.88
CA GLY NA 464 -34.84 10.56 -34.13
C GLY NA 464 -36.04 11.47 -34.39
N TRP NA 465 -37.13 10.95 -34.92
CA TRP NA 465 -38.38 11.70 -35.04
C TRP NA 465 -39.42 10.99 -34.18
N TYR NA 466 -40.37 11.75 -33.66
CA TYR NA 466 -41.35 11.20 -32.72
C TYR NA 466 -42.76 11.63 -33.12
N ARG NA 467 -43.73 10.95 -32.53
CA ARG NA 467 -45.14 11.28 -32.69
C ARG NA 467 -45.64 11.76 -31.33
N CYS NA 468 -46.07 13.02 -31.27
CA CYS NA 468 -46.48 13.65 -30.03
C CYS NA 468 -47.98 13.89 -30.03
N SER NA 469 -48.62 13.61 -28.90
CA SER NA 469 -50.04 13.83 -28.70
C SER NA 469 -50.20 14.76 -27.51
N LEU NA 470 -50.90 15.88 -27.73
CA LEU NA 470 -51.13 16.89 -26.71
C LEU NA 470 -52.63 17.14 -26.62
N GLN NA 471 -53.20 16.87 -25.45
CA GLN NA 471 -54.62 17.06 -25.20
C GLN NA 471 -54.76 18.01 -24.02
N VAL NA 472 -55.68 18.96 -24.12
CA VAL NA 472 -55.81 20.02 -23.14
C VAL NA 472 -57.26 20.15 -22.68
N ARG NA 473 -57.43 20.46 -21.40
CA ARG NA 473 -58.72 20.76 -20.80
C ARG NA 473 -58.68 22.21 -20.34
N PRO NA 474 -59.30 23.12 -21.09
CA PRO NA 474 -59.28 24.54 -20.68
C PRO NA 474 -60.48 24.88 -19.80
N HIS NA 475 -60.42 26.05 -19.19
CA HIS NA 475 -61.50 26.50 -18.33
C HIS NA 475 -62.75 26.80 -19.15
N PHE NA 476 -63.91 26.53 -18.56
CA PHE NA 476 -65.18 26.70 -19.26
C PHE NA 476 -65.71 28.13 -19.12
N LEU OA 30 -61.58 8.98 15.56
CA LEU OA 30 -62.86 8.37 15.24
C LEU OA 30 -64.00 9.08 15.98
N PRO OA 31 -64.99 9.55 15.23
CA PRO OA 31 -66.13 10.22 15.86
C PRO OA 31 -66.98 9.22 16.65
N LEU OA 32 -67.86 9.76 17.48
CA LEU OA 32 -68.81 8.97 18.25
C LEU OA 32 -70.16 9.08 17.55
N LYS OA 33 -70.52 8.05 16.80
CA LYS OA 33 -71.73 8.04 15.99
C LYS OA 33 -72.76 7.13 16.64
N VAL OA 34 -73.96 7.65 16.86
CA VAL OA 34 -75.06 6.90 17.45
C VAL OA 34 -76.16 6.72 16.42
N LEU OA 35 -76.86 5.59 16.51
CA LEU OA 35 -77.94 5.25 15.61
C LEU OA 35 -79.23 5.18 16.43
N MET OA 36 -80.13 6.13 16.21
CA MET OA 36 -81.42 6.16 16.86
C MET OA 36 -82.42 5.45 15.94
N LEU OA 37 -82.89 4.28 16.37
CA LEU OA 37 -83.85 3.50 15.60
C LEU OA 37 -85.19 3.55 16.32
N GLY OA 38 -86.25 3.88 15.59
CA GLY OA 38 -87.55 3.96 16.22
C GLY OA 38 -88.63 4.36 15.24
N ASP OA 39 -89.87 4.34 15.74
CA ASP OA 39 -91.07 4.60 14.94
C ASP OA 39 -91.35 6.10 14.97
N PHE OA 40 -90.66 6.82 14.09
CA PHE OA 40 -90.80 8.27 14.01
C PHE OA 40 -91.97 8.72 13.15
N THR OA 41 -92.67 7.80 12.50
CA THR OA 41 -93.81 8.12 11.66
C THR OA 41 -95.06 7.44 12.20
N GLY OA 42 -96.21 7.87 11.69
CA GLY OA 42 -97.47 7.27 12.09
C GLY OA 42 -97.82 5.97 11.41
N GLN OA 43 -96.95 5.45 10.55
CA GLN OA 43 -97.21 4.20 9.85
C GLN OA 43 -95.90 3.60 9.40
N GLU OA 44 -95.92 2.28 9.18
CA GLU OA 44 -94.75 1.61 8.66
C GLU OA 44 -94.59 1.89 7.18
N ASP OA 45 -93.36 1.80 6.70
CA ASP OA 45 -93.07 1.95 5.28
C ASP OA 45 -93.02 0.58 4.62
N ALA OA 46 -93.49 0.52 3.37
CA ALA OA 46 -93.35 -0.69 2.58
C ALA OA 46 -91.92 -0.93 2.13
N ARG OA 47 -91.04 0.06 2.29
CA ARG OA 47 -89.64 -0.07 1.85
C ARG OA 47 -88.89 -1.08 2.71
N PRO OA 48 -88.16 -2.02 2.09
CA PRO OA 48 -87.34 -2.95 2.88
C PRO OA 48 -86.43 -2.21 3.85
N LEU OA 49 -86.17 -2.87 4.98
CA LEU OA 49 -85.57 -2.16 6.10
C LEU OA 49 -84.20 -1.60 5.74
N GLU OA 50 -83.38 -2.38 5.05
CA GLU OA 50 -82.14 -1.83 4.55
C GLU OA 50 -82.33 -0.77 3.46
N GLN OA 51 -83.20 -1.01 2.49
CA GLN OA 51 -83.49 -0.06 1.41
C GLN OA 51 -83.72 1.37 1.89
N ARG OA 52 -84.57 1.55 2.90
CA ARG OA 52 -84.71 2.86 3.52
C ARG OA 52 -83.35 3.30 4.09
N ALA OA 53 -83.07 4.59 3.98
CA ALA OA 53 -81.76 5.07 4.38
C ALA OA 53 -81.83 5.81 5.71
N PRO OA 54 -80.70 5.92 6.41
CA PRO OA 54 -80.68 6.73 7.64
C PRO OA 54 -80.47 8.19 7.32
N ILE OA 55 -80.81 9.05 8.28
CA ILE OA 55 -80.74 10.50 8.09
C ILE OA 55 -79.81 11.08 9.14
N ASN OA 56 -78.82 11.87 8.70
CA ASN OA 56 -77.90 12.52 9.62
C ASN OA 56 -78.58 13.76 10.22
N VAL OA 57 -78.54 13.86 11.56
CA VAL OA 57 -79.26 14.89 12.28
C VAL OA 57 -78.28 15.71 13.12
N ASP OA 58 -78.50 17.01 13.17
CA ASP OA 58 -77.67 17.93 13.94
C ASP OA 58 -78.49 19.16 14.28
N LYS OA 59 -77.92 20.00 15.16
CA LYS OA 59 -78.67 21.15 15.68
C LYS OA 59 -79.02 22.15 14.59
N ALA OA 60 -78.25 22.18 13.51
CA ALA OA 60 -78.44 23.16 12.44
C ALA OA 60 -79.41 22.69 11.35
N ASN OA 61 -80.12 21.58 11.57
CA ASN OA 61 -81.02 21.10 10.52
C ASN OA 61 -82.09 20.14 11.04
N PHE OA 62 -82.29 20.09 12.36
CA PHE OA 62 -83.28 19.17 12.92
C PHE OA 62 -84.67 19.44 12.38
N ASN OA 63 -85.10 20.72 12.43
CA ASN OA 63 -86.42 21.07 11.91
C ASN OA 63 -86.53 20.73 10.43
N GLU OA 64 -85.48 21.00 9.65
CA GLU OA 64 -85.49 20.63 8.24
C GLU OA 64 -85.66 19.12 8.07
N VAL OA 65 -85.06 18.34 8.97
CA VAL OA 65 -85.22 16.89 8.92
C VAL OA 65 -86.67 16.50 9.19
N MET OA 66 -87.32 17.18 10.14
CA MET OA 66 -88.73 16.92 10.38
C MET OA 66 -89.56 17.24 9.14
N ALA OA 67 -89.36 18.43 8.56
CA ALA OA 67 -90.15 18.84 7.40
C ALA OA 67 -89.96 17.87 6.23
N GLN OA 68 -88.72 17.43 5.99
CA GLN OA 68 -88.46 16.49 4.89
C GLN OA 68 -89.02 15.10 5.19
N GLN OA 69 -89.02 14.70 6.47
CA GLN OA 69 -89.60 13.42 6.84
C GLN OA 69 -91.11 13.40 6.65
N ASN OA 70 -91.77 14.53 6.90
CA ASN OA 70 -93.20 14.67 6.64
C ASN OA 70 -94.05 13.86 7.61
N LEU OA 71 -94.60 14.52 8.64
CA LEU OA 71 -95.34 13.83 9.69
C LEU OA 71 -96.84 13.94 9.45
N LYS OA 72 -97.56 12.85 9.69
CA LYS OA 72 -99.00 12.84 9.48
C LYS OA 72 -99.65 11.87 10.45
N VAL OA 73 -100.77 12.27 11.04
CA VAL OA 73 -101.51 11.46 12.00
C VAL OA 73 -102.98 11.49 11.62
N THR OA 74 -103.52 10.34 11.23
CA THR OA 74 -104.95 10.17 10.97
C THR OA 74 -105.52 9.38 12.15
N LEU OA 75 -106.32 10.03 12.98
CA LEU OA 75 -106.76 9.39 14.21
C LEU OA 75 -108.13 9.94 14.62
N THR OA 76 -108.84 9.13 15.40
CA THR OA 76 -110.17 9.46 15.87
C THR OA 76 -110.17 9.55 17.39
N ALA OA 77 -110.71 10.65 17.91
CA ALA OA 77 -110.88 10.85 19.34
C ALA OA 77 -112.35 11.11 19.64
N ALA OA 78 -112.70 11.01 20.93
CA ALA OA 78 -114.07 11.24 21.35
C ALA OA 78 -114.45 12.69 21.09
N ASP OA 79 -115.63 12.89 20.52
CA ASP OA 79 -116.12 14.23 20.19
C ASP OA 79 -116.80 14.82 21.42
N LYS OA 80 -116.09 15.67 22.15
CA LYS OA 80 -116.60 16.29 23.37
C LYS OA 80 -117.17 17.67 23.13
N LEU OA 81 -117.41 18.04 21.86
CA LEU OA 81 -118.07 19.29 21.53
C LEU OA 81 -119.59 19.18 21.61
N SER OA 82 -120.13 18.00 21.90
CA SER OA 82 -121.55 17.80 22.09
C SER OA 82 -121.77 16.87 23.28
N ALA OA 83 -122.98 16.34 23.42
CA ALA OA 83 -123.31 15.44 24.52
C ALA OA 83 -123.79 14.09 24.00
N ASP OA 84 -123.06 13.52 23.04
CA ASP OA 84 -123.42 12.24 22.42
C ASP OA 84 -122.26 11.28 22.54
N PRO OA 85 -122.42 10.14 23.22
CA PRO OA 85 -121.30 9.19 23.33
C PRO OA 85 -120.96 8.52 22.02
N ASN OA 86 -121.88 8.50 21.06
CA ASN OA 86 -121.61 7.96 19.73
C ASN OA 86 -120.94 8.96 18.80
N ALA OA 87 -120.76 10.21 19.25
CA ALA OA 87 -120.12 11.23 18.42
C ALA OA 87 -118.61 11.08 18.51
N THR OA 88 -117.97 10.93 17.34
CA THR OA 88 -116.52 10.79 17.27
C THR OA 88 -115.98 11.80 16.25
N MET OA 89 -114.74 12.21 16.46
CA MET OA 89 -114.10 13.22 15.61
C MET OA 89 -112.81 12.65 15.04
N ASN OA 90 -112.72 12.62 13.72
CA ASN OA 90 -111.54 12.14 13.02
C ASN OA 90 -110.72 13.33 12.52
N VAL OA 91 -109.43 13.31 12.81
CA VAL OA 91 -108.52 14.41 12.48
C VAL OA 91 -107.35 13.87 11.69
N SER OA 92 -106.80 14.74 10.82
CA SER OA 92 -105.63 14.44 10.00
C SER OA 92 -104.63 15.57 10.23
N LEU OA 93 -103.77 15.40 11.23
CA LEU OA 93 -102.78 16.40 11.58
C LEU OA 93 -101.51 16.19 10.75
N GLN OA 94 -100.83 17.29 10.46
CA GLN OA 94 -99.59 17.27 9.68
C GLN OA 94 -98.53 18.06 10.42
N PHE OA 95 -97.31 17.53 10.41
CA PHE OA 95 -96.20 18.08 11.17
C PHE OA 95 -94.98 18.28 10.28
N LYS OA 96 -94.42 19.50 10.35
CA LYS OA 96 -93.14 19.83 9.75
C LYS OA 96 -92.08 20.27 10.76
N ASN OA 97 -92.50 20.74 11.94
CA ASN OA 97 -91.58 21.10 13.00
C ASN OA 97 -92.26 20.86 14.36
N LEU OA 98 -91.45 20.89 15.42
CA LEU OA 98 -91.97 20.61 16.75
C LEU OA 98 -93.04 21.62 17.17
N ASN OA 99 -92.94 22.86 16.69
CA ASN OA 99 -93.96 23.87 16.99
C ASN OA 99 -95.34 23.44 16.51
N ASP OA 100 -95.40 22.54 15.53
CA ASP OA 100 -96.66 22.01 15.03
C ASP OA 100 -97.36 21.07 16.00
N PHE OA 101 -96.72 20.73 17.12
CA PHE OA 101 -97.35 19.95 18.18
C PHE OA 101 -98.07 20.81 19.20
N SER OA 102 -97.99 22.12 19.07
CA SER OA 102 -98.64 23.02 20.03
C SER OA 102 -100.15 23.05 19.80
N PRO OA 103 -100.92 23.32 20.86
CA PRO OA 103 -102.38 23.39 20.70
C PRO OA 103 -102.85 24.41 19.68
N GLU OA 104 -102.09 25.49 19.46
CA GLU OA 104 -102.45 26.45 18.43
C GLU OA 104 -102.46 25.81 17.04
N SER OA 105 -101.39 25.08 16.70
CA SER OA 105 -101.36 24.33 15.45
C SER OA 105 -102.43 23.25 15.41
N VAL OA 106 -102.62 22.52 16.50
CA VAL OA 106 -103.66 21.49 16.55
C VAL OA 106 -105.02 22.09 16.21
N VAL OA 107 -105.34 23.25 16.80
CA VAL OA 107 -106.60 23.91 16.50
C VAL OA 107 -106.63 24.39 15.06
N ASN OA 108 -105.50 24.92 14.57
CA ASN OA 108 -105.43 25.39 13.19
C ASN OA 108 -105.73 24.28 12.20
N GLN OA 109 -105.39 23.03 12.56
CA GLN OA 109 -105.54 21.90 11.66
C GLN OA 109 -106.83 21.11 11.87
N VAL OA 110 -107.69 21.53 12.78
CA VAL OA 110 -108.95 20.85 13.07
C VAL OA 110 -110.08 21.86 12.96
N PRO OA 111 -110.79 21.89 11.83
CA PRO OA 111 -111.82 22.93 11.62
C PRO OA 111 -112.88 23.00 12.70
N GLU OA 112 -113.25 21.84 13.28
CA GLU OA 112 -114.23 21.81 14.36
C GLU OA 112 -113.79 22.61 15.57
N LEU OA 113 -112.49 22.88 15.71
CA LEU OA 113 -111.95 23.74 16.75
C LEU OA 113 -111.54 25.11 16.24
N LYS OA 114 -111.01 25.17 15.00
CA LYS OA 114 -110.60 26.44 14.42
C LYS OA 114 -111.78 27.38 14.26
N LYS OA 115 -112.94 26.86 13.84
CA LYS OA 115 -114.14 27.68 13.78
C LYS OA 115 -114.51 28.21 15.16
N LEU OA 116 -114.30 27.41 16.20
CA LEU OA 116 -114.59 27.85 17.57
C LEU OA 116 -113.60 28.92 18.04
N LEU OA 117 -112.36 28.86 17.55
CA LEU OA 117 -111.40 29.90 17.89
C LEU OA 117 -111.72 31.21 17.17
N GLU OA 118 -112.14 31.12 15.90
CA GLU OA 118 -112.61 32.30 15.20
C GLU OA 118 -113.82 32.91 15.88
N LEU OA 119 -114.74 32.05 16.35
CA LEU OA 119 -115.89 32.55 17.12
C LEU OA 119 -115.42 33.22 18.40
N ARG OA 120 -114.43 32.65 19.07
CA ARG OA 120 -113.86 33.28 20.26
C ARG OA 120 -113.36 34.68 19.94
N SER OA 121 -112.55 34.81 18.89
CA SER OA 121 -112.03 36.12 18.50
C SER OA 121 -113.17 37.09 18.19
N ALA OA 122 -114.22 36.62 17.52
CA ALA OA 122 -115.36 37.48 17.21
C ALA OA 122 -116.04 37.97 18.48
N LEU OA 123 -116.24 37.07 19.46
CA LEU OA 123 -116.92 37.45 20.70
C LEU OA 123 -116.07 38.40 21.54
N ASN OA 124 -114.76 38.17 21.59
CA ASN OA 124 -113.89 39.07 22.33
C ASN OA 124 -113.83 40.45 21.68
N ALA OA 125 -113.79 40.48 20.34
CA ALA OA 125 -113.81 41.75 19.63
C ALA OA 125 -115.10 42.51 19.89
N LEU OA 126 -116.24 41.80 19.84
CA LEU OA 126 -117.52 42.44 20.11
C LEU OA 126 -117.61 42.94 21.54
N LYS OA 127 -117.20 42.11 22.51
CA LYS OA 127 -117.30 42.50 23.91
C LYS OA 127 -116.35 43.64 24.27
N GLY OA 128 -115.23 43.75 23.57
CA GLY OA 128 -114.29 44.83 23.77
C GLY OA 128 -114.66 46.04 22.94
N PRO OA 129 -115.76 45.95 22.18
CA PRO OA 129 -116.24 47.10 21.40
C PRO OA 129 -115.35 47.43 20.20
N LEU OA 130 -114.55 46.45 19.77
CA LEU OA 130 -113.63 46.65 18.66
C LEU OA 130 -114.31 46.68 17.30
N GLY OA 131 -115.52 46.15 17.20
CA GLY OA 131 -116.26 46.17 15.95
C GLY OA 131 -117.74 46.39 16.22
N ASN OA 132 -118.42 46.89 15.20
CA ASN OA 132 -119.85 47.17 15.31
C ASN OA 132 -120.67 45.92 15.02
N LEU OA 133 -121.96 46.01 15.34
CA LEU OA 133 -122.85 44.86 15.17
C LEU OA 133 -122.97 44.39 13.73
N PRO OA 134 -122.99 45.26 12.72
CA PRO OA 134 -123.06 44.76 11.33
C PRO OA 134 -121.85 43.93 10.93
N ALA OA 135 -120.65 44.43 11.23
CA ALA OA 135 -119.44 43.65 11.00
C ALA OA 135 -119.48 42.34 11.77
N PHE OA 136 -119.92 42.40 13.03
CA PHE OA 136 -120.02 41.18 13.85
C PHE OA 136 -120.91 40.15 13.17
N ARG OA 137 -122.07 40.58 12.66
CA ARG OA 137 -122.99 39.66 12.01
C ARG OA 137 -122.38 39.06 10.74
N LYS OA 138 -121.76 39.89 9.90
CA LYS OA 138 -121.14 39.39 8.68
C LYS OA 138 -120.09 38.33 9.00
N LYS OA 139 -119.15 38.65 9.90
CA LYS OA 139 -118.11 37.70 10.26
C LYS OA 139 -118.68 36.43 10.87
N LEU OA 140 -119.74 36.55 11.68
CA LEU OA 140 -120.38 35.36 12.25
C LEU OA 140 -120.91 34.45 11.14
N GLN OA 141 -121.63 35.02 10.18
CA GLN OA 141 -122.09 34.23 9.04
C GLN OA 141 -120.91 33.55 8.35
N ALA OA 142 -119.82 34.28 8.15
CA ALA OA 142 -118.62 33.72 7.53
C ALA OA 142 -118.13 32.50 8.32
N LEU OA 143 -118.04 32.62 9.64
CA LEU OA 143 -117.53 31.52 10.46
C LEU OA 143 -118.44 30.31 10.39
N LEU OA 144 -119.75 30.53 10.53
CA LEU OA 144 -120.70 29.42 10.56
C LEU OA 144 -120.98 28.82 9.18
N ALA OA 145 -120.48 29.43 8.11
CA ALA OA 145 -120.79 28.93 6.77
C ALA OA 145 -120.05 27.63 6.45
N ASP OA 146 -118.99 27.30 7.18
CA ASP OA 146 -118.16 26.13 6.90
C ASP OA 146 -118.98 24.86 6.82
N GLU OA 147 -118.97 24.20 5.66
CA GLU OA 147 -119.81 23.03 5.42
C GLU OA 147 -119.36 21.80 6.20
N ASP OA 148 -118.12 21.77 6.70
CA ASP OA 148 -117.64 20.63 7.47
C ASP OA 148 -118.12 20.63 8.91
N GLY OA 149 -118.73 21.72 9.36
CA GLY OA 149 -119.21 21.78 10.72
C GLY OA 149 -120.57 21.12 10.89
N ARG OA 150 -120.81 20.64 12.10
CA ARG OA 150 -122.11 20.05 12.42
C ARG OA 150 -123.09 21.14 12.81
N LYS OA 151 -124.37 20.88 12.52
CA LYS OA 151 -125.42 21.82 12.91
C LYS OA 151 -125.49 21.99 14.42
N ALA OA 152 -125.26 20.92 15.17
CA ALA OA 152 -125.24 21.02 16.63
C ALA OA 152 -124.15 21.98 17.09
N LEU OA 153 -122.94 21.82 16.54
CA LEU OA 153 -121.86 22.75 16.86
C LEU OA 153 -122.23 24.18 16.48
N ILE OA 154 -122.84 24.37 15.31
CA ILE OA 154 -123.27 25.70 14.89
C ILE OA 154 -124.25 26.29 15.90
N LYS OA 155 -125.19 25.48 16.39
CA LYS OA 155 -126.16 25.96 17.37
C LYS OA 155 -125.48 26.33 18.69
N GLU OA 156 -124.53 25.50 19.14
CA GLU OA 156 -123.79 25.81 20.35
C GLU OA 156 -123.00 27.11 20.21
N LEU OA 157 -122.48 27.38 19.01
CA LEU OA 157 -121.73 28.62 18.79
C LEU OA 157 -122.65 29.84 18.76
N GLY OA 158 -123.79 29.71 18.09
CA GLY OA 158 -124.75 30.81 18.07
C GLY OA 158 -125.37 31.09 19.43
N LEU OA 159 -125.44 30.08 20.30
CA LEU OA 159 -125.95 30.28 21.65
C LEU OA 159 -125.04 31.15 22.51
N THR OA 160 -123.80 31.38 22.07
CA THR OA 160 -122.87 32.22 22.82
C THR OA 160 -122.98 33.69 22.45
N GLU OA 161 -123.74 34.03 21.42
CA GLU OA 161 -123.88 35.42 20.98
C GLU OA 161 -124.83 36.16 21.91
N GLU OA 162 -124.38 37.32 22.42
CA GLU OA 162 -125.23 38.14 23.27
C GLU OA 162 -126.46 38.60 22.48
N THR OA 163 -127.58 38.73 23.17
CA THR OA 163 -128.85 39.01 22.51
C THR OA 163 -128.82 40.34 21.77
N LYS OA 164 -128.12 41.33 22.33
CA LYS OA 164 -128.07 42.66 21.74
C LYS OA 164 -127.26 42.68 20.46
N ASP PA 63 -123.07 44.29 30.67
CA ASP PA 63 -123.36 43.43 29.52
C ASP PA 63 -122.13 42.62 29.14
N LYS PA 64 -120.97 43.28 29.13
CA LYS PA 64 -119.73 42.63 28.73
C LYS PA 64 -119.38 41.45 29.63
N ALA PA 65 -119.82 41.48 30.90
CA ALA PA 65 -119.56 40.37 31.80
C ALA PA 65 -120.19 39.08 31.28
N LEU PA 66 -121.40 39.18 30.73
CA LEU PA 66 -122.06 38.02 30.15
C LEU PA 66 -121.30 37.50 28.93
N VAL PA 67 -120.79 38.40 28.10
CA VAL PA 67 -120.00 37.97 26.94
C VAL PA 67 -118.73 37.27 27.39
N ASP PA 68 -118.10 37.77 28.46
CA ASP PA 68 -116.93 37.12 29.01
C ASP PA 68 -117.28 35.72 29.54
N ALA PA 69 -118.44 35.59 30.18
CA ALA PA 69 -118.90 34.26 30.59
C ALA PA 69 -119.06 33.34 29.37
N MET PA 70 -119.58 33.89 28.27
CA MET PA 70 -119.67 33.12 27.04
C MET PA 70 -118.29 32.66 26.57
N ILE PA 71 -117.29 33.54 26.66
CA ILE PA 71 -115.93 33.16 26.28
C ILE PA 71 -115.40 32.07 27.22
N ALA PA 72 -115.76 32.14 28.50
CA ALA PA 72 -115.31 31.13 29.46
C ALA PA 72 -115.88 29.76 29.12
N GLU PA 73 -117.18 29.69 28.83
CA GLU PA 73 -117.78 28.40 28.47
C GLU PA 73 -117.25 27.89 27.13
N ILE PA 74 -117.07 28.79 26.15
CA ILE PA 74 -116.55 28.38 24.86
C ILE PA 74 -115.15 27.78 25.00
N ASP PA 75 -114.28 28.49 25.71
CA ASP PA 75 -112.93 27.97 25.96
C ASP PA 75 -112.97 26.67 26.76
N LYS PA 76 -113.96 26.53 27.64
CA LYS PA 76 -114.10 25.29 28.41
C LYS PA 76 -114.35 24.11 27.49
N ARG PA 77 -115.32 24.24 26.58
CA ARG PA 77 -115.59 23.14 25.65
C ARG PA 77 -114.40 22.87 24.74
N LEU PA 78 -113.84 23.93 24.14
CA LEU PA 78 -112.70 23.77 23.25
C LEU PA 78 -111.55 23.05 23.94
N SER PA 79 -111.25 23.41 25.18
CA SER PA 79 -110.20 22.72 25.92
C SER PA 79 -110.60 21.29 26.23
N SER PA 80 -111.91 21.04 26.44
CA SER PA 80 -112.38 19.67 26.61
C SER PA 80 -111.98 18.80 25.42
N GLN PA 81 -112.14 19.30 24.19
CA GLN PA 81 -111.75 18.49 23.04
C GLN PA 81 -110.22 18.45 22.83
N VAL PA 82 -109.58 19.60 22.96
CA VAL PA 82 -108.12 19.69 22.81
C VAL PA 82 -107.42 18.69 23.72
N ASN PA 83 -107.96 18.48 24.93
CA ASN PA 83 -107.40 17.47 25.81
C ASN PA 83 -107.48 16.08 25.19
N GLU PA 84 -108.57 15.79 24.49
CA GLU PA 84 -108.69 14.50 23.81
C GLU PA 84 -107.63 14.36 22.73
N ILE PA 85 -107.35 15.44 21.99
CA ILE PA 85 -106.29 15.38 20.98
C ILE PA 85 -104.92 15.18 21.62
N LEU PA 86 -104.60 15.99 22.62
CA LEU PA 86 -103.24 16.00 23.19
C LEU PA 86 -102.97 14.77 24.06
N HIS PA 87 -104.02 14.10 24.53
CA HIS PA 87 -103.88 12.89 25.32
C HIS PA 87 -104.12 11.63 24.50
N ALA PA 88 -104.19 11.75 23.17
CA ALA PA 88 -104.35 10.58 22.32
C ALA PA 88 -103.02 9.82 22.25
N LYS PA 89 -103.11 8.49 22.33
CA LYS PA 89 -101.91 7.67 22.40
C LYS PA 89 -101.07 7.76 21.14
N GLU PA 90 -101.72 7.82 19.97
CA GLU PA 90 -100.97 7.95 18.73
C GLU PA 90 -100.26 9.30 18.64
N PHE PA 91 -101.00 10.39 18.92
CA PHE PA 91 -100.40 11.71 18.94
C PHE PA 91 -99.21 11.77 19.89
N GLN PA 92 -99.38 11.24 21.10
CA GLN PA 92 -98.29 11.24 22.07
C GLN PA 92 -97.12 10.38 21.62
N LYS PA 93 -97.41 9.28 20.93
CA LYS PA 93 -96.33 8.48 20.36
C LYS PA 93 -95.46 9.31 19.43
N LEU PA 94 -96.08 9.92 18.40
CA LEU PA 94 -95.31 10.75 17.49
C LEU PA 94 -94.58 11.87 18.22
N GLU PA 95 -95.32 12.66 19.00
CA GLU PA 95 -94.76 13.83 19.68
C GLU PA 95 -93.58 13.43 20.56
N SER PA 96 -93.79 12.48 21.48
CA SER PA 96 -92.72 12.05 22.37
C SER PA 96 -91.52 11.52 21.60
N SER PA 97 -91.76 10.82 20.49
CA SER PA 97 -90.64 10.41 19.63
C SER PA 97 -89.79 11.61 19.23
N TRP PA 98 -90.41 12.58 18.55
CA TRP PA 98 -89.65 13.71 18.02
C TRP PA 98 -89.05 14.59 19.12
N ARG PA 99 -89.84 14.89 20.15
CA ARG PA 99 -89.41 15.80 21.21
C ARG PA 99 -88.29 15.18 22.05
N SER PA 100 -88.41 13.89 22.38
CA SER PA 100 -87.30 13.21 23.03
C SER PA 100 -86.07 13.20 22.14
N LEU PA 101 -86.26 12.99 20.84
CA LEU PA 101 -85.14 13.05 19.90
C LEU PA 101 -84.41 14.39 20.01
N LYS PA 102 -85.15 15.50 19.96
CA LYS PA 102 -84.53 16.81 20.06
C LYS PA 102 -83.89 17.03 21.43
N PHE PA 103 -84.55 16.57 22.49
CA PHE PA 103 -83.98 16.67 23.82
C PHE PA 103 -82.61 15.99 23.89
N MET PA 104 -82.45 14.89 23.15
CA MET PA 104 -81.13 14.28 23.04
C MET PA 104 -80.18 15.14 22.20
N VAL PA 105 -80.63 15.56 21.02
CA VAL PA 105 -79.73 16.17 20.04
C VAL PA 105 -79.16 17.49 20.55
N ASP PA 106 -80.03 18.34 21.11
CA ASP PA 106 -79.64 19.67 21.58
C ASP PA 106 -78.80 19.64 22.85
N ARG PA 107 -78.61 18.48 23.46
CA ARG PA 107 -77.74 18.32 24.62
C ARG PA 107 -76.37 17.74 24.26
N THR PA 108 -76.13 17.50 22.97
CA THR PA 108 -74.84 17.04 22.49
C THR PA 108 -74.08 18.21 21.89
N ASP PA 109 -72.85 17.92 21.42
CA ASP PA 109 -71.96 18.94 20.87
C ASP PA 109 -71.35 18.40 19.58
N PHE PA 110 -71.97 18.73 18.45
CA PHE PA 110 -71.52 18.27 17.15
C PHE PA 110 -70.13 18.76 16.78
N ARG PA 111 -69.62 19.79 17.46
CA ARG PA 111 -68.24 20.24 17.24
C ARG PA 111 -67.21 19.33 17.89
N GLU PA 112 -67.64 18.40 18.74
CA GLU PA 112 -66.75 17.45 19.41
C GLU PA 112 -66.71 16.11 18.71
N ASN PA 113 -66.99 16.07 17.40
CA ASN PA 113 -66.96 14.83 16.63
C ASN PA 113 -68.05 13.86 17.07
N THR PA 114 -69.23 14.38 17.35
CA THR PA 114 -70.38 13.58 17.73
C THR PA 114 -71.38 13.57 16.58
N ARG PA 115 -71.88 12.39 16.23
CA ARG PA 115 -72.78 12.23 15.09
C ARG PA 115 -73.95 11.34 15.49
N VAL PA 116 -75.08 11.56 14.83
CA VAL PA 116 -76.32 10.84 15.11
C VAL PA 116 -77.11 10.66 13.83
N GLU PA 117 -77.58 9.43 13.60
CA GLU PA 117 -78.38 9.10 12.44
C GLU PA 117 -79.71 8.51 12.90
N MET PA 118 -80.76 8.77 12.12
CA MET PA 118 -82.12 8.32 12.41
C MET PA 118 -82.50 7.21 11.46
N LEU PA 119 -83.05 6.13 12.02
CA LEU PA 119 -83.49 4.95 11.28
C LEU PA 119 -84.91 4.65 11.73
N ASN PA 120 -85.87 4.90 10.83
CA ASN PA 120 -87.28 4.67 11.11
C ASN PA 120 -87.57 3.18 11.00
N ALA PA 121 -87.90 2.55 12.12
CA ALA PA 121 -88.19 1.12 12.14
C ALA PA 121 -89.03 0.81 13.36
N SER PA 122 -90.07 0.01 13.18
CA SER PA 122 -90.86 -0.48 14.29
C SER PA 122 -90.36 -1.85 14.72
N LYS PA 123 -90.68 -2.23 15.96
CA LYS PA 123 -90.25 -3.51 16.48
C LYS PA 123 -90.77 -4.66 15.63
N GLU PA 124 -92.04 -4.59 15.22
CA GLU PA 124 -92.63 -5.66 14.41
C GLU PA 124 -91.84 -5.86 13.13
N ASP PA 125 -91.45 -4.78 12.46
CA ASP PA 125 -90.67 -4.87 11.24
C ASP PA 125 -89.22 -5.30 11.50
N LEU PA 126 -88.67 -4.96 12.67
CA LEU PA 126 -87.37 -5.51 13.04
C LEU PA 126 -87.44 -7.03 13.11
N GLN PA 127 -88.46 -7.55 13.80
CA GLN PA 127 -88.67 -8.99 13.84
C GLN PA 127 -88.91 -9.56 12.44
N LYS PA 128 -89.63 -8.81 11.60
CA LYS PA 128 -89.93 -9.28 10.25
C LYS PA 128 -88.64 -9.44 9.43
N ASP PA 129 -87.72 -8.48 9.55
CA ASP PA 129 -86.47 -8.56 8.80
C ASP PA 129 -85.57 -9.65 9.36
N PHE PA 130 -85.44 -9.73 10.69
CA PHE PA 130 -84.55 -10.71 11.30
C PHE PA 130 -85.03 -12.14 11.06
N GLU PA 131 -86.34 -12.36 11.03
CA GLU PA 131 -86.87 -13.69 10.78
C GLU PA 131 -86.89 -14.02 9.29
N ASP PA 132 -87.06 -13.00 8.44
CA ASP PA 132 -87.03 -13.22 7.00
C ASP PA 132 -85.63 -13.58 6.52
N ALA PA 133 -84.61 -12.90 7.06
CA ALA PA 133 -83.25 -13.18 6.65
C ALA PA 133 -82.83 -14.58 7.10
N PRO PA 134 -81.99 -15.28 6.33
CA PRO PA 134 -81.53 -16.59 6.79
C PRO PA 134 -80.50 -16.50 7.90
N GLU PA 135 -79.79 -15.38 8.01
CA GLU PA 135 -78.78 -15.19 9.03
C GLU PA 135 -78.63 -13.70 9.30
N VAL PA 136 -78.17 -13.37 10.51
CA VAL PA 136 -78.08 -11.97 10.93
C VAL PA 136 -77.13 -11.18 10.03
N THR PA 137 -76.12 -11.85 9.47
CA THR PA 137 -75.18 -11.18 8.56
C THR PA 137 -75.85 -10.69 7.29
N LYS PA 138 -77.08 -11.13 7.00
CA LYS PA 138 -77.82 -10.71 5.82
C LYS PA 138 -79.03 -9.83 6.16
N SER PA 139 -79.17 -9.42 7.41
CA SER PA 139 -80.25 -8.52 7.77
C SER PA 139 -79.92 -7.10 7.34
N GLY PA 140 -80.96 -6.32 7.06
CA GLY PA 140 -80.75 -4.94 6.64
C GLY PA 140 -80.09 -4.09 7.71
N LEU PA 141 -80.59 -4.19 8.95
CA LEU PA 141 -79.96 -3.48 10.05
C LEU PA 141 -78.48 -3.79 10.16
N TYR PA 142 -78.12 -5.08 10.08
CA TYR PA 142 -76.70 -5.45 10.05
C TYR PA 142 -76.01 -4.82 8.85
N LYS PA 143 -76.70 -4.75 7.70
CA LYS PA 143 -76.13 -4.10 6.53
C LYS PA 143 -75.73 -2.67 6.83
N LEU PA 144 -76.63 -1.89 7.43
CA LEU PA 144 -76.41 -0.46 7.65
C LEU PA 144 -75.67 -0.15 8.94
N VAL PA 145 -75.42 -1.15 9.78
CA VAL PA 145 -74.72 -0.92 11.05
C VAL PA 145 -73.29 -1.38 10.89
N TYR PA 146 -73.11 -2.66 10.55
CA TYR PA 146 -71.78 -3.23 10.42
C TYR PA 146 -71.21 -3.03 9.03
N SER PA 147 -71.94 -3.49 8.01
CA SER PA 147 -71.39 -3.57 6.66
C SER PA 147 -71.00 -2.20 6.12
N ASN PA 148 -71.93 -1.24 6.18
CA ASN PA 148 -71.67 0.10 5.67
C ASN PA 148 -70.82 0.94 6.61
N GLU PA 149 -70.34 0.39 7.72
CA GLU PA 149 -69.59 1.18 8.68
C GLU PA 149 -68.32 0.48 9.13
N TYR PA 150 -68.42 -0.34 10.19
CA TYR PA 150 -67.24 -0.95 10.80
C TYR PA 150 -66.49 -1.84 9.81
N GLY PA 151 -67.21 -2.51 8.92
CA GLY PA 151 -66.58 -3.42 7.98
C GLY PA 151 -66.35 -2.82 6.61
N VAL PA 152 -66.14 -1.51 6.54
CA VAL PA 152 -65.97 -0.79 5.28
C VAL PA 152 -64.69 0.02 5.36
N PHE PA 153 -63.74 -0.28 4.48
CA PHE PA 153 -62.51 0.50 4.41
C PHE PA 153 -62.83 1.92 3.97
N GLY PA 154 -62.37 2.89 4.77
CA GLY PA 154 -62.70 4.28 4.53
C GLY PA 154 -63.91 4.79 5.29
N GLY PA 155 -64.70 3.88 5.87
CA GLY PA 155 -65.88 4.27 6.62
C GLY PA 155 -65.57 4.53 8.08
N LYS PA 156 -66.60 4.38 8.92
CA LYS PA 156 -66.48 4.63 10.34
C LYS PA 156 -67.46 3.73 11.08
N PRO PA 157 -67.13 3.30 12.29
CA PRO PA 157 -68.01 2.35 13.00
C PRO PA 157 -69.00 3.06 13.91
N TYR PA 158 -70.18 2.46 14.02
CA TYR PA 158 -71.23 3.02 14.86
C TYR PA 158 -70.88 2.84 16.33
N GLY PA 159 -70.96 3.93 17.10
CA GLY PA 159 -70.58 3.87 18.49
C GLY PA 159 -71.56 3.08 19.33
N ILE PA 160 -72.85 3.38 19.20
CA ILE PA 160 -73.89 2.74 20.00
C ILE PA 160 -75.22 2.90 19.29
N ILE PA 161 -76.19 2.06 19.66
CA ILE PA 161 -77.51 2.06 19.05
C ILE PA 161 -78.55 2.31 20.14
N SER PA 162 -79.36 3.36 19.95
CA SER PA 162 -80.41 3.73 20.90
C SER PA 162 -81.74 3.40 20.26
N ALA PA 163 -82.48 2.46 20.87
CA ALA PA 163 -83.76 2.00 20.35
C ALA PA 163 -84.89 2.57 21.21
N ASN PA 164 -85.76 3.36 20.60
CA ASN PA 164 -86.89 3.97 21.31
C ASN PA 164 -88.04 2.96 21.37
N TYR PA 165 -87.87 1.97 22.25
CA TYR PA 165 -88.84 0.91 22.40
C TYR PA 165 -88.96 0.52 23.87
N ASP PA 166 -90.12 -0.01 24.22
CA ASP PA 166 -90.37 -0.61 25.52
C ASP PA 166 -90.49 -2.12 25.33
N PHE PA 167 -89.86 -2.87 26.23
CA PHE PA 167 -89.81 -4.33 26.12
C PHE PA 167 -90.60 -4.96 27.25
N ASN PA 168 -91.35 -6.02 26.91
CA ASN PA 168 -92.03 -6.85 27.88
C ASN PA 168 -91.37 -8.21 27.93
N VAL PA 169 -91.96 -9.12 28.71
CA VAL PA 169 -91.48 -10.50 28.77
C VAL PA 169 -91.96 -11.34 27.60
N GLY PA 170 -92.71 -10.75 26.67
CA GLY PA 170 -93.24 -11.47 25.53
C GLY PA 170 -92.17 -12.11 24.68
N PRO PA 171 -92.49 -13.28 24.11
CA PRO PA 171 -91.48 -13.99 23.32
C PRO PA 171 -90.94 -13.20 22.14
N GLN PA 172 -91.80 -12.41 21.47
CA GLN PA 172 -91.33 -11.57 20.37
C GLN PA 172 -90.27 -10.57 20.85
N ASP PA 173 -90.54 -9.90 21.96
CA ASP PA 173 -89.58 -8.96 22.51
C ASP PA 173 -88.28 -9.65 22.90
N MET PA 174 -88.38 -10.83 23.52
CA MET PA 174 -87.18 -11.57 23.88
C MET PA 174 -86.33 -11.91 22.65
N GLU PA 175 -86.97 -12.40 21.59
CA GLU PA 175 -86.23 -12.73 20.37
C GLU PA 175 -85.59 -11.50 19.76
N LEU PA 176 -86.33 -10.39 19.70
CA LEU PA 176 -85.74 -9.14 19.22
C LEU PA 176 -84.50 -8.78 20.02
N LEU PA 177 -84.56 -8.91 21.35
CA LEU PA 177 -83.40 -8.65 22.18
C LEU PA 177 -82.23 -9.56 21.84
N ARG PA 178 -82.54 -10.84 21.53
CA ARG PA 178 -81.47 -11.76 21.13
C ARG PA 178 -80.78 -11.29 19.86
N LYS PA 179 -81.56 -10.94 18.84
CA LYS PA 179 -80.97 -10.45 17.58
C LYS PA 179 -80.14 -9.20 17.81
N CYS PA 180 -80.66 -8.24 18.59
CA CYS PA 180 -79.92 -7.02 18.86
C CYS PA 180 -78.62 -7.30 19.61
N ALA PA 181 -78.63 -8.28 20.51
CA ALA PA 181 -77.40 -8.66 21.21
C ALA PA 181 -76.39 -9.23 20.23
N SER PA 182 -76.84 -10.08 19.30
CA SER PA 182 -75.92 -10.62 18.30
C SER PA 182 -75.28 -9.51 17.46
N VAL PA 183 -76.10 -8.61 16.92
CA VAL PA 183 -75.58 -7.54 16.09
C VAL PA 183 -74.60 -6.66 16.88
N ALA PA 184 -75.00 -6.28 18.10
CA ALA PA 184 -74.15 -5.44 18.92
C ALA PA 184 -72.82 -6.11 19.23
N ALA PA 185 -72.84 -7.44 19.43
CA ALA PA 185 -71.60 -8.16 19.66
C ALA PA 185 -70.72 -8.17 18.40
N MET PA 186 -71.34 -8.37 17.24
CA MET PA 186 -70.56 -8.41 16.00
C MET PA 186 -69.92 -7.08 15.66
N ALA PA 187 -70.60 -5.97 15.97
CA ALA PA 187 -70.09 -4.64 15.61
C ALA PA 187 -69.40 -3.96 16.78
N HIS PA 188 -69.39 -4.58 17.96
CA HIS PA 188 -68.80 -3.98 19.15
C HIS PA 188 -69.49 -2.67 19.54
N ALA PA 189 -70.82 -2.70 19.60
CA ALA PA 189 -71.60 -1.52 19.92
C ALA PA 189 -72.83 -1.93 20.74
N PRO PA 190 -73.03 -1.33 21.92
CA PRO PA 190 -74.14 -1.75 22.78
C PRO PA 190 -75.49 -1.26 22.26
N PHE PA 191 -76.52 -2.01 22.60
CA PHE PA 191 -77.90 -1.67 22.23
C PHE PA 191 -78.64 -1.28 23.50
N ILE PA 192 -79.13 -0.03 23.53
CA ILE PA 192 -79.78 0.53 24.71
C ILE PA 192 -81.26 0.77 24.42
N GLY PA 193 -82.11 0.37 25.37
CA GLY PA 193 -83.54 0.55 25.26
C GLY PA 193 -84.19 0.71 26.62
N ASN PA 194 -85.51 0.55 26.68
CA ASN PA 194 -86.25 0.71 27.92
C ASN PA 194 -87.15 -0.50 28.14
N ALA PA 195 -87.57 -0.67 29.40
CA ALA PA 195 -88.48 -1.73 29.79
C ALA PA 195 -89.85 -1.16 30.13
N ALA PA 196 -90.89 -1.89 29.78
CA ALA PA 196 -92.26 -1.43 30.06
C ALA PA 196 -92.66 -1.81 31.47
N PRO PA 197 -93.60 -1.07 32.06
CA PRO PA 197 -94.00 -1.36 33.45
C PRO PA 197 -94.53 -2.77 33.65
N GLU PA 198 -95.32 -3.30 32.72
CA GLU PA 198 -95.86 -4.65 32.83
C GLU PA 198 -94.78 -5.72 32.91
N VAL PA 199 -93.53 -5.37 32.60
CA VAL PA 199 -92.42 -6.31 32.78
C VAL PA 199 -92.30 -6.73 34.24
N PHE PA 200 -92.67 -5.84 35.17
CA PHE PA 200 -92.68 -6.14 36.59
C PHE PA 200 -94.05 -6.61 37.08
N GLY PA 201 -94.97 -6.91 36.17
CA GLY PA 201 -96.30 -7.32 36.56
C GLY PA 201 -97.14 -6.22 37.18
N GLU PA 202 -96.84 -4.96 36.85
CA GLU PA 202 -97.55 -3.82 37.40
C GLU PA 202 -98.14 -2.99 36.26
N GLU PA 203 -99.26 -2.33 36.55
CA GLU PA 203 -99.92 -1.51 35.54
C GLU PA 203 -99.04 -0.35 35.10
N SER PA 204 -98.31 0.25 36.03
CA SER PA 204 -97.45 1.38 35.73
C SER PA 204 -96.35 1.45 36.77
N PHE PA 205 -95.24 2.10 36.39
CA PHE PA 205 -94.11 2.28 37.29
C PHE PA 205 -94.48 2.83 38.66
N LEU PA 206 -95.59 3.56 38.76
CA LEU PA 206 -96.06 4.07 40.05
C LEU PA 206 -96.31 2.97 41.08
N LYS PA 207 -96.32 1.70 40.67
CA LYS PA 207 -96.53 0.58 41.58
C LYS PA 207 -95.21 -0.04 42.04
N LEU PA 208 -94.07 0.53 41.65
CA LEU PA 208 -92.79 -0.05 42.04
C LEU PA 208 -92.60 -0.11 43.55
N PRO PA 209 -93.02 0.87 44.35
CA PRO PA 209 -92.83 0.75 45.80
C PRO PA 209 -93.63 -0.36 46.45
N ASP PA 210 -94.66 -0.88 45.75
CA ASP PA 210 -95.44 -1.99 46.29
C ASP PA 210 -94.80 -3.35 46.04
N LEU PA 211 -93.77 -3.41 45.21
CA LEU PA 211 -93.11 -4.68 44.91
C LEU PA 211 -92.18 -5.04 46.06
N LYS PA 212 -92.46 -6.18 46.72
CA LYS PA 212 -91.72 -6.54 47.92
C LYS PA 212 -90.38 -7.19 47.59
N ASP PA 213 -90.26 -7.85 46.44
CA ASP PA 213 -89.05 -8.63 46.16
C ASP PA 213 -89.00 -8.94 44.66
N LEU PA 214 -88.23 -8.13 43.91
CA LEU PA 214 -88.10 -8.36 42.48
C LEU PA 214 -87.37 -9.67 42.19
N LYS PA 215 -86.32 -9.98 42.96
CA LYS PA 215 -85.56 -11.20 42.74
C LYS PA 215 -86.46 -12.43 42.81
N SER PA 216 -87.34 -12.48 43.80
CA SER PA 216 -88.32 -13.56 43.88
C SER PA 216 -89.36 -13.46 42.77
N LEU PA 217 -89.73 -12.23 42.39
CA LEU PA 217 -90.69 -12.06 41.29
C LEU PA 217 -90.18 -12.71 40.01
N PHE PA 218 -88.87 -12.61 39.75
CA PHE PA 218 -88.26 -13.12 38.52
C PHE PA 218 -88.09 -14.63 38.51
N GLU PA 219 -88.52 -15.33 39.55
CA GLU PA 219 -88.40 -16.78 39.58
C GLU PA 219 -89.55 -17.49 38.88
N GLY PA 220 -90.64 -16.78 38.60
CA GLY PA 220 -91.78 -17.37 37.95
C GLY PA 220 -91.46 -17.86 36.54
N PRO PA 221 -92.18 -18.88 36.08
CA PRO PA 221 -91.90 -19.42 34.75
C PRO PA 221 -92.14 -18.42 33.63
N GLN PA 222 -92.87 -17.33 33.89
CA GLN PA 222 -93.12 -16.32 32.87
C GLN PA 222 -91.83 -15.70 32.35
N TYR PA 223 -90.75 -15.75 33.14
CA TYR PA 223 -89.49 -15.11 32.79
C TYR PA 223 -88.39 -16.10 32.41
N ALA PA 224 -88.77 -17.31 31.99
CA ALA PA 224 -87.76 -18.31 31.64
C ALA PA 224 -86.84 -17.82 30.53
N ARG PA 225 -87.43 -17.30 29.45
CA ARG PA 225 -86.65 -16.83 28.31
C ARG PA 225 -85.72 -15.69 28.70
N TRP PA 226 -86.21 -14.73 29.49
CA TRP PA 226 -85.35 -13.65 29.96
C TRP PA 226 -84.20 -14.20 30.80
N HIS PA 227 -84.48 -15.20 31.64
CA HIS PA 227 -83.44 -15.82 32.46
C HIS PA 227 -82.34 -16.41 31.60
N SER PA 228 -82.69 -17.12 30.52
CA SER PA 228 -81.65 -17.63 29.63
C SER PA 228 -80.90 -16.50 28.91
N PHE PA 229 -81.65 -15.48 28.46
CA PHE PA 229 -81.03 -14.35 27.80
C PHE PA 229 -79.93 -13.72 28.67
N ARG PA 230 -80.20 -13.59 29.97
CA ARG PA 230 -79.19 -13.04 30.89
C ARG PA 230 -77.94 -13.91 30.96
N GLU PA 231 -78.04 -15.19 30.59
CA GLU PA 231 -76.91 -16.10 30.63
C GLU PA 231 -76.16 -16.18 29.31
N SER PA 232 -76.75 -15.72 28.22
CA SER PA 232 -76.02 -15.66 26.96
C SER PA 232 -74.82 -14.72 27.07
N GLU PA 233 -73.74 -15.07 26.33
CA GLU PA 233 -72.54 -14.24 26.32
C GLU PA 233 -72.70 -13.00 25.45
N ASP PA 234 -73.76 -12.91 24.67
CA ASP PA 234 -74.06 -11.69 23.92
C ASP PA 234 -74.82 -10.68 24.76
N ALA PA 235 -75.26 -11.04 25.97
CA ALA PA 235 -76.02 -10.14 26.81
C ALA PA 235 -75.21 -8.93 27.26
N ARG PA 236 -73.88 -8.98 27.14
CA ARG PA 236 -73.05 -7.84 27.51
C ARG PA 236 -73.32 -6.62 26.63
N TYR PA 237 -73.92 -6.80 25.46
CA TYR PA 237 -74.21 -5.70 24.55
C TYR PA 237 -75.66 -5.22 24.64
N VAL PA 238 -76.37 -5.61 25.69
CA VAL PA 238 -77.77 -5.22 25.88
C VAL PA 238 -77.88 -4.39 27.15
N GLY PA 239 -78.61 -3.28 27.07
CA GLY PA 239 -78.84 -2.44 28.23
C GLY PA 239 -80.24 -1.85 28.24
N LEU PA 240 -81.01 -2.14 29.29
CA LEU PA 240 -82.39 -1.69 29.39
C LEU PA 240 -82.56 -0.77 30.60
N ALA PA 241 -83.31 0.31 30.41
CA ALA PA 241 -83.56 1.30 31.44
C ALA PA 241 -84.95 1.09 32.04
N LEU PA 242 -85.14 1.66 33.24
CA LEU PA 242 -86.36 1.46 34.01
C LEU PA 242 -87.37 2.59 33.74
N PRO PA 243 -87.68 3.39 34.76
CA PRO PA 243 -88.79 4.34 34.61
C PRO PA 243 -88.52 5.41 33.56
N ARG PA 244 -89.61 5.91 32.99
CA ARG PA 244 -89.54 6.95 31.98
C ARG PA 244 -89.36 8.31 32.67
N PHE PA 245 -89.49 9.40 31.91
CA PHE PA 245 -89.28 10.71 32.52
C PHE PA 245 -90.05 11.76 31.75
N LEU PA 246 -90.55 12.76 32.47
CA LEU PA 246 -91.36 13.81 31.85
C LEU PA 246 -90.57 14.57 30.80
N LEU PA 247 -91.25 14.89 29.69
CA LEU PA 247 -90.68 15.69 28.62
C LEU PA 247 -91.30 17.07 28.50
N ARG PA 248 -92.56 17.24 28.87
CA ARG PA 248 -93.25 18.51 28.74
C ARG PA 248 -94.06 18.80 30.00
N LEU PA 249 -94.01 20.06 30.44
CA LEU PA 249 -94.88 20.49 31.53
C LEU PA 249 -96.25 20.82 30.98
N PRO PA 250 -97.33 20.41 31.65
CA PRO PA 250 -98.67 20.57 31.08
C PRO PA 250 -99.00 22.05 30.83
N TYR PA 251 -99.79 22.30 29.79
CA TYR PA 251 -100.07 23.66 29.37
C TYR PA 251 -100.81 24.43 30.45
N GLY PA 252 -100.39 25.68 30.66
CA GLY PA 252 -101.02 26.54 31.64
C GLY PA 252 -100.79 28.01 31.36
N GLU PA 253 -101.80 28.84 31.65
CA GLU PA 253 -101.75 30.26 31.27
C GLU PA 253 -100.52 30.97 31.83
N LYS PA 254 -99.92 30.45 32.90
CA LYS PA 254 -98.74 31.04 33.51
C LYS PA 254 -97.47 30.26 33.18
N THR PA 255 -97.48 28.94 33.45
CA THR PA 255 -96.25 28.15 33.35
C THR PA 255 -95.94 27.77 31.89
N VAL PA 256 -96.96 27.55 31.07
CA VAL PA 256 -96.75 27.13 29.69
C VAL PA 256 -97.89 27.65 28.83
N PRO PA 257 -97.94 28.95 28.54
CA PRO PA 257 -99.11 29.50 27.84
C PRO PA 257 -99.01 29.30 26.34
N VAL PA 258 -100.16 29.42 25.69
CA VAL PA 258 -100.28 29.33 24.24
C VAL PA 258 -100.95 30.62 23.75
N LYS PA 259 -100.89 30.82 22.43
CA LYS PA 259 -101.38 32.05 21.83
C LYS PA 259 -102.90 32.00 21.66
N ALA PA 260 -103.52 33.17 21.77
CA ALA PA 260 -104.95 33.31 21.51
C ALA PA 260 -105.79 32.50 22.49
N PHE PA 261 -106.02 31.23 22.18
CA PHE PA 261 -106.89 30.38 22.99
C PHE PA 261 -106.33 30.23 24.40
N ASN PA 262 -107.16 30.50 25.41
CA ASN PA 262 -106.74 30.39 26.81
C ASN PA 262 -106.86 28.93 27.23
N PHE PA 263 -105.85 28.15 26.87
CA PHE PA 263 -105.85 26.71 27.09
C PHE PA 263 -105.16 26.39 28.41
N THR PA 264 -105.82 25.61 29.25
CA THR PA 264 -105.28 25.12 30.51
C THR PA 264 -105.42 23.60 30.47
N GLU PA 265 -104.31 22.90 30.24
CA GLU PA 265 -104.35 21.44 30.13
C GLU PA 265 -104.75 20.82 31.46
N ASP PA 266 -105.66 19.86 31.41
CA ASP PA 266 -106.22 19.23 32.61
C ASP PA 266 -105.78 17.77 32.64
N VAL PA 267 -104.71 17.50 33.39
CA VAL PA 267 -104.27 16.13 33.60
C VAL PA 267 -105.18 15.49 34.64
N VAL PA 268 -105.80 14.37 34.27
CA VAL PA 268 -106.76 13.70 35.14
C VAL PA 268 -106.01 12.84 36.15
N GLY PA 269 -106.71 11.85 36.72
CA GLY PA 269 -106.06 10.95 37.65
C GLY PA 269 -105.04 10.05 37.00
N HIS PA 270 -105.13 9.88 35.68
CA HIS PA 270 -104.23 8.99 34.95
C HIS PA 270 -102.98 9.77 34.56
N HIS PA 271 -101.87 9.48 35.25
CA HIS PA 271 -100.59 10.11 34.95
C HIS PA 271 -100.12 9.84 33.53
N GLU PA 272 -100.73 8.85 32.84
CA GLU PA 272 -100.48 8.64 31.43
C GLU PA 272 -100.85 9.84 30.57
N ARG PA 273 -101.61 10.79 31.12
CA ARG PA 273 -101.87 12.04 30.40
C ARG PA 273 -100.60 12.86 30.24
N TYR PA 274 -99.62 12.67 31.13
CA TYR PA 274 -98.35 13.36 31.04
C TYR PA 274 -97.53 12.81 29.89
N LEU PA 275 -96.78 13.70 29.23
CA LEU PA 275 -95.96 13.33 28.07
C LEU PA 275 -94.68 12.68 28.58
N TRP PA 276 -94.76 11.37 28.82
CA TRP PA 276 -93.60 10.61 29.27
C TRP PA 276 -92.65 10.34 28.10
N GLY PA 277 -91.37 10.22 28.43
CA GLY PA 277 -90.33 10.03 27.44
C GLY PA 277 -89.40 8.91 27.85
N HIS PA 278 -88.77 8.28 26.85
CA HIS PA 278 -87.95 7.09 27.07
C HIS PA 278 -86.58 7.50 27.61
N ALA PA 279 -86.21 6.98 28.79
CA ALA PA 279 -84.98 7.40 29.46
C ALA PA 279 -83.72 6.97 28.73
N SER PA 280 -83.84 6.04 27.77
CA SER PA 280 -82.69 5.64 26.96
C SER PA 280 -82.00 6.85 26.35
N VAL PA 281 -82.77 7.89 25.99
CA VAL PA 281 -82.20 9.10 25.43
C VAL PA 281 -81.34 9.82 26.47
N ALA PA 282 -81.79 9.85 27.72
CA ALA PA 282 -80.99 10.46 28.77
C ALA PA 282 -79.66 9.73 28.93
N LEU PA 283 -79.71 8.38 28.99
CA LEU PA 283 -78.46 7.62 29.03
C LEU PA 283 -77.56 7.97 27.85
N THR PA 284 -78.14 8.07 26.64
CA THR PA 284 -77.37 8.45 25.47
C THR PA 284 -76.70 9.81 25.65
N SER PA 285 -77.40 10.78 26.25
CA SER PA 285 -76.78 12.05 26.57
C SER PA 285 -75.59 11.88 27.49
N ARG PA 286 -75.69 10.97 28.47
CA ARG PA 286 -74.53 10.68 29.32
C ARG PA 286 -73.32 10.24 28.49
N VAL PA 287 -73.51 9.22 27.63
CA VAL PA 287 -72.42 8.77 26.78
C VAL PA 287 -71.85 9.93 25.97
N ALA PA 288 -72.74 10.75 25.40
CA ALA PA 288 -72.32 11.88 24.57
C ALA PA 288 -71.43 12.85 25.35
N ASP PA 289 -71.82 13.18 26.58
CA ASP PA 289 -71.02 14.13 27.37
C ASP PA 289 -69.64 13.55 27.69
N SER PA 290 -69.60 12.30 28.16
CA SER PA 290 -68.31 11.66 28.43
C SER PA 290 -67.39 11.74 27.21
N PHE PA 291 -67.92 11.42 26.02
CA PHE PA 291 -67.10 11.44 24.81
C PHE PA 291 -66.71 12.86 24.40
N ALA PA 292 -67.60 13.83 24.64
CA ALA PA 292 -67.30 15.21 24.27
C ALA PA 292 -66.15 15.75 25.11
N LYS PA 293 -66.04 15.31 26.37
CA LYS PA 293 -64.98 15.81 27.24
C LYS PA 293 -63.67 15.04 27.05
N PHE PA 294 -63.73 13.71 26.89
CA PHE PA 294 -62.52 12.90 26.97
C PHE PA 294 -62.25 12.01 25.76
N ARG PA 295 -63.21 11.84 24.86
CA ARG PA 295 -63.10 10.90 23.74
C ARG PA 295 -63.32 9.45 24.17
N TRP PA 296 -63.81 9.24 25.39
CA TRP PA 296 -64.10 7.91 25.92
C TRP PA 296 -65.41 8.00 26.69
N SER PA 297 -66.07 6.85 26.85
CA SER PA 297 -67.41 6.78 27.43
C SER PA 297 -67.43 5.90 28.69
N PRO PA 298 -66.76 6.33 29.76
CA PRO PA 298 -66.81 5.56 31.01
C PRO PA 298 -67.46 6.34 32.13
N ASN PA 299 -67.50 7.66 31.99
CA ASN PA 299 -67.99 8.54 33.06
C ASN PA 299 -69.48 8.83 32.84
N ILE PA 300 -70.31 7.87 33.25
CA ILE PA 300 -71.75 8.01 33.10
C ILE PA 300 -72.50 7.29 34.21
N ILE PA 301 -71.89 7.15 35.37
CA ILE PA 301 -72.52 6.41 36.46
C ILE PA 301 -72.32 7.08 37.82
N GLY PA 302 -72.66 8.36 37.92
CA GLY PA 302 -72.54 9.05 39.18
C GLY PA 302 -73.13 10.46 39.18
N PRO PA 303 -73.63 10.89 40.33
CA PRO PA 303 -74.12 12.28 40.42
C PRO PA 303 -73.04 13.32 40.21
N GLN PA 304 -71.78 12.98 40.50
CA GLN PA 304 -70.65 13.86 40.22
C GLN PA 304 -69.76 13.35 39.09
N SER PA 305 -69.78 12.05 38.82
CA SER PA 305 -68.91 11.48 37.79
C SER PA 305 -69.37 11.85 36.38
N GLY PA 306 -70.68 12.03 36.19
CA GLY PA 306 -71.18 12.37 34.87
C GLY PA 306 -72.42 11.59 34.47
N GLY PA 307 -72.95 10.83 35.40
CA GLY PA 307 -74.22 10.14 35.21
C GLY PA 307 -75.42 10.90 35.72
N ALA PA 308 -75.27 12.20 36.01
CA ALA PA 308 -76.37 13.01 36.51
C ALA PA 308 -77.10 13.66 35.34
N VAL PA 309 -78.43 13.57 35.35
CA VAL PA 309 -79.29 14.25 34.39
C VAL PA 309 -79.87 15.46 35.10
N GLU PA 310 -79.51 16.66 34.62
CA GLU PA 310 -79.93 17.90 35.24
C GLU PA 310 -80.98 18.60 34.38
N ASN PA 311 -81.78 19.44 35.03
CA ASN PA 311 -82.78 20.25 34.34
C ASN PA 311 -84.01 19.43 33.96
N LEU PA 312 -84.63 18.77 34.94
CA LEU PA 312 -85.84 18.02 34.63
C LEU PA 312 -87.08 18.89 34.80
N PRO PA 313 -88.13 18.64 34.02
CA PRO PA 313 -89.35 19.44 34.16
C PRO PA 313 -90.02 19.18 35.51
N LEU PA 314 -90.67 20.22 36.03
CA LEU PA 314 -91.39 20.14 37.29
C LEU PA 314 -92.83 20.60 37.08
N HIS PA 315 -93.70 20.22 38.00
CA HIS PA 315 -95.13 20.52 37.86
C HIS PA 315 -95.77 20.53 39.25
N GLN PA 316 -95.85 21.71 39.85
CA GLN PA 316 -96.48 21.86 41.15
C GLN PA 316 -98.00 21.95 40.97
N TYR PA 317 -98.73 21.21 41.79
CA TYR PA 317 -100.18 21.18 41.74
C TYR PA 317 -100.71 20.88 43.14
N GLU PA 318 -102.01 21.11 43.31
CA GLU PA 318 -102.62 20.96 44.62
C GLU PA 318 -102.74 19.50 45.01
N ALA PA 319 -102.43 19.21 46.27
CA ALA PA 319 -102.53 17.86 46.82
C ALA PA 319 -103.75 17.80 47.74
N MET PA 320 -103.64 17.35 48.99
CA MET PA 320 -104.77 17.34 49.92
C MET PA 320 -104.91 18.65 50.67
N GLY PA 321 -104.93 19.77 49.96
CA GLY PA 321 -104.90 21.09 50.57
C GLY PA 321 -103.53 21.75 50.54
N GLU PA 322 -102.48 20.98 50.29
CA GLU PA 322 -101.13 21.49 50.16
C GLU PA 322 -100.71 21.47 48.68
N ILE PA 323 -99.41 21.61 48.44
CA ILE PA 323 -98.87 21.62 47.09
C ILE PA 323 -97.78 20.56 46.99
N GLN PA 324 -97.69 19.95 45.81
CA GLN PA 324 -96.68 18.93 45.54
C GLN PA 324 -96.37 18.93 44.06
N THR PA 325 -95.15 18.52 43.73
CA THR PA 325 -94.68 18.49 42.36
C THR PA 325 -94.71 17.07 41.82
N LYS PA 326 -95.24 16.92 40.60
CA LYS PA 326 -95.21 15.63 39.94
C LYS PA 326 -93.75 15.22 39.74
N ILE PA 327 -93.40 14.03 40.23
CA ILE PA 327 -92.01 13.59 40.16
C ILE PA 327 -91.60 13.46 38.70
N PRO PA 328 -90.44 13.97 38.30
CA PRO PA 328 -90.02 13.85 36.89
C PRO PA 328 -89.97 12.41 36.40
N THR PA 329 -89.61 11.48 37.28
CA THR PA 329 -89.79 10.06 37.04
C THR PA 329 -91.05 9.60 37.76
N GLU PA 330 -91.63 8.50 37.27
CA GLU PA 330 -92.90 8.03 37.79
C GLU PA 330 -92.87 7.87 39.30
N VAL PA 331 -91.75 7.40 39.85
CA VAL PA 331 -91.61 7.15 41.28
C VAL PA 331 -90.28 7.71 41.77
N MET PA 332 -90.19 7.85 43.10
CA MET PA 332 -88.97 8.30 43.76
C MET PA 332 -88.30 7.03 44.29
N LEU PA 333 -87.35 6.51 43.52
CA LEU PA 333 -86.74 5.23 43.85
C LEU PA 333 -85.80 5.37 45.03
N THR PA 334 -85.96 4.48 46.01
CA THR PA 334 -85.06 4.45 47.16
C THR PA 334 -83.80 3.66 46.83
N GLU PA 335 -82.78 3.83 47.68
CA GLU PA 335 -81.49 3.19 47.43
C GLU PA 335 -81.61 1.67 47.36
N ARG PA 336 -82.42 1.08 48.25
CA ARG PA 336 -82.57 -0.36 48.25
C ARG PA 336 -83.25 -0.87 46.98
N ARG PA 337 -84.31 -0.18 46.54
CA ARG PA 337 -84.99 -0.58 45.31
C ARG PA 337 -84.08 -0.42 44.10
N GLU PA 338 -83.33 0.67 44.04
CA GLU PA 338 -82.37 0.86 42.95
C GLU PA 338 -81.33 -0.25 42.95
N PHE PA 339 -80.86 -0.64 44.14
CA PHE PA 339 -79.90 -1.74 44.24
C PHE PA 339 -80.50 -3.05 43.72
N GLU PA 340 -81.75 -3.32 44.08
CA GLU PA 340 -82.41 -4.52 43.59
C GLU PA 340 -82.50 -4.52 42.07
N LEU PA 341 -82.95 -3.39 41.49
CA LEU PA 341 -83.01 -3.27 40.03
C LEU PA 341 -81.64 -3.48 39.40
N SER PA 342 -80.58 -2.97 40.05
CA SER PA 342 -79.23 -3.18 39.53
C SER PA 342 -78.84 -4.65 39.58
N GLU PA 343 -79.22 -5.36 40.64
CA GLU PA 343 -78.99 -6.80 40.70
C GLU PA 343 -79.75 -7.53 39.60
N GLU PA 344 -80.90 -6.98 39.18
CA GLU PA 344 -81.69 -7.56 38.10
C GLU PA 344 -81.27 -7.06 36.72
N GLY PA 345 -80.11 -6.41 36.63
CA GLY PA 345 -79.60 -5.97 35.34
C GLY PA 345 -80.38 -4.85 34.68
N PHE PA 346 -80.98 -3.97 35.48
CA PHE PA 346 -81.73 -2.84 34.96
C PHE PA 346 -80.98 -1.55 35.26
N ILE PA 347 -81.14 -0.57 34.37
CA ILE PA 347 -80.50 0.74 34.51
C ILE PA 347 -81.57 1.70 35.01
N GLY PA 348 -81.65 1.87 36.33
CA GLY PA 348 -82.66 2.73 36.90
C GLY PA 348 -82.21 4.16 37.09
N LEU PA 349 -82.90 5.09 36.44
CA LEU PA 349 -82.64 6.52 36.61
C LEU PA 349 -83.37 6.97 37.87
N VAL PA 350 -82.61 7.23 38.94
CA VAL PA 350 -83.21 7.60 40.22
C VAL PA 350 -83.40 9.10 40.29
N PHE PA 351 -84.47 9.53 40.97
CA PHE PA 351 -84.79 10.93 41.12
C PHE PA 351 -84.24 11.45 42.44
N ARG PA 352 -83.52 12.57 42.39
CA ARG PA 352 -83.01 13.22 43.59
C ARG PA 352 -84.17 13.95 44.24
N LYS PA 353 -84.53 13.52 45.45
CA LYS PA 353 -85.73 14.02 46.11
C LYS PA 353 -85.66 15.53 46.31
N ASP PA 354 -86.77 16.21 45.99
CA ASP PA 354 -86.93 17.64 46.19
C ASP PA 354 -86.16 18.50 45.20
N SER PA 355 -85.72 17.92 44.08
CA SER PA 355 -84.96 18.69 43.10
C SER PA 355 -85.48 18.45 41.70
N ASP PA 356 -84.69 18.84 40.70
CA ASP PA 356 -84.97 18.55 39.31
C ASP PA 356 -83.83 17.76 38.66
N ASN PA 357 -83.15 16.95 39.46
CA ASN PA 357 -82.00 16.20 39.01
C ASN PA 357 -82.23 14.71 39.28
N ALA PA 358 -81.79 13.88 38.34
CA ALA PA 358 -81.77 12.44 38.49
C ALA PA 358 -80.35 11.95 38.29
N ALA PA 359 -80.13 10.66 38.53
CA ALA PA 359 -78.81 10.09 38.45
C ALA PA 359 -78.89 8.61 38.09
N PHE PA 360 -77.90 8.16 37.33
CA PHE PA 360 -77.72 6.75 37.02
C PHE PA 360 -76.57 6.28 37.90
N PHE PA 361 -76.89 5.51 38.94
CA PHE PA 361 -75.87 5.07 39.88
C PHE PA 361 -74.98 3.99 39.28
N SER PA 362 -75.47 3.28 38.26
CA SER PA 362 -74.70 2.21 37.67
C SER PA 362 -75.31 1.85 36.33
N ALA PA 363 -74.47 1.31 35.43
CA ALA PA 363 -74.93 0.90 34.11
C ALA PA 363 -74.57 -0.55 33.86
N ASN PA 364 -75.13 -1.46 34.65
CA ASN PA 364 -74.90 -2.89 34.43
C ASN PA 364 -75.65 -3.33 33.18
N SER PA 365 -75.07 -4.27 32.45
CA SER PA 365 -75.72 -4.83 31.29
C SER PA 365 -76.75 -5.88 31.72
N THR PA 366 -77.43 -6.48 30.75
CA THR PA 366 -78.40 -7.52 31.07
C THR PA 366 -77.72 -8.80 31.57
N GLN PA 367 -76.46 -8.99 31.20
CA GLN PA 367 -75.76 -10.24 31.52
C GLN PA 367 -75.63 -10.42 33.03
N LYS PA 368 -75.91 -11.64 33.49
CA LYS PA 368 -75.80 -11.97 34.91
C LYS PA 368 -74.40 -12.49 35.20
N PRO PA 369 -73.77 -12.04 36.29
CA PRO PA 369 -72.41 -12.49 36.58
C PRO PA 369 -72.38 -13.95 37.01
N ARG PA 370 -71.27 -14.60 36.70
CA ARG PA 370 -71.08 -16.01 37.04
C ARG PA 370 -70.30 -16.14 38.34
N PHE PA 371 -70.61 -17.19 39.10
CA PHE PA 371 -69.95 -17.46 40.36
C PHE PA 371 -68.92 -18.56 40.18
N PHE PA 372 -67.75 -18.38 40.79
CA PHE PA 372 -66.67 -19.34 40.73
C PHE PA 372 -66.26 -19.74 42.13
N GLY PA 373 -65.44 -20.79 42.21
CA GLY PA 373 -64.95 -21.24 43.50
C GLY PA 373 -64.14 -20.17 44.19
N ASN PA 374 -64.38 -20.02 45.49
CA ASN PA 374 -63.67 -19.05 46.32
C ASN PA 374 -62.25 -19.53 46.60
N THR PA 375 -61.43 -19.46 45.57
CA THR PA 375 -59.98 -19.62 45.65
C THR PA 375 -59.38 -18.40 45.00
N PRO PA 376 -58.06 -18.23 45.06
CA PRO PA 376 -57.46 -17.06 44.41
C PRO PA 376 -57.79 -16.97 42.93
N GLU PA 377 -57.57 -18.06 42.19
CA GLU PA 377 -57.88 -18.07 40.76
C GLU PA 377 -59.37 -17.88 40.51
N GLY PA 378 -60.21 -18.53 41.32
CA GLY PA 378 -61.65 -18.40 41.11
C GLY PA 378 -62.16 -16.98 41.32
N LYS PA 379 -61.69 -16.32 42.38
CA LYS PA 379 -62.04 -14.92 42.61
C LYS PA 379 -61.50 -14.03 41.50
N ALA PA 380 -60.30 -14.31 41.00
CA ALA PA 380 -59.80 -13.57 39.84
C ALA PA 380 -60.75 -13.71 38.66
N ALA PA 381 -61.22 -14.94 38.39
CA ALA PA 381 -62.17 -15.17 37.30
C ALA PA 381 -63.45 -14.37 37.52
N GLU PA 382 -63.96 -14.36 38.75
CA GLU PA 382 -65.14 -13.57 39.05
C GLU PA 382 -64.92 -12.10 38.73
N THR PA 383 -63.78 -11.54 39.14
CA THR PA 383 -63.50 -10.13 38.88
C THR PA 383 -63.51 -9.83 37.39
N ASN PA 384 -62.79 -10.62 36.60
CA ASN PA 384 -62.77 -10.40 35.15
C ASN PA 384 -64.18 -10.45 34.58
N TYR PA 385 -64.95 -11.50 34.93
CA TYR PA 385 -66.30 -11.64 34.39
C TYR PA 385 -67.18 -10.43 34.68
N ARG PA 386 -67.19 -9.97 35.94
CA ARG PA 386 -68.01 -8.81 36.29
C ARG PA 386 -67.58 -7.58 35.50
N LEU PA 387 -66.27 -7.33 35.44
CA LEU PA 387 -65.75 -6.30 34.53
C LEU PA 387 -66.41 -6.41 33.15
N GLY PA 388 -66.48 -7.62 32.60
CA GLY PA 388 -67.18 -7.81 31.35
C GLY PA 388 -68.66 -7.44 31.43
N THR PA 389 -69.29 -7.70 32.58
CA THR PA 389 -70.72 -7.45 32.75
C THR PA 389 -71.05 -5.96 32.86
N GLN PA 390 -70.06 -5.10 33.05
CA GLN PA 390 -70.28 -3.66 33.24
C GLN PA 390 -70.09 -2.90 31.94
N LEU PA 391 -71.10 -2.10 31.57
CA LEU PA 391 -70.99 -1.26 30.38
C LEU PA 391 -69.91 -0.19 30.50
N PRO PA 392 -69.65 0.40 31.68
CA PRO PA 392 -68.62 1.45 31.78
C PRO PA 392 -67.24 1.01 31.35
N TYR PA 393 -66.96 -0.30 31.39
CA TYR PA 393 -65.73 -0.85 30.85
C TYR PA 393 -65.92 -1.43 29.45
N MET PA 394 -67.09 -2.02 29.20
CA MET PA 394 -67.41 -2.47 27.85
C MET PA 394 -67.17 -1.37 26.81
N PHE PA 395 -67.46 -0.12 27.17
CA PHE PA 395 -67.26 0.99 26.24
C PHE PA 395 -65.78 1.18 25.89
N ILE PA 396 -64.90 1.09 26.89
CA ILE PA 396 -63.46 1.14 26.60
C ILE PA 396 -63.07 0.02 25.65
N MET PA 397 -63.55 -1.20 25.93
CA MET PA 397 -63.26 -2.31 25.02
C MET PA 397 -63.71 -2.03 23.59
N THR PA 398 -64.90 -1.43 23.44
CA THR PA 398 -65.46 -1.20 22.10
C THR PA 398 -64.65 -0.15 21.35
N ARG PA 399 -64.32 0.96 22.02
CA ARG PA 399 -63.47 1.96 21.38
C ARG PA 399 -62.14 1.34 20.93
N LEU PA 400 -61.54 0.51 21.79
CA LEU PA 400 -60.29 -0.16 21.43
C LEU PA 400 -60.46 -1.00 20.17
N ALA PA 401 -61.56 -1.74 20.08
CA ALA PA 401 -61.80 -2.58 18.89
C ALA PA 401 -61.92 -1.74 17.62
N HIS PA 402 -62.66 -0.62 17.69
CA HIS PA 402 -62.76 0.26 16.53
C HIS PA 402 -61.39 0.76 16.09
N TYR PA 403 -60.62 1.30 17.04
CA TYR PA 403 -59.27 1.79 16.70
C TYR PA 403 -58.41 0.70 16.09
N ILE PA 404 -58.50 -0.52 16.63
CA ILE PA 404 -57.67 -1.62 16.12
C ILE PA 404 -58.03 -1.95 14.68
N LYS PA 405 -59.32 -2.13 14.40
CA LYS PA 405 -59.74 -2.40 13.03
C LYS PA 405 -59.23 -1.32 12.07
N VAL PA 406 -59.58 -0.06 12.35
CA VAL PA 406 -59.20 1.03 11.46
C VAL PA 406 -57.69 1.06 11.24
N LEU PA 407 -56.93 1.20 12.33
CA LEU PA 407 -55.49 1.43 12.22
C LEU PA 407 -54.74 0.24 11.63
N GLN PA 408 -55.21 -0.99 11.88
CA GLN PA 408 -54.52 -2.16 11.34
C GLN PA 408 -54.75 -2.30 9.84
N ARG PA 409 -55.97 -1.98 9.38
CA ARG PA 409 -56.23 -1.95 7.94
C ARG PA 409 -55.16 -1.16 7.20
N GLU PA 410 -54.71 -0.02 7.76
CA GLU PA 410 -53.72 0.80 7.09
C GLU PA 410 -52.34 0.16 7.10
N GLN PA 411 -52.09 -0.77 8.03
CA GLN PA 411 -50.80 -1.45 8.11
C GLN PA 411 -50.72 -2.70 7.27
N ILE PA 412 -51.86 -3.22 6.81
CA ILE PA 412 -51.84 -4.38 5.91
C ILE PA 412 -50.93 -4.10 4.72
N GLY PA 413 -50.02 -5.03 4.44
CA GLY PA 413 -49.08 -4.92 3.34
C GLY PA 413 -47.66 -4.54 3.75
N SER PA 414 -47.48 -4.04 4.97
CA SER PA 414 -46.15 -3.63 5.43
C SER PA 414 -45.35 -4.86 5.85
N TRP PA 415 -44.02 -4.68 5.89
CA TRP PA 415 -43.10 -5.76 6.25
C TRP PA 415 -43.08 -5.91 7.77
N LYS PA 416 -43.96 -6.77 8.26
CA LYS PA 416 -44.18 -6.94 9.69
C LYS PA 416 -43.85 -8.38 10.08
N GLU PA 417 -42.86 -8.54 10.95
CA GLU PA 417 -42.63 -9.79 11.65
C GLU PA 417 -43.36 -9.78 12.99
N LYS PA 418 -43.46 -10.94 13.61
CA LYS PA 418 -44.22 -11.08 14.86
C LYS PA 418 -43.75 -10.08 15.91
N SER PA 419 -42.46 -10.09 16.21
CA SER PA 419 -41.89 -9.13 17.16
C SER PA 419 -42.15 -7.69 16.75
N ASP PA 420 -42.16 -7.39 15.45
CA ASP PA 420 -42.55 -6.06 14.99
C ASP PA 420 -43.97 -5.73 15.43
N LEU PA 421 -44.90 -6.67 15.25
CA LEU PA 421 -46.25 -6.49 15.77
C LEU PA 421 -46.23 -6.22 17.27
N GLU PA 422 -45.44 -6.99 18.02
CA GLU PA 422 -45.37 -6.80 19.47
C GLU PA 422 -44.93 -5.39 19.83
N ARG PA 423 -43.82 -4.93 19.25
CA ARG PA 423 -43.28 -3.61 19.60
C ARG PA 423 -44.25 -2.50 19.24
N GLU PA 424 -44.74 -2.50 17.99
CA GLU PA 424 -45.64 -1.44 17.56
C GLU PA 424 -46.91 -1.41 18.40
N LEU PA 425 -47.53 -2.56 18.63
CA LEU PA 425 -48.77 -2.61 19.38
C LEU PA 425 -48.57 -2.14 20.81
N ASN PA 426 -47.44 -2.51 21.44
CA ASN PA 426 -47.15 -2.00 22.78
C ASN PA 426 -47.07 -0.48 22.77
N HIS PA 427 -46.23 0.07 21.88
CA HIS PA 427 -46.09 1.52 21.79
C HIS PA 427 -47.43 2.22 21.56
N TRP PA 428 -48.33 1.59 20.81
CA TRP PA 428 -49.63 2.21 20.54
C TRP PA 428 -50.53 2.16 21.76
N LEU PA 429 -50.64 0.99 22.40
CA LEU PA 429 -51.49 0.85 23.57
C LEU PA 429 -51.07 1.78 24.70
N SER PA 430 -49.77 2.06 24.82
CA SER PA 430 -49.30 2.95 25.87
C SER PA 430 -49.97 4.33 25.81
N GLN PA 431 -50.51 4.70 24.64
CA GLN PA 431 -51.07 6.03 24.46
C GLN PA 431 -52.28 6.28 25.37
N TYR PA 432 -52.99 5.23 25.77
CA TYR PA 432 -54.17 5.35 26.62
C TYR PA 432 -53.95 4.81 28.02
N ILE PA 433 -52.70 4.76 28.48
CA ILE PA 433 -52.34 4.17 29.76
C ILE PA 433 -51.91 5.29 30.70
N SER PA 434 -52.43 5.27 31.93
CA SER PA 434 -52.05 6.19 32.99
C SER PA 434 -51.60 5.34 34.17
N ASP PA 435 -50.32 4.95 34.17
CA ASP PA 435 -49.75 4.08 35.20
C ASP PA 435 -48.94 4.84 36.23
N MET PA 436 -49.44 6.00 36.67
CA MET PA 436 -48.78 6.78 37.70
C MET PA 436 -49.26 6.37 39.08
N ASP PA 437 -48.51 6.77 40.09
CA ASP PA 437 -48.84 6.41 41.47
C ASP PA 437 -50.20 6.95 41.87
N ASP PA 438 -50.56 8.14 41.40
CA ASP PA 438 -51.86 8.71 41.71
C ASP PA 438 -52.21 9.78 40.68
N PRO PA 439 -52.72 9.38 39.50
CA PRO PA 439 -53.14 10.39 38.52
C PRO PA 439 -54.33 11.19 39.03
N ALA PA 440 -54.45 12.41 38.51
CA ALA PA 440 -55.50 13.31 38.95
C ALA PA 440 -56.86 12.61 38.82
N PRO PA 441 -57.70 12.65 39.84
CA PRO PA 441 -58.99 11.96 39.75
C PRO PA 441 -59.85 12.53 38.62
N ALA PA 442 -60.49 11.65 37.88
CA ALA PA 442 -61.28 12.04 36.72
C ALA PA 442 -60.39 12.59 35.61
N VAL PA 443 -59.09 12.34 35.72
CA VAL PA 443 -58.12 12.60 34.65
C VAL PA 443 -57.66 11.31 33.99
N ARG PA 444 -57.67 10.20 34.73
CA ARG PA 444 -57.55 8.88 34.14
C ARG PA 444 -58.83 8.63 33.34
N SER PA 445 -59.73 9.61 33.33
CA SER PA 445 -60.85 9.60 32.41
C SER PA 445 -60.35 9.57 30.96
N ARG PA 446 -59.45 10.49 30.62
CA ARG PA 446 -58.91 10.52 29.25
C ARG PA 446 -58.00 9.34 28.97
N ARG PA 447 -57.40 8.75 30.01
CA ARG PA 447 -56.54 7.56 29.89
C ARG PA 447 -57.16 6.48 30.76
N PRO PA 448 -58.17 5.77 30.26
CA PRO PA 448 -58.94 4.87 31.14
C PRO PA 448 -58.19 3.63 31.57
N LEU PA 449 -57.10 3.29 30.89
CA LEU PA 449 -56.35 2.09 31.21
C LEU PA 449 -55.24 2.38 32.21
N ARG PA 450 -55.03 1.42 33.11
CA ARG PA 450 -53.91 1.42 34.05
C ARG PA 450 -52.79 0.48 33.63
N ALA PA 451 -53.14 -0.71 33.13
CA ALA PA 451 -52.14 -1.67 32.67
C ALA PA 451 -52.63 -2.34 31.40
N ALA PA 452 -51.70 -2.93 30.66
CA ALA PA 452 -52.06 -3.61 29.42
C ALA PA 452 -50.92 -4.53 29.00
N ARG PA 453 -51.30 -5.69 28.46
CA ARG PA 453 -50.36 -6.71 28.02
C ARG PA 453 -50.79 -7.22 26.65
N VAL PA 454 -49.81 -7.38 25.76
CA VAL PA 454 -50.03 -7.80 24.39
C VAL PA 454 -49.05 -8.93 24.07
N VAL PA 455 -49.57 -10.02 23.50
CA VAL PA 455 -48.77 -11.15 23.06
C VAL PA 455 -49.13 -11.46 21.62
N VAL PA 456 -48.12 -11.78 20.81
CA VAL PA 456 -48.31 -12.02 19.38
C VAL PA 456 -47.66 -13.35 19.02
N GLU PA 457 -48.44 -14.24 18.41
CA GLU PA 457 -47.93 -15.50 17.90
C GLU PA 457 -48.19 -15.56 16.41
N ASP PA 458 -47.62 -16.55 15.75
CA ASP PA 458 -47.96 -16.82 14.37
C ASP PA 458 -48.92 -18.00 14.32
N VAL PA 459 -50.02 -17.84 13.58
CA VAL PA 459 -50.81 -18.98 13.16
C VAL PA 459 -49.85 -19.79 12.28
N GLU PA 460 -49.85 -21.11 12.39
CA GLU PA 460 -48.93 -21.91 11.58
C GLU PA 460 -49.67 -22.46 10.37
N GLY PA 461 -49.10 -22.23 9.17
CA GLY PA 461 -49.63 -22.74 7.89
C GLY PA 461 -49.67 -21.79 6.69
N GLN PA 462 -48.98 -20.66 6.74
CA GLN PA 462 -49.10 -19.66 5.67
C GLN PA 462 -48.25 -18.44 5.99
N PRO PA 463 -48.05 -17.54 5.04
CA PRO PA 463 -46.99 -16.55 5.29
C PRO PA 463 -47.33 -15.12 5.68
N GLY PA 464 -47.63 -14.85 6.96
CA GLY PA 464 -47.67 -13.46 7.43
C GLY PA 464 -48.94 -12.98 8.12
N TRP PA 465 -49.65 -13.85 8.80
CA TRP PA 465 -50.78 -13.48 9.64
C TRP PA 465 -50.51 -14.00 11.06
N TYR PA 466 -51.05 -13.33 12.05
CA TYR PA 466 -50.69 -13.63 13.43
C TYR PA 466 -51.92 -13.72 14.31
N ARG PA 467 -51.72 -14.23 15.52
CA ARG PA 467 -52.75 -14.30 16.55
C ARG PA 467 -52.32 -13.38 17.67
N CYS PA 468 -53.12 -12.35 17.93
CA CYS PA 468 -52.79 -11.32 18.90
C CYS PA 468 -53.73 -11.42 20.09
N SER PA 469 -53.17 -11.29 21.29
CA SER PA 469 -53.91 -11.30 22.54
C SER PA 469 -53.64 -9.99 23.26
N LEU PA 470 -54.70 -9.26 23.59
CA LEU PA 470 -54.61 -7.96 24.25
C LEU PA 470 -55.49 -8.01 25.49
N GLN PA 471 -54.86 -7.85 26.66
CA GLN PA 471 -55.56 -7.85 27.95
C GLN PA 471 -55.28 -6.53 28.64
N VAL PA 472 -56.31 -5.93 29.22
CA VAL PA 472 -56.21 -4.58 29.78
C VAL PA 472 -56.76 -4.57 31.21
N ARG PA 473 -56.11 -3.77 32.05
CA ARG PA 473 -56.56 -3.50 33.41
C ARG PA 473 -56.92 -2.03 33.48
N PRO PA 474 -58.20 -1.68 33.47
CA PRO PA 474 -58.58 -0.27 33.54
C PRO PA 474 -58.81 0.16 34.99
N HIS PA 475 -58.91 1.48 35.16
CA HIS PA 475 -59.13 2.04 36.49
C HIS PA 475 -60.52 1.67 37.00
N PHE PA 476 -60.62 1.46 38.31
CA PHE PA 476 -61.87 1.05 38.93
C PHE PA 476 -62.75 2.24 39.29
N LEU QA 30 -27.85 1.51 57.61
CA LEU QA 30 -28.47 0.56 58.52
C LEU QA 30 -28.95 1.24 59.79
N PRO QA 31 -30.24 1.10 60.10
CA PRO QA 31 -30.77 1.71 61.32
C PRO QA 31 -30.23 1.00 62.55
N LEU QA 32 -30.42 1.65 63.70
CA LEU QA 32 -30.03 1.09 64.99
C LEU QA 32 -31.32 0.58 65.66
N LYS QA 33 -31.52 -0.73 65.59
CA LYS QA 33 -32.74 -1.37 66.10
C LYS QA 33 -32.42 -2.11 67.40
N VAL QA 34 -33.20 -1.82 68.44
CA VAL QA 34 -33.04 -2.44 69.75
C VAL QA 34 -34.26 -3.30 70.04
N LEU QA 35 -34.02 -4.39 70.75
CA LEU QA 35 -35.07 -5.34 71.13
C LEU QA 35 -35.20 -5.32 72.65
N MET QA 36 -36.32 -4.79 73.14
CA MET QA 36 -36.61 -4.76 74.57
C MET QA 36 -37.43 -6.01 74.90
N LEU QA 37 -36.84 -6.93 75.64
CA LEU QA 37 -37.50 -8.17 76.04
C LEU QA 37 -37.78 -8.11 77.53
N GLY QA 38 -39.03 -8.38 77.91
CA GLY QA 38 -39.36 -8.31 79.32
C GLY QA 38 -40.82 -8.64 79.58
N ASP QA 39 -41.15 -8.71 80.87
CA ASP QA 39 -42.49 -9.09 81.32
C ASP QA 39 -43.36 -7.84 81.42
N PHE QA 40 -43.92 -7.46 80.28
CA PHE QA 40 -44.76 -6.27 80.19
C PHE QA 40 -46.21 -6.53 80.58
N THR QA 41 -46.59 -7.78 80.85
CA THR QA 41 -47.94 -8.12 81.25
C THR QA 41 -47.94 -8.74 82.63
N GLY QA 42 -49.13 -8.86 83.20
CA GLY QA 42 -49.27 -9.47 84.51
C GLY QA 42 -49.27 -10.98 84.52
N GLN QA 43 -49.13 -11.62 83.36
CA GLN QA 43 -49.14 -13.07 83.30
C GLN QA 43 -48.41 -13.51 82.03
N GLU QA 44 -47.94 -14.76 82.05
CA GLU QA 44 -47.30 -15.31 80.88
C GLU QA 44 -48.36 -15.69 79.84
N ASP QA 45 -47.95 -15.69 78.58
CA ASP QA 45 -48.81 -16.15 77.50
C ASP QA 45 -48.54 -17.63 77.22
N ALA QA 46 -49.62 -18.34 76.86
CA ALA QA 46 -49.47 -19.73 76.42
C ALA QA 46 -48.92 -19.82 75.01
N ARG QA 47 -48.92 -18.72 74.26
CA ARG QA 47 -48.39 -18.72 72.90
C ARG QA 47 -46.89 -18.98 72.91
N PRO QA 48 -46.38 -19.87 72.06
CA PRO QA 48 -44.94 -20.15 72.04
C PRO QA 48 -44.12 -18.91 71.73
N LEU QA 49 -42.86 -18.93 72.17
CA LEU QA 49 -42.09 -17.70 72.26
C LEU QA 49 -41.81 -17.12 70.89
N GLU QA 50 -41.35 -17.92 69.95
CA GLU QA 50 -41.23 -17.45 68.59
C GLU QA 50 -42.54 -16.94 68.00
N GLN QA 51 -43.69 -17.56 68.34
CA GLN QA 51 -45.02 -17.30 67.80
C GLN QA 51 -45.59 -15.94 68.14
N ARG QA 52 -45.53 -15.57 69.41
CA ARG QA 52 -45.80 -14.18 69.75
C ARG QA 52 -44.90 -13.30 68.91
N ALA QA 53 -45.44 -12.19 68.44
CA ALA QA 53 -44.66 -11.32 67.56
C ALA QA 53 -44.15 -10.12 68.34
N PRO QA 54 -43.12 -9.45 67.84
CA PRO QA 54 -42.67 -8.21 68.48
C PRO QA 54 -43.50 -7.03 67.98
N ILE QA 55 -43.45 -5.94 68.73
CA ILE QA 55 -44.25 -4.75 68.43
C ILE QA 55 -43.31 -3.56 68.24
N ASN QA 56 -43.45 -2.86 67.11
CA ASN QA 56 -42.64 -1.68 66.85
C ASN QA 56 -43.20 -0.49 67.62
N VAL QA 57 -42.33 0.19 68.38
CA VAL QA 57 -42.76 1.25 69.28
C VAL QA 57 -42.04 2.55 68.90
N ASP QA 58 -42.77 3.66 68.98
CA ASP QA 58 -42.23 4.97 68.68
C ASP QA 58 -43.06 6.02 69.41
N LYS QA 59 -42.56 7.26 69.40
CA LYS QA 59 -43.18 8.32 70.18
C LYS QA 59 -44.60 8.63 69.73
N ALA QA 60 -44.93 8.35 68.47
CA ALA QA 60 -46.23 8.68 67.90
C ALA QA 60 -47.26 7.57 68.08
N ASN QA 61 -46.98 6.55 68.88
CA ASN QA 61 -47.93 5.46 69.04
C ASN QA 61 -47.71 4.62 70.30
N PHE QA 62 -46.92 5.13 71.25
CA PHE QA 62 -46.64 4.37 72.45
C PHE QA 62 -47.92 4.05 73.23
N ASN QA 63 -48.73 5.08 73.47
CA ASN QA 63 -50.00 4.87 74.18
C ASN QA 63 -50.89 3.88 73.44
N GLU QA 64 -50.96 4.00 72.11
CA GLU QA 64 -51.73 3.04 71.33
C GLU QA 64 -51.21 1.62 71.51
N VAL QA 65 -49.88 1.48 71.63
CA VAL QA 65 -49.29 0.16 71.87
C VAL QA 65 -49.73 -0.38 73.24
N MET QA 66 -49.78 0.50 74.25
CA MET QA 66 -50.28 0.07 75.55
C MET QA 66 -51.74 -0.39 75.45
N ALA QA 67 -52.59 0.42 74.83
CA ALA QA 67 -54.01 0.08 74.73
C ALA QA 67 -54.22 -1.24 74.00
N GLN QA 68 -53.48 -1.45 72.90
CA GLN QA 68 -53.62 -2.69 72.15
C GLN QA 68 -53.05 -3.88 72.91
N GLN QA 69 -52.00 -3.67 73.70
CA GLN QA 69 -51.44 -4.74 74.50
C GLN QA 69 -52.39 -5.18 75.61
N ASN QA 70 -53.14 -4.23 76.17
CA ASN QA 70 -54.18 -4.54 77.15
C ASN QA 70 -53.60 -5.00 78.48
N LEU QA 71 -53.54 -4.09 79.46
CA LEU QA 71 -52.90 -4.39 80.74
C LEU QA 71 -53.95 -4.73 81.80
N LYS QA 72 -53.66 -5.73 82.62
CA LYS QA 72 -54.59 -6.14 83.66
C LYS QA 72 -53.82 -6.70 84.83
N VAL QA 73 -54.25 -6.33 86.04
CA VAL QA 73 -53.61 -6.78 87.28
C VAL QA 73 -54.70 -7.25 88.25
N THR QA 74 -54.70 -8.54 88.56
CA THR QA 74 -55.58 -9.11 89.57
C THR QA 74 -54.72 -9.39 90.79
N LEU QA 75 -54.93 -8.64 91.86
CA LEU QA 75 -54.03 -8.74 93.00
C LEU QA 75 -54.78 -8.39 94.29
N THR QA 76 -54.25 -8.89 95.40
CA THR QA 76 -54.84 -8.69 96.72
C THR QA 76 -53.85 -7.93 97.60
N ALA QA 77 -54.34 -6.87 98.23
CA ALA QA 77 -53.56 -6.10 99.19
C ALA QA 77 -54.31 -6.06 100.52
N ALA QA 78 -53.59 -5.67 101.57
CA ALA QA 78 -54.19 -5.58 102.89
C ALA QA 78 -55.27 -4.51 102.91
N ASP QA 79 -56.42 -4.86 103.49
CA ASP QA 79 -57.56 -3.95 103.56
C ASP QA 79 -57.39 -3.05 104.77
N LYS QA 80 -56.91 -1.82 104.55
CA LYS QA 80 -56.68 -0.86 105.60
C LYS QA 80 -57.85 0.11 105.79
N LEU QA 81 -59.00 -0.19 105.21
CA LEU QA 81 -60.21 0.58 105.42
C LEU QA 81 -60.94 0.21 106.69
N SER QA 82 -60.46 -0.81 107.41
CA SER QA 82 -61.03 -1.22 108.68
C SER QA 82 -59.90 -1.55 109.65
N ALA QA 83 -60.21 -2.20 110.75
CA ALA QA 83 -59.22 -2.58 111.76
C ALA QA 83 -59.17 -4.08 111.97
N ASP QA 84 -59.14 -4.83 110.87
CA ASP QA 84 -59.14 -6.29 110.92
C ASP QA 84 -57.93 -6.82 110.15
N PRO QA 85 -57.02 -7.54 110.80
CA PRO QA 85 -55.86 -8.07 110.06
C PRO QA 85 -56.23 -9.17 109.07
N ASN QA 86 -57.37 -9.81 109.25
CA ASN QA 86 -57.84 -10.82 108.30
C ASN QA 86 -58.58 -10.21 107.12
N ALA QA 87 -58.80 -8.90 107.11
CA ALA QA 87 -59.50 -8.23 106.03
C ALA QA 87 -58.53 -7.99 104.87
N THR QA 88 -58.89 -8.50 103.69
CA THR QA 88 -58.07 -8.33 102.50
C THR QA 88 -58.95 -7.79 101.37
N MET QA 89 -58.32 -7.07 100.45
CA MET QA 89 -59.02 -6.43 99.35
C MET QA 89 -58.41 -6.90 98.03
N ASN QA 90 -59.24 -7.48 97.18
CA ASN QA 90 -58.82 -7.95 95.86
C ASN QA 90 -59.29 -6.97 94.80
N VAL QA 91 -58.37 -6.55 93.93
CA VAL QA 91 -58.62 -5.56 92.91
C VAL QA 91 -58.24 -6.12 91.54
N SER QA 92 -58.94 -5.63 90.52
CA SER QA 92 -58.70 -5.99 89.12
C SER QA 92 -58.54 -4.69 88.34
N LEU QA 93 -57.30 -4.20 88.27
CA LEU QA 93 -57.01 -2.96 87.57
C LEU QA 93 -56.77 -3.23 86.09
N GLN QA 94 -57.12 -2.25 85.25
CA GLN QA 94 -56.96 -2.35 83.81
C GLN QA 94 -56.24 -1.10 83.32
N PHE QA 95 -55.31 -1.29 82.38
CA PHE QA 95 -54.45 -0.22 81.89
C PHE QA 95 -54.47 -0.18 80.37
N LYS QA 96 -54.71 1.03 79.84
CA LYS QA 96 -54.58 1.34 78.43
C LYS QA 96 -53.52 2.39 78.14
N ASN QA 97 -53.18 3.24 79.11
CA ASN QA 97 -52.13 4.23 78.97
C ASN QA 97 -51.48 4.47 80.33
N LEU QA 98 -50.33 5.15 80.31
CA LEU QA 98 -49.59 5.40 81.54
C LEU QA 98 -50.40 6.22 82.55
N ASN QA 99 -51.27 7.10 82.06
CA ASN QA 99 -52.12 7.88 82.96
C ASN QA 99 -52.99 6.99 83.83
N ASP QA 100 -53.25 5.76 83.39
CA ASP QA 100 -54.03 4.80 84.15
C ASP QA 100 -53.30 4.27 85.38
N PHE QA 101 -52.03 4.61 85.56
CA PHE QA 101 -51.28 4.25 86.76
C PHE QA 101 -51.41 5.30 87.85
N SER QA 102 -52.10 6.41 87.59
CA SER QA 102 -52.25 7.46 88.57
C SER QA 102 -53.26 7.06 89.65
N PRO QA 103 -53.11 7.59 90.87
CA PRO QA 103 -54.06 7.26 91.93
C PRO QA 103 -55.50 7.59 91.60
N GLU QA 104 -55.75 8.59 90.77
CA GLU QA 104 -57.12 8.89 90.36
C GLU QA 104 -57.74 7.71 89.62
N SER QA 105 -57.03 7.16 88.63
CA SER QA 105 -57.49 5.96 87.94
C SER QA 105 -57.59 4.77 88.87
N VAL QA 106 -56.59 4.58 89.75
CA VAL QA 106 -56.64 3.48 90.71
C VAL QA 106 -57.92 3.55 91.54
N VAL QA 107 -58.26 4.74 92.03
CA VAL QA 107 -59.49 4.91 92.80
C VAL QA 107 -60.70 4.67 91.92
N ASN QA 108 -60.66 5.16 90.69
CA ASN QA 108 -61.78 4.97 89.77
C ASN QA 108 -62.07 3.49 89.53
N GLN QA 109 -61.04 2.65 89.59
CA GLN QA 109 -61.17 1.23 89.29
C GLN QA 109 -61.36 0.36 90.53
N VAL QA 110 -61.44 0.94 91.72
CA VAL QA 110 -61.60 0.19 92.96
C VAL QA 110 -62.80 0.77 93.70
N PRO QA 111 -63.97 0.13 93.60
CA PRO QA 111 -65.19 0.73 94.19
C PRO QA 111 -65.08 1.02 95.69
N GLU QA 112 -64.33 0.21 96.43
CA GLU QA 112 -64.13 0.44 97.86
C GLU QA 112 -63.47 1.78 98.14
N LEU QA 113 -62.78 2.34 97.16
CA LEU QA 113 -62.20 3.69 97.26
C LEU QA 113 -62.99 4.73 96.49
N LYS QA 114 -63.56 4.35 95.33
CA LYS QA 114 -64.33 5.29 94.53
C LYS QA 114 -65.56 5.77 95.29
N LYS QA 115 -66.23 4.87 96.02
CA LYS QA 115 -67.33 5.28 96.87
C LYS QA 115 -66.88 6.28 97.93
N LEU QA 116 -65.66 6.10 98.45
CA LEU QA 116 -65.13 7.03 99.44
C LEU QA 116 -64.77 8.38 98.82
N LEU QA 117 -64.38 8.39 97.55
CA LEU QA 117 -64.14 9.66 96.87
C LEU QA 117 -65.44 10.40 96.58
N GLU QA 118 -66.48 9.66 96.18
CA GLU QA 118 -67.80 10.27 96.02
C GLU QA 118 -68.30 10.83 97.35
N LEU QA 119 -68.07 10.09 98.44
CA LEU QA 119 -68.44 10.61 99.75
C LEU QA 119 -67.65 11.87 100.07
N ARG QA 120 -66.36 11.89 99.74
CA ARG QA 120 -65.56 13.10 99.92
C ARG QA 120 -66.17 14.28 99.19
N SER QA 121 -66.49 14.11 97.90
CA SER QA 121 -67.12 15.18 97.13
C SER QA 121 -68.42 15.63 97.76
N ALA QA 122 -69.23 14.69 98.26
CA ALA QA 122 -70.49 15.05 98.90
C ALA QA 122 -70.25 15.89 100.15
N LEU QA 123 -69.27 15.51 100.98
CA LEU QA 123 -68.99 16.23 102.21
C LEU QA 123 -68.41 17.62 101.93
N ASN QA 124 -67.54 17.73 100.94
CA ASN QA 124 -67.00 19.04 100.59
C ASN QA 124 -68.08 19.95 100.02
N ALA QA 125 -68.97 19.40 99.19
CA ALA QA 125 -70.09 20.18 98.66
C ALA QA 125 -71.00 20.66 99.79
N LEU QA 126 -71.31 19.77 100.74
CA LEU QA 126 -72.16 20.16 101.86
C LEU QA 126 -71.49 21.22 102.73
N LYS QA 127 -70.21 21.02 103.05
CA LYS QA 127 -69.51 21.96 103.93
C LYS QA 127 -69.29 23.31 103.25
N GLY QA 128 -69.19 23.35 101.93
CA GLY QA 128 -69.07 24.59 101.20
C GLY QA 128 -70.42 25.19 100.87
N PRO QA 129 -71.50 24.52 101.33
CA PRO QA 129 -72.85 25.07 101.13
C PRO QA 129 -73.32 25.01 99.68
N LEU QA 130 -72.69 24.14 98.89
CA LEU QA 130 -73.03 24.04 97.47
C LEU QA 130 -74.34 23.30 97.22
N GLY QA 131 -74.82 22.52 98.18
CA GLY QA 131 -76.07 21.82 98.04
C GLY QA 131 -76.83 21.80 99.35
N ASN QA 132 -78.14 21.63 99.25
CA ASN QA 132 -78.99 21.61 100.43
C ASN QA 132 -79.02 20.21 101.05
N LEU QA 133 -79.57 20.15 102.26
CA LEU QA 133 -79.62 18.88 102.99
C LEU QA 133 -80.43 17.80 102.28
N PRO QA 134 -81.56 18.10 101.62
CA PRO QA 134 -82.27 17.03 100.91
C PRO QA 134 -81.46 16.41 99.79
N ALA QA 135 -80.85 17.23 98.94
CA ALA QA 135 -79.96 16.72 97.91
C ALA QA 135 -78.81 15.93 98.52
N PHE QA 136 -78.23 16.44 99.61
CA PHE QA 136 -77.16 15.72 100.30
C PHE QA 136 -77.60 14.33 100.72
N ARG QA 137 -78.79 14.22 101.29
CA ARG QA 137 -79.29 12.93 101.74
C ARG QA 137 -79.51 11.97 100.57
N LYS QA 138 -80.15 12.47 99.49
CA LYS QA 138 -80.38 11.62 98.33
C LYS QA 138 -79.07 11.08 97.78
N LYS QA 139 -78.10 11.96 97.53
CA LYS QA 139 -76.80 11.52 96.98
C LYS QA 139 -76.09 10.57 97.93
N LEU QA 140 -76.20 10.80 99.24
CA LEU QA 140 -75.59 9.89 100.21
C LEU QA 140 -76.17 8.49 100.09
N GLN QA 141 -77.51 8.39 100.03
CA GLN QA 141 -78.14 7.11 99.81
C GLN QA 141 -77.62 6.46 98.52
N ALA QA 142 -77.50 7.25 97.45
CA ALA QA 142 -76.98 6.75 96.19
C ALA QA 142 -75.58 6.15 96.37
N LEU QA 143 -74.70 6.86 97.08
CA LEU QA 143 -73.34 6.39 97.25
C LEU QA 143 -73.29 5.11 98.06
N LEU QA 144 -74.03 5.06 99.18
CA LEU QA 144 -74.00 3.90 100.06
C LEU QA 144 -74.78 2.71 99.54
N ALA QA 145 -75.53 2.87 98.44
CA ALA QA 145 -76.36 1.76 97.95
C ALA QA 145 -75.54 0.66 97.30
N ASP QA 146 -74.29 0.95 96.90
CA ASP QA 146 -73.45 -0.01 96.20
C ASP QA 146 -73.33 -1.34 96.93
N GLU QA 147 -73.79 -2.42 96.29
CA GLU QA 147 -73.84 -3.72 96.94
C GLU QA 147 -72.47 -4.35 97.16
N ASP QA 148 -71.44 -3.88 96.47
CA ASP QA 148 -70.10 -4.42 96.64
C ASP QA 148 -69.40 -3.88 97.88
N GLY QA 149 -69.95 -2.86 98.54
CA GLY QA 149 -69.33 -2.31 99.71
C GLY QA 149 -69.65 -3.11 100.96
N ARG QA 150 -68.73 -3.05 101.93
CA ARG QA 150 -68.95 -3.70 103.21
C ARG QA 150 -69.77 -2.80 104.12
N LYS QA 151 -70.55 -3.43 105.00
CA LYS QA 151 -71.33 -2.68 105.98
C LYS QA 151 -70.43 -1.87 106.91
N ALA QA 152 -69.27 -2.42 107.28
CA ALA QA 152 -68.32 -1.67 108.11
C ALA QA 152 -67.87 -0.40 107.41
N LEU QA 153 -67.50 -0.50 106.13
CA LEU QA 153 -67.15 0.69 105.36
C LEU QA 153 -68.31 1.67 105.30
N ILE QA 154 -69.52 1.17 105.07
CA ILE QA 154 -70.70 2.04 105.04
C ILE QA 154 -70.85 2.80 106.37
N LYS QA 155 -70.64 2.10 107.49
CA LYS QA 155 -70.75 2.74 108.79
C LYS QA 155 -69.67 3.80 108.99
N GLU QA 156 -68.43 3.49 108.58
CA GLU QA 156 -67.35 4.47 108.66
C GLU QA 156 -67.65 5.70 107.82
N LEU QA 157 -68.30 5.52 106.67
CA LEU QA 157 -68.64 6.65 105.81
C LEU QA 157 -69.75 7.49 106.41
N GLY QA 158 -70.79 6.83 106.96
CA GLY QA 158 -71.86 7.58 107.60
C GLY QA 158 -71.43 8.28 108.87
N LEU QA 159 -70.39 7.77 109.54
CA LEU QA 159 -69.87 8.44 110.72
C LEU QA 159 -69.20 9.78 110.41
N THR QA 160 -68.92 10.06 109.15
CA THR QA 160 -68.32 11.32 108.75
C THR QA 160 -69.34 12.42 108.48
N GLU QA 161 -70.63 12.08 108.45
CA GLU QA 161 -71.66 13.06 108.16
C GLU QA 161 -71.93 13.91 109.39
N GLU QA 162 -71.90 15.23 109.22
CA GLU QA 162 -72.20 16.13 110.33
C GLU QA 162 -73.64 15.91 110.80
N THR QA 163 -73.86 16.08 112.10
CA THR QA 163 -75.15 15.75 112.69
C THR QA 163 -76.29 16.58 112.10
N LYS QA 164 -76.00 17.84 111.77
CA LYS QA 164 -77.03 18.75 111.26
C LYS QA 164 -77.45 18.38 109.84
N ASP RA 63 -69.02 25.25 112.35
CA ASP RA 63 -69.53 23.93 112.00
C ASP RA 63 -68.72 23.32 110.86
N LYS RA 64 -68.40 24.15 109.87
CA LYS RA 64 -67.66 23.69 108.69
C LYS RA 64 -66.29 23.14 109.07
N ALA RA 65 -65.70 23.64 110.15
CA ALA RA 65 -64.40 23.12 110.59
C ALA RA 65 -64.47 21.65 110.92
N LEU RA 66 -65.57 21.22 111.55
CA LEU RA 66 -65.75 19.80 111.85
C LEU RA 66 -65.90 18.98 110.58
N VAL RA 67 -66.63 19.49 109.58
CA VAL RA 67 -66.76 18.79 108.31
C VAL RA 67 -65.40 18.66 107.63
N ASP RA 68 -64.58 19.71 107.70
CA ASP RA 68 -63.22 19.65 107.15
C ASP RA 68 -62.38 18.60 107.89
N ALA RA 69 -62.55 18.51 109.20
CA ALA RA 69 -61.87 17.43 109.94
C ALA RA 69 -62.33 16.07 109.45
N MET RA 70 -63.63 15.93 109.16
CA MET RA 70 -64.14 14.70 108.57
C MET RA 70 -63.46 14.39 107.25
N ILE RA 71 -63.27 15.42 106.41
CA ILE RA 71 -62.58 15.22 105.13
C ILE RA 71 -61.13 14.81 105.37
N ALA RA 72 -60.49 15.36 106.41
CA ALA RA 72 -59.11 15.01 106.71
C ALA RA 72 -58.99 13.55 107.10
N GLU RA 73 -59.87 13.07 107.97
CA GLU RA 73 -59.82 11.66 108.38
C GLU RA 73 -60.17 10.74 107.21
N ILE RA 74 -61.17 11.12 106.40
CA ILE RA 74 -61.56 10.30 105.27
C ILE RA 74 -60.40 10.16 104.28
N ASP RA 75 -59.78 11.28 103.93
CA ASP RA 75 -58.61 11.24 103.05
C ASP RA 75 -57.46 10.46 103.68
N LYS RA 76 -57.34 10.51 105.01
CA LYS RA 76 -56.29 9.76 105.69
C LYS RA 76 -56.48 8.26 105.48
N ARG RA 77 -57.69 7.75 105.70
CA ARG RA 77 -57.94 6.33 105.48
C ARG RA 77 -57.76 5.95 104.01
N LEU RA 78 -58.37 6.72 103.11
CA LEU RA 78 -58.25 6.44 101.68
C LEU RA 78 -56.80 6.37 101.23
N SER RA 79 -55.97 7.31 101.69
CA SER RA 79 -54.55 7.28 101.36
C SER RA 79 -53.87 6.08 102.00
N SER RA 80 -54.32 5.67 103.19
CA SER RA 80 -53.82 4.44 103.81
C SER RA 80 -53.97 3.26 102.88
N GLN RA 81 -55.12 3.11 102.21
CA GLN RA 81 -55.29 1.97 101.31
C GLN RA 81 -54.56 2.18 99.98
N VAL RA 82 -54.68 3.39 99.42
CA VAL RA 82 -54.02 3.71 98.15
C VAL RA 82 -52.53 3.42 98.23
N ASN RA 83 -51.91 3.66 99.39
CA ASN RA 83 -50.51 3.30 99.57
C ASN RA 83 -50.29 1.80 99.39
N GLU RA 84 -51.23 0.98 99.89
CA GLU RA 84 -51.12 -0.46 99.70
C GLU RA 84 -51.19 -0.83 98.24
N ILE RA 85 -52.06 -0.16 97.47
CA ILE RA 85 -52.13 -0.43 96.03
C ILE RA 85 -50.84 -0.02 95.33
N LEU RA 86 -50.37 1.22 95.57
CA LEU RA 86 -49.25 1.77 94.83
C LEU RA 86 -47.92 1.16 95.24
N HIS RA 87 -47.86 0.55 96.42
CA HIS RA 87 -46.66 -0.13 96.90
C HIS RA 87 -46.73 -1.64 96.73
N ALA RA 88 -47.71 -2.14 95.99
CA ALA RA 88 -47.80 -3.57 95.73
C ALA RA 88 -46.75 -3.96 94.71
N LYS RA 89 -46.09 -5.10 94.95
CA LYS RA 89 -44.98 -5.51 94.12
C LYS RA 89 -45.41 -5.81 92.68
N GLU RA 90 -46.58 -6.42 92.51
CA GLU RA 90 -47.07 -6.69 91.16
C GLU RA 90 -47.40 -5.41 90.42
N PHE RA 91 -48.14 -4.51 91.07
CA PHE RA 91 -48.45 -3.22 90.46
C PHE RA 91 -47.17 -2.48 90.06
N GLN RA 92 -46.20 -2.44 90.96
CA GLN RA 92 -44.94 -1.75 90.67
C GLN RA 92 -44.16 -2.45 89.55
N LYS RA 93 -44.26 -3.78 89.47
CA LYS RA 93 -43.64 -4.48 88.35
C LYS RA 93 -44.21 -3.99 87.03
N LEU RA 94 -45.53 -4.05 86.86
CA LEU RA 94 -46.14 -3.58 85.62
C LEU RA 94 -45.78 -2.11 85.36
N GLU RA 95 -46.05 -1.23 86.33
CA GLU RA 95 -45.85 0.19 86.17
C GLU RA 95 -44.40 0.51 85.78
N SER RA 96 -43.44 0.05 86.58
CA SER RA 96 -42.03 0.32 86.29
C SER RA 96 -41.62 -0.23 84.93
N SER RA 97 -42.17 -1.38 84.54
CA SER RA 97 -41.93 -1.87 83.18
C SER RA 97 -42.32 -0.83 82.14
N TRP RA 98 -43.59 -0.42 82.14
CA TRP RA 98 -44.07 0.50 81.10
C TRP RA 98 -43.43 1.88 81.18
N ARG RA 99 -43.32 2.42 82.40
CA ARG RA 99 -42.81 3.78 82.59
C ARG RA 99 -41.33 3.87 82.23
N SER RA 100 -40.54 2.87 82.66
CA SER RA 100 -39.15 2.82 82.22
C SER RA 100 -39.05 2.68 80.72
N LEU RA 101 -39.94 1.87 80.11
CA LEU RA 101 -39.97 1.76 78.66
C LEU RA 101 -40.16 3.12 78.01
N LYS RA 102 -41.14 3.90 78.47
CA LYS RA 102 -41.38 5.22 77.89
C LYS RA 102 -40.21 6.17 78.16
N PHE RA 103 -39.62 6.08 79.37
CA PHE RA 103 -38.46 6.90 79.69
C PHE RA 103 -37.33 6.65 78.70
N MET RA 104 -37.20 5.40 78.23
CA MET RA 104 -36.24 5.11 77.18
C MET RA 104 -36.70 5.68 75.84
N VAL RA 105 -37.95 5.42 75.45
CA VAL RA 105 -38.40 5.72 74.10
C VAL RA 105 -38.40 7.22 73.81
N ASP RA 106 -38.92 8.01 74.76
CA ASP RA 106 -39.03 9.45 74.58
C ASP RA 106 -37.70 10.19 74.67
N ARG RA 107 -36.61 9.49 74.98
CA ARG RA 107 -35.27 10.07 74.99
C ARG RA 107 -34.48 9.71 73.74
N THR RA 108 -35.08 8.98 72.81
CA THR RA 108 -34.47 8.64 71.53
C THR RA 108 -35.02 9.57 70.45
N ASP RA 109 -34.51 9.37 69.23
CA ASP RA 109 -34.89 10.21 68.09
C ASP RA 109 -35.15 9.30 66.89
N PHE RA 110 -36.43 8.96 66.69
CA PHE RA 110 -36.82 8.06 65.60
C PHE RA 110 -36.55 8.64 64.22
N ARG RA 111 -36.29 9.94 64.11
CA ARG RA 111 -35.90 10.54 62.84
C ARG RA 111 -34.45 10.26 62.48
N GLU RA 112 -33.66 9.75 63.42
CA GLU RA 112 -32.26 9.43 63.18
C GLU RA 112 -32.04 7.95 62.89
N ASN RA 113 -33.07 7.28 62.34
CA ASN RA 113 -32.97 5.87 61.98
C ASN RA 113 -32.79 4.98 63.21
N THR RA 114 -33.52 5.29 64.27
CA THR RA 114 -33.51 4.51 65.51
C THR RA 114 -34.84 3.77 65.63
N ARG RA 115 -34.77 2.48 65.94
CA ARG RA 115 -35.95 1.64 66.01
C ARG RA 115 -35.91 0.79 67.26
N VAL RA 116 -37.09 0.42 67.75
CA VAL RA 116 -37.23 -0.34 68.98
C VAL RA 116 -38.45 -1.25 68.88
N GLU RA 117 -38.27 -2.52 69.23
CA GLU RA 117 -39.32 -3.51 69.24
C GLU RA 117 -39.47 -4.11 70.63
N MET RA 118 -40.70 -4.46 70.98
CA MET RA 118 -41.04 -5.00 72.28
C MET RA 118 -41.34 -6.49 72.14
N LEU RA 119 -40.76 -7.30 73.02
CA LEU RA 119 -40.91 -8.75 73.06
C LEU RA 119 -41.26 -9.13 74.50
N ASN RA 120 -42.51 -9.53 74.71
CA ASN RA 120 -43.00 -9.91 76.03
C ASN RA 120 -42.51 -11.32 76.34
N ALA RA 121 -41.63 -11.43 77.33
CA ALA RA 121 -41.08 -12.74 77.71
C ALA RA 121 -40.56 -12.64 79.13
N SER RA 122 -40.88 -13.65 79.94
CA SER RA 122 -40.34 -13.75 81.27
C SER RA 122 -39.09 -14.65 81.27
N LYS RA 123 -38.25 -14.48 82.29
CA LYS RA 123 -37.03 -15.27 82.36
C LYS RA 123 -37.33 -16.77 82.40
N GLU RA 124 -38.35 -17.16 83.17
CA GLU RA 124 -38.70 -18.57 83.27
C GLU RA 124 -39.03 -19.16 81.90
N ASP RA 125 -39.79 -18.42 81.09
CA ASP RA 125 -40.14 -18.87 79.74
C ASP RA 125 -38.96 -18.81 78.80
N LEU RA 126 -38.02 -17.87 79.00
CA LEU RA 126 -36.79 -17.90 78.22
C LEU RA 126 -36.03 -19.19 78.48
N GLN RA 127 -35.88 -19.57 79.76
CA GLN RA 127 -35.27 -20.85 80.08
C GLN RA 127 -36.07 -22.01 79.51
N LYS RA 128 -37.40 -21.91 79.52
CA LYS RA 128 -38.24 -22.98 78.99
C LYS RA 128 -37.99 -23.20 77.51
N ASP RA 129 -37.88 -22.11 76.75
CA ASP RA 129 -37.65 -22.23 75.32
C ASP RA 129 -36.24 -22.73 75.02
N PHE RA 130 -35.23 -22.17 75.72
CA PHE RA 130 -33.85 -22.56 75.46
C PHE RA 130 -33.57 -24.01 75.84
N GLU RA 131 -34.22 -24.50 76.89
CA GLU RA 131 -34.03 -25.90 77.31
C GLU RA 131 -34.90 -26.84 76.48
N ASP RA 132 -36.05 -26.37 76.01
CA ASP RA 132 -36.90 -27.20 75.17
C ASP RA 132 -36.27 -27.41 73.79
N ALA RA 133 -35.68 -26.36 73.23
CA ALA RA 133 -35.06 -26.48 71.91
C ALA RA 133 -33.83 -27.40 71.98
N PRO RA 134 -33.55 -28.16 70.93
CA PRO RA 134 -32.34 -29.00 70.95
C PRO RA 134 -31.06 -28.19 70.78
N GLU RA 135 -31.14 -27.02 70.16
CA GLU RA 135 -29.99 -26.17 69.93
C GLU RA 135 -30.46 -24.73 69.83
N VAL RA 136 -29.55 -23.80 70.14
CA VAL RA 136 -29.89 -22.39 70.17
C VAL RA 136 -30.36 -21.88 68.81
N THR RA 137 -29.85 -22.49 67.72
CA THR RA 137 -30.26 -22.12 66.38
C THR RA 137 -31.74 -22.40 66.12
N LYS RA 138 -32.39 -23.18 66.98
CA LYS RA 138 -33.81 -23.51 66.83
C LYS RA 138 -34.68 -22.87 67.91
N SER RA 139 -34.11 -21.98 68.72
CA SER RA 139 -34.91 -21.28 69.71
C SER RA 139 -35.72 -20.16 69.05
N GLY RA 140 -36.87 -19.84 69.65
CA GLY RA 140 -37.70 -18.79 69.10
C GLY RA 140 -37.02 -17.43 69.11
N LEU RA 141 -36.42 -17.08 70.25
CA LEU RA 141 -35.67 -15.83 70.34
C LEU RA 141 -34.63 -15.73 69.23
N TYR RA 142 -33.84 -16.79 69.03
CA TYR RA 142 -32.91 -16.81 67.91
C TYR RA 142 -33.63 -16.65 66.58
N LYS RA 143 -34.82 -17.25 66.46
CA LYS RA 143 -35.61 -17.10 65.25
C LYS RA 143 -35.88 -15.62 64.95
N LEU RA 144 -36.37 -14.88 65.95
CA LEU RA 144 -36.80 -13.50 65.77
C LEU RA 144 -35.67 -12.48 65.91
N VAL RA 145 -34.47 -12.92 66.30
CA VAL RA 145 -33.35 -12.01 66.47
C VAL RA 145 -32.43 -12.16 65.27
N TYR RA 146 -31.94 -13.38 65.05
CA TYR RA 146 -31.00 -13.63 63.96
C TYR RA 146 -31.72 -13.96 62.66
N SER RA 147 -32.59 -14.98 62.69
CA SER RA 147 -33.16 -15.53 61.46
C SER RA 147 -33.98 -14.49 60.71
N ASN RA 148 -34.91 -13.83 61.39
CA ASN RA 148 -35.77 -12.84 60.75
C ASN RA 148 -35.08 -11.50 60.53
N GLU RA 149 -33.79 -11.38 60.86
CA GLU RA 149 -33.11 -10.10 60.74
C GLU RA 149 -31.76 -10.22 60.06
N TYR RA 150 -30.71 -10.48 60.85
CA TYR RA 150 -29.35 -10.48 60.31
C TYR RA 150 -29.17 -11.53 59.22
N GLY RA 151 -29.84 -12.67 59.34
CA GLY RA 151 -29.67 -13.74 58.37
C GLY RA 151 -30.77 -13.78 57.32
N VAL RA 152 -31.33 -12.62 56.99
CA VAL RA 152 -32.44 -12.52 56.04
C VAL RA 152 -32.07 -11.50 54.97
N PHE RA 153 -31.99 -11.95 53.72
CA PHE RA 153 -31.74 -11.04 52.62
C PHE RA 153 -32.89 -10.07 52.48
N GLY RA 154 -32.59 -8.76 52.48
CA GLY RA 154 -33.60 -7.74 52.47
C GLY RA 154 -34.01 -7.23 53.84
N GLY RA 155 -33.62 -7.93 54.91
CA GLY RA 155 -33.95 -7.52 56.26
C GLY RA 155 -32.92 -6.58 56.84
N LYS RA 156 -32.86 -6.56 58.17
CA LYS RA 156 -31.95 -5.68 58.90
C LYS RA 156 -31.57 -6.35 60.20
N PRO RA 157 -30.35 -6.11 60.70
CA PRO RA 157 -29.90 -6.81 61.91
C PRO RA 157 -30.19 -6.01 63.18
N TYR RA 158 -30.47 -6.74 64.24
CA TYR RA 158 -30.77 -6.12 65.53
C TYR RA 158 -29.49 -5.54 66.13
N GLY RA 159 -29.55 -4.27 66.53
CA GLY RA 159 -28.36 -3.61 67.05
C GLY RA 159 -27.95 -4.14 68.42
N ILE RA 160 -28.91 -4.22 69.34
CA ILE RA 160 -28.63 -4.64 70.72
C ILE RA 160 -29.93 -5.13 71.34
N ILE RA 161 -29.82 -5.90 72.42
CA ILE RA 161 -30.96 -6.47 73.13
C ILE RA 161 -30.92 -5.99 74.58
N SER RA 162 -32.00 -5.35 75.01
CA SER RA 162 -32.13 -4.84 76.37
C SER RA 162 -33.14 -5.71 77.10
N ALA RA 163 -32.69 -6.41 78.13
CA ALA RA 163 -33.52 -7.33 78.90
C ALA RA 163 -33.84 -6.70 80.25
N ASN RA 164 -35.13 -6.47 80.52
CA ASN RA 164 -35.57 -5.89 81.79
C ASN RA 164 -35.68 -6.98 82.85
N TYR RA 165 -34.51 -7.41 83.32
CA TYR RA 165 -34.42 -8.48 84.30
C TYR RA 165 -33.32 -8.19 85.30
N ASP RA 166 -33.47 -8.76 86.49
CA ASP RA 166 -32.44 -8.75 87.51
C ASP RA 166 -31.88 -10.17 87.64
N PHE RA 167 -30.57 -10.29 87.75
CA PHE RA 167 -29.90 -11.58 87.78
C PHE RA 167 -29.27 -11.80 89.15
N ASN RA 168 -29.39 -13.03 89.64
CA ASN RA 168 -28.72 -13.47 90.86
C ASN RA 168 -27.65 -14.48 90.48
N VAL RA 169 -27.00 -15.06 91.50
CA VAL RA 169 -26.03 -16.12 91.28
C VAL RA 169 -26.67 -17.47 91.06
N GLY RA 170 -28.00 -17.55 91.06
CA GLY RA 170 -28.72 -18.79 90.89
C GLY RA 170 -28.38 -19.49 89.59
N PRO RA 171 -28.38 -20.83 89.63
CA PRO RA 171 -28.00 -21.57 88.41
C PRO RA 171 -28.88 -21.29 87.22
N GLN RA 172 -30.18 -21.10 87.43
CA GLN RA 172 -31.08 -20.77 86.32
C GLN RA 172 -30.66 -19.45 85.66
N ASP RA 173 -30.39 -18.42 86.47
CA ASP RA 173 -29.95 -17.15 85.92
C ASP RA 173 -28.63 -17.29 85.18
N MET RA 174 -27.69 -18.06 85.73
CA MET RA 174 -26.41 -18.27 85.06
C MET RA 174 -26.60 -18.92 83.69
N GLU RA 175 -27.43 -19.97 83.62
CA GLU RA 175 -27.68 -20.64 82.35
C GLU RA 175 -28.35 -19.70 81.35
N LEU RA 176 -29.33 -18.93 81.81
CA LEU RA 176 -29.94 -17.92 80.92
C LEU RA 176 -28.89 -16.98 80.37
N LEU RA 177 -27.97 -16.52 81.22
CA LEU RA 177 -26.89 -15.66 80.74
C LEU RA 177 -26.03 -16.35 79.70
N ARG RA 178 -25.77 -17.66 79.88
CA ARG RA 178 -25.00 -18.40 78.89
C ARG RA 178 -25.71 -18.41 77.53
N LYS RA 179 -27.01 -18.73 77.52
CA LYS RA 179 -27.76 -18.74 76.26
C LYS RA 179 -27.75 -17.37 75.61
N CYS RA 180 -27.99 -16.31 76.39
CA CYS RA 180 -27.98 -14.95 75.84
C CYS RA 180 -26.63 -14.58 75.26
N ALA RA 181 -25.54 -15.03 75.90
CA ALA RA 181 -24.21 -14.78 75.36
C ALA RA 181 -24.02 -15.48 74.03
N SER RA 182 -24.49 -16.73 73.92
CA SER RA 182 -24.39 -17.46 72.66
C SER RA 182 -25.14 -16.72 71.54
N VAL RA 183 -26.41 -16.37 71.79
CA VAL RA 183 -27.19 -15.69 70.76
C VAL RA 183 -26.55 -14.36 70.38
N ALA RA 184 -26.14 -13.57 71.37
CA ALA RA 184 -25.52 -12.28 71.10
C ALA RA 184 -24.25 -12.44 70.26
N ALA RA 185 -23.47 -13.49 70.53
CA ALA RA 185 -22.28 -13.75 69.74
C ALA RA 185 -22.63 -14.13 68.31
N MET RA 186 -23.66 -14.95 68.12
CA MET RA 186 -24.05 -15.38 66.78
C MET RA 186 -24.57 -14.22 65.94
N ALA RA 187 -25.28 -13.27 66.55
CA ALA RA 187 -25.88 -12.17 65.81
C ALA RA 187 -25.05 -10.90 65.87
N HIS RA 188 -23.94 -10.91 66.63
CA HIS RA 188 -23.10 -9.73 66.79
C HIS RA 188 -23.86 -8.58 67.44
N ALA RA 189 -24.55 -8.87 68.55
CA ALA RA 189 -25.34 -7.87 69.26
C ALA RA 189 -25.26 -8.13 70.76
N PRO RA 190 -24.89 -7.13 71.56
CA PRO RA 190 -24.72 -7.37 72.99
C PRO RA 190 -26.06 -7.47 73.71
N PHE RA 191 -26.03 -8.20 74.83
CA PHE RA 191 -27.21 -8.37 75.68
C PHE RA 191 -26.96 -7.62 76.98
N ILE RA 192 -27.82 -6.64 77.28
CA ILE RA 192 -27.66 -5.77 78.43
C ILE RA 192 -28.79 -6.02 79.42
N GLY RA 193 -28.43 -6.14 80.70
CA GLY RA 193 -29.38 -6.34 81.77
C GLY RA 193 -28.90 -5.74 83.07
N ASN RA 194 -29.51 -6.15 84.19
CA ASN RA 194 -29.17 -5.62 85.50
C ASN RA 194 -28.94 -6.77 86.47
N ALA RA 195 -28.23 -6.44 87.56
CA ALA RA 195 -27.95 -7.40 88.62
C ALA RA 195 -28.77 -7.04 89.86
N ALA RA 196 -29.23 -8.07 90.57
CA ALA RA 196 -30.02 -7.86 91.78
C ALA RA 196 -29.10 -7.64 92.97
N PRO RA 197 -29.60 -6.94 94.01
CA PRO RA 197 -28.74 -6.67 95.18
C PRO RA 197 -28.20 -7.92 95.85
N GLU RA 198 -29.02 -8.96 95.98
CA GLU RA 198 -28.59 -10.21 96.61
C GLU RA 198 -27.41 -10.86 95.91
N VAL RA 199 -27.09 -10.42 94.69
CA VAL RA 199 -25.90 -10.90 94.00
C VAL RA 199 -24.65 -10.59 94.80
N PHE RA 200 -24.66 -9.49 95.55
CA PHE RA 200 -23.56 -9.11 96.43
C PHE RA 200 -23.75 -9.60 97.87
N GLY RA 201 -24.74 -10.47 98.09
CA GLY RA 201 -25.02 -10.95 99.44
C GLY RA 201 -25.60 -9.91 100.36
N GLU RA 202 -26.26 -8.90 99.80
CA GLU RA 202 -26.85 -7.82 100.58
C GLU RA 202 -28.34 -7.74 100.31
N GLU RA 203 -29.09 -7.29 101.31
CA GLU RA 203 -30.54 -7.17 101.17
C GLU RA 203 -30.91 -6.16 100.09
N SER RA 204 -30.18 -5.06 99.98
CA SER RA 204 -30.46 -4.03 99.01
C SER RA 204 -29.18 -3.27 98.72
N PHE RA 205 -29.13 -2.62 97.56
CA PHE RA 205 -27.99 -1.82 97.16
C PHE RA 205 -27.54 -0.81 98.21
N LEU RA 206 -28.44 -0.37 99.09
CA LEU RA 206 -28.09 0.54 100.18
C LEU RA 206 -27.00 -0.01 101.09
N LYS RA 207 -26.67 -1.29 100.98
CA LYS RA 207 -25.61 -1.91 101.79
C LYS RA 207 -24.27 -1.96 101.07
N LEU RA 208 -24.17 -1.38 99.88
CA LEU RA 208 -22.93 -1.42 99.14
C LEU RA 208 -21.76 -0.77 99.86
N PRO RA 209 -21.94 0.34 100.59
CA PRO RA 209 -20.79 0.93 101.30
C PRO RA 209 -20.27 0.08 102.44
N ASP RA 210 -21.05 -0.91 102.90
CA ASP RA 210 -20.59 -1.80 103.95
C ASP RA 210 -19.73 -2.94 103.43
N LEU RA 211 -19.69 -3.14 102.11
CA LEU RA 211 -18.89 -4.23 101.53
C LEU RA 211 -17.44 -3.83 101.51
N LYS RA 212 -16.60 -4.58 102.24
CA LYS RA 212 -15.20 -4.19 102.38
C LYS RA 212 -14.36 -4.61 101.17
N ASP RA 213 -14.74 -5.66 100.46
CA ASP RA 213 -13.89 -6.20 99.40
C ASP RA 213 -14.71 -7.13 98.51
N LEU RA 214 -15.18 -6.59 97.38
CA LEU RA 214 -15.96 -7.40 96.44
C LEU RA 214 -15.12 -8.50 95.81
N LYS RA 215 -13.86 -8.19 95.46
CA LYS RA 215 -12.99 -9.19 94.85
C LYS RA 215 -12.84 -10.42 95.73
N SER RA 216 -12.64 -10.21 97.03
CA SER RA 216 -12.61 -11.34 97.96
C SER RA 216 -13.98 -11.97 98.13
N LEU RA 217 -15.05 -11.16 98.09
CA LEU RA 217 -16.39 -11.71 98.19
C LEU RA 217 -16.66 -12.73 97.08
N PHE RA 218 -16.16 -12.47 95.88
CA PHE RA 218 -16.40 -13.32 94.72
C PHE RA 218 -15.57 -14.60 94.71
N GLU RA 219 -14.77 -14.85 95.74
CA GLU RA 219 -13.97 -16.07 95.81
C GLU RA 219 -14.74 -17.25 96.39
N GLY RA 220 -15.88 -17.00 97.02
CA GLY RA 220 -16.66 -18.06 97.61
C GLY RA 220 -17.19 -19.03 96.57
N PRO RA 221 -17.40 -20.28 96.99
CA PRO RA 221 -17.89 -21.28 96.02
C PRO RA 221 -19.26 -20.96 95.46
N GLN RA 222 -20.02 -20.06 96.09
CA GLN RA 222 -21.34 -19.71 95.59
C GLN RA 222 -21.28 -19.10 94.19
N TYR RA 223 -20.12 -18.56 93.79
CA TYR RA 223 -19.96 -17.88 92.51
C TYR RA 223 -19.12 -18.67 91.51
N ALA RA 224 -19.03 -19.99 91.68
CA ALA RA 224 -18.22 -20.79 90.77
C ALA RA 224 -18.70 -20.66 89.33
N ARG RA 225 -20.01 -20.82 89.11
CA ARG RA 225 -20.57 -20.75 87.76
C ARG RA 225 -20.34 -19.37 87.14
N TRP RA 226 -20.55 -18.30 87.91
CA TRP RA 226 -20.28 -16.97 87.39
C TRP RA 226 -18.82 -16.81 87.01
N HIS RA 227 -17.92 -17.36 87.83
CA HIS RA 227 -16.49 -17.31 87.55
C HIS RA 227 -16.17 -17.95 86.20
N SER RA 228 -16.74 -19.13 85.92
CA SER RA 228 -16.52 -19.74 84.61
C SER RA 228 -17.13 -18.92 83.48
N PHE RA 229 -18.34 -18.40 83.71
CA PHE RA 229 -19.00 -17.57 82.71
C PHE RA 229 -18.13 -16.40 82.29
N ARG RA 230 -17.45 -15.76 83.26
CA ARG RA 230 -16.54 -14.67 82.93
C ARG RA 230 -15.37 -15.10 82.06
N GLU RA 231 -15.06 -16.39 82.05
CA GLU RA 231 -13.95 -16.91 81.26
C GLU RA 231 -14.38 -17.41 79.88
N SER RA 232 -15.68 -17.64 79.67
CA SER RA 232 -16.14 -17.98 78.34
C SER RA 232 -15.86 -16.85 77.33
N GLU RA 233 -15.60 -17.24 76.09
CA GLU RA 233 -15.35 -16.27 75.02
C GLU RA 233 -16.61 -15.60 74.52
N ASP RA 234 -17.78 -16.11 74.91
CA ASP RA 234 -19.04 -15.45 74.59
C ASP RA 234 -19.40 -14.36 75.58
N ALA RA 235 -18.65 -14.25 76.68
CA ALA RA 235 -18.95 -13.26 77.71
C ALA RA 235 -18.79 -11.83 77.19
N ARG RA 236 -18.11 -11.63 76.07
CA ARG RA 236 -17.95 -10.30 75.50
C ARG RA 236 -19.29 -9.68 75.09
N TYR RA 237 -20.32 -10.49 74.89
CA TYR RA 237 -21.63 -10.01 74.48
C TYR RA 237 -22.60 -9.88 75.65
N VAL RA 238 -22.11 -9.90 76.88
CA VAL RA 238 -22.94 -9.80 78.07
C VAL RA 238 -22.55 -8.53 78.83
N GLY RA 239 -23.55 -7.77 79.25
CA GLY RA 239 -23.31 -6.57 80.04
C GLY RA 239 -24.37 -6.37 81.11
N LEU RA 240 -23.96 -6.32 82.37
CA LEU RA 240 -24.87 -6.19 83.50
C LEU RA 240 -24.60 -4.89 84.25
N ALA RA 241 -25.67 -4.21 84.64
CA ALA RA 241 -25.60 -2.94 85.36
C ALA RA 241 -25.86 -3.16 86.84
N LEU RA 242 -25.44 -2.18 87.64
CA LEU RA 242 -25.50 -2.28 89.09
C LEU RA 242 -26.79 -1.65 89.63
N PRO RA 243 -26.68 -0.57 90.40
CA PRO RA 243 -27.84 -0.04 91.12
C PRO RA 243 -28.93 0.47 90.18
N ARG RA 244 -30.16 0.40 90.66
CA ARG RA 244 -31.32 0.88 89.91
C ARG RA 244 -31.41 2.40 90.04
N PHE RA 245 -32.52 2.98 89.59
CA PHE RA 245 -32.63 4.43 89.65
C PHE RA 245 -34.10 4.83 89.71
N LEU RA 246 -34.37 5.92 90.43
CA LEU RA 246 -35.75 6.37 90.61
C LEU RA 246 -36.40 6.72 89.29
N LEU RA 247 -37.68 6.37 89.16
CA LEU RA 247 -38.48 6.70 87.99
C LEU RA 247 -39.57 7.71 88.27
N ARG RA 248 -40.11 7.74 89.49
CA ARG RA 248 -41.19 8.64 89.84
C ARG RA 248 -40.94 9.27 91.19
N LEU RA 249 -41.23 10.56 91.30
CA LEU RA 249 -41.18 11.24 92.59
C LEU RA 249 -42.48 10.97 93.34
N PRO RA 250 -42.43 10.66 94.63
CA PRO RA 250 -43.64 10.27 95.35
C PRO RA 250 -44.69 11.37 95.33
N TYR RA 251 -45.96 10.94 95.34
CA TYR RA 251 -47.07 11.88 95.17
C TYR RA 251 -47.12 12.87 96.33
N GLY RA 252 -47.37 14.13 95.99
CA GLY RA 252 -47.46 15.18 96.99
C GLY RA 252 -48.26 16.37 96.50
N GLU RA 253 -49.03 17.00 97.39
CA GLU RA 253 -49.93 18.07 97.00
C GLU RA 253 -49.24 19.21 96.27
N LYS RA 254 -47.93 19.36 96.46
CA LYS RA 254 -47.14 20.41 95.82
C LYS RA 254 -46.27 19.87 94.69
N THR RA 255 -45.45 18.84 94.98
CA THR RA 255 -44.47 18.38 94.01
C THR RA 255 -45.08 17.48 92.94
N VAL RA 256 -46.08 16.69 93.30
CA VAL RA 256 -46.70 15.75 92.35
C VAL RA 256 -48.17 15.58 92.72
N PRO RA 257 -49.03 16.56 92.44
CA PRO RA 257 -50.41 16.47 92.92
C PRO RA 257 -51.28 15.65 91.97
N VAL RA 258 -52.41 15.20 92.52
CA VAL RA 258 -53.42 14.46 91.76
C VAL RA 258 -54.74 15.20 91.87
N LYS RA 259 -55.69 14.81 91.03
CA LYS RA 259 -56.97 15.50 90.96
C LYS RA 259 -57.90 15.04 92.07
N ALA RA 260 -58.74 15.97 92.52
CA ALA RA 260 -59.78 15.64 93.50
C ALA RA 260 -59.19 15.20 94.84
N PHE RA 261 -58.90 13.91 94.96
CA PHE RA 261 -58.42 13.35 96.23
C PHE RA 261 -57.09 13.97 96.61
N ASN RA 262 -57.01 14.47 97.85
CA ASN RA 262 -55.78 15.09 98.35
C ASN RA 262 -54.86 13.98 98.84
N PHE RA 263 -54.16 13.37 97.89
CA PHE RA 263 -53.29 12.22 98.16
C PHE RA 263 -51.87 12.68 98.41
N THR RA 264 -51.29 12.23 99.52
CA THR RA 264 -49.90 12.48 99.87
C THR RA 264 -49.26 11.13 100.12
N GLU RA 265 -48.46 10.66 99.16
CA GLU RA 265 -47.85 9.34 99.27
C GLU RA 265 -46.87 9.31 100.44
N ASP RA 266 -46.94 8.25 101.23
CA ASP RA 266 -46.14 8.11 102.45
C ASP RA 266 -45.16 6.96 102.25
N VAL RA 267 -43.93 7.30 101.87
CA VAL RA 267 -42.87 6.30 101.77
C VAL RA 267 -42.36 6.00 103.18
N VAL RA 268 -42.41 4.73 103.56
CA VAL RA 268 -42.03 4.33 104.92
C VAL RA 268 -40.51 4.19 104.99
N GLY RA 269 -40.04 3.44 105.99
CA GLY RA 269 -38.61 3.21 106.11
C GLY RA 269 -38.05 2.37 104.98
N HIS RA 270 -38.90 1.61 104.30
CA HIS RA 270 -38.46 0.71 103.24
C HIS RA 270 -38.40 1.49 101.93
N HIS RA 271 -37.18 1.81 101.47
CA HIS RA 271 -36.99 2.49 100.20
C HIS RA 271 -37.55 1.73 99.02
N GLU RA 272 -37.88 0.44 99.20
CA GLU RA 272 -38.57 -0.32 98.18
C GLU RA 272 -39.95 0.25 97.86
N ARG RA 273 -40.46 1.15 98.70
CA ARG RA 273 -41.70 1.86 98.37
C ARG RA 273 -41.50 2.78 97.17
N TYR RA 274 -40.26 3.23 96.94
CA TYR RA 274 -39.96 4.06 95.79
C TYR RA 274 -40.02 3.25 94.50
N LEU RA 275 -40.48 3.90 93.43
CA LEU RA 275 -40.62 3.23 92.13
C LEU RA 275 -39.24 3.19 91.47
N TRP RA 276 -38.50 2.14 91.79
CA TRP RA 276 -37.18 1.95 91.20
C TRP RA 276 -37.30 1.40 89.79
N GLY RA 277 -36.31 1.72 88.96
CA GLY RA 277 -36.31 1.34 87.56
C GLY RA 277 -34.96 0.77 87.16
N HIS RA 278 -34.99 -0.08 86.14
CA HIS RA 278 -33.80 -0.84 85.73
C HIS RA 278 -32.88 0.07 84.90
N ALA RA 279 -31.63 0.22 85.36
CA ALA RA 279 -30.70 1.15 84.72
C ALA RA 279 -30.28 0.73 83.32
N SER RA 280 -30.54 -0.53 82.95
CA SER RA 280 -30.26 -0.98 81.59
C SER RA 280 -30.87 -0.05 80.56
N VAL RA 281 -32.05 0.51 80.86
CA VAL RA 281 -32.69 1.44 79.94
C VAL RA 281 -31.88 2.72 79.80
N ALA RA 282 -31.30 3.20 80.90
CA ALA RA 282 -30.43 4.38 80.82
C ALA RA 282 -29.23 4.11 79.91
N LEU RA 283 -28.56 2.97 80.13
CA LEU RA 283 -27.48 2.60 79.22
C LEU RA 283 -27.94 2.57 77.76
N THR RA 284 -29.12 1.99 77.52
CA THR RA 284 -29.67 1.97 76.16
C THR RA 284 -29.84 3.38 75.60
N SER RA 285 -30.30 4.33 76.42
CA SER RA 285 -30.36 5.71 75.98
C SER RA 285 -29.00 6.23 75.59
N ARG RA 286 -27.94 5.86 76.33
CA ARG RA 286 -26.59 6.24 75.94
C ARG RA 286 -26.27 5.77 74.52
N VAL RA 287 -26.45 4.46 74.27
CA VAL RA 287 -26.20 3.93 72.94
C VAL RA 287 -27.01 4.69 71.89
N ALA RA 288 -28.27 4.95 72.19
CA ALA RA 288 -29.15 5.66 71.25
C ALA RA 288 -28.61 7.04 70.90
N ASP RA 289 -28.15 7.81 71.90
CA ASP RA 289 -27.64 9.14 71.62
C ASP RA 289 -26.38 9.09 70.77
N SER RA 290 -25.43 8.22 71.14
CA SER RA 290 -24.23 8.09 70.32
C SER RA 290 -24.57 7.80 68.87
N PHE RA 291 -25.52 6.89 68.63
CA PHE RA 291 -25.87 6.54 67.25
C PHE RA 291 -26.63 7.68 66.57
N ALA RA 292 -27.43 8.42 67.32
CA ALA RA 292 -28.18 9.52 66.71
C ALA RA 292 -27.26 10.63 66.24
N LYS RA 293 -26.13 10.82 66.94
CA LYS RA 293 -25.20 11.88 66.55
C LYS RA 293 -24.23 11.42 65.46
N PHE RA 294 -23.71 10.18 65.55
CA PHE RA 294 -22.60 9.79 64.70
C PHE RA 294 -22.82 8.54 63.86
N ARG RA 295 -23.88 7.76 64.12
CA ARG RA 295 -24.11 6.47 63.46
C ARG RA 295 -23.24 5.36 64.03
N TRP RA 296 -22.58 5.62 65.16
CA TRP RA 296 -21.75 4.64 65.85
C TRP RA 296 -21.99 4.77 67.35
N SER RA 297 -21.68 3.70 68.08
CA SER RA 297 -22.00 3.60 69.50
C SER RA 297 -20.74 3.40 70.34
N PRO RA 298 -19.87 4.39 70.40
CA PRO RA 298 -18.67 4.27 71.24
C PRO RA 298 -18.65 5.30 72.35
N ASN RA 299 -19.42 6.38 72.17
CA ASN RA 299 -19.41 7.51 73.11
C ASN RA 299 -20.52 7.32 74.14
N ILE RA 300 -20.22 6.50 75.15
CA ILE RA 300 -21.20 6.23 76.20
C ILE RA 300 -20.52 5.93 77.52
N ILE RA 301 -19.32 6.48 77.73
CA ILE RA 301 -18.58 6.18 78.96
C ILE RA 301 -17.89 7.41 79.52
N GLY RA 302 -18.63 8.49 79.73
CA GLY RA 302 -18.06 9.67 80.32
C GLY RA 302 -19.06 10.76 80.64
N PRO RA 303 -18.78 11.54 81.68
CA PRO RA 303 -19.66 12.67 81.99
C PRO RA 303 -19.72 13.71 80.90
N GLN RA 304 -18.66 13.84 80.10
CA GLN RA 304 -18.66 14.72 78.94
C GLN RA 304 -18.67 13.97 77.61
N SER RA 305 -18.22 12.71 77.59
CA SER RA 305 -18.16 11.97 76.35
C SER RA 305 -19.54 11.56 75.86
N GLY RA 306 -20.49 11.34 76.77
CA GLY RA 306 -21.82 10.93 76.35
C GLY RA 306 -22.40 9.81 77.19
N GLY RA 307 -21.69 9.43 78.25
CA GLY RA 307 -22.19 8.48 79.22
C GLY RA 307 -22.90 9.10 80.40
N ALA RA 308 -23.25 10.38 80.33
CA ALA RA 308 -23.92 11.06 81.42
C ALA RA 308 -25.42 10.95 81.26
N VAL RA 309 -26.10 10.58 82.34
CA VAL RA 309 -27.55 10.55 82.39
C VAL RA 309 -28.00 11.80 83.15
N GLU RA 310 -28.71 12.68 82.46
CA GLU RA 310 -29.13 13.96 83.05
C GLU RA 310 -30.62 13.95 83.31
N ASN RA 311 -31.04 14.78 84.26
CA ASN RA 311 -32.46 14.96 84.58
C ASN RA 311 -33.00 13.80 85.41
N LEU RA 312 -32.36 13.54 86.56
CA LEU RA 312 -32.88 12.47 87.42
C LEU RA 312 -33.88 13.03 88.42
N PRO RA 313 -34.86 12.24 88.83
CA PRO RA 313 -35.83 12.72 89.81
C PRO RA 313 -35.17 12.96 91.17
N LEU RA 314 -35.68 13.94 91.90
CA LEU RA 314 -35.19 14.28 93.23
C LEU RA 314 -36.36 14.27 94.20
N HIS RA 315 -36.04 14.15 95.49
CA HIS RA 315 -37.08 14.03 96.52
C HIS RA 315 -36.49 14.51 97.85
N GLN RA 316 -36.72 15.79 98.15
CA GLN RA 316 -36.27 16.37 99.41
C GLN RA 316 -37.27 16.03 100.51
N TYR RA 317 -36.76 15.58 101.66
CA TYR RA 317 -37.59 15.21 102.79
C TYR RA 317 -36.79 15.46 104.07
N GLU RA 318 -37.51 15.45 105.19
CA GLU RA 318 -36.89 15.78 106.47
C GLU RA 318 -35.98 14.65 106.93
N ALA RA 319 -34.82 15.03 107.45
CA ALA RA 319 -33.84 14.08 108.01
C ALA RA 319 -33.89 14.17 109.53
N MET RA 320 -32.76 14.35 110.22
CA MET RA 320 -32.75 14.52 111.67
C MET RA 320 -32.96 15.95 112.10
N GLY RA 321 -34.00 16.61 111.59
CA GLY RA 321 -34.21 18.03 111.79
C GLY RA 321 -33.80 18.88 110.62
N GLU RA 322 -33.00 18.34 109.69
CA GLU RA 322 -32.59 19.03 108.48
C GLU RA 322 -33.34 18.43 107.29
N ILE RA 323 -32.86 18.74 106.09
CA ILE RA 323 -33.47 18.27 104.85
C ILE RA 323 -32.42 17.55 104.02
N GLN RA 324 -32.86 16.51 103.32
CA GLN RA 324 -31.98 15.74 102.45
C GLN RA 324 -32.80 15.14 101.33
N THR RA 325 -32.14 14.91 100.19
CA THR RA 325 -32.81 14.37 99.01
C THR RA 325 -32.50 12.89 98.86
N LYS RA 326 -33.53 12.10 98.57
CA LYS RA 326 -33.32 10.69 98.29
C LYS RA 326 -32.46 10.57 97.05
N ILE RA 327 -31.35 9.84 97.17
CA ILE RA 327 -30.42 9.74 96.05
C ILE RA 327 -31.11 9.06 94.88
N PRO RA 328 -30.98 9.59 93.65
CA PRO RA 328 -31.64 8.94 92.51
C PRO RA 328 -31.23 7.49 92.32
N THR RA 329 -30.00 7.15 92.64
CA THR RA 329 -29.55 5.78 92.78
C THR RA 329 -29.55 5.42 94.26
N GLU RA 330 -29.66 4.11 94.55
CA GLU RA 330 -29.79 3.66 95.93
C GLU RA 330 -28.67 4.20 96.81
N VAL RA 331 -27.45 4.29 96.28
CA VAL RA 331 -26.29 4.74 97.03
C VAL RA 331 -25.50 5.74 96.20
N MET RA 332 -24.62 6.48 96.89
CA MET RA 332 -23.71 7.43 96.26
C MET RA 332 -22.37 6.70 96.16
N LEU RA 333 -22.11 6.12 95.00
CA LEU RA 333 -20.92 5.29 94.83
C LEU RA 333 -19.67 6.16 94.75
N THR RA 334 -18.66 5.79 95.55
CA THR RA 334 -17.38 6.47 95.51
C THR RA 334 -16.52 5.92 94.37
N GLU RA 335 -15.46 6.67 94.05
CA GLU RA 335 -14.60 6.29 92.93
C GLU RA 335 -13.97 4.92 93.13
N ARG RA 336 -13.53 4.62 94.36
CA ARG RA 336 -12.91 3.33 94.63
C ARG RA 336 -13.90 2.18 94.46
N ARG RA 337 -15.12 2.34 94.99
CA ARG RA 337 -16.12 1.30 94.85
C ARG RA 337 -16.51 1.09 93.40
N GLU RA 338 -16.68 2.19 92.64
CA GLU RA 338 -16.97 2.07 91.23
C GLU RA 338 -15.85 1.34 90.50
N PHE RA 339 -14.60 1.63 90.87
CA PHE RA 339 -13.46 0.94 90.25
C PHE RA 339 -13.50 -0.55 90.56
N GLU RA 340 -13.82 -0.92 91.81
CA GLU RA 340 -13.93 -2.33 92.17
C GLU RA 340 -15.01 -3.02 91.34
N LEU RA 341 -16.19 -2.39 91.24
CA LEU RA 341 -17.27 -2.96 90.42
C LEU RA 341 -16.83 -3.12 88.97
N SER RA 342 -16.06 -2.15 88.45
CA SER RA 342 -15.55 -2.25 87.09
C SER RA 342 -14.59 -3.43 86.94
N GLU RA 343 -13.74 -3.66 87.96
CA GLU RA 343 -12.87 -4.82 87.94
C GLU RA 343 -13.67 -6.11 87.98
N GLU RA 344 -14.86 -6.08 88.59
CA GLU RA 344 -15.75 -7.24 88.65
C GLU RA 344 -16.69 -7.33 87.45
N GLY RA 345 -16.43 -6.55 86.40
CA GLY RA 345 -17.23 -6.63 85.19
C GLY RA 345 -18.64 -6.12 85.32
N PHE RA 346 -18.87 -5.14 86.18
CA PHE RA 346 -20.19 -4.56 86.37
C PHE RA 346 -20.20 -3.13 85.82
N ILE RA 347 -21.37 -2.72 85.33
CA ILE RA 347 -21.55 -1.38 84.77
C ILE RA 347 -22.29 -0.57 85.82
N GLY RA 348 -21.52 0.15 86.64
CA GLY RA 348 -22.10 0.93 87.71
C GLY RA 348 -22.43 2.36 87.32
N LEU RA 349 -23.71 2.72 87.40
CA LEU RA 349 -24.14 4.09 87.15
C LEU RA 349 -23.92 4.88 88.43
N VAL RA 350 -22.92 5.76 88.43
CA VAL RA 350 -22.56 6.51 89.62
C VAL RA 350 -23.35 7.82 89.67
N PHE RA 351 -23.69 8.24 90.88
CA PHE RA 351 -24.47 9.46 91.10
C PHE RA 351 -23.52 10.62 91.38
N ARG RA 352 -23.70 11.72 90.66
CA ARG RA 352 -22.92 12.94 90.90
C ARG RA 352 -23.48 13.61 92.15
N LYS RA 353 -22.66 13.69 93.20
CA LYS RA 353 -23.13 14.16 94.49
C LYS RA 353 -23.69 15.56 94.40
N ASP RA 354 -24.85 15.77 95.03
CA ASP RA 354 -25.50 17.07 95.14
C ASP RA 354 -26.16 17.53 93.85
N SER RA 355 -26.39 16.63 92.89
CA SER RA 355 -27.01 17.04 91.64
C SER RA 355 -28.12 16.08 91.25
N ASP RA 356 -28.55 16.15 89.99
CA ASP RA 356 -29.51 15.21 89.42
C ASP RA 356 -28.93 14.50 88.21
N ASN RA 357 -27.61 14.31 88.21
CA ASN RA 357 -26.90 13.70 87.09
C ASN RA 357 -26.12 12.49 87.58
N ALA RA 358 -26.11 11.45 86.75
CA ALA RA 358 -25.29 10.26 86.98
C ALA RA 358 -24.40 10.06 85.77
N ALA RA 359 -23.49 9.10 85.87
CA ALA RA 359 -22.52 8.86 84.81
C ALA RA 359 -22.09 7.40 84.81
N PHE RA 360 -21.84 6.89 83.61
CA PHE RA 360 -21.26 5.57 83.42
C PHE RA 360 -19.80 5.80 83.06
N PHE RA 361 -18.90 5.53 84.02
CA PHE RA 361 -17.49 5.80 83.79
C PHE RA 361 -16.88 4.79 82.82
N SER RA 362 -17.48 3.61 82.69
CA SER RA 362 -16.93 2.58 81.82
C SER RA 362 -18.01 1.54 81.56
N ALA RA 363 -17.87 0.87 80.41
CA ALA RA 363 -18.81 -0.18 80.05
C ALA RA 363 -18.07 -1.48 79.74
N ASN RA 364 -17.40 -2.03 80.75
CA ASN RA 364 -16.74 -3.32 80.58
C ASN RA 364 -17.77 -4.43 80.50
N SER RA 365 -17.48 -5.44 79.69
CA SER RA 365 -18.36 -6.59 79.58
C SER RA 365 -18.12 -7.53 80.77
N THR RA 366 -18.87 -8.64 80.80
CA THR RA 366 -18.68 -9.62 81.87
C THR RA 366 -17.34 -10.34 81.74
N GLN RA 367 -16.79 -10.40 80.52
CA GLN RA 367 -15.58 -11.18 80.27
C GLN RA 367 -14.40 -10.64 81.08
N LYS RA 368 -13.65 -11.55 81.70
CA LYS RA 368 -12.47 -11.18 82.47
C LYS RA 368 -11.25 -11.19 81.57
N PRO RA 369 -10.38 -10.18 81.67
CA PRO RA 369 -9.21 -10.14 80.80
C PRO RA 369 -8.20 -11.21 81.17
N ARG RA 370 -7.46 -11.67 80.17
CA ARG RA 370 -6.45 -12.69 80.36
C ARG RA 370 -5.08 -12.05 80.51
N PHE RA 371 -4.23 -12.69 81.30
CA PHE RA 371 -2.87 -12.22 81.54
C PHE RA 371 -1.89 -13.03 80.71
N PHE RA 372 -0.92 -12.35 80.12
CA PHE RA 372 0.12 -12.99 79.32
C PHE RA 372 1.48 -12.59 79.87
N GLY RA 373 2.50 -13.31 79.40
CA GLY RA 373 3.86 -12.97 79.78
C GLY RA 373 4.21 -11.56 79.34
N ASN RA 374 4.84 -10.81 80.25
CA ASN RA 374 5.21 -9.42 80.00
C ASN RA 374 6.47 -9.38 79.14
N THR RA 375 6.30 -9.78 77.89
CA THR RA 375 7.25 -9.54 76.82
C THR RA 375 6.56 -8.61 75.84
N PRO RA 376 7.28 -8.13 74.82
CA PRO RA 376 6.60 -7.27 73.82
C PRO RA 376 5.36 -7.94 73.22
N GLU RA 377 5.52 -9.18 72.75
CA GLU RA 377 4.40 -9.90 72.15
C GLU RA 377 3.30 -10.18 73.18
N GLY RA 378 3.69 -10.56 74.40
CA GLY RA 378 2.69 -10.85 75.42
C GLY RA 378 1.86 -9.64 75.80
N LYS RA 379 2.51 -8.50 75.99
CA LYS RA 379 1.79 -7.26 76.26
C LYS RA 379 0.91 -6.85 75.09
N ALA RA 380 1.37 -7.07 73.86
CA ALA RA 380 0.50 -6.83 72.72
C ALA RA 380 -0.76 -7.70 72.79
N ALA RA 381 -0.59 -8.98 73.12
CA ALA RA 381 -1.73 -9.87 73.27
C ALA RA 381 -2.69 -9.37 74.35
N GLU RA 382 -2.15 -8.91 75.49
CA GLU RA 382 -2.99 -8.35 76.53
C GLU RA 382 -3.80 -7.18 76.01
N THR RA 383 -3.16 -6.26 75.29
CA THR RA 383 -3.86 -5.09 74.77
C THR RA 383 -5.03 -5.50 73.88
N ASN RA 384 -4.78 -6.38 72.90
CA ASN RA 384 -5.85 -6.83 72.02
C ASN RA 384 -7.00 -7.45 72.81
N TYR RA 385 -6.68 -8.36 73.74
CA TYR RA 385 -7.72 -9.03 74.51
C TYR RA 385 -8.60 -8.04 75.28
N ARG RA 386 -7.97 -7.09 75.99
CA ARG RA 386 -8.76 -6.10 76.73
C ARG RA 386 -9.66 -5.29 75.80
N LEU RA 387 -9.09 -4.81 74.68
CA LEU RA 387 -9.92 -4.21 73.64
C LEU RA 387 -11.16 -5.06 73.37
N GLY RA 388 -10.98 -6.38 73.22
CA GLY RA 388 -12.12 -7.26 73.07
C GLY RA 388 -13.06 -7.23 74.26
N THR RA 389 -12.52 -7.08 75.47
CA THR RA 389 -13.32 -7.10 76.68
C THR RA 389 -14.16 -5.84 76.87
N GLN RA 390 -13.89 -4.79 76.10
CA GLN RA 390 -14.58 -3.51 76.25
C GLN RA 390 -15.74 -3.37 75.25
N LEU RA 391 -16.93 -3.07 75.77
CA LEU RA 391 -18.08 -2.85 74.90
C LEU RA 391 -17.92 -1.64 74.00
N PRO RA 392 -17.28 -0.54 74.42
CA PRO RA 392 -17.15 0.65 73.57
C PRO RA 392 -16.46 0.38 72.23
N TYR RA 393 -15.63 -0.67 72.17
CA TYR RA 393 -15.05 -1.12 70.91
C TYR RA 393 -15.80 -2.29 70.31
N MET RA 394 -16.35 -3.17 71.15
CA MET RA 394 -17.21 -4.24 70.65
C MET RA 394 -18.31 -3.69 69.75
N PHE RA 395 -18.85 -2.51 70.06
CA PHE RA 395 -19.90 -1.92 69.24
C PHE RA 395 -19.41 -1.59 67.83
N ILE RA 396 -18.20 -1.03 67.73
CA ILE RA 396 -17.62 -0.79 66.40
C ILE RA 396 -17.51 -2.10 65.63
N MET RA 397 -16.99 -3.13 66.30
CA MET RA 397 -16.88 -4.44 65.64
C MET RA 397 -18.24 -4.93 65.14
N THR RA 398 -19.30 -4.75 65.94
CA THR RA 398 -20.62 -5.26 65.58
C THR RA 398 -21.20 -4.51 64.39
N ARG RA 399 -21.10 -3.18 64.40
CA ARG RA 399 -21.54 -2.41 63.25
C ARG RA 399 -20.81 -2.84 61.98
N LEU RA 400 -19.49 -3.06 62.09
CA LEU RA 400 -18.72 -3.51 60.94
C LEU RA 400 -19.25 -4.85 60.42
N ALA RA 401 -19.56 -5.79 61.32
CA ALA RA 401 -20.07 -7.08 60.89
C ALA RA 401 -21.41 -6.94 60.15
N HIS RA 402 -22.32 -6.12 60.68
CA HIS RA 402 -23.59 -5.90 59.99
C HIS RA 402 -23.37 -5.35 58.58
N TYR RA 403 -22.56 -4.29 58.46
CA TYR RA 403 -22.30 -3.71 57.14
C TYR RA 403 -21.68 -4.74 56.19
N ILE RA 404 -20.79 -5.58 56.71
CA ILE RA 404 -20.13 -6.57 55.86
C ILE RA 404 -21.13 -7.58 55.33
N LYS RA 405 -21.95 -8.15 56.21
CA LYS RA 405 -22.98 -9.09 55.76
C LYS RA 405 -23.85 -8.46 54.68
N VAL RA 406 -24.49 -7.34 55.00
CA VAL RA 406 -25.42 -6.69 54.06
C VAL RA 406 -24.73 -6.43 52.73
N LEU RA 407 -23.64 -5.66 52.75
CA LEU RA 407 -23.03 -5.18 51.50
C LEU RA 407 -22.43 -6.32 50.68
N GLN RA 408 -21.91 -7.38 51.32
CA GLN RA 408 -21.33 -8.48 50.56
C GLN RA 408 -22.41 -9.32 49.87
N ARG RA 409 -23.54 -9.51 50.55
CA ARG RA 409 -24.67 -10.18 49.90
C ARG RA 409 -24.97 -9.59 48.53
N GLU RA 410 -24.89 -8.26 48.39
CA GLU RA 410 -25.19 -7.62 47.12
C GLU RA 410 -24.11 -7.87 46.08
N GLN RA 411 -22.89 -8.21 46.52
CA GLN RA 411 -21.79 -8.47 45.60
C GLN RA 411 -21.70 -9.92 45.16
N ILE RA 412 -22.38 -10.83 45.86
CA ILE RA 412 -22.42 -12.23 45.43
C ILE RA 412 -22.86 -12.32 43.96
N GLY RA 413 -22.08 -13.05 43.16
CA GLY RA 413 -22.35 -13.23 41.75
C GLY RA 413 -21.48 -12.41 40.82
N SER RA 414 -20.80 -11.39 41.34
CA SER RA 414 -19.96 -10.54 40.51
C SER RA 414 -18.62 -11.23 40.23
N TRP RA 415 -17.95 -10.76 39.18
CA TRP RA 415 -16.67 -11.33 38.75
C TRP RA 415 -15.56 -10.78 39.65
N LYS RA 416 -15.30 -11.51 40.73
CA LYS RA 416 -14.37 -11.07 41.76
C LYS RA 416 -13.23 -12.07 41.87
N GLU RA 417 -12.01 -11.60 41.61
CA GLU RA 417 -10.80 -12.32 41.96
C GLU RA 417 -10.32 -11.87 43.33
N LYS RA 418 -9.37 -12.63 43.90
CA LYS RA 418 -8.90 -12.36 45.25
C LYS RA 418 -8.41 -10.92 45.41
N SER RA 419 -7.48 -10.50 44.54
CA SER RA 419 -7.00 -9.13 44.55
C SER RA 419 -8.12 -8.12 44.37
N ASP RA 420 -9.15 -8.45 43.59
CA ASP RA 420 -10.32 -7.58 43.50
C ASP RA 420 -10.98 -7.41 44.86
N LEU RA 421 -11.16 -8.51 45.59
CA LEU RA 421 -11.64 -8.41 46.96
C LEU RA 421 -10.76 -7.51 47.81
N GLU RA 422 -9.43 -7.67 47.69
CA GLU RA 422 -8.52 -6.85 48.47
C GLU RA 422 -8.71 -5.37 48.19
N ARG RA 423 -8.71 -4.98 46.91
CA ARG RA 423 -8.82 -3.58 46.55
C ARG RA 423 -10.15 -2.98 47.01
N GLU RA 424 -11.26 -3.64 46.67
CA GLU RA 424 -12.57 -3.11 47.03
C GLU RA 424 -12.73 -2.98 48.54
N LEU RA 425 -12.34 -4.03 49.28
CA LEU RA 425 -12.50 -4.00 50.74
C LEU RA 425 -11.66 -2.91 51.37
N ASN RA 426 -10.43 -2.71 50.88
CA ASN RA 426 -9.61 -1.61 51.38
C ASN RA 426 -10.31 -0.27 51.15
N HIS RA 427 -10.73 -0.01 49.91
CA HIS RA 427 -11.41 1.25 49.60
C HIS RA 427 -12.64 1.45 50.46
N TRP RA 428 -13.35 0.37 50.81
CA TRP RA 428 -14.55 0.50 51.63
C TRP RA 428 -14.20 0.80 53.09
N LEU RA 429 -13.26 0.05 53.65
CA LEU RA 429 -12.89 0.25 55.05
C LEU RA 429 -12.34 1.65 55.28
N SER RA 430 -11.67 2.24 54.28
CA SER RA 430 -11.14 3.59 54.44
C SER RA 430 -12.23 4.61 54.78
N GLN RA 431 -13.50 4.29 54.51
CA GLN RA 431 -14.58 5.24 54.73
C GLN RA 431 -14.76 5.60 56.20
N TYR RA 432 -14.37 4.70 57.11
CA TYR RA 432 -14.52 4.93 58.54
C TYR RA 432 -13.18 5.13 59.24
N ILE RA 433 -12.15 5.57 58.52
CA ILE RA 433 -10.80 5.71 59.05
C ILE RA 433 -10.47 7.19 59.14
N SER RA 434 -9.93 7.61 60.29
CA SER RA 434 -9.45 8.97 60.52
C SER RA 434 -7.99 8.85 60.93
N ASP RA 435 -7.09 8.80 59.95
CA ASP RA 435 -5.66 8.63 60.19
C ASP RA 435 -4.89 9.94 60.07
N MET RA 436 -5.43 11.02 60.60
CA MET RA 436 -4.76 12.30 60.60
C MET RA 436 -3.89 12.45 61.85
N ASP RA 437 -2.97 13.43 61.80
CA ASP RA 437 -2.06 13.65 62.92
C ASP RA 437 -2.82 14.00 64.20
N ASP RA 438 -3.92 14.73 64.08
CA ASP RA 438 -4.71 15.09 65.25
C ASP RA 438 -6.12 15.47 64.82
N PRO RA 439 -7.00 14.50 64.58
CA PRO RA 439 -8.38 14.84 64.23
C PRO RA 439 -9.09 15.49 65.41
N ALA RA 440 -10.10 16.30 65.08
CA ALA RA 440 -10.83 17.04 66.10
C ALA RA 440 -11.33 16.07 67.17
N PRO RA 441 -11.13 16.37 68.45
CA PRO RA 441 -11.57 15.45 69.49
C PRO RA 441 -13.07 15.26 69.47
N ALA RA 442 -13.50 14.01 69.64
CA ALA RA 442 -14.92 13.65 69.53
C ALA RA 442 -15.44 13.83 68.11
N VAL RA 443 -14.52 13.96 67.16
CA VAL RA 443 -14.84 13.93 65.74
C VAL RA 443 -14.40 12.62 65.10
N ARG RA 444 -13.35 11.98 65.65
CA ARG RA 444 -13.05 10.59 65.34
C ARG RA 444 -14.17 9.74 65.92
N SER RA 445 -15.15 10.39 66.55
CA SER RA 445 -16.39 9.71 66.90
C SER RA 445 -17.08 9.16 65.65
N ARG RA 446 -17.25 9.99 64.63
CA ARG RA 446 -17.89 9.55 63.39
C ARG RA 446 -16.99 8.58 62.60
N ARG RA 447 -15.67 8.67 62.79
CA ARG RA 447 -14.71 7.78 62.16
C ARG RA 447 -13.93 7.09 63.27
N PRO RA 448 -14.49 6.03 63.86
CA PRO RA 448 -13.88 5.48 65.08
C PRO RA 448 -12.56 4.77 64.85
N LEU RA 449 -12.25 4.40 63.61
CA LEU RA 449 -11.04 3.66 63.31
C LEU RA 449 -9.88 4.60 62.99
N ARG RA 450 -8.70 4.22 63.45
CA ARG RA 450 -7.44 4.89 63.10
C ARG RA 450 -6.64 4.14 62.06
N ALA RA 451 -6.59 2.81 62.15
CA ALA RA 451 -5.87 2.00 61.17
C ALA RA 451 -6.68 0.73 60.88
N ALA RA 452 -6.38 0.10 59.75
CA ALA RA 452 -7.08 -1.12 59.38
C ALA RA 452 -6.28 -1.86 58.31
N ARG RA 453 -6.29 -3.19 58.41
CA ARG RA 453 -5.56 -4.06 57.50
C ARG RA 453 -6.48 -5.21 57.09
N VAL RA 454 -6.45 -5.52 55.79
CA VAL RA 454 -7.29 -6.56 55.20
C VAL RA 454 -6.42 -7.46 54.34
N VAL RA 455 -6.56 -8.77 54.52
CA VAL RA 455 -5.85 -9.77 53.74
C VAL RA 455 -6.88 -10.76 53.21
N VAL RA 456 -6.71 -11.18 51.95
CA VAL RA 456 -7.66 -12.07 51.30
C VAL RA 456 -6.90 -13.23 50.68
N GLU RA 457 -7.29 -14.45 51.03
CA GLU RA 457 -6.74 -15.65 50.45
C GLU RA 457 -7.87 -16.42 49.79
N ASP RA 458 -7.51 -17.44 49.03
CA ASP RA 458 -8.50 -18.38 48.55
C ASP RA 458 -8.48 -19.62 49.42
N VAL RA 459 -9.65 -20.03 49.90
CA VAL RA 459 -9.92 -21.43 50.23
C VAL RA 459 -9.47 -22.22 49.00
N GLU RA 460 -8.89 -23.40 49.23
CA GLU RA 460 -8.48 -24.27 48.14
C GLU RA 460 -9.37 -25.52 48.11
N GLY RA 461 -10.03 -25.75 46.96
CA GLY RA 461 -10.98 -26.84 46.73
C GLY RA 461 -12.27 -26.53 45.96
N GLN RA 462 -12.46 -25.34 45.39
CA GLN RA 462 -13.71 -25.00 44.68
C GLN RA 462 -13.63 -23.57 44.12
N PRO RA 463 -14.38 -23.25 43.08
CA PRO RA 463 -14.03 -21.97 42.41
C PRO RA 463 -14.81 -20.72 42.84
N GLY RA 464 -14.24 -19.89 43.75
CA GLY RA 464 -14.72 -18.52 43.93
C GLY RA 464 -15.15 -18.08 45.33
N TRP RA 465 -14.66 -18.75 46.38
CA TRP RA 465 -14.86 -18.31 47.76
C TRP RA 465 -13.49 -18.02 48.36
N TYR RA 466 -13.46 -17.08 49.30
CA TYR RA 466 -12.19 -16.62 49.84
C TYR RA 466 -12.24 -16.60 51.37
N ARG RA 467 -11.06 -16.46 51.97
CA ARG RA 467 -10.91 -16.30 53.41
C ARG RA 467 -10.37 -14.89 53.64
N CYS RA 468 -11.14 -14.07 54.32
CA CYS RA 468 -10.80 -12.66 54.53
C CYS RA 468 -10.48 -12.43 56.00
N SER RA 469 -9.42 -11.65 56.24
CA SER RA 469 -8.99 -11.27 57.58
C SER RA 469 -8.99 -9.75 57.65
N LEU RA 470 -9.72 -9.21 58.62
CA LEU RA 470 -9.85 -7.77 58.82
C LEU RA 470 -9.48 -7.45 60.24
N GLN RA 471 -8.42 -6.65 60.42
CA GLN RA 471 -7.95 -6.23 61.74
C GLN RA 471 -7.97 -4.71 61.80
N VAL RA 472 -8.44 -4.17 62.91
CA VAL RA 472 -8.66 -2.73 63.03
C VAL RA 472 -8.01 -2.20 64.30
N ARG RA 473 -7.48 -0.98 64.19
CA ARG RA 473 -6.94 -0.24 65.33
C ARG RA 473 -7.81 0.99 65.52
N PRO RA 474 -8.70 1.00 66.50
CA PRO RA 474 -9.55 2.17 66.72
C PRO RA 474 -8.92 3.14 67.70
N HIS RA 475 -9.51 4.33 67.76
CA HIS RA 475 -9.01 5.36 68.67
C HIS RA 475 -9.25 4.96 70.12
N PHE RA 476 -8.32 5.34 70.98
CA PHE RA 476 -8.40 4.98 72.40
C PHE RA 476 -9.22 5.97 73.19
N LEU SA 30 22.96 21.79 55.84
CA LEU SA 30 23.69 21.26 56.98
C LEU SA 30 23.94 22.34 58.02
N PRO SA 31 23.51 22.09 59.26
CA PRO SA 31 23.75 23.07 60.32
C PRO SA 31 25.22 23.15 60.67
N LEU SA 32 25.57 24.20 61.42
CA LEU SA 32 26.92 24.40 61.91
C LEU SA 32 26.92 23.99 63.38
N LYS SA 33 27.41 22.79 63.67
CA LYS SA 33 27.40 22.22 65.01
C LYS SA 33 28.81 22.25 65.59
N VAL SA 34 28.94 22.82 66.79
CA VAL SA 34 30.22 22.93 67.49
C VAL SA 34 30.17 22.06 68.74
N LEU SA 35 31.32 21.50 69.09
CA LEU SA 35 31.47 20.64 70.26
C LEU SA 35 32.41 21.34 71.24
N MET SA 36 31.87 21.80 72.36
CA MET SA 36 32.66 22.41 73.42
C MET SA 36 33.04 21.33 74.41
N LEU SA 37 34.32 20.99 74.48
CA LEU SA 37 34.83 19.97 75.37
C LEU SA 37 35.65 20.65 76.46
N GLY SA 38 35.36 20.34 77.71
CA GLY SA 38 36.09 20.98 78.80
C GLY SA 38 35.63 20.50 80.15
N ASP SA 39 36.34 20.99 81.18
CA ASP SA 39 36.11 20.59 82.57
C ASP SA 39 35.09 21.53 83.18
N PHE SA 40 33.82 21.21 82.94
CA PHE SA 40 32.72 22.02 83.43
C PHE SA 40 32.30 21.69 84.86
N THR SA 41 32.89 20.66 85.46
CA THR SA 41 32.58 20.26 86.83
C THR SA 41 33.83 20.36 87.70
N GLY SA 42 33.62 20.29 89.00
CA GLY SA 42 34.73 20.33 89.94
C GLY SA 42 35.47 19.03 90.12
N GLN SA 43 35.09 17.97 89.41
CA GLN SA 43 35.75 16.69 89.54
C GLN SA 43 35.51 15.88 88.28
N GLU SA 44 36.39 14.91 88.05
CA GLU SA 44 36.23 14.01 86.91
C GLU SA 44 35.14 12.99 87.22
N ASP SA 45 34.53 12.48 86.17
CA ASP SA 45 33.54 11.41 86.30
C ASP SA 45 34.20 10.06 86.10
N ALA SA 46 33.72 9.06 86.84
CA ALA SA 46 34.15 7.69 86.62
C ALA SA 46 33.61 7.12 85.31
N ARG SA 47 32.69 7.82 84.65
CA ARG SA 47 32.05 7.31 83.43
C ARG SA 47 33.04 7.30 82.27
N PRO SA 48 33.17 6.18 81.55
CA PRO SA 48 33.99 6.16 80.33
C PRO SA 48 33.66 7.34 79.43
N LEU SA 49 34.68 7.84 78.74
CA LEU SA 49 34.55 9.13 78.06
C LEU SA 49 33.39 9.12 77.09
N GLU SA 50 33.24 8.04 76.34
CA GLU SA 50 32.11 7.95 75.42
C GLU SA 50 30.82 7.55 76.10
N GLN SA 51 30.86 6.71 77.14
CA GLN SA 51 29.70 6.48 78.00
C GLN SA 51 28.93 7.74 78.37
N ARG SA 52 29.61 8.75 78.91
CA ARG SA 52 28.96 10.03 79.15
C ARG SA 52 28.49 10.63 77.83
N ALA SA 53 27.36 11.33 77.87
CA ALA SA 53 26.74 11.86 76.66
C ALA SA 53 26.95 13.36 76.57
N PRO SA 54 26.85 13.92 75.36
CA PRO SA 54 26.92 15.37 75.23
C PRO SA 54 25.55 15.98 75.47
N ILE SA 55 25.53 17.29 75.73
CA ILE SA 55 24.31 18.01 76.06
C ILE SA 55 24.11 19.14 75.07
N ASN SA 56 22.93 19.19 74.45
CA ASN SA 56 22.62 20.26 73.50
C ASN SA 56 22.24 21.52 74.26
N VAL SA 57 22.89 22.64 73.92
CA VAL SA 57 22.74 23.89 74.66
C VAL SA 57 22.25 24.98 73.72
N ASP SA 58 21.35 25.83 74.23
CA ASP SA 58 20.79 26.92 73.46
C ASP SA 58 20.32 28.00 74.43
N LYS SA 59 19.97 29.16 73.88
CA LYS SA 59 19.64 30.31 74.71
C LYS SA 59 18.40 30.08 75.56
N ALA SA 60 17.51 29.18 75.13
CA ALA SA 60 16.25 28.94 75.82
C ALA SA 60 16.35 27.86 76.88
N ASN SA 61 17.55 27.40 77.24
CA ASN SA 61 17.66 26.34 78.24
C ASN SA 61 19.05 26.24 78.87
N PHE SA 62 19.87 27.28 78.72
CA PHE SA 62 21.22 27.23 79.27
C PHE SA 62 21.19 27.06 80.79
N ASN SA 63 20.41 27.89 81.47
CA ASN SA 63 20.30 27.78 82.93
C ASN SA 63 19.78 26.40 83.34
N GLU SA 64 18.80 25.88 82.61
CA GLU SA 64 18.31 24.53 82.89
C GLU SA 64 19.42 23.50 82.74
N VAL SA 65 20.30 23.70 81.76
CA VAL SA 65 21.44 22.80 81.57
C VAL SA 65 22.38 22.88 82.77
N MET SA 66 22.61 24.08 83.29
CA MET SA 66 23.42 24.22 84.49
C MET SA 66 22.79 23.46 85.67
N ALA SA 67 21.50 23.71 85.91
CA ALA SA 67 20.82 23.08 87.04
C ALA SA 67 20.85 21.56 86.94
N GLN SA 68 20.63 21.02 85.73
CA GLN SA 68 20.65 19.57 85.56
C GLN SA 68 22.06 19.01 85.67
N GLN SA 69 23.07 19.78 85.24
CA GLN SA 69 24.45 19.34 85.38
C GLN SA 69 24.89 19.29 86.84
N ASN SA 70 24.39 20.21 87.67
CA ASN SA 70 24.62 20.17 89.12
C ASN SA 70 26.07 20.51 89.45
N LEU SA 71 26.32 21.76 89.86
CA LEU SA 71 27.67 22.22 90.12
C LEU SA 71 27.97 22.20 91.62
N LYS SA 72 29.19 21.79 91.98
CA LYS SA 72 29.58 21.71 93.36
C LYS SA 72 31.08 21.94 93.49
N VAL SA 73 31.47 22.72 94.49
CA VAL SA 73 32.88 23.05 94.73
C VAL SA 73 33.16 22.86 96.23
N THR SA 74 34.01 21.89 96.55
CA THR SA 74 34.48 21.68 97.92
C THR SA 74 35.92 22.17 97.96
N LEU SA 75 36.15 23.28 98.66
CA LEU SA 75 37.47 23.91 98.60
C LEU SA 75 37.76 24.64 99.89
N THR SA 76 39.04 24.83 100.17
CA THR SA 76 39.51 25.49 101.38
C THR SA 76 40.27 26.75 101.01
N ALA SA 77 39.91 27.87 101.64
CA ALA SA 77 40.61 29.13 101.48
C ALA SA 77 41.07 29.62 102.84
N ALA SA 78 41.97 30.60 102.81
CA ALA SA 78 42.50 31.17 104.05
C ALA SA 78 41.39 31.87 104.81
N ASP SA 79 41.32 31.60 106.12
CA ASP SA 79 40.29 32.18 106.98
C ASP SA 79 40.77 33.56 107.45
N LYS SA 80 40.26 34.60 106.79
CA LYS SA 80 40.63 35.98 107.09
C LYS SA 80 39.64 36.66 108.04
N LEU SA 81 38.76 35.88 108.67
CA LEU SA 81 37.85 36.41 109.68
C LEU SA 81 38.50 36.52 111.05
N SER SA 82 39.75 36.07 111.18
CA SER SA 82 40.50 36.20 112.43
C SER SA 82 41.92 36.59 112.10
N ALA SA 83 42.83 36.46 113.07
CA ALA SA 83 44.23 36.82 112.89
C ALA SA 83 45.14 35.63 113.14
N ASP SA 84 44.79 34.47 112.57
CA ASP SA 84 45.55 33.25 112.77
C ASP SA 84 45.95 32.68 111.42
N PRO SA 85 47.24 32.54 111.12
CA PRO SA 85 47.64 31.98 109.83
C PRO SA 85 47.31 30.51 109.67
N ASN SA 86 47.12 29.79 110.79
CA ASN SA 86 46.72 28.40 110.74
C ASN SA 86 45.21 28.22 110.59
N ALA SA 87 44.44 29.30 110.60
CA ALA SA 87 42.99 29.22 110.46
C ALA SA 87 42.63 29.10 108.99
N THR SA 88 41.89 28.05 108.65
CA THR SA 88 41.45 27.81 107.28
C THR SA 88 39.94 27.58 107.28
N MET SA 89 39.31 27.91 106.16
CA MET SA 89 37.86 27.80 106.02
C MET SA 89 37.54 26.92 104.83
N ASN SA 90 36.80 25.84 105.07
CA ASN SA 90 36.38 24.91 104.03
C ASN SA 90 34.92 25.18 103.68
N VAL SA 91 34.64 25.33 102.39
CA VAL SA 91 33.32 25.66 101.89
C VAL SA 91 32.88 24.63 100.87
N SER SA 92 31.57 24.43 100.78
CA SER SA 92 30.93 23.51 99.83
C SER SA 92 29.86 24.31 99.09
N LEU SA 93 30.24 24.96 98.00
CA LEU SA 93 29.32 25.76 97.22
C LEU SA 93 28.59 24.89 96.19
N GLN SA 94 27.35 25.28 95.89
CA GLN SA 94 26.52 24.57 94.94
C GLN SA 94 25.96 25.57 93.92
N PHE SA 95 25.94 25.16 92.66
CA PHE SA 95 25.55 26.03 91.56
C PHE SA 95 24.49 25.36 90.70
N LYS SA 96 23.41 26.11 90.44
CA LYS SA 96 22.38 25.75 89.48
C LYS SA 96 22.23 26.75 88.34
N ASN SA 97 22.67 28.00 88.53
CA ASN SA 97 22.65 29.01 87.49
C ASN SA 97 23.82 29.98 87.72
N LEU SA 98 24.10 30.78 86.70
CA LEU SA 98 25.21 31.72 86.77
C LEU SA 98 25.05 32.73 87.91
N ASN SA 99 23.80 33.08 88.24
CA ASN SA 99 23.55 34.00 89.35
C ASN SA 99 24.10 33.44 90.66
N ASP SA 100 24.27 32.12 90.77
CA ASP SA 100 24.84 31.49 91.95
C ASP SA 100 26.32 31.75 92.12
N PHE SA 101 26.98 32.40 91.15
CA PHE SA 101 28.37 32.79 91.28
C PHE SA 101 28.53 34.19 91.90
N SER SA 102 27.42 34.87 92.18
CA SER SA 102 27.49 36.20 92.74
C SER SA 102 27.85 36.14 94.23
N PRO SA 103 28.48 37.19 94.75
CA PRO SA 103 28.85 37.21 96.17
C PRO SA 103 27.68 37.04 97.11
N GLU SA 104 26.47 37.47 96.71
CA GLU SA 104 25.30 37.24 97.55
C GLU SA 104 25.04 35.76 97.76
N SER SA 105 25.04 34.98 96.67
CA SER SA 105 24.91 33.54 96.79
C SER SA 105 26.08 32.92 97.54
N VAL SA 106 27.30 33.36 97.27
CA VAL SA 106 28.47 32.84 97.98
C VAL SA 106 28.30 33.02 99.48
N VAL SA 107 27.85 34.21 99.91
CA VAL SA 107 27.61 34.46 101.32
C VAL SA 107 26.47 33.60 101.84
N ASN SA 108 25.41 33.46 101.03
CA ASN SA 108 24.27 32.64 101.43
C ASN SA 108 24.68 31.19 101.69
N GLN SA 109 25.71 30.71 101.00
CA GLN SA 109 26.13 29.32 101.09
C GLN SA 109 27.29 29.09 102.07
N VAL SA 110 27.77 30.13 102.73
CA VAL SA 110 28.88 30.03 103.67
C VAL SA 110 28.44 30.63 105.00
N PRO SA 111 28.03 29.79 105.97
CA PRO SA 111 27.48 30.32 107.22
C PRO SA 111 28.39 31.28 107.96
N GLU SA 112 29.71 31.08 107.87
CA GLU SA 112 30.67 31.99 108.52
C GLU SA 112 30.57 33.40 107.98
N LEU SA 113 30.00 33.58 106.80
CA LEU SA 113 29.73 34.90 106.24
C LEU SA 113 28.26 35.27 106.31
N LYS SA 114 27.35 34.30 106.15
CA LYS SA 114 25.93 34.58 106.20
C LYS SA 114 25.53 35.10 107.58
N LYS SA 115 26.09 34.52 108.64
CA LYS SA 115 25.85 35.05 109.98
C LYS SA 115 26.33 36.49 110.11
N LEU SA 116 27.44 36.82 109.44
CA LEU SA 116 27.95 38.19 109.48
C LEU SA 116 27.06 39.14 108.69
N LEU SA 117 26.40 38.65 107.63
CA LEU SA 117 25.46 39.48 106.88
C LEU SA 117 24.19 39.71 107.69
N GLU SA 118 23.70 38.68 108.38
CA GLU SA 118 22.57 38.86 109.28
C GLU SA 118 22.92 39.84 110.39
N LEU SA 119 24.13 39.76 110.92
CA LEU SA 119 24.57 40.74 111.92
C LEU SA 119 24.60 42.14 111.32
N ARG SA 120 25.07 42.27 110.08
CA ARG SA 120 25.04 43.56 109.40
C ARG SA 120 23.62 44.11 109.34
N SER SA 121 22.67 43.31 108.88
CA SER SA 121 21.27 43.75 108.82
C SER SA 121 20.76 44.16 110.19
N ALA SA 122 21.11 43.40 111.23
CA ALA SA 122 20.68 43.76 112.58
C ALA SA 122 21.24 45.11 113.01
N LEU SA 123 22.53 45.35 112.74
CA LEU SA 123 23.15 46.62 113.13
C LEU SA 123 22.60 47.79 112.35
N ASN SA 124 22.35 47.62 111.06
CA ASN SA 124 21.77 48.70 110.27
C ASN SA 124 20.34 48.99 110.71
N ALA SA 125 19.57 47.95 111.01
CA ALA SA 125 18.22 48.15 111.53
C ALA SA 125 18.24 48.90 112.85
N LEU SA 126 19.14 48.51 113.76
CA LEU SA 126 19.24 49.18 115.05
C LEU SA 126 19.67 50.64 114.89
N LYS SA 127 20.69 50.89 114.05
CA LYS SA 127 21.20 52.24 113.89
C LYS SA 127 20.21 53.15 113.18
N GLY SA 128 19.35 52.58 112.32
CA GLY SA 128 18.31 53.33 111.66
C GLY SA 128 17.06 53.43 112.49
N PRO SA 129 17.09 52.84 113.70
CA PRO SA 129 15.95 52.94 114.62
C PRO SA 129 14.74 52.12 114.18
N LEU SA 130 14.98 51.13 113.32
CA LEU SA 130 13.89 50.32 112.78
C LEU SA 130 13.36 49.30 113.78
N GLY SA 131 14.14 48.98 114.80
CA GLY SA 131 13.69 48.04 115.82
C GLY SA 131 14.17 48.47 117.19
N ASN SA 132 13.46 48.02 118.22
CA ASN SA 132 13.81 48.37 119.58
C ASN SA 132 14.90 47.44 120.14
N LEU SA 133 15.44 47.83 121.28
CA LEU SA 133 16.52 47.06 121.88
C LEU SA 133 16.13 45.63 122.26
N PRO SA 134 14.92 45.36 122.75
CA PRO SA 134 14.57 43.96 123.05
C PRO SA 134 14.57 43.07 121.81
N ALA SA 135 13.93 43.52 120.73
CA ALA SA 135 13.99 42.78 119.48
C ALA SA 135 15.42 42.62 119.00
N PHE SA 136 16.22 43.69 119.10
CA PHE SA 136 17.62 43.61 118.70
C PHE SA 136 18.35 42.51 119.46
N ARG SA 137 18.14 42.43 120.78
CA ARG SA 137 18.80 41.41 121.59
C ARG SA 137 18.35 40.02 121.20
N LYS SA 138 17.05 39.81 121.04
CA LYS SA 138 16.54 38.49 120.65
C LYS SA 138 17.17 38.04 119.32
N LYS SA 139 17.09 38.89 118.30
CA LYS SA 139 17.66 38.53 117.00
C LYS SA 139 19.16 38.29 117.07
N LEU SA 140 19.88 39.07 117.88
CA LEU SA 140 21.31 38.85 118.05
C LEU SA 140 21.59 37.47 118.62
N GLN SA 141 20.86 37.09 119.68
CA GLN SA 141 21.00 35.73 120.20
C GLN SA 141 20.73 34.70 119.12
N ALA SA 142 19.69 34.92 118.32
CA ALA SA 142 19.38 34.00 117.23
C ALA SA 142 20.56 33.85 116.28
N LEU SA 143 21.17 34.98 115.88
CA LEU SA 143 22.27 34.94 114.93
C LEU SA 143 23.48 34.22 115.51
N LEU SA 144 23.83 34.54 116.76
CA LEU SA 144 25.03 33.96 117.37
C LEU SA 144 24.82 32.52 117.83
N ALA SA 145 23.59 32.00 117.79
CA ALA SA 145 23.36 30.65 118.31
C ALA SA 145 23.91 29.56 117.39
N ASP SA 146 24.19 29.88 116.13
CA ASP SA 146 24.64 28.91 115.14
C ASP SA 146 25.86 28.12 115.63
N GLU SA 147 25.71 26.80 115.76
CA GLU SA 147 26.77 25.97 116.33
C GLU SA 147 27.98 25.81 115.42
N ASP SA 148 27.85 26.11 114.12
CA ASP SA 148 28.96 26.00 113.20
C ASP SA 148 29.92 27.18 113.28
N GLY SA 149 29.56 28.25 114.00
CA GLY SA 149 30.42 29.39 114.11
C GLY SA 149 31.48 29.21 115.18
N ARG SA 150 32.60 29.91 114.98
CA ARG SA 150 33.67 29.89 115.97
C ARG SA 150 33.39 30.92 117.05
N LYS SA 151 33.87 30.61 118.27
CA LYS SA 151 33.72 31.55 119.37
C LYS SA 151 34.45 32.86 119.09
N ALA SA 152 35.61 32.81 118.42
CA ALA SA 152 36.32 34.03 118.05
C ALA SA 152 35.47 34.90 117.14
N LEU SA 153 34.86 34.30 116.12
CA LEU SA 153 33.95 35.03 115.25
C LEU SA 153 32.79 35.62 116.03
N ILE SA 154 32.21 34.84 116.94
CA ILE SA 154 31.12 35.33 117.78
C ILE SA 154 31.55 36.56 118.58
N LYS SA 155 32.77 36.52 119.13
CA LYS SA 155 33.27 37.65 119.91
C LYS SA 155 33.48 38.88 119.02
N GLU SA 156 34.03 38.67 117.82
CA GLU SA 156 34.21 39.78 116.88
C GLU SA 156 32.86 40.40 116.49
N LEU SA 157 31.82 39.57 116.38
CA LEU SA 157 30.50 40.08 116.03
C LEU SA 157 29.87 40.86 117.19
N GLY SA 158 30.00 40.33 118.41
CA GLY SA 158 29.47 41.04 119.56
C GLY SA 158 30.22 42.33 119.86
N LEU SA 159 31.49 42.41 119.45
CA LEU SA 159 32.26 43.64 119.64
C LEU SA 159 31.76 44.79 118.78
N THR SA 160 30.92 44.50 117.78
CA THR SA 160 30.36 45.54 116.92
C THR SA 160 29.07 46.14 117.46
N GLU SA 161 28.51 45.57 118.53
CA GLU SA 161 27.26 46.07 119.09
C GLU SA 161 27.52 47.31 119.93
N GLU SA 162 26.78 48.39 119.65
CA GLU SA 162 26.91 49.60 120.43
C GLU SA 162 26.55 49.34 121.88
N THR SA 163 27.22 50.05 122.79
CA THR SA 163 27.07 49.77 124.22
C THR SA 163 25.65 49.98 124.70
N LYS SA 164 24.96 50.98 124.14
CA LYS SA 164 23.60 51.31 124.57
C LYS SA 164 22.60 50.24 124.13
N ASP TA 63 25.53 59.06 117.96
CA ASP TA 63 25.67 57.66 118.32
C ASP TA 63 25.64 56.78 117.08
N LYS TA 64 24.74 57.10 116.16
CA LYS TA 64 24.58 56.31 114.94
C LYS TA 64 25.86 56.29 114.11
N ALA TA 65 26.68 57.35 114.20
CA ALA TA 65 27.93 57.38 113.45
C ALA TA 65 28.84 56.24 113.87
N LEU TA 66 28.88 55.93 115.18
CA LEU TA 66 29.68 54.81 115.65
C LEU TA 66 29.15 53.48 115.13
N VAL TA 67 27.82 53.33 115.09
CA VAL TA 67 27.24 52.09 114.55
C VAL TA 67 27.59 51.95 113.07
N ASP TA 68 27.57 53.06 112.33
CA ASP TA 68 27.98 53.03 110.93
C ASP TA 68 29.44 52.64 110.79
N ALA TA 69 30.30 53.13 111.69
CA ALA TA 69 31.69 52.69 111.69
C ALA TA 69 31.78 51.19 111.93
N MET TA 70 30.94 50.67 112.84
CA MET TA 70 30.87 49.23 113.05
C MET TA 70 30.50 48.49 111.77
N ILE TA 71 29.53 49.03 111.02
CA ILE TA 71 29.15 48.41 109.75
C ILE TA 71 30.30 48.47 108.76
N ALA TA 72 31.09 49.56 108.78
CA ALA TA 72 32.22 49.68 107.87
C ALA TA 72 33.27 48.62 108.17
N GLU TA 73 33.61 48.43 109.43
CA GLU TA 73 34.60 47.41 109.79
C GLU TA 73 34.08 46.01 109.50
N ILE TA 74 32.80 45.76 109.81
CA ILE TA 74 32.22 44.43 109.57
C ILE TA 74 32.26 44.10 108.07
N ASP TA 75 31.82 45.04 107.24
CA ASP TA 75 31.88 44.83 105.79
C ASP TA 75 33.32 44.69 105.32
N LYS TA 76 34.26 45.37 105.98
CA LYS TA 76 35.67 45.25 105.61
C LYS TA 76 36.16 43.82 105.80
N ARG TA 77 35.89 43.24 106.98
CA ARG TA 77 36.32 41.85 107.21
C ARG TA 77 35.61 40.89 106.26
N LEU TA 78 34.29 41.01 106.15
CA LEU TA 78 33.53 40.13 105.27
C LEU TA 78 34.05 40.17 103.84
N SER TA 79 34.36 41.36 103.33
CA SER TA 79 34.93 41.47 101.99
C SER TA 79 36.33 40.87 101.94
N SER TA 80 37.08 40.98 103.05
CA SER TA 80 38.38 40.32 103.13
C SER TA 80 38.26 38.82 102.85
N GLN TA 81 37.25 38.16 103.42
CA GLN TA 81 37.10 36.73 103.16
C GLN TA 81 36.50 36.43 101.79
N VAL TA 82 35.47 37.20 101.42
CA VAL TA 82 34.82 37.02 100.12
C VAL TA 82 35.83 37.12 99.00
N ASN TA 83 36.84 37.99 99.14
CA ASN TA 83 37.90 38.05 98.14
C ASN TA 83 38.64 36.71 98.04
N GLU TA 84 38.86 36.05 99.18
CA GLU TA 84 39.51 34.74 99.15
C GLU TA 84 38.66 33.72 98.41
N ILE TA 85 37.34 33.78 98.59
CA ILE TA 85 36.46 32.86 97.85
C ILE TA 85 36.50 33.16 96.35
N LEU TA 86 36.31 34.43 95.98
CA LEU TA 86 36.15 34.80 94.57
C LEU TA 86 37.46 34.73 93.80
N HIS TA 87 38.60 34.77 94.50
CA HIS TA 87 39.91 34.65 93.87
C HIS TA 87 40.50 33.26 94.01
N ALA TA 88 39.70 32.29 94.45
CA ALA TA 88 40.18 30.91 94.53
C ALA TA 88 40.27 30.31 93.13
N LYS TA 89 41.36 29.58 92.87
CA LYS TA 89 41.62 29.07 91.53
C LYS TA 89 40.55 28.06 91.10
N GLU TA 90 40.10 27.21 92.02
CA GLU TA 90 39.05 26.25 91.67
C GLU TA 90 37.74 26.95 91.35
N PHE TA 91 37.32 27.87 92.23
CA PHE TA 91 36.10 28.64 91.98
C PHE TA 91 36.18 29.35 90.63
N GLN TA 92 37.30 30.01 90.35
CA GLN TA 92 37.46 30.73 89.09
C GLN TA 92 37.47 29.77 87.90
N LYS TA 93 38.02 28.57 88.08
CA LYS TA 93 37.95 27.57 87.02
C LYS TA 93 36.50 27.27 86.65
N LEU TA 94 35.70 26.86 87.64
CA LEU TA 94 34.29 26.58 87.36
C LEU TA 94 33.58 27.79 86.75
N GLU TA 95 33.67 28.94 87.43
CA GLU TA 95 32.96 30.14 87.01
C GLU TA 95 33.33 30.53 85.58
N SER TA 96 34.64 30.69 85.32
CA SER TA 96 35.08 31.09 83.99
C SER TA 96 34.66 30.08 82.93
N SER TA 97 34.66 28.78 83.27
CA SER TA 97 34.12 27.78 82.35
C SER TA 97 32.68 28.12 81.95
N TRP TA 98 31.78 28.22 82.93
CA TRP TA 98 30.37 28.42 82.62
C TRP TA 98 30.10 29.79 81.99
N ARG TA 99 30.71 30.84 82.54
CA ARG TA 99 30.44 32.20 82.07
C ARG TA 99 30.99 32.42 80.66
N SER TA 100 32.20 31.92 80.39
CA SER TA 100 32.69 31.96 79.01
C SER TA 100 31.79 31.16 78.08
N LEU TA 101 31.30 30.01 78.55
CA LEU TA 101 30.36 29.23 77.75
C LEU TA 101 29.14 30.06 77.37
N LYS TA 102 28.53 30.75 78.34
CA LYS TA 102 27.36 31.58 78.05
C LYS TA 102 27.72 32.75 77.15
N PHE TA 103 28.89 33.36 77.38
CA PHE TA 103 29.35 34.45 76.53
C PHE TA 103 29.43 34.01 75.07
N MET TA 104 29.80 32.74 74.84
CA MET TA 104 29.76 32.20 73.49
C MET TA 104 28.32 31.99 73.02
N VAL TA 105 27.50 31.33 73.85
CA VAL TA 105 26.18 30.86 73.40
C VAL TA 105 25.26 32.03 73.07
N ASP TA 106 25.23 33.04 73.93
CA ASP TA 106 24.34 34.18 73.76
C ASP TA 106 24.76 35.13 72.65
N ARG TA 107 25.92 34.90 72.03
CA ARG TA 107 26.38 35.67 70.87
C ARG TA 107 26.14 34.95 69.56
N THR TA 108 25.55 33.76 69.60
CA THR TA 108 25.18 33.01 68.40
C THR TA 108 23.69 33.19 68.12
N ASP TA 109 23.24 32.56 67.03
CA ASP TA 109 21.86 32.69 66.57
C ASP TA 109 21.34 31.30 66.21
N PHE TA 110 20.68 30.64 67.16
CA PHE TA 110 20.17 29.29 66.96
C PHE TA 110 19.11 29.20 65.87
N ARG TA 111 18.53 30.33 65.45
CA ARG TA 111 17.59 30.34 64.34
C ARG TA 111 18.28 30.23 63.00
N GLU TA 112 19.61 30.39 62.95
CA GLU TA 112 20.38 30.29 61.72
C GLU TA 112 21.02 28.92 61.53
N ASN TA 113 20.42 27.87 62.12
CA ASN TA 113 20.93 26.51 62.00
C ASN TA 113 22.30 26.36 62.67
N THR TA 114 22.46 26.96 63.84
CA THR TA 114 23.68 26.86 64.63
C THR TA 114 23.39 26.00 65.85
N ARG TA 115 24.28 25.05 66.13
CA ARG TA 115 24.08 24.11 67.22
C ARG TA 115 25.37 23.96 68.02
N VAL TA 116 25.23 23.63 69.30
CA VAL TA 116 26.37 23.51 70.20
C VAL TA 116 26.08 22.44 71.24
N GLU TA 117 27.05 21.54 71.43
CA GLU TA 117 26.95 20.47 72.41
C GLU TA 117 28.10 20.57 73.40
N MET TA 118 27.84 20.17 74.64
CA MET TA 118 28.81 20.23 75.73
C MET TA 118 29.27 18.82 76.06
N LEU TA 119 30.58 18.66 76.19
CA LEU TA 119 31.23 17.39 76.50
C LEU TA 119 32.20 17.65 77.64
N ASN TA 120 31.85 17.15 78.83
CA ASN TA 120 32.67 17.32 80.02
C ASN TA 120 33.84 16.36 79.97
N ALA TA 121 35.05 16.90 79.84
CA ALA TA 121 36.24 16.06 79.76
C ALA TA 121 37.44 16.91 80.16
N SER TA 122 38.30 16.35 80.99
CA SER TA 122 39.56 16.99 81.34
C SER TA 122 40.67 16.47 80.43
N LYS TA 123 41.74 17.25 80.31
CA LYS TA 123 42.86 16.86 79.46
C LYS TA 123 43.46 15.53 79.89
N GLU TA 124 43.61 15.33 81.21
CA GLU TA 124 44.18 14.09 81.72
C GLU TA 124 43.37 12.89 81.26
N ASP TA 125 42.04 12.99 81.33
CA ASP TA 125 41.16 11.91 80.88
C ASP TA 125 41.14 11.76 79.37
N LEU TA 126 41.32 12.86 78.62
CA LEU TA 126 41.50 12.73 77.18
C LEU TA 126 42.73 11.89 76.86
N GLN TA 127 43.85 12.18 77.52
CA GLN TA 127 45.05 11.35 77.36
C GLN TA 127 44.79 9.92 77.81
N LYS TA 128 44.01 9.75 78.88
CA LYS TA 128 43.72 8.41 79.39
C LYS TA 128 42.96 7.58 78.35
N ASP TA 129 41.98 8.19 77.70
CA ASP TA 129 41.20 7.48 76.70
C ASP TA 129 42.02 7.20 75.45
N PHE TA 130 42.76 8.21 74.97
CA PHE TA 130 43.54 8.04 73.74
C PHE TA 130 44.66 7.02 73.91
N GLU TA 131 45.26 6.95 75.10
CA GLU TA 131 46.33 5.98 75.33
C GLU TA 131 45.77 4.60 75.67
N ASP TA 132 44.58 4.55 76.28
CA ASP TA 132 43.95 3.28 76.58
C ASP TA 132 43.48 2.58 75.30
N ALA TA 133 42.90 3.35 74.38
CA ALA TA 133 42.42 2.77 73.13
C ALA TA 133 43.59 2.26 72.29
N PRO TA 134 43.41 1.17 71.54
CA PRO TA 134 44.51 0.72 70.66
C PRO TA 134 44.70 1.59 69.44
N GLU TA 135 43.65 2.30 69.01
CA GLU TA 135 43.73 3.17 67.85
C GLU TA 135 42.68 4.27 68.00
N VAL TA 136 42.93 5.40 67.34
CA VAL TA 136 42.07 6.56 67.48
C VAL TA 136 40.65 6.27 67.01
N THR TA 137 40.50 5.36 66.05
CA THR TA 137 39.17 4.97 65.57
C THR TA 137 38.32 4.29 66.64
N LYS TA 138 38.93 3.88 67.76
CA LYS TA 138 38.21 3.25 68.85
C LYS TA 138 38.14 4.11 70.10
N SER TA 139 38.57 5.37 70.01
CA SER TA 139 38.45 6.28 71.15
C SER TA 139 37.01 6.76 71.29
N GLY TA 140 36.63 7.08 72.53
CA GLY TA 140 35.28 7.56 72.77
C GLY TA 140 35.00 8.87 72.07
N LEU TA 141 35.91 9.84 72.19
CA LEU TA 141 35.76 11.11 71.49
C LEU TA 141 35.55 10.90 70.00
N TYR TA 142 36.37 10.04 69.38
CA TYR TA 142 36.14 9.71 67.98
C TYR TA 142 34.76 9.08 67.78
N LYS TA 143 34.33 8.26 68.74
CA LYS TA 143 32.99 7.67 68.66
C LYS TA 143 31.92 8.75 68.55
N LEU TA 144 31.96 9.75 69.43
CA LEU TA 144 30.92 10.77 69.51
C LEU TA 144 31.14 11.94 68.56
N VAL TA 145 32.27 12.00 67.87
CA VAL TA 145 32.55 13.09 66.95
C VAL TA 145 32.33 12.59 65.52
N TYR TA 146 33.05 11.54 65.16
CA TYR TA 146 32.96 11.02 63.79
C TYR TA 146 31.84 9.99 63.67
N SER TA 147 31.89 8.94 64.50
CA SER TA 147 31.02 7.79 64.31
C SER TA 147 29.54 8.16 64.43
N ASN TA 148 29.17 8.85 65.50
CA ASN TA 148 27.78 9.23 65.71
C ASN TA 148 27.35 10.43 64.88
N GLU TA 149 28.21 10.95 64.01
CA GLU TA 149 27.89 12.15 63.25
C GLU TA 149 28.23 12.00 61.77
N TYR TA 150 29.46 12.35 61.40
CA TYR TA 150 29.85 12.39 59.99
C TYR TA 150 29.73 11.02 59.34
N GLY TA 151 30.00 9.95 60.08
CA GLY TA 151 29.97 8.62 59.51
C GLY TA 151 28.68 7.87 59.79
N VAL TA 152 27.58 8.60 59.93
CA VAL TA 152 26.27 8.01 60.26
C VAL TA 152 25.26 8.48 59.23
N PHE TA 153 24.68 7.54 58.50
CA PHE TA 153 23.62 7.87 57.55
C PHE TA 153 22.41 8.40 58.30
N GLY TA 154 21.94 9.58 57.91
CA GLY TA 154 20.87 10.26 58.60
C GLY TA 154 21.32 11.24 59.66
N GLY TA 155 22.60 11.21 60.04
CA GLY TA 155 23.13 12.12 61.04
C GLY TA 155 23.62 13.41 60.44
N LYS TA 156 24.54 14.05 61.15
CA LYS TA 156 25.10 15.34 60.74
C LYS TA 156 26.53 15.44 61.25
N PRO TA 157 27.41 16.12 60.53
CA PRO TA 157 28.82 16.18 60.93
C PRO TA 157 29.11 17.39 61.81
N TYR TA 158 30.04 17.20 62.74
CA TYR TA 158 30.43 18.27 63.64
C TYR TA 158 31.26 19.32 62.89
N GLY TA 159 30.87 20.58 63.02
CA GLY TA 159 31.55 21.63 62.29
C GLY TA 159 32.96 21.89 62.81
N ILE TA 160 33.10 22.05 64.12
CA ILE TA 160 34.39 22.37 64.73
C ILE TA 160 34.33 21.98 66.20
N ILE TA 161 35.51 21.84 66.82
CA ILE TA 161 35.64 21.43 68.21
C ILE TA 161 36.40 22.52 68.95
N SER TA 162 35.78 23.05 70.01
CA SER TA 162 36.37 24.10 70.84
C SER TA 162 36.73 23.47 72.18
N ALA TA 163 38.03 23.44 72.50
CA ALA TA 163 38.55 22.84 73.72
C ALA TA 163 38.97 23.94 74.68
N ASN TA 164 38.33 23.99 75.85
CA ASN TA 164 38.65 24.99 76.87
C ASN TA 164 39.85 24.51 77.69
N TYR TA 165 41.01 24.60 77.06
CA TYR TA 165 42.25 24.15 77.69
C TYR TA 165 43.39 25.09 77.32
N ASP TA 166 44.40 25.12 78.20
CA ASP TA 166 45.64 25.81 77.95
C ASP TA 166 46.73 24.77 77.74
N PHE TA 167 47.60 24.98 76.76
CA PHE TA 167 48.62 24.02 76.38
C PHE TA 167 50.00 24.58 76.69
N ASN TA 168 50.87 23.73 77.21
CA ASN TA 168 52.27 24.05 77.41
C ASN TA 168 53.11 23.22 76.45
N VAL TA 169 54.43 23.33 76.59
CA VAL TA 169 55.35 22.52 75.79
C VAL TA 169 55.51 21.11 76.35
N GLY TA 170 54.81 20.77 77.42
CA GLY TA 170 54.93 19.47 78.04
C GLY TA 170 54.57 18.34 77.10
N PRO TA 171 55.25 17.21 77.27
CA PRO TA 171 55.01 16.08 76.36
C PRO TA 171 53.58 15.59 76.35
N GLN TA 172 52.91 15.58 77.50
CA GLN TA 172 51.51 15.18 77.55
C GLN TA 172 50.65 16.09 76.69
N ASP TA 173 50.84 17.41 76.81
CA ASP TA 173 50.08 18.34 75.99
C ASP TA 173 50.38 18.16 74.51
N MET TA 174 51.65 17.94 74.16
CA MET TA 174 51.99 17.70 72.76
C MET TA 174 51.29 16.47 72.21
N GLU TA 175 51.30 15.37 72.96
CA GLU TA 175 50.64 14.15 72.50
C GLU TA 175 49.13 14.35 72.36
N LEU TA 176 48.51 15.04 73.33
CA LEU TA 176 47.10 15.37 73.20
C LEU TA 176 46.83 16.15 71.91
N LEU TA 177 47.69 17.12 71.60
CA LEU TA 177 47.54 17.87 70.36
C LEU TA 177 47.65 16.96 69.14
N ARG TA 178 48.55 15.97 69.20
CA ARG TA 178 48.67 15.04 68.08
C ARG TA 178 47.37 14.25 67.88
N LYS TA 179 46.81 13.71 68.96
CA LYS TA 179 45.55 12.96 68.83
C LYS TA 179 44.43 13.85 68.29
N CYS TA 180 44.32 15.07 68.82
CA CYS TA 180 43.28 15.98 68.35
C CYS TA 180 43.45 16.32 66.87
N ALA TA 181 44.70 16.45 66.42
CA ALA TA 181 44.95 16.70 65.00
C ALA TA 181 44.49 15.50 64.15
N SER TA 182 44.78 14.28 64.62
CA SER TA 182 44.34 13.10 63.89
C SER TA 182 42.82 13.05 63.77
N VAL TA 183 42.10 13.23 64.89
CA VAL TA 183 40.65 13.17 64.87
C VAL TA 183 40.08 14.26 63.96
N ALA TA 184 40.60 15.49 64.12
CA ALA TA 184 40.12 16.60 63.31
C ALA TA 184 40.34 16.35 61.82
N ALA TA 185 41.46 15.72 61.47
CA ALA TA 185 41.71 15.38 60.07
C ALA TA 185 40.73 14.32 59.57
N MET TA 186 40.45 13.31 60.40
CA MET TA 186 39.55 12.25 59.98
C MET TA 186 38.12 12.74 59.79
N ALA TA 187 37.67 13.70 60.61
CA ALA TA 187 36.30 14.18 60.55
C ALA TA 187 36.18 15.49 59.76
N HIS TA 188 37.29 16.04 59.31
CA HIS TA 188 37.28 17.31 58.58
C HIS TA 188 36.74 18.46 59.44
N ALA TA 189 37.25 18.58 60.66
CA ALA TA 189 36.80 19.60 61.60
C ALA TA 189 37.98 20.09 62.44
N PRO TA 190 38.25 21.39 62.47
CA PRO TA 190 39.42 21.88 63.18
C PRO TA 190 39.22 21.86 64.70
N PHE TA 191 40.34 21.75 65.41
CA PHE TA 191 40.36 21.75 66.86
C PHE TA 191 41.00 23.05 67.34
N ILE TA 192 40.24 23.85 68.08
CA ILE TA 192 40.68 25.17 68.52
C ILE TA 192 40.85 25.18 70.03
N GLY TA 193 41.96 25.74 70.48
CA GLY TA 193 42.27 25.86 71.89
C GLY TA 193 43.11 27.08 72.19
N ASN TA 194 43.73 27.12 73.37
CA ASN TA 194 44.54 28.25 73.79
C ASN TA 194 45.89 27.77 74.30
N ALA TA 195 46.85 28.69 74.32
CA ALA TA 195 48.19 28.42 74.81
C ALA TA 195 48.41 29.12 76.14
N ALA TA 196 49.14 28.47 77.04
CA ALA TA 196 49.41 29.05 78.36
C ALA TA 196 50.62 29.98 78.28
N PRO TA 197 50.70 30.96 79.19
CA PRO TA 197 51.83 31.91 79.14
C PRO TA 197 53.19 31.26 79.24
N GLU TA 198 53.35 30.25 80.09
CA GLU TA 198 54.62 29.55 80.25
C GLU TA 198 55.12 28.91 78.96
N VAL TA 199 54.24 28.79 77.95
CA VAL TA 199 54.68 28.29 76.65
C VAL TA 199 55.75 29.19 76.06
N PHE TA 200 55.71 30.49 76.37
CA PHE TA 200 56.72 31.45 75.95
C PHE TA 200 57.82 31.65 76.99
N GLY TA 201 57.86 30.79 78.02
CA GLY TA 201 58.86 30.95 79.06
C GLY TA 201 58.64 32.16 79.95
N GLU TA 202 57.41 32.64 80.06
CA GLU TA 202 57.07 33.80 80.85
C GLU TA 202 56.03 33.44 81.90
N GLU TA 203 56.07 34.14 83.03
CA GLU TA 203 55.12 33.87 84.11
C GLU TA 203 53.69 34.16 83.68
N SER TA 204 53.49 35.22 82.89
CA SER TA 204 52.16 35.60 82.43
C SER TA 204 52.31 36.40 81.15
N PHE TA 205 51.23 36.42 80.37
CA PHE TA 205 51.19 37.16 79.11
C PHE TA 205 51.65 38.61 79.24
N LEU TA 206 51.53 39.22 80.43
CA LEU TA 206 52.00 40.57 80.67
C LEU TA 206 53.49 40.75 80.37
N LYS TA 207 54.23 39.65 80.19
CA LYS TA 207 55.66 39.72 79.87
C LYS TA 207 55.94 39.62 78.38
N LEU TA 208 54.90 39.58 77.54
CA LEU TA 208 55.11 39.46 76.10
C LEU TA 208 55.92 40.60 75.51
N PRO TA 209 55.77 41.86 75.95
CA PRO TA 209 56.57 42.93 75.36
C PRO TA 209 58.06 42.83 75.70
N ASP TA 210 58.42 42.03 76.69
CA ASP TA 210 59.83 41.84 77.04
C ASP TA 210 60.51 40.79 76.17
N LEU TA 211 59.75 40.02 75.40
CA LEU TA 211 60.32 38.98 74.55
C LEU TA 211 60.90 39.61 73.31
N LYS TA 212 62.23 39.48 73.13
CA LYS TA 212 62.90 40.16 72.03
C LYS TA 212 62.76 39.43 70.71
N ASP TA 213 62.59 38.10 70.74
CA ASP TA 213 62.61 37.32 69.49
C ASP TA 213 62.01 35.95 69.75
N LEU TA 214 60.73 35.79 69.42
CA LEU TA 214 60.07 34.50 69.61
C LEU TA 214 60.65 33.43 68.69
N LYS TA 215 60.95 33.80 67.44
CA LYS TA 215 61.50 32.83 66.50
C LYS TA 215 62.78 32.20 67.02
N SER TA 216 63.67 33.02 67.59
CA SER TA 216 64.88 32.49 68.21
C SER TA 216 64.55 31.74 69.50
N LEU TA 217 63.54 32.20 70.24
CA LEU TA 217 63.13 31.49 71.46
C LEU TA 217 62.73 30.05 71.15
N PHE TA 218 62.07 29.83 70.02
CA PHE TA 218 61.57 28.50 69.64
C PHE TA 218 62.66 27.56 69.12
N GLU TA 219 63.91 28.00 69.09
CA GLU TA 219 65.00 27.14 68.63
C GLU TA 219 65.55 26.24 69.72
N GLY TA 220 65.23 26.50 70.99
CA GLY TA 220 65.72 25.71 72.08
C GLY TA 220 65.20 24.28 72.02
N PRO TA 221 65.98 23.35 72.57
CA PRO TA 221 65.56 21.94 72.52
C PRO TA 221 64.27 21.66 73.26
N GLN TA 222 63.83 22.57 74.14
CA GLN TA 222 62.59 22.38 74.88
C GLN TA 222 61.39 22.27 73.96
N TYR TA 223 61.48 22.79 72.73
CA TYR TA 223 60.37 22.82 71.79
C TYR TA 223 60.55 21.85 70.63
N ALA TA 224 61.36 20.80 70.80
CA ALA TA 224 61.59 19.86 69.70
C ALA TA 224 60.29 19.21 69.24
N ARG TA 225 59.50 18.70 70.21
CA ARG TA 225 58.25 18.03 69.88
C ARG TA 225 57.28 18.97 69.17
N TRP TA 226 57.15 20.21 69.66
CA TRP TA 226 56.29 21.17 68.98
C TRP TA 226 56.77 21.44 67.57
N HIS TA 227 58.09 21.52 67.38
CA HIS TA 227 58.65 21.73 66.04
C HIS TA 227 58.25 20.62 65.09
N SER TA 228 58.31 19.36 65.53
CA SER TA 228 57.86 18.27 64.66
C SER TA 228 56.36 18.33 64.42
N PHE TA 229 55.59 18.63 65.47
CA PHE TA 229 54.13 18.75 65.33
C PHE TA 229 53.77 19.75 64.24
N ARG TA 230 54.46 20.89 64.18
CA ARG TA 230 54.21 21.88 63.14
C ARG TA 230 54.48 21.33 61.74
N GLU TA 231 55.28 20.27 61.62
CA GLU TA 231 55.62 19.69 60.33
C GLU TA 231 54.69 18.54 59.95
N SER TA 232 53.95 17.98 60.90
CA SER TA 232 52.96 16.96 60.54
C SER TA 232 51.88 17.54 59.61
N GLU TA 233 51.38 16.68 58.72
CA GLU TA 233 50.32 17.08 57.79
C GLU TA 233 48.96 17.17 58.46
N ASP TA 234 48.83 16.66 59.68
CA ASP TA 234 47.59 16.82 60.44
C ASP TA 234 47.53 18.15 61.18
N ALA TA 235 48.64 18.91 61.19
CA ALA TA 235 48.67 20.17 61.90
C ALA TA 235 47.71 21.20 61.33
N ARG TA 236 47.23 20.98 60.10
CA ARG TA 236 46.28 21.92 59.49
C ARG TA 236 44.96 21.99 60.26
N TYR TA 237 44.65 20.97 61.08
CA TYR TA 237 43.41 20.93 61.85
C TYR TA 237 43.60 21.38 63.30
N VAL TA 238 44.73 22.03 63.61
CA VAL TA 238 45.01 22.50 64.96
C VAL TA 238 45.12 24.03 64.92
N GLY TA 239 44.48 24.67 65.90
CA GLY TA 239 44.55 26.11 66.02
C GLY TA 239 44.59 26.58 67.46
N LEU TA 240 45.65 27.28 67.85
CA LEU TA 240 45.84 27.73 69.23
C LEU TA 240 45.86 29.25 69.28
N ALA TA 241 45.19 29.80 70.30
CA ALA TA 241 45.09 31.23 70.51
C ALA TA 241 46.06 31.67 71.61
N LEU TA 242 46.35 32.98 71.60
CA LEU TA 242 47.34 33.56 72.51
C LEU TA 242 46.69 34.09 73.79
N PRO TA 243 46.73 35.39 74.02
CA PRO TA 243 46.31 35.93 75.31
C PRO TA 243 44.83 35.72 75.59
N ARG TA 244 44.51 35.63 76.87
CA ARG TA 244 43.13 35.46 77.32
C ARG TA 244 42.43 36.81 77.30
N PHE TA 245 41.22 36.87 77.87
CA PHE TA 245 40.49 38.13 77.84
C PHE TA 245 39.53 38.20 79.01
N LEU TA 246 39.32 39.41 79.52
CA LEU TA 246 38.47 39.60 80.70
C LEU TA 246 37.04 39.16 80.41
N LEU TA 247 36.43 38.53 81.41
CA LEU TA 247 35.03 38.11 81.34
C LEU TA 247 34.13 38.89 82.27
N ARG TA 248 34.64 39.37 83.41
CA ARG TA 248 33.84 40.09 84.38
C ARG TA 248 34.58 41.30 84.89
N LEU TA 249 33.85 42.41 85.03
CA LEU TA 249 34.42 43.60 85.66
C LEU TA 249 34.34 43.44 87.17
N PRO TA 250 35.39 43.79 87.91
CA PRO TA 250 35.41 43.52 89.35
C PRO TA 250 34.27 44.24 90.07
N TYR TA 251 33.78 43.61 91.14
CA TYR TA 251 32.61 44.12 91.83
C TYR TA 251 32.87 45.50 92.43
N GLY TA 252 31.88 46.39 92.30
CA GLY TA 252 31.99 47.73 92.83
C GLY TA 252 30.64 48.37 93.04
N GLU TA 253 30.50 49.17 94.11
CA GLU TA 253 29.21 49.71 94.50
C GLU TA 253 28.54 50.51 93.38
N LYS TA 254 29.33 51.00 92.42
CA LYS TA 254 28.80 51.76 91.29
C LYS TA 254 28.78 50.95 90.00
N THR TA 255 29.93 50.38 89.62
CA THR TA 255 30.05 49.73 88.32
C THR TA 255 29.43 48.34 88.30
N VAL TA 256 29.51 47.62 89.41
CA VAL TA 256 29.00 46.24 89.47
C VAL TA 256 28.52 45.96 90.90
N PRO TA 257 27.39 46.50 91.31
CA PRO TA 257 26.99 46.36 92.72
C PRO TA 257 26.28 45.03 92.97
N VAL TA 258 26.24 44.66 94.25
CA VAL TA 258 25.54 43.47 94.72
C VAL TA 258 24.52 43.89 95.77
N LYS TA 259 23.63 42.96 96.10
CA LYS TA 259 22.54 43.25 97.01
C LYS TA 259 23.00 43.19 98.46
N ALA TA 260 22.39 44.02 99.30
CA ALA TA 260 22.63 43.99 100.74
C ALA TA 260 24.08 44.34 101.08
N PHE TA 261 24.96 43.34 101.07
CA PHE TA 261 26.35 43.54 101.47
C PHE TA 261 27.03 44.53 100.54
N ASN TA 262 27.67 45.54 101.12
CA ASN TA 262 28.37 46.56 100.35
C ASN TA 262 29.76 46.02 100.02
N PHE TA 263 29.80 45.20 98.97
CA PHE TA 263 31.03 44.52 98.56
C PHE TA 263 31.76 45.33 97.50
N THR TA 264 33.04 45.57 97.72
CA THR TA 264 33.92 46.24 96.77
C THR TA 264 35.10 45.30 96.55
N GLU TA 265 35.13 44.63 95.40
CA GLU TA 265 36.19 43.67 95.12
C GLU TA 265 37.52 44.38 95.00
N ASP TA 266 38.55 43.82 95.65
CA ASP TA 266 39.88 44.43 95.70
C ASP TA 266 40.86 43.55 94.93
N VAL TA 267 41.10 43.91 93.68
CA VAL TA 267 42.11 43.23 92.88
C VAL TA 267 43.49 43.73 93.31
N VAL TA 268 44.35 42.80 93.73
CA VAL TA 268 45.66 43.16 94.24
C VAL TA 268 46.62 43.39 93.07
N GLY TA 269 47.92 43.30 93.35
CA GLY TA 269 48.90 43.45 92.29
C GLY TA 269 48.87 42.32 91.28
N HIS TA 270 48.31 41.18 91.67
CA HIS TA 270 48.28 40.00 90.80
C HIS TA 270 47.04 40.08 89.91
N HIS TA 271 47.25 40.39 88.63
CA HIS TA 271 46.16 40.44 87.65
C HIS TA 271 45.43 39.11 87.53
N GLU TA 272 46.02 38.01 88.03
CA GLU TA 272 45.31 36.74 88.10
C GLU TA 272 44.06 36.81 88.96
N ARG TA 273 43.90 37.86 89.76
CA ARG TA 273 42.65 38.06 90.48
C ARG TA 273 41.50 38.35 89.53
N TYR TA 274 41.80 38.88 88.34
CA TYR TA 274 40.77 39.14 87.34
C TYR TA 274 40.28 37.83 86.74
N LEU TA 275 38.98 37.79 86.42
CA LEU TA 275 38.36 36.59 85.87
C LEU TA 275 38.69 36.53 84.37
N TRP TA 276 39.83 35.93 84.07
CA TRP TA 276 40.26 35.76 82.69
C TRP TA 276 39.51 34.61 82.03
N GLY TA 277 39.34 34.71 80.72
CA GLY TA 277 38.58 33.74 79.96
C GLY TA 277 39.33 33.34 78.70
N HIS TA 278 39.05 32.13 78.23
CA HIS TA 278 39.79 31.54 77.12
C HIS TA 278 39.30 32.12 75.79
N ALA TA 279 40.23 32.72 75.03
CA ALA TA 279 39.84 33.42 73.80
C ALA TA 279 39.34 32.50 72.71
N SER TA 280 39.56 31.19 72.84
CA SER TA 280 39.03 30.23 71.88
C SER TA 280 37.53 30.43 71.69
N VAL TA 281 36.81 30.81 72.74
CA VAL TA 281 35.38 31.05 72.63
C VAL TA 281 35.10 32.25 71.74
N ALA TA 282 35.91 33.30 71.86
CA ALA TA 282 35.77 34.46 70.97
C ALA TA 282 35.95 34.05 69.52
N LEU TA 283 37.02 33.30 69.22
CA LEU TA 283 37.19 32.79 67.86
C LEU TA 283 35.97 32.00 67.40
N THR TA 284 35.43 31.14 68.28
CA THR TA 284 34.23 30.38 67.95
C THR TA 284 33.07 31.30 67.60
N SER TA 285 32.89 32.41 68.34
CA SER TA 285 31.89 33.39 67.98
C SER TA 285 32.12 33.94 66.58
N ARG TA 286 33.38 34.17 66.21
CA ARG TA 286 33.66 34.61 64.84
C ARG TA 286 33.12 33.61 63.82
N VAL TA 287 33.50 32.32 63.97
CA VAL TA 287 33.00 31.30 63.05
C VAL TA 287 31.47 31.32 63.01
N ALA TA 288 30.85 31.42 64.19
CA ALA TA 288 29.39 31.40 64.27
C ALA TA 288 28.77 32.54 63.47
N ASP TA 289 29.33 33.76 63.60
CA ASP TA 289 28.76 34.90 62.88
C ASP TA 289 28.89 34.71 61.36
N SER TA 290 30.10 34.33 60.91
CA SER TA 290 30.28 34.08 59.48
C SER TA 290 29.23 33.10 58.95
N PHE TA 291 29.01 32.00 59.69
CA PHE TA 291 28.06 31.00 59.22
C PHE TA 291 26.62 31.50 59.30
N ALA TA 292 26.31 32.32 60.30
CA ALA TA 292 24.95 32.85 60.44
C ALA TA 292 24.60 33.78 59.28
N LYS TA 293 25.59 34.49 58.76
CA LYS TA 293 25.33 35.41 57.66
C LYS TA 293 25.35 34.72 56.29
N PHE TA 294 26.30 33.80 56.07
CA PHE TA 294 26.55 33.29 54.72
C PHE TA 294 26.47 31.78 54.57
N ARG TA 295 26.44 31.01 55.66
CA ARG TA 295 26.50 29.55 55.61
C ARG TA 295 27.91 29.04 55.36
N TRP TA 296 28.91 29.91 55.46
CA TRP TA 296 30.31 29.56 55.29
C TRP TA 296 31.13 30.31 56.33
N SER TA 297 32.31 29.79 56.63
CA SER TA 297 33.15 30.29 57.72
C SER TA 297 34.51 30.76 57.20
N PRO TA 298 34.53 31.83 56.41
CA PRO TA 298 35.82 32.36 55.95
C PRO TA 298 36.07 33.77 56.45
N ASN TA 299 35.00 34.47 56.85
CA ASN TA 299 35.08 35.87 57.24
C ASN TA 299 35.27 35.96 58.76
N ILE TA 300 36.51 35.77 59.20
CA ILE TA 300 36.81 35.82 60.62
C ILE TA 300 38.23 36.32 60.88
N ILE TA 301 38.76 37.13 59.96
CA ILE TA 301 40.14 37.59 60.10
C ILE TA 301 40.30 39.05 59.72
N GLY TA 302 39.50 39.94 60.32
CA GLY TA 302 39.63 41.34 60.06
C GLY TA 302 38.75 42.22 60.94
N PRO TA 303 39.22 43.44 61.21
CA PRO TA 303 38.40 44.38 61.97
C PRO TA 303 37.11 44.75 61.27
N GLN TA 304 37.08 44.71 59.93
CA GLN TA 304 35.88 44.94 59.17
C GLN TA 304 35.34 43.68 58.50
N SER TA 305 36.19 42.68 58.27
CA SER TA 305 35.75 41.47 57.59
C SER TA 305 34.86 40.60 58.47
N GLY TA 306 35.07 40.64 59.79
CA GLY TA 306 34.25 39.82 60.68
C GLY TA 306 35.05 39.12 61.75
N GLY TA 307 36.35 39.43 61.83
CA GLY TA 307 37.20 38.95 62.90
C GLY TA 307 37.31 39.89 64.08
N ALA TA 308 36.44 40.89 64.17
CA ALA TA 308 36.46 41.85 65.28
C ALA TA 308 35.58 41.36 66.41
N VAL TA 309 36.11 41.40 67.63
CA VAL TA 309 35.36 41.10 68.84
C VAL TA 309 35.02 42.44 69.49
N GLU TA 310 33.73 42.74 69.57
CA GLU TA 310 33.27 44.01 70.09
C GLU TA 310 32.63 43.82 71.46
N ASN TA 311 32.62 44.89 72.25
CA ASN TA 311 31.97 44.90 73.56
C ASN TA 311 32.81 44.18 74.61
N LEU TA 312 34.07 44.61 74.79
CA LEU TA 312 34.88 43.98 75.82
C LEU TA 312 34.74 44.73 77.13
N PRO TA 313 34.87 44.02 78.26
CA PRO TA 313 34.76 44.70 79.56
C PRO TA 313 35.91 45.66 79.79
N LEU TA 314 35.64 46.73 80.50
CA LEU TA 314 36.64 47.74 80.83
C LEU TA 314 36.66 47.95 82.34
N HIS TA 315 37.77 48.50 82.84
CA HIS TA 315 37.94 48.67 84.28
C HIS TA 315 38.93 49.81 84.52
N GLN TA 316 38.39 51.01 84.73
CA GLN TA 316 39.19 52.18 85.03
C GLN TA 316 39.55 52.19 86.50
N TYR TA 317 40.82 52.44 86.80
CA TYR TA 317 41.32 52.48 88.17
C TYR TA 317 42.49 53.44 88.23
N GLU TA 318 42.86 53.81 89.46
CA GLU TA 318 43.90 54.80 89.66
C GLU TA 318 45.27 54.24 89.32
N ALA TA 319 46.08 55.04 88.64
CA ALA TA 319 47.44 54.69 88.27
C ALA TA 319 48.41 55.46 89.19
N MET TA 320 49.40 56.17 88.64
CA MET TA 320 50.31 56.97 89.45
C MET TA 320 49.77 58.37 89.69
N GLY TA 321 48.54 58.48 90.17
CA GLY TA 321 47.85 59.75 90.29
C GLY TA 321 46.87 60.04 89.18
N GLU TA 322 46.95 59.31 88.07
CA GLU TA 322 46.02 59.42 86.96
C GLU TA 322 45.10 58.21 86.95
N ILE TA 323 44.40 58.02 85.83
CA ILE TA 323 43.46 56.92 85.67
C ILE TA 323 43.84 56.12 84.43
N GLN TA 324 43.63 54.82 84.50
CA GLN TA 324 43.91 53.93 83.38
C GLN TA 324 43.00 52.72 83.46
N THR TA 325 42.70 52.13 82.30
CA THR TA 325 41.80 50.99 82.21
C THR TA 325 42.61 49.71 82.05
N LYS TA 326 42.23 48.69 82.81
CA LYS TA 326 42.84 47.37 82.64
C LYS TA 326 42.55 46.87 81.24
N ILE TA 327 43.60 46.54 80.51
CA ILE TA 327 43.41 46.12 79.11
C ILE TA 327 42.58 44.85 79.07
N PRO TA 328 41.56 44.77 78.21
CA PRO TA 328 40.74 43.55 78.15
C PRO TA 328 41.55 42.29 77.88
N THR TA 329 42.62 42.40 77.10
CA THR TA 329 43.63 41.37 76.99
C THR TA 329 44.80 41.75 77.89
N GLU TA 330 45.58 40.73 78.29
CA GLU TA 330 46.67 40.94 79.23
C GLU TA 330 47.61 42.05 78.77
N VAL TA 331 47.87 42.13 77.47
CA VAL TA 331 48.79 43.10 76.92
C VAL TA 331 48.19 43.76 75.67
N MET TA 332 48.77 44.89 75.28
CA MET TA 332 48.38 45.60 74.08
C MET TA 332 49.40 45.21 73.01
N LEU TA 333 49.05 44.23 72.20
CA LEU TA 333 49.99 43.68 71.24
C LEU TA 333 50.21 44.65 70.08
N THR TA 334 51.48 44.90 69.76
CA THR TA 334 51.83 45.74 68.63
C THR TA 334 51.80 44.92 67.34
N GLU TA 335 51.80 45.62 66.21
CA GLU TA 335 51.70 44.96 64.91
C GLU TA 335 52.86 44.01 64.68
N ARG TA 336 54.07 44.41 65.07
CA ARG TA 336 55.23 43.55 64.86
C ARG TA 336 55.15 42.27 65.70
N ARG TA 337 54.75 42.41 66.97
CA ARG TA 337 54.62 41.24 67.83
C ARG TA 337 53.53 40.31 67.32
N GLU TA 338 52.40 40.87 66.90
CA GLU TA 338 51.32 40.05 66.33
C GLU TA 338 51.81 39.32 65.09
N PHE TA 339 52.60 40.00 64.25
CA PHE TA 339 53.15 39.35 63.07
C PHE TA 339 54.08 38.20 63.43
N GLU TA 340 54.91 38.39 64.46
CA GLU TA 340 55.79 37.32 64.92
C GLU TA 340 54.98 36.12 65.39
N LEU TA 341 53.96 36.37 66.22
CA LEU TA 341 53.09 35.28 66.68
C LEU TA 341 52.43 34.57 65.51
N SER TA 342 52.04 35.32 64.48
CA SER TA 342 51.45 34.70 63.30
C SER TA 342 52.45 33.82 62.57
N GLU TA 343 53.71 34.26 62.49
CA GLU TA 343 54.76 33.44 61.91
C GLU TA 343 54.98 32.16 62.73
N GLU TA 344 54.73 32.23 64.04
CA GLU TA 344 54.84 31.08 64.93
C GLU TA 344 53.56 30.25 65.01
N GLY TA 345 52.61 30.50 64.10
CA GLY TA 345 51.39 29.70 64.06
C GLY TA 345 50.45 29.91 65.23
N PHE TA 346 50.43 31.10 65.80
CA PHE TA 346 49.54 31.43 66.91
C PHE TA 346 48.46 32.40 66.44
N ILE TA 347 47.28 32.28 67.05
CA ILE TA 347 46.14 33.14 66.72
C ILE TA 347 46.05 34.18 67.83
N GLY TA 348 46.68 35.34 67.59
CA GLY TA 348 46.69 36.39 68.60
C GLY TA 348 45.54 37.37 68.47
N LEU TA 349 44.71 37.45 69.51
CA LEU TA 349 43.63 38.44 69.56
C LEU TA 349 44.23 39.76 70.03
N VAL TA 350 44.35 40.71 69.12
CA VAL TA 350 44.99 41.99 69.43
C VAL TA 350 43.94 42.97 69.94
N PHE TA 351 44.35 43.83 70.87
CA PHE TA 351 43.48 44.81 71.48
C PHE TA 351 43.62 46.15 70.74
N ARG TA 352 42.49 46.73 70.34
CA ARG TA 352 42.47 48.04 69.72
C ARG TA 352 42.68 49.08 70.81
N LYS TA 353 43.79 49.80 70.74
CA LYS TA 353 44.19 50.72 71.81
C LYS TA 353 43.12 51.77 72.05
N ASP TA 354 42.81 52.00 73.33
CA ASP TA 354 41.89 53.03 73.77
C ASP TA 354 40.43 52.70 73.51
N SER TA 355 40.10 51.45 73.25
CA SER TA 355 38.71 51.08 72.97
C SER TA 355 38.31 49.84 73.77
N ASP TA 356 37.19 49.24 73.38
CA ASP TA 356 36.74 47.97 73.93
C ASP TA 356 36.59 46.91 72.84
N ASN TA 357 37.41 47.02 71.80
CA ASN TA 357 37.35 46.12 70.65
C ASN TA 357 38.70 45.47 70.44
N ALA TA 358 38.67 44.18 70.08
CA ALA TA 358 39.85 43.44 69.69
C ALA TA 358 39.62 42.90 68.28
N ALA TA 359 40.67 42.29 67.71
CA ALA TA 359 40.60 41.79 66.35
C ALA TA 359 41.55 40.62 66.17
N PHE TA 360 41.14 39.68 65.33
CA PHE TA 360 41.98 38.57 64.91
C PHE TA 360 42.43 38.91 63.49
N PHE TA 361 43.69 39.31 63.34
CA PHE TA 361 44.18 39.72 62.03
C PHE TA 361 44.37 38.54 61.10
N SER TA 362 44.53 37.34 61.65
CA SER TA 362 44.76 36.16 60.82
C SER TA 362 44.50 34.91 61.66
N ALA TA 363 44.13 33.83 60.98
CA ALA TA 363 43.88 32.56 61.64
C ALA TA 363 44.72 31.45 61.02
N ASN TA 364 46.04 31.58 61.13
CA ASN TA 364 46.92 30.53 60.63
C ASN TA 364 46.85 29.33 61.55
N SER TA 365 46.96 28.14 60.97
CA SER TA 365 46.98 26.91 61.74
C SER TA 365 48.37 26.70 62.35
N THR TA 366 48.53 25.60 63.09
CA THR TA 366 49.84 25.30 63.66
C THR TA 366 50.83 24.89 62.59
N GLN TA 367 50.36 24.38 61.45
CA GLN TA 367 51.23 23.85 60.43
C GLN TA 367 52.16 24.92 59.87
N LYS TA 368 53.43 24.58 59.73
CA LYS TA 368 54.43 25.50 59.18
C LYS TA 368 54.49 25.34 57.67
N PRO TA 369 54.54 26.43 56.91
CA PRO TA 369 54.57 26.31 55.45
C PRO TA 369 55.90 25.75 54.97
N ARG TA 370 55.87 25.05 53.84
CA ARG TA 370 57.05 24.46 53.26
C ARG TA 370 57.59 25.37 52.15
N PHE TA 371 58.91 25.35 52.00
CA PHE TA 371 59.58 26.15 50.99
C PHE TA 371 59.96 25.28 49.80
N PHE TA 372 59.76 25.81 48.60
CA PHE TA 372 60.08 25.10 47.37
C PHE TA 372 61.03 25.95 46.53
N GLY TA 373 61.58 25.32 45.50
CA GLY TA 373 62.48 26.04 44.61
C GLY TA 373 61.77 27.19 43.92
N ASN TA 374 62.48 28.31 43.81
CA ASN TA 374 61.94 29.53 43.19
C ASN TA 374 61.95 29.37 41.66
N THR TA 375 61.02 28.55 41.19
CA THR TA 375 60.68 28.42 39.78
C THR TA 375 59.18 28.60 39.67
N PRO TA 376 58.64 28.67 38.45
CA PRO TA 376 57.18 28.81 38.35
C PRO TA 376 56.42 27.70 39.06
N GLU TA 377 56.77 26.45 38.79
CA GLU TA 377 56.10 25.32 39.44
C GLU TA 377 56.34 25.33 40.94
N GLY TA 378 57.56 25.64 41.38
CA GLY TA 378 57.85 25.65 42.80
C GLY TA 378 57.05 26.70 43.56
N LYS TA 379 56.97 27.92 43.01
CA LYS TA 379 56.15 28.96 43.61
C LYS TA 379 54.67 28.58 43.60
N ALA TA 380 54.20 27.93 42.54
CA ALA TA 380 52.83 27.42 42.55
C ALA TA 380 52.62 26.46 43.71
N ALA TA 381 53.58 25.54 43.92
CA ALA TA 381 53.47 24.60 45.03
C ALA TA 381 53.43 25.33 46.36
N GLU TA 382 54.27 26.36 46.53
CA GLU TA 382 54.24 27.15 47.76
C GLU TA 382 52.85 27.77 47.98
N THR TA 383 52.27 28.35 46.93
CA THR TA 383 50.96 28.97 47.07
C THR TA 383 49.92 27.97 47.55
N ASN TA 384 49.83 26.81 46.88
CA ASN TA 384 48.87 25.79 47.29
C ASN TA 384 49.08 25.39 48.75
N TYR TA 385 50.33 25.09 49.13
CA TYR TA 385 50.61 24.66 50.50
C TYR TA 385 50.16 25.69 51.53
N ARG TA 386 50.50 26.97 51.33
CA ARG TA 386 50.08 27.99 52.29
C ARG TA 386 48.56 28.08 52.39
N LEU TA 387 47.88 28.09 51.23
CA LEU TA 387 46.43 27.96 51.23
C LEU TA 387 45.99 26.85 52.16
N GLY TA 388 46.64 25.68 52.08
CA GLY TA 388 46.34 24.62 53.02
C GLY TA 388 46.61 25.00 54.47
N THR TA 389 47.66 25.79 54.70
CA THR TA 389 48.04 26.19 56.05
C THR TA 389 47.08 27.17 56.70
N GLN TA 390 46.19 27.78 55.92
CA GLN TA 390 45.29 28.81 56.42
C GLN TA 390 43.91 28.23 56.77
N LEU TA 391 43.45 28.49 57.99
CA LEU TA 391 42.12 28.02 58.39
C LEU TA 391 41.00 28.70 57.62
N PRO TA 392 41.11 29.97 57.21
CA PRO TA 392 40.01 30.63 56.47
C PRO TA 392 39.63 29.93 55.18
N TYR TA 393 40.56 29.16 54.59
CA TYR TA 393 40.25 28.31 53.45
C TYR TA 393 40.00 26.87 53.84
N MET TA 394 40.71 26.38 54.87
CA MET TA 394 40.42 25.05 55.40
C MET TA 394 38.94 24.88 55.71
N PHE TA 395 38.28 25.94 56.19
CA PHE TA 395 36.85 25.85 56.51
C PHE TA 395 36.01 25.59 55.26
N ILE TA 396 36.32 26.26 54.16
CA ILE TA 396 35.63 25.99 52.89
C ILE TA 396 35.82 24.52 52.51
N MET TA 397 37.07 24.04 52.59
CA MET TA 397 37.32 22.62 52.28
C MET TA 397 36.47 21.69 53.15
N THR TA 398 36.35 22.01 54.44
CA THR TA 398 35.63 21.13 55.36
C THR TA 398 34.14 21.10 55.05
N ARG TA 399 33.54 22.28 54.83
CA ARG TA 399 32.14 22.33 54.44
C ARG TA 399 31.91 21.51 53.17
N LEU TA 400 32.82 21.64 52.19
CA LEU TA 400 32.68 20.88 50.95
C LEU TA 400 32.70 19.38 51.23
N ALA TA 401 33.60 18.93 52.11
CA ALA TA 401 33.66 17.49 52.43
C ALA TA 401 32.37 17.01 53.06
N HIS TA 402 31.81 17.77 54.01
CA HIS TA 402 30.54 17.39 54.62
C HIS TA 402 29.44 17.25 53.56
N TYR TA 403 29.28 18.28 52.72
CA TYR TA 403 28.26 18.22 51.68
C TYR TA 403 28.46 17.02 50.76
N ILE TA 404 29.71 16.71 50.42
CA ILE TA 404 29.99 15.61 49.51
C ILE TA 404 29.57 14.28 50.14
N LYS TA 405 30.01 14.03 51.37
CA LYS TA 405 29.60 12.80 52.06
C LYS TA 405 28.08 12.66 52.07
N VAL TA 406 27.39 13.65 52.65
CA VAL TA 406 25.94 13.59 52.78
C VAL TA 406 25.28 13.33 51.42
N LEU TA 407 25.51 14.23 50.46
CA LEU TA 407 24.78 14.19 49.19
C LEU TA 407 25.10 12.95 48.36
N GLN TA 408 26.34 12.45 48.44
CA GLN TA 408 26.69 11.26 47.66
C GLN TA 408 26.05 10.01 48.23
N ARG TA 409 25.98 9.91 49.56
CA ARG TA 409 25.26 8.81 50.18
C ARG TA 409 23.87 8.61 49.56
N GLU TA 410 23.17 9.71 49.27
CA GLU TA 410 21.83 9.61 48.70
C GLU TA 410 21.85 9.15 47.25
N GLN TA 411 22.98 9.31 46.57
CA GLN TA 411 23.11 8.89 45.17
C GLN TA 411 23.56 7.45 45.02
N ILE TA 412 24.11 6.84 46.08
CA ILE TA 412 24.48 5.43 46.02
C ILE TA 412 23.30 4.59 45.54
N GLY TA 413 23.54 3.76 44.53
CA GLY TA 413 22.53 2.89 43.96
C GLY TA 413 21.98 3.35 42.62
N SER TA 414 22.20 4.61 42.25
CA SER TA 414 21.69 5.13 40.99
C SER TA 414 22.57 4.68 39.83
N TRP TA 415 22.00 4.73 38.62
CA TRP TA 415 22.70 4.31 37.41
C TRP TA 415 23.64 5.42 36.98
N LYS TA 416 24.88 5.35 37.46
CA LYS TA 416 25.86 6.40 37.25
C LYS TA 416 27.06 5.83 36.50
N GLU TA 417 27.32 6.36 35.31
CA GLU TA 417 28.58 6.14 34.63
C GLU TA 417 29.56 7.27 34.96
N LYS TA 418 30.82 7.07 34.61
CA LYS TA 418 31.87 8.02 34.99
C LYS TA 418 31.53 9.44 34.51
N SER TA 419 31.25 9.58 33.21
CA SER TA 419 30.84 10.88 32.67
C SER TA 419 29.60 11.44 33.36
N ASP TA 420 28.67 10.57 33.78
CA ASP TA 420 27.54 11.05 34.58
C ASP TA 420 28.01 11.69 35.87
N LEU TA 421 28.96 11.04 36.56
CA LEU TA 421 29.56 11.65 37.73
C LEU TA 421 30.18 13.00 37.40
N GLU TA 422 30.91 13.09 36.28
CA GLU TA 422 31.53 14.34 35.89
C GLU TA 422 30.51 15.46 35.71
N ARG TA 423 29.46 15.20 34.94
CA ARG TA 423 28.45 16.23 34.65
C ARG TA 423 27.74 16.68 35.93
N GLU TA 424 27.23 15.71 36.71
CA GLU TA 424 26.49 16.07 37.91
C GLU TA 424 27.35 16.84 38.89
N LEU TA 425 28.58 16.37 39.14
CA LEU TA 425 29.46 17.03 40.09
C LEU TA 425 29.82 18.43 39.65
N ASN TA 426 30.06 18.63 38.36
CA ASN TA 426 30.30 19.98 37.85
C ASN TA 426 29.10 20.89 38.14
N HIS TA 427 27.91 20.46 37.72
CA HIS TA 427 26.71 21.25 37.94
C HIS TA 427 26.51 21.57 39.43
N TRP TA 428 26.90 20.66 40.32
CA TRP TA 428 26.72 20.90 41.75
C TRP TA 428 27.74 21.90 42.28
N LEU TA 429 29.02 21.70 41.93
CA LEU TA 429 30.07 22.61 42.40
C LEU TA 429 29.83 24.04 41.94
N SER TA 430 29.24 24.22 40.74
CA SER TA 430 28.96 25.56 40.25
C SER TA 430 28.10 26.39 41.21
N GLN TA 431 27.38 25.71 42.12
CA GLN TA 431 26.46 26.42 43.01
C GLN TA 431 27.17 27.37 43.97
N TYR TA 432 28.44 27.10 44.28
CA TYR TA 432 29.21 27.93 45.20
C TYR TA 432 30.33 28.70 44.50
N ILE TA 433 30.19 28.95 43.20
CA ILE TA 433 31.22 29.59 42.40
C ILE TA 433 30.74 30.99 42.01
N SER TA 434 31.60 31.99 42.18
CA SER TA 434 31.34 33.36 41.77
C SER TA 434 32.49 33.75 40.84
N ASP TA 435 32.34 33.44 39.56
CA ASP TA 435 33.37 33.70 38.54
C ASP TA 435 33.07 34.93 37.70
N MET TA 436 32.60 36.01 38.33
CA MET TA 436 32.35 37.25 37.63
C MET TA 436 33.59 38.13 37.64
N ASP TA 437 33.57 39.14 36.76
CA ASP TA 437 34.72 40.03 36.64
C ASP TA 437 35.01 40.77 37.94
N ASP TA 438 33.95 41.13 38.68
CA ASP TA 438 34.13 41.81 39.96
C ASP TA 438 32.88 41.65 40.80
N PRO TA 439 32.71 40.52 41.48
CA PRO TA 439 31.55 40.36 42.36
C PRO TA 439 31.63 41.33 43.54
N ALA TA 440 30.47 41.66 44.07
CA ALA TA 440 30.38 42.61 45.17
C ALA TA 440 31.30 42.17 46.31
N PRO TA 441 32.13 43.07 46.84
CA PRO TA 441 33.05 42.66 47.91
C PRO TA 441 32.29 42.17 49.13
N ALA TA 442 32.78 41.09 49.72
CA ALA TA 442 32.12 40.45 50.85
C ALA TA 442 30.77 39.84 50.44
N VAL TA 443 30.58 39.70 49.12
CA VAL TA 443 29.47 38.94 48.57
C VAL TA 443 29.93 37.61 47.99
N ARG TA 444 31.19 37.53 47.54
CA ARG TA 444 31.83 36.25 47.27
C ARG TA 444 32.01 35.55 48.61
N SER TA 445 31.58 36.20 49.69
CA SER TA 445 31.46 35.52 50.98
C SER TA 445 30.52 34.32 50.88
N ARG TA 446 29.32 34.54 50.34
CA ARG TA 446 28.37 33.45 50.19
C ARG TA 446 28.80 32.44 49.13
N ARG TA 447 29.61 32.87 48.15
CA ARG TA 447 30.15 32.01 47.10
C ARG TA 447 31.67 32.09 47.20
N PRO TA 448 32.28 31.34 48.11
CA PRO TA 448 33.71 31.54 48.38
C PRO TA 448 34.63 31.09 47.27
N LEU TA 449 34.15 30.27 46.35
CA LEU TA 449 34.98 29.75 45.28
C LEU TA 449 34.93 30.65 44.05
N ARG TA 450 36.08 30.78 43.39
CA ARG TA 450 36.20 31.45 42.10
C ARG TA 450 36.31 30.49 40.94
N ALA TA 451 37.05 29.39 41.10
CA ALA TA 451 37.19 28.38 40.05
C ALA TA 451 37.17 27.01 40.69
N ALA TA 452 36.90 26.00 39.86
CA ALA TA 452 36.85 24.62 40.35
C ALA TA 452 36.94 23.66 39.17
N ARG TA 453 37.66 22.56 39.39
CA ARG TA 453 37.87 21.53 38.38
C ARG TA 453 37.65 20.16 39.01
N VAL TA 454 36.95 19.30 38.28
CA VAL TA 454 36.60 17.96 38.76
C VAL TA 454 36.94 16.97 37.65
N VAL TA 455 37.63 15.89 38.02
CA VAL TA 455 37.99 14.81 37.11
C VAL TA 455 37.55 13.50 37.74
N VAL TA 456 37.01 12.59 36.94
CA VAL TA 456 36.47 11.32 37.43
C VAL TA 456 37.06 10.20 36.58
N GLU TA 457 37.68 9.23 37.25
CA GLU TA 457 38.18 8.03 36.61
C GLU TA 457 37.50 6.82 37.23
N ASP TA 458 37.70 5.67 36.62
CA ASP TA 458 37.25 4.41 37.20
C ASP TA 458 38.46 3.73 37.84
N VAL TA 459 38.30 3.27 39.09
CA VAL TA 459 39.30 2.37 39.68
C VAL TA 459 39.11 1.06 38.93
N GLU TA 460 40.15 0.43 38.39
CA GLU TA 460 39.87 -0.79 37.65
C GLU TA 460 39.87 -2.01 38.56
N GLY TA 461 38.82 -2.84 38.43
CA GLY TA 461 38.86 -4.22 38.98
C GLY TA 461 37.59 -4.74 39.64
N GLN TA 462 36.46 -4.09 39.45
CA GLN TA 462 35.16 -4.49 39.98
C GLN TA 462 34.28 -3.41 39.42
N PRO TA 463 32.96 -3.48 39.57
CA PRO TA 463 32.15 -2.59 38.69
C PRO TA 463 31.17 -1.53 39.19
N GLY TA 464 31.60 -0.27 39.30
CA GLY TA 464 30.66 0.80 39.60
C GLY TA 464 31.09 1.84 40.63
N TRP TA 465 32.39 1.97 40.88
CA TRP TA 465 32.91 2.97 41.81
C TRP TA 465 34.07 3.70 41.14
N TYR TA 466 34.36 4.91 41.59
CA TYR TA 466 35.24 5.79 40.83
C TYR TA 466 36.24 6.51 41.72
N ARG TA 467 37.22 7.15 41.07
CA ARG TA 467 38.20 7.98 41.76
C ARG TA 467 37.95 9.41 41.29
N CYS TA 468 37.59 10.29 42.22
CA CYS TA 468 37.23 11.66 41.90
C CYS TA 468 38.28 12.61 42.45
N SER TA 469 38.64 13.61 41.65
CA SER TA 469 39.59 14.63 42.03
C SER TA 469 38.89 15.99 41.90
N LEU TA 470 38.87 16.75 42.98
CA LEU TA 470 38.22 18.05 43.03
C LEU TA 470 39.24 19.08 43.52
N GLN TA 471 39.54 20.06 42.68
CA GLN TA 471 40.49 21.12 43.00
C GLN TA 471 39.77 22.46 42.88
N VAL TA 472 39.98 23.34 43.84
CA VAL TA 472 39.24 24.59 43.92
C VAL TA 472 40.19 25.77 44.07
N ARG TA 473 39.81 26.89 43.43
CA ARG TA 473 40.52 28.16 43.57
C ARG TA 473 39.56 29.13 44.24
N PRO TA 474 39.73 29.41 45.52
CA PRO TA 474 38.82 30.33 46.21
C PRO TA 474 39.36 31.76 46.15
N HIS TA 475 38.49 32.70 46.51
CA HIS TA 475 38.86 34.11 46.51
C HIS TA 475 39.91 34.38 47.60
N PHE TA 476 40.81 35.31 47.30
CA PHE TA 476 41.91 35.63 48.21
C PHE TA 476 41.50 36.69 49.22
N LEU UA 30 40.07 48.56 11.65
CA LEU UA 30 41.51 48.75 11.78
C LEU UA 30 41.84 50.21 12.07
N PRO UA 31 42.56 50.45 13.16
CA PRO UA 31 42.96 51.82 13.49
C PRO UA 31 43.98 52.35 12.50
N LEU UA 32 44.18 53.67 12.54
CA LEU UA 32 45.18 54.34 11.71
C LEU UA 32 46.37 54.64 12.61
N LYS UA 33 47.42 53.81 12.51
CA LYS UA 33 48.60 53.91 13.36
C LYS UA 33 49.76 54.48 12.56
N VAL UA 34 50.37 55.53 13.09
CA VAL UA 34 51.50 56.18 12.46
C VAL UA 34 52.75 55.98 13.32
N LEU UA 35 53.89 55.87 12.65
CA LEU UA 35 55.19 55.67 13.31
C LEU UA 35 56.04 56.91 13.05
N MET UA 36 56.29 57.68 14.09
CA MET UA 36 57.16 58.85 14.00
C MET UA 36 58.56 58.42 14.40
N LEU UA 37 59.47 58.43 13.43
CA LEU UA 37 60.86 58.03 13.65
C LEU UA 37 61.73 59.27 13.54
N GLY UA 38 62.58 59.50 14.55
CA GLY UA 38 63.41 60.68 14.52
C GLY UA 38 64.31 60.78 15.73
N ASP UA 39 65.18 61.79 15.70
CA ASP UA 39 66.19 62.01 16.74
C ASP UA 39 65.59 62.89 17.83
N PHE UA 40 64.86 62.25 18.75
CA PHE UA 40 64.21 62.95 19.83
C PHE UA 40 65.11 63.20 21.03
N THR UA 41 66.34 62.70 21.01
CA THR UA 41 67.28 62.89 22.10
C THR UA 41 68.52 63.61 21.59
N GLY UA 42 69.33 64.08 22.52
CA GLY UA 42 70.56 64.76 22.18
C GLY UA 42 71.72 63.86 21.82
N GLN UA 43 71.52 62.54 21.83
CA GLN UA 43 72.60 61.62 21.50
C GLN UA 43 71.99 60.30 21.05
N GLU UA 44 72.77 59.54 20.30
CA GLU UA 44 72.33 58.23 19.88
C GLU UA 44 72.43 57.25 21.04
N ASP UA 45 71.58 56.22 21.00
CA ASP UA 45 71.65 55.13 21.96
C ASP UA 45 72.52 54.00 21.39
N ALA UA 46 73.28 53.37 22.28
CA ALA UA 46 74.03 52.17 21.89
C ALA UA 46 73.13 50.96 21.73
N ARG UA 47 71.89 51.03 22.20
CA ARG UA 47 70.94 49.92 22.07
C ARG UA 47 70.61 49.65 20.60
N PRO UA 48 70.67 48.38 20.16
CA PRO UA 48 70.35 48.07 18.76
C PRO UA 48 68.96 48.56 18.36
N LEU UA 49 68.80 48.83 17.07
CA LEU UA 49 67.66 49.62 16.62
C LEU UA 49 66.35 48.92 16.91
N GLU UA 50 66.24 47.65 16.53
CA GLU UA 50 65.07 46.89 16.92
C GLU UA 50 64.89 46.78 18.43
N GLN UA 51 65.94 46.47 19.18
CA GLN UA 51 65.92 46.29 20.63
C GLN UA 51 65.27 47.44 21.40
N ARG UA 52 65.64 48.67 21.06
CA ARG UA 52 64.90 49.81 21.59
C ARG UA 52 63.44 49.69 21.16
N ALA UA 53 62.54 50.08 22.05
CA ALA UA 53 61.12 49.87 21.78
C ALA UA 53 60.44 51.18 21.40
N PRO UA 54 59.30 51.11 20.72
CA PRO UA 54 58.55 52.33 20.43
C PRO UA 54 57.65 52.69 21.61
N ILE UA 55 57.22 53.95 21.63
CA ILE UA 55 56.41 54.47 22.74
C ILE UA 55 55.09 54.98 22.19
N ASN UA 56 53.99 54.51 22.79
CA ASN UA 56 52.66 54.96 22.37
C ASN UA 56 52.37 56.33 22.98
N VAL UA 57 51.96 57.28 22.14
CA VAL UA 57 51.79 58.67 22.55
C VAL UA 57 50.36 59.10 22.30
N ASP UA 58 49.81 59.89 23.22
CA ASP UA 58 48.45 60.39 23.12
C ASP UA 58 48.34 61.67 23.95
N LYS UA 59 47.22 62.37 23.78
CA LYS UA 59 47.06 63.68 24.41
C LYS UA 59 47.06 63.59 25.94
N ALA UA 60 46.69 62.44 26.49
CA ALA UA 60 46.58 62.26 27.93
C ALA UA 60 47.87 61.81 28.59
N ASN UA 61 49.00 61.81 27.88
CA ASN UA 61 50.24 61.35 28.48
C ASN UA 61 51.49 61.83 27.74
N PHE UA 62 51.36 62.84 26.88
CA PHE UA 62 52.50 63.32 26.12
C PHE UA 62 53.60 63.83 27.04
N ASN UA 63 53.24 64.70 27.99
CA ASN UA 63 54.23 65.22 28.93
C ASN UA 63 54.88 64.09 29.73
N GLU UA 64 54.08 63.11 30.16
CA GLU UA 64 54.65 61.96 30.86
C GLU UA 64 55.65 61.22 29.98
N VAL UA 65 55.37 61.14 28.68
CA VAL UA 65 56.30 60.50 27.75
C VAL UA 65 57.61 61.29 27.69
N MET UA 66 57.51 62.62 27.67
CA MET UA 66 58.73 63.43 27.71
C MET UA 66 59.53 63.17 28.99
N ALA UA 67 58.87 63.23 30.14
CA ALA UA 67 59.56 63.04 31.42
C ALA UA 67 60.23 61.67 31.49
N GLN UA 68 59.54 60.62 31.02
CA GLN UA 68 60.12 59.28 31.05
C GLN UA 68 61.24 59.13 30.03
N GLN UA 69 61.15 59.82 28.89
CA GLN UA 69 62.22 59.78 27.91
C GLN UA 69 63.48 60.46 28.42
N ASN UA 70 63.33 61.53 29.20
CA ASN UA 70 64.47 62.18 29.85
C ASN UA 70 65.34 62.93 28.85
N LEU UA 71 65.17 64.25 28.76
CA LEU UA 71 65.87 65.06 27.76
C LEU UA 71 67.07 65.76 28.39
N LYS UA 72 68.19 65.80 27.67
CA LYS UA 72 69.39 66.43 28.18
C LYS UA 72 70.20 66.98 27.02
N VAL UA 73 70.73 68.20 27.19
CA VAL UA 73 71.53 68.87 26.17
C VAL UA 73 72.78 69.42 26.84
N THR UA 74 73.94 68.89 26.44
CA THR UA 74 75.23 69.41 26.88
C THR UA 74 75.83 70.15 25.69
N LEU UA 75 75.91 71.48 25.80
CA LEU UA 75 76.30 72.27 24.64
C LEU UA 75 77.00 73.54 25.08
N THR UA 76 77.81 74.09 24.19
CA THR UA 76 78.58 75.30 24.45
C THR UA 76 78.15 76.40 23.47
N ALA UA 77 77.86 77.57 24.01
CA ALA UA 77 77.52 78.75 23.23
C ALA UA 77 78.48 79.88 23.59
N ALA UA 78 78.50 80.90 22.75
CA ALA UA 78 79.36 82.05 22.98
C ALA UA 78 78.94 82.77 24.25
N ASP UA 79 79.92 83.10 25.09
CA ASP UA 79 79.65 83.78 26.37
C ASP UA 79 79.58 85.27 26.11
N LYS UA 80 78.35 85.81 26.01
CA LYS UA 80 78.12 87.22 25.75
C LYS UA 80 77.88 88.02 27.03
N LEU UA 81 78.19 87.44 28.19
CA LEU UA 81 78.13 88.16 29.45
C LEU UA 81 79.37 88.99 29.72
N SER UA 82 80.38 88.92 28.84
CA SER UA 82 81.58 89.73 28.95
C SER UA 82 81.97 90.23 27.56
N ALA UA 83 83.18 90.73 27.42
CA ALA UA 83 83.68 91.24 26.14
C ALA UA 83 84.92 90.50 25.69
N ASP UA 84 84.88 89.17 25.75
CA ASP UA 84 86.02 88.33 25.38
C ASP UA 84 85.59 87.32 24.33
N PRO UA 85 86.17 87.34 23.14
CA PRO UA 85 85.77 86.36 22.12
C PRO UA 85 86.19 84.94 22.46
N ASN UA 86 87.17 84.77 23.33
CA ASN UA 86 87.59 83.44 23.78
C ASN UA 86 86.74 82.91 24.92
N ALA UA 87 85.80 83.71 25.43
CA ALA UA 87 84.94 83.29 26.53
C ALA UA 87 83.79 82.45 25.97
N THR UA 88 83.65 81.24 26.49
CA THR UA 88 82.59 80.33 26.07
C THR UA 88 81.86 79.82 27.31
N MET UA 89 80.58 79.48 27.13
CA MET UA 89 79.73 79.03 28.23
C MET UA 89 79.16 77.66 27.88
N ASN UA 90 79.42 76.68 28.74
CA ASN UA 90 78.92 75.33 28.57
C ASN UA 90 77.75 75.11 29.52
N VAL UA 91 76.65 74.60 28.97
CA VAL UA 91 75.41 74.41 29.71
C VAL UA 91 74.95 72.96 29.58
N SER UA 92 74.26 72.49 30.61
CA SER UA 92 73.69 71.13 30.65
C SER UA 92 72.22 71.29 31.02
N LEU UA 93 71.37 71.44 29.99
CA LEU UA 93 69.95 71.61 30.20
C LEU UA 93 69.26 70.25 30.28
N GLN UA 94 68.18 70.21 31.06
CA GLN UA 94 67.40 68.99 31.26
C GLN UA 94 65.93 69.30 31.01
N PHE UA 95 65.24 68.38 30.34
CA PHE UA 95 63.87 68.58 29.92
C PHE UA 95 63.01 67.40 30.33
N LYS UA 96 61.88 67.71 30.98
CA LYS UA 96 60.82 66.77 31.29
C LYS UA 96 59.49 67.10 30.63
N ASN UA 97 59.27 68.37 30.26
CA ASN UA 97 58.06 68.79 29.55
C ASN UA 97 58.41 69.97 28.66
N LEU UA 98 57.48 70.29 27.75
CA LEU UA 98 57.71 71.37 26.79
C LEU UA 98 57.92 72.71 27.48
N ASN UA 99 57.27 72.91 28.64
CA ASN UA 99 57.47 74.15 29.40
C ASN UA 99 58.93 74.36 29.77
N ASP UA 100 59.71 73.28 29.84
CA ASP UA 100 61.14 73.37 30.14
C ASP UA 100 61.96 73.98 29.02
N PHE UA 101 61.35 74.25 27.86
CA PHE UA 101 62.02 74.95 26.77
C PHE UA 101 61.88 76.45 26.85
N SER UA 102 61.13 76.95 27.83
CA SER UA 102 60.92 78.38 27.96
C SER UA 102 62.16 79.05 28.54
N PRO UA 103 62.36 80.34 28.21
CA PRO UA 103 63.53 81.05 28.75
C PRO UA 103 63.60 81.07 30.26
N GLU UA 104 62.46 81.03 30.96
CA GLU UA 104 62.48 80.96 32.42
C GLU UA 104 63.18 79.71 32.90
N SER UA 105 62.82 78.55 32.36
CA SER UA 105 63.52 77.32 32.68
C SER UA 105 64.98 77.34 32.24
N VAL UA 106 65.25 77.86 31.05
CA VAL UA 106 66.63 77.96 30.57
C VAL UA 106 67.47 78.75 31.58
N VAL UA 107 66.95 79.88 32.06
CA VAL UA 107 67.68 80.68 33.05
C VAL UA 107 67.79 79.91 34.35
N ASN UA 108 66.72 79.22 34.76
CA ASN UA 108 66.76 78.44 36.00
C ASN UA 108 67.85 77.40 35.97
N GLN UA 109 68.17 76.86 34.79
CA GLN UA 109 69.13 75.78 34.65
C GLN UA 109 70.55 76.25 34.30
N VAL UA 110 70.78 77.55 34.20
CA VAL UA 110 72.08 78.10 33.86
C VAL UA 110 72.47 79.12 34.93
N PRO UA 111 73.30 78.73 35.91
CA PRO UA 111 73.58 79.64 37.03
C PRO UA 111 74.15 81.00 36.62
N GLU UA 112 74.91 81.05 35.53
CA GLU UA 112 75.45 82.31 35.04
C GLU UA 112 74.36 83.30 34.65
N LEU UA 113 73.14 82.81 34.40
CA LEU UA 113 71.99 83.67 34.15
C LEU UA 113 71.04 83.73 35.34
N LYS UA 114 70.90 82.62 36.08
CA LYS UA 114 70.00 82.59 37.23
C LYS UA 114 70.48 83.57 38.31
N LYS UA 115 71.79 83.65 38.53
CA LYS UA 115 72.32 84.66 39.45
C LYS UA 115 71.99 86.06 38.98
N LEU UA 116 71.99 86.29 37.66
CA LEU UA 116 71.64 87.61 37.13
C LEU UA 116 70.15 87.90 37.28
N LEU UA 117 69.31 86.87 37.25
CA LEU UA 117 67.88 87.07 37.49
C LEU UA 117 67.62 87.37 38.96
N GLU UA 118 68.31 86.68 39.86
CA GLU UA 118 68.21 87.00 41.27
C GLU UA 118 68.69 88.43 41.55
N LEU UA 119 69.77 88.84 40.88
CA LEU UA 119 70.22 90.23 41.00
C LEU UA 119 69.17 91.19 40.49
N ARG UA 120 68.52 90.85 39.37
CA ARG UA 120 67.42 91.66 38.86
C ARG UA 120 66.34 91.84 39.91
N SER UA 121 65.87 90.73 40.50
CA SER UA 121 64.85 90.80 41.54
C SER UA 121 65.30 91.66 42.70
N ALA UA 122 66.57 91.54 43.10
CA ALA UA 122 67.09 92.35 44.20
C ALA UA 122 67.04 93.84 43.86
N LEU UA 123 67.45 94.19 42.64
CA LEU UA 123 67.48 95.60 42.24
C LEU UA 123 66.08 96.17 42.10
N ASN UA 124 65.14 95.39 41.57
CA ASN UA 124 63.76 95.87 41.45
C ASN UA 124 63.13 96.04 42.84
N ALA UA 125 63.41 95.10 43.74
CA ALA UA 125 62.91 95.22 45.12
C ALA UA 125 63.47 96.47 45.79
N LEU UA 126 64.78 96.71 45.63
CA LEU UA 126 65.39 97.89 46.24
C LEU UA 126 64.82 99.17 45.64
N LYS UA 127 64.70 99.23 44.31
CA LYS UA 127 64.23 100.44 43.64
C LYS UA 127 62.76 100.72 43.94
N GLY UA 128 61.97 99.67 44.19
CA GLY UA 128 60.59 99.83 44.56
C GLY UA 128 60.41 100.02 46.05
N PRO UA 129 61.54 100.04 46.79
CA PRO UA 129 61.48 100.31 48.24
C PRO UA 129 60.90 99.16 49.04
N LEU UA 130 60.91 97.96 48.45
CA LEU UA 130 60.33 96.78 49.10
C LEU UA 130 61.20 96.23 50.22
N GLY UA 131 62.48 96.56 50.23
CA GLY UA 131 63.38 96.10 51.28
C GLY UA 131 64.37 97.19 51.63
N ASN UA 132 64.90 97.09 52.85
CA ASN UA 132 65.85 98.07 53.34
C ASN UA 132 67.27 97.73 52.88
N LEU UA 133 68.17 98.69 53.07
CA LEU UA 133 69.55 98.50 52.63
C LEU UA 133 70.26 97.34 53.30
N PRO UA 134 70.06 97.07 54.59
CA PRO UA 134 70.74 95.90 55.20
C PRO UA 134 70.31 94.58 54.58
N ALA UA 135 69.01 94.37 54.41
CA ALA UA 135 68.52 93.18 53.72
C ALA UA 135 69.08 93.12 52.30
N PHE UA 136 69.08 94.26 51.60
CA PHE UA 136 69.63 94.31 50.25
C PHE UA 136 71.08 93.82 50.22
N ARG UA 137 71.89 94.30 51.17
CA ARG UA 137 73.30 93.90 51.21
C ARG UA 137 73.45 92.42 51.49
N LYS UA 138 72.70 91.90 52.48
CA LYS UA 138 72.79 90.48 52.79
C LYS UA 138 72.45 89.62 51.57
N LYS UA 139 71.30 89.89 50.94
CA LYS UA 139 70.90 89.12 49.77
C LYS UA 139 71.90 89.25 48.62
N LEU UA 140 72.48 90.43 48.44
CA LEU UA 140 73.49 90.61 47.40
C LEU UA 140 74.69 89.71 47.66
N GLN UA 141 75.19 89.70 48.90
CA GLN UA 141 76.28 88.78 49.24
C GLN UA 141 75.87 87.34 48.93
N ALA UA 142 74.64 86.96 49.29
CA ALA UA 142 74.16 85.61 49.00
C ALA UA 142 74.24 85.32 47.50
N LEU UA 143 73.78 86.24 46.67
CA LEU UA 143 73.75 86.01 45.22
C LEU UA 143 75.17 85.89 44.67
N LEU UA 144 76.06 86.79 45.07
CA LEU UA 144 77.42 86.79 44.53
C LEU UA 144 78.31 85.71 45.11
N ALA UA 145 77.85 84.98 46.14
CA ALA UA 145 78.71 83.98 46.77
C ALA UA 145 78.91 82.73 45.91
N ASP UA 146 78.05 82.52 44.92
CA ASP UA 146 78.09 81.32 44.08
C ASP UA 146 79.46 81.09 43.46
N GLU UA 147 80.10 79.98 43.79
CA GLU UA 147 81.47 79.72 43.37
C GLU UA 147 81.59 79.43 41.88
N ASP UA 148 80.51 79.09 41.19
CA ASP UA 148 80.54 78.81 39.77
C ASP UA 148 80.57 80.07 38.92
N GLY UA 149 80.34 81.25 39.52
CA GLY UA 149 80.36 82.47 38.76
C GLY UA 149 81.76 83.01 38.55
N ARG UA 150 81.93 83.75 37.46
CA ARG UA 150 83.20 84.39 37.18
C ARG UA 150 83.30 85.72 37.93
N LYS UA 151 84.53 86.08 38.28
CA LYS UA 151 84.76 87.37 38.93
C LYS UA 151 84.35 88.53 38.05
N ALA UA 152 84.57 88.42 36.74
CA ALA UA 152 84.13 89.47 35.82
C ALA UA 152 82.62 89.66 35.88
N LEU UA 153 81.87 88.55 35.83
CA LEU UA 153 80.42 88.63 35.99
C LEU UA 153 80.03 89.24 37.32
N ILE UA 154 80.71 88.85 38.40
CA ILE UA 154 80.43 89.42 39.72
C ILE UA 154 80.63 90.94 39.70
N LYS UA 155 81.70 91.40 39.05
CA LYS UA 155 81.97 92.83 38.97
C LYS UA 155 80.91 93.55 38.15
N GLU UA 156 80.49 92.95 37.03
CA GLU UA 156 79.41 93.55 36.23
C GLU UA 156 78.12 93.64 37.02
N LEU UA 157 77.85 92.65 37.89
CA LEU UA 157 76.63 92.67 38.69
C LEU UA 157 76.71 93.74 39.78
N GLY UA 158 77.86 93.84 40.45
CA GLY UA 158 78.03 94.86 41.47
C GLY UA 158 78.02 96.28 40.91
N LEU UA 159 78.42 96.43 39.64
CA LEU UA 159 78.39 97.74 39.00
C LEU UA 159 76.97 98.25 38.78
N THR UA 160 75.96 97.40 38.91
CA THR UA 160 74.58 97.81 38.74
C THR UA 160 73.94 98.31 40.04
N GLU UA 161 74.62 98.17 41.17
CA GLU UA 161 74.08 98.59 42.45
C GLU UA 161 74.20 100.11 42.60
N GLU UA 162 73.09 100.77 42.92
CA GLU UA 162 73.12 102.21 43.13
C GLU UA 162 74.04 102.54 44.30
N THR UA 163 74.69 103.70 44.22
CA THR UA 163 75.72 104.05 45.19
C THR UA 163 75.15 104.16 46.60
N LYS UA 164 73.91 104.64 46.73
CA LYS UA 164 73.29 104.84 48.04
C LYS UA 164 72.95 103.51 48.70
N ASP VA 63 66.17 109.09 41.81
CA ASP VA 63 67.16 108.05 42.06
C ASP VA 63 66.73 106.73 41.45
N LYS VA 64 65.44 106.42 41.61
CA LYS VA 64 64.90 105.16 41.10
C LYS VA 64 65.04 105.04 39.59
N ALA VA 65 65.05 106.17 38.88
CA ALA VA 65 65.23 106.12 37.42
C ALA VA 65 66.57 105.49 37.06
N LEU VA 66 67.62 105.81 37.81
CA LEU VA 66 68.93 105.21 37.58
C LEU VA 66 68.90 103.71 37.84
N VAL VA 67 68.21 103.28 38.90
CA VAL VA 67 68.10 101.85 39.18
C VAL VA 67 67.36 101.14 38.06
N ASP VA 68 66.32 101.78 37.52
CA ASP VA 68 65.60 101.22 36.38
C ASP VA 68 66.50 101.11 35.16
N ALA VA 69 67.36 102.12 34.94
CA ALA VA 69 68.35 102.01 33.86
C ALA VA 69 69.27 100.83 34.09
N MET VA 70 69.68 100.61 35.35
CA MET VA 70 70.47 99.43 35.69
C MET VA 70 69.74 98.14 35.32
N ILE VA 71 68.43 98.08 35.60
CA ILE VA 71 67.64 96.90 35.24
C ILE VA 71 67.58 96.74 33.72
N ALA VA 72 67.51 97.87 32.99
CA ALA VA 72 67.46 97.80 31.53
C ALA VA 72 68.75 97.22 30.96
N GLU VA 73 69.90 97.70 31.46
CA GLU VA 73 71.18 97.16 30.97
C GLU VA 73 71.37 95.70 31.38
N ILE VA 74 70.97 95.35 32.60
CA ILE VA 74 71.11 93.98 33.08
C ILE VA 74 70.29 93.03 32.21
N ASP VA 75 69.02 93.39 31.98
CA ASP VA 75 68.17 92.58 31.11
C ASP VA 75 68.70 92.55 29.69
N LYS VA 76 69.35 93.62 29.24
CA LYS VA 76 69.94 93.64 27.91
C LYS VA 76 71.03 92.58 27.77
N ARG VA 77 71.96 92.53 28.73
CA ARG VA 77 73.01 91.52 28.68
C ARG VA 77 72.43 90.11 28.79
N LEU VA 78 71.55 89.89 29.79
CA LEU VA 78 70.95 88.59 29.98
C LEU VA 78 70.25 88.09 28.71
N SER VA 79 69.50 88.97 28.04
CA SER VA 79 68.86 88.58 26.80
C SER VA 79 69.89 88.34 25.70
N SER VA 80 71.00 89.07 25.73
CA SER VA 80 72.10 88.79 24.80
C SER VA 80 72.55 87.34 24.89
N GLN VA 81 72.70 86.80 26.11
CA GLN VA 81 73.12 85.41 26.23
C GLN VA 81 71.98 84.43 25.95
N VAL VA 82 70.79 84.72 26.48
CA VAL VA 82 69.63 83.86 26.27
C VAL VA 82 69.38 83.65 24.79
N ASN VA 83 69.62 84.67 23.97
CA ASN VA 83 69.51 84.50 22.52
C ASN VA 83 70.48 83.45 22.00
N GLU VA 84 71.70 83.42 22.56
CA GLU VA 84 72.67 82.39 22.17
C GLU VA 84 72.16 81.00 22.52
N ILE VA 85 71.53 80.86 23.69
CA ILE VA 85 70.97 79.56 24.06
C ILE VA 85 69.83 79.16 23.13
N LEU VA 86 68.87 80.07 22.93
CA LEU VA 86 67.64 79.74 22.20
C LEU VA 86 67.89 79.60 20.70
N HIS VA 87 68.97 80.18 20.18
CA HIS VA 87 69.33 80.07 18.78
C HIS VA 87 70.41 79.03 18.52
N ALA VA 88 70.73 78.22 19.52
CA ALA VA 88 71.70 77.14 19.33
C ALA VA 88 71.08 76.02 18.51
N LYS VA 89 71.86 75.49 17.56
CA LYS VA 89 71.33 74.50 16.63
C LYS VA 89 70.92 73.22 17.33
N GLU VA 90 71.69 72.78 18.33
CA GLU VA 90 71.34 71.58 19.07
C GLU VA 90 70.05 71.78 19.87
N PHE VA 91 69.98 72.88 20.62
CA PHE VA 91 68.78 73.20 21.38
C PHE VA 91 67.56 73.25 20.46
N GLN VA 92 67.69 73.93 19.31
CA GLN VA 92 66.56 74.02 18.38
C GLN VA 92 66.22 72.67 17.78
N LYS VA 93 67.21 71.81 17.57
CA LYS VA 93 66.93 70.45 17.12
C LYS VA 93 66.01 69.73 18.10
N LEU VA 94 66.43 69.65 19.37
CA LEU VA 94 65.60 68.99 20.37
C LEU VA 94 64.21 69.63 20.45
N GLU VA 95 64.18 70.96 20.66
CA GLU VA 95 62.93 71.67 20.85
C GLU VA 95 61.97 71.45 19.68
N SER VA 96 62.44 71.75 18.46
CA SER VA 96 61.60 71.60 17.28
C SER VA 96 61.11 70.16 17.12
N SER VA 97 61.96 69.19 17.46
CA SER VA 97 61.51 67.80 17.46
C SER VA 97 60.28 67.62 18.34
N TRP VA 98 60.41 67.95 19.63
CA TRP VA 98 59.31 67.71 20.57
C TRP VA 98 58.08 68.57 20.27
N ARG VA 99 58.29 69.85 19.99
CA ARG VA 99 57.18 70.78 19.79
C ARG VA 99 56.42 70.45 18.51
N SER VA 100 57.13 70.15 17.42
CA SER VA 100 56.46 69.68 16.23
C SER VA 100 55.70 68.38 16.49
N LEU VA 101 56.29 67.48 17.29
CA LEU VA 101 55.60 66.26 17.66
C LEU VA 101 54.26 66.56 18.33
N LYS VA 102 54.26 67.47 19.32
CA LYS VA 102 53.02 67.82 20.00
C LYS VA 102 52.05 68.53 19.06
N PHE VA 103 52.56 69.40 18.19
CA PHE VA 103 51.72 70.07 17.21
C PHE VA 103 50.98 69.05 16.34
N MET VA 104 51.63 67.93 16.05
CA MET VA 104 50.94 66.84 15.35
C MET VA 104 49.92 66.17 16.25
N VAL VA 105 50.35 65.78 17.47
CA VAL VA 105 49.53 64.90 18.31
C VAL VA 105 48.23 65.58 18.74
N ASP VA 106 48.32 66.85 19.16
CA ASP VA 106 47.17 67.58 19.66
C ASP VA 106 46.20 68.01 18.57
N ARG VA 107 46.52 67.77 17.30
CA ARG VA 107 45.63 68.03 16.19
C ARG VA 107 44.94 66.77 15.68
N THR VA 108 45.20 65.63 16.31
CA THR VA 108 44.54 64.37 15.99
C THR VA 108 43.43 64.10 16.99
N ASP VA 109 42.74 62.98 16.80
CA ASP VA 109 41.60 62.60 17.64
C ASP VA 109 41.73 61.12 17.98
N PHE VA 110 42.32 60.82 19.14
CA PHE VA 110 42.54 59.45 19.57
C PHE VA 110 41.25 58.68 19.81
N ARG VA 111 40.11 59.37 19.91
CA ARG VA 111 38.83 58.69 20.01
C ARG VA 111 38.34 58.14 18.69
N GLU VA 112 38.98 58.53 17.57
CA GLU VA 112 38.60 58.06 16.25
C GLU VA 112 39.49 56.91 15.77
N ASN VA 113 40.05 56.14 16.71
CA ASN VA 113 40.91 55.00 16.37
C ASN VA 113 42.19 55.43 15.67
N THR VA 114 42.79 56.52 16.16
CA THR VA 114 44.06 57.02 15.65
C THR VA 114 45.14 56.77 16.68
N ARG VA 115 46.27 56.23 16.23
CA ARG VA 115 47.36 55.85 17.13
C ARG VA 115 48.69 56.34 16.56
N VAL VA 116 49.64 56.57 17.46
CA VAL VA 116 50.94 57.12 17.09
C VAL VA 116 52.01 56.57 18.03
N GLU VA 117 53.10 56.07 17.46
CA GLU VA 117 54.22 55.54 18.22
C GLU VA 117 55.49 56.30 17.86
N MET VA 118 56.38 56.44 18.84
CA MET VA 118 57.63 57.18 18.68
C MET VA 118 58.78 56.19 18.65
N LEU VA 119 59.67 56.37 17.68
CA LEU VA 119 60.85 55.53 17.47
C LEU VA 119 62.05 56.47 17.34
N ASN VA 120 62.90 56.48 18.37
CA ASN VA 120 64.08 57.34 18.38
C ASN VA 120 65.16 56.70 17.51
N ALA VA 121 65.48 57.36 16.40
CA ALA VA 121 66.49 56.85 15.48
C ALA VA 121 67.02 58.00 14.65
N SER VA 122 68.35 58.06 14.50
CA SER VA 122 68.97 59.03 13.62
C SER VA 122 69.21 58.40 12.26
N LYS VA 123 69.36 59.25 11.25
CA LYS VA 123 69.58 58.76 9.88
C LYS VA 123 70.84 57.92 9.80
N GLU VA 124 71.92 58.35 10.46
CA GLU VA 124 73.17 57.61 10.43
C GLU VA 124 72.98 56.18 10.95
N ASP VA 125 72.24 56.03 12.05
CA ASP VA 125 71.96 54.72 12.61
C ASP VA 125 70.99 53.92 11.76
N LEU VA 126 70.07 54.58 11.05
CA LEU VA 126 69.24 53.87 10.09
C LEU VA 126 70.10 53.25 9.01
N GLN VA 127 71.03 54.02 8.45
CA GLN VA 127 71.98 53.47 7.49
C GLN VA 127 72.83 52.36 8.11
N LYS VA 128 73.21 52.53 9.38
CA LYS VA 128 74.03 51.53 10.05
C LYS VA 128 73.29 50.20 10.14
N ASP VA 129 72.01 50.24 10.50
CA ASP VA 129 71.23 49.01 10.61
C ASP VA 129 70.97 48.37 9.25
N PHE VA 130 70.58 49.20 8.26
CA PHE VA 130 70.25 48.67 6.95
C PHE VA 130 71.47 48.09 6.24
N GLU VA 131 72.65 48.67 6.46
CA GLU VA 131 73.87 48.14 5.84
C GLU VA 131 74.43 46.96 6.63
N ASP VA 132 74.22 46.96 7.95
CA ASP VA 132 74.68 45.84 8.77
C ASP VA 132 73.88 44.58 8.48
N ALA VA 133 72.55 44.72 8.32
CA ALA VA 133 71.72 43.57 8.05
C ALA VA 133 72.04 43.00 6.67
N PRO VA 134 71.94 41.67 6.49
CA PRO VA 134 72.17 41.12 5.15
C PRO VA 134 71.03 41.37 4.19
N GLU VA 135 69.82 41.60 4.71
CA GLU VA 135 68.64 41.85 3.88
C GLU VA 135 67.65 42.66 4.70
N VAL VA 136 66.80 43.41 3.98
CA VAL VA 136 65.85 44.32 4.64
C VAL VA 136 64.89 43.56 5.54
N THR VA 137 64.59 42.30 5.21
CA THR VA 137 63.71 41.48 6.03
C THR VA 137 64.29 41.19 7.40
N LYS VA 138 65.58 41.45 7.61
CA LYS VA 138 66.23 41.23 8.89
C LYS VA 138 66.64 42.53 9.58
N SER VA 139 66.22 43.68 9.06
CA SER VA 139 66.50 44.94 9.72
C SER VA 139 65.57 45.13 10.91
N GLY VA 140 66.04 45.88 11.91
CA GLY VA 140 65.22 46.13 13.09
C GLY VA 140 63.96 46.92 12.77
N LEU VA 141 64.10 48.00 11.99
CA LEU VA 141 62.94 48.77 11.57
C LEU VA 141 61.91 47.88 10.90
N TYR VA 142 62.33 47.03 9.97
CA TYR VA 142 61.42 46.06 9.37
C TYR VA 142 60.81 45.15 10.43
N LYS VA 143 61.62 44.77 11.43
CA LYS VA 143 61.10 43.95 12.52
C LYS VA 143 59.92 44.62 13.21
N LEU VA 144 60.06 45.89 13.58
CA LEU VA 144 59.05 46.60 14.36
C LEU VA 144 57.97 47.25 13.51
N VAL VA 145 58.11 47.23 12.19
CA VAL VA 145 57.10 47.83 11.31
C VAL VA 145 56.25 46.72 10.71
N TYR VA 146 56.90 45.79 10.02
CA TYR VA 146 56.17 44.72 9.36
C TYR VA 146 55.96 43.53 10.30
N SER VA 147 57.05 43.00 10.86
CA SER VA 147 56.99 41.72 11.57
C SER VA 147 56.06 41.80 12.78
N ASN VA 148 56.26 42.79 13.64
CA ASN VA 148 55.45 42.94 14.84
C ASN VA 148 54.08 43.53 14.57
N GLU VA 149 53.71 43.77 13.31
CA GLU VA 149 52.44 44.41 13.01
C GLU VA 149 51.70 43.70 11.89
N TYR VA 150 51.96 44.11 10.65
CA TYR VA 150 51.20 43.60 9.51
C TYR VA 150 51.34 42.08 9.36
N GLY VA 151 52.50 41.54 9.69
CA GLY VA 151 52.73 40.11 9.53
C GLY VA 151 52.55 39.33 10.82
N VAL VA 152 51.69 39.80 11.71
CA VAL VA 152 51.48 39.16 13.01
C VAL VA 152 49.99 38.91 13.18
N PHE VA 153 49.61 37.64 13.33
CA PHE VA 153 48.22 37.30 13.58
C PHE VA 153 47.81 37.85 14.94
N GLY VA 154 46.72 38.61 14.97
CA GLY VA 154 46.27 39.29 16.16
C GLY VA 154 46.78 40.70 16.31
N GLY VA 155 47.76 41.10 15.51
CA GLY VA 155 48.31 42.45 15.56
C GLY VA 155 47.55 43.41 14.68
N LYS VA 156 48.25 44.47 14.28
CA LYS VA 156 47.66 45.53 13.46
C LYS VA 156 48.76 46.14 12.59
N PRO VA 157 48.43 46.59 11.39
CA PRO VA 157 49.46 47.11 10.49
C PRO VA 157 49.64 48.62 10.63
N TYR VA 158 50.89 49.05 10.44
CA TYR VA 158 51.21 50.47 10.53
C TYR VA 158 50.67 51.21 9.33
N GLY VA 159 49.94 52.30 9.58
CA GLY VA 159 49.32 53.03 8.49
C GLY VA 159 50.33 53.78 7.63
N ILE VA 160 51.23 54.53 8.27
CA ILE VA 160 52.20 55.34 7.56
C ILE VA 160 53.37 55.64 8.50
N ILE VA 161 54.50 56.02 7.93
CA ILE VA 161 55.72 56.31 8.67
C ILE VA 161 56.14 57.75 8.38
N SER VA 162 56.26 58.56 9.44
CA SER VA 162 56.66 59.95 9.34
C SER VA 162 58.07 60.07 9.88
N ALA VA 163 59.02 60.44 9.02
CA ALA VA 163 60.42 60.56 9.39
C ALA VA 163 60.79 62.04 9.49
N ASN VA 164 61.22 62.47 10.68
CA ASN VA 164 61.62 63.86 10.91
C ASN VA 164 63.07 64.05 10.48
N TYR VA 165 63.25 64.09 9.16
CA TYR VA 165 64.57 64.22 8.57
C TYR VA 165 64.51 65.12 7.34
N ASP VA 166 65.65 65.74 7.04
CA ASP VA 166 65.85 66.49 5.81
C ASP VA 166 66.82 65.71 4.93
N PHE VA 167 66.50 65.63 3.63
CA PHE VA 167 67.27 64.84 2.70
C PHE VA 167 67.98 65.75 1.70
N ASN VA 168 69.23 65.41 1.40
CA ASN VA 168 70.00 66.06 0.35
C ASN VA 168 70.20 65.09 -0.80
N VAL VA 169 70.98 65.51 -1.80
CA VAL VA 169 71.33 64.64 -2.91
C VAL VA 169 72.46 63.69 -2.58
N GLY VA 170 72.98 63.72 -1.35
CA GLY VA 170 74.07 62.89 -0.94
C GLY VA 170 73.78 61.41 -1.08
N PRO VA 171 74.81 60.64 -1.41
CA PRO VA 171 74.59 59.20 -1.64
C PRO VA 171 74.02 58.47 -0.43
N GLN VA 172 74.44 58.84 0.78
CA GLN VA 172 73.88 58.22 1.98
C GLN VA 172 72.38 58.45 2.07
N ASP VA 173 71.94 59.70 1.85
CA ASP VA 173 70.52 60.00 1.89
C ASP VA 173 69.77 59.24 0.81
N MET VA 174 70.34 59.16 -0.40
CA MET VA 174 69.68 58.41 -1.47
C MET VA 174 69.50 56.94 -1.09
N GLU VA 175 70.55 56.31 -0.55
CA GLU VA 175 70.44 54.91 -0.14
C GLU VA 175 69.41 54.72 0.96
N LEU VA 176 69.40 55.62 1.95
CA LEU VA 176 68.37 55.56 2.98
C LEU VA 176 66.99 55.62 2.37
N LEU VA 177 66.78 56.51 1.39
CA LEU VA 177 65.49 56.59 0.71
C LEU VA 177 65.16 55.28 0.01
N ARG VA 178 66.17 54.62 -0.58
CA ARG VA 178 65.92 53.33 -1.22
C ARG VA 178 65.43 52.29 -0.23
N LYS VA 179 66.11 52.18 0.92
CA LYS VA 179 65.68 51.22 1.93
C LYS VA 179 64.27 51.52 2.44
N CYS VA 180 63.98 52.80 2.70
CA CYS VA 180 62.64 53.17 3.17
C CYS VA 180 61.58 52.85 2.13
N ALA VA 181 61.89 53.02 0.85
CA ALA VA 181 60.95 52.65 -0.20
C ALA VA 181 60.69 51.16 -0.21
N SER VA 182 61.75 50.35 -0.04
CA SER VA 182 61.56 48.90 0.02
C SER VA 182 60.66 48.51 1.19
N VAL VA 183 60.95 49.01 2.39
CA VAL VA 183 60.15 48.65 3.56
C VAL VA 183 58.70 49.08 3.38
N ALA VA 184 58.51 50.33 2.92
CA ALA VA 184 57.16 50.84 2.73
C ALA VA 184 56.39 50.01 1.70
N ALA VA 185 57.07 49.53 0.66
CA ALA VA 185 56.41 48.67 -0.32
C ALA VA 185 56.04 47.33 0.28
N MET VA 186 56.93 46.76 1.11
CA MET VA 186 56.65 45.45 1.71
C MET VA 186 55.48 45.51 2.69
N ALA VA 187 55.34 46.62 3.43
CA ALA VA 187 54.30 46.73 4.44
C ALA VA 187 53.08 47.49 3.94
N HIS VA 188 53.13 48.01 2.72
CA HIS VA 188 52.02 48.80 2.17
C HIS VA 188 51.76 50.06 2.99
N ALA VA 189 52.83 50.81 3.28
CA ALA VA 189 52.74 52.03 4.07
C ALA VA 189 53.73 53.06 3.56
N PRO VA 190 53.26 54.27 3.24
CA PRO VA 190 54.18 55.26 2.65
C PRO VA 190 55.11 55.85 3.69
N PHE VA 191 56.27 56.31 3.22
CA PHE VA 191 57.28 56.95 4.05
C PHE VA 191 57.34 58.43 3.66
N ILE VA 192 57.04 59.30 4.63
CA ILE VA 192 56.95 60.75 4.38
C ILE VA 192 58.08 61.45 5.13
N GLY VA 193 58.75 62.37 4.44
CA GLY VA 193 59.81 63.17 5.01
C GLY VA 193 59.91 64.54 4.38
N ASN VA 194 61.04 65.21 4.56
CA ASN VA 194 61.23 66.55 4.03
C ASN VA 194 62.56 66.62 3.28
N ALA VA 195 62.67 67.64 2.42
CA ALA VA 195 63.88 67.89 1.66
C ALA VA 195 64.57 69.15 2.18
N ALA VA 196 65.90 69.12 2.19
CA ALA VA 196 66.67 70.26 2.68
C ALA VA 196 66.85 71.28 1.56
N PRO VA 197 67.06 72.56 1.92
CA PRO VA 197 67.20 73.60 0.88
C PRO VA 197 68.33 73.35 -0.10
N GLU VA 198 69.48 72.88 0.38
CA GLU VA 198 70.63 72.61 -0.47
C GLU VA 198 70.33 71.57 -1.55
N VAL VA 199 69.21 70.85 -1.43
CA VAL VA 199 68.79 69.93 -2.49
C VAL VA 199 68.57 70.67 -3.80
N PHE VA 200 68.14 71.93 -3.72
CA PHE VA 200 67.95 72.78 -4.88
C PHE VA 200 69.18 73.64 -5.18
N GLY VA 201 70.31 73.37 -4.53
CA GLY VA 201 71.50 74.17 -4.73
C GLY VA 201 71.42 75.57 -4.17
N GLU VA 202 70.58 75.78 -3.16
CA GLU VA 202 70.38 77.09 -2.55
C GLU VA 202 70.68 77.01 -1.07
N GLU VA 203 71.15 78.14 -0.51
CA GLU VA 203 71.48 78.19 0.91
C GLU VA 203 70.25 77.95 1.78
N SER VA 204 69.11 78.48 1.37
CA SER VA 204 67.88 78.35 2.13
C SER VA 204 66.70 78.50 1.18
N PHE VA 205 65.55 77.96 1.61
CA PHE VA 205 64.32 78.04 0.83
C PHE VA 205 63.99 79.46 0.38
N LEU VA 206 64.44 80.49 1.11
CA LEU VA 206 64.22 81.87 0.71
C LEU VA 206 64.76 82.21 -0.68
N LYS VA 207 65.56 81.32 -1.27
CA LYS VA 207 66.11 81.52 -2.61
C LYS VA 207 65.29 80.83 -3.70
N LEU VA 208 64.17 80.23 -3.34
CA LEU VA 208 63.36 79.53 -4.33
C LEU VA 208 62.86 80.43 -5.45
N PRO VA 209 62.48 81.69 -5.20
CA PRO VA 209 62.02 82.53 -6.32
C PRO VA 209 63.11 82.89 -7.31
N ASP VA 210 64.38 82.72 -6.93
CA ASP VA 210 65.49 82.99 -7.84
C ASP VA 210 65.78 81.82 -8.78
N LEU VA 211 65.20 80.65 -8.54
CA LEU VA 211 65.43 79.49 -9.39
C LEU VA 211 64.60 79.60 -10.66
N LYS VA 212 65.28 79.69 -11.81
CA LYS VA 212 64.58 79.94 -13.06
C LYS VA 212 63.94 78.68 -13.64
N ASP VA 213 64.50 77.50 -13.35
CA ASP VA 213 64.03 76.27 -14.00
C ASP VA 213 64.53 75.06 -13.22
N LEU VA 214 63.67 74.51 -12.36
CA LEU VA 214 64.04 73.34 -11.58
C LEU VA 214 64.24 72.12 -12.48
N LYS VA 215 63.38 71.95 -13.49
CA LYS VA 215 63.49 70.80 -14.38
C LYS VA 215 64.87 70.74 -15.04
N SER VA 216 65.37 71.89 -15.52
CA SER VA 216 66.71 71.95 -16.06
C SER VA 216 67.76 71.80 -14.97
N LEU VA 217 67.49 72.31 -13.77
CA LEU VA 217 68.43 72.16 -12.66
C LEU VA 217 68.69 70.68 -12.37
N PHE VA 218 67.66 69.84 -12.47
CA PHE VA 218 67.76 68.42 -12.14
C PHE VA 218 68.44 67.60 -13.22
N GLU VA 219 68.91 68.22 -14.30
CA GLU VA 219 69.61 67.48 -15.35
C GLU VA 219 71.09 67.29 -15.07
N GLY VA 220 71.64 68.01 -14.10
CA GLY VA 220 73.04 67.90 -13.77
C GLY VA 220 73.39 66.52 -13.24
N PRO VA 221 74.64 66.11 -13.45
CA PRO VA 221 75.05 64.77 -12.99
C PRO VA 221 74.98 64.60 -11.49
N GLN VA 222 74.89 65.70 -10.72
CA GLN VA 222 74.79 65.60 -9.27
C GLN VA 222 73.55 64.84 -8.82
N TYR VA 223 72.52 64.78 -9.67
CA TYR VA 223 71.25 64.16 -9.32
C TYR VA 223 71.02 62.84 -10.04
N ALA VA 224 72.08 62.16 -10.49
CA ALA VA 224 71.91 60.90 -11.21
C ALA VA 224 71.18 59.86 -10.35
N ARG VA 225 71.64 59.68 -9.11
CA ARG VA 225 71.04 58.70 -8.22
C ARG VA 225 69.57 59.01 -7.95
N TRP VA 226 69.24 60.28 -7.69
CA TRP VA 226 67.85 60.66 -7.49
C TRP VA 226 67.02 60.35 -8.73
N HIS VA 227 67.59 60.62 -9.91
CA HIS VA 227 66.89 60.32 -11.17
C HIS VA 227 66.53 58.85 -11.29
N SER VA 228 67.48 57.96 -10.94
CA SER VA 228 67.15 56.53 -10.97
C SER VA 228 66.11 56.16 -9.90
N PHE VA 229 66.26 56.73 -8.71
CA PHE VA 229 65.30 56.48 -7.63
C PHE VA 229 63.88 56.79 -8.07
N ARG VA 230 63.70 57.90 -8.79
CA ARG VA 230 62.37 58.25 -9.29
C ARG VA 230 61.82 57.22 -10.27
N GLU VA 231 62.69 56.41 -10.88
CA GLU VA 231 62.27 55.39 -11.83
C GLU VA 231 62.04 54.03 -11.20
N SER VA 232 62.54 53.81 -9.98
CA SER VA 232 62.24 52.56 -9.28
C SER VA 232 60.73 52.44 -9.02
N GLU VA 233 60.25 51.18 -9.04
CA GLU VA 233 58.84 50.91 -8.77
C GLU VA 233 58.49 50.99 -7.29
N ASP VA 234 59.50 51.07 -6.42
CA ASP VA 234 59.26 51.29 -5.00
C ASP VA 234 59.10 52.76 -4.66
N ALA VA 235 59.35 53.66 -5.63
CA ALA VA 235 59.26 55.10 -5.37
C ALA VA 235 57.84 55.54 -5.04
N ARG VA 236 56.83 54.70 -5.34
CA ARG VA 236 55.46 55.05 -5.03
C ARG VA 236 55.21 55.18 -3.53
N TYR VA 237 56.08 54.60 -2.70
CA TYR VA 237 55.94 54.65 -1.25
C TYR VA 237 56.82 55.72 -0.61
N VAL VA 238 57.34 56.65 -1.40
CA VAL VA 238 58.20 57.73 -0.90
C VAL VA 238 57.51 59.06 -1.15
N GLY VA 239 57.52 59.93 -0.14
CA GLY VA 239 56.95 61.25 -0.29
C GLY VA 239 57.75 62.30 0.48
N LEU VA 240 58.26 63.31 -0.23
CA LEU VA 240 59.09 64.34 0.38
C LEU VA 240 58.41 65.70 0.24
N ALA VA 241 58.48 66.50 1.30
CA ALA VA 241 57.88 67.82 1.36
C ALA VA 241 58.96 68.89 1.16
N LEU VA 242 58.50 70.09 0.80
CA LEU VA 242 59.39 71.19 0.46
C LEU VA 242 59.65 72.08 1.67
N PRO VA 243 59.21 73.34 1.63
CA PRO VA 243 59.62 74.29 2.67
C PRO VA 243 59.08 73.93 4.05
N ARG VA 244 59.82 74.36 5.06
CA ARG VA 244 59.44 74.12 6.45
C ARG VA 244 58.38 75.14 6.87
N PHE VA 245 58.08 75.20 8.17
CA PHE VA 245 57.05 76.13 8.59
C PHE VA 245 57.28 76.52 10.05
N LEU VA 246 56.94 77.77 10.39
CA LEU VA 246 57.18 78.28 11.73
C LEU VA 246 56.40 77.47 12.77
N LEU VA 247 57.04 77.23 13.91
CA LEU VA 247 56.41 76.55 15.04
C LEU VA 247 56.18 77.47 16.24
N ARG VA 248 57.01 78.49 16.43
CA ARG VA 248 56.90 79.38 17.58
C ARG VA 248 57.07 80.82 17.13
N LEU VA 249 56.24 81.69 17.68
CA LEU VA 249 56.42 83.13 17.47
C LEU VA 249 57.49 83.65 18.43
N PRO VA 250 58.40 84.50 17.97
CA PRO VA 250 59.52 84.91 18.83
C PRO VA 250 59.04 85.62 20.09
N TYR VA 251 59.80 85.44 21.17
CA TYR VA 251 59.38 85.94 22.47
C TYR VA 251 59.28 87.47 22.47
N GLY VA 252 58.21 87.97 23.08
CA GLY VA 252 58.00 89.41 23.16
C GLY VA 252 57.08 89.79 24.32
N GLU VA 253 57.37 90.93 24.96
CA GLU VA 253 56.65 91.31 26.17
C GLU VA 253 55.14 91.38 25.97
N LYS VA 254 54.68 91.54 24.73
CA LYS VA 254 53.26 91.60 24.42
C LYS VA 254 52.75 90.32 23.76
N THR VA 255 53.41 89.89 22.68
CA THR VA 255 52.88 88.77 21.89
C THR VA 255 53.20 87.42 22.53
N VAL VA 256 54.34 87.29 23.19
CA VAL VA 256 54.75 86.01 23.78
C VAL VA 256 55.60 86.30 25.02
N PRO VA 257 54.99 86.73 26.12
CA PRO VA 257 55.80 87.14 27.28
C PRO VA 257 56.20 85.95 28.14
N VAL VA 258 57.23 86.19 28.96
CA VAL VA 258 57.74 85.20 29.91
C VAL VA 258 57.68 85.82 31.30
N LYS VA 259 57.85 84.98 32.31
CA LYS VA 259 57.73 85.41 33.69
C LYS VA 259 59.01 86.09 34.17
N ALA VA 260 58.84 87.06 35.06
CA ALA VA 260 59.98 87.72 35.70
C ALA VA 260 60.84 88.48 34.71
N PHE VA 261 61.80 87.78 34.09
CA PHE VA 261 62.75 88.42 33.20
C PHE VA 261 62.03 89.01 31.99
N ASN VA 262 62.30 90.28 31.72
CA ASN VA 262 61.68 90.98 30.58
C ASN VA 262 62.47 90.64 29.33
N PHE VA 263 62.17 89.47 28.77
CA PHE VA 263 62.90 88.95 27.62
C PHE VA 263 62.19 89.33 26.32
N THR VA 264 62.95 89.91 25.40
CA THR VA 264 62.46 90.24 24.06
C THR VA 264 63.42 89.57 23.08
N GLU VA 265 62.97 88.48 22.47
CA GLU VA 265 63.83 87.73 21.55
C GLU VA 265 64.15 88.58 20.32
N ASP VA 266 65.42 88.58 19.93
CA ASP VA 266 65.92 89.41 18.83
C ASP VA 266 66.35 88.50 17.69
N VAL VA 267 65.46 88.32 16.72
CA VAL VA 267 65.80 87.57 15.51
C VAL VA 267 66.62 88.48 14.61
N VAL VA 268 67.81 88.03 14.25
CA VAL VA 268 68.73 88.83 13.45
C VAL VA 268 68.36 88.72 11.97
N GLY VA 269 69.31 89.02 11.10
CA GLY VA 269 69.06 88.89 9.68
C GLY VA 269 68.88 87.45 9.23
N HIS VA 270 69.38 86.51 10.03
CA HIS VA 270 69.34 85.09 9.68
C HIS VA 270 68.01 84.51 10.15
N HIS VA 271 67.10 84.26 9.20
CA HIS VA 271 65.81 83.65 9.50
C HIS VA 271 65.94 82.29 10.15
N GLU VA 272 67.13 81.67 10.09
CA GLU VA 272 67.39 80.45 10.84
C GLU VA 272 67.26 80.63 12.34
N ARG VA 273 67.20 81.87 12.82
CA ARG VA 273 66.91 82.11 14.23
C ARG VA 273 65.48 81.71 14.57
N TYR VA 274 64.60 81.70 13.58
CA TYR VA 274 63.22 81.28 13.80
C TYR VA 274 63.15 79.77 13.98
N LEU VA 275 62.24 79.33 14.84
CA LEU VA 275 62.07 77.91 15.16
C LEU VA 275 61.27 77.26 14.03
N TRP VA 276 61.99 76.84 12.99
CA TRP VA 276 61.36 76.17 11.86
C TRP VA 276 61.05 74.72 12.20
N GLY VA 277 60.01 74.19 11.57
CA GLY VA 277 59.53 72.86 11.84
C GLY VA 277 59.28 72.11 10.55
N HIS VA 278 59.37 70.77 10.63
CA HIS VA 278 59.31 69.92 9.45
C HIS VA 278 57.86 69.75 9.01
N ALA VA 279 57.56 70.11 7.75
CA ALA VA 279 56.18 70.11 7.27
C ALA VA 279 55.59 68.72 7.14
N SER VA 280 56.44 67.67 7.18
CA SER VA 280 55.93 66.31 7.15
C SER VA 280 54.87 66.09 8.22
N VAL VA 281 55.01 66.74 9.37
CA VAL VA 281 54.03 66.62 10.44
C VAL VA 281 52.69 67.22 10.01
N ALA VA 282 52.72 68.35 9.31
CA ALA VA 282 51.49 68.94 8.80
C ALA VA 282 50.78 67.97 7.84
N LEU VA 283 51.54 67.40 6.89
CA LEU VA 283 50.95 66.39 6.01
C LEU VA 283 50.32 65.25 6.82
N THR VA 284 51.04 64.78 7.85
CA THR VA 284 50.51 63.73 8.71
C THR VA 284 49.18 64.14 9.34
N SER VA 285 49.07 65.39 9.80
CA SER VA 285 47.80 65.88 10.29
C SER VA 285 46.71 65.79 9.24
N ARG VA 286 47.05 66.10 7.98
CA ARG VA 286 46.07 65.92 6.90
C ARG VA 286 45.55 64.48 6.85
N VAL VA 287 46.46 63.52 6.77
CA VAL VA 287 46.05 62.11 6.75
C VAL VA 287 45.17 61.79 7.95
N ALA VA 288 45.57 62.27 9.13
CA ALA VA 288 44.83 62.00 10.36
C ALA VA 288 43.40 62.52 10.26
N ASP VA 289 43.21 63.74 9.77
CA ASP VA 289 41.86 64.31 9.67
C ASP VA 289 40.99 63.51 8.71
N SER VA 290 41.54 63.22 7.52
CA SER VA 290 40.78 62.41 6.56
C SER VA 290 40.30 61.10 7.20
N PHE VA 291 41.20 60.42 7.92
CA PHE VA 291 40.83 59.14 8.53
C PHE VA 291 39.85 59.32 9.69
N ALA VA 292 39.97 60.43 10.43
CA ALA VA 292 39.06 60.66 11.54
C ALA VA 292 37.64 60.88 11.06
N LYS VA 293 37.49 61.49 9.87
CA LYS VA 293 36.15 61.75 9.36
C LYS VA 293 35.56 60.55 8.62
N PHE VA 294 36.38 59.84 7.82
CA PHE VA 294 35.83 58.84 6.90
C PHE VA 294 36.40 57.45 7.02
N ARG VA 295 37.50 57.25 7.76
CA ARG VA 295 38.20 55.97 7.83
C ARG VA 295 39.05 55.70 6.61
N TRP VA 296 39.25 56.71 5.77
CA TRP VA 296 40.09 56.61 4.58
C TRP VA 296 40.90 57.89 4.45
N SER VA 297 42.01 57.81 3.72
CA SER VA 297 42.97 58.90 3.62
C SER VA 297 43.15 59.37 2.19
N PRO VA 298 42.12 59.95 1.59
CA PRO VA 298 42.27 60.48 0.22
C PRO VA 298 42.08 61.98 0.17
N ASN VA 299 41.43 62.54 1.18
CA ASN VA 299 41.07 63.97 1.20
C ASN VA 299 42.16 64.75 1.93
N ILE VA 300 43.24 65.03 1.20
CA ILE VA 300 44.36 65.76 1.79
C ILE VA 300 45.09 66.60 0.73
N ILE VA 301 44.37 67.01 -0.31
CA ILE VA 301 45.01 67.75 -1.40
C ILE VA 301 44.15 68.90 -1.90
N GLY VA 302 43.69 69.78 -1.00
CA GLY VA 302 42.91 70.92 -1.40
C GLY VA 302 42.60 71.89 -0.28
N PRO VA 303 42.49 73.18 -0.63
CA PRO VA 303 42.10 74.17 0.39
C PRO VA 303 40.73 73.91 0.98
N GLN VA 304 39.82 73.29 0.22
CA GLN VA 304 38.52 72.90 0.72
C GLN VA 304 38.37 71.39 0.90
N SER VA 305 39.16 70.59 0.18
CA SER VA 305 39.02 69.14 0.27
C SER VA 305 39.54 68.59 1.59
N GLY VA 306 40.54 69.25 2.19
CA GLY VA 306 41.08 68.77 3.45
C GLY VA 306 42.59 68.79 3.50
N GLY VA 307 43.21 69.36 2.48
CA GLY VA 307 44.64 69.59 2.47
C GLY VA 307 45.06 70.95 2.97
N ALA VA 308 44.17 71.69 3.62
CA ALA VA 308 44.48 73.01 4.13
C ALA VA 308 44.99 72.91 5.55
N VAL VA 309 46.10 73.60 5.83
CA VAL VA 309 46.66 73.71 7.18
C VAL VA 309 46.27 75.09 7.68
N GLU VA 310 45.47 75.13 8.74
CA GLU VA 310 44.97 76.38 9.29
C GLU VA 310 45.63 76.69 10.62
N ASN VA 311 45.65 77.98 10.97
CA ASN VA 311 46.19 78.43 12.25
C ASN VA 311 47.71 78.43 12.27
N LEU VA 312 48.33 79.14 11.31
CA LEU VA 312 49.78 79.21 11.32
C LEU VA 312 50.24 80.42 12.13
N PRO VA 313 51.42 80.33 12.75
CA PRO VA 313 51.92 81.46 13.53
C PRO VA 313 52.26 82.64 12.62
N LEU VA 314 52.09 83.84 13.15
CA LEU VA 314 52.39 85.08 12.43
C LEU VA 314 53.33 85.93 13.27
N HIS VA 315 54.02 86.86 12.61
CA HIS VA 315 55.03 87.67 13.29
C HIS VA 315 55.19 88.98 12.52
N GLN VA 316 54.47 90.00 12.94
CA GLN VA 316 54.56 91.33 12.33
C GLN VA 316 55.76 92.06 12.92
N TYR VA 317 56.55 92.68 12.04
CA TYR VA 317 57.74 93.41 12.43
C TYR VA 317 57.98 94.51 11.42
N GLU VA 318 58.86 95.45 11.79
CA GLU VA 318 59.10 96.63 10.98
C GLU VA 318 59.89 96.25 9.72
N ALA VA 319 59.49 96.82 8.59
CA ALA VA 319 60.16 96.64 7.32
C ALA VA 319 60.95 97.90 6.99
N MET VA 320 60.80 98.49 5.80
CA MET VA 320 61.49 99.74 5.46
C MET VA 320 60.68 100.96 5.88
N GLY VA 321 60.27 101.01 7.15
CA GLY VA 321 59.37 102.05 7.64
C GLY VA 321 57.93 101.59 7.75
N GLU VA 322 57.56 100.49 7.11
CA GLU VA 322 56.23 99.90 7.21
C GLU VA 322 56.28 98.65 8.07
N ILE VA 323 55.23 97.85 8.00
CA ILE VA 323 55.12 96.62 8.78
C ILE VA 323 54.86 95.46 7.83
N GLN VA 324 55.41 94.29 8.19
CA GLN VA 324 55.22 93.09 7.40
C GLN VA 324 55.35 91.88 8.31
N THR VA 325 54.67 90.80 7.93
CA THR VA 325 54.65 89.58 8.73
C THR VA 325 55.60 88.55 8.13
N LYS VA 326 56.40 87.91 8.97
CA LYS VA 326 57.25 86.82 8.52
C LYS VA 326 56.37 85.71 8.00
N ILE VA 327 56.61 85.30 6.76
CA ILE VA 327 55.75 84.28 6.14
C ILE VA 327 55.86 82.98 6.93
N PRO VA 328 54.75 82.32 7.26
CA PRO VA 328 54.83 81.05 8.01
C PRO VA 328 55.69 80.01 7.33
N THR VA 329 55.71 79.98 6.01
CA THR VA 329 56.68 79.24 5.23
C THR VA 329 57.77 80.20 4.77
N GLU VA 330 58.95 79.65 4.48
CA GLU VA 330 60.10 80.48 4.14
C GLU VA 330 59.79 81.43 2.99
N VAL VA 331 59.00 80.98 2.02
CA VAL VA 331 58.67 81.79 0.84
C VAL VA 331 57.18 81.67 0.54
N MET VA 332 56.69 82.61 -0.27
CA MET VA 332 55.32 82.62 -0.74
C MET VA 332 55.34 82.02 -2.15
N LEU VA 333 55.06 80.72 -2.22
CA LEU VA 333 55.19 80.01 -3.49
C LEU VA 333 54.06 80.39 -4.44
N THR VA 334 54.43 80.74 -5.68
CA THR VA 334 53.45 81.03 -6.70
C THR VA 334 52.94 79.75 -7.35
N GLU VA 335 51.83 79.86 -8.08
CA GLU VA 335 51.21 78.69 -8.69
C GLU VA 335 52.16 77.98 -9.65
N ARG VA 336 52.91 78.75 -10.45
CA ARG VA 336 53.81 78.16 -11.41
C ARG VA 336 54.94 77.40 -10.72
N ARG VA 337 55.53 77.99 -9.68
CA ARG VA 337 56.59 77.32 -8.95
C ARG VA 337 56.09 76.06 -8.25
N GLU VA 338 54.90 76.14 -7.65
CA GLU VA 338 54.31 74.95 -7.04
C GLU VA 338 54.08 73.86 -8.07
N PHE VA 339 53.63 74.25 -9.28
CA PHE VA 339 53.43 73.27 -10.34
C PHE VA 339 54.74 72.62 -10.74
N GLU VA 340 55.81 73.41 -10.84
CA GLU VA 340 57.12 72.85 -11.17
C GLU VA 340 57.57 71.85 -10.11
N LEU VA 341 57.45 72.22 -8.84
CA LEU VA 341 57.80 71.31 -7.75
C LEU VA 341 56.97 70.02 -7.83
N SER VA 342 55.69 70.15 -8.19
CA SER VA 342 54.86 68.96 -8.34
C SER VA 342 55.34 68.08 -9.48
N GLU VA 343 55.77 68.69 -10.59
CA GLU VA 343 56.35 67.91 -11.68
C GLU VA 343 57.63 67.22 -11.24
N GLU VA 344 58.35 67.81 -10.28
CA GLU VA 344 59.57 67.21 -9.74
C GLU VA 344 59.31 66.26 -8.58
N GLY VA 345 58.05 65.88 -8.36
CA GLY VA 345 57.71 64.92 -7.33
C GLY VA 345 57.89 65.42 -5.91
N PHE VA 346 57.70 66.72 -5.68
CA PHE VA 346 57.81 67.31 -4.35
C PHE VA 346 56.43 67.73 -3.85
N ILE VA 347 56.24 67.66 -2.54
CA ILE VA 347 54.98 68.03 -1.90
C ILE VA 347 55.19 69.41 -1.30
N GLY VA 348 54.82 70.45 -2.05
CA GLY VA 348 55.02 71.81 -1.59
C GLY VA 348 53.83 72.36 -0.84
N LEU VA 349 54.04 72.74 0.41
CA LEU VA 349 53.01 73.39 1.21
C LEU VA 349 53.03 74.88 0.87
N VAL VA 350 52.02 75.33 0.14
CA VAL VA 350 51.97 76.71 -0.33
C VAL VA 350 51.28 77.59 0.71
N PHE VA 351 51.74 78.83 0.82
CA PHE VA 351 51.19 79.78 1.78
C PHE VA 351 50.14 80.64 1.09
N ARG VA 352 48.97 80.74 1.72
CA ARG VA 352 47.91 81.62 1.22
C ARG VA 352 48.27 83.05 1.58
N LYS VA 353 48.50 83.87 0.56
CA LYS VA 353 49.02 85.23 0.78
C LYS VA 353 48.09 86.04 1.66
N ASP VA 354 48.67 86.73 2.63
CA ASP VA 354 47.97 87.65 3.53
C ASP VA 354 47.14 86.94 4.59
N SER VA 355 47.37 85.66 4.82
CA SER VA 355 46.59 84.94 5.83
C SER VA 355 47.49 84.13 6.75
N ASP VA 356 46.90 83.19 7.49
CA ASP VA 356 47.64 82.24 8.31
C ASP VA 356 47.31 80.81 7.90
N ASN VA 357 47.00 80.60 6.62
CA ASN VA 357 46.61 79.30 6.10
C ASN VA 357 47.53 78.91 4.96
N ALA VA 358 47.87 77.63 4.91
CA ALA VA 358 48.61 77.05 3.81
C ALA VA 358 47.79 75.91 3.23
N ALA VA 359 48.27 75.34 2.12
CA ALA VA 359 47.53 74.29 1.43
C ALA VA 359 48.49 73.39 0.69
N PHE VA 360 48.14 72.10 0.63
CA PHE VA 360 48.85 71.12 -0.19
C PHE VA 360 47.97 70.88 -1.40
N PHE VA 361 48.39 71.43 -2.55
CA PHE VA 361 47.57 71.31 -3.75
C PHE VA 361 47.60 69.89 -4.31
N SER VA 362 48.63 69.12 -4.00
CA SER VA 362 48.75 67.78 -4.54
C SER VA 362 49.77 67.00 -3.71
N ALA VA 363 49.61 65.68 -3.71
CA ALA VA 363 50.53 64.82 -2.98
C ALA VA 363 51.10 63.75 -3.90
N ASN VA 364 51.84 64.17 -4.92
CA ASN VA 364 52.50 63.22 -5.81
C ASN VA 364 53.66 62.56 -5.07
N SER VA 365 53.88 61.28 -5.39
CA SER VA 365 55.01 60.56 -4.82
C SER VA 365 56.29 60.92 -5.56
N THR VA 366 57.41 60.32 -5.14
CA THR VA 366 58.67 60.58 -5.83
C THR VA 366 58.69 59.95 -7.22
N GLN VA 367 57.88 58.91 -7.44
CA GLN VA 367 57.92 58.16 -8.69
C GLN VA 367 57.55 59.06 -9.87
N LYS VA 368 58.33 58.95 -10.94
CA LYS VA 368 58.06 59.72 -12.16
C LYS VA 368 57.14 58.92 -13.08
N PRO VA 369 56.13 59.55 -13.67
CA PRO VA 369 55.22 58.80 -14.54
C PRO VA 369 55.89 58.38 -15.84
N ARG VA 370 55.43 57.26 -16.38
CA ARG VA 370 55.98 56.73 -17.62
C ARG VA 370 55.09 57.15 -18.79
N PHE VA 371 55.72 57.34 -19.95
CA PHE VA 371 55.03 57.72 -21.16
C PHE VA 371 54.85 56.51 -22.07
N PHE VA 372 53.66 56.39 -22.65
CA PHE VA 372 53.35 55.30 -23.57
C PHE VA 372 52.89 55.88 -24.90
N GLY VA 373 52.82 54.99 -25.90
CA GLY VA 373 52.33 55.41 -27.20
C GLY VA 373 50.91 55.93 -27.10
N ASN VA 374 50.65 57.03 -27.81
CA ASN VA 374 49.34 57.68 -27.80
C ASN VA 374 48.38 56.91 -28.71
N THR VA 375 48.01 55.74 -28.25
CA THR VA 375 46.90 54.95 -28.80
C THR VA 375 45.91 54.76 -27.67
N PRO VA 376 44.74 54.18 -27.96
CA PRO VA 376 43.79 53.95 -26.86
C PRO VA 376 44.38 53.15 -25.72
N GLU VA 377 45.00 52.01 -26.03
CA GLU VA 377 45.61 51.17 -24.99
C GLU VA 377 46.77 51.90 -24.31
N GLY VA 378 47.59 52.62 -25.07
CA GLY VA 378 48.72 53.31 -24.48
C GLY VA 378 48.29 54.40 -23.50
N LYS VA 379 47.30 55.20 -23.89
CA LYS VA 379 46.75 56.21 -22.98
C LYS VA 379 46.11 55.58 -21.76
N ALA VA 380 45.43 54.44 -21.93
CA ALA VA 380 44.92 53.72 -20.76
C ALA VA 380 46.05 53.35 -19.81
N ALA VA 381 47.16 52.83 -20.36
CA ALA VA 381 48.31 52.49 -19.54
C ALA VA 381 48.85 53.70 -18.80
N GLU VA 382 48.94 54.85 -19.50
CA GLU VA 382 49.39 56.07 -18.84
C GLU VA 382 48.48 56.42 -17.66
N THR VA 383 47.16 56.35 -17.86
CA THR VA 383 46.23 56.69 -16.78
C THR VA 383 46.46 55.81 -15.56
N ASN VA 384 46.50 54.49 -15.76
CA ASN VA 384 46.73 53.58 -14.64
C ASN VA 384 48.03 53.92 -13.91
N TYR VA 385 49.12 54.09 -14.67
CA TYR VA 385 50.42 54.37 -14.05
C TYR VA 385 50.38 55.63 -13.20
N ARG VA 386 49.83 56.73 -13.72
CA ARG VA 386 49.76 57.96 -12.95
C ARG VA 386 48.95 57.77 -11.67
N LEU VA 387 47.77 57.13 -11.80
CA LEU VA 387 47.02 56.72 -10.61
C LEU VA 387 47.95 56.06 -9.60
N GLY VA 388 48.81 55.14 -10.04
CA GLY VA 388 49.79 54.57 -9.13
C GLY VA 388 50.75 55.60 -8.56
N THR VA 389 51.11 56.61 -9.35
CA THR VA 389 52.07 57.62 -8.91
C THR VA 389 51.49 58.57 -7.87
N GLN VA 390 50.18 58.59 -7.67
CA GLN VA 390 49.53 59.52 -6.74
C GLN VA 390 49.27 58.89 -5.39
N LEU VA 391 49.74 59.56 -4.33
CA LEU VA 391 49.49 59.06 -2.98
C LEU VA 391 48.02 59.08 -2.59
N PRO VA 392 47.20 60.04 -3.04
CA PRO VA 392 45.79 60.04 -2.66
C PRO VA 392 45.02 58.78 -3.04
N TYR VA 393 45.49 58.04 -4.05
CA TYR VA 393 44.94 56.73 -4.37
C TYR VA 393 45.76 55.59 -3.78
N MET VA 394 47.09 55.77 -3.72
CA MET VA 394 47.92 54.79 -3.03
C MET VA 394 47.39 54.48 -1.64
N PHE VA 395 46.85 55.48 -0.93
CA PHE VA 395 46.31 55.24 0.41
C PHE VA 395 45.12 54.29 0.39
N ILE VA 396 44.21 54.46 -0.58
CA ILE VA 396 43.10 53.51 -0.73
C ILE VA 396 43.65 52.10 -0.95
N MET VA 397 44.61 51.97 -1.86
CA MET VA 397 45.22 50.66 -2.08
C MET VA 397 45.78 50.06 -0.80
N THR VA 398 46.46 50.88 0.02
CA THR VA 398 47.10 50.36 1.23
C THR VA 398 46.07 49.91 2.25
N ARG VA 399 45.03 50.71 2.46
CA ARG VA 399 43.96 50.28 3.36
C ARG VA 399 43.34 48.97 2.90
N LEU VA 400 43.11 48.83 1.59
CA LEU VA 400 42.57 47.60 1.06
C LEU VA 400 43.48 46.42 1.37
N ALA VA 401 44.79 46.58 1.21
CA ALA VA 401 45.73 45.50 1.49
C ALA VA 401 45.67 45.09 2.96
N HIS VA 402 45.65 46.06 3.87
CA HIS VA 402 45.54 45.72 5.29
C HIS VA 402 44.28 44.92 5.58
N TYR VA 403 43.12 45.41 5.11
CA TYR VA 403 41.87 44.70 5.33
C TYR VA 403 41.92 43.28 4.76
N ILE VA 404 42.53 43.12 3.58
CA ILE VA 404 42.59 41.80 2.96
C ILE VA 404 43.42 40.83 3.79
N LYS VA 405 44.62 41.26 4.19
CA LYS VA 405 45.45 40.40 5.04
C LYS VA 405 44.68 39.97 6.28
N VAL VA 406 44.22 40.95 7.07
CA VAL VA 406 43.53 40.65 8.34
C VAL VA 406 42.36 39.70 8.10
N LEU VA 407 41.40 40.11 7.26
CA LEU VA 407 40.15 39.36 7.12
C LEU VA 407 40.35 37.98 6.51
N GLN VA 408 41.33 37.83 5.60
CA GLN VA 408 41.56 36.52 4.99
C GLN VA 408 42.19 35.54 5.97
N ARG VA 409 43.11 36.03 6.81
CA ARG VA 409 43.66 35.19 7.88
C ARG VA 409 42.56 34.46 8.64
N GLU VA 410 41.44 35.15 8.93
CA GLU VA 410 40.36 34.54 9.69
C GLU VA 410 39.60 33.50 8.87
N GLN VA 411 39.68 33.56 7.55
CA GLN VA 411 38.99 32.61 6.68
C GLN VA 411 39.83 31.38 6.37
N ILE VA 412 41.15 31.44 6.62
CA ILE VA 412 41.98 30.25 6.43
C ILE VA 412 41.40 29.07 7.20
N GLY VA 413 41.24 27.93 6.49
CA GLY VA 413 40.71 26.72 7.07
C GLY VA 413 39.27 26.41 6.69
N SER VA 414 38.54 27.39 6.16
CA SER VA 414 37.15 27.19 5.79
C SER VA 414 37.06 26.47 4.45
N TRP VA 415 35.89 25.86 4.20
CA TRP VA 415 35.65 25.10 2.97
C TRP VA 415 35.35 26.07 1.83
N LYS VA 416 36.41 26.48 1.14
CA LYS VA 416 36.31 27.50 0.10
C LYS VA 416 36.74 26.91 -1.23
N GLU VA 417 35.82 26.91 -2.19
CA GLU VA 417 36.15 26.68 -3.58
C GLU VA 417 36.39 28.00 -4.28
N LYS VA 418 36.95 27.93 -5.49
CA LYS VA 418 37.32 29.15 -6.22
C LYS VA 418 36.15 30.11 -6.37
N SER VA 419 35.03 29.60 -6.92
CA SER VA 419 33.82 30.41 -7.04
C SER VA 419 33.34 30.95 -5.70
N ASP VA 420 33.52 30.20 -4.62
CA ASP VA 420 33.20 30.73 -3.30
C ASP VA 420 34.05 31.96 -2.99
N LEU VA 421 35.36 31.88 -3.27
CA LEU VA 421 36.21 33.06 -3.15
C LEU VA 421 35.67 34.22 -3.98
N GLU VA 422 35.27 33.94 -5.22
CA GLU VA 422 34.75 35.00 -6.10
C GLU VA 422 33.54 35.69 -5.48
N ARG VA 423 32.54 34.90 -5.06
CA ARG VA 423 31.31 35.48 -4.53
C ARG VA 423 31.57 36.28 -3.26
N GLU VA 424 32.27 35.68 -2.30
CA GLU VA 424 32.52 36.37 -1.03
C GLU VA 424 33.30 37.66 -1.24
N LEU VA 425 34.37 37.59 -2.04
CA LEU VA 425 35.20 38.78 -2.26
C LEU VA 425 34.43 39.89 -2.96
N ASN VA 426 33.58 39.53 -3.93
CA ASN VA 426 32.73 40.54 -4.56
C ASN VA 426 31.83 41.22 -3.53
N HIS VA 427 31.08 40.41 -2.75
CA HIS VA 427 30.20 40.95 -1.73
C HIS VA 427 30.94 41.85 -0.75
N TRP VA 428 32.20 41.52 -0.44
CA TRP VA 428 32.96 42.33 0.51
C TRP VA 428 33.41 43.65 -0.13
N LEU VA 429 33.98 43.58 -1.33
CA LEU VA 429 34.45 44.80 -1.99
C LEU VA 429 33.32 45.79 -2.23
N SER VA 430 32.10 45.30 -2.46
CA SER VA 430 30.97 46.21 -2.67
C SER VA 430 30.76 47.17 -1.51
N GLN VA 431 31.29 46.83 -0.33
CA GLN VA 431 31.06 47.66 0.87
C GLN VA 431 31.66 49.06 0.74
N TYR VA 432 32.70 49.21 -0.07
CA TYR VA 432 33.37 50.51 -0.24
C TYR VA 432 33.14 51.10 -1.63
N ILE VA 433 32.06 50.71 -2.31
CA ILE VA 433 31.77 51.14 -3.67
C ILE VA 433 30.58 52.07 -3.65
N SER VA 434 30.71 53.20 -4.35
CA SER VA 434 29.62 54.17 -4.53
C SER VA 434 29.44 54.33 -6.04
N ASP VA 435 28.63 53.46 -6.63
CA ASP VA 435 28.40 53.46 -8.08
C ASP VA 435 27.07 54.10 -8.46
N MET VA 436 26.73 55.23 -7.83
CA MET VA 436 25.51 55.95 -8.16
C MET VA 436 25.78 56.97 -9.25
N ASP VA 437 24.71 57.46 -9.86
CA ASP VA 437 24.83 58.42 -10.95
C ASP VA 437 25.53 59.69 -10.49
N ASP VA 438 25.28 60.12 -9.26
CA ASP VA 438 25.93 61.31 -8.73
C ASP VA 438 25.88 61.29 -7.21
N PRO VA 439 26.80 60.58 -6.55
CA PRO VA 439 26.83 60.59 -5.09
C PRO VA 439 27.21 61.97 -4.58
N ALA VA 440 26.77 62.26 -3.36
CA ALA VA 440 27.01 63.56 -2.76
C ALA VA 440 28.51 63.86 -2.79
N PRO VA 441 28.91 65.05 -3.24
CA PRO VA 441 30.35 65.36 -3.32
C PRO VA 441 30.99 65.31 -1.94
N ALA VA 442 32.18 64.72 -1.88
CA ALA VA 442 32.89 64.53 -0.61
C ALA VA 442 32.15 63.54 0.29
N VAL VA 443 31.21 62.79 -0.31
CA VAL VA 443 30.57 61.66 0.35
C VAL VA 443 31.07 60.34 -0.22
N ARG VA 444 31.49 60.33 -1.48
CA ARG VA 444 32.27 59.22 -2.01
C ARG VA 444 33.62 59.24 -1.32
N SER VA 445 33.82 60.20 -0.40
CA SER VA 445 34.95 60.15 0.51
C SER VA 445 34.93 58.87 1.34
N ARG VA 446 33.78 58.57 1.95
CA ARG VA 446 33.67 57.36 2.76
C ARG VA 446 33.67 56.10 1.90
N ARG VA 447 33.25 56.21 0.64
CA ARG VA 447 33.24 55.10 -0.32
C ARG VA 447 34.11 55.52 -1.49
N PRO VA 448 35.44 55.39 -1.37
CA PRO VA 448 36.31 55.99 -2.40
C PRO VA 448 36.28 55.30 -3.74
N LEU VA 449 35.77 54.06 -3.80
CA LEU VA 449 35.75 53.31 -5.04
C LEU VA 449 34.46 53.55 -5.82
N ARG VA 450 34.60 53.60 -7.14
CA ARG VA 450 33.47 53.64 -8.05
C ARG VA 450 33.18 52.31 -8.71
N ALA VA 451 34.23 51.58 -9.10
CA ALA VA 451 34.07 50.27 -9.71
C ALA VA 451 35.15 49.32 -9.18
N ALA VA 452 34.91 48.02 -9.34
CA ALA VA 452 35.87 47.03 -8.87
C ALA VA 452 35.58 45.69 -9.53
N ARG VA 453 36.65 44.97 -9.85
CA ARG VA 453 36.56 43.67 -10.51
C ARG VA 453 37.52 42.72 -9.82
N VAL VA 454 37.04 41.48 -9.59
CA VAL VA 454 37.80 40.46 -8.90
C VAL VA 454 37.72 39.17 -9.71
N VAL VA 455 38.87 38.54 -9.93
CA VAL VA 455 38.95 37.26 -10.63
C VAL VA 455 39.78 36.30 -9.78
N VAL VA 456 39.35 35.05 -9.71
CA VAL VA 456 39.98 34.05 -8.86
C VAL VA 456 40.27 32.82 -9.70
N GLU VA 457 41.53 32.39 -9.72
CA GLU VA 457 41.93 31.16 -10.36
C GLU VA 457 42.56 30.25 -9.32
N ASP VA 458 42.80 29.02 -9.71
CA ASP VA 458 43.57 28.12 -8.88
C ASP VA 458 45.00 28.06 -9.42
N VAL VA 459 45.97 28.24 -8.52
CA VAL VA 459 47.31 27.70 -8.72
C VAL VA 459 47.10 26.21 -9.04
N GLU VA 460 47.94 25.67 -9.93
CA GLU VA 460 47.88 24.25 -10.25
C GLU VA 460 49.12 23.54 -9.70
N GLY VA 461 48.90 22.54 -8.84
CA GLY VA 461 49.93 21.76 -8.14
C GLY VA 461 49.68 21.37 -6.67
N GLN VA 462 48.51 21.61 -6.10
CA GLN VA 462 48.26 21.34 -4.68
C GLN VA 462 46.85 21.75 -4.28
N PRO VA 463 46.32 21.24 -3.18
CA PRO VA 463 44.86 21.45 -3.00
C PRO VA 463 44.43 22.59 -2.07
N GLY VA 464 44.08 23.76 -2.66
CA GLY VA 464 43.32 24.78 -1.92
C GLY VA 464 43.92 26.17 -1.77
N TRP VA 465 44.83 26.57 -2.64
CA TRP VA 465 45.33 27.94 -2.71
C TRP VA 465 44.93 28.51 -4.06
N TYR VA 466 44.71 29.82 -4.12
CA TYR VA 466 44.22 30.45 -5.33
C TYR VA 466 45.05 31.68 -5.68
N ARG VA 467 44.87 32.16 -6.90
CA ARG VA 467 45.49 33.40 -7.37
C ARG VA 467 44.35 34.39 -7.60
N CYS VA 468 44.36 35.49 -6.86
CA CYS VA 468 43.30 36.47 -6.89
C CYS VA 468 43.81 37.76 -7.53
N SER VA 469 42.99 38.35 -8.39
CA SER VA 469 43.28 39.62 -9.04
C SER VA 469 42.16 40.59 -8.70
N LEU VA 470 42.53 41.74 -8.13
CA LEU VA 470 41.58 42.77 -7.72
C LEU VA 470 42.00 44.08 -8.36
N GLN VA 471 41.13 44.63 -9.20
CA GLN VA 471 41.37 45.90 -9.89
C GLN VA 471 40.24 46.86 -9.52
N VAL VA 472 40.60 48.11 -9.23
CA VAL VA 472 39.65 49.07 -8.71
C VAL VA 472 39.71 50.36 -9.52
N ARG VA 473 38.55 50.97 -9.70
CA ARG VA 473 38.42 52.29 -10.32
C ARG VA 473 37.89 53.24 -9.27
N PRO VA 474 38.73 54.09 -8.68
CA PRO VA 474 38.25 55.02 -7.66
C PRO VA 474 37.83 56.35 -8.26
N HIS VA 475 37.15 57.15 -7.46
CA HIS VA 475 36.69 58.46 -7.90
C HIS VA 475 37.88 59.38 -8.15
N PHE VA 476 37.74 60.25 -9.15
CA PHE VA 476 38.81 61.15 -9.53
C PHE VA 476 38.78 62.45 -8.73
N SER WA 4 1.23 10.28 -22.56
CA SER WA 4 0.91 11.20 -23.60
C SER WA 4 0.18 12.47 -23.07
N VAL WA 5 0.61 13.62 -23.55
CA VAL WA 5 -0.04 14.89 -23.32
C VAL WA 5 0.79 16.05 -22.72
N HIS WA 6 2.09 16.19 -23.10
CA HIS WA 6 3.14 16.96 -22.36
C HIS WA 6 3.17 18.51 -22.42
N LEU WA 7 3.35 19.15 -21.24
CA LEU WA 7 3.33 20.61 -20.96
C LEU WA 7 4.64 21.42 -21.20
N TYR WA 8 4.57 22.37 -22.15
CA TYR WA 8 5.58 23.38 -22.35
C TYR WA 8 4.98 24.77 -22.07
N LEU WA 9 5.83 25.69 -21.60
CA LEU WA 9 5.39 27.03 -21.23
C LEU WA 9 6.41 28.01 -21.78
N LYS WA 10 5.94 29.10 -22.38
CA LYS WA 10 6.80 30.05 -23.05
C LYS WA 10 6.60 31.43 -22.45
N ALA WA 11 7.69 32.01 -21.95
CA ALA WA 11 7.81 33.43 -21.67
C ALA WA 11 8.86 34.03 -22.60
N ASN WA 12 8.46 34.31 -23.83
CA ASN WA 12 9.37 35.02 -24.72
C ASN WA 12 9.14 36.52 -24.70
N GLY WA 13 8.01 36.97 -24.17
CA GLY WA 13 7.73 38.40 -24.14
C GLY WA 13 8.77 39.21 -23.38
N SER WA 14 9.28 38.67 -22.28
CA SER WA 14 10.39 39.27 -21.55
C SER WA 14 11.72 38.60 -21.85
N ASP WA 15 11.73 37.57 -22.70
CA ASP WA 15 12.95 36.83 -23.00
C ASP WA 15 13.36 35.99 -21.80
N ILE WA 16 12.81 34.78 -21.70
CA ILE WA 16 13.06 33.92 -20.54
C ILE WA 16 13.29 32.48 -21.00
N LYS WA 17 14.51 32.19 -21.45
CA LYS WA 17 14.80 30.88 -22.03
C LYS WA 17 14.74 29.79 -20.97
N GLY WA 18 13.87 28.82 -21.19
CA GLY WA 18 13.85 27.59 -20.42
C GLY WA 18 14.92 26.63 -20.91
N ASP WA 19 14.66 25.33 -20.74
CA ASP WA 19 15.63 24.32 -21.08
C ASP WA 19 15.14 23.22 -22.02
N SER WA 20 13.93 23.36 -22.56
CA SER WA 20 13.36 22.31 -23.40
C SER WA 20 14.26 22.00 -24.60
N THR WA 21 14.04 20.83 -25.19
CA THR WA 21 14.85 20.37 -26.32
C THR WA 21 14.05 19.94 -27.53
N GLN WA 22 12.78 19.54 -27.38
CA GLN WA 22 11.89 19.24 -28.49
C GLN WA 22 11.97 20.30 -29.57
N THR WA 23 12.73 20.01 -30.64
CA THR WA 23 12.79 20.91 -31.78
C THR WA 23 11.81 20.48 -32.87
N SER WA 24 11.70 19.18 -33.13
CA SER WA 24 10.73 18.70 -34.11
C SER WA 24 9.30 19.06 -33.69
N LEU WA 25 9.01 18.94 -32.39
CA LEU WA 25 7.70 19.34 -31.89
C LEU WA 25 7.55 20.86 -31.84
N GLY WA 26 8.66 21.59 -31.74
CA GLY WA 26 8.64 23.04 -31.81
C GLY WA 26 8.78 23.76 -30.49
N ARG WA 27 9.48 23.19 -29.50
CA ARG WA 27 9.55 23.78 -28.18
C ARG WA 27 10.98 24.00 -27.74
N ALA WA 28 11.81 24.56 -28.62
CA ALA WA 28 13.21 24.79 -28.33
C ALA WA 28 13.38 25.87 -27.29
N ASP WA 29 14.10 25.55 -26.21
CA ASP WA 29 14.41 26.48 -25.13
C ASP WA 29 13.19 26.89 -24.33
N SER WA 30 12.03 26.28 -24.58
CA SER WA 30 10.86 26.55 -23.76
C SER WA 30 11.02 25.93 -22.38
N ILE WA 31 10.08 26.24 -21.50
CA ILE WA 31 10.10 25.74 -20.13
C ILE WA 31 9.29 24.44 -20.07
N GLU WA 32 9.95 23.35 -19.70
CA GLU WA 32 9.25 22.09 -19.53
C GLU WA 32 8.53 22.07 -18.19
N CYS WA 33 7.24 21.73 -18.22
CA CYS WA 33 6.38 21.82 -17.05
C CYS WA 33 5.62 20.51 -16.88
N VAL WA 34 5.37 20.16 -15.61
CA VAL WA 34 4.66 18.93 -15.29
C VAL WA 34 3.17 19.21 -15.23
N ALA WA 35 2.75 20.02 -14.26
CA ALA WA 35 1.33 20.27 -14.00
C ALA WA 35 0.99 21.75 -14.17
N TYR WA 36 -0.29 22.01 -14.45
CA TYR WA 36 -0.76 23.33 -14.83
C TYR WA 36 -1.76 23.92 -13.84
N SER WA 37 -2.94 23.32 -13.69
CA SER WA 37 -3.93 23.78 -12.73
C SER WA 37 -4.40 25.21 -13.00
N GLN WA 38 -5.63 25.36 -13.50
CA GLN WA 38 -6.17 26.69 -13.78
C GLN WA 38 -7.68 26.60 -13.85
N LYS WA 39 -8.36 27.61 -13.32
CA LYS WA 39 -9.81 27.53 -13.22
C LYS WA 39 -10.43 28.91 -13.40
N VAL WA 40 -11.75 28.91 -13.60
CA VAL WA 40 -12.52 30.11 -13.87
C VAL WA 40 -13.99 29.76 -13.70
N PHE WA 41 -14.78 30.76 -13.31
CA PHE WA 41 -16.20 30.54 -13.04
C PHE WA 41 -16.82 31.78 -12.40
N THR WA 42 -18.14 31.86 -12.46
CA THR WA 42 -18.87 33.04 -12.01
C THR WA 42 -19.39 32.85 -10.59
N ALA WA 43 -20.16 33.83 -10.13
CA ALA WA 43 -20.74 33.81 -8.79
C ALA WA 43 -22.22 33.48 -8.86
N ARG WA 44 -22.51 32.30 -9.42
CA ARG WA 44 -23.89 31.83 -9.57
C ARG WA 44 -24.29 31.07 -8.31
N GLU WA 45 -25.16 31.66 -7.51
CA GLU WA 45 -25.77 30.94 -6.40
C GLU WA 45 -27.03 30.23 -6.89
N ALA WA 46 -28.06 30.18 -6.06
CA ALA WA 46 -29.32 29.58 -6.44
C ALA WA 46 -30.36 30.67 -6.66
N GLY WA 47 -31.16 30.57 -7.72
CA GLY WA 47 -32.21 31.52 -7.96
C GLY WA 47 -32.77 31.43 -9.36
N SER WA 48 -33.80 32.24 -9.59
CA SER WA 48 -34.45 32.36 -10.89
C SER WA 48 -34.97 33.80 -11.04
N GLY WA 49 -34.47 34.52 -12.03
CA GLY WA 49 -33.47 34.00 -12.95
C GLY WA 49 -32.08 33.91 -12.38
N LEU WA 50 -31.11 33.78 -13.27
CA LEU WA 50 -29.73 33.49 -12.91
C LEU WA 50 -29.05 34.70 -12.28
N ALA WA 51 -28.24 34.42 -11.26
CA ALA WA 51 -27.33 35.40 -10.71
C ALA WA 51 -26.17 35.55 -11.70
N THR WA 52 -26.08 36.72 -12.32
CA THR WA 52 -25.05 36.96 -13.34
C THR WA 52 -23.73 37.29 -12.64
N GLY WA 53 -22.79 36.36 -12.69
CA GLY WA 53 -21.51 36.55 -12.02
C GLY WA 53 -20.35 36.25 -12.94
N ARG WA 54 -19.35 37.13 -12.90
CA ARG WA 54 -18.10 36.96 -13.64
C ARG WA 54 -16.99 36.90 -12.59
N ARG WA 55 -16.72 35.70 -12.09
CA ARG WA 55 -15.81 35.52 -10.97
C ARG WA 55 -14.36 35.46 -11.47
N GLN WA 56 -13.50 36.28 -10.84
CA GLN WA 56 -12.12 36.46 -11.25
C GLN WA 56 -11.42 35.16 -11.61
N TYR WA 57 -10.78 35.14 -12.77
CA TYR WA 57 -10.08 33.95 -13.22
C TYR WA 57 -8.97 33.59 -12.24
N GLU WA 58 -8.85 32.31 -11.93
CA GLU WA 58 -7.82 31.86 -11.01
C GLU WA 58 -6.45 32.01 -11.66
N GLY WA 59 -5.43 32.18 -10.82
CA GLY WA 59 -4.07 32.16 -11.31
C GLY WA 59 -3.69 30.80 -11.90
N ILE WA 60 -2.59 30.79 -12.63
CA ILE WA 60 -2.07 29.57 -13.24
C ILE WA 60 -1.00 29.01 -12.32
N GLU WA 61 -1.04 27.71 -12.05
CA GLU WA 61 -0.20 27.10 -11.01
C GLU WA 61 0.76 26.10 -11.65
N ILE WA 62 1.87 26.60 -12.19
CA ILE WA 62 2.86 25.78 -12.88
C ILE WA 62 3.67 24.97 -11.87
N THR WA 63 3.97 23.74 -12.24
CA THR WA 63 4.87 22.87 -11.49
C THR WA 63 6.01 22.44 -12.39
N LYS WA 64 7.23 22.59 -11.91
CA LYS WA 64 8.38 22.15 -12.70
C LYS WA 64 9.59 21.89 -11.81
N ARG WA 65 10.30 20.79 -12.07
CA ARG WA 65 11.55 20.56 -11.36
C ARG WA 65 12.68 21.37 -11.96
N ILE WA 66 12.94 21.18 -13.26
CA ILE WA 66 14.05 21.87 -13.92
C ILE WA 66 13.88 23.38 -13.84
N ASP WA 67 12.62 23.86 -13.83
CA ASP WA 67 12.36 25.28 -13.72
C ASP WA 67 12.97 25.90 -12.47
N LYS WA 68 13.25 25.09 -11.44
CA LYS WA 68 13.89 25.62 -10.24
C LYS WA 68 15.25 26.21 -10.52
N SER WA 69 15.93 25.71 -11.55
CA SER WA 69 17.26 26.23 -11.90
C SER WA 69 17.22 27.55 -12.65
N SER WA 70 16.02 28.10 -12.91
CA SER WA 70 15.90 29.36 -13.63
C SER WA 70 15.74 30.49 -12.64
N PRO WA 71 16.77 31.29 -12.39
CA PRO WA 71 16.62 32.40 -11.43
C PRO WA 71 15.62 33.45 -11.89
N LEU WA 72 15.44 33.61 -13.21
CA LEU WA 72 14.61 34.69 -13.73
C LEU WA 72 13.20 34.66 -13.16
N LEU WA 73 12.68 33.48 -12.86
CA LEU WA 73 11.39 33.41 -12.18
C LEU WA 73 11.50 33.95 -10.76
N MET WA 74 12.56 33.56 -10.06
CA MET WA 74 12.78 34.05 -8.69
C MET WA 74 12.85 35.57 -8.67
N LYS WA 75 13.64 36.16 -9.56
CA LYS WA 75 13.74 37.61 -9.63
C LYS WA 75 12.42 38.24 -10.05
N ALA WA 76 11.71 37.59 -10.98
CA ALA WA 76 10.42 38.12 -11.43
C ALA WA 76 9.46 38.26 -10.27
N LEU WA 77 9.43 37.26 -9.38
CA LEU WA 77 8.61 37.34 -8.18
C LEU WA 77 8.79 38.65 -7.44
N CYS WA 78 9.94 38.84 -6.79
CA CYS WA 78 10.19 40.02 -5.98
C CYS WA 78 10.33 41.30 -6.79
N GLU WA 79 10.42 41.21 -8.11
CA GLU WA 79 10.52 42.39 -8.95
C GLU WA 79 9.18 42.84 -9.51
N ASN WA 80 8.14 42.03 -9.38
CA ASN WA 80 6.82 42.34 -9.94
C ASN WA 80 6.93 42.52 -11.44
N GLN WA 81 7.78 41.71 -12.08
CA GLN WA 81 8.14 41.90 -13.46
C GLN WA 81 6.95 41.60 -14.38
N VAL WA 82 6.69 42.52 -15.30
CA VAL WA 82 5.55 42.42 -16.20
C VAL WA 82 6.01 41.78 -17.51
N ILE WA 83 5.34 40.70 -17.90
CA ILE WA 83 5.56 40.05 -19.19
C ILE WA 83 4.34 40.28 -20.06
N ASP WA 84 4.57 40.37 -21.36
CA ASP WA 84 3.47 40.65 -22.29
C ASP WA 84 2.63 39.41 -22.58
N ALA WA 85 3.26 38.24 -22.67
CA ALA WA 85 2.51 37.05 -23.05
C ALA WA 85 3.16 35.81 -22.46
N THR WA 86 2.32 34.89 -21.95
CA THR WA 86 2.75 33.58 -21.51
C THR WA 86 1.93 32.56 -22.28
N PHE WA 87 2.61 31.64 -22.96
CA PHE WA 87 1.96 30.66 -23.83
C PHE WA 87 2.05 29.28 -23.19
N LYS WA 88 0.91 28.68 -22.86
CA LYS WA 88 0.87 27.32 -22.37
C LYS WA 88 0.51 26.39 -23.52
N PHE WA 89 1.13 25.20 -23.56
CA PHE WA 89 0.87 24.28 -24.65
C PHE WA 89 1.04 22.83 -24.18
N PHE WA 90 -0.01 22.04 -24.36
CA PHE WA 90 0.00 20.61 -24.05
C PHE WA 90 -0.13 19.80 -25.33
N ARG WA 91 0.48 18.63 -25.33
CA ARG WA 91 0.55 17.86 -26.56
C ARG WA 91 -0.41 16.69 -26.45
N PRO WA 92 -0.86 16.11 -27.56
CA PRO WA 92 -1.68 14.90 -27.46
C PRO WA 92 -0.97 13.79 -26.67
N ASN WA 93 -1.85 12.69 -26.22
CA ASN WA 93 -1.53 11.42 -25.54
C ASN WA 93 -1.98 10.22 -26.36
N PRO WA 94 -1.27 9.08 -26.41
CA PRO WA 94 -1.38 8.11 -27.53
C PRO WA 94 -2.63 7.21 -27.59
N THR WA 95 -2.84 6.57 -28.77
CA THR WA 95 -3.90 5.55 -28.96
C THR WA 95 -4.04 4.86 -30.34
N GLY WA 96 -5.19 5.13 -31.00
CA GLY WA 96 -5.14 5.07 -32.45
C GLY WA 96 -3.85 5.65 -32.94
N ASP WA 97 -3.44 6.83 -32.44
CA ASP WA 97 -2.01 7.06 -32.34
C ASP WA 97 -1.55 8.52 -32.47
N GLY WA 98 -0.25 8.59 -32.71
CA GLY WA 98 0.61 9.58 -32.03
C GLY WA 98 0.83 10.88 -32.80
N THR WA 99 0.63 12.00 -32.11
CA THR WA 99 1.03 13.33 -32.55
C THR WA 99 1.82 14.09 -31.48
N THR WA 100 2.82 14.86 -31.93
CA THR WA 100 3.53 15.84 -31.11
C THR WA 100 2.85 17.22 -31.16
N GLU WA 101 1.62 17.26 -31.64
CA GLU WA 101 0.89 18.51 -31.82
C GLU WA 101 0.22 18.94 -30.51
N GLN WA 102 -0.05 20.24 -30.42
CA GLN WA 102 -0.64 20.84 -29.22
C GLN WA 102 -2.15 20.75 -29.32
N PHE WA 103 -2.75 19.82 -28.59
CA PHE WA 103 -4.20 19.69 -28.52
C PHE WA 103 -4.84 20.72 -27.59
N TYR WA 104 -4.04 21.56 -26.96
CA TYR WA 104 -4.55 22.60 -26.06
C TYR WA 104 -3.50 23.70 -25.98
N THR WA 105 -3.87 24.91 -26.42
CA THR WA 105 -2.95 26.03 -26.52
C THR WA 105 -3.53 27.23 -25.79
N VAL WA 106 -3.10 27.43 -24.54
CA VAL WA 106 -3.55 28.54 -23.72
C VAL WA 106 -2.67 29.76 -24.00
N SER WA 107 -3.28 30.95 -23.91
CA SER WA 107 -2.59 32.19 -24.21
C SER WA 107 -2.94 33.26 -23.19
N ILE WA 108 -1.95 33.71 -22.43
CA ILE WA 108 -2.16 34.74 -21.41
C ILE WA 108 -1.44 36.01 -21.84
N LYS WA 109 -2.07 37.15 -21.53
CA LYS WA 109 -1.55 38.46 -21.90
C LYS WA 109 -1.50 39.34 -20.65
N LYS WA 110 -0.35 39.99 -20.45
CA LYS WA 110 -0.14 40.87 -19.30
C LYS WA 110 0.15 40.04 -18.05
N ALA WA 111 1.19 39.22 -18.10
CA ALA WA 111 1.45 38.22 -17.07
C ALA WA 111 2.51 38.69 -16.08
N ARG WA 112 2.40 38.20 -14.85
CA ARG WA 112 3.38 38.44 -13.81
C ARG WA 112 3.50 37.19 -12.95
N ILE WA 113 4.63 37.08 -12.27
CA ILE WA 113 4.86 36.00 -11.31
C ILE WA 113 4.40 36.50 -9.94
N ASN WA 114 3.27 35.99 -9.47
CA ASN WA 114 2.73 36.37 -8.17
C ASN WA 114 3.35 35.58 -7.02
N ALA WA 115 3.99 34.45 -7.31
CA ALA WA 115 4.59 33.66 -6.24
C ALA WA 115 5.60 32.69 -6.83
N ILE WA 116 6.71 32.51 -6.11
CA ILE WA 116 7.73 31.54 -6.46
C ILE WA 116 7.96 30.62 -5.25
N GLN WA 117 7.84 29.31 -5.47
CA GLN WA 117 8.06 28.31 -4.43
C GLN WA 117 9.25 27.45 -4.79
N GLN WA 118 9.99 27.02 -3.77
CA GLN WA 118 11.16 26.16 -3.97
C GLN WA 118 11.23 25.11 -2.87
N THR WA 119 11.80 23.96 -3.23
CA THR WA 119 11.79 22.81 -2.33
C THR WA 119 12.69 21.74 -2.92
N VAL WA 120 13.38 21.04 -2.02
CA VAL WA 120 14.33 19.98 -2.38
C VAL WA 120 14.02 18.76 -1.51
N PRO WA 121 13.71 17.62 -2.08
CA PRO WA 121 13.15 16.54 -1.26
C PRO WA 121 14.20 15.59 -0.66
N ASN WA 122 14.69 15.96 0.52
CA ASN WA 122 15.18 15.04 1.55
C ASN WA 122 15.66 13.65 1.08
N SER WA 123 16.97 13.42 1.26
CA SER WA 123 17.58 12.11 1.17
C SER WA 123 18.61 12.13 0.06
N PHE WA 124 18.91 10.96 -0.49
CA PHE WA 124 19.93 10.79 -1.49
C PHE WA 124 19.46 9.70 -2.44
N VAL WA 125 19.90 9.80 -3.68
CA VAL WA 125 19.50 8.78 -4.64
C VAL WA 125 20.37 7.56 -4.40
N PRO WA 126 19.87 6.37 -4.71
CA PRO WA 126 20.77 5.25 -4.98
C PRO WA 126 21.89 5.62 -5.93
N ALA WA 127 21.81 6.76 -6.64
CA ALA WA 127 22.88 7.23 -7.51
C ALA WA 127 23.80 8.30 -6.93
N SER WA 128 24.09 8.29 -5.61
CA SER WA 128 25.30 8.84 -5.00
C SER WA 128 25.37 10.35 -5.10
N THR WA 129 24.36 10.91 -5.73
CA THR WA 129 23.96 12.28 -5.45
C THR WA 129 22.80 12.21 -4.45
N ASN WA 130 21.71 12.92 -4.77
CA ASN WA 130 20.61 13.25 -3.84
C ASN WA 130 19.58 14.11 -4.62
N LEU WA 131 18.61 14.71 -3.90
CA LEU WA 131 17.42 15.27 -4.59
C LEU WA 131 17.74 16.20 -5.77
N PRO WA 132 17.04 16.02 -6.91
CA PRO WA 132 16.79 17.17 -7.78
C PRO WA 132 15.62 17.97 -7.25
N PRO WA 133 15.53 19.27 -7.59
CA PRO WA 133 14.58 20.13 -6.87
C PRO WA 133 13.28 20.46 -7.60
N MET WA 134 12.23 20.89 -6.88
CA MET WA 134 10.92 21.15 -7.49
C MET WA 134 10.43 22.54 -7.11
N GLU WA 135 9.96 23.30 -8.10
CA GLU WA 135 9.42 24.64 -7.90
C GLU WA 135 7.99 24.71 -8.40
N THR WA 136 7.20 25.53 -7.71
CA THR WA 136 5.81 25.78 -8.06
C THR WA 136 5.62 27.28 -8.19
N LEU WA 137 5.15 27.74 -9.35
CA LEU WA 137 5.06 29.15 -9.65
C LEU WA 137 3.62 29.53 -9.94
N GLN WA 138 3.17 30.65 -9.38
CA GLN WA 138 1.84 31.18 -9.60
C GLN WA 138 1.94 32.33 -10.59
N LEU WA 139 1.21 32.24 -11.69
CA LEU WA 139 1.21 33.24 -12.75
C LEU WA 139 -0.13 33.97 -12.69
N VAL WA 140 -0.08 35.25 -12.36
CA VAL WA 140 -1.27 36.10 -12.47
C VAL WA 140 -1.21 36.79 -13.83
N PHE WA 141 -2.37 37.23 -14.32
CA PHE WA 141 -2.43 37.76 -15.67
C PHE WA 141 -3.64 38.69 -15.83
N HIS WA 142 -3.86 39.10 -17.07
CA HIS WA 142 -4.93 40.01 -17.45
C HIS WA 142 -5.89 39.40 -18.46
N THR WA 143 -5.39 38.76 -19.52
CA THR WA 143 -6.26 38.16 -20.53
C THR WA 143 -5.79 36.74 -20.83
N ILE WA 144 -6.67 35.94 -21.43
CA ILE WA 144 -6.36 34.53 -21.68
C ILE WA 144 -7.26 34.00 -22.80
N ASN WA 145 -6.82 32.89 -23.43
CA ASN WA 145 -7.50 32.24 -24.54
C ASN WA 145 -7.29 30.73 -24.47
N TRP WA 146 -8.32 29.97 -24.84
CA TRP WA 146 -8.37 28.54 -24.53
C TRP WA 146 -7.79 27.67 -25.65
N THR WA 147 -8.53 27.51 -26.75
CA THR WA 147 -8.03 26.81 -27.93
C THR WA 147 -7.78 25.32 -27.70
N ILE WA 148 -8.54 24.46 -28.36
CA ILE WA 148 -8.39 23.02 -28.22
C ILE WA 148 -8.38 22.38 -29.61
N THR WA 149 -7.78 21.19 -29.70
CA THR WA 149 -7.73 20.44 -30.96
C THR WA 149 -7.74 18.95 -30.67
N GLN WA 150 -8.58 18.22 -31.39
CA GLN WA 150 -8.69 16.77 -31.22
C GLN WA 150 -9.79 16.21 -32.12
N GLY WA 151 -10.97 16.80 -32.06
CA GLY WA 151 -12.03 16.53 -33.02
C GLY WA 151 -12.22 17.76 -33.88
N GLY WA 152 -11.11 18.44 -34.16
CA GLY WA 152 -11.10 19.68 -34.90
C GLY WA 152 -10.39 20.79 -34.15
N VAL WA 153 -9.88 21.78 -34.88
CA VAL WA 153 -9.55 23.06 -34.27
C VAL WA 153 -10.84 23.65 -33.72
N THR WA 154 -10.85 23.93 -32.42
CA THR WA 154 -12.07 24.32 -31.71
C THR WA 154 -11.97 25.79 -31.32
N HIS WA 155 -12.64 26.64 -32.11
CA HIS WA 155 -12.71 28.10 -31.97
C HIS WA 155 -11.98 28.68 -30.76
N GLU WA 156 -10.84 29.33 -30.99
CA GLU WA 156 -10.10 29.96 -29.93
C GLU WA 156 -10.94 31.04 -29.25
N ASP WA 157 -11.35 30.80 -28.03
CA ASP WA 157 -12.10 31.77 -27.24
C ASP WA 157 -11.31 32.12 -25.98
N THR WA 158 -11.79 33.10 -25.23
CA THR WA 158 -11.09 33.52 -24.02
C THR WA 158 -11.80 34.66 -23.31
N TRP WA 159 -11.04 35.46 -22.56
CA TRP WA 159 -11.66 36.51 -21.76
C TRP WA 159 -10.59 37.49 -21.28
N ASP WA 160 -11.06 38.67 -20.87
CA ASP WA 160 -10.20 39.74 -20.41
C ASP WA 160 -10.80 40.36 -19.15
N THR WA 161 -9.96 40.49 -18.11
CA THR WA 161 -10.36 41.10 -16.86
C THR WA 161 -10.24 42.62 -16.89
N GLN WA 162 -9.77 43.20 -17.99
CA GLN WA 162 -9.74 44.64 -18.15
C GLN WA 162 -11.04 45.17 -18.74
N ARG WA 163 -11.75 44.37 -19.53
CA ARG WA 163 -13.00 44.79 -20.12
C ARG WA 163 -14.19 44.04 -19.51
N SER XA 4 -19.59 -1.00 -15.16
CA SER XA 4 -20.91 -0.74 -15.62
C SER XA 4 -21.59 0.44 -14.85
N VAL XA 5 -22.23 1.32 -15.59
CA VAL XA 5 -23.05 2.38 -15.06
C VAL XA 5 -22.75 3.83 -15.52
N HIS XA 6 -22.37 4.06 -16.80
CA HIS XA 6 -21.66 5.28 -17.29
C HIS XA 6 -22.44 6.59 -17.53
N LEU XA 7 -21.85 7.73 -17.05
CA LEU XA 7 -22.38 9.12 -17.02
C LEU XA 7 -22.23 9.98 -18.31
N TYR XA 8 -23.36 10.36 -18.90
CA TYR XA 8 -23.42 11.37 -19.94
C TYR XA 8 -24.24 12.57 -19.45
N LEU XA 9 -23.91 13.76 -19.95
CA LEU XA 9 -24.55 15.00 -19.52
C LEU XA 9 -24.83 15.82 -20.77
N LYS XA 10 -26.03 16.38 -20.86
CA LYS XA 10 -26.47 17.09 -22.05
C LYS XA 10 -26.85 18.52 -21.69
N ALA XA 11 -26.19 19.48 -22.33
CA ALA XA 11 -26.63 20.85 -22.42
C ALA XA 11 -26.97 21.18 -23.87
N ASN XA 12 -28.16 20.79 -24.30
CA ASN XA 12 -28.60 21.19 -25.62
C ASN XA 12 -29.44 22.45 -25.58
N GLY XA 13 -29.94 22.84 -24.40
CA GLY XA 13 -30.76 24.05 -24.31
C GLY XA 13 -30.06 25.30 -24.80
N SER XA 14 -28.78 25.44 -24.51
CA SER XA 14 -27.96 26.52 -25.04
C SER XA 14 -27.10 26.09 -26.22
N ASP XA 15 -27.17 24.81 -26.62
CA ASP XA 15 -26.34 24.30 -27.69
C ASP XA 15 -24.89 24.18 -27.24
N ILE XA 16 -24.53 23.06 -26.61
CA ILE XA 16 -23.19 22.90 -26.05
C ILE XA 16 -22.69 21.50 -26.35
N LYS XA 17 -22.18 21.29 -27.56
CA LYS XA 17 -21.77 19.96 -27.99
C LYS XA 17 -20.56 19.48 -27.21
N GLY XA 18 -20.72 18.35 -26.53
CA GLY XA 18 -19.61 17.63 -25.94
C GLY XA 18 -18.88 16.81 -26.98
N ASP XA 19 -18.28 15.70 -26.53
CA ASP XA 19 -17.47 14.87 -27.42
C ASP XA 19 -17.85 13.40 -27.44
N SER XA 20 -18.95 13.00 -26.81
CA SER XA 20 -19.33 11.60 -26.71
C SER XA 20 -19.50 10.99 -28.11
N THR XA 21 -19.45 9.66 -28.15
CA THR XA 21 -19.54 8.92 -29.41
C THR XA 21 -20.61 7.84 -29.42
N GLN XA 22 -20.98 7.28 -28.28
CA GLN XA 22 -22.09 6.33 -28.17
C GLN XA 22 -23.30 6.78 -28.97
N THR XA 23 -23.46 6.22 -30.17
CA THR XA 23 -24.64 6.49 -30.98
C THR XA 23 -25.71 5.42 -30.77
N SER XA 24 -25.31 4.15 -30.70
CA SER XA 24 -26.28 3.09 -30.43
C SER XA 24 -26.96 3.30 -29.08
N LEU XA 25 -26.18 3.71 -28.07
CA LEU XA 25 -26.76 4.01 -26.77
C LEU XA 25 -27.54 5.31 -26.78
N GLY XA 26 -27.23 6.22 -27.70
CA GLY XA 26 -27.98 7.45 -27.87
C GLY XA 26 -27.36 8.70 -27.30
N ARG XA 27 -26.03 8.79 -27.22
CA ARG XA 27 -25.39 9.92 -26.57
C ARG XA 27 -24.40 10.61 -27.51
N ALA XA 28 -24.82 10.88 -28.74
CA ALA XA 28 -23.95 11.49 -29.73
C ALA XA 28 -23.69 12.95 -29.37
N ASP XA 29 -22.40 13.30 -29.29
CA ASP XA 29 -21.95 14.66 -29.01
C ASP XA 29 -22.28 15.12 -27.60
N SER XA 30 -22.79 14.24 -26.75
CA SER XA 30 -23.02 14.59 -25.36
C SER XA 30 -21.69 14.71 -24.62
N ILE XA 31 -21.76 15.17 -23.38
CA ILE XA 31 -20.57 15.36 -22.55
C ILE XA 31 -20.36 14.10 -21.73
N GLU XA 32 -19.20 13.46 -21.93
CA GLU XA 32 -18.86 12.28 -21.13
C GLU XA 32 -18.35 12.73 -19.77
N CYS XA 33 -18.91 12.15 -18.71
CA CYS XA 33 -18.63 12.57 -17.35
C CYS XA 33 -18.30 11.35 -16.49
N VAL XA 34 -17.41 11.57 -15.52
CA VAL XA 34 -16.99 10.50 -14.63
C VAL XA 34 -17.91 10.45 -13.42
N ALA XA 35 -17.88 11.50 -12.60
CA ALA XA 35 -18.60 11.54 -11.34
C ALA XA 35 -19.62 12.67 -11.32
N TYR XA 36 -20.64 12.50 -10.47
CA TYR XA 36 -21.80 13.38 -10.45
C TYR XA 36 -21.98 14.13 -9.13
N SER XA 37 -22.24 13.42 -8.03
CA SER XA 37 -22.36 14.05 -6.72
C SER XA 37 -23.50 15.06 -6.64
N GLN XA 38 -24.58 14.72 -5.96
CA GLN XA 38 -25.71 15.63 -5.83
C GLN XA 38 -26.55 15.19 -4.64
N LYS XA 39 -27.07 16.17 -3.90
CA LYS XA 39 -27.75 15.84 -2.67
C LYS XA 39 -28.88 16.83 -2.41
N VAL XA 40 -29.75 16.44 -1.47
CA VAL XA 40 -30.94 17.22 -1.13
C VAL XA 40 -31.48 16.68 0.21
N PHE XA 41 -32.12 17.56 0.96
CA PHE XA 41 -32.61 17.19 2.28
C PHE XA 41 -33.14 18.41 3.03
N THR XA 42 -33.95 18.18 4.05
CA THR XA 42 -34.61 19.26 4.77
C THR XA 42 -33.85 19.62 6.04
N ALA XA 43 -34.44 20.52 6.81
CA ALA XA 43 -33.83 20.98 8.06
C ALA XA 43 -34.54 20.35 9.26
N ARG XA 44 -34.51 19.02 9.29
CA ARG XA 44 -35.14 18.25 10.36
C ARG XA 44 -34.14 18.07 11.50
N GLU XA 45 -34.37 18.77 12.61
CA GLU XA 45 -33.60 18.51 13.82
C GLU XA 45 -34.28 17.41 14.63
N ALA XA 46 -34.26 17.53 15.95
CA ALA XA 46 -34.92 16.56 16.81
C ALA XA 46 -36.18 17.20 17.40
N GLY XA 47 -37.28 16.46 17.43
CA GLY XA 47 -38.49 16.97 18.05
C GLY XA 47 -39.71 16.13 17.70
N SER XA 48 -40.82 16.51 18.31
CA SER XA 48 -42.11 15.89 18.06
C SER XA 48 -43.19 16.96 18.24
N GLY XA 49 -43.95 17.25 17.18
CA GLY XA 49 -43.77 16.59 15.91
C GLY XA 49 -42.57 17.06 15.12
N LEU XA 50 -42.57 16.76 13.84
CA LEU XA 50 -41.44 16.95 12.96
C LEU XA 50 -41.21 18.43 12.66
N ALA XA 51 -39.94 18.81 12.63
CA ALA XA 51 -39.55 20.11 12.09
C ALA XA 51 -39.64 20.04 10.58
N THR XA 52 -40.59 20.78 10.00
CA THR XA 52 -40.83 20.75 8.56
C THR XA 52 -39.79 21.63 7.87
N GLY XA 53 -38.85 21.01 7.18
CA GLY XA 53 -37.79 21.74 6.52
C GLY XA 53 -37.62 21.31 5.08
N ARG XA 54 -37.47 22.30 4.20
CA ARG XA 54 -37.20 22.08 2.78
C ARG XA 54 -35.85 22.74 2.51
N ARG XA 55 -34.77 21.97 2.71
CA ARG XA 55 -33.42 22.52 2.64
C ARG XA 55 -32.93 22.55 1.19
N GLN XA 56 -32.43 23.72 0.78
CA GLN XA 56 -32.04 24.00 -0.59
C GLN XA 56 -31.26 22.85 -1.23
N TYR XA 57 -31.69 22.43 -2.43
CA TYR XA 57 -31.02 21.35 -3.12
C TYR XA 57 -29.57 21.72 -3.42
N GLU XA 58 -28.67 20.78 -3.18
CA GLU XA 58 -27.27 21.01 -3.44
C GLU XA 58 -27.02 21.14 -4.95
N GLY XA 59 -25.97 21.88 -5.29
CA GLY XA 59 -25.54 21.92 -6.68
C GLY XA 59 -25.07 20.56 -7.17
N ILE XA 60 -24.96 20.45 -8.49
CA ILE XA 60 -24.49 19.22 -9.14
C ILE XA 60 -23.00 19.39 -9.42
N GLU XA 61 -22.20 18.38 -9.07
CA GLU XA 61 -20.74 18.48 -9.08
C GLU XA 61 -20.16 17.54 -10.13
N ILE XA 62 -20.15 17.96 -11.39
CA ILE XA 62 -19.68 17.14 -12.50
C ILE XA 62 -18.15 17.07 -12.49
N THR XA 63 -17.64 15.89 -12.81
CA THR XA 63 -16.22 15.67 -13.00
C THR XA 63 -15.99 15.13 -14.41
N LYS XA 64 -15.05 15.74 -15.13
CA LYS XA 64 -14.74 15.25 -16.47
C LYS XA 64 -13.35 15.67 -16.90
N ARG XA 65 -12.61 14.75 -17.51
CA ARG XA 65 -11.31 15.13 -18.08
C ARG XA 65 -11.50 15.80 -19.43
N ILE XA 66 -12.14 15.11 -20.38
CA ILE XA 66 -12.31 15.64 -21.72
C ILE XA 66 -13.09 16.96 -21.69
N ASP XA 67 -14.00 17.11 -20.73
CA ASP XA 67 -14.77 18.34 -20.61
C ASP XA 67 -13.88 19.57 -20.43
N LYS XA 68 -12.64 19.38 -19.98
CA LYS XA 68 -11.74 20.52 -19.84
C LYS XA 68 -11.46 21.19 -21.18
N SER XA 69 -11.53 20.44 -22.28
CA SER XA 69 -11.29 21.01 -23.60
C SER XA 69 -12.47 21.80 -24.14
N SER XA 70 -13.56 21.92 -23.39
CA SER XA 70 -14.74 22.65 -23.84
C SER XA 70 -14.70 24.05 -23.25
N PRO XA 71 -14.35 25.07 -24.03
CA PRO XA 71 -14.33 26.44 -23.46
C PRO XA 71 -15.70 26.93 -23.04
N LEU XA 72 -16.77 26.44 -23.67
CA LEU XA 72 -18.11 26.96 -23.43
C LEU XA 72 -18.49 26.91 -21.95
N LEU XA 73 -18.00 25.90 -21.23
CA LEU XA 73 -18.21 25.88 -19.79
C LEU XA 73 -17.45 27.00 -19.11
N MET XA 74 -16.20 27.21 -19.51
CA MET XA 74 -15.39 28.29 -18.95
C MET XA 74 -16.07 29.64 -19.15
N LYS XA 75 -16.53 29.92 -20.38
CA LYS XA 75 -17.23 31.16 -20.66
C LYS XA 75 -18.55 31.23 -19.89
N ALA XA 76 -19.26 30.11 -19.79
CA ALA XA 76 -20.53 30.10 -19.07
C ALA XA 76 -20.35 30.53 -17.63
N LEU XA 77 -19.28 30.07 -16.99
CA LEU XA 77 -18.93 30.50 -15.64
C LEU XA 77 -18.99 32.01 -15.50
N CYS XA 78 -17.99 32.71 -16.07
CA CYS XA 78 -17.88 34.15 -15.92
C CYS XA 78 -18.98 34.93 -16.64
N GLU XA 79 -19.78 34.27 -17.46
CA GLU XA 79 -20.87 34.93 -18.16
C GLU XA 79 -22.20 34.79 -17.46
N ASN XA 80 -22.30 33.93 -16.45
CA ASN XA 80 -23.55 33.67 -15.75
C ASN XA 80 -24.61 33.16 -16.72
N GLN XA 81 -24.16 32.36 -17.69
CA GLN XA 81 -25.00 31.97 -18.82
C GLN XA 81 -26.13 31.06 -18.35
N VAL XA 82 -27.35 31.37 -18.78
CA VAL XA 82 -28.54 30.64 -18.37
C VAL XA 82 -28.86 29.59 -19.42
N ILE XA 83 -28.97 28.34 -19.00
CA ILE XA 83 -29.40 27.24 -19.86
C ILE XA 83 -30.78 26.79 -19.40
N ASP XA 84 -31.58 26.33 -20.35
CA ASP XA 84 -32.95 25.92 -20.04
C ASP XA 84 -33.00 24.54 -19.40
N ALA XA 85 -32.15 23.62 -19.84
CA ALA XA 85 -32.24 22.26 -19.32
C ALA XA 85 -30.88 21.59 -19.38
N THR XA 86 -30.55 20.85 -18.31
CA THR XA 86 -29.38 19.99 -18.25
C THR XA 86 -29.86 18.58 -17.93
N PHE XA 87 -29.50 17.62 -18.77
CA PHE XA 87 -29.97 16.25 -18.64
C PHE XA 87 -28.81 15.36 -18.21
N LYS XA 88 -28.93 14.74 -17.04
CA LYS XA 88 -27.95 13.78 -16.57
C LYS XA 88 -28.48 12.38 -16.86
N PHE XA 89 -27.59 11.47 -17.25
CA PHE XA 89 -28.02 10.11 -17.58
C PHE XA 89 -26.91 9.10 -17.29
N PHE XA 90 -27.22 8.12 -16.46
CA PHE XA 90 -26.32 7.03 -16.14
C PHE XA 90 -26.86 5.71 -16.69
N ARG XA 91 -25.95 4.83 -17.06
CA ARG XA 91 -26.38 3.62 -17.74
C ARG XA 91 -26.26 2.46 -16.77
N PRO XA 92 -26.97 1.36 -16.99
CA PRO XA 92 -26.76 0.17 -16.15
C PRO XA 92 -25.30 -0.28 -16.15
N ASN XA 93 -24.94 -1.20 -15.06
CA ASN XA 93 -23.68 -1.93 -14.80
C ASN XA 93 -23.91 -3.44 -14.84
N PRO XA 94 -22.98 -4.30 -15.30
CA PRO XA 94 -23.33 -5.67 -15.76
C PRO XA 94 -23.64 -6.73 -14.67
N THR XA 95 -24.23 -7.88 -15.11
CA THR XA 95 -24.46 -9.05 -14.23
C THR XA 95 -25.13 -10.31 -14.83
N GLY XA 96 -26.34 -10.63 -14.31
CA GLY XA 96 -27.25 -11.36 -15.16
C GLY XA 96 -27.17 -10.85 -16.55
N ASP XA 97 -27.23 -9.51 -16.74
CA ASP XA 97 -26.50 -8.97 -17.87
C ASP XA 97 -27.05 -7.66 -18.46
N GLY XA 98 -26.54 -7.39 -19.65
CA GLY XA 98 -26.09 -6.04 -20.02
C GLY XA 98 -27.10 -5.21 -20.80
N THR XA 99 -27.23 -3.93 -20.40
CA THR XA 99 -27.96 -2.92 -21.14
C THR XA 99 -27.17 -1.60 -21.24
N THR XA 100 -27.30 -0.92 -22.38
CA THR XA 100 -26.84 0.44 -22.57
C THR XA 100 -27.90 1.48 -22.21
N GLU XA 101 -28.93 1.04 -21.50
CA GLU XA 101 -30.07 1.88 -21.14
C GLU XA 101 -29.76 2.70 -19.89
N GLN XA 102 -30.47 3.81 -19.75
CA GLN XA 102 -30.28 4.75 -18.65
C GLN XA 102 -31.14 4.30 -17.47
N PHE XA 103 -30.52 3.71 -16.46
CA PHE XA 103 -31.22 3.32 -15.25
C PHE XA 103 -31.44 4.50 -14.31
N TYR XA 104 -30.97 5.69 -14.67
CA TYR XA 104 -31.15 6.88 -13.84
C TYR XA 104 -31.05 8.09 -14.76
N THR XA 105 -32.13 8.86 -14.84
CA THR XA 105 -32.25 9.98 -15.77
C THR XA 105 -32.66 11.24 -15.00
N VAL XA 106 -31.67 12.06 -14.64
CA VAL XA 106 -31.90 13.31 -13.91
C VAL XA 106 -32.20 14.41 -14.91
N SER XA 107 -33.06 15.36 -14.50
CA SER XA 107 -33.48 16.45 -15.37
C SER XA 107 -33.50 17.76 -14.60
N ILE XA 108 -32.66 18.70 -15.01
CA ILE XA 108 -32.58 20.01 -14.36
C ILE XA 108 -33.10 21.08 -15.31
N LYS XA 109 -33.79 22.06 -14.76
CA LYS XA 109 -34.39 23.15 -15.52
C LYS XA 109 -33.95 24.48 -14.94
N LYS XA 110 -33.49 25.38 -15.82
CA LYS XA 110 -33.02 26.71 -15.42
C LYS XA 110 -31.60 26.61 -14.84
N ALA XA 111 -30.67 26.09 -15.62
CA ALA XA 111 -29.35 25.74 -15.12
C ALA XA 111 -28.33 26.83 -15.45
N ARG XA 112 -27.31 26.92 -14.60
CA ARG XA 112 -26.18 27.81 -14.82
C ARG XA 112 -24.93 27.14 -14.27
N ILE XA 113 -23.78 27.60 -14.77
CA ILE XA 113 -22.48 27.14 -14.29
C ILE XA 113 -22.06 28.10 -13.18
N ASN XA 114 -22.11 27.62 -11.94
CA ASN XA 114 -21.71 28.43 -10.79
C ASN XA 114 -20.22 28.39 -10.54
N ALA XA 115 -19.50 27.42 -11.10
CA ALA XA 115 -18.06 27.34 -10.88
C ALA XA 115 -17.42 26.44 -11.93
N ILE XA 116 -16.24 26.85 -12.39
CA ILE XA 116 -15.43 26.06 -13.32
C ILE XA 116 -14.05 25.86 -12.70
N GLN XA 117 -13.63 24.60 -12.59
CA GLN XA 117 -12.32 24.25 -12.06
C GLN XA 117 -11.49 23.58 -13.14
N GLN XA 118 -10.18 23.84 -13.11
CA GLN XA 118 -9.25 23.24 -14.06
C GLN XA 118 -7.96 22.84 -13.37
N THR XA 119 -7.32 21.80 -13.91
CA THR XA 119 -6.17 21.20 -13.27
C THR XA 119 -5.54 20.20 -14.22
N VAL XA 120 -4.21 20.14 -14.19
CA VAL XA 120 -3.41 19.28 -15.04
C VAL XA 120 -2.41 18.54 -14.16
N PRO XA 121 -2.40 17.23 -14.11
CA PRO XA 121 -1.64 16.54 -13.08
C PRO XA 121 -0.19 16.21 -13.47
N ASN XA 122 0.71 17.16 -13.24
CA ASN XA 122 2.12 16.93 -12.92
C ASN XA 122 2.74 15.62 -13.44
N SER XA 123 3.70 15.78 -14.35
CA SER XA 123 4.61 14.72 -14.77
C SER XA 123 4.41 14.46 -16.24
N PHE XA 124 4.78 13.26 -16.68
CA PHE XA 124 4.74 12.88 -18.08
C PHE XA 124 4.37 11.41 -18.12
N VAL XA 125 3.73 11.02 -19.22
CA VAL XA 125 3.36 9.62 -19.35
C VAL XA 125 4.59 8.85 -19.78
N PRO XA 126 4.68 7.56 -19.43
CA PRO XA 126 5.55 6.68 -20.20
C PRO XA 126 5.35 6.81 -21.70
N ALA XA 127 4.27 7.45 -22.17
CA ALA XA 127 4.04 7.68 -23.58
C ALA XA 127 4.42 9.07 -24.11
N SER XA 128 5.47 9.72 -23.56
CA SER XA 128 6.29 10.74 -24.24
C SER XA 128 5.52 12.00 -24.51
N THR XA 129 4.26 11.99 -24.12
CA THR XA 129 3.55 13.23 -23.78
C THR XA 129 3.64 13.37 -22.26
N ASN XA 130 2.46 13.61 -21.64
CA ASN XA 130 2.33 14.09 -20.24
C ASN XA 130 0.83 14.27 -19.97
N LEU XA 131 0.49 14.92 -18.82
CA LEU XA 131 -0.92 14.83 -18.32
C LEU XA 131 -2.00 15.18 -19.36
N PRO XA 132 -3.07 14.37 -19.45
CA PRO XA 132 -4.35 14.90 -19.86
C PRO XA 132 -5.03 15.59 -18.70
N PRO XA 133 -5.95 16.55 -18.96
CA PRO XA 133 -6.40 17.43 -17.86
C PRO XA 133 -7.77 17.11 -17.28
N MET XA 134 -8.08 17.58 -16.07
CA MET XA 134 -9.33 17.26 -15.39
C MET XA 134 -10.02 18.53 -14.92
N GLU XA 135 -11.32 18.64 -15.19
CA GLU XA 135 -12.13 19.78 -14.80
C GLU XA 135 -13.30 19.32 -13.93
N THR XA 136 -13.66 20.18 -12.97
CA THR XA 136 -14.79 19.93 -12.08
C THR XA 136 -15.70 21.15 -12.17
N LEU XA 137 -16.98 20.91 -12.50
CA LEU XA 137 -17.92 21.99 -12.76
C LEU XA 137 -19.10 21.88 -11.81
N GLN XA 138 -19.50 23.02 -11.24
CA GLN XA 138 -20.65 23.09 -10.35
C GLN XA 138 -21.82 23.67 -11.13
N LEU XA 139 -22.93 22.94 -11.16
CA LEU XA 139 -24.13 23.33 -11.89
C LEU XA 139 -25.18 23.70 -10.85
N VAL XA 140 -25.55 24.97 -10.82
CA VAL XA 140 -26.70 25.41 -10.03
C VAL XA 140 -27.93 25.40 -10.93
N PHE XA 141 -29.10 25.32 -10.33
CA PHE XA 141 -30.32 25.17 -11.12
C PHE XA 141 -31.53 25.64 -10.34
N HIS XA 142 -32.71 25.40 -10.93
CA HIS XA 142 -34.00 25.78 -10.37
C HIS XA 142 -34.92 24.60 -10.13
N THR XA 143 -35.05 23.67 -11.09
CA THR XA 143 -35.92 22.51 -10.90
C THR XA 143 -35.17 21.24 -11.30
N ILE XA 144 -35.67 20.09 -10.85
CA ILE XA 144 -34.98 18.82 -11.09
C ILE XA 144 -35.98 17.66 -10.97
N ASN XA 145 -35.62 16.51 -11.57
CA ASN XA 145 -36.44 15.31 -11.60
C ASN XA 145 -35.54 14.08 -11.57
N TRP XA 146 -36.00 13.03 -10.87
CA TRP XA 146 -35.12 11.92 -10.50
C TRP XA 146 -35.13 10.78 -11.53
N THR XA 147 -36.20 9.99 -11.54
CA THR XA 147 -36.39 8.96 -12.56
C THR XA 147 -35.37 7.82 -12.48
N ILE XA 148 -35.82 6.61 -12.15
CA ILE XA 148 -34.93 5.46 -12.04
C ILE XA 148 -35.56 4.28 -12.79
N THR XA 149 -34.71 3.33 -13.20
CA THR XA 149 -35.18 2.13 -13.89
C THR XA 149 -34.26 0.96 -13.56
N GLN XA 150 -34.86 -0.18 -13.22
CA GLN XA 150 -34.10 -1.38 -12.88
C GLN XA 150 -35.03 -2.50 -12.46
N GLY XA 151 -35.94 -2.21 -11.52
CA GLY XA 151 -37.05 -3.09 -11.21
C GLY XA 151 -38.33 -2.46 -11.67
N GLY XA 152 -38.23 -1.76 -12.81
CA GLY XA 152 -39.33 -1.01 -13.38
C GLY XA 152 -38.98 0.44 -13.63
N VAL XA 153 -39.68 1.07 -14.58
CA VAL XA 153 -39.69 2.53 -14.62
C VAL XA 153 -40.32 3.01 -13.32
N THR XA 154 -39.58 3.84 -12.59
CA THR XA 154 -39.96 4.24 -11.24
C THR XA 154 -40.37 5.71 -11.26
N HIS XA 155 -41.68 5.96 -11.26
CA HIS XA 155 -42.33 7.27 -11.27
C HIS XA 155 -41.39 8.47 -11.22
N GLU XA 156 -41.24 9.16 -12.34
CA GLU XA 156 -40.41 10.36 -12.40
C GLU XA 156 -40.95 11.42 -11.44
N ASP XA 157 -40.22 11.68 -10.36
CA ASP XA 157 -40.57 12.71 -9.40
C ASP XA 157 -39.45 13.75 -9.35
N THR XA 158 -39.69 14.84 -8.63
CA THR XA 158 -38.68 15.89 -8.54
C THR XA 158 -39.15 17.05 -7.68
N TRP XA 159 -38.61 18.25 -7.93
CA TRP XA 159 -38.93 19.39 -7.09
C TRP XA 159 -38.50 20.67 -7.77
N ASP XA 160 -39.03 21.79 -7.27
CA ASP XA 160 -38.78 23.11 -7.82
C ASP XA 160 -38.55 24.08 -6.67
N THR XA 161 -37.46 24.84 -6.75
CA THR XA 161 -37.12 25.86 -5.77
C THR XA 161 -37.81 27.19 -6.05
N GLN XA 162 -38.58 27.28 -7.13
CA GLN XA 162 -39.38 28.47 -7.40
C GLN XA 162 -40.75 28.40 -6.74
N ARG XA 163 -41.28 27.20 -6.54
CA ARG XA 163 -42.58 27.03 -5.92
C ARG XA 163 -42.46 26.41 -4.53
N SER YA 4 -20.58 -11.83 7.12
CA SER YA 4 -21.76 -12.08 7.88
C SER YA 4 -22.18 -10.87 8.75
N VAL YA 5 -23.47 -10.59 8.77
CA VAL YA 5 -24.08 -9.60 9.63
C VAL YA 5 -24.92 -8.48 8.97
N HIS YA 6 -25.69 -8.78 7.88
CA HIS YA 6 -26.23 -7.80 6.89
C HIS YA 6 -27.45 -6.92 7.25
N LEU YA 7 -27.36 -5.59 6.93
CA LEU YA 7 -28.31 -4.50 7.22
C LEU YA 7 -29.51 -4.29 6.26
N TYR YA 8 -30.72 -4.47 6.79
CA TYR YA 8 -31.96 -4.08 6.14
C TYR YA 8 -32.66 -2.98 6.96
N LEU YA 9 -33.40 -2.11 6.27
CA LEU YA 9 -34.06 -0.98 6.90
C LEU YA 9 -35.46 -0.89 6.32
N LYS YA 10 -36.45 -0.69 7.17
CA LYS YA 10 -37.85 -0.71 6.77
C LYS YA 10 -38.50 0.61 7.13
N ALA YA 11 -39.04 1.30 6.12
CA ALA YA 11 -40.02 2.36 6.28
C ALA YA 11 -41.34 1.92 5.68
N ASN YA 12 -42.10 1.13 6.43
CA ASN YA 12 -43.43 0.79 5.97
C ASN YA 12 -44.49 1.73 6.54
N GLY YA 13 -44.15 2.49 7.58
CA GLY YA 13 -45.13 3.40 8.17
C GLY YA 13 -45.69 4.41 7.19
N SER YA 14 -44.85 4.93 6.31
CA SER YA 14 -45.29 5.81 5.23
C SER YA 14 -45.40 5.08 3.89
N ASP YA 15 -45.08 3.79 3.86
CA ASP YA 15 -45.11 3.03 2.62
C ASP YA 15 -43.94 3.44 1.72
N ILE YA 16 -42.78 2.82 1.92
CA ILE YA 16 -41.58 3.22 1.19
C ILE YA 16 -40.82 1.97 0.74
N LYS YA 17 -41.26 1.35 -0.35
CA LYS YA 17 -40.68 0.10 -0.79
C LYS YA 17 -39.25 0.28 -1.26
N GLY YA 18 -38.32 -0.42 -0.62
CA GLY YA 18 -36.97 -0.54 -1.10
C GLY YA 18 -36.87 -1.58 -2.19
N ASP YA 19 -35.69 -2.20 -2.31
CA ASP YA 19 -35.44 -3.16 -3.39
C ASP YA 19 -34.95 -4.53 -2.93
N SER YA 20 -34.93 -4.81 -1.63
CA SER YA 20 -34.40 -6.06 -1.12
C SER YA 20 -35.14 -7.26 -1.74
N THR YA 21 -34.49 -8.41 -1.67
CA THR YA 21 -35.03 -9.64 -2.24
C THR YA 21 -35.13 -10.80 -1.27
N GLN YA 22 -34.28 -10.86 -0.23
CA GLN YA 22 -34.35 -11.86 0.82
C GLN YA 22 -35.79 -12.10 1.28
N THR YA 23 -36.40 -13.16 0.77
CA THR YA 23 -37.73 -13.54 1.23
C THR YA 23 -37.66 -14.61 2.32
N SER YA 24 -36.78 -15.59 2.18
CA SER YA 24 -36.61 -16.59 3.23
C SER YA 24 -36.17 -15.94 4.53
N LEU YA 25 -35.26 -14.97 4.45
CA LEU YA 25 -34.85 -14.23 5.64
C LEU YA 25 -35.92 -13.28 6.13
N GLY YA 26 -36.81 -12.84 5.24
CA GLY YA 26 -37.94 -12.01 5.63
C GLY YA 26 -37.82 -10.54 5.32
N ARG YA 27 -37.08 -10.15 4.28
CA ARG YA 27 -36.84 -8.73 4.02
C ARG YA 27 -37.25 -8.34 2.61
N ALA YA 28 -38.45 -8.76 2.20
CA ALA YA 28 -38.94 -8.50 0.86
C ALA YA 28 -39.26 -7.01 0.70
N ASP YA 29 -38.67 -6.40 -0.33
CA ASP YA 29 -38.89 -5.01 -0.67
C ASP YA 29 -38.34 -4.03 0.36
N SER YA 30 -37.62 -4.52 1.36
CA SER YA 30 -36.97 -3.65 2.32
C SER YA 30 -35.79 -2.93 1.66
N ILE YA 31 -35.22 -1.98 2.39
CA ILE YA 31 -34.10 -1.18 1.89
C ILE YA 31 -32.80 -1.86 2.33
N GLU YA 32 -31.99 -2.27 1.36
CA GLU YA 32 -30.69 -2.86 1.66
C GLU YA 32 -29.70 -1.75 1.99
N CYS YA 33 -29.01 -1.90 3.13
CA CYS YA 33 -28.14 -0.85 3.66
C CYS YA 33 -26.79 -1.45 4.01
N VAL YA 34 -25.75 -0.64 3.83
CA VAL YA 34 -24.38 -1.08 4.12
C VAL YA 34 -24.05 -0.77 5.57
N ALA YA 35 -23.99 0.52 5.91
CA ALA YA 35 -23.55 0.96 7.23
C ALA YA 35 -24.65 1.74 7.94
N TYR YA 36 -24.56 1.76 9.27
CA TYR YA 36 -25.62 2.29 10.13
C TYR YA 36 -25.18 3.49 10.95
N SER YA 37 -24.23 3.32 11.88
CA SER YA 37 -23.72 4.44 12.67
C SER YA 37 -24.78 5.11 13.52
N GLN YA 38 -24.75 4.89 14.84
CA GLN YA 38 -25.73 5.50 15.73
C GLN YA 38 -25.17 5.48 17.14
N LYS YA 39 -25.43 6.55 17.88
CA LYS YA 39 -24.81 6.68 19.19
C LYS YA 39 -25.75 7.41 20.14
N VAL YA 40 -25.40 7.33 21.43
CA VAL YA 40 -26.20 7.90 22.51
C VAL YA 40 -25.33 7.92 23.77
N PHE YA 41 -25.60 8.88 24.64
CA PHE YA 41 -24.80 9.06 25.85
C PHE YA 41 -25.18 10.35 26.56
N THR YA 42 -24.83 10.44 27.84
CA THR YA 42 -25.23 11.55 28.68
C THR YA 42 -24.12 12.59 28.76
N ALA YA 43 -24.35 13.61 29.59
CA ALA YA 43 -23.40 14.70 29.79
C ALA YA 43 -22.67 14.54 31.13
N ARG YA 44 -21.98 13.41 31.26
CA ARG YA 44 -21.24 13.09 32.47
C ARG YA 44 -19.82 13.66 32.34
N GLU YA 45 -19.54 14.72 33.09
CA GLU YA 45 -18.18 15.20 33.20
C GLU YA 45 -17.46 14.47 34.34
N ALA YA 46 -16.62 15.18 35.07
CA ALA YA 46 -15.93 14.58 36.22
C ALA YA 46 -16.53 15.14 37.50
N GLY YA 47 -16.75 14.27 38.49
CA GLY YA 47 -17.25 14.74 39.77
C GLY YA 47 -17.75 13.59 40.63
N SER YA 48 -18.14 13.96 41.86
CA SER YA 48 -18.72 13.04 42.82
C SER YA 48 -19.71 13.83 43.69
N GLY YA 49 -20.98 13.44 43.65
CA GLY YA 49 -21.42 12.34 42.83
C GLY YA 49 -21.53 12.64 41.35
N LEU YA 50 -22.26 11.80 40.64
CA LEU YA 50 -22.32 11.81 39.19
C LEU YA 50 -23.12 13.00 38.68
N ALA YA 51 -22.62 13.59 37.60
CA ALA YA 51 -23.40 14.55 36.83
C ALA YA 51 -24.44 13.79 36.03
N THR YA 52 -25.72 13.98 36.38
CA THR YA 52 -26.80 13.25 35.74
C THR YA 52 -27.13 13.92 34.41
N GLY YA 53 -26.78 13.27 33.33
CA GLY YA 53 -27.00 13.82 32.00
C GLY YA 53 -27.67 12.84 31.07
N ARG YA 54 -28.66 13.33 30.34
CA ARG YA 54 -29.37 12.57 29.31
C ARG YA 54 -29.13 13.29 27.99
N ARG YA 55 -28.03 12.94 27.32
CA ARG YA 55 -27.60 13.67 26.14
C ARG YA 55 -28.32 13.16 24.90
N GLN YA 56 -28.90 14.08 24.14
CA GLN YA 56 -29.75 13.78 22.99
C GLN YA 56 -29.18 12.67 22.11
N TYR YA 57 -30.03 11.68 21.81
CA TYR YA 57 -29.60 10.56 20.97
C TYR YA 57 -29.19 11.06 19.60
N GLU YA 58 -28.07 10.53 19.11
CA GLU YA 58 -27.58 10.92 17.79
C GLU YA 58 -28.53 10.40 16.72
N GLY YA 59 -28.55 11.10 15.58
CA GLY YA 59 -29.27 10.62 14.43
C GLY YA 59 -28.69 9.31 13.91
N ILE YA 60 -29.46 8.65 13.06
CA ILE YA 60 -29.05 7.39 12.44
C ILE YA 60 -28.49 7.71 11.06
N GLU YA 61 -27.33 7.16 10.73
CA GLU YA 61 -26.59 7.55 9.53
C GLU YA 61 -26.50 6.39 8.54
N ILE YA 62 -27.56 6.19 7.76
CA ILE YA 62 -27.65 5.08 6.83
C ILE YA 62 -26.77 5.34 5.61
N THR YA 63 -26.14 4.28 5.13
CA THR YA 63 -25.38 4.30 3.89
C THR YA 63 -25.94 3.25 2.96
N LYS YA 64 -26.20 3.65 1.72
CA LYS YA 64 -26.69 2.68 0.74
C LYS YA 64 -26.42 3.15 -0.68
N ARG YA 65 -25.98 2.23 -1.54
CA ARG YA 65 -25.84 2.57 -2.95
C ARG YA 65 -27.19 2.51 -3.66
N ILE YA 66 -27.84 1.35 -3.61
CA ILE YA 66 -29.11 1.17 -4.31
C ILE YA 66 -30.16 2.15 -3.82
N ASP YA 67 -30.08 2.53 -2.54
CA ASP YA 67 -31.02 3.49 -1.97
C ASP YA 67 -31.02 4.82 -2.72
N LYS YA 68 -29.94 5.13 -3.43
CA LYS YA 68 -29.89 6.37 -4.21
C LYS YA 68 -30.97 6.41 -5.28
N SER YA 69 -31.39 5.24 -5.78
CA SER YA 69 -32.43 5.18 -6.80
C SER YA 69 -33.83 5.39 -6.25
N SER YA 70 -33.98 5.59 -4.94
CA SER YA 70 -35.29 5.78 -4.34
C SER YA 70 -35.55 7.27 -4.17
N PRO YA 71 -36.40 7.88 -5.02
CA PRO YA 71 -36.66 9.31 -4.84
C PRO YA 71 -37.36 9.65 -3.55
N LEU YA 72 -38.15 8.72 -3.00
CA LEU YA 72 -38.97 8.99 -1.83
C LEU YA 72 -38.15 9.53 -0.66
N LEU YA 73 -36.90 9.08 -0.54
CA LEU YA 73 -36.03 9.67 0.49
C LEU YA 73 -35.70 11.11 0.15
N MET YA 74 -35.39 11.38 -1.13
CA MET YA 74 -35.08 12.74 -1.56
C MET YA 74 -36.26 13.67 -1.27
N LYS YA 75 -37.46 13.26 -1.65
CA LYS YA 75 -38.65 14.07 -1.38
C LYS YA 75 -38.89 14.20 0.12
N ALA YA 76 -38.67 13.13 0.87
CA ALA YA 76 -38.88 13.16 2.32
C ALA YA 76 -38.02 14.24 2.96
N LEU YA 77 -36.76 14.35 2.52
CA LEU YA 77 -35.87 15.40 2.99
C LEU YA 77 -36.54 16.77 2.95
N CYS YA 78 -36.72 17.32 1.74
CA CYS YA 78 -37.25 18.67 1.58
C CYS YA 78 -38.72 18.78 1.97
N GLU YA 79 -39.40 17.67 2.21
CA GLU YA 79 -40.80 17.70 2.60
C GLU YA 79 -40.99 17.62 4.11
N ASN YA 80 -39.93 17.30 4.86
CA ASN YA 80 -40.03 17.13 6.31
C ASN YA 80 -41.03 16.03 6.65
N GLN YA 81 -41.05 14.99 5.81
CA GLN YA 81 -42.08 13.97 5.88
C GLN YA 81 -41.94 13.15 7.16
N VAL YA 82 -43.07 12.97 7.86
CA VAL YA 82 -43.09 12.27 9.13
C VAL YA 82 -43.47 10.82 8.89
N ILE YA 83 -42.63 9.90 9.36
CA ILE YA 83 -42.92 8.47 9.33
C ILE YA 83 -43.15 7.99 10.75
N ASP YA 84 -44.02 7.00 10.89
CA ASP YA 84 -44.36 6.50 12.22
C ASP YA 84 -43.29 5.57 12.78
N ALA YA 85 -42.65 4.76 11.94
CA ALA YA 85 -41.71 3.79 12.45
C ALA YA 85 -40.65 3.47 11.40
N THR YA 86 -39.40 3.38 11.83
CA THR YA 86 -38.29 2.91 11.01
C THR YA 86 -37.65 1.73 11.73
N PHE YA 87 -37.56 0.59 11.05
CA PHE YA 87 -37.06 -0.64 11.66
C PHE YA 87 -35.70 -0.97 11.06
N LYS YA 88 -34.67 -1.00 11.91
CA LYS YA 88 -33.35 -1.42 11.49
C LYS YA 88 -33.15 -2.88 11.90
N PHE YA 89 -32.47 -3.65 11.05
CA PHE YA 89 -32.28 -5.07 11.35
C PHE YA 89 -30.98 -5.58 10.73
N PHE YA 90 -30.11 -6.13 11.57
CA PHE YA 90 -28.86 -6.74 11.14
C PHE YA 90 -28.90 -8.23 11.40
N ARG YA 91 -28.23 -8.99 10.54
CA ARG YA 91 -28.33 -10.43 10.62
C ARG YA 91 -27.03 -10.97 11.21
N PRO YA 92 -27.03 -12.17 11.78
CA PRO YA 92 -25.77 -12.77 12.22
C PRO YA 92 -24.75 -12.86 11.08
N ASN YA 93 -23.36 -13.07 11.51
CA ASN YA 93 -22.14 -13.33 10.72
C ASN YA 93 -21.57 -14.72 11.02
N PRO YA 94 -20.96 -15.48 10.10
CA PRO YA 94 -20.80 -16.95 10.27
C PRO YA 94 -19.71 -17.44 11.26
N THR YA 95 -19.76 -18.76 11.59
CA THR YA 95 -18.68 -19.40 12.38
C THR YA 95 -18.86 -20.89 12.75
N GLY YA 96 -18.96 -21.14 14.07
CA GLY YA 96 -19.68 -22.32 14.49
C GLY YA 96 -20.84 -22.59 13.59
N ASP YA 97 -21.68 -21.60 13.32
CA ASP YA 97 -22.64 -21.91 12.27
C ASP YA 97 -23.67 -20.78 12.04
N GLY YA 98 -24.40 -20.95 10.93
CA GLY YA 98 -25.04 -19.85 10.20
C GLY YA 98 -26.53 -19.62 10.42
N THR YA 99 -26.91 -18.34 10.56
CA THR YA 99 -28.32 -17.93 10.59
C THR YA 99 -28.60 -16.68 9.77
N THR YA 100 -29.78 -16.65 9.14
CA THR YA 100 -30.33 -15.45 8.50
C THR YA 100 -31.16 -14.61 9.48
N GLU YA 101 -31.04 -14.90 10.77
CA GLU YA 101 -31.81 -14.25 11.81
C GLU YA 101 -31.20 -12.90 12.20
N GLN YA 102 -32.04 -12.03 12.74
CA GLN YA 102 -31.64 -10.68 13.12
C GLN YA 102 -31.11 -10.71 14.55
N PHE YA 103 -29.79 -10.65 14.70
CA PHE YA 103 -29.16 -10.57 16.01
C PHE YA 103 -29.21 -9.19 16.61
N TYR YA 104 -29.78 -8.21 15.89
CA TYR YA 104 -29.91 -6.85 16.39
C TYR YA 104 -31.07 -6.19 15.66
N THR YA 105 -32.10 -5.78 16.40
CA THR YA 105 -33.33 -5.26 15.83
C THR YA 105 -33.64 -3.90 16.47
N VAL YA 106 -33.25 -2.82 15.80
CA VAL YA 106 -33.50 -1.47 16.27
C VAL YA 106 -34.87 -1.02 15.82
N SER YA 107 -35.52 -0.20 16.64
CA SER YA 107 -36.88 0.26 16.37
C SER YA 107 -37.00 1.75 16.69
N ILE YA 108 -37.28 2.56 15.68
CA ILE YA 108 -37.43 4.01 15.86
C ILE YA 108 -38.88 4.38 15.60
N LYS YA 109 -39.37 5.36 16.37
CA LYS YA 109 -40.74 5.83 16.31
C LYS YA 109 -40.75 7.34 16.15
N LYS YA 110 -41.53 7.82 15.17
CA LYS YA 110 -41.64 9.25 14.88
C LYS YA 110 -40.43 9.72 14.08
N ALA YA 111 -40.19 9.12 12.94
CA ALA YA 111 -38.95 9.32 12.19
C ALA YA 111 -39.14 10.33 11.06
N ARG YA 112 -38.04 11.01 10.74
CA ARG YA 112 -37.99 11.91 9.60
C ARG YA 112 -36.61 11.85 8.97
N ILE YA 113 -36.54 12.26 7.70
CA ILE YA 113 -35.27 12.36 6.99
C ILE YA 113 -34.75 13.77 7.19
N ASN YA 114 -33.71 13.91 8.00
CA ASN YA 114 -33.11 15.20 8.26
C ASN YA 114 -32.09 15.60 7.20
N ALA YA 115 -31.60 14.65 6.40
CA ALA YA 115 -30.62 14.98 5.39
C ALA YA 115 -30.56 13.87 4.35
N ILE YA 116 -30.40 14.27 3.08
CA ILE YA 116 -30.21 13.33 1.98
C ILE YA 116 -28.93 13.74 1.24
N GLN YA 117 -28.01 12.78 1.10
CA GLN YA 117 -26.76 12.99 0.39
C GLN YA 117 -26.70 12.09 -0.84
N GLN YA 118 -26.08 12.61 -1.91
CA GLN YA 118 -25.93 11.86 -3.15
C GLN YA 118 -24.55 12.09 -3.75
N THR YA 119 -24.06 11.08 -4.46
CA THR YA 119 -22.69 11.09 -4.95
C THR YA 119 -22.50 9.93 -5.91
N VAL YA 120 -21.72 10.18 -6.96
CA VAL YA 120 -21.45 9.20 -8.01
C VAL YA 120 -19.94 9.18 -8.23
N PRO YA 121 -19.26 8.05 -8.07
CA PRO YA 121 -17.81 8.07 -7.99
C PRO YA 121 -17.10 7.92 -9.35
N ASN YA 122 -16.85 9.07 -9.98
CA ASN YA 122 -15.84 9.31 -11.02
C ASN YA 122 -15.18 8.06 -11.66
N SER YA 123 -15.34 7.98 -12.99
CA SER YA 123 -14.60 7.06 -13.84
C SER YA 123 -15.60 6.13 -14.52
N PHE YA 124 -15.11 4.97 -14.93
CA PHE YA 124 -15.88 4.00 -15.67
C PHE YA 124 -15.41 2.63 -15.25
N VAL YA 125 -16.31 1.66 -15.33
CA VAL YA 125 -15.93 0.31 -14.94
C VAL YA 125 -15.17 -0.30 -16.12
N PRO YA 126 -14.25 -1.22 -15.85
CA PRO YA 126 -13.87 -2.17 -16.90
C PRO YA 126 -15.06 -2.78 -17.62
N ALA YA 127 -16.28 -2.67 -17.09
CA ALA YA 127 -17.48 -3.14 -17.75
C ALA YA 127 -18.29 -2.09 -18.50
N SER YA 128 -17.66 -1.06 -19.10
CA SER YA 128 -18.16 -0.31 -20.25
C SER YA 128 -19.39 0.50 -19.93
N THR YA 129 -19.82 0.41 -18.69
CA THR YA 129 -20.58 1.49 -18.07
C THR YA 129 -19.57 2.32 -17.26
N ASN YA 130 -19.91 2.56 -15.98
CA ASN YA 130 -19.28 3.57 -15.11
C ASN YA 130 -20.00 3.53 -13.75
N LEU YA 131 -19.74 4.54 -12.88
CA LEU YA 131 -20.12 4.40 -11.45
C LEU YA 131 -21.60 4.00 -11.22
N PRO YA 132 -21.84 3.04 -10.32
CA PRO YA 132 -23.10 3.04 -9.58
C PRO YA 132 -23.02 4.03 -8.44
N PRO YA 133 -24.17 4.55 -7.95
CA PRO YA 133 -24.11 5.70 -7.04
C PRO YA 133 -24.31 5.40 -5.56
N MET YA 134 -23.88 6.29 -4.66
CA MET YA 134 -23.97 6.06 -3.22
C MET YA 134 -24.64 7.22 -2.52
N GLU YA 135 -25.59 6.91 -1.64
CA GLU YA 135 -26.32 7.92 -0.88
C GLU YA 135 -26.16 7.67 0.61
N THR YA 136 -26.13 8.76 1.38
CA THR YA 136 -26.03 8.71 2.83
C THR YA 136 -27.19 9.53 3.39
N LEU YA 137 -28.00 8.92 4.24
CA LEU YA 137 -29.22 9.54 4.73
C LEU YA 137 -29.17 9.62 6.25
N GLN YA 138 -29.56 10.77 6.79
CA GLN YA 138 -29.63 11.00 8.22
C GLN YA 138 -31.08 10.91 8.66
N LEU YA 139 -31.36 10.02 9.61
CA LEU YA 139 -32.71 9.78 10.12
C LEU YA 139 -32.77 10.35 11.53
N VAL YA 140 -33.58 11.39 11.70
CA VAL YA 140 -33.88 11.88 13.05
C VAL YA 140 -35.16 11.21 13.51
N PHE YA 141 -35.37 11.16 14.83
CA PHE YA 141 -36.50 10.41 15.36
C PHE YA 141 -36.88 10.93 16.74
N HIS YA 142 -37.79 10.20 17.37
CA HIS YA 142 -38.31 10.51 18.70
C HIS YA 142 -38.08 9.41 19.71
N THR YA 143 -38.35 8.14 19.36
CA THR YA 143 -38.15 7.03 20.28
C THR YA 143 -37.38 5.91 19.59
N ILE YA 144 -36.80 5.00 20.37
CA ILE YA 144 -35.97 3.94 19.82
C ILE YA 144 -35.87 2.78 20.80
N ASN YA 145 -35.52 1.60 20.29
CA ASN YA 145 -35.40 0.37 21.07
C ASN YA 145 -34.29 -0.51 20.48
N TRP YA 146 -33.56 -1.19 21.37
CA TRP YA 146 -32.28 -1.80 20.99
C TRP YA 146 -32.43 -3.25 20.54
N THR YA 147 -32.65 -4.17 21.47
CA THR YA 147 -32.94 -5.57 21.14
C THR YA 147 -31.76 -6.31 20.49
N ILE YA 148 -31.21 -7.30 21.16
CA ILE YA 148 -30.08 -8.07 20.64
C ILE YA 148 -30.36 -9.55 20.84
N THR YA 149 -29.72 -10.38 20.01
CA THR YA 149 -29.84 -11.83 20.11
C THR YA 149 -28.55 -12.50 19.69
N GLN YA 150 -28.10 -13.47 20.49
CA GLN YA 150 -26.87 -14.19 20.21
C GLN YA 150 -26.55 -15.17 21.33
N GLY YA 151 -26.56 -14.69 22.57
CA GLY YA 151 -26.52 -15.55 23.73
C GLY YA 151 -27.86 -15.48 24.44
N GLY YA 152 -28.91 -15.37 23.62
CA GLY YA 152 -30.27 -15.21 24.10
C GLY YA 152 -30.95 -13.99 23.51
N VAL YA 153 -32.27 -14.02 23.46
CA VAL YA 153 -33.03 -12.77 23.29
C VAL YA 153 -32.73 -11.90 24.50
N THR YA 154 -32.23 -10.69 24.25
CA THR YA 154 -31.72 -9.81 25.30
C THR YA 154 -32.66 -8.63 25.45
N HIS YA 155 -33.51 -8.70 26.49
CA HIS YA 155 -34.52 -7.71 26.86
C HIS YA 155 -34.55 -6.44 26.01
N GLU YA 156 -35.56 -6.32 25.16
CA GLU YA 156 -35.72 -5.12 24.34
C GLU YA 156 -35.89 -3.89 25.20
N ASP YA 157 -34.89 -3.03 25.22
CA ASP YA 157 -34.94 -1.77 25.96
C ASP YA 157 -34.78 -0.62 24.97
N THR YA 158 -34.95 0.60 25.47
CA THR YA 158 -34.85 1.77 24.59
C THR YA 158 -35.08 3.07 25.34
N TRP YA 159 -35.54 4.10 24.64
CA TRP YA 159 -35.69 5.41 25.27
C TRP YA 159 -36.55 6.31 24.39
N ASP YA 160 -37.05 7.38 24.99
CA ASP YA 160 -37.93 8.35 24.33
C ASP YA 160 -37.49 9.75 24.70
N THR YA 161 -37.31 10.60 23.69
CA THR YA 161 -36.96 12.00 23.89
C THR YA 161 -38.18 12.88 24.13
N GLN YA 162 -39.38 12.31 24.12
CA GLN YA 162 -40.57 13.05 24.49
C GLN YA 162 -40.86 12.99 25.98
N ARG YA 163 -40.43 11.93 26.64
CA ARG YA 163 -40.64 11.79 28.08
C ARG YA 163 -39.34 11.90 28.86
N SER ZA 4 -0.78 -11.39 22.01
CA SER ZA 4 -0.80 -11.51 23.44
C SER ZA 4 -1.02 -10.16 24.16
N VAL ZA 5 -1.85 -10.18 25.18
CA VAL ZA 5 -2.09 -9.05 26.06
C VAL ZA 5 -3.55 -8.57 26.24
N HIS ZA 6 -4.56 -9.48 26.27
CA HIS ZA 6 -6.00 -9.19 26.02
C HIS ZA 6 -6.86 -8.52 27.13
N LEU ZA 7 -7.68 -7.50 26.72
CA LEU ZA 7 -8.53 -6.61 27.55
C LEU ZA 7 -9.95 -7.12 27.93
N TYR ZA 8 -10.17 -7.29 29.24
CA TYR ZA 8 -11.48 -7.51 29.81
C TYR ZA 8 -11.85 -6.34 30.73
N LEU ZA 9 -13.14 -6.04 30.83
CA LEU ZA 9 -13.63 -4.91 31.62
C LEU ZA 9 -14.85 -5.40 32.40
N LYS ZA 10 -14.90 -5.05 33.68
CA LYS ZA 10 -15.94 -5.54 34.58
C LYS ZA 10 -16.71 -4.37 35.17
N ALA ZA 11 -18.01 -4.35 34.94
CA ALA ZA 11 -18.97 -3.57 35.71
C ALA ZA 11 -19.89 -4.50 36.49
N ASN ZA 12 -19.42 -4.99 37.62
CA ASN ZA 12 -20.29 -5.78 38.47
C ASN ZA 12 -20.95 -4.93 39.54
N GLY ZA 13 -20.43 -3.72 39.80
CA GLY ZA 13 -21.01 -2.89 40.83
C GLY ZA 13 -22.48 -2.56 40.61
N SER ZA 14 -22.87 -2.33 39.36
CA SER ZA 14 -24.26 -2.15 38.99
C SER ZA 14 -24.87 -3.41 38.38
N ASP ZA 15 -24.09 -4.48 38.25
CA ASP ZA 15 -24.57 -5.70 37.62
C ASP ZA 15 -24.74 -5.50 36.12
N ILE ZA 16 -23.66 -5.70 35.36
CA ILE ZA 16 -23.70 -5.45 33.93
C ILE ZA 16 -22.97 -6.56 33.19
N LYS ZA 17 -23.64 -7.68 32.97
CA LYS ZA 17 -23.02 -8.86 32.39
C LYS ZA 17 -22.64 -8.60 30.94
N GLY ZA 18 -21.36 -8.73 30.64
CA GLY ZA 18 -20.87 -8.77 29.27
C GLY ZA 18 -21.06 -10.14 28.66
N ASP ZA 19 -20.18 -10.49 27.72
CA ASP ZA 19 -20.30 -11.73 27.00
C ASP ZA 19 -19.06 -12.62 27.01
N SER ZA 20 -18.03 -12.27 27.78
CA SER ZA 20 -16.79 -13.02 27.78
C SER ZA 20 -17.03 -14.49 28.14
N THR ZA 21 -16.06 -15.33 27.79
CA THR ZA 21 -16.16 -16.76 28.02
C THR ZA 21 -14.98 -17.34 28.79
N GLN ZA 22 -13.78 -16.75 28.71
CA GLN ZA 22 -12.62 -17.14 29.49
C GLN ZA 22 -12.98 -17.46 30.94
N THR ZA 23 -13.16 -18.74 31.25
CA THR ZA 23 -13.40 -19.15 32.63
C THR ZA 23 -12.11 -19.57 33.32
N SER ZA 24 -11.23 -20.29 32.62
CA SER ZA 24 -9.94 -20.66 33.21
C SER ZA 24 -9.12 -19.41 33.54
N LEU ZA 25 -9.15 -18.41 32.66
CA LEU ZA 25 -8.47 -17.16 32.93
C LEU ZA 25 -9.21 -16.33 33.98
N GLY ZA 26 -10.50 -16.53 34.14
CA GLY ZA 26 -11.28 -15.88 35.18
C GLY ZA 26 -12.13 -14.71 34.75
N ARG ZA 27 -12.61 -14.69 33.51
CA ARG ZA 27 -13.35 -13.53 33.01
C ARG ZA 27 -14.73 -13.92 32.49
N ALA ZA 28 -15.45 -14.72 33.27
CA ALA ZA 28 -16.76 -15.19 32.85
C ALA ZA 28 -17.77 -14.04 32.86
N ASP ZA 29 -18.43 -13.85 31.72
CA ASP ZA 29 -19.47 -12.84 31.55
C ASP ZA 29 -18.94 -11.42 31.60
N SER ZA 30 -17.62 -11.24 31.65
CA SER ZA 30 -17.05 -9.91 31.60
C SER ZA 30 -17.20 -9.35 30.19
N ILE ZA 31 -16.84 -8.06 30.04
CA ILE ZA 31 -16.94 -7.36 28.78
C ILE ZA 31 -15.60 -7.49 28.05
N GLU ZA 32 -15.62 -8.11 26.88
CA GLU ZA 32 -14.41 -8.20 26.06
C GLU ZA 32 -14.17 -6.88 25.33
N CYS ZA 33 -12.96 -6.36 25.45
CA CYS ZA 33 -12.63 -5.03 24.95
C CYS ZA 33 -11.35 -5.10 24.12
N VAL ZA 34 -11.29 -4.26 23.10
CA VAL ZA 34 -10.13 -4.22 22.21
C VAL ZA 34 -9.11 -3.23 22.76
N ALA ZA 35 -9.48 -1.95 22.76
CA ALA ZA 35 -8.56 -0.87 23.12
C ALA ZA 35 -9.06 -0.11 24.34
N TYR ZA 36 -8.12 0.53 25.04
CA TYR ZA 36 -8.37 1.15 26.33
C TYR ZA 36 -8.16 2.66 26.33
N SER ZA 37 -6.93 3.13 26.13
CA SER ZA 37 -6.65 4.56 26.05
C SER ZA 37 -6.99 5.30 27.34
N GLN ZA 38 -5.97 5.71 28.10
CA GLN ZA 38 -6.21 6.43 29.34
C GLN ZA 38 -4.94 7.18 29.71
N LYS ZA 39 -5.09 8.39 30.24
CA LYS ZA 39 -3.93 9.22 30.49
C LYS ZA 39 -4.15 10.07 31.72
N VAL ZA 40 -3.05 10.67 32.20
CA VAL ZA 40 -3.03 11.47 33.40
C VAL ZA 40 -1.71 12.24 33.44
N PHE ZA 41 -1.74 13.42 34.06
CA PHE ZA 41 -0.58 14.27 34.10
C PHE ZA 41 -0.92 15.65 34.68
N THR ZA 42 0.09 16.38 35.12
CA THR ZA 42 -0.09 17.64 35.82
C THR ZA 42 0.06 18.81 34.86
N ALA ZA 43 0.01 20.02 35.42
CA ALA ZA 43 0.14 21.24 34.66
C ALA ZA 43 1.51 21.87 34.86
N ARG ZA 44 2.53 21.09 34.50
CA ARG ZA 44 3.92 21.51 34.63
C ARG ZA 44 4.34 22.25 33.37
N GLU ZA 45 4.49 23.57 33.46
CA GLU ZA 45 5.09 24.33 32.36
C GLU ZA 45 6.59 24.34 32.53
N ALA ZA 46 7.23 25.47 32.20
CA ALA ZA 46 8.67 25.61 32.38
C ALA ZA 46 8.94 26.55 33.54
N GLY ZA 47 9.89 26.20 34.39
CA GLY ZA 47 10.27 27.08 35.48
C GLY ZA 47 11.13 26.37 36.51
N SER ZA 48 11.57 27.16 37.50
CA SER ZA 48 12.35 26.68 38.62
C SER ZA 48 12.01 27.54 39.85
N GLY ZA 49 11.46 26.91 40.90
CA GLY ZA 49 11.20 25.49 40.89
C GLY ZA 49 10.00 25.07 40.08
N LEU ZA 50 9.53 23.86 40.34
CA LEU ZA 50 8.50 23.20 39.55
C LEU ZA 50 7.14 23.83 39.78
N ALA ZA 51 6.40 23.96 38.69
CA ALA ZA 51 4.98 24.30 38.76
C ALA ZA 51 4.23 23.05 39.22
N THR ZA 52 3.67 23.11 40.43
CA THR ZA 52 2.99 21.96 41.02
C THR ZA 52 1.58 21.87 40.43
N GLY ZA 53 1.36 20.89 39.58
CA GLY ZA 53 0.07 20.74 38.93
C GLY ZA 53 -0.45 19.31 39.04
N ARG ZA 54 -1.74 19.20 39.36
CA ARG ZA 54 -2.45 17.93 39.43
C ARG ZA 54 -3.56 18.01 38.38
N ARG ZA 55 -3.23 17.64 37.15
CA ARG ZA 55 -4.16 17.82 36.04
C ARG ZA 55 -5.14 16.67 35.96
N GLN ZA 56 -6.44 17.01 35.87
CA GLN ZA 56 -7.53 16.04 35.92
C GLN ZA 56 -7.27 14.80 35.09
N TYR ZA 57 -7.47 13.63 35.69
CA TYR ZA 57 -7.26 12.37 34.98
C TYR ZA 57 -8.20 12.28 33.79
N GLU ZA 58 -7.66 11.83 32.67
CA GLU ZA 58 -8.47 11.68 31.46
C GLU ZA 58 -9.46 10.54 31.65
N GLY ZA 59 -10.58 10.63 30.94
CA GLY ZA 59 -11.52 9.54 30.91
C GLY ZA 59 -10.93 8.30 30.27
N ILE ZA 60 -11.61 7.17 30.47
CA ILE ZA 60 -11.18 5.89 29.91
C ILE ZA 60 -11.97 5.67 28.62
N GLU ZA 61 -11.28 5.27 27.55
CA GLU ZA 61 -11.88 5.23 26.22
C GLU ZA 61 -11.93 3.80 25.70
N ILE ZA 62 -12.95 3.06 26.13
CA ILE ZA 62 -13.09 1.64 25.77
C ILE ZA 62 -13.56 1.52 24.33
N THR ZA 63 -13.02 0.52 23.64
CA THR ZA 63 -13.45 0.13 22.30
C THR ZA 63 -13.88 -1.32 22.33
N LYS ZA 64 -15.06 -1.60 21.78
CA LYS ZA 64 -15.53 -2.97 21.71
C LYS ZA 64 -16.56 -3.15 20.62
N ARG ZA 65 -16.47 -4.24 19.86
CA ARG ZA 65 -17.50 -4.54 18.89
C ARG ZA 65 -18.69 -5.21 19.58
N ILE ZA 66 -18.46 -6.33 20.25
CA ILE ZA 66 -19.54 -7.08 20.88
C ILE ZA 66 -20.26 -6.21 21.91
N ASP ZA 67 -19.54 -5.29 22.55
CA ASP ZA 67 -20.14 -4.40 23.54
C ASP ZA 67 -21.29 -3.59 22.96
N LYS ZA 68 -21.34 -3.41 21.64
CA LYS ZA 68 -22.44 -2.68 21.02
C LYS ZA 68 -23.78 -3.36 21.28
N SER ZA 69 -23.78 -4.69 21.44
CA SER ZA 69 -25.02 -5.41 21.69
C SER ZA 69 -25.52 -5.28 23.12
N SER ZA 70 -24.81 -4.54 23.98
CA SER ZA 70 -25.22 -4.39 25.37
C SER ZA 70 -25.97 -3.07 25.52
N PRO ZA 71 -27.30 -3.10 25.64
CA PRO ZA 71 -28.04 -1.83 25.80
C PRO ZA 71 -27.71 -1.11 27.09
N LEU ZA 72 -27.31 -1.84 28.14
CA LEU ZA 72 -27.11 -1.24 29.45
C LEU ZA 72 -26.13 -0.08 29.41
N LEU ZA 73 -25.13 -0.14 28.52
CA LEU ZA 73 -24.25 1.00 28.36
C LEU ZA 73 -25.00 2.18 27.74
N MET ZA 74 -25.82 1.90 26.72
CA MET ZA 74 -26.61 2.95 26.08
C MET ZA 74 -27.51 3.64 27.09
N LYS ZA 75 -28.23 2.85 27.90
CA LYS ZA 75 -29.09 3.43 28.92
C LYS ZA 75 -28.28 4.18 29.98
N ALA ZA 76 -27.12 3.62 30.35
CA ALA ZA 76 -26.27 4.27 31.35
C ALA ZA 76 -25.88 5.66 30.92
N LEU ZA 77 -25.55 5.83 29.63
CA LEU ZA 77 -25.24 7.14 29.08
C LEU ZA 77 -26.30 8.17 29.44
N CYS ZA 78 -27.49 8.07 28.82
CA CYS ZA 78 -28.56 9.04 29.02
C CYS ZA 78 -29.15 9.01 30.43
N GLU ZA 79 -28.83 8.01 31.23
CA GLU ZA 79 -29.35 7.92 32.59
C GLU ZA 79 -28.39 8.49 33.63
N ASN ZA 80 -27.15 8.77 33.24
CA ASN ZA 80 -26.14 9.26 34.18
C ASN ZA 80 -25.92 8.25 35.31
N GLN ZA 81 -26.00 6.96 34.94
CA GLN ZA 81 -26.02 5.90 35.92
C GLN ZA 81 -24.68 5.79 36.64
N VAL ZA 82 -24.74 5.72 37.96
CA VAL ZA 82 -23.54 5.68 38.79
C VAL ZA 82 -23.21 4.22 39.12
N ILE ZA 83 -21.99 3.82 38.82
CA ILE ZA 83 -21.48 2.50 39.18
C ILE ZA 83 -20.40 2.69 40.25
N ASP ZA 84 -20.30 1.70 41.14
CA ASP ZA 84 -19.35 1.79 42.23
C ASP ZA 84 -17.93 1.48 41.78
N ALA ZA 85 -17.75 0.52 40.88
CA ALA ZA 85 -16.41 0.10 40.51
C ALA ZA 85 -16.39 -0.42 39.08
N THR ZA 86 -15.36 -0.04 38.33
CA THR ZA 86 -15.07 -0.59 37.01
C THR ZA 86 -13.66 -1.14 37.05
N PHE ZA 87 -13.52 -2.42 36.70
CA PHE ZA 87 -12.24 -3.11 36.77
C PHE ZA 87 -11.72 -3.38 35.36
N LYS ZA 88 -10.57 -2.81 35.03
CA LYS ZA 88 -9.91 -3.08 33.76
C LYS ZA 88 -8.82 -4.12 34.00
N PHE ZA 89 -8.64 -5.04 33.04
CA PHE ZA 89 -7.64 -6.09 33.21
C PHE ZA 89 -7.11 -6.53 31.85
N PHE ZA 90 -5.79 -6.45 31.70
CA PHE ZA 90 -5.10 -6.91 30.51
C PHE ZA 90 -4.21 -8.09 30.85
N ARG ZA 91 -4.06 -8.99 29.88
CA ARG ZA 91 -3.34 -10.23 30.17
C ARG ZA 91 -1.98 -10.16 29.52
N PRO ZA 92 -1.01 -10.95 29.96
CA PRO ZA 92 0.28 -11.00 29.25
C PRO ZA 92 0.10 -11.38 27.79
N ASN ZA 93 1.27 -11.08 26.93
CA ASN ZA 93 1.54 -11.40 25.52
C ASN ZA 93 2.74 -12.34 25.36
N PRO ZA 94 2.81 -13.29 24.42
CA PRO ZA 94 3.73 -14.45 24.56
C PRO ZA 94 5.24 -14.21 24.29
N THR ZA 95 6.07 -15.23 24.66
CA THR ZA 95 7.51 -15.21 24.27
C THR ZA 95 8.37 -16.36 24.81
N GLY ZA 96 9.35 -15.97 25.67
CA GLY ZA 96 9.80 -16.93 26.66
C GLY ZA 96 8.72 -17.86 27.11
N ASP ZA 97 7.60 -17.37 27.62
CA ASP ZA 97 6.66 -18.31 28.21
C ASP ZA 97 5.30 -17.62 28.38
N GLY ZA 98 4.22 -18.41 28.39
CA GLY ZA 98 2.85 -17.89 28.31
C GLY ZA 98 1.98 -17.90 29.57
N THR ZA 99 1.23 -16.81 29.78
CA THR ZA 99 0.28 -16.77 30.90
C THR ZA 99 -1.05 -16.09 30.54
N THR ZA 100 -2.15 -16.60 31.13
CA THR ZA 100 -3.45 -15.95 31.08
C THR ZA 100 -3.66 -14.98 32.23
N GLU ZA 101 -2.58 -14.61 32.91
CA GLU ZA 101 -2.62 -13.74 34.08
C GLU ZA 101 -2.67 -12.27 33.66
N GLN ZA 102 -3.19 -11.44 34.56
CA GLN ZA 102 -3.36 -10.02 34.32
C GLN ZA 102 -2.09 -9.30 34.72
N PHE ZA 103 -1.30 -8.89 33.73
CA PHE ZA 103 -0.09 -8.11 33.97
C PHE ZA 103 -0.40 -6.64 34.22
N TYR ZA 104 -1.66 -6.24 34.16
CA TYR ZA 104 -2.06 -4.86 34.41
C TYR ZA 104 -3.51 -4.86 34.84
N THR ZA 105 -3.78 -4.39 36.06
CA THR ZA 105 -5.11 -4.45 36.67
C THR ZA 105 -5.49 -3.06 37.15
N VAL ZA 106 -6.26 -2.34 36.33
CA VAL ZA 106 -6.74 -1.00 36.67
C VAL ZA 106 -8.02 -1.11 37.48
N SER ZA 107 -8.22 -0.15 38.39
CA SER ZA 107 -9.38 -0.16 39.27
C SER ZA 107 -9.95 1.25 39.40
N ILE ZA 108 -11.19 1.43 38.94
CA ILE ZA 108 -11.86 2.73 39.02
C ILE ZA 108 -13.02 2.64 40.00
N LYS ZA 109 -13.22 3.73 40.74
CA LYS ZA 109 -14.26 3.81 41.76
C LYS ZA 109 -15.11 5.05 41.51
N LYS ZA 110 -16.43 4.86 41.52
CA LYS ZA 110 -17.38 5.95 41.29
C LYS ZA 110 -17.48 6.26 39.80
N ALA ZA 111 -17.84 5.27 39.00
CA ALA ZA 111 -17.76 5.36 37.55
C ALA ZA 111 -19.12 5.69 36.94
N ARG ZA 112 -19.07 6.36 35.79
CA ARG ZA 112 -20.25 6.65 35.00
C ARG ZA 112 -19.88 6.59 33.52
N ILE ZA 113 -20.90 6.40 32.69
CA ILE ZA 113 -20.73 6.43 31.24
C ILE ZA 113 -20.99 7.85 30.78
N ASN ZA 114 -19.93 8.56 30.40
CA ASN ZA 114 -20.06 9.93 29.92
C ASN ZA 114 -20.42 10.01 28.45
N ALA ZA 115 -20.22 8.94 27.69
CA ALA ZA 115 -20.53 8.97 26.27
C ALA ZA 115 -20.65 7.54 25.73
N ILE ZA 116 -21.62 7.35 24.83
CA ILE ZA 116 -21.81 6.09 24.14
C ILE ZA 116 -21.79 6.37 22.64
N GLN ZA 117 -20.91 5.67 21.91
CA GLN ZA 117 -20.81 5.80 20.46
C GLN ZA 117 -21.18 4.48 19.80
N GLN ZA 118 -21.80 4.57 18.62
CA GLN ZA 118 -22.20 3.39 17.86
C GLN ZA 118 -21.96 3.62 16.38
N THR ZA 119 -21.68 2.53 15.67
CA THR ZA 119 -21.27 2.60 14.28
C THR ZA 119 -21.25 1.20 13.70
N VAL ZA 120 -21.64 1.11 12.43
CA VAL ZA 120 -21.72 -0.16 11.70
C VAL ZA 120 -21.02 0.05 10.36
N PRO ZA 121 -20.00 -0.72 10.03
CA PRO ZA 121 -19.18 -0.36 8.88
C PRO ZA 121 -19.64 -0.96 7.54
N ASN ZA 122 -20.54 -0.26 6.88
CA ASN ZA 122 -20.68 -0.24 5.41
C ASN ZA 122 -20.18 -1.48 4.65
N SER ZA 123 -21.14 -2.18 4.03
CA SER ZA 123 -20.87 -3.19 3.03
C SER ZA 123 -21.41 -4.53 3.53
N PHE ZA 124 -20.86 -5.61 3.01
CA PHE ZA 124 -21.32 -6.94 3.32
C PHE ZA 124 -20.11 -7.85 3.33
N VAL ZA 125 -20.19 -8.91 4.11
CA VAL ZA 125 -19.07 -9.83 4.17
C VAL ZA 125 -19.14 -10.73 2.94
N PRO ZA 126 -18.00 -11.21 2.45
CA PRO ZA 126 -18.04 -12.43 1.63
C PRO ZA 126 -18.88 -13.53 2.25
N ALA ZA 127 -19.23 -13.46 3.53
CA ALA ZA 127 -20.11 -14.42 4.16
C ALA ZA 127 -21.59 -14.00 4.28
N SER ZA 128 -22.15 -13.25 3.31
CA SER ZA 128 -23.56 -13.22 2.95
C SER ZA 128 -24.43 -12.64 4.04
N THR ZA 129 -23.79 -12.26 5.12
CA THR ZA 129 -24.32 -11.19 5.98
C THR ZA 129 -23.62 -9.90 5.55
N ASN ZA 130 -23.06 -9.18 6.55
CA ASN ZA 130 -22.60 -7.79 6.42
C ASN ZA 130 -22.07 -7.35 7.81
N LEU ZA 131 -21.81 -6.04 7.98
CA LEU ZA 131 -21.00 -5.59 9.14
C LEU ZA 131 -21.46 -6.15 10.51
N PRO ZA 132 -20.52 -6.63 11.34
CA PRO ZA 132 -20.72 -6.56 12.77
C PRO ZA 132 -20.37 -5.17 13.27
N PRO ZA 133 -20.93 -4.75 14.43
CA PRO ZA 133 -20.84 -3.32 14.78
C PRO ZA 133 -19.80 -2.96 15.84
N MET ZA 134 -19.38 -1.68 15.93
CA MET ZA 134 -18.34 -1.26 16.85
C MET ZA 134 -18.81 -0.07 17.68
N GLU ZA 135 -18.59 -0.15 18.99
CA GLU ZA 135 -18.97 0.91 19.92
C GLU ZA 135 -17.74 1.41 20.68
N THR ZA 136 -17.74 2.70 20.98
CA THR ZA 136 -16.68 3.34 21.75
C THR ZA 136 -17.34 4.06 22.92
N LEU ZA 137 -16.91 3.74 24.13
CA LEU ZA 137 -17.55 4.24 25.35
C LEU ZA 137 -16.52 5.01 26.17
N GLN ZA 138 -16.94 6.17 26.68
CA GLN ZA 138 -16.12 7.00 27.54
C GLN ZA 138 -16.58 6.81 28.98
N LEU ZA 139 -15.66 6.41 29.85
CA LEU ZA 139 -15.94 6.15 31.26
C LEU ZA 139 -15.30 7.26 32.06
N VAL ZA 140 -16.13 8.07 32.71
CA VAL ZA 140 -15.62 9.04 33.68
C VAL ZA 140 -15.69 8.40 35.06
N PHE ZA 141 -14.89 8.91 35.99
CA PHE ZA 141 -14.78 8.26 37.29
C PHE ZA 141 -14.30 9.25 38.35
N HIS ZA 142 -14.03 8.71 39.53
CA HIS ZA 142 -13.57 9.47 40.69
C HIS ZA 142 -12.22 9.01 41.21
N THR ZA 143 -11.99 7.70 41.35
CA THR ZA 143 -10.71 7.21 41.84
C THR ZA 143 -10.22 6.07 40.95
N ILE ZA 144 -8.93 5.77 41.02
CA ILE ZA 144 -8.33 4.77 40.13
C ILE ZA 144 -7.04 4.23 40.75
N ASN ZA 145 -6.61 3.04 40.31
CA ASN ZA 145 -5.43 2.35 40.80
C ASN ZA 145 -4.79 1.57 39.65
N TRP ZA 146 -3.45 1.52 39.64
CA TRP ZA 146 -2.70 1.10 38.47
C TRP ZA 146 -2.39 -0.40 38.47
N THR ZA 147 -1.42 -0.82 39.29
CA THR ZA 147 -1.13 -2.24 39.47
C THR ZA 147 -0.58 -2.92 38.23
N ILE ZA 148 0.68 -3.37 38.28
CA ILE ZA 148 1.32 -4.04 37.14
C ILE ZA 148 2.03 -5.29 37.64
N THR ZA 149 2.22 -6.25 36.73
CA THR ZA 149 2.92 -7.49 37.05
C THR ZA 149 3.67 -7.99 35.82
N GLN ZA 150 4.94 -8.37 36.04
CA GLN ZA 150 5.78 -8.86 34.94
C GLN ZA 150 7.18 -9.15 35.45
N GLY ZA 151 7.78 -8.17 36.13
CA GLY ZA 151 9.02 -8.37 36.87
C GLY ZA 151 8.72 -8.28 38.34
N GLY ZA 152 7.54 -8.78 38.71
CA GLY ZA 152 7.03 -8.70 40.06
C GLY ZA 152 5.66 -8.06 40.14
N VAL ZA 153 4.91 -8.38 41.19
CA VAL ZA 153 3.79 -7.54 41.57
C VAL ZA 153 4.34 -6.17 41.94
N THR ZA 154 3.86 -5.13 41.26
CA THR ZA 154 4.42 -3.79 41.36
C THR ZA 154 3.42 -2.90 42.09
N HIS ZA 155 3.69 -2.67 43.38
CA HIS ZA 155 2.90 -1.85 44.31
C HIS ZA 155 1.70 -1.14 43.70
N GLU ZA 156 0.51 -1.63 44.01
CA GLU ZA 156 -0.72 -1.00 43.53
C GLU ZA 156 -0.82 0.42 44.04
N ASP ZA 157 -0.68 1.39 43.16
CA ASP ZA 157 -0.82 2.81 43.48
C ASP ZA 157 -1.97 3.39 42.67
N THR ZA 158 -2.32 4.64 42.96
CA THR ZA 158 -3.42 5.28 42.25
C THR ZA 158 -3.68 6.69 42.73
N TRP ZA 159 -4.90 7.18 42.59
CA TRP ZA 159 -5.20 8.56 42.93
C TRP ZA 159 -6.71 8.76 43.01
N ASP ZA 160 -7.09 9.85 43.66
CA ASP ZA 160 -8.49 10.20 43.88
C ASP ZA 160 -8.68 11.69 43.60
N THR ZA 161 -9.68 12.00 42.77
CA THR ZA 161 -10.04 13.38 42.46
C THR ZA 161 -10.96 14.00 43.48
N GLN ZA 162 -11.36 13.25 44.51
CA GLN ZA 162 -12.14 13.81 45.61
C GLN ZA 162 -11.25 14.37 46.71
N ARG ZA 163 -10.05 13.83 46.87
CA ARG ZA 163 -9.13 14.32 47.89
C ARG ZA 163 -7.93 15.04 47.27
N SER AB 4 20.04 -0.13 14.65
CA SER AB 4 21.06 0.41 15.51
C SER AB 4 20.76 1.86 15.96
N VAL AB 5 20.99 2.13 17.23
CA VAL AB 5 20.92 3.45 17.81
C VAL AB 5 19.99 3.65 19.04
N HIS AB 6 19.90 2.66 19.98
CA HIS AB 6 18.80 2.49 20.96
C HIS AB 6 18.75 3.39 22.23
N LEU AB 7 17.52 3.92 22.53
CA LEU AB 7 17.18 4.88 23.62
C LEU AB 7 16.91 4.32 25.04
N TYR AB 8 17.75 4.71 25.99
CA TYR AB 8 17.52 4.51 27.42
C TYR AB 8 17.38 5.86 28.11
N LEU AB 9 16.58 5.88 29.19
CA LEU AB 9 16.30 7.11 29.92
C LEU AB 9 16.39 6.79 31.40
N LYS AB 10 17.05 7.66 32.16
CA LYS AB 10 17.34 7.42 33.57
C LYS AB 10 16.75 8.54 34.40
N ALA AB 11 15.85 8.17 35.32
CA ALA AB 11 15.47 9.00 36.45
C ALA AB 11 15.94 8.36 37.75
N ASN AB 12 17.21 8.53 38.08
CA ASN AB 12 17.68 8.05 39.36
C ASN AB 12 17.64 9.13 40.42
N GLY AB 13 17.51 10.40 40.03
CA GLY AB 13 17.48 11.48 41.01
C GLY AB 13 16.36 11.35 42.02
N SER AB 14 15.19 10.90 41.59
CA SER AB 14 14.08 10.59 42.49
C SER AB 14 13.95 9.11 42.76
N ASP AB 15 14.81 8.28 42.16
CA ASP AB 15 14.72 6.84 42.32
C ASP AB 15 13.51 6.30 41.57
N ILE AB 16 13.68 6.00 40.27
CA ILE AB 16 12.57 5.58 39.43
C ILE AB 16 13.02 4.43 38.53
N LYS AB 17 13.04 3.22 39.08
CA LYS AB 17 13.56 2.06 38.36
C LYS AB 17 12.66 1.72 37.17
N GLY AB 18 13.22 1.74 35.98
CA GLY AB 18 12.59 1.19 34.80
C GLY AB 18 12.75 -0.30 34.74
N ASP AB 19 12.75 -0.85 33.52
CA ASP AB 19 12.80 -2.29 33.34
C ASP AB 19 13.93 -2.79 32.43
N SER AB 20 14.85 -1.93 32.02
CA SER AB 20 15.90 -2.32 31.09
C SER AB 20 16.73 -3.48 31.65
N THR AB 21 17.43 -4.16 30.75
CA THR AB 21 18.24 -5.31 31.12
C THR AB 21 19.69 -5.23 30.67
N GLN AB 22 20.00 -4.48 29.60
CA GLN AB 22 21.37 -4.24 29.16
C GLN AB 22 22.30 -3.93 30.33
N THR AB 23 23.03 -4.94 30.78
CA THR AB 23 24.04 -4.73 31.82
C THR AB 23 25.42 -4.50 31.22
N SER AB 24 25.79 -5.27 30.19
CA SER AB 24 27.07 -5.04 29.53
C SER AB 24 27.14 -3.65 28.93
N LEU AB 25 26.04 -3.18 28.34
CA LEU AB 25 25.99 -1.82 27.82
C LEU AB 25 25.90 -0.78 28.93
N GLY AB 26 25.39 -1.16 30.09
CA GLY AB 26 25.35 -0.29 31.25
C GLY AB 26 24.01 0.35 31.57
N ARG AB 27 22.90 -0.29 31.23
CA ARG AB 27 21.59 0.33 31.41
C ARG AB 27 20.66 -0.53 32.26
N ALA AB 28 21.18 -1.02 33.38
CA ALA AB 28 20.41 -1.91 34.25
C ALA AB 28 19.30 -1.12 34.94
N ASP AB 29 18.07 -1.61 34.81
CA ASP AB 29 16.89 -1.02 35.43
C ASP AB 29 16.53 0.35 34.89
N SER AB 30 17.19 0.80 33.83
CA SER AB 30 16.83 2.05 33.19
C SER AB 30 15.52 1.89 32.43
N ILE AB 31 15.00 3.00 31.93
CA ILE AB 31 13.73 3.00 31.20
C ILE AB 31 14.04 2.86 29.71
N GLU AB 32 13.54 1.78 29.10
CA GLU AB 32 13.70 1.60 27.66
C GLU AB 32 12.70 2.46 26.91
N CYS AB 33 13.19 3.23 25.94
CA CYS AB 33 12.39 4.22 25.25
C CYS AB 33 12.57 4.06 23.75
N VAL AB 34 11.50 4.34 23.01
CA VAL AB 34 11.52 4.22 21.55
C VAL AB 34 11.96 5.53 20.94
N ALA AB 35 11.14 6.58 21.10
CA ALA AB 35 11.37 7.86 20.46
C ALA AB 35 11.56 8.96 21.48
N TYR AB 36 12.24 10.03 21.06
CA TYR AB 36 12.66 11.10 21.96
C TYR AB 36 12.05 12.45 21.63
N SER AB 37 12.37 13.03 20.47
CA SER AB 37 11.77 14.29 20.04
C SER AB 37 12.09 15.45 20.99
N GLN AB 38 12.97 16.35 20.56
CA GLN AB 38 13.33 17.49 21.40
C GLN AB 38 13.92 18.58 20.50
N LYS AB 39 13.61 19.83 20.82
CA LYS AB 39 14.01 20.91 19.93
C LYS AB 39 14.30 22.16 20.73
N VAL AB 40 14.95 23.12 20.06
CA VAL AB 40 15.38 24.36 20.66
C VAL AB 40 15.76 25.33 19.53
N PHE AB 41 15.59 26.62 19.80
CA PHE AB 41 15.85 27.63 18.78
C PHE AB 41 15.39 29.01 19.25
N THR AB 42 15.90 30.05 18.62
CA THR AB 42 15.65 31.42 19.04
C THR AB 42 14.52 32.04 18.23
N ALA AB 43 14.28 33.33 18.48
CA ALA AB 43 13.23 34.07 17.80
C ALA AB 43 13.83 34.99 16.74
N ARG AB 44 14.53 34.37 15.79
CA ARG AB 44 15.18 35.09 14.70
C ARG AB 44 14.18 35.24 13.54
N GLU AB 45 13.69 36.46 13.34
CA GLU AB 45 12.91 36.75 12.14
C GLU AB 45 13.85 37.17 11.01
N ALA AB 46 13.43 38.13 10.20
CA ALA AB 46 14.27 38.63 9.11
C ALA AB 46 14.75 40.03 9.47
N GLY AB 47 16.03 40.31 9.24
CA GLY AB 47 16.55 41.64 9.48
C GLY AB 47 18.06 41.68 9.45
N SER AB 48 18.58 42.89 9.59
CA SER AB 48 20.02 43.15 9.67
C SER AB 48 20.24 44.38 10.57
N GLY AB 49 20.95 44.19 11.68
CA GLY AB 49 21.50 42.90 12.03
C GLY AB 49 20.49 41.92 12.58
N LEU AB 50 21.00 40.89 13.24
CA LEU AB 50 20.21 39.75 13.67
C LEU AB 50 19.31 40.11 14.84
N ALA AB 51 18.09 39.57 14.79
CA ALA AB 51 17.20 39.59 15.95
C ALA AB 51 17.71 38.57 16.95
N THR AB 52 18.19 39.04 18.09
CA THR AB 52 18.77 38.16 19.11
C THR AB 52 17.65 37.53 19.92
N GLY AB 53 17.41 36.24 19.70
CA GLY AB 53 16.34 35.54 20.39
C GLY AB 53 16.82 34.25 21.02
N ARG AB 54 16.38 34.03 22.25
CA ARG AB 54 16.65 32.80 23.01
C ARG AB 54 15.29 32.18 23.29
N ARG AB 55 14.82 31.36 22.35
CA ARG AB 55 13.46 30.83 22.42
C ARG AB 55 13.43 29.58 23.30
N GLN AB 56 12.49 29.56 24.25
CA GLN AB 56 12.39 28.52 25.26
C GLN AB 56 12.57 27.12 24.71
N TYR AB 57 13.43 26.34 25.34
CA TYR AB 57 13.68 24.97 24.88
C TYR AB 57 12.41 24.16 24.97
N GLU AB 58 12.15 23.36 23.92
CA GLU AB 58 10.98 22.53 23.90
C GLU AB 58 11.10 21.41 24.94
N GLY AB 59 9.96 20.94 25.41
CA GLY AB 59 9.95 19.77 26.27
C GLY AB 59 10.45 18.54 25.54
N ILE AB 60 10.76 17.51 26.33
CA ILE AB 60 11.23 16.22 25.80
C ILE AB 60 10.04 15.28 25.71
N GLU AB 61 9.88 14.62 24.58
CA GLU AB 61 8.67 13.85 24.28
C GLU AB 61 8.99 12.36 24.18
N ILE AB 62 9.08 11.70 25.34
CA ILE AB 62 9.44 10.28 25.39
C ILE AB 62 8.27 9.42 24.94
N THR AB 63 8.59 8.36 24.21
CA THR AB 63 7.63 7.33 23.82
C THR AB 63 8.12 5.99 24.34
N LYS AB 64 7.23 5.25 24.99
CA LYS AB 64 7.59 3.94 25.48
C LYS AB 64 6.37 3.07 25.71
N ARG AB 65 6.44 1.80 25.30
CA ARG AB 65 5.37 0.88 25.61
C ARG AB 65 5.48 0.36 27.03
N ILE AB 66 6.63 -0.26 27.36
CA ILE AB 66 6.81 -0.85 28.69
C ILE AB 66 6.69 0.21 29.77
N ASP AB 67 7.08 1.46 29.46
CA ASP AB 67 6.99 2.54 30.42
C ASP AB 67 5.56 2.75 30.93
N LYS AB 68 4.56 2.30 30.18
CA LYS AB 68 3.17 2.43 30.62
C LYS AB 68 2.93 1.66 31.93
N SER AB 69 3.69 0.59 32.17
CA SER AB 69 3.53 -0.19 33.39
C SER AB 69 4.16 0.47 34.61
N SER AB 70 4.78 1.64 34.46
CA SER AB 70 5.42 2.32 35.58
C SER AB 70 4.47 3.36 36.14
N PRO AB 71 3.82 3.11 37.29
CA PRO AB 71 2.91 4.13 37.83
C PRO AB 71 3.61 5.41 38.24
N LEU AB 72 4.90 5.33 38.60
CA LEU AB 72 5.61 6.48 39.15
C LEU AB 72 5.56 7.68 38.21
N LEU AB 73 5.53 7.44 36.89
CA LEU AB 73 5.35 8.54 35.96
C LEU AB 73 3.94 9.12 36.09
N MET AB 74 2.94 8.25 36.18
CA MET AB 74 1.56 8.70 36.34
C MET AB 74 1.42 9.57 37.58
N LYS AB 75 1.94 9.11 38.71
CA LYS AB 75 1.88 9.89 39.94
C LYS AB 75 2.68 11.17 39.81
N ALA AB 76 3.85 11.11 39.16
CA ALA AB 76 4.68 12.29 38.99
C ALA AB 76 3.92 13.40 38.27
N LEU AB 77 3.15 13.02 37.24
CA LEU AB 77 2.30 13.97 36.53
C LEU AB 77 1.46 14.82 37.49
N CYS AB 78 0.45 14.20 38.11
CA CYS AB 78 -0.48 14.91 38.97
C CYS AB 78 0.15 15.39 40.27
N GLU AB 79 1.36 14.96 40.59
CA GLU AB 79 2.04 15.38 41.79
C GLU AB 79 3.00 16.54 41.57
N ASN AB 80 3.28 16.87 40.31
CA ASN AB 80 4.25 17.93 39.99
C ASN AB 80 5.61 17.61 40.57
N GLN AB 81 5.95 16.32 40.56
CA GLN AB 81 7.12 15.81 41.27
C GLN AB 81 8.39 16.34 40.62
N VAL AB 82 9.30 16.86 41.44
CA VAL AB 82 10.54 17.46 40.96
C VAL AB 82 11.66 16.41 41.04
N ILE AB 83 12.32 16.17 39.92
CA ILE AB 83 13.48 15.30 39.85
C ILE AB 83 14.71 16.17 39.58
N ASP AB 84 15.85 15.73 40.12
CA ASP AB 84 17.08 16.51 39.98
C ASP AB 84 17.71 16.34 38.61
N ALA AB 85 17.66 15.14 38.04
CA ALA AB 85 18.36 14.89 36.79
C ALA AB 85 17.65 13.80 36.00
N THR AB 86 17.53 14.02 34.69
CA THR AB 86 17.05 12.99 33.76
C THR AB 86 18.13 12.82 32.69
N PHE AB 87 18.59 11.59 32.50
CA PHE AB 87 19.69 11.30 31.59
C PHE AB 87 19.14 10.54 30.39
N LYS AB 88 19.28 11.13 29.20
CA LYS AB 88 18.91 10.45 27.96
C LYS AB 88 20.17 9.89 27.33
N PHE AB 89 20.07 8.70 26.73
CA PHE AB 89 21.25 8.08 26.13
C PHE AB 89 20.85 7.20 24.95
N PHE AB 90 21.43 7.48 23.79
CA PHE AB 90 21.23 6.68 22.59
C PHE AB 90 22.52 6.00 22.20
N ARG AB 91 22.38 4.81 21.61
CA ARG AB 91 23.57 4.02 21.33
C ARG AB 91 23.86 4.07 19.84
N PRO AB 92 25.08 3.79 19.41
CA PRO AB 92 25.34 3.71 17.97
C PRO AB 92 24.43 2.67 17.29
N ASN AB 93 24.36 2.79 15.82
CA ASN AB 93 23.70 1.94 14.81
C ASN AB 93 24.71 1.34 13.82
N PRO AB 94 24.58 0.11 13.31
CA PRO AB 94 25.73 -0.65 12.77
C PRO AB 94 26.28 -0.26 11.37
N THR AB 95 27.49 -0.80 11.04
CA THR AB 95 28.09 -0.66 9.69
C THR AB 95 29.48 -1.24 9.42
N GLY AB 96 30.48 -0.35 9.17
CA GLY AB 96 31.83 -0.78 9.46
C GLY AB 96 31.83 -1.51 10.76
N ASP AB 97 31.23 -0.94 11.80
CA ASP AB 97 30.65 -1.85 12.75
C ASP AB 97 30.53 -1.32 14.19
N GLY AB 98 30.26 -2.28 15.06
CA GLY AB 98 29.22 -2.12 16.07
C GLY AB 98 29.76 -1.78 17.44
N THR AB 99 29.07 -0.86 18.13
CA THR AB 99 29.32 -0.59 19.54
C THR AB 99 28.00 -0.42 20.30
N THR AB 100 28.01 -0.82 21.58
CA THR AB 100 26.93 -0.55 22.53
C THR AB 100 27.11 0.77 23.27
N GLU AB 101 27.99 1.62 22.77
CA GLU AB 101 28.33 2.89 23.39
C GLU AB 101 27.31 3.96 23.03
N GLN AB 102 27.23 4.98 23.90
CA GLN AB 102 26.27 6.06 23.74
C GLN AB 102 26.90 7.15 22.87
N PHE AB 103 26.47 7.22 21.61
CA PHE AB 103 26.92 8.26 20.70
C PHE AB 103 26.21 9.59 20.93
N TYR AB 104 25.27 9.63 21.87
CA TYR AB 104 24.55 10.86 22.19
C TYR AB 104 24.04 10.75 23.62
N THR AB 105 24.49 11.66 24.50
CA THR AB 105 24.20 11.60 25.92
C THR AB 105 23.63 12.94 26.37
N VAL AB 106 22.31 13.03 26.43
CA VAL AB 106 21.62 14.24 26.87
C VAL AB 106 21.51 14.24 28.39
N SER AB 107 21.55 15.44 28.97
CA SER AB 107 21.51 15.58 30.43
C SER AB 107 20.61 16.74 30.81
N ILE AB 108 19.52 16.45 31.53
CA ILE AB 108 18.57 17.46 31.97
C ILE AB 108 18.64 17.58 33.48
N LYS AB 109 18.50 18.81 33.97
CA LYS AB 109 18.58 19.13 35.39
C LYS AB 109 17.34 19.91 35.80
N LYS AB 110 16.71 19.47 36.90
CA LYS AB 110 15.50 20.11 37.41
C LYS AB 110 14.28 19.69 36.60
N ALA AB 111 14.03 18.38 36.51
CA ALA AB 111 13.04 17.84 35.60
C ALA AB 111 11.73 17.56 36.30
N ARG AB 112 10.64 17.63 35.53
CA ARG AB 112 9.31 17.28 35.99
C ARG AB 112 8.55 16.64 34.84
N ILE AB 113 7.52 15.88 35.20
CA ILE AB 113 6.62 15.29 34.23
C ILE AB 113 5.46 16.26 34.02
N ASN AB 114 5.45 16.93 32.86
CA ASN AB 114 4.38 17.87 32.54
C ASN AB 114 3.15 17.21 31.96
N ALA AB 115 3.27 15.97 31.49
CA ALA AB 115 2.12 15.29 30.90
C ALA AB 115 2.38 13.80 30.84
N ILE AB 116 1.33 13.01 31.12
CA ILE AB 116 1.37 11.56 31.00
C ILE AB 116 0.22 11.13 30.08
N GLN AB 117 0.55 10.39 29.03
CA GLN AB 117 -0.44 9.86 28.09
C GLN AB 117 -0.44 8.34 28.15
N GLN AB 118 -1.63 7.76 27.95
CA GLN AB 118 -1.79 6.31 27.96
C GLN AB 118 -2.77 5.89 26.88
N THR AB 119 -2.56 4.68 26.37
CA THR AB 119 -3.31 4.21 25.21
C THR AB 119 -3.01 2.73 25.00
N VAL AB 120 -4.05 1.99 24.60
CA VAL AB 120 -3.98 0.56 24.38
C VAL AB 120 -4.60 0.27 23.01
N PRO AB 121 -3.89 -0.33 22.08
CA PRO AB 121 -4.35 -0.35 20.69
C PRO AB 121 -5.24 -1.56 20.34
N ASN AB 122 -6.53 -1.40 20.55
CA ASN AB 122 -7.64 -2.15 19.92
C ASN AB 122 -7.27 -3.45 19.17
N SER AB 123 -7.88 -4.54 19.65
CA SER AB 123 -7.90 -5.82 18.95
C SER AB 123 -7.21 -6.85 19.83
N PHE AB 124 -6.72 -7.92 19.20
CA PHE AB 124 -6.14 -9.03 19.89
C PHE AB 124 -5.02 -9.56 19.01
N VAL AB 125 -4.01 -10.13 19.65
CA VAL AB 125 -2.91 -10.67 18.88
C VAL AB 125 -3.35 -12.01 18.31
N PRO AB 126 -2.82 -12.41 17.17
CA PRO AB 126 -2.79 -13.84 16.84
C PRO AB 126 -2.30 -14.70 17.99
N ALA AB 127 -1.66 -14.13 19.01
CA ALA AB 127 -1.25 -14.86 20.20
C ALA AB 127 -2.20 -14.74 21.42
N SER AB 128 -3.52 -14.66 21.22
CA SER AB 128 -4.56 -15.09 22.15
C SER AB 128 -4.59 -14.30 23.43
N THR AB 129 -3.68 -13.33 23.51
CA THR AB 129 -3.92 -12.14 24.32
C THR AB 129 -4.45 -11.07 23.36
N ASN AB 130 -3.81 -9.88 23.41
CA ASN AB 130 -4.32 -8.62 22.82
C ASN AB 130 -3.30 -7.51 23.14
N LEU AB 131 -3.68 -6.24 22.90
CA LEU AB 131 -2.66 -5.15 22.88
C LEU AB 131 -1.72 -5.12 24.09
N PRO AB 132 -0.41 -4.97 23.87
CA PRO AB 132 0.42 -4.31 24.86
C PRO AB 132 0.27 -2.80 24.73
N PRO AB 133 0.55 -2.03 25.79
CA PRO AB 133 0.14 -0.61 25.78
C PRO AB 133 1.25 0.41 25.51
N MET AB 134 0.92 1.63 25.09
CA MET AB 134 1.92 2.63 24.76
C MET AB 134 1.64 3.95 25.48
N GLU AB 135 2.68 4.52 26.08
CA GLU AB 135 2.59 5.78 26.81
C GLU AB 135 3.55 6.80 26.21
N THR AB 136 3.12 8.06 26.24
CA THR AB 136 3.92 9.19 25.76
C THR AB 136 3.99 10.20 26.90
N LEU AB 137 5.21 10.56 27.30
CA LEU AB 137 5.44 11.40 28.46
C LEU AB 137 6.18 12.66 28.03
N GLN AB 138 5.73 13.81 28.54
CA GLN AB 138 6.37 15.08 28.29
C GLN AB 138 7.18 15.47 29.52
N LEU AB 139 8.47 15.71 29.32
CA LEU AB 139 9.40 16.06 30.40
C LEU AB 139 9.76 17.53 30.22
N VAL AB 140 9.36 18.35 31.18
CA VAL AB 140 9.81 19.73 31.24
C VAL AB 140 11.01 19.79 32.16
N PHE AB 141 11.85 20.81 32.00
CA PHE AB 141 13.10 20.86 32.75
C PHE AB 141 13.60 22.30 32.87
N HIS AB 142 14.82 22.42 33.38
CA HIS AB 142 15.48 23.70 33.61
C HIS AB 142 16.80 23.82 32.87
N THR AB 143 17.66 22.80 32.91
CA THR AB 143 18.95 22.86 32.22
C THR AB 143 19.15 21.57 31.42
N ILE AB 144 20.07 21.61 30.45
CA ILE AB 144 20.29 20.47 29.55
C ILE AB 144 21.68 20.57 28.94
N ASN AB 145 22.19 19.42 28.46
CA ASN AB 145 23.51 19.28 27.86
C ASN AB 145 23.46 18.22 26.76
N TRP AB 146 24.22 18.46 25.68
CA TRP AB 146 24.05 17.71 24.43
C TRP AB 146 24.94 16.49 24.34
N THR AB 147 26.24 16.70 24.09
CA THR AB 147 27.22 15.61 24.10
C THR AB 147 27.02 14.57 23.01
N ILE AB 148 27.96 14.48 22.06
CA ILE AB 148 27.87 13.52 20.97
C ILE AB 148 29.20 12.81 20.82
N THR AB 149 29.16 11.61 20.24
CA THR AB 149 30.37 10.82 19.99
C THR AB 149 30.19 9.99 18.71
N GLN AB 150 31.21 10.03 17.86
CA GLN AB 150 31.18 9.29 16.60
C GLN AB 150 32.44 9.56 15.79
N GLY AB 151 32.75 10.84 15.60
CA GLY AB 151 34.03 11.26 15.05
C GLY AB 151 34.82 11.94 16.14
N GLY AB 152 34.66 11.42 17.36
CA GLY AB 152 35.27 11.98 18.55
C GLY AB 152 34.26 12.30 19.63
N VAL AB 153 34.70 12.33 20.88
CA VAL AB 153 33.93 12.99 21.92
C VAL AB 153 33.81 14.47 21.54
N THR AB 154 32.58 14.96 21.43
CA THR AB 154 32.31 16.28 20.88
C THR AB 154 31.82 17.17 22.02
N HIS AB 155 32.73 18.02 22.53
CA HIS AB 155 32.53 18.97 23.61
C HIS AB 155 31.11 19.07 24.16
N GLU AB 156 30.90 18.54 25.36
CA GLU AB 156 29.60 18.60 26.01
C GLU AB 156 29.19 20.04 26.23
N ASP AB 157 28.20 20.52 25.50
CA ASP AB 157 27.66 21.86 25.64
C ASP AB 157 26.18 21.76 26.04
N THR AB 158 25.57 22.90 26.36
CA THR AB 158 24.18 22.90 26.77
C THR AB 158 23.68 24.30 27.10
N TRP AB 159 22.67 24.39 27.96
CA TRP AB 159 22.07 25.68 28.26
C TRP AB 159 21.19 25.58 29.50
N ASP AB 160 20.88 26.73 30.07
CA ASP AB 160 20.09 26.85 31.29
C ASP AB 160 19.07 27.96 31.13
N THR AB 161 17.81 27.65 31.41
CA THR AB 161 16.72 28.63 31.37
C THR AB 161 16.61 29.44 32.65
N GLN AB 162 17.46 29.16 33.64
CA GLN AB 162 17.50 29.98 34.85
C GLN AB 162 18.46 31.16 34.72
N ARG AB 163 19.49 31.02 33.90
CA ARG AB 163 20.46 32.09 33.69
C ARG AB 163 20.33 32.68 32.29
N SER BB 4 21.06 10.72 -7.64
CA SER BB 4 21.94 11.79 -8.04
C SER BB 4 21.37 13.18 -7.67
N VAL BB 5 22.23 14.03 -7.14
CA VAL BB 5 21.95 15.42 -6.88
C VAL BB 5 22.17 15.95 -5.44
N HIS BB 6 23.22 15.50 -4.71
CA HIS BB 6 23.36 15.56 -3.23
C HIS BB 6 23.75 16.90 -2.55
N LEU BB 7 23.04 17.25 -1.43
CA LEU BB 7 23.11 18.49 -0.64
C LEU BB 7 24.20 18.59 0.46
N TYR BB 8 25.12 19.54 0.30
CA TYR BB 8 26.05 19.96 1.34
C TYR BB 8 25.79 21.41 1.71
N LEU BB 9 26.07 21.75 2.97
CA LEU BB 9 25.82 23.09 3.50
C LEU BB 9 27.03 23.50 4.32
N LYS BB 10 27.48 24.73 4.12
CA LYS BB 10 28.70 25.22 4.76
C LYS BB 10 28.40 26.45 5.59
N ALA BB 11 28.71 26.36 6.89
CA ALA BB 11 28.87 27.50 7.76
C ALA BB 11 30.31 27.62 8.20
N ASN BB 12 31.15 28.19 7.35
CA ASN BB 12 32.51 28.45 7.77
C ASN BB 12 32.68 29.86 8.31
N GLY BB 13 31.73 30.75 8.05
CA GLY BB 13 31.85 32.13 8.52
C GLY BB 13 32.00 32.23 10.03
N SER BB 14 31.26 31.40 10.77
CA SER BB 14 31.41 31.31 12.22
C SER BB 14 32.24 30.10 12.64
N ASP BB 15 32.72 29.31 11.69
CA ASP BB 15 33.48 28.10 12.00
C ASP BB 15 32.56 27.05 12.60
N ILE BB 16 31.92 26.24 11.74
CA ILE BB 16 30.94 25.25 12.20
C ILE BB 16 31.15 23.95 11.44
N LYS BB 17 32.11 23.16 11.86
CA LYS BB 17 32.47 21.94 11.15
C LYS BB 17 31.35 20.91 11.23
N GLY BB 18 30.84 20.52 10.07
CA GLY BB 18 29.95 19.38 9.95
C GLY BB 18 30.72 18.07 9.96
N ASP BB 19 30.17 17.06 9.30
CA ASP BB 19 30.77 15.73 9.30
C ASP BB 19 31.03 15.13 7.92
N SER BB 20 30.83 15.88 6.85
CA SER BB 20 30.98 15.35 5.50
C SER BB 20 32.38 14.78 5.29
N THR BB 21 32.49 13.92 4.26
CA THR BB 21 33.74 13.25 3.94
C THR BB 21 34.19 13.41 2.50
N GLN BB 22 33.28 13.65 1.55
CA GLN BB 22 33.62 13.96 0.17
C GLN BB 22 34.77 14.95 0.07
N THR BB 23 35.98 14.43 -0.16
CA THR BB 23 37.12 15.30 -0.39
C THR BB 23 37.38 15.52 -1.87
N SER BB 24 37.25 14.48 -2.69
CA SER BB 24 37.40 14.63 -4.13
C SER BB 24 36.35 15.60 -4.69
N LEU BB 25 35.12 15.49 -4.18
CA LEU BB 25 34.08 16.43 -4.59
C LEU BB 25 34.28 17.81 -3.99
N GLY BB 26 34.97 17.89 -2.85
CA GLY BB 26 35.31 19.17 -2.25
C GLY BB 26 34.47 19.59 -1.06
N ARG BB 27 33.94 18.64 -0.28
CA ARG BB 27 33.04 18.99 0.82
C ARG BB 27 33.52 18.43 2.14
N ALA BB 28 34.81 18.62 2.44
CA ALA BB 28 35.39 18.09 3.66
C ALA BB 28 34.87 18.84 4.87
N ASP BB 29 34.34 18.11 5.84
CA ASP BB 29 33.83 18.64 7.09
C ASP BB 29 32.59 19.51 6.92
N SER BB 30 32.02 19.56 5.72
CA SER BB 30 30.78 20.28 5.51
C SER BB 30 29.62 19.52 6.15
N ILE BB 31 28.46 20.15 6.16
CA ILE BB 31 27.25 19.56 6.75
C ILE BB 31 26.49 18.83 5.65
N GLU BB 32 26.33 17.52 5.81
CA GLU BB 32 25.54 16.74 4.87
C GLU BB 32 24.05 16.94 5.15
N CYS BB 33 23.29 17.27 4.11
CA CYS BB 33 21.89 17.64 4.25
C CYS BB 33 21.06 16.86 3.24
N VAL BB 34 19.83 16.55 3.65
CA VAL BB 34 18.92 15.79 2.80
C VAL BB 34 18.10 16.76 1.94
N ALA BB 35 17.25 17.56 2.59
CA ALA BB 35 16.31 18.43 1.90
C ALA BB 35 16.58 19.89 2.23
N TYR BB 36 16.16 20.77 1.32
CA TYR BB 36 16.48 22.19 1.39
C TYR BB 36 15.25 23.08 1.54
N SER BB 37 14.36 23.13 0.56
CA SER BB 37 13.13 23.91 0.65
C SER BB 37 13.38 25.41 0.81
N GLN BB 38 13.15 26.19 -0.24
CA GLN BB 38 13.35 27.62 -0.15
C GLN BB 38 12.55 28.28 -1.28
N LYS BB 39 11.98 29.44 -0.97
CA LYS BB 39 11.07 30.07 -1.92
C LYS BB 39 11.17 31.58 -1.83
N VAL BB 40 10.60 32.23 -2.84
CA VAL BB 40 10.65 33.69 -2.97
C VAL BB 40 9.63 34.09 -4.03
N PHE BB 41 9.08 35.29 -3.88
CA PHE BB 41 8.04 35.76 -4.79
C PHE BB 41 7.44 37.07 -4.28
N THR BB 42 6.78 37.80 -5.18
CA THR BB 42 6.26 39.12 -4.88
C THR BB 42 4.79 39.06 -4.50
N ALA BB 43 4.19 40.24 -4.30
CA ALA BB 43 2.79 40.35 -3.92
C ALA BB 43 1.95 40.80 -5.12
N ARG BB 44 2.00 39.98 -6.17
CA ARG BB 44 1.27 40.25 -7.40
C ARG BB 44 -0.13 39.66 -7.29
N GLU BB 45 -1.14 40.52 -7.14
CA GLU BB 45 -2.51 40.06 -7.24
C GLU BB 45 -2.96 40.11 -8.70
N ALA BB 46 -4.22 40.48 -8.93
CA ALA BB 46 -4.73 40.62 -10.29
C ALA BB 46 -4.90 42.09 -10.62
N GLY BB 47 -4.50 42.49 -11.82
CA GLY BB 47 -4.69 43.86 -12.24
C GLY BB 47 -3.88 44.21 -13.48
N SER BB 48 -4.10 45.43 -13.95
CA SER BB 48 -3.39 45.99 -15.09
C SER BB 48 -3.25 47.51 -14.87
N GLY BB 49 -2.01 48.00 -14.79
CA GLY BB 49 -0.85 47.15 -14.89
C GLY BB 49 -0.55 46.34 -13.64
N LEU BB 50 0.67 45.85 -13.57
CA LEU BB 50 1.09 44.89 -12.56
C LEU BB 50 1.21 45.54 -11.19
N ALA BB 51 0.78 44.79 -10.17
CA ALA BB 51 1.05 45.14 -8.80
C ALA BB 51 2.51 44.81 -8.51
N THR BB 52 3.32 45.84 -8.28
CA THR BB 52 4.75 45.66 -8.07
C THR BB 52 4.99 45.24 -6.63
N GLY BB 53 5.34 43.98 -6.43
CA GLY BB 53 5.55 43.45 -5.09
C GLY BB 53 6.87 42.72 -4.97
N ARG BB 54 7.57 42.98 -3.87
CA ARG BB 54 8.83 42.32 -3.53
C ARG BB 54 8.58 41.62 -2.20
N ARG BB 55 8.07 40.39 -2.27
CA ARG BB 55 7.64 39.68 -1.08
C ARG BB 55 8.81 38.97 -0.41
N GLN BB 56 8.96 39.19 0.90
CA GLN BB 56 10.09 38.73 1.69
C GLN BB 56 10.49 37.30 1.36
N TYR BB 57 11.78 37.09 1.10
CA TYR BB 57 12.27 35.76 0.79
C TYR BB 57 12.02 34.81 1.95
N GLU BB 58 11.55 33.61 1.64
CA GLU BB 58 11.30 32.61 2.66
C GLU BB 58 12.62 32.15 3.28
N GLY BB 59 12.54 31.71 4.53
CA GLY BB 59 13.68 31.09 5.16
C GLY BB 59 14.07 29.79 4.47
N ILE BB 60 15.28 29.32 4.78
CA ILE BB 60 15.79 28.07 4.22
C ILE BB 60 15.53 26.96 5.24
N GLU BB 61 15.00 25.83 4.78
CA GLU BB 61 14.51 24.78 5.66
C GLU BB 61 15.34 23.51 5.50
N ILE BB 62 16.48 23.47 6.17
CA ILE BB 62 17.42 22.35 6.07
C ILE BB 62 16.89 21.15 6.84
N THR BB 63 17.08 19.96 6.27
CA THR BB 63 16.79 18.71 6.92
C THR BB 63 18.06 17.87 6.98
N LYS BB 64 18.37 17.35 8.16
CA LYS BB 64 19.55 16.50 8.28
C LYS BB 64 19.45 15.59 9.49
N ARG BB 65 19.83 14.32 9.33
CA ARG BB 65 19.88 13.43 10.48
C ARG BB 65 21.17 13.66 11.26
N ILE BB 66 22.32 13.50 10.60
CA ILE BB 66 23.61 13.62 11.28
C ILE BB 66 23.77 15.02 11.89
N ASP BB 67 23.16 16.03 11.27
CA ASP BB 67 23.24 17.38 11.79
C ASP BB 67 22.69 17.50 13.21
N LYS BB 68 21.85 16.55 13.64
CA LYS BB 68 21.33 16.57 15.00
C LYS BB 68 22.45 16.45 16.03
N SER BB 69 23.55 15.80 15.67
CA SER BB 69 24.67 15.63 16.59
C SER BB 69 25.53 16.88 16.72
N SER BB 70 25.19 17.97 16.02
CA SER BB 70 25.98 19.19 16.07
C SER BB 70 25.32 20.15 17.06
N PRO BB 71 25.86 20.31 18.27
CA PRO BB 71 25.24 21.25 19.22
C PRO BB 71 25.28 22.69 18.75
N LEU BB 72 26.27 23.06 17.93
CA LEU BB 72 26.47 24.45 17.55
C LEU BB 72 25.23 25.06 16.92
N LEU BB 73 24.44 24.25 16.20
CA LEU BB 73 23.17 24.75 15.69
C LEU BB 73 22.19 25.01 16.83
N MET BB 74 22.13 24.08 17.79
CA MET BB 74 21.25 24.26 18.95
C MET BB 74 21.60 25.54 19.69
N LYS BB 75 22.88 25.75 19.98
CA LYS BB 75 23.29 26.97 20.66
C LYS BB 75 23.04 28.20 19.81
N ALA BB 76 23.26 28.10 18.49
CA ALA BB 76 23.03 29.22 17.60
C ALA BB 76 21.58 29.70 17.68
N LEU BB 77 20.64 28.75 17.74
CA LEU BB 77 19.23 29.08 17.90
C LEU BB 77 19.02 30.06 19.05
N CYS BB 78 19.17 29.58 20.30
CA CYS BB 78 18.89 30.40 21.47
C CYS BB 78 19.90 31.53 21.66
N GLU BB 79 20.99 31.55 20.92
CA GLU BB 79 21.98 32.61 21.03
C GLU BB 79 21.78 33.72 20.00
N ASN BB 80 20.92 33.50 19.01
CA ASN BB 80 20.72 34.47 17.93
C ASN BB 80 22.03 34.74 17.20
N GLN BB 81 22.83 33.68 17.06
CA GLN BB 81 24.20 33.82 16.57
C GLN BB 81 24.22 34.25 15.11
N VAL BB 82 25.02 35.26 14.80
CA VAL BB 82 25.09 35.82 13.46
C VAL BB 82 26.26 35.18 12.72
N ILE BB 83 25.98 34.61 11.55
CA ILE BB 83 27.01 34.08 10.67
C ILE BB 83 27.08 34.97 9.43
N ASP BB 84 28.29 35.08 8.87
CA ASP BB 84 28.48 35.95 7.72
C ASP BB 84 28.00 35.31 6.43
N ALA BB 85 28.16 33.99 6.27
CA ALA BB 85 27.81 33.36 5.00
C ALA BB 85 27.43 31.91 5.23
N THR BB 86 26.37 31.48 4.54
CA THR BB 86 25.96 30.08 4.50
C THR BB 86 25.93 29.68 3.03
N PHE BB 87 26.65 28.62 2.68
CA PHE BB 87 26.78 28.18 1.29
C PHE BB 87 26.04 26.87 1.11
N LYS BB 88 25.02 26.87 0.25
CA LYS BB 88 24.31 25.65 -0.10
C LYS BB 88 24.85 25.15 -1.43
N PHE BB 89 24.96 23.82 -1.57
CA PHE BB 89 25.51 23.25 -2.80
C PHE BB 89 24.92 21.87 -3.06
N PHE BB 90 24.32 21.72 -4.24
CA PHE BB 90 23.77 20.44 -4.69
C PHE BB 90 24.56 19.94 -5.89
N ARG BB 91 24.66 18.62 -6.00
CA ARG BB 91 25.51 18.05 -7.02
C ARG BB 91 24.64 17.50 -8.14
N PRO BB 92 25.17 17.33 -9.34
CA PRO BB 92 24.38 16.65 -10.39
C PRO BB 92 23.90 15.27 -9.94
N ASN BB 93 22.82 14.69 -10.77
CA ASN BB 93 22.18 13.37 -10.73
C ASN BB 93 22.32 12.62 -12.07
N PRO BB 94 22.51 11.30 -12.11
CA PRO BB 94 23.16 10.64 -13.27
C PRO BB 94 22.32 10.45 -14.57
N THR BB 95 23.04 10.11 -15.69
CA THR BB 95 22.41 9.74 -16.98
C THR BB 95 23.30 9.40 -18.19
N GLY BB 96 23.29 10.27 -19.23
CA GLY BB 96 24.48 10.34 -20.05
C GLY BB 96 25.70 10.27 -19.16
N ASP BB 97 25.76 11.10 -18.11
CA ASP BB 97 26.41 10.61 -16.92
C ASP BB 97 27.16 11.64 -16.09
N GLY BB 98 28.06 11.08 -15.29
CA GLY BB 98 28.13 11.48 -13.85
C GLY BB 98 29.18 12.54 -13.59
N THR BB 99 28.79 13.55 -12.82
CA THR BB 99 29.69 14.52 -12.22
C THR BB 99 29.40 14.71 -10.73
N THR BB 100 30.48 14.92 -9.96
CA THR BB 100 30.40 15.34 -8.56
C THR BB 100 30.37 16.86 -8.42
N GLU BB 101 30.09 17.56 -9.51
CA GLU BB 101 30.08 19.01 -9.56
C GLU BB 101 28.75 19.57 -9.05
N GLN BB 102 28.79 20.82 -8.60
CA GLN BB 102 27.64 21.49 -8.02
C GLN BB 102 26.86 22.17 -9.16
N PHE BB 103 25.75 21.57 -9.55
CA PHE BB 103 24.87 22.16 -10.55
C PHE BB 103 23.99 23.26 -9.99
N TYR BB 104 24.09 23.54 -8.68
CA TYR BB 104 23.30 24.59 -8.04
C TYR BB 104 24.05 25.03 -6.79
N THR BB 105 24.44 26.30 -6.75
CA THR BB 105 25.28 26.84 -5.67
C THR BB 105 24.62 28.09 -5.11
N VAL BB 106 23.89 27.91 -4.01
CA VAL BB 106 23.21 29.01 -3.33
C VAL BB 106 24.18 29.67 -2.35
N SER BB 107 24.02 30.99 -2.17
CA SER BB 107 24.92 31.76 -1.32
C SER BB 107 24.11 32.74 -0.48
N ILE BB 108 24.14 32.58 0.83
CA ILE BB 108 23.42 33.47 1.75
C ILE BB 108 24.43 34.26 2.56
N LYS BB 109 24.08 35.52 2.84
CA LYS BB 109 24.93 36.45 3.56
C LYS BB 109 24.14 37.05 4.71
N LYS BB 110 24.75 37.03 5.91
CA LYS BB 110 24.12 37.57 7.11
C LYS BB 110 23.10 36.58 7.67
N ALA BB 111 23.55 35.36 7.96
CA ALA BB 111 22.65 34.27 8.28
C ALA BB 111 22.53 34.06 9.80
N ARG BB 112 21.37 33.55 10.20
CA ARG BB 112 21.13 33.17 11.58
C ARG BB 112 20.23 31.93 11.60
N ILE BB 113 20.28 31.22 12.72
CA ILE BB 113 19.41 30.07 12.95
C ILE BB 113 18.16 30.59 13.65
N ASN BB 114 17.04 30.64 12.93
CA ASN BB 114 15.78 31.09 13.49
C ASN BB 114 15.03 29.99 14.22
N ALA BB 115 15.37 28.72 13.98
CA ALA BB 115 14.68 27.64 14.64
C ALA BB 115 15.51 26.36 14.55
N ILE BB 116 15.50 25.60 15.64
CA ILE BB 116 16.14 24.28 15.70
C ILE BB 116 15.10 23.26 16.14
N GLN BB 117 14.93 22.21 15.34
CA GLN BB 117 14.00 21.12 15.64
C GLN BB 117 14.78 19.82 15.84
N GLN BB 118 14.27 18.98 16.76
CA GLN BB 118 14.89 17.70 17.03
C GLN BB 118 13.82 16.64 17.25
N THR BB 119 14.18 15.40 16.91
CA THR BB 119 13.21 14.31 16.90
C THR BB 119 13.96 13.00 16.69
N VAL BB 120 13.46 11.96 17.36
CA VAL BB 120 14.05 10.63 17.34
C VAL BB 120 12.93 9.63 17.06
N PRO BB 121 12.97 8.84 16.02
CA PRO BB 121 11.78 8.09 15.62
C PRO BB 121 11.67 6.70 16.26
N ASN BB 122 11.08 6.65 17.44
CA ASN BB 122 10.31 5.50 17.96
C ASN BB 122 10.66 4.12 17.38
N SER BB 123 11.19 3.27 18.28
CA SER BB 123 11.32 1.84 18.04
C SER BB 123 12.79 1.48 18.10
N PHE BB 124 13.15 0.37 17.45
CA PHE BB 124 14.49 -0.17 17.49
C PHE BB 124 14.76 -0.77 16.14
N VAL BB 125 16.03 -0.77 15.75
CA VAL BB 125 16.38 -1.36 14.47
C VAL BB 125 16.40 -2.87 14.64
N PRO BB 126 16.10 -3.62 13.58
CA PRO BB 126 16.60 -5.01 13.53
C PRO BB 126 18.06 -5.13 13.89
N ALA BB 127 18.83 -4.03 13.93
CA ALA BB 127 20.22 -4.04 14.37
C ALA BB 127 20.48 -3.60 15.81
N SER BB 128 19.58 -3.91 16.76
CA SER BB 128 19.86 -4.09 18.19
C SER BB 128 20.31 -2.81 18.86
N THR BB 129 20.39 -1.76 18.07
CA THR BB 129 20.22 -0.40 18.60
C THR BB 129 18.76 -0.01 18.36
N ASN BB 130 18.56 1.18 17.75
CA ASN BB 130 17.28 1.89 17.69
C ASN BB 130 17.53 3.22 16.93
N LEU BB 131 16.53 4.13 16.97
CA LEU BB 131 16.54 5.27 16.01
C LEU BB 131 17.88 6.06 15.96
N PRO BB 132 18.38 6.36 14.75
CA PRO BB 132 19.18 7.56 14.58
C PRO BB 132 18.27 8.77 14.47
N PRO BB 133 18.77 9.99 14.79
CA PRO BB 133 17.85 11.11 14.95
C PRO BB 133 17.79 12.11 13.79
N MET BB 134 16.72 12.91 13.69
CA MET BB 134 16.55 13.84 12.57
C MET BB 134 16.26 15.25 13.09
N GLU BB 135 16.96 16.24 12.53
CA GLU BB 135 16.79 17.64 12.89
C GLU BB 135 16.41 18.46 11.67
N THR BB 136 15.59 19.48 11.90
CA THR BB 136 15.16 20.40 10.86
C THR BB 136 15.48 21.81 11.34
N LEU BB 137 16.24 22.56 10.55
CA LEU BB 137 16.74 23.86 10.96
C LEU BB 137 16.26 24.92 9.98
N GLN BB 138 15.80 26.05 10.51
CA GLN BB 138 15.35 27.18 9.71
C GLN BB 138 16.45 28.24 9.74
N LEU BB 139 16.91 28.63 8.56
CA LEU BB 139 17.98 29.61 8.39
C LEU BB 139 17.35 30.89 7.85
N VAL BB 140 17.37 31.94 8.65
CA VAL BB 140 16.99 33.26 8.16
C VAL BB 140 18.26 33.97 7.72
N PHE BB 141 18.11 34.98 6.85
CA PHE BB 141 19.28 35.62 6.27
C PHE BB 141 18.93 37.01 5.77
N HIS BB 142 19.90 37.61 5.09
CA HIS BB 142 19.80 38.96 4.55
C HIS BB 142 19.97 39.01 3.04
N THR BB 143 20.96 38.33 2.47
CA THR BB 143 21.17 38.33 1.03
C THR BB 143 21.37 36.90 0.53
N ILE BB 144 21.20 36.71 -0.78
CA ILE BB 144 21.27 35.36 -1.35
C ILE BB 144 21.57 35.44 -2.85
N ASN BB 145 22.09 34.33 -3.41
CA ASN BB 145 22.48 34.23 -4.82
C ASN BB 145 22.22 32.81 -5.30
N TRP BB 146 21.78 32.70 -6.56
CA TRP BB 146 21.21 31.45 -7.07
C TRP BB 146 22.25 30.53 -7.71
N THR BB 147 22.69 30.86 -8.94
CA THR BB 147 23.77 30.14 -9.60
C THR BB 147 23.41 28.69 -9.95
N ILE BB 148 23.35 28.39 -11.25
CA ILE BB 148 23.01 27.05 -11.72
C ILE BB 148 24.00 26.64 -12.81
N THR BB 149 24.17 25.33 -12.99
CA THR BB 149 25.04 24.78 -14.02
C THR BB 149 24.49 23.47 -14.53
N GLN BB 150 24.45 23.32 -15.85
CA GLN BB 150 23.95 22.10 -16.48
C GLN BB 150 23.95 22.24 -18.00
N GLY BB 151 23.38 23.33 -18.49
CA GLY BB 151 23.51 23.71 -19.89
C GLY BB 151 24.35 24.96 -19.97
N GLY BB 152 25.34 25.03 -19.07
CA GLY BB 152 26.20 26.19 -18.93
C GLY BB 152 26.23 26.73 -17.52
N VAL BB 153 27.31 27.42 -17.15
CA VAL BB 153 27.25 28.29 -16.00
C VAL BB 153 26.22 29.37 -16.29
N THR BB 154 25.23 29.49 -15.41
CA THR BB 154 24.06 30.34 -15.65
C THR BB 154 24.13 31.52 -14.69
N HIS BB 155 24.58 32.67 -15.22
CA HIS BB 155 24.72 33.96 -14.53
C HIS BB 155 24.27 33.98 -13.07
N GLU BB 156 25.22 34.01 -12.15
CA GLU BB 156 24.90 34.08 -10.73
C GLU BB 156 24.14 35.36 -10.42
N ASP BB 157 22.86 35.22 -10.10
CA ASP BB 157 22.01 36.35 -9.71
C ASP BB 157 21.52 36.12 -8.29
N THR BB 158 20.84 37.13 -7.73
CA THR BB 158 20.34 37.02 -6.36
C THR BB 158 19.62 38.28 -5.92
N TRP BB 159 19.60 38.53 -4.61
CA TRP BB 159 18.84 39.66 -4.09
C TRP BB 159 19.25 39.94 -2.65
N ASP BB 160 18.89 41.13 -2.19
CA ASP BB 160 19.24 41.61 -0.86
C ASP BB 160 18.02 42.29 -0.25
N THR BB 161 17.67 41.89 0.97
CA THR BB 161 16.56 42.50 1.71
C THR BB 161 16.97 43.75 2.46
N GLN BB 162 18.25 44.13 2.40
CA GLN BB 162 18.69 45.39 2.97
C GLN BB 162 18.56 46.55 1.99
N ARG BB 163 18.64 46.28 0.69
CA ARG BB 163 18.51 47.32 -0.32
C ARG BB 163 17.21 47.18 -1.09
#